data_6YDW
#
_entry.id   6YDW
#
_cell.length_a   1.00
_cell.length_b   1.00
_cell.length_c   1.00
_cell.angle_alpha   90.00
_cell.angle_beta   90.00
_cell.angle_gamma   90.00
#
_symmetry.space_group_name_H-M   'P 1'
#
loop_
_entity.id
_entity.type
_entity.pdbx_description
1 polymer 'Uncharacterized protein'
2 polymer 'Mitochondrial ribosomal protein L19'
3 polymer 'Mitochondrial ribosomal protein L20'
4 polymer 'Mitochondrial ribosomal protein L21'
5 polymer 'Uncharacterized protein'
6 polymer 'Uncharacterized protein'
7 polymer 'Uncharacterized protein'
8 polymer 'Mitochondrial ribosomal protein L37'
9 polymer 'Mitochondrial ribosomal protein L38'
10 polymer 'Mitochondrial ribosomal protein L39'
11 polymer 'Uncharacterized protein'
12 polymer 'Mitochondrial ribosomal protein L41'
13 polymer 'Uncharacterized protein'
14 polymer 'Mitochondrial ribosomal protein L43'
15 polymer 'Uncharacterized protein'
16 polymer 'Mitochondrial ribosomal protein L45'
17 polymer 'Mitochondrial ribosomal protein L46'
18 polymer '39S ribosomal protein L48, mitochondrial'
19 polymer Mrpl34
20 polymer 'Mitochondrial ribosomal protein L50'
21 polymer 'Mitochondrial ribosomal protein L51'
22 polymer 'Uncharacterized protein'
23 polymer mL53
24 polymer 'Uncharacterized protein'
25 polymer 'Mitochondrial ribosomal protein L57'
26 polymer 'Uncharacterized protein'
27 polymer 'Uncharacterized protein'
28 polymer 'Mitochondrial ribosomal protein L27'
29 polymer '39S ribosomal protein S30, mitochondrial'
30 polymer 'Mitochondrial ribosomal protein S18A'
31 polymer '12S rRNA'
32 polymer 'Mitochondrial ribosomal protein S2'
33 polymer 'Mitochondrial ribosomal protein S24'
34 polymer 'Mitochondrial ribosomal protein S5'
35 polymer 'Uncharacterized protein'
36 polymer 'Mitochondrial ribosomal protein S7'
37 polymer 'Mitochondrial ribosomal protein S10'
38 polymer uS11m
39 polymer 'Mitochondrial ribosomal protein S12'
40 polymer 'Mitochondrial ribosomal protein S14'
41 polymer uS15m
42 polymer '28S ribosomal protein S16, mitochondrial'
43 polymer uS17m
44 polymer 'Mitochondrial ribosomal protein S18C'
45 polymer bS21m
46 polymer tRNAMet
47 polymer mRNA
48 polymer 'unknown peptide'
49 polymer 'Mitochondrial ribosomal protein S22'
50 polymer mS23
51 polymer 'Mitochondrial ribosomal protein S25'
52 polymer 'Mitochondrial ribosomal protein S26'
53 polymer 'Mitochondrial ribosomal protein S27'
54 polymer 'Mitochondrial ribosomal protein L28'
55 polymer 'Mitoribosomal protein ms28, mrps28'
56 polymer 'Death associated protein 3'
57 polymer 'Mitochondrial ribosomal protein S31'
58 polymer mS33
59 polymer mS34
60 polymer 'Mitochondrial ribosomal protein S35'
61 polymer mS37
62 polymer 'Aurora kinase A interacting protein 1'
63 polymer mS39
64 polymer '28S ribosomal protein S18b, mitochondrial'
65 polymer 'Mitochondrial ribosomal protein L12'
66 polymer 'Mitochondrial ribosomal protein L47'
67 polymer 'Uncharacterized protein'
68 polymer 'Uncharacterized protein'
69 polymer 'Uncharacterized protein'
70 polymer 'Uncharacterized protein'
71 polymer 'Mitochondrial ribosomal protein L34'
72 polymer 'Mitochondrial ribosomal protein L35'
73 polymer 'Ribosomal protein'
74 polymer 'CP tRNA-Phe'
75 polymer 'Elongation factor G, mitochondrial'
76 polymer 'Uncharacterized protein'
77 polymer ICT1
78 polymer 'Mitochondrial ribosomal protein L4'
79 polymer 'Mitochondrial ribosomal protein L9'
80 polymer 'Mitochondrial ribosomal protein L10'
81 polymer 'Mitochondrial ribosomal protein L11'
82 polymer 'Uncharacterized protein'
83 polymer 'Uncharacterized protein'
84 polymer 'Uncharacterized protein'
85 polymer 'Uncharacterized protein'
86 polymer 'Uncharacterized protein'
87 polymer 'Mitochondrial ribosomal protein L18'
88 non-polymer 'MAGNESIUM ION'
89 non-polymer 'ZINC ION'
90 non-polymer SPERMINE
91 non-polymer N-FORMYLMETHIONINE
92 non-polymer "GUANOSINE-5'-TRIPHOSPHATE"
93 non-polymer "GUANOSINE-5'-MONOPHOSPHATE"
94 non-polymer 'PHOSPHOAMINOPHOSPHONIC ACID-GUANYLATE ESTER'
95 water water
#
loop_
_entity_poly.entity_id
_entity_poly.type
_entity_poly.pdbx_seq_one_letter_code
_entity_poly.pdbx_strand_id
1 'polypeptide(L)'
;MAAPCVFCGAAVSYRLFLGCRVSFARGQVLWKAAAPELQAGARCQILRLRHTAVVTTKKNVAASRRETYTVDFIKKQIEE
FNIGKRHLANMMGEDPETFTQEDIDRAIAYLFPSGLFEKRARPIMKHPEEIFPKQRAIQWGEDGRPFHFLFYTGKQSYYS
LMHDTYGKLLDVEKHHNQLRAKDLLAEKTKILKDPIGSRWLIKEELEEMLVEKLSDQDYAQFIRLLERLSALPCGATEED
FVNRFRRSIPIQSKKQLIEPLQYDEQGMAFSRGEGKRKTAKAEVVVYGQGSGRIDVNGVDYLLYFPVTQDREQLMFPLHF
LDRLGKHDMTCAVSGGGRSAQAGAVRLAMARALCSFVTEDEVEWMRQAGLLTADPRVRERKKPGQEGARRKFTWKKR
;
AI
2 'polypeptide(L)'
;MAASITRGSWAAVGLGQSFPPTRALLPAPASVICRTLAGSGRQQVTGSSEPGAFQPPPKPVIVDKRRPQRPETRFLSPEF
IPPRGRTNPLKFQIERKDMLERRKILHIPEFYVGSILRVTTADPYASAKTSQFLGICIQRSGSGLGATFILRNTIEGQGV
EICFELYNPRIQEIQVVKLEKRLDNSLLYLRDALPEYSTFDVNMKPITQEFNQEVPVNQLKVKMKPKPWSKRWERPKFNI
KGIRFDLCLTEEQMREAQKWSQPWLEFDMMREYDTSKIEAAIWDEIEASKNS
;
BT
3 'polypeptide(L)'
;MVFLTVPLWLRSRVTDRYWRVQEVLKHARHFRGRKNRCYRLAVRAVTRAFVKCTRARRLKKRSLRTLWINRITAASQEHG
LKYPAFIINLIKCQVELNRKVLADLAIYEPKTFKSLAALAKRRREEGFAAALGDGKEPDGIFSRVVQHR
;
BU
4 'polypeptide(L)'
;MAAAVAASVLQGTFGRLVSAYSRSVLRTSRPGTAPPWSAPRRLSSQHTSSLRGCVPKTSLGSPPWPDIVLPDPVEETRHH
AEVVGQVNELIAAGRYGRLFAVVHFAGHQWKVTAEDLILIENELDVACGERIRLEKVLLVGADNFTLLGKPLLGKELVRV
EATVIEKTESWPKINMKFQKRKNYQRKRITVNPQTVLRINSIEIAPCLC
;
BV
5 'polypeptide(L)'
;MAAAVLERLGGLWMQNLRGKLALRLLSSHSILPQSHIHTSASVEISRKWEKKNKIVYPPQLPGEPRRPAEIYHCRRQIKY
SKDKMWYLAKLIRGMSIDQALAQLEFSDKKGAQIIKEVLLEAQDMAVRDHNVEFRSNLYVAESTSGRGQYLKRIRYHGRG
RFGIMEKVFCHYFVKLVEGPPPPREAPKTAVAHAREYIQELRNRTITHAL
;
BW
6 'polypeptide(L)'
;MARNVLYPLYQLGNPQLRVFRTNFFIQLVRPGTAQPEDTVQFRIPMEMTRVDLRNYLERIYNVPVAAVRTRVQYGSNRRR
DHRNIRIKKPDYKVAYVQLALGQTFTFPDLFPERKGASVDVDVRDQVLEDQRQKHSPDPRRGGVPGWFGL
;
BX
7 'polypeptide(L)'
;MRLSALLALASKVTLPPNYRYGMSRPGSLSDKRKNPPGTRRRRVPVEPISDEDWHLFCGDKVEILEGKDAGKQGKVVQVI
RQRNWVVVEGLNTHYRYVGKTVDYRGTMIPSEAPLLHNQVKLVDPTDRKPTDVEWRFTEAGERVRVSTRSGRIIPKPEFP
RADGIVPETWIDGPKDTSVEDALEKTYVPRLKTLEEEVMEAMGIQETRRHKKVYWY
;
BY
8 'polypeptide(L)'
;MALASGPARRALARLGRLGLGGCGAPRRGAYEWGVRSTRKPEPPPLDRVYEIPGLEPITYAGKMHFMPGLARPVFPPWDP
GWTHPKFRRLPPLHEHPLYKDQACYVFHQRCRLLEGVKQALWLTKTQLIEGLPEKVLRLADDPRNHIENQDERVLNAISH
ARLWHSTEDIPKRETYCPVIVDSLIQLCKSQILKHPSLARRICAQNNTLSATWNRESILLQVHGSSGARLNAKDPLPPVA
SQEEVEATKNHVLETFYPISPTMGLQECNVYDVNDDTGFQEGYPYPCPHTLYFLESANLRPRRFQPDQLRAKMILFAFGS
ALAQARLLYGNDSKVLEQPVVVQSVGTDGRLFQFLVLQLNTTDLASDEGVKNLAWVDSDQLLYQHFWCLPVIKKKVVVEP
VGPIGFQPETFRKFLALYLHGAV
;
Ba
9 'polypeptide(L)'
;MAAPWWRAALCASRRWRGFSTSAALSRRAAPLGPMPNEDIDVSDLERLKKYRSFDRYRRRAEQEARKPHWWRTYREHFGE
ESGPKDRVDIGLPPPKVSRTQQLLERKQALRELRANVEEERAARLQTARIPLEAVRAEWERTCGPYHKQRLAEYCGLYRD
LFHGATFVPRVPLHVAYAVGEDDLMPVYHGNEVTPTEAAQAPEVTYEADEGSLWTLLLTNLDGHLLEPDAEYVHWLVTNI
PGNRVTEGQETCPYLPPFPARGSGFHRFAFLLFKQDKRIDFSGDTRPSPCYQLAQRTFHTFDFYKKHQDAMTPAGLAFFQ
CRWDDSVTRVFHQLLDMREPVFEFVRPPPYHPKQKRFPHRQPLRYLDRYRDSHEPTYGIY
;
Bb
10 'polypeptide(L)'
;MAMGAWGLRLWRAVPRGEAGWRLIATSPASQLSPTELIEMQNDLFNKEKNRQLSLTPRTEKIEVKHVGKTDPGTVFVMNK
NISTPYSCAMHLSEWYCRKSILALVDGQPWDMYKPLTKSCEIKFLTFKDDDPGEVNKAYWRSCAMMMGCVIERAFKDEYV
VSLVRAPEVPVIAGAFCYDVVLDKRLDEWMPTKENLHSFTKDARALIYKDLPFETLEVEAKVALEIFQHNKYKLDFIEEK
ASQNPERIVKLHRFGDFIDVSEGPLIPRTSICFQYEVSAVHNLQTQSSLVRRFQGLSLPVHLRAHFTIWNKLLERSRKMV
TEDKTKPTEESAST
;
Bc
11 'polypeptide(L)'
;MAAAALGAASRTLRPASRLVGAWPTQTRDAHERGSLFSFWGLVPMRAEPLRKKKKVDPKKDQAAKDRLKKRIRRLEKASQ
ELIPIEDFITPVKFLNKERQRPPVELPFEESERRALLLKRWSLYKQREHEMERSAIRSLLEAQEEALQELRLSSPELHAE
ATKRDPSLFPFERQGPDYTPPISDYQPPEGRYQDITKVYTQVEFKK
;
Bd
12 'polypeptide(L)'
;MGLLSGAARALVRGADRMSKWTSKRGPRTFCKGRGAKGTGFHGRDGKFVQIKEMIPELVVPELAGFKLKPYVNYRAPEGT
DTPLTAKQLFLETAAPAIEKDFKAGTFDPEHLEKYGFEPTQEGKLFQLYPKNFPR
;
Be
13 'polypeptide(L)'
;MALAAVKWVISSRTILKHLFPIQNSASYCVCHKSTYSSLPDDYNCKVELALTSDGRTIVCYHPSVDIPYEHTKPIPRPDP
VHNIEETHDLVLKTRLEEKGEHLEQGPMIEQLSKMFFTTKHRWYPRGQYHRRRRKPNPPKDR
;
Bf
14 'polypeptide(L)'
;MTARGTASRFLTSVLHNGLGRYVQQLQRLSFSLSRDAPSSRGAREFVEREVTDFARRNPGVVIYVNPRPCCVPRVVAEYL
NGAVREESIHCKSVEEIAALVQKLADQSGLDVIRIRKPFHTDSPSIQGQWHPFTNKPTTLGGLRPREVQDPAPAQVQAQ
;
Bg
15 'polypeptide(L)'
;MASGLVRLLQWGPRRLLAPAAPTLAPPVRGAKKGFRAAYRFQKELERWRLLRCPPPPVRRSEKPNWDYHAEIQAFGHRLQ
ETFSLDLLKTAFVNSCYIKSEEAKRQKLGIDKEAALLNLKDNQELSEQGISFSQTCLTQFFEDAFPDLPTEGVTSLVDFL
TSEEVVCHVARNLAVEQLALSAEFPVPPPVLRQTFFAVIGALLQSSGPERTALFIRDFLITQMTGKELFEMWTITNPMGL
LVEELKKRKISAPESRLTRQSGSTTALPVYFVGLYCDRKLIAEGPGETVLVAEEEAARVALRKLFGFTENRRPWDYSKPK
EHVRAEKTITAS
;
Bh
16 'polypeptide(L)'
;MAAPVTRGLSCLPRVLGWWSRQPVLVTQSTAVVPVRTKKRFTPPTYQPKYKSEKEFVEHARKAGLVIPHERLERPIHLAC
TAGIFDAYVPPEGDARISSLSKEGLAQRAERLKKNVASQLSIRKIRESDPNFKIKDFPEKAKDIFIEAHLCLNNSDHDRL
HTLVTENCFPDMVWDIRYKTVRWSFVESLEPPQVVQVRCSSLMNQGNIYGQVTVRMHTRQTLAIYDRFGRLMYGQEDVPR
DVLEYVVFEKHLVDPYGSWRMHGKIIPPWAPPKQPILKTVMIPGPQLKPWEEFEEPQGEVHKPQPA
;
Bi
17 'polypeptide(L)'
;MAAPVRRTMLRVVRGWRRFEGPWAHSLGSRNLALAVAPSSSSSPWRLLGALCLQRPPLVTKPLTPLQEEMADLLQQIEIE
RSLYSDHELRALDEAQQLAKKKSDLYEEEDEQNILLAQDLEDMWEQKFLHFKLGARLTEADKKDDRTSLHRKLDRNLILL
VREKLGDQDIWMLPQSDWQPGETLRQTAERTLATLSENNMEAKFLGNAPCGHYKFKFPQAMRTETSLGAKVFFFKALLLT
GDFSQAGKKGHHVWVSKEELGDYLKPKYLAQVRRFLLDL
;
Bj
18 'polypeptide(L)'
;MSEAAGTKVLRELNASRSDIVTGPDQGRSVSIFRPPGIAAAWADLQLARLHTTRQQRMNGALGKALCLRNDTVLKQALSL
IRVRASGESPICSAGGILLSTSRHYRSKPTHGIGRYKHLVKAQEPKKKKGKVEVRPINLGTDYEYGVLNIHLIAYDMALA
ESYAQYVHNLCNHLAIKVEESYAMPTKTMEVLQLQEQGSKMFLDAVLTTHERVVQISGLSATFAEIFLEIIHSNLPEGVK
LSVREHTEEDFKGRFKARPELEELLAKLN
;
Bk
19 'polypeptide(L)'
;MAATVLCGVLRAWRTGVPLGCGLRRLSQTQGTPEYPSFVESVDEYHFVERLLPPASIPRPPKHEHYPTPSGWQPPRDPAP
SLPYFVRRSRMHNIPVYRDITHGNRQMTVIRKVEGDIWALQKDVEDFLSPLLGKTPVTQVNEVTGTLRVKGYFDQQLKAW
LLEKGF
;
Bl
20 'polypeptide(L)'
;MVRLRGKRECLTLSLRLIGWSWRVTAGGGRCFVSKFSSKMAARWVSGLARRSLTCAVSGAPRREFWSPFRKEKQPVVAET
VEEVKKEPILVCPPIQSRTYIPPEDLQSRLESHVKEVFGSSVPSNWQDISLEDVHLKFSFLARLANDLRHAVPNSRLHQM
CRVRDVLDFYNVPVQDRSKFDELIASNLPHNLKITWGY
;
Bm
21 'polypeptide(L)'
;MAGSLSWVTGRGLWGRLPLTCRSFSLGIPRLFHVRVTLPPRKVVDRWNEKRAMFGVYDNIGILGNFEKHPKELIKGPIWL
RGWKGNELQRCIRKKRMVGNRMFIDDLHNLNKRISYLYKHFNRHGKYR
;
Bn
22 'polypeptide(L)'
;MAAWGILLSTGVRRLHCGTAAQAGSQWRLQQGFAANPSGYGPLTELPDWSYADGRPAPPMKGQLRRKAQREKFARRVVLL
SQEMDAGLQAWQLRQQEKLQEEEGKQKNALKSKGALLQNPQPSQ
;
Bo
23 'polypeptide(L)'
;MAAALARLGLRAVKQVRVQFCPFEKNVESTRTFLQAVSSEKVRCTNLNCSVIADVRHDGSEPCVDVLFGDGHRLIMRGAH
LTAQEMLTAFASHIQARGAAGSGDKPSASTGR
;
Bp
24 'polypeptide(L)'
;MAARRLFGAARSWAAWRAWELSDAAVSGRLHVRNYAKRPVIKGGKGGKGAVVGEALKDPEVCTDPFRLTTHAMGVNIYKE
GQDVVLKPDSEYPEWLFEMNVGPPKKLEELDPETREYWRLLRKHNIWRHNRLSKNRKF
;
Bq
25 'polypeptide(L)'
;MFLTALLRRNRIPGRQWIGKHRRPRPVSAQAKQNMIRRLETEAENQYWLSRPFLTAEQERGHAAVRRAAAFQALKAAQAA
RFPAHRRLEEQLGHLLVTRKWS
;
Bt
26 'polypeptide(L)'
;MAAARCLRWGLNRAGAWLLPSPTRYPRRALHKQVEGTEFQSIYSLDKLYPESRGSDTAWRLPDDAKQANDIPVDRLTISY
CRSSGPGGQNVNKVNSKAEVRFHLASADWIAEPVRLKLAVKHKNRINRSGELILTSECSRYQFRNLADCLQKLRDMIAEA
SQPAKEPSREDAELRRSRIENMNRERLRKKRISSAIKTSRRVDVD
;
Bu
27 'polypeptide(L)'
;MAAPVQQARTLLRLVTTLGQGSRGYRARPPPRRSQEPRWPDPDDPLTPRWQLSPRYAAKQFARHGAASGVAAGSLWPSQE
QLRELEAEEREWYPSLAAMQESLRVQQLAEEQKRQAREQLIEECMAKMPQMIENWRQQQQERREKEQADKDRRARLQAEA
QERLGYHVDPRSARFQELLQDMEKQHRKRLKEEKQRKKKEARAAAMAAAAAQDPADSETPSS
;
Bv
28 'polypeptide(L)'
;MALAVLALRTRAAVTALLSPPQAAALAVRYASKKTGGSSKNLGGKSPGKRFGIKKMEGHYVHAGNILATQRHFRWHPGAH
VGLGKNKCLYALEEGVVRYTKEVYVPNPSNSEAVDLVTRLPQGAVLYKTFVHVVPAKPEGTFKLVAML
;
B0
29 'polypeptide(L)'
;MAAARCWRFPLRGAGLSLHTAAKAAVTAPEVTGPDVPATPVARYPPIVASLTAKSKAARQRRVEQWQATVHAAKSVDEKL
RILTKMQFMKYVVYPQTFALNADNWYQSFTKTVFLSGLPPTPAKLEPEPTLDITALREAVCDCLLQEHFFLRRKKRAPVI
QDREAIASPFLDQLVASLTGLLSVHNPVLAAAALDCKRPVHFFWLRGEEIIPRGHRKGRVDALRYQINDKPHNQIRISRQ
LPEFVPLDYSIPIEVPVMSCKPDKLPLFKRQYENTIFIGSKTADPLCYGHTQFHLLPDKLKREKLLKQNCADQIEVVFRA
NAIASLFAWTGAQAMYQGFWSEADVTRPFVSQGVITDGKYFSFFCYQLNTLALTAQADQNNPRKNICWGTQSKPLYETIE
DNNVKGFNDDVLLQLVQFLLNRPKEDKSQLLEN
;
Bw
30 'polypeptide(L)'
;MVGLNVLVSGCGRLLRGLLAGPAATSWARPPSRGFREVVEILDGKTTIIEGRITETPQESPNPPNPTGQCPICRWNLKHK
YNYEDVLLLSQFIRPHGGMLPRRITGLCQEEHLKIEECVKMAHRAGLLPNHRPKLPEGFVPKSKPRLNRYLTRWSPRSVK
PIYNKGHRWNKVRMPVGSPLLKDNVSYSGRPLLLYH
;
Bx
31 'polyribonucleotide'
;GUUAAUGUAGCUUAAAUUAUCAAAGCAAGGCACUGAAAAUGCCUAGAUGAGCCUCACAGCUCCAUAAACACACAGGUUUG
GUCCUGGCCUUUCUAUUAAUUCUUAAUAAAAUUACACAUGCAAGUAUCCGCGCCCCGGUGAGAAUGCCCUCCAGAUCUUA
AAGAUCAAAAGGAGCAGGUAUCAAGCACACCUAUAACGGUAGCUCAUAACGCCUUGCUCAACCACACCCCCACGGGAAAC
AGCAGUGAUAAAAAUUAAGCCAUGAACGAAAGUUUGACUAAGUUAUAUUAAUUAGAGUUGGUAAAUCUCGUGCCAGCCAC
CGCGGUCAUACGAUUAACCCAAAUUAAUAGAUCCACGGCGUAAAGAGUGUUUAAGAAAAAAAAUCACAAUAGAGUUAAAU
UAUAACUAAGCUGUAAAAAGCCCUAGUUAAAAUAAAAUAACCCACGAAAGUGACUCUAAUAAUCCUGACACACGAUAGCU
AGGACCCAAACUGGGAUUAGAUACCCCACUAUGCCUAGCCCUAAACCCAAAUAGUUACAUAACAAAACUAUUCGCCAGAG
UACUACUCGCAACUGCCUAAAACUCAAAGGACUUGGCGGUGCUUCACAUCCACCUAGAGGAGCCUGUUCUAUAAUCGAUA
AACCCCGAUAGACCUUACCAACCCUUGCCAAUUCAGCCUAUAUACCGCCAUCUUCAGCAAACCCUAAAAAGGAACAAUAG
UAAGCACAAUCAUAGCACAUAAAAACGUUAGGUCAAGGUGUAGCUUAUGGGUUGGAAAGAAAUGGGCUACAUUUUCUACA
UAAGAAUAUCCACCACACGAAAGUUUUUAUGAAACUAAAAACCAAAGGAGGAUUUAGCAGUAAAUCAAGAAUAGAGUGCU
UGAUUGAAUAAGGCCAUGAAGCACGCACACACCGCCCGUCACCCUCCUCAAGCAUGUAGUAAUAAAAAUAACCUAUAUUC
AAUUACACAACCAUGCAAGAAGAGACAAGUCGUAACAAGGUAAGCAUACUGGAAAGUGUGCUUGGAUUACCAAAGCAUAG
CUUAAACUAAAGCACCUAGUUUACACCUAGAAGAUCCCACAAUGUAUGGGUACUUUGAACCAAAGCUAGCUCAACAUACU
AAACAAAUACAAAAAUACACCAAAAUAAAAUAAAACAUUCACCUAACAUUAAAGUAUAGGAGAUAGAAAUUUUUAUCCUG
ACGCUAUAGAGAUAGUACCGUAAGGGAAAGAUGAAAGAAUAAAAUAAAAGUAAAAAAAAGCAAAGAUUACCCCUUCUACC
UUUUGCAUAAUGGUUUAACCAGAAAAAAUCUAACAAAGAGAACUUUAGCUAGAUACCCCGAAACCAGACGAGCUACCCAU
GAGCAGUUUAAAAGAACCAACUCAUCUAUGUGGCAAAAUAGUGAGAAGACUUGUAGGUAGAGGUGAAAAGCCUAACGAGC
CUGGUGAUAGCUGGUUGUCCGAGAAAGAAUUUUAGUUCAACCUUAAAAAUACCCCAAAAACCCUAAAUUCCAAUGUAUUU
UUAAGAGAUAGUCUAAAAAGGUACAGCUUUUUAGAAACGGAUACAACCUUGACUAGAGAGUAAAAUCUUAAUACUACCAU
AGUAGGCCUAAAAGCAGCCAUCAAUUGAGAAAGCGUUAAAGCUCAACAAAUUCACCAACAUAAUCCCAAAAACUAAUAAC
AAACUCCUAGCCCAAUACCGGACUAAUCUAUUGAAACAUAGAAGCAAUAAUGUUAAUAUGAGUAACAAGAAGCCUUUCUC
CUCGCACACGCUUACAUCAGUAACUAAUAAUAUACUGAUAAUUAACAACCAAUAAACCAAAACAACACUAAAACGUUUAU
UAAUUACAUUGUUAACCCAACACAGGAGUGCACCAAGGAAAGAUUAAAAGAAGUAAAAGGAACUCGGCAAACACAAACCC
CGCCUGUUUACCAAAAACAUCACCUCUAGCAUUACUAGUAUUAGAGGCAAUGCCUGCCCAGUGACACCAGUUUAACGGCC
GCGGUAUUCUGACCGUGCAAAGGUAGCAUAAUCACUUGUUCUCCAAAUAAGGACUUGUAUGAAUGGCCACACGAGGGUUU
UACUGUCUCUUACUUCCAAUCAGUGAAAUUAACCUUCCCGUGAAGAGGCGGGAAUAAAAAAAUAAGACGAGAAGACCCUA
UGGAGCUUUAAUUAACUAUUCCAAAAGUUAAACAACUCAACCACAAAGGGAUAAAACAUAACUUAACAUGGACUAGCAAU
UUCGGUUGGGGUGACCUCGGAGUACAAAAAACCCUCCGAGUGAUUUUAAUCUAGACAAACCAGUCAAAAUAACCAUAACA
UCACUUAUUGAUCCAAAAUUUUGAUCAACGGAACAAGUUACCCUAGGGAUAACAGCGCAAUCCUGUUCUAGAGUUCCUAU
CGACAAUAGGGUUUACGACCUCGAUGUUGGAUCAGGACACCCAAAUGGUGCAACCGCUAUUAAAGGUUCGUUUGUUCAAC
GAUUAAAGUCCUACGUGAUCUGAGUUCAGACCGGAGCAAUCCAGGUCGGUUUCUAUCUAUUAUAAAUUUCUCCCAGUACG
AAAGGACAAGAGAAAUGGGACCAACCUCACAAACGCGUCUCAGAGAUAAUUAAUGAUUUAAUCUUAACCUAAUUAACUCA
UAAUAAAUCCAGCCCUAGAACAGGGCACAUUAGGGUGGCAGAGACCGGUAAUUGCGUAAAACUUAAACCUUUAUUACCAG
AGGUUCAACUCCUCUCCCUAAUAACAUGUUCAUAAUUAAUAUUCUAAGCCUAAUUAUUCCUAUCCUACUGGCCGUAGCAU
UCCUCACCCUAGUAGAACGAAAAGUGCUAGGUUAUAUGCAACUACGAAAAGGACCCAACGUUGUAGGCCCCUACGGCCUA
CUCCAACCCAUCGCCGAUGCCCUAAAACUAUUCACCAAAGAACCCCUACGACCAGCCACAUCCUCAAUCUCCAUGUUCAU
UAUUGCACCAAUCCUAGCCUUAUCCCUAGCACUAACAAUAUGAGUUCCACUACCAAUACCCUACCCUCUAAUCAACAUAA
ACCUAGGAGUACUAUUCAUGCUAGCCAUGUCAAGCCUAGCAGUCUACUCUAUCCUAUGAUCAGGAUGAGCAUCCAACUCA
AAAUACGCACUCAUCGGGGCCCUACGAGCAGUAGCCCAAACAAUCUCAUAUGAAGUAACACUAGCAAUCAUCCUACUAUC
AGUACUCCUAAUAAAUGGAUCAUAUACUCUAUCAACCCUAAUCACAACACAAGAGCACAUUUGAAUAAUCUUUACAUCCU
GACCCCUAGCCAUAAUAUGAUUUAUCUCAACCCUAGCAGAAACCAACCGAGCCCCGUUCGACCUUACAGAAGGAGAGUCA
GAACUUGUAUCAGGCUUUAACGUAGAAUAUGCAGCCGGACCUUUCGCCAUAUUCUUCAUAGCAGAAUAUGCCAACAUCAU
CAUAAUAAAUGCAUUUACAGCAAUUCUCUUCCUAGGAGCAUCCCACGACCCACACACACCAGAACUAUAUACAAUCAACU
UCGUACUAAAAACACUCGCAUUAACAAUCACCUUCCUAUGAAUCCGAGCAUCAUACCCACGAUUCCGAUACGACCAACUA
AUACAUUUACUAUGAAAAAGCUUCCUGCCCCUAACACUAGCUCUAUGUAUAUGACACAUCUCACUCCCUAUUAUAACAGC
AAGCAUUCCCCCACAAUCAUAGAAAUAUGUCUGAUAAAAGAGUUACUUUGAUAGAGUAAAAAAUAGAGGUUCAAACCCUC
UUAUUUCUAGAACAAUAGGACUCGAACCUAAACCUGAGAAUUCAAAAUUCUCCGUGCUACCAAAAUACACCACAUUCUAC
AGUAAGGUCAGCUAAGCUAAGCUAUCGGGCCCAUACCCCGAAAAUGUUGGUUCAUACCCUUCCCAUACUAAUUAAUCCCA
UUAUCUACACUACCCUUAUCAUAACAGUAAUGUCCGGAACCAUACUAGUAAUAAUCAGCUCACACUGACUACUCAUCUGA
AUCGGAUUCGAAAUAAACCUAUUAGCAAUAAUCCCAGUAUUAAUAAAAAAUUUUAACCCACGAGCCACAGAAGCAGCCAC
AAAAUAUUUCCUAACACAAGCCACAGCCUCCAUAAUACUAAUAAUAGCCAUCAUCAUCAACCUCCUAUAUUCUGGCCAAU
GGACCAUUACAAAAAUAUUUAACCCAGUAGCAAUAACAAUAAUAACCAUGGCCCUAGCCAUAAAACUAGGACUCUCACCU
UUCCACUUCUGAGUCCCAGAAGUAACCCAAGGCAUUUCACUACAAGCAGGCCUACUGUUACUAACAUGACAAAAACUAGC
CCCAUUAUCAGUACUAUGCCAAAUCUCACAAUCAAUCAACCCAAACCUAAUACUAACUAUAGCCAUAUUAUCAAUUUUAA
UCGGAGGGUGAGGAGGGCUAAAUCAAACCCAACUUCGAAAAAUCAUAGCAUACUCAUCAAUCGCACACAUAGGAUGAAUG
ACAGCAGUAUUACCAUACAACACAACCAUAACAAUCUUAAACCUACUAAUUUACAUCACAAUAACACUAGCAAUAUUCAU
ACUAUUAAUCCACAGCUCAGCAACCACAACUUUAUCCCUAUCCCAUACAUGAAACAAAAUACCCGUCAUCACAAGCCUAA
UAAUAGUAACCCUACUCUCAAUAGGAGGCCUGCCUCCACUAUCAGGAUUUAUGCCAAAAUGAAUAAUUAUUCAAGAAAUA
ACAAAAAAUGAAAGCAUCAUCAUGCCAACACUCAUAGCAAUAACAGCACUGCUAAACCUCUAUUUCUACAUACGACUAGC
CUACUCCUCCUCACUGACUAUGUUCCCAUCCACCAACAACAUAAAAAUAAAAUGACAAUUCGAACACACAAAACAAAUAA
AAUUACUUCCCACAAUAAUUGUAUUAUCAACACUAGUCCUACCUAUAACACCAGCCCUCUCGUCCCUAAACUAGGAAUUU
AGGUUAACACAGACCAAGAGCCUUCAAAGCUCUAAGUAAGUACAAAGUACUUAACUCCUGAAAACCUAAGGACUGCAGGA
CUUAUCCUACAUCAAUUGAAUGCAAAUCAAACACUUUAAUUAAGCUAAAUCCUCACUAGAUUGGUGGGAUUACAUACCCA
CGAAACUUUUAGUUAACAGCUAAACACCCUAAUCAACUGGCUUCAAUCUACUUCUCCCGCCGCAGGAAAAAAAAGGCGGG
AGAAGUCCCGGCAGAAUUGAAGCUGCUUCUUUGAAUUUGCAAUUCAACAUGAUAUUCACCACGGAACUGGCAAAAAGAGG
GCUUAACCUCUGUCUUUAGAUUUACAGUCUAAUGCUUACUCAGCCAUUUUACCUAUGUUCGUAAAUCGUUGACUAUACUC
AACAAACCACAAAGACAUCGGCACCCUGUACCUACUAUUUGGUGCCUGAGCAGGAAUAGUGGGCACUGCCUUGAGCCUAC
UAAUUCGCGCUGAACUAGGUCAGCCCGGAACCCUACUUGGCGAUGAUCAAAUCUAUAAUGUAAUUGUUACAGCUCAUGCC
UUUGUAAUAAUCUUCUUUAUAGUAAUACCCAUUAUGAUUGGGGGUUUUGGUAACUGACUCGUACCGCUAAUAAUCGGAGC
UCCCGAUAUGGCCUUUCCACGUAUAAACAACAUAAGUUUCUGACUACUUCCACCAUCCUUCCUAUUACUUCUGGCAUCCU
CAAUAGUAGAAGCCGGAGCGGGUACUGGAUGAACUGUAUACCCACCUUUAGCUGGAAACUUAGCCCAUGCAGGGGCUUCA
GUUGAUUUAACAAUUUUCUCCCUACACCUUGCAGGUGUAUCAUCAAUCCUAGGGGCUAUUAAUUUCAUUACCACAAUUAU
UAACAUAAAACCCCCCGCAAUGUCUCAAUACCAAACACCCCUGUUUGUCUGAUCAGUACUAAUCACAGCCGUACUACUUC
UACUAUCCCUGCCAGUUCUAGCAGCUGGCAUUACUAUACUACUGACAGACCGCAACCUGAACACAACCUUUUUUGAUCCA
GCAGGUGGUGGAGACCCUAUCCUUUAUCAACACUUGUUCUGAUUUUUCGGACACCCAGAAGUAUACAUUCUCAUCUUACC
AGGAUUCGGAAUAAUCUCCCACAUUGUAACCUACUAUUCAGGUAAAAAAGAACCAUUUGGAUAUAUAGGCAUAGUAUGAG
CCAUAAUGUCCAUUGGAUUCUUAGGUUUUAUUGUAUGGGCUCACCACAUAUUCACCGUAGGAAUAGACGUAGAUACCCGA
GCAUACUUUACAUCUGCUACAAUAAUCAUUGCUAUUCCCACUGGAGUAAAAGUAUUUAGUUGAUUAGCUACCCUGCACGG
CGGCAAUAUUAAAUGAUCACCCGCAAUACUAUGAGCUCUGGGCUUCAUCUUCCUAUUCACCGUAGGAGGUCUAACGGGCA
UUGUACUAGCUAAUUCCUCCCUAGACAUUGUAUUACAUGAUACAUAUUAUGUAGUCGCACACUUCCACUAUGUCUUAUCU
AUAGGAGCAGUGUUCGCCAUUAUAGGGGGCUUUGUUCACUGAUUCCCCCUAUUCUCCGGGUACACACUCAACCAAGCAUG
AGCAAAAAUUCACUUUGUAAUCAUAUUCGUAGGAGUAAAUAUAACAUUCUUUCCACAACACUUUCUAGGACUAUCCGGAA
UACCUCGACGAUACUCCGAUUAUCCUGACGCAUACACAGCAUGAAAUACUAUUUCCUCAAUAGGCUCAUUCAUCUCACUA
ACAGCAGUGAUAUUAAUAAUCUUCAUUAUCUGAGAAGCAUUCGCAUCAAAACGAGAAGUAUCUGCAGUAGAACUGACAAG
CACAAACCUAGAAUGACUACACGGAUGUCCUCCUCCCUAUCACACAUUUGAAGAACCAACAUAUAUCAACCUAAAAUAAG
CAUAAGAAAGGAAGGAAUCGAACCCUCUCCCACUGGUUUCAAGCCAACGUCAUAACCACUAUGUCUUUCUCGAUAAUCGA
GGUAUUAGUAAAAUAUUACAUAACUUUGUCGAAGUUAUAUUAUAGGUGAAAGCCCUAUAUGCCUCUAUGGCUUACCCUUU
CCAACUAGGCUUCCAAGACGCCACUUCACCCAUCAUAGAAGAACUCCUACACUUUCACGAUCACACCUUAAUAAUCGUAU
UCUUAAUCAGCUCUUUAGUGUUAUAUAUCAUUUCACUCAUACUAACAACAAAACUGACACACACUAGCACAAUGGAUGCC
CAAGAAGUAGAAACAAUUUGAACAAUCCUACCCGCUAUUAUUCUAAUUCUUAUUGCCCUUCCAUCAUUACGAAUCCUUUA
UAUAAUAGACGAAAUUAAUAACCCAGCCUUAACCGUAAAAACCAUAGGACAUCAAUGAUACUGAAGCUACGAGUAUACAG
ACUAUGAAGACCUCACCUUUGACUCAUAUAUAAUCCCCACAUCAGAUCUUAAACCUGGAGAAAUACGACUACUAGAAGUA
GACAAUCGAGUUGUUCUACCAAUAGAAAUAACAAUCCGAAUAUUAGUAUCCUCUGAAGACGUACUGCACUCAUGAGCCGU
CCCAUCCCUCGGUUUAAAAACAGAUGCUAUCCCAGGACGACUAAACCAAACAACUCUAAUAUCCACACGACCUGGCCUUU
AUUACGGACAGUGCUCAGAAAUCUGUGGAUCAAACCACAGCUUCAUGCCCAUUGUACUUGAACUUGUCCCAUUAAAGUAC
UUCGAAAAAUGGUCAACAUCAAUAUUAACAGGUUCAUUGAGAAGCUAGUCAGCACUAACCUUUUAAGUUAGAGAUCGGGA
GCCUAAAUCUCCCCUCAAUGGUAUGCCACAACUAGAUACAUCCACAUGAUUCAUUACAAUUACAUCAAUAAUUAUAACAU
UAUUUAUUUUAUUCCAACUAAAAAUCUCAAACUACUCAUACCCAGCAAGCCCAGAAUCAAUUGAACUCAAAACUCAAAAA
CAUAGCACCCCUUGAGAAAUAAAAUGAACGAAAAUCUAUUUGCCUCUUUUAUUGCCCCCACGAUAAUAGGACUACCUAUU
GUCACCUUAAUUAUUAUAUUCCCAAGCUUACUAUUCCCAACACCCAAACGACUCAUUAAUAACCGCACAAUCUCGAUCCA
ACAAUGAUUAAUCCAACUAACAUCCAAACAAAUAAUAGCUAUUCACAACCAAAAAGGCCAAACCUGAUCACUAAUACUUA
UAUCUCUAAUUAUAUUCAUCGGCUCAACAAACAUCCUAGGCCUACUACCACACUCAUUCACACCCACCACACAACUAUCA
AUAAACCUGGGUAUAGCAAUCCCCCUAUGAUCAGCAACCGUAUUCACAGGAUUCCGCUAUAAAACCAAAACAUCACUAGC
CCACUUUCUACCACAAGGAACACCCGCCCUAUUAAUUCCUAUGCUCGUAAUUAUUGAAACUAUUAGCCUAUUUAUUCAAC
CAGUAGCCCUAGCCGUACGACUGACAGCCAACAUUACAGCAGGGCACCUAUUAAUUCAUCUAAUUGGAGGGGCCACAUUA
GCACUACUCAACAUCAACACUAUAACAGCUUUUAUCACAUUUACUAUCCUCAUUCUAUUAACUAUUCUUGAAUUUGCAGU
AGCUCUGAUCCAAGCUUAUGUGUUUACACUGCUAGUAAGCUUAUACCUACACGACAAUACAUAAUGACCCACCAAACACA
UGCAUACCACAUAGUAAACCCAAGCCCAUGACCACUUACCGGAGCCCUAUCAGCCCUUUUAAUAACAUCAGGCCUAACUA
UAUGAUUCCACUUUAACUCUAUACUCUUACUAUCUCUAGGACUAUUAACCAAUACUUUGACAAUAUACCAAUGGUGACGA
GACAUUAUUCGAGAGAGCACUUUCCAAGGCCACCACACAUCAGUUGUCCAAAAAGGCUUACGAUACGGUAUAAUUUUAUU
UAUUAUUUCCGAGGUUCUGUUCUUCACUGGAUUCUUUUGAGCUUUCUACCACUCAAGCCUAGCACCAACACCCGAAUUAG
GAGGUUGCUGACCACCAACAGGAAUUCACCCACUAAACCCCCUAGAAGUACCCCUACUAAACACCUCAAUCCUCCUCGCC
UCAGGAGUAUCCAUUACCUGAGCCCAUCACAGCCUAAUAGAAGGGGACCGAAAACACAUAAUCCAAGCACUAUCCAUCAC
CAUUGCACUAGGCGUAUACUUCACCCUCCUCCAAGCCUCAGAAUAUUACGAAGCACCAUUCACAAUCUCCGACGGAGUGU
AUGGAUCCACUUUCUUUGUGGCUACAGGGUUUCACGGGUUGCACGUAAUCAUCGGAUCUACUUUCCUAGCAGUAUGCUUA
CUACGACAACUAAAAUUCCACUUCACAUCCAACCACCACUUCGGCUUUGAAGCCGCAGCCUGAUACUGACACUUCGUAGA
UGUAGUUUGACUAUUCCUUUACGUAUCAAUCUAUUGAUGAGGAUCCUACUCUUUUAGUAUUAAGUAGUACAAUUGACUUC
CAAUCAAUCAGUUUCGGUAAACUCCGAAAAAGAGUAAUAAAUAUUAUACUAACACUACUCACAAACGUAACCCUAGCCUC
CCUACUCGUACUAAUCGCAUUCUGACUACCCCAACUAAACGCAUAUUCAGAAAAAACAAGCCCAUAUGAAUGUGGAUUUG
ACCCCAUAGGAUCAGCACGCCUCCCAUUCUCAAUAAAAUUUUUCCUAGUAGCCAUUACAUUUCUCCUUUUUGAUCUAGAA
AUCGCCCUUCUCCUUCCCCUACCAUGAGCAUCCCAAACAAACAAUCUAAAAACAAUACUUACAAUAGCACUAUUCCUUCU
UAUCCUACUAGCAGCAAGCCUAGCAUACGAAUGAACCCAAAAAGGCCUAGAAUGAGCAGAAUAUGAUAAUUAGUUUAAAA
CAAAACAAAUGAUUUCGACUCAUUAGACUAUGAUUUACUUCAUAAUUAUCAAGUGCCAUUAGUAUAUAUAAACAUCAUUA
UAGCAUUCGCGAUCGCCCUUGCAGGGUUACUUAUAUAUCGAUCUCACUUAAUAUCUUCACUACUAUGCCUAGAAGGAAUG
AUACUAUCACUAUUCAUCAUAUCGACUCUAAUUAUCCUAAACACACACUUCACCCUAGCUAACAUAAUACCCAUUAUUUU
ACUAGUGUUUGCAGCCUGCGAAGCUGCACUAGGCCUGUCACUACUAGUAAUAGUAUCCAACACAUACGGUACCGAUUACG
UCCAAAACUUAAACCUUUUACAAUGCUAAAAAUUAUUAUCCCAACAACAAUACUACUACCCAUAACAUGAAUAUCUAAAC
ACAACAUAAUCUGAAUCAAUGCAACAGUACAUAGUCUCCUCAUUAGCCUGAUCAGUCUAUCCCUACUAAACCAACUAGGC
GAAAACAGCCUUAAUUUUUCCUUAACAUUCUUCUCCGACUCACUAUCAGCACCCCUACUAGUUCUAACCACAUGACUCCU
CCCCCUUAUACUAAUAGCUAGCCAAUCUCACCUAUCAAAAGAAACCACAACCCGAAAAAAACUAUAUAUUACCAUACUAA
UCCUACUACAACUAUUCCUAAUUAUAACCUUCACCGCCACCGAACUAAUCCUAUUCUAUAUCCUAUUCGAAGCAACACUA
GUACCCACACUAAUUAUCAUCACACGCUGAGGAAACCAAACAGAACGACUCAAUGCAGGACUUUAUUUCCUAUUCUACAC
CCUAGCAGGAUCCCUACCACUGCUAGUAGCACUAGUUUAUAUCCAAAAUACCACAGGCUCACUAAACUUCUUAAUUAUCC
AUUACUGAUCCCACCCAUUAUCCAACUCUUGAUCAAACAUUUUUAUAUGAUUAGCAUGCAUCAUAGCCUUCAUAGUAAAA
AUACCUCUGUACGGACUCCAUCUUUGACUGCCAAAAGCCCAUGUAGAAGCCCCCAUUGCAGGUUCAAUAGUACUUGCAGC
CGUACUGCUAAAACUCGGAGGCUAUGGCAUAAUGCGAAUCACUACUAUUCUAAACCCACUAACAAACUACAUAGCCUAUC
CAUUCCUCAUGCUUUCCAUAUGAGGCAUAAUCAUAACCAGCUCUAUCUGCUUACGUCAAACCGACCUAAAAUCCUUAAUC
GCCUAUUCAUCAGUAAGUCAUAUAGCACUUGUAAUCGUAGCAAUCAUAAUUCAAACCCCCUGAAGCUUCAUAGGGGCCAC
AGCUCUCAUAAUUGCCCACGGACUAACAUCCUCCAUACUAUUCUGCCUAGCCAACACUAACUAUGAACGAGUACACAGCC
GAACCAUAAUCCUGGCCCGAGGACUGCAAACACUCCUACCACUCAUAGCAACAUGAUGACUAGUAGCAAGCCUCACAAAC
CUAGCCCUACCCCCAUCCAUCAAUCUAAUCGGAGAAUUAUUUAUCAUCACAGCAUCAUUUUCAUGAUCCAACAUCACAAU
UAUUCUCAUAGGAAUAAACAUAAUAAUUACAGCCCUCUACUCUCUCUACAUACUAAUUACUACACAACGAGGAAAAUACA
CCCACCACAUUAACAACAUCAAACCCUCAUUCACACGAGAAAACGCCCUCAUAGCCCUACAUAUUCUACCACUACUACUA
CUGACCUUAAACCCUAAAAUAAUCCUAGGACCCCUUUACUGUAGAUAUAGUUUAAUAAAAACCCUAGAUUGUGAAUCUAG
UAAUAGAAAAUUAAAUAUUCUUAUCUACCGAAAAAGUUUGCAAGAACUGCUAACUCAUGCUUCCACACUUAAAAAUGUGG
CUUUUUCAACUUUUAAAGGAUAACAGCUAUCCGUUGGUCUUAGGAACCAAAAAAUUGGUGCAACUCCAAAUAAAAGUAAU
AAACCCAUUCGCCUCACUCACAUUAACCACACUAACUAUUCUAACCAUCCCAAUUAUAAUAUCCAACUCAAACAUCUACA
AAACUAACCUUUACCCUAACUACGUAAAAACCACCGUAUCCUACGCCUUCACUCUCAGCCUAGUCCCCUUACUAAUAUUU
AUACACACAGGCCAAGAAAUAAUCAUUUCAAACUGACAUUGAAUAACCCUACAGACCGUAGAACUCUCUCUUAGCUUCAA
AAUAGACUAUUUCUCAGUAAUAUUCAUUCCCGUAGCACUAUUCGUCACAUGAUCAAUUAUAGAAUUCUCCAUAUGAUACA
UACACUCAGACCCCUUCAUCAACCGAUUCUUUAAAUACCUACUACUAUUCUUAAUCACUAUAAUAAUCCUCGUAACCGCC
AACAACCUCUUCCAACUAUUUAUCGGAUGAGAAGGCGUAGGAAUCAUAUCAUUCCUGCUAAUUGGAUGAUGACACGGACG
AACAGACGCCAACACAGCUGCACUACAAGCAAUCCUAUACAACCGCAUCGGAGACAUUGGAUUUGUCCUAUCCAUAGCAU
GAUUCCUAACCCACUCAAACGCAUGAGAUCUUCAACAAAUCUUUAUACUAAACAAUGAAUGCCCAAACAUACCAUUAAUC
GGCCUACUCCUAGCUGCAGCAGGAAAAUCAGCUCAAUUCGGACUACAUCCCUGAUUGCCCUCAGCAAUAGAAGGCCCAAC
UCCCGUAUCAGCAUUACUACACUCCAGUACAAUAGUAGUAGCAGGGGUAUUUCUACUCAUCCGCUUCUACCCCUUAAUAG
AAACUAACAAACUAGUUCAAACUAUAACACUAUGCCUAGGAGCUAUCACCACCUUAUUUACAGCACUAUGUGCAAUCACA
CAAAAUGAUAUCAAAAAAAUCGUAGCCUUCUCAACUUCAAGCCAACUAGGCUUGAUAAUAGUGACAAUCGGCAUCAACCA
ACCCCACCUAGCAUUUCUCCACAUCUGCAUGCACGCUUUCUUCAAAGCAAUACUAUUCAUAUGCUCCGGAUCCAUUAUCC
ACAGCCUCAAUGACGAACAAGACAUCCGAAAAAUAGGCGGACUGUAUAAAGCAAUACCAUUCACAACAACAGCACUAAUU
AUUGGAAGCCUGGCAUUAACAGGAAUGCCUUAUCUCACAGGAUUCUACUCAAAAGACCUUAUCAUUGAAGCAGUAAAUAU
AUCCUACACAAACGCCUGAGCCCUACUAAUAACAUUAAUUGCCACAUCCCUAACCGCUGCCUACAGCACUCGAAUUAUCU
UCUUUGCAUUCCUAGGGAAACCACGUUUCCCACCCCUAGUCCUAAUUAAUGAAAAUAACCCCCUACUAAUUAACUCUAUU
AAACGCCUUUUAAUCGGAAGCAUUUUCGCUGGCUUUAUCAUCUCCAACAACAUCCCACCAAUAACAGUACCAAACACAAC
AAUACCCCUUUACAUAAAAAUAACAGCCCUAAUCGUAACCAUCAUAGGAUUCAUACUAGCCCUAGAGCUAAACAACACAA
CCUACUACCUGAAAUUUAAAUACCCCUCACAAACAUACAAAUUUUCCAACAUACUAGGAUAUUAUCCCUCCAUCAUACAC
CGCCUACCAACAUACCACAACCUAUCUAUAAGCCAAAAAUCCGCAUCAUCAUUACUAGACUUAAUUUGACUAGAAACUAU
UCUACCAAAAACAACCUCUUUCAUCCAAAUAAAAAUAUCAAUCAUAGUAUCAAAUCAAAAAGGCCUAAUCAAACUAUACU
UUCUCUCCUUCCUAAUCACUAUUAUAAUCAGCAUAACACUAUUUAAUUACCACGAGUAAUCUCUAUAAUAACAACAACUC
CAAUAAGCAAUGAUCAACCAGUAACAAUAACUAAUCAAGUACCAUAACUAUAUAAAGCAGCAAUCCCCAUAGCUUCCUCA
CUAAAAAACCCCGAAUCACCCGUAUCAUAAAUUACUCAAUCCCCAAGCCCAUUAAACUUAAAGAUAAUUUCUACUUCCUC
UUCCUUCAACGCAUAAUAAACCAUACAAAACUCCAUUAUUAAACCAGAAACAAAUGCUCCAAAAACAGUCUUAUUAGAAA
CUCAAACCUCAGGAUACAUCUCAGUAGCCAUAGCAGUAGUAUAACCAAAAACCACCAACAUACCCCCCAAAUAAAUCAAA
AACACCAUUAAACCUAAAAAAGACCCACCAAAAUUCAAUACAAUACCACAACCAACUCCACCACUUACAAUCAACCCAAG
UCCACCAUAAAUAGGAGAGGGCUUAGAAGAAAAACCAACAAACCCAAUAACAAAAAUAGUACUUAAAAUAAAUGCAAUAU
ACAUUGUCAUUAUUCUCACAUGGAAUUUAACCACGACCAAUGACAUGAAAAAUCAUCGUUGUACUUCAACUACAAGAACC
UUAAUGACCAACAUCCGAAAAUCACACCCACUAAUAAAAAUUAUCAACAACGCAUUCAUUGACCUCCCAGCCCCCUCAAA
CAUCUCAUCAUGAUGAAACUUCGGUUCCCUCUUAGGCAUCUGCCUAAUCUUGCAAAUCCUAACAGGCCUGUUCUUAGCAA
UACAUUACACAUCAGACACAACAACAGCUUUCUCAUCAGUUACACACAUUUGUCGAGACGUAAAUUACGGAUGAGUUAUU
CGCUAUCUACAUGCAAACGGAGCAUCCAUAUUCUUUAUUUGCCUAUUCAUCCACGUAGGCCGAGGUCUAUACUACGGAUC
CUAUAUAUUCCUAGAAACAUGAAACAUUGGAGUAGUCCUACUAUUUACCGUUAUAGCAACAGCCUUCAUAGGCUACGUCC
UGCCCUGAGGACAAAUAUCAUUCUGAGGAGCUACGGUCAUCACAAAUCUACUAUCAGCUAUCCCUUAUAUCGGAACAGAC
CUCGUAGAAUGAAUCUGAGGGGGCUUUUCCGUCGACAAAGCAACCCUCACACGAUUCUUCGCCUUCCACUUUAUCCUGCC
AUUCAUCAUUACCGCCCUCGCAGCCGUACAUCUCAUAUUCCUGCACGAAACCGGAUCCAACAACCCUACCGGAAUCUCAU
CAGACAUAGACAAAAUUCCAUUUCACCCAUACUACACUAUUAAAGACAUUCUAGGAGCCUUAUUUAUAAUACUAAUCCUA
CUAAUCCUUGUACUAUUCUCACCAGACCUACUAGGAGACCCAGACAACUACACCCCAGCAAACCCACUAAACACCCCACC
CCAUAUUAAACCAGAAUGAUAUUUCUUAUUCGCCUACGCUAUUCUACGUUCAAUUCCUAAUAAACUAGGUGGAGUGUUGG
CCCUAGUAGCCUCCAUCCUAAUCCUAAUUUUAAUGCCCAUACUGCACACAUCCAAACAACGAGGCAUAAUAUUUCGACCA
CUAAGUCAAUGCCUAUUCUGAAUACUAGUAGCAGACCUCAUUACACUAACAUGAAUUGGAGGACAACCCGUAGAACACCC
GUUCAUCAUCAUCGGCCAACUAGCCUCCAUCUUAUACUUCCUAAUCAUUCUAGUAUUGAUACCAAUCACUAGCAUCAUCG
AAAACAACCUAUUAAAAUGAAGAGUCUUCGUAGUAUAUAAAAUACCCUGGUCUUGUAAACCAGAAAAGGAGGGCCACCCC
UCCCCAAGACUCAAGGAAGGAGACUAACUCCGCCAUCAGCACCCAAAGCUGAAAUUCUAACUAAACUAUUCCCUGCAACC
AAAACAAGCAUUCCAUUCGUAUGCAAACCAAAACGCCAAGUACUUAAUUACUAUCUUUAAAACAAAAAAACCCAUAAAAA
UUGCGCACAAACAUACAAAUAUGUGACCCCAAAAAUUUUACCAUUGAAAACCAAAAAAUCUAAUAUACUAUAACCCUAUG
UACGUCGUGCAUUAACUGCUAGUCCCCAUGCAUAUAAGCAUGUACAUAUUAUUAUUAAUAUUACAUAGUACAUAUUAUUA
UUGAUCGUACAUAGCACAUAUCAUGUCAAAUAACUCCAGUCAACAUGCAUAUCACCACCACUAGAUCACGAGCUUAAUUA
CCAUGCCGCGUGAAACCAGCAACCCGCUUGGCAGGGAUCCCUCUUCUCGCUCCGGGCCCAUAAACCGUGGGGGUUUCUAU
UGAUGAACUUUAACAGGCAUCUGGUUCUUACUUCAGGACCAUCUCACCUAAAAUCGGCCACUCUUUCCCCUUAAAUAAGA
CAUCUCGAUGGACUAAUGACUAAUCAGCCCAUGCUCACACAUAACUGAGGUUUCAUACAUUUGGUAUUUUUUAAUUUUUG
GGGAUGCUUAGACUCAGCCAUGGCCGUCAAAGGCCCUAACACAGUCAAAUCAAUUGUAGCUGGACUUCAUGGAACUCAUG
AUCCGGCACGACAAUCCAAACAAGGUGCUAUUCAGUCAAUGGUUACGGGACAUAACGUACAUACACGUGCGUACACGUGC
GUACACGUGCGUACACGUGCGUACACGUGCGUACACGUGCGUACACGUGCGUACACGUGCGUACACGUGCGUACACGUGC
GUACACGUGCGUACACGUGCGUACACGUGCGUACACGUGCGUACACGUGCGUACACGUGCGUACACGUGCGUACACGUGC
GUACACGUGCGUACACGUGCGUACACGUGCGUACACGUGCGUACACGUGCGUACACGUGCGUACACGUGCGUACACGUGC
GUACACGUGCGUACACGUGCGUACACGUGCGUACACGCGCAUAUAAGCAGGUAAAUUAUUAGCUCAUUCAAACCCCCCUU
ACCCCCCAUUAAACUUAUGCUCUACACACCCUAUAACGCCUUGCCAAACCCCAAAAACAAAGCAGAGUGUACAAAUACAA
UAAGCCUAACUUACACUAAACAACAUUUAACAACACAAACCACCAUAUCUUAUAAAACACUUACUUAAAUACGUGCUACG
AAAGCAGGCACCUACCCCCCUAGAUUUUUACGCCAAUCUACCAUAAAUAAAUUUAAAAUUACAACACAAUAACCUCCCAA
AAUAUAAGCACCUAUUUAAGUAUACGCCCACAAUCUGAAUAUAGCUUAUA
;
AA,BA
32 'polypeptide(L)'
;MASGPLLPRLLGAGAPRRPLRLHLVPTATPGPAGPTGRTLGSNAAPAAREPELGNDLRDRILSEPLKHADFFNLKELFSV
RSLFDARVHLGHKAGCRHRFMEPYLFGSRLGQDIIDLEQTAAHLQLALNFTAHVAYREGIILFVSRHRQFAHLIETTARD
CGEYAHTRYFKGGLLTNAPLLLGPGVRLPDLIIFLHTLNNVFEPHVAVRDAAKMNIPTVGIVDTNCNPALITYPVPGNDD
SPPAVRLFCRLFQVAISRAKEKRRQVEALYRLQGPAGAERGPAAPPPPE
;
AB
33 'polypeptide(L)'
;MVASVCGGGLRPLVLSWSRELPCAWRALHISAVCAKNRAARVRVSKGDKPVTYEEAHAPHYIAHRKGWLSLHTGNLDGED
HAAERTVEDVFLRKFMLGTFPGCLADQLVLKRRANQLEICALVLRQLPPHKFYFLVGYSETLLSHFYKCPVHLHLQTVPS
KVVYKYI
;
AC
34 'polypeptide(L)'
;MAAAVRAAGFFPGLFGASAGNLWSRQLYLNTFPAASILTSKTFPSNGPLSPPGTRDNHHFTSLACALQTQCSISSPSNWM
GQQYRSYSFFTKLTADELWKGALAESGAGARKGRGKRTKKKRRKDLNRGQIIGEGRHGFLWPGLNIPLMRNGAVQTIAQR
SKEDQEKVEADMVQQREEWDRRRKMKVKRERGWSGNTWGGVSLGPPDPGPNGETYDDFDTRILEVRNVFNMTAKEGRKRS
VRVLVAVGNGKGAAGFAIGKATERADAFRKAKNRAVHYLHYIERYEDHTIYHDISLKFKRTHIKMKKQPRGYGLHCHRAI
MTICRLIGIKDLYAKVSGSVNMLNLTRGLFLGLSRQETHQQLADKKSLHVVEFREECGPLPIVVASPQGALRKDPEPEDE
VPDITLDWEDVKAAQGMKRSVWSGLKRAAT
;
AE
35 'polypeptide(L)'
;MRRKAWKVPAGSRTIRSKRGGSGSCRVGGVCSSRWQLAEGTRGAALLQWLPGQGAGPRAGCRPQRAGLSRGRGAAALRRG
RGVARGGAWLGEGAWRPVCAAARAFKPGLARPERAFAAWEPSGPAVRQVSAVPALFHPGRRFREEPRAVHSGMPRYELAL
ILKAMQRPETAAALKRTLEALMDRGAVVRNLENLGERMLPYKISAHNQRHSRGGYFLVDFYAPATTVESMMEHLSRDIDV
IRPNIVKHPLTQEVKECEGIVPVPLEEKLYSTKKRK
;
AF
36 'polypeptide(L)'
;MAAPAVKAARGWSCSALGVRIAVLRFPGLTQVRWSRYGPEYKDPQIDKEYYRKPLAEQTEEEKYERDFKKTQLIKAAPAT
KTSSVFEDPVISKFTNMMMKGGNKVLARSLMTQTLEAVKRKQFAKYHAASAEEQATIERNPYTIFHQALKNCEPVIGLVP
ILKGGHFYQVPVPLADRRRRFLAMKWMIAECREKKHRRVLMPEKLSQELLEAFHNQGPVIKRKHDMHKMAEANRALAHYR
WW
;
AG
37 'polypeptide(L)'
;MAARTAFGALARRLWQGSRNFSVSSSRSSTAKNGGFLLTTMKWVQFSNLHVDVPKDMTKPEITISDEPDTLYKRLSVLVK
GHDKAVLDSYEYFAVLAAKELGISIKVHEPPRKIERFTLLKSVHIFKKHRVQYEMRTLYRCLELEHLTGSTADVYLEYIQ
RNLPEGVAMEVTKTKLEQLPEHIRKPIWETMPEEKEESKS
;
AJ
38 'polypeptide(L)'
;MQVVRNAGSRLLQSWAWPPKTRIVAGLPASTIHRSAPHLQDAAAKLDIEDKEEARTPSHSSFSIYPPIPGQENSLRWAGK
KFEEIPIAHIKASYNNTQIQVVSAAHQPLAHASCGTEGFRNAKKGTGIAAQTAGIAAAAKATGKGVTHVRVVVKGLGPGR
LSAIKGLTMGGLEVISITDNTPIPHNGCRPRKARRL
;
AK
39 'polypeptide(L)'
;MSWSGLLRGLGTSLNCGLALVPRPWATRPMATLNQMHRLGPPKHPPGKMGPTAGRPQLKGVVLRTFIRKPKKPNSANRKC
CRVRLSTGREAVCFIPGEGHSLQEHHVVLVQGGRTQDLPGVKLTVVRGKYDCGHVQKKK
;
AL
40 'polypeptide(L)'
;MAASMLGFLLRTVRQMVPSSASGQVRSYYVDWKMLRDVKRRKMAYEYADERLRINSLRKNTILPKDLQEVADEEIASLPR
DSCPVRIRNRCVMTSRPRGVKRRWRLSRIVFRHLADHGQLSGVQRAMW
;
AN
41 'polypeptide(L)'
;MLRAAWRALSSIRTQAVTQAPVLGLPGGGCARFPSVQRALPSRPAGLILRAARGYAAQKPVQPNQDDPPPSMLLLDYQNV
PGIHKVDDVVKRLLSLEMANQKEKLKIKKMQLMNKVLENPEDTSSLEARIVALTVKIRNYEEHMQKHRKDKAHKRFLLMS
IDQRKKMLKNLRETNYAVFEKICKELGIEYTFPPPYHRKAHRRWVTKKALCTQVFREVQKLKKQKRALRAAAVAAHKQG
;
AO
42 'polypeptide(L)'
;MVQLTTVLCRAYRGGHLTIRLALGGCTNRPFYRIVAAHSKCPRDGRFVEQLGSYDPLPNSHGEKLVALNFDRIRHWIGCG
AHLSKPVEKLLGLSGFYPLHPMMITNAERLRRKRAREVLLASQKTDTEATETKAS
;
AP
43 'polypeptide(L)'
;MSIARSSVHAKWVVGKVIGTAMQKTAKVRVTRLVLDPYLLKYFNKRKTYFAHDALQQCTVGDIVLLKALPVPRTKHVKHE
LAEIIFKVGQVIDPVTGKPCAGTTYLESPISPESTRLTKNLEALQLSSTQ
;
AQ
44 'polypeptide(L)'
;MAAVVSLCSRLGRRKSTDFVNAAVCLTDPGTHAVLWRSCSQYKQVASNEDLPVPMENPYKEPLKKCILCEKHVDYKNVQL
LSQFISPFTGCIYGRHITGLCGKKQKEITKAIKRAQILGFMPVTYKDPAYLKDPKVCNIKYRE
;
AR
45 'polypeptide(L)'
;MANHLKFIARTVMVQEGNVEGAYRTLNRILTMDGLIEDIKRRRYYEKPCRRRQRESYETCRRIYNMEMARKINFLMRKNR
ADPWQGC
;
AU
46 'polyribonucleotide' AGUAAGGUCAGCUAAAUAAGCUAUCGGGCCCAUACCCCGAAAAUGUUGGUUAUACCCUUCCCGUACUACCA AV,AY
47 'polyribonucleotide' CUGAUG AX
48 'polypeptide(L)' AAAAAAAAAAAAAAAAAA AZ
49 'polypeptide(L)'
;MPHEPRETRNLSLPLPALVARIIMATLKASALLRSLQTNSCGTGRVCFPVRARPRPRALLQPLPGASGTGTLCRGLGSES
ESGNSEIRKPTFMDEEVQNILIKMTGLDLQKIFKPALQELKPPTYKLMTQAQLEEATKQAVEAAKVRLKMPPVLEERAPI
NDVLAEDKILEGTETAKYVFTDISYSIPHRERFIVVREPSGTLRKASWEERDRMIQVYFPREGRRILTPVIFKEENLQTM
YSQDQHVDVLNLCVAQFEPDSAEYIKIHHHTYEDIDKCGKYDLLRSTRHFGGMAWYFVNKKKIDGLLIDQIQRDLVSDAT
SLVHLYHILHPDGQSAQEAKKQGAEGLHLIKVFAKTEAQKGAYIELTLQAYQEAFITHSAAS
;
Aa
50 'polypeptide(L)'
;MAGSRLETVGSIFSRTRDLIRAGVLKEKPLWLDIYNAFPPLREPVFRRPRLRYGKAKAAVQDIFYHEDRIRAKFYSAYGS
GPKAFDLFNPNFKSTCQRFVEKYIELQRLGETDEEKLFVEAGKALLAEGVTLRRVGEARTQQEGSPISRKSEPTGIKPQT
AVEENQPWKEVPQDQPLEAPEKESKGLPPP
;
Ab
51 'polypeptide(L)'
;MPMKGRFPIRRTLQYLGQGDVVFKDSVKVMTVNYNTHGELGEGARKFVFFNIPQIQYKNPWVQITMFKNMTPSPFLRFYL
DSGEQVLVDVESKSNKEIVEHIRKILGKNEETLEKEEQEKKQLSHPAHFGPRKYCLRECMCEVEGQVPCPGLVPLPKEMT
GKYKAALKATAQD
;
Ac
52 'polypeptide(L)'
;MLRVLGGLGARPAGRLPAPLLLPTRGRKTRHDPPAKSKAGRVATPPAVDPTEFFVLTERYRQYRQTVRALRLEFMSEVRK
KLHEARAGVQAERKAQEDAAEHRELMAWNQAENQRLHELRLARLRQEALEQERRQAEEAVLQAREAQAWAQLKEQEVLQL
QEEAKTFITRENLEARVEEALDSPKSYNWAITREGLVVRPQQKGS
;
Ad
53 'polypeptide(L)'
;MLSRAAPTEGTGGGRRSVDSTPPPRLPATPAPAFPLVCSKMASSIVRRGILRARKVSLPQLSLAGRRCLLSAAYVDSHKW
EARDKEDCHLADLASLMDKTYERKLPVSSLTISRFVDNIASREDIDHAEYYLYKFRHSPNCWYLRDWTIHTWIRQCLKYG
AQDKALYTLKNKVQYGIFPDNYTFNLLMDYFIKKENYKDALSVVFEIMMQEAFEVPSTQLLSLYVLYHCLAEKTDLSWEE
ERNFGASLLLPGLKQKNSVGLSSQLYGYALLGKVELQQGLRAVYCNMPLLWQPGYLHRALQVMEKVASSPEDGQLCGEAL
DVLDRVLKAVTAPAQGTSEEQPQEGEESQRSEELVEQLDVEETEQSKLPQYLERFEALRSKLQALGKVESESLLTLSTQL
AKAQLPTCEAEDIAVYEQRLQQWHGERVRLIQREQEQRERARQDYEARRAAKASA
;
Ae
54 'polypeptide(L)'
;MPLHKVPVGLWKQLRLWEGIYSRLPRHYLRSLEEARTPTPVHYRPHGAKFKINPKNWQRERVEDVPIPVHYPPESQLGLW
GGEGWVLGHRYVNNDKLSKRVRKVWKPQLFQRELYSEILDKRFTVTVTMRTLDLIDQACGFDFYILKTPKEDLCSKFGMD
LKRGMLLRLARQDPQLHPDDPARRAAIYDRYKAFVIPEAEAEWVGLTLDEAVEKQRLLEEKDPIPLFKIFVEELLGQLQQ
QALSEPAVVQTRASRK
;
B1
55 'polypeptide(L)'
;MAALCRTRAVTAKSHFLRVFFFSRPCRGTGTESGSGSESSESTEPKQRPGGFASALERHSELQQKAEFGRMRGSPKNVES
FASMLRHSPLTQMGPAKNKLVIGQIFHIVEDDLYIDFGGKFHCVCKRPEVDGEKYQKGTRVRLRLLDLELTSRFLGATTD
TTILEADAVLLGLQESKDSKSKEERHEK
;
Af
56 'polypeptide(L)'
;MAQLLANLTSIQVMLKGVTRLISRVHKLDPGHVLYMGTQAPQSLAAHLDNQVPVKSPRAISRTSEDDPAKHREQHEGQHY
NISLQELKTVFPHGLPPRFAMQVKTFNEACLMVRKPALELLHYLKNTNFAHPAVRYVLYGEKGTGKTLSLCHILHFCAKQ
NWLILHIPDAHIWVKNCRDLLQSNYNKQRFDQPLEASTWLKNFKTANEHFLSQIKVQEKYVWNKRESTEKGRPLGEVVEQ
GIMRVRNATDAVGIVLKELKRQSSLGIFHLLVAVDGVNALWGRTTLKREDKSPIAPEELALIHNLRKMVKNDWQGGAIVL
TVSQTGSLFKPRNAYLPQELLGKEGFDALDPFIPILVSNYNPKEFESCIQYYLENNWLQHEKAHTEEGKKELLFLSNRNP
GQLERLCAYL
;
Ag
57 'polypeptide(L)'
;MLPRVSAVIPLRPLSRLPLCSGGPEASAAAILLLDSLRGTVRTENNIQRYFGTNNLVYSKKDEQSGPTCEISKETESKGS
VKENSKKDLLNIIKGMKVELSTVNVQTTKPSNKRQLKNLETAIGRIKKAPEDTPQKRSESLSSELVAAVSAVADSLPFDR
RMTKSELLRQLQKHEEDSR(UNK)QKDGEKPKISFSNIISDMKVARSATARVSTRPVHQIQFDEGTDDFADQEKTLNLKK
SFRKNIFKGRRLNIFEPQAVTEEAPETEAVPSLWDIEFAKQLAAVTERPFQNGFEEMIQWTKEGKLWEFPINNEAGFDDD
GSEFHEHIFLDKYLQDFPKQGPIRHFMELVTCGLSKNPYLSVKQKVEHIEWFRNYFNEKRVILKESGIQLN
;
Ah
58 'polypeptide(L)'
;MSSLSEYAVRMSRLSARLFGEVARPTDSKSMKVVKLFSEQPLAKRKETYDWYPNHNTYFALMGTLRFLGLYRDEHQDFRD
EQLRLKKLRGKGKPRKGEGKRAMKKK
;
Ai
59 'polypeptide(L)'
;MARKKVRPRLIAELARRVRALREQRERPRDSQRYALDYETMMRPHSGNRLPMRAWADVRHESRLLQLLNRLPLFGLGRLV
TRKSWLWQHDEPCYWRLTRVRPDYAAENLDHGKAWGILTFKGKTESEAREIEQVMYHDWRLVPKHEEEAFTAFTLVPEDT
PLSVPYPPLLRAMILAQRQKYGDTSTEEPMLNLERARIDPWDYPAKLEAKTKTKGAAV
;
Aj
60 'polypeptide(L)'
;MAATSLPAWLILKSRAGTFRAFSTAMSPATRSPRPALRTTERTSKPERALRRKALPPRTEKMAVDQDWPSVYPVAAPFKP
SAVPLPVRMGYPVKRGVPMAKEGNLELLKIPNFLHLTPVAIKRHCEALKDFCTEWPAALDSDEKCEKHFPIEIDTADYVS
AGPSIRNPKARVVTLRVKLSSLNLDDHAKKKLIKLVGDRYCKSTDVLTIKTDRCPLKRQNYDYAVYLLTVLYHESWKTEE
WEKKKTEADMEEYIWENSTSEKNILETLLQIKAAEKNLELSKEELLGTKEVEDYRKSVVSLKNEGDNENTLSQYKESVKR
LLNLA
;
Ak
61 'polypeptide(L)'
;MATPSLRGRLARLGNPRRPILKPNKPLILANHVGERRREKGEATCITEMSVMMACWKQNEFRDEACRKEIQDFFDCASRA
EAARKMRSIQENLGELGSLPPKKLNKLLHRFPNKPHVS
;
Am
62 'polypeptide(L)'
;MFLVRLTSQLLRAVPGAGRSGSPRVSEVLGRHACRPRYSTQPPGPSGIASLPGKHVHPELEEMLVPRKMSISPLESWLTI
RYLLPRLGAGTPGTVSPAQLYQCPPSQVGEGVKQGDKEVRDTPQMQCKNILKIRRRKMNHHKYRKLVKRTRFLRRKVREG
RLRQKQVKFERDLKRIWQKAGLKEAPAGWQTPKIYLKNQ
;
An
63 'polypeptide(L)'
;MAAVASARWLGVRSGLCLPLTGRRVGPCGRTPRSRFYSGSAAHPEVEGANVTGIEEVVIPKKKTWDKVAILQALASTVHR
DSTAAPYVFQDDPYLIPTSSVESHSFLLAKKSGENAAKFIINSYPKYFQKDIAEPHIPCLMPEYFEPQIEDVSEAALQER
IKLRKVKASVDMFDQLLQAGTTVSLETTNSLLDLLCYYGNQEPSANYNFQQREQSEELEEATEADNEKSKTKAGHHLGVT
WRTKNNAERIFALMPEKNAHSYCTMIRGMVKHQAPTQALNLYTVLLNNRLRADVYTFNSLIEATALVVNEKFEEKWNNIL
DLLKQMVTQNVKPNLQTFNTILKCLRRFYAFGKLPALQTLREMKAIGIEPSLATYHYVIQLFYQHESPSKGSSLIIYDIM
NEVMGKRFSPRDPDDDMFFQSAMRVCSSLRDLELAYQVHGLLNTGDNWKLIGSDHRRNFYYSKFFNLLCFMEQIDVTLKW
YKDLIPSVFFPHSQTMIDLLQALDVANRLDMVPQIWKDSKEYGHTFRNELKEEILMLMARDQHPPELQVAFADCAADIKS
TYESQDARQTAPEWPASSLNYVAVLFLRAGRTQEAWKMLGLFRKHNKIPRAELLNEFLDSAKASSSPAQAIELVKLASAF
SLPVCEGLTRRVMAEFTLTQEQREALGELTALTSDSSSDSDSDSDSDISEGK
;
Ao
64 'polypeptide(L)'
;MAASILNVLLRRLPGVSPFRGAYGVQVLLQTLCTKAPPEDDSLPQVPISPYKDEPWKYLDSEEYQNRYGSRPVWADYRRN
HKGGIPPQRTRKMCIRGNKVAGNPCPICRDQKLHVDFRNVKLLEQFVCAHTGIIFHAPYTGVCMKQHKKLTQAIQKARDH
GLLRYHIPQVEPRDLDFSTTHGAVSSTPPAPTLVSGDPWYPWYSWKQPPERELSRLRRLYQGRLREESGPPPELMPEVPL
TAPAEASSTEPGAPQSAL
;
Ap
65 'polypeptide(L)'
;MLPAAASSLWGPCFGLRAAALRVARHQGPRLCGVRLMRCSSHRKGEALAGAPLDNAPKEYPPKIQQLVQDIASLTLLEIS
DLNELLKKTLKIQDVGFMPMGAVAPGAPPAAAAPEAAEEDLPKRKEQTHFTVRLTEAKPVDKVKLIKEIKSHIQGINLVQ
AKKLVESLPQEIKANVPKAEAEKIKAALEAVGGTVVLE
;
CL,DL,EL,FL,GL,HL,LL
66 'polypeptide(L)'
;MAAAGLAVFCRRVSAALKACRLLIRPQAPPSTSCRFSPSLLPKNTPNVTSFHQFRIFHTTFSRRGLEEFFDDPKNWGEEK
VKSGASWTCQQLRNKSNEDLHKLWYVLLKERNMLLTLEQEAKRQRLPMPSPERLEKVVDSMDALDKVVQEREDALRLLQT
GQEKARPGAWRRDIFGRIIWHKFKQWPIPWYLNKKYNRKRFFAMPYVERFVRMRIEKQARIKARKRSLERKKEKFLQEKF
PHLSETQKSSHV
;
B2
67 'polypeptide(L)'
;HPPRQDFLVRRQPHRNRTVTKGMESLICTDWIRHKFTRSRIPDKVFQPSPEDHEKYGGDPQYPHKLHIVTRIKSTKRRPY
WEKDIIKMLGLEKAHTPQVHKNIPSVNAKLKVVKHLIRIKPLKLPQGLPTEEDMANTCLKSNGELVVRWLLNPANQEARK
S
;
B3
68 'polypeptide(L)'
;MAAKGSLLRLLWQRVVTGAAPESCRHLYTSSWRADCNRALLTRLHRQTYARLYPVLLVKQDGSTIHIRYREPRRMLTMPV
DLDSLSPEERRARFRKREAKFKEKKEEPELSDDFDVEQYKRFWTKK
;
B4
69 'polypeptide(L)'
;MASAMLVLVVPPWPAARGLLRNWWEQLQRKLQHNRLGLPLHPWGPALAVQGPAICTEPANDTNGSKAISSLLDSVFWMAA
PKNRRSIEVNRCRRRNPQKLIKVKNNIDVCPECGHLKQKHILCGYCYEKVRKETAEIRRQMGKQEGGPFRAPTTETVVLY
SGETPSEQDQGKRIIERERKRPSWFTQN
;
B5
70 'polypeptide(L)' MFLSAVTFAKSKSKTILVKMMSQAGTGFSFNTKRSRLREKLTLLHYDPVVKKKVLFVEQKKIRSL B6
71 'polypeptide(L)'
;MAFLARSVGRLLDPVSRSAALVGGRWLQPQAWLGFPDTWGLPAMQQTRGKARGNEYQPSNIKRKHKHGWVRRLRTPTGVQ
VILRRMHKGRKSLSH
;
B7
72 'polypeptide(L)'
;MAASAFAGAVRAATGILRPLHILASSAYQNCAKNACLSSVLSSRHFSHIQTSALLSAPRLITSVRNLMCGPTAPVLNRVA
PLLPHVLKPPVRTVTYFSSRKGKRKTVKAVIYRFLRLHSGLWLRRKAGYKKKLWKKTAARKRRLREFVFCNKTQSKLLDK
MTTSFWKRRNWYADDPYQKYQDRTNLKV
;
B8
73 'polypeptide(L)'
;MATAFLRTVLSAVGPLLHLGGRPLSTFAAGPPRAALAVGAQPSPAAALLSARPLLGPQPALGFKTKGVLKKRCRDCYLVK
RRGRWFIYCKTNPKHKQRQM
;
B9
74 'polyribonucleotide' GUUAAUGUAGCUUAAAUUAUCAAAGCAAGGCACUGAAAAUGCCUAGAUGAGCCUCACAGCUCCAUAAACACCA BB
75 'polypeptide(L)'
;GGSGSGSSGVIPNEKIRNIGISAHIDSGKTTLTERVLYYTGRIAKMHEVKGKDGVGAVMDSMELERQRGITIQSAATYTM
WKDVNINIIDTPGHVDFTIEVERALRVLDGAVLVLCAVGGVQCQTMTVNRQMKRYNVPFLTFINKLDRMGSNPARALQQM
RSKLNHNAAFMQIPMGLEGNFKGIVDLIEERAIYFDGDFGQIVRYGEIPAELRAAATDHRQELIECVANSDEQLGEMFLE
EKIPSISDLKLAIRRATLKRSFTPVFLGSALKNKGVQPLLDAVLEYLPNPSEVQNYAILNKEDDSKEKTKILMNSSRDNS
HPFVGLAFKLEVGRFGQLTYVRSYQGELKKGDTIYNTRTRKKVRLQRLARMHADMMEDVEEVYAGDICALFGIDCASGDT
FTDKANSGLSMESIHVPDPVISIAMKPSNKNDLEKFSKGIGRFTREDPTFKVYFDTENKETVISGMGELHLEIYAQRLER
EYGCPCITGKPKVAFRETITAPVPFDFTHKKQSGGAGQYGKVIGVLEPLDPEDYTKLEFSDETFGSNIPKQFVPAVEKGF
LDACEKGPLSGHKLSGLRFVLQDGAHHMVDSNEISFIRAGEGALKQALANATLCILEPIMAVEVVAPNEFQGQVIAGINR
RHGVITGQDGVEDYFTLYADVPLNDMFGYSTELRSCTEGKGEYTMEYSRYQPCLPSTQEDVINKYLEATGQLPVKKGKAK
N
;
BC
76 'polypeptide(L)'
;MALRVLTRALSSLSLTPRIAVAPGLNLLPAVQVTNNVLLTLPSGLMSLPCRPILTSVALSATSVSWKSRTKYTVMPVKMR
KSGGRNHTGQIQVHGIGGGHKQRYRMIDFLRFRPEHESKPGPFEEKVIAVRYDPCRSADIALVAGGNRKRWIIATENMKA
GDTVLNSDHIGRMAVAAREGDAHPLGALPVGTLINNVESEPGRGAQYIRAAGTCGVLLRKVNGTAIIQLPSKRQMQVLET
CIATVGRVSNVDHNKRVIGKAGRNRWLGKRPNSGLWQRKGGWAGRKIRPLPPMKSYVKLPSAAAQS
;
BD
77 'polypeptide(L)'
;MPGWGLLGRAGARVLGCGADGLGASRGLGNRTDICLLVRSLHGKSVTWWDEHLSEENVPFVKQLVSDENKAQLASKLCPL
KDEPWPIHPWEPGSSRVGLIALKLGMMPLWTKDGQKHVVTLLQVQDCHVLKYTPKENHNGRMAALTVGGKTVSHFHKSAS
ILEFYQELGLPPKQKVKIFNVTENAVIKPGTPLYAAHFRPGQYVDVTAKTIGKGFQGVMRRWGFKGQPATHGQTKTHRRP
GAISTGDVARVWPGTKMPGQLGNIDRTAFGLKVWRINTKHNIIYVNGSVPGHKNCLVKIKDSKLPAYKDFCKNLPFPTYF
PDGDEEALPEDLYDENVCQPGAPSITFT
;
BE
78 'polypeptide(L)'
;MLQLVRAGARTWFRPSGCRGLNTLAEEAVQQAEKPESVASLGLQPPVLRKCELPVPAHRRPVQAWIESLRGYEQERVGLT
ELHPDVFSTAPRLDILHQVAIWQKNFKRISYAKTKTRAEVRGGGRKPWVQKGSGRARHGSIRSPIWRGGGVAHGPRGPTS
YYYMLPMKVRVQGLKVALTVKLAQDDLHIVDSLELPTADPQYLIELARYRRWGDSVLLVDLEHEDMPQNVVAATSGLKTF
NLVPAVGLNVHSMLKHQTLVLTLPTVAFLEEKLLWHNSRYTPLYPFRLPYCDFP
;
BF
79 'polypeptide(L)'
;MAAAACTAAGGGLLRAGLERLLRGGVRALLRPRLEGVTPRSERAFSLSLSRSTVIVERWWKVPLAGEGRKPRLHRRHRVY
KLVEDTKHRPKDNLELVLTQSVEELGVRGDLVSVKKSVGRNRLLPQGLAVYASPENKKLFEEEKLLRQEGKLEKLQTKAG
EATVKFLRRCHLEVGMKNNVKWELNPEIVARHFLRNLGVVVAPHALKLPEEPITQRGEYWCEVTVNGLDTVRVPMSVVNF
ERPKTKRYKYWLAQQAAKGDVPTSSQMI
;
BI
80 'polypeptide(L)'
;MAAVVAGMLRGGLLPQAGRLPTFQTVRYGSKAVTRHRRVMHFERQKLMAVTEYIPPKPTINPRCLPPPPTPPQEETGLVR
LLRREIAAVFRDNRMIAVCQHVALSAEDKLLLRHQLRKHKILMKIFPNQVLKPFLEESKYQNLLPLFVGHNLLLVSEEPK
VKEMVRILKGIPFLPLLGGCIDDTILSRQGFINYSKLPSLALVQGELVGGLTFLTAQTYSMLQHQPRQLTALLDQYVKQQ
QEGHPAVPASGQPEPPDPVPDP
;
BJ
81 'polypeptide(L)'
;MSKLSRATRALKKPEASGMIRAIVRAGQARPGPPLGPILGQRGVSINQFCKEFNEKTKDIKEGIPLPTKIFVKPDRTFEI
KIGQPTVSYFLKAAAGIEKGARHTGKEVAGLVTLKHVYEIARVKAQDDAFALQDVPLSSVVRSIIGSARSLGIRVVKDLS
SEELAAFQKERALFLAAQREADLAAQAEAAKK
;
BK
82 'polypeptide(L)'
;MSSFSKAPQQWATFARVWYLLDGKMQPPGKLAAMASVKLQGLHKPVYHQLSDCGDHVVIMNTRHIAFSGNKWEQKVYSSH
TGYPGGFRQVTAAQLHQKDPVAIVKLAIYGMLPKNLHRRTMMQRLHLFPDEDIPEDILKNLVEELPQPRKVPRRLDEYTQ
EEIEAFPRVWSPPEDYRL
;
BN
83 'polypeptide(L)'
;MAFCTGLRGPFAQVSRALSQRCFSTTGSLSAIQKMTRVRVVDNSALGTTPYHRPPRCIHVYNKTGVGKVGDRILLAIRGQ
KKKALIVGHRMPGPRMTPRFDSNNVVLLEDNGNPVGTRIKTPIPSSLRQREGEFSKVLAIAQNFV
;
BO
84 'polypeptide(L)'
;MGGPVQGGGPRALDLLRALPRVSLANLKPNPGSRKPERRPRGRRRGRKCGRGHKGERQRGTRPRLGFEGGQTPFYLRIPK
YGFNEGHSFRHQYQPLSLNRLQYLIDLGRVDPTQPIDLTQLVNGRGVTIQPSKRDYGVQLVEEGADTFKAKVNIEVQMAS
ELAIAAIEKNGGVVTTAFYDPRSLEILCKPVPFFLRGQPIPKRMLPPEALVPYYTDAKNRGYLADPARFPEARLELARKY
GYVLPDITKDELFKMLSTRKDPRQIFFGLAPGWVVNMADKKILKPTDENLLKYYSS
;
BP
85 'polypeptide(L)'
;MWRLLARACAPLLRAPLSDSWAAPSATAGFKTLLPVPTFEDVAIPEKPKLRFVERVPLVPKVRRERKNLSDIRGPSTEAT
EFTEGRFAILALGGGYLHWGHFEMMRLTINRSMDPKNMFALWRVPAPFKPITRKGMGQRMGGGKGAIDHYVTPVKAGRLI
VEMGGRCEFKEVQGFLDLVAHKLPFPAKAVSRETLEKMRKDQEERERNNQNPWTFERIATANMLGIRKVLSPYDLTHKGR
YWGKFYTPERV
;
BQ
86 'polypeptide(L)'
;MRLSVAAAISHGRVFRRLGLGPESRIHLLQNLLTGLVRHERIEASWARVDELRGYAEKLIDYGKLGDTNERAMRMADFWL
TEKDLIPKLFQVLAPRFQGQNGGYTRMLQIPNRNEQDRAKMAVIEYKGNCLPPLPLPRRDSNLTLLNQLLQGLRQDQEAS
SHTAQTPAV
;
BR
87 'polypeptide(L)'
;MALRSRFWALLSICRNPGCRAAALSTSCKPATNPETDPVENEAVAPEFTNRNPRNLELLAVARKERGWGTVWPSREFWHR
LRVIRTQHHIEALVEHRNGQVVVSASTREWAIKKHLYSTRNVVACESVGRVLAERCLEAGINFMVYHPTPWEAASDSIKR
LQHAMTEGGVVLREPRRIYE
;
BS
#
loop_
_chem_comp.id
_chem_comp.type
_chem_comp.name
_chem_comp.formula
5GP non-polymer GUANOSINE-5'-MONOPHOSPHATE 'C10 H14 N5 O8 P'
A RNA linking ADENOSINE-5'-MONOPHOSPHATE 'C10 H14 N5 O7 P'
C RNA linking CYTIDINE-5'-MONOPHOSPHATE 'C9 H14 N3 O8 P'
G RNA linking GUANOSINE-5'-MONOPHOSPHATE 'C10 H14 N5 O8 P'
GNP non-polymer 'PHOSPHOAMINOPHOSPHONIC ACID-GUANYLATE ESTER' 'C10 H17 N6 O13 P3'
GTP non-polymer GUANOSINE-5'-TRIPHOSPHATE 'C10 H16 N5 O14 P3'
MG non-polymer 'MAGNESIUM ION' 'Mg 2'
SPM non-polymer SPERMINE 'C10 H26 N4'
U RNA linking URIDINE-5'-MONOPHOSPHATE 'C9 H13 N2 O9 P'
ZN non-polymer 'ZINC ION' 'Zn 2'
#
# COMPACT_ATOMS: atom_id res chain seq x y z
N THR A 70 -55.90 -37.58 91.97
CA THR A 70 -54.96 -37.22 93.04
C THR A 70 -55.67 -37.13 94.39
N VAL A 71 -56.69 -37.96 94.56
CA VAL A 71 -57.44 -37.97 95.82
C VAL A 71 -56.57 -38.48 96.96
N ASP A 72 -55.76 -39.51 96.70
CA ASP A 72 -54.84 -40.00 97.72
C ASP A 72 -53.82 -38.94 98.08
N PHE A 73 -53.33 -38.18 97.09
CA PHE A 73 -52.39 -37.11 97.36
C PHE A 73 -53.04 -36.01 98.21
N ILE A 74 -54.30 -35.68 97.90
CA ILE A 74 -55.01 -34.66 98.67
C ILE A 74 -55.20 -35.12 100.12
N LYS A 75 -55.57 -36.38 100.31
CA LYS A 75 -55.74 -36.90 101.66
C LYS A 75 -54.41 -36.92 102.42
N LYS A 76 -53.33 -37.31 101.75
CA LYS A 76 -52.03 -37.31 102.39
C LYS A 76 -51.61 -35.90 102.78
N GLN A 77 -51.89 -34.92 101.92
CA GLN A 77 -51.59 -33.53 102.24
C GLN A 77 -52.44 -33.02 103.39
N ILE A 78 -53.70 -33.46 103.48
CA ILE A 78 -54.54 -33.09 104.62
C ILE A 78 -53.96 -33.63 105.91
N GLU A 79 -53.55 -34.90 105.89
CA GLU A 79 -52.95 -35.50 107.09
C GLU A 79 -51.65 -34.79 107.47
N GLU A 80 -50.82 -34.48 106.47
CA GLU A 80 -49.58 -33.77 106.74
C GLU A 80 -49.84 -32.39 107.32
N PHE A 81 -50.85 -31.68 106.78
CA PHE A 81 -51.18 -30.37 107.31
C PHE A 81 -51.69 -30.47 108.75
N ASN A 82 -52.48 -31.50 109.05
CA ASN A 82 -52.98 -31.67 110.40
C ASN A 82 -51.84 -31.92 111.39
N ILE A 83 -50.93 -32.83 111.05
CA ILE A 83 -49.85 -33.13 111.97
C ILE A 83 -48.88 -31.96 112.08
N GLY A 84 -48.68 -31.22 110.99
CA GLY A 84 -47.82 -30.06 111.04
C GLY A 84 -48.42 -28.93 111.86
N LYS A 85 -49.75 -28.78 111.80
CA LYS A 85 -50.42 -27.80 112.64
C LYS A 85 -50.33 -28.19 114.11
N ARG A 86 -50.48 -29.48 114.41
CA ARG A 86 -50.30 -29.96 115.77
C ARG A 86 -48.90 -29.62 116.28
N HIS A 87 -47.88 -29.94 115.50
CA HIS A 87 -46.51 -29.67 115.92
C HIS A 87 -46.22 -28.18 116.00
N LEU A 88 -46.85 -27.37 115.14
CA LEU A 88 -46.67 -25.93 115.22
C LEU A 88 -47.27 -25.37 116.49
N ALA A 89 -48.48 -25.81 116.85
CA ALA A 89 -49.07 -25.39 118.12
C ALA A 89 -48.20 -25.83 119.29
N ASN A 90 -47.63 -27.05 119.22
CA ASN A 90 -46.77 -27.52 120.28
C ASN A 90 -45.52 -26.66 120.42
N MET A 91 -44.85 -26.36 119.32
CA MET A 91 -43.61 -25.59 119.36
C MET A 91 -43.86 -24.11 119.63
N MET A 92 -45.08 -23.63 119.41
CA MET A 92 -45.41 -22.25 119.74
C MET A 92 -45.85 -22.09 121.18
N GLY A 93 -46.45 -23.13 121.77
CA GLY A 93 -46.84 -23.10 123.16
C GLY A 93 -48.29 -22.72 123.42
N GLU A 94 -49.12 -22.64 122.39
CA GLU A 94 -50.54 -22.35 122.54
C GLU A 94 -51.34 -23.64 122.56
N ASP A 95 -52.59 -23.53 122.97
CA ASP A 95 -53.48 -24.67 123.04
C ASP A 95 -53.83 -25.15 121.63
N PRO A 96 -53.65 -26.43 121.29
CA PRO A 96 -53.95 -26.88 119.93
C PRO A 96 -55.42 -26.83 119.58
N GLU A 97 -56.32 -26.92 120.56
CA GLU A 97 -57.74 -26.83 120.26
C GLU A 97 -58.14 -25.41 119.87
N THR A 98 -57.60 -24.42 120.57
CA THR A 98 -57.83 -23.02 120.22
C THR A 98 -56.89 -22.51 119.16
N PHE A 99 -56.01 -23.36 118.63
CA PHE A 99 -55.07 -22.97 117.59
C PHE A 99 -55.75 -23.03 116.23
N THR A 100 -55.91 -21.88 115.58
CA THR A 100 -56.56 -21.82 114.28
C THR A 100 -55.74 -21.02 113.29
N GLN A 101 -56.31 -20.72 112.12
CA GLN A 101 -55.55 -20.04 111.07
C GLN A 101 -55.11 -18.64 111.49
N GLU A 102 -55.89 -17.99 112.37
CA GLU A 102 -55.49 -16.67 112.86
C GLU A 102 -54.13 -16.71 113.52
N ASP A 103 -53.86 -17.78 114.28
CA ASP A 103 -52.54 -17.97 114.87
C ASP A 103 -51.55 -18.61 113.90
N ILE A 104 -52.04 -19.42 112.97
CA ILE A 104 -51.15 -20.07 112.01
C ILE A 104 -50.43 -19.02 111.16
N ASP A 105 -51.18 -18.05 110.65
CA ASP A 105 -50.59 -17.03 109.77
C ASP A 105 -49.51 -16.25 110.51
N ARG A 106 -49.80 -15.80 111.72
CA ARG A 106 -48.83 -15.00 112.48
C ARG A 106 -47.62 -15.84 112.89
N ALA A 107 -47.85 -17.09 113.29
CA ALA A 107 -46.73 -17.95 113.68
C ALA A 107 -45.82 -18.22 112.49
N ILE A 108 -46.40 -18.45 111.31
CA ILE A 108 -45.58 -18.67 110.12
C ILE A 108 -44.81 -17.41 109.76
N ALA A 109 -45.49 -16.26 109.77
CA ALA A 109 -44.82 -15.01 109.42
C ALA A 109 -43.70 -14.68 110.40
N TYR A 110 -43.82 -15.11 111.66
CA TYR A 110 -42.76 -14.85 112.63
C TYR A 110 -41.61 -15.86 112.49
N LEU A 111 -41.93 -17.13 112.30
CA LEU A 111 -40.88 -18.15 112.25
C LEU A 111 -40.11 -18.11 110.94
N PHE A 112 -40.74 -17.66 109.85
CA PHE A 112 -40.08 -17.51 108.56
C PHE A 112 -40.21 -16.05 108.15
N PRO A 113 -39.35 -15.18 108.68
CA PRO A 113 -39.42 -13.75 108.34
C PRO A 113 -38.93 -13.47 106.92
N SER A 114 -39.72 -13.89 105.94
CA SER A 114 -39.41 -13.69 104.53
C SER A 114 -39.97 -12.33 104.13
N GLY A 115 -39.08 -11.33 104.03
CA GLY A 115 -39.50 -10.00 103.62
C GLY A 115 -39.49 -9.82 102.13
N LEU A 116 -40.65 -9.96 101.50
CA LEU A 116 -40.79 -9.83 100.06
C LEU A 116 -41.88 -8.81 99.74
N PHE A 117 -41.88 -8.33 98.50
CA PHE A 117 -42.89 -7.38 98.08
C PHE A 117 -44.20 -8.05 97.66
N GLU A 118 -44.18 -9.36 97.46
CA GLU A 118 -45.37 -10.13 97.14
C GLU A 118 -45.71 -11.06 98.31
N LYS A 119 -46.92 -10.92 98.84
CA LYS A 119 -47.33 -11.75 99.96
C LYS A 119 -47.54 -13.19 99.53
N ARG A 120 -47.96 -13.42 98.29
CA ARG A 120 -48.17 -14.79 97.81
C ARG A 120 -46.87 -15.58 97.72
N ALA A 121 -45.73 -14.90 97.58
CA ALA A 121 -44.45 -15.57 97.53
C ALA A 121 -43.90 -15.94 98.91
N ARG A 122 -44.45 -15.35 99.97
CA ARG A 122 -44.02 -15.68 101.32
C ARG A 122 -44.48 -17.09 101.69
N PRO A 123 -43.80 -17.72 102.66
CA PRO A 123 -44.25 -19.04 103.12
C PRO A 123 -45.64 -18.96 103.73
N ILE A 124 -46.49 -19.90 103.34
CA ILE A 124 -47.86 -19.95 103.84
C ILE A 124 -48.27 -21.41 103.94
N MET A 125 -48.92 -21.76 105.05
CA MET A 125 -49.38 -23.12 105.32
C MET A 125 -50.86 -23.06 105.68
N LYS A 126 -51.72 -23.25 104.70
CA LYS A 126 -53.16 -23.29 104.89
C LYS A 126 -53.67 -24.69 104.61
N HIS A 127 -55.00 -24.84 104.64
CA HIS A 127 -55.61 -26.13 104.39
C HIS A 127 -55.38 -26.54 102.94
N PRO A 128 -55.19 -27.84 102.67
CA PRO A 128 -54.99 -28.29 101.29
C PRO A 128 -56.14 -27.95 100.37
N GLU A 129 -57.38 -27.95 100.87
CA GLU A 129 -58.51 -27.55 100.04
C GLU A 129 -58.41 -26.10 99.58
N GLU A 130 -57.68 -25.26 100.31
CA GLU A 130 -57.40 -23.89 99.88
C GLU A 130 -56.13 -23.78 99.07
N ILE A 131 -55.12 -24.61 99.35
CA ILE A 131 -53.87 -24.55 98.59
C ILE A 131 -54.09 -25.07 97.18
N PHE A 132 -54.50 -26.33 97.06
CA PHE A 132 -54.79 -26.88 95.74
C PHE A 132 -56.10 -26.31 95.22
N PRO A 133 -56.16 -25.90 93.96
CA PRO A 133 -57.41 -25.36 93.42
C PRO A 133 -58.49 -26.42 93.24
N LYS A 134 -59.70 -25.99 92.96
CA LYS A 134 -60.83 -26.89 92.75
C LYS A 134 -61.25 -26.83 91.28
N GLN A 135 -62.17 -27.71 90.90
CA GLN A 135 -62.62 -27.79 89.53
C GLN A 135 -64.12 -28.07 89.51
N ARG A 136 -64.64 -28.40 88.34
CA ARG A 136 -66.07 -28.66 88.18
C ARG A 136 -66.45 -29.96 88.87
N ALA A 137 -67.65 -29.97 89.45
CA ALA A 137 -68.18 -31.14 90.14
C ALA A 137 -68.60 -32.19 89.12
N ILE A 138 -69.18 -33.29 89.59
CA ILE A 138 -69.60 -34.37 88.72
C ILE A 138 -70.82 -33.93 87.92
N GLN A 139 -70.78 -34.12 86.61
CA GLN A 139 -71.89 -33.74 85.75
C GLN A 139 -72.87 -34.89 85.52
N TRP A 140 -72.37 -36.12 85.42
CA TRP A 140 -73.21 -37.28 85.18
C TRP A 140 -72.96 -38.32 86.28
N GLY A 141 -74.02 -39.04 86.63
CA GLY A 141 -73.95 -40.06 87.65
C GLY A 141 -73.23 -41.31 87.18
N GLU A 142 -73.45 -42.40 87.93
CA GLU A 142 -72.82 -43.67 87.58
C GLU A 142 -73.34 -44.21 86.25
N ASP A 143 -74.60 -43.93 85.92
CA ASP A 143 -75.18 -44.41 84.67
C ASP A 143 -74.67 -43.66 83.45
N GLY A 144 -74.00 -42.53 83.64
CA GLY A 144 -73.47 -41.75 82.54
C GLY A 144 -74.39 -40.66 82.04
N ARG A 145 -75.66 -40.69 82.43
CA ARG A 145 -76.60 -39.67 81.99
C ARG A 145 -76.27 -38.34 82.66
N PRO A 146 -76.06 -37.27 81.89
CA PRO A 146 -75.77 -35.96 82.51
C PRO A 146 -76.94 -35.50 83.37
N PHE A 147 -76.59 -34.80 84.46
CA PHE A 147 -77.62 -34.31 85.38
C PHE A 147 -78.40 -33.15 84.76
N HIS A 148 -77.72 -32.11 84.35
CA HIS A 148 -78.38 -30.94 83.78
C HIS A 148 -78.85 -31.23 82.36
N PHE A 149 -79.88 -30.49 81.94
CA PHE A 149 -80.51 -30.70 80.65
C PHE A 149 -79.85 -29.94 79.51
N LEU A 150 -78.79 -29.19 79.79
CA LEU A 150 -78.04 -28.46 78.77
C LEU A 150 -76.55 -28.79 78.84
N PHE A 151 -76.22 -30.03 79.23
CA PHE A 151 -74.82 -30.41 79.34
C PHE A 151 -74.13 -30.45 77.99
N TYR A 152 -74.87 -30.76 76.92
CA TYR A 152 -74.32 -30.81 75.58
C TYR A 152 -74.26 -29.44 74.90
N THR A 153 -74.40 -28.37 75.67
CA THR A 153 -74.35 -27.02 75.13
C THR A 153 -73.03 -26.32 75.39
N GLY A 154 -72.13 -26.92 76.13
CA GLY A 154 -70.86 -26.29 76.46
C GLY A 154 -70.87 -25.51 77.75
N LYS A 155 -71.91 -24.72 77.98
CA LYS A 155 -72.07 -23.95 79.21
C LYS A 155 -73.43 -24.31 79.82
N GLN A 156 -73.45 -25.40 80.59
CA GLN A 156 -74.68 -25.85 81.22
C GLN A 156 -75.16 -24.89 82.31
N SER A 157 -74.31 -23.97 82.74
CA SER A 157 -74.69 -22.93 83.70
C SER A 157 -75.10 -21.64 83.01
N TYR A 158 -74.27 -21.15 82.07
CA TYR A 158 -74.58 -19.90 81.40
C TYR A 158 -75.83 -20.01 80.55
N TYR A 159 -75.95 -21.09 79.76
CA TYR A 159 -77.12 -21.23 78.91
C TYR A 159 -78.37 -21.53 79.72
N SER A 160 -78.23 -22.22 80.85
CA SER A 160 -79.37 -22.40 81.75
C SER A 160 -79.82 -21.06 82.33
N LEU A 161 -78.87 -20.20 82.70
CA LEU A 161 -79.22 -18.88 83.19
C LEU A 161 -79.92 -18.06 82.12
N MET A 162 -79.41 -18.13 80.88
CA MET A 162 -80.05 -17.42 79.78
C MET A 162 -81.46 -17.92 79.55
N HIS A 163 -81.66 -19.24 79.59
CA HIS A 163 -82.98 -19.82 79.39
C HIS A 163 -83.95 -19.40 80.48
N ASP A 164 -83.50 -19.42 81.74
CA ASP A 164 -84.37 -19.02 82.85
C ASP A 164 -84.70 -17.54 82.77
N THR A 165 -83.73 -16.71 82.37
CA THR A 165 -84.00 -15.29 82.22
C THR A 165 -85.00 -15.03 81.11
N TYR A 166 -84.87 -15.73 79.99
CA TYR A 166 -85.82 -15.56 78.89
C TYR A 166 -87.20 -16.08 79.28
N GLY A 167 -87.26 -17.14 80.06
CA GLY A 167 -88.55 -17.63 80.53
C GLY A 167 -89.24 -16.64 81.46
N LYS A 168 -88.47 -16.08 82.40
CA LYS A 168 -89.05 -15.06 83.28
C LYS A 168 -89.46 -13.82 82.48
N LEU A 169 -88.71 -13.49 81.42
CA LEU A 169 -89.07 -12.37 80.58
C LEU A 169 -90.39 -12.63 79.85
N LEU A 170 -90.57 -13.84 79.32
CA LEU A 170 -91.82 -14.19 78.66
C LEU A 170 -92.98 -14.17 79.66
N ASP A 171 -92.74 -14.67 80.87
CA ASP A 171 -93.78 -14.65 81.89
C ASP A 171 -94.19 -13.23 82.25
N VAL A 172 -93.21 -12.35 82.43
CA VAL A 172 -93.50 -10.95 82.74
C VAL A 172 -94.22 -10.28 81.58
N GLU A 173 -93.83 -10.60 80.34
CA GLU A 173 -94.49 -10.04 79.17
C GLU A 173 -95.96 -10.45 79.13
N LYS A 174 -96.24 -11.74 79.33
CA LYS A 174 -97.62 -12.21 79.31
C LYS A 174 -98.42 -11.63 80.47
N HIS A 175 -97.80 -11.50 81.65
CA HIS A 175 -98.48 -10.90 82.79
C HIS A 175 -98.84 -9.45 82.50
N HIS A 176 -97.90 -8.68 81.94
CA HIS A 176 -98.18 -7.30 81.61
C HIS A 176 -99.22 -7.17 80.50
N ASN A 177 -99.23 -8.11 79.55
CA ASN A 177 -100.25 -8.10 78.51
C ASN A 177 -101.62 -8.37 79.10
N GLN A 178 -101.72 -9.34 80.01
CA GLN A 178 -102.99 -9.60 80.68
C GLN A 178 -103.43 -8.40 81.51
N LEU A 179 -102.49 -7.72 82.16
CA LEU A 179 -102.84 -6.53 82.92
C LEU A 179 -103.34 -5.41 82.02
N ARG A 180 -102.71 -5.23 80.85
CA ARG A 180 -103.16 -4.21 79.91
C ARG A 180 -104.53 -4.56 79.34
N ALA A 181 -104.79 -5.85 79.14
CA ALA A 181 -106.11 -6.26 78.65
C ALA A 181 -107.19 -6.06 79.71
N LYS A 182 -106.86 -6.31 80.97
CA LYS A 182 -107.78 -6.08 82.08
C LYS A 182 -107.81 -4.63 82.55
N ASP A 183 -107.00 -3.77 81.95
CA ASP A 183 -106.93 -2.35 82.29
C ASP A 183 -106.50 -2.15 83.74
N LEU A 184 -105.33 -2.71 84.05
CA LEU A 184 -104.73 -2.61 85.38
C LEU A 184 -103.25 -2.28 85.23
N LEU A 185 -102.84 -1.13 85.77
CA LEU A 185 -101.45 -0.70 85.77
C LEU A 185 -101.04 -0.47 87.23
N ALA A 186 -100.59 -1.53 87.89
CA ALA A 186 -100.19 -1.47 89.29
C ALA A 186 -98.68 -1.59 89.46
N GLU A 187 -97.91 -1.53 88.37
CA GLU A 187 -96.47 -1.63 88.42
C GLU A 187 -95.82 -0.28 88.14
N LYS A 188 -94.50 -0.22 88.31
CA LYS A 188 -93.74 0.99 88.09
C LYS A 188 -92.44 0.62 87.38
N THR A 189 -91.68 1.65 87.00
CA THR A 189 -90.41 1.46 86.31
C THR A 189 -89.27 1.48 87.33
N LYS A 190 -88.64 0.32 87.53
CA LYS A 190 -87.53 0.18 88.47
C LYS A 190 -86.18 0.19 87.77
N ILE A 191 -86.07 0.87 86.63
CA ILE A 191 -84.83 0.90 85.87
C ILE A 191 -83.94 2.07 86.26
N LEU A 192 -84.53 3.19 86.69
CA LEU A 192 -83.76 4.38 87.06
C LEU A 192 -83.09 4.12 88.41
N LYS A 193 -81.83 3.68 88.37
CA LYS A 193 -81.06 3.38 89.57
C LYS A 193 -80.02 4.46 89.85
N ASP A 194 -80.37 5.72 89.61
CA ASP A 194 -79.41 6.81 89.86
C ASP A 194 -79.09 7.00 91.33
N PRO A 195 -80.06 7.16 92.24
CA PRO A 195 -79.68 7.35 93.65
C PRO A 195 -79.09 6.11 94.30
N ILE A 196 -79.34 4.92 93.75
CA ILE A 196 -78.81 3.70 94.33
C ILE A 196 -77.36 3.45 93.89
N GLY A 197 -77.02 3.81 92.66
CA GLY A 197 -75.68 3.56 92.16
C GLY A 197 -75.38 2.11 91.90
N SER A 198 -76.39 1.33 91.51
CA SER A 198 -76.21 -0.08 91.22
C SER A 198 -75.79 -0.27 89.77
N ARG A 199 -74.63 -0.90 89.57
CA ARG A 199 -74.14 -1.22 88.24
C ARG A 199 -74.32 -2.71 87.99
N TRP A 200 -74.29 -3.08 86.72
CA TRP A 200 -74.43 -4.48 86.34
C TRP A 200 -73.14 -5.24 86.64
N LEU A 201 -73.23 -6.56 86.52
CA LEU A 201 -72.06 -7.40 86.77
C LEU A 201 -71.02 -7.19 85.69
N ILE A 202 -69.77 -7.53 86.02
CA ILE A 202 -68.67 -7.50 85.07
C ILE A 202 -68.31 -8.94 84.71
N LYS A 203 -67.42 -9.11 83.74
CA LYS A 203 -67.00 -10.46 83.33
C LYS A 203 -66.44 -11.22 84.52
N GLU A 204 -65.63 -10.57 85.35
CA GLU A 204 -65.07 -11.24 86.52
C GLU A 204 -66.15 -11.56 87.55
N GLU A 205 -67.10 -10.64 87.75
CA GLU A 205 -68.18 -10.86 88.70
C GLU A 205 -69.12 -11.97 88.24
N LEU A 206 -69.17 -12.25 86.95
CA LEU A 206 -69.98 -13.38 86.46
C LEU A 206 -69.19 -14.68 86.44
N GLU A 207 -67.89 -14.62 86.17
CA GLU A 207 -67.06 -15.82 86.17
C GLU A 207 -66.72 -16.28 87.59
N GLU A 208 -66.86 -15.41 88.58
CA GLU A 208 -66.71 -15.85 89.97
C GLU A 208 -67.97 -16.55 90.47
N MET A 209 -69.12 -16.24 89.88
CA MET A 209 -70.34 -16.96 90.22
C MET A 209 -70.44 -18.26 89.44
N LEU A 210 -70.43 -18.18 88.11
CA LEU A 210 -70.43 -19.37 87.27
C LEU A 210 -69.00 -19.90 87.18
N VAL A 211 -68.80 -21.14 87.63
CA VAL A 211 -67.45 -21.68 87.77
C VAL A 211 -66.73 -21.70 86.42
N GLU A 212 -67.46 -22.04 85.35
CA GLU A 212 -66.83 -22.14 84.04
C GLU A 212 -66.55 -20.76 83.46
N LYS A 213 -65.74 -20.74 82.41
CA LYS A 213 -65.36 -19.49 81.76
C LYS A 213 -66.56 -18.89 81.03
N LEU A 214 -66.44 -17.60 80.71
CA LEU A 214 -67.45 -16.88 79.96
C LEU A 214 -66.79 -16.02 78.90
N SER A 215 -67.46 -15.90 77.76
CA SER A 215 -66.97 -15.09 76.66
C SER A 215 -67.53 -13.66 76.75
N ASP A 216 -66.83 -12.74 76.10
CA ASP A 216 -67.22 -11.33 76.17
C ASP A 216 -68.53 -11.08 75.43
N GLN A 217 -68.71 -11.71 74.26
CA GLN A 217 -69.96 -11.56 73.53
C GLN A 217 -71.13 -12.14 74.31
N ASP A 218 -70.93 -13.30 74.94
CA ASP A 218 -71.98 -13.90 75.76
C ASP A 218 -72.31 -13.02 76.95
N TYR A 219 -71.28 -12.44 77.58
CA TYR A 219 -71.53 -11.53 78.70
C TYR A 219 -72.31 -10.30 78.26
N ALA A 220 -71.97 -9.73 77.10
CA ALA A 220 -72.70 -8.58 76.60
C ALA A 220 -74.14 -8.94 76.28
N GLN A 221 -74.36 -10.13 75.70
CA GLN A 221 -75.72 -10.57 75.42
C GLN A 221 -76.52 -10.74 76.71
N PHE A 222 -75.90 -11.30 77.74
CA PHE A 222 -76.59 -11.48 79.01
C PHE A 222 -76.93 -10.13 79.65
N ILE A 223 -76.00 -9.17 79.59
CA ILE A 223 -76.26 -7.85 80.16
C ILE A 223 -77.38 -7.16 79.38
N ARG A 224 -77.40 -7.29 78.06
CA ARG A 224 -78.45 -6.68 77.26
C ARG A 224 -79.80 -7.34 77.50
N LEU A 225 -79.83 -8.66 77.72
CA LEU A 225 -81.08 -9.31 78.09
C LEU A 225 -81.56 -8.84 79.47
N LEU A 226 -80.63 -8.66 80.41
CA LEU A 226 -81.01 -8.14 81.71
C LEU A 226 -81.60 -6.74 81.60
N GLU A 227 -80.99 -5.88 80.78
CA GLU A 227 -81.53 -4.53 80.65
C GLU A 227 -82.85 -4.53 79.88
N ARG A 228 -83.03 -5.46 78.95
CA ARG A 228 -84.33 -5.65 78.32
C ARG A 228 -85.40 -6.00 79.35
N LEU A 229 -85.09 -6.97 80.21
CA LEU A 229 -86.04 -7.35 81.26
C LEU A 229 -86.31 -6.21 82.22
N SER A 230 -85.29 -5.39 82.50
CA SER A 230 -85.47 -4.27 83.41
C SER A 230 -86.30 -3.16 82.79
N ALA A 231 -86.22 -2.98 81.47
CA ALA A 231 -86.99 -1.95 80.79
C ALA A 231 -88.49 -2.24 80.76
N LEU A 232 -88.94 -3.32 81.37
CA LEU A 232 -90.34 -3.68 81.45
C LEU A 232 -90.79 -3.73 82.91
N PRO A 233 -92.08 -3.54 83.18
CA PRO A 233 -92.57 -3.55 84.56
C PRO A 233 -92.30 -4.90 85.22
N CYS A 234 -91.50 -4.86 86.28
CA CYS A 234 -91.11 -6.08 86.99
C CYS A 234 -92.17 -6.47 88.02
N GLY A 235 -92.18 -7.75 88.37
CA GLY A 235 -93.10 -8.28 89.35
C GLY A 235 -92.53 -8.25 90.76
N ALA A 236 -93.08 -9.13 91.61
CA ALA A 236 -92.65 -9.18 93.00
C ALA A 236 -91.27 -9.81 93.13
N THR A 237 -91.14 -11.08 92.72
CA THR A 237 -89.86 -11.76 92.75
C THR A 237 -88.99 -11.40 91.56
N GLU A 238 -89.58 -10.82 90.50
CA GLU A 238 -88.78 -10.40 89.35
C GLU A 238 -87.82 -9.28 89.72
N GLU A 239 -88.23 -8.40 90.63
CA GLU A 239 -87.34 -7.35 91.10
C GLU A 239 -86.10 -7.94 91.76
N ASP A 240 -86.30 -8.92 92.65
CA ASP A 240 -85.16 -9.58 93.27
C ASP A 240 -84.33 -10.35 92.25
N PHE A 241 -84.98 -10.97 91.26
CA PHE A 241 -84.25 -11.69 90.23
C PHE A 241 -83.35 -10.76 89.43
N VAL A 242 -83.82 -9.55 89.16
CA VAL A 242 -83.00 -8.59 88.42
C VAL A 242 -81.91 -8.01 89.31
N ASN A 243 -82.24 -7.72 90.58
CA ASN A 243 -81.28 -7.09 91.47
C ASN A 243 -80.22 -8.04 92.01
N ARG A 244 -80.44 -9.35 91.94
CA ARG A 244 -79.43 -10.28 92.44
C ARG A 244 -78.17 -10.28 91.57
N PHE A 245 -78.25 -9.72 90.37
CA PHE A 245 -77.08 -9.55 89.51
C PHE A 245 -76.69 -8.07 89.42
N ARG A 246 -76.83 -7.36 90.54
CA ARG A 246 -76.47 -5.95 90.65
C ARG A 246 -75.40 -5.80 91.72
N ARG A 247 -74.43 -4.93 91.45
CA ARG A 247 -73.37 -4.62 92.42
C ARG A 247 -73.33 -3.11 92.60
N SER A 248 -73.60 -2.66 93.83
CA SER A 248 -73.58 -1.23 94.13
C SER A 248 -72.16 -0.77 94.42
N ILE A 249 -72.03 0.45 94.93
CA ILE A 249 -70.74 1.02 95.33
C ILE A 249 -70.12 0.09 96.37
N PRO A 250 -68.79 -0.09 96.37
CA PRO A 250 -68.17 -0.98 97.37
C PRO A 250 -68.55 -0.67 98.81
N ILE A 251 -68.79 0.58 99.18
CA ILE A 251 -69.16 0.89 100.56
C ILE A 251 -70.43 1.74 100.58
N GLN A 252 -70.71 2.44 99.48
CA GLN A 252 -71.92 3.26 99.34
C GLN A 252 -72.01 4.35 100.40
N SER A 253 -70.93 4.59 101.14
CA SER A 253 -70.93 5.53 102.24
C SER A 253 -69.71 6.44 102.21
N LYS A 254 -69.42 7.04 101.06
CA LYS A 254 -68.23 7.89 100.92
C LYS A 254 -68.35 9.16 101.77
N LYS A 255 -69.47 9.35 102.45
CA LYS A 255 -69.59 10.44 103.41
C LYS A 255 -68.57 10.25 104.53
N GLN A 256 -67.88 11.32 104.89
CA GLN A 256 -66.83 11.22 105.88
C GLN A 256 -67.39 11.32 107.29
N LEU A 257 -66.55 10.95 108.26
CA LEU A 257 -66.92 11.00 109.66
C LEU A 257 -66.54 12.36 110.25
N ILE A 258 -67.36 12.85 111.17
CA ILE A 258 -67.16 14.15 111.81
C ILE A 258 -66.56 13.93 113.18
N GLU A 259 -65.46 14.63 113.47
CA GLU A 259 -64.82 14.49 114.78
C GLU A 259 -65.67 15.17 115.84
N PRO A 260 -65.90 14.53 116.98
CA PRO A 260 -66.72 15.16 118.02
C PRO A 260 -66.06 16.40 118.59
N LEU A 261 -66.90 17.31 119.07
CA LEU A 261 -66.42 18.54 119.69
C LEU A 261 -65.86 18.26 121.07
N GLN A 262 -64.55 18.38 121.23
CA GLN A 262 -63.91 18.20 122.52
C GLN A 262 -63.77 19.53 123.24
N TYR A 263 -63.37 19.46 124.50
CA TYR A 263 -63.21 20.63 125.35
C TYR A 263 -61.98 20.43 126.21
N ASP A 264 -60.88 21.10 125.85
CA ASP A 264 -59.58 20.91 126.49
C ASP A 264 -59.24 22.16 127.30
N GLU A 265 -59.13 22.00 128.62
CA GLU A 265 -58.70 23.06 129.53
C GLU A 265 -59.59 24.31 129.40
N GLN A 266 -60.86 24.12 129.74
CA GLN A 266 -61.86 25.19 129.75
C GLN A 266 -62.03 25.85 128.38
N GLY A 267 -61.70 25.13 127.31
CA GLY A 267 -61.84 25.67 125.98
C GLY A 267 -62.93 24.99 125.17
N MET A 268 -64.02 25.70 124.94
CA MET A 268 -65.16 25.14 124.22
C MET A 268 -65.04 25.41 122.73
N ALA A 269 -65.86 24.71 121.94
CA ALA A 269 -65.87 24.81 120.49
C ALA A 269 -64.49 24.51 119.91
N PHE A 270 -63.90 23.41 120.40
CA PHE A 270 -62.54 23.01 120.06
C PHE A 270 -62.59 21.99 118.92
N SER A 271 -61.71 22.17 117.94
CA SER A 271 -61.63 21.22 116.84
C SER A 271 -60.21 21.20 116.29
N ARG A 272 -59.85 20.08 115.65
CA ARG A 272 -58.52 19.88 115.09
C ARG A 272 -58.64 19.25 113.72
N GLY A 273 -57.76 19.66 112.80
CA GLY A 273 -57.78 19.15 111.45
C GLY A 273 -56.38 18.99 110.90
N GLU A 274 -56.29 18.15 109.86
CA GLU A 274 -55.01 17.82 109.22
C GLU A 274 -55.16 17.93 107.71
N GLY A 275 -54.14 18.48 107.05
CA GLY A 275 -54.15 18.62 105.61
C GLY A 275 -52.77 18.38 105.03
N LYS A 276 -52.75 18.05 103.75
CA LYS A 276 -51.50 17.78 103.05
C LYS A 276 -51.69 17.97 101.56
N ARG A 277 -50.73 18.67 100.93
CA ARG A 277 -50.75 18.84 99.48
C ARG A 277 -49.32 19.09 99.00
N LYS A 278 -48.79 18.17 98.20
CA LYS A 278 -47.46 18.28 97.61
C LYS A 278 -46.39 18.40 98.69
N THR A 279 -46.28 17.35 99.51
CA THR A 279 -45.25 17.23 100.55
C THR A 279 -45.28 18.43 101.50
N ALA A 280 -46.47 18.77 101.99
CA ALA A 280 -46.64 19.85 102.94
C ALA A 280 -47.71 19.44 103.94
N LYS A 281 -47.29 19.15 105.17
CA LYS A 281 -48.20 18.66 106.20
C LYS A 281 -48.57 19.80 107.15
N ALA A 282 -49.87 20.03 107.33
CA ALA A 282 -50.34 21.13 108.15
C ALA A 282 -51.38 20.62 109.15
N GLU A 283 -51.26 21.08 110.39
CA GLU A 283 -52.23 20.79 111.44
C GLU A 283 -52.85 22.10 111.93
N VAL A 284 -54.17 22.12 112.05
CA VAL A 284 -54.92 23.31 112.44
C VAL A 284 -55.71 23.01 113.70
N VAL A 285 -55.69 23.96 114.64
CA VAL A 285 -56.49 23.90 115.85
C VAL A 285 -57.40 25.12 115.86
N VAL A 286 -58.71 24.90 115.79
CA VAL A 286 -59.68 25.97 115.61
C VAL A 286 -60.60 26.01 116.83
N TYR A 287 -60.95 27.23 117.24
CA TYR A 287 -61.90 27.48 118.31
C TYR A 287 -63.04 28.30 117.73
N GLY A 288 -64.26 27.76 117.78
CA GLY A 288 -65.42 28.41 117.24
C GLY A 288 -66.10 29.42 118.14
N GLN A 289 -65.42 29.86 119.21
CA GLN A 289 -65.99 30.81 120.14
C GLN A 289 -65.37 32.20 120.06
N GLY A 290 -64.14 32.32 119.57
CA GLY A 290 -63.46 33.59 119.49
C GLY A 290 -63.71 34.31 118.18
N SER A 291 -62.98 35.42 118.00
CA SER A 291 -63.11 36.22 116.80
C SER A 291 -62.42 35.53 115.62
N GLY A 292 -62.49 36.16 114.46
CA GLY A 292 -61.90 35.59 113.27
C GLY A 292 -60.48 36.02 113.01
N ARG A 293 -59.53 35.13 113.25
CA ARG A 293 -58.12 35.41 112.97
C ARG A 293 -57.36 34.09 112.92
N ILE A 294 -56.19 34.15 112.28
CA ILE A 294 -55.32 32.99 112.10
C ILE A 294 -53.97 33.28 112.71
N ASP A 295 -53.38 32.26 113.33
CA ASP A 295 -52.05 32.34 113.92
C ASP A 295 -51.20 31.28 113.21
N VAL A 296 -50.31 31.71 112.33
CA VAL A 296 -49.50 30.81 111.52
C VAL A 296 -48.11 30.80 112.11
N ASN A 297 -47.79 29.74 112.87
CA ASN A 297 -46.46 29.53 113.43
C ASN A 297 -46.03 30.71 114.30
N GLY A 298 -46.96 31.21 115.10
CA GLY A 298 -46.69 32.31 116.01
C GLY A 298 -46.77 33.69 115.37
N VAL A 299 -46.63 33.81 114.06
CA VAL A 299 -46.67 35.08 113.38
C VAL A 299 -48.02 35.22 112.68
N ASP A 300 -48.33 36.45 112.27
CA ASP A 300 -49.61 36.73 111.64
C ASP A 300 -49.65 36.13 110.23
N TYR A 301 -50.87 35.79 109.79
CA TYR A 301 -51.04 35.24 108.46
C TYR A 301 -50.71 36.26 107.38
N LEU A 302 -51.00 37.54 107.63
CA LEU A 302 -50.68 38.58 106.66
C LEU A 302 -49.18 38.66 106.41
N LEU A 303 -48.38 38.51 107.47
CA LEU A 303 -46.93 38.54 107.31
C LEU A 303 -46.37 37.20 106.86
N TYR A 304 -47.09 36.10 107.10
CA TYR A 304 -46.60 34.79 106.67
C TYR A 304 -46.88 34.53 105.19
N PHE A 305 -47.97 35.08 104.66
CA PHE A 305 -48.36 34.90 103.26
C PHE A 305 -48.53 36.27 102.62
N PRO A 306 -47.46 36.83 102.05
CA PRO A 306 -47.58 38.17 101.45
C PRO A 306 -48.38 38.19 100.16
N VAL A 307 -48.45 37.07 99.44
CA VAL A 307 -49.15 37.04 98.16
C VAL A 307 -50.65 36.96 98.38
N THR A 308 -51.42 37.56 97.47
CA THR A 308 -52.87 37.55 97.59
C THR A 308 -53.43 36.14 97.41
N GLN A 309 -52.79 35.33 96.55
CA GLN A 309 -53.29 33.99 96.29
C GLN A 309 -53.29 33.15 97.56
N ASP A 310 -52.22 33.24 98.36
CA ASP A 310 -52.12 32.42 99.55
C ASP A 310 -53.17 32.79 100.59
N ARG A 311 -53.53 34.07 100.67
CA ARG A 311 -54.58 34.48 101.59
C ARG A 311 -55.97 34.12 101.06
N GLU A 312 -56.15 34.13 99.75
CA GLU A 312 -57.39 33.63 99.17
C GLU A 312 -57.55 32.13 99.44
N GLN A 313 -56.45 31.39 99.44
CA GLN A 313 -56.51 29.98 99.79
C GLN A 313 -57.04 29.76 101.21
N LEU A 314 -56.75 30.68 102.13
CA LEU A 314 -57.25 30.56 103.49
C LEU A 314 -58.69 31.07 103.60
N MET A 315 -59.02 32.10 102.83
CA MET A 315 -60.38 32.66 102.87
C MET A 315 -61.39 31.76 102.18
N PHE A 316 -60.96 30.89 101.27
CA PHE A 316 -61.90 30.07 100.52
C PHE A 316 -62.72 29.14 101.39
N PRO A 317 -62.14 28.36 102.33
CA PRO A 317 -62.99 27.50 103.17
C PRO A 317 -63.88 28.28 104.11
N LEU A 318 -63.48 29.49 104.49
CA LEU A 318 -64.28 30.27 105.44
C LEU A 318 -65.42 31.02 104.75
N HIS A 319 -65.18 31.52 103.54
CA HIS A 319 -66.21 32.26 102.84
C HIS A 319 -67.37 31.36 102.43
N PHE A 320 -67.10 30.09 102.11
CA PHE A 320 -68.17 29.18 101.72
C PHE A 320 -69.07 28.84 102.90
N LEU A 321 -68.54 28.91 104.12
CA LEU A 321 -69.30 28.61 105.33
C LEU A 321 -69.75 29.84 106.08
N ASP A 322 -69.34 31.04 105.62
CA ASP A 322 -69.68 32.29 106.30
C ASP A 322 -69.17 32.31 107.74
N ARG A 323 -67.96 31.79 107.94
CA ARG A 323 -67.32 31.74 109.25
C ARG A 323 -66.07 32.60 109.27
N LEU A 324 -66.14 33.77 108.65
CA LEU A 324 -64.97 34.65 108.57
C LEU A 324 -64.60 35.19 109.94
N GLY A 325 -65.55 35.81 110.65
CA GLY A 325 -65.29 36.33 111.97
C GLY A 325 -65.94 35.52 113.07
N LYS A 326 -65.93 34.19 112.92
CA LYS A 326 -66.56 33.31 113.90
C LYS A 326 -65.65 32.19 114.38
N HIS A 327 -64.41 32.12 113.90
CA HIS A 327 -63.49 31.06 114.28
C HIS A 327 -62.08 31.61 114.40
N ASP A 328 -61.40 31.28 115.50
CA ASP A 328 -60.00 31.64 115.70
C ASP A 328 -59.16 30.38 115.54
N MET A 329 -58.25 30.39 114.56
CA MET A 329 -57.52 29.19 114.21
C MET A 329 -56.01 29.41 114.37
N THR A 330 -55.31 28.32 114.69
CA THR A 330 -53.86 28.30 114.78
C THR A 330 -53.35 27.17 113.91
N CYS A 331 -52.54 27.51 112.92
CA CYS A 331 -52.07 26.54 111.94
C CYS A 331 -50.56 26.37 112.04
N ALA A 332 -50.11 25.13 111.80
CA ALA A 332 -48.68 24.82 111.78
C ALA A 332 -48.42 23.94 110.58
N VAL A 333 -47.61 24.43 109.64
CA VAL A 333 -47.34 23.74 108.38
C VAL A 333 -45.85 23.50 108.26
N SER A 334 -45.49 22.34 107.69
CA SER A 334 -44.10 21.98 107.46
C SER A 334 -43.97 21.37 106.08
N GLY A 335 -43.00 21.85 105.31
CA GLY A 335 -42.79 21.39 103.95
C GLY A 335 -43.52 22.23 102.92
N GLY A 336 -43.06 22.12 101.68
CA GLY A 336 -43.66 22.84 100.59
C GLY A 336 -43.04 24.22 100.38
N GLY A 337 -43.71 25.00 99.55
CA GLY A 337 -43.24 26.34 99.23
C GLY A 337 -44.21 27.43 99.63
N ARG A 338 -44.48 28.37 98.72
CA ARG A 338 -45.39 29.46 99.03
C ARG A 338 -46.84 29.11 98.72
N SER A 339 -47.07 28.14 97.84
CA SER A 339 -48.42 27.72 97.49
C SER A 339 -48.80 26.37 98.06
N ALA A 340 -47.84 25.46 98.22
CA ALA A 340 -48.13 24.16 98.81
C ALA A 340 -48.57 24.30 100.25
N GLN A 341 -47.92 25.20 101.00
CA GLN A 341 -48.33 25.45 102.38
C GLN A 341 -49.74 26.02 102.44
N ALA A 342 -50.05 26.95 101.53
CA ALA A 342 -51.40 27.52 101.49
C ALA A 342 -52.44 26.45 101.19
N GLY A 343 -52.16 25.58 100.22
CA GLY A 343 -53.09 24.51 99.91
C GLY A 343 -53.27 23.53 101.06
N ALA A 344 -52.17 23.20 101.73
CA ALA A 344 -52.26 22.28 102.87
C ALA A 344 -53.08 22.89 104.01
N VAL A 345 -52.85 24.18 104.30
CA VAL A 345 -53.62 24.83 105.35
C VAL A 345 -55.09 24.93 104.96
N ARG A 346 -55.36 25.17 103.67
CA ARG A 346 -56.74 25.20 103.19
C ARG A 346 -57.42 23.85 103.41
N LEU A 347 -56.74 22.77 103.03
CA LEU A 347 -57.31 21.44 103.19
C LEU A 347 -57.55 21.12 104.67
N ALA A 348 -56.57 21.45 105.53
CA ALA A 348 -56.73 21.19 106.95
C ALA A 348 -57.89 21.99 107.54
N MET A 349 -58.00 23.26 107.16
CA MET A 349 -59.10 24.09 107.66
C MET A 349 -60.45 23.55 107.19
N ALA A 350 -60.52 23.11 105.93
CA ALA A 350 -61.77 22.57 105.42
C ALA A 350 -62.15 21.28 106.14
N ARG A 351 -61.17 20.42 106.41
CA ARG A 351 -61.46 19.18 107.14
C ARG A 351 -61.77 19.42 108.60
N ALA A 352 -61.29 20.52 109.18
CA ALA A 352 -61.56 20.82 110.58
C ALA A 352 -62.88 21.53 110.80
N LEU A 353 -63.31 22.37 109.85
CA LEU A 353 -64.54 23.12 109.99
C LEU A 353 -65.80 22.27 109.87
N CYS A 354 -65.66 20.96 109.61
CA CYS A 354 -66.84 20.11 109.46
C CYS A 354 -67.55 19.91 110.80
N SER A 355 -66.83 20.03 111.91
CA SER A 355 -67.43 19.81 113.23
C SER A 355 -68.35 20.95 113.63
N PHE A 356 -68.27 22.10 112.97
CA PHE A 356 -69.10 23.25 113.31
C PHE A 356 -70.30 23.42 112.38
N VAL A 357 -70.35 22.71 111.26
CA VAL A 357 -71.43 22.83 110.29
C VAL A 357 -72.20 21.52 110.25
N THR A 358 -73.35 21.56 109.58
CA THR A 358 -74.23 20.41 109.49
C THR A 358 -73.74 19.45 108.41
N GLU A 359 -74.53 18.39 108.18
CA GLU A 359 -74.14 17.37 107.21
C GLU A 359 -74.26 17.87 105.77
N ASP A 360 -75.30 18.65 105.47
CA ASP A 360 -75.48 19.15 104.11
C ASP A 360 -74.36 20.08 103.69
N GLU A 361 -73.85 20.92 104.59
CA GLU A 361 -72.72 21.77 104.25
C GLU A 361 -71.42 20.99 104.10
N VAL A 362 -71.24 19.93 104.88
CA VAL A 362 -70.09 19.04 104.67
C VAL A 362 -70.18 18.40 103.28
N GLU A 363 -71.38 17.98 102.89
CA GLU A 363 -71.58 17.42 101.57
C GLU A 363 -71.28 18.45 100.48
N TRP A 364 -71.76 19.69 100.66
CA TRP A 364 -71.47 20.74 99.71
C TRP A 364 -69.97 21.01 99.60
N MET A 365 -69.26 20.99 100.73
CA MET A 365 -67.81 21.22 100.70
C MET A 365 -67.09 20.08 99.98
N ARG A 366 -67.42 18.83 100.29
CA ARG A 366 -66.77 17.71 99.62
C ARG A 366 -67.15 17.61 98.15
N GLN A 367 -68.29 18.19 97.76
CA GLN A 367 -68.61 18.31 96.35
C GLN A 367 -67.88 19.46 95.68
N ALA A 368 -67.60 20.52 96.43
CA ALA A 368 -66.80 21.63 95.92
C ALA A 368 -65.31 21.35 95.90
N GLY A 369 -64.88 20.26 96.55
CA GLY A 369 -63.48 19.89 96.56
C GLY A 369 -62.70 20.35 97.76
N LEU A 370 -63.38 20.79 98.83
CA LEU A 370 -62.67 21.24 100.02
C LEU A 370 -62.15 20.08 100.86
N LEU A 371 -62.87 18.95 100.87
CA LEU A 371 -62.52 17.80 101.69
C LEU A 371 -61.76 16.73 100.92
N THR A 372 -61.36 17.02 99.69
CA THR A 372 -60.63 16.06 98.86
C THR A 372 -59.19 16.54 98.67
N ALA A 373 -58.26 15.61 98.81
CA ALA A 373 -56.85 15.94 98.67
C ALA A 373 -56.50 16.20 97.21
N ASP A 374 -55.26 16.66 96.99
CA ASP A 374 -54.75 16.96 95.66
C ASP A 374 -53.65 15.98 95.32
N PRO A 375 -53.96 14.87 94.64
CA PRO A 375 -52.93 13.85 94.35
C PRO A 375 -51.87 14.31 93.36
N ARG A 376 -51.96 15.52 92.82
CA ARG A 376 -51.00 15.98 91.83
C ARG A 376 -49.65 16.31 92.48
N VAL A 377 -48.74 15.35 92.48
CA VAL A 377 -47.41 15.54 93.03
C VAL A 377 -46.41 15.55 91.88
N ARG A 378 -45.16 15.88 92.21
CA ARG A 378 -44.11 15.91 91.20
C ARG A 378 -43.72 14.49 90.81
N GLU A 379 -43.73 14.22 89.51
CA GLU A 379 -43.33 12.91 89.02
C GLU A 379 -41.82 12.77 89.02
N ARG A 380 -41.35 11.54 89.25
CA ARG A 380 -39.93 11.28 89.25
C ARG A 380 -39.35 11.50 87.85
N LYS A 381 -38.11 11.98 87.80
CA LYS A 381 -37.44 12.20 86.54
C LYS A 381 -37.08 10.85 85.90
N LYS A 382 -37.15 10.79 84.57
CA LYS A 382 -36.87 9.56 83.84
C LYS A 382 -35.48 9.62 83.20
N PRO A 383 -34.83 8.47 83.03
CA PRO A 383 -33.51 8.46 82.38
C PRO A 383 -33.61 8.88 80.93
N GLY A 384 -32.70 9.75 80.51
CA GLY A 384 -32.69 10.26 79.16
C GLY A 384 -33.67 11.39 78.89
N GLN A 385 -34.29 11.96 79.93
CA GLN A 385 -35.25 13.03 79.79
C GLN A 385 -34.85 14.19 80.70
N GLU A 386 -35.63 15.26 80.66
CA GLU A 386 -35.35 16.46 81.46
C GLU A 386 -36.32 16.61 82.62
N GLY A 387 -37.63 16.63 82.33
CA GLY A 387 -38.63 16.82 83.37
C GLY A 387 -39.69 15.74 83.36
N ALA A 388 -39.25 14.49 83.12
CA ALA A 388 -40.12 13.31 83.08
C ALA A 388 -41.03 13.32 81.86
N ARG A 389 -41.15 14.45 81.18
CA ARG A 389 -41.81 14.45 79.88
C ARG A 389 -40.92 15.00 78.76
N ARG A 390 -40.09 16.00 79.06
CA ARG A 390 -39.29 16.65 78.04
C ARG A 390 -38.24 15.69 77.47
N LYS A 391 -38.35 15.36 76.19
CA LYS A 391 -37.37 14.52 75.53
C LYS A 391 -36.34 15.39 74.82
N PHE A 392 -35.18 14.80 74.54
CA PHE A 392 -34.11 15.53 73.88
C PHE A 392 -34.46 15.80 72.42
N THR A 393 -33.62 16.59 71.76
CA THR A 393 -33.83 16.95 70.37
C THR A 393 -33.59 15.72 69.50
N TRP A 394 -34.69 15.12 69.03
CA TRP A 394 -34.62 13.90 68.21
C TRP A 394 -34.39 14.29 66.77
N LYS A 395 -33.14 14.19 66.32
CA LYS A 395 -32.79 14.55 64.94
C LYS A 395 -33.17 13.42 64.00
N LYS A 396 -33.90 13.76 62.94
CA LYS A 396 -34.31 12.76 61.97
C LYS A 396 -33.14 12.28 61.12
N ARG A 397 -32.12 13.12 60.95
CA ARG A 397 -30.97 12.76 60.12
C ARG A 397 -29.70 13.45 60.61
N PRO B 71 1.66 -71.50 -69.61
CA PRO B 71 2.87 -70.69 -69.85
C PRO B 71 3.48 -70.16 -68.55
N GLU B 72 4.78 -69.94 -68.55
CA GLU B 72 5.50 -69.45 -67.39
C GLU B 72 5.93 -68.00 -67.63
N THR B 73 5.61 -67.13 -66.69
CA THR B 73 5.96 -65.71 -66.77
C THR B 73 7.23 -65.45 -65.97
N ARG B 74 8.15 -64.70 -66.57
CA ARG B 74 9.40 -64.38 -65.89
C ARG B 74 9.15 -63.38 -64.77
N PHE B 75 9.69 -63.66 -63.59
CA PHE B 75 9.55 -62.79 -62.42
C PHE B 75 10.93 -62.29 -62.04
N LEU B 76 11.18 -61.00 -62.27
CA LEU B 76 12.44 -60.36 -61.88
C LEU B 76 12.23 -59.60 -60.58
N SER B 77 13.08 -59.86 -59.61
CA SER B 77 12.93 -59.25 -58.30
C SER B 77 13.10 -57.74 -58.39
N PRO B 78 12.41 -56.98 -57.53
CA PRO B 78 12.48 -55.51 -57.63
C PRO B 78 13.85 -54.93 -57.39
N GLU B 79 14.74 -55.62 -56.66
CA GLU B 79 16.03 -55.03 -56.32
C GLU B 79 16.98 -55.03 -57.51
N PHE B 80 16.81 -55.97 -58.45
CA PHE B 80 17.73 -56.04 -59.58
C PHE B 80 17.57 -54.84 -60.52
N ILE B 81 16.45 -54.14 -60.47
CA ILE B 81 16.21 -52.99 -61.33
C ILE B 81 17.08 -51.83 -60.86
N PRO B 82 18.04 -51.38 -61.66
CA PRO B 82 18.88 -50.26 -61.25
C PRO B 82 18.11 -48.95 -61.27
N PRO B 83 18.55 -47.94 -60.52
CA PRO B 83 17.82 -46.67 -60.49
C PRO B 83 17.90 -45.91 -61.82
N ARG B 84 17.27 -44.74 -61.86
CA ARG B 84 17.26 -43.93 -63.07
C ARG B 84 18.49 -43.03 -63.19
N GLY B 85 19.37 -43.03 -62.19
CA GLY B 85 20.53 -42.17 -62.21
C GLY B 85 21.52 -42.54 -63.30
N ARG B 86 22.58 -41.73 -63.38
CA ARG B 86 23.66 -41.92 -64.34
C ARG B 86 24.87 -42.58 -63.73
N THR B 87 24.67 -43.49 -62.77
CA THR B 87 25.77 -44.23 -62.19
C THR B 87 26.36 -45.20 -63.21
N ASN B 88 27.67 -45.43 -63.10
CA ASN B 88 28.33 -46.32 -64.05
C ASN B 88 27.80 -47.74 -63.89
N PRO B 89 27.51 -48.44 -64.99
CA PRO B 89 26.92 -49.79 -64.88
C PRO B 89 27.86 -50.83 -64.28
N LEU B 90 29.16 -50.54 -64.17
CA LEU B 90 30.07 -51.53 -63.61
C LEU B 90 29.78 -51.78 -62.14
N LYS B 91 29.43 -50.72 -61.39
CA LYS B 91 29.04 -50.88 -60.00
C LYS B 91 27.80 -51.77 -59.89
N PHE B 92 26.81 -51.54 -60.76
CA PHE B 92 25.61 -52.36 -60.72
C PHE B 92 25.93 -53.81 -61.08
N GLN B 93 26.84 -54.03 -62.02
CA GLN B 93 27.23 -55.40 -62.37
C GLN B 93 27.90 -56.09 -61.18
N ILE B 94 28.81 -55.39 -60.51
CA ILE B 94 29.50 -55.98 -59.35
C ILE B 94 28.49 -56.30 -58.25
N GLU B 95 27.57 -55.36 -57.99
CA GLU B 95 26.59 -55.58 -56.92
C GLU B 95 25.64 -56.72 -57.29
N ARG B 96 25.29 -56.87 -58.57
CA ARG B 96 24.45 -57.98 -58.98
C ARG B 96 25.19 -59.31 -58.83
N LYS B 97 26.47 -59.35 -59.18
CA LYS B 97 27.25 -60.56 -58.95
C LYS B 97 27.28 -60.92 -57.47
N ASP B 98 27.51 -59.92 -56.60
CA ASP B 98 27.57 -60.21 -55.17
C ASP B 98 26.23 -60.67 -54.62
N MET B 99 25.13 -60.05 -55.06
CA MET B 99 23.82 -60.46 -54.56
C MET B 99 23.42 -61.83 -55.09
N LEU B 100 23.85 -62.19 -56.31
CA LEU B 100 23.60 -63.55 -56.79
C LEU B 100 24.42 -64.57 -56.00
N GLU B 101 25.68 -64.24 -55.69
CA GLU B 101 26.47 -65.13 -54.86
C GLU B 101 25.85 -65.28 -53.47
N ARG B 102 25.23 -64.22 -52.95
CA ARG B 102 24.54 -64.31 -51.67
C ARG B 102 23.30 -65.20 -51.77
N ARG B 103 22.51 -65.02 -52.84
CA ARG B 103 21.35 -65.87 -53.06
C ARG B 103 21.72 -67.33 -53.28
N LYS B 104 22.93 -67.60 -53.74
CA LYS B 104 23.37 -68.98 -53.90
C LYS B 104 23.35 -69.74 -52.57
N ILE B 105 23.48 -69.04 -51.45
CA ILE B 105 23.42 -69.63 -50.12
C ILE B 105 22.08 -69.38 -49.46
N LEU B 106 21.62 -68.14 -49.46
CA LEU B 106 20.35 -67.79 -48.85
C LEU B 106 19.26 -67.79 -49.92
N HIS B 107 18.31 -68.70 -49.78
CA HIS B 107 17.23 -68.84 -50.77
C HIS B 107 16.18 -67.78 -50.52
N ILE B 108 16.16 -66.75 -51.35
CA ILE B 108 15.16 -65.69 -51.27
C ILE B 108 14.01 -66.06 -52.19
N PRO B 109 12.86 -66.48 -51.67
CA PRO B 109 11.76 -66.93 -52.53
C PRO B 109 11.02 -65.76 -53.16
N GLU B 110 9.97 -66.09 -53.90
CA GLU B 110 9.16 -65.11 -54.61
C GLU B 110 8.05 -64.61 -53.71
N PHE B 111 7.87 -63.29 -53.68
CA PHE B 111 6.82 -62.66 -52.89
C PHE B 111 6.60 -61.25 -53.40
N TYR B 112 5.37 -60.77 -53.23
CA TYR B 112 4.98 -59.45 -53.69
C TYR B 112 4.48 -58.61 -52.52
N VAL B 113 3.98 -57.42 -52.84
CA VAL B 113 3.46 -56.51 -51.83
C VAL B 113 2.13 -57.03 -51.32
N GLY B 114 2.07 -57.36 -50.03
CA GLY B 114 0.88 -57.89 -49.40
C GLY B 114 0.99 -59.33 -48.98
N SER B 115 1.98 -60.06 -49.48
CA SER B 115 2.17 -61.45 -49.06
C SER B 115 2.68 -61.52 -47.63
N ILE B 116 2.40 -62.64 -46.97
CA ILE B 116 2.77 -62.84 -45.58
C ILE B 116 4.02 -63.70 -45.52
N LEU B 117 5.01 -63.24 -44.76
CA LEU B 117 6.30 -63.90 -44.70
C LEU B 117 6.66 -64.18 -43.24
N ARG B 118 7.62 -65.07 -43.06
CA ARG B 118 8.25 -65.33 -41.77
C ARG B 118 9.76 -65.30 -41.96
N VAL B 119 10.43 -64.44 -41.20
CA VAL B 119 11.87 -64.26 -41.28
C VAL B 119 12.50 -64.70 -39.96
N THR B 120 13.61 -65.41 -40.06
CA THR B 120 14.36 -65.87 -38.91
C THR B 120 15.66 -65.08 -38.83
N THR B 121 15.85 -64.36 -37.73
CA THR B 121 17.03 -63.54 -37.54
C THR B 121 17.90 -64.14 -36.44
N ALA B 122 19.19 -63.82 -36.49
CA ALA B 122 20.15 -64.29 -35.49
C ALA B 122 20.34 -63.20 -34.45
N ASP B 123 19.76 -63.38 -33.27
CA ASP B 123 19.86 -62.40 -32.20
C ASP B 123 20.71 -62.97 -31.08
N PRO B 124 21.75 -62.26 -30.63
CA PRO B 124 22.63 -62.82 -29.60
C PRO B 124 22.08 -62.72 -28.19
N TYR B 125 21.12 -61.83 -27.93
CA TYR B 125 20.65 -61.58 -26.57
C TYR B 125 19.33 -62.27 -26.26
N ALA B 126 18.91 -63.23 -27.07
CA ALA B 126 17.70 -63.98 -26.80
C ALA B 126 18.04 -65.31 -26.13
N SER B 127 17.00 -66.01 -25.69
CA SER B 127 17.20 -67.34 -25.11
C SER B 127 17.82 -68.28 -26.14
N ALA B 128 17.15 -68.47 -27.27
CA ALA B 128 17.70 -69.17 -28.42
C ALA B 128 18.28 -68.16 -29.39
N LYS B 129 19.32 -68.57 -30.12
CA LYS B 129 19.99 -67.66 -31.04
C LYS B 129 19.11 -67.24 -32.20
N THR B 130 18.06 -68.00 -32.48
CA THR B 130 17.14 -67.68 -33.57
C THR B 130 15.92 -66.95 -33.03
N SER B 131 15.42 -65.99 -33.81
CA SER B 131 14.22 -65.24 -33.48
C SER B 131 13.33 -65.19 -34.71
N GLN B 132 12.10 -65.66 -34.57
CA GLN B 132 11.16 -65.70 -35.68
C GLN B 132 10.26 -64.48 -35.66
N PHE B 133 9.90 -64.00 -36.85
CA PHE B 133 8.94 -62.90 -36.95
C PHE B 133 8.11 -63.10 -38.20
N LEU B 134 6.79 -63.18 -38.03
CA LEU B 134 5.87 -63.33 -39.15
C LEU B 134 5.04 -62.07 -39.30
N GLY B 135 4.81 -61.67 -40.54
CA GLY B 135 4.03 -60.47 -40.79
C GLY B 135 3.80 -60.26 -42.27
N ILE B 136 2.97 -59.27 -42.56
CA ILE B 136 2.63 -58.90 -43.93
C ILE B 136 3.63 -57.86 -44.43
N CYS B 137 4.03 -57.99 -45.69
CA CYS B 137 5.00 -57.09 -46.28
C CYS B 137 4.33 -55.76 -46.64
N ILE B 138 4.78 -54.67 -46.01
CA ILE B 138 4.24 -53.36 -46.30
C ILE B 138 4.74 -52.85 -47.65
N GLN B 139 6.06 -52.68 -47.77
CA GLN B 139 6.65 -52.13 -48.98
C GLN B 139 8.06 -52.65 -49.13
N ARG B 140 8.50 -52.74 -50.39
CA ARG B 140 9.85 -53.13 -50.74
C ARG B 140 10.47 -52.02 -51.58
N SER B 141 11.70 -51.65 -51.24
CA SER B 141 12.37 -50.58 -51.98
C SER B 141 13.87 -50.75 -51.87
N GLY B 142 14.58 -50.15 -52.82
CA GLY B 142 16.02 -50.22 -52.89
C GLY B 142 16.50 -50.62 -54.26
N SER B 143 17.83 -50.66 -54.41
CA SER B 143 18.46 -51.01 -55.66
C SER B 143 19.74 -51.76 -55.38
N GLY B 144 19.78 -53.05 -55.72
CA GLY B 144 20.97 -53.85 -55.53
C GLY B 144 21.05 -54.51 -54.17
N LEU B 145 22.24 -54.50 -53.56
CA LEU B 145 22.47 -55.19 -52.31
C LEU B 145 21.79 -54.52 -51.12
N GLY B 146 21.11 -53.40 -51.32
CA GLY B 146 20.50 -52.70 -50.21
C GLY B 146 18.98 -52.77 -50.19
N ALA B 147 18.41 -53.80 -50.81
CA ALA B 147 16.96 -53.92 -50.84
C ALA B 147 16.40 -54.14 -49.45
N THR B 148 15.35 -53.40 -49.11
CA THR B 148 14.69 -53.52 -47.82
C THR B 148 13.20 -53.75 -48.04
N PHE B 149 12.59 -54.45 -47.07
CA PHE B 149 11.15 -54.69 -47.08
C PHE B 149 10.64 -54.60 -45.65
N ILE B 150 9.45 -54.01 -45.50
CA ILE B 150 8.88 -53.72 -44.19
C ILE B 150 7.79 -54.74 -43.89
N LEU B 151 7.87 -55.34 -42.70
CA LEU B 151 6.87 -56.29 -42.22
C LEU B 151 6.06 -55.66 -41.10
N ARG B 152 4.74 -55.87 -41.14
CA ARG B 152 3.81 -55.30 -40.17
C ARG B 152 3.04 -56.44 -39.50
N ASN B 153 2.90 -56.34 -38.18
CA ASN B 153 2.15 -57.35 -37.44
C ASN B 153 1.69 -56.77 -36.12
N THR B 154 0.44 -57.07 -35.75
CA THR B 154 -0.12 -56.60 -34.49
C THR B 154 0.11 -57.67 -33.43
N ILE B 155 0.87 -57.33 -32.40
CA ILE B 155 1.19 -58.24 -31.31
C ILE B 155 0.53 -57.72 -30.04
N GLU B 156 -0.55 -58.39 -29.63
CA GLU B 156 -1.25 -58.09 -28.38
C GLU B 156 -1.72 -56.64 -28.35
N GLY B 157 -2.25 -56.17 -29.47
CA GLY B 157 -2.80 -54.83 -29.59
C GLY B 157 -1.81 -53.76 -29.98
N GLN B 158 -0.52 -54.03 -29.91
CA GLN B 158 0.52 -53.06 -30.26
C GLN B 158 1.10 -53.44 -31.62
N GLY B 159 0.79 -52.66 -32.63
CA GLY B 159 1.33 -52.92 -33.96
C GLY B 159 2.83 -52.67 -34.00
N VAL B 160 3.53 -53.51 -34.75
CA VAL B 160 4.98 -53.49 -34.85
C VAL B 160 5.36 -53.58 -36.32
N GLU B 161 6.30 -52.72 -36.74
CA GLU B 161 6.83 -52.72 -38.08
C GLU B 161 8.34 -52.86 -38.02
N ILE B 162 8.87 -53.84 -38.76
CA ILE B 162 10.30 -54.10 -38.80
C ILE B 162 10.76 -54.03 -40.26
N CYS B 163 11.80 -53.26 -40.51
CA CYS B 163 12.35 -53.08 -41.86
C CYS B 163 13.55 -54.01 -42.02
N PHE B 164 13.33 -55.17 -42.63
CA PHE B 164 14.41 -56.12 -42.86
C PHE B 164 15.12 -55.80 -44.17
N GLU B 165 16.37 -56.25 -44.26
CA GLU B 165 17.15 -56.16 -45.48
C GLU B 165 17.24 -57.53 -46.12
N LEU B 166 17.01 -57.59 -47.43
CA LEU B 166 16.94 -58.89 -48.10
C LEU B 166 18.27 -59.63 -48.04
N TYR B 167 19.38 -58.92 -48.20
CA TYR B 167 20.70 -59.55 -48.29
C TYR B 167 21.52 -59.35 -47.02
N ASN B 168 20.87 -59.41 -45.86
CA ASN B 168 21.57 -59.29 -44.60
C ASN B 168 22.06 -60.66 -44.15
N PRO B 169 23.30 -60.79 -43.68
CA PRO B 169 23.81 -62.10 -43.28
C PRO B 169 23.22 -62.62 -41.98
N ARG B 170 22.59 -61.77 -41.17
CA ARG B 170 21.96 -62.22 -39.94
C ARG B 170 20.61 -62.88 -40.18
N ILE B 171 20.13 -62.91 -41.41
CA ILE B 171 18.89 -63.61 -41.74
C ILE B 171 19.19 -65.09 -41.89
N GLN B 172 18.39 -65.93 -41.21
CA GLN B 172 18.58 -67.36 -41.26
C GLN B 172 17.70 -68.03 -42.31
N GLU B 173 16.45 -67.63 -42.40
CA GLU B 173 15.50 -68.30 -43.29
C GLU B 173 14.32 -67.39 -43.56
N ILE B 174 13.87 -67.35 -44.81
CA ILE B 174 12.68 -66.61 -45.23
C ILE B 174 11.69 -67.61 -45.79
N GLN B 175 10.47 -67.61 -45.25
CA GLN B 175 9.42 -68.53 -45.66
C GLN B 175 8.17 -67.74 -46.00
N VAL B 176 7.74 -67.81 -47.26
CA VAL B 176 6.50 -67.17 -47.69
C VAL B 176 5.35 -68.10 -47.32
N VAL B 177 4.51 -67.67 -46.37
CA VAL B 177 3.40 -68.51 -45.95
C VAL B 177 2.14 -68.30 -46.80
N LYS B 178 2.05 -67.18 -47.50
CA LYS B 178 0.90 -66.95 -48.39
C LYS B 178 1.35 -65.96 -49.47
N LEU B 179 1.66 -66.48 -50.66
CA LEU B 179 1.96 -65.62 -51.80
C LEU B 179 0.68 -64.97 -52.30
N GLU B 180 0.58 -63.66 -52.14
CA GLU B 180 -0.67 -62.97 -52.47
C GLU B 180 -0.38 -61.50 -52.70
N LYS B 181 -0.88 -60.96 -53.81
CA LYS B 181 -0.80 -59.54 -54.09
C LYS B 181 -2.04 -58.82 -53.56
N ARG B 182 -1.98 -57.49 -53.59
CA ARG B 182 -3.10 -56.65 -53.21
C ARG B 182 -3.28 -55.57 -54.26
N LEU B 183 -4.23 -54.68 -54.00
CA LEU B 183 -4.63 -53.67 -54.98
C LEU B 183 -3.71 -52.45 -55.02
N ASP B 184 -2.70 -52.39 -54.15
CA ASP B 184 -1.85 -51.22 -54.05
C ASP B 184 -0.39 -51.65 -53.95
N ASN B 185 0.47 -50.99 -54.72
CA ASN B 185 1.89 -51.32 -54.73
C ASN B 185 2.59 -50.92 -53.44
N SER B 186 2.07 -49.91 -52.74
CA SER B 186 2.67 -49.46 -51.48
C SER B 186 1.54 -49.23 -50.48
N LEU B 187 1.22 -50.26 -49.70
CA LEU B 187 0.10 -50.21 -48.76
C LEU B 187 0.59 -49.74 -47.39
N LEU B 188 1.18 -48.54 -47.39
CA LEU B 188 1.59 -47.91 -46.15
C LEU B 188 0.41 -47.49 -45.28
N TYR B 189 -0.81 -47.54 -45.81
CA TYR B 189 -2.00 -47.12 -45.08
C TYR B 189 -2.43 -48.10 -44.01
N LEU B 190 -1.69 -49.19 -43.81
CA LEU B 190 -2.03 -50.12 -42.73
C LEU B 190 -1.84 -49.50 -41.36
N ARG B 191 -1.14 -48.36 -41.27
CA ARG B 191 -1.04 -47.65 -40.01
C ARG B 191 -2.36 -46.99 -39.65
N ASP B 192 -3.12 -46.55 -40.65
CA ASP B 192 -4.41 -45.93 -40.45
C ASP B 192 -5.57 -46.91 -40.58
N ALA B 193 -5.32 -48.10 -41.13
CA ALA B 193 -6.37 -49.11 -41.25
C ALA B 193 -6.75 -49.64 -39.86
N LEU B 194 -7.84 -50.42 -39.84
CA LEU B 194 -8.28 -51.01 -38.59
C LEU B 194 -7.36 -52.15 -38.19
N PRO B 195 -7.24 -52.43 -36.88
CA PRO B 195 -6.32 -53.49 -36.43
C PRO B 195 -6.69 -54.87 -36.92
N GLU B 196 -7.93 -55.08 -37.38
CA GLU B 196 -8.32 -56.40 -37.87
C GLU B 196 -7.51 -56.82 -39.09
N TYR B 197 -7.04 -55.86 -39.87
CA TYR B 197 -6.28 -56.14 -41.08
C TYR B 197 -4.79 -56.24 -40.82
N SER B 198 -4.33 -55.94 -39.61
CA SER B 198 -2.93 -56.08 -39.26
C SER B 198 -2.67 -57.22 -38.29
N THR B 199 -3.71 -57.83 -37.73
CA THR B 199 -3.54 -58.98 -36.86
C THR B 199 -3.37 -60.25 -37.70
N PHE B 200 -2.32 -61.00 -37.41
CA PHE B 200 -2.03 -62.24 -38.12
C PHE B 200 -1.48 -63.25 -37.15
N ASP B 201 -1.98 -64.49 -37.25
CA ASP B 201 -1.53 -65.55 -36.37
C ASP B 201 -0.07 -65.89 -36.64
N VAL B 202 0.75 -65.83 -35.60
CA VAL B 202 2.18 -66.10 -35.78
C VAL B 202 2.42 -67.57 -36.09
N ASN B 203 1.59 -68.46 -35.53
CA ASN B 203 1.74 -69.89 -35.73
C ASN B 203 0.86 -70.43 -36.86
N MET B 204 0.58 -69.61 -37.86
CA MET B 204 -0.25 -70.05 -38.97
C MET B 204 0.51 -71.07 -39.82
N LYS B 205 -0.25 -71.88 -40.56
CA LYS B 205 0.42 -72.88 -41.37
C LYS B 205 0.70 -72.34 -42.77
N PRO B 206 1.82 -72.72 -43.37
CA PRO B 206 2.13 -72.25 -44.72
C PRO B 206 1.12 -72.78 -45.74
N ILE B 207 0.73 -71.92 -46.66
CA ILE B 207 -0.24 -72.25 -47.69
C ILE B 207 0.52 -72.47 -49.00
N THR B 208 0.38 -73.68 -49.56
CA THR B 208 1.00 -74.03 -50.82
C THR B 208 -0.02 -73.90 -51.94
N GLN B 209 0.33 -73.15 -52.98
CA GLN B 209 -0.56 -72.93 -54.12
C GLN B 209 0.08 -73.48 -55.38
N GLU B 210 -0.76 -73.69 -56.39
CA GLU B 210 -0.30 -74.18 -57.68
C GLU B 210 0.23 -73.02 -58.52
N PHE B 211 1.17 -73.35 -59.41
CA PHE B 211 1.75 -72.32 -60.27
C PHE B 211 0.72 -71.72 -61.21
N ASN B 212 -0.30 -72.48 -61.59
CA ASN B 212 -1.31 -71.99 -62.53
C ASN B 212 -2.23 -70.95 -61.91
N GLN B 213 -2.10 -70.65 -60.62
CA GLN B 213 -2.92 -69.62 -60.01
C GLN B 213 -2.47 -68.22 -60.42
N GLU B 214 -1.19 -68.07 -60.78
CA GLU B 214 -0.65 -66.81 -61.28
C GLU B 214 -0.75 -65.70 -60.23
N VAL B 215 -0.43 -66.04 -58.98
CA VAL B 215 -0.40 -65.09 -57.88
C VAL B 215 -1.70 -64.31 -57.79
N PRO B 216 -2.78 -64.92 -57.29
CA PRO B 216 -4.09 -64.25 -57.29
C PRO B 216 -4.04 -62.93 -56.53
N VAL B 217 -4.56 -61.88 -57.16
CA VAL B 217 -4.62 -60.57 -56.54
C VAL B 217 -5.85 -60.48 -55.66
N ASN B 218 -5.64 -60.18 -54.37
CA ASN B 218 -6.70 -60.15 -53.39
C ASN B 218 -7.38 -58.78 -53.43
N GLN B 219 -8.63 -58.74 -53.88
CA GLN B 219 -9.42 -57.52 -53.90
C GLN B 219 -10.14 -57.41 -52.56
N LEU B 220 -9.51 -56.72 -51.62
CA LEU B 220 -10.05 -56.54 -50.27
C LEU B 220 -10.12 -55.06 -49.95
N LYS B 221 -11.33 -54.51 -49.92
CA LYS B 221 -11.53 -53.12 -49.54
C LYS B 221 -11.35 -52.98 -48.03
N VAL B 222 -10.44 -52.10 -47.62
CA VAL B 222 -10.04 -51.97 -46.23
C VAL B 222 -10.79 -50.80 -45.61
N LYS B 223 -11.20 -50.96 -44.35
CA LYS B 223 -11.80 -49.87 -43.60
C LYS B 223 -10.73 -48.85 -43.22
N MET B 224 -11.15 -47.81 -42.50
CA MET B 224 -10.23 -46.74 -42.12
C MET B 224 -10.64 -46.13 -40.78
N LYS B 225 -9.65 -45.82 -39.96
CA LYS B 225 -9.87 -45.08 -38.75
C LYS B 225 -10.27 -43.65 -39.08
N PRO B 226 -10.97 -42.97 -38.18
CA PRO B 226 -11.39 -41.59 -38.45
C PRO B 226 -10.21 -40.66 -38.62
N LYS B 227 -10.47 -39.53 -39.28
CA LYS B 227 -9.46 -38.51 -39.49
C LYS B 227 -8.99 -37.96 -38.14
N PRO B 228 -7.72 -37.53 -38.03
CA PRO B 228 -6.71 -37.50 -39.08
C PRO B 228 -6.05 -38.86 -39.32
N TRP B 229 -5.30 -38.96 -40.41
CA TRP B 229 -4.57 -40.16 -40.77
C TRP B 229 -3.08 -39.86 -40.78
N SER B 230 -2.27 -40.91 -40.99
CA SER B 230 -0.82 -40.72 -41.02
C SER B 230 -0.41 -39.82 -42.17
N LYS B 231 -1.04 -39.98 -43.33
CA LYS B 231 -0.80 -39.13 -44.48
C LYS B 231 -2.14 -38.80 -45.12
N ARG B 232 -2.10 -38.11 -46.25
CA ARG B 232 -3.31 -37.73 -46.98
C ARG B 232 -3.55 -38.76 -48.08
N TRP B 233 -4.10 -39.91 -47.68
CA TRP B 233 -4.32 -41.00 -48.62
C TRP B 233 -5.38 -40.67 -49.66
N GLU B 234 -6.15 -39.59 -49.48
CA GLU B 234 -7.16 -39.21 -50.44
C GLU B 234 -6.59 -38.41 -51.62
N ARG B 235 -5.34 -37.96 -51.52
CA ARG B 235 -4.76 -37.19 -52.62
C ARG B 235 -4.45 -38.09 -53.81
N PRO B 236 -4.58 -37.58 -55.02
CA PRO B 236 -4.33 -38.41 -56.21
C PRO B 236 -2.88 -38.82 -56.37
N LYS B 237 -1.94 -38.20 -55.65
CA LYS B 237 -0.54 -38.58 -55.78
C LYS B 237 -0.27 -39.99 -55.31
N PHE B 238 -1.15 -40.56 -54.50
CA PHE B 238 -0.99 -41.95 -54.05
C PHE B 238 -1.64 -42.94 -54.99
N ASN B 239 -2.82 -42.59 -55.52
CA ASN B 239 -3.56 -43.45 -56.45
C ASN B 239 -3.84 -44.81 -55.82
N ILE B 240 -4.61 -44.79 -54.74
CA ILE B 240 -4.91 -45.97 -53.94
C ILE B 240 -6.34 -46.39 -54.21
N LYS B 241 -6.54 -47.69 -54.46
CA LYS B 241 -7.86 -48.25 -54.65
C LYS B 241 -8.32 -49.15 -53.51
N GLY B 242 -7.38 -49.66 -52.71
CA GLY B 242 -7.73 -50.58 -51.64
C GLY B 242 -8.42 -49.97 -50.44
N ILE B 243 -8.68 -48.67 -50.46
CA ILE B 243 -9.32 -47.97 -49.35
C ILE B 243 -10.77 -47.71 -49.70
N ARG B 244 -11.67 -48.04 -48.79
CA ARG B 244 -13.11 -47.86 -48.98
C ARG B 244 -13.46 -46.42 -48.58
N PHE B 245 -13.36 -45.51 -49.54
CA PHE B 245 -13.57 -44.09 -49.26
C PHE B 245 -15.04 -43.72 -49.09
N ASP B 246 -15.93 -44.41 -49.81
CA ASP B 246 -17.34 -44.05 -49.80
C ASP B 246 -18.00 -44.24 -48.43
N LEU B 247 -17.30 -44.81 -47.46
CA LEU B 247 -17.81 -44.93 -46.10
C LEU B 247 -17.12 -44.02 -45.10
N CYS B 248 -15.92 -43.53 -45.40
CA CYS B 248 -15.15 -42.72 -44.47
C CYS B 248 -15.06 -41.26 -44.84
N LEU B 249 -15.10 -40.93 -46.13
CA LEU B 249 -15.00 -39.56 -46.59
C LEU B 249 -16.30 -39.12 -47.24
N THR B 250 -16.46 -37.79 -47.36
CA THR B 250 -17.65 -37.20 -47.93
C THR B 250 -17.39 -36.70 -49.35
N GLU B 251 -18.48 -36.36 -50.04
CA GLU B 251 -18.38 -35.91 -51.42
C GLU B 251 -17.62 -34.59 -51.52
N GLU B 252 -17.82 -33.69 -50.55
CA GLU B 252 -17.10 -32.43 -50.55
C GLU B 252 -15.59 -32.65 -50.38
N GLN B 253 -15.21 -33.55 -49.47
CA GLN B 253 -13.79 -33.86 -49.30
C GLN B 253 -13.22 -34.52 -50.55
N MET B 254 -14.00 -35.39 -51.19
CA MET B 254 -13.51 -36.03 -52.41
C MET B 254 -13.30 -35.02 -53.53
N ARG B 255 -14.23 -34.05 -53.67
CA ARG B 255 -14.07 -33.04 -54.69
C ARG B 255 -12.90 -32.11 -54.37
N GLU B 256 -12.69 -31.79 -53.09
CA GLU B 256 -11.59 -30.92 -52.72
C GLU B 256 -10.24 -31.61 -52.92
N ALA B 257 -10.17 -32.91 -52.69
CA ALA B 257 -8.91 -33.64 -52.85
C ALA B 257 -8.47 -33.72 -54.30
N GLN B 258 -9.37 -33.50 -55.25
CA GLN B 258 -9.02 -33.57 -56.66
C GLN B 258 -8.31 -32.33 -57.17
N LYS B 259 -8.17 -31.28 -56.33
CA LYS B 259 -7.47 -30.08 -56.76
C LYS B 259 -5.97 -30.30 -56.86
N TRP B 260 -5.45 -31.35 -56.23
CA TRP B 260 -4.03 -31.68 -56.31
C TRP B 260 -3.74 -32.73 -57.38
N SER B 261 -4.69 -32.98 -58.27
CA SER B 261 -4.50 -33.97 -59.32
C SER B 261 -3.71 -33.37 -60.48
N GLN B 262 -2.75 -34.14 -61.00
CA GLN B 262 -1.94 -33.75 -62.15
C GLN B 262 -2.14 -34.79 -63.25
N PRO B 263 -3.16 -34.63 -64.09
CA PRO B 263 -3.38 -35.62 -65.16
C PRO B 263 -2.29 -35.65 -66.21
N TRP B 264 -1.50 -34.58 -66.36
CA TRP B 264 -0.50 -34.53 -67.40
C TRP B 264 0.70 -35.42 -67.09
N LEU B 265 0.92 -35.77 -65.82
CA LEU B 265 2.05 -36.64 -65.49
C LEU B 265 1.87 -38.05 -66.03
N GLU B 266 0.64 -38.46 -66.34
CA GLU B 266 0.43 -39.78 -66.91
C GLU B 266 0.66 -39.79 -68.42
N PHE B 267 0.46 -38.66 -69.09
CA PHE B 267 0.69 -38.55 -70.53
C PHE B 267 1.97 -37.78 -70.85
N ASP B 268 2.84 -37.58 -69.84
CA ASP B 268 4.06 -36.82 -70.08
C ASP B 268 4.99 -37.51 -71.06
N MET B 269 5.00 -38.85 -71.08
CA MET B 269 5.78 -39.68 -72.00
C MET B 269 7.28 -39.56 -71.79
N MET B 270 7.75 -38.74 -70.86
CA MET B 270 9.18 -38.55 -70.67
C MET B 270 9.65 -38.93 -69.28
N ARG B 271 8.79 -38.84 -68.27
CA ARG B 271 9.16 -39.22 -66.90
C ARG B 271 9.08 -40.72 -66.67
N GLU B 272 8.83 -41.51 -67.71
CA GLU B 272 8.82 -42.96 -67.56
C GLU B 272 10.24 -43.52 -67.61
N TYR B 273 10.38 -44.73 -67.10
CA TYR B 273 11.67 -45.43 -67.06
C TYR B 273 11.53 -46.73 -67.83
N ASP B 274 12.16 -46.80 -69.00
CA ASP B 274 12.08 -47.97 -69.87
C ASP B 274 13.38 -48.76 -69.72
N THR B 275 13.29 -49.95 -69.14
CA THR B 275 14.45 -50.79 -68.86
C THR B 275 14.27 -52.18 -69.45
N SER B 276 13.76 -52.27 -70.68
CA SER B 276 13.53 -53.57 -71.29
C SER B 276 14.85 -54.29 -71.55
N LYS B 277 15.78 -53.64 -72.26
CA LYS B 277 17.07 -54.26 -72.53
C LYS B 277 17.87 -54.46 -71.26
N ILE B 278 17.68 -53.59 -70.27
CA ILE B 278 18.37 -53.76 -68.98
C ILE B 278 17.89 -55.04 -68.30
N GLU B 279 16.56 -55.23 -68.26
CA GLU B 279 16.02 -56.45 -67.69
C GLU B 279 16.47 -57.68 -68.46
N ALA B 280 16.56 -57.56 -69.79
CA ALA B 280 17.02 -58.68 -70.60
C ALA B 280 18.46 -59.05 -70.25
N ALA B 281 19.34 -58.05 -70.15
CA ALA B 281 20.73 -58.32 -69.82
C ALA B 281 20.86 -58.90 -68.41
N ILE B 282 20.10 -58.37 -67.46
CA ILE B 282 20.16 -58.90 -66.10
C ILE B 282 19.66 -60.34 -66.06
N TRP B 283 18.62 -60.64 -66.83
CA TRP B 283 18.11 -62.01 -66.89
C TRP B 283 19.14 -62.95 -67.48
N ASP B 284 19.81 -62.53 -68.56
CA ASP B 284 20.87 -63.34 -69.15
C ASP B 284 22.00 -63.58 -68.15
N GLU B 285 22.38 -62.55 -67.40
CA GLU B 285 23.45 -62.70 -66.43
C GLU B 285 23.05 -63.64 -65.30
N ILE B 286 21.80 -63.56 -64.85
CA ILE B 286 21.34 -64.44 -63.79
C ILE B 286 21.29 -65.88 -64.28
N GLU B 287 20.84 -66.10 -65.51
CA GLU B 287 20.85 -67.44 -66.08
C GLU B 287 22.27 -67.99 -66.17
N ALA B 288 23.21 -67.13 -66.58
CA ALA B 288 24.61 -67.56 -66.66
C ALA B 288 25.16 -67.91 -65.28
N SER B 289 24.79 -67.13 -64.27
CA SER B 289 25.25 -67.42 -62.91
C SER B 289 24.66 -68.72 -62.39
N LYS B 290 23.40 -68.99 -62.72
CA LYS B 290 22.79 -70.26 -62.31
C LYS B 290 23.46 -71.44 -63.02
N ASN B 291 23.73 -71.30 -64.32
CA ASN B 291 24.40 -72.37 -65.05
C ASN B 291 25.85 -72.52 -64.65
N SER B 292 26.44 -71.51 -64.02
CA SER B 292 27.82 -71.59 -63.56
C SER B 292 27.96 -72.57 -62.40
N LEU C 10 19.12 53.50 -65.42
CA LEU C 10 20.24 52.97 -66.19
C LEU C 10 20.61 51.58 -65.69
N ARG C 11 20.18 50.55 -66.42
CA ARG C 11 20.48 49.17 -66.06
C ARG C 11 21.85 48.81 -66.62
N SER C 12 22.84 48.76 -65.75
CA SER C 12 24.22 48.47 -66.12
C SER C 12 24.53 47.00 -65.89
N ARG C 13 24.92 46.30 -66.94
CA ARG C 13 25.25 44.89 -66.86
C ARG C 13 26.74 44.68 -67.07
N VAL C 14 27.20 43.49 -66.71
CA VAL C 14 28.61 43.12 -66.85
C VAL C 14 28.83 42.52 -68.23
N THR C 15 29.85 43.00 -68.93
CA THR C 15 30.20 42.49 -70.25
C THR C 15 31.54 41.77 -70.28
N ASP C 16 32.53 42.24 -69.52
CA ASP C 16 33.86 41.64 -69.50
C ASP C 16 33.95 40.43 -68.58
N ARG C 17 32.82 39.82 -68.23
CA ARG C 17 32.85 38.66 -67.36
C ARG C 17 33.64 37.51 -67.97
N TYR C 18 33.65 37.41 -69.30
CA TYR C 18 34.48 36.40 -69.95
C TYR C 18 35.94 36.56 -69.57
N TRP C 19 36.47 37.78 -69.68
CA TRP C 19 37.86 38.00 -69.32
C TRP C 19 38.09 37.89 -67.83
N ARG C 20 37.10 38.29 -67.02
CA ARG C 20 37.23 38.13 -65.58
C ARG C 20 37.36 36.66 -65.19
N VAL C 21 36.65 35.79 -65.91
CA VAL C 21 36.74 34.36 -65.64
C VAL C 21 38.04 33.78 -66.18
N GLN C 22 38.44 34.21 -67.38
CA GLN C 22 39.66 33.68 -67.98
C GLN C 22 40.90 34.08 -67.19
N GLU C 23 40.89 35.26 -66.57
CA GLU C 23 42.04 35.69 -65.78
C GLU C 23 42.34 34.71 -64.64
N VAL C 24 41.32 34.05 -64.13
CA VAL C 24 41.51 33.05 -63.08
C VAL C 24 41.69 31.65 -63.66
N LEU C 25 41.00 31.35 -64.76
CA LEU C 25 41.07 30.01 -65.32
C LEU C 25 42.40 29.74 -66.03
N LYS C 26 43.13 30.79 -66.43
CA LYS C 26 44.41 30.55 -67.10
C LYS C 26 45.50 30.09 -66.13
N HIS C 27 45.23 30.08 -64.83
CA HIS C 27 46.17 29.57 -63.85
C HIS C 27 45.77 28.21 -63.29
N ALA C 28 44.69 27.62 -63.80
CA ALA C 28 44.19 26.35 -63.28
C ALA C 28 43.95 25.33 -64.39
N ARG C 29 44.76 25.35 -65.45
CA ARG C 29 44.56 24.43 -66.55
C ARG C 29 45.23 23.08 -66.34
N HIS C 30 46.14 22.96 -65.36
CA HIS C 30 46.84 21.72 -65.10
C HIS C 30 46.30 21.00 -63.86
N PHE C 31 45.01 21.13 -63.60
CA PHE C 31 44.39 20.47 -62.45
C PHE C 31 43.61 19.23 -62.91
N ARG C 32 43.23 18.41 -61.95
CA ARG C 32 42.49 17.18 -62.21
C ARG C 32 41.05 17.32 -61.73
N GLY C 33 40.13 16.76 -62.49
CA GLY C 33 38.73 16.81 -62.14
C GLY C 33 38.03 18.02 -62.73
N ARG C 34 36.93 18.41 -62.09
CA ARG C 34 36.17 19.57 -62.52
C ARG C 34 36.77 20.88 -62.02
N LYS C 35 37.87 20.83 -61.27
CA LYS C 35 38.49 22.06 -60.78
C LYS C 35 39.14 22.86 -61.89
N ASN C 36 39.46 22.21 -63.02
CA ASN C 36 40.07 22.91 -64.15
C ASN C 36 39.04 23.46 -65.12
N ARG C 37 37.76 23.15 -64.94
CA ARG C 37 36.70 23.63 -65.83
C ARG C 37 35.71 24.51 -65.12
N CYS C 38 35.15 24.07 -63.99
CA CYS C 38 34.19 24.89 -63.27
C CYS C 38 34.90 26.07 -62.61
N TYR C 39 34.20 27.21 -62.55
CA TYR C 39 34.80 28.40 -61.97
C TYR C 39 34.75 28.37 -60.44
N ARG C 40 33.60 28.02 -59.87
CA ARG C 40 33.50 27.95 -58.40
C ARG C 40 34.44 26.91 -57.84
N LEU C 41 34.71 25.83 -58.58
CA LEU C 41 35.65 24.83 -58.13
C LEU C 41 37.09 25.18 -58.45
N ALA C 42 37.33 26.29 -59.16
CA ALA C 42 38.69 26.70 -59.49
C ALA C 42 39.21 27.78 -58.56
N VAL C 43 38.38 28.75 -58.20
CA VAL C 43 38.83 29.86 -57.35
C VAL C 43 39.27 29.34 -55.99
N ARG C 44 38.60 28.30 -55.48
CA ARG C 44 39.04 27.71 -54.23
C ARG C 44 40.41 27.04 -54.38
N ALA C 45 40.67 26.44 -55.54
CA ALA C 45 41.94 25.76 -55.74
C ALA C 45 43.06 26.73 -56.02
N VAL C 46 42.78 27.81 -56.74
CA VAL C 46 43.83 28.77 -57.11
C VAL C 46 44.32 29.52 -55.88
N THR C 47 43.40 29.88 -54.97
CA THR C 47 43.80 30.58 -53.75
C THR C 47 44.71 29.69 -52.90
N ARG C 48 44.29 28.45 -52.66
CA ARG C 48 45.14 27.52 -51.93
C ARG C 48 46.43 27.22 -52.69
N ALA C 49 46.36 27.23 -54.02
CA ALA C 49 47.58 27.04 -54.81
C ALA C 49 48.59 28.15 -54.53
N PHE C 50 48.14 29.40 -54.51
CA PHE C 50 49.05 30.51 -54.25
C PHE C 50 49.54 30.49 -52.81
N VAL C 51 48.68 30.08 -51.87
CA VAL C 51 49.10 29.97 -50.48
C VAL C 51 50.22 28.94 -50.35
N LYS C 52 50.04 27.78 -50.98
CA LYS C 52 51.09 26.77 -50.97
C LYS C 52 52.34 27.28 -51.68
N CYS C 53 52.16 28.08 -52.73
CA CYS C 53 53.30 28.65 -53.43
C CYS C 53 54.13 29.52 -52.50
N THR C 54 53.46 30.39 -51.74
CA THR C 54 54.17 31.27 -50.81
C THR C 54 54.86 30.46 -49.71
N ARG C 55 54.13 29.51 -49.11
CA ARG C 55 54.71 28.73 -48.03
C ARG C 55 55.91 27.92 -48.52
N ALA C 56 55.82 27.37 -49.72
CA ALA C 56 56.94 26.61 -50.27
C ALA C 56 58.10 27.50 -50.68
N ARG C 57 57.81 28.72 -51.16
CA ARG C 57 58.91 29.65 -51.41
C ARG C 57 59.63 30.01 -50.13
N ARG C 58 58.91 30.04 -49.01
CA ARG C 58 59.56 30.29 -47.73
C ARG C 58 60.34 29.06 -47.26
N LEU C 59 59.80 27.86 -47.49
CA LEU C 59 60.45 26.64 -47.02
C LEU C 59 61.57 26.14 -47.93
N LYS C 60 61.68 26.69 -49.14
CA LYS C 60 62.70 26.21 -50.07
C LYS C 60 64.10 26.47 -49.54
N LYS C 61 64.28 27.59 -48.83
CA LYS C 61 65.58 27.88 -48.22
C LYS C 61 65.98 26.78 -47.25
N ARG C 62 65.08 26.42 -46.33
CA ARG C 62 65.39 25.39 -45.36
C ARG C 62 65.60 24.04 -46.05
N SER C 63 64.79 23.75 -47.07
CA SER C 63 64.92 22.46 -47.75
C SER C 63 66.29 22.33 -48.42
N LEU C 64 66.68 23.34 -49.19
CA LEU C 64 67.98 23.29 -49.86
C LEU C 64 69.12 23.36 -48.85
N ARG C 65 68.93 24.04 -47.72
CA ARG C 65 69.96 24.04 -46.69
C ARG C 65 70.16 22.65 -46.10
N THR C 66 69.06 21.95 -45.81
CA THR C 66 69.17 20.59 -45.29
C THR C 66 69.78 19.66 -46.34
N LEU C 67 69.47 19.89 -47.62
CA LEU C 67 70.07 19.07 -48.67
C LEU C 67 71.58 19.29 -48.75
N TRP C 68 72.01 20.56 -48.70
CA TRP C 68 73.45 20.85 -48.67
C TRP C 68 74.11 20.23 -47.46
N ILE C 69 73.45 20.29 -46.30
CA ILE C 69 74.02 19.72 -45.09
C ILE C 69 74.15 18.20 -45.20
N ASN C 70 73.15 17.55 -45.80
CA ASN C 70 73.25 16.10 -46.00
C ASN C 70 74.40 15.76 -46.94
N ARG C 71 74.55 16.54 -48.03
CA ARG C 71 75.66 16.28 -48.95
C ARG C 71 77.01 16.50 -48.27
N ILE C 72 77.11 17.52 -47.42
CA ILE C 72 78.35 17.77 -46.71
C ILE C 72 78.64 16.64 -45.73
N THR C 73 77.63 16.15 -45.03
CA THR C 73 77.82 15.01 -44.15
C THR C 73 78.31 13.80 -44.93
N ALA C 74 77.73 13.55 -46.11
CA ALA C 74 78.16 12.44 -46.94
C ALA C 74 79.63 12.58 -47.31
N ALA C 75 80.01 13.74 -47.86
CA ALA C 75 81.38 13.95 -48.31
C ALA C 75 82.37 13.97 -47.16
N SER C 76 81.93 14.31 -45.94
CA SER C 76 82.84 14.33 -44.81
C SER C 76 83.03 12.93 -44.22
N GLN C 77 81.94 12.16 -44.13
CA GLN C 77 82.07 10.78 -43.67
C GLN C 77 82.81 9.92 -44.69
N GLU C 78 82.79 10.32 -45.96
CA GLU C 78 83.58 9.58 -46.95
C GLU C 78 85.07 9.71 -46.68
N HIS C 79 85.50 10.81 -46.07
CA HIS C 79 86.90 11.02 -45.73
C HIS C 79 87.23 10.68 -44.28
N GLY C 80 86.22 10.40 -43.45
CA GLY C 80 86.46 10.02 -42.07
C GLY C 80 86.47 11.20 -41.11
N LEU C 81 85.43 12.02 -41.15
CA LEU C 81 85.31 13.16 -40.27
C LEU C 81 83.84 13.54 -40.13
N LYS C 82 83.45 13.88 -38.90
CA LYS C 82 82.06 14.22 -38.62
C LYS C 82 81.74 15.64 -39.07
N TYR C 83 80.47 15.87 -39.39
CA TYR C 83 80.04 17.18 -39.87
C TYR C 83 80.19 18.28 -38.82
N PRO C 84 79.78 18.10 -37.56
CA PRO C 84 79.99 19.20 -36.59
C PRO C 84 81.44 19.56 -36.40
N ALA C 85 82.32 18.55 -36.25
CA ALA C 85 83.74 18.82 -36.10
C ALA C 85 84.29 19.53 -37.33
N PHE C 86 83.93 19.04 -38.52
CA PHE C 86 84.39 19.67 -39.76
C PHE C 86 83.97 21.14 -39.83
N ILE C 87 82.71 21.42 -39.48
CA ILE C 87 82.21 22.79 -39.58
C ILE C 87 82.90 23.69 -38.57
N ILE C 88 82.99 23.26 -37.31
CA ILE C 88 83.57 24.12 -36.29
C ILE C 88 85.05 24.35 -36.58
N ASN C 89 85.75 23.35 -37.12
CA ASN C 89 87.16 23.55 -37.43
C ASN C 89 87.36 24.42 -38.66
N LEU C 90 86.53 24.28 -39.69
CA LEU C 90 86.62 25.19 -40.83
C LEU C 90 86.28 26.61 -40.42
N ILE C 91 85.44 26.79 -39.41
CA ILE C 91 85.15 28.14 -38.91
C ILE C 91 86.32 28.68 -38.11
N LYS C 92 86.91 27.85 -37.24
CA LYS C 92 88.08 28.28 -36.49
C LYS C 92 89.26 28.60 -37.40
N CYS C 93 89.33 27.98 -38.57
CA CYS C 93 90.34 28.33 -39.57
C CYS C 93 90.02 29.62 -40.31
N GLN C 94 88.97 30.34 -39.90
CA GLN C 94 88.60 31.63 -40.49
C GLN C 94 88.30 31.50 -41.98
N VAL C 95 87.72 30.37 -42.37
CA VAL C 95 87.33 30.15 -43.76
C VAL C 95 85.81 30.25 -43.87
N GLU C 96 85.32 31.44 -44.19
CA GLU C 96 83.88 31.70 -44.22
C GLU C 96 83.31 31.23 -45.56
N LEU C 97 83.02 29.94 -45.62
CA LEU C 97 82.40 29.32 -46.79
C LEU C 97 81.04 28.77 -46.38
N ASN C 98 79.99 29.24 -47.04
CA ASN C 98 78.65 28.80 -46.70
C ASN C 98 78.41 27.38 -47.23
N ARG C 99 77.31 26.79 -46.75
CA ARG C 99 77.02 25.39 -47.07
C ARG C 99 76.74 25.19 -48.54
N LYS C 100 76.19 26.19 -49.23
CA LYS C 100 75.99 26.08 -50.67
C LYS C 100 77.32 25.86 -51.39
N VAL C 101 78.30 26.73 -51.12
CA VAL C 101 79.60 26.60 -51.75
C VAL C 101 80.27 25.31 -51.31
N LEU C 102 80.11 24.93 -50.05
CA LEU C 102 80.72 23.69 -49.58
C LEU C 102 80.15 22.48 -50.31
N ALA C 103 78.85 22.47 -50.56
CA ALA C 103 78.24 21.37 -51.30
C ALA C 103 78.69 21.38 -52.75
N ASP C 104 78.76 22.56 -53.37
CA ASP C 104 79.25 22.64 -54.75
C ASP C 104 80.67 22.10 -54.86
N LEU C 105 81.52 22.42 -53.87
CA LEU C 105 82.88 21.90 -53.87
C LEU C 105 82.89 20.39 -53.66
N ALA C 106 82.10 19.90 -52.70
CA ALA C 106 82.05 18.46 -52.46
C ALA C 106 81.55 17.70 -53.67
N ILE C 107 80.77 18.35 -54.52
CA ILE C 107 80.23 17.68 -55.71
C ILE C 107 81.19 17.74 -56.89
N TYR C 108 81.73 18.93 -57.21
CA TYR C 108 82.46 19.12 -58.45
C TYR C 108 83.97 19.27 -58.28
N GLU C 109 84.48 19.23 -57.05
CA GLU C 109 85.91 19.37 -56.79
C GLU C 109 86.28 18.49 -55.61
N PRO C 110 86.53 17.21 -55.86
CA PRO C 110 86.85 16.32 -54.74
C PRO C 110 88.21 16.60 -54.11
N LYS C 111 89.19 17.03 -54.91
CA LYS C 111 90.52 17.30 -54.36
C LYS C 111 90.50 18.47 -53.40
N THR C 112 89.84 19.57 -53.78
CA THR C 112 89.78 20.74 -52.92
C THR C 112 88.99 20.43 -51.65
N PHE C 113 87.93 19.64 -51.75
CA PHE C 113 87.18 19.28 -50.55
C PHE C 113 87.99 18.37 -49.65
N LYS C 114 88.80 17.48 -50.23
CA LYS C 114 89.68 16.66 -49.41
C LYS C 114 90.72 17.52 -48.70
N SER C 115 91.23 18.55 -49.39
CA SER C 115 92.17 19.47 -48.76
C SER C 115 91.50 20.21 -47.61
N LEU C 116 90.24 20.64 -47.81
CA LEU C 116 89.52 21.31 -46.73
C LEU C 116 89.29 20.38 -45.55
N ALA C 117 88.97 19.11 -45.81
CA ALA C 117 88.78 18.16 -44.74
C ALA C 117 90.08 17.91 -43.99
N ALA C 118 91.19 17.83 -44.71
CA ALA C 118 92.48 17.66 -44.06
C ALA C 118 92.83 18.88 -43.20
N LEU C 119 92.51 20.08 -43.70
CA LEU C 119 92.73 21.28 -42.91
C LEU C 119 91.89 21.28 -41.64
N ALA C 120 90.63 20.87 -41.76
CA ALA C 120 89.76 20.80 -40.59
C ALA C 120 90.27 19.79 -39.58
N LYS C 121 90.73 18.64 -40.06
CA LYS C 121 91.25 17.62 -39.15
C LYS C 121 92.54 18.10 -38.47
N ARG C 122 93.39 18.80 -39.21
CA ARG C 122 94.60 19.36 -38.62
C ARG C 122 94.25 20.38 -37.54
N ARG C 123 93.28 21.25 -37.82
CA ARG C 123 92.86 22.23 -36.82
C ARG C 123 92.28 21.54 -35.59
N ARG C 124 91.51 20.47 -35.81
CA ARG C 124 90.94 19.74 -34.69
C ARG C 124 92.01 19.08 -33.84
N GLU C 125 93.04 18.51 -34.48
CA GLU C 125 94.13 17.91 -33.73
C GLU C 125 94.93 18.95 -32.96
N GLU C 126 95.17 20.11 -33.57
CA GLU C 126 95.87 21.17 -32.87
C GLU C 126 95.05 21.66 -31.68
N GLY C 127 93.74 21.79 -31.85
CA GLY C 127 92.90 22.20 -30.73
C GLY C 127 92.88 21.18 -29.61
N PHE C 128 92.82 19.89 -29.96
CA PHE C 128 92.90 18.84 -28.94
C PHE C 128 94.22 18.89 -28.20
N ALA C 129 95.33 19.05 -28.92
CA ALA C 129 96.63 19.13 -28.28
C ALA C 129 96.72 20.33 -27.36
N ALA C 130 96.19 21.47 -27.80
CA ALA C 130 96.23 22.67 -26.96
C ALA C 130 95.37 22.50 -25.71
N ALA C 131 94.18 21.93 -25.86
CA ALA C 131 93.31 21.74 -24.70
C ALA C 131 93.84 20.69 -23.75
N LEU C 132 94.66 19.75 -24.25
CA LEU C 132 95.24 18.75 -23.36
C LEU C 132 96.49 19.26 -22.68
N GLY C 133 97.26 20.12 -23.35
CA GLY C 133 98.49 20.62 -22.77
C GLY C 133 98.30 21.81 -21.85
N ASP C 134 97.29 22.64 -22.14
CA ASP C 134 97.00 23.84 -21.36
C ASP C 134 98.22 24.76 -21.30
N GLY C 135 98.73 25.11 -22.48
CA GLY C 135 99.88 25.98 -22.57
C GLY C 135 99.64 27.20 -23.43
N LYS C 136 99.87 28.39 -22.86
CA LYS C 136 99.66 29.62 -23.62
C LYS C 136 100.75 29.82 -24.66
N GLU C 137 101.97 29.38 -24.38
CA GLU C 137 103.08 29.55 -25.31
C GLU C 137 102.93 28.61 -26.51
N PRO C 138 102.71 27.29 -26.32
CA PRO C 138 102.57 26.41 -27.51
C PRO C 138 101.27 26.66 -28.25
N ASP C 139 101.36 27.27 -29.43
CA ASP C 139 100.21 27.51 -30.27
C ASP C 139 100.47 26.90 -31.65
N GLY C 140 99.51 26.13 -32.15
CA GLY C 140 99.68 25.49 -33.43
C GLY C 140 99.82 26.49 -34.56
N ILE C 141 100.38 26.02 -35.67
CA ILE C 141 100.60 26.88 -36.82
C ILE C 141 99.26 27.28 -37.44
N PHE C 142 98.32 26.34 -37.52
CA PHE C 142 97.00 26.60 -38.08
C PHE C 142 96.03 27.19 -37.08
N SER C 143 96.43 27.33 -35.81
CA SER C 143 95.57 27.90 -34.79
C SER C 143 95.80 29.40 -34.60
N ARG C 144 96.71 30.00 -35.36
CA ARG C 144 96.96 31.43 -35.24
C ARG C 144 95.76 32.22 -35.72
N VAL C 145 95.43 33.27 -34.98
CA VAL C 145 94.28 34.13 -35.29
C VAL C 145 94.81 35.40 -35.94
N VAL C 146 94.25 35.74 -37.10
CA VAL C 146 94.66 36.92 -37.86
C VAL C 146 93.55 37.96 -37.80
N GLN C 147 93.94 39.21 -37.57
CA GLN C 147 92.99 40.30 -37.47
C GLN C 147 92.64 40.84 -38.86
N HIS C 148 91.80 41.87 -38.89
CA HIS C 148 91.37 42.44 -40.15
C HIS C 148 92.43 43.34 -40.74
N ARG C 149 92.52 43.33 -42.06
CA ARG C 149 93.46 44.20 -42.78
C ARG C 149 92.84 44.71 -44.07
N VAL D 55 102.69 -1.38 -16.92
CA VAL D 55 101.49 -0.54 -17.03
C VAL D 55 100.28 -1.40 -17.37
N PRO D 56 99.22 -1.27 -16.57
CA PRO D 56 98.01 -2.08 -16.82
C PRO D 56 97.27 -1.60 -18.06
N LYS D 57 96.72 -2.57 -18.79
CA LYS D 57 95.96 -2.29 -20.02
C LYS D 57 94.55 -2.83 -19.83
N THR D 58 93.57 -1.93 -19.81
CA THR D 58 92.16 -2.27 -19.67
C THR D 58 91.38 -1.71 -20.85
N SER D 59 90.05 -1.84 -20.79
CA SER D 59 89.21 -1.33 -21.85
C SER D 59 89.11 0.19 -21.78
N LEU D 60 89.04 0.74 -20.57
CA LEU D 60 88.93 2.18 -20.38
C LEU D 60 90.22 2.82 -19.88
N GLY D 61 91.33 2.06 -19.83
CA GLY D 61 92.58 2.64 -19.40
C GLY D 61 93.13 3.67 -20.38
N SER D 62 92.91 3.45 -21.68
CA SER D 62 93.36 4.36 -22.71
C SER D 62 92.18 4.95 -23.47
N PRO D 63 92.29 6.18 -23.96
CA PRO D 63 91.20 6.78 -24.73
C PRO D 63 90.95 5.99 -26.01
N PRO D 64 89.69 5.79 -26.37
CA PRO D 64 89.34 5.00 -27.56
C PRO D 64 89.52 5.74 -28.88
N TRP D 65 90.68 6.37 -29.06
CA TRP D 65 91.01 7.04 -30.30
C TRP D 65 92.53 7.00 -30.46
N PRO D 66 93.02 6.99 -31.70
CA PRO D 66 94.47 6.96 -31.92
C PRO D 66 95.12 8.24 -31.43
N ASP D 67 96.27 8.09 -30.77
CA ASP D 67 97.00 9.25 -30.28
C ASP D 67 97.60 10.04 -31.45
N ILE D 68 97.55 11.36 -31.34
CA ILE D 68 98.01 12.25 -32.40
C ILE D 68 99.35 12.85 -31.99
N VAL D 69 100.23 13.01 -32.98
CA VAL D 69 101.56 13.58 -32.76
C VAL D 69 101.78 14.64 -33.83
N LEU D 70 101.84 15.90 -33.42
CA LEU D 70 102.02 17.02 -34.32
C LEU D 70 103.50 17.25 -34.62
N PRO D 71 103.82 17.70 -35.82
CA PRO D 71 105.23 17.98 -36.16
C PRO D 71 105.76 19.16 -35.39
N ASP D 72 107.08 19.31 -35.42
CA ASP D 72 107.74 20.41 -34.73
C ASP D 72 107.41 21.74 -35.44
N PRO D 73 107.42 22.84 -34.69
CA PRO D 73 107.12 24.14 -35.32
C PRO D 73 108.11 24.54 -36.41
N VAL D 74 109.40 24.34 -36.17
CA VAL D 74 110.40 24.74 -37.16
C VAL D 74 110.28 23.88 -38.41
N GLU D 75 110.08 22.57 -38.24
CA GLU D 75 109.91 21.71 -39.40
C GLU D 75 108.64 22.03 -40.16
N GLU D 76 107.56 22.38 -39.43
CA GLU D 76 106.33 22.78 -40.10
C GLU D 76 106.53 24.06 -40.90
N THR D 77 107.25 25.02 -40.33
CA THR D 77 107.51 26.27 -41.05
C THR D 77 108.35 26.02 -42.30
N ARG D 78 109.38 25.18 -42.18
CA ARG D 78 110.21 24.88 -43.34
C ARG D 78 109.42 24.15 -44.42
N HIS D 79 108.57 23.20 -44.02
CA HIS D 79 107.76 22.47 -44.98
C HIS D 79 106.77 23.41 -45.67
N HIS D 80 106.16 24.31 -44.91
CA HIS D 80 105.23 25.28 -45.50
C HIS D 80 105.96 26.22 -46.46
N ALA D 81 107.19 26.60 -46.11
CA ALA D 81 107.98 27.43 -47.01
C ALA D 81 108.28 26.71 -48.31
N GLU D 82 108.68 25.43 -48.22
CA GLU D 82 108.94 24.66 -49.43
C GLU D 82 107.68 24.53 -50.29
N VAL D 83 106.54 24.25 -49.66
CA VAL D 83 105.31 24.06 -50.42
C VAL D 83 104.87 25.37 -51.07
N VAL D 84 104.95 26.49 -50.34
CA VAL D 84 104.54 27.76 -50.92
C VAL D 84 105.52 28.19 -52.01
N GLY D 85 106.79 27.83 -51.89
CA GLY D 85 107.73 28.10 -52.97
C GLY D 85 107.42 27.30 -54.21
N GLN D 86 107.05 26.02 -54.04
CA GLN D 86 106.64 25.22 -55.18
C GLN D 86 105.40 25.78 -55.83
N VAL D 87 104.43 26.23 -55.02
CA VAL D 87 103.21 26.82 -55.57
C VAL D 87 103.52 28.11 -56.32
N ASN D 88 104.44 28.92 -55.78
CA ASN D 88 104.82 30.15 -56.45
C ASN D 88 105.50 29.85 -57.79
N GLU D 89 106.36 28.84 -57.83
CA GLU D 89 106.99 28.45 -59.09
C GLU D 89 105.96 27.95 -60.08
N LEU D 90 104.95 27.20 -59.60
CA LEU D 90 103.87 26.76 -60.49
C LEU D 90 103.13 27.96 -61.07
N ILE D 91 102.78 28.93 -60.23
CA ILE D 91 102.05 30.10 -60.71
C ILE D 91 102.88 30.88 -61.71
N ALA D 92 104.19 31.00 -61.46
CA ALA D 92 105.06 31.72 -62.37
C ALA D 92 105.18 31.01 -63.71
N ALA D 93 105.34 29.68 -63.68
CA ALA D 93 105.47 28.93 -64.93
C ALA D 93 104.16 28.88 -65.70
N GLY D 94 103.03 28.99 -65.01
CA GLY D 94 101.75 28.96 -65.68
C GLY D 94 101.26 27.58 -66.07
N ARG D 95 101.59 26.57 -65.28
CA ARG D 95 101.15 25.21 -65.55
C ARG D 95 99.75 24.91 -65.03
N TYR D 96 98.99 25.94 -64.67
CA TYR D 96 97.60 25.79 -64.27
C TYR D 96 96.71 26.09 -65.47
N GLY D 97 95.87 25.12 -65.83
CA GLY D 97 95.03 25.27 -67.01
C GLY D 97 93.80 26.12 -66.78
N ARG D 98 92.89 25.65 -65.92
CA ARG D 98 91.65 26.35 -65.62
C ARG D 98 91.59 26.63 -64.12
N LEU D 99 91.03 27.79 -63.77
CA LEU D 99 90.97 28.22 -62.38
C LEU D 99 89.52 28.51 -62.02
N PHE D 100 89.06 27.92 -60.91
CA PHE D 100 87.76 28.23 -60.35
C PHE D 100 87.95 29.06 -59.09
N ALA D 101 86.90 29.78 -58.70
CA ALA D 101 87.03 30.68 -57.56
C ALA D 101 85.68 30.84 -56.86
N VAL D 102 85.72 30.75 -55.55
CA VAL D 102 84.59 31.10 -54.70
C VAL D 102 84.72 32.56 -54.32
N VAL D 103 83.74 33.37 -54.74
CA VAL D 103 83.79 34.82 -54.59
C VAL D 103 82.50 35.27 -53.91
N HIS D 104 82.63 36.15 -52.92
CA HIS D 104 81.48 36.73 -52.23
C HIS D 104 81.06 38.00 -52.96
N PHE D 105 79.79 38.05 -53.37
CA PHE D 105 79.28 39.22 -54.09
C PHE D 105 77.78 39.33 -53.86
N ALA D 106 77.33 40.55 -53.58
CA ALA D 106 75.91 40.86 -53.38
C ALA D 106 75.30 40.00 -52.28
N GLY D 107 76.07 39.73 -51.24
CA GLY D 107 75.60 38.95 -50.11
C GLY D 107 75.57 37.46 -50.32
N HIS D 108 75.85 36.97 -51.52
CA HIS D 108 75.87 35.55 -51.82
C HIS D 108 77.28 35.13 -52.21
N GLN D 109 77.61 33.87 -51.92
CA GLN D 109 78.89 33.30 -52.31
C GLN D 109 78.67 32.44 -53.55
N TRP D 110 79.38 32.77 -54.62
CA TRP D 110 79.22 32.09 -55.90
C TRP D 110 80.51 31.39 -56.27
N LYS D 111 80.40 30.14 -56.73
CA LYS D 111 81.54 29.40 -57.28
C LYS D 111 81.53 29.59 -58.79
N VAL D 112 82.47 30.40 -59.28
CA VAL D 112 82.50 30.80 -60.68
C VAL D 112 83.82 30.39 -61.30
N THR D 113 83.76 29.93 -62.55
CA THR D 113 84.93 29.60 -63.35
C THR D 113 85.02 30.58 -64.52
N ALA D 114 85.98 30.35 -65.41
CA ALA D 114 86.15 31.21 -66.57
C ALA D 114 85.04 30.98 -67.58
N GLU D 115 84.55 32.07 -68.17
CA GLU D 115 83.56 32.03 -69.25
C GLU D 115 82.26 31.36 -68.78
N ASP D 116 81.63 31.97 -67.78
CA ASP D 116 80.39 31.44 -67.22
C ASP D 116 79.47 32.58 -66.85
N LEU D 117 78.26 32.23 -66.40
CA LEU D 117 77.19 33.18 -66.15
C LEU D 117 76.67 33.05 -64.72
N ILE D 118 76.35 34.20 -64.11
CA ILE D 118 75.70 34.24 -62.81
C ILE D 118 74.60 35.29 -62.84
N LEU D 119 73.66 35.16 -61.90
CA LEU D 119 72.51 36.06 -61.81
C LEU D 119 72.49 36.68 -60.43
N ILE D 120 72.28 38.00 -60.37
CA ILE D 120 72.20 38.76 -59.13
C ILE D 120 70.80 39.35 -59.04
N GLU D 121 70.19 39.21 -57.86
CA GLU D 121 68.79 39.59 -57.66
C GLU D 121 68.61 41.07 -57.38
N ASN D 122 69.67 41.88 -57.36
CA ASN D 122 69.56 43.30 -57.13
C ASN D 122 70.08 44.07 -58.33
N GLU D 123 69.68 45.34 -58.41
CA GLU D 123 70.02 46.19 -59.54
C GLU D 123 71.31 46.96 -59.26
N LEU D 124 72.21 46.97 -60.24
CA LEU D 124 73.48 47.66 -60.12
C LEU D 124 73.46 48.96 -60.92
N ASP D 125 74.30 49.89 -60.51
CA ASP D 125 74.40 51.19 -61.18
C ASP D 125 75.53 51.16 -62.22
N VAL D 126 75.40 50.21 -63.15
CA VAL D 126 76.33 50.07 -64.26
C VAL D 126 75.54 49.75 -65.51
N ALA D 127 76.00 50.29 -66.64
CA ALA D 127 75.35 50.04 -67.91
C ALA D 127 75.76 48.67 -68.44
N CYS D 128 75.03 48.22 -69.46
CA CYS D 128 75.35 46.94 -70.09
C CYS D 128 76.70 47.02 -70.81
N GLY D 129 77.35 45.86 -70.92
CA GLY D 129 78.65 45.79 -71.55
C GLY D 129 79.80 46.30 -70.72
N GLU D 130 79.53 46.83 -69.53
CA GLU D 130 80.58 47.35 -68.67
C GLU D 130 81.30 46.22 -67.94
N ARG D 131 82.60 46.42 -67.73
CA ARG D 131 83.45 45.46 -67.04
C ARG D 131 83.59 45.86 -65.58
N ILE D 132 83.63 44.86 -64.70
CA ILE D 132 83.64 45.06 -63.26
C ILE D 132 84.63 44.10 -62.64
N ARG D 133 85.48 44.60 -61.75
CA ARG D 133 86.47 43.79 -61.06
C ARG D 133 85.93 43.39 -59.69
N LEU D 134 85.80 42.08 -59.46
CA LEU D 134 85.35 41.59 -58.17
C LEU D 134 86.53 41.51 -57.21
N GLU D 135 86.29 41.86 -55.95
CA GLU D 135 87.35 41.94 -54.96
C GLU D 135 87.28 40.83 -53.91
N LYS D 136 86.10 40.57 -53.34
CA LYS D 136 85.96 39.62 -52.25
C LYS D 136 86.09 38.20 -52.79
N VAL D 137 87.34 37.76 -52.92
CA VAL D 137 87.65 36.42 -53.39
C VAL D 137 87.97 35.56 -52.18
N LEU D 138 87.11 34.57 -51.91
CA LEU D 138 87.33 33.69 -50.76
C LEU D 138 88.24 32.53 -51.11
N LEU D 139 88.18 32.03 -52.35
CA LEU D 139 88.90 30.82 -52.67
C LEU D 139 89.28 30.83 -54.14
N VAL D 140 90.51 30.40 -54.44
CA VAL D 140 90.94 30.13 -55.80
C VAL D 140 91.46 28.69 -55.84
N GLY D 141 91.24 28.02 -56.95
CA GLY D 141 91.67 26.64 -57.07
C GLY D 141 91.94 26.26 -58.51
N ALA D 142 92.83 25.29 -58.69
CA ALA D 142 93.17 24.78 -60.00
C ALA D 142 93.30 23.26 -59.88
N ASP D 143 93.86 22.63 -60.91
CA ASP D 143 93.94 21.16 -60.91
C ASP D 143 94.88 20.66 -59.83
N ASN D 144 95.90 21.43 -59.48
CA ASN D 144 96.92 20.98 -58.54
C ASN D 144 96.93 21.74 -57.22
N PHE D 145 96.74 23.05 -57.23
CA PHE D 145 96.88 23.86 -56.02
C PHE D 145 95.59 24.60 -55.72
N THR D 146 95.58 25.28 -54.58
CA THR D 146 94.38 25.95 -54.09
C THR D 146 94.79 26.96 -53.03
N LEU D 147 94.34 28.20 -53.20
CA LEU D 147 94.63 29.29 -52.27
C LEU D 147 93.35 29.69 -51.55
N LEU D 148 93.36 29.60 -50.23
CA LEU D 148 92.23 30.00 -49.40
C LEU D 148 92.47 31.38 -48.82
N GLY D 149 91.39 32.11 -48.55
CA GLY D 149 91.49 33.38 -47.87
C GLY D 149 91.26 33.23 -46.37
N LYS D 150 91.86 34.13 -45.61
CA LYS D 150 91.77 34.11 -44.15
C LYS D 150 91.51 35.53 -43.66
N PRO D 151 90.28 36.02 -43.81
CA PRO D 151 89.17 35.35 -44.48
C PRO D 151 89.08 35.68 -45.98
N LEU D 152 90.03 36.46 -46.48
CA LEU D 152 90.04 36.87 -47.88
C LEU D 152 91.45 36.78 -48.45
N LEU D 153 91.53 36.78 -49.78
CA LEU D 153 92.80 36.78 -50.47
C LEU D 153 93.27 38.21 -50.69
N GLY D 154 94.32 38.37 -51.51
CA GLY D 154 94.86 39.67 -51.81
C GLY D 154 94.37 40.19 -53.15
N LYS D 155 94.08 41.50 -53.19
CA LYS D 155 93.68 42.13 -54.44
C LYS D 155 94.80 42.06 -55.46
N GLU D 156 96.05 42.21 -55.02
CA GLU D 156 97.19 42.03 -55.90
C GLU D 156 97.48 40.56 -56.19
N LEU D 157 96.93 39.66 -55.39
CA LEU D 157 97.19 38.24 -55.59
C LEU D 157 96.25 37.63 -56.61
N VAL D 158 94.97 38.01 -56.58
CA VAL D 158 93.97 37.45 -57.47
C VAL D 158 93.13 38.59 -58.06
N ARG D 159 92.72 38.42 -59.32
CA ARG D 159 91.88 39.39 -60.00
C ARG D 159 90.82 38.66 -60.82
N VAL D 160 89.56 39.05 -60.65
CA VAL D 160 88.44 38.47 -61.39
C VAL D 160 87.68 39.61 -62.05
N GLU D 161 87.38 39.45 -63.34
CA GLU D 161 86.67 40.46 -64.10
C GLU D 161 85.41 39.85 -64.71
N ALA D 162 84.35 40.64 -64.78
CA ALA D 162 83.06 40.17 -65.28
C ALA D 162 82.38 41.28 -66.06
N THR D 163 81.73 40.92 -67.15
CA THR D 163 81.00 41.86 -67.99
C THR D 163 79.50 41.77 -67.71
N VAL D 164 78.87 42.93 -67.55
CA VAL D 164 77.42 42.96 -67.38
C VAL D 164 76.76 42.65 -68.72
N ILE D 165 75.71 41.83 -68.70
CA ILE D 165 75.01 41.43 -69.92
C ILE D 165 73.60 42.03 -69.98
N GLU D 166 72.76 41.70 -69.02
CA GLU D 166 71.34 42.00 -69.10
C GLU D 166 70.84 42.52 -67.76
N LYS D 167 70.16 43.66 -67.80
CA LYS D 167 69.51 44.25 -66.63
C LYS D 167 68.01 44.21 -66.90
N THR D 168 67.35 43.15 -66.42
CA THR D 168 65.96 42.92 -66.79
C THR D 168 65.06 42.78 -65.56
N GLU D 169 63.80 42.41 -65.78
CA GLU D 169 62.86 42.13 -64.71
C GLU D 169 62.56 40.64 -64.66
N SER D 170 62.49 40.09 -63.45
CA SER D 170 62.21 38.67 -63.29
C SER D 170 60.74 38.38 -63.60
N TRP D 171 60.41 37.09 -63.61
CA TRP D 171 59.04 36.69 -63.85
C TRP D 171 58.15 37.14 -62.68
N PRO D 172 56.90 37.49 -62.95
CA PRO D 172 56.02 37.99 -61.88
C PRO D 172 55.74 36.92 -60.84
N LYS D 173 56.25 37.14 -59.63
CA LYS D 173 56.02 36.23 -58.52
C LYS D 173 54.72 36.59 -57.83
N ILE D 174 54.00 35.58 -57.36
CA ILE D 174 52.70 35.75 -56.71
C ILE D 174 52.85 35.47 -55.23
N ASN D 175 52.51 36.46 -54.40
CA ASN D 175 52.54 36.33 -52.95
C ASN D 175 51.11 36.56 -52.44
N MET D 176 50.42 35.49 -52.10
CA MET D 176 49.01 35.58 -51.68
C MET D 176 48.85 34.93 -50.32
N LYS D 177 48.46 35.72 -49.34
CA LYS D 177 48.11 35.23 -48.01
C LYS D 177 46.60 35.07 -47.91
N PHE D 178 46.16 33.99 -47.28
CA PHE D 178 44.75 33.70 -47.11
C PHE D 178 44.52 33.22 -45.68
N GLN D 179 43.46 33.73 -45.06
CA GLN D 179 43.13 33.37 -43.68
C GLN D 179 41.84 32.56 -43.65
N LYS D 180 41.77 31.62 -42.72
CA LYS D 180 40.63 30.71 -42.64
C LYS D 180 39.42 31.41 -42.04
N ARG D 181 38.30 31.34 -42.75
CA ARG D 181 36.97 31.79 -42.31
C ARG D 181 37.01 33.16 -41.62
N LYS D 182 37.96 34.00 -42.01
CA LYS D 182 38.01 35.38 -41.52
C LYS D 182 37.90 36.40 -42.63
N ASN D 183 37.70 35.96 -43.87
CA ASN D 183 37.53 36.85 -45.02
C ASN D 183 38.74 37.77 -45.17
N TYR D 184 39.91 37.16 -45.30
CA TYR D 184 41.17 37.89 -45.46
C TYR D 184 41.99 37.27 -46.57
N GLN D 185 42.09 37.98 -47.70
CA GLN D 185 42.95 37.62 -48.81
C GLN D 185 43.82 38.82 -49.16
N ARG D 186 45.12 38.56 -49.36
CA ARG D 186 46.07 39.61 -49.67
C ARG D 186 46.99 39.12 -50.78
N LYS D 187 46.82 39.64 -51.99
CA LYS D 187 47.54 39.19 -53.15
C LYS D 187 48.45 40.31 -53.66
N ARG D 188 49.71 39.97 -53.92
CA ARG D 188 50.69 40.90 -54.43
C ARG D 188 51.48 40.26 -55.56
N ILE D 189 51.77 41.04 -56.59
CA ILE D 189 52.56 40.60 -57.73
C ILE D 189 53.91 41.31 -57.65
N THR D 190 54.94 40.56 -57.28
CA THR D 190 56.28 41.10 -57.12
C THR D 190 57.07 40.94 -58.42
N VAL D 191 57.77 42.01 -58.82
CA VAL D 191 58.62 42.00 -60.00
C VAL D 191 60.00 42.47 -59.56
N ASN D 192 60.97 41.55 -59.55
CA ASN D 192 62.30 41.86 -59.02
C ASN D 192 63.28 42.11 -60.15
N PRO D 193 64.00 43.24 -60.14
CA PRO D 193 65.02 43.46 -61.17
C PRO D 193 66.21 42.55 -60.96
N GLN D 194 66.70 41.97 -62.05
CA GLN D 194 67.82 41.04 -62.04
C GLN D 194 68.91 41.51 -62.98
N THR D 195 70.14 41.07 -62.69
CA THR D 195 71.32 41.45 -63.46
C THR D 195 72.13 40.20 -63.78
N VAL D 196 72.52 40.04 -65.04
CA VAL D 196 73.28 38.89 -65.49
C VAL D 196 74.74 39.30 -65.66
N LEU D 197 75.66 38.50 -65.13
CA LEU D 197 77.08 38.78 -65.21
C LEU D 197 77.79 37.60 -65.88
N ARG D 198 78.63 37.91 -66.86
CA ARG D 198 79.45 36.91 -67.54
C ARG D 198 80.88 37.07 -67.03
N ILE D 199 81.33 36.10 -66.26
CA ILE D 199 82.72 36.07 -65.78
C ILE D 199 83.57 35.47 -66.90
N ASN D 200 84.59 36.21 -67.32
CA ASN D 200 85.42 35.84 -68.47
C ASN D 200 86.73 35.20 -68.06
N SER D 201 87.54 35.88 -67.27
CA SER D 201 88.87 35.40 -66.91
C SER D 201 89.11 35.58 -65.42
N ILE D 202 89.90 34.66 -64.87
CA ILE D 202 90.29 34.71 -63.46
C ILE D 202 91.82 34.67 -63.44
N GLU D 203 92.44 35.86 -63.41
CA GLU D 203 93.89 35.95 -63.42
C GLU D 203 94.44 35.73 -62.02
N ILE D 204 95.76 35.54 -61.96
CA ILE D 204 96.45 35.33 -60.68
C ILE D 204 97.89 35.77 -60.85
N ALA D 205 98.41 36.46 -59.83
CA ALA D 205 99.76 36.98 -59.85
C ALA D 205 100.69 36.11 -58.99
N PRO D 206 101.95 35.94 -59.40
CA PRO D 206 102.87 35.08 -58.64
C PRO D 206 103.40 35.72 -57.37
N CYS D 207 102.85 36.87 -56.97
CA CYS D 207 103.30 37.55 -55.76
C CYS D 207 102.71 36.83 -54.55
N LEU D 208 103.33 35.71 -54.21
CA LEU D 208 102.89 34.87 -53.09
C LEU D 208 104.12 34.44 -52.29
N CYS D 209 104.43 35.20 -51.25
CA CYS D 209 105.60 34.91 -50.42
C CYS D 209 105.40 33.64 -49.60
N ILE E 45 22.02 24.24 -83.15
CA ILE E 45 22.75 23.05 -83.56
C ILE E 45 24.02 23.44 -84.32
N SER E 46 24.77 22.43 -84.75
CA SER E 46 26.00 22.65 -85.50
C SER E 46 26.13 21.59 -86.58
N ARG E 47 26.52 22.00 -87.78
CA ARG E 47 26.67 21.10 -88.93
C ARG E 47 28.01 21.40 -89.60
N LYS E 48 29.07 20.73 -89.14
CA LYS E 48 30.38 20.87 -89.75
C LYS E 48 30.97 19.58 -90.27
N TRP E 49 30.57 18.42 -89.72
CA TRP E 49 31.06 17.15 -90.23
C TRP E 49 30.59 16.90 -91.66
N GLU E 50 29.47 17.50 -92.07
CA GLU E 50 29.03 17.38 -93.46
C GLU E 50 29.73 18.38 -94.36
N LYS E 51 30.00 19.59 -93.86
CA LYS E 51 30.74 20.58 -94.64
C LYS E 51 32.20 20.21 -94.83
N LYS E 52 32.75 19.36 -93.94
CA LYS E 52 34.12 18.91 -94.11
C LYS E 52 34.31 18.08 -95.38
N ASN E 53 33.22 17.59 -95.98
CA ASN E 53 33.30 16.76 -97.17
C ASN E 53 33.35 17.58 -98.46
N LYS E 54 33.31 18.91 -98.37
CA LYS E 54 33.27 19.77 -99.55
C LYS E 54 34.56 20.57 -99.73
N ILE E 55 35.63 20.22 -99.01
CA ILE E 55 36.89 20.93 -99.16
C ILE E 55 37.61 20.45 -100.42
N VAL E 56 38.43 21.33 -101.00
CA VAL E 56 39.17 21.05 -102.22
C VAL E 56 40.64 21.31 -101.95
N TYR E 57 41.49 20.33 -102.32
CA TYR E 57 42.93 20.43 -102.15
C TYR E 57 43.60 20.83 -103.47
N PRO E 58 44.77 21.49 -103.39
CA PRO E 58 45.47 21.84 -104.62
C PRO E 58 45.97 20.60 -105.33
N PRO E 59 46.19 20.66 -106.64
CA PRO E 59 46.64 19.48 -107.38
C PRO E 59 48.00 19.01 -106.91
N GLN E 60 48.17 17.68 -106.90
CA GLN E 60 49.43 17.08 -106.50
C GLN E 60 50.45 17.22 -107.63
N LEU E 61 51.61 17.80 -107.31
CA LEU E 61 52.64 17.98 -108.30
C LEU E 61 53.22 16.63 -108.72
N PRO E 62 53.75 16.53 -109.94
CA PRO E 62 54.35 15.26 -110.38
C PRO E 62 55.58 14.90 -109.56
N GLY E 63 55.49 13.79 -108.85
CA GLY E 63 56.57 13.31 -107.99
C GLY E 63 56.19 13.15 -106.53
N GLU E 64 55.13 13.81 -106.09
CA GLU E 64 54.69 13.68 -104.70
C GLU E 64 53.88 12.41 -104.51
N PRO E 65 53.91 11.83 -103.31
CA PRO E 65 53.16 10.60 -103.06
C PRO E 65 51.66 10.85 -103.11
N ARG E 66 50.92 9.80 -103.46
CA ARG E 66 49.47 9.89 -103.56
C ARG E 66 48.86 10.04 -102.17
N ARG E 67 48.08 11.09 -101.98
CA ARG E 67 47.39 11.30 -100.72
C ARG E 67 46.12 10.45 -100.68
N PRO E 68 45.91 9.68 -99.61
CA PRO E 68 44.71 8.84 -99.55
C PRO E 68 43.45 9.66 -99.41
N ALA E 69 42.37 9.16 -99.99
CA ALA E 69 41.10 9.86 -99.98
C ALA E 69 40.41 9.70 -98.63
N GLU E 70 39.77 10.79 -98.18
CA GLU E 70 39.03 10.81 -96.93
C GLU E 70 37.59 11.17 -97.20
N ILE E 71 36.67 10.44 -96.57
CA ILE E 71 35.24 10.64 -96.75
C ILE E 71 34.58 10.74 -95.37
N TYR E 72 33.93 11.86 -95.11
CA TYR E 72 33.21 12.07 -93.86
C TYR E 72 31.72 11.85 -94.09
N HIS E 73 31.07 11.22 -93.11
CA HIS E 73 29.63 10.99 -93.21
C HIS E 73 29.05 10.99 -91.79
N CYS E 74 27.75 11.21 -91.71
CA CYS E 74 27.11 11.25 -90.40
C CYS E 74 25.63 10.93 -90.55
N ARG E 75 25.06 10.40 -89.47
CA ARG E 75 23.64 10.13 -89.36
C ARG E 75 23.11 10.93 -88.19
N ARG E 76 22.11 11.77 -88.45
CA ARG E 76 21.56 12.68 -87.45
C ARG E 76 20.24 12.15 -86.90
N GLN E 77 20.00 12.44 -85.63
CA GLN E 77 18.73 12.15 -84.96
C GLN E 77 18.38 10.66 -85.04
N ILE E 78 19.22 9.86 -84.40
CA ILE E 78 18.99 8.42 -84.28
C ILE E 78 18.29 8.17 -82.95
N LYS E 79 17.29 7.28 -82.97
CA LYS E 79 16.53 6.99 -81.76
C LYS E 79 17.37 6.26 -80.71
N TYR E 80 18.53 5.73 -81.10
CA TYR E 80 19.37 4.98 -80.19
C TYR E 80 19.94 5.91 -79.10
N SER E 81 20.61 5.30 -78.13
CA SER E 81 21.20 6.05 -77.03
C SER E 81 22.66 6.39 -77.32
N LYS E 82 23.14 7.45 -76.66
CA LYS E 82 24.50 7.92 -76.91
C LYS E 82 25.53 6.86 -76.52
N ASP E 83 25.46 6.34 -75.30
CA ASP E 83 26.45 5.37 -74.84
C ASP E 83 26.32 4.06 -75.61
N LYS E 84 25.10 3.61 -75.87
CA LYS E 84 24.90 2.37 -76.59
C LYS E 84 25.42 2.47 -78.02
N MET E 85 25.32 3.65 -78.64
CA MET E 85 25.89 3.84 -79.96
C MET E 85 27.41 3.96 -79.89
N TRP E 86 27.92 4.58 -78.84
CA TRP E 86 29.37 4.68 -78.68
C TRP E 86 30.01 3.32 -78.49
N TYR E 87 29.29 2.38 -77.88
CA TYR E 87 29.82 1.03 -77.75
C TYR E 87 30.10 0.41 -79.12
N LEU E 88 29.13 0.49 -80.03
CA LEU E 88 29.34 -0.02 -81.38
C LEU E 88 30.40 0.77 -82.13
N ALA E 89 30.44 2.09 -81.91
CA ALA E 89 31.48 2.90 -82.55
C ALA E 89 32.87 2.45 -82.13
N LYS E 90 33.08 2.25 -80.83
CA LYS E 90 34.36 1.75 -80.34
C LYS E 90 34.62 0.32 -80.82
N LEU E 91 33.56 -0.48 -80.96
CA LEU E 91 33.74 -1.83 -81.48
C LEU E 91 34.27 -1.82 -82.91
N ILE E 92 33.79 -0.90 -83.74
CA ILE E 92 34.15 -0.88 -85.14
C ILE E 92 35.24 0.16 -85.45
N ARG E 93 35.80 0.80 -84.42
CA ARG E 93 36.87 1.77 -84.64
C ARG E 93 38.11 1.08 -85.19
N GLY E 94 38.75 1.72 -86.17
CA GLY E 94 40.02 1.27 -86.68
C GLY E 94 39.99 0.01 -87.53
N MET E 95 38.86 -0.68 -87.61
CA MET E 95 38.77 -1.91 -88.37
C MET E 95 38.47 -1.63 -89.82
N SER E 96 38.66 -2.64 -90.67
CA SER E 96 38.31 -2.53 -92.07
C SER E 96 36.79 -2.47 -92.23
N ILE E 97 36.34 -1.90 -93.35
CA ILE E 97 34.92 -1.77 -93.59
C ILE E 97 34.26 -3.14 -93.73
N ASP E 98 34.96 -4.07 -94.38
CA ASP E 98 34.42 -5.41 -94.57
C ASP E 98 34.19 -6.11 -93.24
N GLN E 99 35.20 -6.12 -92.38
CA GLN E 99 35.07 -6.78 -91.08
C GLN E 99 34.09 -6.05 -90.18
N ALA E 100 34.03 -4.72 -90.30
CA ALA E 100 33.05 -3.95 -89.53
C ALA E 100 31.63 -4.33 -89.92
N LEU E 101 31.37 -4.43 -91.23
CA LEU E 101 30.05 -4.86 -91.68
C LEU E 101 29.75 -6.29 -91.25
N ALA E 102 30.76 -7.16 -91.30
CA ALA E 102 30.57 -8.54 -90.86
C ALA E 102 30.17 -8.59 -89.39
N GLN E 103 30.83 -7.78 -88.55
CA GLN E 103 30.49 -7.77 -87.13
C GLN E 103 29.11 -7.15 -86.89
N LEU E 104 28.78 -6.10 -87.64
CA LEU E 104 27.49 -5.44 -87.44
C LEU E 104 26.34 -6.30 -87.93
N GLU E 105 26.59 -7.20 -88.88
CA GLU E 105 25.53 -8.09 -89.35
C GLU E 105 25.06 -9.02 -88.24
N PHE E 106 25.97 -9.45 -87.37
CA PHE E 106 25.62 -10.39 -86.30
C PHE E 106 25.48 -9.72 -84.95
N SER E 107 25.85 -8.45 -84.81
CA SER E 107 25.66 -7.75 -83.55
C SER E 107 24.17 -7.62 -83.23
N ASP E 108 23.82 -7.89 -81.98
CA ASP E 108 22.43 -7.92 -81.56
C ASP E 108 21.88 -6.57 -81.15
N LYS E 109 22.72 -5.54 -81.08
CA LYS E 109 22.24 -4.20 -80.76
C LYS E 109 21.35 -3.67 -81.89
N LYS E 110 20.41 -2.80 -81.52
CA LYS E 110 19.55 -2.21 -82.54
C LYS E 110 20.33 -1.24 -83.42
N GLY E 111 21.34 -0.58 -82.88
CA GLY E 111 22.15 0.33 -83.67
C GLY E 111 23.05 -0.36 -84.67
N ALA E 112 23.14 -1.69 -84.64
CA ALA E 112 23.98 -2.41 -85.59
C ALA E 112 23.49 -2.18 -87.02
N GLN E 113 22.19 -2.37 -87.25
CA GLN E 113 21.64 -2.14 -88.58
C GLN E 113 21.78 -0.68 -88.99
N ILE E 114 21.65 0.24 -88.02
CA ILE E 114 21.78 1.66 -88.32
C ILE E 114 23.19 1.96 -88.83
N ILE E 115 24.20 1.51 -88.08
CA ILE E 115 25.57 1.78 -88.49
C ILE E 115 25.91 1.04 -89.78
N LYS E 116 25.32 -0.14 -90.00
CA LYS E 116 25.56 -0.84 -91.26
C LYS E 116 25.00 -0.06 -92.45
N GLU E 117 23.80 0.49 -92.31
CA GLU E 117 23.24 1.32 -93.36
C GLU E 117 24.09 2.56 -93.59
N VAL E 118 24.56 3.18 -92.50
CA VAL E 118 25.40 4.37 -92.64
C VAL E 118 26.69 4.04 -93.37
N LEU E 119 27.31 2.91 -93.03
CA LEU E 119 28.56 2.52 -93.69
C LEU E 119 28.33 2.19 -95.16
N LEU E 120 27.22 1.53 -95.48
CA LEU E 120 26.92 1.24 -96.88
C LEU E 120 26.71 2.52 -97.68
N GLU E 121 25.98 3.48 -97.11
CA GLU E 121 25.79 4.75 -97.79
C GLU E 121 27.11 5.50 -97.97
N ALA E 122 27.97 5.46 -96.94
CA ALA E 122 29.27 6.13 -97.05
C ALA E 122 30.14 5.49 -98.12
N GLN E 123 30.10 4.16 -98.21
CA GLN E 123 30.88 3.48 -99.25
C GLN E 123 30.33 3.80 -100.63
N ASP E 124 29.01 3.84 -100.78
CA ASP E 124 28.43 4.22 -102.06
C ASP E 124 28.84 5.64 -102.45
N MET E 125 28.85 6.55 -101.48
CA MET E 125 29.28 7.92 -101.78
C MET E 125 30.75 7.96 -102.17
N ALA E 126 31.60 7.24 -101.44
CA ALA E 126 33.03 7.23 -101.77
C ALA E 126 33.29 6.62 -103.14
N VAL E 127 32.45 5.67 -103.56
CA VAL E 127 32.63 5.06 -104.88
C VAL E 127 32.14 5.98 -105.98
N ARG E 128 30.93 6.52 -105.84
CA ARG E 128 30.33 7.30 -106.91
C ARG E 128 30.89 8.71 -106.96
N ASP E 129 30.70 9.47 -105.89
CA ASP E 129 31.10 10.88 -105.90
C ASP E 129 32.62 11.01 -105.89
N HIS E 130 33.27 10.44 -104.89
CA HIS E 130 34.73 10.52 -104.81
C HIS E 130 35.38 9.54 -105.78
N ASN E 131 36.58 9.90 -106.23
CA ASN E 131 37.33 9.08 -107.17
C ASN E 131 38.10 8.02 -106.38
N VAL E 132 37.35 7.06 -105.85
CA VAL E 132 37.89 6.02 -104.97
C VAL E 132 37.53 4.67 -105.59
N GLU E 133 38.47 4.08 -106.33
CA GLU E 133 38.29 2.73 -106.83
C GLU E 133 38.49 1.71 -105.70
N PHE E 134 38.25 0.44 -106.02
CA PHE E 134 38.47 -0.67 -105.09
C PHE E 134 37.66 -0.47 -103.80
N ARG E 135 36.33 -0.59 -103.97
CA ARG E 135 35.38 -0.24 -102.94
C ARG E 135 35.64 -0.92 -101.60
N SER E 136 36.46 -1.97 -101.59
CA SER E 136 36.83 -2.67 -100.37
C SER E 136 38.19 -2.23 -99.83
N ASN E 137 38.74 -1.13 -100.34
CA ASN E 137 40.04 -0.62 -99.90
C ASN E 137 39.88 0.54 -98.93
N LEU E 138 38.87 0.50 -98.07
CA LEU E 138 38.58 1.56 -97.12
C LEU E 138 38.72 1.04 -95.70
N TYR E 139 39.10 1.92 -94.78
CA TYR E 139 39.14 1.59 -93.36
C TYR E 139 38.60 2.76 -92.56
N VAL E 140 37.95 2.44 -91.45
CA VAL E 140 37.33 3.44 -90.60
C VAL E 140 38.42 4.09 -89.75
N ALA E 141 38.72 5.36 -90.03
CA ALA E 141 39.71 6.08 -89.24
C ALA E 141 39.13 6.56 -87.93
N GLU E 142 37.97 7.22 -87.98
CA GLU E 142 37.28 7.69 -86.79
C GLU E 142 35.81 7.30 -86.85
N SER E 143 35.26 6.95 -85.70
CA SER E 143 33.85 6.58 -85.61
C SER E 143 33.38 6.97 -84.21
N THR E 144 32.63 8.05 -84.13
CA THR E 144 32.21 8.62 -82.85
C THR E 144 30.70 8.75 -82.80
N SER E 145 30.19 8.96 -81.59
CA SER E 145 28.76 9.12 -81.36
C SER E 145 28.55 10.21 -80.32
N GLY E 146 27.83 11.26 -80.70
CA GLY E 146 27.49 12.35 -79.80
C GLY E 146 26.00 12.45 -79.59
N ARG E 147 25.62 13.36 -78.69
CA ARG E 147 24.22 13.58 -78.36
C ARG E 147 23.61 14.61 -79.30
N GLY E 148 22.29 14.74 -79.23
CA GLY E 148 21.56 15.72 -80.01
C GLY E 148 20.49 16.40 -79.17
N GLN E 149 19.43 16.83 -79.85
CA GLN E 149 18.33 17.51 -79.17
C GLN E 149 17.36 16.48 -78.63
N TYR E 150 17.14 16.51 -77.32
CA TYR E 150 16.27 15.55 -76.66
C TYR E 150 14.84 16.06 -76.61
N LEU E 151 13.94 15.19 -76.16
CA LEU E 151 12.56 15.54 -75.86
C LEU E 151 12.27 15.18 -74.40
N LYS E 152 11.43 16.00 -73.76
CA LYS E 152 11.12 15.84 -72.35
C LYS E 152 9.68 15.37 -72.19
N ARG E 153 9.48 14.32 -71.41
CA ARG E 153 8.16 13.80 -71.11
C ARG E 153 8.04 13.58 -69.61
N ILE E 154 6.80 13.46 -69.14
CA ILE E 154 6.49 13.25 -67.73
C ILE E 154 6.36 11.76 -67.48
N ARG E 155 7.19 11.25 -66.57
CA ARG E 155 7.14 9.84 -66.16
C ARG E 155 6.58 9.79 -64.74
N TYR E 156 5.42 9.18 -64.59
CA TYR E 156 4.74 9.14 -63.30
C TYR E 156 5.32 8.05 -62.43
N HIS E 157 5.43 8.34 -61.13
CA HIS E 157 5.92 7.38 -60.15
C HIS E 157 4.85 6.92 -59.17
N GLY E 158 4.11 7.84 -58.59
CA GLY E 158 3.13 7.53 -57.57
C GLY E 158 3.18 8.57 -56.47
N ARG E 159 2.14 8.58 -55.63
CA ARG E 159 1.99 9.55 -54.56
C ARG E 159 2.08 10.98 -55.07
N GLY E 160 1.64 11.21 -56.30
CA GLY E 160 1.67 12.53 -56.90
C GLY E 160 3.04 13.02 -57.29
N ARG E 161 4.03 12.14 -57.37
CA ARG E 161 5.38 12.52 -57.78
C ARG E 161 5.59 12.20 -59.25
N PHE E 162 6.56 12.88 -59.85
CA PHE E 162 6.79 12.80 -61.28
C PHE E 162 8.28 12.84 -61.58
N GLY E 163 8.61 12.55 -62.83
CA GLY E 163 9.99 12.65 -63.29
C GLY E 163 10.02 13.12 -64.73
N ILE E 164 11.12 13.79 -65.08
CA ILE E 164 11.30 14.33 -66.42
C ILE E 164 12.02 13.28 -67.25
N MET E 165 11.25 12.50 -68.00
CA MET E 165 11.82 11.47 -68.85
C MET E 165 12.38 12.10 -70.12
N GLU E 166 13.61 11.74 -70.48
CA GLU E 166 14.33 12.36 -71.59
C GLU E 166 14.39 11.38 -72.75
N LYS E 167 13.65 11.68 -73.82
CA LYS E 167 13.77 10.92 -75.06
C LYS E 167 15.10 11.27 -75.73
N VAL E 168 16.01 10.30 -75.77
CA VAL E 168 17.37 10.57 -76.19
C VAL E 168 17.49 10.47 -77.71
N PHE E 169 18.48 11.16 -78.25
CA PHE E 169 18.80 11.11 -79.67
C PHE E 169 20.29 11.34 -79.85
N CYS E 170 20.90 10.56 -80.73
CA CYS E 170 22.34 10.59 -80.91
C CYS E 170 22.70 10.72 -82.38
N HIS E 171 23.73 11.53 -82.64
CA HIS E 171 24.36 11.64 -83.94
C HIS E 171 25.54 10.67 -84.02
N TYR E 172 25.71 10.05 -85.18
CA TYR E 172 26.81 9.11 -85.41
C TYR E 172 27.68 9.63 -86.54
N PHE E 173 28.95 9.88 -86.24
CA PHE E 173 29.91 10.40 -87.21
C PHE E 173 30.91 9.32 -87.58
N VAL E 174 31.24 9.25 -88.88
CA VAL E 174 32.15 8.22 -89.39
C VAL E 174 33.08 8.86 -90.42
N LYS E 175 34.31 8.38 -90.46
CA LYS E 175 35.32 8.83 -91.42
C LYS E 175 35.99 7.61 -92.03
N LEU E 176 35.97 7.52 -93.36
CA LEU E 176 36.55 6.42 -94.09
C LEU E 176 37.77 6.91 -94.86
N VAL E 177 38.90 6.22 -94.71
CA VAL E 177 40.12 6.56 -95.41
C VAL E 177 40.47 5.43 -96.36
N GLU E 178 40.81 5.79 -97.59
CA GLU E 178 41.17 4.81 -98.61
C GLU E 178 42.57 4.27 -98.34
N GLY E 179 42.69 2.94 -98.27
CA GLY E 179 43.96 2.31 -98.02
C GLY E 179 43.84 1.12 -97.10
N PRO E 180 44.95 0.42 -96.88
CA PRO E 180 44.90 -0.76 -96.01
C PRO E 180 44.72 -0.34 -94.56
N PRO E 181 44.18 -1.22 -93.72
CA PRO E 181 43.99 -0.88 -92.31
C PRO E 181 45.33 -0.72 -91.60
N PRO E 182 45.43 0.24 -90.68
CA PRO E 182 46.68 0.40 -89.95
C PRO E 182 46.88 -0.76 -88.98
N PRO E 183 48.12 -1.17 -88.75
CA PRO E 183 48.37 -2.32 -87.88
C PRO E 183 48.08 -1.99 -86.42
N ARG E 184 47.66 -3.00 -85.68
CA ARG E 184 47.40 -2.84 -84.26
C ARG E 184 48.70 -2.68 -83.49
N GLU E 185 48.70 -1.76 -82.52
CA GLU E 185 49.87 -1.53 -81.70
C GLU E 185 50.11 -2.71 -80.78
N ALA E 186 51.26 -3.36 -80.91
CA ALA E 186 51.58 -4.49 -80.06
C ALA E 186 51.97 -4.02 -78.66
N PRO E 187 51.75 -4.85 -77.64
CA PRO E 187 52.19 -4.49 -76.29
C PRO E 187 53.69 -4.32 -76.24
N LYS E 188 54.14 -3.41 -75.36
CA LYS E 188 55.56 -3.10 -75.26
C LYS E 188 56.32 -4.30 -74.74
N THR E 189 57.41 -4.66 -75.41
CA THR E 189 58.16 -5.86 -75.07
C THR E 189 59.18 -5.57 -73.97
N ALA E 190 59.75 -6.66 -73.45
CA ALA E 190 60.74 -6.53 -72.38
C ALA E 190 61.98 -5.77 -72.84
N VAL E 191 62.37 -5.96 -74.10
CA VAL E 191 63.54 -5.26 -74.62
C VAL E 191 63.28 -3.76 -74.68
N ALA E 192 62.09 -3.36 -75.15
CA ALA E 192 61.76 -1.94 -75.19
C ALA E 192 61.66 -1.35 -73.80
N HIS E 193 61.07 -2.11 -72.85
CA HIS E 193 61.02 -1.66 -71.48
C HIS E 193 62.40 -1.44 -70.90
N ALA E 194 63.32 -2.38 -71.15
CA ALA E 194 64.68 -2.25 -70.64
C ALA E 194 65.39 -1.06 -71.27
N ARG E 195 65.20 -0.85 -72.57
CA ARG E 195 65.82 0.30 -73.23
C ARG E 195 65.31 1.60 -72.65
N GLU E 196 63.99 1.72 -72.47
CA GLU E 196 63.42 2.95 -71.93
C GLU E 196 63.88 3.17 -70.49
N TYR E 197 64.01 2.09 -69.70
CA TYR E 197 64.47 2.25 -68.33
C TYR E 197 65.93 2.68 -68.28
N ILE E 198 66.77 2.10 -69.14
CA ILE E 198 68.17 2.53 -69.20
C ILE E 198 68.26 3.98 -69.63
N GLN E 199 67.41 4.40 -70.57
CA GLN E 199 67.41 5.78 -71.02
C GLN E 199 67.00 6.72 -69.89
N GLU E 200 65.97 6.34 -69.11
CA GLU E 200 65.56 7.17 -68.00
C GLU E 200 66.61 7.23 -66.90
N LEU E 201 67.35 6.14 -66.70
CA LEU E 201 68.45 6.16 -65.74
C LEU E 201 69.60 7.05 -66.23
N ARG E 202 69.84 7.06 -67.54
CA ARG E 202 70.94 7.85 -68.08
C ARG E 202 70.60 9.33 -68.14
N ASN E 203 69.33 9.66 -68.34
CA ASN E 203 68.91 11.06 -68.44
C ASN E 203 68.91 11.79 -67.10
N ARG E 204 69.38 11.16 -66.03
CA ARG E 204 69.44 11.85 -64.75
C ARG E 204 70.56 12.89 -64.73
N THR E 205 70.43 13.85 -63.83
CA THR E 205 71.45 14.88 -63.64
C THR E 205 71.45 15.27 -62.17
N ILE E 206 72.60 15.76 -61.71
CA ILE E 206 72.76 16.11 -60.30
C ILE E 206 71.98 17.38 -60.02
N THR E 207 70.81 17.24 -59.43
CA THR E 207 69.94 18.37 -59.17
C THR E 207 70.48 19.22 -58.02
N HIS E 208 70.35 20.54 -58.15
CA HIS E 208 70.78 21.48 -57.13
C HIS E 208 72.26 21.28 -56.78
N ALA E 209 73.07 21.11 -57.82
CA ALA E 209 74.50 20.82 -57.65
C ALA E 209 75.38 22.03 -57.93
N LEU E 210 75.14 22.74 -59.02
CA LEU E 210 75.97 23.88 -59.39
C LEU E 210 75.78 25.04 -58.42
N ALA F 2 -36.18 31.79 -94.07
CA ALA F 2 -34.94 32.53 -94.17
C ALA F 2 -34.16 32.48 -92.87
N ARG F 3 -32.83 32.47 -92.96
CA ARG F 3 -31.97 32.39 -91.80
C ARG F 3 -31.46 33.77 -91.40
N ASN F 4 -31.25 33.95 -90.09
CA ASN F 4 -30.77 35.21 -89.52
C ASN F 4 -31.67 36.38 -89.92
N VAL F 5 -32.98 36.14 -89.97
CA VAL F 5 -33.96 37.15 -90.35
C VAL F 5 -35.11 37.08 -89.36
N LEU F 6 -35.56 38.25 -88.90
CA LEU F 6 -36.64 38.30 -87.93
C LEU F 6 -37.96 37.88 -88.57
N TYR F 7 -38.64 36.93 -87.94
CA TYR F 7 -39.95 36.45 -88.35
C TYR F 7 -41.05 37.16 -87.57
N PRO F 8 -42.19 37.44 -88.21
CA PRO F 8 -43.29 38.10 -87.50
C PRO F 8 -43.96 37.15 -86.52
N LEU F 9 -44.32 37.69 -85.36
CA LEU F 9 -44.99 36.89 -84.34
C LEU F 9 -46.38 36.50 -84.80
N TYR F 10 -46.71 35.22 -84.69
CA TYR F 10 -48.00 34.72 -85.13
C TYR F 10 -49.02 34.79 -83.99
N GLN F 11 -50.24 35.18 -84.35
CA GLN F 11 -51.37 35.16 -83.43
C GLN F 11 -52.58 34.64 -84.17
N LEU F 12 -53.68 34.46 -83.44
CA LEU F 12 -54.91 33.96 -84.05
C LEU F 12 -55.43 34.97 -85.06
N GLY F 13 -55.45 34.58 -86.33
CA GLY F 13 -55.86 35.45 -87.40
C GLY F 13 -54.74 36.19 -88.11
N ASN F 14 -53.49 35.87 -87.80
CA ASN F 14 -52.37 36.53 -88.47
C ASN F 14 -52.27 36.06 -89.91
N PRO F 15 -51.93 36.94 -90.85
CA PRO F 15 -51.85 36.54 -92.26
C PRO F 15 -50.78 35.48 -92.50
N GLN F 16 -50.84 34.89 -93.69
CA GLN F 16 -49.88 33.86 -94.07
C GLN F 16 -48.50 34.47 -94.26
N LEU F 17 -47.49 33.83 -93.65
CA LEU F 17 -46.12 34.27 -93.82
C LEU F 17 -45.64 33.94 -95.24
N ARG F 18 -44.98 34.90 -95.88
CA ARG F 18 -44.47 34.73 -97.23
C ARG F 18 -43.03 35.20 -97.28
N VAL F 19 -42.11 34.26 -97.53
CA VAL F 19 -40.69 34.57 -97.71
C VAL F 19 -40.42 34.55 -99.21
N PHE F 20 -40.06 35.73 -99.76
CA PHE F 20 -39.91 35.87 -101.19
C PHE F 20 -38.48 35.64 -101.66
N ARG F 21 -37.48 36.07 -100.89
CA ARG F 21 -36.08 35.85 -101.22
C ARG F 21 -35.46 35.06 -100.07
N THR F 22 -35.49 33.73 -100.18
CA THR F 22 -34.96 32.87 -99.13
C THR F 22 -33.44 32.92 -99.11
N ASN F 23 -32.87 32.88 -97.91
CA ASN F 23 -31.44 32.92 -97.71
C ASN F 23 -30.85 31.54 -97.43
N PHE F 24 -31.61 30.48 -97.70
CA PHE F 24 -31.14 29.12 -97.50
C PHE F 24 -30.28 28.68 -98.68
N PHE F 25 -29.36 27.77 -98.41
CA PHE F 25 -28.50 27.20 -99.44
C PHE F 25 -28.28 25.73 -99.12
N ILE F 26 -28.60 24.87 -100.09
CA ILE F 26 -28.61 23.42 -99.88
C ILE F 26 -27.58 22.79 -100.82
N GLN F 27 -26.77 21.88 -100.27
CA GLN F 27 -25.83 21.09 -101.06
C GLN F 27 -26.37 19.69 -101.23
N LEU F 28 -25.87 19.01 -102.27
CA LEU F 28 -26.22 17.62 -102.55
C LEU F 28 -24.96 16.78 -102.42
N VAL F 29 -24.95 15.82 -101.49
CA VAL F 29 -23.76 15.03 -101.21
C VAL F 29 -24.02 13.57 -101.52
N ARG F 30 -22.95 12.86 -101.84
CA ARG F 30 -23.06 11.43 -102.11
C ARG F 30 -23.09 10.66 -100.79
N PRO F 31 -24.04 9.73 -100.61
CA PRO F 31 -24.08 8.96 -99.36
C PRO F 31 -22.85 8.08 -99.21
N GLY F 32 -22.13 8.28 -98.11
CA GLY F 32 -20.93 7.50 -97.86
C GLY F 32 -21.19 6.04 -97.53
N THR F 33 -22.37 5.74 -96.99
CA THR F 33 -22.73 4.38 -96.61
C THR F 33 -23.71 3.80 -97.63
N ALA F 34 -24.18 2.59 -97.35
CA ALA F 34 -25.15 1.94 -98.22
C ALA F 34 -26.48 2.69 -98.14
N GLN F 35 -26.96 3.19 -99.28
CA GLN F 35 -28.17 3.97 -99.32
C GLN F 35 -29.12 3.41 -100.37
N PRO F 36 -30.43 3.39 -100.09
CA PRO F 36 -31.38 2.91 -101.10
C PRO F 36 -31.44 3.81 -102.32
N GLU F 37 -32.20 3.39 -103.33
CA GLU F 37 -32.19 4.10 -104.61
C GLU F 37 -32.97 5.41 -104.54
N ASP F 38 -34.17 5.38 -103.96
CA ASP F 38 -35.05 6.53 -103.93
C ASP F 38 -34.73 7.52 -102.82
N THR F 39 -33.56 7.42 -102.20
CA THR F 39 -33.17 8.32 -101.11
C THR F 39 -32.03 9.21 -101.59
N VAL F 40 -32.17 10.51 -101.35
CA VAL F 40 -31.19 11.52 -101.73
C VAL F 40 -30.71 12.23 -100.48
N GLN F 41 -29.41 12.53 -100.42
CA GLN F 41 -28.79 13.08 -99.23
C GLN F 41 -28.32 14.50 -99.49
N PHE F 42 -28.88 15.45 -98.73
CA PHE F 42 -28.55 16.86 -98.85
C PHE F 42 -27.95 17.38 -97.55
N ARG F 43 -27.24 18.49 -97.67
CA ARG F 43 -26.73 19.25 -96.53
C ARG F 43 -27.43 20.58 -96.50
N ILE F 44 -28.17 20.84 -95.42
CA ILE F 44 -28.98 22.04 -95.28
C ILE F 44 -28.37 22.91 -94.19
N PRO F 45 -28.68 24.21 -94.15
CA PRO F 45 -28.16 25.05 -93.05
C PRO F 45 -28.73 24.61 -91.71
N MET F 46 -28.14 25.14 -90.65
CA MET F 46 -28.50 24.71 -89.30
C MET F 46 -29.94 25.07 -88.96
N GLU F 47 -30.46 26.16 -89.53
CA GLU F 47 -31.81 26.64 -89.24
C GLU F 47 -32.82 26.24 -90.31
N MET F 48 -32.64 25.06 -90.92
CA MET F 48 -33.58 24.54 -91.90
C MET F 48 -34.39 23.41 -91.29
N THR F 49 -35.69 23.40 -91.56
CA THR F 49 -36.60 22.40 -91.02
C THR F 49 -37.10 21.49 -92.13
N ARG F 50 -37.77 20.40 -91.72
CA ARG F 50 -38.30 19.44 -92.67
C ARG F 50 -39.27 20.10 -93.63
N VAL F 51 -40.22 20.88 -93.10
CA VAL F 51 -41.25 21.47 -93.94
C VAL F 51 -40.65 22.52 -94.87
N ASP F 52 -39.67 23.29 -94.38
CA ASP F 52 -39.02 24.27 -95.25
C ASP F 52 -38.26 23.58 -96.38
N LEU F 53 -37.54 22.50 -96.06
CA LEU F 53 -36.84 21.75 -97.10
C LEU F 53 -37.82 21.17 -98.12
N ARG F 54 -38.94 20.64 -97.63
CA ARG F 54 -39.94 20.06 -98.53
C ARG F 54 -40.51 21.12 -99.47
N ASN F 55 -40.90 22.27 -98.91
CA ASN F 55 -41.44 23.34 -99.74
C ASN F 55 -40.40 23.84 -100.74
N TYR F 56 -39.15 23.96 -100.31
CA TYR F 56 -38.06 24.36 -101.20
C TYR F 56 -37.96 23.41 -102.38
N LEU F 57 -37.82 22.12 -102.10
CA LEU F 57 -37.64 21.14 -103.17
C LEU F 57 -38.89 20.97 -104.03
N GLU F 58 -40.07 21.30 -103.51
CA GLU F 58 -41.29 21.14 -104.29
C GLU F 58 -41.60 22.37 -105.14
N ARG F 59 -41.16 23.56 -104.73
CA ARG F 59 -41.48 24.77 -105.48
C ARG F 59 -40.32 25.27 -106.34
N ILE F 60 -39.10 25.31 -105.81
CA ILE F 60 -38.00 25.87 -106.58
C ILE F 60 -37.51 24.87 -107.62
N TYR F 61 -37.30 23.61 -107.24
CA TYR F 61 -36.81 22.60 -108.16
C TYR F 61 -37.91 21.71 -108.71
N ASN F 62 -39.11 21.74 -108.12
CA ASN F 62 -40.26 20.98 -108.60
C ASN F 62 -39.96 19.48 -108.62
N VAL F 63 -39.58 18.97 -107.45
CA VAL F 63 -39.28 17.56 -107.26
C VAL F 63 -40.32 16.98 -106.31
N PRO F 64 -41.05 15.94 -106.70
CA PRO F 64 -42.07 15.37 -105.81
C PRO F 64 -41.46 14.55 -104.69
N VAL F 65 -41.05 15.22 -103.61
CA VAL F 65 -40.51 14.53 -102.44
C VAL F 65 -41.65 14.02 -101.58
N ALA F 66 -41.38 12.95 -100.84
CA ALA F 66 -42.38 12.32 -99.97
C ALA F 66 -42.02 12.41 -98.50
N ALA F 67 -40.83 11.95 -98.10
CA ALA F 67 -40.45 11.91 -96.70
C ALA F 67 -39.12 12.63 -96.50
N VAL F 68 -38.96 13.23 -95.32
CA VAL F 68 -37.77 13.98 -94.95
C VAL F 68 -37.35 13.55 -93.55
N ARG F 69 -36.05 13.24 -93.38
CA ARG F 69 -35.50 12.89 -92.08
C ARG F 69 -34.18 13.63 -91.90
N THR F 70 -34.09 14.44 -90.86
CA THR F 70 -32.94 15.31 -90.63
C THR F 70 -32.14 14.87 -89.42
N ARG F 71 -30.87 15.27 -89.40
CA ARG F 71 -29.99 15.03 -88.28
C ARG F 71 -28.91 16.11 -88.27
N VAL F 72 -28.21 16.22 -87.16
CA VAL F 72 -27.20 17.25 -86.97
C VAL F 72 -25.87 16.58 -86.68
N GLN F 73 -24.97 16.57 -87.67
CA GLN F 73 -23.63 16.03 -87.48
C GLN F 73 -22.75 17.06 -86.79
N TYR F 74 -22.04 16.61 -85.75
CA TYR F 74 -21.23 17.49 -84.92
C TYR F 74 -19.79 17.54 -85.43
N GLY F 75 -19.24 18.75 -85.46
CA GLY F 75 -17.89 18.92 -85.95
C GLY F 75 -16.83 18.58 -84.92
N SER F 76 -15.68 18.13 -85.42
CA SER F 76 -14.60 17.70 -84.53
C SER F 76 -13.96 18.91 -83.85
N ASN F 77 -13.80 18.81 -82.53
CA ASN F 77 -13.13 19.82 -81.72
C ASN F 77 -11.92 19.22 -81.00
N ARG F 78 -11.15 18.41 -81.73
CA ARG F 78 -10.01 17.69 -81.17
C ARG F 78 -8.68 18.24 -81.64
N ARG F 79 -8.57 18.62 -82.90
CA ARG F 79 -7.30 19.08 -83.44
C ARG F 79 -6.87 20.39 -82.81
N ARG F 80 -5.61 20.46 -82.40
CA ARG F 80 -5.05 21.62 -81.74
C ARG F 80 -4.26 22.47 -82.71
N ASP F 81 -4.23 23.78 -82.44
CA ASP F 81 -3.47 24.72 -83.24
C ASP F 81 -2.04 24.81 -82.73
N HIS F 82 -1.24 25.69 -83.33
CA HIS F 82 0.13 25.89 -82.85
C HIS F 82 0.16 26.58 -81.50
N ARG F 83 -0.88 27.34 -81.17
CA ARG F 83 -1.03 27.93 -79.83
C ARG F 83 -1.77 27.00 -78.88
N ASN F 84 -1.89 25.72 -79.23
CA ASN F 84 -2.60 24.72 -78.42
C ASN F 84 -4.05 25.12 -78.18
N ILE F 85 -4.65 25.81 -79.15
CA ILE F 85 -6.05 26.23 -79.08
C ILE F 85 -6.87 25.28 -79.95
N ARG F 86 -8.08 24.96 -79.51
CA ARG F 86 -8.91 23.99 -80.20
C ARG F 86 -9.33 24.52 -81.57
N ILE F 87 -9.23 23.67 -82.58
CA ILE F 87 -9.66 23.97 -83.94
C ILE F 87 -10.93 23.17 -84.18
N LYS F 88 -12.07 23.85 -84.16
CA LYS F 88 -13.38 23.20 -84.26
C LYS F 88 -13.98 23.45 -85.63
N LYS F 89 -14.35 22.37 -86.32
CA LYS F 89 -15.09 22.48 -87.56
C LYS F 89 -16.57 22.70 -87.28
N PRO F 90 -17.27 23.42 -88.15
CA PRO F 90 -18.68 23.72 -87.88
C PRO F 90 -19.56 22.49 -88.04
N ASP F 91 -20.54 22.38 -87.15
CA ASP F 91 -21.55 21.34 -87.29
C ASP F 91 -22.40 21.59 -88.52
N TYR F 92 -22.98 20.51 -89.06
CA TYR F 92 -23.78 20.67 -90.27
C TYR F 92 -24.99 19.74 -90.22
N LYS F 93 -26.08 20.20 -90.81
CA LYS F 93 -27.34 19.48 -90.80
C LYS F 93 -27.45 18.63 -92.06
N VAL F 94 -27.63 17.33 -91.89
CA VAL F 94 -27.73 16.37 -92.98
C VAL F 94 -29.16 15.87 -93.06
N ALA F 95 -29.76 15.98 -94.25
CA ALA F 95 -31.13 15.55 -94.47
C ALA F 95 -31.18 14.45 -95.51
N TYR F 96 -32.11 13.51 -95.33
CA TYR F 96 -32.37 12.44 -96.26
C TYR F 96 -33.81 12.59 -96.75
N VAL F 97 -33.99 12.64 -98.06
CA VAL F 97 -35.31 12.83 -98.66
C VAL F 97 -35.63 11.61 -99.50
N GLN F 98 -36.83 11.07 -99.32
CA GLN F 98 -37.34 9.97 -100.12
C GLN F 98 -38.45 10.49 -101.02
N LEU F 99 -38.34 10.22 -102.31
CA LEU F 99 -39.23 10.81 -103.30
C LEU F 99 -40.60 10.12 -103.25
N ALA F 100 -41.53 10.68 -104.02
CA ALA F 100 -42.93 10.24 -104.00
C ALA F 100 -43.25 9.28 -105.14
N LEU F 101 -43.00 9.68 -106.38
CA LEU F 101 -43.37 8.89 -107.55
C LEU F 101 -42.45 7.70 -107.78
N GLY F 102 -41.58 7.37 -106.83
CA GLY F 102 -40.69 6.24 -107.00
C GLY F 102 -39.55 6.48 -107.95
N GLN F 103 -39.19 7.74 -108.21
CA GLN F 103 -38.10 8.03 -109.13
C GLN F 103 -36.78 7.56 -108.54
N THR F 104 -36.02 6.80 -109.32
CA THR F 104 -34.72 6.30 -108.91
C THR F 104 -33.66 7.32 -109.33
N PHE F 105 -33.01 7.94 -108.34
CA PHE F 105 -31.99 8.93 -108.58
C PHE F 105 -30.61 8.34 -108.30
N THR F 106 -29.63 8.73 -109.12
CA THR F 106 -28.27 8.24 -108.99
C THR F 106 -27.31 9.42 -109.08
N PHE F 107 -26.40 9.51 -108.13
CA PHE F 107 -25.41 10.59 -108.12
C PHE F 107 -24.38 10.33 -109.21
N PRO F 108 -24.31 11.16 -110.26
CA PRO F 108 -23.37 10.90 -111.34
C PRO F 108 -21.94 11.28 -110.96
N ASP F 109 -21.00 10.54 -111.53
CA ASP F 109 -19.58 10.79 -111.28
C ASP F 109 -19.17 12.09 -111.96
N LEU F 110 -18.93 13.14 -111.18
CA LEU F 110 -18.67 14.46 -111.71
C LEU F 110 -17.23 14.66 -112.18
N PHE F 111 -16.38 13.65 -112.08
CA PHE F 111 -14.99 13.73 -112.54
C PHE F 111 -14.60 12.45 -113.27
N PRO F 112 -15.13 12.23 -114.48
CA PRO F 112 -14.70 11.07 -115.27
C PRO F 112 -13.37 11.37 -115.94
N GLU F 113 -12.40 10.48 -115.75
CA GLU F 113 -11.10 10.67 -116.35
C GLU F 113 -11.18 10.51 -117.87
N ARG F 114 -10.44 11.35 -118.58
CA ARG F 114 -10.48 11.40 -120.04
C ARG F 114 -9.39 10.54 -120.64
N LYS F 115 -9.72 9.88 -121.75
CA LYS F 115 -8.73 9.04 -122.44
C LYS F 115 -7.59 9.88 -123.01
N GLY F 116 -7.91 11.05 -123.58
CA GLY F 116 -6.86 11.91 -124.10
C GLY F 116 -5.95 12.41 -122.98
N ALA F 117 -6.53 12.76 -121.83
CA ALA F 117 -5.72 13.20 -120.70
C ALA F 117 -4.84 12.06 -120.18
N SER F 118 -5.38 10.84 -120.13
CA SER F 118 -4.58 9.71 -119.69
C SER F 118 -3.43 9.42 -120.65
N VAL F 119 -3.69 9.50 -121.96
CA VAL F 119 -2.64 9.28 -122.93
C VAL F 119 -1.57 10.37 -122.84
N ASP F 120 -1.99 11.62 -122.65
CA ASP F 120 -1.03 12.71 -122.50
C ASP F 120 -0.18 12.53 -121.25
N VAL F 121 -0.80 12.09 -120.15
CA VAL F 121 -0.04 11.85 -118.93
C VAL F 121 0.95 10.71 -119.12
N ASP F 122 0.55 9.65 -119.81
CA ASP F 122 1.47 8.53 -120.07
C ASP F 122 2.63 8.99 -120.95
N VAL F 123 2.34 9.80 -121.97
CA VAL F 123 3.40 10.30 -122.83
C VAL F 123 4.35 11.21 -122.06
N ARG F 124 3.83 12.06 -121.18
CA ARG F 124 4.69 12.94 -120.40
C ARG F 124 5.55 12.14 -119.43
N ASP F 125 4.98 11.10 -118.81
CA ASP F 125 5.76 10.24 -117.93
C ASP F 125 6.85 9.50 -118.69
N GLN F 126 6.54 9.03 -119.90
CA GLN F 126 7.55 8.38 -120.72
C GLN F 126 8.66 9.35 -121.11
N VAL F 127 8.29 10.60 -121.42
CA VAL F 127 9.29 11.61 -121.75
C VAL F 127 10.18 11.93 -120.56
N LEU F 128 9.58 12.02 -119.36
CA LEU F 128 10.39 12.25 -118.16
C LEU F 128 11.32 11.08 -117.89
N GLU F 129 10.85 9.85 -118.11
CA GLU F 129 11.70 8.68 -117.91
C GLU F 129 12.85 8.68 -118.91
N ASP F 130 12.57 9.04 -120.17
CA ASP F 130 13.63 9.10 -121.17
C ASP F 130 14.63 10.20 -120.85
N GLN F 131 14.16 11.33 -120.32
CA GLN F 131 15.07 12.40 -119.92
C GLN F 131 15.96 11.96 -118.76
N ARG F 132 15.37 11.29 -117.77
CA ARG F 132 16.17 10.77 -116.66
C ARG F 132 17.19 9.75 -117.14
N GLN F 133 16.80 8.92 -118.11
CA GLN F 133 17.73 7.92 -118.64
C GLN F 133 18.88 8.58 -119.39
N LYS F 134 18.59 9.56 -120.25
CA LYS F 134 19.64 10.22 -121.00
C LYS F 134 20.49 11.14 -120.12
N HIS F 135 19.98 11.54 -118.95
CA HIS F 135 20.77 12.32 -118.02
C HIS F 135 21.50 11.46 -116.99
N SER F 136 21.19 10.18 -116.91
CA SER F 136 21.86 9.30 -115.95
C SER F 136 23.34 9.19 -116.30
N PRO F 137 24.23 9.20 -115.30
CA PRO F 137 25.66 9.08 -115.59
C PRO F 137 26.02 7.69 -116.07
N ASP F 138 26.97 7.64 -117.00
CA ASP F 138 27.43 6.37 -117.55
C ASP F 138 28.34 5.67 -116.55
N PRO F 139 28.16 4.36 -116.32
CA PRO F 139 29.02 3.68 -115.33
C PRO F 139 30.49 3.66 -115.72
N ARG F 140 30.82 3.52 -117.01
CA ARG F 140 32.21 3.44 -117.43
C ARG F 140 32.99 4.74 -117.25
N ARG F 141 32.33 5.81 -116.80
CA ARG F 141 33.03 7.07 -116.59
C ARG F 141 33.57 7.21 -115.16
N GLY F 142 32.81 6.75 -114.18
CA GLY F 142 33.26 6.81 -112.80
C GLY F 142 33.25 8.18 -112.18
N GLY F 143 32.34 9.05 -112.60
CA GLY F 143 32.26 10.39 -112.08
C GLY F 143 32.88 11.47 -112.95
N VAL F 144 33.43 11.09 -114.10
CA VAL F 144 34.03 12.08 -115.01
C VAL F 144 32.91 12.75 -115.80
N PRO F 145 32.91 14.09 -115.91
CA PRO F 145 31.87 14.76 -116.69
C PRO F 145 32.01 14.46 -118.17
N GLY F 146 30.88 14.20 -118.82
CA GLY F 146 30.87 13.88 -120.23
C GLY F 146 30.65 15.09 -121.12
N TRP F 147 30.87 16.28 -120.58
CA TRP F 147 30.68 17.49 -121.38
C TRP F 147 31.88 17.76 -122.28
N PHE F 148 33.10 17.63 -121.74
CA PHE F 148 34.29 17.85 -122.55
C PHE F 148 34.50 16.69 -123.51
N GLY F 149 34.95 17.01 -124.72
CA GLY F 149 35.25 15.99 -125.71
C GLY F 149 36.50 15.19 -125.35
N LEU F 150 37.65 15.85 -125.39
CA LEU F 150 38.91 15.22 -125.03
C LEU F 150 39.81 16.19 -124.27
N SER G 11 -12.37 36.16 -99.96
CA SER G 11 -11.34 35.34 -99.33
C SER G 11 -10.09 36.17 -99.02
N LYS G 12 -10.14 36.92 -97.91
CA LYS G 12 -9.04 37.77 -97.48
C LYS G 12 -8.49 37.19 -96.17
N VAL G 13 -7.40 36.45 -96.27
CA VAL G 13 -6.77 35.89 -95.09
C VAL G 13 -6.06 36.99 -94.31
N THR G 14 -6.34 37.07 -93.02
CA THR G 14 -5.76 38.11 -92.18
C THR G 14 -4.33 37.74 -91.79
N LEU G 15 -3.39 38.65 -92.03
CA LEU G 15 -2.00 38.42 -91.72
C LEU G 15 -1.61 39.07 -90.40
N PRO G 16 -0.71 38.46 -89.65
CA PRO G 16 -0.22 39.08 -88.41
C PRO G 16 0.52 40.37 -88.69
N PRO G 17 0.60 41.27 -87.72
CA PRO G 17 1.33 42.53 -87.97
C PRO G 17 2.82 42.32 -88.20
N ASN G 18 3.43 41.40 -87.47
CA ASN G 18 4.85 41.08 -87.65
C ASN G 18 4.94 39.96 -88.68
N TYR G 19 5.17 40.34 -89.94
CA TYR G 19 5.19 39.38 -91.03
C TYR G 19 6.31 39.75 -92.00
N ARG G 20 6.73 38.76 -92.80
CA ARG G 20 7.77 38.91 -93.79
C ARG G 20 7.19 38.61 -95.17
N TYR G 21 7.30 39.57 -96.09
CA TYR G 21 6.83 39.40 -97.45
C TYR G 21 7.97 38.90 -98.32
N GLY G 22 7.73 37.79 -99.03
CA GLY G 22 8.76 37.17 -99.84
C GLY G 22 8.38 36.97 -101.30
N MET G 23 7.68 37.97 -101.88
CA MET G 23 7.26 37.95 -103.28
C MET G 23 6.31 36.79 -103.58
N SER G 24 5.70 36.21 -102.57
CA SER G 24 4.74 35.12 -102.74
C SER G 24 3.38 35.55 -102.23
N ARG G 25 2.35 34.84 -102.66
CA ARG G 25 1.00 35.11 -102.19
C ARG G 25 0.90 34.75 -100.71
N PRO G 26 0.38 35.64 -99.86
CA PRO G 26 0.28 35.32 -98.42
C PRO G 26 -0.53 34.07 -98.11
N GLY G 27 -1.41 33.65 -99.02
CA GLY G 27 -2.16 32.43 -98.82
C GLY G 27 -1.75 31.33 -99.78
N SER G 28 -0.45 31.24 -100.05
CA SER G 28 0.08 30.26 -101.00
C SER G 28 0.86 29.17 -100.27
N LEU G 29 0.95 28.00 -100.92
CA LEU G 29 1.71 26.90 -100.34
C LEU G 29 3.18 27.25 -100.20
N SER G 30 3.72 27.99 -101.17
CA SER G 30 5.11 28.41 -101.10
C SER G 30 5.36 29.29 -99.87
N ASP G 31 4.47 30.24 -99.63
CA ASP G 31 4.63 31.12 -98.47
C ASP G 31 4.42 30.36 -97.17
N LYS G 32 3.48 29.42 -97.15
CA LYS G 32 3.26 28.62 -95.95
C LYS G 32 4.46 27.75 -95.62
N ARG G 33 5.13 27.20 -96.64
CA ARG G 33 6.33 26.43 -96.40
C ARG G 33 7.52 27.31 -96.05
N LYS G 34 7.56 28.54 -96.58
CA LYS G 34 8.64 29.45 -96.22
C LYS G 34 8.54 29.87 -94.76
N ASN G 35 7.37 30.32 -94.34
CA ASN G 35 7.16 30.73 -92.95
C ASN G 35 5.93 30.01 -92.39
N PRO G 36 6.06 29.26 -91.30
CA PRO G 36 4.89 28.63 -90.69
C PRO G 36 4.00 29.67 -90.02
N PRO G 37 2.76 29.31 -89.68
CA PRO G 37 1.88 30.30 -89.03
C PRO G 37 2.23 30.55 -87.57
N GLY G 38 3.34 29.96 -87.10
CA GLY G 38 3.77 30.11 -85.72
C GLY G 38 5.09 30.82 -85.53
N THR G 39 5.62 31.49 -86.55
CA THR G 39 6.90 32.18 -86.45
C THR G 39 6.69 33.68 -86.50
N ARG G 40 7.73 34.41 -86.08
CA ARG G 40 7.72 35.87 -86.13
C ARG G 40 9.16 36.35 -86.25
N ARG G 41 9.53 36.83 -87.44
CA ARG G 41 10.88 37.27 -87.71
C ARG G 41 11.04 38.73 -87.27
N ARG G 42 12.14 39.34 -87.67
CA ARG G 42 12.43 40.72 -87.29
C ARG G 42 11.78 41.69 -88.26
N ARG G 43 11.19 42.74 -87.72
CA ARG G 43 10.55 43.77 -88.55
C ARG G 43 11.61 44.63 -89.22
N VAL G 44 11.48 44.79 -90.54
CA VAL G 44 12.44 45.57 -91.31
C VAL G 44 11.91 46.99 -91.48
N PRO G 45 12.78 48.00 -91.54
CA PRO G 45 12.30 49.38 -91.72
C PRO G 45 11.77 49.59 -93.13
N VAL G 46 10.63 50.26 -93.23
CA VAL G 46 9.98 50.56 -94.50
C VAL G 46 9.75 52.06 -94.58
N GLU G 47 10.23 52.67 -95.65
CA GLU G 47 10.04 54.11 -95.82
C GLU G 47 8.57 54.39 -96.10
N PRO G 48 7.94 55.31 -95.35
CA PRO G 48 6.53 55.63 -95.60
C PRO G 48 6.34 56.31 -96.94
N ILE G 49 5.70 55.61 -97.88
CA ILE G 49 5.40 56.15 -99.21
C ILE G 49 3.89 56.10 -99.38
N SER G 50 3.27 57.28 -99.47
CA SER G 50 1.82 57.35 -99.54
C SER G 50 1.32 56.82 -100.89
N ASP G 51 0.04 56.43 -100.89
CA ASP G 51 -0.60 56.04 -102.15
C ASP G 51 -0.70 57.21 -103.11
N GLU G 52 -0.79 58.43 -102.58
CA GLU G 52 -0.83 59.64 -103.40
C GLU G 52 0.54 60.07 -103.90
N ASP G 53 1.62 59.39 -103.49
CA ASP G 53 2.96 59.75 -103.91
C ASP G 53 3.73 58.55 -104.45
N TRP G 54 3.10 57.37 -104.51
CA TRP G 54 3.71 56.18 -105.10
C TRP G 54 3.44 56.22 -106.60
N HIS G 55 4.49 56.48 -107.38
CA HIS G 55 4.36 56.72 -108.81
C HIS G 55 4.67 55.50 -109.67
N LEU G 56 5.56 54.62 -109.22
CA LEU G 56 5.98 53.47 -110.02
C LEU G 56 4.85 52.45 -110.06
N PHE G 57 4.25 52.28 -111.24
CA PHE G 57 3.20 51.29 -111.46
C PHE G 57 3.76 50.13 -112.27
N CYS G 58 2.87 49.20 -112.62
CA CYS G 58 3.26 47.99 -113.35
C CYS G 58 3.04 48.19 -114.84
N GLY G 59 4.05 47.84 -115.64
CA GLY G 59 3.95 47.90 -117.09
C GLY G 59 4.82 48.95 -117.75
N ASP G 60 5.24 49.98 -117.02
CA ASP G 60 6.05 51.04 -117.60
C ASP G 60 7.53 50.64 -117.62
N LYS G 61 8.27 51.31 -118.50
CA LYS G 61 9.69 51.02 -118.68
C LYS G 61 10.51 51.85 -117.71
N VAL G 62 11.30 51.16 -116.88
CA VAL G 62 12.16 51.81 -115.89
C VAL G 62 13.59 51.37 -116.12
N GLU G 63 14.52 52.10 -115.51
CA GLU G 63 15.94 51.81 -115.61
C GLU G 63 16.51 51.52 -114.22
N ILE G 64 17.50 50.63 -114.17
CA ILE G 64 18.12 50.21 -112.93
C ILE G 64 19.34 51.08 -112.65
N LEU G 65 19.47 51.52 -111.40
CA LEU G 65 20.58 52.36 -110.98
C LEU G 65 21.69 51.58 -110.29
N GLU G 66 21.35 50.71 -109.34
CA GLU G 66 22.33 49.95 -108.57
C GLU G 66 22.30 48.48 -108.99
N GLY G 67 23.47 47.87 -108.97
CA GLY G 67 23.62 46.45 -109.29
C GLY G 67 24.60 46.23 -110.41
N LYS G 68 24.87 44.95 -110.67
CA LYS G 68 25.79 44.59 -111.75
C LYS G 68 25.20 44.96 -113.11
N ASP G 69 23.90 44.75 -113.28
CA ASP G 69 23.22 45.09 -114.53
C ASP G 69 22.58 46.48 -114.38
N ALA G 70 23.44 47.47 -114.27
CA ALA G 70 23.04 48.86 -114.10
C ALA G 70 23.07 49.60 -115.43
N GLY G 71 22.22 50.61 -115.56
CA GLY G 71 22.10 51.37 -116.78
C GLY G 71 21.20 50.76 -117.82
N LYS G 72 20.60 49.60 -117.56
CA LYS G 72 19.72 48.94 -118.50
C LYS G 72 18.27 49.25 -118.18
N GLN G 73 17.43 49.27 -119.22
CA GLN G 73 16.02 49.58 -119.08
C GLN G 73 15.19 48.31 -119.18
N GLY G 74 14.14 48.23 -118.37
CA GLY G 74 13.28 47.06 -118.36
C GLY G 74 11.85 47.44 -118.03
N LYS G 75 10.97 46.45 -118.17
CA LYS G 75 9.54 46.63 -117.94
C LYS G 75 9.17 46.14 -116.55
N VAL G 76 8.40 46.93 -115.82
CA VAL G 76 7.93 46.54 -114.50
C VAL G 76 6.87 45.46 -114.64
N VAL G 77 7.04 44.38 -113.88
CA VAL G 77 6.13 43.23 -113.92
C VAL G 77 5.24 43.19 -112.68
N GLN G 78 5.83 43.34 -111.49
CA GLN G 78 5.08 43.26 -110.25
C GLN G 78 5.61 44.30 -109.27
N VAL G 79 4.71 44.79 -108.42
CA VAL G 79 5.04 45.80 -107.42
C VAL G 79 4.40 45.39 -106.10
N ILE G 80 5.17 45.48 -105.01
CA ILE G 80 4.71 45.15 -103.67
C ILE G 80 4.84 46.41 -102.82
N ARG G 81 3.72 46.89 -102.31
CA ARG G 81 3.70 48.15 -101.57
C ARG G 81 4.01 48.00 -100.10
N GLN G 82 4.12 46.76 -99.59
CA GLN G 82 4.42 46.58 -98.17
C GLN G 82 5.87 46.92 -97.86
N ARG G 83 6.79 46.54 -98.75
CA ARG G 83 8.21 46.82 -98.56
C ARG G 83 8.78 47.69 -99.68
N ASN G 84 7.94 48.28 -100.52
CA ASN G 84 8.37 49.11 -101.64
C ASN G 84 9.31 48.33 -102.56
N TRP G 85 8.79 47.24 -103.13
CA TRP G 85 9.53 46.40 -104.05
C TRP G 85 8.95 46.50 -105.44
N VAL G 86 9.82 46.46 -106.45
CA VAL G 86 9.42 46.49 -107.84
C VAL G 86 10.32 45.52 -108.61
N VAL G 87 9.72 44.64 -109.40
CA VAL G 87 10.46 43.62 -110.13
C VAL G 87 10.35 43.91 -111.62
N VAL G 88 11.40 43.54 -112.36
CA VAL G 88 11.46 43.70 -113.80
C VAL G 88 11.82 42.35 -114.43
N GLU G 89 11.40 42.17 -115.68
CA GLU G 89 11.55 40.88 -116.35
C GLU G 89 12.96 40.72 -116.88
N GLY G 90 13.80 40.00 -116.13
CA GLY G 90 15.10 39.59 -116.61
C GLY G 90 16.14 40.69 -116.73
N LEU G 91 16.24 41.56 -115.74
CA LEU G 91 17.31 42.54 -115.68
C LEU G 91 18.22 42.31 -114.48
N ASN G 92 17.68 42.26 -113.27
CA ASN G 92 18.42 41.86 -112.08
C ASN G 92 17.97 40.45 -111.74
N THR G 93 18.78 39.46 -112.09
CA THR G 93 18.35 38.07 -112.05
C THR G 93 19.39 37.19 -111.36
N HIS G 94 18.95 35.99 -111.04
CA HIS G 94 19.75 34.97 -110.37
C HIS G 94 19.19 33.60 -110.74
N TYR G 95 20.09 32.65 -110.97
CA TYR G 95 19.72 31.36 -111.53
C TYR G 95 19.31 30.41 -110.41
N ARG G 96 18.21 29.69 -110.63
CA ARG G 96 17.70 28.75 -109.64
C ARG G 96 17.05 27.57 -110.34
N TYR G 97 17.15 26.40 -109.71
CA TYR G 97 16.53 25.19 -110.22
C TYR G 97 15.13 25.02 -109.63
N VAL G 98 14.19 24.60 -110.47
CA VAL G 98 12.81 24.40 -110.06
C VAL G 98 12.44 22.92 -110.06
N GLY G 99 12.69 22.23 -111.17
CA GLY G 99 12.42 20.81 -111.23
C GLY G 99 13.49 20.00 -110.53
N LYS G 100 13.14 19.42 -109.38
CA LYS G 100 14.10 18.71 -108.54
C LYS G 100 13.53 17.36 -108.15
N THR G 101 14.24 16.30 -108.50
CA THR G 101 13.88 14.96 -108.08
C THR G 101 15.05 14.28 -107.38
N VAL G 102 14.93 13.00 -107.07
CA VAL G 102 15.98 12.31 -106.34
C VAL G 102 17.17 11.94 -107.22
N ASP G 103 16.99 11.88 -108.54
CA ASP G 103 18.09 11.50 -109.42
C ASP G 103 18.12 12.33 -110.71
N TYR G 104 17.54 13.53 -110.71
CA TYR G 104 17.48 14.33 -111.93
C TYR G 104 17.24 15.79 -111.56
N ARG G 105 17.87 16.69 -112.31
CA ARG G 105 17.62 18.11 -112.19
C ARG G 105 17.61 18.71 -113.59
N GLY G 106 17.00 19.89 -113.69
CA GLY G 106 16.94 20.56 -114.98
C GLY G 106 16.14 21.84 -114.87
N THR G 107 16.03 22.52 -116.00
CA THR G 107 15.30 23.79 -116.13
C THR G 107 15.80 24.81 -115.12
N MET G 108 17.08 25.14 -115.25
CA MET G 108 17.68 26.18 -114.42
C MET G 108 17.20 27.54 -114.93
N ILE G 109 16.18 28.09 -114.30
CA ILE G 109 15.56 29.32 -114.76
C ILE G 109 16.17 30.51 -114.04
N PRO G 110 16.42 31.61 -114.74
CA PRO G 110 16.83 32.85 -114.07
C PRO G 110 15.62 33.60 -113.53
N SER G 111 15.46 33.58 -112.21
CA SER G 111 14.41 34.35 -111.57
C SER G 111 14.90 35.77 -111.30
N GLU G 112 13.94 36.66 -111.04
CA GLU G 112 14.23 38.08 -110.91
C GLU G 112 14.18 38.49 -109.45
N ALA G 113 15.17 39.32 -109.03
CA ALA G 113 15.26 39.87 -107.69
C ALA G 113 14.59 41.24 -107.63
N PRO G 114 13.92 41.55 -106.53
CA PRO G 114 13.23 42.84 -106.42
C PRO G 114 14.19 43.98 -106.14
N LEU G 115 13.77 45.18 -106.55
CA LEU G 115 14.53 46.40 -106.33
C LEU G 115 13.69 47.39 -105.55
N LEU G 116 14.37 48.28 -104.85
CA LEU G 116 13.68 49.29 -104.04
C LEU G 116 13.31 50.50 -104.89
N HIS G 117 12.51 51.40 -104.30
CA HIS G 117 12.10 52.61 -105.00
C HIS G 117 13.25 53.58 -105.23
N ASN G 118 14.29 53.51 -104.41
CA ASN G 118 15.43 54.41 -104.57
C ASN G 118 16.32 53.98 -105.73
N GLN G 119 16.46 52.68 -105.96
CA GLN G 119 17.32 52.15 -107.01
C GLN G 119 16.65 52.14 -108.38
N VAL G 120 15.39 52.51 -108.47
CA VAL G 120 14.64 52.47 -109.72
C VAL G 120 13.96 53.82 -109.93
N LYS G 121 14.28 54.48 -111.03
CA LYS G 121 13.65 55.74 -111.41
C LYS G 121 12.88 55.54 -112.70
N LEU G 122 11.66 56.06 -112.74
CA LEU G 122 10.83 55.95 -113.93
C LEU G 122 11.45 56.72 -115.08
N VAL G 123 11.48 56.11 -116.26
CA VAL G 123 12.09 56.69 -117.45
C VAL G 123 10.97 57.13 -118.39
N ASP G 124 10.97 58.41 -118.74
CA ASP G 124 10.00 58.91 -119.70
C ASP G 124 10.35 58.39 -121.09
N PRO G 125 9.36 57.84 -121.82
CA PRO G 125 9.65 57.25 -123.13
C PRO G 125 10.08 58.26 -124.18
N THR G 126 10.06 59.56 -123.89
CA THR G 126 10.40 60.55 -124.90
C THR G 126 11.91 60.59 -125.16
N ASP G 127 12.70 60.93 -124.15
CA ASP G 127 14.14 60.99 -124.28
C ASP G 127 14.84 59.71 -123.84
N ARG G 128 14.11 58.77 -123.26
CA ARG G 128 14.67 57.48 -122.83
C ARG G 128 15.84 57.68 -121.86
N LYS G 129 15.63 58.57 -120.90
CA LYS G 129 16.60 58.88 -119.86
C LYS G 129 15.91 58.85 -118.50
N PRO G 130 16.65 58.52 -117.44
CA PRO G 130 16.03 58.48 -116.11
C PRO G 130 15.70 59.88 -115.62
N THR G 131 14.51 60.02 -115.05
CA THR G 131 14.02 61.31 -114.59
C THR G 131 13.23 61.15 -113.31
N ASP G 132 13.08 62.25 -112.59
CA ASP G 132 12.29 62.28 -111.37
C ASP G 132 10.83 62.54 -111.71
N VAL G 133 9.94 61.76 -111.12
CA VAL G 133 8.51 61.82 -111.41
C VAL G 133 7.81 62.49 -110.24
N GLU G 134 7.14 63.61 -110.53
CA GLU G 134 6.36 64.35 -109.54
C GLU G 134 4.90 64.38 -109.97
N TRP G 135 4.00 64.27 -109.01
CA TRP G 135 2.57 64.28 -109.30
C TRP G 135 2.07 65.71 -109.44
N ARG G 136 1.55 66.06 -110.62
CA ARG G 136 0.99 67.36 -110.90
C ARG G 136 -0.51 67.24 -111.10
N PHE G 137 -1.20 68.37 -110.98
CA PHE G 137 -2.65 68.45 -111.17
C PHE G 137 -2.92 69.34 -112.37
N THR G 138 -3.34 68.73 -113.47
CA THR G 138 -3.64 69.49 -114.69
C THR G 138 -4.89 70.33 -114.50
N GLU G 139 -5.04 71.33 -115.37
CA GLU G 139 -6.21 72.20 -115.30
C GLU G 139 -7.49 71.48 -115.69
N ALA G 140 -7.39 70.36 -116.40
CA ALA G 140 -8.56 69.58 -116.80
C ALA G 140 -8.98 68.58 -115.73
N GLY G 141 -8.49 68.72 -114.50
CA GLY G 141 -8.87 67.82 -113.42
C GLY G 141 -8.25 66.44 -113.49
N GLU G 142 -7.32 66.21 -114.41
CA GLU G 142 -6.67 64.91 -114.54
C GLU G 142 -5.32 64.95 -113.84
N ARG G 143 -5.04 63.93 -113.03
CA ARG G 143 -3.81 63.83 -112.26
C ARG G 143 -2.85 62.92 -113.00
N VAL G 144 -1.96 63.51 -113.80
CA VAL G 144 -0.97 62.77 -114.57
C VAL G 144 0.42 63.09 -114.02
N ARG G 145 1.33 62.14 -114.16
CA ARG G 145 2.69 62.31 -113.64
C ARG G 145 3.50 63.18 -114.59
N VAL G 146 4.28 64.10 -114.02
CA VAL G 146 5.09 65.04 -114.78
C VAL G 146 6.54 64.89 -114.33
N SER G 147 7.45 64.81 -115.30
CA SER G 147 8.87 64.68 -115.02
C SER G 147 9.52 66.06 -114.84
N THR G 148 10.68 66.07 -114.20
CA THR G 148 11.41 67.30 -113.93
C THR G 148 12.73 67.43 -114.68
N ARG G 149 13.29 66.32 -115.18
CA ARG G 149 14.53 66.41 -115.94
C ARG G 149 14.32 67.13 -117.26
N SER G 150 13.26 66.77 -117.99
CA SER G 150 12.94 67.41 -119.25
C SER G 150 11.68 68.27 -119.19
N GLY G 151 10.74 67.94 -118.30
CA GLY G 151 9.51 68.69 -118.19
C GLY G 151 8.39 68.16 -119.07
N ARG G 152 8.18 66.85 -119.05
CA ARG G 152 7.18 66.18 -119.86
C ARG G 152 6.29 65.35 -118.97
N ILE G 153 5.27 64.73 -119.57
CA ILE G 153 4.33 63.89 -118.84
C ILE G 153 4.49 62.45 -119.29
N ILE G 154 3.97 61.54 -118.47
CA ILE G 154 4.05 60.11 -118.76
C ILE G 154 2.65 59.51 -118.62
N PRO G 155 2.15 58.80 -119.62
CA PRO G 155 0.82 58.17 -119.49
C PRO G 155 0.84 57.07 -118.45
N LYS G 156 -0.36 56.62 -118.09
CA LYS G 156 -0.48 55.54 -117.11
C LYS G 156 -0.19 54.20 -117.78
N PRO G 157 0.69 53.38 -117.21
CA PRO G 157 1.02 52.10 -117.85
C PRO G 157 -0.06 51.05 -117.67
N GLU G 158 -1.08 51.07 -118.53
CA GLU G 158 -2.14 50.09 -118.46
C GLU G 158 -1.59 48.69 -118.69
N PHE G 159 -1.70 47.84 -117.68
CA PHE G 159 -1.21 46.48 -117.71
C PHE G 159 -2.37 45.49 -117.61
N PRO G 160 -2.31 44.37 -118.32
CA PRO G 160 -3.40 43.40 -118.24
C PRO G 160 -3.50 42.80 -116.83
N ARG G 161 -4.74 42.52 -116.41
CA ARG G 161 -4.98 42.01 -115.08
C ARG G 161 -4.45 40.58 -114.94
N ALA G 162 -4.52 40.07 -113.71
CA ALA G 162 -4.01 38.74 -113.41
C ALA G 162 -4.93 37.63 -113.88
N ASP G 163 -6.21 37.92 -114.10
CA ASP G 163 -7.13 36.87 -114.57
C ASP G 163 -6.76 36.40 -115.96
N GLY G 164 -6.34 37.31 -116.84
CA GLY G 164 -5.96 36.94 -118.18
C GLY G 164 -7.08 36.98 -119.20
N ILE G 165 -8.16 37.71 -118.92
CA ILE G 165 -9.31 37.81 -119.83
C ILE G 165 -9.38 39.24 -120.33
N VAL G 166 -9.46 39.40 -121.65
CA VAL G 166 -9.50 40.72 -122.27
C VAL G 166 -10.94 41.05 -122.67
N PRO G 167 -11.38 42.31 -122.54
CA PRO G 167 -12.73 42.66 -122.98
C PRO G 167 -12.88 42.77 -124.49
N GLU G 168 -11.78 42.71 -125.24
CA GLU G 168 -11.86 42.91 -126.68
C GLU G 168 -12.50 41.70 -127.37
N THR G 169 -11.93 40.51 -127.18
CA THR G 169 -12.42 39.29 -127.79
C THR G 169 -13.03 38.40 -126.70
N TRP G 170 -14.35 38.31 -126.70
CA TRP G 170 -15.07 37.51 -125.70
C TRP G 170 -16.33 36.95 -126.32
N ILE G 171 -16.64 35.71 -125.98
CA ILE G 171 -17.84 35.02 -126.45
C ILE G 171 -18.72 34.73 -125.24
N ASP G 172 -20.00 35.09 -125.34
CA ASP G 172 -20.95 34.87 -124.26
C ASP G 172 -21.38 33.41 -124.23
N GLY G 173 -21.21 32.78 -123.07
CA GLY G 173 -21.61 31.40 -122.90
C GLY G 173 -23.09 31.26 -122.66
N PRO G 174 -23.54 30.03 -122.38
CA PRO G 174 -24.97 29.83 -122.11
C PRO G 174 -25.45 30.52 -120.85
N LYS G 175 -24.56 30.74 -119.87
CA LYS G 175 -24.93 31.37 -118.61
C LYS G 175 -24.44 32.81 -118.52
N ASP G 176 -24.37 33.51 -119.65
CA ASP G 176 -23.94 34.89 -119.69
C ASP G 176 -24.96 35.72 -120.46
N THR G 177 -25.15 36.95 -120.01
CA THR G 177 -26.07 37.87 -120.67
C THR G 177 -25.34 38.69 -121.72
N SER G 178 -26.11 39.50 -122.45
CA SER G 178 -25.55 40.41 -123.43
C SER G 178 -25.52 41.83 -122.88
N VAL G 179 -24.87 42.73 -123.62
CA VAL G 179 -24.81 44.12 -123.21
C VAL G 179 -26.20 44.74 -123.21
N GLU G 180 -27.07 44.31 -124.11
CA GLU G 180 -28.43 44.83 -124.15
C GLU G 180 -29.19 44.48 -122.87
N ASP G 181 -29.18 43.20 -122.50
CA ASP G 181 -29.85 42.79 -121.28
C ASP G 181 -29.15 43.31 -120.03
N ALA G 182 -27.87 43.67 -120.13
CA ALA G 182 -27.16 44.23 -118.99
C ALA G 182 -27.52 45.69 -118.76
N LEU G 183 -27.58 46.48 -119.83
CA LEU G 183 -27.91 47.89 -119.74
C LEU G 183 -29.40 48.17 -119.85
N GLU G 184 -30.23 47.14 -119.98
CA GLU G 184 -31.67 47.31 -120.08
C GLU G 184 -32.21 47.88 -118.78
N LYS G 185 -32.70 49.12 -118.83
CA LYS G 185 -33.23 49.81 -117.65
C LYS G 185 -34.74 49.63 -117.61
N THR G 186 -35.23 48.91 -116.60
CA THR G 186 -36.66 48.67 -116.45
C THR G 186 -37.17 49.10 -115.08
N TYR G 187 -36.34 49.74 -114.27
CA TYR G 187 -36.75 50.16 -112.94
C TYR G 187 -37.82 51.25 -113.04
N VAL G 188 -38.98 51.00 -112.44
CA VAL G 188 -40.05 51.99 -112.36
C VAL G 188 -40.01 52.60 -110.97
N PRO G 189 -39.44 53.80 -110.81
CA PRO G 189 -39.25 54.35 -109.47
C PRO G 189 -40.54 54.80 -108.80
N ARG G 190 -41.28 53.88 -108.22
CA ARG G 190 -42.47 54.19 -107.43
C ARG G 190 -42.24 53.78 -105.98
N LEU G 191 -43.23 54.05 -105.14
CA LEU G 191 -43.10 53.93 -103.69
C LEU G 191 -43.70 52.63 -103.15
N LYS G 192 -43.55 51.53 -103.87
CA LYS G 192 -44.05 50.24 -103.40
C LYS G 192 -42.88 49.32 -103.07
N THR G 193 -43.06 48.49 -102.05
CA THR G 193 -42.02 47.57 -101.63
C THR G 193 -41.93 46.41 -102.61
N LEU G 194 -40.83 45.65 -102.49
CA LEU G 194 -40.62 44.50 -103.37
C LEU G 194 -41.69 43.44 -103.14
N GLU G 195 -42.08 43.23 -101.88
CA GLU G 195 -43.12 42.24 -101.58
C GLU G 195 -44.45 42.65 -102.20
N GLU G 196 -44.81 43.92 -102.07
CA GLU G 196 -46.05 44.41 -102.67
C GLU G 196 -46.00 44.29 -104.19
N GLU G 197 -44.85 44.62 -104.79
CA GLU G 197 -44.70 44.48 -106.23
C GLU G 197 -44.91 43.04 -106.66
N VAL G 198 -44.28 42.09 -105.98
CA VAL G 198 -44.39 40.68 -106.35
C VAL G 198 -45.82 40.19 -106.15
N MET G 199 -46.47 40.61 -105.07
CA MET G 199 -47.85 40.18 -104.82
C MET G 199 -48.79 40.71 -105.91
N GLU G 200 -48.71 42.00 -106.21
CA GLU G 200 -49.56 42.57 -107.24
C GLU G 200 -49.22 42.04 -108.62
N ALA G 201 -48.00 41.56 -108.83
CA ALA G 201 -47.65 40.96 -110.12
C ALA G 201 -48.21 39.55 -110.26
N MET G 202 -48.06 38.74 -109.22
CA MET G 202 -48.54 37.36 -109.26
C MET G 202 -50.03 37.24 -108.95
N GLY G 203 -50.70 38.33 -108.61
CA GLY G 203 -52.13 38.26 -108.33
C GLY G 203 -52.48 37.60 -107.03
N ILE G 204 -51.56 37.56 -106.07
CA ILE G 204 -51.81 36.92 -104.79
C ILE G 204 -52.76 37.78 -103.97
N GLN G 205 -53.75 37.15 -103.35
CA GLN G 205 -54.77 37.85 -102.58
C GLN G 205 -54.60 37.51 -101.11
N GLU G 206 -54.46 38.55 -100.28
CA GLU G 206 -54.36 38.39 -98.84
C GLU G 206 -55.32 39.38 -98.17
N THR G 207 -56.25 38.86 -97.38
CA THR G 207 -57.30 39.67 -96.79
C THR G 207 -57.01 40.05 -95.34
N ARG G 208 -56.76 39.07 -94.48
CA ARG G 208 -56.55 39.32 -93.07
C ARG G 208 -55.28 40.17 -92.84
N ARG G 209 -55.26 40.84 -91.70
CA ARG G 209 -54.14 41.71 -91.33
C ARG G 209 -53.62 41.29 -89.96
N HIS G 210 -52.40 41.74 -89.66
CA HIS G 210 -51.78 41.39 -88.38
C HIS G 210 -52.50 42.07 -87.23
N LYS G 211 -52.52 41.38 -86.09
CA LYS G 211 -53.11 41.93 -84.87
C LYS G 211 -52.10 42.87 -84.21
N LYS G 212 -52.40 43.29 -82.98
CA LYS G 212 -51.50 44.17 -82.25
C LYS G 212 -50.40 43.34 -81.59
N VAL G 213 -49.14 43.72 -81.86
CA VAL G 213 -47.98 43.03 -81.30
C VAL G 213 -47.11 44.07 -80.61
N TYR G 214 -46.78 43.82 -79.35
CA TYR G 214 -45.95 44.73 -78.58
C TYR G 214 -44.48 44.56 -78.95
N TRP G 215 -43.70 45.61 -78.71
CA TRP G 215 -42.27 45.62 -79.01
C TRP G 215 -41.52 46.20 -77.82
N TYR G 216 -40.71 45.37 -77.17
CA TYR G 216 -39.89 45.81 -76.05
C TYR G 216 -38.78 44.82 -75.77
N ALA H 30 -62.88 31.21 -35.62
CA ALA H 30 -62.49 29.93 -36.18
C ALA H 30 -60.99 29.90 -36.50
N TYR H 31 -60.59 28.98 -37.36
CA TYR H 31 -59.20 28.84 -37.79
C TYR H 31 -59.17 28.79 -39.31
N GLU H 32 -58.76 29.89 -39.93
CA GLU H 32 -58.67 29.93 -41.39
C GLU H 32 -57.55 29.02 -41.87
N TRP H 33 -57.84 28.22 -42.89
CA TRP H 33 -56.87 27.25 -43.40
C TRP H 33 -55.85 27.86 -44.34
N GLY H 34 -55.80 29.19 -44.45
CA GLY H 34 -54.80 29.84 -45.27
C GLY H 34 -53.59 30.26 -44.45
N VAL H 35 -52.42 30.18 -45.07
CA VAL H 35 -51.16 30.56 -44.45
C VAL H 35 -50.65 31.82 -45.14
N ARG H 36 -50.28 32.82 -44.34
CA ARG H 36 -49.86 34.10 -44.89
C ARG H 36 -48.61 33.98 -45.76
N SER H 37 -47.72 33.04 -45.41
CA SER H 37 -46.48 32.91 -46.16
C SER H 37 -46.71 32.28 -47.54
N THR H 38 -47.70 31.40 -47.66
CA THR H 38 -47.94 30.72 -48.92
C THR H 38 -49.02 31.35 -49.77
N ARG H 39 -49.84 32.23 -49.19
CA ARG H 39 -50.83 32.95 -49.98
C ARG H 39 -50.14 33.95 -50.90
N LYS H 40 -50.87 34.43 -51.88
CA LYS H 40 -50.35 35.46 -52.77
C LYS H 40 -50.16 36.75 -51.98
N PRO H 41 -49.00 37.40 -52.08
CA PRO H 41 -48.77 38.59 -51.26
C PRO H 41 -49.57 39.78 -51.76
N GLU H 42 -50.01 40.61 -50.82
CA GLU H 42 -50.72 41.83 -51.17
C GLU H 42 -49.78 42.75 -51.95
N PRO H 43 -50.28 43.44 -52.97
CA PRO H 43 -49.43 44.39 -53.70
C PRO H 43 -48.86 45.41 -52.75
N PRO H 44 -47.63 45.89 -53.02
CA PRO H 44 -46.98 46.83 -52.11
C PRO H 44 -47.76 48.12 -52.01
N PRO H 45 -47.63 48.84 -50.90
CA PRO H 45 -48.33 50.13 -50.77
C PRO H 45 -47.86 51.11 -51.83
N LEU H 46 -48.80 51.90 -52.34
CA LEU H 46 -48.49 52.87 -53.38
C LEU H 46 -47.51 53.91 -52.85
N ASP H 47 -46.69 54.43 -53.75
CA ASP H 47 -45.68 55.42 -53.37
C ASP H 47 -46.35 56.69 -52.86
N ARG H 48 -45.59 57.46 -52.08
CA ARG H 48 -46.11 58.68 -51.48
C ARG H 48 -46.46 59.76 -52.50
N VAL H 49 -46.07 59.58 -53.76
CA VAL H 49 -46.44 60.55 -54.79
C VAL H 49 -47.91 60.40 -55.19
N TYR H 50 -48.51 59.24 -54.93
CA TYR H 50 -49.90 59.00 -55.31
C TYR H 50 -50.90 59.55 -54.32
N GLU H 51 -50.45 60.03 -53.15
CA GLU H 51 -51.34 60.67 -52.18
C GLU H 51 -51.35 62.18 -52.31
N ILE H 52 -50.68 62.75 -53.30
CA ILE H 52 -50.66 64.19 -53.53
C ILE H 52 -51.81 64.53 -54.47
N PRO H 53 -52.84 65.24 -54.02
CA PRO H 53 -53.96 65.56 -54.91
C PRO H 53 -53.53 66.51 -56.01
N GLY H 54 -53.98 66.21 -57.23
CA GLY H 54 -53.67 67.07 -58.37
C GLY H 54 -52.21 67.07 -58.77
N LEU H 55 -51.57 65.91 -58.82
CA LEU H 55 -50.19 65.80 -59.21
C LEU H 55 -49.97 64.48 -59.95
N GLU H 56 -49.38 64.56 -61.13
CA GLU H 56 -49.09 63.36 -61.90
C GLU H 56 -47.74 62.79 -61.48
N PRO H 57 -47.69 61.55 -60.99
CA PRO H 57 -46.41 60.98 -60.56
C PRO H 57 -45.53 60.63 -61.75
N ILE H 58 -44.22 60.81 -61.56
CA ILE H 58 -43.23 60.49 -62.58
C ILE H 58 -42.82 59.04 -62.40
N THR H 59 -43.28 58.17 -63.29
CA THR H 59 -43.01 56.75 -63.23
C THR H 59 -42.05 56.36 -64.35
N TYR H 60 -41.76 55.06 -64.44
CA TYR H 60 -40.90 54.51 -65.48
C TYR H 60 -41.71 53.85 -66.60
N ALA H 61 -42.99 54.21 -66.73
CA ALA H 61 -43.81 53.63 -67.78
C ALA H 61 -43.39 54.09 -69.18
N GLY H 62 -42.64 55.19 -69.27
CA GLY H 62 -42.20 55.67 -70.57
C GLY H 62 -41.00 54.93 -71.12
N LYS H 63 -40.14 54.41 -70.24
CA LYS H 63 -38.96 53.67 -70.67
C LYS H 63 -39.20 52.17 -70.75
N MET H 64 -40.39 51.70 -70.37
CA MET H 64 -40.78 50.30 -70.52
C MET H 64 -39.86 49.35 -69.76
N HIS H 65 -39.26 49.83 -68.67
CA HIS H 65 -38.42 49.01 -67.82
C HIS H 65 -38.23 49.71 -66.49
N PHE H 66 -37.92 48.91 -65.47
CA PHE H 66 -37.80 49.44 -64.11
C PHE H 66 -36.47 50.17 -63.94
N MET H 67 -36.51 51.25 -63.16
CA MET H 67 -35.33 51.99 -62.74
C MET H 67 -35.57 52.49 -61.32
N PRO H 68 -34.57 52.39 -60.45
CA PRO H 68 -34.77 52.81 -59.06
C PRO H 68 -34.89 54.33 -58.95
N GLY H 69 -35.70 54.76 -57.98
CA GLY H 69 -35.92 56.16 -57.72
C GLY H 69 -37.21 56.72 -58.30
N LEU H 70 -37.84 56.00 -59.22
CA LEU H 70 -39.08 56.44 -59.84
C LEU H 70 -40.28 55.82 -59.14
N ALA H 71 -41.45 56.34 -59.47
CA ALA H 71 -42.69 55.89 -58.85
C ALA H 71 -43.21 54.62 -59.53
N ARG H 72 -44.04 53.88 -58.80
CA ARG H 72 -44.63 52.64 -59.28
C ARG H 72 -45.83 52.95 -60.17
N PRO H 73 -45.75 52.66 -61.47
CA PRO H 73 -46.89 52.95 -62.37
C PRO H 73 -47.98 51.90 -62.21
N VAL H 74 -49.19 52.37 -61.91
CA VAL H 74 -50.36 51.50 -61.83
C VAL H 74 -50.96 51.39 -63.23
N PHE H 75 -51.02 50.17 -63.74
CA PHE H 75 -51.51 50.05 -65.11
C PHE H 75 -52.98 49.66 -65.13
N PRO H 76 -53.74 50.15 -66.10
CA PRO H 76 -55.15 49.78 -66.22
C PRO H 76 -55.30 48.31 -66.56
N PRO H 77 -56.47 47.71 -66.32
CA PRO H 77 -56.67 46.31 -66.69
C PRO H 77 -56.46 46.09 -68.17
N TRP H 78 -55.44 45.30 -68.51
CA TRP H 78 -55.10 45.04 -69.90
C TRP H 78 -56.20 44.23 -70.55
N ASP H 79 -56.82 44.81 -71.59
CA ASP H 79 -57.95 44.17 -72.27
C ASP H 79 -57.49 43.68 -73.64
N PRO H 80 -57.47 42.36 -73.87
CA PRO H 80 -57.13 41.86 -75.21
C PRO H 80 -58.28 42.04 -76.19
N GLY H 81 -58.35 43.21 -76.81
CA GLY H 81 -59.43 43.58 -77.72
C GLY H 81 -59.88 42.49 -78.65
N TRP H 82 -58.94 41.70 -79.17
CA TRP H 82 -59.24 40.52 -79.97
C TRP H 82 -59.21 39.29 -79.07
N THR H 83 -60.27 38.49 -79.14
CA THR H 83 -60.42 37.35 -78.25
C THR H 83 -59.48 36.23 -78.64
N HIS H 84 -58.58 35.86 -77.74
CA HIS H 84 -57.74 34.69 -77.98
C HIS H 84 -58.29 33.49 -77.23
N PRO H 85 -58.43 32.35 -77.89
CA PRO H 85 -59.08 31.19 -77.25
C PRO H 85 -58.26 30.61 -76.10
N LYS H 86 -56.98 30.32 -76.37
CA LYS H 86 -56.18 29.56 -75.42
C LYS H 86 -55.73 30.40 -74.23
N PHE H 87 -55.32 31.65 -74.47
CA PHE H 87 -54.70 32.48 -73.45
C PHE H 87 -55.64 33.54 -72.90
N ARG H 88 -56.92 33.22 -72.75
CA ARG H 88 -57.87 34.12 -72.11
C ARG H 88 -58.32 33.56 -70.78
N ARG H 89 -58.92 34.42 -69.96
CA ARG H 89 -59.43 34.00 -68.67
C ARG H 89 -60.69 33.15 -68.86
N LEU H 90 -61.00 32.37 -67.84
CA LEU H 90 -62.19 31.54 -67.89
C LEU H 90 -63.42 32.36 -67.52
N PRO H 91 -64.49 32.30 -68.32
CA PRO H 91 -65.68 33.07 -67.99
C PRO H 91 -66.31 32.57 -66.69
N PRO H 92 -67.06 33.41 -65.99
CA PRO H 92 -67.66 32.99 -64.73
C PRO H 92 -68.72 31.92 -64.94
N LEU H 93 -69.18 31.36 -63.82
CA LEU H 93 -70.19 30.31 -63.88
C LEU H 93 -71.56 30.87 -64.24
N HIS H 94 -71.90 32.04 -63.69
CA HIS H 94 -73.21 32.64 -63.94
C HIS H 94 -73.34 33.21 -65.35
N GLU H 95 -72.23 33.34 -66.08
CA GLU H 95 -72.32 33.85 -67.44
C GLU H 95 -72.89 32.82 -68.39
N HIS H 96 -72.66 31.53 -68.13
CA HIS H 96 -73.11 30.49 -69.03
C HIS H 96 -74.63 30.50 -69.16
N PRO H 97 -75.17 30.22 -70.34
CA PRO H 97 -76.64 30.25 -70.48
C PRO H 97 -77.35 29.17 -69.69
N LEU H 98 -76.70 28.04 -69.43
CA LEU H 98 -77.30 26.96 -68.66
C LEU H 98 -77.24 27.21 -67.15
N TYR H 99 -76.73 28.36 -66.72
CA TYR H 99 -76.66 28.65 -65.29
C TYR H 99 -78.05 28.87 -64.72
N LYS H 100 -78.40 28.11 -63.68
CA LYS H 100 -79.70 28.17 -63.07
C LYS H 100 -79.56 28.39 -61.57
N ASP H 101 -80.62 28.93 -60.97
CA ASP H 101 -80.57 29.26 -59.54
C ASP H 101 -80.77 28.02 -58.67
N GLN H 102 -81.69 27.15 -59.05
CA GLN H 102 -81.93 25.93 -58.30
C GLN H 102 -80.77 24.95 -58.50
N ALA H 103 -80.05 24.66 -57.43
CA ALA H 103 -78.90 23.76 -57.51
C ALA H 103 -79.37 22.34 -57.78
N CYS H 104 -78.68 21.65 -58.68
CA CYS H 104 -79.00 20.28 -59.04
C CYS H 104 -77.93 19.35 -58.50
N TYR H 105 -78.37 18.24 -57.90
CA TYR H 105 -77.45 17.26 -57.31
C TYR H 105 -77.20 16.16 -58.34
N VAL H 106 -76.10 16.29 -59.07
CA VAL H 106 -75.73 15.36 -60.12
C VAL H 106 -75.03 14.15 -59.51
N PHE H 107 -75.24 12.99 -60.12
CA PHE H 107 -74.60 11.74 -59.72
C PHE H 107 -73.89 11.17 -60.95
N HIS H 108 -72.57 11.20 -60.95
CA HIS H 108 -71.79 10.68 -62.04
C HIS H 108 -71.29 9.27 -61.70
N GLN H 109 -70.42 8.73 -62.55
CA GLN H 109 -69.97 7.35 -62.39
C GLN H 109 -69.11 7.19 -61.14
N ARG H 110 -68.26 8.18 -60.85
CA ARG H 110 -67.31 8.10 -59.74
C ARG H 110 -67.82 8.77 -58.48
N CYS H 111 -69.13 8.78 -58.26
CA CYS H 111 -69.69 9.34 -57.03
C CYS H 111 -69.68 8.30 -55.92
N ARG H 112 -69.60 8.78 -54.68
CA ARG H 112 -69.59 7.94 -53.50
C ARG H 112 -70.76 8.30 -52.59
N LEU H 113 -71.37 7.29 -52.00
CA LEU H 113 -72.45 7.47 -51.05
C LEU H 113 -71.99 6.95 -49.69
N LEU H 114 -72.30 7.72 -48.63
CA LEU H 114 -71.93 7.29 -47.29
C LEU H 114 -72.70 6.05 -46.88
N GLU H 115 -74.02 6.15 -46.81
CA GLU H 115 -74.89 4.99 -46.60
C GLU H 115 -75.47 4.57 -47.95
N GLY H 116 -74.61 3.92 -48.74
CA GLY H 116 -74.88 3.61 -50.13
C GLY H 116 -76.24 3.02 -50.42
N VAL H 117 -76.51 1.81 -49.93
CA VAL H 117 -77.76 1.14 -50.25
C VAL H 117 -78.95 1.92 -49.69
N LYS H 118 -78.82 2.40 -48.44
CA LYS H 118 -79.94 3.11 -47.82
C LYS H 118 -80.25 4.41 -48.54
N GLN H 119 -79.23 5.22 -48.82
CA GLN H 119 -79.45 6.47 -49.53
C GLN H 119 -79.98 6.23 -50.94
N ALA H 120 -79.49 5.18 -51.61
CA ALA H 120 -79.97 4.85 -52.94
C ALA H 120 -81.45 4.48 -52.91
N LEU H 121 -81.84 3.62 -51.97
CA LEU H 121 -83.24 3.24 -51.84
C LEU H 121 -84.11 4.45 -51.51
N TRP H 122 -83.61 5.35 -50.65
CA TRP H 122 -84.41 6.50 -50.26
C TRP H 122 -84.58 7.48 -51.42
N LEU H 123 -83.54 7.65 -52.24
CA LEU H 123 -83.66 8.55 -53.38
C LEU H 123 -84.38 7.91 -54.56
N THR H 124 -84.50 6.59 -54.57
CA THR H 124 -85.12 5.89 -55.68
C THR H 124 -86.55 5.46 -55.41
N LYS H 125 -87.00 5.47 -54.15
CA LYS H 125 -88.30 4.95 -53.76
C LYS H 125 -88.45 3.49 -54.21
N THR H 126 -87.59 2.65 -53.65
CA THR H 126 -87.51 1.25 -54.03
C THR H 126 -87.45 0.37 -52.79
N GLN H 127 -88.03 -0.82 -52.91
CA GLN H 127 -87.97 -1.83 -51.88
C GLN H 127 -86.90 -2.86 -52.22
N LEU H 128 -86.06 -3.18 -51.24
CA LEU H 128 -84.93 -4.07 -51.44
C LEU H 128 -85.34 -5.52 -51.20
N ILE H 129 -84.83 -6.42 -52.05
CA ILE H 129 -85.02 -7.85 -51.89
C ILE H 129 -83.66 -8.52 -51.98
N GLU H 130 -83.41 -9.48 -51.08
CA GLU H 130 -82.10 -10.12 -51.02
C GLU H 130 -81.92 -11.10 -52.17
N GLY H 131 -82.79 -12.11 -52.25
CA GLY H 131 -82.65 -13.11 -53.27
C GLY H 131 -83.08 -12.62 -54.64
N LEU H 132 -82.61 -13.32 -55.67
CA LEU H 132 -82.97 -12.99 -57.03
C LEU H 132 -84.42 -13.39 -57.31
N PRO H 133 -85.03 -12.85 -58.35
CA PRO H 133 -86.42 -13.20 -58.67
C PRO H 133 -86.58 -14.69 -58.96
N GLU H 134 -87.84 -15.13 -58.90
CA GLU H 134 -88.14 -16.54 -59.06
C GLU H 134 -87.81 -17.02 -60.46
N LYS H 135 -88.12 -16.22 -61.48
CA LYS H 135 -87.82 -16.61 -62.85
C LYS H 135 -86.32 -16.71 -63.08
N VAL H 136 -85.56 -15.78 -62.49
CA VAL H 136 -84.11 -15.83 -62.60
C VAL H 136 -83.56 -17.08 -61.91
N LEU H 137 -84.10 -17.40 -60.73
CA LEU H 137 -83.66 -18.60 -60.03
C LEU H 137 -83.98 -19.86 -60.81
N ARG H 138 -85.14 -19.89 -61.48
CA ARG H 138 -85.48 -21.05 -62.30
C ARG H 138 -84.55 -21.16 -63.50
N LEU H 139 -84.33 -20.05 -64.21
CA LEU H 139 -83.43 -20.06 -65.36
C LEU H 139 -82.01 -20.45 -64.95
N ALA H 140 -81.61 -20.15 -63.72
CA ALA H 140 -80.31 -20.56 -63.24
C ALA H 140 -80.29 -22.06 -62.92
N ASP H 141 -81.19 -22.50 -62.05
CA ASP H 141 -81.22 -23.88 -61.59
C ASP H 141 -81.62 -24.87 -62.67
N ASP H 142 -82.09 -24.42 -63.82
CA ASP H 142 -82.41 -25.33 -64.91
C ASP H 142 -81.13 -25.89 -65.51
N PRO H 143 -80.88 -27.20 -65.41
CA PRO H 143 -79.64 -27.76 -65.97
C PRO H 143 -79.61 -27.81 -67.48
N ARG H 144 -80.77 -27.68 -68.14
CA ARG H 144 -80.82 -27.77 -69.60
C ARG H 144 -80.13 -26.59 -70.28
N ASN H 145 -80.01 -25.46 -69.61
CA ASN H 145 -79.44 -24.25 -70.19
C ASN H 145 -77.97 -24.07 -69.82
N HIS H 146 -77.28 -25.14 -69.43
CA HIS H 146 -75.87 -25.07 -69.08
C HIS H 146 -75.00 -25.23 -70.32
N ILE H 147 -73.71 -24.95 -70.15
CA ILE H 147 -72.74 -25.06 -71.23
C ILE H 147 -72.34 -26.52 -71.37
N GLU H 148 -71.64 -26.85 -72.46
CA GLU H 148 -71.18 -28.21 -72.68
C GLU H 148 -70.28 -28.68 -71.54
N ASN H 149 -69.13 -28.02 -71.37
CA ASN H 149 -68.21 -28.29 -70.26
C ASN H 149 -68.10 -27.00 -69.46
N GLN H 150 -69.06 -26.79 -68.56
CA GLN H 150 -69.23 -25.47 -67.94
C GLN H 150 -68.14 -25.19 -66.92
N ASP H 151 -67.91 -26.14 -65.99
CA ASP H 151 -66.91 -25.93 -64.95
C ASP H 151 -65.53 -25.73 -65.54
N GLU H 152 -65.14 -26.60 -66.49
CA GLU H 152 -63.82 -26.49 -67.08
C GLU H 152 -63.69 -25.22 -67.92
N ARG H 153 -64.76 -24.84 -68.65
CA ARG H 153 -64.72 -23.60 -69.40
C ARG H 153 -64.52 -22.40 -68.49
N VAL H 154 -65.25 -22.35 -67.37
CA VAL H 154 -65.13 -21.22 -66.46
C VAL H 154 -63.75 -21.20 -65.80
N LEU H 155 -63.21 -22.37 -65.47
CA LEU H 155 -61.87 -22.42 -64.88
C LEU H 155 -60.82 -21.95 -65.88
N ASN H 156 -60.93 -22.37 -67.14
CA ASN H 156 -60.01 -21.90 -68.17
C ASN H 156 -60.13 -20.39 -68.36
N ALA H 157 -61.36 -19.86 -68.31
CA ALA H 157 -61.54 -18.43 -68.47
C ALA H 157 -60.92 -17.67 -67.29
N ILE H 158 -61.13 -18.16 -66.07
CA ILE H 158 -60.53 -17.52 -64.90
C ILE H 158 -59.01 -17.54 -65.00
N SER H 159 -58.45 -18.67 -65.40
CA SER H 159 -56.99 -18.77 -65.52
C SER H 159 -56.46 -17.83 -66.60
N HIS H 160 -57.14 -17.78 -67.75
CA HIS H 160 -56.71 -16.87 -68.82
C HIS H 160 -56.79 -15.42 -68.36
N ALA H 161 -57.83 -15.07 -67.60
CA ALA H 161 -57.98 -13.68 -67.18
C ALA H 161 -56.95 -13.31 -66.12
N ARG H 162 -56.70 -14.18 -65.16
CA ARG H 162 -55.88 -13.83 -64.00
C ARG H 162 -54.40 -14.04 -64.23
N LEU H 163 -54.01 -14.99 -65.08
CA LEU H 163 -52.61 -15.33 -65.25
C LEU H 163 -52.14 -15.31 -66.70
N TRP H 164 -52.97 -15.70 -67.65
CA TRP H 164 -52.52 -15.96 -69.00
C TRP H 164 -52.68 -14.77 -69.95
N HIS H 165 -53.58 -13.83 -69.65
CA HIS H 165 -53.85 -12.75 -70.60
C HIS H 165 -52.71 -11.74 -70.70
N SER H 166 -51.69 -11.83 -69.85
CA SER H 166 -50.58 -10.90 -69.88
C SER H 166 -49.26 -11.66 -69.78
N THR H 167 -48.24 -11.11 -70.45
CA THR H 167 -46.91 -11.69 -70.36
C THR H 167 -46.30 -11.52 -68.98
N GLU H 168 -46.83 -10.61 -68.17
CA GLU H 168 -46.33 -10.43 -66.81
C GLU H 168 -46.72 -11.60 -65.93
N ASP H 169 -46.01 -11.73 -64.81
CA ASP H 169 -46.27 -12.83 -63.89
C ASP H 169 -47.47 -12.54 -62.98
N ILE H 170 -47.68 -11.27 -62.64
CA ILE H 170 -48.80 -10.87 -61.79
C ILE H 170 -49.54 -9.72 -62.46
N PRO H 171 -50.59 -9.99 -63.24
CA PRO H 171 -51.31 -8.91 -63.91
C PRO H 171 -52.04 -8.02 -62.92
N LYS H 172 -52.39 -6.83 -63.41
CA LYS H 172 -53.06 -5.83 -62.60
C LYS H 172 -54.58 -5.96 -62.72
N ARG H 173 -55.27 -5.49 -61.68
CA ARG H 173 -56.73 -5.59 -61.66
C ARG H 173 -57.36 -4.76 -62.77
N GLU H 174 -56.83 -3.56 -63.02
CA GLU H 174 -57.30 -2.74 -64.12
C GLU H 174 -57.21 -3.46 -65.46
N THR H 175 -56.40 -4.52 -65.55
CA THR H 175 -56.29 -5.33 -66.75
C THR H 175 -57.18 -6.56 -66.69
N TYR H 176 -57.16 -7.30 -65.59
CA TYR H 176 -57.88 -8.57 -65.55
C TYR H 176 -59.35 -8.44 -65.15
N CYS H 177 -59.83 -7.24 -64.86
CA CYS H 177 -61.26 -7.09 -64.65
C CYS H 177 -62.03 -7.06 -65.98
N PRO H 178 -61.69 -6.17 -66.92
CA PRO H 178 -62.42 -6.18 -68.19
C PRO H 178 -62.20 -7.45 -68.99
N VAL H 179 -61.02 -8.07 -68.87
CA VAL H 179 -60.76 -9.31 -69.59
C VAL H 179 -61.66 -10.43 -69.09
N ILE H 180 -61.80 -10.55 -67.76
CA ILE H 180 -62.65 -11.60 -67.23
C ILE H 180 -64.11 -11.30 -67.52
N VAL H 181 -64.50 -10.02 -67.56
CA VAL H 181 -65.87 -9.69 -67.92
C VAL H 181 -66.15 -10.06 -69.36
N ASP H 182 -65.21 -9.77 -70.26
CA ASP H 182 -65.37 -10.15 -71.66
C ASP H 182 -65.39 -11.67 -71.82
N SER H 183 -64.58 -12.37 -71.03
CA SER H 183 -64.58 -13.84 -71.10
C SER H 183 -65.93 -14.41 -70.70
N LEU H 184 -66.50 -13.91 -69.60
CA LEU H 184 -67.82 -14.38 -69.20
C LEU H 184 -68.89 -13.99 -70.21
N ILE H 185 -68.77 -12.80 -70.81
CA ILE H 185 -69.72 -12.38 -71.84
C ILE H 185 -69.66 -13.32 -73.03
N GLN H 186 -68.45 -13.74 -73.43
CA GLN H 186 -68.32 -14.64 -74.56
C GLN H 186 -68.82 -16.04 -74.20
N LEU H 187 -68.59 -16.48 -72.97
CA LEU H 187 -69.12 -17.77 -72.54
C LEU H 187 -70.64 -17.77 -72.58
N CYS H 188 -71.27 -16.64 -72.23
CA CYS H 188 -72.72 -16.55 -72.32
C CYS H 188 -73.19 -16.43 -73.77
N LYS H 189 -72.41 -15.74 -74.61
CA LYS H 189 -72.73 -15.66 -76.03
C LYS H 189 -72.68 -17.02 -76.71
N SER H 190 -71.82 -17.91 -76.21
CA SER H 190 -71.69 -19.24 -76.79
C SER H 190 -72.97 -20.06 -76.71
N GLN H 191 -74.00 -19.58 -76.01
CA GLN H 191 -75.27 -20.28 -75.91
C GLN H 191 -76.25 -19.86 -77.00
N ILE H 192 -75.85 -18.96 -77.90
CA ILE H 192 -76.71 -18.56 -79.00
C ILE H 192 -76.94 -19.71 -79.97
N LEU H 193 -76.07 -20.73 -79.95
CA LEU H 193 -76.29 -21.91 -80.78
C LEU H 193 -77.55 -22.65 -80.35
N LYS H 194 -77.77 -22.77 -79.04
CA LYS H 194 -78.97 -23.43 -78.55
C LYS H 194 -80.16 -22.47 -78.50
N HIS H 195 -79.93 -21.20 -78.20
CA HIS H 195 -81.01 -20.21 -78.13
C HIS H 195 -80.83 -19.17 -79.22
N PRO H 196 -81.53 -19.28 -80.35
CA PRO H 196 -81.40 -18.32 -81.46
C PRO H 196 -82.22 -17.05 -81.25
N SER H 197 -82.12 -16.46 -80.05
CA SER H 197 -82.80 -15.22 -79.74
C SER H 197 -81.87 -14.12 -79.24
N LEU H 198 -80.59 -14.41 -78.99
CA LEU H 198 -79.65 -13.43 -78.51
C LEU H 198 -79.18 -12.48 -79.61
N ALA H 199 -79.60 -12.68 -80.85
CA ALA H 199 -79.21 -11.78 -81.93
C ALA H 199 -79.91 -10.43 -81.87
N ARG H 200 -80.94 -10.29 -81.03
CA ARG H 200 -81.65 -9.03 -80.87
C ARG H 200 -80.96 -8.05 -79.94
N ARG H 201 -79.67 -8.27 -79.65
CA ARG H 201 -78.93 -7.44 -78.72
C ARG H 201 -77.72 -6.82 -79.40
N ILE H 202 -77.17 -5.79 -78.76
CA ILE H 202 -75.96 -5.12 -79.23
C ILE H 202 -75.35 -4.37 -78.06
N CYS H 203 -74.03 -4.29 -78.05
CA CYS H 203 -73.31 -3.66 -76.95
C CYS H 203 -72.84 -2.25 -77.33
N ALA H 204 -72.63 -1.42 -76.32
CA ALA H 204 -72.14 -0.07 -76.51
C ALA H 204 -71.21 0.29 -75.35
N GLN H 205 -70.28 1.20 -75.63
CA GLN H 205 -69.27 1.63 -74.66
C GLN H 205 -69.26 3.14 -74.57
N ASN H 206 -69.29 3.66 -73.34
CA ASN H 206 -69.15 5.09 -73.06
C ASN H 206 -70.24 5.89 -73.77
N ASN H 207 -71.48 5.63 -73.38
CA ASN H 207 -72.64 6.36 -73.89
C ASN H 207 -73.18 7.28 -72.80
N THR H 208 -73.60 8.48 -73.19
CA THR H 208 -74.09 9.45 -72.23
C THR H 208 -75.48 9.08 -71.74
N LEU H 209 -75.70 9.26 -70.44
CA LEU H 209 -76.97 8.97 -69.80
C LEU H 209 -77.36 10.16 -68.95
N SER H 210 -78.62 10.58 -69.04
CA SER H 210 -79.11 11.74 -68.30
C SER H 210 -80.57 11.49 -67.94
N ALA H 211 -80.86 11.45 -66.63
CA ALA H 211 -82.22 11.29 -66.14
C ALA H 211 -82.36 12.09 -64.86
N THR H 212 -83.13 13.16 -64.91
CA THR H 212 -83.33 14.04 -63.76
C THR H 212 -84.77 13.96 -63.29
N TRP H 213 -84.98 14.26 -62.00
CA TRP H 213 -86.32 14.22 -61.42
C TRP H 213 -86.32 15.03 -60.13
N ASN H 214 -87.49 15.59 -59.82
CA ASN H 214 -87.68 16.35 -58.59
C ASN H 214 -88.36 15.44 -57.57
N ARG H 215 -87.61 15.05 -56.55
CA ARG H 215 -88.13 14.20 -55.48
C ARG H 215 -87.98 14.92 -54.14
N GLU H 216 -89.09 15.04 -53.41
CA GLU H 216 -89.11 15.67 -52.10
C GLU H 216 -88.55 17.10 -52.16
N SER H 217 -88.99 17.84 -53.18
CA SER H 217 -88.53 19.20 -53.46
C SER H 217 -87.02 19.28 -53.63
N ILE H 218 -86.38 18.17 -54.01
CA ILE H 218 -84.94 18.10 -54.25
C ILE H 218 -84.73 17.59 -55.66
N LEU H 219 -84.03 18.37 -56.47
CA LEU H 219 -83.82 18.05 -57.88
C LEU H 219 -82.58 17.18 -58.02
N LEU H 220 -82.78 15.88 -58.22
CA LEU H 220 -81.69 14.95 -58.46
C LEU H 220 -81.54 14.68 -59.95
N GLN H 221 -80.37 14.19 -60.33
CA GLN H 221 -80.08 13.91 -61.73
C GLN H 221 -78.97 12.87 -61.82
N VAL H 222 -79.30 11.69 -62.31
CA VAL H 222 -78.29 10.69 -62.66
C VAL H 222 -77.76 11.04 -64.05
N HIS H 223 -76.52 11.54 -64.11
CA HIS H 223 -75.96 12.04 -65.35
C HIS H 223 -74.50 11.60 -65.45
N GLY H 224 -74.15 10.98 -66.57
CA GLY H 224 -72.79 10.54 -66.78
C GLY H 224 -72.65 9.50 -67.87
N SER H 225 -71.84 8.47 -67.63
CA SER H 225 -71.68 7.40 -68.60
C SER H 225 -71.23 6.14 -67.86
N SER H 226 -71.80 5.01 -68.25
CA SER H 226 -71.51 3.73 -67.61
C SER H 226 -70.38 3.01 -68.34
N GLY H 227 -69.97 1.88 -67.77
CA GLY H 227 -68.89 1.10 -68.35
C GLY H 227 -69.28 0.45 -69.66
N ALA H 228 -70.20 -0.51 -69.60
CA ALA H 228 -70.70 -1.18 -70.80
C ALA H 228 -72.21 -1.23 -70.75
N ARG H 229 -72.86 -1.14 -71.91
CA ARG H 229 -74.32 -1.11 -71.98
C ARG H 229 -74.78 -2.03 -73.09
N LEU H 230 -75.31 -3.19 -72.72
CA LEU H 230 -75.93 -4.11 -73.66
C LEU H 230 -77.41 -3.80 -73.77
N ASN H 231 -77.85 -3.42 -74.97
CA ASN H 231 -79.23 -3.09 -75.25
C ASN H 231 -79.82 -4.11 -76.20
N ALA H 232 -81.14 -4.05 -76.36
CA ALA H 232 -81.84 -5.03 -77.18
C ALA H 232 -83.05 -4.38 -77.83
N LYS H 233 -83.60 -5.10 -78.82
CA LYS H 233 -84.79 -4.63 -79.51
C LYS H 233 -86.05 -4.87 -78.68
N ASP H 234 -86.17 -6.04 -78.07
CA ASP H 234 -87.35 -6.40 -77.32
C ASP H 234 -87.18 -6.07 -75.84
N PRO H 235 -88.23 -5.59 -75.18
CA PRO H 235 -88.11 -5.26 -73.76
C PRO H 235 -88.03 -6.50 -72.90
N LEU H 236 -87.75 -6.29 -71.63
CA LEU H 236 -87.67 -7.39 -70.67
C LEU H 236 -89.01 -7.54 -69.98
N PRO H 237 -89.52 -8.77 -69.83
CA PRO H 237 -90.84 -8.94 -69.24
C PRO H 237 -90.84 -8.58 -67.76
N PRO H 238 -91.89 -7.97 -67.26
CA PRO H 238 -91.95 -7.63 -65.82
C PRO H 238 -91.97 -8.90 -64.98
N VAL H 239 -91.11 -8.93 -63.96
CA VAL H 239 -90.94 -10.12 -63.14
C VAL H 239 -91.64 -10.02 -61.78
N ALA H 240 -91.99 -8.82 -61.33
CA ALA H 240 -92.67 -8.67 -60.05
C ALA H 240 -94.15 -8.96 -60.22
N SER H 241 -94.73 -9.61 -59.21
CA SER H 241 -96.14 -9.97 -59.24
C SER H 241 -97.00 -8.83 -58.68
N GLN H 242 -98.28 -8.88 -59.03
CA GLN H 242 -99.22 -7.85 -58.58
C GLN H 242 -99.35 -7.85 -57.07
N GLU H 243 -99.26 -9.02 -56.43
CA GLU H 243 -99.31 -9.07 -54.98
C GLU H 243 -98.16 -8.28 -54.36
N GLU H 244 -96.94 -8.49 -54.86
CA GLU H 244 -95.79 -7.75 -54.36
C GLU H 244 -95.92 -6.26 -54.67
N VAL H 245 -96.42 -5.92 -55.86
CA VAL H 245 -96.56 -4.51 -56.22
C VAL H 245 -97.55 -3.81 -55.28
N GLU H 246 -98.67 -4.48 -54.96
CA GLU H 246 -99.66 -3.86 -54.09
C GLU H 246 -99.18 -3.83 -52.64
N ALA H 247 -98.43 -4.85 -52.21
CA ALA H 247 -97.89 -4.85 -50.85
C ALA H 247 -96.75 -3.85 -50.68
N THR H 248 -96.10 -3.45 -51.78
CA THR H 248 -95.02 -2.47 -51.69
C THR H 248 -95.51 -1.14 -51.13
N LYS H 249 -96.79 -0.83 -51.29
CA LYS H 249 -97.33 0.41 -50.74
C LYS H 249 -97.22 0.44 -49.22
N ASN H 250 -97.37 -0.73 -48.58
CA ASN H 250 -97.29 -0.81 -47.13
C ASN H 250 -95.86 -0.69 -46.61
N HIS H 251 -94.86 -0.80 -47.47
CA HIS H 251 -93.47 -0.72 -47.07
C HIS H 251 -93.01 0.74 -47.05
N VAL H 252 -92.42 1.15 -45.93
CA VAL H 252 -91.96 2.52 -45.74
C VAL H 252 -90.43 2.53 -45.80
N LEU H 253 -89.88 3.50 -46.51
CA LEU H 253 -88.44 3.61 -46.65
C LEU H 253 -87.80 4.03 -45.34
N GLU H 254 -86.64 3.44 -45.04
CA GLU H 254 -85.91 3.78 -43.84
C GLU H 254 -85.36 5.19 -43.93
N THR H 255 -85.53 5.97 -42.87
CA THR H 255 -85.11 7.36 -42.84
C THR H 255 -83.88 7.52 -41.93
N PHE H 256 -83.07 8.53 -42.25
CA PHE H 256 -81.88 8.85 -41.47
C PHE H 256 -81.86 10.36 -41.22
N TYR H 257 -81.98 10.73 -39.95
CA TYR H 257 -82.05 12.14 -39.55
C TYR H 257 -80.69 12.85 -39.62
N PRO H 258 -79.62 12.30 -39.03
CA PRO H 258 -78.35 13.05 -39.03
C PRO H 258 -77.76 13.24 -40.41
N ILE H 259 -77.90 12.25 -41.30
CA ILE H 259 -77.33 12.30 -42.64
C ILE H 259 -78.39 12.74 -43.62
N SER H 260 -78.08 13.75 -44.42
CA SER H 260 -79.01 14.13 -45.48
C SER H 260 -78.90 13.16 -46.65
N PRO H 261 -80.00 12.88 -47.34
CA PRO H 261 -79.96 11.91 -48.45
C PRO H 261 -79.07 12.34 -49.60
N THR H 262 -78.76 13.63 -49.73
CA THR H 262 -77.95 14.13 -50.84
C THR H 262 -76.46 14.04 -50.57
N MET H 263 -76.04 13.17 -49.66
CA MET H 263 -74.62 13.04 -49.34
C MET H 263 -73.87 12.39 -50.50
N GLY H 264 -72.84 13.08 -50.99
CA GLY H 264 -71.98 12.56 -52.03
C GLY H 264 -72.26 13.09 -53.42
N LEU H 265 -73.46 13.61 -53.68
CA LEU H 265 -73.80 14.11 -54.99
C LEU H 265 -73.15 15.47 -55.24
N GLN H 266 -72.80 15.73 -56.49
CA GLN H 266 -72.14 16.98 -56.85
C GLN H 266 -73.18 18.08 -57.03
N GLU H 267 -73.06 19.15 -56.26
CA GLU H 267 -73.99 20.26 -56.33
C GLU H 267 -73.56 21.21 -57.43
N CYS H 268 -74.33 21.25 -58.52
CA CYS H 268 -73.98 22.04 -59.70
C CYS H 268 -75.09 23.04 -60.00
N ASN H 269 -74.74 24.02 -60.84
CA ASN H 269 -75.69 25.05 -61.26
C ASN H 269 -75.95 25.08 -62.77
N VAL H 270 -75.05 24.55 -63.58
CA VAL H 270 -75.22 24.50 -65.03
C VAL H 270 -75.67 23.08 -65.40
N TYR H 271 -76.89 22.97 -65.91
CA TYR H 271 -77.45 21.68 -66.29
C TYR H 271 -78.61 21.93 -67.23
N ASP H 272 -79.26 20.84 -67.65
CA ASP H 272 -80.41 20.91 -68.54
C ASP H 272 -81.41 19.84 -68.14
N VAL H 273 -82.68 20.22 -68.08
CA VAL H 273 -83.74 19.27 -67.73
C VAL H 273 -84.22 18.68 -69.05
N ASN H 274 -83.52 17.64 -69.50
CA ASN H 274 -83.82 16.96 -70.75
C ASN H 274 -83.53 15.48 -70.59
N ASP H 275 -84.53 14.65 -70.85
CA ASP H 275 -84.38 13.20 -70.74
C ASP H 275 -83.57 12.71 -71.93
N ASP H 276 -82.25 12.73 -71.78
CA ASP H 276 -81.32 12.34 -72.83
C ASP H 276 -80.81 10.93 -72.52
N THR H 277 -81.29 9.94 -73.27
CA THR H 277 -80.86 8.56 -73.10
C THR H 277 -79.55 8.34 -73.84
N GLY H 278 -79.14 7.07 -73.96
CA GLY H 278 -77.87 6.74 -74.58
C GLY H 278 -77.82 6.87 -76.08
N PHE H 279 -78.97 7.04 -76.74
CA PHE H 279 -79.02 7.13 -78.19
C PHE H 279 -80.01 8.21 -78.59
N GLN H 280 -80.18 8.38 -79.89
CA GLN H 280 -81.17 9.31 -80.43
C GLN H 280 -82.48 8.58 -80.66
N GLU H 281 -83.41 9.23 -81.36
CA GLU H 281 -84.69 8.61 -81.65
C GLU H 281 -84.55 7.55 -82.74
N GLY H 282 -85.44 6.55 -82.69
CA GLY H 282 -85.44 5.51 -83.69
C GLY H 282 -84.27 4.55 -83.61
N TYR H 283 -83.67 4.39 -82.43
CA TYR H 283 -82.56 3.47 -82.29
C TYR H 283 -83.06 2.04 -82.40
N PRO H 284 -82.32 1.17 -83.11
CA PRO H 284 -82.84 -0.19 -83.35
C PRO H 284 -82.93 -1.04 -82.09
N TYR H 285 -82.07 -0.81 -81.09
CA TYR H 285 -82.02 -1.62 -79.87
C TYR H 285 -82.34 -0.72 -78.68
N PRO H 286 -83.61 -0.38 -78.47
CA PRO H 286 -83.93 0.64 -77.47
C PRO H 286 -83.76 0.18 -76.03
N CYS H 287 -84.21 -1.02 -75.69
CA CYS H 287 -84.37 -1.39 -74.28
C CYS H 287 -83.04 -1.85 -73.70
N PRO H 288 -82.49 -1.15 -72.71
CA PRO H 288 -81.22 -1.59 -72.11
C PRO H 288 -81.41 -2.84 -71.27
N HIS H 289 -80.83 -3.95 -71.72
CA HIS H 289 -80.95 -5.22 -71.02
C HIS H 289 -79.95 -5.37 -69.88
N THR H 290 -78.70 -4.95 -70.08
CA THR H 290 -77.70 -5.20 -69.04
C THR H 290 -76.66 -4.09 -69.00
N LEU H 291 -76.47 -3.51 -67.82
CA LEU H 291 -75.35 -2.61 -67.58
C LEU H 291 -74.19 -3.39 -66.97
N TYR H 292 -72.97 -2.97 -67.29
CA TYR H 292 -71.76 -3.61 -66.81
C TYR H 292 -70.85 -2.56 -66.19
N PHE H 293 -70.55 -2.70 -64.91
CA PHE H 293 -69.66 -1.81 -64.18
C PHE H 293 -68.42 -2.56 -63.75
N LEU H 294 -67.27 -1.90 -63.84
CA LEU H 294 -65.97 -2.51 -63.54
C LEU H 294 -65.29 -1.74 -62.43
N GLU H 295 -64.67 -2.47 -61.50
CA GLU H 295 -63.81 -1.86 -60.49
C GLU H 295 -62.34 -1.97 -60.88
N SER H 296 -62.00 -1.29 -61.97
CA SER H 296 -60.63 -1.30 -62.50
C SER H 296 -59.79 -0.30 -61.71
N ALA H 297 -59.34 -0.76 -60.53
CA ALA H 297 -58.52 0.06 -59.67
C ALA H 297 -57.56 -0.83 -58.90
N ASN H 298 -56.26 -0.61 -59.10
CA ASN H 298 -55.23 -1.42 -58.45
C ASN H 298 -55.04 -1.08 -56.98
N LEU H 299 -55.79 -0.11 -56.46
CA LEU H 299 -55.62 0.36 -55.09
C LEU H 299 -56.92 0.20 -54.32
N ARG H 300 -56.81 -0.29 -53.09
CA ARG H 300 -57.95 -0.30 -52.18
C ARG H 300 -58.63 1.07 -52.06
N PRO H 301 -57.92 2.20 -51.95
CA PRO H 301 -58.63 3.48 -51.94
C PRO H 301 -59.36 3.77 -53.24
N ARG H 302 -58.69 3.56 -54.39
CA ARG H 302 -59.30 3.89 -55.67
C ARG H 302 -60.44 2.95 -56.05
N ARG H 303 -60.55 1.80 -55.39
CA ARG H 303 -61.69 0.93 -55.63
C ARG H 303 -62.96 1.52 -55.00
N PHE H 304 -64.08 0.86 -55.24
CA PHE H 304 -65.34 1.19 -54.60
C PHE H 304 -65.70 0.11 -53.59
N GLN H 305 -66.31 0.54 -52.48
CA GLN H 305 -66.84 -0.40 -51.52
C GLN H 305 -68.03 -1.14 -52.11
N PRO H 306 -68.37 -2.32 -51.58
CA PRO H 306 -69.54 -3.04 -52.12
C PRO H 306 -70.83 -2.27 -52.00
N ASP H 307 -71.05 -1.60 -50.86
CA ASP H 307 -72.28 -0.81 -50.70
C ASP H 307 -72.32 0.34 -51.69
N GLN H 308 -71.21 1.04 -51.86
CA GLN H 308 -71.17 2.15 -52.82
C GLN H 308 -71.36 1.66 -54.24
N LEU H 309 -70.82 0.48 -54.55
CA LEU H 309 -71.01 -0.09 -55.89
C LEU H 309 -72.47 -0.45 -56.13
N ARG H 310 -73.12 -1.04 -55.12
CA ARG H 310 -74.55 -1.34 -55.25
C ARG H 310 -75.36 -0.06 -55.44
N ALA H 311 -75.02 0.99 -54.69
CA ALA H 311 -75.72 2.26 -54.86
C ALA H 311 -75.50 2.83 -56.26
N LYS H 312 -74.28 2.73 -56.77
CA LYS H 312 -73.98 3.24 -58.10
C LYS H 312 -74.77 2.51 -59.17
N MET H 313 -74.77 1.18 -59.11
CA MET H 313 -75.52 0.42 -60.11
C MET H 313 -77.02 0.64 -59.97
N ILE H 314 -77.50 0.82 -58.74
CA ILE H 314 -78.91 1.13 -58.51
C ILE H 314 -79.27 2.44 -59.21
N LEU H 315 -78.47 3.49 -58.96
CA LEU H 315 -78.81 4.79 -59.52
C LEU H 315 -78.68 4.80 -61.04
N PHE H 316 -77.69 4.08 -61.59
CA PHE H 316 -77.55 4.06 -63.05
C PHE H 316 -78.68 3.27 -63.71
N ALA H 317 -79.04 2.12 -63.15
CA ALA H 317 -80.18 1.37 -63.69
C ALA H 317 -81.46 2.18 -63.58
N PHE H 318 -81.63 2.93 -62.49
CA PHE H 318 -82.82 3.77 -62.33
C PHE H 318 -82.82 4.90 -63.35
N GLY H 319 -81.65 5.49 -63.61
CA GLY H 319 -81.59 6.52 -64.64
C GLY H 319 -81.95 6.00 -66.01
N SER H 320 -81.42 4.82 -66.37
CA SER H 320 -81.74 4.23 -67.66
C SER H 320 -83.23 3.90 -67.74
N ALA H 321 -83.80 3.34 -66.68
CA ALA H 321 -85.21 2.99 -66.68
C ALA H 321 -86.09 4.24 -66.78
N LEU H 322 -85.70 5.32 -66.09
CA LEU H 322 -86.46 6.55 -66.17
C LEU H 322 -86.39 7.15 -67.56
N ALA H 323 -85.21 7.14 -68.17
CA ALA H 323 -85.08 7.65 -69.53
C ALA H 323 -85.96 6.85 -70.50
N GLN H 324 -85.91 5.53 -70.39
CA GLN H 324 -86.72 4.68 -71.27
C GLN H 324 -88.21 4.94 -71.05
N ALA H 325 -88.64 5.03 -69.79
CA ALA H 325 -90.05 5.24 -69.50
C ALA H 325 -90.51 6.60 -70.00
N ARG H 326 -89.68 7.64 -69.86
CA ARG H 326 -90.07 8.97 -70.29
C ARG H 326 -89.99 9.14 -71.80
N LEU H 327 -89.21 8.32 -72.50
CA LEU H 327 -89.24 8.35 -73.96
C LEU H 327 -90.33 7.47 -74.54
N LEU H 328 -90.80 6.46 -73.80
CA LEU H 328 -91.86 5.60 -74.30
C LEU H 328 -93.26 6.11 -73.97
N TYR H 329 -93.45 6.68 -72.78
CA TYR H 329 -94.76 7.10 -72.31
C TYR H 329 -94.92 8.61 -72.21
N GLY H 330 -93.88 9.33 -71.80
CA GLY H 330 -93.95 10.78 -71.71
C GLY H 330 -93.30 11.33 -70.46
N ASN H 331 -93.25 12.66 -70.36
CA ASN H 331 -92.63 13.34 -69.24
C ASN H 331 -93.55 13.49 -68.03
N ASP H 332 -94.76 12.95 -68.11
CA ASP H 332 -95.72 13.08 -67.03
C ASP H 332 -95.36 12.17 -65.86
N SER H 333 -95.65 12.63 -64.65
CA SER H 333 -95.45 11.84 -63.44
C SER H 333 -96.70 11.02 -63.20
N LYS H 334 -96.57 9.70 -63.28
CA LYS H 334 -97.72 8.81 -63.17
C LYS H 334 -97.24 7.41 -62.85
N VAL H 335 -98.18 6.56 -62.47
CA VAL H 335 -97.89 5.16 -62.20
C VAL H 335 -97.81 4.41 -63.52
N LEU H 336 -96.75 3.61 -63.68
CA LEU H 336 -96.52 2.87 -64.91
C LEU H 336 -97.29 1.55 -64.84
N GLU H 337 -98.29 1.40 -65.73
CA GLU H 337 -99.03 0.15 -65.79
C GLU H 337 -98.17 -0.99 -66.32
N GLN H 338 -97.17 -0.68 -67.13
CA GLN H 338 -96.23 -1.68 -67.64
C GLN H 338 -94.86 -1.40 -67.04
N PRO H 339 -94.47 -2.15 -66.01
CA PRO H 339 -93.18 -1.88 -65.36
C PRO H 339 -92.01 -2.11 -66.32
N VAL H 340 -90.90 -1.44 -66.02
CA VAL H 340 -89.68 -1.54 -66.82
C VAL H 340 -88.60 -2.15 -65.95
N VAL H 341 -88.10 -3.32 -66.37
CA VAL H 341 -87.12 -4.06 -65.59
C VAL H 341 -85.78 -3.98 -66.30
N VAL H 342 -84.75 -3.54 -65.57
CA VAL H 342 -83.39 -3.44 -66.08
C VAL H 342 -82.50 -4.29 -65.20
N GLN H 343 -81.33 -4.65 -65.73
CA GLN H 343 -80.36 -5.47 -65.03
C GLN H 343 -78.99 -4.81 -65.05
N SER H 344 -78.22 -5.04 -64.00
CA SER H 344 -76.86 -4.51 -63.91
C SER H 344 -75.97 -5.51 -63.20
N VAL H 345 -74.70 -5.56 -63.62
CA VAL H 345 -73.70 -6.44 -63.06
C VAL H 345 -72.46 -5.62 -62.76
N GLY H 346 -72.01 -5.63 -61.51
CA GLY H 346 -70.79 -4.97 -61.10
C GLY H 346 -69.73 -6.01 -60.76
N THR H 347 -68.54 -5.82 -61.33
CA THR H 347 -67.45 -6.78 -61.20
C THR H 347 -66.26 -6.12 -60.54
N ASP H 348 -65.86 -6.62 -59.38
CA ASP H 348 -64.67 -6.16 -58.68
C ASP H 348 -63.41 -6.87 -59.13
N GLY H 349 -63.53 -7.87 -60.01
CA GLY H 349 -62.39 -8.67 -60.44
C GLY H 349 -62.57 -10.11 -60.03
N ARG H 350 -63.06 -10.32 -58.80
CA ARG H 350 -63.42 -11.65 -58.34
C ARG H 350 -64.77 -11.66 -57.63
N LEU H 351 -65.31 -10.51 -57.25
CA LEU H 351 -66.61 -10.40 -56.60
C LEU H 351 -67.61 -9.83 -57.59
N PHE H 352 -68.85 -10.32 -57.52
CA PHE H 352 -69.90 -9.91 -58.44
C PHE H 352 -71.12 -9.42 -57.65
N GLN H 353 -71.72 -8.35 -58.15
CA GLN H 353 -72.92 -7.77 -57.57
C GLN H 353 -73.99 -7.70 -58.65
N PHE H 354 -75.08 -8.43 -58.46
CA PHE H 354 -76.14 -8.49 -59.46
C PHE H 354 -77.33 -7.67 -59.00
N LEU H 355 -77.97 -6.98 -59.94
CA LEU H 355 -79.12 -6.14 -59.63
C LEU H 355 -80.18 -6.27 -60.71
N VAL H 356 -81.41 -6.50 -60.29
CA VAL H 356 -82.57 -6.48 -61.18
C VAL H 356 -83.53 -5.44 -60.60
N LEU H 357 -83.66 -4.31 -61.30
CA LEU H 357 -84.45 -3.18 -60.83
C LEU H 357 -85.69 -3.04 -61.68
N GLN H 358 -86.86 -3.15 -61.05
CA GLN H 358 -88.15 -3.00 -61.73
C GLN H 358 -88.74 -1.66 -61.32
N LEU H 359 -88.71 -0.70 -62.26
CA LEU H 359 -89.34 0.59 -62.08
C LEU H 359 -90.83 0.49 -62.39
N ASN H 360 -91.65 1.06 -61.50
CA ASN H 360 -93.10 0.97 -61.63
C ASN H 360 -93.83 2.30 -61.55
N THR H 361 -93.18 3.37 -61.09
CA THR H 361 -93.84 4.66 -60.94
C THR H 361 -92.88 5.78 -61.33
N THR H 362 -93.44 6.89 -61.78
CA THR H 362 -92.68 8.06 -62.17
C THR H 362 -92.78 9.20 -61.16
N ASP H 363 -93.94 9.39 -60.55
CA ASP H 363 -94.10 10.45 -59.55
C ASP H 363 -93.29 10.12 -58.31
N LEU H 364 -92.32 10.96 -57.99
CA LEU H 364 -91.45 10.75 -56.84
C LEU H 364 -91.46 11.91 -55.87
N ALA H 365 -92.22 12.97 -56.14
CA ALA H 365 -92.29 14.10 -55.21
C ALA H 365 -92.87 13.67 -53.88
N SER H 366 -93.99 12.96 -53.90
CA SER H 366 -94.60 12.43 -52.69
C SER H 366 -94.04 11.05 -52.38
N ASP H 367 -93.96 10.75 -51.08
CA ASP H 367 -93.43 9.47 -50.61
C ASP H 367 -94.54 8.55 -50.10
N GLU H 368 -95.75 8.69 -50.62
CA GLU H 368 -96.89 7.90 -50.16
C GLU H 368 -97.48 6.99 -51.23
N GLY H 369 -96.99 7.06 -52.46
CA GLY H 369 -97.51 6.25 -53.54
C GLY H 369 -96.89 4.86 -53.56
N VAL H 370 -96.89 4.27 -54.76
CA VAL H 370 -96.30 2.94 -54.96
C VAL H 370 -94.79 3.08 -55.03
N LYS H 371 -94.09 2.02 -54.63
CA LYS H 371 -92.63 1.98 -54.67
C LYS H 371 -92.16 0.93 -55.66
N ASN H 372 -91.06 1.23 -56.34
CA ASN H 372 -90.46 0.28 -57.27
C ASN H 372 -89.79 -0.85 -56.50
N LEU H 373 -89.28 -1.85 -57.23
CA LEU H 373 -88.70 -3.03 -56.60
C LEU H 373 -87.26 -3.21 -57.08
N ALA H 374 -86.43 -3.81 -56.22
CA ALA H 374 -85.05 -4.04 -56.59
C ALA H 374 -84.51 -5.29 -55.92
N TRP H 375 -84.23 -6.32 -56.72
CA TRP H 375 -83.55 -7.52 -56.25
C TRP H 375 -82.05 -7.30 -56.36
N VAL H 376 -81.36 -7.35 -55.22
CA VAL H 376 -79.92 -7.11 -55.18
C VAL H 376 -79.25 -8.36 -54.61
N ASP H 377 -78.53 -9.09 -55.45
CA ASP H 377 -77.75 -10.23 -55.02
C ASP H 377 -76.31 -9.75 -54.79
N SER H 378 -75.90 -9.75 -53.52
CA SER H 378 -74.63 -9.18 -53.10
C SER H 378 -73.71 -10.27 -52.58
N ASP H 379 -72.41 -9.95 -52.58
CA ASP H 379 -71.36 -10.82 -52.05
C ASP H 379 -71.39 -12.19 -52.73
N GLN H 380 -71.23 -12.16 -54.06
CA GLN H 380 -71.19 -13.36 -54.88
C GLN H 380 -69.75 -13.58 -55.33
N LEU H 381 -69.04 -14.42 -54.59
CA LEU H 381 -67.62 -14.68 -54.87
C LEU H 381 -67.49 -15.75 -55.93
N LEU H 382 -66.82 -15.42 -57.04
CA LEU H 382 -66.55 -16.42 -58.06
C LEU H 382 -65.49 -17.41 -57.60
N TYR H 383 -64.55 -16.97 -56.77
CA TYR H 383 -63.50 -17.83 -56.23
C TYR H 383 -62.88 -17.14 -55.03
N GLN H 384 -62.26 -17.94 -54.17
CA GLN H 384 -61.61 -17.39 -52.99
C GLN H 384 -60.38 -16.58 -53.37
N HIS H 385 -59.41 -17.22 -54.02
CA HIS H 385 -58.17 -16.54 -54.40
C HIS H 385 -57.51 -17.33 -55.51
N PHE H 386 -56.64 -16.65 -56.26
CA PHE H 386 -55.87 -17.24 -57.34
C PHE H 386 -54.38 -17.05 -57.06
N TRP H 387 -53.60 -18.08 -57.32
CA TRP H 387 -52.15 -18.04 -57.14
C TRP H 387 -51.48 -18.05 -58.51
N CYS H 388 -50.76 -16.96 -58.81
CA CYS H 388 -50.06 -16.88 -60.09
C CYS H 388 -48.77 -17.68 -60.10
N LEU H 389 -48.14 -17.85 -58.93
CA LEU H 389 -46.91 -18.59 -58.81
C LEU H 389 -47.07 -19.68 -57.75
N PRO H 390 -46.46 -20.85 -57.95
CA PRO H 390 -46.60 -21.93 -56.97
C PRO H 390 -45.84 -21.62 -55.68
N VAL H 391 -46.58 -21.53 -54.58
CA VAL H 391 -45.97 -21.25 -53.28
C VAL H 391 -45.29 -22.51 -52.77
N ILE H 392 -44.01 -22.39 -52.40
CA ILE H 392 -43.22 -23.50 -51.90
C ILE H 392 -42.97 -23.26 -50.42
N LYS H 393 -43.40 -24.21 -49.58
CA LYS H 393 -43.24 -24.12 -48.13
C LYS H 393 -42.47 -25.34 -47.66
N LYS H 394 -41.32 -25.11 -47.03
CA LYS H 394 -40.46 -26.18 -46.54
C LYS H 394 -40.03 -27.12 -47.66
N LYS H 395 -39.49 -26.54 -48.73
CA LYS H 395 -38.91 -27.25 -49.87
C LYS H 395 -39.93 -28.11 -50.62
N VAL H 396 -41.21 -27.95 -50.36
CA VAL H 396 -42.25 -28.68 -51.07
C VAL H 396 -43.39 -27.73 -51.40
N VAL H 397 -44.10 -28.05 -52.48
CA VAL H 397 -45.25 -27.25 -52.91
C VAL H 397 -46.48 -27.73 -52.15
N VAL H 398 -47.10 -26.83 -51.40
CA VAL H 398 -48.28 -27.17 -50.61
C VAL H 398 -49.54 -26.74 -51.35
N GLU H 399 -49.42 -25.73 -52.20
CA GLU H 399 -50.55 -25.23 -52.98
C GLU H 399 -50.08 -25.01 -54.42
N PRO H 400 -50.59 -25.79 -55.38
CA PRO H 400 -50.16 -25.60 -56.78
C PRO H 400 -50.78 -24.36 -57.40
N VAL H 401 -50.50 -24.14 -58.68
CA VAL H 401 -51.05 -23.00 -59.39
C VAL H 401 -52.51 -23.25 -59.71
N GLY H 402 -53.34 -22.23 -59.55
CA GLY H 402 -54.75 -22.34 -59.82
C GLY H 402 -55.60 -21.65 -58.77
N PRO H 403 -56.88 -21.41 -59.08
CA PRO H 403 -57.77 -20.74 -58.13
C PRO H 403 -58.25 -21.71 -57.05
N ILE H 404 -57.86 -21.45 -55.81
CA ILE H 404 -58.28 -22.28 -54.69
C ILE H 404 -59.70 -21.87 -54.31
N GLY H 405 -60.62 -22.83 -54.37
CA GLY H 405 -62.02 -22.55 -54.11
C GLY H 405 -62.73 -21.99 -55.31
N PHE H 406 -63.91 -22.51 -55.62
CA PHE H 406 -64.66 -22.07 -56.79
C PHE H 406 -66.15 -22.20 -56.51
N GLN H 407 -66.90 -21.13 -56.78
CA GLN H 407 -68.34 -21.11 -56.57
C GLN H 407 -69.03 -20.99 -57.92
N PRO H 408 -69.50 -22.10 -58.51
CA PRO H 408 -70.20 -22.01 -59.80
C PRO H 408 -71.55 -21.32 -59.71
N GLU H 409 -72.07 -21.09 -58.51
CA GLU H 409 -73.37 -20.44 -58.37
C GLU H 409 -73.36 -19.02 -58.91
N THR H 410 -72.24 -18.31 -58.75
CA THR H 410 -72.15 -16.94 -59.26
C THR H 410 -72.23 -16.92 -60.78
N PHE H 411 -71.46 -17.79 -61.43
CA PHE H 411 -71.54 -17.86 -62.89
C PHE H 411 -72.90 -18.36 -63.36
N ARG H 412 -73.55 -19.24 -62.59
CA ARG H 412 -74.88 -19.69 -62.94
C ARG H 412 -75.87 -18.54 -62.91
N LYS H 413 -75.81 -17.72 -61.86
CA LYS H 413 -76.68 -16.54 -61.78
C LYS H 413 -76.36 -15.55 -62.89
N PHE H 414 -75.08 -15.41 -63.24
CA PHE H 414 -74.70 -14.53 -64.34
C PHE H 414 -75.30 -15.01 -65.66
N LEU H 415 -75.20 -16.32 -65.93
CA LEU H 415 -75.79 -16.87 -67.15
C LEU H 415 -77.30 -16.73 -67.15
N ALA H 416 -77.94 -16.89 -65.98
CA ALA H 416 -79.38 -16.71 -65.91
C ALA H 416 -79.77 -15.27 -66.22
N LEU H 417 -79.03 -14.31 -65.66
CA LEU H 417 -79.32 -12.91 -65.96
C LEU H 417 -79.05 -12.58 -67.42
N TYR H 418 -78.07 -13.24 -68.03
CA TYR H 418 -77.80 -13.00 -69.45
C TYR H 418 -78.92 -13.54 -70.32
N LEU H 419 -79.37 -14.77 -70.05
CA LEU H 419 -80.41 -15.42 -70.82
C LEU H 419 -81.81 -15.05 -70.35
N HIS H 420 -81.94 -14.11 -69.41
CA HIS H 420 -83.26 -13.70 -68.95
C HIS H 420 -84.09 -13.06 -70.06
N GLY H 421 -83.44 -12.52 -71.09
CA GLY H 421 -84.18 -11.97 -72.21
C GLY H 421 -84.81 -13.02 -73.09
N ALA H 422 -84.24 -14.22 -73.12
CA ALA H 422 -84.76 -15.31 -73.94
C ALA H 422 -85.12 -16.52 -73.07
N ARG I 27 54.12 43.87 4.53
CA ARG I 27 55.54 44.12 4.78
C ARG I 27 55.71 45.03 5.99
N ARG I 28 56.65 44.67 6.86
CA ARG I 28 56.96 45.44 8.06
C ARG I 28 58.32 46.11 7.91
N ALA I 29 58.51 47.18 8.68
CA ALA I 29 59.76 47.93 8.68
C ALA I 29 60.25 48.09 10.12
N ALA I 30 61.51 48.51 10.25
CA ALA I 30 62.08 48.67 11.58
C ALA I 30 61.85 50.08 12.10
N PRO I 31 61.46 50.23 13.36
CA PRO I 31 61.25 51.56 13.93
C PRO I 31 62.56 52.34 13.98
N LEU I 32 62.53 53.57 13.48
CA LEU I 32 63.73 54.42 13.44
C LEU I 32 63.84 55.22 14.73
N GLY I 33 63.99 54.47 15.83
CA GLY I 33 64.13 55.07 17.13
C GLY I 33 63.22 54.45 18.17
N PRO I 34 63.12 55.08 19.34
CA PRO I 34 62.31 54.52 20.41
C PRO I 34 60.82 54.79 20.20
N MET I 35 60.02 53.76 20.44
CA MET I 35 58.57 53.93 20.36
C MET I 35 58.08 54.71 21.58
N PRO I 36 56.99 55.45 21.44
CA PRO I 36 56.52 56.30 22.54
C PRO I 36 56.05 55.52 23.76
N ASN I 37 55.19 54.52 23.54
CA ASN I 37 54.58 53.76 24.63
C ASN I 37 55.17 52.36 24.75
N GLU I 38 56.48 52.23 24.54
CA GLU I 38 57.15 50.94 24.65
C GLU I 38 57.87 50.75 25.98
N ASP I 39 58.02 51.81 26.78
CA ASP I 39 58.70 51.68 28.06
C ASP I 39 57.80 51.02 29.10
N ILE I 40 56.52 51.40 29.15
CA ILE I 40 55.61 50.80 30.12
C ILE I 40 55.34 49.35 29.73
N ASP I 41 55.10 48.52 30.73
CA ASP I 41 54.89 47.09 30.52
C ASP I 41 53.41 46.78 30.32
N VAL I 42 53.14 45.74 29.53
CA VAL I 42 51.76 45.37 29.26
C VAL I 42 51.21 44.46 30.34
N SER I 43 52.06 43.57 30.88
CA SER I 43 51.63 42.63 31.90
C SER I 43 51.45 43.33 33.24
N ASP I 44 50.43 42.88 33.98
CA ASP I 44 50.13 43.40 35.32
C ASP I 44 49.89 44.91 35.29
N LEU I 45 48.82 45.29 34.60
CA LEU I 45 48.44 46.70 34.55
C LEU I 45 47.85 47.19 35.86
N GLU I 46 47.32 46.29 36.69
CA GLU I 46 46.68 46.70 37.93
C GLU I 46 47.68 47.18 38.97
N ARG I 47 48.88 46.59 38.99
CA ARG I 47 49.91 47.05 39.92
C ARG I 47 50.57 48.35 39.46
N LEU I 48 50.47 48.68 38.17
CA LEU I 48 51.06 49.91 37.67
C LEU I 48 50.18 51.10 38.05
N LYS I 49 50.79 52.12 38.63
CA LYS I 49 50.06 53.31 39.04
C LYS I 49 49.56 54.07 37.82
N LYS I 50 48.39 54.69 37.97
CA LYS I 50 47.78 55.47 36.90
C LYS I 50 47.38 56.84 37.42
N TYR I 51 47.22 57.78 36.50
CA TYR I 51 46.65 59.09 36.83
C TYR I 51 45.16 59.08 36.52
N ARG I 52 44.39 59.70 37.40
CA ARG I 52 42.94 59.74 37.27
C ARG I 52 42.42 61.15 37.00
N SER I 53 43.31 62.07 36.62
CA SER I 53 42.95 63.46 36.42
C SER I 53 43.17 63.84 34.96
N PHE I 54 42.10 64.31 34.30
CA PHE I 54 42.23 64.81 32.95
C PHE I 54 43.24 65.95 32.87
N ASP I 55 43.36 66.75 33.94
CA ASP I 55 44.35 67.81 33.95
C ASP I 55 45.77 67.24 33.97
N ARG I 56 46.00 66.18 34.74
CA ARG I 56 47.31 65.55 34.74
C ARG I 56 47.62 64.95 33.38
N TYR I 57 46.65 64.29 32.76
CA TYR I 57 46.88 63.74 31.42
C TYR I 57 47.17 64.83 30.42
N ARG I 58 46.46 65.96 30.52
CA ARG I 58 46.70 67.08 29.62
C ARG I 58 48.10 67.65 29.80
N ARG I 59 48.54 67.80 31.05
CA ARG I 59 49.90 68.26 31.32
C ARG I 59 50.92 67.30 30.71
N ARG I 60 50.71 66.00 30.90
CA ARG I 60 51.65 65.02 30.37
C ARG I 60 51.69 65.07 28.84
N ALA I 61 50.52 65.18 28.20
CA ALA I 61 50.48 65.21 26.75
C ALA I 61 51.14 66.47 26.21
N GLU I 62 50.88 67.63 26.83
CA GLU I 62 51.50 68.87 26.38
C GLU I 62 53.01 68.86 26.61
N GLN I 63 53.47 68.18 27.68
CA GLN I 63 54.90 68.09 27.92
C GLN I 63 55.57 67.15 26.91
N GLU I 64 54.88 66.08 26.53
CA GLU I 64 55.47 65.14 25.58
C GLU I 64 55.42 65.67 24.15
N ALA I 65 54.45 66.53 23.84
CA ALA I 65 54.34 67.07 22.49
C ALA I 65 55.47 68.02 22.14
N ARG I 66 56.22 68.51 23.13
CA ARG I 66 57.32 69.43 22.90
C ARG I 66 58.67 68.74 22.76
N LYS I 67 58.69 67.39 22.74
CA LYS I 67 59.97 66.72 22.59
C LYS I 67 60.31 66.53 21.12
N PRO I 68 61.61 66.52 20.78
CA PRO I 68 61.99 66.36 19.37
C PRO I 68 61.80 64.94 18.87
N HIS I 69 60.58 64.61 18.46
CA HIS I 69 60.30 63.27 17.95
C HIS I 69 61.00 63.05 16.61
N TRP I 70 60.99 61.80 16.18
CA TRP I 70 61.66 61.42 14.93
C TRP I 70 60.73 61.34 13.74
N TRP I 71 59.43 61.22 13.96
CA TRP I 71 58.48 61.21 12.86
C TRP I 71 58.09 62.63 12.48
N ARG I 72 57.27 62.76 11.44
CA ARG I 72 56.82 64.07 10.99
C ARG I 72 55.82 64.64 11.99
N THR I 73 56.16 65.79 12.56
CA THR I 73 55.35 66.44 13.59
C THR I 73 54.69 67.69 13.04
N TYR I 74 53.95 68.38 13.92
CA TYR I 74 53.24 69.58 13.53
C TYR I 74 54.17 70.78 13.41
N ARG I 75 55.14 70.89 14.31
CA ARG I 75 56.02 72.07 14.33
C ARG I 75 56.89 72.12 13.09
N GLU I 76 57.44 70.97 12.67
CA GLU I 76 58.31 70.93 11.51
C GLU I 76 57.58 71.40 10.25
N HIS I 77 56.30 71.06 10.13
CA HIS I 77 55.53 71.47 8.96
C HIS I 77 54.94 72.86 9.10
N PHE I 78 54.76 73.37 10.32
CA PHE I 78 54.18 74.69 10.52
C PHE I 78 55.17 75.67 11.14
N GLY I 79 56.45 75.52 10.83
CA GLY I 79 57.41 76.56 11.11
C GLY I 79 57.82 76.69 12.56
N GLU I 80 58.55 75.68 13.06
CA GLU I 80 59.15 75.74 14.39
C GLU I 80 60.34 76.68 14.46
N GLU I 81 60.57 77.49 13.42
CA GLU I 81 61.70 78.42 13.37
C GLU I 81 63.04 77.67 13.45
N SER I 82 63.17 76.65 12.60
CA SER I 82 64.39 75.84 12.47
C SER I 82 64.80 75.20 13.81
N GLY I 83 63.85 75.00 14.71
CA GLY I 83 64.15 74.42 16.00
C GLY I 83 65.09 75.29 16.82
N PRO I 84 66.22 74.71 17.24
CA PRO I 84 67.21 75.51 17.98
C PRO I 84 67.91 76.50 17.07
N LYS I 85 68.19 77.68 17.61
CA LYS I 85 68.83 78.75 16.86
C LYS I 85 69.98 79.31 17.69
N ASP I 86 71.19 79.25 17.13
CA ASP I 86 72.38 79.73 17.82
C ASP I 86 72.37 81.25 17.78
N ARG I 87 71.70 81.85 18.77
CA ARG I 87 71.60 83.30 18.85
C ARG I 87 72.86 83.89 19.45
N VAL I 88 73.41 84.92 18.80
CA VAL I 88 74.57 85.63 19.32
C VAL I 88 74.10 86.61 20.39
N ASP I 89 74.77 86.59 21.53
CA ASP I 89 74.41 87.45 22.67
C ASP I 89 75.34 88.66 22.68
N ILE I 90 74.79 89.82 22.32
CA ILE I 90 75.55 91.06 22.31
C ILE I 90 75.01 92.01 23.38
N GLY I 91 75.56 91.93 24.58
CA GLY I 91 75.07 92.77 25.64
C GLY I 91 75.96 92.70 26.86
N LEU I 92 75.49 93.31 27.94
CA LEU I 92 76.25 93.35 29.18
C LEU I 92 76.11 92.03 29.93
N PRO I 93 77.14 91.64 30.68
CA PRO I 93 77.05 90.43 31.50
C PRO I 93 76.04 90.62 32.62
N PRO I 94 75.49 89.53 33.16
CA PRO I 94 74.49 89.67 34.20
C PRO I 94 75.11 90.21 35.48
N PRO I 95 74.37 90.98 36.27
CA PRO I 95 74.90 91.46 37.55
C PRO I 95 75.22 90.31 38.48
N LYS I 96 76.51 90.15 38.80
CA LYS I 96 76.97 89.04 39.61
C LYS I 96 76.46 89.23 41.04
N VAL I 97 75.60 88.32 41.49
CA VAL I 97 75.02 88.39 42.82
C VAL I 97 75.40 87.13 43.59
N SER I 98 75.38 87.23 44.92
CA SER I 98 75.69 86.11 45.80
C SER I 98 74.44 85.24 45.95
N ARG I 99 74.48 84.04 45.39
CA ARG I 99 73.30 83.17 45.41
C ARG I 99 72.92 82.78 46.83
N THR I 100 73.91 82.45 47.66
CA THR I 100 73.63 82.01 49.02
C THR I 100 72.99 83.13 49.83
N GLN I 101 73.58 84.32 49.81
CA GLN I 101 73.05 85.44 50.56
C GLN I 101 71.67 85.86 50.04
N GLN I 102 71.49 85.83 48.71
CA GLN I 102 70.19 86.16 48.14
C GLN I 102 69.12 85.19 48.61
N LEU I 103 69.42 83.89 48.55
CA LEU I 103 68.44 82.88 48.98
C LEU I 103 68.16 83.00 50.47
N LEU I 104 69.18 83.29 51.28
CA LEU I 104 68.98 83.44 52.71
C LEU I 104 68.10 84.64 53.02
N GLU I 105 68.36 85.78 52.37
CA GLU I 105 67.54 86.95 52.59
C GLU I 105 66.10 86.71 52.14
N ARG I 106 65.92 86.00 51.02
CA ARG I 106 64.57 85.72 50.55
C ARG I 106 63.83 84.80 51.50
N LYS I 107 64.51 83.77 52.03
CA LYS I 107 63.87 82.89 53.00
C LYS I 107 63.53 83.64 54.27
N GLN I 108 64.40 84.55 54.71
CA GLN I 108 64.12 85.35 55.90
C GLN I 108 62.91 86.24 55.67
N ALA I 109 62.82 86.86 54.50
CA ALA I 109 61.65 87.70 54.19
C ALA I 109 60.37 86.88 54.15
N LEU I 110 60.44 85.67 53.57
CA LEU I 110 59.27 84.81 53.53
C LEU I 110 58.83 84.40 54.92
N ARG I 111 59.78 84.07 55.80
CA ARG I 111 59.43 83.70 57.16
C ARG I 111 58.84 84.89 57.92
N GLU I 112 59.42 86.07 57.74
CA GLU I 112 58.87 87.26 58.38
C GLU I 112 57.45 87.56 57.89
N LEU I 113 57.20 87.31 56.61
CA LEU I 113 55.86 87.56 56.06
C LEU I 113 54.86 86.55 56.60
N ARG I 114 55.21 85.26 56.60
CA ARG I 114 54.30 84.23 57.08
C ARG I 114 54.14 84.28 58.60
N ALA I 115 55.04 84.94 59.32
CA ALA I 115 54.90 85.06 60.76
C ALA I 115 53.71 85.92 61.17
N ASN I 116 53.27 86.82 60.30
CA ASN I 116 52.13 87.67 60.62
C ASN I 116 50.84 86.87 60.68
N VAL I 117 49.94 87.28 61.55
CA VAL I 117 48.64 86.61 61.71
C VAL I 117 47.60 87.39 60.91
N GLU I 118 47.81 88.70 60.76
CA GLU I 118 46.87 89.51 60.01
C GLU I 118 46.87 89.11 58.54
N GLU I 119 48.02 88.75 58.00
CA GLU I 119 48.08 88.25 56.62
C GLU I 119 47.28 86.97 56.47
N GLU I 120 47.36 86.07 57.46
CA GLU I 120 46.60 84.84 57.40
C GLU I 120 45.10 85.12 57.50
N ARG I 121 44.71 86.07 58.35
CA ARG I 121 43.30 86.44 58.45
C ARG I 121 42.80 87.01 57.12
N ALA I 122 43.61 87.86 56.48
CA ALA I 122 43.21 88.42 55.18
C ALA I 122 43.11 87.34 54.13
N ALA I 123 44.05 86.39 54.11
CA ALA I 123 43.99 85.29 53.15
C ALA I 123 42.76 84.41 53.38
N ARG I 124 42.37 84.22 54.65
CA ARG I 124 41.17 83.44 54.92
C ARG I 124 39.91 84.18 54.50
N LEU I 125 39.84 85.49 54.79
CA LEU I 125 38.67 86.28 54.44
C LEU I 125 38.66 86.72 52.97
N GLN I 126 39.70 86.37 52.20
CA GLN I 126 39.78 86.69 50.79
C GLN I 126 39.76 88.20 50.54
N THR I 127 40.24 88.97 51.51
CA THR I 127 40.29 90.43 51.43
C THR I 127 41.74 90.86 51.62
N ALA I 128 42.50 90.92 50.54
CA ALA I 128 43.90 91.34 50.58
C ALA I 128 44.28 91.93 49.24
N ARG I 129 45.11 92.97 49.28
CA ARG I 129 45.57 93.66 48.09
C ARG I 129 47.09 93.54 47.97
N ILE I 130 47.61 93.94 46.81
CA ILE I 130 49.03 93.80 46.50
C ILE I 130 49.57 95.12 45.99
N PRO I 131 50.76 95.55 46.43
CA PRO I 131 51.33 96.80 45.92
C PRO I 131 51.83 96.66 44.49
N LEU I 132 50.91 96.83 43.53
CA LEU I 132 51.25 96.63 42.12
C LEU I 132 52.42 97.51 41.68
N GLU I 133 52.57 98.70 42.26
CA GLU I 133 53.69 99.56 41.91
C GLU I 133 55.01 98.92 42.32
N ALA I 134 55.09 98.42 43.55
CA ALA I 134 56.29 97.73 44.00
C ALA I 134 56.54 96.46 43.19
N VAL I 135 55.47 95.77 42.79
CA VAL I 135 55.60 94.57 41.97
C VAL I 135 56.24 94.93 40.63
N ARG I 136 55.72 95.99 39.99
CA ARG I 136 56.28 96.43 38.72
C ARG I 136 57.74 96.85 38.87
N ALA I 137 58.06 97.57 39.93
CA ALA I 137 59.44 97.99 40.14
C ALA I 137 60.38 96.80 40.30
N GLU I 138 60.00 95.86 41.17
CA GLU I 138 60.85 94.69 41.41
C GLU I 138 60.96 93.84 40.16
N TRP I 139 59.88 93.76 39.37
CA TRP I 139 59.93 93.02 38.11
C TRP I 139 60.93 93.65 37.16
N GLU I 140 60.83 94.97 36.95
CA GLU I 140 61.80 95.66 36.11
C GLU I 140 63.21 95.49 36.64
N ARG I 141 63.37 95.34 37.95
CA ARG I 141 64.71 95.26 38.51
C ARG I 141 65.34 93.88 38.34
N THR I 142 64.54 92.81 38.50
CA THR I 142 65.12 91.46 38.51
C THR I 142 64.83 90.63 37.27
N CYS I 143 63.64 90.71 36.68
CA CYS I 143 63.27 89.82 35.59
C CYS I 143 62.64 90.54 34.41
N GLY I 144 62.47 91.87 34.48
CA GLY I 144 62.01 92.63 33.33
C GLY I 144 62.83 92.46 32.07
N PRO I 145 64.17 92.45 32.14
CA PRO I 145 64.97 92.28 30.92
C PRO I 145 64.62 91.06 30.10
N TYR I 146 64.46 89.89 30.72
CA TYR I 146 64.21 88.67 29.96
C TYR I 146 62.82 88.70 29.32
N HIS I 147 61.82 89.21 30.05
CA HIS I 147 60.49 89.32 29.48
C HIS I 147 60.47 90.30 28.32
N LYS I 148 61.17 91.43 28.46
CA LYS I 148 61.25 92.37 27.35
C LYS I 148 62.00 91.76 26.16
N GLN I 149 63.01 90.93 26.42
CA GLN I 149 63.74 90.28 25.35
C GLN I 149 62.84 89.32 24.58
N ARG I 150 62.09 88.49 25.29
CA ARG I 150 61.21 87.55 24.60
C ARG I 150 60.05 88.27 23.91
N LEU I 151 59.59 89.40 24.47
CA LEU I 151 58.57 90.17 23.80
C LEU I 151 59.10 90.79 22.51
N ALA I 152 60.33 91.30 22.53
CA ALA I 152 60.93 91.83 21.32
C ALA I 152 61.16 90.73 20.29
N GLU I 153 61.53 89.53 20.74
CA GLU I 153 61.66 88.40 19.82
C GLU I 153 60.32 88.06 19.19
N TYR I 154 59.24 88.08 19.97
CA TYR I 154 57.92 87.80 19.42
C TYR I 154 57.52 88.86 18.41
N CYS I 155 57.73 90.14 18.73
CA CYS I 155 57.39 91.22 17.82
C CYS I 155 58.35 91.32 16.65
N GLY I 156 59.47 90.61 16.67
CA GLY I 156 60.38 90.62 15.55
C GLY I 156 61.33 91.79 15.53
N LEU I 157 61.91 92.15 16.68
CA LEU I 157 62.85 93.27 16.74
C LEU I 157 64.23 92.86 16.24
N TYR I 158 64.81 91.83 16.87
CA TYR I 158 66.19 91.46 16.56
C TYR I 158 66.30 90.92 15.13
N ARG I 159 65.27 90.23 14.64
CA ARG I 159 65.32 89.68 13.29
C ARG I 159 65.46 90.78 12.25
N ASP I 160 65.03 92.00 12.58
CA ASP I 160 65.13 93.13 11.66
C ASP I 160 66.20 94.14 12.04
N LEU I 161 66.74 94.06 13.25
CA LEU I 161 67.80 94.97 13.67
C LEU I 161 69.19 94.37 13.50
N PHE I 162 69.35 93.07 13.72
CA PHE I 162 70.64 92.41 13.55
C PHE I 162 70.55 91.11 12.75
N HIS I 163 69.37 90.49 12.65
CA HIS I 163 69.08 89.34 11.80
C HIS I 163 69.72 88.06 12.31
N GLY I 164 70.60 88.16 13.31
CA GLY I 164 71.24 86.98 13.83
C GLY I 164 71.54 87.00 15.32
N ALA I 165 71.16 88.08 16.00
CA ALA I 165 71.57 88.27 17.39
C ALA I 165 70.47 88.96 18.17
N THR I 166 70.25 88.48 19.39
CA THR I 166 69.31 89.09 20.33
C THR I 166 70.06 89.49 21.59
N PHE I 167 69.78 90.68 22.09
CA PHE I 167 70.41 91.19 23.31
C PHE I 167 69.40 91.21 24.45
N VAL I 168 69.91 91.48 25.64
CA VAL I 168 69.13 91.52 26.86
C VAL I 168 69.11 92.96 27.36
N PRO I 169 67.94 93.58 27.51
CA PRO I 169 67.91 94.96 28.03
C PRO I 169 68.21 95.02 29.51
N ARG I 170 69.49 95.00 29.87
CA ARG I 170 69.87 94.98 31.27
C ARG I 170 69.37 96.23 32.00
N VAL I 171 69.67 97.41 31.46
CA VAL I 171 69.23 98.65 32.08
C VAL I 171 67.84 98.98 31.57
N PRO I 172 66.97 99.56 32.40
CA PRO I 172 65.63 99.92 31.94
C PRO I 172 65.65 101.20 31.11
N LEU I 173 64.47 101.57 30.62
CA LEU I 173 64.31 102.78 29.82
C LEU I 173 62.84 103.16 29.84
N HIS I 174 62.53 104.35 30.36
CA HIS I 174 61.16 104.85 30.42
C HIS I 174 61.04 106.00 29.44
N VAL I 175 60.25 105.81 28.39
CA VAL I 175 59.97 106.84 27.40
C VAL I 175 58.58 107.39 27.65
N ALA I 176 58.43 108.71 27.53
CA ALA I 176 57.15 109.33 27.82
C ALA I 176 56.90 110.48 26.85
N TYR I 177 55.66 110.58 26.36
CA TYR I 177 55.23 111.68 25.53
C TYR I 177 54.28 112.58 26.31
N ALA I 178 54.33 113.87 26.00
CA ALA I 178 53.51 114.87 26.68
C ALA I 178 52.36 115.26 25.75
N VAL I 179 51.13 114.98 26.19
CA VAL I 179 49.94 115.37 25.43
C VAL I 179 49.35 116.69 25.88
N GLY I 180 49.90 117.28 26.94
CA GLY I 180 49.39 118.54 27.46
C GLY I 180 50.19 119.04 28.64
N GLU I 181 49.49 119.50 29.68
CA GLU I 181 50.12 119.97 30.90
C GLU I 181 50.25 118.89 31.97
N ASP I 182 49.23 118.05 32.13
CA ASP I 182 49.26 116.95 33.08
C ASP I 182 48.99 115.60 32.42
N ASP I 183 49.12 115.54 31.09
CA ASP I 183 48.83 114.33 30.33
C ASP I 183 50.16 113.73 29.87
N LEU I 184 50.52 112.59 30.46
CA LEU I 184 51.78 111.91 30.12
C LEU I 184 51.45 110.49 29.68
N MET I 185 51.84 110.14 28.46
CA MET I 185 51.63 108.80 27.93
C MET I 185 52.95 108.05 27.93
N PRO I 186 53.06 106.96 28.69
CA PRO I 186 54.28 106.15 28.65
C PRO I 186 54.35 105.29 27.40
N VAL I 187 55.57 104.82 27.12
CA VAL I 187 55.83 103.97 25.96
C VAL I 187 56.45 102.68 26.50
N TYR I 188 55.63 101.64 26.62
CA TYR I 188 56.10 100.35 27.09
C TYR I 188 56.47 99.47 25.89
N HIS I 189 56.93 98.25 26.18
CA HIS I 189 57.36 97.33 25.14
C HIS I 189 56.17 96.79 24.36
N GLY I 190 55.85 97.42 23.24
CA GLY I 190 54.76 96.99 22.40
C GLY I 190 53.47 97.77 22.53
N ASN I 191 53.50 98.95 23.14
CA ASN I 191 52.30 99.74 23.32
C ASN I 191 51.87 100.35 21.99
N GLU I 192 50.64 100.86 21.95
CA GLU I 192 50.07 101.52 20.78
C GLU I 192 49.94 103.00 21.07
N VAL I 193 50.85 103.80 20.52
CA VAL I 193 50.85 105.24 20.70
C VAL I 193 50.63 105.89 19.34
N THR I 194 49.66 106.79 19.27
CA THR I 194 49.32 107.41 18.00
C THR I 194 50.24 108.60 17.72
N PRO I 195 50.43 108.95 16.44
CA PRO I 195 51.24 110.13 16.12
C PRO I 195 50.71 111.42 16.72
N THR I 196 49.43 111.49 17.06
CA THR I 196 48.90 112.67 17.73
C THR I 196 49.63 112.91 19.05
N GLU I 197 49.91 111.84 19.80
CA GLU I 197 50.70 111.97 21.00
C GLU I 197 52.20 111.93 20.70
N ALA I 198 52.59 111.31 19.60
CA ALA I 198 54.00 111.14 19.27
C ALA I 198 54.56 112.27 18.40
N ALA I 199 53.81 113.36 18.24
CA ALA I 199 54.28 114.44 17.37
C ALA I 199 55.46 115.18 17.99
N GLN I 200 55.42 115.41 19.30
CA GLN I 200 56.48 116.13 19.98
C GLN I 200 57.58 115.17 20.43
N ALA I 201 58.73 115.73 20.76
CA ALA I 201 59.87 114.91 21.16
C ALA I 201 59.62 114.29 22.54
N PRO I 202 59.85 113.01 22.71
CA PRO I 202 59.61 112.37 24.00
C PRO I 202 60.77 112.58 24.96
N GLU I 203 60.52 112.21 26.21
CA GLU I 203 61.53 112.28 27.26
C GLU I 203 61.88 110.87 27.73
N VAL I 204 63.16 110.63 27.95
CA VAL I 204 63.67 109.32 28.32
C VAL I 204 64.26 109.40 29.73
N THR I 205 64.12 108.31 30.48
CA THR I 205 64.62 108.22 31.84
C THR I 205 65.24 106.85 32.06
N TYR I 206 66.44 106.82 32.63
CA TYR I 206 67.13 105.57 32.94
C TYR I 206 68.27 105.88 33.89
N GLU I 207 68.49 104.96 34.83
CA GLU I 207 69.52 105.15 35.84
C GLU I 207 70.89 104.89 35.26
N ALA I 208 71.83 105.81 35.51
CA ALA I 208 73.18 105.71 35.01
C ALA I 208 74.06 106.68 35.77
N ASP I 209 75.34 106.32 35.91
CA ASP I 209 76.29 107.18 36.58
C ASP I 209 76.79 108.27 35.64
N GLU I 210 77.45 109.28 36.23
CA GLU I 210 78.02 110.39 35.46
C GLU I 210 79.46 110.11 35.05
N GLY I 211 79.69 108.91 34.50
CA GLY I 211 81.01 108.57 34.00
C GLY I 211 80.97 107.80 32.69
N SER I 212 79.77 107.58 32.15
CA SER I 212 79.60 106.80 30.93
C SER I 212 78.96 107.65 29.84
N LEU I 213 78.84 107.07 28.65
CA LEU I 213 78.24 107.72 27.52
C LEU I 213 77.17 106.82 26.91
N TRP I 214 76.06 107.42 26.49
CA TRP I 214 74.93 106.69 25.94
C TRP I 214 74.51 107.30 24.62
N THR I 215 73.83 106.50 23.82
CA THR I 215 73.30 106.93 22.53
C THR I 215 71.88 106.41 22.37
N LEU I 216 70.97 107.29 21.95
CA LEU I 216 69.58 106.95 21.74
C LEU I 216 69.26 107.03 20.25
N LEU I 217 68.53 106.03 19.76
CA LEU I 217 68.20 105.93 18.34
C LEU I 217 66.76 105.45 18.19
N LEU I 218 65.90 106.29 17.61
CA LEU I 218 64.52 105.93 17.32
C LEU I 218 64.44 105.53 15.86
N THR I 219 64.13 104.27 15.60
CA THR I 219 64.07 103.73 14.25
C THR I 219 62.68 103.19 13.96
N ASN I 220 62.14 103.56 12.80
CA ASN I 220 60.87 103.05 12.31
C ASN I 220 61.14 101.87 11.40
N LEU I 221 60.69 100.69 11.81
CA LEU I 221 60.98 99.47 11.06
C LEU I 221 60.06 99.29 9.86
N ASP I 222 58.88 99.91 9.87
CA ASP I 222 57.91 99.78 8.79
C ASP I 222 57.47 101.17 8.35
N GLY I 223 57.50 101.43 7.05
CA GLY I 223 57.09 102.71 6.53
C GLY I 223 57.94 103.18 5.36
N HIS I 224 59.08 102.53 5.14
CA HIS I 224 59.92 102.87 4.00
C HIS I 224 59.21 102.46 2.71
N LEU I 225 59.04 103.42 1.81
CA LEU I 225 58.24 103.18 0.61
C LEU I 225 59.01 102.37 -0.42
N LEU I 226 60.30 102.66 -0.62
CA LEU I 226 61.05 102.06 -1.71
C LEU I 226 61.74 100.76 -1.30
N GLU I 227 62.62 100.81 -0.31
CA GLU I 227 63.42 99.66 0.07
C GLU I 227 62.77 98.95 1.26
N PRO I 228 62.24 97.74 1.08
CA PRO I 228 61.65 97.04 2.23
C PRO I 228 62.67 96.61 3.26
N ASP I 229 63.91 96.34 2.85
CA ASP I 229 64.95 95.89 3.77
C ASP I 229 65.62 97.03 4.51
N ALA I 230 65.10 98.25 4.41
CA ALA I 230 65.65 99.40 5.11
C ALA I 230 64.59 100.00 6.02
N GLU I 231 65.05 100.79 6.99
CA GLU I 231 64.19 101.40 7.98
C GLU I 231 64.51 102.89 8.09
N TYR I 232 63.59 103.63 8.68
CA TYR I 232 63.73 105.07 8.82
C TYR I 232 64.30 105.43 10.19
N VAL I 233 64.87 106.62 10.28
CA VAL I 233 65.39 107.16 11.52
C VAL I 233 64.60 108.43 11.85
N HIS I 234 64.10 108.52 13.08
CA HIS I 234 63.33 109.68 13.50
C HIS I 234 64.05 110.57 14.48
N TRP I 235 64.90 110.01 15.35
CA TRP I 235 65.57 110.81 16.38
C TRP I 235 66.83 110.07 16.80
N LEU I 236 67.99 110.57 16.40
CA LEU I 236 69.27 109.97 16.74
C LEU I 236 70.10 110.99 17.50
N VAL I 237 70.43 110.69 18.75
CA VAL I 237 71.22 111.60 19.58
C VAL I 237 72.31 110.79 20.27
N THR I 238 73.56 111.19 20.07
CA THR I 238 74.72 110.46 20.56
C THR I 238 75.42 111.24 21.67
N ASN I 239 76.31 110.54 22.36
CA ASN I 239 77.15 111.10 23.41
C ASN I 239 76.30 111.75 24.51
N ILE I 240 75.51 110.91 25.18
CA ILE I 240 74.64 111.34 26.27
C ILE I 240 75.45 111.25 27.57
N PRO I 241 75.77 112.37 28.21
CA PRO I 241 76.48 112.29 29.49
C PRO I 241 75.58 111.80 30.61
N GLY I 242 75.76 110.54 31.02
CA GLY I 242 74.94 110.00 32.09
C GLY I 242 73.49 109.93 31.69
N ASN I 243 72.63 110.52 32.51
CA ASN I 243 71.19 110.53 32.26
C ASN I 243 70.73 111.79 31.54
N ARG I 244 71.58 112.81 31.41
CA ARG I 244 71.20 114.05 30.76
C ARG I 244 71.11 113.85 29.25
N VAL I 245 69.91 113.56 28.75
CA VAL I 245 69.74 113.32 27.32
C VAL I 245 69.77 114.63 26.55
N THR I 246 69.32 115.73 27.16
CA THR I 246 69.31 117.00 26.45
C THR I 246 70.72 117.56 26.27
N GLU I 247 71.63 117.28 27.20
CA GLU I 247 72.99 117.77 27.10
C GLU I 247 73.75 117.13 25.94
N GLY I 248 73.36 115.92 25.53
CA GLY I 248 74.07 115.26 24.44
C GLY I 248 73.81 115.92 23.11
N GLN I 249 74.78 115.77 22.20
CA GLN I 249 74.64 116.33 20.86
C GLN I 249 73.72 115.45 20.03
N GLU I 250 72.74 116.07 19.39
CA GLU I 250 71.78 115.35 18.58
C GLU I 250 72.27 115.27 17.14
N THR I 251 72.40 114.04 16.62
CA THR I 251 72.83 113.87 15.24
C THR I 251 71.69 114.16 14.27
N CYS I 252 70.49 113.67 14.57
CA CYS I 252 69.32 113.89 13.73
C CYS I 252 68.19 114.45 14.59
N PRO I 253 67.58 115.56 14.22
CA PRO I 253 66.47 116.09 15.01
C PRO I 253 65.27 115.15 15.00
N TYR I 254 64.41 115.30 16.01
CA TYR I 254 63.26 114.43 16.13
C TYR I 254 62.26 114.68 15.02
N LEU I 255 61.74 113.60 14.44
CA LEU I 255 60.74 113.67 13.39
C LEU I 255 59.53 112.85 13.82
N PRO I 256 58.33 113.40 13.78
CA PRO I 256 57.17 112.65 14.24
C PRO I 256 56.92 111.46 13.34
N PRO I 257 56.23 110.43 13.84
CA PRO I 257 55.93 109.26 13.02
C PRO I 257 55.01 109.61 11.86
N PHE I 258 55.13 108.85 10.78
CA PHE I 258 54.32 109.05 9.58
C PHE I 258 54.05 107.70 8.90
N PRO I 259 53.10 106.93 9.43
CA PRO I 259 52.73 105.68 8.78
C PRO I 259 51.74 105.90 7.65
N ALA I 260 51.72 104.94 6.72
CA ALA I 260 50.78 105.01 5.61
C ALA I 260 49.36 104.76 6.12
N ARG I 261 48.38 105.28 5.38
CA ARG I 261 47.00 105.17 5.80
C ARG I 261 46.46 103.76 5.57
N GLY I 262 46.89 103.10 4.49
CA GLY I 262 46.46 101.75 4.22
C GLY I 262 47.16 100.72 5.09
N SER I 263 48.47 100.61 4.93
CA SER I 263 49.27 99.69 5.73
C SER I 263 49.55 100.34 7.08
N GLY I 264 48.79 99.95 8.10
CA GLY I 264 48.92 100.53 9.42
C GLY I 264 49.72 99.65 10.38
N PHE I 265 49.78 100.10 11.62
CA PHE I 265 50.45 99.40 12.71
C PHE I 265 51.93 99.14 12.38
N HIS I 266 52.67 100.24 12.24
CA HIS I 266 54.11 100.16 12.12
C HIS I 266 54.74 100.13 13.51
N ARG I 267 56.02 99.72 13.55
CA ARG I 267 56.75 99.60 14.79
C ARG I 267 57.88 100.63 14.85
N PHE I 268 58.02 101.27 16.00
CA PHE I 268 59.07 102.26 16.25
C PHE I 268 59.82 101.80 17.49
N ALA I 269 61.14 101.66 17.35
CA ALA I 269 61.98 101.10 18.41
C ALA I 269 62.97 102.15 18.90
N PHE I 270 63.05 102.30 20.23
CA PHE I 270 64.06 103.12 20.86
C PHE I 270 65.21 102.23 21.32
N LEU I 271 66.37 102.39 20.69
CA LEU I 271 67.56 101.63 21.03
C LEU I 271 68.50 102.50 21.85
N LEU I 272 68.97 101.97 22.96
CA LEU I 272 69.92 102.64 23.84
C LEU I 272 71.22 101.85 23.84
N PHE I 273 72.31 102.51 23.48
CA PHE I 273 73.63 101.88 23.44
C PHE I 273 74.56 102.57 24.43
N LYS I 274 75.28 101.78 25.20
CA LYS I 274 76.32 102.27 26.10
C LYS I 274 77.66 102.20 25.37
N GLN I 275 78.44 103.27 25.46
CA GLN I 275 79.73 103.36 24.80
C GLN I 275 80.78 103.84 25.79
N ASP I 276 82.03 103.51 25.50
CA ASP I 276 83.15 103.84 26.37
C ASP I 276 83.90 105.09 25.92
N LYS I 277 84.11 105.25 24.61
CA LYS I 277 84.85 106.38 24.07
C LYS I 277 83.90 107.39 23.42
N ARG I 278 84.43 108.59 23.19
CA ARG I 278 83.69 109.64 22.51
C ARG I 278 83.67 109.33 21.01
N ILE I 279 82.55 108.79 20.54
CA ILE I 279 82.41 108.43 19.14
C ILE I 279 82.05 109.67 18.34
N ASP I 280 82.83 109.93 17.28
CA ASP I 280 82.56 111.02 16.36
C ASP I 280 82.40 110.44 14.96
N PHE I 281 81.36 110.89 14.25
CA PHE I 281 81.06 110.40 12.91
C PHE I 281 80.49 111.53 12.08
N SER I 282 81.01 111.67 10.85
CA SER I 282 80.53 112.67 9.93
C SER I 282 79.71 112.10 8.77
N GLY I 283 79.91 110.82 8.43
CA GLY I 283 79.11 110.22 7.38
C GLY I 283 77.68 109.94 7.79
N ASP I 284 77.45 109.74 9.09
CA ASP I 284 76.12 109.51 9.62
C ASP I 284 75.47 110.78 10.17
N THR I 285 76.12 111.92 10.01
CA THR I 285 75.56 113.17 10.52
C THR I 285 74.45 113.67 9.60
N ARG I 286 73.32 114.05 10.20
CA ARG I 286 72.18 114.53 9.45
C ARG I 286 72.07 116.06 9.57
N PRO I 287 71.58 116.74 8.53
CA PRO I 287 71.43 118.21 8.62
C PRO I 287 70.33 118.62 9.57
N SER I 288 70.14 119.94 9.74
CA SER I 288 69.12 120.41 10.66
C SER I 288 67.70 120.15 10.15
N PRO I 289 67.33 120.49 8.90
CA PRO I 289 65.99 120.15 8.43
C PRO I 289 65.76 118.65 8.38
N CYS I 290 66.61 117.95 7.64
CA CYS I 290 66.55 116.48 7.53
C CYS I 290 65.16 116.00 7.13
N TYR I 291 64.57 116.68 6.15
CA TYR I 291 63.25 116.33 5.63
C TYR I 291 63.32 115.48 4.37
N GLN I 292 64.41 114.75 4.18
CA GLN I 292 64.60 113.92 2.99
C GLN I 292 64.55 112.45 3.39
N LEU I 293 63.61 111.70 2.79
CA LEU I 293 63.52 110.27 3.07
C LEU I 293 64.75 109.53 2.55
N ALA I 294 65.35 110.03 1.47
CA ALA I 294 66.57 109.40 0.95
C ALA I 294 67.71 109.53 1.96
N GLN I 295 67.79 110.66 2.65
CA GLN I 295 68.79 110.83 3.69
C GLN I 295 68.41 110.09 4.96
N ARG I 296 67.12 109.95 5.25
CA ARG I 296 66.66 109.20 6.43
C ARG I 296 66.49 107.73 6.08
N THR I 297 67.54 107.16 5.48
CA THR I 297 67.59 105.74 5.13
C THR I 297 68.69 105.12 5.98
N PHE I 298 68.29 104.23 6.89
CA PHE I 298 69.20 103.72 7.90
C PHE I 298 69.26 102.19 7.85
N HIS I 299 70.34 101.65 8.41
CA HIS I 299 70.52 100.21 8.54
C HIS I 299 71.18 99.95 9.88
N THR I 300 70.40 99.43 10.83
CA THR I 300 70.93 99.16 12.16
C THR I 300 72.07 98.16 12.13
N PHE I 301 72.00 97.17 11.23
CA PHE I 301 73.08 96.20 11.11
C PHE I 301 74.39 96.89 10.71
N ASP I 302 74.34 97.74 9.70
CA ASP I 302 75.55 98.43 9.26
C ASP I 302 76.04 99.41 10.32
N PHE I 303 75.12 100.08 11.01
CA PHE I 303 75.52 101.00 12.07
C PHE I 303 76.23 100.28 13.20
N TYR I 304 75.72 99.11 13.60
CA TYR I 304 76.36 98.34 14.65
C TYR I 304 77.67 97.73 14.18
N LYS I 305 77.76 97.38 12.90
CA LYS I 305 79.04 96.93 12.36
C LYS I 305 80.08 98.05 12.42
N LYS I 306 79.65 99.29 12.15
CA LYS I 306 80.57 100.42 12.21
C LYS I 306 81.00 100.71 13.64
N HIS I 307 80.06 100.73 14.57
CA HIS I 307 80.34 101.11 15.96
C HIS I 307 80.27 99.92 16.90
N GLN I 308 80.75 98.76 16.45
CA GLN I 308 80.73 97.56 17.28
C GLN I 308 81.78 97.58 18.38
N ASP I 309 82.87 98.31 18.19
CA ASP I 309 83.96 98.30 19.17
C ASP I 309 83.54 98.98 20.46
N ALA I 310 82.72 100.03 20.38
CA ALA I 310 82.36 100.83 21.54
C ALA I 310 80.92 100.63 21.97
N MET I 311 79.97 100.64 21.04
CA MET I 311 78.57 100.58 21.39
C MET I 311 78.17 99.17 21.82
N THR I 312 77.34 99.09 22.84
CA THR I 312 76.73 97.85 23.29
C THR I 312 75.27 98.11 23.63
N PRO I 313 74.33 97.38 23.03
CA PRO I 313 72.91 97.65 23.30
C PRO I 313 72.53 97.21 24.70
N ALA I 314 71.89 98.13 25.45
CA ALA I 314 71.44 97.82 26.80
C ALA I 314 70.02 98.29 27.09
N GLY I 315 69.44 99.13 26.26
CA GLY I 315 68.07 99.58 26.46
C GLY I 315 67.26 99.41 25.20
N LEU I 316 66.00 99.00 25.39
CA LEU I 316 65.10 98.74 24.27
C LEU I 316 63.69 99.13 24.65
N ALA I 317 63.02 99.88 23.77
CA ALA I 317 61.63 100.29 23.99
C ALA I 317 60.99 100.43 22.61
N PHE I 318 60.12 99.48 22.27
CA PHE I 318 59.41 99.47 21.00
C PHE I 318 57.92 99.61 21.24
N PHE I 319 57.23 100.27 20.31
CA PHE I 319 55.80 100.48 20.43
C PHE I 319 55.17 100.48 19.04
N GLN I 320 53.86 100.24 19.00
CA GLN I 320 53.10 100.21 17.78
C GLN I 320 52.55 101.60 17.46
N CYS I 321 52.37 101.86 16.17
CA CYS I 321 51.88 103.16 15.72
C CYS I 321 51.13 102.98 14.41
N ARG I 322 49.90 103.47 14.36
CA ARG I 322 49.05 103.37 13.19
C ARG I 322 48.77 104.78 12.65
N TRP I 323 47.96 104.83 11.59
CA TRP I 323 47.64 106.10 10.94
C TRP I 323 46.55 106.83 11.71
N ASP I 324 46.62 108.16 11.67
CA ASP I 324 45.61 109.01 12.28
C ASP I 324 45.53 110.30 11.47
N ASP I 325 44.72 111.24 11.95
CA ASP I 325 44.54 112.50 11.23
C ASP I 325 45.79 113.37 11.25
N SER I 326 46.67 113.20 12.24
CA SER I 326 47.86 114.01 12.35
C SER I 326 48.96 113.64 11.34
N VAL I 327 48.83 112.49 10.68
CA VAL I 327 49.86 112.08 9.72
C VAL I 327 49.79 112.93 8.45
N THR I 328 48.61 113.43 8.11
CA THR I 328 48.49 114.27 6.92
C THR I 328 49.31 115.55 7.07
N ARG I 329 49.33 116.13 8.27
CA ARG I 329 50.13 117.33 8.49
C ARG I 329 51.61 117.04 8.30
N VAL I 330 52.09 115.91 8.83
CA VAL I 330 53.50 115.55 8.69
C VAL I 330 53.84 115.30 7.24
N PHE I 331 52.91 114.70 6.48
CA PHE I 331 53.20 114.41 5.08
C PHE I 331 53.19 115.67 4.23
N HIS I 332 52.29 116.62 4.54
CA HIS I 332 52.13 117.80 3.69
C HIS I 332 53.10 118.92 4.07
N GLN I 333 53.06 119.37 5.32
CA GLN I 333 53.84 120.54 5.70
C GLN I 333 55.31 120.20 5.86
N LEU I 334 55.63 119.12 6.58
CA LEU I 334 57.02 118.79 6.88
C LEU I 334 57.71 118.14 5.69
N LEU I 335 57.19 117.00 5.23
CA LEU I 335 57.87 116.22 4.20
C LEU I 335 57.59 116.72 2.79
N ASP I 336 56.56 117.56 2.62
CA ASP I 336 56.17 118.07 1.31
C ASP I 336 55.90 116.91 0.34
N MET I 337 54.95 116.07 0.72
CA MET I 337 54.56 114.92 -0.08
C MET I 337 53.05 114.77 -0.07
N ARG I 338 52.54 114.10 -1.10
CA ARG I 338 51.13 113.74 -1.15
C ARG I 338 50.90 112.46 -0.35
N GLU I 339 49.86 112.46 0.46
CA GLU I 339 49.56 111.35 1.35
C GLU I 339 49.29 110.07 0.56
N PRO I 340 50.15 109.06 0.62
CA PRO I 340 49.86 107.82 -0.10
C PRO I 340 48.90 106.95 0.69
N VAL I 341 48.00 106.29 -0.03
CA VAL I 341 46.97 105.45 0.58
C VAL I 341 47.07 104.05 -0.01
N PHE I 342 47.20 103.06 0.86
CA PHE I 342 47.21 101.66 0.48
C PHE I 342 45.89 101.00 0.89
N GLU I 343 45.79 99.70 0.67
CA GLU I 343 44.60 98.95 1.03
C GLU I 343 44.93 97.46 1.05
N PHE I 344 44.37 96.76 2.03
CA PHE I 344 44.56 95.32 2.16
C PHE I 344 43.65 94.62 1.16
N VAL I 345 44.15 94.45 -0.06
CA VAL I 345 43.41 93.77 -1.12
C VAL I 345 43.67 92.27 -1.03
N ARG I 346 42.63 91.49 -1.24
CA ARG I 346 42.77 90.05 -1.11
C ARG I 346 42.93 89.40 -2.49
N PRO I 347 43.60 88.25 -2.56
CA PRO I 347 43.73 87.56 -3.84
C PRO I 347 42.38 87.11 -4.35
N PRO I 348 42.21 87.03 -5.67
CA PRO I 348 40.93 86.61 -6.21
C PRO I 348 40.67 85.15 -5.91
N PRO I 349 39.41 84.75 -5.78
CA PRO I 349 39.12 83.34 -5.49
C PRO I 349 39.42 82.46 -6.69
N TYR I 350 39.84 81.23 -6.40
CA TYR I 350 40.17 80.28 -7.46
C TYR I 350 38.91 79.67 -8.05
N HIS I 351 38.93 79.50 -9.37
CA HIS I 351 37.86 78.84 -10.10
C HIS I 351 38.48 77.87 -11.09
N PRO I 352 37.92 76.68 -11.25
CA PRO I 352 38.50 75.70 -12.17
C PRO I 352 38.39 76.18 -13.61
N LYS I 353 39.09 75.45 -14.49
CA LYS I 353 39.01 75.74 -15.91
C LYS I 353 37.60 75.49 -16.41
N GLN I 354 37.03 76.48 -17.10
CA GLN I 354 35.66 76.39 -17.56
C GLN I 354 35.52 75.28 -18.60
N LYS I 355 34.58 74.37 -18.39
CA LYS I 355 34.37 73.25 -19.29
C LYS I 355 33.30 73.59 -20.32
N ARG I 356 33.28 72.81 -21.41
CA ARG I 356 32.32 73.04 -22.47
C ARG I 356 30.91 72.69 -22.01
N PHE I 357 30.74 71.52 -21.39
CA PHE I 357 29.45 71.05 -20.89
C PHE I 357 29.58 70.79 -19.40
N PRO I 358 29.29 71.78 -18.55
CA PRO I 358 29.33 71.55 -17.10
C PRO I 358 28.23 70.58 -16.69
N HIS I 359 28.62 69.56 -15.91
CA HIS I 359 27.71 68.50 -15.51
C HIS I 359 27.20 68.76 -14.10
N ARG I 360 25.87 68.75 -13.94
CA ARG I 360 25.21 68.91 -12.65
C ARG I 360 25.66 70.19 -11.94
N GLN I 361 25.96 71.23 -12.71
CA GLN I 361 26.35 72.48 -12.09
C GLN I 361 25.18 73.46 -12.10
N PRO I 362 25.07 74.30 -11.08
CA PRO I 362 23.97 75.26 -11.02
C PRO I 362 23.99 76.24 -12.19
N LEU I 363 22.88 76.94 -12.36
CA LEU I 363 22.77 77.90 -13.46
C LEU I 363 23.76 79.04 -13.31
N ARG I 364 24.14 79.37 -12.08
CA ARG I 364 25.11 80.43 -11.83
C ARG I 364 26.52 80.09 -12.26
N TYR I 365 26.72 78.91 -12.86
CA TYR I 365 28.06 78.51 -13.29
C TYR I 365 28.63 79.49 -14.31
N LEU I 366 27.78 80.12 -15.12
CA LEU I 366 28.25 81.10 -16.08
C LEU I 366 28.60 82.44 -15.42
N ASP I 367 28.11 82.68 -14.21
CA ASP I 367 28.43 83.91 -13.51
C ASP I 367 29.82 83.88 -12.89
N ARG I 368 30.42 82.69 -12.74
CA ARG I 368 31.76 82.60 -12.18
C ARG I 368 32.83 82.98 -13.19
N TYR I 369 32.50 83.00 -14.48
CA TYR I 369 33.45 83.36 -15.53
C TYR I 369 32.99 84.59 -16.31
N ARG I 370 32.05 85.34 -15.77
CA ARG I 370 31.56 86.56 -16.41
C ARG I 370 32.55 87.69 -16.17
N ASP I 371 32.95 88.37 -17.24
CA ASP I 371 33.89 89.48 -17.10
C ASP I 371 33.23 90.69 -16.44
N SER I 372 32.05 91.07 -16.93
CA SER I 372 31.33 92.20 -16.36
C SER I 372 29.84 91.94 -16.46
N HIS I 373 29.08 92.47 -15.49
CA HIS I 373 27.63 92.27 -15.44
C HIS I 373 26.92 93.27 -16.36
N GLU I 374 27.28 93.20 -17.64
CA GLU I 374 26.71 94.06 -18.67
C GLU I 374 26.45 93.18 -19.90
N PRO I 375 25.24 93.21 -20.45
CA PRO I 375 24.97 92.43 -21.67
C PRO I 375 25.77 92.99 -22.85
N THR I 376 26.62 92.15 -23.43
CA THR I 376 27.49 92.55 -24.52
C THR I 376 26.82 92.21 -25.85
N TYR I 377 26.50 93.24 -26.63
CA TYR I 377 25.90 93.08 -27.95
C TYR I 377 26.99 93.28 -28.99
N GLY I 378 27.49 92.18 -29.55
CA GLY I 378 28.61 92.23 -30.46
C GLY I 378 28.34 92.98 -31.76
N ILE I 379 27.45 92.44 -32.59
CA ILE I 379 27.16 93.02 -33.89
C ILE I 379 25.78 93.62 -33.96
N TYR I 380 24.96 93.48 -32.93
CA TYR I 380 23.61 94.01 -32.94
C TYR I 380 23.57 95.42 -32.34
N SER J 30 82.45 -18.41 -113.08
CA SER J 30 83.03 -17.08 -112.96
C SER J 30 83.11 -16.65 -111.49
N GLN J 31 83.93 -15.64 -111.22
CA GLN J 31 84.12 -15.12 -109.87
C GLN J 31 82.95 -14.19 -109.55
N LEU J 32 81.87 -14.77 -109.01
CA LEU J 32 80.67 -14.02 -108.70
C LEU J 32 80.15 -14.45 -107.33
N SER J 33 80.02 -13.47 -106.42
CA SER J 33 79.48 -13.74 -105.10
C SER J 33 78.01 -14.15 -105.21
N PRO J 34 77.50 -14.92 -104.25
CA PRO J 34 76.06 -15.24 -104.27
C PRO J 34 75.18 -14.01 -104.21
N THR J 35 75.55 -13.02 -103.40
CA THR J 35 74.77 -11.78 -103.36
C THR J 35 74.84 -11.05 -104.70
N GLU J 36 76.00 -11.11 -105.37
CA GLU J 36 76.12 -10.51 -106.69
C GLU J 36 75.23 -11.23 -107.70
N LEU J 37 75.15 -12.56 -107.61
CA LEU J 37 74.26 -13.31 -108.50
C LEU J 37 72.81 -12.95 -108.24
N ILE J 38 72.42 -12.83 -106.97
CA ILE J 38 71.05 -12.44 -106.64
C ILE J 38 70.75 -11.05 -107.20
N GLU J 39 71.69 -10.13 -107.05
CA GLU J 39 71.49 -8.77 -107.56
C GLU J 39 71.38 -8.77 -109.08
N MET J 40 72.23 -9.54 -109.77
CA MET J 40 72.16 -9.59 -111.23
C MET J 40 70.84 -10.19 -111.69
N GLN J 41 70.39 -11.26 -111.03
CA GLN J 41 69.11 -11.86 -111.39
C GLN J 41 67.97 -10.88 -111.18
N ASN J 42 67.97 -10.18 -110.05
CA ASN J 42 66.92 -9.20 -109.78
C ASN J 42 66.94 -8.07 -110.81
N ASP J 43 68.14 -7.58 -111.16
CA ASP J 43 68.23 -6.50 -112.13
C ASP J 43 67.76 -6.94 -113.51
N LEU J 44 68.13 -8.15 -113.93
CA LEU J 44 67.71 -8.61 -115.25
C LEU J 44 66.20 -8.87 -115.29
N PHE J 45 65.65 -9.43 -114.21
CA PHE J 45 64.20 -9.61 -114.14
C PHE J 45 63.48 -8.27 -114.15
N ASN J 46 64.06 -7.26 -113.49
CA ASN J 46 63.46 -5.93 -113.48
C ASN J 46 63.50 -5.30 -114.86
N LYS J 47 64.61 -5.49 -115.59
CA LYS J 47 64.69 -4.98 -116.96
C LYS J 47 63.65 -5.65 -117.85
N GLU J 48 63.50 -6.97 -117.73
CA GLU J 48 62.49 -7.66 -118.52
C GLU J 48 61.08 -7.22 -118.16
N LYS J 49 60.84 -6.97 -116.86
CA LYS J 49 59.54 -6.50 -116.43
C LYS J 49 59.24 -5.11 -116.97
N ASN J 50 60.25 -4.23 -116.97
CA ASN J 50 60.06 -2.89 -117.53
C ASN J 50 59.81 -2.97 -119.03
N ARG J 51 60.48 -3.89 -119.72
CA ARG J 51 60.22 -4.07 -121.14
C ARG J 51 58.78 -4.56 -121.37
N GLN J 52 58.33 -5.52 -120.57
CA GLN J 52 56.96 -6.00 -120.69
C GLN J 52 55.95 -4.89 -120.44
N LEU J 53 56.24 -4.02 -119.46
CA LEU J 53 55.32 -2.93 -119.14
C LEU J 53 55.31 -1.87 -120.25
N SER J 54 56.48 -1.57 -120.82
CA SER J 54 56.57 -0.58 -121.88
C SER J 54 56.10 -1.12 -123.22
N LEU J 55 55.93 -2.44 -123.35
CA LEU J 55 55.38 -3.00 -124.56
C LEU J 55 54.03 -2.38 -124.92
N THR J 56 53.22 -2.05 -123.91
CA THR J 56 51.96 -1.36 -124.14
C THR J 56 52.10 0.10 -123.71
N PRO J 57 52.07 1.05 -124.64
CA PRO J 57 52.26 2.46 -124.26
C PRO J 57 51.03 3.05 -123.59
N ARG J 58 49.85 2.59 -123.99
CA ARG J 58 48.58 3.12 -123.49
C ARG J 58 47.97 2.16 -122.48
N THR J 59 46.89 2.63 -121.86
CA THR J 59 46.12 1.83 -120.89
C THR J 59 44.79 1.50 -121.54
N GLU J 60 44.69 0.30 -122.09
CA GLU J 60 43.47 -0.13 -122.77
C GLU J 60 42.44 -0.63 -121.76
N LYS J 61 41.17 -0.47 -122.12
CA LYS J 61 40.06 -0.91 -121.28
C LYS J 61 39.60 -2.29 -121.73
N ILE J 62 39.57 -3.23 -120.79
CA ILE J 62 39.08 -4.57 -121.03
C ILE J 62 37.82 -4.81 -120.19
N GLU J 63 36.87 -5.52 -120.77
CA GLU J 63 35.59 -5.80 -120.12
C GLU J 63 35.61 -7.25 -119.64
N VAL J 64 35.76 -7.42 -118.33
CA VAL J 64 35.90 -8.74 -117.72
C VAL J 64 34.59 -9.12 -117.05
N LYS J 65 34.04 -10.28 -117.43
CA LYS J 65 32.85 -10.80 -116.79
C LYS J 65 33.24 -11.67 -115.60
N HIS J 66 32.33 -11.78 -114.65
CA HIS J 66 32.50 -12.66 -113.50
C HIS J 66 31.55 -13.85 -113.65
N VAL J 67 32.10 -15.02 -113.96
CA VAL J 67 31.27 -16.19 -114.24
C VAL J 67 31.12 -17.00 -112.95
N GLY J 68 31.51 -16.41 -111.83
CA GLY J 68 31.45 -17.10 -110.56
C GLY J 68 30.02 -17.45 -110.14
N LYS J 69 29.94 -18.19 -109.04
CA LYS J 69 28.64 -18.68 -108.56
C LYS J 69 27.97 -17.70 -107.62
N THR J 70 28.74 -16.87 -106.91
CA THR J 70 28.17 -15.99 -105.90
C THR J 70 27.44 -14.80 -106.54
N ASP J 71 28.18 -13.98 -107.30
CA ASP J 71 27.64 -12.76 -107.89
C ASP J 71 27.70 -12.86 -109.40
N PRO J 72 26.66 -13.38 -110.06
CA PRO J 72 26.67 -13.47 -111.51
C PRO J 72 26.36 -12.14 -112.17
N GLY J 73 26.80 -12.01 -113.43
CA GLY J 73 26.57 -10.81 -114.20
C GLY J 73 27.45 -9.64 -113.84
N THR J 74 28.43 -9.82 -112.96
CA THR J 74 29.30 -8.72 -112.57
C THR J 74 30.27 -8.39 -113.69
N VAL J 75 30.43 -7.10 -113.98
CA VAL J 75 31.30 -6.63 -115.05
C VAL J 75 32.37 -5.71 -114.45
N PHE J 76 33.59 -5.85 -114.96
CA PHE J 76 34.73 -5.06 -114.50
C PHE J 76 35.36 -4.37 -115.69
N VAL J 77 35.63 -3.08 -115.54
CA VAL J 77 36.33 -2.30 -116.57
C VAL J 77 37.78 -2.20 -116.10
N MET J 78 38.60 -3.15 -116.53
CA MET J 78 39.97 -3.27 -116.05
C MET J 78 40.95 -2.70 -117.05
N ASN J 79 42.19 -2.53 -116.59
CA ASN J 79 43.27 -2.02 -117.43
C ASN J 79 44.06 -3.19 -118.01
N LYS J 80 44.42 -3.06 -119.29
CA LYS J 80 45.15 -4.12 -119.97
C LYS J 80 46.59 -4.18 -119.46
N ASN J 81 47.03 -5.38 -119.11
CA ASN J 81 48.38 -5.66 -118.63
C ASN J 81 48.72 -4.90 -117.35
N ILE J 82 47.73 -4.33 -116.67
CA ILE J 82 47.93 -3.62 -115.41
C ILE J 82 47.04 -4.18 -114.31
N SER J 83 45.74 -4.29 -114.56
CA SER J 83 44.83 -4.83 -113.57
C SER J 83 45.05 -6.32 -113.39
N THR J 84 44.79 -6.81 -112.19
CA THR J 84 45.01 -8.18 -111.80
C THR J 84 43.74 -8.77 -111.20
N PRO J 85 43.62 -10.10 -111.20
CA PRO J 85 42.50 -10.71 -110.47
C PRO J 85 42.50 -10.37 -108.99
N TYR J 86 43.66 -10.04 -108.43
CA TYR J 86 43.68 -9.51 -107.07
C TYR J 86 42.95 -8.18 -106.99
N SER J 87 43.16 -7.32 -107.99
CA SER J 87 42.40 -6.07 -108.05
C SER J 87 40.92 -6.32 -108.28
N CYS J 88 40.58 -7.37 -109.03
CA CYS J 88 39.18 -7.73 -109.21
C CYS J 88 38.56 -8.16 -107.87
N ALA J 89 39.28 -8.95 -107.09
CA ALA J 89 38.80 -9.33 -105.77
C ALA J 89 38.67 -8.11 -104.87
N MET J 90 39.60 -7.16 -104.98
CA MET J 90 39.48 -5.93 -104.21
C MET J 90 38.23 -5.15 -104.62
N HIS J 91 37.92 -5.14 -105.90
CA HIS J 91 36.68 -4.51 -106.37
C HIS J 91 35.47 -5.21 -105.78
N LEU J 92 35.51 -6.53 -105.68
CA LEU J 92 34.35 -7.28 -105.20
C LEU J 92 34.15 -7.10 -103.70
N SER J 93 35.12 -7.57 -102.90
CA SER J 93 35.05 -7.50 -101.44
C SER J 93 36.33 -8.11 -100.89
N GLU J 94 36.62 -7.78 -99.63
CA GLU J 94 37.81 -8.31 -98.97
C GLU J 94 37.71 -9.80 -98.70
N TRP J 95 36.50 -10.35 -98.60
CA TRP J 95 36.35 -11.78 -98.38
C TRP J 95 36.94 -12.57 -99.54
N TYR J 96 36.81 -12.07 -100.77
CA TYR J 96 37.44 -12.72 -101.91
C TYR J 96 38.96 -12.65 -101.81
N CYS J 97 39.49 -11.48 -101.44
CA CYS J 97 40.94 -11.35 -101.27
C CYS J 97 41.46 -12.29 -100.19
N ARG J 98 40.63 -12.61 -99.20
CA ARG J 98 41.06 -13.50 -98.14
C ARG J 98 40.96 -14.97 -98.55
N LYS J 99 39.86 -15.35 -99.19
CA LYS J 99 39.60 -16.75 -99.50
C LYS J 99 40.22 -17.17 -100.83
N SER J 100 39.85 -16.52 -101.91
CA SER J 100 40.21 -16.97 -103.25
C SER J 100 41.72 -17.01 -103.43
N ILE J 101 42.24 -18.19 -103.76
CA ILE J 101 43.66 -18.37 -104.01
C ILE J 101 43.97 -18.36 -105.50
N LEU J 102 43.21 -19.10 -106.28
CA LEU J 102 43.50 -19.24 -107.71
C LEU J 102 42.40 -18.58 -108.53
N ALA J 103 42.74 -18.28 -109.78
CA ALA J 103 41.79 -17.68 -110.72
C ALA J 103 41.71 -18.54 -111.97
N LEU J 104 40.50 -18.69 -112.50
CA LEU J 104 40.25 -19.40 -113.74
C LEU J 104 39.81 -18.37 -114.77
N VAL J 105 40.71 -18.05 -115.70
CA VAL J 105 40.40 -17.08 -116.76
C VAL J 105 39.84 -17.88 -117.92
N ASP J 106 38.58 -18.29 -117.78
CA ASP J 106 37.72 -18.75 -118.86
C ASP J 106 38.17 -20.07 -119.48
N GLY J 107 39.42 -20.46 -119.29
CA GLY J 107 39.86 -21.75 -119.79
C GLY J 107 40.99 -22.43 -119.05
N GLN J 108 41.55 -21.77 -118.05
CA GLN J 108 42.84 -22.18 -117.50
C GLN J 108 43.03 -21.54 -116.14
N PRO J 109 43.87 -22.11 -115.28
CA PRO J 109 44.19 -21.47 -114.01
C PRO J 109 44.98 -20.18 -114.24
N TRP J 110 45.06 -19.39 -113.18
CA TRP J 110 45.69 -18.08 -113.24
C TRP J 110 45.98 -17.61 -111.83
N ASP J 111 47.22 -17.15 -111.59
CA ASP J 111 47.57 -16.62 -110.29
C ASP J 111 46.98 -15.22 -110.11
N MET J 112 47.01 -14.74 -108.86
CA MET J 112 46.40 -13.45 -108.55
C MET J 112 47.24 -12.27 -109.03
N TYR J 113 48.57 -12.41 -109.02
CA TYR J 113 49.46 -11.31 -109.35
C TYR J 113 49.98 -11.37 -110.79
N LYS J 114 49.15 -11.83 -111.72
CA LYS J 114 49.50 -11.86 -113.12
C LYS J 114 48.54 -10.95 -113.90
N PRO J 115 49.05 -9.99 -114.66
CA PRO J 115 48.17 -9.06 -115.36
C PRO J 115 47.32 -9.74 -116.42
N LEU J 116 46.11 -9.22 -116.60
CA LEU J 116 45.22 -9.72 -117.64
C LEU J 116 45.68 -9.21 -119.01
N THR J 117 45.28 -9.94 -120.05
CA THR J 117 45.65 -9.64 -121.42
C THR J 117 44.50 -9.05 -122.23
N LYS J 118 43.37 -9.75 -122.29
CA LYS J 118 42.23 -9.34 -123.10
C LYS J 118 40.94 -9.54 -122.32
N SER J 119 39.82 -9.18 -122.94
CA SER J 119 38.52 -9.37 -122.32
C SER J 119 38.21 -10.85 -122.18
N CYS J 120 37.67 -11.23 -121.03
CA CYS J 120 37.47 -12.63 -120.69
C CYS J 120 36.47 -12.72 -119.55
N GLU J 121 36.33 -13.91 -118.97
CA GLU J 121 35.53 -14.13 -117.78
C GLU J 121 36.38 -14.82 -116.73
N ILE J 122 36.17 -14.45 -115.47
CA ILE J 122 36.97 -14.90 -114.34
C ILE J 122 36.09 -15.69 -113.40
N LYS J 123 36.65 -16.77 -112.84
CA LYS J 123 36.01 -17.52 -111.77
C LYS J 123 37.04 -17.80 -110.69
N PHE J 124 36.75 -17.40 -109.46
CA PHE J 124 37.70 -17.58 -108.37
C PHE J 124 37.63 -19.01 -107.82
N LEU J 125 38.75 -19.45 -107.25
CA LEU J 125 38.87 -20.82 -106.75
C LEU J 125 39.57 -20.80 -105.40
N THR J 126 38.95 -21.43 -104.41
CA THR J 126 39.41 -21.49 -103.04
C THR J 126 39.87 -22.91 -102.70
N PHE J 127 40.22 -23.12 -101.43
CA PHE J 127 40.69 -24.43 -101.00
C PHE J 127 39.54 -25.39 -100.73
N LYS J 128 38.43 -24.89 -100.20
CA LYS J 128 37.29 -25.72 -99.82
C LYS J 128 36.25 -25.85 -100.92
N ASP J 129 36.65 -25.71 -102.17
CA ASP J 129 35.70 -25.85 -103.27
C ASP J 129 35.47 -27.32 -103.60
N ASP J 130 34.54 -27.57 -104.53
CA ASP J 130 34.20 -28.95 -104.87
C ASP J 130 35.30 -29.61 -105.69
N ASP J 131 35.96 -28.84 -106.56
CA ASP J 131 37.05 -29.34 -107.39
C ASP J 131 38.31 -28.50 -107.14
N PRO J 132 38.92 -28.64 -105.96
CA PRO J 132 40.06 -27.78 -105.61
C PRO J 132 41.40 -28.35 -106.06
N GLY J 133 41.40 -29.30 -106.99
CA GLY J 133 42.63 -29.96 -107.38
C GLY J 133 43.68 -28.99 -107.92
N GLU J 134 43.26 -28.06 -108.77
CA GLU J 134 44.20 -27.10 -109.34
C GLU J 134 44.81 -26.21 -108.26
N VAL J 135 43.98 -25.75 -107.31
CA VAL J 135 44.48 -24.91 -106.25
C VAL J 135 45.43 -25.69 -105.34
N ASN J 136 45.12 -26.97 -105.09
CA ASN J 136 46.01 -27.80 -104.30
C ASN J 136 47.35 -27.98 -104.97
N LYS J 137 47.34 -28.22 -106.29
CA LYS J 137 48.60 -28.37 -107.02
C LYS J 137 49.39 -27.06 -107.02
N ALA J 138 48.69 -25.92 -107.14
CA ALA J 138 49.38 -24.63 -107.09
C ALA J 138 50.03 -24.39 -105.74
N TYR J 139 49.31 -24.71 -104.66
CA TYR J 139 49.89 -24.60 -103.33
C TYR J 139 51.08 -25.53 -103.16
N TRP J 140 50.99 -26.73 -103.74
CA TRP J 140 52.10 -27.68 -103.71
C TRP J 140 53.33 -27.08 -104.39
N ARG J 141 53.14 -26.51 -105.58
CA ARG J 141 54.26 -25.90 -106.30
C ARG J 141 54.84 -24.73 -105.53
N SER J 142 53.98 -23.93 -104.89
CA SER J 142 54.46 -22.80 -104.11
C SER J 142 55.31 -23.27 -102.94
N CYS J 143 54.85 -24.29 -102.21
CA CYS J 143 55.62 -24.80 -101.09
C CYS J 143 56.94 -25.42 -101.57
N ALA J 144 56.91 -26.09 -102.72
CA ALA J 144 58.14 -26.65 -103.27
C ALA J 144 59.14 -25.56 -103.60
N MET J 145 58.67 -24.47 -104.21
CA MET J 145 59.58 -23.36 -104.53
C MET J 145 60.13 -22.71 -103.26
N MET J 146 59.28 -22.58 -102.23
CA MET J 146 59.76 -22.00 -100.97
C MET J 146 60.84 -22.88 -100.35
N MET J 147 60.60 -24.20 -100.31
CA MET J 147 61.61 -25.10 -99.76
C MET J 147 62.89 -25.07 -100.57
N GLY J 148 62.77 -24.98 -101.90
CA GLY J 148 63.97 -24.88 -102.72
C GLY J 148 64.76 -23.62 -102.45
N CYS J 149 64.07 -22.49 -102.29
CA CYS J 149 64.76 -21.24 -101.96
C CYS J 149 65.46 -21.34 -100.60
N VAL J 150 64.77 -21.92 -99.61
CA VAL J 150 65.37 -22.05 -98.29
C VAL J 150 66.61 -22.94 -98.34
N ILE J 151 66.54 -24.05 -99.08
CA ILE J 151 67.69 -24.94 -99.19
C ILE J 151 68.83 -24.24 -99.91
N GLU J 152 68.52 -23.49 -100.97
CA GLU J 152 69.57 -22.81 -101.73
C GLU J 152 70.26 -21.74 -100.91
N ARG J 153 69.52 -21.03 -100.06
CA ARG J 153 70.09 -19.91 -99.32
C ARG J 153 70.45 -20.25 -97.87
N ALA J 154 70.29 -21.50 -97.44
CA ALA J 154 70.67 -21.87 -96.09
C ALA J 154 72.03 -22.57 -96.01
N PHE J 155 72.73 -22.72 -97.12
CA PHE J 155 74.02 -23.42 -97.12
C PHE J 155 75.15 -22.42 -97.25
N LYS J 156 76.37 -22.92 -97.02
CA LYS J 156 77.55 -22.07 -96.98
C LYS J 156 77.91 -21.60 -98.39
N ASP J 157 78.74 -20.56 -98.44
CA ASP J 157 79.17 -19.99 -99.73
C ASP J 157 80.19 -20.87 -100.41
N GLU J 158 81.12 -21.45 -99.65
CA GLU J 158 82.19 -22.26 -100.23
C GLU J 158 81.66 -23.52 -100.90
N TYR J 159 80.50 -24.01 -100.48
CA TYR J 159 79.89 -25.17 -101.11
C TYR J 159 79.01 -24.75 -102.27
N VAL J 160 78.94 -25.60 -103.28
CA VAL J 160 78.11 -25.35 -104.46
C VAL J 160 76.80 -26.12 -104.31
N VAL J 161 75.70 -25.45 -104.63
CA VAL J 161 74.36 -26.00 -104.48
C VAL J 161 73.53 -25.60 -105.69
N SER J 162 72.94 -26.58 -106.37
CA SER J 162 72.18 -26.32 -107.58
C SER J 162 70.81 -26.97 -107.48
N LEU J 163 69.76 -26.17 -107.63
CA LEU J 163 68.40 -26.70 -107.68
C LEU J 163 68.13 -27.29 -109.05
N VAL J 164 67.55 -28.49 -109.08
CA VAL J 164 67.31 -29.16 -110.36
C VAL J 164 65.95 -28.74 -110.90
N ARG J 165 64.89 -29.07 -110.18
CA ARG J 165 63.52 -28.75 -110.60
C ARG J 165 62.60 -29.05 -109.42
N ALA J 166 61.29 -28.89 -109.66
CA ALA J 166 60.27 -29.21 -108.69
C ALA J 166 59.50 -30.44 -109.17
N PRO J 167 59.76 -31.63 -108.62
CA PRO J 167 59.06 -32.83 -109.08
C PRO J 167 57.56 -32.74 -108.81
N GLU J 168 56.78 -32.79 -109.90
CA GLU J 168 55.34 -32.69 -109.81
C GLU J 168 54.77 -33.99 -109.26
N VAL J 169 54.55 -34.03 -107.95
CA VAL J 169 53.91 -35.17 -107.32
C VAL J 169 52.45 -34.81 -107.05
N PRO J 170 51.52 -35.76 -107.15
CA PRO J 170 50.11 -35.44 -106.89
C PRO J 170 49.87 -35.15 -105.42
N VAL J 171 48.63 -34.76 -105.12
CA VAL J 171 48.25 -34.44 -103.75
C VAL J 171 48.25 -35.68 -102.86
N ILE J 172 48.02 -36.87 -103.44
CA ILE J 172 47.97 -38.09 -102.65
C ILE J 172 49.31 -38.35 -101.98
N ALA J 173 50.41 -37.99 -102.66
CA ALA J 173 51.72 -38.08 -102.05
C ALA J 173 51.79 -37.18 -100.82
N GLY J 174 52.30 -37.73 -99.72
CA GLY J 174 52.26 -37.05 -98.44
C GLY J 174 53.20 -35.89 -98.26
N ALA J 175 53.94 -35.48 -99.29
CA ALA J 175 54.89 -34.40 -99.14
C ALA J 175 55.25 -33.84 -100.50
N PHE J 176 55.76 -32.60 -100.50
CA PHE J 176 56.32 -32.01 -101.70
C PHE J 176 57.84 -32.14 -101.69
N CYS J 177 58.40 -32.55 -102.82
CA CYS J 177 59.81 -32.86 -102.93
C CYS J 177 60.51 -31.80 -103.78
N TYR J 178 61.83 -31.70 -103.57
CA TYR J 178 62.67 -30.81 -104.33
C TYR J 178 64.05 -31.44 -104.48
N ASP J 179 64.59 -31.37 -105.70
CA ASP J 179 65.85 -32.00 -106.04
C ASP J 179 66.99 -30.99 -105.98
N VAL J 180 68.03 -31.30 -105.22
CA VAL J 180 69.17 -30.42 -105.03
C VAL J 180 70.45 -31.22 -105.23
N VAL J 181 71.37 -30.69 -106.03
CA VAL J 181 72.69 -31.28 -106.21
C VAL J 181 73.68 -30.47 -105.39
N LEU J 182 74.32 -31.11 -104.43
CA LEU J 182 75.29 -30.49 -103.56
C LEU J 182 76.70 -30.66 -104.12
N ASP J 183 77.68 -30.17 -103.36
CA ASP J 183 79.07 -30.34 -103.76
C ASP J 183 79.49 -31.79 -103.63
N LYS J 184 80.60 -32.12 -104.29
CA LYS J 184 81.10 -33.49 -104.25
C LYS J 184 81.55 -33.89 -102.85
N ARG J 185 82.03 -32.91 -102.06
CA ARG J 185 82.51 -33.19 -100.72
C ARG J 185 81.39 -33.29 -99.69
N LEU J 186 80.15 -32.99 -100.07
CA LEU J 186 79.01 -33.10 -99.18
C LEU J 186 78.19 -34.36 -99.42
N ASP J 187 78.71 -35.29 -100.21
CA ASP J 187 77.98 -36.52 -100.52
C ASP J 187 78.09 -37.58 -99.44
N GLU J 188 78.71 -37.27 -98.30
CA GLU J 188 78.90 -38.25 -97.25
C GLU J 188 77.88 -38.08 -96.12
N TRP J 189 77.71 -36.85 -95.63
CA TRP J 189 76.84 -36.60 -94.50
C TRP J 189 75.42 -36.29 -94.98
N MET J 190 74.46 -36.55 -94.11
CA MET J 190 73.06 -36.22 -94.32
C MET J 190 72.56 -35.34 -93.17
N PRO J 191 71.65 -34.40 -93.45
CA PRO J 191 71.20 -33.48 -92.40
C PRO J 191 70.50 -34.24 -91.27
N THR J 192 70.83 -33.86 -90.04
CA THR J 192 70.29 -34.52 -88.85
C THR J 192 69.01 -33.83 -88.42
N LYS J 193 68.50 -34.22 -87.24
CA LYS J 193 67.29 -33.60 -86.72
C LYS J 193 67.50 -32.11 -86.45
N GLU J 194 68.69 -31.75 -85.98
CA GLU J 194 68.99 -30.33 -85.75
C GLU J 194 68.98 -29.55 -87.06
N ASN J 195 69.53 -30.14 -88.13
CA ASN J 195 69.53 -29.47 -89.42
C ASN J 195 68.12 -29.34 -89.98
N LEU J 196 67.30 -30.38 -89.80
CA LEU J 196 65.92 -30.31 -90.27
C LEU J 196 65.14 -29.24 -89.51
N HIS J 197 65.35 -29.14 -88.19
CA HIS J 197 64.69 -28.11 -87.42
C HIS J 197 65.18 -26.72 -87.80
N SER J 198 66.47 -26.59 -88.15
CA SER J 198 66.98 -25.31 -88.63
C SER J 198 66.35 -24.92 -89.95
N PHE J 199 66.21 -25.88 -90.87
CA PHE J 199 65.52 -25.60 -92.13
C PHE J 199 64.08 -25.18 -91.88
N THR J 200 63.41 -25.84 -90.95
CA THR J 200 62.02 -25.48 -90.63
C THR J 200 61.94 -24.07 -90.04
N LYS J 201 62.90 -23.72 -89.17
CA LYS J 201 62.92 -22.37 -88.60
C LYS J 201 63.18 -21.32 -89.69
N ASP J 202 64.07 -21.63 -90.63
CA ASP J 202 64.32 -20.71 -91.74
C ASP J 202 63.06 -20.53 -92.58
N ALA J 203 62.35 -21.62 -92.85
CA ALA J 203 61.12 -21.52 -93.64
C ALA J 203 60.06 -20.71 -92.90
N ARG J 204 59.95 -20.91 -91.59
CA ARG J 204 58.98 -20.13 -90.81
C ARG J 204 59.34 -18.65 -90.80
N ALA J 205 60.62 -18.34 -90.67
CA ALA J 205 61.04 -16.94 -90.70
C ALA J 205 60.77 -16.33 -92.08
N LEU J 206 60.95 -17.12 -93.14
CA LEU J 206 60.65 -16.62 -94.48
C LEU J 206 59.16 -16.39 -94.65
N ILE J 207 58.32 -17.26 -94.08
CA ILE J 207 56.88 -17.09 -94.18
C ILE J 207 56.43 -15.87 -93.39
N TYR J 208 57.07 -15.62 -92.23
CA TYR J 208 56.65 -14.51 -91.37
C TYR J 208 56.58 -13.20 -92.13
N LYS J 209 57.59 -12.90 -92.93
CA LYS J 209 57.56 -11.72 -93.79
C LYS J 209 56.77 -12.04 -95.05
N ASP J 210 55.67 -11.32 -95.25
CA ASP J 210 54.79 -11.57 -96.40
C ASP J 210 55.53 -11.27 -97.69
N LEU J 211 55.65 -12.27 -98.55
CA LEU J 211 56.35 -12.13 -99.82
C LEU J 211 55.41 -12.46 -100.97
N PRO J 212 55.12 -11.51 -101.86
CA PRO J 212 54.23 -11.81 -103.00
C PRO J 212 54.95 -12.59 -104.08
N PHE J 213 54.23 -13.54 -104.66
CA PHE J 213 54.74 -14.32 -105.79
C PHE J 213 54.37 -13.63 -107.09
N GLU J 214 55.38 -13.23 -107.86
CA GLU J 214 55.17 -12.57 -109.14
C GLU J 214 55.54 -13.52 -110.27
N THR J 215 54.64 -13.66 -111.24
CA THR J 215 54.85 -14.55 -112.38
C THR J 215 55.04 -13.72 -113.63
N LEU J 216 56.01 -14.13 -114.45
CA LEU J 216 56.33 -13.42 -115.69
C LEU J 216 56.49 -14.43 -116.82
N GLU J 217 56.11 -14.03 -118.03
CA GLU J 217 56.27 -14.85 -119.22
C GLU J 217 57.45 -14.32 -120.01
N VAL J 218 58.53 -15.09 -120.07
CA VAL J 218 59.76 -14.67 -120.75
C VAL J 218 60.09 -15.68 -121.84
N GLU J 219 61.21 -15.48 -122.52
CA GLU J 219 61.70 -16.42 -123.51
C GLU J 219 62.91 -17.16 -122.97
N ALA J 220 63.20 -18.31 -123.60
CA ALA J 220 64.38 -19.07 -123.22
C ALA J 220 65.66 -18.28 -123.49
N LYS J 221 65.64 -17.42 -124.52
CA LYS J 221 66.81 -16.62 -124.84
C LYS J 221 67.23 -15.73 -123.67
N VAL J 222 66.26 -15.23 -122.90
CA VAL J 222 66.59 -14.42 -121.74
C VAL J 222 66.69 -15.26 -120.47
N ALA J 223 65.98 -16.39 -120.40
CA ALA J 223 66.09 -17.25 -119.22
C ALA J 223 67.48 -17.86 -119.10
N LEU J 224 68.09 -18.21 -120.23
CA LEU J 224 69.43 -18.77 -120.22
C LEU J 224 70.43 -17.79 -119.62
N GLU J 225 70.36 -16.52 -120.03
CA GLU J 225 71.26 -15.52 -119.47
C GLU J 225 70.85 -15.09 -118.06
N ILE J 226 69.58 -15.29 -117.68
CA ILE J 226 69.17 -15.03 -116.31
C ILE J 226 69.83 -16.02 -115.36
N PHE J 227 69.75 -17.31 -115.68
CA PHE J 227 70.35 -18.31 -114.79
C PHE J 227 71.85 -18.41 -115.00
N GLN J 228 72.29 -18.83 -116.19
CA GLN J 228 73.67 -18.76 -116.64
C GLN J 228 74.63 -19.59 -115.78
N HIS J 229 74.13 -20.22 -114.74
CA HIS J 229 75.05 -20.97 -113.88
C HIS J 229 74.64 -22.41 -113.64
N ASN J 230 73.35 -22.68 -113.51
CA ASN J 230 72.87 -24.03 -113.21
C ASN J 230 72.61 -24.76 -114.52
N LYS J 231 73.46 -25.74 -114.84
CA LYS J 231 73.27 -26.53 -116.05
C LYS J 231 71.96 -27.30 -116.00
N TYR J 232 71.58 -27.78 -114.80
CA TYR J 232 70.30 -28.47 -114.67
C TYR J 232 69.14 -27.53 -114.94
N LYS J 233 69.23 -26.29 -114.43
CA LYS J 233 68.17 -25.32 -114.71
C LYS J 233 68.11 -24.97 -116.19
N LEU J 234 69.28 -24.87 -116.84
CA LEU J 234 69.28 -24.59 -118.27
C LEU J 234 68.65 -25.72 -119.06
N ASP J 235 68.98 -26.97 -118.71
CA ASP J 235 68.37 -28.11 -119.39
C ASP J 235 66.87 -28.16 -119.13
N PHE J 236 66.44 -27.82 -117.91
CA PHE J 236 65.02 -27.78 -117.62
C PHE J 236 64.30 -26.72 -118.44
N ILE J 237 64.91 -25.53 -118.55
CA ILE J 237 64.32 -24.47 -119.36
C ILE J 237 64.25 -24.91 -120.82
N GLU J 238 65.29 -25.57 -121.32
CA GLU J 238 65.28 -26.03 -122.70
C GLU J 238 64.19 -27.07 -122.93
N GLU J 239 64.05 -28.03 -122.02
CA GLU J 239 63.03 -29.08 -122.20
C GLU J 239 61.62 -28.55 -121.98
N LYS J 240 61.47 -27.45 -121.23
CA LYS J 240 60.15 -26.83 -121.10
C LYS J 240 59.82 -25.95 -122.29
N ALA J 241 60.82 -25.33 -122.90
CA ALA J 241 60.59 -24.53 -124.11
C ALA J 241 60.47 -25.38 -125.36
N SER J 242 60.95 -26.62 -125.32
CA SER J 242 60.78 -27.52 -126.45
C SER J 242 59.31 -27.78 -126.74
N GLN J 243 58.53 -28.10 -125.70
CA GLN J 243 57.10 -28.31 -125.86
C GLN J 243 56.33 -27.02 -126.06
N ASN J 244 56.97 -25.86 -125.93
CA ASN J 244 56.32 -24.58 -126.15
C ASN J 244 56.66 -24.09 -127.55
N PRO J 245 55.67 -23.97 -128.44
CA PRO J 245 55.98 -23.55 -129.81
C PRO J 245 56.59 -22.15 -129.90
N GLU J 246 56.18 -21.24 -129.03
CA GLU J 246 56.67 -19.87 -129.06
C GLU J 246 57.87 -19.65 -128.15
N ARG J 247 58.40 -20.71 -127.53
CA ARG J 247 59.52 -20.61 -126.60
C ARG J 247 59.18 -19.65 -125.46
N ILE J 248 58.10 -19.97 -124.76
CA ILE J 248 57.58 -19.17 -123.65
C ILE J 248 57.80 -19.93 -122.35
N VAL J 249 58.49 -19.29 -121.41
CA VAL J 249 58.83 -19.88 -120.12
C VAL J 249 58.20 -19.05 -119.02
N LYS J 250 57.61 -19.73 -118.04
CA LYS J 250 57.02 -19.06 -116.88
C LYS J 250 58.06 -18.96 -115.77
N LEU J 251 58.45 -17.74 -115.42
CA LEU J 251 59.34 -17.50 -114.30
C LEU J 251 58.54 -17.01 -113.10
N HIS J 252 58.93 -17.47 -111.92
CA HIS J 252 58.29 -17.06 -110.68
C HIS J 252 59.34 -16.45 -109.76
N ARG J 253 58.97 -15.36 -109.09
CA ARG J 253 59.93 -14.64 -108.25
C ARG J 253 59.19 -14.03 -107.07
N PHE J 254 59.68 -14.31 -105.87
CA PHE J 254 59.16 -13.68 -104.65
C PHE J 254 60.34 -13.16 -103.86
N GLY J 255 60.26 -11.91 -103.42
CA GLY J 255 61.36 -11.30 -102.70
C GLY J 255 62.59 -11.12 -103.56
N ASP J 256 63.64 -11.91 -103.29
CA ASP J 256 64.89 -11.83 -104.03
C ASP J 256 65.21 -13.10 -104.79
N PHE J 257 64.32 -14.10 -104.76
CA PHE J 257 64.59 -15.42 -105.32
C PHE J 257 63.77 -15.62 -106.59
N ILE J 258 64.41 -16.18 -107.61
CA ILE J 258 63.78 -16.42 -108.91
C ILE J 258 63.90 -17.91 -109.23
N ASP J 259 62.81 -18.50 -109.71
CA ASP J 259 62.80 -19.91 -110.07
C ASP J 259 61.72 -20.16 -111.11
N VAL J 260 61.96 -21.16 -111.96
CA VAL J 260 61.02 -21.56 -113.00
C VAL J 260 60.24 -22.78 -112.50
N SER J 261 58.93 -22.75 -112.69
CA SER J 261 58.07 -23.86 -112.28
C SER J 261 56.80 -23.85 -113.11
N GLU J 262 56.16 -25.01 -113.17
CA GLU J 262 54.94 -25.16 -113.96
C GLU J 262 53.74 -24.66 -113.18
N GLY J 263 52.75 -24.16 -113.91
CA GLY J 263 51.51 -23.70 -113.32
C GLY J 263 51.67 -22.44 -112.49
N PRO J 264 50.56 -21.80 -112.17
CA PRO J 264 50.61 -20.58 -111.36
C PRO J 264 50.93 -20.88 -109.90
N LEU J 265 51.07 -19.84 -109.09
CA LEU J 265 51.38 -19.99 -107.68
C LEU J 265 50.36 -19.23 -106.85
N ILE J 266 50.47 -19.37 -105.53
CA ILE J 266 49.58 -18.70 -104.59
C ILE J 266 49.95 -17.22 -104.55
N PRO J 267 49.01 -16.33 -104.24
CA PRO J 267 49.32 -14.89 -104.23
C PRO J 267 50.28 -14.48 -103.14
N ARG J 268 50.04 -14.92 -101.91
CA ARG J 268 50.83 -14.52 -100.76
C ARG J 268 51.58 -15.70 -100.17
N THR J 269 52.65 -15.40 -99.44
CA THR J 269 53.44 -16.45 -98.80
C THR J 269 52.85 -16.82 -97.45
N SER J 270 52.45 -15.82 -96.65
CA SER J 270 51.94 -16.07 -95.31
C SER J 270 50.71 -16.96 -95.29
N ILE J 271 50.14 -17.29 -96.44
CA ILE J 271 49.04 -18.25 -96.49
C ILE J 271 49.50 -19.60 -95.95
N CYS J 272 50.77 -19.95 -96.15
CA CYS J 272 51.30 -21.20 -95.62
C CYS J 272 51.48 -21.06 -94.12
N PHE J 273 50.55 -21.64 -93.35
CA PHE J 273 50.56 -21.50 -91.90
C PHE J 273 51.48 -22.52 -91.24
N GLN J 274 51.21 -23.80 -91.43
CA GLN J 274 52.05 -24.86 -90.87
C GLN J 274 53.00 -25.38 -91.93
N TYR J 275 54.27 -25.49 -91.55
CA TYR J 275 55.33 -25.86 -92.49
C TYR J 275 56.41 -26.63 -91.76
N GLU J 276 56.81 -27.77 -92.31
CA GLU J 276 57.86 -28.59 -91.74
C GLU J 276 58.68 -29.23 -92.84
N VAL J 277 59.96 -29.46 -92.56
CA VAL J 277 60.83 -30.22 -93.46
C VAL J 277 60.95 -31.63 -92.90
N SER J 278 60.30 -32.58 -93.55
CA SER J 278 60.18 -33.92 -92.98
C SER J 278 61.53 -34.62 -92.92
N ALA J 279 62.14 -34.87 -94.07
CA ALA J 279 63.42 -35.56 -94.15
C ALA J 279 63.97 -35.36 -95.56
N VAL J 280 65.07 -36.04 -95.86
CA VAL J 280 65.70 -35.98 -97.17
C VAL J 280 66.06 -37.39 -97.60
N HIS J 281 66.04 -37.63 -98.91
CA HIS J 281 66.37 -38.94 -99.46
C HIS J 281 67.40 -38.75 -100.56
N ASN J 282 68.54 -39.43 -100.43
CA ASN J 282 69.62 -39.34 -101.39
C ASN J 282 69.45 -40.45 -102.43
N LEU J 283 69.16 -40.05 -103.66
CA LEU J 283 69.06 -40.99 -104.78
C LEU J 283 70.31 -40.87 -105.65
N GLN J 284 70.86 -42.01 -106.04
CA GLN J 284 72.07 -42.06 -106.86
C GLN J 284 71.73 -42.52 -108.27
N THR J 285 72.32 -41.87 -109.26
CA THR J 285 72.15 -42.23 -110.66
C THR J 285 73.51 -42.53 -111.28
N GLN J 286 73.50 -42.86 -112.57
CA GLN J 286 74.75 -43.11 -113.28
C GLN J 286 75.55 -41.84 -113.54
N SER J 287 74.91 -40.68 -113.46
CA SER J 287 75.57 -39.40 -113.68
C SER J 287 75.99 -38.73 -112.38
N SER J 288 75.05 -38.56 -111.46
CA SER J 288 75.34 -37.92 -110.17
C SER J 288 74.25 -38.29 -109.18
N LEU J 289 74.46 -37.91 -107.93
CA LEU J 289 73.51 -38.15 -106.85
C LEU J 289 72.82 -36.84 -106.48
N VAL J 290 71.53 -36.92 -106.22
CA VAL J 290 70.70 -35.76 -105.94
C VAL J 290 69.95 -35.98 -104.63
N ARG J 291 69.98 -34.98 -103.76
CA ARG J 291 69.22 -35.00 -102.52
C ARG J 291 67.77 -34.61 -102.83
N ARG J 292 66.84 -35.45 -102.40
CA ARG J 292 65.42 -35.21 -102.60
C ARG J 292 64.82 -34.79 -101.26
N PHE J 293 64.79 -33.48 -101.02
CA PHE J 293 64.24 -32.95 -99.78
C PHE J 293 62.73 -32.97 -99.82
N GLN J 294 62.12 -33.44 -98.74
CA GLN J 294 60.67 -33.57 -98.65
C GLN J 294 60.14 -32.69 -97.54
N GLY J 295 59.05 -31.96 -97.82
CA GLY J 295 58.44 -31.09 -96.84
C GLY J 295 56.93 -31.25 -96.82
N LEU J 296 56.35 -30.87 -95.69
CA LEU J 296 54.91 -30.91 -95.49
C LEU J 296 54.42 -29.52 -95.12
N SER J 297 53.22 -29.17 -95.58
CA SER J 297 52.68 -27.84 -95.33
C SER J 297 51.16 -27.88 -95.40
N LEU J 298 50.55 -27.00 -94.61
CA LEU J 298 49.11 -26.81 -94.57
C LEU J 298 48.82 -25.32 -94.43
N PRO J 299 47.90 -24.80 -95.25
CA PRO J 299 47.62 -23.35 -95.21
C PRO J 299 46.86 -22.93 -93.97
N VAL J 300 46.56 -21.64 -93.87
CA VAL J 300 45.79 -21.13 -92.73
C VAL J 300 44.32 -21.49 -92.84
N HIS J 301 43.83 -21.76 -94.06
CA HIS J 301 42.42 -22.10 -94.23
C HIS J 301 42.14 -23.56 -93.86
N LEU J 302 43.13 -24.43 -93.99
CA LEU J 302 42.96 -25.86 -93.74
C LEU J 302 43.96 -26.38 -92.72
N ARG J 303 44.19 -25.60 -91.66
CA ARG J 303 45.09 -26.06 -90.60
C ARG J 303 44.47 -27.22 -89.85
N ALA J 304 45.31 -28.15 -89.41
CA ALA J 304 44.85 -29.38 -88.77
C ALA J 304 45.25 -29.40 -87.30
N HIS J 305 44.86 -30.49 -86.63
CA HIS J 305 45.16 -30.68 -85.22
C HIS J 305 46.60 -31.16 -85.04
N PHE J 306 47.04 -31.20 -83.78
CA PHE J 306 48.41 -31.59 -83.47
C PHE J 306 48.67 -33.04 -83.84
N THR J 307 47.78 -33.94 -83.42
CA THR J 307 47.97 -35.36 -83.73
C THR J 307 47.86 -35.62 -85.22
N ILE J 308 46.93 -34.94 -85.90
CA ILE J 308 46.80 -35.09 -87.34
C ILE J 308 48.06 -34.64 -88.04
N TRP J 309 48.63 -33.50 -87.60
CA TRP J 309 49.87 -33.01 -88.19
C TRP J 309 51.01 -33.98 -87.94
N ASN J 310 51.07 -34.56 -86.75
CA ASN J 310 52.13 -35.53 -86.45
C ASN J 310 52.02 -36.76 -87.33
N LYS J 311 50.79 -37.27 -87.51
CA LYS J 311 50.60 -38.43 -88.36
C LYS J 311 50.96 -38.13 -89.82
N LEU J 312 50.55 -36.96 -90.31
CA LEU J 312 50.88 -36.59 -91.69
C LEU J 312 52.38 -36.40 -91.87
N LEU J 313 53.06 -35.86 -90.87
CA LEU J 313 54.51 -35.72 -90.95
C LEU J 313 55.20 -37.08 -90.92
N GLU J 314 54.70 -38.00 -90.09
CA GLU J 314 55.25 -39.34 -90.07
C GLU J 314 55.05 -40.04 -91.41
N ARG J 315 53.92 -39.77 -92.07
CA ARG J 315 53.71 -40.34 -93.40
C ARG J 315 54.66 -39.71 -94.41
N SER J 316 54.87 -38.39 -94.33
CA SER J 316 55.79 -37.72 -95.22
C SER J 316 57.24 -38.15 -95.01
N ARG J 317 57.55 -38.71 -93.83
CA ARG J 317 58.90 -39.21 -93.56
C ARG J 317 59.34 -40.26 -94.57
N LYS J 318 58.41 -40.88 -95.30
CA LYS J 318 58.74 -41.96 -96.21
C LYS J 318 59.33 -41.42 -97.52
N MET J 319 59.56 -42.34 -98.45
CA MET J 319 60.10 -41.98 -99.76
C MET J 319 58.97 -41.72 -100.75
N VAL J 320 59.13 -40.68 -101.56
CA VAL J 320 58.18 -40.31 -102.60
C VAL J 320 58.87 -40.42 -103.94
N THR J 321 58.32 -41.25 -104.84
CA THR J 321 58.90 -41.47 -106.16
C THR J 321 57.80 -41.29 -107.20
N GLU J 322 57.89 -40.21 -107.97
CA GLU J 322 56.96 -39.99 -109.08
C GLU J 322 57.60 -38.98 -110.03
N ASP J 323 57.92 -39.43 -111.25
CA ASP J 323 58.50 -38.57 -112.26
C ASP J 323 57.67 -38.46 -113.53
N LYS J 324 56.99 -39.52 -113.94
CA LYS J 324 56.17 -39.50 -115.15
C LYS J 324 54.78 -40.06 -114.89
N ASP K 61 5.44 10.64 38.91
CA ASP K 61 6.69 10.09 39.42
C ASP K 61 7.89 10.67 38.67
N GLN K 62 7.83 10.63 37.34
CA GLN K 62 8.86 11.21 36.49
C GLN K 62 8.49 12.59 35.96
N ALA K 63 7.22 12.79 35.56
CA ALA K 63 6.81 14.09 35.07
C ALA K 63 6.89 15.15 36.17
N ALA K 64 6.48 14.78 37.40
CA ALA K 64 6.55 15.74 38.50
C ALA K 64 8.00 16.12 38.80
N LYS K 65 8.91 15.13 38.79
CA LYS K 65 10.31 15.42 39.00
C LYS K 65 10.89 16.28 37.89
N ASP K 66 10.43 16.05 36.65
CA ASP K 66 10.89 16.86 35.52
C ASP K 66 10.44 18.31 35.68
N ARG K 67 9.18 18.52 36.06
CA ARG K 67 8.70 19.88 36.29
C ARG K 67 9.44 20.52 37.45
N LEU K 68 9.76 19.73 38.48
CA LEU K 68 10.51 20.25 39.62
C LEU K 68 11.90 20.72 39.18
N LYS K 69 12.59 19.91 38.38
CA LYS K 69 13.88 20.32 37.84
C LYS K 69 13.76 21.55 36.96
N LYS K 70 12.69 21.65 36.19
CA LYS K 70 12.49 22.84 35.36
C LYS K 70 12.32 24.09 36.22
N ARG K 71 11.52 24.00 37.28
CA ARG K 71 11.34 25.15 38.16
C ARG K 71 12.64 25.50 38.88
N ILE K 72 13.43 24.48 39.26
CA ILE K 72 14.72 24.74 39.90
C ILE K 72 15.65 25.48 38.94
N ARG K 73 15.69 25.03 37.68
CA ARG K 73 16.50 25.71 36.68
C ARG K 73 16.05 27.16 36.48
N ARG K 74 14.74 27.38 36.43
CA ARG K 74 14.24 28.74 36.24
C ARG K 74 14.59 29.63 37.42
N LEU K 75 14.47 29.12 38.64
CA LEU K 75 14.81 29.91 39.81
C LEU K 75 16.30 30.17 39.91
N GLU K 76 17.12 29.22 39.44
CA GLU K 76 18.57 29.43 39.48
C GLU K 76 19.02 30.41 38.40
N LYS K 77 18.32 30.45 37.27
CA LYS K 77 18.66 31.39 36.21
C LYS K 77 18.21 32.82 36.52
N ALA K 78 17.60 33.06 37.68
CA ALA K 78 17.15 34.39 38.05
C ALA K 78 18.33 35.22 38.54
N SER K 79 18.06 36.41 39.06
CA SER K 79 19.10 37.31 39.53
C SER K 79 19.37 37.08 41.01
N GLN K 80 20.51 37.61 41.47
CA GLN K 80 20.92 37.48 42.86
C GLN K 80 21.11 38.85 43.50
N GLU K 81 20.12 39.73 43.33
CA GLU K 81 20.23 41.08 43.87
C GLU K 81 20.42 41.06 45.38
N LEU K 82 21.07 42.10 45.88
CA LEU K 82 21.47 42.16 47.28
C LEU K 82 20.38 42.81 48.14
N ILE K 83 20.61 42.81 49.45
CA ILE K 83 19.71 43.41 50.41
C ILE K 83 19.93 44.93 50.43
N PRO K 84 18.87 45.72 50.34
CA PRO K 84 19.03 47.17 50.50
C PRO K 84 19.40 47.53 51.93
N ILE K 85 20.44 48.35 52.08
CA ILE K 85 20.96 48.72 53.39
C ILE K 85 20.14 49.89 53.93
N GLU K 86 19.68 49.75 55.18
CA GLU K 86 18.86 50.77 55.80
C GLU K 86 19.65 52.01 56.22
N ASP K 87 20.98 51.91 56.27
CA ASP K 87 21.78 53.06 56.70
C ASP K 87 21.92 54.09 55.58
N PHE K 88 22.21 53.63 54.36
CA PHE K 88 22.40 54.54 53.24
C PHE K 88 21.10 55.17 52.75
N ILE K 89 19.96 54.66 53.16
CA ILE K 89 18.66 55.23 52.81
C ILE K 89 18.11 55.96 54.02
N THR K 90 17.51 57.13 53.78
CA THR K 90 16.94 57.90 54.87
C THR K 90 15.47 57.57 55.03
N PRO K 91 15.00 57.29 56.24
CA PRO K 91 13.57 57.01 56.45
C PRO K 91 12.73 58.25 56.19
N VAL K 92 11.41 58.01 56.06
CA VAL K 92 10.48 59.11 55.84
C VAL K 92 10.18 59.89 57.11
N LYS K 93 10.70 59.46 58.26
CA LYS K 93 10.48 60.18 59.51
C LYS K 93 11.22 61.52 59.55
N PHE K 94 12.28 61.69 58.76
CA PHE K 94 13.07 62.91 58.75
C PHE K 94 12.55 63.93 57.74
N LEU K 95 11.27 63.85 57.37
CA LEU K 95 10.68 64.77 56.41
C LEU K 95 9.86 65.87 57.07
N ASN K 96 9.65 65.80 58.38
CA ASN K 96 8.86 66.80 59.10
C ASN K 96 9.69 67.63 60.07
N LYS K 97 10.96 67.29 60.28
CA LYS K 97 11.83 68.00 61.21
C LYS K 97 12.78 68.96 60.50
N GLU K 98 12.84 68.93 59.16
CA GLU K 98 13.77 69.77 58.44
C GLU K 98 13.36 71.25 58.44
N ARG K 99 12.06 71.53 58.39
CA ARG K 99 11.60 72.91 58.41
C ARG K 99 11.52 73.49 59.81
N GLN K 100 11.72 72.67 60.84
CA GLN K 100 11.62 73.13 62.22
C GLN K 100 12.98 73.42 62.86
N ARG K 101 14.07 73.10 62.17
CA ARG K 101 15.40 73.31 62.74
C ARG K 101 15.81 74.77 62.56
N PRO K 102 16.12 75.50 63.63
CA PRO K 102 16.56 76.89 63.49
C PRO K 102 18.01 76.96 63.08
N PRO K 103 18.43 78.04 62.43
CA PRO K 103 19.84 78.17 62.03
C PRO K 103 20.76 78.45 63.21
N VAL K 104 22.05 78.63 62.94
CA VAL K 104 23.06 78.73 64.00
C VAL K 104 23.62 80.14 64.17
N GLU K 105 23.82 80.88 63.08
CA GLU K 105 24.44 82.21 63.12
C GLU K 105 25.83 82.15 63.75
N LEU K 106 26.73 81.46 63.07
CA LEU K 106 28.09 81.29 63.58
C LEU K 106 28.80 82.64 63.64
N PRO K 107 29.43 82.99 64.74
CA PRO K 107 30.10 84.29 64.85
C PRO K 107 31.50 84.27 64.24
N PHE K 108 32.05 85.48 64.09
CA PHE K 108 33.35 85.64 63.45
C PHE K 108 34.47 85.03 64.28
N GLU K 109 34.44 85.23 65.59
CA GLU K 109 35.47 84.65 66.44
C GLU K 109 35.45 83.13 66.39
N GLU K 110 34.25 82.54 66.42
CA GLU K 110 34.13 81.10 66.33
C GLU K 110 34.60 80.60 64.97
N SER K 111 34.30 81.34 63.89
CA SER K 111 34.80 80.95 62.58
C SER K 111 36.32 80.96 62.54
N GLU K 112 36.93 82.00 63.09
CA GLU K 112 38.39 82.09 63.07
C GLU K 112 39.03 80.98 63.89
N ARG K 113 38.50 80.70 65.09
CA ARG K 113 39.06 79.63 65.89
C ARG K 113 38.83 78.27 65.26
N ARG K 114 37.71 78.09 64.54
CA ARG K 114 37.49 76.85 63.82
C ARG K 114 38.51 76.67 62.71
N ALA K 115 38.80 77.73 61.97
CA ALA K 115 39.82 77.64 60.91
C ALA K 115 41.19 77.32 61.51
N LEU K 116 41.53 77.98 62.62
CA LEU K 116 42.81 77.71 63.27
C LEU K 116 42.89 76.26 63.73
N LEU K 117 41.82 75.75 64.36
CA LEU K 117 41.81 74.37 64.83
C LEU K 117 41.89 73.40 63.66
N LEU K 118 41.25 73.72 62.55
CA LEU K 118 41.32 72.86 61.37
C LEU K 118 42.74 72.78 60.83
N LYS K 119 43.43 73.92 60.76
CA LYS K 119 44.80 73.89 60.27
C LYS K 119 45.72 73.14 61.23
N ARG K 120 45.56 73.37 62.53
CA ARG K 120 46.36 72.63 63.51
C ARG K 120 46.11 71.13 63.41
N TRP K 121 44.84 70.74 63.24
CA TRP K 121 44.50 69.33 63.15
C TRP K 121 45.05 68.70 61.87
N SER K 122 45.04 69.46 60.77
CA SER K 122 45.62 68.95 59.53
C SER K 122 47.13 68.72 59.70
N LEU K 123 47.82 69.68 60.33
CA LEU K 123 49.24 69.51 60.57
C LEU K 123 49.51 68.31 61.47
N TYR K 124 48.71 68.15 62.53
CA TYR K 124 48.89 67.04 63.45
C TYR K 124 48.62 65.70 62.76
N LYS K 125 47.61 65.65 61.88
CA LYS K 125 47.34 64.44 61.13
C LYS K 125 48.48 64.10 60.18
N GLN K 126 49.05 65.11 59.52
CA GLN K 126 50.19 64.86 58.65
C GLN K 126 51.36 64.31 59.44
N ARG K 127 51.63 64.88 60.61
CA ARG K 127 52.75 64.40 61.43
C ARG K 127 52.49 62.99 61.95
N GLU K 128 51.25 62.68 62.30
CA GLU K 128 50.93 61.34 62.80
C GLU K 128 51.05 60.31 61.69
N HIS K 129 50.59 60.64 60.48
CA HIS K 129 50.80 59.76 59.34
C HIS K 129 52.29 59.56 59.08
N GLU K 130 53.08 60.64 59.20
CA GLU K 130 54.52 60.53 59.03
C GLU K 130 55.13 59.54 60.01
N MET K 131 54.79 59.69 61.30
CA MET K 131 55.40 58.81 62.30
C MET K 131 54.93 57.37 62.14
N GLU K 132 53.65 57.17 61.79
CA GLU K 132 53.16 55.81 61.58
C GLU K 132 53.85 55.15 60.40
N ARG K 133 54.03 55.89 59.30
CA ARG K 133 54.69 55.32 58.14
C ARG K 133 56.18 55.08 58.41
N SER K 134 56.81 55.92 59.22
CA SER K 134 58.19 55.65 59.61
C SER K 134 58.29 54.38 60.44
N ALA K 135 57.36 54.19 61.37
CA ALA K 135 57.34 52.95 62.16
C ALA K 135 57.11 51.73 61.28
N ILE K 136 56.22 51.86 60.29
CA ILE K 136 55.93 50.75 59.39
C ILE K 136 57.17 50.42 58.54
N ARG K 137 57.87 51.45 58.07
CA ARG K 137 59.09 51.22 57.30
C ARG K 137 60.17 50.58 58.16
N SER K 138 60.26 50.96 59.44
CA SER K 138 61.22 50.33 60.34
C SER K 138 60.90 48.86 60.55
N LEU K 139 59.61 48.55 60.79
CA LEU K 139 59.20 47.15 60.92
C LEU K 139 59.49 46.38 59.64
N LEU K 140 59.27 46.99 58.49
CA LEU K 140 59.50 46.31 57.22
C LEU K 140 60.99 46.03 57.00
N GLU K 141 61.85 46.99 57.32
CA GLU K 141 63.28 46.75 57.15
C GLU K 141 63.78 45.72 58.14
N ALA K 142 63.23 45.70 59.36
CA ALA K 142 63.61 44.67 60.31
C ALA K 142 63.18 43.28 59.81
N GLN K 143 61.95 43.18 59.31
CA GLN K 143 61.49 41.91 58.75
C GLN K 143 62.34 41.47 57.58
N GLU K 144 62.72 42.40 56.71
CA GLU K 144 63.53 42.05 55.55
C GLU K 144 64.91 41.58 55.97
N GLU K 145 65.53 42.26 56.94
CA GLU K 145 66.82 41.83 57.45
C GLU K 145 66.72 40.44 58.08
N ALA K 146 65.64 40.19 58.82
CA ALA K 146 65.47 38.88 59.44
C ALA K 146 65.32 37.79 58.40
N LEU K 147 64.51 38.04 57.36
CA LEU K 147 64.31 37.03 56.32
C LEU K 147 65.59 36.79 55.53
N GLN K 148 66.36 37.85 55.27
CA GLN K 148 67.63 37.67 54.58
C GLN K 148 68.61 36.88 55.42
N GLU K 149 68.68 37.14 56.72
CA GLU K 149 69.54 36.36 57.60
C GLU K 149 69.12 34.90 57.62
N LEU K 150 67.80 34.65 57.66
CA LEU K 150 67.32 33.27 57.65
C LEU K 150 67.69 32.57 56.35
N ARG K 151 67.52 33.26 55.22
CA ARG K 151 67.87 32.64 53.94
C ARG K 151 69.37 32.39 53.83
N LEU K 152 70.18 33.27 54.40
CA LEU K 152 71.62 33.05 54.40
C LEU K 152 72.01 31.89 55.30
N SER K 153 71.32 31.73 56.42
CA SER K 153 71.64 30.66 57.37
C SER K 153 71.21 29.29 56.82
N SER K 154 69.91 29.12 56.58
CA SER K 154 69.39 27.84 56.15
C SER K 154 68.23 28.05 55.17
N PRO K 155 68.22 27.35 54.04
CA PRO K 155 67.12 27.51 53.08
C PRO K 155 65.85 26.79 53.51
N GLU K 156 65.98 25.69 54.25
CA GLU K 156 64.81 24.93 54.65
C GLU K 156 63.92 25.71 55.61
N LEU K 157 64.53 26.32 56.63
CA LEU K 157 63.76 27.10 57.60
C LEU K 157 63.16 28.34 56.93
N HIS K 158 63.91 28.98 56.04
CA HIS K 158 63.39 30.12 55.31
C HIS K 158 62.17 29.73 54.48
N ALA K 159 62.26 28.59 53.78
CA ALA K 159 61.15 28.14 52.96
C ALA K 159 59.94 27.76 53.80
N GLU K 160 60.16 27.09 54.93
CA GLU K 160 59.05 26.70 55.79
C GLU K 160 58.45 27.89 56.54
N ALA K 161 59.18 28.99 56.67
CA ALA K 161 58.65 30.17 57.33
C ALA K 161 58.01 31.16 56.36
N THR K 162 58.37 31.11 55.08
CA THR K 162 57.78 32.01 54.09
C THR K 162 56.32 31.66 53.75
N LYS K 163 55.75 30.64 54.37
CA LYS K 163 54.35 30.28 54.16
C LYS K 163 53.52 30.75 55.35
N ARG K 164 52.20 30.68 55.16
CA ARG K 164 51.25 31.12 56.18
C ARG K 164 50.72 29.92 56.96
N ASP K 165 50.47 30.12 58.25
CA ASP K 165 49.90 29.08 59.07
C ASP K 165 48.43 28.85 58.71
N PRO K 166 47.99 27.59 58.66
CA PRO K 166 46.57 27.32 58.41
C PRO K 166 45.66 27.56 59.60
N SER K 167 46.16 28.20 60.66
CA SER K 167 45.36 28.49 61.85
C SER K 167 44.99 29.96 61.96
N LEU K 168 45.28 30.77 60.93
CA LEU K 168 45.00 32.19 60.95
C LEU K 168 43.73 32.54 60.18
N PHE K 169 42.99 31.54 59.68
CA PHE K 169 41.79 31.85 58.90
C PHE K 169 40.74 32.58 59.75
N PRO K 170 40.31 32.04 60.92
CA PRO K 170 39.30 32.79 61.70
C PRO K 170 39.93 33.73 62.70
N PHE K 171 40.64 34.74 62.19
CA PHE K 171 41.31 35.73 63.04
C PHE K 171 40.28 36.71 63.56
N GLU K 172 39.89 36.55 64.83
CA GLU K 172 38.94 37.43 65.49
C GLU K 172 39.68 38.38 66.41
N ARG K 173 39.10 39.55 66.63
CA ARG K 173 39.78 40.59 67.39
C ARG K 173 38.75 41.58 67.93
N GLN K 174 39.00 42.05 69.16
CA GLN K 174 38.14 43.02 69.82
C GLN K 174 38.99 44.18 70.33
N GLY K 175 38.50 45.40 70.14
CA GLY K 175 39.22 46.58 70.56
C GLY K 175 39.06 46.87 72.04
N PRO K 176 39.75 47.91 72.50
CA PRO K 176 39.68 48.27 73.92
C PRO K 176 38.35 48.89 74.30
N ASP K 177 38.22 49.31 75.56
CA ASP K 177 36.99 49.91 76.06
C ASP K 177 37.32 51.19 76.82
N TYR K 178 36.28 51.92 77.19
CA TYR K 178 36.45 53.18 77.92
C TYR K 178 36.80 52.93 79.38
N THR K 179 36.34 51.83 79.96
CA THR K 179 36.68 51.44 81.32
C THR K 179 37.02 49.96 81.36
N PRO K 180 37.91 49.56 82.26
CA PRO K 180 38.24 48.14 82.40
C PRO K 180 37.07 47.36 82.98
N PRO K 181 37.05 46.03 82.80
CA PRO K 181 35.95 45.24 83.35
C PRO K 181 35.96 45.23 84.87
N ILE K 182 34.77 45.12 85.45
CA ILE K 182 34.60 45.14 86.90
C ILE K 182 34.56 43.71 87.41
N SER K 183 35.28 43.45 88.50
CA SER K 183 35.26 42.13 89.11
C SER K 183 33.99 41.91 89.90
N ASP K 184 33.41 40.73 89.77
CA ASP K 184 32.16 40.35 90.42
C ASP K 184 31.03 41.29 90.02
N TYR K 185 30.82 41.41 88.71
CA TYR K 185 29.71 42.19 88.16
C TYR K 185 28.67 41.24 87.59
N GLN K 186 27.40 41.65 87.67
CA GLN K 186 26.29 40.81 87.23
C GLN K 186 25.23 41.66 86.54
N PRO K 187 24.91 41.39 85.27
CA PRO K 187 23.72 42.01 84.68
C PRO K 187 22.45 41.44 85.29
N PRO K 188 21.48 42.29 85.64
CA PRO K 188 20.34 41.82 86.43
C PRO K 188 19.55 40.70 85.77
N GLU K 189 18.93 40.99 84.62
CA GLU K 189 18.17 40.03 83.82
C GLU K 189 17.69 40.74 82.56
N GLY K 190 17.24 39.96 81.61
CA GLY K 190 16.68 40.47 80.37
C GLY K 190 16.94 39.53 79.22
N ARG K 191 16.02 39.54 78.27
CA ARG K 191 16.09 38.69 77.08
C ARG K 191 16.39 39.52 75.85
N TYR K 192 16.82 38.84 74.79
CA TYR K 192 17.14 39.46 73.52
C TYR K 192 16.26 38.90 72.42
N GLN K 193 16.04 39.71 71.39
CA GLN K 193 15.31 39.28 70.21
C GLN K 193 15.69 40.18 69.05
N ASP K 194 15.65 39.63 67.84
CA ASP K 194 16.05 40.34 66.63
C ASP K 194 14.81 40.85 65.90
N ILE K 195 14.77 42.14 65.63
CA ILE K 195 13.66 42.77 64.94
C ILE K 195 14.05 43.24 63.55
N THR K 196 15.09 42.64 62.96
CA THR K 196 15.54 43.03 61.65
C THR K 196 14.55 42.60 60.57
N LYS K 197 14.50 43.36 59.48
CA LYS K 197 13.58 43.09 58.39
C LYS K 197 14.09 41.91 57.57
N VAL K 198 13.21 41.38 56.71
CA VAL K 198 13.52 40.25 55.84
C VAL K 198 13.14 40.62 54.41
N TYR K 199 13.86 40.03 53.45
CA TYR K 199 13.64 40.33 52.05
C TYR K 199 13.78 39.05 51.23
N THR K 200 13.02 38.98 50.15
CA THR K 200 13.04 37.81 49.28
C THR K 200 13.57 38.16 47.89
N GLY L 14 -11.94 19.90 -64.59
CA GLY L 14 -13.06 19.00 -64.73
C GLY L 14 -13.75 19.14 -66.08
N ALA L 15 -14.87 19.85 -66.10
CA ALA L 15 -15.58 20.10 -67.35
C ALA L 15 -14.90 21.22 -68.13
N ASP L 16 -15.48 21.59 -69.26
CA ASP L 16 -14.94 22.63 -70.11
C ASP L 16 -15.78 23.88 -70.02
N ARG L 17 -15.14 25.03 -70.23
CA ARG L 17 -15.82 26.31 -70.27
C ARG L 17 -15.56 27.09 -71.56
N MET L 18 -14.79 26.54 -72.49
CA MET L 18 -14.47 27.26 -73.72
C MET L 18 -15.38 26.86 -74.86
N SER L 19 -15.75 25.57 -74.93
CA SER L 19 -16.65 25.11 -75.98
C SER L 19 -18.06 25.64 -75.76
N LYS L 20 -18.81 25.77 -76.85
CA LYS L 20 -20.15 26.31 -76.78
C LYS L 20 -21.10 25.31 -76.13
N TRP L 21 -21.97 25.82 -75.26
CA TRP L 21 -22.96 24.98 -74.58
C TRP L 21 -24.07 24.63 -75.56
N THR L 22 -24.09 23.40 -76.03
CA THR L 22 -25.02 22.95 -77.06
C THR L 22 -25.97 21.91 -76.48
N SER L 23 -26.81 21.34 -77.35
CA SER L 23 -27.81 20.36 -76.94
C SER L 23 -27.22 18.98 -76.71
N LYS L 24 -26.05 18.69 -77.28
CA LYS L 24 -25.46 17.36 -77.11
C LYS L 24 -24.70 17.22 -75.80
N ARG L 25 -24.27 18.32 -75.20
CA ARG L 25 -23.54 18.29 -73.93
C ARG L 25 -24.46 18.37 -72.73
N GLY L 26 -25.72 17.96 -72.86
CA GLY L 26 -26.66 18.01 -71.78
C GLY L 26 -27.41 16.71 -71.58
N PRO L 27 -28.17 16.61 -70.49
CA PRO L 27 -28.92 15.38 -70.22
C PRO L 27 -30.13 15.23 -71.13
N ARG L 28 -30.94 14.20 -70.87
CA ARG L 28 -32.15 13.98 -71.67
C ARG L 28 -33.15 15.11 -71.47
N THR L 29 -33.27 15.62 -70.24
CA THR L 29 -34.24 16.66 -69.96
C THR L 29 -33.90 17.99 -70.62
N PHE L 30 -32.72 18.12 -71.21
CA PHE L 30 -32.28 19.34 -71.87
C PHE L 30 -32.24 19.09 -73.37
N CYS L 31 -33.12 19.78 -74.11
CA CYS L 31 -33.16 19.68 -75.58
C CYS L 31 -33.35 21.10 -76.12
N LYS L 32 -32.25 21.77 -76.39
CA LYS L 32 -32.25 23.13 -76.91
C LYS L 32 -32.15 23.10 -78.42
N GLY L 33 -32.99 23.91 -79.08
CA GLY L 33 -32.97 23.96 -80.53
C GLY L 33 -31.71 24.64 -81.05
N ARG L 34 -31.28 24.19 -82.22
CA ARG L 34 -30.09 24.75 -82.86
C ARG L 34 -30.32 26.14 -83.43
N GLY L 35 -31.56 26.62 -83.46
CA GLY L 35 -31.86 27.93 -84.03
C GLY L 35 -32.99 27.93 -85.04
N ALA L 36 -33.68 26.82 -85.26
CA ALA L 36 -34.81 26.81 -86.18
C ALA L 36 -36.00 27.54 -85.57
N LYS L 37 -36.88 28.01 -86.46
CA LYS L 37 -38.05 28.77 -86.04
C LYS L 37 -39.23 27.83 -85.85
N GLY L 38 -39.95 28.02 -84.74
CA GLY L 38 -41.10 27.18 -84.45
C GLY L 38 -42.21 27.38 -85.44
N THR L 39 -42.98 26.31 -85.68
CA THR L 39 -44.06 26.34 -86.64
C THR L 39 -45.39 25.87 -86.06
N GLY L 40 -45.52 25.84 -84.73
CA GLY L 40 -46.77 25.41 -84.12
C GLY L 40 -46.75 25.36 -82.61
N PHE L 41 -47.52 24.44 -82.04
CA PHE L 41 -47.65 24.34 -80.59
C PHE L 41 -48.01 22.90 -80.26
N HIS L 42 -48.35 22.66 -78.99
CA HIS L 42 -48.72 21.34 -78.50
C HIS L 42 -50.23 21.23 -78.44
N GLY L 43 -50.76 20.13 -78.99
CA GLY L 43 -52.19 19.94 -79.05
C GLY L 43 -52.82 19.48 -77.75
N ARG L 44 -53.82 18.62 -77.85
CA ARG L 44 -54.55 18.12 -76.68
C ARG L 44 -54.01 16.79 -76.18
N ASP L 45 -53.89 15.79 -77.05
CA ASP L 45 -53.44 14.46 -76.66
C ASP L 45 -51.92 14.35 -76.56
N GLY L 46 -51.21 15.47 -76.50
CA GLY L 46 -49.77 15.46 -76.35
C GLY L 46 -49.01 15.58 -77.65
N LYS L 47 -49.68 15.49 -78.80
CA LYS L 47 -48.99 15.62 -80.08
C LYS L 47 -48.65 17.08 -80.36
N PHE L 48 -48.02 17.32 -81.51
CA PHE L 48 -47.64 18.65 -81.93
C PHE L 48 -48.51 19.06 -83.11
N VAL L 49 -49.24 20.15 -82.96
CA VAL L 49 -50.13 20.66 -84.01
C VAL L 49 -49.38 21.75 -84.78
N GLN L 50 -49.16 21.49 -86.06
CA GLN L 50 -48.46 22.43 -86.93
C GLN L 50 -49.46 23.42 -87.53
N ILE L 51 -49.03 24.69 -87.61
CA ILE L 51 -49.86 25.76 -88.14
C ILE L 51 -49.32 26.14 -89.51
N LYS L 52 -50.19 26.06 -90.53
CA LYS L 52 -49.78 26.41 -91.89
C LYS L 52 -49.53 27.90 -92.05
N GLU L 53 -49.94 28.72 -91.09
CA GLU L 53 -49.71 30.16 -91.17
C GLU L 53 -48.34 30.56 -90.67
N MET L 54 -47.66 29.69 -89.92
CA MET L 54 -46.33 30.01 -89.40
C MET L 54 -45.21 29.52 -90.30
N ILE L 55 -45.47 28.53 -91.15
CA ILE L 55 -44.44 27.99 -92.04
C ILE L 55 -44.20 28.98 -93.17
N PRO L 56 -42.94 29.21 -93.56
CA PRO L 56 -42.66 30.14 -94.66
C PRO L 56 -43.11 29.57 -95.99
N GLU L 57 -44.03 30.28 -96.66
CA GLU L 57 -44.49 29.91 -97.99
C GLU L 57 -43.56 30.56 -99.00
N LEU L 58 -42.61 29.79 -99.52
CA LEU L 58 -41.62 30.30 -100.46
C LEU L 58 -42.31 30.70 -101.76
N VAL L 59 -42.39 32.01 -102.01
CA VAL L 59 -43.02 32.53 -103.21
C VAL L 59 -41.94 32.59 -104.29
N VAL L 60 -41.95 31.61 -105.19
CA VAL L 60 -41.00 31.52 -106.28
C VAL L 60 -41.70 31.92 -107.57
N PRO L 61 -41.14 32.83 -108.36
CA PRO L 61 -41.79 33.22 -109.62
C PRO L 61 -41.53 32.23 -110.74
N GLU L 62 -41.98 32.57 -111.95
CA GLU L 62 -41.77 31.72 -113.12
C GLU L 62 -40.50 32.16 -113.83
N LEU L 63 -39.56 31.22 -113.99
CA LEU L 63 -38.29 31.50 -114.63
C LEU L 63 -38.21 30.98 -116.06
N ALA L 64 -39.35 30.59 -116.64
CA ALA L 64 -39.35 30.07 -118.00
C ALA L 64 -39.11 31.18 -119.02
N GLY L 65 -39.99 32.19 -119.02
CA GLY L 65 -39.85 33.30 -119.93
C GLY L 65 -39.03 34.44 -119.37
N PHE L 66 -38.03 34.11 -118.57
CA PHE L 66 -37.14 35.10 -117.95
C PHE L 66 -35.79 35.02 -118.65
N LYS L 67 -35.46 36.04 -119.44
CA LYS L 67 -34.24 36.04 -120.23
C LYS L 67 -33.16 36.80 -119.47
N LEU L 68 -32.55 36.11 -118.51
CA LEU L 68 -31.46 36.68 -117.73
C LEU L 68 -30.64 35.54 -117.15
N LYS L 69 -29.32 35.72 -117.14
CA LYS L 69 -28.37 34.71 -116.71
C LYS L 69 -27.68 35.12 -115.41
N PRO L 70 -27.16 34.15 -114.65
CA PRO L 70 -26.48 34.49 -113.39
C PRO L 70 -25.18 35.26 -113.57
N TYR L 71 -24.67 35.37 -114.80
CA TYR L 71 -23.47 36.14 -115.07
C TYR L 71 -23.75 37.17 -116.15
N VAL L 72 -22.87 38.15 -116.24
CA VAL L 72 -23.00 39.23 -117.22
C VAL L 72 -21.88 39.11 -118.25
N ASN L 73 -22.04 39.84 -119.34
CA ASN L 73 -20.99 39.91 -120.36
C ASN L 73 -19.80 40.68 -119.82
N TYR L 74 -18.60 40.19 -120.12
CA TYR L 74 -17.40 40.85 -119.62
C TYR L 74 -17.13 42.17 -120.34
N ARG L 75 -17.63 42.32 -121.57
CA ARG L 75 -17.46 43.55 -122.31
C ARG L 75 -18.44 44.64 -121.90
N ALA L 76 -19.44 44.32 -121.09
CA ALA L 76 -20.43 45.32 -120.69
C ALA L 76 -19.82 46.28 -119.68
N PRO L 77 -19.99 47.58 -119.86
CA PRO L 77 -19.42 48.56 -118.92
C PRO L 77 -20.24 48.67 -117.66
N GLU L 78 -19.54 49.01 -116.56
CA GLU L 78 -20.17 49.17 -115.26
C GLU L 78 -20.62 50.62 -115.10
N GLY L 79 -21.07 50.97 -113.88
CA GLY L 79 -21.53 52.31 -113.62
C GLY L 79 -20.93 52.86 -112.34
N THR L 80 -21.01 54.18 -112.20
CA THR L 80 -20.47 54.84 -111.03
C THR L 80 -21.30 54.51 -109.80
N ASP L 81 -20.61 54.34 -108.67
CA ASP L 81 -21.26 53.95 -107.42
C ASP L 81 -22.11 55.11 -106.91
N THR L 82 -23.42 55.01 -107.14
CA THR L 82 -24.39 56.05 -106.74
C THR L 82 -25.46 55.41 -105.88
N PRO L 83 -25.33 55.48 -104.56
CA PRO L 83 -26.35 54.89 -103.69
C PRO L 83 -27.67 55.64 -103.80
N LEU L 84 -28.75 54.89 -103.95
CA LEU L 84 -30.08 55.48 -104.02
C LEU L 84 -30.46 56.09 -102.67
N THR L 85 -30.89 57.34 -102.69
CA THR L 85 -31.26 58.05 -101.48
C THR L 85 -32.70 58.54 -101.56
N ALA L 86 -33.20 59.01 -100.41
CA ALA L 86 -34.60 59.39 -100.30
C ALA L 86 -34.92 60.59 -101.18
N LYS L 87 -34.02 61.56 -101.27
CA LYS L 87 -34.28 62.73 -102.09
C LYS L 87 -34.35 62.37 -103.58
N GLN L 88 -33.46 61.51 -104.04
CA GLN L 88 -33.50 61.08 -105.44
C GLN L 88 -34.75 60.24 -105.71
N LEU L 89 -35.13 59.37 -104.76
CA LEU L 89 -36.34 58.59 -104.92
C LEU L 89 -37.57 59.51 -105.01
N PHE L 90 -37.62 60.55 -104.17
CA PHE L 90 -38.73 61.48 -104.22
C PHE L 90 -38.76 62.25 -105.53
N LEU L 91 -37.60 62.72 -105.99
CA LEU L 91 -37.54 63.45 -107.26
C LEU L 91 -37.93 62.57 -108.43
N GLU L 92 -37.68 61.26 -108.33
CA GLU L 92 -38.05 60.36 -109.41
C GLU L 92 -39.52 59.96 -109.35
N THR L 93 -40.10 59.87 -108.15
CA THR L 93 -41.46 59.33 -108.01
C THR L 93 -42.53 60.42 -107.88
N ALA L 94 -42.41 61.28 -106.88
CA ALA L 94 -43.52 62.17 -106.53
C ALA L 94 -43.32 63.61 -106.96
N ALA L 95 -42.08 64.04 -107.22
CA ALA L 95 -41.84 65.44 -107.59
C ALA L 95 -42.60 65.87 -108.83
N PRO L 96 -42.64 65.10 -109.93
CA PRO L 96 -43.39 65.57 -111.10
C PRO L 96 -44.86 65.80 -110.82
N ALA L 97 -45.53 64.85 -110.15
CA ALA L 97 -46.95 65.00 -109.87
C ALA L 97 -47.23 66.20 -108.97
N ILE L 98 -46.40 66.37 -107.93
CA ILE L 98 -46.59 67.48 -107.00
C ILE L 98 -46.38 68.81 -107.72
N GLU L 99 -45.34 68.90 -108.55
CA GLU L 99 -45.09 70.14 -109.28
C GLU L 99 -46.21 70.44 -110.26
N LYS L 100 -46.73 69.41 -110.94
CA LYS L 100 -47.84 69.62 -111.86
C LYS L 100 -49.09 70.08 -111.12
N ASP L 101 -49.38 69.48 -109.97
CA ASP L 101 -50.56 69.89 -109.21
C ASP L 101 -50.41 71.31 -108.68
N PHE L 102 -49.19 71.69 -108.28
CA PHE L 102 -48.98 73.06 -107.81
C PHE L 102 -49.09 74.07 -108.95
N LYS L 103 -48.59 73.71 -110.13
CA LYS L 103 -48.74 74.59 -111.29
C LYS L 103 -50.20 74.73 -111.69
N ALA L 104 -50.98 73.65 -111.55
CA ALA L 104 -52.40 73.70 -111.89
C ALA L 104 -53.24 74.36 -110.80
N GLY L 105 -52.73 74.45 -109.58
CA GLY L 105 -53.47 75.05 -108.49
C GLY L 105 -54.32 74.10 -107.68
N THR L 106 -54.06 72.79 -107.76
CA THR L 106 -54.82 71.79 -107.02
C THR L 106 -54.00 71.16 -105.90
N PHE L 107 -52.91 71.81 -105.48
CA PHE L 107 -52.09 71.27 -104.41
C PHE L 107 -52.81 71.42 -103.06
N ASP L 108 -52.79 70.36 -102.26
CA ASP L 108 -53.45 70.36 -100.96
C ASP L 108 -52.48 69.89 -99.88
N PRO L 109 -51.98 70.78 -99.02
CA PRO L 109 -51.10 70.33 -97.94
C PRO L 109 -51.79 69.48 -96.89
N GLU L 110 -53.12 69.39 -96.92
CA GLU L 110 -53.84 68.60 -95.92
C GLU L 110 -53.92 67.13 -96.29
N HIS L 111 -53.86 66.81 -97.59
CA HIS L 111 -53.99 65.43 -98.06
C HIS L 111 -52.89 65.16 -99.06
N LEU L 112 -51.92 64.31 -98.69
CA LEU L 112 -50.83 63.93 -99.56
C LEU L 112 -50.78 62.42 -99.78
N GLU L 113 -51.90 61.72 -99.59
CA GLU L 113 -51.92 60.28 -99.77
C GLU L 113 -51.87 59.86 -101.23
N LYS L 114 -52.27 60.74 -102.15
CA LYS L 114 -52.31 60.39 -103.56
C LYS L 114 -50.91 60.36 -104.18
N TYR L 115 -49.94 61.00 -103.55
CA TYR L 115 -48.58 61.04 -104.08
C TYR L 115 -47.73 59.86 -103.61
N GLY L 116 -48.26 59.01 -102.74
CA GLY L 116 -47.53 57.88 -102.22
C GLY L 116 -47.26 57.93 -100.73
N PHE L 117 -47.53 59.06 -100.08
CA PHE L 117 -47.29 59.19 -98.65
C PHE L 117 -48.39 58.49 -97.87
N GLU L 118 -47.99 57.80 -96.80
CA GLU L 118 -48.91 57.10 -95.92
C GLU L 118 -48.86 57.71 -94.53
N PRO L 119 -50.00 58.07 -93.94
CA PRO L 119 -49.98 58.65 -92.59
C PRO L 119 -49.49 57.67 -91.54
N THR L 120 -50.05 56.46 -91.55
CA THR L 120 -49.67 55.41 -90.61
C THR L 120 -49.21 54.17 -91.38
N GLN L 121 -48.71 53.19 -90.63
CA GLN L 121 -48.23 51.95 -91.20
C GLN L 121 -49.14 50.76 -90.96
N GLU L 122 -50.02 50.83 -89.95
CA GLU L 122 -50.88 49.70 -89.63
C GLU L 122 -51.99 49.48 -90.65
N GLY L 123 -52.17 50.39 -91.61
CA GLY L 123 -53.22 50.21 -92.59
C GLY L 123 -52.93 49.09 -93.57
N LYS L 124 -51.76 49.14 -94.21
CA LYS L 124 -51.39 48.13 -95.19
C LYS L 124 -50.87 46.88 -94.50
N LEU L 125 -50.55 45.87 -95.32
CA LEU L 125 -50.12 44.58 -94.79
C LEU L 125 -48.66 44.61 -94.36
N PHE L 126 -47.76 44.87 -95.31
CA PHE L 126 -46.31 44.86 -95.04
C PHE L 126 -45.89 46.26 -94.62
N GLN L 127 -46.00 46.56 -93.34
CA GLN L 127 -45.59 47.86 -92.84
C GLN L 127 -44.07 47.94 -92.76
N LEU L 128 -43.56 49.17 -92.69
CA LEU L 128 -42.12 49.40 -92.81
C LEU L 128 -41.42 49.44 -91.44
N TYR L 129 -41.94 50.20 -90.50
CA TYR L 129 -41.25 50.34 -89.21
C TYR L 129 -41.35 49.08 -88.36
N PRO L 130 -42.53 48.49 -88.13
CA PRO L 130 -42.54 47.21 -87.42
C PRO L 130 -41.92 46.07 -88.20
N LYS L 131 -41.76 46.22 -89.52
CA LYS L 131 -41.08 45.24 -90.36
C LYS L 131 -41.76 43.87 -90.28
N ASN L 132 -43.01 43.82 -90.74
CA ASN L 132 -43.76 42.57 -90.72
C ASN L 132 -43.20 41.56 -91.71
N PHE L 133 -42.65 42.02 -92.83
CA PHE L 133 -42.17 40.96 -93.71
C PHE L 133 -40.73 40.61 -93.37
N PRO L 134 -40.39 39.32 -93.40
CA PRO L 134 -39.00 38.92 -93.14
C PRO L 134 -38.02 39.44 -94.17
N ARG L 135 -38.26 39.13 -95.44
CA ARG L 135 -37.39 39.57 -96.52
C ARG L 135 -38.20 39.98 -97.73
N THR M 35 107.30 14.79 -43.49
CA THR M 35 106.13 14.20 -44.13
C THR M 35 105.00 13.99 -43.12
N TYR M 36 103.91 14.73 -43.31
CA TYR M 36 102.75 14.60 -42.44
C TYR M 36 101.50 15.05 -43.18
N SER M 37 100.41 14.33 -42.95
CA SER M 37 99.11 14.69 -43.50
C SER M 37 98.03 14.04 -42.65
N SER M 38 97.08 14.83 -42.18
CA SER M 38 96.01 14.29 -41.34
C SER M 38 95.24 13.21 -42.07
N LEU M 39 95.02 13.38 -43.37
CA LEU M 39 94.37 12.37 -44.18
C LEU M 39 95.40 11.63 -45.02
N PRO M 40 95.28 10.30 -45.12
CA PRO M 40 96.24 9.54 -45.92
C PRO M 40 96.21 9.95 -47.38
N ASP M 41 97.27 9.57 -48.10
CA ASP M 41 97.45 9.93 -49.50
C ASP M 41 97.08 8.79 -50.44
N ASP M 42 96.05 8.02 -50.08
CA ASP M 42 95.70 6.82 -50.83
C ASP M 42 94.56 7.01 -51.82
N TYR M 43 93.66 7.97 -51.59
CA TYR M 43 92.46 8.11 -52.41
C TYR M 43 92.55 9.35 -53.29
N ASN M 44 93.04 9.15 -54.51
CA ASN M 44 92.94 10.00 -55.69
C ASN M 44 93.84 11.24 -55.63
N CYS M 45 94.43 11.58 -54.49
CA CYS M 45 95.25 12.80 -54.45
C CYS M 45 96.08 12.80 -53.17
N LYS M 46 97.18 13.55 -53.22
CA LYS M 46 98.10 13.67 -52.09
C LYS M 46 98.14 15.14 -51.67
N VAL M 47 97.36 15.48 -50.65
CA VAL M 47 97.24 16.87 -50.20
C VAL M 47 98.42 17.21 -49.30
N GLU M 48 98.98 18.40 -49.51
CA GLU M 48 100.04 18.94 -48.66
C GLU M 48 99.69 20.40 -48.36
N LEU M 49 99.40 20.69 -47.09
CA LEU M 49 99.00 22.02 -46.67
C LEU M 49 100.22 22.88 -46.37
N ALA M 50 99.99 24.20 -46.36
CA ALA M 50 101.06 25.15 -46.05
C ALA M 50 100.43 26.49 -45.71
N LEU M 51 101.15 27.26 -44.90
CA LEU M 51 100.71 28.58 -44.48
C LEU M 51 101.75 29.61 -44.90
N THR M 52 101.31 30.67 -45.56
CA THR M 52 102.22 31.72 -45.97
C THR M 52 102.78 32.45 -44.75
N SER M 53 104.02 32.90 -44.87
CA SER M 53 104.66 33.62 -43.77
C SER M 53 103.90 34.88 -43.38
N ASP M 54 103.11 35.45 -44.29
CA ASP M 54 102.25 36.56 -43.92
C ASP M 54 101.22 36.14 -42.88
N GLY M 55 100.76 34.90 -42.95
CA GLY M 55 99.75 34.39 -42.05
C GLY M 55 98.33 34.52 -42.56
N ARG M 56 98.10 35.31 -43.61
CA ARG M 56 96.77 35.54 -44.14
C ARG M 56 96.49 34.71 -45.39
N THR M 57 97.21 33.62 -45.59
CA THR M 57 97.01 32.79 -46.77
C THR M 57 97.37 31.35 -46.45
N ILE M 58 96.44 30.44 -46.77
CA ILE M 58 96.65 29.00 -46.59
C ILE M 58 96.60 28.36 -47.97
N VAL M 59 97.72 27.77 -48.39
CA VAL M 59 97.82 27.12 -49.68
C VAL M 59 97.86 25.62 -49.47
N CYS M 60 97.61 24.88 -50.54
CA CYS M 60 97.64 23.42 -50.47
C CYS M 60 97.93 22.86 -51.85
N TYR M 61 99.04 22.12 -51.94
CA TYR M 61 99.43 21.44 -53.18
C TYR M 61 98.91 20.01 -53.12
N HIS M 62 98.01 19.66 -54.02
CA HIS M 62 97.34 18.36 -54.02
C HIS M 62 97.44 17.73 -55.41
N PRO M 63 98.58 17.10 -55.71
CA PRO M 63 98.69 16.39 -56.99
C PRO M 63 97.83 15.13 -56.98
N SER M 64 97.20 14.86 -58.12
CA SER M 64 96.41 13.65 -58.28
C SER M 64 97.30 12.41 -58.21
N VAL M 65 96.72 11.33 -57.70
CA VAL M 65 97.44 10.08 -57.50
C VAL M 65 96.89 9.06 -58.48
N ASP M 66 97.76 8.50 -59.31
CA ASP M 66 97.36 7.52 -60.30
C ASP M 66 97.39 6.12 -59.68
N ILE M 67 96.53 5.24 -60.19
CA ILE M 67 96.44 3.87 -59.71
C ILE M 67 97.68 3.11 -60.18
N PRO M 68 98.44 2.51 -59.27
CA PRO M 68 99.63 1.76 -59.69
C PRO M 68 99.24 0.52 -60.50
N TYR M 69 100.21 0.02 -61.25
CA TYR M 69 99.98 -1.13 -62.12
C TYR M 69 99.76 -2.41 -61.33
N GLU M 70 100.22 -2.47 -60.08
CA GLU M 70 100.10 -3.69 -59.29
C GLU M 70 98.71 -3.88 -58.71
N HIS M 71 97.92 -2.82 -58.60
CA HIS M 71 96.58 -2.90 -58.03
C HIS M 71 95.50 -3.11 -59.08
N THR M 72 95.84 -3.74 -60.20
CA THR M 72 94.90 -4.01 -61.28
C THR M 72 94.94 -5.48 -61.65
N LYS M 73 93.93 -5.92 -62.39
CA LYS M 73 93.83 -7.28 -62.87
C LYS M 73 93.53 -7.27 -64.37
N PRO M 74 93.99 -8.29 -65.10
CA PRO M 74 93.84 -8.27 -66.55
C PRO M 74 92.38 -8.30 -66.99
N ILE M 75 92.16 -7.85 -68.21
CA ILE M 75 90.81 -7.73 -68.78
C ILE M 75 90.32 -9.10 -69.22
N PRO M 76 89.18 -9.57 -68.72
CA PRO M 76 88.63 -10.83 -69.20
C PRO M 76 87.96 -10.67 -70.55
N ARG M 77 88.18 -11.66 -71.42
CA ARG M 77 87.57 -11.69 -72.74
C ARG M 77 87.05 -13.10 -73.00
N PRO M 78 85.74 -13.23 -73.13
CA PRO M 78 85.09 -14.53 -73.36
C PRO M 78 84.50 -14.54 -74.76
N ASP M 79 85.00 -15.45 -75.60
CA ASP M 79 84.56 -15.56 -76.98
C ASP M 79 84.28 -17.02 -77.28
N PRO M 80 83.01 -17.37 -77.43
CA PRO M 80 82.61 -18.74 -77.72
C PRO M 80 81.27 -18.72 -78.45
N VAL M 81 81.26 -19.23 -79.68
CA VAL M 81 80.05 -19.31 -80.51
C VAL M 81 79.77 -20.79 -80.75
N HIS M 82 79.04 -21.41 -79.81
CA HIS M 82 78.76 -22.83 -79.87
C HIS M 82 77.71 -23.20 -80.91
N ASN M 83 77.02 -22.20 -81.49
CA ASN M 83 76.00 -22.47 -82.50
C ASN M 83 76.59 -22.76 -83.87
N ILE M 84 77.92 -22.78 -83.99
CA ILE M 84 78.56 -23.03 -85.28
C ILE M 84 78.48 -24.51 -85.63
N GLU M 85 77.94 -24.80 -86.81
CA GLU M 85 77.82 -26.17 -87.30
C GLU M 85 78.73 -26.34 -88.52
N GLU M 86 79.36 -27.52 -88.60
CA GLU M 86 80.25 -27.80 -89.72
C GLU M 86 79.52 -28.06 -91.02
N THR M 87 78.18 -28.10 -91.01
CA THR M 87 77.44 -28.40 -92.22
C THR M 87 77.20 -27.16 -93.05
N HIS M 88 76.56 -26.14 -92.47
CA HIS M 88 76.21 -24.93 -93.21
C HIS M 88 76.43 -23.73 -92.29
N ASP M 89 77.44 -22.91 -92.62
CA ASP M 89 77.72 -21.72 -91.84
C ASP M 89 76.61 -20.69 -91.99
N LEU M 90 75.97 -20.63 -93.15
CA LEU M 90 74.86 -19.70 -93.33
C LEU M 90 73.71 -20.02 -92.38
N VAL M 91 73.51 -21.30 -92.06
CA VAL M 91 72.51 -21.67 -91.07
C VAL M 91 73.03 -21.54 -89.65
N LEU M 92 74.32 -21.81 -89.45
CA LEU M 92 74.89 -21.68 -88.11
C LEU M 92 74.87 -20.25 -87.62
N LYS M 93 75.04 -19.28 -88.53
CA LYS M 93 75.00 -17.88 -88.13
C LYS M 93 73.60 -17.48 -87.68
N THR M 94 72.56 -17.99 -88.35
CA THR M 94 71.20 -17.68 -87.95
C THR M 94 70.73 -18.50 -86.76
N ARG M 95 71.40 -19.62 -86.47
CA ARG M 95 71.01 -20.44 -85.32
C ARG M 95 71.16 -19.68 -84.01
N LEU M 96 72.14 -18.79 -83.92
CA LEU M 96 72.37 -17.98 -82.72
C LEU M 96 71.68 -16.62 -82.79
N GLU M 97 71.02 -16.30 -83.90
CA GLU M 97 70.36 -15.02 -84.06
C GLU M 97 68.84 -15.11 -84.07
N GLU M 98 68.27 -16.26 -84.42
CA GLU M 98 66.82 -16.43 -84.49
C GLU M 98 66.21 -16.78 -83.13
N LYS M 99 66.93 -16.54 -82.04
CA LYS M 99 66.42 -16.85 -80.71
C LYS M 99 65.43 -15.77 -80.28
N GLY M 100 64.30 -16.21 -79.71
CA GLY M 100 63.27 -15.29 -79.26
C GLY M 100 62.48 -15.92 -78.13
N GLU M 101 61.76 -15.07 -77.40
CA GLU M 101 60.95 -15.52 -76.27
C GLU M 101 59.91 -14.47 -75.97
N HIS M 102 58.66 -14.90 -75.81
CA HIS M 102 57.56 -14.00 -75.51
C HIS M 102 56.79 -14.54 -74.31
N LEU M 103 56.59 -13.69 -73.31
CA LEU M 103 55.93 -14.07 -72.07
C LEU M 103 54.72 -13.16 -71.84
N GLU M 104 53.98 -13.44 -70.76
CA GLU M 104 52.82 -12.65 -70.40
C GLU M 104 53.25 -11.41 -69.64
N GLN M 105 52.28 -10.53 -69.38
CA GLN M 105 52.56 -9.25 -68.73
C GLN M 105 53.13 -9.46 -67.33
N GLY M 106 52.48 -10.33 -66.56
CA GLY M 106 52.91 -10.62 -65.20
C GLY M 106 54.33 -11.14 -65.12
N PRO M 107 54.61 -12.26 -65.80
CA PRO M 107 55.99 -12.78 -65.80
C PRO M 107 57.00 -11.81 -66.37
N MET M 108 56.62 -11.02 -67.40
CA MET M 108 57.56 -10.06 -67.96
C MET M 108 57.93 -8.99 -66.94
N ILE M 109 56.92 -8.43 -66.26
CA ILE M 109 57.18 -7.43 -65.23
C ILE M 109 58.00 -8.02 -64.10
N GLU M 110 57.70 -9.27 -63.72
CA GLU M 110 58.45 -9.90 -62.64
C GLU M 110 59.92 -10.09 -63.02
N GLN M 111 60.17 -10.52 -64.26
CA GLN M 111 61.55 -10.71 -64.70
C GLN M 111 62.29 -9.38 -64.80
N LEU M 112 61.62 -8.34 -65.30
CA LEU M 112 62.26 -7.03 -65.37
C LEU M 112 62.60 -6.51 -63.97
N SER M 113 61.70 -6.71 -63.01
CA SER M 113 61.97 -6.28 -61.64
C SER M 113 63.12 -7.09 -61.04
N LYS M 114 63.15 -8.40 -61.28
CA LYS M 114 64.25 -9.21 -60.77
C LYS M 114 65.58 -8.83 -61.40
N MET M 115 65.55 -8.37 -62.65
CA MET M 115 66.79 -7.98 -63.33
C MET M 115 67.30 -6.63 -62.83
N PHE M 116 66.43 -5.63 -62.76
CA PHE M 116 66.85 -4.28 -62.42
C PHE M 116 66.68 -3.94 -60.95
N PHE M 117 66.37 -4.93 -60.11
CA PHE M 117 66.29 -4.76 -58.66
C PHE M 117 65.32 -3.63 -58.27
N THR M 118 64.15 -3.65 -58.88
CA THR M 118 63.10 -2.70 -58.53
C THR M 118 61.82 -3.45 -58.20
N THR M 119 60.73 -2.72 -57.98
CA THR M 119 59.44 -3.33 -57.69
C THR M 119 58.65 -3.52 -58.99
N LYS M 120 57.51 -4.20 -58.86
CA LYS M 120 56.65 -4.44 -60.01
C LYS M 120 55.72 -3.27 -60.30
N HIS M 121 55.71 -2.24 -59.45
CA HIS M 121 54.79 -1.13 -59.63
C HIS M 121 55.28 -0.11 -60.65
N ARG M 122 56.55 -0.15 -61.02
CA ARG M 122 57.10 0.81 -61.97
C ARG M 122 56.90 0.41 -63.42
N TRP M 123 56.97 -0.89 -63.72
CA TRP M 123 56.91 -1.34 -65.10
C TRP M 123 55.52 -1.23 -65.72
N TYR M 124 54.49 -0.97 -64.93
CA TYR M 124 53.16 -0.84 -65.48
C TYR M 124 53.02 0.47 -66.26
N PRO M 125 52.23 0.47 -67.33
CA PRO M 125 52.04 1.71 -68.11
C PRO M 125 51.25 2.77 -67.36
N ARG M 126 51.10 3.94 -67.96
CA ARG M 126 50.35 5.03 -67.38
C ARG M 126 49.18 5.38 -68.29
N GLY M 127 48.33 6.29 -67.83
CA GLY M 127 47.11 6.64 -68.53
C GLY M 127 47.24 7.85 -69.42
N GLN M 128 46.15 8.14 -70.13
CA GLN M 128 46.13 9.29 -71.04
C GLN M 128 46.29 10.59 -70.28
N TYR M 129 45.66 10.71 -69.10
CA TYR M 129 45.72 11.98 -68.37
C TYR M 129 47.14 12.36 -68.02
N HIS M 130 47.99 11.37 -67.74
CA HIS M 130 49.39 11.66 -67.45
C HIS M 130 50.25 11.73 -68.71
N ARG M 131 49.96 10.91 -69.71
CA ARG M 131 50.74 10.94 -70.94
C ARG M 131 50.46 12.15 -71.81
N ARG M 132 49.39 12.90 -71.52
CA ARG M 132 49.15 14.16 -72.23
C ARG M 132 49.89 15.33 -71.61
N ARG M 133 50.06 15.35 -70.28
CA ARG M 133 50.59 16.49 -69.57
C ARG M 133 52.12 16.50 -69.51
N ARG M 134 52.79 15.57 -70.18
CA ARG M 134 54.24 15.57 -70.21
C ARG M 134 54.74 16.64 -71.19
N LYS M 135 55.70 17.42 -70.75
CA LYS M 135 56.27 18.46 -71.60
C LYS M 135 57.01 17.83 -72.77
N PRO M 136 56.60 18.08 -74.02
CA PRO M 136 57.25 17.41 -75.15
C PRO M 136 58.69 17.85 -75.36
N ASN M 137 58.99 19.12 -75.11
CA ASN M 137 60.33 19.68 -75.32
C ASN M 137 60.85 20.20 -73.99
N PRO M 138 61.37 19.33 -73.13
CA PRO M 138 61.87 19.79 -71.84
C PRO M 138 63.18 20.53 -72.01
N PRO M 139 63.46 21.52 -71.16
CA PRO M 139 64.73 22.25 -71.27
C PRO M 139 65.92 21.36 -70.96
N LYS M 140 67.07 21.74 -71.49
CA LYS M 140 68.31 21.02 -71.28
C LYS M 140 69.41 22.01 -70.91
N ASP M 141 70.19 21.69 -69.89
CA ASP M 141 71.27 22.53 -69.43
C ASP M 141 72.59 22.08 -70.07
N ARG M 142 73.66 22.78 -69.74
CA ARG M 142 75.00 22.48 -70.25
C ARG M 142 75.05 22.55 -71.78
N THR N 2 53.55 30.55 -59.43
CA THR N 2 53.30 29.12 -59.62
C THR N 2 54.22 28.55 -60.68
N ALA N 3 55.24 27.81 -60.25
CA ALA N 3 56.21 27.26 -61.20
C ALA N 3 55.60 26.15 -62.03
N ARG N 4 54.83 25.25 -61.41
CA ARG N 4 54.23 24.14 -62.14
C ARG N 4 53.24 24.61 -63.20
N GLY N 5 52.66 25.78 -63.04
CA GLY N 5 51.70 26.29 -64.01
C GLY N 5 52.36 26.93 -65.22
N THR N 6 53.42 27.69 -64.98
CA THR N 6 54.13 28.38 -66.04
C THR N 6 55.26 27.52 -66.58
N ALA N 7 55.94 28.02 -67.61
CA ALA N 7 57.07 27.34 -68.19
C ALA N 7 58.34 27.66 -67.41
N SER N 8 59.46 27.11 -67.85
CA SER N 8 60.74 27.36 -67.19
C SER N 8 61.86 27.19 -68.21
N ARG N 9 62.95 27.92 -67.99
CA ARG N 9 64.10 27.84 -68.86
C ARG N 9 65.35 28.11 -68.05
N PHE N 10 66.47 27.58 -68.54
CA PHE N 10 67.76 27.78 -67.89
C PHE N 10 68.37 29.12 -68.31
N LEU N 11 69.23 29.64 -67.44
CA LEU N 11 69.85 30.94 -67.67
C LEU N 11 70.85 30.80 -68.81
N THR N 12 70.45 31.23 -70.00
CA THR N 12 71.27 31.15 -71.19
C THR N 12 71.43 32.54 -71.80
N SER N 13 72.45 32.67 -72.65
CA SER N 13 72.72 33.92 -73.36
C SER N 13 72.69 33.63 -74.86
N VAL N 14 72.13 34.57 -75.62
CA VAL N 14 71.99 34.39 -77.06
C VAL N 14 73.34 34.63 -77.73
N LEU N 15 73.80 33.64 -78.50
CA LEU N 15 75.04 33.73 -79.27
C LEU N 15 76.25 33.98 -78.37
N HIS N 16 76.19 33.52 -77.13
CA HIS N 16 77.27 33.70 -76.16
C HIS N 16 77.67 35.17 -76.05
N ASN N 17 76.68 36.02 -75.83
CA ASN N 17 76.90 37.45 -75.72
C ASN N 17 77.78 37.77 -74.52
N GLY N 18 78.57 38.84 -74.64
CA GLY N 18 79.40 39.31 -73.56
C GLY N 18 80.73 38.62 -73.41
N LEU N 19 80.97 37.51 -74.13
CA LEU N 19 82.25 36.82 -74.01
C LEU N 19 83.33 37.52 -74.82
N GLY N 20 83.12 37.66 -76.13
CA GLY N 20 84.05 38.36 -76.98
C GLY N 20 83.82 39.85 -77.00
N ARG N 21 82.58 40.26 -77.28
CA ARG N 21 82.20 41.66 -77.27
C ARG N 21 80.70 41.76 -76.97
N TYR N 22 80.29 42.88 -76.38
CA TYR N 22 78.89 43.07 -76.05
C TYR N 22 78.12 43.54 -77.28
N VAL N 23 76.93 42.98 -77.48
CA VAL N 23 76.06 43.34 -78.58
C VAL N 23 74.71 43.71 -77.98
N GLN N 24 74.23 44.92 -78.26
CA GLN N 24 72.94 45.35 -77.77
C GLN N 24 71.84 44.52 -78.41
N GLN N 25 71.15 43.72 -77.59
CA GLN N 25 70.17 42.78 -78.10
C GLN N 25 68.93 43.45 -78.68
N LEU N 26 68.72 44.74 -78.40
CA LEU N 26 67.56 45.45 -78.92
C LEU N 26 67.83 45.86 -80.36
N GLN N 27 67.16 45.21 -81.31
CA GLN N 27 67.36 45.52 -82.72
C GLN N 27 66.55 46.74 -83.15
N ARG N 28 65.24 46.73 -82.91
CA ARG N 28 64.42 47.86 -83.32
C ARG N 28 63.39 48.17 -82.24
N LEU N 29 62.99 49.44 -82.18
CA LEU N 29 62.04 49.94 -81.20
C LEU N 29 61.07 50.85 -81.95
N SER N 30 59.82 50.44 -82.05
CA SER N 30 58.81 51.14 -82.84
C SER N 30 57.73 51.67 -81.92
N PHE N 31 57.57 52.98 -81.87
CA PHE N 31 56.49 53.62 -81.13
C PHE N 31 55.33 53.90 -82.08
N SER N 32 54.12 53.59 -81.63
CA SER N 32 52.89 53.92 -82.34
C SER N 32 52.03 54.75 -81.41
N LEU N 33 51.82 56.02 -81.76
CA LEU N 33 51.14 56.96 -80.88
C LEU N 33 50.18 57.80 -81.71
N SER N 34 49.61 58.82 -81.09
CA SER N 34 48.66 59.72 -81.73
C SER N 34 49.08 61.17 -81.46
N ARG N 35 48.58 62.07 -82.30
CA ARG N 35 48.94 63.48 -82.20
C ARG N 35 47.94 64.30 -81.40
N ASP N 36 46.67 63.88 -81.33
CA ASP N 36 45.64 64.63 -80.65
C ASP N 36 45.02 63.90 -79.47
N ALA N 37 45.31 62.62 -79.29
CA ALA N 37 44.72 61.88 -78.19
C ALA N 37 45.35 62.30 -76.87
N PRO N 38 44.55 62.62 -75.85
CA PRO N 38 45.13 62.95 -74.54
C PRO N 38 45.91 61.80 -73.92
N SER N 39 45.64 60.57 -74.36
CA SER N 39 46.36 59.42 -73.82
C SER N 39 47.81 59.36 -74.32
N SER N 40 48.07 59.92 -75.50
CA SER N 40 49.41 59.91 -76.08
C SER N 40 50.24 61.11 -75.67
N ARG N 41 49.86 61.78 -74.58
CA ARG N 41 50.60 62.97 -74.14
C ARG N 41 52.03 62.60 -73.77
N GLY N 42 52.20 61.54 -72.97
CA GLY N 42 53.54 61.14 -72.57
C GLY N 42 54.40 60.71 -73.74
N ALA N 43 53.82 59.94 -74.67
CA ALA N 43 54.57 59.51 -75.85
C ALA N 43 54.96 60.68 -76.72
N ARG N 44 54.05 61.64 -76.88
CA ARG N 44 54.36 62.83 -77.67
C ARG N 44 55.49 63.64 -77.04
N GLU N 45 55.41 63.85 -75.73
CA GLU N 45 56.45 64.61 -75.05
C GLU N 45 57.79 63.88 -75.10
N PHE N 46 57.76 62.55 -75.03
CA PHE N 46 58.99 61.77 -75.13
C PHE N 46 59.60 61.87 -76.51
N VAL N 47 58.78 61.76 -77.56
CA VAL N 47 59.29 61.90 -78.92
C VAL N 47 59.83 63.31 -79.14
N GLU N 48 59.23 64.30 -78.49
CA GLU N 48 59.75 65.66 -78.62
C GLU N 48 61.11 65.82 -77.94
N ARG N 49 61.24 65.29 -76.72
CA ARG N 49 62.39 65.59 -75.87
C ARG N 49 63.50 64.55 -75.98
N GLU N 50 63.22 63.30 -75.63
CA GLU N 50 64.26 62.34 -75.28
C GLU N 50 64.54 61.29 -76.35
N VAL N 51 63.90 61.35 -77.52
CA VAL N 51 64.17 60.33 -78.52
C VAL N 51 65.52 60.58 -79.19
N THR N 52 65.92 61.84 -79.34
CA THR N 52 67.19 62.14 -80.01
C THR N 52 68.38 61.74 -79.16
N ASP N 53 68.33 62.05 -77.86
CA ASP N 53 69.42 61.68 -76.96
C ASP N 53 69.55 60.16 -76.88
N PHE N 54 68.42 59.45 -76.80
CA PHE N 54 68.48 57.99 -76.74
C PHE N 54 69.00 57.41 -78.05
N ALA N 55 68.59 57.99 -79.19
CA ALA N 55 69.08 57.53 -80.47
C ALA N 55 70.59 57.74 -80.59
N ARG N 56 71.09 58.84 -80.04
CA ARG N 56 72.54 59.07 -80.07
C ARG N 56 73.28 58.14 -79.11
N ARG N 57 72.67 57.84 -77.96
CA ARG N 57 73.33 56.97 -76.99
C ARG N 57 73.38 55.53 -77.48
N ASN N 58 72.32 55.06 -78.14
CA ASN N 58 72.24 53.68 -78.63
C ASN N 58 72.16 53.70 -80.15
N PRO N 59 73.30 53.54 -80.84
CA PRO N 59 73.27 53.59 -82.31
C PRO N 59 72.83 52.30 -82.97
N GLY N 60 72.92 51.17 -82.27
CA GLY N 60 72.59 49.89 -82.87
C GLY N 60 71.14 49.49 -82.88
N VAL N 61 70.23 50.42 -82.55
CA VAL N 61 68.80 50.13 -82.52
C VAL N 61 68.11 51.08 -83.48
N VAL N 62 67.27 50.52 -84.35
CA VAL N 62 66.49 51.31 -85.30
C VAL N 62 65.23 51.79 -84.59
N ILE N 63 65.10 53.10 -84.44
CA ILE N 63 63.97 53.70 -83.73
C ILE N 63 62.97 54.20 -84.76
N TYR N 64 61.77 53.64 -84.74
CA TYR N 64 60.67 54.07 -85.59
C TYR N 64 59.64 54.81 -84.75
N VAL N 65 59.06 55.86 -85.31
CA VAL N 65 57.99 56.61 -84.67
C VAL N 65 56.85 56.76 -85.67
N ASN N 66 55.63 56.45 -85.24
CA ASN N 66 54.46 56.51 -86.12
C ASN N 66 53.30 57.20 -85.41
N PRO N 67 53.03 58.46 -85.73
CA PRO N 67 51.77 59.08 -85.33
C PRO N 67 50.65 58.63 -86.28
N ARG N 68 49.60 58.07 -85.70
CA ARG N 68 48.50 57.50 -86.47
C ARG N 68 47.23 57.62 -85.65
N PRO N 69 46.06 57.55 -86.29
CA PRO N 69 44.80 57.66 -85.53
C PRO N 69 44.57 56.44 -84.65
N CYS N 70 45.30 56.35 -83.54
CA CYS N 70 45.16 55.26 -82.59
C CYS N 70 44.88 55.82 -81.21
N CYS N 71 44.24 54.99 -80.37
CA CYS N 71 43.82 55.43 -79.05
C CYS N 71 44.79 55.04 -77.94
N VAL N 72 45.48 53.92 -78.08
CA VAL N 72 46.38 53.43 -77.04
C VAL N 72 47.81 53.51 -77.57
N PRO N 73 48.69 54.28 -76.94
CA PRO N 73 50.08 54.34 -77.40
C PRO N 73 50.83 53.06 -77.05
N ARG N 74 51.44 52.46 -78.07
CA ARG N 74 52.10 51.18 -77.91
C ARG N 74 53.57 51.29 -78.33
N VAL N 75 54.37 50.35 -77.83
CA VAL N 75 55.79 50.28 -78.14
C VAL N 75 56.15 48.83 -78.40
N VAL N 76 56.73 48.55 -79.56
CA VAL N 76 57.08 47.21 -79.99
C VAL N 76 58.60 47.13 -80.09
N ALA N 77 59.21 46.26 -79.30
CA ALA N 77 60.65 46.05 -79.33
C ALA N 77 60.92 44.71 -79.98
N GLU N 78 61.63 44.72 -81.11
CA GLU N 78 62.03 43.51 -81.82
C GLU N 78 63.51 43.28 -81.55
N TYR N 79 63.84 42.10 -81.05
CA TYR N 79 65.20 41.80 -80.63
C TYR N 79 65.93 40.99 -81.71
N LEU N 80 67.20 40.70 -81.43
CA LEU N 80 68.03 39.96 -82.38
C LEU N 80 67.54 38.52 -82.54
N ASN N 81 66.98 37.94 -81.48
CA ASN N 81 66.50 36.56 -81.54
C ASN N 81 65.20 36.42 -82.32
N GLY N 82 64.63 37.52 -82.79
CA GLY N 82 63.34 37.49 -83.43
C GLY N 82 62.16 37.67 -82.50
N ALA N 83 62.41 37.92 -81.22
CA ALA N 83 61.34 38.11 -80.26
C ALA N 83 60.73 39.50 -80.40
N VAL N 84 59.41 39.56 -80.25
CA VAL N 84 58.65 40.81 -80.38
C VAL N 84 57.94 41.03 -79.05
N ARG N 85 58.37 42.06 -78.32
CA ARG N 85 57.79 42.40 -77.03
C ARG N 85 56.97 43.66 -77.17
N GLU N 86 55.68 43.57 -76.84
CA GLU N 86 54.74 44.67 -77.01
C GLU N 86 54.35 45.21 -75.63
N GLU N 87 54.52 46.51 -75.44
CA GLU N 87 54.17 47.17 -74.19
C GLU N 87 53.27 48.36 -74.47
N SER N 88 52.55 48.78 -73.44
CA SER N 88 51.61 49.90 -73.52
C SER N 88 52.15 51.07 -72.71
N ILE N 89 52.25 52.24 -73.35
CA ILE N 89 52.74 53.44 -72.69
C ILE N 89 51.57 54.38 -72.47
N HIS N 90 50.37 53.83 -72.37
CA HIS N 90 49.14 54.60 -72.24
C HIS N 90 49.13 55.46 -70.98
N CYS N 91 49.19 56.78 -71.16
CA CYS N 91 49.10 57.74 -70.05
C CYS N 91 50.21 57.51 -69.02
N LYS N 92 51.45 57.67 -69.47
CA LYS N 92 52.60 57.54 -68.60
C LYS N 92 53.50 58.76 -68.77
N SER N 93 54.05 59.25 -67.66
CA SER N 93 54.90 60.42 -67.69
C SER N 93 56.20 60.12 -68.43
N VAL N 94 56.91 61.20 -68.78
CA VAL N 94 58.13 61.07 -69.58
C VAL N 94 59.18 60.27 -68.82
N GLU N 95 59.24 60.40 -67.50
CA GLU N 95 60.19 59.62 -66.71
C GLU N 95 59.88 58.13 -66.81
N GLU N 96 58.61 57.76 -66.71
CA GLU N 96 58.23 56.36 -66.85
C GLU N 96 58.50 55.86 -68.27
N ILE N 97 58.29 56.71 -69.27
CA ILE N 97 58.57 56.32 -70.65
C ILE N 97 60.07 56.04 -70.81
N ALA N 98 60.90 56.92 -70.27
CA ALA N 98 62.35 56.72 -70.36
C ALA N 98 62.78 55.47 -69.60
N ALA N 99 62.16 55.21 -68.45
CA ALA N 99 62.48 54.00 -67.70
C ALA N 99 62.12 52.75 -68.50
N LEU N 100 60.94 52.73 -69.12
CA LEU N 100 60.55 51.57 -69.92
C LEU N 100 61.45 51.41 -71.14
N VAL N 101 61.86 52.53 -71.74
CA VAL N 101 62.74 52.45 -72.90
C VAL N 101 64.10 51.88 -72.49
N GLN N 102 64.65 52.36 -71.38
CA GLN N 102 65.92 51.81 -70.89
C GLN N 102 65.79 50.33 -70.54
N LYS N 103 64.64 49.95 -69.98
CA LYS N 103 64.42 48.54 -69.66
C LYS N 103 64.42 47.68 -70.92
N LEU N 104 63.65 48.11 -71.93
CA LEU N 104 63.62 47.36 -73.19
C LEU N 104 64.98 47.36 -73.88
N ALA N 105 65.78 48.39 -73.66
CA ALA N 105 67.11 48.42 -74.26
C ALA N 105 68.06 47.45 -73.55
N ASP N 106 67.99 47.38 -72.22
CA ASP N 106 68.89 46.51 -71.47
C ASP N 106 68.43 45.06 -71.46
N GLN N 107 67.18 44.78 -71.83
CA GLN N 107 66.72 43.40 -71.88
C GLN N 107 67.46 42.64 -72.99
N SER N 108 67.42 41.31 -72.88
CA SER N 108 68.08 40.44 -73.84
C SER N 108 67.12 39.86 -74.87
N GLY N 109 65.82 40.04 -74.69
CA GLY N 109 64.84 39.52 -75.62
C GLY N 109 64.33 38.13 -75.30
N LEU N 110 64.91 37.47 -74.30
CA LEU N 110 64.45 36.14 -73.92
C LEU N 110 63.09 36.23 -73.24
N ASP N 111 62.45 35.07 -73.08
CA ASP N 111 61.14 35.01 -72.45
C ASP N 111 61.24 35.31 -70.96
N VAL N 112 60.28 36.07 -70.45
CA VAL N 112 60.25 36.45 -69.03
C VAL N 112 59.45 35.37 -68.31
N ILE N 113 60.15 34.30 -67.93
CA ILE N 113 59.59 33.22 -67.15
C ILE N 113 60.56 32.87 -66.03
N ARG N 114 60.20 31.85 -65.25
CA ARG N 114 61.02 31.45 -64.12
C ARG N 114 62.32 30.83 -64.59
N ILE N 115 63.43 31.23 -63.98
CA ILE N 115 64.73 30.65 -64.25
C ILE N 115 65.04 29.64 -63.17
N ARG N 116 65.33 28.40 -63.58
CA ARG N 116 65.58 27.34 -62.60
C ARG N 116 66.87 27.60 -61.83
N LYS N 117 67.99 27.65 -62.53
CA LYS N 117 69.28 27.85 -61.89
C LYS N 117 69.76 29.27 -62.10
N PRO N 118 70.07 30.00 -61.03
CA PRO N 118 70.58 31.37 -61.20
C PRO N 118 71.98 31.42 -61.78
N PHE N 119 72.54 30.26 -62.11
CA PHE N 119 73.88 30.17 -62.66
C PHE N 119 73.88 29.13 -63.78
N HIS N 120 74.88 29.25 -64.66
CA HIS N 120 75.01 28.34 -65.79
C HIS N 120 76.48 28.32 -66.19
N THR N 121 77.19 27.28 -65.76
CA THR N 121 78.61 27.14 -66.03
C THR N 121 78.84 25.93 -66.92
N ASP N 122 79.51 26.14 -68.05
CA ASP N 122 79.84 25.03 -68.94
C ASP N 122 81.09 24.33 -68.44
N SER N 123 81.01 22.99 -68.36
CA SER N 123 82.08 22.14 -67.87
C SER N 123 82.49 22.54 -66.46
N PRO N 124 81.64 22.32 -65.45
CA PRO N 124 82.01 22.69 -64.08
C PRO N 124 82.81 21.61 -63.37
N SER N 125 83.39 20.69 -64.14
CA SER N 125 84.06 19.51 -63.59
C SER N 125 85.57 19.70 -63.53
N ILE N 126 86.01 20.91 -63.22
CA ILE N 126 87.44 21.21 -63.12
C ILE N 126 88.07 20.32 -62.07
N GLN N 127 89.27 19.81 -62.39
CA GLN N 127 90.10 18.99 -61.51
C GLN N 127 89.45 17.65 -61.19
N GLY N 128 88.27 17.39 -61.75
CA GLY N 128 87.62 16.10 -61.56
C GLY N 128 86.24 16.21 -60.98
N GLN N 129 85.39 15.22 -61.27
CA GLN N 129 84.03 15.17 -60.76
C GLN N 129 83.88 13.94 -59.88
N TRP N 130 83.07 14.08 -58.84
CA TRP N 130 82.92 13.01 -57.87
C TRP N 130 82.23 11.79 -58.49
N HIS N 131 82.82 10.62 -58.26
CA HIS N 131 82.23 9.34 -58.61
C HIS N 131 82.50 8.38 -57.47
N PRO N 132 81.64 7.37 -57.26
CA PRO N 132 81.75 6.54 -56.06
C PRO N 132 83.08 5.82 -55.89
N PHE N 133 83.99 5.95 -56.86
CA PHE N 133 85.32 5.37 -56.75
C PHE N 133 86.42 6.41 -56.60
N THR N 134 86.07 7.69 -56.46
CA THR N 134 87.07 8.74 -56.37
C THR N 134 87.65 8.93 -54.97
N ASN N 135 87.17 8.16 -53.99
CA ASN N 135 87.70 8.28 -52.64
C ASN N 135 87.88 6.93 -51.94
N LYS N 136 87.82 5.83 -52.66
CA LYS N 136 88.01 4.53 -52.02
C LYS N 136 89.37 3.97 -52.37
N PRO N 137 90.13 3.50 -51.39
CA PRO N 137 91.47 2.97 -51.67
C PRO N 137 91.39 1.67 -52.47
N THR N 138 92.45 1.41 -53.23
CA THR N 138 92.55 0.20 -54.03
C THR N 138 93.34 -0.86 -53.28
N THR N 139 92.96 -2.12 -53.50
CA THR N 139 93.64 -3.24 -52.89
C THR N 139 94.67 -3.85 -53.84
N LEU N 140 95.47 -4.77 -53.31
CA LEU N 140 96.52 -5.42 -54.10
C LEU N 140 95.88 -6.34 -55.13
N GLY N 141 95.98 -5.97 -56.40
CA GLY N 141 95.45 -6.77 -57.48
C GLY N 141 93.98 -6.55 -57.79
N GLY N 142 93.32 -5.66 -57.08
CA GLY N 142 91.90 -5.41 -57.32
C GLY N 142 91.01 -6.55 -56.89
N LEU N 143 91.33 -7.20 -55.78
CA LEU N 143 90.54 -8.33 -55.30
C LEU N 143 89.28 -7.85 -54.60
N ARG N 144 88.21 -8.61 -54.78
CA ARG N 144 86.95 -8.33 -54.11
C ARG N 144 87.09 -8.64 -52.62
N PRO N 145 86.16 -8.13 -51.79
CA PRO N 145 86.30 -8.32 -50.33
C PRO N 145 86.50 -9.76 -49.89
N ARG N 146 85.69 -10.70 -50.38
CA ARG N 146 85.80 -12.10 -50.02
C ARG N 146 86.16 -12.96 -51.23
N GLU N 147 87.11 -12.49 -52.04
CA GLU N 147 87.62 -13.23 -53.18
C GLU N 147 89.03 -13.70 -52.88
N VAL N 148 89.29 -14.98 -53.13
CA VAL N 148 90.61 -15.58 -52.89
C VAL N 148 91.31 -15.76 -54.24
N GLN N 149 92.59 -15.42 -54.27
CA GLN N 149 93.37 -15.52 -55.50
C GLN N 149 94.17 -16.82 -55.53
N ALA O 31 20.85 42.11 -76.10
CA ALA O 31 21.73 43.10 -76.72
C ALA O 31 22.43 43.94 -75.67
N LYS O 32 23.64 43.53 -75.31
CA LYS O 32 24.46 44.23 -74.31
C LYS O 32 25.15 45.41 -75.00
N LYS O 33 24.71 46.62 -74.70
CA LYS O 33 25.27 47.81 -75.32
C LYS O 33 26.73 48.00 -74.95
N GLY O 34 27.57 48.24 -75.95
CA GLY O 34 28.99 48.44 -75.72
C GLY O 34 29.84 48.15 -76.93
N PHE O 35 31.09 48.62 -76.91
CA PHE O 35 32.03 48.38 -77.98
C PHE O 35 33.37 47.83 -77.51
N ARG O 36 33.76 48.11 -76.26
CA ARG O 36 35.02 47.58 -75.74
C ARG O 36 35.00 46.07 -75.69
N ALA O 37 33.92 45.49 -75.17
CA ALA O 37 33.82 44.03 -75.10
C ALA O 37 33.83 43.42 -76.49
N ALA O 38 33.11 44.04 -77.44
CA ALA O 38 33.08 43.51 -78.79
C ALA O 38 34.46 43.53 -79.45
N TYR O 39 35.18 44.65 -79.30
CA TYR O 39 36.49 44.74 -79.93
C TYR O 39 37.49 43.80 -79.26
N ARG O 40 37.40 43.64 -77.94
CA ARG O 40 38.30 42.71 -77.26
C ARG O 40 38.00 41.28 -77.66
N PHE O 41 36.72 40.95 -77.87
CA PHE O 41 36.39 39.61 -78.35
C PHE O 41 36.82 39.40 -79.79
N GLN O 42 36.83 40.47 -80.60
CA GLN O 42 37.37 40.35 -81.95
C GLN O 42 38.86 40.08 -81.91
N LYS O 43 39.58 40.75 -81.00
CA LYS O 43 41.00 40.44 -80.81
C LYS O 43 41.20 38.99 -80.38
N GLU O 44 40.33 38.51 -79.48
CA GLU O 44 40.42 37.12 -79.05
C GLU O 44 40.18 36.16 -80.21
N LEU O 45 39.20 36.47 -81.07
CA LEU O 45 38.94 35.63 -82.23
C LEU O 45 40.11 35.62 -83.19
N GLU O 46 40.75 36.78 -83.38
CA GLU O 46 41.93 36.84 -84.22
C GLU O 46 43.06 36.00 -83.64
N ARG O 47 43.23 36.05 -82.31
CA ARG O 47 44.26 35.23 -81.68
C ARG O 47 43.96 33.74 -81.84
N TRP O 48 42.69 33.36 -81.69
CA TRP O 48 42.32 31.96 -81.87
C TRP O 48 42.53 31.50 -83.31
N ARG O 49 42.25 32.38 -84.28
CA ARG O 49 42.49 32.03 -85.67
C ARG O 49 43.99 31.89 -85.93
N LEU O 50 44.80 32.74 -85.31
CA LEU O 50 46.25 32.63 -85.42
C LEU O 50 46.75 31.31 -84.83
N LEU O 51 46.16 30.89 -83.71
CA LEU O 51 46.54 29.62 -83.10
C LEU O 51 46.10 28.44 -83.95
N ARG O 52 44.93 28.56 -84.60
CA ARG O 52 44.39 27.45 -85.38
C ARG O 52 45.15 27.27 -86.69
N CYS O 53 45.17 28.31 -87.53
CA CYS O 53 45.88 28.24 -88.80
C CYS O 53 47.08 29.16 -88.78
N PRO O 54 48.27 28.67 -88.45
CA PRO O 54 49.46 29.53 -88.42
C PRO O 54 49.88 29.90 -89.83
N PRO O 55 49.98 31.20 -90.12
CA PRO O 55 50.40 31.62 -91.46
C PRO O 55 51.88 31.40 -91.67
N PRO O 56 52.32 31.28 -92.92
CA PRO O 56 53.75 31.12 -93.18
C PRO O 56 54.50 32.38 -92.81
N PRO O 57 55.78 32.27 -92.46
CA PRO O 57 56.55 33.47 -92.07
C PRO O 57 56.66 34.45 -93.22
N VAL O 58 56.31 35.71 -92.93
CA VAL O 58 56.39 36.77 -93.93
C VAL O 58 57.71 37.50 -93.76
N ARG O 59 58.10 38.21 -94.81
CA ARG O 59 59.38 38.90 -94.83
C ARG O 59 59.37 40.11 -93.91
N ARG O 60 60.44 40.25 -93.12
CA ARG O 60 60.57 41.41 -92.24
C ARG O 60 60.64 42.69 -93.04
N SER O 61 61.25 42.65 -94.24
CA SER O 61 61.26 43.82 -95.09
C SER O 61 59.87 44.15 -95.63
N GLU O 62 59.10 43.11 -95.98
CA GLU O 62 57.73 43.32 -96.45
C GLU O 62 56.81 43.80 -95.33
N LYS O 63 57.18 43.54 -94.07
CA LYS O 63 56.42 44.08 -92.95
C LYS O 63 56.43 45.61 -93.00
N PRO O 64 55.42 46.27 -92.40
CA PRO O 64 55.26 47.71 -92.58
C PRO O 64 56.47 48.55 -92.18
N ASN O 65 56.89 48.44 -90.93
CA ASN O 65 57.98 49.28 -90.41
C ASN O 65 59.31 48.70 -90.89
N TRP O 66 59.92 49.35 -91.89
CA TRP O 66 61.19 48.89 -92.42
C TRP O 66 61.86 50.01 -93.20
N ASP O 67 63.17 50.10 -93.07
CA ASP O 67 63.98 51.07 -93.83
C ASP O 67 65.34 50.43 -94.05
N TYR O 68 65.66 50.14 -95.31
CA TYR O 68 66.83 49.31 -95.61
C TYR O 68 68.13 50.01 -95.22
N HIS O 69 68.26 51.30 -95.54
CA HIS O 69 69.49 52.01 -95.20
C HIS O 69 69.67 52.11 -93.69
N ALA O 70 68.59 52.37 -92.96
CA ALA O 70 68.68 52.43 -91.50
C ALA O 70 69.07 51.06 -90.94
N GLU O 71 68.51 49.98 -91.51
CA GLU O 71 68.87 48.65 -91.03
C GLU O 71 70.34 48.35 -91.31
N ILE O 72 70.84 48.76 -92.47
CA ILE O 72 72.26 48.54 -92.80
C ILE O 72 73.15 49.30 -91.82
N GLN O 73 72.81 50.56 -91.55
CA GLN O 73 73.61 51.36 -90.62
C GLN O 73 73.57 50.78 -89.21
N ALA O 74 72.39 50.29 -88.78
CA ALA O 74 72.30 49.68 -87.47
C ALA O 74 73.11 48.39 -87.40
N PHE O 75 73.08 47.59 -88.46
CA PHE O 75 73.88 46.37 -88.50
C PHE O 75 75.37 46.71 -88.44
N GLY O 76 75.77 47.82 -89.07
CA GLY O 76 77.16 48.22 -89.02
C GLY O 76 77.58 48.73 -87.66
N HIS O 77 76.68 49.44 -86.98
CA HIS O 77 77.03 50.06 -85.70
C HIS O 77 76.86 49.12 -84.51
N ARG O 78 76.02 48.09 -84.60
CA ARG O 78 75.78 47.23 -83.45
C ARG O 78 76.96 46.32 -83.14
N LEU O 79 77.80 46.02 -84.12
CA LEU O 79 78.93 45.13 -83.93
C LEU O 79 80.22 45.89 -83.61
N GLN O 80 80.13 47.19 -83.33
CA GLN O 80 81.29 48.04 -83.07
C GLN O 80 82.31 47.97 -84.20
N GLU O 81 81.81 47.91 -85.43
CA GLU O 81 82.64 47.85 -86.62
C GLU O 81 82.33 49.03 -87.53
N THR O 82 83.23 49.27 -88.48
CA THR O 82 83.09 50.35 -89.46
C THR O 82 83.13 49.72 -90.85
N PHE O 83 81.98 49.29 -91.32
CA PHE O 83 81.87 48.69 -92.64
C PHE O 83 81.86 49.78 -93.72
N SER O 84 81.61 49.35 -94.95
CA SER O 84 81.35 50.26 -96.06
C SER O 84 79.94 49.99 -96.57
N LEU O 85 79.17 51.06 -96.78
CA LEU O 85 77.78 50.90 -97.17
C LEU O 85 77.65 50.19 -98.51
N ASP O 86 78.49 50.57 -99.48
CA ASP O 86 78.46 49.92 -100.78
C ASP O 86 78.86 48.45 -100.68
N LEU O 87 79.85 48.15 -99.84
CA LEU O 87 80.27 46.76 -99.68
C LEU O 87 79.16 45.92 -99.04
N LEU O 88 78.46 46.49 -98.07
CA LEU O 88 77.36 45.75 -97.44
C LEU O 88 76.20 45.56 -98.40
N LYS O 89 75.87 46.58 -99.18
CA LYS O 89 74.80 46.43 -100.18
C LYS O 89 75.21 45.46 -101.28
N THR O 90 76.51 45.30 -101.52
CA THR O 90 76.97 44.30 -102.48
C THR O 90 76.91 42.90 -101.88
N ALA O 91 77.22 42.77 -100.59
CA ALA O 91 77.24 41.47 -99.95
C ALA O 91 75.85 40.94 -99.64
N PHE O 92 74.88 41.81 -99.40
CA PHE O 92 73.55 41.38 -98.99
C PHE O 92 72.63 41.06 -100.16
N VAL O 93 73.14 41.00 -101.38
CA VAL O 93 72.34 40.59 -102.53
C VAL O 93 72.73 39.18 -102.90
N ASN O 94 71.80 38.45 -103.53
CA ASN O 94 72.01 37.05 -103.86
C ASN O 94 71.62 36.79 -105.32
N SER O 95 72.29 35.79 -105.90
CA SER O 95 72.01 35.42 -107.29
C SER O 95 70.57 34.93 -107.45
N CYS O 96 70.04 34.24 -106.44
CA CYS O 96 68.64 33.81 -106.51
C CYS O 96 67.70 35.02 -106.55
N TYR O 97 68.00 36.05 -105.75
CA TYR O 97 67.21 37.26 -105.79
C TYR O 97 67.32 37.95 -107.14
N ILE O 98 68.52 37.98 -107.71
CA ILE O 98 68.71 38.58 -109.04
C ILE O 98 67.89 37.82 -110.07
N LYS O 99 67.89 36.49 -110.01
CA LYS O 99 67.12 35.69 -110.96
C LYS O 99 65.63 35.90 -110.77
N SER O 100 65.17 36.00 -109.52
CA SER O 100 63.75 36.24 -109.28
C SER O 100 63.32 37.61 -109.82
N GLU O 101 64.15 38.63 -109.61
CA GLU O 101 63.81 39.96 -110.12
C GLU O 101 63.84 39.99 -111.64
N GLU O 102 64.78 39.26 -112.26
CA GLU O 102 64.79 39.18 -113.71
C GLU O 102 63.56 38.45 -114.23
N ALA O 103 63.11 37.41 -113.52
CA ALA O 103 61.90 36.71 -113.91
C ALA O 103 60.68 37.63 -113.80
N LYS O 104 60.62 38.41 -112.72
CA LYS O 104 59.53 39.39 -112.58
C LYS O 104 59.57 40.42 -113.70
N ARG O 105 60.78 40.85 -114.07
CA ARG O 105 60.93 41.81 -115.18
C ARG O 105 60.42 41.21 -116.48
N GLN O 106 60.80 39.97 -116.77
CA GLN O 106 60.36 39.32 -118.00
C GLN O 106 58.86 39.05 -117.99
N LYS O 107 58.28 38.82 -116.80
CA LYS O 107 56.85 38.60 -116.71
C LYS O 107 56.05 39.90 -116.82
N LEU O 108 56.64 41.02 -116.40
CA LEU O 108 55.93 42.30 -116.43
C LEU O 108 56.07 43.01 -117.77
N GLY O 109 57.26 42.97 -118.38
CA GLY O 109 57.46 43.59 -119.67
C GLY O 109 58.02 45.00 -119.59
N ILE O 110 58.94 45.22 -118.64
CA ILE O 110 59.59 46.51 -118.46
C ILE O 110 61.08 46.32 -118.69
N ASP O 111 61.71 47.36 -119.24
CA ASP O 111 63.15 47.35 -119.51
C ASP O 111 63.88 47.72 -118.21
N LYS O 112 64.57 46.75 -117.62
CA LYS O 112 65.29 46.95 -116.37
C LYS O 112 66.76 46.61 -116.46
N GLU O 113 67.31 46.53 -117.67
CA GLU O 113 68.72 46.16 -117.84
C GLU O 113 69.68 47.28 -117.47
N ALA O 114 69.16 48.47 -117.13
CA ALA O 114 70.04 49.59 -116.82
C ALA O 114 70.65 49.47 -115.43
N ALA O 115 69.84 49.09 -114.44
CA ALA O 115 70.29 49.04 -113.05
C ALA O 115 70.25 47.64 -112.44
N LEU O 116 69.31 46.79 -112.86
CA LEU O 116 69.20 45.47 -112.26
C LEU O 116 70.41 44.60 -112.58
N LEU O 117 71.02 44.78 -113.75
CA LEU O 117 72.20 44.01 -114.12
C LEU O 117 73.46 44.48 -113.41
N ASN O 118 73.41 45.58 -112.68
CA ASN O 118 74.56 46.14 -111.98
C ASN O 118 74.46 45.92 -110.47
N LEU O 119 73.94 44.77 -110.07
CA LEU O 119 73.83 44.47 -108.65
C LEU O 119 75.11 43.91 -108.04
N LYS O 120 76.02 43.40 -108.86
CA LYS O 120 77.34 42.92 -108.41
C LYS O 120 77.16 41.83 -107.35
N ASP O 121 76.70 40.66 -107.84
CA ASP O 121 76.45 39.51 -106.99
C ASP O 121 77.65 39.23 -106.09
N ASN O 122 77.37 38.71 -104.89
CA ASN O 122 78.35 38.61 -103.80
C ASN O 122 79.16 37.33 -103.84
N GLN O 123 79.32 36.70 -105.00
CA GLN O 123 80.04 35.44 -105.07
C GLN O 123 81.50 35.61 -104.70
N GLU O 124 82.15 36.64 -105.25
CA GLU O 124 83.56 36.88 -104.95
C GLU O 124 83.76 37.24 -103.48
N LEU O 125 82.87 38.07 -102.93
CA LEU O 125 82.97 38.42 -101.51
C LEU O 125 82.80 37.18 -100.64
N SER O 126 81.86 36.30 -101.00
CA SER O 126 81.65 35.08 -100.24
C SER O 126 82.87 34.17 -100.32
N GLU O 127 83.47 34.06 -101.50
CA GLU O 127 84.67 33.22 -101.64
C GLU O 127 85.83 33.77 -100.81
N GLN O 128 86.03 35.09 -100.85
CA GLN O 128 87.09 35.69 -100.05
C GLN O 128 86.84 35.49 -98.56
N GLY O 129 85.59 35.65 -98.13
CA GLY O 129 85.27 35.44 -96.73
C GLY O 129 85.51 34.00 -96.31
N ILE O 130 85.08 33.05 -97.13
CA ILE O 130 85.31 31.63 -96.81
C ILE O 130 86.80 31.35 -96.69
N SER O 131 87.58 31.80 -97.66
CA SER O 131 89.01 31.53 -97.65
C SER O 131 89.68 32.13 -96.42
N PHE O 132 89.40 33.41 -96.15
CA PHE O 132 90.06 34.06 -95.02
C PHE O 132 89.62 33.45 -93.70
N SER O 133 88.33 33.12 -93.55
CA SER O 133 87.86 32.53 -92.31
C SER O 133 88.50 31.17 -92.08
N GLN O 134 88.56 30.32 -93.12
CA GLN O 134 89.19 29.02 -92.95
C GLN O 134 90.66 29.16 -92.60
N THR O 135 91.38 30.06 -93.29
CA THR O 135 92.79 30.24 -92.99
C THR O 135 93.00 30.74 -91.56
N CYS O 136 92.20 31.71 -91.13
CA CYS O 136 92.37 32.28 -89.80
C CYS O 136 92.02 31.26 -88.72
N LEU O 137 90.97 30.47 -88.93
CA LEU O 137 90.61 29.44 -87.96
C LEU O 137 91.69 28.36 -87.88
N THR O 138 92.23 27.96 -89.03
CA THR O 138 93.32 26.99 -89.02
C THR O 138 94.52 27.52 -88.27
N GLN O 139 94.90 28.77 -88.52
CA GLN O 139 96.05 29.36 -87.83
C GLN O 139 95.79 29.48 -86.33
N PHE O 140 94.58 29.89 -85.95
CA PHE O 140 94.23 30.00 -84.54
C PHE O 140 94.35 28.64 -83.85
N PHE O 141 93.79 27.60 -84.47
CA PHE O 141 93.86 26.26 -83.87
C PHE O 141 95.29 25.77 -83.80
N GLU O 142 96.11 26.09 -84.80
CA GLU O 142 97.50 25.65 -84.79
C GLU O 142 98.29 26.34 -83.68
N ASP O 143 98.08 27.64 -83.49
CA ASP O 143 98.81 28.35 -82.44
C ASP O 143 98.25 28.08 -81.06
N ALA O 144 97.01 27.61 -80.96
CA ALA O 144 96.43 27.32 -79.65
C ALA O 144 96.76 25.90 -79.21
N PHE O 145 96.43 24.91 -80.03
CA PHE O 145 96.66 23.50 -79.72
C PHE O 145 97.70 22.94 -80.68
N PRO O 146 98.98 22.98 -80.33
CA PRO O 146 100.01 22.51 -81.27
C PRO O 146 99.95 21.01 -81.55
N ASP O 147 99.28 20.23 -80.71
CA ASP O 147 99.22 18.79 -80.87
C ASP O 147 98.04 18.32 -81.72
N LEU O 148 97.21 19.24 -82.19
CA LEU O 148 96.09 18.85 -83.03
C LEU O 148 96.60 18.38 -84.39
N PRO O 149 96.22 17.20 -84.85
CA PRO O 149 96.67 16.73 -86.17
C PRO O 149 95.96 17.49 -87.28
N THR O 150 96.39 17.19 -88.51
CA THR O 150 95.84 17.89 -89.68
C THR O 150 94.37 17.58 -89.87
N GLU O 151 94.00 16.30 -89.80
CA GLU O 151 92.59 15.93 -89.92
C GLU O 151 91.78 16.52 -88.77
N GLY O 152 92.35 16.59 -87.58
CA GLY O 152 91.64 17.18 -86.46
C GLY O 152 91.34 18.65 -86.66
N VAL O 153 92.36 19.42 -87.03
CA VAL O 153 92.14 20.85 -87.24
C VAL O 153 91.22 21.09 -88.44
N THR O 154 91.31 20.23 -89.47
CA THR O 154 90.40 20.37 -90.60
C THR O 154 88.96 20.12 -90.19
N SER O 155 88.72 19.08 -89.38
CA SER O 155 87.37 18.81 -88.90
C SER O 155 86.86 19.93 -88.01
N LEU O 156 87.73 20.51 -87.19
CA LEU O 156 87.33 21.63 -86.36
C LEU O 156 86.93 22.84 -87.21
N VAL O 157 87.74 23.16 -88.22
CA VAL O 157 87.43 24.29 -89.09
C VAL O 157 86.12 24.05 -89.83
N ASP O 158 85.93 22.83 -90.34
CA ASP O 158 84.70 22.52 -91.06
C ASP O 158 83.48 22.54 -90.13
N PHE O 159 83.65 22.17 -88.87
CA PHE O 159 82.54 22.27 -87.93
C PHE O 159 82.20 23.72 -87.63
N LEU O 160 83.21 24.57 -87.44
CA LEU O 160 82.94 25.96 -87.12
C LEU O 160 82.42 26.74 -88.33
N THR O 161 82.71 26.26 -89.54
CA THR O 161 82.20 26.89 -90.75
C THR O 161 81.08 26.09 -91.39
N SER O 162 80.53 25.10 -90.69
CA SER O 162 79.47 24.27 -91.24
C SER O 162 78.18 25.07 -91.36
N GLU O 163 77.14 24.42 -91.88
CA GLU O 163 75.88 25.12 -92.12
C GLU O 163 75.18 25.45 -90.81
N GLU O 164 75.19 24.53 -89.85
CA GLU O 164 74.44 24.73 -88.61
C GLU O 164 74.98 25.93 -87.82
N VAL O 165 76.30 25.96 -87.58
CA VAL O 165 76.87 27.01 -86.74
C VAL O 165 76.74 28.37 -87.41
N VAL O 166 77.09 28.45 -88.70
CA VAL O 166 77.01 29.71 -89.42
C VAL O 166 75.58 30.20 -89.48
N CYS O 167 74.63 29.29 -89.72
CA CYS O 167 73.23 29.68 -89.78
C CYS O 167 72.73 30.18 -88.43
N HIS O 168 73.14 29.51 -87.34
CA HIS O 168 72.75 29.97 -86.01
C HIS O 168 73.31 31.36 -85.72
N VAL O 169 74.58 31.58 -86.05
CA VAL O 169 75.20 32.88 -85.79
C VAL O 169 74.52 33.97 -86.61
N ALA O 170 74.24 33.69 -87.88
CA ALA O 170 73.59 34.69 -88.73
C ALA O 170 72.16 34.97 -88.28
N ARG O 171 71.44 33.92 -87.86
CA ARG O 171 70.07 34.11 -87.39
C ARG O 171 70.04 34.89 -86.08
N ASN O 172 71.07 34.75 -85.24
CA ASN O 172 71.14 35.55 -84.03
C ASN O 172 71.59 36.98 -84.31
N LEU O 173 72.39 37.18 -85.36
CA LEU O 173 72.80 38.51 -85.77
C LEU O 173 71.80 39.17 -86.72
N ALA O 174 70.68 38.51 -87.01
CA ALA O 174 69.63 39.03 -87.87
C ALA O 174 70.12 39.28 -89.29
N VAL O 175 71.14 38.53 -89.71
CA VAL O 175 71.60 38.63 -91.09
C VAL O 175 70.54 38.09 -92.04
N GLU O 176 69.69 37.18 -91.56
CA GLU O 176 68.64 36.63 -92.39
C GLU O 176 67.63 37.69 -92.80
N GLN O 177 67.36 38.65 -91.92
CA GLN O 177 66.34 39.66 -92.21
C GLN O 177 66.85 40.67 -93.24
N LEU O 178 68.15 40.91 -93.30
CA LEU O 178 68.71 41.91 -94.21
C LEU O 178 69.15 41.31 -95.54
N ALA O 179 69.21 39.98 -95.65
CA ALA O 179 69.65 39.35 -96.89
C ALA O 179 68.54 39.43 -97.93
N LEU O 180 68.80 40.15 -99.01
CA LEU O 180 67.84 40.27 -100.12
C LEU O 180 67.89 39.00 -100.95
N SER O 181 66.88 38.16 -100.80
CA SER O 181 66.83 36.89 -101.51
C SER O 181 65.42 36.33 -101.44
N ALA O 182 65.04 35.61 -102.49
CA ALA O 182 63.77 34.90 -102.48
C ALA O 182 63.84 33.74 -101.48
N GLU O 183 62.69 33.09 -101.28
CA GLU O 183 62.56 31.97 -100.35
C GLU O 183 62.98 32.39 -98.94
N PHE O 184 62.14 33.27 -98.37
CA PHE O 184 62.32 33.90 -97.06
C PHE O 184 62.80 32.93 -95.96
N PRO O 185 62.44 31.64 -96.01
CA PRO O 185 63.17 30.68 -95.16
C PRO O 185 64.69 30.78 -95.26
N VAL O 186 65.22 31.27 -96.38
CA VAL O 186 66.67 31.47 -96.57
C VAL O 186 67.42 30.19 -96.26
N PRO O 187 67.40 29.20 -97.16
CA PRO O 187 68.02 27.90 -96.88
C PRO O 187 69.46 28.04 -96.42
N PRO O 188 69.98 27.03 -95.71
CA PRO O 188 71.31 27.13 -95.11
C PRO O 188 72.41 27.48 -96.10
N PRO O 189 72.41 26.95 -97.34
CA PRO O 189 73.47 27.37 -98.27
C PRO O 189 73.46 28.86 -98.55
N VAL O 190 72.28 29.42 -98.84
CA VAL O 190 72.20 30.86 -99.11
C VAL O 190 72.57 31.65 -97.87
N LEU O 191 72.14 31.19 -96.70
CA LEU O 191 72.48 31.89 -95.46
C LEU O 191 73.98 31.92 -95.23
N ARG O 192 74.65 30.79 -95.44
CA ARG O 192 76.09 30.72 -95.23
C ARG O 192 76.83 31.56 -96.26
N GLN O 193 76.36 31.55 -97.51
CA GLN O 193 76.98 32.38 -98.55
C GLN O 193 76.87 33.86 -98.19
N THR O 194 75.70 34.27 -97.70
CA THR O 194 75.52 35.68 -97.33
C THR O 194 76.38 36.04 -96.12
N PHE O 195 76.48 35.13 -95.15
CA PHE O 195 77.32 35.40 -93.98
C PHE O 195 78.78 35.56 -94.37
N PHE O 196 79.28 34.67 -95.23
CA PHE O 196 80.68 34.79 -95.64
C PHE O 196 80.89 35.96 -96.59
N ALA O 197 79.85 36.39 -97.30
CA ALA O 197 79.95 37.63 -98.06
C ALA O 197 80.08 38.83 -97.14
N VAL O 198 79.35 38.83 -96.03
CA VAL O 198 79.52 39.88 -95.03
C VAL O 198 80.92 39.83 -94.45
N ILE O 199 81.44 38.61 -94.22
CA ILE O 199 82.82 38.47 -93.72
C ILE O 199 83.81 39.07 -94.71
N GLY O 200 83.65 38.79 -96.00
CA GLY O 200 84.54 39.34 -97.00
C GLY O 200 84.43 40.85 -97.12
N ALA O 201 83.21 41.37 -96.98
CA ALA O 201 83.03 42.82 -96.98
C ALA O 201 83.75 43.46 -95.80
N LEU O 202 83.66 42.83 -94.63
CA LEU O 202 84.41 43.32 -93.47
C LEU O 202 85.91 43.27 -93.73
N LEU O 203 86.38 42.19 -94.35
CA LEU O 203 87.81 42.06 -94.64
C LEU O 203 88.28 43.15 -95.58
N GLN O 204 87.48 43.47 -96.60
CA GLN O 204 87.88 44.49 -97.56
C GLN O 204 87.73 45.90 -97.00
N SER O 205 86.81 46.10 -96.06
CA SER O 205 86.62 47.44 -95.50
C SER O 205 87.62 47.72 -94.38
N SER O 206 87.60 46.93 -93.31
CA SER O 206 88.49 47.11 -92.19
C SER O 206 89.74 46.26 -92.39
N GLY O 207 90.55 46.14 -91.34
CA GLY O 207 91.81 45.44 -91.43
C GLY O 207 91.69 43.95 -91.18
N PRO O 208 92.68 43.18 -91.65
CA PRO O 208 92.67 41.73 -91.40
C PRO O 208 92.69 41.38 -89.92
N GLU O 209 93.41 42.14 -89.10
CA GLU O 209 93.43 41.86 -87.67
C GLU O 209 92.07 42.11 -87.04
N ARG O 210 91.39 43.19 -87.44
CA ARG O 210 90.06 43.46 -86.93
C ARG O 210 89.07 42.38 -87.37
N THR O 211 89.17 41.92 -88.62
CA THR O 211 88.31 40.84 -89.08
C THR O 211 88.61 39.56 -88.32
N ALA O 212 89.88 39.31 -88.00
CA ALA O 212 90.23 38.12 -87.22
C ALA O 212 89.65 38.20 -85.82
N LEU O 213 89.68 39.38 -85.21
CA LEU O 213 89.05 39.54 -83.90
C LEU O 213 87.54 39.33 -83.98
N PHE O 214 86.92 39.83 -85.05
CA PHE O 214 85.50 39.59 -85.25
C PHE O 214 85.20 38.09 -85.35
N ILE O 215 86.02 37.36 -86.11
CA ILE O 215 85.85 35.92 -86.23
C ILE O 215 86.02 35.25 -84.88
N ARG O 216 87.05 35.64 -84.13
CA ARG O 216 87.29 35.04 -82.83
C ARG O 216 86.12 35.29 -81.87
N ASP O 217 85.49 36.45 -81.98
CA ASP O 217 84.41 36.78 -81.06
C ASP O 217 83.06 36.21 -81.49
N PHE O 218 82.87 35.90 -82.77
CA PHE O 218 81.56 35.44 -83.23
C PHE O 218 81.55 34.04 -83.82
N LEU O 219 82.65 33.31 -83.80
CA LEU O 219 82.62 31.92 -84.23
C LEU O 219 83.24 30.98 -83.21
N ILE O 220 84.31 31.40 -82.54
CA ILE O 220 84.95 30.53 -81.55
C ILE O 220 84.10 30.42 -80.29
N THR O 221 83.23 31.41 -80.03
CA THR O 221 82.35 31.33 -78.87
C THR O 221 81.40 30.14 -78.95
N GLN O 222 81.15 29.61 -80.15
CA GLN O 222 80.32 28.42 -80.30
C GLN O 222 81.03 27.15 -79.87
N MET O 223 82.33 27.22 -79.58
CA MET O 223 83.09 26.07 -79.11
C MET O 223 83.18 26.00 -77.59
N THR O 224 82.61 26.97 -76.88
CA THR O 224 82.66 26.97 -75.43
C THR O 224 81.88 25.79 -74.87
N GLY O 225 82.53 24.99 -74.04
CA GLY O 225 81.90 23.83 -73.43
C GLY O 225 81.80 22.62 -74.33
N LYS O 226 81.97 22.78 -75.64
CA LYS O 226 81.91 21.65 -76.55
C LYS O 226 83.16 20.79 -76.43
N GLU O 227 83.04 19.55 -76.90
CA GLU O 227 84.14 18.59 -76.86
C GLU O 227 84.76 18.42 -78.24
N LEU O 228 85.97 17.86 -78.25
CA LEU O 228 86.69 17.65 -79.50
C LEU O 228 86.05 16.54 -80.32
N PHE O 229 85.77 15.40 -79.71
CA PHE O 229 85.27 14.25 -80.45
C PHE O 229 83.83 14.43 -80.88
N GLU O 230 83.04 15.25 -80.18
CA GLU O 230 81.66 15.49 -80.60
C GLU O 230 81.59 16.06 -82.01
N MET O 231 82.60 16.83 -82.42
CA MET O 231 82.68 17.38 -83.76
C MET O 231 83.71 16.71 -84.64
N TRP O 232 84.63 15.92 -84.07
CA TRP O 232 85.58 15.19 -84.88
C TRP O 232 84.97 13.90 -85.43
N THR O 233 84.27 13.15 -84.58
CA THR O 233 83.58 11.92 -84.97
C THR O 233 84.56 10.90 -85.57
N ILE O 234 85.49 10.46 -84.75
CA ILE O 234 86.47 9.44 -85.16
C ILE O 234 85.82 8.07 -85.08
N THR O 235 86.47 7.07 -85.68
CA THR O 235 85.96 5.71 -85.73
C THR O 235 86.72 4.74 -84.84
N ASN O 236 88.05 4.73 -84.92
CA ASN O 236 88.90 3.82 -84.14
C ASN O 236 89.76 4.66 -83.21
N PRO O 237 89.25 5.04 -82.04
CA PRO O 237 90.06 5.83 -81.11
C PRO O 237 91.31 5.11 -80.62
N MET O 238 91.20 3.80 -80.36
CA MET O 238 92.39 3.06 -79.94
C MET O 238 93.44 3.02 -81.04
N GLY O 239 93.01 2.87 -82.29
CA GLY O 239 93.95 2.88 -83.40
C GLY O 239 94.63 4.23 -83.56
N LEU O 240 93.84 5.31 -83.48
CA LEU O 240 94.44 6.64 -83.56
C LEU O 240 95.39 6.88 -82.40
N LEU O 241 95.07 6.35 -81.23
CA LEU O 241 95.95 6.51 -80.07
C LEU O 241 97.25 5.75 -80.24
N VAL O 242 97.20 4.52 -80.74
CA VAL O 242 98.44 3.78 -80.92
C VAL O 242 99.27 4.40 -82.04
N GLU O 243 98.62 4.99 -83.05
CA GLU O 243 99.37 5.74 -84.07
C GLU O 243 100.07 6.95 -83.45
N GLU O 244 99.36 7.69 -82.61
CA GLU O 244 99.97 8.84 -81.96
C GLU O 244 101.12 8.42 -81.05
N LEU O 245 100.98 7.28 -80.40
CA LEU O 245 102.06 6.79 -79.54
C LEU O 245 103.27 6.36 -80.37
N LYS O 246 103.03 5.72 -81.52
CA LYS O 246 104.13 5.38 -82.41
C LYS O 246 104.83 6.65 -82.90
N LYS O 247 104.08 7.72 -83.14
CA LYS O 247 104.70 8.97 -83.54
C LYS O 247 105.50 9.59 -82.39
N ARG O 248 104.95 9.56 -81.18
CA ARG O 248 105.61 10.14 -80.00
C ARG O 248 106.63 9.20 -79.37
N LYS O 249 106.92 8.06 -80.01
CA LYS O 249 107.92 7.11 -79.54
C LYS O 249 107.51 6.49 -78.19
N ILE O 250 106.30 5.93 -78.15
CA ILE O 250 105.81 5.16 -77.02
C ILE O 250 105.51 3.76 -77.51
N SER O 251 105.88 2.76 -76.71
CA SER O 251 105.85 1.38 -77.18
C SER O 251 104.42 0.88 -77.43
N ALA O 252 103.61 0.83 -76.37
CA ALA O 252 102.27 0.27 -76.48
C ALA O 252 101.49 0.48 -75.19
N PRO O 253 100.20 0.81 -75.28
CA PRO O 253 99.38 0.91 -74.06
C PRO O 253 98.75 -0.43 -73.70
N GLU O 254 98.59 -0.65 -72.40
CA GLU O 254 97.97 -1.85 -71.86
C GLU O 254 96.66 -1.47 -71.19
N SER O 255 95.58 -2.15 -71.57
CA SER O 255 94.27 -1.92 -70.98
C SER O 255 94.10 -2.84 -69.78
N ARG O 256 93.85 -2.25 -68.61
CA ARG O 256 93.73 -3.02 -67.37
C ARG O 256 92.51 -2.59 -66.60
N LEU O 257 91.83 -3.56 -65.99
CA LEU O 257 90.66 -3.27 -65.16
C LEU O 257 91.11 -2.69 -63.83
N THR O 258 90.79 -1.41 -63.58
CA THR O 258 91.18 -0.75 -62.36
C THR O 258 90.19 -1.02 -61.23
N ARG O 259 88.93 -0.65 -61.43
CA ARG O 259 87.87 -0.93 -60.47
C ARG O 259 86.62 -1.36 -61.21
N GLN O 260 85.73 -2.05 -60.51
CA GLN O 260 84.49 -2.51 -61.10
C GLN O 260 83.41 -2.56 -60.03
N SER O 261 82.16 -2.38 -60.45
CA SER O 261 80.99 -2.39 -59.57
C SER O 261 79.98 -3.37 -60.16
N GLY O 262 80.08 -4.62 -59.75
CA GLY O 262 79.13 -5.63 -60.20
C GLY O 262 79.50 -6.21 -61.55
N SER O 263 79.53 -7.53 -61.64
CA SER O 263 79.82 -8.22 -62.89
C SER O 263 78.63 -9.00 -63.43
N THR O 264 77.70 -9.41 -62.59
CA THR O 264 76.52 -10.16 -63.02
C THR O 264 75.25 -9.32 -62.98
N THR O 265 75.34 -8.05 -62.58
CA THR O 265 74.17 -7.20 -62.51
C THR O 265 73.69 -6.85 -63.92
N ALA O 266 72.50 -6.26 -63.99
CA ALA O 266 71.94 -5.87 -65.28
C ALA O 266 72.60 -4.63 -65.84
N LEU O 267 73.27 -3.84 -65.01
CA LEU O 267 73.95 -2.61 -65.43
C LEU O 267 75.35 -2.59 -64.84
N PRO O 268 76.29 -3.32 -65.45
CA PRO O 268 77.66 -3.33 -64.91
C PRO O 268 78.35 -2.00 -65.14
N VAL O 269 79.33 -1.73 -64.28
CA VAL O 269 80.14 -0.51 -64.36
C VAL O 269 81.60 -0.91 -64.24
N TYR O 270 82.38 -0.65 -65.28
CA TYR O 270 83.79 -1.01 -65.31
C TYR O 270 84.64 0.23 -65.50
N PHE O 271 85.87 0.16 -64.98
CA PHE O 271 86.88 1.20 -65.16
C PHE O 271 88.08 0.57 -65.84
N VAL O 272 88.42 1.06 -67.03
CA VAL O 272 89.56 0.55 -67.79
C VAL O 272 90.61 1.65 -67.85
N GLY O 273 91.84 1.31 -67.45
CA GLY O 273 92.94 2.25 -67.51
C GLY O 273 93.99 1.83 -68.51
N LEU O 274 94.73 2.81 -69.03
CA LEU O 274 95.77 2.58 -70.03
C LEU O 274 97.12 2.82 -69.38
N TYR O 275 97.97 1.80 -69.37
CA TYR O 275 99.30 1.85 -68.76
C TYR O 275 100.36 1.72 -69.84
N CYS O 276 101.22 2.72 -69.93
CA CYS O 276 102.38 2.70 -70.82
C CYS O 276 103.63 2.63 -69.96
N ASP O 277 104.39 1.53 -70.11
CA ASP O 277 105.54 1.25 -69.24
C ASP O 277 105.12 1.25 -67.77
N ARG O 278 103.99 0.62 -67.49
CA ARG O 278 103.44 0.53 -66.14
C ARG O 278 103.16 1.91 -65.54
N LYS O 279 102.83 2.88 -66.39
CA LYS O 279 102.47 4.22 -65.96
C LYS O 279 101.09 4.54 -66.49
N LEU O 280 100.16 4.85 -65.59
CA LEU O 280 98.79 5.16 -65.99
C LEU O 280 98.75 6.49 -66.72
N ILE O 281 98.20 6.47 -67.94
CA ILE O 281 98.07 7.69 -68.73
C ILE O 281 96.62 8.16 -68.84
N ALA O 282 95.65 7.26 -68.71
CA ALA O 282 94.24 7.65 -68.79
C ALA O 282 93.40 6.54 -68.21
N GLU O 283 92.17 6.90 -67.84
CA GLU O 283 91.23 5.96 -67.25
C GLU O 283 89.83 6.34 -67.67
N GLY O 284 89.01 5.35 -68.01
CA GLY O 284 87.68 5.58 -68.48
C GLY O 284 86.66 4.61 -67.92
N PRO O 285 85.51 5.13 -67.51
CA PRO O 285 84.41 4.27 -67.09
C PRO O 285 83.51 3.88 -68.25
N GLY O 286 82.76 2.81 -68.04
CA GLY O 286 81.84 2.35 -69.08
C GLY O 286 80.90 1.29 -68.54
N GLU O 287 79.89 0.98 -69.37
CA GLU O 287 78.96 -0.09 -69.03
C GLU O 287 79.63 -1.45 -69.17
N THR O 288 80.21 -1.72 -70.34
CA THR O 288 80.96 -2.94 -70.60
C THR O 288 82.44 -2.61 -70.74
N VAL O 289 83.24 -3.68 -70.75
CA VAL O 289 84.70 -3.50 -70.78
C VAL O 289 85.14 -2.86 -72.08
N LEU O 290 84.51 -3.22 -73.19
CA LEU O 290 84.90 -2.67 -74.48
C LEU O 290 84.60 -1.17 -74.55
N VAL O 291 83.41 -0.77 -74.11
CA VAL O 291 83.06 0.64 -74.12
C VAL O 291 83.93 1.41 -73.14
N ALA O 292 84.25 0.81 -72.01
CA ALA O 292 85.13 1.48 -71.04
C ALA O 292 86.53 1.67 -71.63
N GLU O 293 87.04 0.67 -72.35
CA GLU O 293 88.35 0.83 -72.98
C GLU O 293 88.31 1.87 -74.09
N GLU O 294 87.21 1.94 -74.84
CA GLU O 294 87.06 2.98 -75.84
C GLU O 294 87.08 4.36 -75.19
N GLU O 295 86.38 4.52 -74.07
CA GLU O 295 86.38 5.79 -73.36
C GLU O 295 87.77 6.13 -72.82
N ALA O 296 88.50 5.12 -72.33
CA ALA O 296 89.86 5.36 -71.86
C ALA O 296 90.77 5.79 -73.00
N ALA O 297 90.62 5.18 -74.17
CA ALA O 297 91.40 5.59 -75.34
C ALA O 297 91.05 7.02 -75.74
N ARG O 298 89.76 7.38 -75.68
CA ARG O 298 89.36 8.74 -76.00
C ARG O 298 89.98 9.73 -75.02
N VAL O 299 89.99 9.40 -73.73
CA VAL O 299 90.58 10.28 -72.73
C VAL O 299 92.07 10.43 -72.96
N ALA O 300 92.75 9.33 -73.29
CA ALA O 300 94.19 9.40 -73.56
C ALA O 300 94.47 10.25 -74.78
N LEU O 301 93.63 10.12 -75.82
CA LEU O 301 93.82 10.93 -77.02
C LEU O 301 93.62 12.40 -76.72
N ARG O 302 92.61 12.74 -75.91
CA ARG O 302 92.40 14.13 -75.54
C ARG O 302 93.56 14.66 -74.69
N LYS O 303 94.10 13.84 -73.80
CA LYS O 303 95.23 14.28 -72.98
C LYS O 303 96.46 14.49 -73.84
N LEU O 304 96.66 13.66 -74.86
CA LEU O 304 97.81 13.84 -75.74
C LEU O 304 97.65 15.08 -76.61
N PHE O 305 96.43 15.34 -77.09
CA PHE O 305 96.20 16.49 -77.95
C PHE O 305 96.01 17.78 -77.18
N GLY O 306 95.92 17.72 -75.85
CA GLY O 306 95.83 18.91 -75.03
C GLY O 306 94.43 19.46 -74.85
N PHE O 307 93.45 18.99 -75.62
CA PHE O 307 92.07 19.46 -75.48
C PHE O 307 91.42 18.73 -74.32
N THR O 308 91.70 19.23 -73.11
CA THR O 308 91.20 18.64 -71.88
C THR O 308 90.26 19.64 -71.20
N GLU O 309 89.41 19.13 -70.32
CA GLU O 309 88.48 19.99 -69.59
C GLU O 309 89.22 20.95 -68.65
N ASN O 310 90.48 20.67 -68.32
CA ASN O 310 91.28 21.55 -67.48
C ASN O 310 92.29 22.35 -68.31
N ARG O 311 91.95 22.68 -69.55
CA ARG O 311 92.83 23.44 -70.41
C ARG O 311 92.71 24.93 -70.10
N ARG O 312 93.60 25.71 -70.72
CA ARG O 312 93.53 27.15 -70.58
C ARG O 312 92.31 27.69 -71.30
N PRO O 313 91.50 28.53 -70.66
CA PRO O 313 90.38 29.14 -71.38
C PRO O 313 90.87 30.04 -72.48
N TRP O 314 90.06 30.16 -73.53
CA TRP O 314 90.45 30.96 -74.68
C TRP O 314 90.55 32.43 -74.31
N ASP O 315 91.68 33.05 -74.64
CA ASP O 315 91.94 34.44 -74.28
C ASP O 315 91.11 35.35 -75.17
N TYR O 316 90.13 36.03 -74.57
CA TYR O 316 89.31 37.02 -75.27
C TYR O 316 89.72 38.38 -74.74
N SER O 317 90.77 38.95 -75.34
CA SER O 317 91.29 40.25 -74.93
C SER O 317 91.71 41.01 -76.18
N LYS O 318 92.15 42.25 -75.98
CA LYS O 318 92.59 43.11 -77.09
C LYS O 318 94.09 43.35 -76.99
N PRO O 319 94.91 42.69 -77.81
CA PRO O 319 96.36 42.86 -77.80
C PRO O 319 96.79 44.22 -78.33
N LYS P 38 1.02 16.80 -34.70
CA LYS P 38 -0.12 17.02 -35.59
C LYS P 38 0.03 16.20 -36.87
N LYS P 39 -1.08 16.04 -37.59
CA LYS P 39 -1.10 15.28 -38.85
C LYS P 39 -0.71 16.21 -40.00
N ARG P 40 0.55 16.64 -39.96
CA ARG P 40 1.09 17.55 -40.97
C ARG P 40 1.41 16.75 -42.23
N PHE P 41 0.68 17.01 -43.30
CA PHE P 41 0.89 16.37 -44.58
C PHE P 41 1.14 17.43 -45.64
N THR P 42 2.03 17.14 -46.58
CA THR P 42 2.36 18.07 -47.64
C THR P 42 1.93 17.48 -48.98
N PRO P 43 0.90 18.04 -49.62
CA PRO P 43 0.47 17.50 -50.91
C PRO P 43 1.52 17.78 -51.98
N PRO P 44 1.65 16.90 -52.97
CA PRO P 44 2.65 17.11 -54.01
C PRO P 44 2.26 18.27 -54.92
N THR P 45 3.23 18.73 -55.70
CA THR P 45 3.05 19.83 -56.64
C THR P 45 3.40 19.34 -58.04
N TYR P 46 2.43 19.42 -58.94
CA TYR P 46 2.63 18.98 -60.32
C TYR P 46 3.26 20.08 -61.15
N GLN P 47 4.02 19.67 -62.16
CA GLN P 47 4.57 20.69 -63.03
C GLN P 47 3.64 20.93 -64.22
N PRO P 48 3.67 22.12 -64.80
CA PRO P 48 2.78 22.40 -65.94
C PRO P 48 3.07 21.48 -67.12
N LYS P 49 2.06 21.30 -67.96
CA LYS P 49 2.14 20.34 -69.06
C LYS P 49 2.88 20.87 -70.27
N TYR P 50 3.21 22.17 -70.32
CA TYR P 50 3.91 22.70 -71.49
C TYR P 50 5.37 22.27 -71.51
N LYS P 51 5.95 21.99 -70.35
CA LYS P 51 7.33 21.53 -70.30
C LYS P 51 7.47 20.10 -70.81
N SER P 52 6.37 19.35 -70.89
CA SER P 52 6.37 18.00 -71.42
C SER P 52 5.83 17.92 -72.84
N GLU P 53 4.80 18.70 -73.15
CA GLU P 53 4.22 18.71 -74.50
C GLU P 53 5.15 19.50 -75.41
N LYS P 54 6.16 18.81 -75.95
CA LYS P 54 7.13 19.41 -76.85
C LYS P 54 7.40 18.45 -77.99
N GLU P 55 7.32 18.94 -79.22
CA GLU P 55 7.49 18.13 -80.40
C GLU P 55 8.51 18.80 -81.34
N PHE P 56 8.95 18.03 -82.32
CA PHE P 56 9.96 18.48 -83.28
C PHE P 56 9.31 19.25 -84.43
N VAL P 57 10.12 20.06 -85.10
CA VAL P 57 9.69 20.87 -86.24
C VAL P 57 10.73 20.77 -87.34
N GLU P 58 10.55 21.55 -88.40
CA GLU P 58 11.48 21.63 -89.52
C GLU P 58 11.63 20.26 -90.21
N HIS P 59 10.53 19.80 -90.78
CA HIS P 59 10.48 18.55 -91.53
C HIS P 59 10.58 18.89 -93.01
N ALA P 60 11.73 18.58 -93.61
CA ALA P 60 11.99 18.97 -94.99
C ALA P 60 11.20 18.08 -95.95
N ARG P 61 10.42 18.72 -96.83
CA ARG P 61 9.62 18.02 -97.82
C ARG P 61 9.54 18.87 -99.08
N LYS P 62 9.50 18.21 -100.24
CA LYS P 62 9.42 18.87 -101.54
C LYS P 62 8.19 18.36 -102.27
N ALA P 63 7.18 19.21 -102.40
CA ALA P 63 5.94 18.86 -103.07
C ALA P 63 5.43 20.07 -103.85
N GLY P 64 5.46 19.96 -105.18
CA GLY P 64 4.92 21.00 -106.05
C GLY P 64 3.52 20.63 -106.50
N LEU P 65 2.65 21.65 -106.57
CA LEU P 65 1.25 21.44 -106.88
C LEU P 65 0.83 22.30 -108.05
N VAL P 66 -0.09 21.76 -108.87
CA VAL P 66 -0.49 22.42 -110.10
C VAL P 66 -1.24 23.72 -109.80
N ILE P 67 -1.97 23.79 -108.70
CA ILE P 67 -2.71 25.01 -108.38
C ILE P 67 -1.77 26.19 -108.11
N PRO P 68 -0.77 26.09 -107.22
CA PRO P 68 0.19 27.19 -107.10
C PRO P 68 1.11 27.33 -108.30
N HIS P 69 1.33 26.26 -109.08
CA HIS P 69 2.13 26.42 -110.29
C HIS P 69 1.41 27.25 -111.34
N GLU P 70 0.08 27.19 -111.38
CA GLU P 70 -0.69 27.98 -112.32
C GLU P 70 -1.18 29.31 -111.75
N ARG P 71 -1.15 29.47 -110.43
CA ARG P 71 -1.57 30.71 -109.79
C ARG P 71 -0.45 31.71 -109.67
N LEU P 72 0.58 31.62 -110.51
CA LEU P 72 1.68 32.57 -110.46
C LEU P 72 1.24 33.91 -111.03
N GLU P 73 1.61 34.99 -110.33
CA GLU P 73 1.23 36.32 -110.78
C GLU P 73 1.98 36.71 -112.05
N ARG P 74 3.26 36.33 -112.14
CA ARG P 74 4.08 36.66 -113.28
C ARG P 74 4.54 35.39 -113.99
N PRO P 75 4.46 35.33 -115.31
CA PRO P 75 4.98 34.15 -116.02
C PRO P 75 6.49 34.07 -115.90
N ILE P 76 7.00 32.84 -116.01
CA ILE P 76 8.44 32.62 -115.87
C ILE P 76 9.15 33.19 -117.10
N HIS P 77 10.07 34.12 -116.86
CA HIS P 77 10.83 34.73 -117.93
C HIS P 77 12.04 33.85 -118.25
N LEU P 78 12.07 33.31 -119.46
CA LEU P 78 13.14 32.44 -119.92
C LEU P 78 14.09 33.22 -120.82
N ALA P 79 15.38 33.12 -120.56
CA ALA P 79 16.39 33.79 -121.37
C ALA P 79 16.79 32.98 -122.60
N CYS P 80 16.41 31.70 -122.66
CA CYS P 80 16.73 30.85 -123.80
C CYS P 80 15.62 29.83 -123.97
N THR P 81 15.74 29.02 -125.02
CA THR P 81 14.76 27.98 -125.30
C THR P 81 15.05 26.74 -124.45
N ALA P 82 14.20 25.73 -124.61
CA ALA P 82 14.39 24.49 -123.86
C ALA P 82 15.52 23.65 -124.45
N GLY P 83 15.37 23.26 -125.71
CA GLY P 83 16.39 22.46 -126.38
C GLY P 83 16.64 22.87 -127.80
N ILE P 84 17.08 21.93 -128.63
CA ILE P 84 17.36 22.16 -130.04
C ILE P 84 16.24 21.53 -130.86
N PHE P 85 15.67 22.32 -131.76
CA PHE P 85 14.55 21.83 -132.57
C PHE P 85 15.05 21.00 -133.75
N ASP P 86 15.84 21.61 -134.63
CA ASP P 86 16.36 20.94 -135.82
C ASP P 86 17.82 20.59 -135.60
N ALA P 87 18.10 19.30 -135.45
CA ALA P 87 19.46 18.82 -135.21
C ALA P 87 20.12 18.51 -136.55
N TYR P 88 21.26 19.14 -136.79
CA TYR P 88 22.01 18.91 -138.03
C TYR P 88 22.69 17.55 -137.97
N VAL P 89 22.43 16.72 -138.98
CA VAL P 89 23.02 15.40 -139.09
C VAL P 89 24.18 15.48 -140.08
N PRO P 90 25.43 15.46 -139.63
CA PRO P 90 26.56 15.58 -140.55
C PRO P 90 26.82 14.27 -141.27
N PRO P 91 27.39 14.33 -142.47
CA PRO P 91 27.75 13.08 -143.17
C PRO P 91 28.95 12.42 -142.53
N GLU P 92 29.00 11.10 -142.65
CA GLU P 92 30.07 10.30 -142.05
C GLU P 92 31.38 10.39 -142.80
N GLY P 93 31.54 11.31 -143.75
CA GLY P 93 32.77 11.41 -144.50
C GLY P 93 33.64 12.58 -144.10
N ASP P 94 33.20 13.35 -143.09
CA ASP P 94 33.98 14.50 -142.66
C ASP P 94 35.35 14.11 -142.12
N ALA P 95 35.46 12.92 -141.52
CA ALA P 95 36.74 12.48 -140.97
C ALA P 95 37.82 12.41 -142.03
N ARG P 96 37.45 12.08 -143.26
CA ARG P 96 38.40 12.06 -144.37
C ARG P 96 38.39 13.34 -145.19
N ILE P 97 37.27 14.06 -145.22
CA ILE P 97 37.21 15.32 -145.95
C ILE P 97 38.07 16.38 -145.29
N SER P 98 38.14 16.37 -143.95
CA SER P 98 38.96 17.34 -143.24
C SER P 98 40.44 17.21 -143.58
N SER P 99 40.86 16.09 -144.17
CA SER P 99 42.24 15.94 -144.58
C SER P 99 42.64 16.90 -145.69
N LEU P 100 41.69 17.29 -146.53
CA LEU P 100 41.92 18.28 -147.58
C LEU P 100 41.34 19.61 -147.14
N SER P 101 42.08 20.69 -147.42
CA SER P 101 41.66 22.02 -146.98
C SER P 101 40.54 22.57 -147.86
N LYS P 102 40.76 22.62 -149.17
CA LYS P 102 39.78 23.23 -150.06
C LYS P 102 38.58 22.32 -150.26
N GLU P 103 38.80 20.99 -150.29
CA GLU P 103 37.70 20.05 -150.47
C GLU P 103 36.76 20.01 -149.28
N GLY P 104 37.09 20.70 -148.19
CA GLY P 104 36.17 20.84 -147.08
C GLY P 104 35.49 22.19 -147.11
N LEU P 105 36.25 23.24 -147.41
CA LEU P 105 35.70 24.59 -147.47
C LEU P 105 34.65 24.71 -148.57
N ALA P 106 34.93 24.12 -149.74
CA ALA P 106 33.97 24.20 -150.84
C ALA P 106 32.65 23.51 -150.48
N GLN P 107 32.75 22.31 -149.91
CA GLN P 107 31.54 21.58 -149.52
C GLN P 107 30.77 22.31 -148.42
N ARG P 108 31.49 22.87 -147.43
CA ARG P 108 30.81 23.62 -146.38
C ARG P 108 30.11 24.85 -146.93
N ALA P 109 30.77 25.60 -147.82
CA ALA P 109 30.14 26.77 -148.41
C ALA P 109 28.92 26.39 -149.23
N GLU P 110 29.02 25.31 -150.02
CA GLU P 110 27.89 24.88 -150.83
C GLU P 110 26.72 24.43 -149.97
N ARG P 111 27.00 23.69 -148.90
CA ARG P 111 25.92 23.22 -148.03
C ARG P 111 25.30 24.37 -147.25
N LEU P 112 26.08 25.38 -146.88
CA LEU P 112 25.51 26.55 -146.21
C LEU P 112 24.71 27.41 -147.16
N LYS P 113 25.09 27.46 -148.44
CA LYS P 113 24.40 28.31 -149.39
C LYS P 113 23.13 27.67 -149.94
N LYS P 114 23.14 26.36 -150.17
CA LYS P 114 22.01 25.72 -150.84
C LYS P 114 20.84 25.43 -149.89
N ASN P 115 21.08 25.38 -148.58
CA ASN P 115 20.00 25.13 -147.64
C ASN P 115 19.12 26.37 -147.53
N VAL P 116 17.89 26.27 -148.06
CA VAL P 116 17.00 27.42 -148.08
C VAL P 116 16.54 27.79 -146.68
N ALA P 117 16.44 26.81 -145.78
CA ALA P 117 16.04 27.11 -144.40
C ALA P 117 17.07 28.00 -143.72
N SER P 118 18.35 27.67 -143.87
CA SER P 118 19.41 28.50 -143.29
C SER P 118 19.40 29.89 -143.91
N GLN P 119 19.16 29.98 -145.22
CA GLN P 119 19.15 31.27 -145.89
C GLN P 119 18.01 32.15 -145.36
N LEU P 120 16.81 31.59 -145.27
CA LEU P 120 15.69 32.38 -144.76
C LEU P 120 15.87 32.72 -143.28
N SER P 121 16.50 31.84 -142.50
CA SER P 121 16.76 32.16 -141.10
C SER P 121 17.77 33.30 -140.98
N ILE P 122 18.83 33.29 -141.80
CA ILE P 122 19.79 34.38 -141.78
C ILE P 122 19.13 35.68 -142.22
N ARG P 123 18.25 35.61 -143.22
CA ARG P 123 17.55 36.81 -143.67
C ARG P 123 16.63 37.36 -142.58
N LYS P 124 15.96 36.47 -141.84
CA LYS P 124 15.11 36.90 -140.75
C LYS P 124 15.92 37.53 -139.62
N ILE P 125 17.08 36.95 -139.31
CA ILE P 125 17.95 37.54 -138.29
C ILE P 125 18.42 38.92 -138.74
N ARG P 126 18.78 39.06 -140.02
CA ARG P 126 19.20 40.37 -140.52
C ARG P 126 18.08 41.39 -140.42
N GLU P 127 16.88 41.02 -140.87
CA GLU P 127 15.76 41.97 -140.83
C GLU P 127 15.30 42.27 -139.41
N SER P 128 15.58 41.37 -138.45
CA SER P 128 15.24 41.65 -137.06
C SER P 128 16.30 42.51 -136.38
N ASP P 129 17.56 42.37 -136.76
CA ASP P 129 18.63 43.17 -136.17
C ASP P 129 19.71 43.44 -137.21
N PRO P 130 20.03 44.71 -137.47
CA PRO P 130 21.08 45.02 -138.45
C PRO P 130 22.47 44.66 -137.94
N ASN P 131 23.49 44.93 -138.76
CA ASN P 131 24.88 44.63 -138.42
C ASN P 131 25.07 43.15 -138.09
N PHE P 132 24.39 42.29 -138.85
CA PHE P 132 24.50 40.84 -138.70
C PHE P 132 25.20 40.29 -139.94
N LYS P 133 26.42 39.79 -139.76
CA LYS P 133 27.23 39.27 -140.84
C LYS P 133 27.65 37.84 -140.53
N ILE P 134 27.61 36.98 -141.56
CA ILE P 134 27.99 35.59 -141.36
C ILE P 134 29.50 35.43 -141.34
N LYS P 135 30.22 36.27 -142.08
CA LYS P 135 31.67 36.11 -142.19
C LYS P 135 32.38 36.44 -140.87
N ASP P 136 31.84 37.38 -140.10
CA ASP P 136 32.46 37.80 -138.85
C ASP P 136 32.01 36.96 -137.66
N PHE P 137 31.17 35.94 -137.87
CA PHE P 137 30.63 35.12 -136.79
C PHE P 137 31.60 34.05 -136.28
N PRO P 138 32.33 33.33 -137.14
CA PRO P 138 33.19 32.25 -136.61
C PRO P 138 34.26 32.73 -135.65
N GLU P 139 34.88 33.88 -135.91
CA GLU P 139 35.91 34.38 -135.00
C GLU P 139 35.30 34.72 -133.64
N LYS P 140 34.16 35.40 -133.64
CA LYS P 140 33.48 35.73 -132.38
C LYS P 140 33.07 34.47 -131.63
N ALA P 141 32.61 33.46 -132.35
CA ALA P 141 32.22 32.20 -131.70
C ALA P 141 33.43 31.49 -131.09
N LYS P 142 34.56 31.48 -131.82
CA LYS P 142 35.77 30.89 -131.29
C LYS P 142 36.23 31.61 -130.03
N ASP P 143 36.19 32.94 -130.05
CA ASP P 143 36.58 33.70 -128.87
C ASP P 143 35.65 33.43 -127.70
N ILE P 144 34.35 33.35 -127.97
CA ILE P 144 33.39 33.06 -126.90
C ILE P 144 33.64 31.68 -126.31
N PHE P 145 33.95 30.69 -127.16
CA PHE P 145 34.22 29.34 -126.67
C PHE P 145 35.48 29.32 -125.81
N ILE P 146 36.54 29.98 -126.28
CA ILE P 146 37.79 30.02 -125.53
C ILE P 146 37.58 30.72 -124.19
N GLU P 147 36.84 31.82 -124.20
CA GLU P 147 36.59 32.54 -122.95
C GLU P 147 35.76 31.73 -121.99
N ALA P 148 34.78 30.96 -122.52
CA ALA P 148 33.99 30.10 -121.65
C ALA P 148 34.84 29.02 -121.01
N HIS P 149 35.75 28.42 -121.79
CA HIS P 149 36.63 27.42 -121.22
C HIS P 149 37.56 28.02 -120.17
N LEU P 150 38.11 29.21 -120.44
CA LEU P 150 38.97 29.86 -119.46
C LEU P 150 38.21 30.24 -118.20
N CYS P 151 36.94 30.62 -118.34
CA CYS P 151 36.13 30.96 -117.17
C CYS P 151 35.81 29.72 -116.35
N LEU P 152 35.53 28.60 -117.01
CA LEU P 152 35.33 27.35 -116.27
C LEU P 152 36.62 26.91 -115.58
N ASN P 153 37.77 27.21 -116.19
CA ASN P 153 39.05 26.93 -115.53
C ASN P 153 39.21 27.80 -114.29
N ASN P 154 39.00 29.11 -114.42
CA ASN P 154 39.21 30.05 -113.33
C ASN P 154 38.06 30.07 -112.31
N SER P 155 37.01 29.27 -112.54
CA SER P 155 35.87 29.18 -111.63
C SER P 155 35.19 30.54 -111.45
N ASP P 156 35.09 31.30 -112.54
CA ASP P 156 34.41 32.59 -112.53
C ASP P 156 32.97 32.36 -112.98
N HIS P 157 32.10 32.10 -112.00
CA HIS P 157 30.72 31.71 -112.31
C HIS P 157 29.92 32.86 -112.91
N ASP P 158 30.16 34.10 -112.48
CA ASP P 158 29.43 35.22 -113.05
C ASP P 158 29.77 35.40 -114.53
N ARG P 159 31.05 35.37 -114.87
CA ARG P 159 31.44 35.48 -116.27
C ARG P 159 30.99 34.28 -117.08
N LEU P 160 31.00 33.09 -116.47
CA LEU P 160 30.50 31.91 -117.18
C LEU P 160 29.01 32.03 -117.46
N HIS P 161 28.25 32.61 -116.52
CA HIS P 161 26.83 32.84 -116.75
C HIS P 161 26.62 33.87 -117.84
N THR P 162 27.46 34.91 -117.89
CA THR P 162 27.34 35.89 -118.97
C THR P 162 27.66 35.26 -120.32
N LEU P 163 28.60 34.32 -120.36
CA LEU P 163 29.00 33.73 -121.63
C LEU P 163 28.02 32.64 -122.09
N VAL P 164 27.93 31.55 -121.34
CA VAL P 164 27.07 30.43 -121.71
C VAL P 164 25.66 30.68 -121.19
N THR P 165 24.70 29.90 -121.70
CA THR P 165 23.29 30.09 -121.38
C THR P 165 22.87 29.19 -120.21
N GLU P 166 21.59 29.29 -119.84
CA GLU P 166 21.05 28.56 -118.71
C GLU P 166 20.91 27.06 -118.97
N ASN P 167 20.95 26.64 -120.24
CA ASN P 167 20.92 25.23 -120.56
C ASN P 167 22.31 24.63 -120.74
N CYS P 168 23.32 25.48 -120.93
CA CYS P 168 24.70 25.03 -121.05
C CYS P 168 25.45 25.07 -119.73
N PHE P 169 25.09 25.99 -118.83
CA PHE P 169 25.81 26.14 -117.57
C PHE P 169 25.71 24.89 -116.67
N PRO P 170 24.53 24.32 -116.39
CA PRO P 170 24.50 23.17 -115.48
C PRO P 170 25.25 21.96 -116.02
N ASP P 171 25.06 21.62 -117.29
CA ASP P 171 25.74 20.46 -117.86
C ASP P 171 27.24 20.61 -117.88
N MET P 172 27.76 21.83 -117.70
CA MET P 172 29.19 22.07 -117.67
C MET P 172 29.71 22.46 -116.30
N VAL P 173 28.83 22.57 -115.30
CA VAL P 173 29.26 22.92 -113.95
C VAL P 173 28.95 21.85 -112.92
N TRP P 174 27.97 20.98 -113.15
CA TRP P 174 27.51 20.06 -112.11
C TRP P 174 28.63 19.13 -111.66
N ASP P 175 29.14 18.30 -112.57
CA ASP P 175 30.17 17.32 -112.25
C ASP P 175 31.57 17.90 -112.26
N ILE P 176 31.72 19.22 -112.23
CA ILE P 176 33.04 19.83 -112.30
C ILE P 176 33.20 20.87 -111.20
N ARG P 177 32.10 21.16 -110.49
CA ARG P 177 32.16 22.17 -109.43
C ARG P 177 33.13 21.81 -108.31
N TYR P 178 33.44 20.52 -108.13
CA TYR P 178 34.33 20.07 -107.07
C TYR P 178 35.60 19.44 -107.61
N LYS P 179 36.02 19.82 -108.82
CA LYS P 179 37.23 19.28 -109.42
C LYS P 179 38.08 20.43 -109.95
N THR P 180 39.39 20.21 -109.98
CA THR P 180 40.34 21.18 -110.49
C THR P 180 40.68 20.84 -111.94
N VAL P 181 40.52 21.83 -112.83
CA VAL P 181 40.74 21.64 -114.25
C VAL P 181 41.84 22.59 -114.71
N ARG P 182 42.70 22.11 -115.60
CA ARG P 182 43.76 22.92 -116.21
C ARG P 182 43.63 22.79 -117.72
N TRP P 183 42.79 23.63 -118.32
CA TRP P 183 42.56 23.64 -119.76
C TRP P 183 43.37 24.74 -120.42
N SER P 184 43.78 24.51 -121.66
CA SER P 184 44.55 25.48 -122.42
C SER P 184 44.20 25.37 -123.89
N PHE P 185 44.64 26.36 -124.66
CA PHE P 185 44.41 26.41 -126.10
C PHE P 185 45.77 26.52 -126.78
N VAL P 186 46.09 25.55 -127.64
CA VAL P 186 47.39 25.49 -128.31
C VAL P 186 47.27 25.79 -129.79
N GLU P 187 46.37 25.11 -130.49
CA GLU P 187 46.27 25.25 -131.94
C GLU P 187 44.86 24.90 -132.38
N SER P 188 44.57 25.21 -133.65
CA SER P 188 43.29 24.87 -134.27
C SER P 188 43.58 24.38 -135.68
N LEU P 189 43.29 23.11 -135.95
CA LEU P 189 43.61 22.53 -137.26
C LEU P 189 42.73 23.11 -138.35
N GLU P 190 41.41 23.04 -138.16
CA GLU P 190 40.45 23.53 -139.14
C GLU P 190 39.68 24.71 -138.56
N PRO P 191 39.53 25.80 -139.30
CA PRO P 191 38.77 26.93 -138.77
C PRO P 191 37.32 26.54 -138.54
N PRO P 192 36.64 27.21 -137.61
CA PRO P 192 35.24 26.89 -137.37
C PRO P 192 34.37 27.26 -138.56
N GLN P 193 33.47 26.34 -138.93
CA GLN P 193 32.65 26.49 -140.12
C GLN P 193 31.18 26.54 -139.72
N VAL P 194 30.52 27.65 -140.05
CA VAL P 194 29.09 27.78 -139.77
C VAL P 194 28.32 26.86 -140.70
N VAL P 195 27.59 25.90 -140.14
CA VAL P 195 26.90 24.90 -140.93
C VAL P 195 25.48 25.33 -141.22
N GLN P 196 24.68 25.56 -140.16
CA GLN P 196 23.27 25.86 -140.33
C GLN P 196 22.84 26.94 -139.34
N VAL P 197 21.73 27.60 -139.69
CA VAL P 197 21.12 28.61 -138.84
C VAL P 197 19.62 28.33 -138.79
N ARG P 198 19.08 28.20 -137.58
CA ARG P 198 17.67 27.95 -137.37
C ARG P 198 17.09 29.05 -136.49
N CYS P 199 15.76 29.18 -136.53
CA CYS P 199 15.07 30.19 -135.74
C CYS P 199 13.76 29.62 -135.24
N SER P 200 13.49 29.78 -133.94
CA SER P 200 12.25 29.36 -133.32
C SER P 200 11.46 30.60 -132.92
N SER P 201 10.26 30.75 -133.48
CA SER P 201 9.42 31.93 -133.24
C SER P 201 8.15 31.46 -132.53
N LEU P 202 8.07 31.73 -131.22
CA LEU P 202 6.87 31.45 -130.44
C LEU P 202 5.96 32.67 -130.51
N MET P 203 4.79 32.49 -131.09
CA MET P 203 3.87 33.61 -131.34
C MET P 203 2.96 33.91 -130.15
N ASN P 204 2.83 32.99 -129.20
CA ASN P 204 2.03 33.28 -128.01
C ASN P 204 2.59 34.45 -127.23
N GLN P 205 3.90 34.65 -127.30
CA GLN P 205 4.55 35.78 -126.64
C GLN P 205 5.34 36.65 -127.61
N GLY P 206 5.43 36.27 -128.89
CA GLY P 206 6.18 37.04 -129.85
C GLY P 206 7.67 37.05 -129.59
N ASN P 207 8.24 35.87 -129.37
CA ASN P 207 9.64 35.72 -129.01
C ASN P 207 10.35 34.90 -130.08
N ILE P 208 11.44 35.44 -130.62
CA ILE P 208 12.23 34.78 -131.64
C ILE P 208 13.59 34.46 -131.07
N TYR P 209 14.01 33.20 -131.17
CA TYR P 209 15.31 32.76 -130.69
C TYR P 209 16.06 32.11 -131.85
N GLY P 210 17.20 32.69 -132.21
CA GLY P 210 18.00 32.17 -133.30
C GLY P 210 19.19 31.36 -132.85
N GLN P 211 19.32 30.14 -133.36
CA GLN P 211 20.44 29.27 -133.05
C GLN P 211 21.32 29.09 -134.28
N VAL P 212 22.63 29.07 -134.05
CA VAL P 212 23.63 28.91 -135.10
C VAL P 212 24.52 27.74 -134.75
N THR P 213 24.60 26.77 -135.66
CA THR P 213 25.46 25.60 -135.47
C THR P 213 26.78 25.83 -136.20
N VAL P 214 27.88 25.59 -135.50
CA VAL P 214 29.22 25.80 -136.04
C VAL P 214 30.04 24.56 -135.75
N ARG P 215 30.54 23.91 -136.81
CA ARG P 215 31.48 22.82 -136.65
C ARG P 215 32.83 23.36 -136.22
N MET P 216 33.35 22.85 -135.09
CA MET P 216 34.62 23.30 -134.54
C MET P 216 35.53 22.10 -134.35
N HIS P 217 36.68 22.13 -135.04
CA HIS P 217 37.73 21.13 -134.89
C HIS P 217 38.88 21.80 -134.14
N THR P 218 39.02 21.45 -132.86
CA THR P 218 39.95 22.11 -131.97
C THR P 218 41.04 21.15 -131.51
N ARG P 219 42.15 21.73 -131.05
CA ARG P 219 43.26 20.99 -130.47
C ARG P 219 43.41 21.50 -129.03
N GLN P 220 42.92 20.71 -128.07
CA GLN P 220 42.86 21.12 -126.68
C GLN P 220 43.66 20.17 -125.81
N THR P 221 43.94 20.60 -124.59
CA THR P 221 44.61 19.80 -123.58
C THR P 221 43.78 19.84 -122.30
N LEU P 222 43.36 18.66 -121.83
CA LEU P 222 42.47 18.55 -120.69
C LEU P 222 43.15 17.75 -119.59
N ALA P 223 43.07 18.25 -118.36
CA ALA P 223 43.64 17.56 -117.19
C ALA P 223 42.71 17.83 -116.02
N ILE P 224 41.80 16.90 -115.74
CA ILE P 224 40.81 17.05 -114.68
C ILE P 224 41.32 16.33 -113.44
N TYR P 225 41.62 17.10 -112.40
CA TYR P 225 42.06 16.54 -111.13
C TYR P 225 40.85 16.22 -110.25
N ASP P 226 41.12 15.77 -109.03
CA ASP P 226 40.07 15.48 -108.06
C ASP P 226 40.20 16.41 -106.86
N ARG P 227 39.19 16.36 -105.99
CA ARG P 227 39.15 17.24 -104.82
C ARG P 227 40.29 17.01 -103.85
N PHE P 228 41.03 15.90 -103.98
CA PHE P 228 42.19 15.65 -103.15
C PHE P 228 43.49 16.09 -103.81
N GLY P 229 43.47 16.38 -105.11
CA GLY P 229 44.63 16.87 -105.82
C GLY P 229 45.27 15.86 -106.77
N ARG P 230 44.79 14.63 -106.82
CA ARG P 230 45.37 13.61 -107.67
C ARG P 230 44.76 13.67 -109.07
N LEU P 231 45.57 13.30 -110.06
CA LEU P 231 45.12 13.30 -111.44
C LEU P 231 44.11 12.18 -111.67
N MET P 232 43.03 12.49 -112.39
CA MET P 232 41.95 11.54 -112.60
C MET P 232 41.73 11.21 -114.07
N TYR P 233 41.67 12.22 -114.94
CA TYR P 233 41.21 12.01 -116.31
C TYR P 233 42.36 11.88 -117.31
N GLY P 234 43.22 12.88 -117.40
CA GLY P 234 44.27 12.83 -118.41
C GLY P 234 45.41 13.77 -118.11
N GLN P 235 46.40 13.73 -119.00
CA GLN P 235 47.61 14.55 -118.87
C GLN P 235 47.36 15.95 -119.39
N GLU P 236 48.13 16.90 -118.85
CA GLU P 236 47.98 18.32 -119.19
C GLU P 236 48.84 18.75 -120.37
N ASP P 237 49.74 17.90 -120.87
CA ASP P 237 50.65 18.28 -121.94
C ASP P 237 50.38 17.53 -123.24
N VAL P 238 49.24 16.85 -123.36
CA VAL P 238 48.89 16.14 -124.58
C VAL P 238 47.89 17.00 -125.36
N PRO P 239 48.28 17.57 -126.50
CA PRO P 239 47.34 18.37 -127.32
C PRO P 239 46.45 17.51 -128.21
N ARG P 240 45.44 16.90 -127.60
CA ARG P 240 44.57 15.97 -128.29
C ARG P 240 43.56 16.72 -129.14
N ASP P 241 43.19 16.13 -130.27
CA ASP P 241 42.26 16.75 -131.21
C ASP P 241 40.83 16.31 -130.92
N VAL P 242 39.90 17.25 -131.10
CA VAL P 242 38.48 17.00 -130.89
C VAL P 242 37.71 17.73 -131.97
N LEU P 243 36.53 17.21 -132.31
CA LEU P 243 35.69 17.80 -133.36
C LEU P 243 34.24 17.73 -132.89
N GLU P 244 33.65 18.89 -132.60
CA GLU P 244 32.28 18.97 -132.11
C GLU P 244 31.50 20.00 -132.92
N TYR P 245 30.26 20.23 -132.51
CA TYR P 245 29.39 21.22 -133.14
C TYR P 245 28.79 22.09 -132.03
N VAL P 246 29.22 23.34 -131.98
CA VAL P 246 28.71 24.28 -130.98
C VAL P 246 27.49 24.98 -131.54
N VAL P 247 26.39 24.94 -130.78
CA VAL P 247 25.14 25.56 -131.19
C VAL P 247 24.91 26.75 -130.26
N PHE P 248 25.19 27.95 -130.76
CA PHE P 248 24.95 29.17 -130.01
C PHE P 248 23.49 29.60 -130.18
N GLU P 249 22.99 30.32 -129.18
CA GLU P 249 21.60 30.78 -129.19
C GLU P 249 21.55 32.23 -128.77
N LYS P 250 20.70 33.01 -129.44
CA LYS P 250 20.52 34.42 -129.13
C LYS P 250 19.06 34.80 -129.29
N HIS P 251 18.52 35.50 -128.29
CA HIS P 251 17.16 36.02 -128.39
C HIS P 251 17.16 37.31 -129.20
N LEU P 252 16.39 37.32 -130.29
CA LEU P 252 16.42 38.47 -131.19
C LEU P 252 15.53 39.60 -130.73
N VAL P 253 14.45 39.30 -130.00
CA VAL P 253 13.57 40.35 -129.52
C VAL P 253 14.22 41.13 -128.39
N ASP P 254 15.17 40.52 -127.68
CA ASP P 254 15.85 41.21 -126.60
C ASP P 254 16.72 42.34 -127.16
N PRO P 255 16.68 43.52 -126.54
CA PRO P 255 17.50 44.64 -127.06
C PRO P 255 18.98 44.44 -126.87
N TYR P 256 19.40 43.67 -125.85
CA TYR P 256 20.82 43.43 -125.62
C TYR P 256 21.35 42.33 -126.53
N GLY P 257 20.79 41.12 -126.39
CA GLY P 257 21.10 40.03 -127.30
C GLY P 257 22.54 39.60 -127.31
N SER P 258 23.02 39.01 -126.21
CA SER P 258 24.37 38.47 -126.16
C SER P 258 24.40 37.04 -126.69
N TRP P 259 25.37 36.77 -127.56
CA TRP P 259 25.52 35.43 -128.12
C TRP P 259 25.99 34.47 -127.04
N ARG P 260 25.17 33.47 -126.73
CA ARG P 260 25.45 32.52 -125.67
C ARG P 260 25.43 31.10 -126.21
N MET P 261 26.40 30.30 -125.79
CA MET P 261 26.47 28.91 -126.21
C MET P 261 25.37 28.10 -125.54
N HIS P 262 24.67 27.29 -126.33
CA HIS P 262 23.52 26.53 -125.84
C HIS P 262 23.73 25.02 -125.92
N GLY P 263 24.14 24.50 -127.08
CA GLY P 263 24.21 23.07 -127.28
C GLY P 263 25.58 22.63 -127.76
N LYS P 264 25.89 21.36 -127.50
CA LYS P 264 27.17 20.75 -127.85
C LYS P 264 26.88 19.40 -128.50
N ILE P 265 26.82 19.37 -129.82
CA ILE P 265 26.49 18.15 -130.56
C ILE P 265 27.76 17.41 -130.94
N ILE P 266 27.74 16.10 -130.77
CA ILE P 266 28.86 15.24 -131.17
C ILE P 266 28.37 14.28 -132.24
N PRO P 267 29.19 13.95 -133.24
CA PRO P 267 28.75 13.02 -134.27
C PRO P 267 28.65 11.61 -133.72
N PRO P 268 27.72 10.80 -134.24
CA PRO P 268 27.60 9.42 -133.73
C PRO P 268 28.80 8.55 -134.08
N TRP P 269 29.56 8.91 -135.11
CA TRP P 269 30.75 8.15 -135.50
C TRP P 269 32.01 8.69 -134.85
N ALA P 270 31.89 9.55 -133.85
CA ALA P 270 33.07 10.11 -133.19
C ALA P 270 33.81 9.01 -132.42
N PRO P 271 35.15 9.09 -132.38
CA PRO P 271 35.89 8.10 -131.62
C PRO P 271 35.58 8.20 -130.15
N PRO P 272 35.67 7.09 -129.40
CA PRO P 272 35.39 7.14 -127.97
C PRO P 272 36.40 8.01 -127.23
N LYS P 273 35.98 8.53 -126.09
CA LYS P 273 36.84 9.37 -125.27
C LYS P 273 37.98 8.55 -124.70
N GLN P 274 38.97 9.25 -124.15
CA GLN P 274 40.15 8.57 -123.62
C GLN P 274 39.78 7.75 -122.38
N PRO P 275 40.45 6.61 -122.18
CA PRO P 275 40.11 5.75 -121.04
C PRO P 275 40.41 6.43 -119.71
N ILE P 276 39.64 6.05 -118.69
CA ILE P 276 39.83 6.56 -117.34
C ILE P 276 41.06 5.89 -116.73
N LEU P 277 41.78 6.64 -115.89
CA LEU P 277 42.97 6.11 -115.25
C LEU P 277 42.66 5.04 -114.21
N LYS P 278 41.44 5.01 -113.69
CA LYS P 278 41.08 4.03 -112.67
C LYS P 278 40.33 2.86 -113.31
N THR P 279 39.91 1.92 -112.47
CA THR P 279 39.12 0.77 -112.90
C THR P 279 37.72 0.86 -112.30
N VAL P 280 36.72 0.52 -113.10
CA VAL P 280 35.32 0.64 -112.72
C VAL P 280 34.69 -0.74 -112.66
N MET P 281 33.89 -0.97 -111.62
CA MET P 281 33.18 -2.23 -111.44
C MET P 281 31.68 -1.98 -111.59
N ILE P 282 31.04 -2.77 -112.43
CA ILE P 282 29.59 -2.70 -112.64
C ILE P 282 28.95 -3.79 -111.77
N PRO P 283 28.07 -3.44 -110.84
CA PRO P 283 27.50 -4.45 -109.95
C PRO P 283 26.49 -5.32 -110.69
N GLY P 284 26.37 -6.56 -110.23
CA GLY P 284 25.40 -7.47 -110.78
C GLY P 284 23.98 -7.11 -110.39
N PRO P 285 23.02 -7.78 -111.02
CA PRO P 285 21.61 -7.50 -110.73
C PRO P 285 21.24 -7.95 -109.32
N GLN P 286 20.71 -7.00 -108.55
CA GLN P 286 20.29 -7.29 -107.18
C GLN P 286 19.03 -8.15 -107.23
N LEU P 287 19.17 -9.42 -106.85
CA LEU P 287 18.08 -10.38 -106.93
C LEU P 287 17.47 -10.63 -105.56
N LYS P 288 16.17 -10.85 -105.55
CA LYS P 288 15.45 -11.22 -104.33
C LYS P 288 15.69 -12.69 -104.01
N PRO P 289 15.50 -13.09 -102.75
CA PRO P 289 15.70 -14.51 -102.40
C PRO P 289 14.80 -15.45 -103.18
N TRP P 290 13.53 -15.11 -103.36
CA TRP P 290 12.61 -15.94 -104.13
C TRP P 290 12.74 -15.75 -105.63
N GLU P 291 13.84 -15.16 -106.09
CA GLU P 291 14.09 -14.93 -107.51
C GLU P 291 15.36 -15.65 -107.93
N GLU P 292 15.37 -16.16 -109.16
CA GLU P 292 16.53 -16.83 -109.72
C GLU P 292 17.19 -15.97 -110.79
N PHE P 293 18.43 -16.30 -111.10
CA PHE P 293 19.22 -15.53 -112.06
C PHE P 293 18.98 -16.03 -113.48
N GLU P 294 19.06 -15.11 -114.43
CA GLU P 294 18.88 -15.40 -115.85
C GLU P 294 20.09 -14.88 -116.61
N GLU P 295 20.89 -15.78 -117.16
CA GLU P 295 22.12 -15.39 -117.85
C GLU P 295 21.80 -14.96 -119.27
N PRO P 296 22.06 -13.72 -119.66
CA PRO P 296 21.78 -13.29 -121.03
C PRO P 296 22.82 -13.84 -122.01
N GLN P 297 22.33 -14.14 -123.22
CA GLN P 297 23.20 -14.65 -124.28
C GLN P 297 23.24 -13.69 -125.46
N SER Q 43 82.02 26.08 60.20
CA SER Q 43 81.83 26.97 61.33
C SER Q 43 80.64 26.53 62.18
N PRO Q 44 80.86 26.33 63.48
CA PRO Q 44 79.75 25.95 64.36
C PRO Q 44 78.78 27.11 64.54
N TRP Q 45 77.49 26.78 64.43
CA TRP Q 45 76.42 27.76 64.55
C TRP Q 45 75.35 27.25 65.50
N ARG Q 46 75.09 28.03 66.55
CA ARG Q 46 74.00 27.76 67.48
C ARG Q 46 72.76 28.51 67.02
N LEU Q 47 71.59 27.89 67.20
CA LEU Q 47 70.33 28.49 66.77
C LEU Q 47 69.38 28.52 67.96
N LEU Q 48 68.71 29.66 68.15
CA LEU Q 48 67.80 29.83 69.27
C LEU Q 48 66.58 30.62 68.84
N GLY Q 49 65.44 30.27 69.42
CA GLY Q 49 64.22 31.06 69.28
C GLY Q 49 63.93 31.85 70.54
N ALA Q 50 63.15 32.91 70.36
CA ALA Q 50 62.78 33.78 71.48
C ALA Q 50 61.36 34.27 71.26
N LEU Q 51 60.64 34.46 72.36
CA LEU Q 51 59.23 34.83 72.32
C LEU Q 51 59.04 36.26 72.78
N CYS Q 52 58.22 37.02 72.06
CA CYS Q 52 57.82 38.37 72.43
C CYS Q 52 56.31 38.35 72.59
N LEU Q 53 55.84 38.13 73.82
CA LEU Q 53 54.42 38.04 74.10
C LEU Q 53 53.89 39.42 74.47
N GLN Q 54 52.94 39.92 73.68
CA GLN Q 54 52.37 41.24 73.87
C GLN Q 54 50.96 41.11 74.41
N ARG Q 55 50.73 41.69 75.59
CA ARG Q 55 49.38 41.88 76.11
C ARG Q 55 48.91 43.27 75.69
N PRO Q 56 47.81 43.38 74.95
CA PRO Q 56 47.38 44.69 74.45
C PRO Q 56 46.75 45.51 75.55
N PRO Q 57 46.67 46.83 75.37
CA PRO Q 57 45.98 47.66 76.38
C PRO Q 57 44.50 47.36 76.45
N LEU Q 58 43.98 47.32 77.67
CA LEU Q 58 42.55 47.05 77.88
C LEU Q 58 41.71 48.32 77.78
N VAL Q 59 42.24 49.44 78.25
CA VAL Q 59 41.51 50.70 78.25
C VAL Q 59 42.11 51.62 77.19
N THR Q 60 41.30 52.57 76.72
CA THR Q 60 41.75 53.51 75.71
C THR Q 60 42.63 54.59 76.31
N LYS Q 61 43.59 55.05 75.53
CA LYS Q 61 44.51 56.08 76.00
C LYS Q 61 43.78 57.41 76.16
N PRO Q 62 44.30 58.31 76.99
CA PRO Q 62 43.69 59.63 77.12
C PRO Q 62 43.82 60.44 75.84
N LEU Q 63 43.00 61.47 75.74
CA LEU Q 63 42.93 62.32 74.55
C LEU Q 63 43.79 63.57 74.75
N THR Q 64 44.65 63.85 73.77
CA THR Q 64 45.39 65.09 73.76
C THR Q 64 44.42 66.27 73.76
N PRO Q 65 44.70 67.35 74.50
CA PRO Q 65 43.79 68.51 74.50
C PRO Q 65 43.46 69.04 73.11
N LEU Q 66 44.39 68.95 72.16
CA LEU Q 66 44.07 69.31 70.78
C LEU Q 66 42.96 68.42 70.24
N GLN Q 67 43.07 67.10 70.49
CA GLN Q 67 42.03 66.18 70.04
C GLN Q 67 40.73 66.40 70.79
N GLU Q 68 40.80 66.87 72.04
CA GLU Q 68 39.58 67.21 72.78
C GLU Q 68 38.88 68.40 72.15
N GLU Q 69 39.64 69.44 71.81
CA GLU Q 69 39.07 70.57 71.08
C GLU Q 69 38.45 70.12 69.77
N MET Q 70 39.14 69.23 69.04
CA MET Q 70 38.60 68.74 67.77
C MET Q 70 37.31 67.96 67.98
N ALA Q 71 37.25 67.13 69.04
CA ALA Q 71 36.03 66.38 69.31
C ALA Q 71 34.88 67.28 69.70
N ASP Q 72 35.17 68.33 70.49
CA ASP Q 72 34.14 69.30 70.83
C ASP Q 72 33.61 69.99 69.58
N LEU Q 73 34.51 70.40 68.68
CA LEU Q 73 34.10 71.04 67.44
C LEU Q 73 33.25 70.08 66.60
N LEU Q 74 33.65 68.81 66.54
CA LEU Q 74 32.90 67.84 65.75
C LEU Q 74 31.51 67.62 66.32
N GLN Q 75 31.39 67.52 67.64
CA GLN Q 75 30.07 67.38 68.26
C GLN Q 75 29.21 68.61 67.98
N GLN Q 76 29.81 69.80 68.06
CA GLN Q 76 29.06 71.03 67.81
C GLN Q 76 28.53 71.06 66.38
N ILE Q 77 29.40 70.80 65.40
CA ILE Q 77 28.96 70.87 64.01
C ILE Q 77 27.98 69.75 63.70
N GLU Q 78 28.12 68.59 64.36
CA GLU Q 78 27.16 67.51 64.17
C GLU Q 78 25.77 67.91 64.66
N ILE Q 79 25.70 68.48 65.87
CA ILE Q 79 24.42 68.94 66.39
C ILE Q 79 23.86 70.06 65.52
N GLU Q 80 24.74 70.90 64.97
CA GLU Q 80 24.27 71.99 64.12
C GLU Q 80 23.65 71.48 62.83
N ARG Q 81 24.35 70.58 62.13
CA ARG Q 81 23.83 70.02 60.88
C ARG Q 81 22.73 69.01 61.11
N SER Q 82 22.52 68.54 62.34
CA SER Q 82 21.44 67.60 62.61
C SER Q 82 20.09 68.28 62.41
N LEU Q 83 19.09 67.48 62.03
CA LEU Q 83 17.75 68.02 61.83
C LEU Q 83 17.01 68.18 63.15
N TYR Q 84 16.78 67.07 63.85
CA TYR Q 84 16.12 67.07 65.15
C TYR Q 84 16.11 65.65 65.69
N SER Q 85 15.96 65.55 67.01
CA SER Q 85 15.82 64.27 67.69
C SER Q 85 14.42 64.13 68.24
N ASP Q 86 13.99 62.88 68.40
CA ASP Q 86 12.66 62.62 68.95
C ASP Q 86 12.52 63.17 70.35
N HIS Q 87 13.56 63.00 71.18
CA HIS Q 87 13.51 63.48 72.55
C HIS Q 87 13.36 65.00 72.61
N GLU Q 88 14.22 65.71 71.89
CA GLU Q 88 14.13 67.17 71.87
C GLU Q 88 12.82 67.66 71.28
N LEU Q 89 12.34 66.98 70.23
CA LEU Q 89 11.08 67.37 69.60
C LEU Q 89 9.92 67.23 70.58
N ARG Q 90 9.84 66.08 71.26
CA ARG Q 90 8.78 65.88 72.24
C ARG Q 90 8.89 66.87 73.38
N ALA Q 91 10.11 67.15 73.83
CA ALA Q 91 10.30 68.09 74.93
C ALA Q 91 9.81 69.48 74.57
N LEU Q 92 10.24 70.00 73.40
CA LEU Q 92 9.82 71.33 72.99
C LEU Q 92 8.33 71.37 72.69
N ASP Q 93 7.77 70.29 72.13
CA ASP Q 93 6.35 70.25 71.85
C ASP Q 93 5.54 70.32 73.14
N GLU Q 94 5.91 69.53 74.14
CA GLU Q 94 5.18 69.55 75.41
C GLU Q 94 5.37 70.88 76.13
N ALA Q 95 6.57 71.47 76.05
CA ALA Q 95 6.79 72.77 76.67
C ALA Q 95 5.91 73.84 76.04
N GLN Q 96 5.86 73.90 74.71
CA GLN Q 96 5.00 74.88 74.04
C GLN Q 96 3.53 74.60 74.30
N GLN Q 97 3.14 73.32 74.36
CA GLN Q 97 1.75 72.99 74.64
C GLN Q 97 1.33 73.44 76.04
N LEU Q 98 2.20 73.22 77.03
CA LEU Q 98 1.90 73.70 78.38
C LEU Q 98 1.89 75.23 78.43
N ALA Q 99 2.81 75.86 77.71
CA ALA Q 99 2.86 77.33 77.69
C ALA Q 99 1.58 77.91 77.10
N LYS Q 100 1.04 77.28 76.05
CA LYS Q 100 -0.18 77.77 75.44
C LYS Q 100 -1.44 77.32 76.17
N LYS Q 101 -1.35 76.26 76.99
CA LYS Q 101 -2.49 75.83 77.78
C LYS Q 101 -2.63 76.63 79.07
N LYS Q 102 -1.51 77.09 79.65
CA LYS Q 102 -1.59 77.90 80.85
C LYS Q 102 -2.32 79.22 80.60
N SER Q 103 -2.29 79.71 79.36
CA SER Q 103 -3.01 80.92 79.01
C SER Q 103 -4.46 80.65 78.59
N ASP Q 104 -4.80 79.41 78.28
CA ASP Q 104 -6.16 79.08 77.87
C ASP Q 104 -6.67 77.84 78.63
N LEU Q 116 6.53 63.29 80.75
CA LEU Q 116 7.28 64.36 80.10
C LEU Q 116 8.72 63.92 79.83
N ALA Q 117 9.50 64.81 79.22
CA ALA Q 117 10.89 64.49 78.89
C ALA Q 117 11.85 64.86 80.01
N GLN Q 118 11.57 65.93 80.76
CA GLN Q 118 12.46 66.36 81.82
C GLN Q 118 12.50 65.32 82.95
N ASP Q 119 11.35 64.69 83.25
CA ASP Q 119 11.34 63.65 84.26
C ASP Q 119 12.23 62.47 83.85
N LEU Q 120 12.13 62.05 82.60
CA LEU Q 120 12.97 60.95 82.12
C LEU Q 120 14.44 61.35 82.13
N GLU Q 121 14.75 62.59 81.78
CA GLU Q 121 16.13 63.04 81.81
C GLU Q 121 16.69 63.05 83.23
N ASP Q 122 15.90 63.54 84.18
CA ASP Q 122 16.35 63.53 85.57
C ASP Q 122 16.50 62.11 86.10
N MET Q 123 15.61 61.20 85.68
CA MET Q 123 15.73 59.80 86.07
C MET Q 123 17.03 59.20 85.52
N TRP Q 124 17.33 59.47 84.24
CA TRP Q 124 18.57 58.97 83.66
C TRP Q 124 19.79 59.54 84.37
N GLU Q 125 19.75 60.84 84.71
CA GLU Q 125 20.88 61.45 85.40
C GLU Q 125 21.09 60.85 86.78
N GLN Q 126 20.00 60.66 87.53
CA GLN Q 126 20.15 60.08 88.86
C GLN Q 126 20.57 58.62 88.80
N LYS Q 127 20.13 57.88 87.77
CA LYS Q 127 20.62 56.51 87.60
C LYS Q 127 22.11 56.49 87.28
N PHE Q 128 22.57 57.42 86.44
CA PHE Q 128 23.98 57.51 86.11
C PHE Q 128 24.81 57.86 87.35
N LEU Q 129 24.30 58.77 88.18
CA LEU Q 129 25.03 59.14 89.39
C LEU Q 129 25.00 58.02 90.43
N HIS Q 130 23.94 57.23 90.46
CA HIS Q 130 23.87 56.11 91.41
C HIS Q 130 24.79 54.98 90.99
N PHE Q 131 24.80 54.63 89.72
CA PHE Q 131 25.65 53.55 89.24
C PHE Q 131 27.10 54.01 89.15
N LYS Q 132 28.03 53.14 89.56
CA LYS Q 132 29.44 53.42 89.55
C LYS Q 132 30.16 52.49 88.59
N LEU Q 133 31.13 53.04 87.85
CA LEU Q 133 31.86 52.30 86.85
C LEU Q 133 33.15 51.74 87.44
N GLY Q 134 33.96 51.10 86.60
CA GLY Q 134 35.21 50.54 87.05
C GLY Q 134 36.34 51.56 87.05
N ALA Q 135 37.26 51.38 87.99
CA ALA Q 135 38.39 52.28 88.13
C ALA Q 135 39.47 51.91 87.11
N ARG Q 136 39.86 52.88 86.28
CA ARG Q 136 40.85 52.63 85.25
C ARG Q 136 42.28 52.65 85.78
N LEU Q 137 42.54 53.38 86.87
CA LEU Q 137 43.88 53.51 87.43
C LEU Q 137 44.08 52.44 88.50
N THR Q 138 44.26 51.20 88.04
CA THR Q 138 44.52 50.07 88.92
C THR Q 138 45.98 49.90 89.26
N GLU Q 139 46.83 50.88 88.90
CA GLU Q 139 48.24 50.87 89.24
C GLU Q 139 48.67 52.06 90.07
N ALA Q 140 47.95 53.18 90.00
CA ALA Q 140 48.30 54.34 90.81
C ALA Q 140 48.14 54.05 92.30
N ASP Q 141 47.18 53.20 92.66
CA ASP Q 141 47.01 52.84 94.06
C ASP Q 141 47.99 51.77 94.51
N LYS Q 142 48.45 50.91 93.58
CA LYS Q 142 49.40 49.87 93.94
C LYS Q 142 50.82 50.41 94.00
N LYS Q 143 51.34 50.87 92.87
CA LYS Q 143 52.68 51.46 92.73
C LYS Q 143 53.80 50.53 93.18
N ASP Q 144 53.50 49.26 93.45
CA ASP Q 144 54.51 48.29 93.85
C ASP Q 144 54.64 47.13 92.88
N ASP Q 145 53.52 46.50 92.53
CA ASP Q 145 53.54 45.29 91.71
C ASP Q 145 53.82 45.68 90.26
N ARG Q 146 55.08 45.59 89.85
CA ARG Q 146 55.47 45.79 88.46
C ARG Q 146 55.30 44.53 87.63
N THR Q 147 54.98 43.40 88.26
CA THR Q 147 54.88 42.11 87.59
C THR Q 147 53.44 41.66 87.40
N SER Q 148 52.47 42.48 87.76
CA SER Q 148 51.07 42.09 87.65
C SER Q 148 50.60 42.17 86.20
N LEU Q 149 49.76 41.20 85.82
CA LEU Q 149 49.15 41.24 84.50
C LEU Q 149 48.22 42.43 84.35
N HIS Q 150 47.60 42.87 85.46
CA HIS Q 150 46.72 44.02 85.47
C HIS Q 150 47.44 45.32 85.81
N ARG Q 151 48.75 45.39 85.53
CA ARG Q 151 49.52 46.58 85.86
C ARG Q 151 49.03 47.79 85.08
N LYS Q 152 49.18 47.76 83.76
CA LYS Q 152 48.82 48.88 82.90
C LYS Q 152 47.70 48.46 81.96
N LEU Q 153 46.77 49.39 81.71
CA LEU Q 153 45.60 49.11 80.88
C LEU Q 153 45.52 49.99 79.64
N ASP Q 154 46.27 51.09 79.58
CA ASP Q 154 46.26 51.96 78.42
C ASP Q 154 47.45 51.76 77.50
N ARG Q 155 48.40 50.92 77.88
CA ARG Q 155 49.56 50.61 77.05
C ARG Q 155 49.65 49.11 76.85
N ASN Q 156 50.46 48.72 75.87
CA ASN Q 156 50.76 47.31 75.66
C ASN Q 156 51.96 46.91 76.51
N LEU Q 157 51.97 45.66 76.94
CA LEU Q 157 53.03 45.15 77.80
C LEU Q 157 53.65 43.90 77.20
N ILE Q 158 54.92 43.67 77.54
CA ILE Q 158 55.66 42.51 77.07
C ILE Q 158 56.29 41.83 78.28
N LEU Q 159 56.65 40.56 78.10
CA LEU Q 159 57.12 39.72 79.19
C LEU Q 159 58.64 39.67 79.20
N LEU Q 160 59.23 39.92 80.36
CA LEU Q 160 60.67 39.82 80.57
C LEU Q 160 60.93 38.89 81.74
N VAL Q 161 61.86 37.95 81.56
CA VAL Q 161 62.20 36.97 82.59
C VAL Q 161 63.60 37.23 83.10
N ARG Q 162 63.80 37.02 84.40
CA ARG Q 162 65.12 37.14 85.00
C ARG Q 162 65.75 35.77 85.12
N GLU Q 163 66.94 35.61 84.54
CA GLU Q 163 67.67 34.35 84.57
C GLU Q 163 69.14 34.60 84.82
N LYS Q 164 69.70 33.88 85.79
CA LYS Q 164 71.13 33.96 86.10
C LYS Q 164 71.77 32.65 85.65
N LEU Q 165 72.52 32.71 84.55
CA LEU Q 165 73.18 31.54 84.01
C LEU Q 165 74.50 31.30 84.75
N GLY Q 166 75.31 30.39 84.24
CA GLY Q 166 76.56 30.06 84.92
C GLY Q 166 77.61 31.14 84.77
N ASP Q 167 77.74 31.70 83.57
CA ASP Q 167 78.75 32.72 83.30
C ASP Q 167 78.15 34.07 82.93
N GLN Q 168 76.83 34.21 82.94
CA GLN Q 168 76.18 35.47 82.57
C GLN Q 168 74.96 35.69 83.45
N ASP Q 169 74.77 36.94 83.87
CA ASP Q 169 73.59 37.36 84.63
C ASP Q 169 72.95 38.49 83.85
N ILE Q 170 72.05 38.15 82.93
CA ILE Q 170 71.44 39.10 82.00
C ILE Q 170 69.94 39.14 82.24
N TRP Q 171 69.35 40.31 81.99
CA TRP Q 171 67.90 40.49 82.01
C TRP Q 171 67.40 40.10 80.63
N MET Q 172 67.16 38.81 80.44
CA MET Q 172 66.98 38.22 79.11
C MET Q 172 65.50 38.06 78.78
N LEU Q 173 65.20 38.18 77.49
CA LEU Q 173 63.87 37.84 76.99
C LEU Q 173 63.72 36.31 76.96
N PRO Q 174 62.48 35.81 77.12
CA PRO Q 174 62.28 34.35 77.06
C PRO Q 174 62.81 33.72 75.79
N GLN Q 175 63.80 32.84 75.95
CA GLN Q 175 64.47 32.14 74.87
C GLN Q 175 64.28 30.63 75.01
N SER Q 176 64.73 29.91 73.99
CA SER Q 176 64.57 28.46 73.97
C SER Q 176 65.70 27.83 73.14
N ASP Q 177 65.65 26.52 73.03
CA ASP Q 177 66.56 25.76 72.17
C ASP Q 177 65.77 24.65 71.49
N TRP Q 178 66.22 24.25 70.30
CA TRP Q 178 65.44 23.34 69.48
C TRP Q 178 66.36 22.51 68.60
N GLN Q 179 65.99 21.26 68.39
CA GLN Q 179 66.72 20.39 67.48
C GLN Q 179 66.33 20.71 66.03
N PRO Q 180 67.23 20.45 65.07
CA PRO Q 180 66.96 20.85 63.68
C PRO Q 180 65.65 20.30 63.12
N GLY Q 181 65.15 19.22 63.69
CA GLY Q 181 63.88 18.65 63.26
C GLY Q 181 62.65 19.35 63.76
N GLU Q 182 62.80 20.45 64.49
CA GLU Q 182 61.68 21.17 65.07
C GLU Q 182 61.58 22.56 64.46
N THR Q 183 60.35 23.05 64.33
CA THR Q 183 60.08 24.36 63.75
C THR Q 183 60.22 25.45 64.81
N LEU Q 184 60.52 26.66 64.35
CA LEU Q 184 60.64 27.79 65.27
C LEU Q 184 59.33 28.12 65.94
N ARG Q 185 58.23 28.07 65.19
CA ARG Q 185 56.92 28.35 65.77
C ARG Q 185 56.52 27.28 66.78
N GLN Q 186 56.79 26.01 66.46
CA GLN Q 186 56.52 24.94 67.41
C GLN Q 186 57.37 25.08 68.67
N THR Q 187 58.63 25.51 68.50
CA THR Q 187 59.48 25.73 69.67
C THR Q 187 58.97 26.86 70.53
N ALA Q 188 58.49 27.95 69.91
CA ALA Q 188 57.92 29.05 70.68
C ALA Q 188 56.64 28.61 71.40
N GLU Q 189 55.83 27.77 70.75
CA GLU Q 189 54.63 27.25 71.39
C GLU Q 189 54.99 26.39 72.61
N ARG Q 190 55.97 25.50 72.44
CA ARG Q 190 56.43 24.68 73.57
C ARG Q 190 56.98 25.57 74.68
N THR Q 191 57.66 26.66 74.31
CA THR Q 191 58.17 27.59 75.31
C THR Q 191 57.04 28.22 76.11
N LEU Q 192 56.07 28.84 75.44
CA LEU Q 192 54.97 29.47 76.13
C LEU Q 192 54.10 28.46 76.88
N ALA Q 193 54.18 27.18 76.52
CA ALA Q 193 53.39 26.17 77.24
C ALA Q 193 54.11 25.64 78.46
N THR Q 194 55.44 25.50 78.41
CA THR Q 194 56.19 24.87 79.49
C THR Q 194 56.89 25.89 80.40
N LEU Q 195 57.68 26.80 79.82
CA LEU Q 195 58.42 27.76 80.63
C LEU Q 195 57.48 28.68 81.40
N SER Q 196 56.32 29.02 80.83
CA SER Q 196 55.37 29.88 81.51
C SER Q 196 54.66 29.16 82.65
N GLU Q 197 54.56 27.83 82.59
CA GLU Q 197 54.00 27.02 83.66
C GLU Q 197 52.55 27.41 83.96
N ASN Q 198 51.77 27.64 82.91
CA ASN Q 198 50.37 28.02 83.07
C ASN Q 198 49.62 27.76 81.77
N ASN Q 199 48.30 27.73 81.88
CA ASN Q 199 47.42 27.62 80.72
C ASN Q 199 47.18 29.02 80.18
N MET Q 200 47.86 29.35 79.08
CA MET Q 200 47.82 30.69 78.51
C MET Q 200 47.46 30.60 77.03
N GLU Q 201 46.61 31.51 76.58
CA GLU Q 201 46.13 31.54 75.21
C GLU Q 201 46.95 32.56 74.42
N ALA Q 202 47.82 32.07 73.55
CA ALA Q 202 48.68 32.91 72.73
C ALA Q 202 48.26 32.83 71.27
N LYS Q 203 48.28 33.97 70.59
CA LYS Q 203 47.88 34.08 69.19
C LYS Q 203 49.06 34.58 68.38
N PHE Q 204 49.65 33.71 67.57
CA PHE Q 204 50.76 34.10 66.71
C PHE Q 204 50.25 34.83 65.48
N LEU Q 205 51.01 35.83 65.06
CA LEU Q 205 50.60 36.65 63.91
C LEU Q 205 50.98 35.99 62.59
N GLY Q 206 52.27 35.78 62.37
CA GLY Q 206 52.74 35.20 61.13
C GLY Q 206 53.81 34.16 61.38
N ASN Q 207 53.97 33.27 60.39
CA ASN Q 207 54.95 32.20 60.52
C ASN Q 207 56.37 32.70 60.35
N ALA Q 208 56.55 33.82 59.63
CA ALA Q 208 57.88 34.36 59.42
C ALA Q 208 58.42 34.98 60.70
N PRO Q 209 59.74 34.98 60.90
CA PRO Q 209 60.31 35.59 62.10
C PRO Q 209 60.08 37.09 62.12
N CYS Q 210 60.20 37.66 63.32
CA CYS Q 210 60.03 39.10 63.51
C CYS Q 210 61.35 39.83 63.66
N GLY Q 211 62.35 39.21 64.27
CA GLY Q 211 63.67 39.82 64.37
C GLY Q 211 64.75 38.76 64.35
N HIS Q 212 65.93 39.15 63.88
CA HIS Q 212 67.08 38.27 63.82
C HIS Q 212 68.30 38.96 64.40
N TYR Q 213 69.05 38.25 65.22
CA TYR Q 213 70.27 38.82 65.80
C TYR Q 213 71.35 37.75 65.90
N LYS Q 214 72.56 38.09 65.47
CA LYS Q 214 73.69 37.16 65.51
C LYS Q 214 74.78 37.68 66.43
N PHE Q 215 75.50 36.74 67.05
CA PHE Q 215 76.65 37.07 67.89
C PHE Q 215 77.64 35.92 67.81
N LYS Q 216 78.92 36.26 67.60
CA LYS Q 216 79.98 35.27 67.44
C LYS Q 216 80.94 35.34 68.62
N PHE Q 217 81.47 34.19 69.00
CA PHE Q 217 82.38 34.11 70.13
C PHE Q 217 83.83 34.09 69.65
N LEU Q 227 82.91 30.14 65.64
CA LEU Q 227 81.76 29.86 66.49
C LEU Q 227 80.81 31.05 66.52
N GLY Q 228 79.58 30.85 66.03
CA GLY Q 228 78.59 31.89 66.03
C GLY Q 228 77.25 31.36 66.53
N ALA Q 229 76.34 32.30 66.78
CA ALA Q 229 75.00 31.94 67.23
C ALA Q 229 74.01 32.96 66.70
N LYS Q 230 72.77 32.51 66.51
CA LYS Q 230 71.69 33.31 65.94
C LYS Q 230 70.45 33.12 66.79
N VAL Q 231 69.71 34.21 66.98
CA VAL Q 231 68.48 34.20 67.76
C VAL Q 231 67.38 34.84 66.93
N PHE Q 232 66.23 34.17 66.89
CA PHE Q 232 65.08 34.58 66.08
C PHE Q 232 63.94 34.95 67.03
N PHE Q 233 63.57 36.21 67.04
CA PHE Q 233 62.50 36.72 67.89
C PHE Q 233 61.18 36.64 67.12
N PHE Q 234 60.22 35.91 67.68
CA PHE Q 234 58.88 35.79 67.13
C PHE Q 234 57.88 36.48 68.05
N LYS Q 235 56.98 37.27 67.48
CA LYS Q 235 55.97 37.97 68.25
C LYS Q 235 54.70 37.13 68.35
N ALA Q 236 54.04 37.23 69.51
CA ALA Q 236 52.77 36.57 69.75
C ALA Q 236 51.89 37.50 70.58
N LEU Q 237 50.58 37.28 70.47
CA LEU Q 237 49.60 38.10 71.17
C LEU Q 237 48.98 37.30 72.31
N LEU Q 238 48.64 37.99 73.40
CA LEU Q 238 48.05 37.36 74.56
C LEU Q 238 46.52 37.44 74.46
N LEU Q 239 45.88 36.27 74.38
CA LEU Q 239 44.43 36.20 74.35
C LEU Q 239 43.84 36.07 75.76
N THR Q 240 44.37 35.15 76.56
CA THR Q 240 43.92 34.97 77.93
C THR Q 240 45.10 34.54 78.78
N GLY Q 241 45.45 35.35 79.77
CA GLY Q 241 46.55 35.04 80.66
C GLY Q 241 46.09 34.52 82.00
N ASP Q 242 46.20 33.21 82.20
CA ASP Q 242 45.82 32.56 83.45
C ASP Q 242 47.09 31.96 84.05
N PHE Q 243 47.81 32.77 84.83
CA PHE Q 243 49.09 32.38 85.38
C PHE Q 243 48.92 31.89 86.82
N SER Q 244 49.36 30.66 87.08
CA SER Q 244 49.31 30.09 88.42
C SER Q 244 50.64 30.33 89.14
N GLN Q 245 50.57 30.39 90.46
CA GLN Q 245 51.72 30.64 91.32
C GLN Q 245 52.42 31.96 90.94
N ALA Q 246 51.68 33.06 91.10
CA ALA Q 246 52.22 34.36 90.77
C ALA Q 246 53.29 34.82 91.75
N GLY Q 247 53.37 34.19 92.92
CA GLY Q 247 54.37 34.55 93.91
C GLY Q 247 55.55 33.60 93.93
N LYS Q 248 55.91 33.06 92.77
CA LYS Q 248 57.04 32.15 92.68
C LYS Q 248 58.35 32.94 92.58
N LYS Q 249 59.46 32.20 92.63
CA LYS Q 249 60.78 32.81 92.51
C LYS Q 249 61.11 33.23 91.08
N GLY Q 250 60.34 32.77 90.09
CA GLY Q 250 60.54 33.20 88.72
C GLY Q 250 60.16 34.65 88.52
N HIS Q 251 61.14 35.51 88.28
CA HIS Q 251 60.91 36.94 88.15
C HIS Q 251 60.48 37.24 86.72
N HIS Q 252 59.16 37.28 86.51
CA HIS Q 252 58.56 37.65 85.23
C HIS Q 252 57.87 38.99 85.39
N VAL Q 253 58.17 39.92 84.47
CA VAL Q 253 57.71 41.30 84.58
C VAL Q 253 56.99 41.67 83.28
N TRP Q 254 55.81 42.26 83.41
CA TRP Q 254 55.12 42.89 82.30
C TRP Q 254 55.56 44.35 82.22
N VAL Q 255 56.18 44.71 81.10
CA VAL Q 255 56.88 45.99 80.98
C VAL Q 255 56.46 46.68 79.69
N SER Q 256 56.43 48.01 79.71
CA SER Q 256 56.10 48.81 78.54
C SER Q 256 57.39 49.24 77.85
N LYS Q 257 57.27 50.15 76.87
CA LYS Q 257 58.42 50.56 76.06
C LYS Q 257 59.47 51.31 76.90
N GLU Q 258 59.03 52.25 77.73
CA GLU Q 258 59.97 53.09 78.46
C GLU Q 258 60.78 52.27 79.46
N GLU Q 259 60.10 51.61 80.40
CA GLU Q 259 60.80 50.78 81.36
C GLU Q 259 61.49 49.59 80.68
N LEU Q 260 61.01 49.17 79.51
CA LEU Q 260 61.69 48.13 78.75
C LEU Q 260 63.08 48.60 78.33
N GLY Q 261 63.15 49.78 77.71
CA GLY Q 261 64.44 50.34 77.37
C GLY Q 261 65.28 50.66 78.59
N ASP Q 262 64.63 50.98 79.71
CA ASP Q 262 65.38 51.24 80.94
C ASP Q 262 66.03 49.98 81.48
N TYR Q 263 65.33 48.85 81.39
CA TYR Q 263 65.86 47.59 81.94
C TYR Q 263 66.86 46.94 81.01
N LEU Q 264 66.52 46.82 79.72
CA LEU Q 264 67.37 46.08 78.79
C LEU Q 264 68.65 46.85 78.53
N LYS Q 265 69.74 46.39 79.12
CA LYS Q 265 71.06 47.00 78.96
C LYS Q 265 71.77 46.63 77.66
N PRO Q 266 71.87 45.36 77.27
CA PRO Q 266 72.75 45.01 76.15
C PRO Q 266 72.14 45.43 74.82
N LYS Q 267 73.00 45.53 73.81
CA LYS Q 267 72.56 45.96 72.49
C LYS Q 267 71.77 44.89 71.76
N TYR Q 268 71.90 43.62 72.16
CA TYR Q 268 71.16 42.56 71.49
C TYR Q 268 69.68 42.62 71.84
N LEU Q 269 69.35 43.03 73.05
CA LEU Q 269 67.97 43.19 73.46
C LEU Q 269 67.49 44.64 73.37
N ALA Q 270 68.40 45.60 73.29
CA ALA Q 270 68.03 47.01 73.16
C ALA Q 270 67.52 47.35 71.76
N GLN Q 271 67.60 46.42 70.82
CA GLN Q 271 67.12 46.63 69.46
C GLN Q 271 65.77 45.98 69.21
N VAL Q 272 65.09 45.52 70.26
CA VAL Q 272 63.74 44.99 70.09
C VAL Q 272 62.76 46.11 69.74
N ARG Q 273 63.05 47.33 70.17
CA ARG Q 273 62.22 48.47 69.83
C ARG Q 273 62.32 48.86 68.36
N ARG Q 274 63.26 48.26 67.62
CA ARG Q 274 63.35 48.51 66.19
C ARG Q 274 62.12 47.98 65.48
N PHE Q 275 61.69 46.77 65.80
CA PHE Q 275 60.49 46.18 65.24
C PHE Q 275 59.31 46.19 66.20
N LEU Q 276 59.50 46.69 67.42
CA LEU Q 276 58.40 46.83 68.35
C LEU Q 276 57.66 48.15 68.09
N LEU Q 277 56.33 48.09 68.13
CA LEU Q 277 55.52 49.28 67.88
C LEU Q 277 55.72 50.30 68.98
N ASP Q 278 55.69 51.58 68.62
CA ASP Q 278 55.86 52.64 69.59
C ASP Q 278 54.55 52.98 70.29
N LEU Q 279 53.44 52.93 69.55
CA LEU Q 279 52.12 53.26 70.07
C LEU Q 279 52.08 54.67 70.66
N TYR R 105 50.13 53.54 8.43
CA TYR R 105 50.12 52.45 7.46
C TYR R 105 50.90 51.27 8.01
N ARG R 106 50.74 50.10 7.39
CA ARG R 106 51.37 48.90 7.91
C ARG R 106 52.84 48.83 7.52
N SER R 107 53.18 49.25 6.30
CA SER R 107 54.57 49.19 5.84
C SER R 107 55.38 50.40 6.30
N LYS R 108 54.82 51.28 7.11
CA LYS R 108 55.60 52.41 7.57
C LYS R 108 56.27 52.12 8.90
N PRO R 109 57.42 52.73 9.17
CA PRO R 109 58.09 52.51 10.45
C PRO R 109 57.29 52.95 11.66
N THR R 110 56.37 53.91 11.49
CA THR R 110 55.54 54.40 12.59
C THR R 110 54.26 53.61 12.75
N HIS R 111 54.24 52.35 12.31
CA HIS R 111 53.03 51.55 12.38
C HIS R 111 52.68 51.21 13.82
N GLY R 112 51.39 51.23 14.12
CA GLY R 112 50.93 50.89 15.46
C GLY R 112 51.21 51.95 16.51
N ILE R 113 51.35 53.21 16.12
CA ILE R 113 51.60 54.26 17.10
C ILE R 113 50.35 54.63 17.87
N GLY R 114 49.17 54.47 17.27
CA GLY R 114 47.91 54.68 17.94
C GLY R 114 47.41 53.49 18.74
N ARG R 115 48.22 52.45 18.88
CA ARG R 115 47.83 51.25 19.60
C ARG R 115 47.68 51.57 21.09
N TYR R 116 46.48 51.38 21.62
CA TYR R 116 46.20 51.68 23.02
C TYR R 116 45.46 50.58 23.77
N LYS R 117 44.76 49.68 23.07
CA LYS R 117 43.98 48.66 23.76
C LYS R 117 44.83 47.71 24.60
N HIS R 118 46.12 47.60 24.30
CA HIS R 118 47.00 46.78 25.13
C HIS R 118 47.42 47.49 26.41
N LEU R 119 46.98 48.73 26.62
CA LEU R 119 47.31 49.49 27.80
C LEU R 119 46.21 49.48 28.86
N VAL R 120 44.97 49.15 28.46
CA VAL R 120 43.84 49.11 29.38
C VAL R 120 43.00 47.88 29.05
N LYS R 121 42.47 47.24 30.09
CA LYS R 121 41.65 46.05 29.94
C LYS R 121 40.25 46.35 30.45
N ALA R 122 39.30 46.47 29.53
CA ALA R 122 37.89 46.74 29.88
C ALA R 122 37.04 45.93 28.90
N GLN R 123 36.67 44.72 29.31
CA GLN R 123 35.90 43.82 28.46
C GLN R 123 34.67 43.30 29.18
N VAL R 134 38.49 33.65 43.45
CA VAL R 134 39.93 33.71 43.61
C VAL R 134 40.41 32.63 44.58
N ARG R 135 41.09 31.61 44.05
CA ARG R 135 41.61 30.54 44.87
C ARG R 135 42.97 30.91 45.44
N PRO R 136 43.32 30.38 46.62
CA PRO R 136 44.63 30.69 47.20
C PRO R 136 45.76 30.16 46.32
N ILE R 137 46.73 31.02 46.05
CA ILE R 137 47.91 30.67 45.27
C ILE R 137 49.02 30.38 46.27
N ASN R 138 49.12 29.12 46.69
CA ASN R 138 50.09 28.69 47.70
C ASN R 138 51.20 27.90 47.01
N LEU R 139 52.42 28.44 47.07
CA LEU R 139 53.59 27.78 46.50
C LEU R 139 54.67 27.51 47.53
N GLY R 140 54.37 27.65 48.80
CA GLY R 140 55.36 27.41 49.85
C GLY R 140 56.18 28.61 50.26
N THR R 141 56.85 29.24 49.29
CA THR R 141 57.65 30.43 49.56
C THR R 141 56.89 31.73 49.26
N ASP R 142 56.25 31.82 48.09
CA ASP R 142 55.38 32.95 47.78
C ASP R 142 53.93 32.57 48.06
N TYR R 143 53.63 32.49 49.36
CA TYR R 143 52.31 32.07 49.84
C TYR R 143 51.35 33.24 49.66
N GLU R 144 50.91 33.43 48.42
CA GLU R 144 49.98 34.50 48.07
C GLU R 144 48.57 33.90 48.02
N TYR R 145 47.94 33.85 49.19
CA TYR R 145 46.62 33.26 49.31
C TYR R 145 45.57 34.14 48.61
N GLY R 146 44.33 33.65 48.60
CA GLY R 146 43.26 34.30 47.88
C GLY R 146 42.75 35.57 48.52
N VAL R 147 41.53 35.98 48.15
CA VAL R 147 40.96 37.23 48.63
C VAL R 147 40.56 37.08 50.10
N LEU R 148 40.64 38.18 50.82
CA LEU R 148 40.36 38.23 52.25
C LEU R 148 39.33 39.29 52.57
N ASN R 149 38.43 38.97 53.49
CA ASN R 149 37.39 39.89 53.95
C ASN R 149 37.76 40.38 55.34
N ILE R 150 37.84 41.70 55.50
CA ILE R 150 38.04 42.34 56.79
C ILE R 150 36.70 42.93 57.21
N HIS R 151 36.12 42.38 58.28
CA HIS R 151 34.85 42.83 58.83
C HIS R 151 35.11 43.68 60.05
N LEU R 152 34.50 44.87 60.06
CA LEU R 152 34.54 45.77 61.22
C LEU R 152 33.11 45.92 61.72
N ILE R 153 32.84 45.40 62.91
CA ILE R 153 31.50 45.38 63.48
C ILE R 153 31.47 46.37 64.63
N ALA R 154 30.45 47.23 64.64
CA ALA R 154 30.38 48.24 65.69
C ALA R 154 28.93 48.70 65.86
N TYR R 155 28.61 49.12 67.08
CA TYR R 155 27.31 49.71 67.35
C TYR R 155 27.21 51.16 66.87
N ASP R 156 28.34 51.81 66.64
CA ASP R 156 28.37 53.20 66.18
C ASP R 156 28.61 53.19 64.67
N MET R 157 27.60 53.60 63.91
CA MET R 157 27.71 53.65 62.46
C MET R 157 28.81 54.62 62.03
N ALA R 158 28.88 55.78 62.69
CA ALA R 158 29.89 56.77 62.33
C ALA R 158 31.30 56.23 62.54
N LEU R 159 31.53 55.59 63.69
CA LEU R 159 32.86 55.03 63.97
C LEU R 159 33.18 53.88 63.03
N ALA R 160 32.17 53.06 62.69
CA ALA R 160 32.40 51.98 61.74
C ALA R 160 32.82 52.54 60.38
N GLU R 161 32.11 53.55 59.88
CA GLU R 161 32.47 54.16 58.61
C GLU R 161 33.85 54.80 58.69
N SER R 162 34.17 55.43 59.82
CA SER R 162 35.47 56.07 59.96
C SER R 162 36.60 55.06 59.90
N TYR R 163 36.46 53.95 60.62
CA TYR R 163 37.54 52.96 60.60
C TYR R 163 37.59 52.21 59.28
N ALA R 164 36.45 52.06 58.59
CA ALA R 164 36.47 51.50 57.25
C ALA R 164 37.25 52.41 56.30
N GLN R 165 37.00 53.72 56.39
CA GLN R 165 37.76 54.67 55.59
C GLN R 165 39.25 54.59 55.92
N TYR R 166 39.58 54.47 57.20
CA TYR R 166 40.98 54.40 57.61
C TYR R 166 41.66 53.16 57.04
N VAL R 167 41.00 52.00 57.14
CA VAL R 167 41.63 50.78 56.66
C VAL R 167 41.70 50.77 55.14
N HIS R 168 40.73 51.36 54.45
CA HIS R 168 40.80 51.43 52.99
C HIS R 168 41.95 52.34 52.55
N ASN R 169 42.11 53.48 53.22
CA ASN R 169 43.23 54.36 52.91
C ASN R 169 44.57 53.69 53.22
N LEU R 170 44.62 52.92 54.31
CA LEU R 170 45.86 52.21 54.65
C LEU R 170 46.19 51.16 53.59
N CYS R 171 45.19 50.44 53.10
CA CYS R 171 45.42 49.49 52.02
C CYS R 171 45.91 50.19 50.76
N ASN R 172 45.25 51.30 50.39
CA ASN R 172 45.64 52.03 49.20
C ASN R 172 47.05 52.59 49.33
N HIS R 173 47.47 52.92 50.55
CA HIS R 173 48.84 53.40 50.75
C HIS R 173 49.85 52.26 50.70
N LEU R 174 49.53 51.12 51.30
CA LEU R 174 50.41 49.96 51.30
C LEU R 174 50.33 49.17 49.99
N ALA R 175 49.56 49.66 49.02
CA ALA R 175 49.49 49.07 47.68
C ALA R 175 48.92 47.66 47.71
N ILE R 176 47.95 47.42 48.57
CA ILE R 176 47.21 46.16 48.61
C ILE R 176 45.97 46.33 47.76
N LYS R 177 45.81 45.47 46.76
CA LYS R 177 44.69 45.58 45.82
C LYS R 177 43.38 45.34 46.55
N VAL R 178 42.60 46.40 46.71
CA VAL R 178 41.29 46.30 47.38
C VAL R 178 40.28 45.76 46.38
N GLU R 179 39.78 44.56 46.63
CA GLU R 179 38.75 44.00 45.76
C GLU R 179 37.45 44.81 45.82
N GLU R 180 37.02 45.16 47.03
CA GLU R 180 35.76 45.88 47.17
C GLU R 180 35.70 46.48 48.57
N SER R 181 34.71 47.35 48.79
CA SER R 181 34.46 47.93 50.11
C SER R 181 32.96 48.15 50.22
N TYR R 182 32.27 47.28 50.96
CA TYR R 182 30.83 47.31 51.07
C TYR R 182 30.42 47.24 52.54
N ALA R 183 29.10 47.16 52.76
CA ALA R 183 28.53 47.11 54.10
C ALA R 183 27.54 45.97 54.20
N MET R 184 27.51 45.31 55.35
CA MET R 184 26.54 44.26 55.62
C MET R 184 25.25 44.87 56.15
N PRO R 185 24.11 44.22 55.92
CA PRO R 185 22.84 44.78 56.40
C PRO R 185 22.83 44.90 57.92
N THR R 186 22.28 46.01 58.40
CA THR R 186 22.27 46.28 59.83
C THR R 186 21.31 45.35 60.55
N LYS R 187 21.82 44.70 61.60
CA LYS R 187 21.02 43.81 62.44
C LYS R 187 20.60 44.58 63.68
N THR R 188 19.31 44.87 63.79
CA THR R 188 18.77 45.66 64.89
C THR R 188 18.23 44.70 65.96
N MET R 189 18.92 44.63 67.08
CA MET R 189 18.49 43.83 68.22
C MET R 189 17.65 44.68 69.16
N GLU R 190 16.58 44.09 69.69
CA GLU R 190 15.65 44.77 70.58
C GLU R 190 15.92 44.33 72.02
N VAL R 191 16.15 45.29 72.89
CA VAL R 191 16.50 45.02 74.28
C VAL R 191 15.22 44.93 75.10
N LEU R 192 14.99 43.77 75.71
CA LEU R 192 13.85 43.56 76.60
C LEU R 192 14.42 43.20 77.98
N GLN R 193 14.36 44.15 78.91
CA GLN R 193 14.88 43.95 80.25
C GLN R 193 13.77 43.47 81.17
N LEU R 194 14.12 42.60 82.12
CA LEU R 194 13.16 42.08 83.08
C LEU R 194 12.85 43.17 84.10
N GLN R 195 11.59 43.58 84.15
CA GLN R 195 11.18 44.61 85.10
C GLN R 195 11.31 44.10 86.53
N GLU R 196 11.45 45.03 87.47
CA GLU R 196 11.61 44.68 88.87
C GLU R 196 10.44 43.83 89.36
N GLN R 197 10.70 43.06 90.42
CA GLN R 197 9.79 42.06 90.99
C GLN R 197 9.50 40.91 90.03
N GLY R 198 10.19 40.84 88.90
CA GLY R 198 10.07 39.72 87.99
C GLY R 198 8.73 39.68 87.26
N SER R 199 8.60 38.65 86.42
CA SER R 199 7.38 38.36 85.67
C SER R 199 6.99 39.51 84.76
N LYS R 200 7.97 40.05 84.05
CA LYS R 200 7.75 41.12 83.08
C LYS R 200 9.01 41.32 82.27
N MET R 201 8.81 41.67 80.99
CA MET R 201 9.91 41.99 80.07
C MET R 201 9.51 43.25 79.32
N PHE R 202 10.09 44.39 79.70
CA PHE R 202 9.76 45.68 79.11
C PHE R 202 10.87 46.14 78.18
N LEU R 203 10.48 46.88 77.14
CA LEU R 203 11.43 47.37 76.16
C LEU R 203 12.32 48.45 76.78
N ASP R 204 13.64 48.27 76.65
CA ASP R 204 14.60 49.21 77.19
C ASP R 204 15.12 50.16 76.11
N ALA R 205 15.68 49.60 75.04
CA ALA R 205 16.23 50.40 73.94
C ALA R 205 16.40 49.49 72.73
N VAL R 206 16.88 50.09 71.64
CA VAL R 206 17.16 49.36 70.40
C VAL R 206 18.58 49.71 69.97
N LEU R 207 19.31 48.72 69.48
CA LEU R 207 20.71 48.88 69.07
C LEU R 207 20.85 48.47 67.61
N THR R 208 21.43 49.36 66.80
CA THR R 208 21.69 49.10 65.40
C THR R 208 23.18 48.75 65.25
N THR R 209 23.46 47.48 65.01
CA THR R 209 24.82 46.98 64.85
C THR R 209 25.18 47.00 63.37
N HIS R 210 26.18 47.80 63.00
CA HIS R 210 26.62 47.93 61.63
C HIS R 210 27.92 47.18 61.42
N GLU R 211 28.17 46.83 60.15
CA GLU R 211 29.35 46.06 59.78
C GLU R 211 29.84 46.51 58.43
N ARG R 212 31.12 46.86 58.35
CA ARG R 212 31.76 47.30 57.12
C ARG R 212 32.81 46.28 56.71
N VAL R 213 32.71 45.77 55.48
CA VAL R 213 33.57 44.70 55.01
C VAL R 213 34.39 45.22 53.83
N VAL R 214 35.71 45.14 53.96
CA VAL R 214 36.63 45.47 52.88
C VAL R 214 37.29 44.19 52.41
N GLN R 215 37.21 43.93 51.12
CA GLN R 215 37.77 42.72 50.51
C GLN R 215 39.03 43.10 49.76
N ILE R 216 40.16 42.52 50.17
CA ILE R 216 41.44 42.71 49.52
C ILE R 216 41.78 41.45 48.74
N SER R 217 42.68 41.58 47.76
CA SER R 217 42.96 40.49 46.84
C SER R 217 44.13 39.62 47.30
N GLY R 218 45.31 40.22 47.43
CA GLY R 218 46.51 39.46 47.73
C GLY R 218 47.27 40.03 48.90
N LEU R 219 48.04 39.16 49.55
CA LEU R 219 48.83 39.52 50.71
C LEU R 219 49.78 38.38 51.04
N SER R 220 50.99 38.73 51.45
CA SER R 220 52.00 37.76 51.82
C SER R 220 51.99 37.54 53.34
N ALA R 221 52.83 36.61 53.80
CA ALA R 221 52.83 36.25 55.22
C ALA R 221 53.36 37.38 56.09
N THR R 222 54.56 37.88 55.78
CA THR R 222 55.16 38.94 56.58
C THR R 222 54.32 40.21 56.54
N PHE R 223 53.91 40.62 55.34
CA PHE R 223 53.09 41.82 55.23
C PHE R 223 51.74 41.64 55.88
N ALA R 224 51.20 40.42 55.88
CA ALA R 224 49.94 40.16 56.57
C ALA R 224 50.11 40.29 58.07
N GLU R 225 51.21 39.77 58.61
CA GLU R 225 51.50 39.93 60.02
C GLU R 225 51.60 41.41 60.39
N ILE R 226 52.35 42.17 59.59
CA ILE R 226 52.51 43.60 59.88
C ILE R 226 51.18 44.33 59.77
N PHE R 227 50.35 43.95 58.78
CA PHE R 227 49.07 44.60 58.59
C PHE R 227 48.12 44.32 59.75
N LEU R 228 48.05 43.06 60.19
CA LEU R 228 47.23 42.73 61.35
C LEU R 228 47.72 43.43 62.61
N GLU R 229 49.05 43.52 62.77
CA GLU R 229 49.62 44.25 63.90
C GLU R 229 49.17 45.71 63.89
N ILE R 230 49.29 46.37 62.73
CA ILE R 230 48.91 47.78 62.63
C ILE R 230 47.41 47.95 62.89
N ILE R 231 46.58 47.04 62.37
CA ILE R 231 45.15 47.18 62.54
C ILE R 231 44.76 47.00 64.01
N HIS R 232 45.28 45.96 64.66
CA HIS R 232 44.97 45.74 66.06
C HIS R 232 45.60 46.81 66.95
N SER R 233 46.62 47.52 66.47
CA SER R 233 47.16 48.65 67.21
C SER R 233 46.25 49.87 67.10
N ASN R 234 45.83 50.21 65.89
CA ASN R 234 44.97 51.37 65.66
C ASN R 234 43.49 51.06 65.83
N LEU R 235 43.16 49.91 66.38
CA LEU R 235 41.77 49.52 66.56
C LEU R 235 41.09 50.42 67.59
N PRO R 236 39.98 51.08 67.25
CA PRO R 236 39.30 51.95 68.23
C PRO R 236 38.57 51.17 69.30
N GLU R 237 37.81 51.89 70.14
CA GLU R 237 37.03 51.25 71.20
C GLU R 237 35.68 50.80 70.67
N GLY R 238 35.20 49.67 71.19
CA GLY R 238 33.89 49.15 70.82
C GLY R 238 33.76 48.70 69.38
N VAL R 239 34.79 48.05 68.84
CA VAL R 239 34.76 47.54 67.48
C VAL R 239 35.32 46.12 67.49
N LYS R 240 34.68 45.24 66.73
CA LYS R 240 35.14 43.86 66.56
C LYS R 240 35.75 43.72 65.17
N LEU R 241 36.97 43.17 65.13
CA LEU R 241 37.70 42.95 63.89
C LEU R 241 37.66 41.47 63.54
N SER R 242 37.36 41.15 62.28
CA SER R 242 37.31 39.77 61.83
C SER R 242 37.98 39.67 60.47
N VAL R 243 39.17 39.08 60.43
CA VAL R 243 39.91 38.90 59.19
C VAL R 243 39.72 37.46 58.74
N ARG R 244 38.79 37.24 57.82
CA ARG R 244 38.43 35.90 57.35
C ARG R 244 38.72 35.80 55.86
N GLU R 245 38.47 34.60 55.32
CA GLU R 245 38.64 34.35 53.90
C GLU R 245 37.29 34.37 53.20
N HIS R 246 37.26 34.96 52.01
CA HIS R 246 36.01 35.13 51.26
C HIS R 246 35.54 33.76 50.77
N THR R 247 34.44 33.28 51.33
CA THR R 247 33.84 32.00 50.95
C THR R 247 32.46 32.25 50.37
N GLU R 248 31.86 31.17 49.84
CA GLU R 248 30.49 31.27 49.32
C GLU R 248 29.52 31.64 50.42
N GLU R 249 29.78 31.21 51.66
CA GLU R 249 28.91 31.59 52.76
C GLU R 249 28.89 33.10 52.97
N ASP R 250 30.07 33.71 53.09
CA ASP R 250 30.13 35.16 53.27
C ASP R 250 29.64 35.90 52.03
N PHE R 251 29.78 35.28 50.85
CA PHE R 251 29.30 35.94 49.63
C PHE R 251 27.78 35.94 49.56
N LYS R 252 27.15 34.84 49.98
CA LYS R 252 25.69 34.78 50.00
C LYS R 252 25.09 35.45 51.23
N GLY R 253 25.92 35.76 52.24
CA GLY R 253 25.41 36.49 53.39
C GLY R 253 24.80 37.83 53.04
N ARG R 254 25.42 38.55 52.10
CA ARG R 254 24.90 39.85 51.66
C ARG R 254 23.98 39.68 50.45
N PHE R 255 23.02 38.76 50.60
CA PHE R 255 22.02 38.50 49.58
C PHE R 255 20.68 38.34 50.28
N LYS R 256 19.65 38.00 49.52
CA LYS R 256 18.33 37.74 50.06
C LYS R 256 18.13 36.24 50.26
N ALA R 257 16.97 35.87 50.77
CA ALA R 257 16.62 34.47 50.99
C ALA R 257 16.00 33.89 49.73
N ARG R 258 16.04 32.56 49.61
CA ARG R 258 15.44 31.86 48.49
C ARG R 258 14.26 31.03 48.97
N PRO R 259 13.09 31.62 49.17
CA PRO R 259 11.96 30.87 49.73
C PRO R 259 11.48 29.76 48.81
N GLU R 260 11.23 30.11 47.55
CA GLU R 260 10.75 29.15 46.57
C GLU R 260 11.80 28.06 46.33
N LEU R 261 13.07 28.45 46.26
CA LEU R 261 14.12 27.46 46.02
C LEU R 261 14.26 26.51 47.20
N GLU R 262 14.18 27.02 48.44
CA GLU R 262 14.30 26.15 49.59
C GLU R 262 13.08 25.25 49.75
N GLU R 263 11.90 25.74 49.39
CA GLU R 263 10.72 24.87 49.41
C GLU R 263 10.81 23.80 48.33
N LEU R 264 11.38 24.14 47.18
CA LEU R 264 11.60 23.14 46.14
C LEU R 264 12.59 22.08 46.61
N LEU R 265 13.67 22.49 47.27
CA LEU R 265 14.61 21.54 47.84
C LEU R 265 13.94 20.66 48.88
N ALA R 266 13.07 21.24 49.71
CA ALA R 266 12.37 20.47 50.73
C ALA R 266 11.45 19.44 50.12
N LYS R 267 10.67 19.81 49.10
CA LYS R 267 9.77 18.85 48.48
C LYS R 267 10.51 17.85 47.61
N LEU R 268 11.74 18.17 47.17
CA LEU R 268 12.53 17.18 46.45
C LEU R 268 13.13 16.16 47.41
N ASN R 269 13.68 16.62 48.53
CA ASN R 269 14.28 15.72 49.51
C ASN R 269 13.24 15.13 50.44
N GLU S 34 -23.83 100.28 -55.82
CA GLU S 34 -23.55 100.87 -54.52
C GLU S 34 -22.05 101.00 -54.29
N TYR S 35 -21.31 101.24 -55.37
CA TYR S 35 -19.86 101.36 -55.29
C TYR S 35 -19.49 102.71 -54.69
N PRO S 36 -18.60 102.75 -53.70
CA PRO S 36 -18.22 104.02 -53.10
C PRO S 36 -17.34 104.84 -54.02
N SER S 37 -17.33 106.15 -53.79
CA SER S 37 -16.53 107.06 -54.59
C SER S 37 -15.11 107.16 -54.04
N PHE S 38 -14.17 107.48 -54.92
CA PHE S 38 -12.76 107.57 -54.56
C PHE S 38 -12.16 108.83 -55.21
N VAL S 39 -11.10 109.34 -54.58
CA VAL S 39 -10.38 110.51 -55.07
C VAL S 39 -9.00 110.07 -55.55
N GLU S 40 -8.59 110.59 -56.69
CA GLU S 40 -7.31 110.23 -57.31
C GLU S 40 -6.45 111.48 -57.40
N SER S 41 -5.31 111.46 -56.71
CA SER S 41 -4.37 112.58 -56.71
C SER S 41 -2.95 112.05 -56.72
N VAL S 42 -2.03 112.90 -57.16
CA VAL S 42 -0.61 112.56 -57.20
C VAL S 42 0.16 113.56 -56.34
N ASP S 43 -0.50 114.07 -55.29
CA ASP S 43 0.12 115.05 -54.42
C ASP S 43 0.93 114.41 -53.30
N GLU S 44 0.44 113.32 -52.72
CA GLU S 44 1.11 112.66 -51.61
C GLU S 44 1.90 111.43 -52.06
N TYR S 45 2.22 111.33 -53.35
CA TYR S 45 2.97 110.18 -53.85
C TYR S 45 4.45 110.25 -53.50
N HIS S 46 4.96 111.41 -53.07
CA HIS S 46 6.37 111.51 -52.72
C HIS S 46 6.69 110.79 -51.42
N PHE S 47 5.69 110.47 -50.61
CA PHE S 47 5.94 109.70 -49.40
C PHE S 47 6.25 108.25 -49.71
N VAL S 48 5.77 107.75 -50.86
CA VAL S 48 6.03 106.36 -51.22
C VAL S 48 7.47 106.18 -51.66
N GLU S 49 8.09 107.22 -52.22
CA GLU S 49 9.48 107.12 -52.65
C GLU S 49 10.44 106.91 -51.49
N ARG S 50 10.01 107.18 -50.25
CA ARG S 50 10.85 106.95 -49.10
C ARG S 50 10.87 105.49 -48.68
N LEU S 51 9.83 104.74 -49.03
CA LEU S 51 9.69 103.35 -48.61
C LEU S 51 10.36 102.37 -49.55
N LEU S 52 10.93 102.83 -50.66
CA LEU S 52 11.58 101.94 -51.63
C LEU S 52 13.02 101.72 -51.21
N PRO S 53 13.41 100.51 -50.82
CA PRO S 53 14.81 100.25 -50.47
C PRO S 53 15.68 100.22 -51.70
N PRO S 54 16.90 100.75 -51.61
CA PRO S 54 17.79 100.73 -52.77
C PRO S 54 18.36 99.34 -53.03
N ALA S 55 18.52 99.02 -54.30
CA ALA S 55 19.10 97.73 -54.70
C ALA S 55 20.62 97.77 -54.81
N SER S 56 21.21 98.96 -54.76
CA SER S 56 22.66 99.11 -54.79
C SER S 56 23.15 99.65 -53.46
N ILE S 57 24.46 99.55 -53.25
CA ILE S 57 25.08 99.97 -52.00
C ILE S 57 25.48 101.44 -52.13
N PRO S 58 25.03 102.32 -51.25
CA PRO S 58 25.41 103.73 -51.36
C PRO S 58 26.84 103.95 -50.89
N ARG S 59 27.54 104.85 -51.58
CA ARG S 59 28.90 105.17 -51.20
C ARG S 59 28.90 105.95 -49.88
N PRO S 60 29.95 105.80 -49.08
CA PRO S 60 30.04 106.55 -47.82
C PRO S 60 30.25 108.03 -48.09
N PRO S 61 29.42 108.88 -47.51
CA PRO S 61 29.58 110.33 -47.74
C PRO S 61 30.91 110.82 -47.20
N LYS S 62 31.44 111.85 -47.84
CA LYS S 62 32.74 112.39 -47.46
C LYS S 62 32.60 113.27 -46.23
N HIS S 63 33.42 113.01 -45.21
CA HIS S 63 33.41 113.77 -43.98
C HIS S 63 34.59 114.74 -43.93
N GLU S 64 34.58 115.59 -42.92
CA GLU S 64 35.65 116.57 -42.73
C GLU S 64 36.73 116.10 -41.76
N HIS S 65 36.47 115.05 -40.98
CA HIS S 65 37.43 114.55 -40.02
C HIS S 65 37.48 113.03 -40.09
N TYR S 66 38.69 112.49 -40.26
CA TYR S 66 38.89 111.06 -40.33
C TYR S 66 39.80 110.59 -39.21
N PRO S 67 39.53 109.43 -38.60
CA PRO S 67 38.39 108.56 -38.94
C PRO S 67 37.09 109.01 -38.29
N THR S 68 35.97 108.48 -38.79
CA THR S 68 34.67 108.77 -38.20
C THR S 68 34.59 108.17 -36.80
N PRO S 69 33.67 108.67 -35.96
CA PRO S 69 33.50 108.08 -34.62
C PRO S 69 33.21 106.59 -34.63
N SER S 70 32.76 106.04 -35.76
CA SER S 70 32.53 104.60 -35.87
C SER S 70 33.80 103.82 -36.15
N GLY S 71 34.97 104.48 -36.14
CA GLY S 71 36.22 103.82 -36.42
C GLY S 71 36.49 103.55 -37.89
N TRP S 72 35.54 103.84 -38.78
CA TRP S 72 35.74 103.60 -40.20
C TRP S 72 36.67 104.65 -40.78
N GLN S 73 37.59 104.20 -41.63
CA GLN S 73 38.57 105.10 -42.25
C GLN S 73 38.77 104.67 -43.70
N PRO S 74 38.68 105.59 -44.65
CA PRO S 74 38.85 105.23 -46.06
C PRO S 74 40.33 105.05 -46.39
N PRO S 75 40.64 104.33 -47.47
CA PRO S 75 42.05 104.16 -47.86
C PRO S 75 42.65 105.44 -48.39
N ARG S 76 43.94 105.39 -48.75
CA ARG S 76 44.58 106.55 -49.34
C ARG S 76 44.20 106.69 -50.81
N ASP S 77 44.28 107.93 -51.31
CA ASP S 77 43.93 108.17 -52.70
C ASP S 77 44.87 107.47 -53.67
N PRO S 78 46.20 107.57 -53.54
CA PRO S 78 47.08 106.79 -54.41
C PRO S 78 47.29 105.39 -53.88
N ALA S 79 47.63 104.48 -54.80
CA ALA S 79 47.85 103.11 -54.36
C ALA S 79 49.32 102.88 -54.05
N PRO S 80 49.62 102.17 -52.97
CA PRO S 80 51.02 101.92 -52.62
C PRO S 80 51.68 101.00 -53.65
N SER S 81 53.02 101.02 -53.63
CA SER S 81 53.83 100.27 -54.58
C SER S 81 54.07 98.82 -54.15
N LEU S 82 53.29 98.31 -53.19
CA LEU S 82 53.47 96.94 -52.75
C LEU S 82 52.96 95.98 -53.82
N PRO S 83 53.57 94.80 -53.95
CA PRO S 83 53.17 93.81 -54.95
C PRO S 83 51.91 93.03 -54.57
N TYR S 84 50.91 93.74 -54.07
CA TYR S 84 49.62 93.16 -53.67
C TYR S 84 48.71 94.30 -53.27
N PHE S 85 47.40 94.01 -53.27
CA PHE S 85 46.39 95.00 -52.93
C PHE S 85 45.26 94.30 -52.19
N VAL S 86 45.00 94.73 -50.96
CA VAL S 86 43.91 94.19 -50.15
C VAL S 86 42.66 94.99 -50.51
N ARG S 87 41.85 94.43 -51.41
CA ARG S 87 40.65 95.11 -51.85
C ARG S 87 39.64 95.19 -50.71
N ARG S 88 39.03 96.37 -50.53
CA ARG S 88 38.06 96.56 -49.48
C ARG S 88 36.82 95.70 -49.72
N SER S 89 35.98 95.61 -48.69
CA SER S 89 34.75 94.86 -48.79
C SER S 89 33.72 95.62 -49.64
N ARG S 90 32.66 94.90 -50.03
CA ARG S 90 31.55 95.55 -50.73
C ARG S 90 30.84 96.55 -49.84
N MET S 91 30.96 96.40 -48.52
CA MET S 91 30.45 97.36 -47.55
C MET S 91 31.50 98.37 -47.12
N HIS S 92 32.62 98.44 -47.86
CA HIS S 92 33.72 99.36 -47.56
C HIS S 92 34.34 99.06 -46.19
N ASN S 93 34.77 97.81 -46.03
CA ASN S 93 35.43 97.37 -44.82
C ASN S 93 36.63 96.50 -45.20
N ILE S 94 37.35 96.03 -44.18
CA ILE S 94 38.56 95.26 -44.39
C ILE S 94 38.21 93.78 -44.45
N PRO S 95 38.70 93.04 -45.45
CA PRO S 95 38.36 91.60 -45.58
C PRO S 95 39.23 90.72 -44.70
N VAL S 96 39.25 91.03 -43.40
CA VAL S 96 39.98 90.24 -42.41
C VAL S 96 38.97 89.75 -41.39
N TYR S 97 38.76 88.44 -41.35
CA TYR S 97 37.75 87.85 -40.49
C TYR S 97 38.38 86.74 -39.66
N ARG S 98 37.60 86.24 -38.70
CA ARG S 98 37.98 85.09 -37.90
C ARG S 98 37.11 83.90 -38.27
N ASP S 99 37.65 82.70 -38.03
CA ASP S 99 36.96 81.47 -38.38
C ASP S 99 37.23 80.43 -37.31
N ILE S 100 36.20 79.64 -37.01
CA ILE S 100 36.28 78.58 -36.01
C ILE S 100 35.93 77.26 -36.67
N THR S 101 36.74 76.24 -36.39
CA THR S 101 36.53 74.90 -36.92
C THR S 101 36.85 73.88 -35.84
N HIS S 102 36.04 72.83 -35.78
CA HIS S 102 36.08 71.80 -34.74
C HIS S 102 35.70 72.35 -33.36
N GLY S 103 35.23 73.60 -33.29
CA GLY S 103 34.91 74.22 -32.02
C GLY S 103 36.09 74.68 -31.20
N ASN S 104 37.32 74.33 -31.59
CA ASN S 104 38.50 74.77 -30.86
C ASN S 104 39.63 75.27 -31.75
N ARG S 105 39.55 75.08 -33.06
CA ARG S 105 40.58 75.55 -33.98
C ARG S 105 40.22 76.95 -34.46
N GLN S 106 41.06 77.92 -34.12
CA GLN S 106 40.80 79.32 -34.42
C GLN S 106 41.78 79.78 -35.50
N MET S 107 41.25 80.40 -36.56
CA MET S 107 42.07 80.94 -37.63
C MET S 107 41.63 82.37 -37.95
N THR S 108 42.53 83.10 -38.60
CA THR S 108 42.22 84.43 -39.11
C THR S 108 42.46 84.42 -40.62
N VAL S 109 41.43 84.80 -41.37
CA VAL S 109 41.43 84.71 -42.83
C VAL S 109 41.41 86.11 -43.42
N ILE S 110 42.34 86.37 -44.33
CA ILE S 110 42.43 87.61 -45.08
C ILE S 110 42.10 87.28 -46.54
N ARG S 111 41.12 87.96 -47.10
CA ARG S 111 40.62 87.67 -48.44
C ARG S 111 40.87 88.87 -49.36
N LYS S 112 40.54 88.66 -50.64
CA LYS S 112 40.64 89.69 -51.67
C LYS S 112 42.06 90.23 -51.79
N VAL S 113 42.97 89.33 -52.18
CA VAL S 113 44.38 89.66 -52.38
C VAL S 113 44.67 89.55 -53.87
N GLU S 114 45.11 90.65 -54.47
CA GLU S 114 45.39 90.72 -55.90
C GLU S 114 46.85 91.11 -56.08
N GLY S 115 47.69 90.14 -56.42
CA GLY S 115 49.10 90.35 -56.62
C GLY S 115 49.89 89.18 -56.06
N ASP S 116 51.15 89.45 -55.73
CA ASP S 116 52.03 88.43 -55.17
C ASP S 116 51.68 88.23 -53.71
N ILE S 117 51.04 87.09 -53.40
CA ILE S 117 50.60 86.83 -52.04
C ILE S 117 51.75 86.41 -51.14
N TRP S 118 52.87 85.97 -51.71
CA TRP S 118 54.00 85.55 -50.90
C TRP S 118 54.63 86.75 -50.19
N ALA S 119 54.68 87.91 -50.85
CA ALA S 119 55.16 89.10 -50.19
C ALA S 119 54.24 89.50 -49.04
N LEU S 120 52.93 89.35 -49.22
CA LEU S 120 52.00 89.64 -48.15
C LEU S 120 52.19 88.67 -46.98
N GLN S 121 52.45 87.39 -47.29
CA GLN S 121 52.73 86.42 -46.23
C GLN S 121 53.99 86.78 -45.48
N LYS S 122 55.03 87.19 -46.19
CA LYS S 122 56.27 87.64 -45.55
C LYS S 122 56.00 88.82 -44.63
N ASP S 123 55.23 89.80 -45.11
CA ASP S 123 54.92 90.97 -44.29
C ASP S 123 54.13 90.57 -43.05
N VAL S 124 53.15 89.69 -43.21
CA VAL S 124 52.32 89.29 -42.07
C VAL S 124 53.14 88.53 -41.04
N GLU S 125 54.00 87.62 -41.49
CA GLU S 125 54.80 86.85 -40.53
C GLU S 125 55.83 87.75 -39.85
N ASP S 126 56.40 88.72 -40.57
CA ASP S 126 57.33 89.65 -39.93
C ASP S 126 56.60 90.56 -38.94
N PHE S 127 55.34 90.88 -39.21
CA PHE S 127 54.57 91.71 -38.30
C PHE S 127 54.12 90.94 -37.07
N LEU S 128 53.89 89.63 -37.20
CA LEU S 128 53.42 88.83 -36.08
C LEU S 128 54.53 88.12 -35.34
N SER S 129 55.76 88.14 -35.85
CA SER S 129 56.88 87.50 -35.14
C SER S 129 57.09 88.07 -33.74
N PRO S 130 57.21 89.39 -33.54
CA PRO S 130 57.41 89.89 -32.17
C PRO S 130 56.19 89.72 -31.28
N LEU S 131 55.02 89.39 -31.85
CA LEU S 131 53.82 89.22 -31.04
C LEU S 131 53.88 87.92 -30.24
N LEU S 132 54.28 86.82 -30.88
CA LEU S 132 54.36 85.53 -30.22
C LEU S 132 55.78 85.03 -30.03
N GLY S 133 56.78 85.76 -30.52
CA GLY S 133 58.15 85.30 -30.43
C GLY S 133 58.52 84.18 -31.37
N LYS S 134 57.65 83.83 -32.31
CA LYS S 134 57.90 82.74 -33.23
C LYS S 134 57.07 82.96 -34.50
N THR S 135 57.40 82.20 -35.52
CA THR S 135 56.72 82.32 -36.80
C THR S 135 55.32 81.72 -36.72
N PRO S 136 54.26 82.48 -36.97
CA PRO S 136 52.92 81.91 -36.94
C PRO S 136 52.65 81.04 -38.15
N VAL S 137 51.81 80.03 -37.96
CA VAL S 137 51.48 79.12 -39.04
C VAL S 137 50.59 79.82 -40.05
N THR S 138 50.96 79.74 -41.32
CA THR S 138 50.26 80.44 -42.40
C THR S 138 49.97 79.47 -43.53
N GLN S 139 48.80 79.63 -44.14
CA GLN S 139 48.40 78.89 -45.33
C GLN S 139 48.04 79.89 -46.42
N VAL S 140 48.54 79.65 -47.63
CA VAL S 140 48.38 80.57 -48.74
C VAL S 140 47.57 79.86 -49.83
N ASN S 141 46.29 80.19 -49.93
CA ASN S 141 45.48 79.72 -51.05
C ASN S 141 45.67 80.71 -52.19
N GLU S 142 46.52 80.33 -53.16
CA GLU S 142 46.93 81.27 -54.19
C GLU S 142 45.88 81.45 -55.27
N VAL S 143 45.22 80.36 -55.69
CA VAL S 143 44.20 80.47 -56.72
C VAL S 143 43.00 81.26 -56.22
N THR S 144 42.79 81.28 -54.90
CA THR S 144 41.71 82.05 -54.31
C THR S 144 42.17 83.45 -53.91
N GLY S 145 43.45 83.63 -53.63
CA GLY S 145 43.94 84.89 -53.11
C GLY S 145 43.56 85.06 -51.66
N THR S 146 43.93 84.09 -50.83
CA THR S 146 43.51 84.06 -49.44
C THR S 146 44.68 83.67 -48.55
N LEU S 147 44.81 84.36 -47.42
CA LEU S 147 45.79 84.02 -46.40
C LEU S 147 45.06 83.54 -45.16
N ARG S 148 45.60 82.52 -44.50
CA ARG S 148 44.98 81.95 -43.31
C ARG S 148 46.05 81.74 -42.25
N VAL S 149 46.04 82.58 -41.22
CA VAL S 149 47.02 82.48 -40.15
C VAL S 149 46.36 81.81 -38.96
N LYS S 150 47.18 81.12 -38.16
CA LYS S 150 46.68 80.38 -37.00
C LYS S 150 46.58 81.31 -35.80
N GLY S 151 45.36 81.55 -35.33
CA GLY S 151 45.12 82.38 -34.17
C GLY S 151 44.03 83.38 -34.42
N TYR S 152 43.79 84.22 -33.41
CA TYR S 152 42.80 85.30 -33.46
C TYR S 152 43.56 86.62 -33.49
N PHE S 153 43.91 87.06 -34.70
CA PHE S 153 44.65 88.30 -34.90
C PHE S 153 43.89 89.26 -35.80
N ASP S 154 42.56 89.19 -35.77
CA ASP S 154 41.74 89.98 -36.70
C ASP S 154 41.90 91.47 -36.43
N GLN S 155 41.82 91.88 -35.16
CA GLN S 155 41.92 93.31 -34.84
C GLN S 155 43.31 93.85 -35.15
N GLN S 156 44.36 93.09 -34.81
CA GLN S 156 45.72 93.54 -35.08
C GLN S 156 45.98 93.63 -36.58
N LEU S 157 45.46 92.68 -37.36
CA LEU S 157 45.65 92.73 -38.81
C LEU S 157 44.86 93.88 -39.43
N LYS S 158 43.66 94.16 -38.89
CA LYS S 158 42.92 95.33 -39.35
C LYS S 158 43.70 96.60 -39.08
N ALA S 159 44.27 96.74 -37.88
CA ALA S 159 45.07 97.92 -37.57
C ALA S 159 46.29 98.03 -38.47
N TRP S 160 46.94 96.88 -38.75
CA TRP S 160 48.13 96.89 -39.60
C TRP S 160 47.78 97.30 -41.02
N LEU S 161 46.66 96.79 -41.56
CA LEU S 161 46.26 97.19 -42.90
C LEU S 161 45.81 98.65 -42.95
N LEU S 162 45.19 99.14 -41.88
CA LEU S 162 44.85 100.56 -41.83
C LEU S 162 46.10 101.43 -41.82
N GLU S 163 47.14 100.99 -41.10
CA GLU S 163 48.40 101.72 -41.10
C GLU S 163 49.05 101.68 -42.48
N LYS S 164 48.98 100.54 -43.16
CA LYS S 164 49.55 100.43 -44.49
C LYS S 164 48.71 101.09 -45.57
N GLY S 165 47.48 101.46 -45.27
CA GLY S 165 46.63 102.12 -46.24
C GLY S 165 46.00 101.19 -47.24
N PHE S 166 45.18 100.26 -46.77
CA PHE S 166 44.49 99.31 -47.64
C PHE S 166 43.00 99.26 -47.32
N LEU T 90 33.87 88.97 -104.64
CA LEU T 90 33.94 88.26 -103.36
C LEU T 90 34.92 87.09 -103.44
N VAL T 91 36.21 87.40 -103.40
CA VAL T 91 37.27 86.40 -103.49
C VAL T 91 37.91 86.25 -102.11
N CYS T 92 38.23 85.02 -101.74
CA CYS T 92 38.88 84.76 -100.46
C CYS T 92 40.39 84.89 -100.62
N PRO T 93 41.03 85.84 -99.95
CA PRO T 93 42.48 86.01 -100.10
C PRO T 93 43.22 84.89 -99.38
N PRO T 94 44.46 84.61 -99.79
CA PRO T 94 45.24 83.55 -99.14
C PRO T 94 45.53 83.89 -97.68
N ILE T 95 45.74 82.84 -96.89
CA ILE T 95 46.00 82.98 -95.46
C ILE T 95 47.50 82.97 -95.22
N GLN T 96 47.98 83.92 -94.44
CA GLN T 96 49.39 83.97 -94.10
C GLN T 96 49.73 82.89 -93.08
N SER T 97 50.99 82.47 -93.06
CA SER T 97 51.44 81.44 -92.14
C SER T 97 51.75 81.97 -90.75
N ARG T 98 51.49 83.24 -90.48
CA ARG T 98 51.70 83.88 -89.18
C ARG T 98 53.15 83.77 -88.72
N THR T 99 54.10 83.60 -89.63
CA THR T 99 55.51 83.60 -89.28
C THR T 99 56.02 85.03 -89.23
N TYR T 100 57.06 85.25 -88.43
CA TYR T 100 57.59 86.59 -88.19
C TYR T 100 59.08 86.52 -87.97
N ILE T 101 59.82 87.38 -88.67
CA ILE T 101 61.27 87.49 -88.53
C ILE T 101 61.61 88.96 -88.38
N PRO T 102 62.30 89.36 -87.31
CA PRO T 102 62.63 90.78 -87.12
C PRO T 102 63.64 91.25 -88.16
N PRO T 103 63.32 92.30 -88.90
CA PRO T 103 64.23 92.80 -89.93
C PRO T 103 65.32 93.69 -89.33
N GLU T 104 66.11 94.28 -90.23
CA GLU T 104 67.21 95.15 -89.83
C GLU T 104 66.80 96.61 -89.73
N ASP T 105 65.70 97.01 -90.37
CA ASP T 105 65.23 98.39 -90.38
C ASP T 105 64.16 98.63 -89.33
N LEU T 106 64.10 97.78 -88.29
CA LEU T 106 63.02 97.84 -87.32
C LEU T 106 63.05 99.15 -86.53
N GLN T 107 64.24 99.54 -86.05
CA GLN T 107 64.34 100.75 -85.23
C GLN T 107 63.95 101.99 -86.02
N SER T 108 64.48 102.12 -87.24
CA SER T 108 64.18 103.30 -88.05
C SER T 108 62.71 103.32 -88.45
N ARG T 109 62.15 102.16 -88.81
CA ARG T 109 60.73 102.11 -89.13
C ARG T 109 59.87 102.51 -87.94
N LEU T 110 60.24 102.04 -86.74
CA LEU T 110 59.47 102.38 -85.56
C LEU T 110 59.57 103.86 -85.24
N GLU T 111 60.76 104.46 -85.40
CA GLU T 111 60.89 105.90 -85.18
C GLU T 111 60.07 106.68 -86.18
N SER T 112 60.08 106.26 -87.46
CA SER T 112 59.29 106.96 -88.46
C SER T 112 57.80 106.85 -88.18
N HIS T 113 57.35 105.67 -87.74
CA HIS T 113 55.93 105.49 -87.40
C HIS T 113 55.56 106.35 -86.20
N VAL T 114 56.43 106.41 -85.18
CA VAL T 114 56.16 107.25 -84.03
C VAL T 114 56.04 108.71 -84.45
N LYS T 115 56.95 109.17 -85.31
CA LYS T 115 56.90 110.55 -85.78
C LYS T 115 55.60 110.82 -86.53
N GLU T 116 55.25 109.95 -87.49
CA GLU T 116 54.06 110.20 -88.31
C GLU T 116 52.76 110.00 -87.54
N VAL T 117 52.79 109.30 -86.41
CA VAL T 117 51.58 109.11 -85.62
C VAL T 117 51.44 110.14 -84.50
N PHE T 118 52.54 110.74 -84.04
CA PHE T 118 52.47 111.77 -83.02
C PHE T 118 52.39 113.18 -83.59
N GLY T 119 53.14 113.48 -84.65
CA GLY T 119 53.12 114.81 -85.22
C GLY T 119 53.67 115.90 -84.33
N SER T 120 54.45 115.54 -83.32
CA SER T 120 55.05 116.50 -82.40
C SER T 120 56.58 116.35 -82.43
N SER T 121 57.23 117.11 -81.58
CA SER T 121 58.69 117.04 -81.49
C SER T 121 59.11 115.75 -80.79
N VAL T 122 60.17 115.13 -81.31
CA VAL T 122 60.69 113.89 -80.76
C VAL T 122 61.56 114.23 -79.55
N PRO T 123 61.19 113.77 -78.35
CA PRO T 123 61.99 114.10 -77.15
C PRO T 123 63.31 113.34 -77.10
N SER T 124 64.05 113.52 -76.00
CA SER T 124 65.32 112.82 -75.85
C SER T 124 65.14 111.31 -75.75
N ASN T 125 64.03 110.87 -75.17
CA ASN T 125 63.71 109.45 -75.03
C ASN T 125 62.50 109.16 -75.90
N TRP T 126 62.73 108.61 -77.08
CA TRP T 126 61.66 108.33 -78.02
C TRP T 126 60.90 107.04 -77.71
N GLN T 127 61.42 106.21 -76.81
CA GLN T 127 60.78 104.94 -76.47
C GLN T 127 60.09 104.97 -75.11
N ASP T 128 60.29 106.01 -74.31
CA ASP T 128 59.69 106.11 -72.98
C ASP T 128 58.35 106.80 -72.98
N ILE T 129 57.87 107.25 -74.14
CA ILE T 129 56.57 107.93 -74.20
C ILE T 129 55.45 106.92 -73.99
N SER T 130 54.45 107.30 -73.22
CA SER T 130 53.31 106.43 -72.96
C SER T 130 52.30 106.53 -74.08
N LEU T 131 51.40 105.55 -74.14
CA LEU T 131 50.35 105.48 -75.15
C LEU T 131 48.96 105.52 -74.51
N GLU T 132 48.78 106.40 -73.51
CA GLU T 132 47.48 106.52 -72.86
C GLU T 132 46.43 107.10 -73.78
N ASP T 133 46.84 107.85 -74.82
CA ASP T 133 45.89 108.36 -75.80
C ASP T 133 45.39 107.22 -76.66
N VAL T 134 44.09 106.93 -76.56
CA VAL T 134 43.52 105.78 -77.25
C VAL T 134 43.61 105.95 -78.76
N HIS T 135 43.30 107.15 -79.26
CA HIS T 135 43.39 107.40 -80.70
C HIS T 135 44.81 107.17 -81.20
N LEU T 136 45.79 107.79 -80.55
CA LEU T 136 47.18 107.68 -81.00
C LEU T 136 47.67 106.25 -80.93
N LYS T 137 47.37 105.55 -79.83
CA LYS T 137 47.85 104.18 -79.69
C LYS T 137 47.20 103.27 -80.72
N PHE T 138 45.89 103.41 -80.94
CA PHE T 138 45.22 102.59 -81.93
C PHE T 138 45.79 102.82 -83.32
N SER T 139 45.96 104.09 -83.71
CA SER T 139 46.49 104.38 -85.03
C SER T 139 47.92 103.87 -85.18
N PHE T 140 48.73 104.04 -84.13
CA PHE T 140 50.12 103.59 -84.19
C PHE T 140 50.21 102.08 -84.35
N LEU T 141 49.45 101.34 -83.54
CA LEU T 141 49.47 99.88 -83.64
C LEU T 141 48.89 99.41 -84.97
N ALA T 142 47.87 100.09 -85.47
CA ALA T 142 47.28 99.70 -86.76
C ALA T 142 48.28 99.89 -87.89
N ARG T 143 49.00 101.02 -87.89
CA ARG T 143 50.00 101.23 -88.93
C ARG T 143 51.15 100.25 -88.80
N LEU T 144 51.58 99.95 -87.57
CA LEU T 144 52.63 98.97 -87.38
C LEU T 144 52.22 97.60 -87.91
N ALA T 145 50.98 97.19 -87.63
CA ALA T 145 50.49 95.90 -88.10
C ALA T 145 50.40 95.87 -89.62
N ASN T 146 49.79 96.91 -90.21
CA ASN T 146 49.66 96.95 -91.66
C ASN T 146 51.00 97.06 -92.37
N ASP T 147 52.04 97.54 -91.69
CA ASP T 147 53.35 97.65 -92.32
C ASP T 147 54.19 96.39 -92.14
N LEU T 148 54.15 95.75 -90.97
CA LEU T 148 55.00 94.61 -90.68
C LEU T 148 54.29 93.27 -90.81
N ARG T 149 53.02 93.26 -91.24
CA ARG T 149 52.26 92.02 -91.45
C ARG T 149 52.17 91.19 -90.17
N HIS T 150 52.16 91.85 -89.01
CA HIS T 150 52.07 91.15 -87.73
C HIS T 150 51.38 92.07 -86.73
N ALA T 151 50.23 91.65 -86.22
CA ALA T 151 49.42 92.45 -85.32
C ALA T 151 49.55 91.93 -83.89
N VAL T 152 49.40 92.85 -82.94
CA VAL T 152 49.46 92.50 -81.52
C VAL T 152 48.16 91.81 -81.13
N PRO T 153 48.21 90.69 -80.41
CA PRO T 153 46.98 89.99 -80.03
C PRO T 153 46.15 90.82 -79.06
N ASN T 154 44.94 90.31 -78.80
CA ASN T 154 43.97 91.02 -77.97
C ASN T 154 44.33 91.02 -76.49
N SER T 155 45.28 90.19 -76.06
CA SER T 155 45.59 90.06 -74.64
C SER T 155 46.68 91.03 -74.19
N ARG T 156 47.77 91.14 -74.95
CA ARG T 156 48.90 91.97 -74.55
C ARG T 156 48.64 93.46 -74.71
N LEU T 157 47.45 93.86 -75.16
CA LEU T 157 47.17 95.27 -75.33
C LEU T 157 47.07 96.01 -74.00
N HIS T 158 46.84 95.29 -72.90
CA HIS T 158 46.88 95.94 -71.59
C HIS T 158 48.31 96.12 -71.10
N GLN T 159 49.21 95.22 -71.50
CA GLN T 159 50.62 95.39 -71.16
C GLN T 159 51.30 96.43 -72.04
N MET T 160 50.81 96.62 -73.26
CA MET T 160 51.41 97.60 -74.17
C MET T 160 51.14 99.00 -73.66
N CYS T 161 52.13 99.59 -72.99
CA CYS T 161 52.04 100.97 -72.50
C CYS T 161 53.07 101.87 -73.15
N ARG T 162 54.34 101.49 -73.12
CA ARG T 162 55.42 102.26 -73.70
C ARG T 162 55.77 101.71 -75.09
N VAL T 163 56.54 102.50 -75.83
CA VAL T 163 57.05 102.02 -77.11
C VAL T 163 58.09 100.94 -76.88
N ARG T 164 58.72 100.94 -75.71
CA ARG T 164 59.69 99.89 -75.38
C ARG T 164 59.03 98.51 -75.34
N ASP T 165 57.80 98.45 -74.85
CA ASP T 165 57.09 97.17 -74.80
C ASP T 165 56.81 96.65 -76.21
N VAL T 166 56.35 97.53 -77.10
CA VAL T 166 56.10 97.12 -78.48
C VAL T 166 57.40 96.71 -79.15
N LEU T 167 58.50 97.40 -78.84
CA LEU T 167 59.79 97.05 -79.43
C LEU T 167 60.24 95.67 -78.96
N ASP T 168 60.12 95.39 -77.66
CA ASP T 168 60.50 94.08 -77.14
C ASP T 168 59.57 92.99 -77.65
N PHE T 169 58.31 93.32 -77.94
CA PHE T 169 57.40 92.33 -78.50
C PHE T 169 57.77 92.00 -79.94
N TYR T 170 58.13 93.02 -80.72
CA TYR T 170 58.52 92.79 -82.11
C TYR T 170 59.96 92.31 -82.26
N ASN T 171 60.75 92.32 -81.19
CA ASN T 171 62.11 91.80 -81.26
C ASN T 171 62.17 90.28 -81.09
N VAL T 172 61.14 89.66 -80.54
CA VAL T 172 61.09 88.22 -80.36
C VAL T 172 60.22 87.61 -81.45
N PRO T 173 60.73 86.68 -82.24
CA PRO T 173 59.94 86.09 -83.33
C PRO T 173 58.90 85.12 -82.78
N VAL T 174 58.08 84.61 -83.69
CA VAL T 174 57.04 83.62 -83.36
C VAL T 174 56.99 82.59 -84.48
N GLN T 175 57.06 81.32 -84.11
CA GLN T 175 57.01 80.21 -85.05
C GLN T 175 55.66 79.51 -84.94
N ASP T 176 54.96 79.41 -86.07
CA ASP T 176 53.64 78.78 -86.07
C ASP T 176 53.72 77.27 -86.27
N ARG T 177 54.88 76.75 -86.66
CA ARG T 177 55.03 75.31 -86.83
C ARG T 177 54.92 74.60 -85.48
N SER T 178 54.34 73.40 -85.51
CA SER T 178 54.18 72.61 -84.31
C SER T 178 55.50 71.92 -83.95
N LYS T 179 55.49 71.19 -82.83
CA LYS T 179 56.69 70.48 -82.41
C LYS T 179 57.07 69.38 -83.39
N PHE T 180 56.09 68.77 -84.04
CA PHE T 180 56.39 67.74 -85.05
C PHE T 180 57.15 68.34 -86.22
N ASP T 181 56.65 69.46 -86.75
CA ASP T 181 57.32 70.13 -87.86
C ASP T 181 58.67 70.68 -87.43
N GLU T 182 58.80 71.07 -86.16
CA GLU T 182 60.10 71.55 -85.66
C GLU T 182 61.10 70.41 -85.59
N LEU T 183 60.66 69.23 -85.17
CA LEU T 183 61.57 68.09 -85.04
C LEU T 183 61.90 67.46 -86.38
N ILE T 184 61.00 67.58 -87.36
CA ILE T 184 61.24 66.98 -88.67
C ILE T 184 62.52 67.55 -89.29
N ALA T 185 62.67 68.87 -89.24
CA ALA T 185 63.85 69.55 -89.79
C ALA T 185 64.90 69.84 -88.74
N SER T 186 65.01 69.00 -87.71
CA SER T 186 65.97 69.20 -86.62
C SER T 186 67.18 68.28 -86.75
N ASN T 187 67.57 67.94 -87.97
CA ASN T 187 68.74 67.08 -88.24
C ASN T 187 68.60 65.73 -87.53
N LEU T 188 67.60 64.97 -87.96
CA LEU T 188 67.35 63.67 -87.37
C LEU T 188 68.50 62.71 -87.69
N PRO T 189 68.96 61.94 -86.71
CA PRO T 189 70.05 60.99 -86.95
C PRO T 189 69.64 59.91 -87.94
N HIS T 190 70.61 59.07 -88.31
CA HIS T 190 70.37 58.04 -89.30
C HIS T 190 69.49 56.91 -88.78
N ASN T 191 69.53 56.63 -87.47
CA ASN T 191 68.77 55.53 -86.88
C ASN T 191 67.41 55.98 -86.38
N LEU T 192 66.84 57.04 -86.96
CA LEU T 192 65.53 57.54 -86.56
C LEU T 192 64.73 57.85 -87.81
N LYS T 193 63.61 57.14 -88.00
CA LYS T 193 62.74 57.32 -89.15
C LYS T 193 61.34 57.64 -88.64
N ILE T 194 60.94 58.90 -88.78
CA ILE T 194 59.62 59.37 -88.36
C ILE T 194 58.82 59.73 -89.60
N THR T 195 57.62 59.16 -89.70
CA THR T 195 56.75 59.37 -90.85
C THR T 195 55.40 59.89 -90.39
N TRP T 196 54.87 60.87 -91.11
CA TRP T 196 53.56 61.43 -90.81
C TRP T 196 52.48 60.50 -91.35
N GLY T 197 51.59 60.05 -90.47
CA GLY T 197 50.59 59.08 -90.85
C GLY T 197 49.17 59.62 -90.88
N TYR T 198 49.03 60.94 -91.00
CA TYR T 198 47.71 61.54 -91.09
C TYR T 198 47.48 62.13 -92.48
N PHE U 32 28.70 34.87 -69.60
CA PHE U 32 29.87 35.65 -69.99
C PHE U 32 30.02 35.68 -71.51
N HIS U 33 29.08 35.02 -72.20
CA HIS U 33 29.11 34.95 -73.65
C HIS U 33 28.87 36.33 -74.24
N VAL U 34 29.91 36.92 -74.83
CA VAL U 34 29.78 38.21 -75.49
C VAL U 34 29.45 38.00 -76.96
N ARG U 35 28.97 39.05 -77.60
CA ARG U 35 28.60 38.97 -79.01
C ARG U 35 29.82 38.79 -79.89
N VAL U 36 29.62 38.19 -81.07
CA VAL U 36 30.72 37.79 -81.94
C VAL U 36 30.94 38.76 -83.08
N THR U 37 30.11 39.78 -83.23
CA THR U 37 30.24 40.74 -84.31
C THR U 37 30.39 42.14 -83.76
N LEU U 38 31.10 42.99 -84.50
CA LEU U 38 31.26 44.38 -84.10
C LEU U 38 29.95 45.13 -84.33
N PRO U 39 29.50 45.91 -83.36
CA PRO U 39 28.27 46.69 -83.54
C PRO U 39 28.52 47.89 -84.44
N PRO U 40 27.50 48.38 -85.12
CA PRO U 40 27.68 49.58 -85.95
C PRO U 40 27.97 50.79 -85.09
N ARG U 41 29.09 51.45 -85.37
CA ARG U 41 29.49 52.63 -84.62
C ARG U 41 28.42 53.71 -84.73
N LYS U 42 27.85 54.09 -83.58
CA LYS U 42 26.79 55.09 -83.56
C LYS U 42 27.38 56.45 -83.92
N VAL U 43 27.13 56.90 -85.14
CA VAL U 43 27.65 58.17 -85.62
C VAL U 43 26.72 59.29 -85.18
N VAL U 44 26.96 59.83 -83.99
CA VAL U 44 26.18 60.92 -83.44
C VAL U 44 26.98 62.21 -83.59
N ASP U 45 26.42 63.18 -84.31
CA ASP U 45 27.08 64.47 -84.49
C ASP U 45 26.85 65.33 -83.25
N ARG U 46 27.94 65.80 -82.64
CA ARG U 46 27.85 66.57 -81.42
C ARG U 46 27.57 68.05 -81.67
N TRP U 47 27.11 68.39 -82.87
CA TRP U 47 26.78 69.77 -83.23
C TRP U 47 25.40 69.87 -83.84
N ASN U 48 24.45 69.10 -83.30
CA ASN U 48 23.07 69.20 -83.73
C ASN U 48 22.39 70.34 -82.98
N GLU U 49 21.09 70.50 -83.20
CA GLU U 49 20.37 71.64 -82.65
C GLU U 49 20.35 71.60 -81.13
N LYS U 50 20.04 70.45 -80.54
CA LYS U 50 19.92 70.36 -79.09
C LYS U 50 21.27 70.52 -78.42
N ARG U 51 22.28 69.80 -78.88
CA ARG U 51 23.61 69.91 -78.27
C ARG U 51 24.26 71.25 -78.57
N ALA U 52 23.78 71.99 -79.57
CA ALA U 52 24.30 73.31 -79.86
C ALA U 52 23.65 74.39 -79.00
N MET U 53 22.32 74.35 -78.86
CA MET U 53 21.59 75.31 -78.04
C MET U 53 21.27 74.79 -76.65
N PHE U 54 22.04 73.81 -76.17
CA PHE U 54 21.81 73.28 -74.83
C PHE U 54 22.22 74.30 -73.78
N GLY U 55 21.33 74.54 -72.82
CA GLY U 55 21.61 75.47 -71.75
C GLY U 55 21.87 76.89 -72.20
N VAL U 56 21.23 77.30 -73.31
CA VAL U 56 21.52 78.63 -73.86
C VAL U 56 20.95 79.72 -72.97
N TYR U 57 19.74 79.53 -72.44
CA TYR U 57 19.05 80.54 -71.65
C TYR U 57 19.14 80.27 -70.15
N ASP U 58 20.27 79.71 -69.69
CA ASP U 58 20.41 79.44 -68.26
C ASP U 58 20.59 80.73 -67.46
N ASN U 59 21.21 81.76 -68.06
CA ASN U 59 21.43 83.03 -67.40
C ASN U 59 20.36 84.06 -67.76
N ILE U 60 19.14 83.60 -68.04
CA ILE U 60 18.07 84.51 -68.45
C ILE U 60 17.80 85.53 -67.35
N GLY U 61 17.73 85.07 -66.10
CA GLY U 61 17.49 85.99 -65.01
C GLY U 61 18.62 86.99 -64.82
N ILE U 62 19.85 86.49 -64.71
CA ILE U 62 20.98 87.37 -64.42
C ILE U 62 21.16 88.40 -65.53
N LEU U 63 21.17 87.95 -66.79
CA LEU U 63 21.40 88.83 -67.92
C LEU U 63 20.11 89.33 -68.55
N GLY U 64 19.00 89.30 -67.83
CA GLY U 64 17.75 89.76 -68.41
C GLY U 64 16.83 90.55 -67.51
N ASN U 65 17.38 91.28 -66.53
CA ASN U 65 16.59 92.18 -65.68
C ASN U 65 15.46 91.40 -64.99
N PHE U 66 15.87 90.57 -64.03
CA PHE U 66 15.17 89.36 -63.61
C PHE U 66 13.66 89.52 -63.65
N GLU U 67 13.01 88.68 -64.43
CA GLU U 67 11.57 88.54 -64.52
C GLU U 67 11.12 87.09 -64.40
N LYS U 68 11.90 86.16 -64.96
CA LYS U 68 11.59 84.73 -64.92
C LYS U 68 12.76 84.00 -64.28
N HIS U 69 12.50 83.33 -63.17
CA HIS U 69 13.48 82.45 -62.58
C HIS U 69 13.66 81.24 -63.50
N PRO U 70 14.85 80.62 -63.50
CA PRO U 70 15.08 79.45 -64.36
C PRO U 70 14.15 78.28 -64.09
N LYS U 71 13.28 78.40 -63.08
CA LYS U 71 12.27 77.37 -62.85
C LYS U 71 11.38 77.18 -64.07
N GLU U 72 11.01 78.28 -64.73
CA GLU U 72 10.12 78.20 -65.88
C GLU U 72 10.74 77.46 -67.05
N LEU U 73 12.06 77.33 -67.08
CA LEU U 73 12.75 76.62 -68.15
C LEU U 73 12.69 75.11 -68.00
N ILE U 74 12.32 74.60 -66.83
CA ILE U 74 12.32 73.17 -66.56
C ILE U 74 11.08 72.57 -67.21
N LYS U 75 11.28 71.75 -68.23
CA LYS U 75 10.20 71.04 -68.91
C LYS U 75 10.13 69.62 -68.38
N GLY U 76 8.98 69.24 -67.84
CA GLY U 76 8.79 67.92 -67.30
C GLY U 76 7.47 67.78 -66.57
N PRO U 77 7.44 66.93 -65.54
CA PRO U 77 6.19 66.73 -64.79
C PRO U 77 5.79 67.99 -64.03
N ILE U 78 4.50 68.05 -63.69
CA ILE U 78 3.96 69.23 -63.03
C ILE U 78 4.54 69.36 -61.62
N TRP U 79 4.59 68.26 -60.87
CA TRP U 79 5.01 68.29 -59.48
C TRP U 79 6.53 68.34 -59.32
N LEU U 80 7.27 68.57 -60.39
CA LEU U 80 8.74 68.64 -60.31
C LEU U 80 9.30 69.82 -61.08
N ARG U 81 8.49 70.85 -61.35
CA ARG U 81 8.97 72.05 -62.03
C ARG U 81 9.74 72.89 -61.02
N GLY U 82 11.01 72.54 -60.84
CA GLY U 82 11.87 73.26 -59.92
C GLY U 82 11.68 72.86 -58.48
N TRP U 83 11.92 71.58 -58.17
CA TRP U 83 11.77 71.08 -56.81
C TRP U 83 12.57 69.79 -56.70
N LYS U 84 13.24 69.61 -55.56
CA LYS U 84 14.10 68.46 -55.35
C LYS U 84 13.83 67.88 -53.96
N GLY U 85 13.85 66.56 -53.87
CA GLY U 85 13.65 65.89 -52.60
C GLY U 85 13.83 64.40 -52.74
N ASN U 86 13.78 63.72 -51.60
CA ASN U 86 13.90 62.27 -51.57
C ASN U 86 12.64 61.64 -52.16
N GLU U 87 12.63 60.30 -52.21
CA GLU U 87 11.51 59.60 -52.83
C GLU U 87 10.23 59.79 -52.04
N LEU U 88 10.32 59.78 -50.70
CA LEU U 88 9.13 59.95 -49.89
C LEU U 88 8.51 61.33 -50.10
N GLN U 89 9.35 62.37 -50.10
CA GLN U 89 8.83 63.72 -50.31
C GLN U 89 8.29 63.89 -51.73
N ARG U 90 8.95 63.27 -52.71
CA ARG U 90 8.45 63.33 -54.08
C ARG U 90 7.07 62.67 -54.17
N CYS U 91 6.90 61.51 -53.55
CA CYS U 91 5.60 60.83 -53.60
C CYS U 91 4.54 61.64 -52.86
N ILE U 92 4.90 62.25 -51.73
CA ILE U 92 3.93 63.08 -51.00
C ILE U 92 3.50 64.26 -51.85
N ARG U 93 4.47 64.93 -52.49
CA ARG U 93 4.14 66.08 -53.33
C ARG U 93 3.28 65.65 -54.52
N LYS U 94 3.57 64.49 -55.10
CA LYS U 94 2.78 64.00 -56.22
C LYS U 94 1.34 63.71 -55.80
N LYS U 95 1.17 63.03 -54.65
CA LYS U 95 -0.17 62.75 -54.17
C LYS U 95 -0.92 64.03 -53.81
N ARG U 96 -0.21 65.05 -53.32
CA ARG U 96 -0.90 66.29 -52.98
C ARG U 96 -1.31 67.07 -54.21
N MET U 97 -0.45 67.11 -55.23
CA MET U 97 -0.74 67.92 -56.41
C MET U 97 -1.65 67.18 -57.39
N VAL U 98 -1.19 66.05 -57.92
CA VAL U 98 -1.91 65.33 -58.96
C VAL U 98 -2.48 64.01 -58.44
N GLY U 99 -2.71 63.91 -57.13
CA GLY U 99 -3.24 62.68 -56.57
C GLY U 99 -4.66 62.38 -57.01
N ASN U 100 -5.51 63.40 -57.09
CA ASN U 100 -6.90 63.22 -57.48
C ASN U 100 -7.07 63.05 -58.99
N ARG U 101 -5.98 63.05 -59.75
CA ARG U 101 -6.03 62.85 -61.19
C ARG U 101 -5.48 61.50 -61.63
N MET U 102 -4.81 60.77 -60.75
CA MET U 102 -4.26 59.48 -61.10
C MET U 102 -5.36 58.42 -61.20
N PHE U 103 -5.00 57.27 -61.74
CA PHE U 103 -5.92 56.16 -61.84
C PHE U 103 -6.07 55.46 -60.49
N ILE U 104 -7.01 54.51 -60.43
CA ILE U 104 -7.27 53.82 -59.17
C ILE U 104 -6.07 53.00 -58.74
N ASP U 105 -5.58 52.12 -59.61
CA ASP U 105 -4.45 51.27 -59.25
C ASP U 105 -3.18 52.10 -59.07
N ASP U 106 -3.01 53.16 -59.87
CA ASP U 106 -1.87 54.03 -59.69
C ASP U 106 -1.89 54.69 -58.31
N LEU U 107 -3.04 55.21 -57.91
CA LEU U 107 -3.14 55.84 -56.59
C LEU U 107 -2.95 54.84 -55.47
N HIS U 108 -3.45 53.61 -55.66
CA HIS U 108 -3.24 52.59 -54.63
C HIS U 108 -1.77 52.24 -54.49
N ASN U 109 -1.07 52.08 -55.62
CA ASN U 109 0.36 51.81 -55.57
C ASN U 109 1.12 52.96 -54.94
N LEU U 110 0.69 54.20 -55.23
CA LEU U 110 1.35 55.35 -54.62
C LEU U 110 1.14 55.39 -53.12
N ASN U 111 -0.08 55.06 -52.66
CA ASN U 111 -0.33 55.00 -51.22
C ASN U 111 0.51 53.92 -50.56
N LYS U 112 0.63 52.75 -51.20
CA LYS U 112 1.45 51.69 -50.65
C LYS U 112 2.91 52.11 -50.56
N ARG U 113 3.42 52.77 -51.61
CA ARG U 113 4.80 53.22 -51.60
C ARG U 113 5.02 54.28 -50.52
N ILE U 114 4.05 55.18 -50.35
CA ILE U 114 4.16 56.22 -49.32
C ILE U 114 4.21 55.58 -47.94
N SER U 115 3.33 54.61 -47.68
CA SER U 115 3.32 53.96 -46.38
C SER U 115 4.62 53.20 -46.12
N TYR U 116 5.11 52.49 -47.14
CA TYR U 116 6.34 51.73 -46.99
C TYR U 116 7.52 52.66 -46.70
N LEU U 117 7.64 53.75 -47.48
CA LEU U 117 8.74 54.68 -47.26
C LEU U 117 8.63 55.36 -45.90
N TYR U 118 7.42 55.70 -45.48
CA TYR U 118 7.22 56.28 -44.15
C TYR U 118 7.74 55.33 -43.06
N LYS U 119 7.28 54.07 -43.09
CA LYS U 119 7.73 53.13 -42.06
C LYS U 119 9.23 52.88 -42.14
N HIS U 120 9.78 52.77 -43.35
CA HIS U 120 11.18 52.45 -43.49
C HIS U 120 12.09 53.61 -43.08
N PHE U 121 11.64 54.85 -43.27
CA PHE U 121 12.44 55.99 -42.90
C PHE U 121 12.20 56.46 -41.46
N ASN U 122 11.13 56.00 -40.83
CA ASN U 122 10.89 56.38 -39.44
C ASN U 122 11.22 55.30 -38.43
N ARG U 123 11.26 54.02 -38.84
CA ARG U 123 11.46 52.94 -37.89
C ARG U 123 12.65 52.05 -38.21
N HIS U 124 13.28 52.19 -39.37
CA HIS U 124 14.42 51.38 -39.75
C HIS U 124 15.65 52.26 -39.91
N GLY U 125 16.80 51.60 -40.02
CA GLY U 125 18.08 52.27 -40.19
C GLY U 125 19.10 51.82 -39.18
N LYS U 126 20.32 52.32 -39.37
CA LYS U 126 21.44 52.04 -38.47
C LYS U 126 21.77 53.22 -37.57
N TYR U 127 21.99 54.40 -38.15
CA TYR U 127 22.32 55.57 -37.35
C TYR U 127 21.12 56.12 -36.58
N ARG U 128 19.91 55.66 -36.88
CA ARG U 128 18.70 56.10 -36.20
C ARG U 128 18.51 57.61 -36.30
N ALA V 23 77.89 27.11 -37.79
CA ALA V 23 77.74 27.80 -36.52
C ALA V 23 79.05 28.45 -36.09
N GLY V 24 79.56 28.02 -34.93
CA GLY V 24 80.78 28.58 -34.40
C GLY V 24 80.63 30.00 -33.92
N SER V 25 79.72 30.22 -32.97
CA SER V 25 79.45 31.57 -32.46
C SER V 25 80.29 31.91 -31.24
N GLN V 26 80.42 30.97 -30.30
CA GLN V 26 81.17 31.25 -29.09
C GLN V 26 82.65 31.48 -29.38
N TRP V 27 83.21 30.74 -30.33
CA TRP V 27 84.61 30.95 -30.70
C TRP V 27 84.84 32.34 -31.26
N ARG V 28 83.95 32.78 -32.16
CA ARG V 28 84.08 34.12 -32.71
C ARG V 28 83.89 35.18 -31.62
N LEU V 29 82.95 34.96 -30.70
CA LEU V 29 82.75 35.91 -29.62
C LEU V 29 83.96 36.00 -28.70
N GLN V 30 84.67 34.87 -28.50
CA GLN V 30 85.88 34.91 -27.69
C GLN V 30 87.02 35.57 -28.44
N GLN V 31 87.11 35.34 -29.76
CA GLN V 31 88.18 35.93 -30.54
C GLN V 31 87.98 37.42 -30.79
N GLY V 32 86.74 37.91 -30.73
CA GLY V 32 86.46 39.32 -30.91
C GLY V 32 85.56 39.62 -32.09
N PHE V 33 85.41 38.69 -33.02
CA PHE V 33 84.55 38.90 -34.17
C PHE V 33 83.09 38.93 -33.73
N ALA V 34 82.22 39.27 -34.68
CA ALA V 34 80.78 39.25 -34.41
C ALA V 34 80.27 37.82 -34.35
N ALA V 35 79.14 37.64 -33.67
CA ALA V 35 78.50 36.33 -33.64
C ALA V 35 78.06 35.89 -35.03
N ASN V 36 77.79 36.84 -35.92
CA ASN V 36 77.46 36.56 -37.31
C ASN V 36 78.59 37.06 -38.19
N PRO V 37 79.15 36.21 -39.07
CA PRO V 37 80.24 36.66 -39.93
C PRO V 37 79.90 37.85 -40.83
N SER V 38 78.62 38.18 -40.98
CA SER V 38 78.21 39.34 -41.77
C SER V 38 78.24 40.63 -40.96
N GLY V 39 78.70 40.60 -39.72
CA GLY V 39 78.71 41.77 -38.87
C GLY V 39 80.03 42.50 -38.85
N TYR V 40 80.07 43.69 -39.47
CA TYR V 40 81.22 44.60 -39.48
C TYR V 40 82.51 43.94 -39.92
N GLY V 41 82.44 42.77 -40.54
CA GLY V 41 83.63 42.10 -41.01
C GLY V 41 84.07 42.63 -42.36
N PRO V 42 85.29 42.28 -42.74
CA PRO V 42 85.79 42.69 -44.06
C PRO V 42 85.01 42.10 -45.22
N LEU V 43 84.23 41.04 -44.98
CA LEU V 43 83.36 40.50 -46.02
C LEU V 43 82.16 41.37 -46.30
N THR V 44 81.95 42.44 -45.52
CA THR V 44 80.80 43.30 -45.73
C THR V 44 81.23 44.76 -45.81
N GLU V 45 82.31 45.11 -45.12
CA GLU V 45 82.75 46.50 -45.08
C GLU V 45 83.45 46.93 -46.37
N LEU V 46 84.23 46.05 -46.98
CA LEU V 46 84.95 46.39 -48.19
C LEU V 46 83.98 46.49 -49.37
N PRO V 47 84.30 47.31 -50.37
CA PRO V 47 83.47 47.33 -51.60
C PRO V 47 83.67 46.06 -52.40
N ASP V 48 82.60 45.28 -52.53
CA ASP V 48 82.70 43.97 -53.15
C ASP V 48 82.99 44.02 -54.64
N TRP V 49 82.86 45.19 -55.28
CA TRP V 49 83.11 45.30 -56.71
C TRP V 49 83.65 46.68 -57.03
N SER V 50 84.28 46.78 -58.20
CA SER V 50 84.81 48.04 -58.70
C SER V 50 85.04 47.89 -60.19
N TYR V 51 85.15 49.04 -60.87
CA TYR V 51 85.33 49.03 -62.32
C TYR V 51 86.69 48.45 -62.68
N ALA V 52 86.75 47.81 -63.85
CA ALA V 52 87.99 47.21 -64.31
C ALA V 52 89.04 48.25 -64.66
N ASP V 53 88.63 49.48 -64.98
CA ASP V 53 89.58 50.53 -65.30
C ASP V 53 90.37 50.99 -64.08
N GLY V 54 89.85 50.76 -62.88
CA GLY V 54 90.50 51.14 -61.65
C GLY V 54 89.76 52.18 -60.84
N ARG V 55 88.83 52.91 -61.45
CA ARG V 55 88.09 53.92 -60.71
C ARG V 55 87.14 53.26 -59.72
N PRO V 56 86.99 53.83 -58.52
CA PRO V 56 86.17 53.18 -57.49
C PRO V 56 84.71 53.11 -57.88
N ALA V 57 84.02 52.16 -57.26
CA ALA V 57 82.60 51.92 -57.47
C ALA V 57 81.77 52.76 -56.51
N PRO V 58 80.52 53.06 -56.86
CA PRO V 58 79.65 53.80 -55.95
C PRO V 58 79.43 53.02 -54.67
N PRO V 59 79.34 53.69 -53.53
CA PRO V 59 79.17 52.99 -52.26
C PRO V 59 77.81 52.31 -52.18
N MET V 60 77.71 51.38 -51.22
CA MET V 60 76.52 50.57 -51.05
C MET V 60 75.53 51.25 -50.13
N LYS V 61 74.23 51.03 -50.40
CA LYS V 61 73.19 51.65 -49.58
C LYS V 61 73.20 51.10 -48.16
N GLY V 62 73.37 49.78 -48.02
CA GLY V 62 73.49 49.21 -46.69
C GLY V 62 74.69 49.74 -45.93
N GLN V 63 75.81 49.91 -46.64
CA GLN V 63 77.00 50.46 -46.00
C GLN V 63 76.77 51.90 -45.56
N LEU V 64 76.07 52.69 -46.38
CA LEU V 64 75.75 54.06 -45.99
C LEU V 64 74.85 54.10 -44.77
N ARG V 65 73.83 53.23 -44.73
CA ARG V 65 72.95 53.18 -43.57
C ARG V 65 73.72 52.76 -42.32
N ARG V 66 74.66 51.81 -42.47
CA ARG V 66 75.46 51.38 -41.35
C ARG V 66 76.35 52.50 -40.84
N LYS V 67 76.98 53.25 -41.76
CA LYS V 67 77.78 54.39 -41.35
C LYS V 67 76.93 55.43 -40.63
N ALA V 68 75.71 55.66 -41.12
CA ALA V 68 74.83 56.64 -40.49
C ALA V 68 74.46 56.23 -39.08
N GLN V 69 74.09 54.95 -38.89
CA GLN V 69 73.70 54.50 -37.56
C GLN V 69 74.91 54.46 -36.61
N ARG V 70 76.10 54.13 -37.13
CA ARG V 70 77.30 54.18 -36.29
C ARG V 70 77.60 55.60 -35.87
N GLU V 71 77.46 56.56 -36.78
CA GLU V 71 77.70 57.96 -36.42
C GLU V 71 76.68 58.43 -35.38
N LYS V 72 75.42 58.01 -35.53
CA LYS V 72 74.41 58.36 -34.54
C LYS V 72 74.74 57.77 -33.18
N PHE V 73 75.18 56.50 -33.16
CA PHE V 73 75.56 55.88 -31.89
C PHE V 73 76.74 56.60 -31.25
N ALA V 74 77.72 57.00 -32.06
CA ALA V 74 78.87 57.73 -31.52
C ALA V 74 78.45 59.08 -30.96
N ARG V 75 77.55 59.78 -31.66
CA ARG V 75 77.05 61.05 -31.15
C ARG V 75 76.32 60.85 -29.83
N ARG V 76 75.53 59.79 -29.72
CA ARG V 76 74.81 59.53 -28.48
C ARG V 76 75.79 59.23 -27.34
N VAL V 77 76.84 58.46 -27.62
CA VAL V 77 77.82 58.14 -26.60
C VAL V 77 78.52 59.40 -26.12
N VAL V 78 78.93 60.26 -27.06
CA VAL V 78 79.59 61.50 -26.69
C VAL V 78 78.66 62.39 -25.87
N LEU V 79 77.39 62.46 -26.27
CA LEU V 79 76.42 63.27 -25.53
C LEU V 79 76.24 62.75 -24.11
N LEU V 80 76.11 61.44 -23.95
CA LEU V 80 75.95 60.87 -22.62
C LEU V 80 77.17 61.14 -21.75
N SER V 81 78.37 60.97 -22.31
CA SER V 81 79.58 61.22 -21.55
C SER V 81 79.67 62.68 -21.11
N GLN V 82 79.39 63.60 -22.04
CA GLN V 82 79.47 65.02 -21.69
C GLN V 82 78.42 65.40 -20.65
N GLU V 83 77.22 64.85 -20.76
CA GLU V 83 76.19 65.14 -19.76
C GLU V 83 76.57 64.58 -18.40
N MET V 84 77.16 63.39 -18.36
CA MET V 84 77.60 62.81 -17.09
C MET V 84 78.66 63.70 -16.45
N ASP V 85 79.65 64.10 -17.23
CA ASP V 85 80.71 64.96 -16.69
C ASP V 85 80.15 66.30 -16.22
N ALA V 86 79.23 66.88 -17.00
CA ALA V 86 78.64 68.16 -16.62
C ALA V 86 77.86 68.03 -15.32
N GLY V 87 77.09 66.94 -15.17
CA GLY V 87 76.34 66.74 -13.94
C GLY V 87 77.24 66.56 -12.74
N LEU V 88 78.33 65.81 -12.91
CA LEU V 88 79.26 65.61 -11.79
C LEU V 88 79.92 66.92 -11.39
N GLN V 89 80.39 67.69 -12.37
CA GLN V 89 81.00 68.99 -12.07
C GLN V 89 79.99 69.93 -11.44
N ALA V 90 78.73 69.86 -11.87
CA ALA V 90 77.70 70.73 -11.29
C ALA V 90 77.41 70.35 -9.85
N TRP V 91 77.38 69.06 -9.54
CA TRP V 91 77.18 68.64 -8.16
C TRP V 91 78.35 69.08 -7.28
N GLN V 92 79.57 68.94 -7.79
CA GLN V 92 80.74 69.41 -7.03
C GLN V 92 80.68 70.91 -6.81
N LEU V 93 80.27 71.66 -7.84
CA LEU V 93 80.17 73.11 -7.71
C LEU V 93 79.08 73.50 -6.72
N ARG V 94 77.97 72.76 -6.70
CA ARG V 94 76.92 73.04 -5.72
C ARG V 94 77.39 72.75 -4.31
N GLN V 95 78.14 71.67 -4.12
CA GLN V 95 78.71 71.40 -2.79
C GLN V 95 79.67 72.50 -2.38
N GLN V 96 80.52 72.96 -3.30
CA GLN V 96 81.46 74.03 -2.99
C GLN V 96 80.71 75.32 -2.66
N GLU V 97 79.64 75.61 -3.39
CA GLU V 97 78.85 76.82 -3.13
C GLU V 97 78.19 76.74 -1.76
N LYS V 98 77.64 75.57 -1.41
CA LYS V 98 77.05 75.42 -0.08
C LYS V 98 78.10 75.60 1.02
N LEU V 99 79.30 75.06 0.82
CA LEU V 99 80.35 75.23 1.82
C LEU V 99 80.78 76.69 1.93
N GLN V 100 80.88 77.38 0.79
CA GLN V 100 81.26 78.80 0.83
C GLN V 100 80.18 79.64 1.49
N GLU V 101 78.91 79.30 1.28
CA GLU V 101 77.83 80.02 1.94
C GLU V 101 77.84 79.77 3.45
N GLU V 102 78.11 78.52 3.85
CA GLU V 102 78.25 78.22 5.28
C GLU V 102 79.40 79.00 5.90
N GLU V 103 80.51 79.14 5.16
CA GLU V 103 81.63 79.91 5.66
C GLU V 103 81.28 81.40 5.77
N GLY V 104 80.62 81.95 4.75
CA GLY V 104 80.22 83.35 4.79
C GLY V 104 79.20 83.65 5.85
N LYS V 105 78.39 82.65 6.23
CA LYS V 105 77.43 82.85 7.31
C LYS V 105 78.14 83.18 8.61
N GLN V 106 79.22 82.47 8.92
CA GLN V 106 80.01 82.78 10.11
C GLN V 106 80.91 83.98 9.91
N LYS V 107 81.32 84.25 8.67
CA LYS V 107 82.12 85.43 8.40
C LYS V 107 81.33 86.71 8.64
N ASN V 108 80.05 86.71 8.28
CA ASN V 108 79.19 87.87 8.46
C ASN V 108 78.63 87.98 9.87
N ALA V 109 79.00 87.07 10.77
CA ALA V 109 78.46 87.09 12.13
C ALA V 109 79.07 88.24 12.92
N LEU V 110 78.57 88.42 14.14
CA LEU V 110 79.03 89.45 15.04
C LEU V 110 79.88 88.82 16.15
N LYS V 111 80.42 89.68 17.02
CA LYS V 111 81.23 89.23 18.14
C LYS V 111 80.36 89.00 19.37
N SER V 112 80.59 87.89 20.05
CA SER V 112 79.85 87.59 21.26
C SER V 112 80.29 88.54 22.37
N LYS V 113 79.32 89.13 23.06
CA LYS V 113 79.60 90.11 24.08
C LYS V 113 78.93 89.82 25.42
N GLY V 114 77.86 89.03 25.43
CA GLY V 114 77.10 88.80 26.64
C GLY V 114 77.87 88.19 27.78
N ALA V 115 78.29 86.93 27.63
CA ALA V 115 79.02 86.23 28.67
C ALA V 115 80.53 86.34 28.53
N LEU V 116 81.02 87.22 27.66
CA LEU V 116 82.46 87.37 27.45
C LEU V 116 83.03 88.64 28.09
N LEU V 117 82.20 89.64 28.37
CA LEU V 117 82.71 90.85 29.01
C LEU V 117 83.13 90.56 30.45
N GLN V 118 82.39 89.70 31.15
CA GLN V 118 82.74 89.35 32.52
C GLN V 118 83.98 88.46 32.60
N ASN V 119 84.43 87.88 31.49
CA ASN V 119 85.61 87.04 31.47
C ASN V 119 86.84 87.86 31.08
N ALA W 2 78.53 -29.39 15.33
CA ALA W 2 78.24 -30.64 16.01
C ALA W 2 76.78 -31.04 15.83
N ALA W 3 75.94 -30.05 15.51
CA ALA W 3 74.53 -30.33 15.28
C ALA W 3 74.32 -31.25 14.08
N ALA W 4 75.19 -31.15 13.06
CA ALA W 4 75.08 -32.04 11.91
C ALA W 4 75.30 -33.49 12.32
N LEU W 5 76.38 -33.76 13.06
CA LEU W 5 76.63 -35.13 13.51
C LEU W 5 75.61 -35.58 14.55
N ALA W 6 74.98 -34.63 15.25
CA ALA W 6 73.94 -35.00 16.20
C ALA W 6 72.68 -35.44 15.49
N ARG W 7 72.30 -34.75 14.41
CA ARG W 7 71.09 -35.05 13.68
C ARG W 7 71.28 -36.11 12.60
N LEU W 8 72.52 -36.46 12.26
CA LEU W 8 72.79 -37.45 11.23
C LEU W 8 72.67 -38.88 11.73
N GLY W 9 72.51 -39.10 13.03
CA GLY W 9 72.37 -40.45 13.54
C GLY W 9 73.68 -41.23 13.51
N LEU W 10 74.59 -40.87 14.41
CA LEU W 10 75.92 -41.45 14.48
C LEU W 10 75.95 -42.81 15.19
N ARG W 11 74.79 -43.44 15.35
CA ARG W 11 74.72 -44.77 15.94
C ARG W 11 75.51 -45.81 15.16
N ALA W 12 75.82 -45.53 13.89
CA ALA W 12 76.45 -46.51 13.01
C ALA W 12 77.96 -46.34 12.93
N VAL W 13 78.60 -45.95 14.04
CA VAL W 13 80.06 -45.83 14.11
C VAL W 13 80.54 -46.60 15.32
N LYS W 14 81.73 -47.19 15.20
CA LYS W 14 82.34 -47.97 16.28
C LYS W 14 83.41 -47.19 17.03
N GLN W 15 84.44 -46.71 16.33
CA GLN W 15 85.56 -46.05 16.96
C GLN W 15 85.99 -44.84 16.15
N VAL W 16 86.26 -43.74 16.86
CA VAL W 16 86.76 -42.52 16.25
C VAL W 16 87.95 -42.04 17.09
N ARG W 17 89.14 -42.03 16.48
CA ARG W 17 90.34 -41.60 17.17
C ARG W 17 90.99 -40.46 16.40
N VAL W 18 91.41 -39.44 17.15
CA VAL W 18 92.07 -38.26 16.59
C VAL W 18 93.45 -38.19 17.22
N GLN W 19 94.48 -38.40 16.41
CA GLN W 19 95.87 -38.40 16.89
C GLN W 19 96.53 -37.10 16.47
N PHE W 20 97.01 -36.33 17.45
CA PHE W 20 97.58 -35.02 17.15
C PHE W 20 98.65 -34.69 18.17
N CYS W 21 99.35 -33.57 17.90
CA CYS W 21 100.36 -33.02 18.78
C CYS W 21 100.00 -31.59 19.12
N PRO W 22 99.75 -31.26 20.40
CA PRO W 22 99.30 -29.90 20.74
C PRO W 22 100.33 -28.81 20.51
N PHE W 23 101.60 -29.17 20.30
CA PHE W 23 102.67 -28.18 20.13
C PHE W 23 103.02 -27.95 18.67
N GLU W 24 102.06 -28.08 17.76
CA GLU W 24 102.28 -27.81 16.35
C GLU W 24 101.60 -26.51 15.96
N LYS W 25 101.65 -26.17 14.68
CA LYS W 25 101.11 -24.91 14.18
C LYS W 25 99.94 -25.09 13.24
N ASN W 26 99.41 -26.30 13.11
CA ASN W 26 98.25 -26.56 12.25
C ASN W 26 97.28 -27.51 12.94
N VAL W 27 97.04 -27.28 14.24
CA VAL W 27 96.16 -28.12 15.03
C VAL W 27 94.82 -27.47 15.30
N GLU W 28 94.58 -26.27 14.78
CA GLU W 28 93.32 -25.58 15.02
C GLU W 28 92.14 -26.39 14.51
N SER W 29 92.15 -26.72 13.21
CA SER W 29 91.07 -27.49 12.63
C SER W 29 90.97 -28.88 13.25
N THR W 30 92.12 -29.46 13.63
CA THR W 30 92.10 -30.80 14.23
C THR W 30 91.38 -30.77 15.57
N ARG W 31 91.72 -29.82 16.44
CA ARG W 31 91.03 -29.73 17.72
C ARG W 31 89.58 -29.30 17.57
N THR W 32 89.28 -28.48 16.56
CA THR W 32 87.89 -28.12 16.29
C THR W 32 87.07 -29.35 15.92
N PHE W 33 87.61 -30.18 15.02
CA PHE W 33 86.95 -31.44 14.66
C PHE W 33 86.81 -32.35 15.86
N LEU W 34 87.85 -32.41 16.70
CA LEU W 34 87.80 -33.27 17.89
C LEU W 34 86.67 -32.83 18.82
N GLN W 35 86.56 -31.53 19.07
CA GLN W 35 85.48 -31.05 19.92
C GLN W 35 84.11 -31.26 19.28
N ALA W 36 84.01 -31.07 17.97
CA ALA W 36 82.73 -31.26 17.29
C ALA W 36 82.28 -32.71 17.35
N VAL W 37 83.21 -33.66 17.31
CA VAL W 37 82.84 -35.06 17.42
C VAL W 37 82.75 -35.55 18.86
N SER W 38 83.29 -34.79 19.82
CA SER W 38 83.21 -35.15 21.23
C SER W 38 82.18 -34.33 21.98
N SER W 39 81.37 -33.54 21.28
CA SER W 39 80.31 -32.78 21.91
C SER W 39 79.31 -33.72 22.60
N GLU W 40 78.54 -33.15 23.53
CA GLU W 40 77.60 -33.94 24.31
C GLU W 40 76.51 -34.56 23.46
N LYS W 41 76.07 -33.85 22.40
CA LYS W 41 75.00 -34.38 21.56
C LYS W 41 75.46 -35.62 20.81
N VAL W 42 76.70 -35.62 20.33
CA VAL W 42 77.24 -36.80 19.66
C VAL W 42 77.30 -37.98 20.63
N ARG W 43 77.62 -37.70 21.89
CA ARG W 43 77.66 -38.76 22.90
C ARG W 43 76.27 -39.31 23.18
N CYS W 44 75.27 -38.43 23.33
CA CYS W 44 73.93 -38.91 23.61
C CYS W 44 73.26 -39.55 22.40
N THR W 45 73.78 -39.29 21.19
CA THR W 45 73.26 -39.97 20.01
C THR W 45 73.52 -41.47 20.07
N ASN W 46 74.73 -41.85 20.52
CA ASN W 46 75.09 -43.25 20.63
C ASN W 46 76.13 -43.43 21.73
N LEU W 47 75.91 -44.41 22.59
CA LEU W 47 76.80 -44.67 23.72
C LEU W 47 77.75 -45.82 23.47
N ASN W 48 77.54 -46.61 22.41
CA ASN W 48 78.40 -47.74 22.11
C ASN W 48 79.67 -47.34 21.38
N CYS W 49 79.79 -46.08 20.95
CA CYS W 49 80.97 -45.64 20.23
C CYS W 49 82.11 -45.34 21.19
N SER W 50 83.33 -45.40 20.66
CA SER W 50 84.54 -45.15 21.45
C SER W 50 85.31 -43.99 20.82
N VAL W 51 85.40 -42.89 21.56
CA VAL W 51 86.11 -41.69 21.11
C VAL W 51 87.45 -41.62 21.83
N ILE W 52 88.54 -41.56 21.07
CA ILE W 52 89.88 -41.55 21.62
C ILE W 52 90.63 -40.34 21.05
N ALA W 53 91.36 -39.64 21.92
CA ALA W 53 92.18 -38.49 21.53
C ALA W 53 93.62 -38.79 21.90
N ASP W 54 94.43 -39.14 20.90
CA ASP W 54 95.84 -39.45 21.10
C ASP W 54 96.63 -38.13 21.08
N VAL W 55 97.41 -37.90 22.12
CA VAL W 55 98.21 -36.69 22.27
C VAL W 55 99.68 -37.09 22.26
N ARG W 56 100.44 -36.53 21.32
CA ARG W 56 101.86 -36.77 21.21
C ARG W 56 102.61 -35.44 21.23
N HIS W 57 103.92 -35.49 21.10
CA HIS W 57 104.75 -34.29 21.10
C HIS W 57 105.64 -34.16 19.88
N ASP W 58 106.02 -35.27 19.25
CA ASP W 58 106.89 -35.24 18.07
C ASP W 58 106.28 -35.98 16.89
N GLY W 59 104.96 -36.16 16.87
CA GLY W 59 104.33 -36.80 15.73
C GLY W 59 104.29 -35.90 14.51
N SER W 60 103.93 -34.64 14.70
CA SER W 60 103.92 -33.60 13.68
C SER W 60 102.96 -33.91 12.52
N GLU W 61 102.11 -34.92 12.65
CA GLU W 61 101.17 -35.28 11.61
C GLU W 61 99.83 -35.65 12.23
N PRO W 62 98.90 -34.69 12.33
CA PRO W 62 97.58 -35.01 12.85
C PRO W 62 96.80 -35.89 11.89
N CYS W 63 96.00 -36.80 12.46
CA CYS W 63 95.23 -37.74 11.67
C CYS W 63 93.96 -38.11 12.40
N VAL W 64 92.98 -38.61 11.64
CA VAL W 64 91.70 -39.05 12.18
C VAL W 64 91.38 -40.41 11.58
N ASP W 65 91.12 -41.39 12.43
CA ASP W 65 90.76 -42.74 12.00
C ASP W 65 89.37 -43.07 12.53
N VAL W 66 88.46 -43.41 11.63
CA VAL W 66 87.08 -43.73 11.96
C VAL W 66 86.78 -45.14 11.45
N LEU W 67 86.64 -46.09 12.37
CA LEU W 67 86.29 -47.46 12.04
C LEU W 67 84.82 -47.67 12.36
N PHE W 68 84.03 -48.06 11.37
CA PHE W 68 82.62 -48.36 11.62
C PHE W 68 82.24 -49.70 11.01
N GLY W 69 81.21 -50.29 11.61
CA GLY W 69 80.84 -51.68 11.47
C GLY W 69 80.40 -52.16 10.10
N ASP W 70 80.44 -51.27 9.11
CA ASP W 70 80.31 -51.70 7.73
C ASP W 70 81.63 -52.25 7.19
N GLY W 71 82.54 -52.60 8.09
CA GLY W 71 83.89 -52.97 7.70
C GLY W 71 84.67 -51.83 7.10
N HIS W 72 84.37 -50.60 7.50
CA HIS W 72 84.93 -49.43 6.84
C HIS W 72 85.88 -48.69 7.76
N ARG W 73 86.98 -48.21 7.19
CA ARG W 73 88.02 -47.46 7.90
C ARG W 73 88.29 -46.19 7.10
N LEU W 74 87.78 -45.05 7.58
CA LEU W 74 88.01 -43.76 6.96
C LEU W 74 89.18 -43.08 7.67
N ILE W 75 90.26 -42.84 6.93
CA ILE W 75 91.45 -42.21 7.46
C ILE W 75 91.62 -40.86 6.78
N MET W 76 91.63 -39.79 7.57
CA MET W 76 91.77 -38.44 7.07
C MET W 76 92.99 -37.82 7.74
N ARG W 77 94.05 -37.59 6.96
CA ARG W 77 95.25 -36.95 7.47
C ARG W 77 95.06 -35.44 7.34
N GLY W 78 94.34 -34.87 8.29
CA GLY W 78 94.02 -33.46 8.24
C GLY W 78 95.08 -32.59 8.86
N ALA W 79 95.97 -32.06 8.03
CA ALA W 79 97.01 -31.14 8.46
C ALA W 79 96.85 -29.75 7.87
N HIS W 80 96.17 -29.63 6.74
CA HIS W 80 95.88 -28.33 6.14
C HIS W 80 94.41 -28.15 5.80
N LEU W 81 93.59 -29.18 5.96
CA LEU W 81 92.17 -29.07 5.63
C LEU W 81 91.41 -28.31 6.71
N THR W 82 90.34 -27.65 6.29
CA THR W 82 89.50 -26.93 7.24
C THR W 82 88.69 -27.91 8.07
N ALA W 83 88.42 -27.54 9.32
CA ALA W 83 87.62 -28.38 10.20
C ALA W 83 86.23 -28.61 9.62
N GLN W 84 85.64 -27.57 9.03
CA GLN W 84 84.32 -27.71 8.43
C GLN W 84 84.37 -28.66 7.23
N GLU W 85 85.44 -28.58 6.44
CA GLU W 85 85.58 -29.50 5.31
C GLU W 85 85.72 -30.94 5.79
N MET W 86 86.54 -31.16 6.82
CA MET W 86 86.67 -32.50 7.38
C MET W 86 85.32 -33.01 7.89
N LEU W 87 84.59 -32.15 8.60
CA LEU W 87 83.30 -32.56 9.16
C LEU W 87 82.32 -32.92 8.05
N THR W 88 82.22 -32.09 7.02
CA THR W 88 81.25 -32.37 5.96
C THR W 88 81.66 -33.59 5.13
N ALA W 89 82.96 -33.81 4.94
CA ALA W 89 83.39 -35.00 4.22
C ALA W 89 83.08 -36.26 5.02
N PHE W 90 83.39 -36.25 6.32
CA PHE W 90 83.06 -37.38 7.18
C PHE W 90 81.57 -37.63 7.21
N ALA W 91 80.76 -36.57 7.27
CA ALA W 91 79.31 -36.72 7.30
C ALA W 91 78.80 -37.33 6.01
N SER W 92 79.26 -36.81 4.87
CA SER W 92 78.84 -37.36 3.58
C SER W 92 79.24 -38.82 3.45
N HIS W 93 80.44 -39.18 3.90
CA HIS W 93 80.87 -40.57 3.77
C HIS W 93 80.05 -41.50 4.66
N ILE W 94 79.83 -41.12 5.93
CA ILE W 94 79.05 -42.00 6.81
C ILE W 94 77.58 -42.02 6.42
N GLN W 95 77.09 -40.99 5.71
CA GLN W 95 75.72 -41.02 5.22
C GLN W 95 75.58 -41.84 3.96
N ALA W 96 76.64 -41.89 3.13
CA ALA W 96 76.61 -42.72 1.94
C ALA W 96 76.80 -44.19 2.28
N ARG W 97 77.67 -44.49 3.25
CA ARG W 97 77.95 -45.86 3.65
C ARG W 97 77.65 -46.00 5.14
N GLY W 98 76.41 -46.33 5.45
CA GLY W 98 75.98 -46.49 6.83
C GLY W 98 74.52 -46.86 6.95
N GLU X 54 45.60 -35.32 48.12
CA GLU X 54 46.70 -34.69 47.39
C GLU X 54 46.86 -33.23 47.79
N ALA X 55 47.53 -33.00 48.92
CA ALA X 55 47.75 -31.66 49.43
C ALA X 55 49.09 -31.64 50.18
N LEU X 56 49.31 -30.59 50.96
CA LEU X 56 50.53 -30.45 51.73
C LEU X 56 50.39 -31.18 53.08
N LYS X 57 51.44 -31.09 53.89
CA LYS X 57 51.42 -31.73 55.20
C LYS X 57 50.47 -30.99 56.14
N ASP X 58 49.69 -31.76 56.89
CA ASP X 58 48.72 -31.16 57.81
C ASP X 58 49.40 -30.53 59.01
N PRO X 59 50.44 -31.17 59.54
CA PRO X 59 51.14 -30.67 60.72
C PRO X 59 51.84 -29.36 60.38
N GLU X 60 51.29 -28.25 60.86
CA GLU X 60 51.86 -26.94 60.56
C GLU X 60 51.49 -26.00 61.71
N VAL X 61 52.49 -25.62 62.51
CA VAL X 61 52.32 -24.67 63.61
C VAL X 61 51.25 -25.16 64.59
N CYS X 62 51.53 -26.31 65.22
CA CYS X 62 50.64 -26.84 66.24
C CYS X 62 50.44 -25.85 67.37
N THR X 63 51.54 -25.42 67.99
CA THR X 63 51.54 -24.33 68.96
C THR X 63 52.34 -23.20 68.35
N ASP X 64 51.66 -22.37 67.57
CA ASP X 64 52.34 -21.32 66.83
C ASP X 64 53.06 -20.29 67.70
N PRO X 65 52.45 -19.74 68.76
CA PRO X 65 53.19 -18.72 69.54
C PRO X 65 54.40 -19.26 70.27
N PHE X 66 54.47 -20.56 70.55
CA PHE X 66 55.52 -21.12 71.37
C PHE X 66 56.42 -22.10 70.64
N ARG X 67 55.86 -23.09 69.95
CA ARG X 67 56.70 -24.13 69.35
C ARG X 67 57.57 -23.57 68.24
N LEU X 68 57.02 -22.67 67.42
CA LEU X 68 57.80 -22.06 66.36
C LEU X 68 59.00 -21.31 66.92
N THR X 69 58.80 -20.63 68.06
CA THR X 69 59.90 -19.90 68.68
C THR X 69 60.90 -20.86 69.32
N THR X 70 60.42 -21.98 69.87
CA THR X 70 61.32 -22.92 70.54
C THR X 70 62.24 -23.61 69.53
N HIS X 71 61.66 -24.11 68.44
CA HIS X 71 62.47 -24.83 67.44
C HIS X 71 61.66 -24.95 66.16
N ALA X 72 62.32 -25.44 65.11
CA ALA X 72 61.70 -25.66 63.82
C ALA X 72 61.15 -27.07 63.74
N MET X 73 59.92 -27.21 63.23
CA MET X 73 59.26 -28.49 63.12
C MET X 73 59.37 -29.11 61.73
N GLY X 74 59.69 -28.32 60.70
CA GLY X 74 59.81 -28.85 59.37
C GLY X 74 61.09 -29.60 59.08
N VAL X 75 62.00 -29.68 60.05
CA VAL X 75 63.27 -30.36 59.82
C VAL X 75 63.08 -31.88 59.78
N ASN X 76 62.03 -32.39 60.43
CA ASN X 76 61.82 -33.82 60.49
C ASN X 76 61.02 -34.27 59.27
N ILE X 77 61.65 -35.08 58.41
CA ILE X 77 61.03 -35.54 57.18
C ILE X 77 60.50 -36.97 57.32
N TYR X 78 61.25 -37.83 58.00
CA TYR X 78 60.80 -39.19 58.22
C TYR X 78 59.61 -39.21 59.17
N LYS X 79 58.90 -40.35 59.16
CA LYS X 79 57.72 -40.48 60.02
C LYS X 79 58.09 -40.44 61.49
N GLU X 80 59.30 -40.88 61.84
CA GLU X 80 59.75 -40.82 63.23
C GLU X 80 59.96 -39.37 63.62
N GLY X 81 59.05 -38.83 64.44
CA GLY X 81 59.11 -37.44 64.83
C GLY X 81 60.22 -37.11 65.80
N GLN X 82 61.25 -36.41 65.32
CA GLN X 82 62.34 -35.95 66.18
C GLN X 82 62.78 -34.59 65.66
N ASP X 83 62.24 -33.53 66.26
CA ASP X 83 62.60 -32.16 65.88
C ASP X 83 63.92 -31.77 66.54
N VAL X 84 64.72 -31.01 65.82
CA VAL X 84 66.04 -30.60 66.29
C VAL X 84 65.89 -29.37 67.16
N VAL X 85 66.77 -29.25 68.17
CA VAL X 85 66.78 -28.07 69.03
C VAL X 85 67.25 -26.86 68.22
N LEU X 86 66.89 -25.68 68.72
CA LEU X 86 67.21 -24.43 68.02
C LEU X 86 68.70 -24.17 67.90
N LYS X 87 69.53 -24.74 68.80
CA LYS X 87 70.98 -24.52 68.80
C LYS X 87 71.28 -23.03 68.84
N PRO X 88 71.15 -22.38 70.00
CA PRO X 88 71.26 -20.92 70.06
C PRO X 88 72.59 -20.36 69.57
N ASP X 89 72.70 -19.03 69.53
CA ASP X 89 73.80 -18.32 68.88
C ASP X 89 75.18 -18.80 69.30
N SER X 90 75.29 -19.50 70.43
CA SER X 90 76.57 -20.04 70.87
C SER X 90 77.10 -21.15 69.98
N GLU X 91 76.34 -21.57 68.97
CA GLU X 91 76.73 -22.66 68.08
C GLU X 91 76.95 -22.21 66.65
N TYR X 92 76.07 -21.36 66.12
CA TYR X 92 76.16 -20.94 64.73
C TYR X 92 77.31 -19.95 64.56
N PRO X 93 78.08 -20.08 63.47
CA PRO X 93 79.21 -19.16 63.25
C PRO X 93 78.75 -17.75 62.91
N GLU X 94 79.72 -16.87 62.61
CA GLU X 94 79.42 -15.47 62.37
C GLU X 94 78.94 -15.18 60.96
N TRP X 95 79.33 -16.00 59.97
CA TRP X 95 78.91 -15.75 58.60
C TRP X 95 77.40 -15.83 58.42
N LEU X 96 76.71 -16.51 59.34
CA LEU X 96 75.25 -16.55 59.27
C LEU X 96 74.66 -15.17 59.48
N PHE X 97 75.28 -14.35 60.34
CA PHE X 97 74.79 -13.02 60.64
C PHE X 97 75.52 -11.93 59.87
N GLU X 98 76.66 -12.23 59.25
CA GLU X 98 77.44 -11.26 58.51
C GLU X 98 76.99 -11.12 57.05
N MET X 99 75.75 -11.50 56.74
CA MET X 99 75.23 -11.44 55.38
C MET X 99 73.98 -10.57 55.34
N ASN X 100 73.65 -10.10 54.14
CA ASN X 100 72.50 -9.23 53.96
C ASN X 100 71.20 -10.05 54.03
N VAL X 101 70.27 -9.58 54.87
CA VAL X 101 69.00 -10.26 55.05
C VAL X 101 67.86 -9.33 54.65
N GLY X 102 68.15 -8.40 53.75
CA GLY X 102 67.16 -7.45 53.30
C GLY X 102 67.18 -7.25 51.80
N PRO X 103 67.00 -6.00 51.36
CA PRO X 103 67.04 -5.73 49.92
C PRO X 103 68.46 -5.86 49.39
N PRO X 104 68.62 -6.27 48.12
CA PRO X 104 69.97 -6.41 47.57
C PRO X 104 70.63 -5.06 47.30
N LYS X 105 71.90 -5.08 46.91
CA LYS X 105 72.64 -3.86 46.65
C LYS X 105 72.32 -3.34 45.25
N LYS X 106 73.06 -2.33 44.80
CA LYS X 106 72.83 -1.70 43.52
C LYS X 106 74.13 -1.63 42.72
N LEU X 107 73.97 -1.48 41.40
CA LEU X 107 75.13 -1.28 40.54
C LEU X 107 75.79 0.06 40.80
N GLU X 108 75.02 1.06 41.23
CA GLU X 108 75.54 2.36 41.61
C GLU X 108 76.16 2.35 42.99
N GLU X 109 76.07 1.22 43.71
CA GLU X 109 76.68 1.06 45.01
C GLU X 109 77.87 0.11 45.02
N LEU X 110 77.91 -0.86 44.11
CA LEU X 110 79.04 -1.75 43.99
C LEU X 110 80.21 -1.06 43.30
N ASP X 111 81.42 -1.52 43.62
CA ASP X 111 82.64 -0.94 43.08
C ASP X 111 83.05 -1.68 41.81
N PRO X 112 83.39 -0.96 40.73
CA PRO X 112 83.76 -1.59 39.45
C PRO X 112 85.16 -2.20 39.43
N GLU X 113 85.51 -2.89 40.52
CA GLU X 113 86.77 -3.63 40.60
C GLU X 113 86.57 -5.05 41.10
N THR X 114 85.36 -5.43 41.48
CA THR X 114 85.04 -6.76 41.95
C THR X 114 84.28 -7.53 40.86
N ARG X 115 83.85 -8.73 41.20
CA ARG X 115 83.16 -9.58 40.23
C ARG X 115 81.64 -9.47 40.31
N GLU X 116 81.09 -9.25 41.51
CA GLU X 116 79.64 -9.11 41.63
C GLU X 116 79.13 -7.87 40.91
N TYR X 117 79.95 -6.82 40.81
CA TYR X 117 79.57 -5.66 40.02
C TYR X 117 79.33 -6.03 38.57
N TRP X 118 80.27 -6.75 37.97
CA TRP X 118 80.09 -7.18 36.58
C TRP X 118 78.97 -8.20 36.45
N ARG X 119 78.74 -9.01 37.49
CA ARG X 119 77.59 -9.92 37.48
C ARG X 119 76.29 -9.14 37.37
N LEU X 120 76.12 -8.13 38.22
CA LEU X 120 74.91 -7.32 38.17
C LEU X 120 74.81 -6.54 36.87
N LEU X 121 75.94 -6.09 36.32
CA LEU X 121 75.92 -5.39 35.05
C LEU X 121 75.47 -6.32 33.93
N ARG X 122 75.94 -7.56 33.93
CA ARG X 122 75.50 -8.53 32.93
C ARG X 122 74.02 -8.83 33.09
N LYS X 123 73.54 -8.93 34.34
CA LYS X 123 72.11 -9.17 34.58
C LYS X 123 71.28 -8.01 34.05
N HIS X 124 71.72 -6.78 34.28
CA HIS X 124 71.00 -5.62 33.77
C HIS X 124 71.06 -5.53 32.25
N ASN X 125 72.17 -5.96 31.65
CA ASN X 125 72.24 -6.03 30.19
C ASN X 125 71.25 -7.05 29.65
N ILE X 126 71.12 -8.19 30.34
CA ILE X 126 70.12 -9.18 29.93
C ILE X 126 68.72 -8.59 30.02
N TRP X 127 68.43 -7.88 31.11
CA TRP X 127 67.13 -7.25 31.26
C TRP X 127 66.88 -6.22 30.15
N ARG X 128 67.90 -5.45 29.81
CA ARG X 128 67.76 -4.44 28.74
C ARG X 128 67.49 -5.11 27.40
N HIS X 129 68.24 -6.17 27.08
CA HIS X 129 68.01 -6.88 25.83
C HIS X 129 66.61 -7.50 25.79
N ASN X 130 66.15 -8.01 26.93
CA ASN X 130 64.81 -8.59 26.99
C ASN X 130 63.75 -7.52 26.77
N ARG X 131 63.93 -6.33 27.36
CA ARG X 131 62.99 -5.24 27.15
C ARG X 131 62.99 -4.79 25.69
N LEU X 132 64.16 -4.78 25.05
CA LEU X 132 64.24 -4.38 23.66
C LEU X 132 63.67 -5.44 22.72
N SER X 133 63.70 -6.71 23.12
CA SER X 133 63.24 -7.80 22.29
C SER X 133 61.75 -8.09 22.47
N LYS X 134 60.97 -7.13 22.97
CA LYS X 134 59.54 -7.35 23.15
C LYS X 134 58.74 -7.17 21.87
N ASN X 135 59.35 -6.62 20.81
CA ASN X 135 58.68 -6.43 19.53
C ASN X 135 59.06 -7.51 18.53
N ARG X 136 59.33 -8.72 19.00
CA ARG X 136 59.66 -9.84 18.12
C ARG X 136 58.42 -10.23 17.32
N LYS X 137 58.50 -10.14 16.00
CA LYS X 137 57.42 -10.53 15.12
C LYS X 137 57.50 -11.98 14.68
N PHE X 138 58.45 -12.74 15.21
CA PHE X 138 58.63 -14.14 14.82
C PHE X 138 57.79 -15.06 15.69
N ARG Y 9 45.94 2.13 -26.31
CA ARG Y 9 45.86 1.50 -25.00
C ARG Y 9 46.01 2.53 -23.88
N ASN Y 10 47.05 3.36 -23.98
CA ASN Y 10 47.28 4.42 -23.01
C ASN Y 10 46.62 5.70 -23.53
N ARG Y 11 45.45 6.01 -22.99
CA ARG Y 11 44.72 7.21 -23.38
C ARG Y 11 44.94 8.31 -22.35
N ILE Y 12 45.25 9.51 -22.83
CA ILE Y 12 45.41 10.68 -21.97
C ILE Y 12 44.02 11.28 -21.76
N PRO Y 13 43.49 11.29 -20.54
CA PRO Y 13 42.14 11.80 -20.34
C PRO Y 13 42.07 13.32 -20.53
N GLY Y 14 41.01 13.75 -21.19
CA GLY Y 14 40.81 15.18 -21.39
C GLY Y 14 41.74 15.73 -22.44
N ARG Y 15 42.23 16.94 -22.21
CA ARG Y 15 43.25 17.49 -23.08
C ARG Y 15 44.63 17.10 -22.58
N GLN Y 16 45.64 17.34 -23.42
CA GLN Y 16 46.97 16.83 -23.16
C GLN Y 16 47.71 17.63 -22.09
N TRP Y 17 47.35 18.90 -21.91
CA TRP Y 17 48.10 19.76 -20.99
C TRP Y 17 47.18 20.64 -20.14
N ILE Y 18 45.94 20.21 -19.91
CA ILE Y 18 44.98 21.05 -19.19
C ILE Y 18 44.43 20.32 -17.97
N GLY Y 19 43.91 19.11 -18.19
CA GLY Y 19 43.18 18.38 -17.16
C GLY Y 19 43.96 18.09 -15.90
N LYS Y 20 43.28 17.49 -14.91
CA LYS Y 20 43.94 17.11 -13.66
C LYS Y 20 45.10 16.17 -13.92
N HIS Y 21 44.92 15.22 -14.84
CA HIS Y 21 45.97 14.26 -15.21
C HIS Y 21 46.55 14.72 -16.54
N ARG Y 22 47.70 15.39 -16.47
CA ARG Y 22 48.36 15.93 -17.65
C ARG Y 22 49.34 14.91 -18.22
N ARG Y 23 50.14 15.35 -19.17
CA ARG Y 23 51.15 14.50 -19.78
C ARG Y 23 52.41 14.48 -18.92
N PRO Y 24 53.02 13.32 -18.73
CA PRO Y 24 54.17 13.22 -17.81
C PRO Y 24 55.49 13.67 -18.42
N ARG Y 25 55.44 14.45 -19.50
CA ARG Y 25 56.61 14.97 -20.21
C ARG Y 25 57.70 15.43 -19.24
N PRO Y 26 58.89 14.85 -19.30
CA PRO Y 26 59.95 15.22 -18.35
C PRO Y 26 60.80 16.38 -18.84
N VAL Y 27 61.76 16.80 -18.01
CA VAL Y 27 62.70 17.85 -18.35
C VAL Y 27 64.00 17.22 -18.84
N SER Y 28 64.59 17.81 -19.86
CA SER Y 28 65.75 17.23 -20.53
C SER Y 28 67.02 18.01 -20.19
N ALA Y 29 68.16 17.38 -20.49
CA ALA Y 29 69.45 18.03 -20.26
C ALA Y 29 69.59 19.28 -21.10
N GLN Y 30 68.97 19.32 -22.29
CA GLN Y 30 68.98 20.54 -23.09
C GLN Y 30 68.33 21.68 -22.34
N ALA Y 31 67.13 21.45 -21.80
CA ALA Y 31 66.44 22.49 -21.05
C ALA Y 31 67.22 22.89 -19.80
N LYS Y 32 67.83 21.91 -19.12
CA LYS Y 32 68.64 22.22 -17.95
C LYS Y 32 69.79 23.14 -18.31
N GLN Y 33 70.52 22.81 -19.38
CA GLN Y 33 71.65 23.65 -19.79
C GLN Y 33 71.18 25.03 -20.22
N ASN Y 34 70.04 25.11 -20.91
CA ASN Y 34 69.52 26.41 -21.33
C ASN Y 34 69.18 27.28 -20.12
N MET Y 35 68.50 26.70 -19.13
CA MET Y 35 68.15 27.46 -17.94
C MET Y 35 69.40 27.87 -17.16
N ILE Y 36 70.40 27.01 -17.11
CA ILE Y 36 71.63 27.35 -16.40
C ILE Y 36 72.34 28.50 -17.11
N ARG Y 37 72.39 28.47 -18.44
CA ARG Y 37 73.00 29.56 -19.19
C ARG Y 37 72.25 30.87 -18.96
N ARG Y 38 70.92 30.82 -18.98
CA ARG Y 38 70.13 32.02 -18.71
C ARG Y 38 70.38 32.54 -17.30
N LEU Y 39 70.52 31.63 -16.33
CA LEU Y 39 70.81 32.05 -14.97
C LEU Y 39 72.17 32.72 -14.87
N GLU Y 40 73.16 32.19 -15.57
CA GLU Y 40 74.48 32.82 -15.57
C GLU Y 40 74.43 34.21 -16.18
N THR Y 41 73.71 34.35 -17.30
CA THR Y 41 73.55 35.66 -17.92
C THR Y 41 72.87 36.64 -16.98
N GLU Y 42 71.82 36.20 -16.28
CA GLU Y 42 71.11 37.08 -15.37
C GLU Y 42 71.96 37.43 -14.15
N ALA Y 43 72.80 36.51 -13.69
CA ALA Y 43 73.71 36.82 -12.60
C ALA Y 43 74.72 37.88 -13.02
N GLU Y 44 75.26 37.74 -14.23
CA GLU Y 44 76.17 38.77 -14.74
C GLU Y 44 75.47 40.11 -14.84
N ASN Y 45 74.22 40.12 -15.31
CA ASN Y 45 73.47 41.37 -15.42
C ASN Y 45 73.25 42.01 -14.06
N GLN Y 46 72.79 41.23 -13.08
CA GLN Y 46 72.51 41.77 -11.76
C GLN Y 46 73.79 42.15 -11.02
N TYR Y 47 74.94 41.61 -11.44
CA TYR Y 47 76.20 42.11 -10.91
C TYR Y 47 76.57 43.45 -11.53
N TRP Y 48 76.50 43.54 -12.85
CA TRP Y 48 76.81 44.80 -13.51
C TRP Y 48 75.87 45.93 -13.08
N LEU Y 49 74.68 45.58 -12.60
CA LEU Y 49 73.72 46.57 -12.12
C LEU Y 49 73.85 46.84 -10.64
N SER Y 50 75.03 46.63 -10.05
CA SER Y 50 75.22 46.81 -8.61
C SER Y 50 75.95 48.09 -8.26
N ARG Y 51 76.95 48.49 -9.05
CA ARG Y 51 77.78 49.65 -8.75
C ARG Y 51 77.52 50.75 -9.76
N PRO Y 52 76.67 51.73 -9.46
CA PRO Y 52 76.43 52.82 -10.42
C PRO Y 52 77.62 53.76 -10.48
N PHE Y 53 77.58 54.64 -11.49
CA PHE Y 53 78.61 55.66 -11.61
C PHE Y 53 78.30 56.85 -10.71
N LEU Y 54 77.15 57.48 -10.91
CA LEU Y 54 76.70 58.56 -10.06
C LEU Y 54 75.72 58.04 -9.01
N THR Y 55 75.42 58.90 -8.05
CA THR Y 55 74.48 58.58 -6.99
C THR Y 55 73.17 59.36 -7.19
N ALA Y 56 72.18 59.03 -6.37
CA ALA Y 56 70.87 59.67 -6.49
C ALA Y 56 70.96 61.16 -6.17
N GLU Y 57 71.78 61.53 -5.19
CA GLU Y 57 71.94 62.93 -4.84
C GLU Y 57 72.80 63.69 -5.83
N GLN Y 58 73.66 63.00 -6.58
CA GLN Y 58 74.48 63.65 -7.60
C GLN Y 58 73.75 63.79 -8.93
N GLU Y 59 72.83 62.89 -9.24
CA GLU Y 59 72.10 62.94 -10.51
C GLU Y 59 70.91 63.87 -10.46
N ARG Y 60 70.77 64.69 -9.42
CA ARG Y 60 69.59 65.54 -9.26
C ARG Y 60 69.58 66.61 -10.35
N GLY Y 61 68.70 66.43 -11.34
CA GLY Y 61 68.55 67.40 -12.40
C GLY Y 61 69.79 67.65 -13.21
N HIS Y 62 70.62 66.61 -13.43
CA HIS Y 62 71.84 66.80 -14.19
C HIS Y 62 71.57 66.98 -15.67
N ALA Y 63 70.48 66.41 -16.18
CA ALA Y 63 70.10 66.53 -17.59
C ALA Y 63 68.62 66.86 -17.68
N ALA Y 64 68.30 68.15 -17.60
CA ALA Y 64 66.92 68.62 -17.68
C ALA Y 64 66.69 69.57 -18.84
N VAL Y 65 67.71 70.36 -19.22
CA VAL Y 65 67.57 71.25 -20.36
C VAL Y 65 67.33 70.45 -21.63
N ARG Y 66 67.93 69.27 -21.74
CA ARG Y 66 67.71 68.43 -22.92
C ARG Y 66 66.27 67.92 -22.96
N ARG Y 67 65.75 67.47 -21.83
CA ARG Y 67 64.35 67.04 -21.79
C ARG Y 67 63.41 68.19 -22.15
N ALA Y 68 63.67 69.37 -21.61
CA ALA Y 68 62.83 70.53 -21.91
C ALA Y 68 62.90 70.87 -23.39
N ALA Y 69 64.10 70.85 -23.98
CA ALA Y 69 64.24 71.17 -25.39
C ALA Y 69 63.55 70.13 -26.27
N ALA Y 70 63.65 68.85 -25.91
CA ALA Y 70 62.99 67.82 -26.68
C ALA Y 70 61.47 67.97 -26.61
N PHE Y 71 60.94 68.28 -25.42
CA PHE Y 71 59.50 68.47 -25.29
C PHE Y 71 59.03 69.70 -26.06
N GLN Y 72 59.82 70.77 -26.05
CA GLN Y 72 59.46 71.96 -26.82
C GLN Y 72 59.50 71.68 -28.32
N ALA Y 73 60.47 70.88 -28.77
CA ALA Y 73 60.52 70.50 -30.17
C ALA Y 73 59.32 69.66 -30.57
N LEU Y 74 58.91 68.74 -29.69
CA LEU Y 74 57.70 67.96 -29.94
C LEU Y 74 56.47 68.86 -30.02
N LYS Y 75 56.36 69.82 -29.10
CA LYS Y 75 55.25 70.76 -29.12
C LYS Y 75 55.21 71.55 -30.42
N ALA Y 76 56.37 72.03 -30.87
CA ALA Y 76 56.42 72.80 -32.11
C ALA Y 76 56.06 71.94 -33.32
N ALA Y 77 56.54 70.69 -33.34
CA ALA Y 77 56.21 69.80 -34.45
C ALA Y 77 54.72 69.50 -34.48
N GLN Y 78 54.10 69.34 -33.31
CA GLN Y 78 52.66 69.09 -33.30
C GLN Y 78 51.86 70.35 -33.63
N ALA Y 79 52.38 71.53 -33.28
CA ALA Y 79 51.65 72.76 -33.56
C ALA Y 79 51.78 73.19 -35.01
N ALA Y 80 52.85 72.78 -35.69
CA ALA Y 80 53.02 73.12 -37.09
C ALA Y 80 52.09 72.35 -38.01
N ARG Y 81 51.18 71.54 -37.46
CA ARG Y 81 50.25 70.76 -38.26
C ARG Y 81 49.16 71.66 -38.82
N PHE Y 82 49.05 71.70 -40.15
CA PHE Y 82 48.14 72.60 -40.85
C PHE Y 82 48.04 72.18 -42.32
N PRO Y 83 46.91 72.43 -42.99
CA PRO Y 83 46.84 72.12 -44.42
C PRO Y 83 47.87 72.91 -45.22
N ALA Y 84 48.41 72.25 -46.24
CA ALA Y 84 49.51 72.83 -47.01
C ALA Y 84 49.00 73.96 -47.91
N HIS Y 85 49.92 74.55 -48.65
CA HIS Y 85 49.62 75.68 -49.53
C HIS Y 85 49.10 75.17 -50.87
N ARG Y 86 48.11 75.87 -51.42
CA ARG Y 86 47.55 75.55 -52.72
C ARG Y 86 48.01 76.60 -53.72
N ARG Y 87 48.91 76.23 -54.62
CA ARG Y 87 49.50 77.15 -55.57
C ARG Y 87 48.74 77.14 -56.89
N LEU Y 88 49.10 78.08 -57.76
CA LEU Y 88 48.47 78.17 -59.08
C LEU Y 88 48.82 76.98 -59.95
N GLU Y 89 49.97 76.35 -59.71
CA GLU Y 89 50.41 75.25 -60.57
C GLU Y 89 49.51 74.04 -60.43
N GLU Y 90 49.10 73.72 -59.20
CA GLU Y 90 48.28 72.53 -58.97
C GLU Y 90 46.95 72.62 -59.71
N GLN Y 91 46.48 73.84 -60.00
CA GLN Y 91 45.23 74.02 -60.72
C GLN Y 91 45.43 74.24 -62.21
N LEU Y 92 46.52 74.89 -62.60
CA LEU Y 92 46.74 75.20 -64.01
C LEU Y 92 47.47 74.09 -64.77
N GLY Y 93 48.02 73.10 -64.08
CA GLY Y 93 48.63 71.98 -64.77
C GLY Y 93 47.64 70.97 -65.30
N HIS Y 94 46.41 70.99 -64.80
CA HIS Y 94 45.40 70.04 -65.26
C HIS Y 94 44.98 70.31 -66.70
N LEU Y 95 45.17 71.54 -67.19
CA LEU Y 95 44.84 71.86 -68.58
C LEU Y 95 45.81 71.21 -69.56
N LEU Y 96 46.96 70.72 -69.08
CA LEU Y 96 47.95 70.09 -69.95
C LEU Y 96 47.51 68.72 -70.47
N VAL Y 97 46.36 68.20 -70.03
CA VAL Y 97 45.92 66.90 -70.49
C VAL Y 97 45.46 66.95 -71.94
N THR Y 98 45.11 68.12 -72.44
CA THR Y 98 44.64 68.27 -73.82
C THR Y 98 45.67 68.96 -74.71
N ARG Y 99 46.94 68.93 -74.32
CA ARG Y 99 48.00 69.57 -75.10
C ARG Y 99 48.24 68.75 -76.37
N LYS Y 100 47.74 69.25 -77.49
CA LYS Y 100 47.80 68.54 -78.76
C LYS Y 100 48.93 69.10 -79.63
N TRP Y 101 49.10 68.48 -80.79
CA TRP Y 101 50.07 68.92 -81.78
C TRP Y 101 49.33 69.68 -82.89
N SER Y 102 49.69 70.94 -83.09
CA SER Y 102 49.06 71.76 -84.10
C SER Y 102 49.64 71.48 -85.48
N GLU Z 38 -0.74 115.58 -41.69
CA GLU Z 38 -1.99 116.32 -41.78
C GLU Z 38 -3.15 115.46 -41.30
N PHE Z 39 -2.94 114.15 -41.30
CA PHE Z 39 -3.97 113.22 -40.86
C PHE Z 39 -4.23 113.37 -39.37
N GLN Z 40 -5.48 113.11 -38.97
CA GLN Z 40 -5.88 113.14 -37.57
C GLN Z 40 -6.73 111.91 -37.26
N SER Z 41 -6.70 111.49 -36.01
CA SER Z 41 -7.47 110.35 -35.55
C SER Z 41 -8.19 110.72 -34.25
N ILE Z 42 -9.13 109.86 -33.85
CA ILE Z 42 -9.85 110.10 -32.60
C ILE Z 42 -8.92 109.97 -31.41
N TYR Z 43 -8.00 109.01 -31.45
CA TYR Z 43 -7.04 108.80 -30.39
C TYR Z 43 -5.76 109.61 -30.57
N SER Z 44 -5.82 110.69 -31.35
CA SER Z 44 -4.65 111.53 -31.55
C SER Z 44 -4.26 112.24 -30.26
N LEU Z 45 -3.00 112.69 -30.21
CA LEU Z 45 -2.50 113.35 -29.01
C LEU Z 45 -3.26 114.64 -28.72
N ASP Z 46 -3.58 115.40 -29.77
CA ASP Z 46 -4.26 116.67 -29.58
C ASP Z 46 -5.69 116.46 -29.09
N LYS Z 47 -6.34 115.38 -29.56
CA LYS Z 47 -7.69 115.08 -29.11
C LYS Z 47 -7.73 114.40 -27.75
N LEU Z 48 -6.61 113.79 -27.32
CA LEU Z 48 -6.54 113.17 -26.01
C LEU Z 48 -6.15 114.16 -24.92
N TYR Z 49 -5.26 115.10 -25.23
CA TYR Z 49 -4.82 116.11 -24.27
C TYR Z 49 -5.15 117.49 -24.84
N PRO Z 50 -6.36 117.99 -24.63
CA PRO Z 50 -6.71 119.32 -25.16
C PRO Z 50 -5.90 120.46 -24.54
N GLU Z 51 -5.25 120.24 -23.40
CA GLU Z 51 -4.45 121.29 -22.78
C GLU Z 51 -3.24 121.63 -23.64
N SER Z 52 -2.52 120.62 -24.12
CA SER Z 52 -1.37 120.80 -24.98
C SER Z 52 -1.75 120.39 -26.39
N ARG Z 53 -1.96 121.36 -27.27
CA ARG Z 53 -2.33 121.10 -28.66
C ARG Z 53 -1.21 121.37 -29.64
N GLY Z 54 -0.37 122.36 -29.41
CA GLY Z 54 0.74 122.62 -30.30
C GLY Z 54 1.83 121.57 -30.15
N SER Z 55 2.49 121.26 -31.27
CA SER Z 55 3.53 120.25 -31.30
C SER Z 55 4.85 120.75 -30.73
N ASP Z 56 4.93 122.00 -30.30
CA ASP Z 56 6.17 122.58 -29.81
C ASP Z 56 6.19 122.74 -28.29
N THR Z 57 5.18 122.23 -27.59
CA THR Z 57 5.15 122.33 -26.14
C THR Z 57 5.97 121.24 -25.45
N ALA Z 58 6.22 120.12 -26.14
CA ALA Z 58 7.00 119.04 -25.57
C ALA Z 58 8.50 119.26 -25.72
N TRP Z 59 8.93 120.32 -26.42
CA TRP Z 59 10.34 120.59 -26.64
C TRP Z 59 10.79 121.87 -25.97
N ARG Z 60 9.95 122.47 -25.13
CA ARG Z 60 10.33 123.69 -24.41
C ARG Z 60 11.36 123.36 -23.34
N LEU Z 61 11.94 124.42 -22.77
CA LEU Z 61 12.93 124.31 -21.69
C LEU Z 61 12.35 125.00 -20.46
N PRO Z 62 11.70 124.25 -19.58
CA PRO Z 62 11.09 124.88 -18.39
C PRO Z 62 12.13 125.32 -17.38
N ASP Z 63 12.76 126.48 -17.63
CA ASP Z 63 13.80 126.97 -16.75
C ASP Z 63 13.24 127.40 -15.39
N ASP Z 64 11.98 127.83 -15.35
CA ASP Z 64 11.36 128.27 -14.11
C ASP Z 64 10.89 127.11 -13.25
N ALA Z 65 10.96 125.87 -13.75
CA ALA Z 65 10.55 124.72 -12.94
C ALA Z 65 11.54 124.44 -11.82
N LYS Z 66 12.81 124.23 -12.19
CA LYS Z 66 13.88 123.98 -11.23
C LYS Z 66 14.89 125.12 -11.35
N GLN Z 67 14.87 126.03 -10.38
CA GLN Z 67 15.76 127.18 -10.39
C GLN Z 67 16.87 127.08 -9.35
N ALA Z 68 17.04 125.91 -8.74
CA ALA Z 68 18.16 125.73 -7.81
C ALA Z 68 19.49 125.62 -8.56
N ASN Z 69 19.49 124.87 -9.67
CA ASN Z 69 20.67 124.71 -10.53
C ASN Z 69 21.87 124.18 -9.75
N ASP Z 70 21.70 122.98 -9.20
CA ASP Z 70 22.77 122.34 -8.46
C ASP Z 70 23.75 121.67 -9.41
N ILE Z 71 24.94 121.37 -8.88
CA ILE Z 71 25.99 120.66 -9.61
C ILE Z 71 26.29 121.37 -10.93
N PRO Z 72 26.98 122.52 -10.90
CA PRO Z 72 27.28 123.24 -12.14
C PRO Z 72 28.32 122.53 -12.99
N VAL Z 73 27.85 121.60 -13.83
CA VAL Z 73 28.73 120.73 -14.63
C VAL Z 73 29.86 121.48 -15.30
N ASP Z 74 29.61 122.73 -15.72
CA ASP Z 74 30.64 123.50 -16.39
C ASP Z 74 31.81 123.82 -15.47
N ARG Z 75 31.60 123.84 -14.15
CA ARG Z 75 32.65 124.16 -13.20
C ARG Z 75 33.37 122.91 -12.68
N LEU Z 76 32.99 121.73 -13.12
CA LEU Z 76 33.59 120.49 -12.65
C LEU Z 76 34.56 119.94 -13.68
N THR Z 77 35.70 119.45 -13.21
CA THR Z 77 36.72 118.87 -14.06
C THR Z 77 36.50 117.37 -14.16
N ILE Z 78 36.18 116.89 -15.36
CA ILE Z 78 35.88 115.48 -15.59
C ILE Z 78 37.04 114.84 -16.33
N SER Z 79 37.45 113.65 -15.89
CA SER Z 79 38.52 112.89 -16.51
C SER Z 79 38.10 111.44 -16.64
N TYR Z 80 38.54 110.80 -17.72
CA TYR Z 80 38.24 109.41 -17.99
C TYR Z 80 39.54 108.63 -18.17
N CYS Z 81 39.62 107.47 -17.51
CA CYS Z 81 40.75 106.56 -17.68
C CYS Z 81 40.16 105.20 -18.06
N ARG Z 82 40.31 104.81 -19.33
CA ARG Z 82 39.71 103.58 -19.84
C ARG Z 82 40.74 102.47 -19.77
N SER Z 83 40.65 101.65 -18.72
CA SER Z 83 41.56 100.53 -18.53
C SER Z 83 40.86 99.25 -19.00
N SER Z 84 41.44 98.63 -20.03
CA SER Z 84 40.90 97.40 -20.59
C SER Z 84 41.96 96.30 -20.53
N GLY Z 85 41.49 95.06 -20.51
CA GLY Z 85 42.38 93.92 -20.45
C GLY Z 85 41.66 92.60 -20.24
N LYS Z 93 39.28 93.07 -17.21
CA LYS Z 93 38.03 93.81 -17.21
C LYS Z 93 38.20 95.17 -17.88
N VAL Z 94 37.18 95.58 -18.63
CA VAL Z 94 37.19 96.86 -19.34
C VAL Z 94 36.34 97.83 -18.54
N ASN Z 95 36.98 98.82 -17.92
CA ASN Z 95 36.28 99.81 -17.11
C ASN Z 95 36.82 101.20 -17.41
N SER Z 96 35.90 102.15 -17.58
CA SER Z 96 36.25 103.55 -17.81
C SER Z 96 36.05 104.30 -16.50
N LYS Z 97 37.11 104.36 -15.70
CA LYS Z 97 37.07 105.07 -14.44
C LYS Z 97 36.86 106.56 -14.68
N ALA Z 98 35.82 107.12 -14.07
CA ALA Z 98 35.51 108.53 -14.19
C ALA Z 98 35.90 109.25 -12.90
N GLU Z 99 36.63 110.36 -13.04
CA GLU Z 99 37.12 111.13 -11.92
C GLU Z 99 36.63 112.57 -12.05
N VAL Z 100 35.92 113.05 -11.05
CA VAL Z 100 35.40 114.41 -11.02
C VAL Z 100 36.09 115.13 -9.87
N ARG Z 101 36.89 116.14 -10.20
CA ARG Z 101 37.64 116.91 -9.21
C ARG Z 101 37.15 118.35 -9.22
N PHE Z 102 36.92 118.90 -8.02
CA PHE Z 102 36.52 120.29 -7.90
C PHE Z 102 37.00 120.83 -6.57
N HIS Z 103 37.49 122.07 -6.59
CA HIS Z 103 38.03 122.69 -5.37
C HIS Z 103 36.91 122.91 -4.36
N LEU Z 104 37.12 122.43 -3.14
CA LEU Z 104 36.08 122.55 -2.12
C LEU Z 104 36.04 123.95 -1.52
N ALA Z 105 37.20 124.58 -1.35
CA ALA Z 105 37.24 125.91 -0.76
C ALA Z 105 36.67 126.98 -1.71
N SER Z 106 36.69 126.73 -3.01
CA SER Z 106 36.17 127.68 -3.99
C SER Z 106 34.74 127.36 -4.44
N ALA Z 107 34.15 126.29 -3.91
CA ALA Z 107 32.78 125.93 -4.27
C ALA Z 107 31.83 126.96 -3.68
N ASP Z 108 31.33 127.84 -4.54
CA ASP Z 108 30.44 128.91 -4.12
C ASP Z 108 28.96 128.55 -4.21
N TRP Z 109 28.63 127.41 -4.81
CA TRP Z 109 27.25 126.96 -4.91
C TRP Z 109 26.76 126.25 -3.66
N ILE Z 110 27.54 126.26 -2.58
CA ILE Z 110 27.15 125.65 -1.32
C ILE Z 110 27.36 126.68 -0.21
N ALA Z 111 26.72 126.41 0.92
CA ALA Z 111 26.83 127.30 2.07
C ALA Z 111 28.18 127.10 2.77
N GLU Z 112 28.53 128.08 3.61
CA GLU Z 112 29.77 127.97 4.38
C GLU Z 112 29.72 126.84 5.40
N PRO Z 113 28.66 126.68 6.20
CA PRO Z 113 28.63 125.50 7.10
C PRO Z 113 28.59 124.19 6.35
N VAL Z 114 27.93 124.14 5.19
CA VAL Z 114 27.94 122.93 4.37
C VAL Z 114 29.36 122.61 3.92
N ARG Z 115 30.09 123.62 3.45
CA ARG Z 115 31.46 123.41 3.02
C ARG Z 115 32.34 122.95 4.18
N LEU Z 116 32.15 123.55 5.36
CA LEU Z 116 32.95 123.15 6.51
C LEU Z 116 32.63 121.71 6.93
N LYS Z 117 31.36 121.34 6.92
CA LYS Z 117 30.99 119.96 7.28
C LYS Z 117 31.54 118.96 6.27
N LEU Z 118 31.53 119.31 4.99
CA LEU Z 118 32.11 118.44 3.98
C LEU Z 118 33.62 118.30 4.18
N ALA Z 119 34.29 119.41 4.46
CA ALA Z 119 35.73 119.37 4.68
C ALA Z 119 36.08 118.61 5.95
N VAL Z 120 35.17 118.57 6.91
CA VAL Z 120 35.41 117.79 8.13
C VAL Z 120 35.19 116.30 7.89
N LYS Z 121 34.09 115.96 7.21
CA LYS Z 121 33.73 114.56 7.01
C LYS Z 121 34.64 113.89 5.98
N HIS Z 122 34.66 114.41 4.76
CA HIS Z 122 35.34 113.75 3.65
C HIS Z 122 36.78 114.23 3.46
N LYS Z 123 37.44 114.67 4.54
CA LYS Z 123 38.82 115.11 4.43
C LYS Z 123 39.77 113.96 4.09
N ASN Z 124 39.32 112.71 4.29
CA ASN Z 124 40.17 111.57 3.97
C ASN Z 124 40.37 111.37 2.47
N ARG Z 125 39.48 111.94 1.65
CA ARG Z 125 39.56 111.80 0.20
C ARG Z 125 39.85 113.12 -0.49
N ILE Z 126 40.33 114.12 0.25
CA ILE Z 126 40.63 115.44 -0.29
C ILE Z 126 42.13 115.57 -0.48
N ASN Z 127 42.54 115.99 -1.68
CA ASN Z 127 43.95 116.23 -1.96
C ASN Z 127 44.47 117.40 -1.14
N ARG Z 128 45.80 117.49 -1.04
CA ARG Z 128 46.41 118.56 -0.27
C ARG Z 128 46.22 119.93 -0.89
N SER Z 129 45.84 120.00 -2.17
CA SER Z 129 45.61 121.28 -2.83
C SER Z 129 44.17 121.76 -2.72
N GLY Z 130 43.37 121.14 -1.85
CA GLY Z 130 41.99 121.55 -1.66
C GLY Z 130 41.03 121.10 -2.72
N GLU Z 131 41.36 120.06 -3.49
CA GLU Z 131 40.52 119.57 -4.58
C GLU Z 131 39.81 118.31 -4.14
N LEU Z 132 38.51 118.41 -3.88
CA LEU Z 132 37.71 117.23 -3.59
C LEU Z 132 37.58 116.37 -4.85
N ILE Z 133 37.76 115.07 -4.68
CA ILE Z 133 37.81 114.12 -5.79
C ILE Z 133 36.77 113.04 -5.57
N LEU Z 134 35.94 112.79 -6.59
CA LEU Z 134 35.05 111.65 -6.62
C LEU Z 134 35.45 110.74 -7.76
N THR Z 135 35.29 109.44 -7.55
CA THR Z 135 35.76 108.44 -8.51
C THR Z 135 34.72 107.33 -8.63
N SER Z 136 34.40 106.96 -9.86
CA SER Z 136 33.46 105.88 -10.14
C SER Z 136 34.08 104.90 -11.11
N GLU Z 137 34.00 103.61 -10.78
CA GLU Z 137 34.55 102.57 -11.64
C GLU Z 137 33.65 101.34 -11.71
N CYS Z 138 32.43 101.41 -11.16
CA CYS Z 138 31.56 100.24 -11.12
C CYS Z 138 31.17 99.78 -12.52
N SER Z 139 30.46 100.62 -13.26
CA SER Z 139 29.98 100.25 -14.58
C SER Z 139 31.04 100.52 -15.64
N ARG Z 140 30.87 99.88 -16.80
CA ARG Z 140 31.78 100.08 -17.91
C ARG Z 140 31.45 101.29 -18.76
N TYR Z 141 30.36 101.99 -18.45
CA TYR Z 141 29.94 103.16 -19.21
C TYR Z 141 30.25 104.43 -18.46
N GLN Z 142 30.93 105.36 -19.13
CA GLN Z 142 31.28 106.63 -18.51
C GLN Z 142 30.04 107.41 -18.08
N PHE Z 143 28.92 107.22 -18.77
CA PHE Z 143 27.69 107.92 -18.39
C PHE Z 143 27.20 107.41 -17.04
N ARG Z 144 27.14 106.10 -16.85
CA ARG Z 144 26.77 105.56 -15.54
C ARG Z 144 27.79 105.92 -14.48
N ASN Z 145 29.06 106.00 -14.84
CA ASN Z 145 30.09 106.42 -13.88
C ASN Z 145 29.84 107.84 -13.41
N LEU Z 146 29.57 108.77 -14.34
CA LEU Z 146 29.28 110.15 -13.97
C LEU Z 146 27.99 110.24 -13.18
N ALA Z 147 26.99 109.43 -13.53
CA ALA Z 147 25.75 109.41 -12.76
C ALA Z 147 26.00 108.99 -11.32
N ASP Z 148 26.82 107.96 -11.13
CA ASP Z 148 27.14 107.51 -9.77
C ASP Z 148 27.93 108.58 -9.01
N CYS Z 149 28.88 109.24 -9.68
CA CYS Z 149 29.64 110.30 -9.03
C CYS Z 149 28.73 111.44 -8.60
N LEU Z 150 27.82 111.86 -9.48
CA LEU Z 150 26.91 112.94 -9.12
C LEU Z 150 25.94 112.51 -8.02
N GLN Z 151 25.54 111.25 -8.00
CA GLN Z 151 24.67 110.77 -6.93
C GLN Z 151 25.40 110.77 -5.60
N LYS Z 152 26.67 110.36 -5.60
CA LYS Z 152 27.45 110.43 -4.37
C LYS Z 152 27.63 111.86 -3.90
N LEU Z 153 27.85 112.78 -4.84
CA LEU Z 153 27.96 114.19 -4.48
C LEU Z 153 26.66 114.71 -3.88
N ARG Z 154 25.52 114.31 -4.46
CA ARG Z 154 24.23 114.71 -3.91
C ARG Z 154 24.02 114.14 -2.51
N ASP Z 155 24.43 112.89 -2.29
CA ASP Z 155 24.30 112.30 -0.97
C ASP Z 155 25.17 113.02 0.05
N MET Z 156 26.39 113.40 -0.33
CA MET Z 156 27.25 114.16 0.57
C MET Z 156 26.65 115.52 0.88
N ILE Z 157 26.12 116.20 -0.15
CA ILE Z 157 25.49 117.50 0.08
C ILE Z 157 24.30 117.36 1.02
N ALA Z 158 23.51 116.30 0.85
CA ALA Z 158 22.34 116.11 1.70
C ALA Z 158 22.74 115.83 3.14
N GLU Z 159 23.71 114.93 3.34
CA GLU Z 159 24.14 114.60 4.70
C GLU Z 159 24.87 115.76 5.36
N ALA Z 160 25.42 116.70 4.59
CA ALA Z 160 26.03 117.88 5.17
C ALA Z 160 25.04 119.00 5.40
N SER Z 161 23.94 119.04 4.66
CA SER Z 161 22.96 120.11 4.81
C SER Z 161 21.89 119.79 5.85
N GLN Z 162 21.47 118.54 5.96
CA GLN Z 162 20.45 118.17 6.94
C GLN Z 162 21.02 118.27 8.34
N PRO Z 163 20.53 119.18 9.18
CA PRO Z 163 21.10 119.33 10.54
C PRO Z 163 20.66 118.26 11.52
N ALA Z 164 19.65 117.45 11.17
CA ALA Z 164 19.13 116.42 12.08
C ALA Z 164 19.96 115.15 12.06
N LYS Z 165 21.15 115.17 11.47
CA LYS Z 165 21.99 113.98 11.42
C LYS Z 165 22.58 113.70 12.80
N GLU Z 166 22.19 112.58 13.39
CA GLU Z 166 22.69 112.17 14.70
C GLU Z 166 24.05 111.51 14.64
N PRO Z 167 24.59 111.30 13.43
CA PRO Z 167 25.91 110.70 13.24
C PRO Z 167 25.99 109.31 13.89
N SER Z 168 25.13 108.42 13.42
CA SER Z 168 25.10 107.05 13.93
C SER Z 168 26.28 106.27 13.36
N ARG Z 169 26.98 105.55 14.24
CA ARG Z 169 28.15 104.78 13.85
C ARG Z 169 27.95 103.30 14.19
N GLU Z 170 28.63 102.45 13.44
CA GLU Z 170 28.54 101.01 13.67
C GLU Z 170 29.24 100.62 14.96
N ASP Z 171 28.99 99.40 15.40
CA ASP Z 171 29.57 98.88 16.64
C ASP Z 171 30.49 97.69 16.43
N ALA Z 172 30.17 96.81 15.47
CA ALA Z 172 30.99 95.63 15.26
C ALA Z 172 32.41 95.98 14.82
N GLU Z 173 32.58 97.11 14.12
CA GLU Z 173 33.89 97.53 13.66
C GLU Z 173 34.54 98.56 14.58
N LEU Z 174 33.81 99.09 15.57
CA LEU Z 174 34.34 100.10 16.47
C LEU Z 174 34.53 99.61 17.89
N ARG Z 175 34.04 98.41 18.22
CA ARG Z 175 34.23 97.88 19.58
C ARG Z 175 35.70 97.70 19.90
N ARG Z 176 36.47 97.17 18.93
CA ARG Z 176 37.90 96.99 19.16
C ARG Z 176 38.60 98.32 19.37
N SER Z 177 38.25 99.33 18.57
CA SER Z 177 38.86 100.64 18.72
C SER Z 177 38.52 101.25 20.08
N ARG Z 178 37.27 101.11 20.52
CA ARG Z 178 36.89 101.65 21.82
C ARG Z 178 37.61 100.91 22.95
N ILE Z 179 37.74 99.59 22.84
CA ILE Z 179 38.41 98.82 23.89
C ILE Z 179 39.88 99.21 23.97
N GLU Z 180 40.56 99.29 22.83
CA GLU Z 180 41.97 99.66 22.85
C GLU Z 180 42.15 101.10 23.30
N ASN Z 181 41.19 101.98 23.00
CA ASN Z 181 41.25 103.35 23.48
C ASN Z 181 41.15 103.40 25.00
N MET Z 182 40.20 102.68 25.58
CA MET Z 182 40.09 102.63 27.03
C MET Z 182 41.33 102.01 27.66
N ASN Z 183 41.89 100.99 27.03
CA ASN Z 183 43.06 100.32 27.58
C ASN Z 183 44.29 101.24 27.56
N ARG Z 184 44.49 101.98 26.47
CA ARG Z 184 45.62 102.91 26.44
C ARG Z 184 45.35 104.12 27.34
N GLU Z 185 44.09 104.47 27.56
CA GLU Z 185 43.77 105.52 28.52
C GLU Z 185 44.12 105.09 29.93
N ARG Z 186 43.93 103.80 30.25
CA ARG Z 186 44.29 103.30 31.56
C ARG Z 186 45.75 103.58 31.89
N LEU Z 187 46.63 103.53 30.89
CA LEU Z 187 48.02 103.90 31.09
C LEU Z 187 48.23 105.40 30.96
N ARG Z 188 47.43 106.07 30.12
CA ARG Z 188 47.49 107.52 29.97
C ARG Z 188 47.13 108.26 31.26
N LYS Z 189 46.47 107.58 32.19
CA LYS Z 189 46.06 108.20 33.45
C LYS Z 189 47.22 108.59 34.35
N LYS Z 190 48.46 108.34 33.95
CA LYS Z 190 49.61 108.79 34.74
C LYS Z 190 49.75 110.30 34.64
N ARG Z 191 49.64 110.98 35.77
CA ARG Z 191 49.68 112.44 35.83
C ARG Z 191 51.03 112.88 36.42
N ILE Z 192 51.95 113.28 35.55
CA ILE Z 192 53.27 113.76 35.94
C ILE Z 192 53.58 115.00 35.12
N SER Z 193 54.07 116.05 35.78
CA SER Z 193 54.45 117.26 35.07
C SER Z 193 55.64 117.00 34.16
N SER Z 194 55.62 117.62 32.98
CA SER Z 194 56.68 117.45 32.00
C SER Z 194 56.79 118.72 31.17
N ALA Z 195 57.85 118.79 30.37
CA ALA Z 195 58.12 119.94 29.51
C ALA Z 195 58.17 121.24 30.30
N TYR AA 25 23.63 77.49 -85.60
CA TYR AA 25 22.19 77.65 -85.63
C TYR AA 25 21.77 78.94 -84.94
N ARG AA 26 20.48 79.26 -85.02
CA ARG AA 26 19.92 80.43 -84.36
C ARG AA 26 19.20 80.02 -83.09
N ALA AA 27 19.36 80.81 -82.04
CA ALA AA 27 18.74 80.50 -80.76
C ALA AA 27 17.23 80.70 -80.82
N ARG AA 28 16.54 80.01 -79.92
CA ARG AA 28 15.10 80.12 -79.83
C ARG AA 28 14.71 81.49 -79.27
N PRO AA 29 13.48 81.93 -79.49
CA PRO AA 29 13.01 83.17 -78.88
C PRO AA 29 13.10 83.10 -77.37
N PRO AA 30 13.74 84.07 -76.73
CA PRO AA 30 13.93 84.01 -75.28
C PRO AA 30 12.60 84.08 -74.55
N PRO AA 31 12.48 83.40 -73.41
CA PRO AA 31 11.24 83.47 -72.63
C PRO AA 31 11.08 84.85 -72.01
N ARG AA 32 10.04 85.57 -72.47
CA ARG AA 32 9.75 86.91 -72.00
C ARG AA 32 8.47 86.89 -71.17
N ARG AA 33 8.54 87.45 -69.97
CA ARG AA 33 7.37 87.55 -69.10
C ARG AA 33 6.51 88.70 -69.56
N SER AA 34 5.35 88.39 -70.15
CA SER AA 34 4.48 89.44 -70.67
C SER AA 34 3.89 90.27 -69.54
N GLN AA 35 3.99 91.58 -69.67
CA GLN AA 35 3.48 92.50 -68.65
C GLN AA 35 1.98 92.76 -68.77
N GLU AA 36 1.34 92.24 -69.80
CA GLU AA 36 -0.09 92.47 -69.96
C GLU AA 36 -0.88 91.66 -68.93
N PRO AA 37 -2.00 92.21 -68.43
CA PRO AA 37 -2.82 91.46 -67.48
C PRO AA 37 -3.42 90.22 -68.12
N ARG AA 38 -3.43 89.13 -67.36
CA ARG AA 38 -3.94 87.85 -67.82
C ARG AA 38 -5.04 87.40 -66.87
N TRP AA 39 -6.23 87.14 -67.41
CA TRP AA 39 -7.37 86.73 -66.62
C TRP AA 39 -7.85 85.34 -67.05
N PRO AA 40 -8.12 84.46 -66.09
CA PRO AA 40 -8.62 83.12 -66.44
C PRO AA 40 -10.08 83.17 -66.84
N ASP AA 41 -10.51 82.10 -67.51
CA ASP AA 41 -11.88 82.01 -67.98
C ASP AA 41 -12.79 81.57 -66.83
N PRO AA 42 -13.80 82.36 -66.46
CA PRO AA 42 -14.69 81.95 -65.37
C PRO AA 42 -15.54 80.73 -65.71
N ASP AA 43 -15.74 80.43 -66.99
CA ASP AA 43 -16.57 79.30 -67.39
C ASP AA 43 -15.80 78.00 -67.47
N ASP AA 44 -14.49 78.06 -67.66
CA ASP AA 44 -13.68 76.84 -67.71
C ASP AA 44 -13.56 76.26 -66.30
N PRO AA 45 -14.09 75.06 -66.05
CA PRO AA 45 -14.01 74.50 -64.69
C PRO AA 45 -12.63 74.02 -64.30
N LEU AA 46 -11.65 74.07 -65.19
CA LEU AA 46 -10.30 73.61 -64.90
C LEU AA 46 -9.41 74.67 -64.29
N THR AA 47 -9.94 75.87 -64.05
CA THR AA 47 -9.11 76.91 -63.46
C THR AA 47 -9.12 76.78 -61.94
N PRO AA 48 -8.00 77.07 -61.28
CA PRO AA 48 -7.96 76.99 -59.81
C PRO AA 48 -8.81 78.08 -59.18
N ARG AA 49 -9.00 77.94 -57.86
CA ARG AA 49 -9.86 78.85 -57.12
C ARG AA 49 -9.14 80.15 -56.76
N TRP AA 50 -7.83 80.09 -56.50
CA TRP AA 50 -7.10 81.30 -56.12
C TRP AA 50 -7.00 82.29 -57.27
N GLN AA 51 -7.08 81.83 -58.52
CA GLN AA 51 -7.08 82.74 -59.65
C GLN AA 51 -8.43 83.40 -59.88
N LEU AA 52 -9.50 82.86 -59.32
CA LEU AA 52 -10.82 83.46 -59.40
C LEU AA 52 -11.20 84.21 -58.13
N SER AA 53 -10.45 84.04 -57.04
CA SER AA 53 -10.74 84.74 -55.81
C SER AA 53 -10.60 86.25 -56.01
N PRO AA 54 -11.35 87.05 -55.25
CA PRO AA 54 -11.26 88.52 -55.41
C PRO AA 54 -9.88 89.08 -55.09
N ARG AA 55 -9.14 88.43 -54.19
CA ARG AA 55 -7.79 88.89 -53.88
C ARG AA 55 -6.90 88.85 -55.12
N TYR AA 56 -7.11 87.87 -56.00
CA TYR AA 56 -6.34 87.83 -57.24
C TYR AA 56 -6.63 89.05 -58.11
N ALA AA 57 -7.90 89.46 -58.18
CA ALA AA 57 -8.24 90.66 -58.95
C ALA AA 57 -7.66 91.91 -58.31
N ALA AA 58 -7.69 91.98 -56.98
CA ALA AA 58 -7.10 93.13 -56.30
C ALA AA 58 -5.60 93.21 -56.56
N LYS AA 59 -4.92 92.07 -56.55
CA LYS AA 59 -3.48 92.08 -56.82
C LYS AA 59 -3.19 92.38 -58.28
N GLN AA 60 -4.06 91.92 -59.20
CA GLN AA 60 -3.89 92.29 -60.60
C GLN AA 60 -4.04 93.80 -60.79
N PHE AA 61 -4.98 94.41 -60.06
CA PHE AA 61 -5.10 95.86 -60.10
C PHE AA 61 -3.86 96.54 -59.54
N ALA AA 62 -3.36 96.05 -58.40
CA ALA AA 62 -2.15 96.63 -57.83
C ALA AA 62 -0.97 96.47 -58.78
N ARG AA 63 -0.97 95.43 -59.61
CA ARG AA 63 0.10 95.25 -60.58
C ARG AA 63 -0.05 96.22 -61.74
N HIS AA 64 -1.24 96.33 -62.30
CA HIS AA 64 -1.47 97.15 -63.50
C HIS AA 64 -2.36 98.35 -63.22
N GLY AA 65 -3.55 98.15 -62.69
CA GLY AA 65 -4.47 99.24 -62.43
C GLY AA 65 -5.18 99.76 -63.67
N ALA AA 66 -4.42 100.37 -64.57
CA ALA AA 66 -5.01 100.91 -65.79
C ALA AA 66 -5.47 99.79 -66.72
N ALA AA 67 -4.55 98.91 -67.09
CA ALA AA 67 -4.87 97.79 -67.97
C ALA AA 67 -5.53 96.62 -67.23
N SER AA 68 -5.71 96.73 -65.91
CA SER AA 68 -6.29 95.64 -65.15
C SER AA 68 -7.76 95.44 -65.50
N GLY AA 69 -8.54 96.52 -65.52
CA GLY AA 69 -9.94 96.43 -65.83
C GLY AA 69 -10.83 96.15 -64.63
N VAL AA 70 -10.45 96.61 -63.44
CA VAL AA 70 -11.22 96.40 -62.23
C VAL AA 70 -11.65 97.75 -61.69
N ALA AA 71 -12.90 97.82 -61.22
CA ALA AA 71 -13.42 99.05 -60.63
C ALA AA 71 -12.63 99.38 -59.37
N ALA AA 72 -12.16 100.63 -59.27
CA ALA AA 72 -11.34 101.04 -58.14
C ALA AA 72 -12.09 100.96 -56.82
N GLY AA 73 -13.43 101.05 -56.84
CA GLY AA 73 -14.20 100.94 -55.62
C GLY AA 73 -14.29 99.54 -55.05
N SER AA 74 -13.79 98.54 -55.77
CA SER AA 74 -13.84 97.17 -55.29
C SER AA 74 -12.78 96.86 -54.24
N LEU AA 75 -11.72 97.68 -54.15
CA LEU AA 75 -10.67 97.41 -53.19
C LEU AA 75 -11.14 97.63 -51.75
N TRP AA 76 -11.97 98.66 -51.54
CA TRP AA 76 -12.50 98.91 -50.22
C TRP AA 76 -13.60 97.88 -49.88
N PRO AA 77 -13.83 97.63 -48.59
CA PRO AA 77 -14.85 96.65 -48.22
C PRO AA 77 -16.26 97.14 -48.54
N SER AA 78 -17.17 96.18 -48.67
CA SER AA 78 -18.56 96.49 -48.96
C SER AA 78 -19.25 96.98 -47.69
N GLN AA 79 -20.57 97.19 -47.76
CA GLN AA 79 -21.30 97.69 -46.60
C GLN AA 79 -21.36 96.65 -45.49
N GLU AA 80 -21.79 95.43 -45.83
CA GLU AA 80 -21.85 94.36 -44.82
C GLU AA 80 -20.45 94.02 -44.32
N GLN AA 81 -19.45 94.06 -45.21
CA GLN AA 81 -18.08 93.80 -44.77
C GLN AA 81 -17.62 94.86 -43.78
N LEU AA 82 -17.94 96.13 -44.04
CA LEU AA 82 -17.56 97.19 -43.11
C LEU AA 82 -18.30 97.05 -41.79
N ARG AA 83 -19.57 96.66 -41.84
CA ARG AA 83 -20.33 96.45 -40.60
C ARG AA 83 -19.71 95.33 -39.78
N GLU AA 84 -19.36 94.21 -40.42
CA GLU AA 84 -18.75 93.10 -39.70
C GLU AA 84 -17.38 93.49 -39.14
N LEU AA 85 -16.60 94.25 -39.91
CA LEU AA 85 -15.30 94.69 -39.41
C LEU AA 85 -15.45 95.61 -38.21
N GLU AA 86 -16.42 96.53 -38.25
CA GLU AA 86 -16.66 97.40 -37.11
C GLU AA 86 -17.09 96.61 -35.89
N ALA AA 87 -17.99 95.64 -36.08
CA ALA AA 87 -18.42 94.82 -34.96
C ALA AA 87 -17.26 94.04 -34.36
N GLU AA 88 -16.43 93.43 -35.22
CA GLU AA 88 -15.29 92.67 -34.75
C GLU AA 88 -14.31 93.56 -33.99
N GLU AA 89 -14.03 94.75 -34.53
CA GLU AA 89 -13.10 95.66 -33.88
C GLU AA 89 -13.64 96.12 -32.52
N ARG AA 90 -14.93 96.45 -32.46
CA ARG AA 90 -15.50 96.89 -31.19
C ARG AA 90 -15.56 95.76 -30.17
N GLU AA 91 -15.70 94.51 -30.63
CA GLU AA 91 -15.80 93.40 -29.70
C GLU AA 91 -14.43 92.92 -29.22
N TRP AA 92 -13.40 93.03 -30.04
CA TRP AA 92 -12.09 92.50 -29.69
C TRP AA 92 -11.03 93.57 -29.47
N TYR AA 93 -11.41 94.84 -29.43
CA TYR AA 93 -10.47 95.93 -29.16
C TYR AA 93 -11.19 97.03 -28.41
N PRO AA 94 -11.14 97.00 -27.07
CA PRO AA 94 -11.82 98.03 -26.29
C PRO AA 94 -11.17 99.40 -26.48
N SER AA 95 -11.85 100.42 -25.97
CA SER AA 95 -11.36 101.78 -26.07
C SER AA 95 -10.19 102.01 -25.13
N LEU AA 96 -9.37 103.01 -25.47
CA LEU AA 96 -8.19 103.32 -24.66
C LEU AA 96 -8.58 103.75 -23.25
N ALA AA 97 -9.66 104.54 -23.12
CA ALA AA 97 -10.11 104.95 -21.80
C ALA AA 97 -10.56 103.76 -20.97
N ALA AA 98 -11.29 102.83 -21.60
CA ALA AA 98 -11.73 101.63 -20.88
C ALA AA 98 -10.54 100.78 -20.46
N MET AA 99 -9.53 100.67 -21.32
CA MET AA 99 -8.34 99.90 -20.97
C MET AA 99 -7.59 100.54 -19.80
N GLN AA 100 -7.45 101.87 -19.82
CA GLN AA 100 -6.79 102.56 -18.71
C GLN AA 100 -7.58 102.41 -17.42
N GLU AA 101 -8.91 102.45 -17.51
CA GLU AA 101 -9.74 102.25 -16.33
C GLU AA 101 -9.58 100.84 -15.77
N SER AA 102 -9.55 99.83 -16.64
CA SER AA 102 -9.35 98.46 -16.18
C SER AA 102 -7.98 98.29 -15.53
N LEU AA 103 -6.95 98.89 -16.12
CA LEU AA 103 -5.62 98.82 -15.52
C LEU AA 103 -5.58 99.50 -14.16
N ARG AA 104 -6.25 100.65 -14.03
CA ARG AA 104 -6.31 101.32 -12.75
C ARG AA 104 -7.03 100.47 -11.71
N VAL AA 105 -8.12 99.82 -12.11
CA VAL AA 105 -8.86 98.96 -11.19
C VAL AA 105 -7.99 97.80 -10.74
N GLN AA 106 -7.26 97.18 -11.66
CA GLN AA 106 -6.41 96.05 -11.29
C GLN AA 106 -5.28 96.50 -10.36
N GLN AA 107 -4.67 97.65 -10.63
CA GLN AA 107 -3.61 98.14 -9.76
C GLN AA 107 -4.15 98.48 -8.37
N LEU AA 108 -5.34 99.07 -8.30
CA LEU AA 108 -5.92 99.38 -6.99
C LEU AA 108 -6.27 98.09 -6.24
N ALA AA 109 -6.72 97.07 -6.95
CA ALA AA 109 -7.01 95.80 -6.30
C ALA AA 109 -5.74 95.16 -5.74
N GLU AA 110 -4.66 95.20 -6.53
CA GLU AA 110 -3.39 94.64 -6.04
C GLU AA 110 -2.87 95.41 -4.83
N GLU AA 111 -2.98 96.74 -4.87
CA GLU AA 111 -2.54 97.54 -3.73
C GLU AA 111 -3.42 97.27 -2.51
N GLN AA 112 -4.71 97.05 -2.71
CA GLN AA 112 -5.59 96.70 -1.61
C GLN AA 112 -5.20 95.36 -1.00
N LYS AA 113 -4.88 94.38 -1.84
CA LYS AA 113 -4.42 93.09 -1.32
C LYS AA 113 -3.13 93.25 -0.52
N ARG AA 114 -2.18 94.03 -1.04
CA ARG AA 114 -0.92 94.24 -0.32
C ARG AA 114 -1.16 94.93 1.02
N GLN AA 115 -2.03 95.95 1.04
CA GLN AA 115 -2.29 96.65 2.29
C GLN AA 115 -3.02 95.77 3.28
N ALA AA 116 -3.94 94.92 2.82
CA ALA AA 116 -4.61 94.00 3.72
C ALA AA 116 -3.62 93.00 4.30
N ARG AA 117 -2.71 92.47 3.48
CA ARG AA 117 -1.70 91.57 3.98
C ARG AA 117 -0.80 92.25 5.01
N GLU AA 118 -0.38 93.48 4.73
CA GLU AA 118 0.45 94.21 5.68
C GLU AA 118 -0.28 94.45 6.99
N GLN AA 119 -1.55 94.84 6.92
CA GLN AA 119 -2.33 95.09 8.12
C GLN AA 119 -2.51 93.82 8.94
N LEU AA 120 -2.77 92.70 8.27
CA LEU AA 120 -2.92 91.42 8.98
C LEU AA 120 -1.61 91.01 9.63
N ILE AA 121 -0.49 91.17 8.93
CA ILE AA 121 0.81 90.83 9.51
C ILE AA 121 1.09 91.70 10.72
N GLU AA 122 0.77 93.01 10.63
CA GLU AA 122 1.00 93.90 11.76
C GLU AA 122 0.14 93.51 12.96
N GLU AA 123 -1.14 93.22 12.72
CA GLU AA 123 -2.04 92.89 13.82
C GLU AA 123 -1.66 91.57 14.47
N CYS AA 124 -1.17 90.62 13.68
CA CYS AA 124 -0.78 89.33 14.24
C CYS AA 124 0.61 89.36 14.87
N MET AA 125 1.46 90.32 14.49
CA MET AA 125 2.77 90.44 15.12
C MET AA 125 2.69 91.25 16.40
N ALA AA 126 1.78 92.22 16.48
CA ALA AA 126 1.61 92.98 17.71
C ALA AA 126 1.11 92.10 18.86
N LYS AA 127 0.54 90.93 18.54
CA LYS AA 127 0.09 89.98 19.56
C LYS AA 127 1.07 88.83 19.74
N MET AA 128 2.20 88.83 19.02
CA MET AA 128 3.12 87.69 19.09
C MET AA 128 3.75 87.52 20.47
N PRO AA 129 4.26 88.56 21.14
CA PRO AA 129 4.80 88.34 22.49
C PRO AA 129 3.77 87.84 23.46
N GLN AA 130 2.54 88.38 23.42
CA GLN AA 130 1.48 87.89 24.29
C GLN AA 130 1.20 86.41 24.03
N MET AA 131 1.14 86.02 22.76
CA MET AA 131 0.86 84.63 22.41
C MET AA 131 1.96 83.69 22.89
N ILE AA 132 3.23 84.07 22.67
CA ILE AA 132 4.31 83.18 23.07
C ILE AA 132 4.42 83.11 24.58
N GLU AA 133 4.14 84.21 25.29
CA GLU AA 133 4.16 84.16 26.74
C GLU AA 133 3.03 83.29 27.28
N ASN AA 134 1.85 83.40 26.70
CA ASN AA 134 0.74 82.55 27.11
C ASN AA 134 1.05 81.08 26.85
N TRP AA 135 1.65 80.77 25.70
CA TRP AA 135 2.00 79.39 25.39
C TRP AA 135 3.05 78.86 26.36
N ARG AA 136 4.07 79.66 26.66
CA ARG AA 136 5.08 79.24 27.62
C ARG AA 136 4.49 79.00 29.00
N GLN AA 137 3.59 79.89 29.44
CA GLN AA 137 2.96 79.72 30.74
C GLN AA 137 2.10 78.47 30.78
N GLN AA 138 1.35 78.20 29.70
CA GLN AA 138 0.53 76.99 29.66
C GLN AA 138 1.40 75.74 29.69
N GLN AA 139 2.50 75.74 28.93
CA GLN AA 139 3.37 74.57 28.91
C GLN AA 139 4.01 74.35 30.28
N GLN AA 140 4.46 75.44 30.93
CA GLN AA 140 5.05 75.31 32.26
C GLN AA 140 4.03 74.80 33.27
N GLU AA 141 2.78 75.29 33.17
CA GLU AA 141 1.74 74.81 34.08
C GLU AA 141 1.47 73.32 33.85
N ARG AA 142 1.45 72.89 32.58
CA ARG AA 142 1.21 71.48 32.30
C ARG AA 142 2.34 70.61 32.85
N ARG AA 143 3.59 71.03 32.65
CA ARG AA 143 4.72 70.26 33.16
C ARG AA 143 4.69 70.21 34.69
N GLU AA 144 4.41 71.34 35.34
CA GLU AA 144 4.36 71.37 36.79
C GLU AA 144 3.23 70.49 37.32
N LYS AA 145 2.08 70.50 36.63
CA LYS AA 145 0.96 69.66 37.05
C LYS AA 145 1.30 68.19 36.92
N GLU AA 146 1.96 67.80 35.82
CA GLU AA 146 2.36 66.40 35.65
C GLU AA 146 3.36 65.99 36.72
N GLN AA 147 4.33 66.85 37.01
CA GLN AA 147 5.32 66.52 38.04
C GLN AA 147 4.68 66.42 39.42
N ALA AA 148 3.72 67.32 39.73
CA ALA AA 148 3.04 67.26 41.01
C ALA AA 148 2.18 66.02 41.13
N ASP AA 149 1.53 65.61 40.03
CA ASP AA 149 0.76 64.37 40.04
C ASP AA 149 1.66 63.17 40.28
N LYS AA 150 2.83 63.14 39.62
CA LYS AA 150 3.76 62.04 39.83
C LYS AA 150 4.29 62.01 41.27
N ASP AA 151 4.59 63.19 41.83
CA ASP AA 151 5.05 63.26 43.21
C ASP AA 151 3.96 62.80 44.17
N ARG AA 152 2.71 63.18 43.91
CA ARG AA 152 1.60 62.73 44.76
C ARG AA 152 1.42 61.22 44.67
N ARG AA 153 1.53 60.66 43.47
CA ARG AA 153 1.42 59.22 43.31
C ARG AA 153 2.53 58.50 44.07
N ALA AA 154 3.77 58.99 43.95
CA ALA AA 154 4.89 58.36 44.64
C ALA AA 154 4.73 58.49 46.16
N ARG AA 155 4.25 59.63 46.63
CA ARG AA 155 4.09 59.84 48.07
C ARG AA 155 2.96 59.01 48.65
N LEU AA 156 1.92 58.74 47.86
CA LEU AA 156 0.84 57.87 48.34
C LEU AA 156 1.19 56.40 48.21
N GLN AA 157 2.08 56.03 47.28
CA GLN AA 157 2.51 54.64 47.16
C GLN AA 157 3.61 54.28 48.14
N ALA AA 158 4.43 55.24 48.57
CA ALA AA 158 5.47 54.94 49.55
C ALA AA 158 4.87 54.67 50.92
N GLU AA 159 3.73 55.28 51.23
CA GLU AA 159 3.07 55.06 52.51
C GLU AA 159 2.29 53.75 52.51
N SER BA 39 18.12 31.24 -0.26
CA SER BA 39 18.30 30.24 0.78
C SER BA 39 18.02 30.83 2.16
N LYS BA 40 19.09 31.17 2.90
CA LYS BA 40 18.96 31.71 4.25
C LYS BA 40 19.62 33.06 4.44
N ASN BA 41 20.53 33.46 3.56
CA ASN BA 41 21.22 34.74 3.66
C ASN BA 41 20.70 35.69 2.60
N LEU BA 42 20.16 36.82 3.03
CA LEU BA 42 19.61 37.83 2.13
C LEU BA 42 20.21 39.18 2.47
N GLY BA 43 20.22 40.07 1.47
CA GLY BA 43 20.72 41.41 1.69
C GLY BA 43 22.23 41.53 1.80
N GLY BA 44 22.96 40.44 1.60
CA GLY BA 44 24.41 40.49 1.69
C GLY BA 44 25.11 41.31 0.62
N LYS BA 45 24.37 41.83 -0.35
CA LYS BA 45 24.94 42.62 -1.45
C LYS BA 45 24.73 44.10 -1.15
N SER BA 46 25.80 44.89 -1.33
CA SER BA 46 25.75 46.32 -1.10
C SER BA 46 26.95 46.98 -1.80
N PRO BA 47 26.71 48.00 -2.61
CA PRO BA 47 27.83 48.66 -3.32
C PRO BA 47 28.79 49.33 -2.35
N GLY BA 48 30.01 49.52 -2.81
CA GLY BA 48 31.01 50.16 -1.99
C GLY BA 48 30.76 51.65 -1.83
N LYS BA 49 31.13 52.17 -0.67
CA LYS BA 49 30.94 53.58 -0.35
C LYS BA 49 32.12 54.45 -0.76
N ARG BA 50 33.18 53.86 -1.32
CA ARG BA 50 34.39 54.58 -1.69
C ARG BA 50 34.99 55.33 -0.49
N PHE BA 51 34.81 54.78 0.71
CA PHE BA 51 35.35 55.39 1.92
C PHE BA 51 36.86 55.23 1.93
N GLY BA 52 37.58 56.30 1.61
CA GLY BA 52 39.03 56.25 1.60
C GLY BA 52 39.61 57.65 1.62
N ILE BA 53 40.93 57.70 1.52
CA ILE BA 53 41.66 58.97 1.50
C ILE BA 53 41.73 59.47 0.06
N LYS BA 54 41.32 60.72 -0.14
CA LYS BA 54 41.25 61.29 -1.49
C LYS BA 54 42.56 61.96 -1.88
N LYS BA 55 43.04 62.89 -1.06
CA LYS BA 55 44.26 63.64 -1.35
C LYS BA 55 45.41 63.07 -0.55
N MET BA 56 46.54 62.84 -1.21
CA MET BA 56 47.75 62.34 -0.58
C MET BA 56 48.66 63.50 -0.20
N GLU BA 57 49.70 63.19 0.57
CA GLU BA 57 50.65 64.22 0.99
C GLU BA 57 51.39 64.77 -0.21
N GLY BA 58 51.45 66.10 -0.30
CA GLY BA 58 52.13 66.77 -1.39
C GLY BA 58 51.22 67.36 -2.44
N HIS BA 59 49.95 66.97 -2.47
CA HIS BA 59 49.02 67.49 -3.45
C HIS BA 59 48.59 68.90 -3.06
N TYR BA 60 48.57 69.79 -4.06
CA TYR BA 60 48.18 71.18 -3.85
C TYR BA 60 46.66 71.27 -4.01
N VAL BA 61 45.96 71.52 -2.91
CA VAL BA 61 44.51 71.58 -2.90
C VAL BA 61 44.07 73.03 -2.66
N HIS BA 62 42.79 73.28 -2.88
CA HIS BA 62 42.19 74.59 -2.67
C HIS BA 62 41.21 74.52 -1.51
N ALA BA 63 40.60 75.67 -1.20
CA ALA BA 63 39.68 75.75 -0.08
C ALA BA 63 38.39 75.00 -0.40
N GLY BA 64 38.03 74.06 0.46
CA GLY BA 64 36.80 73.31 0.31
C GLY BA 64 36.95 71.89 -0.18
N ASN BA 65 38.12 71.52 -0.68
CA ASN BA 65 38.30 70.18 -1.23
C ASN BA 65 38.26 69.15 -0.11
N ILE BA 66 37.51 68.07 -0.34
CA ILE BA 66 37.43 66.96 0.60
C ILE BA 66 38.77 66.22 0.58
N LEU BA 67 39.50 66.26 1.68
CA LEU BA 67 40.80 65.62 1.74
C LEU BA 67 40.68 64.10 1.90
N ALA BA 68 39.80 63.65 2.79
CA ALA BA 68 39.62 62.22 3.01
C ALA BA 68 38.25 61.99 3.64
N THR BA 69 37.60 60.91 3.23
CA THR BA 69 36.32 60.49 3.79
C THR BA 69 36.53 59.19 4.56
N GLN BA 70 35.64 58.95 5.51
CA GLN BA 70 35.78 57.80 6.40
C GLN BA 70 34.46 57.54 7.10
N ARG BA 71 34.27 56.28 7.52
CA ARG BA 71 33.09 55.91 8.29
C ARG BA 71 33.34 55.98 9.79
N HIS BA 72 34.46 55.46 10.24
CA HIS BA 72 34.92 55.63 11.62
C HIS BA 72 36.09 56.59 11.65
N PHE BA 73 36.41 57.06 12.86
CA PHE BA 73 37.48 58.03 13.02
C PHE BA 73 38.83 57.36 12.81
N ARG BA 74 39.33 57.40 11.57
CA ARG BA 74 40.63 56.86 11.21
C ARG BA 74 41.68 57.94 11.08
N TRP BA 75 41.32 59.10 10.55
CA TRP BA 75 42.20 60.25 10.43
C TRP BA 75 41.53 61.46 11.06
N HIS BA 76 42.23 62.11 11.98
CA HIS BA 76 41.64 63.27 12.60
C HIS BA 76 42.12 64.54 11.90
N PRO BA 77 41.29 65.59 11.88
CA PRO BA 77 41.70 66.84 11.23
C PRO BA 77 42.65 67.64 12.12
N GLY BA 78 43.35 68.57 11.48
CA GLY BA 78 44.25 69.46 12.21
C GLY BA 78 44.11 70.89 11.76
N ALA BA 79 45.23 71.60 11.61
CA ALA BA 79 45.19 73.00 11.27
C ALA BA 79 44.54 73.21 9.90
N HIS BA 80 43.57 74.12 9.86
CA HIS BA 80 42.88 74.49 8.62
C HIS BA 80 42.16 73.32 7.97
N VAL BA 81 41.72 72.35 8.78
CA VAL BA 81 40.97 71.20 8.27
C VAL BA 81 39.70 71.06 9.09
N GLY BA 82 38.55 71.25 8.45
CA GLY BA 82 37.29 71.12 9.13
C GLY BA 82 36.81 69.69 9.21
N LEU BA 83 35.70 69.51 9.93
CA LEU BA 83 35.10 68.20 10.12
C LEU BA 83 33.62 68.29 9.83
N GLY BA 84 33.18 67.68 8.73
CA GLY BA 84 31.77 67.66 8.41
C GLY BA 84 30.97 66.76 9.33
N LYS BA 85 29.65 66.86 9.23
CA LYS BA 85 28.78 66.06 10.07
C LYS BA 85 28.79 64.59 9.70
N ASN BA 86 29.26 64.23 8.51
CA ASN BA 86 29.42 62.84 8.10
C ASN BA 86 30.87 62.37 8.25
N LYS BA 87 31.61 62.98 9.17
CA LYS BA 87 32.99 62.59 9.47
C LYS BA 87 33.91 62.74 8.27
N CYS BA 88 33.64 63.72 7.41
CA CYS BA 88 34.50 64.01 6.28
C CYS BA 88 35.47 65.13 6.63
N LEU BA 89 36.65 65.10 6.01
CA LEU BA 89 37.72 66.06 6.27
C LEU BA 89 37.92 66.92 5.04
N TYR BA 90 37.80 68.23 5.21
CA TYR BA 90 37.89 69.17 4.10
C TYR BA 90 38.83 70.32 4.46
N ALA BA 91 39.64 70.72 3.49
CA ALA BA 91 40.58 71.81 3.69
C ALA BA 91 39.87 73.15 3.68
N LEU BA 92 40.34 74.07 4.52
CA LEU BA 92 39.77 75.40 4.62
C LEU BA 92 40.63 76.47 3.95
N GLU BA 93 41.91 76.20 3.75
CA GLU BA 93 42.82 77.14 3.10
C GLU BA 93 43.53 76.44 1.96
N GLU BA 94 44.08 77.25 1.05
CA GLU BA 94 44.74 76.75 -0.13
C GLU BA 94 46.22 76.53 0.17
N GLY BA 95 46.70 75.31 -0.03
CA GLY BA 95 48.09 75.00 0.25
C GLY BA 95 48.47 73.56 -0.03
N VAL BA 96 49.32 72.99 0.82
CA VAL BA 96 49.82 71.63 0.66
C VAL BA 96 49.29 70.77 1.78
N VAL BA 97 48.92 69.53 1.45
CA VAL BA 97 48.36 68.58 2.42
C VAL BA 97 49.49 67.80 3.07
N ARG BA 98 49.39 67.61 4.38
CA ARG BA 98 50.38 66.87 5.14
C ARG BA 98 49.67 65.94 6.11
N TYR BA 99 50.40 64.92 6.58
CA TYR BA 99 49.89 63.98 7.57
C TYR BA 99 50.96 63.81 8.65
N THR BA 100 50.56 63.92 9.91
CA THR BA 100 51.49 63.86 11.02
C THR BA 100 50.92 63.04 12.17
N LYS BA 101 51.78 62.27 12.82
CA LYS BA 101 51.42 61.54 14.04
C LYS BA 101 51.58 62.47 15.23
N GLU BA 102 50.48 62.76 15.91
CA GLU BA 102 50.49 63.74 17.00
C GLU BA 102 49.82 63.16 18.23
N VAL BA 103 49.84 63.93 19.32
CA VAL BA 103 49.21 63.52 20.56
C VAL BA 103 47.71 63.79 20.50
N TYR BA 104 46.98 63.13 21.39
CA TYR BA 104 45.52 63.21 21.42
C TYR BA 104 45.07 63.62 22.81
N VAL BA 105 44.48 64.81 22.91
CA VAL BA 105 43.87 65.27 24.16
C VAL BA 105 42.37 65.37 23.93
N PRO BA 106 41.57 64.47 24.50
CA PRO BA 106 40.14 64.43 24.16
C PRO BA 106 39.39 65.60 24.76
N ASN BA 107 38.18 65.81 24.25
CA ASN BA 107 37.31 66.85 24.78
C ASN BA 107 36.77 66.43 26.15
N PRO BA 108 36.79 67.32 27.14
CA PRO BA 108 36.35 66.94 28.50
C PRO BA 108 34.87 66.58 28.59
N SER BA 109 34.08 66.85 27.55
CA SER BA 109 32.67 66.49 27.58
C SER BA 109 32.44 65.04 27.17
N ASN BA 110 33.36 64.43 26.43
CA ASN BA 110 33.22 63.05 25.99
C ASN BA 110 33.53 62.13 27.16
N SER BA 111 32.48 61.58 27.76
CA SER BA 111 32.66 60.78 28.98
C SER BA 111 33.45 59.51 28.71
N GLU BA 112 33.22 58.87 27.56
CA GLU BA 112 33.94 57.65 27.23
C GLU BA 112 35.44 57.92 27.12
N ALA BA 113 35.81 58.98 26.40
CA ALA BA 113 37.22 59.31 26.25
C ALA BA 113 37.83 59.75 27.57
N VAL BA 114 37.05 60.44 28.41
CA VAL BA 114 37.54 60.85 29.72
C VAL BA 114 37.84 59.63 30.58
N ASP BA 115 36.93 58.64 30.57
CA ASP BA 115 37.17 57.42 31.33
C ASP BA 115 38.38 56.66 30.79
N LEU BA 116 38.52 56.59 29.47
CA LEU BA 116 39.69 55.94 28.89
C LEU BA 116 40.98 56.62 29.34
N VAL BA 117 41.01 57.96 29.31
CA VAL BA 117 42.19 58.70 29.72
C VAL BA 117 42.48 58.47 31.20
N THR BA 118 41.45 58.48 32.04
CA THR BA 118 41.66 58.28 33.47
C THR BA 118 42.09 56.86 33.79
N ARG BA 119 41.72 55.89 32.96
CA ARG BA 119 42.16 54.52 33.16
C ARG BA 119 43.52 54.23 32.52
N LEU BA 120 44.01 55.11 31.65
CA LEU BA 120 45.33 54.93 31.09
C LEU BA 120 46.40 54.95 32.18
N PRO BA 121 47.49 54.20 32.02
CA PRO BA 121 48.57 54.23 33.03
C PRO BA 121 49.35 55.54 33.02
N GLN BA 122 50.38 55.62 33.88
CA GLN BA 122 51.10 56.88 34.07
C GLN BA 122 51.93 57.28 32.86
N GLY BA 123 52.32 56.34 32.00
CA GLY BA 123 53.19 56.67 30.89
C GLY BA 123 52.52 56.61 29.53
N ALA BA 124 51.20 56.50 29.50
CA ALA BA 124 50.47 56.38 28.26
C ALA BA 124 50.04 57.74 27.73
N VAL BA 125 50.27 57.96 26.44
CA VAL BA 125 49.81 59.16 25.74
C VAL BA 125 49.24 58.71 24.39
N LEU BA 126 47.98 59.05 24.13
CA LEU BA 126 47.33 58.61 22.90
C LEU BA 126 47.83 59.43 21.72
N TYR BA 127 48.13 58.74 20.63
CA TYR BA 127 48.56 59.35 19.38
C TYR BA 127 47.56 59.06 18.28
N LYS BA 128 47.39 60.02 17.38
CA LYS BA 128 46.50 59.89 16.23
C LYS BA 128 47.18 60.44 14.99
N THR BA 129 46.57 60.17 13.84
CA THR BA 129 47.06 60.62 12.55
C THR BA 129 46.25 61.85 12.13
N PHE BA 130 46.86 63.03 12.26
CA PHE BA 130 46.19 64.28 11.95
C PHE BA 130 46.58 64.75 10.55
N VAL BA 131 45.59 65.21 9.81
CA VAL BA 131 45.78 65.74 8.46
C VAL BA 131 45.77 67.27 8.54
N HIS BA 132 46.81 67.89 7.99
CA HIS BA 132 46.99 69.33 8.04
C HIS BA 132 47.06 69.90 6.63
N VAL BA 133 46.83 71.22 6.54
CA VAL BA 133 46.95 71.95 5.28
C VAL BA 133 47.83 73.16 5.55
N VAL BA 134 49.05 73.14 5.02
CA VAL BA 134 49.99 74.24 5.19
C VAL BA 134 49.68 75.33 4.18
N PRO BA 135 49.22 76.50 4.61
CA PRO BA 135 48.87 77.56 3.65
C PRO BA 135 50.12 78.09 2.95
N ALA BA 136 50.08 78.07 1.62
CA ALA BA 136 51.17 78.58 0.80
C ALA BA 136 50.93 80.01 0.33
N LYS BA 137 49.69 80.35 -0.02
CA LYS BA 137 49.39 81.70 -0.44
C LYS BA 137 49.34 82.64 0.76
N PRO BA 138 49.92 83.83 0.65
CA PRO BA 138 49.86 84.78 1.76
C PRO BA 138 48.45 85.30 1.97
N GLU BA 139 48.27 86.01 3.09
CA GLU BA 139 46.94 86.49 3.46
C GLU BA 139 46.44 87.56 2.50
N GLY BA 140 47.27 88.58 2.26
CA GLY BA 140 46.87 89.66 1.37
C GLY BA 140 48.06 90.56 1.10
N THR BA 141 47.83 91.54 0.23
CA THR BA 141 48.87 92.45 -0.20
C THR BA 141 48.40 93.89 -0.06
N PHE BA 142 49.35 94.78 0.20
CA PHE BA 142 49.09 96.21 0.33
C PHE BA 142 49.48 96.88 -0.99
N LYS BA 143 48.47 97.25 -1.78
CA LYS BA 143 48.68 97.94 -3.04
C LYS BA 143 48.27 99.39 -2.94
N LEU BA 144 48.98 100.25 -3.67
CA LEU BA 144 48.69 101.68 -3.65
C LEU BA 144 47.37 101.94 -4.36
N VAL BA 145 46.48 102.66 -3.68
CA VAL BA 145 45.17 102.99 -4.26
C VAL BA 145 45.25 104.34 -4.95
N ALA BA 146 45.58 105.39 -4.20
CA ALA BA 146 45.70 106.73 -4.76
C ALA BA 146 46.58 107.56 -3.84
N MET BA 147 47.58 108.23 -4.42
CA MET BA 147 48.50 109.05 -3.65
C MET BA 147 47.85 110.41 -3.42
N LEU BA 148 47.01 110.47 -2.40
CA LEU BA 148 46.30 111.69 -2.04
C LEU BA 148 47.22 112.68 -1.33
N PRO CA 40 -8.54 -55.36 -81.46
CA PRO CA 40 -8.79 -56.05 -82.74
C PRO CA 40 -9.41 -55.13 -83.78
N VAL CA 41 -9.80 -53.92 -83.36
CA VAL CA 41 -10.41 -52.93 -84.24
C VAL CA 41 -9.88 -51.56 -83.86
N ALA CA 42 -9.57 -50.75 -84.87
CA ALA CA 42 -9.04 -49.41 -84.61
C ALA CA 42 -10.12 -48.53 -84.01
N ARG CA 43 -9.85 -48.00 -82.83
CA ARG CA 43 -10.80 -47.13 -82.10
C ARG CA 43 -10.26 -45.72 -82.13
N TYR CA 44 -10.82 -44.89 -83.02
CA TYR CA 44 -10.35 -43.53 -83.19
C TYR CA 44 -11.32 -42.53 -82.59
N PRO CA 45 -10.83 -41.42 -82.03
CA PRO CA 45 -11.71 -40.39 -81.51
C PRO CA 45 -12.37 -39.60 -82.63
N PRO CA 46 -13.47 -38.90 -82.36
CA PRO CA 46 -14.12 -38.11 -83.41
C PRO CA 46 -13.24 -36.96 -83.87
N ILE CA 47 -13.57 -36.46 -85.05
CA ILE CA 47 -12.80 -35.40 -85.69
C ILE CA 47 -13.43 -34.02 -85.45
N VAL CA 48 -14.28 -33.89 -84.43
CA VAL CA 48 -14.88 -32.60 -84.12
C VAL CA 48 -13.82 -31.68 -83.53
N ALA CA 49 -14.03 -30.38 -83.72
CA ALA CA 49 -13.10 -29.38 -83.20
C ALA CA 49 -13.14 -29.37 -81.67
N SER CA 50 -12.18 -28.68 -81.07
CA SER CA 50 -12.11 -28.58 -79.62
C SER CA 50 -13.22 -27.68 -79.10
N LEU CA 51 -13.39 -27.68 -77.79
CA LEU CA 51 -14.49 -26.96 -77.15
C LEU CA 51 -14.04 -25.68 -76.45
N THR CA 52 -12.87 -25.68 -75.83
CA THR CA 52 -12.39 -24.53 -75.08
C THR CA 52 -11.44 -23.66 -75.88
N ALA CA 53 -11.44 -23.78 -77.20
CA ALA CA 53 -10.55 -23.00 -78.05
C ALA CA 53 -11.22 -21.70 -78.48
N LYS CA 54 -10.43 -20.82 -79.09
CA LYS CA 54 -10.90 -19.53 -79.54
C LYS CA 54 -11.36 -19.54 -81.00
N SER CA 55 -11.24 -20.68 -81.69
CA SER CA 55 -11.49 -20.73 -83.11
C SER CA 55 -13.00 -20.63 -83.41
N LYS CA 56 -13.29 -20.24 -84.65
CA LYS CA 56 -14.68 -20.15 -85.10
C LYS CA 56 -15.34 -21.52 -85.12
N ALA CA 57 -14.57 -22.58 -85.41
CA ALA CA 57 -15.13 -23.92 -85.32
C ALA CA 57 -15.51 -24.27 -83.89
N ALA CA 58 -14.70 -23.83 -82.92
CA ALA CA 58 -15.04 -24.06 -81.52
C ALA CA 58 -16.28 -23.27 -81.12
N ARG CA 59 -16.40 -22.03 -81.61
CA ARG CA 59 -17.61 -21.26 -81.35
C ARG CA 59 -18.83 -21.95 -81.93
N GLN CA 60 -18.71 -22.47 -83.16
CA GLN CA 60 -19.82 -23.18 -83.78
C GLN CA 60 -20.16 -24.45 -83.01
N ARG CA 61 -19.15 -25.12 -82.45
CA ARG CA 61 -19.42 -26.31 -81.64
C ARG CA 61 -20.16 -25.96 -80.35
N ARG CA 62 -19.79 -24.84 -79.73
CA ARG CA 62 -20.53 -24.40 -78.55
C ARG CA 62 -21.96 -24.02 -78.91
N VAL CA 63 -22.16 -23.39 -80.07
CA VAL CA 63 -23.50 -23.08 -80.53
C VAL CA 63 -24.31 -24.36 -80.70
N GLU CA 64 -23.70 -25.37 -81.35
CA GLU CA 64 -24.36 -26.65 -81.52
C GLU CA 64 -24.65 -27.31 -80.17
N GLN CA 65 -23.77 -27.12 -79.19
CA GLN CA 65 -23.98 -27.72 -77.87
C GLN CA 65 -25.19 -27.11 -77.18
N TRP CA 66 -25.30 -25.78 -77.18
CA TRP CA 66 -26.46 -25.19 -76.53
C TRP CA 66 -27.75 -25.42 -77.33
N GLN CA 67 -27.63 -25.57 -78.66
CA GLN CA 67 -28.79 -25.96 -79.44
C GLN CA 67 -29.24 -27.37 -79.10
N ALA CA 68 -28.29 -28.28 -78.89
CA ALA CA 68 -28.63 -29.63 -78.43
C ALA CA 68 -29.22 -29.62 -77.03
N THR CA 69 -28.77 -28.69 -76.18
CA THR CA 69 -29.40 -28.50 -74.89
C THR CA 69 -30.86 -28.10 -75.04
N VAL CA 70 -31.13 -27.15 -75.93
CA VAL CA 70 -32.51 -26.74 -76.19
C VAL CA 70 -33.32 -27.92 -76.72
N HIS CA 71 -32.73 -28.72 -77.60
CA HIS CA 71 -33.42 -29.91 -78.11
C HIS CA 71 -33.76 -30.88 -76.98
N ALA CA 72 -32.80 -31.14 -76.09
CA ALA CA 72 -33.01 -32.07 -75.00
C ALA CA 72 -33.92 -31.53 -73.92
N ALA CA 73 -34.16 -30.22 -73.91
CA ALA CA 73 -35.13 -29.65 -72.98
C ALA CA 73 -36.49 -30.30 -73.19
N LYS CA 74 -37.22 -30.51 -72.10
CA LYS CA 74 -38.46 -31.28 -72.14
C LYS CA 74 -39.66 -30.40 -72.47
N SER CA 75 -39.94 -29.41 -71.65
CA SER CA 75 -41.14 -28.61 -71.80
C SER CA 75 -40.90 -27.41 -72.72
N VAL CA 76 -41.95 -27.04 -73.45
CA VAL CA 76 -41.87 -25.89 -74.34
C VAL CA 76 -41.63 -24.62 -73.54
N ASP CA 77 -42.09 -24.57 -72.29
CA ASP CA 77 -41.81 -23.41 -71.44
C ASP CA 77 -40.31 -23.23 -71.24
N GLU CA 78 -39.62 -24.30 -70.84
CA GLU CA 78 -38.18 -24.23 -70.65
C GLU CA 78 -37.46 -24.01 -71.99
N LYS CA 79 -37.99 -24.57 -73.07
CA LYS CA 79 -37.40 -24.32 -74.39
C LYS CA 79 -37.40 -22.83 -74.71
N LEU CA 80 -38.57 -22.18 -74.57
CA LEU CA 80 -38.66 -20.75 -74.84
C LEU CA 80 -37.81 -19.95 -73.87
N ARG CA 81 -37.76 -20.38 -72.60
CA ARG CA 81 -36.95 -19.68 -71.62
C ARG CA 81 -35.47 -19.69 -72.01
N ILE CA 82 -34.95 -20.86 -72.40
CA ILE CA 82 -33.55 -20.95 -72.80
C ILE CA 82 -33.32 -20.21 -74.11
N LEU CA 83 -34.29 -20.21 -75.02
CA LEU CA 83 -34.10 -19.54 -76.29
C LEU CA 83 -34.14 -18.02 -76.16
N THR CA 84 -34.87 -17.50 -75.17
CA THR CA 84 -35.05 -16.07 -75.02
C THR CA 84 -34.37 -15.49 -73.79
N LYS CA 85 -33.55 -16.29 -73.09
CA LYS CA 85 -32.82 -15.75 -71.94
C LYS CA 85 -31.78 -14.72 -72.34
N MET CA 86 -31.37 -14.70 -73.60
CA MET CA 86 -30.45 -13.69 -74.10
C MET CA 86 -31.22 -12.48 -74.58
N GLN CA 87 -30.70 -11.29 -74.28
CA GLN CA 87 -31.35 -10.02 -74.60
C GLN CA 87 -30.36 -9.08 -75.28
N PHE CA 88 -29.67 -9.57 -76.30
CA PHE CA 88 -28.72 -8.76 -77.04
C PHE CA 88 -29.44 -7.68 -77.84
N MET CA 89 -28.65 -6.90 -78.58
CA MET CA 89 -29.21 -5.82 -79.38
C MET CA 89 -30.09 -6.40 -80.49
N LYS CA 90 -31.14 -5.65 -80.84
CA LYS CA 90 -32.14 -6.16 -81.77
C LYS CA 90 -32.90 -4.99 -82.39
N TYR CA 91 -33.47 -5.26 -83.55
CA TYR CA 91 -34.35 -4.30 -84.21
C TYR CA 91 -35.77 -4.45 -83.71
N VAL CA 92 -36.54 -3.36 -83.78
CA VAL CA 92 -37.93 -3.34 -83.37
C VAL CA 92 -38.76 -3.07 -84.61
N VAL CA 93 -39.37 -4.11 -85.16
CA VAL CA 93 -40.15 -4.00 -86.38
C VAL CA 93 -41.60 -3.67 -86.00
N TYR CA 94 -42.08 -2.52 -86.47
CA TYR CA 94 -43.46 -2.11 -86.21
C TYR CA 94 -44.34 -2.42 -87.40
N PRO CA 95 -45.46 -3.10 -87.20
CA PRO CA 95 -46.38 -3.37 -88.33
C PRO CA 95 -46.98 -2.10 -88.90
N GLN CA 96 -47.56 -1.27 -88.03
CA GLN CA 96 -48.15 0.00 -88.46
C GLN CA 96 -47.03 1.03 -88.68
N THR CA 97 -46.28 0.80 -89.74
CA THR CA 97 -45.11 1.59 -90.07
C THR CA 97 -45.49 2.76 -90.98
N PHE CA 98 -44.58 3.74 -91.06
CA PHE CA 98 -44.78 4.91 -91.90
C PHE CA 98 -43.79 4.98 -93.05
N ALA CA 99 -42.90 4.00 -93.18
CA ALA CA 99 -41.94 4.01 -94.28
C ALA CA 99 -42.66 3.84 -95.62
N LEU CA 100 -42.08 4.43 -96.66
CA LEU CA 100 -42.69 4.38 -97.98
C LEU CA 100 -42.77 2.95 -98.50
N ASN CA 101 -41.61 2.34 -98.72
CA ASN CA 101 -41.53 0.95 -99.18
C ASN CA 101 -41.02 0.11 -98.01
N ALA CA 102 -41.94 -0.34 -97.16
CA ALA CA 102 -41.59 -1.18 -96.03
C ALA CA 102 -41.95 -2.65 -96.26
N ASP CA 103 -42.86 -2.94 -97.19
CA ASP CA 103 -43.22 -4.32 -97.46
C ASP CA 103 -42.05 -5.11 -98.01
N ASN CA 104 -41.23 -4.47 -98.85
CA ASN CA 104 -40.05 -5.16 -99.38
C ASN CA 104 -39.06 -5.50 -98.29
N TRP CA 105 -38.82 -4.56 -97.37
CA TRP CA 105 -37.90 -4.84 -96.26
C TRP CA 105 -38.46 -5.90 -95.33
N TYR CA 106 -39.78 -5.89 -95.10
CA TYR CA 106 -40.37 -6.92 -94.26
C TYR CA 106 -40.29 -8.30 -94.91
N GLN CA 107 -40.50 -8.36 -96.23
CA GLN CA 107 -40.34 -9.62 -96.94
C GLN CA 107 -38.89 -10.10 -96.91
N SER CA 108 -37.94 -9.16 -97.00
CA SER CA 108 -36.54 -9.54 -96.90
C SER CA 108 -36.21 -10.09 -95.52
N PHE CA 109 -36.79 -9.50 -94.47
CA PHE CA 109 -36.54 -9.97 -93.11
C PHE CA 109 -37.25 -11.30 -92.83
N THR CA 110 -38.36 -11.55 -93.51
CA THR CA 110 -39.23 -12.68 -93.18
C THR CA 110 -39.03 -13.90 -94.09
N LYS CA 111 -38.43 -13.72 -95.27
CA LYS CA 111 -38.35 -14.75 -96.29
C LYS CA 111 -39.76 -15.24 -96.64
N THR CA 112 -40.55 -14.32 -97.17
CA THR CA 112 -41.95 -14.60 -97.52
C THR CA 112 -42.27 -13.93 -98.84
N VAL CA 113 -42.94 -14.66 -99.72
CA VAL CA 113 -43.35 -14.16 -101.02
C VAL CA 113 -44.81 -13.74 -100.95
N PHE CA 114 -45.12 -12.61 -101.60
CA PHE CA 114 -46.46 -12.03 -101.58
C PHE CA 114 -47.16 -12.33 -102.90
N LEU CA 115 -48.40 -12.79 -102.81
CA LEU CA 115 -49.19 -13.18 -103.97
C LEU CA 115 -50.46 -12.35 -104.03
N SER CA 116 -50.65 -11.65 -105.14
CA SER CA 116 -51.85 -10.84 -105.33
C SER CA 116 -53.06 -11.74 -105.57
N GLY CA 117 -54.16 -11.44 -104.89
CA GLY CA 117 -55.38 -12.20 -105.00
C GLY CA 117 -55.51 -13.26 -103.91
N LEU CA 118 -56.72 -13.78 -103.79
CA LEU CA 118 -57.00 -14.78 -102.77
C LEU CA 118 -56.35 -16.11 -103.14
N PRO CA 119 -56.09 -16.96 -102.15
CA PRO CA 119 -55.54 -18.30 -102.44
C PRO CA 119 -56.59 -19.16 -103.12
N PRO CA 120 -56.18 -20.28 -103.74
CA PRO CA 120 -57.16 -21.16 -104.37
C PRO CA 120 -58.17 -21.69 -103.36
N THR CA 121 -59.45 -21.54 -103.69
CA THR CA 121 -60.52 -21.90 -102.77
C THR CA 121 -60.70 -23.42 -102.74
N PRO CA 122 -60.74 -24.04 -101.56
CA PRO CA 122 -61.01 -25.49 -101.45
C PRO CA 122 -62.49 -25.81 -101.68
N ALA CA 123 -62.85 -25.99 -102.95
CA ALA CA 123 -64.23 -26.17 -103.40
C ALA CA 123 -64.85 -27.50 -102.96
N LYS CA 124 -64.18 -28.33 -102.16
CA LYS CA 124 -64.74 -29.57 -101.66
C LYS CA 124 -65.69 -29.36 -100.48
N LEU CA 125 -66.12 -28.12 -100.23
CA LEU CA 125 -66.99 -27.84 -99.10
C LEU CA 125 -68.44 -28.22 -99.41
N GLU CA 126 -69.25 -28.26 -98.36
CA GLU CA 126 -70.67 -28.59 -98.44
C GLU CA 126 -71.49 -27.32 -98.62
N PRO CA 127 -72.72 -27.43 -99.14
CA PRO CA 127 -73.56 -26.23 -99.30
C PRO CA 127 -74.05 -25.67 -97.97
N GLU CA 128 -73.10 -25.30 -97.11
CA GLU CA 128 -73.38 -24.72 -95.80
C GLU CA 128 -73.75 -23.24 -95.87
N PRO CA 129 -73.04 -22.38 -96.65
CA PRO CA 129 -73.38 -20.96 -96.63
C PRO CA 129 -74.73 -20.63 -97.26
N THR CA 130 -75.80 -20.92 -96.53
CA THR CA 130 -77.15 -20.55 -96.92
C THR CA 130 -77.74 -19.54 -95.92
N LEU CA 131 -76.91 -18.61 -95.47
CA LEU CA 131 -77.28 -17.69 -94.41
C LEU CA 131 -78.15 -16.55 -94.95
N ASP CA 132 -78.40 -15.56 -94.09
CA ASP CA 132 -79.29 -14.44 -94.40
C ASP CA 132 -78.44 -13.21 -94.67
N ILE CA 133 -78.14 -12.96 -95.95
CA ILE CA 133 -77.39 -11.77 -96.32
C ILE CA 133 -78.13 -10.51 -95.92
N THR CA 134 -79.46 -10.54 -95.99
CA THR CA 134 -80.24 -9.39 -95.56
C THR CA 134 -80.03 -9.09 -94.09
N ALA CA 135 -80.06 -10.13 -93.25
CA ALA CA 135 -79.85 -9.94 -91.82
C ALA CA 135 -78.43 -9.48 -91.53
N LEU CA 136 -77.44 -10.02 -92.25
CA LEU CA 136 -76.06 -9.59 -92.04
C LEU CA 136 -75.87 -8.13 -92.42
N ARG CA 137 -76.44 -7.71 -93.55
CA ARG CA 137 -76.36 -6.32 -93.95
C ARG CA 137 -77.09 -5.42 -92.95
N GLU CA 138 -78.23 -5.89 -92.43
CA GLU CA 138 -78.93 -5.13 -91.41
C GLU CA 138 -78.07 -4.94 -90.18
N ALA CA 139 -77.39 -6.00 -89.73
CA ALA CA 139 -76.55 -5.90 -88.54
C ALA CA 139 -75.37 -4.95 -88.78
N VAL CA 140 -74.74 -5.05 -89.95
CA VAL CA 140 -73.60 -4.18 -90.25
C VAL CA 140 -74.05 -2.73 -90.32
N CYS CA 141 -75.19 -2.46 -90.96
CA CYS CA 141 -75.69 -1.10 -91.04
C CYS CA 141 -76.08 -0.59 -89.67
N ASP CA 142 -76.65 -1.44 -88.81
CA ASP CA 142 -76.97 -1.02 -87.45
C ASP CA 142 -75.70 -0.63 -86.69
N CYS CA 143 -74.65 -1.44 -86.80
CA CYS CA 143 -73.40 -1.12 -86.13
C CYS CA 143 -72.82 0.20 -86.62
N LEU CA 144 -72.81 0.39 -87.95
CA LEU CA 144 -72.27 1.62 -88.51
C LEU CA 144 -73.07 2.84 -88.06
N LEU CA 145 -74.41 2.77 -88.17
CA LEU CA 145 -75.25 3.89 -87.79
C LEU CA 145 -75.14 4.18 -86.30
N GLN CA 146 -74.99 3.14 -85.48
CA GLN CA 146 -74.77 3.34 -84.06
C GLN CA 146 -73.47 4.09 -83.82
N GLU CA 147 -72.35 3.55 -84.30
CA GLU CA 147 -71.05 4.12 -83.99
C GLU CA 147 -70.77 5.42 -84.72
N HIS CA 148 -71.64 5.83 -85.66
CA HIS CA 148 -71.44 7.10 -86.34
C HIS CA 148 -72.46 8.17 -85.98
N PHE CA 149 -73.73 7.82 -85.85
CA PHE CA 149 -74.78 8.82 -85.65
C PHE CA 149 -75.66 8.55 -84.44
N PHE CA 150 -75.97 7.28 -84.15
CA PHE CA 150 -76.92 6.99 -83.09
C PHE CA 150 -76.31 7.10 -81.70
N LEU CA 151 -75.10 6.59 -81.52
CA LEU CA 151 -74.46 6.58 -80.20
C LEU CA 151 -74.18 8.01 -79.77
N ARG CA 152 -74.96 8.51 -78.82
CA ARG CA 152 -74.74 9.85 -78.28
C ARG CA 152 -73.57 9.80 -77.30
N ARG CA 153 -72.63 10.72 -77.47
CA ARG CA 153 -71.45 10.81 -76.63
C ARG CA 153 -71.26 12.26 -76.20
N LYS CA 154 -70.12 12.53 -75.55
CA LYS CA 154 -69.81 13.88 -75.12
C LYS CA 154 -69.61 14.79 -76.33
N LYS CA 155 -69.85 16.07 -76.12
CA LYS CA 155 -69.68 17.06 -77.18
C LYS CA 155 -68.20 17.17 -77.57
N ARG CA 156 -67.88 16.73 -78.78
CA ARG CA 156 -66.50 16.74 -79.27
C ARG CA 156 -66.11 18.18 -79.61
N ALA CA 157 -65.27 18.78 -78.77
CA ALA CA 157 -64.79 20.13 -79.05
C ALA CA 157 -63.97 20.22 -80.34
N PRO CA 158 -63.06 19.30 -80.65
CA PRO CA 158 -62.38 19.36 -81.96
C PRO CA 158 -63.34 18.99 -83.07
N VAL CA 159 -63.49 19.90 -84.04
CA VAL CA 159 -64.41 19.66 -85.15
C VAL CA 159 -63.84 18.71 -86.19
N ILE CA 160 -62.56 18.32 -86.06
CA ILE CA 160 -61.96 17.44 -87.05
C ILE CA 160 -62.60 16.05 -87.02
N GLN CA 161 -63.12 15.65 -85.86
CA GLN CA 161 -63.82 14.37 -85.69
C GLN CA 161 -62.92 13.20 -86.08
N ASP CA 162 -61.86 13.03 -85.29
CA ASP CA 162 -60.92 11.94 -85.50
C ASP CA 162 -61.64 10.61 -85.56
N ARG CA 163 -61.23 9.76 -86.49
CA ARG CA 163 -61.93 8.52 -86.80
C ARG CA 163 -61.49 7.34 -85.93
N GLU CA 164 -60.46 7.50 -85.09
CA GLU CA 164 -60.02 6.41 -84.25
C GLU CA 164 -61.09 6.04 -83.22
N ALA CA 165 -61.59 7.04 -82.50
CA ALA CA 165 -62.63 6.81 -81.50
C ALA CA 165 -63.96 6.41 -82.13
N ILE CA 166 -64.11 6.56 -83.44
CA ILE CA 166 -65.32 6.11 -84.11
C ILE CA 166 -65.17 4.68 -84.63
N ALA CA 167 -63.97 4.30 -85.07
CA ALA CA 167 -63.77 3.01 -85.69
C ALA CA 167 -63.40 1.92 -84.69
N SER CA 168 -62.75 2.26 -83.57
CA SER CA 168 -62.37 1.22 -82.61
C SER CA 168 -63.59 0.53 -82.00
N PRO CA 169 -64.54 1.25 -81.38
CA PRO CA 169 -65.75 0.56 -80.92
C PRO CA 169 -66.55 -0.02 -82.06
N PHE CA 170 -66.52 0.61 -83.24
CA PHE CA 170 -67.20 0.05 -84.40
C PHE CA 170 -66.61 -1.30 -84.77
N LEU CA 171 -65.27 -1.40 -84.81
CA LEU CA 171 -64.64 -2.67 -85.13
C LEU CA 171 -64.92 -3.72 -84.07
N ASP CA 172 -64.85 -3.33 -82.80
CA ASP CA 172 -65.17 -4.27 -81.72
C ASP CA 172 -66.58 -4.82 -81.87
N GLN CA 173 -67.56 -3.93 -82.03
CA GLN CA 173 -68.95 -4.36 -82.10
C GLN CA 173 -69.21 -5.17 -83.37
N LEU CA 174 -68.56 -4.80 -84.48
CA LEU CA 174 -68.73 -5.55 -85.72
C LEU CA 174 -68.20 -6.97 -85.57
N VAL CA 175 -67.00 -7.12 -84.99
CA VAL CA 175 -66.45 -8.45 -84.76
C VAL CA 175 -67.37 -9.26 -83.86
N ALA CA 176 -67.83 -8.65 -82.77
CA ALA CA 176 -68.68 -9.37 -81.83
C ALA CA 176 -69.99 -9.81 -82.48
N SER CA 177 -70.64 -8.91 -83.22
CA SER CA 177 -71.92 -9.25 -83.84
C SER CA 177 -71.75 -10.30 -84.93
N LEU CA 178 -70.72 -10.17 -85.77
CA LEU CA 178 -70.51 -11.16 -86.81
C LEU CA 178 -70.20 -12.53 -86.22
N THR CA 179 -69.40 -12.57 -85.15
CA THR CA 179 -69.11 -13.84 -84.50
C THR CA 179 -70.38 -14.46 -83.92
N GLY CA 180 -71.18 -13.64 -83.22
CA GLY CA 180 -72.42 -14.16 -82.65
C GLY CA 180 -73.40 -14.63 -83.69
N LEU CA 181 -73.41 -14.01 -84.87
CA LEU CA 181 -74.34 -14.41 -85.92
C LEU CA 181 -73.87 -15.65 -86.66
N LEU CA 182 -72.57 -15.76 -86.92
CA LEU CA 182 -72.04 -16.88 -87.70
C LEU CA 182 -71.68 -18.09 -86.85
N SER CA 183 -71.73 -17.96 -85.52
CA SER CA 183 -71.46 -19.12 -84.67
C SER CA 183 -72.53 -20.20 -84.80
N VAL CA 184 -73.74 -19.84 -85.23
CA VAL CA 184 -74.78 -20.85 -85.43
C VAL CA 184 -74.41 -21.75 -86.60
N HIS CA 185 -73.88 -21.18 -87.67
CA HIS CA 185 -73.45 -21.99 -88.80
C HIS CA 185 -72.12 -22.69 -88.51
N ASN CA 186 -71.20 -22.02 -87.83
CA ASN CA 186 -69.90 -22.60 -87.52
C ASN CA 186 -69.76 -22.75 -86.01
N PRO CA 187 -69.86 -23.96 -85.46
CA PRO CA 187 -69.76 -24.12 -84.00
C PRO CA 187 -68.36 -23.88 -83.44
N VAL CA 188 -67.34 -23.73 -84.30
CA VAL CA 188 -65.99 -23.48 -83.82
C VAL CA 188 -65.88 -22.08 -83.23
N LEU CA 189 -66.61 -21.11 -83.79
CA LEU CA 189 -66.57 -19.76 -83.25
C LEU CA 189 -67.19 -19.69 -81.86
N ALA CA 190 -68.07 -20.64 -81.53
CA ALA CA 190 -68.65 -20.68 -80.19
C ALA CA 190 -67.61 -21.02 -79.14
N ALA CA 191 -66.78 -22.03 -79.41
CA ALA CA 191 -65.72 -22.41 -78.50
C ALA CA 191 -64.51 -21.48 -78.59
N ALA CA 192 -64.49 -20.56 -79.55
CA ALA CA 192 -63.35 -19.68 -79.73
C ALA CA 192 -63.31 -18.62 -78.62
N ALA CA 193 -62.11 -18.08 -78.40
CA ALA CA 193 -61.89 -17.00 -77.46
C ALA CA 193 -61.63 -15.70 -78.23
N LEU CA 194 -62.26 -14.62 -77.77
CA LEU CA 194 -62.16 -13.32 -78.39
C LEU CA 194 -61.25 -12.43 -77.55
N ASP CA 195 -60.10 -12.07 -78.12
CA ASP CA 195 -59.14 -11.22 -77.45
C ASP CA 195 -59.29 -9.78 -77.95
N CYS CA 196 -59.44 -8.85 -77.02
CA CYS CA 196 -59.65 -7.43 -77.35
C CYS CA 196 -58.41 -6.66 -76.94
N LYS CA 197 -57.63 -6.24 -77.94
CA LYS CA 197 -56.44 -5.41 -77.73
C LYS CA 197 -55.45 -6.10 -76.79
N ARG CA 198 -55.07 -7.32 -77.17
CA ARG CA 198 -54.08 -8.07 -76.41
C ARG CA 198 -52.79 -8.18 -77.23
N PRO CA 199 -51.65 -7.85 -76.66
CA PRO CA 199 -50.41 -7.80 -77.46
C PRO CA 199 -49.96 -9.17 -77.92
N VAL CA 200 -49.26 -9.17 -79.05
CA VAL CA 200 -48.67 -10.38 -79.62
C VAL CA 200 -47.21 -10.08 -79.92
N HIS CA 201 -46.31 -10.84 -79.32
CA HIS CA 201 -44.88 -10.62 -79.44
C HIS CA 201 -44.22 -11.82 -80.10
N PHE CA 202 -43.22 -11.55 -80.95
CA PHE CA 202 -42.47 -12.61 -81.61
C PHE CA 202 -41.05 -12.12 -81.84
N PHE CA 203 -40.11 -13.06 -81.78
CA PHE CA 203 -38.68 -12.76 -81.89
C PHE CA 203 -37.99 -13.86 -82.69
N TRP CA 204 -37.16 -13.46 -83.65
CA TRP CA 204 -36.46 -14.43 -84.49
C TRP CA 204 -35.12 -13.83 -84.90
N LEU CA 205 -34.36 -14.60 -85.68
CA LEU CA 205 -33.07 -14.18 -86.20
C LEU CA 205 -33.07 -14.33 -87.71
N ARG CA 206 -32.26 -13.52 -88.38
CA ARG CA 206 -32.25 -13.52 -89.84
C ARG CA 206 -30.89 -13.01 -90.32
N GLY CA 207 -30.08 -13.91 -90.87
CA GLY CA 207 -28.84 -13.51 -91.50
C GLY CA 207 -27.78 -13.05 -90.51
N GLU CA 208 -26.64 -12.66 -91.06
CA GLU CA 208 -25.49 -12.19 -90.30
C GLU CA 208 -25.15 -10.76 -90.69
N GLU CA 209 -24.26 -10.15 -89.90
CA GLU CA 209 -23.78 -8.81 -90.17
C GLU CA 209 -22.49 -8.60 -89.39
N ILE CA 210 -21.46 -8.12 -90.07
CA ILE CA 210 -20.19 -7.81 -89.42
C ILE CA 210 -20.33 -6.49 -88.70
N ILE CA 211 -19.95 -6.47 -87.42
CA ILE CA 211 -20.09 -5.28 -86.58
C ILE CA 211 -19.20 -4.17 -87.13
N PRO CA 212 -19.79 -3.06 -87.59
CA PRO CA 212 -18.98 -2.03 -88.24
C PRO CA 212 -18.20 -1.14 -87.27
N ARG CA 213 -18.77 -0.85 -86.10
CA ARG CA 213 -18.15 0.07 -85.16
C ARG CA 213 -18.18 -0.53 -83.76
N GLY CA 214 -17.18 -0.17 -82.97
CA GLY CA 214 -17.01 -0.66 -81.61
C GLY CA 214 -15.78 -1.53 -81.49
N HIS CA 215 -15.53 -1.97 -80.25
CA HIS CA 215 -14.42 -2.87 -79.98
C HIS CA 215 -14.65 -4.27 -80.56
N ARG CA 216 -15.88 -4.58 -81.00
CA ARG CA 216 -16.20 -5.85 -81.60
C ARG CA 216 -16.14 -5.80 -83.13
N LYS CA 217 -15.40 -4.85 -83.68
CA LYS CA 217 -15.34 -4.70 -85.13
C LYS CA 217 -14.59 -5.87 -85.76
N GLY CA 218 -15.08 -6.32 -86.91
CA GLY CA 218 -14.49 -7.43 -87.63
C GLY CA 218 -15.05 -8.79 -87.27
N ARG CA 219 -16.00 -8.86 -86.35
CA ARG CA 219 -16.59 -10.12 -85.94
C ARG CA 219 -18.01 -10.24 -86.48
N VAL CA 220 -18.47 -11.49 -86.57
CA VAL CA 220 -19.78 -11.79 -87.14
C VAL CA 220 -20.84 -11.64 -86.07
N ASP CA 221 -21.96 -11.03 -86.44
CA ASP CA 221 -23.08 -10.82 -85.54
C ASP CA 221 -24.38 -11.14 -86.26
N ALA CA 222 -25.23 -11.94 -85.62
CA ALA CA 222 -26.50 -12.32 -86.21
C ALA CA 222 -27.56 -11.27 -85.92
N LEU CA 223 -28.33 -10.93 -86.94
CA LEU CA 223 -29.39 -9.93 -86.79
C LEU CA 223 -30.57 -10.52 -86.03
N ARG CA 224 -31.02 -9.81 -85.00
CA ARG CA 224 -32.17 -10.20 -84.21
C ARG CA 224 -33.28 -9.18 -84.37
N TYR CA 225 -34.51 -9.65 -84.48
CA TYR CA 225 -35.67 -8.79 -84.69
C TYR CA 225 -36.76 -9.13 -83.69
N GLN CA 226 -37.52 -8.11 -83.31
CA GLN CA 226 -38.64 -8.27 -82.40
C GLN CA 226 -39.83 -7.49 -82.92
N ILE CA 227 -41.00 -8.14 -82.97
CA ILE CA 227 -42.24 -7.51 -83.41
C ILE CA 227 -43.20 -7.51 -82.23
N ASN CA 228 -43.58 -6.30 -81.80
CA ASN CA 228 -44.53 -6.12 -80.70
C ASN CA 228 -45.77 -5.44 -81.28
N ASP CA 229 -46.70 -6.25 -81.77
CA ASP CA 229 -47.95 -5.74 -82.32
C ASP CA 229 -49.09 -5.93 -81.32
N LYS CA 230 -50.06 -5.03 -81.39
CA LYS CA 230 -51.24 -5.07 -80.52
C LYS CA 230 -52.47 -5.13 -81.41
N PRO CA 231 -52.87 -6.33 -81.82
CA PRO CA 231 -54.04 -6.46 -82.69
C PRO CA 231 -55.30 -5.97 -81.99
N HIS CA 232 -56.23 -5.41 -82.78
CA HIS CA 232 -57.44 -4.86 -82.21
C HIS CA 232 -58.38 -5.96 -81.74
N ASN CA 233 -58.53 -7.02 -82.53
CA ASN CA 233 -59.39 -8.14 -82.16
C ASN CA 233 -58.80 -9.43 -82.71
N GLN CA 234 -58.65 -10.42 -81.85
CA GLN CA 234 -58.13 -11.72 -82.22
C GLN CA 234 -59.16 -12.80 -81.88
N ILE CA 235 -59.15 -13.88 -82.66
CA ILE CA 235 -60.03 -15.01 -82.44
C ILE CA 235 -59.16 -16.26 -82.37
N ARG CA 236 -59.06 -16.86 -81.19
CA ARG CA 236 -58.27 -18.06 -80.98
C ARG CA 236 -59.17 -19.28 -80.89
N ILE CA 237 -58.73 -20.38 -81.47
CA ILE CA 237 -59.54 -21.60 -81.54
C ILE CA 237 -58.81 -22.75 -80.88
N SER CA 238 -59.43 -23.94 -80.90
CA SER CA 238 -58.86 -25.12 -80.27
C SER CA 238 -57.93 -25.88 -81.20
N ARG CA 239 -58.41 -26.26 -82.39
CA ARG CA 239 -57.64 -27.02 -83.35
C ARG CA 239 -57.21 -26.12 -84.50
N GLN CA 240 -56.08 -26.47 -85.11
CA GLN CA 240 -55.53 -25.66 -86.18
C GLN CA 240 -56.37 -25.76 -87.45
N LEU CA 241 -56.51 -24.64 -88.14
CA LEU CA 241 -57.19 -24.63 -89.42
C LEU CA 241 -56.37 -25.40 -90.46
N PRO CA 242 -57.02 -25.96 -91.46
CA PRO CA 242 -56.28 -26.71 -92.49
C PRO CA 242 -55.43 -25.79 -93.34
N GLU CA 243 -54.40 -26.38 -93.94
CA GLU CA 243 -53.45 -25.63 -94.76
C GLU CA 243 -54.13 -25.12 -96.03
N PHE CA 244 -53.47 -24.18 -96.70
CA PHE CA 244 -53.91 -23.66 -97.99
C PHE CA 244 -53.17 -24.31 -99.16
N VAL CA 245 -51.85 -24.47 -99.03
CA VAL CA 245 -51.06 -25.15 -100.06
C VAL CA 245 -50.20 -26.20 -99.37
N PRO CA 246 -49.69 -27.18 -100.12
CA PRO CA 246 -48.80 -28.18 -99.52
C PRO CA 246 -47.55 -27.54 -98.94
N LEU CA 247 -46.83 -28.34 -98.15
CA LEU CA 247 -45.65 -27.82 -97.45
C LEU CA 247 -44.57 -27.40 -98.43
N ASP CA 248 -44.31 -28.22 -99.45
CA ASP CA 248 -43.25 -27.97 -100.43
C ASP CA 248 -43.78 -27.27 -101.68
N TYR CA 249 -44.82 -26.45 -101.53
CA TYR CA 249 -45.38 -25.74 -102.67
C TYR CA 249 -44.37 -24.70 -103.18
N SER CA 250 -43.89 -24.91 -104.40
CA SER CA 250 -42.90 -24.02 -105.00
C SER CA 250 -43.58 -22.87 -105.73
N ILE CA 251 -42.92 -21.71 -105.73
CA ILE CA 251 -43.43 -20.52 -106.37
C ILE CA 251 -42.33 -19.90 -107.24
N PRO CA 252 -42.63 -19.53 -108.48
CA PRO CA 252 -41.59 -18.89 -109.32
C PRO CA 252 -41.17 -17.51 -108.82
N ILE CA 253 -41.99 -16.86 -107.98
CA ILE CA 253 -41.63 -15.56 -107.44
C ILE CA 253 -40.71 -15.77 -106.24
N GLU CA 254 -39.59 -15.05 -106.22
CA GLU CA 254 -38.61 -15.13 -105.15
C GLU CA 254 -38.78 -13.95 -104.20
N VAL CA 255 -38.18 -14.09 -103.02
CA VAL CA 255 -38.22 -13.02 -102.03
C VAL CA 255 -37.18 -11.97 -102.39
N PRO CA 256 -37.54 -10.70 -102.46
CA PRO CA 256 -36.57 -9.65 -102.83
C PRO CA 256 -35.60 -9.40 -101.68
N VAL CA 257 -34.31 -9.51 -101.98
CA VAL CA 257 -33.25 -9.29 -100.99
C VAL CA 257 -32.82 -7.83 -101.09
N MET CA 258 -33.07 -7.08 -100.02
CA MET CA 258 -32.71 -5.67 -99.99
C MET CA 258 -31.20 -5.52 -99.83
N SER CA 259 -30.55 -4.94 -100.82
CA SER CA 259 -29.10 -4.74 -100.78
C SER CA 259 -28.75 -3.42 -100.11
N CYS CA 260 -29.21 -3.29 -98.86
CA CYS CA 260 -28.96 -2.11 -98.08
C CYS CA 260 -29.18 -2.44 -96.61
N LYS CA 261 -28.55 -1.65 -95.74
CA LYS CA 261 -28.65 -1.90 -94.31
C LYS CA 261 -30.07 -1.63 -93.80
N PRO CA 262 -30.52 -2.40 -92.81
CA PRO CA 262 -31.89 -2.20 -92.28
C PRO CA 262 -32.12 -0.86 -91.62
N ASP CA 263 -31.06 -0.09 -91.32
CA ASP CA 263 -31.25 1.21 -90.68
C ASP CA 263 -31.84 2.25 -91.62
N LYS CA 264 -31.88 1.97 -92.92
CA LYS CA 264 -32.37 2.93 -93.90
C LYS CA 264 -33.87 2.81 -94.17
N LEU CA 265 -34.56 1.93 -93.45
CA LEU CA 265 -36.00 1.79 -93.66
C LEU CA 265 -36.79 3.03 -93.25
N PRO CA 266 -36.54 3.66 -92.09
CA PRO CA 266 -35.55 3.41 -91.04
C PRO CA 266 -36.01 2.43 -89.95
N LEU CA 267 -35.12 1.52 -89.58
CA LEU CA 267 -35.28 0.66 -88.42
C LEU CA 267 -34.10 0.84 -87.50
N PHE CA 268 -34.37 0.95 -86.21
CA PHE CA 268 -33.33 1.27 -85.23
C PHE CA 268 -33.16 0.12 -84.25
N LYS CA 269 -31.95 -0.03 -83.74
CA LYS CA 269 -31.64 -1.07 -82.79
C LYS CA 269 -32.04 -0.67 -81.38
N ARG CA 270 -32.46 -1.65 -80.60
CA ARG CA 270 -32.83 -1.43 -79.21
C ARG CA 270 -32.51 -2.70 -78.42
N GLN CA 271 -32.71 -2.64 -77.12
CA GLN CA 271 -32.41 -3.78 -76.24
C GLN CA 271 -33.38 -3.76 -75.07
N TYR CA 272 -34.23 -4.76 -75.00
CA TYR CA 272 -35.17 -4.94 -73.89
C TYR CA 272 -35.58 -6.41 -73.85
N GLU CA 273 -36.62 -6.70 -73.09
CA GLU CA 273 -37.07 -8.09 -72.92
C GLU CA 273 -37.72 -8.57 -74.21
N ASN CA 274 -37.08 -9.56 -74.86
CA ASN CA 274 -37.57 -10.12 -76.11
C ASN CA 274 -38.49 -11.29 -75.78
N THR CA 275 -39.80 -11.05 -75.82
CA THR CA 275 -40.79 -12.06 -75.51
C THR CA 275 -41.41 -12.62 -76.78
N ILE CA 276 -41.90 -13.84 -76.69
CA ILE CA 276 -42.60 -14.51 -77.79
C ILE CA 276 -43.99 -14.85 -77.28
N PHE CA 277 -44.94 -13.97 -77.52
CA PHE CA 277 -46.28 -14.07 -76.95
C PHE CA 277 -47.30 -14.26 -78.07
N ILE CA 278 -48.19 -15.24 -77.90
CA ILE CA 278 -49.21 -15.55 -78.90
C ILE CA 278 -50.53 -14.85 -78.62
N GLY CA 279 -50.72 -14.33 -77.41
CA GLY CA 279 -52.01 -13.85 -76.95
C GLY CA 279 -52.45 -14.47 -75.64
N SER CA 280 -51.79 -15.53 -75.21
CA SER CA 280 -52.03 -16.17 -73.92
C SER CA 280 -50.79 -16.98 -73.59
N LYS CA 281 -50.61 -17.26 -72.30
CA LYS CA 281 -49.48 -18.07 -71.89
C LYS CA 281 -49.64 -19.50 -72.41
N THR CA 282 -48.55 -20.26 -72.35
CA THR CA 282 -48.55 -21.60 -72.91
C THR CA 282 -49.51 -22.54 -72.20
N ALA CA 283 -49.84 -22.27 -70.94
CA ALA CA 283 -50.79 -23.10 -70.22
C ALA CA 283 -52.21 -22.97 -70.74
N ASP CA 284 -52.46 -22.05 -71.68
CA ASP CA 284 -53.79 -21.89 -72.25
C ASP CA 284 -54.08 -23.02 -73.24
N PRO CA 285 -55.27 -23.62 -73.18
CA PRO CA 285 -55.58 -24.74 -74.08
C PRO CA 285 -55.76 -24.32 -75.53
N LEU CA 286 -56.04 -23.04 -75.81
CA LEU CA 286 -56.22 -22.57 -77.18
C LEU CA 286 -54.88 -22.10 -77.70
N CYS CA 287 -54.12 -23.04 -78.26
CA CYS CA 287 -52.78 -22.76 -78.77
C CYS CA 287 -52.77 -22.37 -80.24
N TYR CA 288 -53.94 -22.20 -80.86
CA TYR CA 288 -54.01 -21.84 -82.27
C TYR CA 288 -54.90 -20.61 -82.44
N GLY CA 289 -54.75 -19.95 -83.58
CA GLY CA 289 -55.52 -18.76 -83.88
C GLY CA 289 -56.33 -18.88 -85.15
N HIS CA 290 -57.34 -18.01 -85.29
CA HIS CA 290 -58.25 -18.06 -86.43
C HIS CA 290 -58.13 -16.84 -87.32
N THR CA 291 -58.29 -15.63 -86.77
CA THR CA 291 -58.28 -14.42 -87.58
C THR CA 291 -57.95 -13.23 -86.68
N GLN CA 292 -57.12 -12.33 -87.20
CA GLN CA 292 -56.80 -11.08 -86.52
C GLN CA 292 -57.46 -9.91 -87.24
N PHE CA 293 -57.74 -8.85 -86.47
CA PHE CA 293 -58.32 -7.63 -87.01
C PHE CA 293 -57.44 -6.46 -86.58
N HIS CA 294 -57.05 -5.63 -87.54
CA HIS CA 294 -56.12 -4.54 -87.29
C HIS CA 294 -56.72 -3.23 -87.80
N LEU CA 295 -56.99 -2.31 -86.88
CA LEU CA 295 -57.47 -0.99 -87.22
C LEU CA 295 -56.29 -0.04 -87.43
N LEU CA 296 -56.31 0.67 -88.55
CA LEU CA 296 -55.21 1.60 -88.82
C LEU CA 296 -55.40 2.90 -88.05
N PRO CA 297 -54.31 3.50 -87.59
CA PRO CA 297 -54.41 4.75 -86.83
C PRO CA 297 -54.67 5.94 -87.75
N ASP CA 298 -54.69 7.14 -87.15
CA ASP CA 298 -54.93 8.35 -87.92
C ASP CA 298 -53.73 8.79 -88.73
N LYS CA 299 -52.52 8.35 -88.36
CA LYS CA 299 -51.33 8.79 -89.07
C LYS CA 299 -51.21 8.20 -90.46
N LEU CA 300 -51.98 7.15 -90.77
CA LEU CA 300 -51.89 6.45 -92.04
C LEU CA 300 -53.23 6.48 -92.78
N LYS CA 301 -53.94 7.61 -92.68
CA LYS CA 301 -55.19 7.75 -93.41
C LYS CA 301 -54.92 8.07 -94.88
N ARG CA 302 -55.93 7.82 -95.72
CA ARG CA 302 -55.78 8.06 -97.14
C ARG CA 302 -55.58 9.54 -97.44
N GLU CA 303 -56.35 10.41 -96.78
CA GLU CA 303 -56.19 11.85 -96.99
C GLU CA 303 -54.83 12.33 -96.53
N LYS CA 304 -54.35 11.80 -95.40
CA LYS CA 304 -53.03 12.18 -94.91
C LYS CA 304 -51.94 11.73 -95.87
N LEU CA 305 -52.07 10.51 -96.42
CA LEU CA 305 -51.09 10.04 -97.39
C LEU CA 305 -51.13 10.87 -98.67
N LEU CA 306 -52.32 11.26 -99.11
CA LEU CA 306 -52.42 12.10 -100.30
C LEU CA 306 -51.81 13.48 -100.06
N LYS CA 307 -51.94 14.00 -98.83
CA LYS CA 307 -51.30 15.27 -98.50
C LYS CA 307 -49.79 15.12 -98.40
N GLN CA 308 -49.31 13.96 -97.94
CA GLN CA 308 -47.89 13.65 -97.95
C GLN CA 308 -47.40 13.21 -99.32
N ASN CA 309 -48.28 13.17 -100.32
CA ASN CA 309 -47.95 12.77 -101.68
C ASN CA 309 -47.46 11.32 -101.72
N CYS CA 310 -48.30 10.42 -101.22
CA CYS CA 310 -48.01 8.99 -101.22
C CYS CA 310 -49.31 8.26 -101.56
N ALA CA 311 -49.51 7.99 -102.85
CA ALA CA 311 -50.70 7.30 -103.33
C ALA CA 311 -50.49 5.81 -103.52
N ASP CA 312 -49.33 5.41 -104.05
CA ASP CA 312 -49.04 3.99 -104.21
C ASP CA 312 -48.72 3.32 -102.88
N GLN CA 313 -48.23 4.08 -101.90
CA GLN CA 313 -47.88 3.51 -100.61
C GLN CA 313 -49.10 3.16 -99.76
N ILE CA 314 -50.29 3.55 -100.20
CA ILE CA 314 -51.50 3.21 -99.45
C ILE CA 314 -51.64 1.71 -99.31
N GLU CA 315 -51.49 0.97 -100.41
CA GLU CA 315 -51.56 -0.48 -100.35
C GLU CA 315 -50.31 -1.08 -99.75
N VAL CA 316 -49.17 -0.39 -99.87
CA VAL CA 316 -47.93 -0.88 -99.26
C VAL CA 316 -48.07 -0.91 -97.74
N VAL CA 317 -48.79 0.06 -97.18
CA VAL CA 317 -49.03 0.07 -95.73
C VAL CA 317 -49.78 -1.18 -95.31
N PHE CA 318 -50.86 -1.51 -96.02
CA PHE CA 318 -51.61 -2.72 -95.71
C PHE CA 318 -50.74 -3.96 -95.86
N ARG CA 319 -49.97 -4.03 -96.95
CA ARG CA 319 -49.11 -5.19 -97.17
C ARG CA 319 -48.12 -5.36 -96.02
N ALA CA 320 -47.47 -4.27 -95.61
CA ALA CA 320 -46.48 -4.36 -94.53
C ALA CA 320 -47.14 -4.76 -93.22
N ASN CA 321 -48.28 -4.14 -92.89
CA ASN CA 321 -48.97 -4.48 -91.65
C ASN CA 321 -49.36 -5.94 -91.62
N ALA CA 322 -49.87 -6.47 -92.74
CA ALA CA 322 -50.24 -7.87 -92.79
C ALA CA 322 -49.03 -8.78 -92.66
N ILE CA 323 -47.99 -8.53 -93.47
CA ILE CA 323 -46.80 -9.37 -93.44
C ILE CA 323 -46.18 -9.39 -92.06
N ALA CA 324 -46.28 -8.27 -91.33
CA ALA CA 324 -45.75 -8.26 -89.96
C ALA CA 324 -46.65 -9.04 -89.01
N SER CA 325 -47.93 -8.66 -88.93
CA SER CA 325 -48.79 -9.20 -87.89
C SER CA 325 -49.06 -10.68 -88.08
N LEU CA 326 -49.43 -11.10 -89.29
CA LEU CA 326 -49.76 -12.49 -89.53
C LEU CA 326 -48.55 -13.39 -89.32
N PHE CA 327 -47.38 -12.95 -89.78
CA PHE CA 327 -46.17 -13.74 -89.56
C PHE CA 327 -45.83 -13.83 -88.09
N ALA CA 328 -45.97 -12.72 -87.35
CA ALA CA 328 -45.74 -12.78 -85.91
C ALA CA 328 -46.66 -13.78 -85.25
N TRP CA 329 -47.94 -13.78 -85.64
CA TRP CA 329 -48.90 -14.69 -85.03
C TRP CA 329 -48.54 -16.15 -85.35
N THR CA 330 -48.21 -16.42 -86.62
CA THR CA 330 -47.89 -17.79 -87.01
C THR CA 330 -46.60 -18.28 -86.32
N GLY CA 331 -45.59 -17.43 -86.24
CA GLY CA 331 -44.37 -17.81 -85.54
C GLY CA 331 -44.61 -18.05 -84.07
N ALA CA 332 -45.44 -17.22 -83.44
CA ALA CA 332 -45.81 -17.46 -82.06
C ALA CA 332 -46.50 -18.80 -81.89
N GLN CA 333 -47.44 -19.13 -82.79
CA GLN CA 333 -48.10 -20.42 -82.72
C GLN CA 333 -47.10 -21.56 -82.87
N ALA CA 334 -46.16 -21.43 -83.80
CA ALA CA 334 -45.19 -22.48 -84.03
C ALA CA 334 -44.29 -22.69 -82.81
N MET CA 335 -43.78 -21.60 -82.24
CA MET CA 335 -42.89 -21.74 -81.09
C MET CA 335 -43.64 -22.12 -79.81
N TYR CA 336 -44.95 -21.85 -79.75
CA TYR CA 336 -45.74 -22.38 -78.64
C TYR CA 336 -45.97 -23.87 -78.81
N GLN CA 337 -46.13 -24.33 -80.05
CA GLN CA 337 -46.22 -25.76 -80.29
C GLN CA 337 -44.90 -26.47 -80.02
N GLY CA 338 -43.77 -25.79 -80.24
CA GLY CA 338 -42.48 -26.37 -79.93
C GLY CA 338 -41.53 -26.43 -81.10
N PHE CA 339 -41.78 -25.61 -82.12
CA PHE CA 339 -40.95 -25.59 -83.32
C PHE CA 339 -40.09 -24.33 -83.34
N TRP CA 340 -38.87 -24.47 -83.84
CA TRP CA 340 -37.95 -23.34 -83.95
C TRP CA 340 -37.05 -23.59 -85.16
N SER CA 341 -35.92 -22.87 -85.22
CA SER CA 341 -35.06 -22.91 -86.40
C SER CA 341 -34.57 -24.33 -86.68
N GLU CA 342 -33.83 -24.92 -85.74
CA GLU CA 342 -33.29 -26.26 -85.95
C GLU CA 342 -34.35 -27.35 -85.88
N ALA CA 343 -35.57 -27.02 -85.47
CA ALA CA 343 -36.67 -27.97 -85.43
C ALA CA 343 -37.80 -27.48 -86.33
N ASP CA 344 -37.45 -27.09 -87.55
CA ASP CA 344 -38.37 -26.43 -88.47
C ASP CA 344 -39.71 -27.17 -88.54
N VAL CA 345 -40.77 -26.39 -88.73
CA VAL CA 345 -42.13 -26.91 -88.60
C VAL CA 345 -42.41 -27.93 -89.69
N THR CA 346 -43.20 -28.95 -89.33
CA THR CA 346 -43.60 -29.98 -90.27
C THR CA 346 -44.93 -29.65 -90.94
N ARG CA 347 -45.93 -29.23 -90.15
CA ARG CA 347 -47.23 -28.89 -90.69
C ARG CA 347 -47.37 -27.39 -90.83
N PRO CA 348 -47.79 -26.88 -91.98
CA PRO CA 348 -47.89 -25.43 -92.16
C PRO CA 348 -48.94 -24.81 -91.25
N PHE CA 349 -48.64 -23.60 -90.79
CA PHE CA 349 -49.54 -22.83 -89.93
C PHE CA 349 -50.23 -21.76 -90.77
N VAL CA 350 -51.56 -21.80 -90.81
CA VAL CA 350 -52.35 -20.88 -91.60
C VAL CA 350 -52.97 -19.83 -90.68
N SER CA 351 -53.07 -18.60 -91.16
CA SER CA 351 -53.64 -17.50 -90.39
C SER CA 351 -54.31 -16.52 -91.34
N GLN CA 352 -55.27 -15.78 -90.80
CA GLN CA 352 -56.05 -14.81 -91.57
C GLN CA 352 -56.00 -13.45 -90.89
N GLY CA 353 -56.01 -12.39 -91.70
CA GLY CA 353 -56.00 -11.04 -91.19
C GLY CA 353 -56.90 -10.09 -91.95
N VAL CA 354 -57.56 -9.19 -91.24
CA VAL CA 354 -58.43 -8.18 -91.84
C VAL CA 354 -57.94 -6.83 -91.35
N ILE CA 355 -57.44 -6.01 -92.27
CA ILE CA 355 -56.95 -4.69 -91.94
C ILE CA 355 -58.00 -3.67 -92.38
N THR CA 356 -58.42 -2.82 -91.45
CA THR CA 356 -59.50 -1.88 -91.66
C THR CA 356 -59.03 -0.47 -91.40
N ASP CA 357 -59.25 0.41 -92.37
CA ASP CA 357 -59.00 1.84 -92.21
C ASP CA 357 -60.26 2.48 -91.65
N GLY CA 358 -60.33 3.81 -91.66
CA GLY CA 358 -61.55 4.49 -91.24
C GLY CA 358 -62.73 4.17 -92.13
N LYS CA 359 -62.48 3.86 -93.40
CA LYS CA 359 -63.55 3.57 -94.35
C LYS CA 359 -63.36 2.26 -95.11
N TYR CA 360 -62.13 1.91 -95.44
CA TYR CA 360 -61.85 0.81 -96.36
C TYR CA 360 -61.45 -0.45 -95.61
N PHE CA 361 -61.49 -1.58 -96.32
CA PHE CA 361 -61.14 -2.88 -95.79
C PHE CA 361 -60.15 -3.57 -96.70
N SER CA 362 -59.42 -4.53 -96.14
CA SER CA 362 -58.52 -5.36 -96.92
C SER CA 362 -58.31 -6.68 -96.19
N PHE CA 363 -58.15 -7.75 -96.97
CA PHE CA 363 -58.03 -9.10 -96.45
C PHE CA 363 -56.68 -9.70 -96.82
N PHE CA 364 -56.15 -10.55 -95.93
CA PHE CA 364 -54.86 -11.18 -96.15
C PHE CA 364 -54.88 -12.57 -95.54
N CYS CA 365 -54.14 -13.48 -96.19
CA CYS CA 365 -53.95 -14.83 -95.69
C CYS CA 365 -52.46 -15.14 -95.66
N TYR CA 366 -52.02 -15.81 -94.59
CA TYR CA 366 -50.61 -16.12 -94.41
C TYR CA 366 -50.46 -17.60 -94.12
N GLN CA 367 -49.41 -18.21 -94.67
CA GLN CA 367 -49.10 -19.61 -94.43
C GLN CA 367 -47.61 -19.72 -94.11
N LEU CA 368 -47.31 -19.98 -92.84
CA LEU CA 368 -45.94 -20.17 -92.39
C LEU CA 368 -45.57 -21.64 -92.56
N ASN CA 369 -44.59 -21.91 -93.41
CA ASN CA 369 -44.11 -23.26 -93.69
C ASN CA 369 -42.72 -23.50 -93.13
N THR CA 370 -41.75 -22.66 -93.50
CA THR CA 370 -40.39 -22.78 -93.02
C THR CA 370 -40.15 -21.80 -91.87
N LEU CA 371 -39.42 -22.27 -90.86
CA LEU CA 371 -39.08 -21.46 -89.71
C LEU CA 371 -37.59 -21.24 -89.53
N ALA CA 372 -36.74 -21.99 -90.23
CA ALA CA 372 -35.30 -21.83 -90.13
C ALA CA 372 -34.85 -20.57 -90.85
N LEU CA 373 -34.83 -19.44 -90.14
CA LEU CA 373 -34.46 -18.16 -90.72
C LEU CA 373 -33.05 -17.73 -90.39
N THR CA 374 -32.38 -18.41 -89.46
CA THR CA 374 -30.99 -18.08 -89.15
C THR CA 374 -30.08 -18.46 -90.33
N ALA CA 375 -28.87 -17.93 -90.29
CA ALA CA 375 -27.95 -18.09 -91.42
C ALA CA 375 -27.46 -19.53 -91.53
N GLN CA 376 -27.02 -20.12 -90.42
CA GLN CA 376 -26.45 -21.46 -90.46
C GLN CA 376 -27.48 -22.53 -90.77
N ALA CA 377 -28.77 -22.20 -90.74
CA ALA CA 377 -29.82 -23.14 -91.12
C ALA CA 377 -30.52 -22.80 -92.42
N ASP CA 378 -30.36 -21.56 -92.91
CA ASP CA 378 -30.98 -21.12 -94.15
C ASP CA 378 -30.07 -21.33 -95.36
N GLN CA 379 -29.09 -22.23 -95.26
CA GLN CA 379 -28.19 -22.47 -96.38
C GLN CA 379 -28.82 -23.42 -97.40
N ASN CA 380 -29.61 -24.39 -96.94
CA ASN CA 380 -30.22 -25.38 -97.81
C ASN CA 380 -31.70 -25.54 -97.47
N ASN CA 381 -32.40 -24.41 -97.34
CA ASN CA 381 -33.82 -24.40 -97.05
C ASN CA 381 -34.59 -23.99 -98.29
N PRO CA 382 -35.18 -24.92 -99.04
CA PRO CA 382 -35.92 -24.53 -100.26
C PRO CA 382 -37.31 -23.97 -99.99
N ARG CA 383 -37.89 -24.25 -98.82
CA ARG CA 383 -39.24 -23.81 -98.54
C ARG CA 383 -39.28 -22.30 -98.28
N LYS CA 384 -40.41 -21.70 -98.64
CA LYS CA 384 -40.65 -20.28 -98.42
C LYS CA 384 -42.05 -20.08 -97.86
N ASN CA 385 -42.25 -18.97 -97.17
CA ASN CA 385 -43.55 -18.61 -96.65
C ASN CA 385 -44.35 -17.85 -97.70
N ILE CA 386 -45.67 -17.95 -97.62
CA ILE CA 386 -46.57 -17.38 -98.62
C ILE CA 386 -47.54 -16.45 -97.93
N CYS CA 387 -47.75 -15.27 -98.51
CA CYS CA 387 -48.70 -14.28 -98.00
C CYS CA 387 -49.62 -13.85 -99.13
N TRP CA 388 -50.88 -14.26 -99.08
CA TRP CA 388 -51.87 -13.88 -100.07
C TRP CA 388 -52.52 -12.57 -99.67
N GLY CA 389 -52.57 -11.63 -100.61
CA GLY CA 389 -53.13 -10.32 -100.34
C GLY CA 389 -54.17 -9.93 -101.38
N THR CA 390 -55.05 -9.01 -100.98
CA THR CA 390 -56.13 -8.53 -101.82
C THR CA 390 -56.14 -7.01 -101.79
N GLN CA 391 -56.52 -6.41 -102.92
CA GLN CA 391 -56.57 -4.96 -103.01
C GLN CA 391 -57.59 -4.38 -102.02
N SER CA 392 -57.35 -3.14 -101.62
CA SER CA 392 -58.25 -2.47 -100.69
C SER CA 392 -59.61 -2.24 -101.34
N LYS CA 393 -60.67 -2.50 -100.58
CA LYS CA 393 -62.04 -2.38 -101.08
C LYS CA 393 -62.89 -1.67 -100.03
N PRO CA 394 -63.62 -0.64 -100.42
CA PRO CA 394 -64.47 0.07 -99.44
C PRO CA 394 -65.72 -0.73 -99.11
N LEU CA 395 -66.23 -0.50 -97.90
CA LEU CA 395 -67.46 -1.16 -97.45
C LEU CA 395 -68.66 -0.23 -97.56
N TYR CA 396 -68.61 0.92 -96.91
CA TYR CA 396 -69.68 1.90 -96.95
C TYR CA 396 -69.26 3.11 -97.78
N GLU CA 397 -70.14 4.10 -97.85
CA GLU CA 397 -69.88 5.30 -98.65
C GLU CA 397 -70.70 6.45 -98.09
N THR CA 398 -70.00 7.40 -97.47
CA THR CA 398 -70.56 8.67 -96.95
C THR CA 398 -71.98 8.50 -96.39
N ILE CA 399 -72.06 7.66 -95.34
CA ILE CA 399 -73.33 7.51 -94.64
C ILE CA 399 -73.77 8.86 -94.07
N GLU CA 400 -75.07 9.10 -94.08
CA GLU CA 400 -75.60 10.40 -93.66
C GLU CA 400 -77.02 10.23 -93.15
N ASP CA 401 -77.27 10.72 -91.94
CA ASP CA 401 -78.60 10.80 -91.35
C ASP CA 401 -79.28 9.42 -91.33
N ASN CA 402 -78.68 8.53 -90.52
CA ASN CA 402 -79.20 7.19 -90.25
C ASN CA 402 -79.54 6.40 -91.52
N ASN CA 403 -78.92 6.76 -92.64
CA ASN CA 403 -79.16 6.08 -93.91
C ASN CA 403 -77.82 5.78 -94.55
N VAL CA 404 -77.49 4.49 -94.65
CA VAL CA 404 -76.25 4.06 -95.29
C VAL CA 404 -76.42 4.22 -96.80
N LYS CA 405 -75.68 5.17 -97.38
CA LYS CA 405 -75.84 5.45 -98.80
C LYS CA 405 -75.28 4.32 -99.65
N GLY CA 406 -73.99 4.04 -99.52
CA GLY CA 406 -73.32 3.01 -100.29
C GLY CA 406 -72.98 1.80 -99.44
N PHE CA 407 -72.99 0.63 -100.05
CA PHE CA 407 -72.68 -0.61 -99.34
C PHE CA 407 -72.22 -1.65 -100.36
N ASN CA 408 -71.20 -2.42 -99.98
CA ASN CA 408 -70.63 -3.44 -100.85
C ASN CA 408 -70.74 -4.79 -100.16
N ASP CA 409 -71.44 -5.73 -100.80
CA ASP CA 409 -71.65 -7.04 -100.22
C ASP CA 409 -70.44 -7.95 -100.35
N ASP CA 410 -69.48 -7.61 -101.21
CA ASP CA 410 -68.31 -8.47 -101.39
C ASP CA 410 -67.44 -8.49 -100.14
N VAL CA 411 -67.28 -7.35 -99.48
CA VAL CA 411 -66.51 -7.30 -98.24
C VAL CA 411 -67.18 -8.14 -97.16
N LEU CA 412 -68.51 -8.03 -97.05
CA LEU CA 412 -69.24 -8.82 -96.08
C LEU CA 412 -69.12 -10.31 -96.38
N LEU CA 413 -69.17 -10.68 -97.67
CA LEU CA 413 -69.02 -12.08 -98.04
C LEU CA 413 -67.62 -12.60 -97.71
N GLN CA 414 -66.60 -11.77 -97.93
CA GLN CA 414 -65.24 -12.19 -97.59
C GLN CA 414 -65.08 -12.36 -96.07
N LEU CA 415 -65.67 -11.45 -95.29
CA LEU CA 415 -65.63 -11.61 -93.84
C LEU CA 415 -66.36 -12.87 -93.41
N VAL CA 416 -67.49 -13.17 -94.07
CA VAL CA 416 -68.23 -14.39 -93.75
C VAL CA 416 -67.39 -15.62 -94.05
N GLN CA 417 -66.70 -15.63 -95.19
CA GLN CA 417 -65.84 -16.76 -95.51
C GLN CA 417 -64.71 -16.90 -94.50
N PHE CA 418 -64.08 -15.78 -94.13
CA PHE CA 418 -62.99 -15.82 -93.16
C PHE CA 418 -63.46 -16.35 -91.81
N LEU CA 419 -64.67 -15.98 -91.38
CA LEU CA 419 -65.19 -16.44 -90.12
C LEU CA 419 -65.74 -17.86 -90.20
N LEU CA 420 -66.10 -18.33 -91.39
CA LEU CA 420 -66.64 -19.67 -91.56
C LEU CA 420 -65.57 -20.70 -91.94
N ASN CA 421 -64.34 -20.28 -92.18
CA ASN CA 421 -63.26 -21.23 -92.42
C ASN CA 421 -63.12 -22.17 -91.23
N ARG CA 422 -63.45 -23.45 -91.43
CA ARG CA 422 -63.52 -24.45 -90.37
C ARG CA 422 -62.21 -25.23 -90.26
N PRO CA 423 -61.84 -25.63 -89.05
CA PRO CA 423 -60.70 -26.54 -88.89
C PRO CA 423 -61.04 -27.92 -89.41
N LYS CA 424 -60.00 -28.76 -89.50
CA LYS CA 424 -60.19 -30.13 -89.95
C LYS CA 424 -61.00 -30.92 -88.93
N GLU CA 425 -61.71 -31.93 -89.43
CA GLU CA 425 -62.56 -32.78 -88.61
C GLU CA 425 -62.08 -34.22 -88.69
N ASP CA 426 -62.00 -34.88 -87.55
CA ASP CA 426 -61.54 -36.27 -87.51
C ASP CA 426 -62.10 -37.00 -86.29
N PHE DA 35 97.52 -22.52 -3.25
CA PHE DA 35 96.21 -23.13 -3.45
C PHE DA 35 96.15 -24.51 -2.81
N ARG DA 36 95.05 -24.78 -2.13
CA ARG DA 36 94.84 -26.05 -1.45
C ARG DA 36 93.90 -26.93 -2.26
N GLU DA 37 94.23 -28.22 -2.32
CA GLU DA 37 93.43 -29.19 -3.07
C GLU DA 37 93.18 -30.40 -2.21
N VAL DA 38 91.96 -30.93 -2.28
CA VAL DA 38 91.55 -32.10 -1.52
C VAL DA 38 91.63 -33.31 -2.45
N VAL DA 39 92.51 -34.26 -2.12
CA VAL DA 39 92.72 -35.46 -2.90
C VAL DA 39 92.12 -36.64 -2.15
N GLU DA 40 91.29 -37.42 -2.83
CA GLU DA 40 90.63 -38.59 -2.26
C GLU DA 40 91.11 -39.84 -2.98
N ILE DA 41 91.45 -40.86 -2.20
CA ILE DA 41 91.96 -42.13 -2.72
C ILE DA 41 91.09 -43.25 -2.17
N LEU DA 42 90.66 -44.15 -3.04
CA LEU DA 42 89.82 -45.30 -2.67
C LEU DA 42 90.67 -46.56 -2.78
N ASP DA 43 90.95 -47.19 -1.65
CA ASP DA 43 91.79 -48.40 -1.58
C ASP DA 43 91.12 -49.42 -0.67
N GLY DA 44 90.29 -50.28 -1.25
CA GLY DA 44 89.66 -51.35 -0.52
C GLY DA 44 88.79 -50.90 0.63
N LYS DA 45 87.70 -50.20 0.32
CA LYS DA 45 86.75 -49.71 1.32
C LYS DA 45 87.41 -48.79 2.34
N THR DA 46 88.53 -48.18 1.97
CA THR DA 46 89.26 -47.27 2.83
C THR DA 46 89.52 -45.97 2.07
N THR DA 47 88.92 -44.88 2.55
CA THR DA 47 89.03 -43.58 1.90
C THR DA 47 90.13 -42.78 2.56
N ILE DA 48 91.05 -42.27 1.74
CA ILE DA 48 92.15 -41.44 2.20
C ILE DA 48 91.95 -40.04 1.64
N ILE DA 49 91.63 -39.09 2.52
CA ILE DA 49 91.43 -37.69 2.15
C ILE DA 49 92.63 -36.90 2.66
N GLU DA 50 93.32 -36.23 1.73
CA GLU DA 50 94.53 -35.49 2.07
C GLU DA 50 94.48 -34.10 1.46
N GLY DA 51 95.22 -33.18 2.07
CA GLY DA 51 95.32 -31.81 1.59
C GLY DA 51 96.69 -31.56 0.98
N ARG DA 52 96.69 -31.03 -0.24
CA ARG DA 52 97.91 -30.76 -0.99
C ARG DA 52 97.96 -29.27 -1.31
N ILE DA 53 99.05 -28.62 -0.92
CA ILE DA 53 99.26 -27.20 -1.17
C ILE DA 53 100.21 -27.05 -2.34
N THR DA 54 99.78 -26.29 -3.35
CA THR DA 54 100.59 -26.03 -4.53
C THR DA 54 101.12 -24.59 -4.48
N GLU DA 55 101.87 -24.22 -5.51
CA GLU DA 55 102.42 -22.88 -5.61
C GLU DA 55 101.42 -21.95 -6.29
N THR DA 56 101.25 -20.75 -5.72
CA THR DA 56 100.39 -19.74 -6.31
C THR DA 56 101.19 -18.50 -6.66
N PRO DA 57 100.89 -17.86 -7.79
CA PRO DA 57 101.62 -16.64 -8.16
C PRO DA 57 101.28 -15.49 -7.23
N GLN DA 58 102.27 -14.64 -7.00
CA GLN DA 58 102.15 -13.52 -6.08
C GLN DA 58 101.84 -12.23 -6.86
N GLU DA 59 101.71 -11.14 -6.11
CA GLU DA 59 101.43 -9.85 -6.72
C GLU DA 59 102.66 -9.32 -7.47
N SER DA 60 102.40 -8.50 -8.47
CA SER DA 60 103.49 -7.86 -9.21
C SER DA 60 104.30 -6.96 -8.26
N PRO DA 61 105.59 -6.79 -8.54
CA PRO DA 61 106.44 -6.07 -7.57
C PRO DA 61 106.15 -4.59 -7.46
N ASN DA 62 105.85 -3.92 -8.58
CA ASN DA 62 105.72 -2.47 -8.58
C ASN DA 62 104.27 -2.05 -8.85
N PRO DA 63 103.50 -1.70 -7.84
CA PRO DA 63 102.17 -1.16 -8.07
C PRO DA 63 102.24 0.33 -8.39
N PRO DA 64 101.36 0.82 -9.25
CA PRO DA 64 101.42 2.25 -9.61
C PRO DA 64 101.09 3.18 -8.46
N ASN DA 65 100.23 2.77 -7.53
CA ASN DA 65 99.85 3.58 -6.38
C ASN DA 65 99.87 2.70 -5.15
N PRO DA 66 101.05 2.50 -4.54
CA PRO DA 66 101.14 1.62 -3.36
C PRO DA 66 100.43 2.18 -2.14
N THR DA 67 99.96 3.42 -2.17
CA THR DA 67 99.32 4.03 -1.01
C THR DA 67 97.87 3.61 -0.84
N GLY DA 68 97.24 3.05 -1.86
CA GLY DA 68 95.85 2.63 -1.75
C GLY DA 68 95.71 1.33 -0.97
N GLN DA 69 94.65 1.27 -0.16
CA GLN DA 69 94.42 0.09 0.66
C GLN DA 69 93.75 -1.03 -0.11
N CYS DA 70 92.80 -0.69 -0.98
CA CYS DA 70 92.10 -1.66 -1.79
C CYS DA 70 92.95 -2.08 -2.98
N PRO DA 71 92.88 -3.34 -3.40
CA PRO DA 71 93.67 -3.76 -4.57
C PRO DA 71 93.41 -2.95 -5.83
N ILE DA 72 92.15 -2.83 -6.25
CA ILE DA 72 91.85 -2.07 -7.46
C ILE DA 72 92.12 -0.58 -7.24
N CYS DA 73 91.70 -0.05 -6.09
CA CYS DA 73 91.90 1.37 -5.81
C CYS DA 73 93.38 1.74 -5.74
N ARG DA 74 94.27 0.78 -5.47
CA ARG DA 74 95.69 1.04 -5.44
C ARG DA 74 96.38 0.71 -6.76
N TRP DA 75 95.81 -0.18 -7.56
CA TRP DA 75 96.29 -0.38 -8.92
C TRP DA 75 95.70 0.63 -9.90
N ASN DA 76 94.89 1.57 -9.40
CA ASN DA 76 94.36 2.66 -10.20
C ASN DA 76 93.46 2.16 -11.33
N LEU DA 77 92.80 1.03 -11.10
CA LEU DA 77 91.85 0.49 -12.05
C LEU DA 77 90.41 0.86 -11.71
N LYS DA 78 90.21 1.73 -10.72
CA LYS DA 78 88.87 2.19 -10.38
C LYS DA 78 88.29 2.98 -11.54
N HIS DA 79 87.03 2.69 -11.87
CA HIS DA 79 86.35 3.31 -13.02
C HIS DA 79 87.08 3.02 -14.32
N LYS DA 80 87.81 1.92 -14.37
CA LYS DA 80 88.57 1.53 -15.55
C LYS DA 80 88.19 0.17 -16.10
N TYR DA 81 87.80 -0.78 -15.27
CA TYR DA 81 87.43 -2.10 -15.75
C TYR DA 81 86.01 -2.10 -16.30
N ASN DA 82 85.70 -3.15 -17.05
CA ASN DA 82 84.39 -3.29 -17.69
C ASN DA 82 84.17 -4.77 -17.96
N TYR DA 83 82.99 -5.10 -18.49
CA TYR DA 83 82.68 -6.48 -18.81
C TYR DA 83 83.60 -7.04 -19.88
N GLU DA 84 84.23 -6.17 -20.68
CA GLU DA 84 85.16 -6.63 -21.70
C GLU DA 84 86.50 -7.06 -21.12
N ASP DA 85 86.94 -6.42 -20.04
CA ASP DA 85 88.24 -6.71 -19.44
C ASP DA 85 88.17 -8.07 -18.75
N VAL DA 86 88.59 -9.11 -19.46
CA VAL DA 86 88.56 -10.46 -18.90
C VAL DA 86 89.81 -10.78 -18.10
N LEU DA 87 90.97 -10.22 -18.49
CA LEU DA 87 92.22 -10.52 -17.80
C LEU DA 87 92.16 -10.04 -16.35
N LEU DA 88 91.41 -8.98 -16.07
CA LEU DA 88 91.28 -8.48 -14.71
C LEU DA 88 90.24 -9.24 -13.92
N LEU DA 89 89.11 -9.59 -14.54
CA LEU DA 89 88.08 -10.32 -13.82
C LEU DA 89 88.49 -11.75 -13.54
N SER DA 90 89.36 -12.33 -14.36
CA SER DA 90 89.74 -13.72 -14.21
C SER DA 90 90.77 -13.95 -13.10
N GLN DA 91 91.24 -12.90 -12.43
CA GLN DA 91 92.23 -13.09 -11.38
C GLN DA 91 91.60 -13.74 -10.15
N PHE DA 92 90.37 -13.35 -9.80
CA PHE DA 92 89.69 -13.87 -8.61
C PHE DA 92 88.32 -14.41 -9.00
N ILE DA 93 88.30 -15.66 -9.46
CA ILE DA 93 87.08 -16.41 -9.68
C ILE DA 93 87.42 -17.89 -9.58
N ARG DA 94 86.51 -18.66 -8.99
CA ARG DA 94 86.71 -20.09 -8.88
C ARG DA 94 86.71 -20.73 -10.27
N PRO DA 95 87.40 -21.87 -10.43
CA PRO DA 95 87.40 -22.54 -11.74
C PRO DA 95 86.02 -22.91 -12.25
N HIS DA 96 85.02 -22.96 -11.38
CA HIS DA 96 83.64 -23.23 -11.78
C HIS DA 96 82.81 -21.96 -11.85
N GLY DA 97 83.43 -20.83 -12.19
CA GLY DA 97 82.73 -19.57 -12.34
C GLY DA 97 82.27 -18.92 -11.06
N GLY DA 98 82.58 -19.49 -9.90
CA GLY DA 98 82.12 -18.91 -8.65
C GLY DA 98 82.90 -17.67 -8.27
N MET DA 99 82.25 -16.84 -7.46
CA MET DA 99 82.86 -15.62 -6.94
C MET DA 99 83.74 -15.93 -5.73
N LEU DA 100 84.80 -15.13 -5.57
CA LEU DA 100 85.68 -15.28 -4.42
C LEU DA 100 85.23 -14.38 -3.28
N PRO DA 101 85.32 -14.84 -2.04
CA PRO DA 101 84.81 -14.04 -0.92
C PRO DA 101 85.60 -12.77 -0.70
N ARG DA 102 84.92 -11.76 -0.16
CA ARG DA 102 85.54 -10.46 0.03
C ARG DA 102 86.58 -10.49 1.13
N ARG DA 103 86.32 -11.25 2.21
CA ARG DA 103 87.28 -11.33 3.31
C ARG DA 103 88.60 -11.95 2.87
N ILE DA 104 88.60 -12.76 1.82
CA ILE DA 104 89.83 -13.33 1.30
C ILE DA 104 90.42 -12.48 0.17
N THR DA 105 89.56 -11.85 -0.63
CA THR DA 105 90.05 -11.00 -1.71
C THR DA 105 90.69 -9.73 -1.17
N GLY DA 106 89.92 -8.91 -0.48
CA GLY DA 106 90.41 -7.67 0.09
C GLY DA 106 89.88 -6.40 -0.54
N LEU DA 107 88.91 -6.50 -1.46
CA LEU DA 107 88.42 -5.34 -2.17
C LEU DA 107 87.45 -4.54 -1.31
N CYS DA 108 87.30 -3.26 -1.65
CA CYS DA 108 86.27 -2.45 -1.02
C CYS DA 108 84.90 -2.92 -1.47
N GLN DA 109 83.88 -2.59 -0.68
CA GLN DA 109 82.55 -3.16 -0.91
C GLN DA 109 81.98 -2.74 -2.25
N GLU DA 110 82.10 -1.46 -2.61
CA GLU DA 110 81.52 -0.98 -3.86
C GLU DA 110 82.16 -1.65 -5.06
N GLU DA 111 83.50 -1.71 -5.09
CA GLU DA 111 84.17 -2.35 -6.21
C GLU DA 111 83.94 -3.85 -6.21
N HIS DA 112 83.74 -4.46 -5.05
CA HIS DA 112 83.41 -5.88 -5.03
C HIS DA 112 82.06 -6.14 -5.67
N LEU DA 113 81.06 -5.31 -5.35
CA LEU DA 113 79.76 -5.45 -6.01
C LEU DA 113 79.88 -5.19 -7.51
N LYS DA 114 80.67 -4.19 -7.90
CA LYS DA 114 80.86 -3.91 -9.32
C LYS DA 114 81.51 -5.09 -10.04
N ILE DA 115 82.50 -5.71 -9.40
CA ILE DA 115 83.19 -6.84 -10.02
C ILE DA 115 82.26 -8.05 -10.09
N GLU DA 116 81.39 -8.24 -9.09
CA GLU DA 116 80.41 -9.30 -9.16
C GLU DA 116 79.46 -9.10 -10.34
N GLU DA 117 78.99 -7.86 -10.51
CA GLU DA 117 78.13 -7.54 -11.64
C GLU DA 117 78.86 -7.79 -12.96
N CYS DA 118 80.13 -7.39 -13.05
CA CYS DA 118 80.89 -7.59 -14.28
C CYS DA 118 81.08 -9.08 -14.57
N VAL DA 119 81.33 -9.88 -13.54
CA VAL DA 119 81.51 -11.32 -13.74
C VAL DA 119 80.21 -11.95 -14.21
N LYS DA 120 79.08 -11.57 -13.60
CA LYS DA 120 77.79 -12.07 -14.06
C LYS DA 120 77.55 -11.70 -15.52
N MET DA 121 77.83 -10.45 -15.88
CA MET DA 121 77.60 -9.99 -17.25
C MET DA 121 78.50 -10.72 -18.24
N ALA DA 122 79.75 -10.98 -17.85
CA ALA DA 122 80.66 -11.71 -18.74
C ALA DA 122 80.20 -13.15 -18.92
N HIS DA 123 79.83 -13.81 -17.83
CA HIS DA 123 79.33 -15.18 -17.92
C HIS DA 123 78.09 -15.26 -18.82
N ARG DA 124 77.18 -14.30 -18.68
CA ARG DA 124 76.00 -14.31 -19.54
C ARG DA 124 76.36 -14.00 -20.99
N ALA DA 125 77.34 -13.12 -21.21
CA ALA DA 125 77.70 -12.73 -22.56
C ALA DA 125 78.39 -13.87 -23.30
N GLY DA 126 79.12 -14.73 -22.58
CA GLY DA 126 79.73 -15.88 -23.22
C GLY DA 126 81.23 -15.89 -23.11
N LEU DA 127 81.78 -14.98 -22.32
CA LEU DA 127 83.20 -14.98 -22.04
C LEU DA 127 83.51 -16.03 -20.96
N LEU DA 128 84.79 -16.21 -20.68
CA LEU DA 128 85.26 -17.22 -19.73
C LEU DA 128 84.75 -18.60 -20.15
N PRO DA 129 85.23 -19.16 -21.26
CA PRO DA 129 84.72 -20.46 -21.71
C PRO DA 129 85.29 -21.62 -20.91
N ASN DA 130 86.49 -21.44 -20.36
CA ASN DA 130 87.16 -22.48 -19.60
C ASN DA 130 86.75 -22.52 -18.13
N HIS DA 131 85.72 -21.77 -17.75
CA HIS DA 131 85.30 -21.68 -16.35
C HIS DA 131 83.94 -22.31 -16.11
N ARG DA 132 83.62 -23.37 -16.83
CA ARG DA 132 82.36 -24.08 -16.68
C ARG DA 132 82.61 -25.51 -16.21
N PRO DA 133 81.68 -26.09 -15.44
CA PRO DA 133 81.87 -27.45 -14.96
C PRO DA 133 81.81 -28.46 -16.09
N LYS DA 134 82.70 -29.45 -16.03
CA LYS DA 134 82.79 -30.46 -17.07
C LYS DA 134 81.78 -31.57 -16.79
N LEU DA 135 80.85 -31.78 -17.71
CA LEU DA 135 79.85 -32.83 -17.61
C LEU DA 135 79.85 -33.64 -18.90
N PRO DA 136 80.55 -34.77 -18.95
CA PRO DA 136 80.57 -35.57 -20.19
C PRO DA 136 79.24 -36.18 -20.55
N GLU DA 137 78.31 -36.29 -19.59
CA GLU DA 137 76.98 -36.81 -19.87
C GLU DA 137 76.03 -35.74 -20.40
N GLY DA 138 76.24 -34.48 -20.03
CA GLY DA 138 75.41 -33.40 -20.48
C GLY DA 138 75.93 -32.63 -21.66
N PHE DA 139 77.22 -32.77 -21.98
CA PHE DA 139 77.79 -32.12 -23.15
C PHE DA 139 77.42 -32.82 -24.45
N VAL DA 140 76.91 -34.04 -24.38
CA VAL DA 140 76.52 -34.79 -25.57
C VAL DA 140 75.17 -34.28 -26.10
N PRO DA 141 74.10 -34.20 -25.28
CA PRO DA 141 72.81 -33.74 -25.87
C PRO DA 141 72.78 -32.24 -26.14
N LYS DA 142 73.30 -31.86 -27.30
CA LYS DA 142 73.33 -30.45 -27.69
C LYS DA 142 71.92 -29.90 -27.81
N SER DA 143 71.80 -28.59 -27.55
CA SER DA 143 70.52 -27.90 -27.54
C SER DA 143 70.53 -26.80 -28.60
N LYS DA 144 69.50 -25.97 -28.56
CA LYS DA 144 69.43 -24.81 -29.45
C LYS DA 144 70.67 -23.93 -29.25
N PRO DA 145 71.16 -23.30 -30.32
CA PRO DA 145 72.41 -22.53 -30.20
C PRO DA 145 72.26 -21.38 -29.23
N ARG DA 146 73.33 -21.10 -28.49
CA ARG DA 146 73.33 -20.04 -27.51
C ARG DA 146 73.20 -18.69 -28.21
N LEU DA 147 72.17 -17.93 -27.84
CA LEU DA 147 71.94 -16.62 -28.44
C LEU DA 147 73.06 -15.66 -28.04
N ASN DA 148 73.62 -14.98 -29.03
CA ASN DA 148 74.70 -14.04 -28.77
C ASN DA 148 74.18 -12.81 -28.04
N ARG DA 149 74.71 -12.57 -26.85
CA ARG DA 149 74.25 -11.46 -26.02
C ARG DA 149 75.45 -10.80 -25.36
N TYR DA 150 75.25 -9.56 -24.91
CA TYR DA 150 76.28 -8.82 -24.20
C TYR DA 150 75.61 -7.65 -23.49
N LEU DA 151 76.28 -7.19 -22.42
CA LEU DA 151 75.78 -6.07 -21.62
C LEU DA 151 74.38 -6.36 -21.07
N THR DA 152 74.14 -7.61 -20.69
CA THR DA 152 72.84 -8.01 -20.17
C THR DA 152 72.81 -7.81 -18.65
N ARG DA 153 71.68 -7.32 -18.15
CA ARG DA 153 71.54 -6.98 -16.74
C ARG DA 153 70.93 -8.13 -15.94
N TRP DA 154 69.73 -8.56 -16.33
CA TRP DA 154 69.05 -9.62 -15.61
C TRP DA 154 69.54 -10.99 -16.07
N SER DA 155 68.83 -12.05 -15.68
CA SER DA 155 69.05 -13.44 -16.04
C SER DA 155 68.23 -13.81 -17.27
N PRO DA 156 68.75 -14.71 -18.12
CA PRO DA 156 68.01 -15.08 -19.34
C PRO DA 156 66.72 -15.84 -19.07
N ARG DA 157 66.54 -16.41 -17.88
CA ARG DA 157 65.37 -17.24 -17.58
C ARG DA 157 64.49 -16.65 -16.50
N SER DA 158 64.49 -15.33 -16.34
CA SER DA 158 63.71 -14.69 -15.30
C SER DA 158 63.04 -13.38 -15.75
N VAL DA 159 63.01 -13.08 -17.04
CA VAL DA 159 62.42 -11.85 -17.55
C VAL DA 159 61.25 -12.21 -18.46
N LYS DA 160 60.13 -11.52 -18.28
CA LYS DA 160 58.97 -11.69 -19.16
C LYS DA 160 58.97 -10.61 -20.23
N PRO DA 161 58.60 -10.97 -21.46
CA PRO DA 161 58.62 -9.99 -22.55
C PRO DA 161 57.55 -8.92 -22.35
N ILE DA 162 57.88 -7.70 -22.75
CA ILE DA 162 56.96 -6.57 -22.62
C ILE DA 162 55.94 -6.65 -23.75
N TYR DA 163 54.68 -6.86 -23.38
CA TYR DA 163 53.60 -6.94 -24.38
C TYR DA 163 52.92 -5.60 -24.61
N ASN DA 164 52.96 -4.70 -23.63
CA ASN DA 164 52.33 -3.39 -23.80
C ASN DA 164 53.29 -2.34 -24.36
N LYS DA 165 54.53 -2.33 -23.87
CA LYS DA 165 55.62 -1.56 -24.45
C LYS DA 165 55.44 -0.05 -24.25
N GLY DA 166 54.28 0.36 -23.75
CA GLY DA 166 54.04 1.75 -23.42
C GLY DA 166 54.05 2.71 -24.59
N HIS DA 167 53.58 3.93 -24.37
CA HIS DA 167 53.64 4.99 -25.36
C HIS DA 167 54.90 5.83 -25.15
N ARG DA 168 54.97 6.97 -25.83
CA ARG DA 168 56.17 7.81 -25.76
C ARG DA 168 56.35 8.41 -24.36
N TRP DA 169 55.27 8.93 -23.77
CA TRP DA 169 55.40 9.56 -22.46
C TRP DA 169 55.60 8.53 -21.36
N ASN DA 170 54.87 7.41 -21.42
CA ASN DA 170 55.03 6.31 -20.48
C ASN DA 170 55.63 5.14 -21.25
N LYS DA 171 56.96 5.08 -21.28
CA LYS DA 171 57.68 4.08 -22.07
C LYS DA 171 58.32 3.08 -21.12
N VAL DA 172 58.13 1.80 -21.40
CA VAL DA 172 58.76 0.73 -20.63
C VAL DA 172 60.18 0.54 -21.14
N ARG DA 173 61.14 1.22 -20.52
CA ARG DA 173 62.51 1.19 -21.00
C ARG DA 173 63.14 -0.17 -20.75
N MET DA 174 63.96 -0.60 -21.70
CA MET DA 174 64.64 -1.89 -21.61
C MET DA 174 66.02 -1.68 -21.01
N PRO DA 175 66.30 -2.20 -19.83
CA PRO DA 175 67.60 -1.92 -19.19
C PRO DA 175 68.72 -2.72 -19.81
N VAL DA 176 69.87 -2.07 -19.94
CA VAL DA 176 71.07 -2.68 -20.50
C VAL DA 176 72.27 -2.21 -19.68
N GLY DA 177 73.04 -3.15 -19.16
CA GLY DA 177 74.20 -2.83 -18.35
C GLY DA 177 73.86 -2.65 -16.89
N SER DA 178 74.90 -2.68 -16.06
CA SER DA 178 74.62 -2.52 -14.64
C SER DA 178 74.62 -1.05 -14.24
N PRO DA 179 73.71 -0.64 -13.36
CA PRO DA 179 73.70 0.75 -12.90
C PRO DA 179 74.86 1.08 -11.98
N LEU DA 180 75.56 0.07 -11.44
CA LEU DA 180 76.68 0.34 -10.54
C LEU DA 180 77.88 0.91 -11.26
N LEU DA 181 77.96 0.75 -12.59
CA LEU DA 181 79.10 1.22 -13.37
C LEU DA 181 78.82 2.56 -14.04
N LYS DA 182 77.90 3.37 -13.50
CA LYS DA 182 77.61 4.66 -14.09
C LYS DA 182 78.70 5.69 -13.83
N ASP DA 183 79.65 5.41 -12.94
CA ASP DA 183 80.72 6.33 -12.61
C ASP DA 183 82.01 6.02 -13.36
N ASN DA 184 81.93 5.31 -14.48
CA ASN DA 184 83.12 5.06 -15.29
C ASN DA 184 83.52 6.33 -16.03
N VAL DA 185 84.81 6.41 -16.34
CA VAL DA 185 85.32 7.57 -17.07
C VAL DA 185 84.78 7.53 -18.50
N SER DA 186 84.20 8.64 -18.94
CA SER DA 186 83.58 8.76 -20.25
C SER DA 186 84.46 9.64 -21.12
N TYR DA 187 85.26 9.01 -21.99
CA TYR DA 187 86.10 9.79 -22.90
C TYR DA 187 85.26 10.54 -23.93
N SER DA 188 84.07 10.04 -24.24
CA SER DA 188 83.16 10.75 -25.12
C SER DA 188 82.37 11.83 -24.40
N GLY DA 189 82.35 11.80 -23.06
CA GLY DA 189 81.66 12.80 -22.28
C GLY DA 189 80.18 12.56 -22.08
N ARG DA 190 79.55 11.76 -22.93
CA ARG DA 190 78.12 11.55 -22.81
C ARG DA 190 77.82 10.50 -21.73
N PRO DA 191 76.73 10.66 -20.99
CA PRO DA 191 76.38 9.65 -19.98
C PRO DA 191 76.03 8.32 -20.63
N LEU DA 192 76.26 7.25 -19.88
CA LEU DA 192 75.99 5.90 -20.36
C LEU DA 192 74.49 5.62 -20.28
N LEU DA 193 73.90 5.20 -21.39
CA LEU DA 193 72.47 4.88 -21.43
C LEU DA 193 72.22 3.57 -20.70
N LEU DA 194 71.80 3.67 -19.45
CA LEU DA 194 71.52 2.47 -18.66
C LEU DA 194 70.16 1.85 -19.00
N TYR DA 195 69.30 2.54 -19.74
CA TYR DA 195 67.98 2.04 -20.07
C TYR DA 195 67.66 2.42 -21.51
N HIS DA 196 67.52 1.41 -22.36
CA HIS DA 196 67.12 1.64 -23.75
C HIS DA 196 66.49 0.38 -24.34
N ASN FA 55 -79.40 -61.76 85.73
CA ASN FA 55 -79.19 -61.27 84.37
C ASN FA 55 -80.16 -61.94 83.39
N ASP FA 56 -80.61 -63.15 83.74
CA ASP FA 56 -81.52 -63.87 82.88
C ASP FA 56 -82.89 -63.20 82.81
N LEU FA 57 -83.29 -62.50 83.87
CA LEU FA 57 -84.57 -61.80 83.87
C LEU FA 57 -84.48 -60.39 83.30
N ARG FA 58 -83.28 -59.80 83.26
CA ARG FA 58 -83.14 -58.44 82.75
C ARG FA 58 -83.20 -58.38 81.22
N ASP FA 59 -82.79 -59.46 80.55
CA ASP FA 59 -82.85 -59.47 79.08
C ASP FA 59 -84.28 -59.55 78.58
N ARG FA 60 -85.19 -60.12 79.37
CA ARG FA 60 -86.58 -60.18 78.97
C ARG FA 60 -87.20 -58.79 78.89
N ILE FA 61 -86.80 -57.88 79.79
CA ILE FA 61 -87.30 -56.52 79.75
C ILE FA 61 -86.92 -55.84 78.43
N LEU FA 62 -85.71 -56.12 77.94
CA LEU FA 62 -85.27 -55.52 76.69
C LEU FA 62 -85.89 -56.21 75.48
N SER FA 63 -86.10 -57.52 75.55
CA SER FA 63 -86.64 -58.28 74.43
C SER FA 63 -88.17 -58.19 74.32
N GLU FA 64 -88.85 -57.70 75.37
CA GLU FA 64 -90.31 -57.61 75.32
C GLU FA 64 -90.80 -56.63 74.26
N PRO FA 65 -90.34 -55.37 74.22
CA PRO FA 65 -90.90 -54.44 73.23
C PRO FA 65 -90.48 -54.74 71.80
N LEU FA 66 -89.43 -55.53 71.59
CA LEU FA 66 -88.96 -55.78 70.23
C LEU FA 66 -89.87 -56.76 69.48
N LYS FA 67 -90.72 -57.50 70.18
CA LYS FA 67 -91.58 -58.49 69.55
C LYS FA 67 -92.90 -57.92 69.06
N HIS FA 68 -93.25 -56.71 69.47
CA HIS FA 68 -94.51 -56.08 69.10
C HIS FA 68 -94.24 -54.87 68.22
N ALA FA 69 -95.18 -54.59 67.31
CA ALA FA 69 -95.01 -53.47 66.38
C ALA FA 69 -95.30 -52.15 67.07
N ASP FA 70 -96.54 -51.93 67.49
CA ASP FA 70 -96.92 -50.71 68.21
C ASP FA 70 -96.96 -51.04 69.70
N PHE FA 71 -95.76 -51.12 70.29
CA PHE FA 71 -95.66 -51.53 71.69
C PHE FA 71 -96.17 -50.45 72.64
N PHE FA 72 -96.15 -49.20 72.21
CA PHE FA 72 -96.57 -48.09 73.07
C PHE FA 72 -97.87 -47.44 72.62
N ASN FA 73 -98.51 -47.97 71.57
CA ASN FA 73 -99.77 -47.44 71.05
C ASN FA 73 -99.62 -45.96 70.67
N LEU FA 74 -98.75 -45.72 69.70
CA LEU FA 74 -98.44 -44.37 69.24
C LEU FA 74 -99.29 -43.93 68.06
N LYS FA 75 -100.18 -44.79 67.56
CA LYS FA 75 -101.00 -44.42 66.41
C LYS FA 75 -102.07 -43.41 66.78
N GLU FA 76 -102.56 -43.44 68.02
CA GLU FA 76 -103.60 -42.52 68.44
C GLU FA 76 -103.08 -41.12 68.72
N LEU FA 77 -101.75 -40.93 68.76
CA LEU FA 77 -101.20 -39.63 69.08
C LEU FA 77 -101.41 -38.60 67.98
N PHE FA 78 -101.71 -39.04 66.77
CA PHE FA 78 -101.87 -38.13 65.65
C PHE FA 78 -102.68 -38.82 64.55
N SER FA 79 -102.95 -38.06 63.49
CA SER FA 79 -103.63 -38.59 62.32
C SER FA 79 -103.27 -37.69 61.14
N VAL FA 80 -103.70 -38.12 59.95
CA VAL FA 80 -103.43 -37.32 58.75
C VAL FA 80 -104.08 -35.96 58.86
N ARG FA 81 -105.28 -35.89 59.44
CA ARG FA 81 -105.94 -34.60 59.64
C ARG FA 81 -105.24 -33.79 60.72
N SER FA 82 -104.74 -34.44 61.77
CA SER FA 82 -104.01 -33.72 62.80
C SER FA 82 -102.72 -33.13 62.27
N LEU FA 83 -102.10 -33.78 61.28
CA LEU FA 83 -100.92 -33.22 60.64
C LEU FA 83 -101.29 -32.14 59.63
N PHE FA 84 -102.44 -32.28 58.96
CA PHE FA 84 -102.87 -31.26 58.01
C PHE FA 84 -103.25 -29.97 58.71
N ASP FA 85 -103.84 -30.06 59.90
CA ASP FA 85 -104.28 -28.87 60.62
C ASP FA 85 -103.13 -28.07 61.22
N ALA FA 86 -101.88 -28.54 61.09
CA ALA FA 86 -100.73 -27.86 61.65
C ALA FA 86 -99.79 -27.32 60.59
N ARG FA 87 -100.28 -27.13 59.35
CA ARG FA 87 -99.50 -26.57 58.26
C ARG FA 87 -98.25 -27.39 57.96
N VAL FA 88 -98.30 -28.69 58.24
CA VAL FA 88 -97.14 -29.54 58.00
C VAL FA 88 -96.97 -29.82 56.51
N HIS FA 89 -98.07 -29.96 55.77
CA HIS FA 89 -98.03 -30.31 54.36
C HIS FA 89 -97.51 -29.19 53.47
N LEU FA 90 -97.11 -28.05 54.04
CA LEU FA 90 -96.68 -26.90 53.25
C LEU FA 90 -95.15 -26.79 53.29
N GLY FA 91 -94.57 -26.45 52.14
CA GLY FA 91 -93.13 -26.27 52.05
C GLY FA 91 -92.75 -24.96 51.40
N HIS FA 92 -91.48 -24.81 51.03
CA HIS FA 92 -90.99 -23.58 50.42
C HIS FA 92 -91.39 -23.55 48.95
N LYS FA 93 -90.88 -22.55 48.22
CA LYS FA 93 -91.19 -22.41 46.80
C LYS FA 93 -90.48 -23.49 46.00
N ALA FA 94 -90.76 -23.53 44.70
CA ALA FA 94 -90.13 -24.51 43.83
C ALA FA 94 -88.65 -24.20 43.62
N GLY FA 95 -88.26 -22.93 43.70
CA GLY FA 95 -86.86 -22.58 43.49
C GLY FA 95 -85.96 -23.02 44.61
N CYS FA 96 -86.48 -23.10 45.83
CA CYS FA 96 -85.70 -23.55 46.98
C CYS FA 96 -85.77 -25.06 47.18
N ARG FA 97 -86.30 -25.80 46.19
CA ARG FA 97 -86.47 -27.23 46.34
C ARG FA 97 -85.12 -27.94 46.25
N HIS FA 98 -84.80 -28.73 47.27
CA HIS FA 98 -83.65 -29.61 47.20
C HIS FA 98 -83.96 -30.79 46.30
N ARG FA 99 -82.93 -31.28 45.61
CA ARG FA 99 -83.15 -32.33 44.62
C ARG FA 99 -83.62 -33.63 45.25
N PHE FA 100 -83.26 -33.87 46.51
CA PHE FA 100 -83.65 -35.09 47.21
C PHE FA 100 -85.03 -34.98 47.86
N MET FA 101 -85.87 -34.05 47.41
CA MET FA 101 -87.23 -33.92 47.91
C MET FA 101 -88.28 -34.21 46.85
N GLU FA 102 -87.87 -34.49 45.61
CA GLU FA 102 -88.84 -34.87 44.58
C GLU FA 102 -89.62 -36.13 44.94
N PRO FA 103 -89.00 -37.20 45.46
CA PRO FA 103 -89.80 -38.35 45.92
C PRO FA 103 -90.55 -38.09 47.21
N TYR FA 104 -90.26 -37.00 47.92
CA TYR FA 104 -90.95 -36.68 49.17
C TYR FA 104 -91.90 -35.50 49.03
N LEU FA 105 -92.16 -35.06 47.80
CA LEU FA 105 -93.10 -33.99 47.54
C LEU FA 105 -94.33 -34.53 46.81
N PHE FA 106 -95.48 -33.94 47.10
CA PHE FA 106 -96.73 -34.33 46.47
C PHE FA 106 -97.03 -33.52 45.21
N GLY FA 107 -96.66 -32.24 45.20
CA GLY FA 107 -96.90 -31.42 44.04
C GLY FA 107 -96.42 -30.00 44.25
N SER FA 108 -96.97 -29.09 43.46
CA SER FA 108 -96.59 -27.68 43.52
C SER FA 108 -97.81 -26.84 43.18
N ARG FA 109 -98.27 -26.04 44.14
CA ARG FA 109 -99.44 -25.18 43.96
C ARG FA 109 -98.94 -23.76 43.71
N LEU FA 110 -98.77 -23.42 42.44
CA LEU FA 110 -98.34 -22.08 42.01
C LEU FA 110 -97.03 -21.69 42.69
N GLY FA 111 -96.01 -22.48 42.44
CA GLY FA 111 -94.68 -22.25 42.98
C GLY FA 111 -94.39 -22.92 44.32
N GLN FA 112 -95.36 -22.89 45.23
CA GLN FA 112 -95.18 -23.50 46.54
C GLN FA 112 -95.41 -24.99 46.44
N ASP FA 113 -94.46 -25.78 46.94
CA ASP FA 113 -94.56 -27.22 46.89
C ASP FA 113 -95.40 -27.73 48.06
N ILE FA 114 -96.03 -28.89 47.85
CA ILE FA 114 -96.89 -29.52 48.84
C ILE FA 114 -96.33 -30.90 49.16
N ILE FA 115 -96.28 -31.24 50.44
CA ILE FA 115 -95.70 -32.51 50.88
C ILE FA 115 -96.81 -33.56 50.96
N ASP FA 116 -96.47 -34.80 50.64
CA ASP FA 116 -97.42 -35.90 50.68
C ASP FA 116 -97.60 -36.38 52.12
N LEU FA 117 -98.77 -36.08 52.68
CA LEU FA 117 -99.02 -36.40 54.08
C LEU FA 117 -99.14 -37.89 54.36
N GLU FA 118 -99.44 -38.72 53.36
CA GLU FA 118 -99.47 -40.16 53.58
C GLU FA 118 -98.09 -40.69 53.97
N GLN FA 119 -97.09 -40.47 53.11
CA GLN FA 119 -95.73 -40.82 53.45
C GLN FA 119 -95.20 -40.03 54.64
N THR FA 120 -95.66 -38.79 54.81
CA THR FA 120 -95.31 -38.04 56.02
C THR FA 120 -95.73 -38.80 57.27
N ALA FA 121 -96.98 -39.26 57.31
CA ALA FA 121 -97.49 -39.98 58.47
C ALA FA 121 -96.81 -41.34 58.64
N ALA FA 122 -96.49 -42.01 57.54
CA ALA FA 122 -95.78 -43.29 57.66
C ALA FA 122 -94.40 -43.10 58.27
N HIS FA 123 -93.62 -42.16 57.73
CA HIS FA 123 -92.31 -41.88 58.28
C HIS FA 123 -92.42 -41.37 59.71
N LEU FA 124 -93.47 -40.64 60.04
CA LEU FA 124 -93.65 -40.16 61.39
C LEU FA 124 -93.96 -41.30 62.35
N GLN FA 125 -94.77 -42.27 61.91
CA GLN FA 125 -95.00 -43.47 62.72
C GLN FA 125 -93.69 -44.19 63.00
N LEU FA 126 -92.89 -44.42 61.96
CA LEU FA 126 -91.61 -45.10 62.15
C LEU FA 126 -90.68 -44.31 63.07
N ALA FA 127 -90.62 -42.99 62.90
CA ALA FA 127 -89.75 -42.16 63.72
C ALA FA 127 -90.19 -42.17 65.18
N LEU FA 128 -91.50 -42.06 65.42
CA LEU FA 128 -92.00 -42.09 66.79
C LEU FA 128 -91.77 -43.44 67.44
N ASN FA 129 -91.89 -44.53 66.69
CA ASN FA 129 -91.60 -45.85 67.25
C ASN FA 129 -90.13 -45.95 67.63
N PHE FA 130 -89.23 -45.55 66.73
CA PHE FA 130 -87.81 -45.59 67.03
C PHE FA 130 -87.44 -44.67 68.19
N THR FA 131 -88.17 -43.56 68.34
CA THR FA 131 -87.89 -42.65 69.44
C THR FA 131 -88.38 -43.21 70.77
N ALA FA 132 -89.55 -43.87 70.76
CA ALA FA 132 -90.08 -44.44 71.99
C ALA FA 132 -89.25 -45.62 72.46
N HIS FA 133 -88.74 -46.43 71.53
CA HIS FA 133 -87.92 -47.56 71.95
C HIS FA 133 -86.61 -47.12 72.59
N VAL FA 134 -85.98 -46.07 72.06
CA VAL FA 134 -84.75 -45.57 72.65
C VAL FA 134 -85.00 -45.05 74.07
N ALA FA 135 -86.09 -44.30 74.26
CA ALA FA 135 -86.41 -43.81 75.59
C ALA FA 135 -86.77 -44.94 76.54
N TYR FA 136 -87.36 -46.01 76.03
CA TYR FA 136 -87.65 -47.17 76.88
C TYR FA 136 -86.37 -47.89 77.29
N ARG FA 137 -85.40 -47.99 76.38
CA ARG FA 137 -84.14 -48.68 76.67
C ARG FA 137 -83.12 -47.78 77.37
N GLU FA 138 -83.57 -46.69 78.00
CA GLU FA 138 -82.70 -45.76 78.72
C GLU FA 138 -81.61 -45.20 77.81
N GLY FA 139 -82.05 -44.53 76.75
CA GLY FA 139 -81.16 -43.94 75.76
C GLY FA 139 -81.14 -42.43 75.88
N ILE FA 140 -79.95 -41.85 75.80
CA ILE FA 140 -79.79 -40.41 75.89
C ILE FA 140 -80.29 -39.77 74.61
N ILE FA 141 -81.32 -38.93 74.72
CA ILE FA 141 -81.94 -38.28 73.58
C ILE FA 141 -81.62 -36.80 73.62
N LEU FA 142 -81.01 -36.30 72.54
CA LEU FA 142 -80.58 -34.92 72.44
C LEU FA 142 -81.32 -34.24 71.30
N PHE FA 143 -82.13 -33.24 71.62
CA PHE FA 143 -82.83 -32.44 70.62
C PHE FA 143 -81.90 -31.32 70.18
N VAL FA 144 -81.27 -31.49 69.02
CA VAL FA 144 -80.39 -30.49 68.44
C VAL FA 144 -81.18 -29.72 67.39
N SER FA 145 -81.33 -28.42 67.60
CA SER FA 145 -82.08 -27.59 66.65
C SER FA 145 -81.64 -26.15 66.80
N ARG FA 146 -81.00 -25.61 65.76
CA ARG FA 146 -80.49 -24.24 65.77
C ARG FA 146 -81.46 -23.36 64.99
N HIS FA 147 -82.37 -22.71 65.71
CA HIS FA 147 -83.36 -21.83 65.09
C HIS FA 147 -83.82 -20.83 66.13
N ARG FA 148 -83.58 -19.55 65.88
CA ARG FA 148 -83.88 -18.50 66.85
C ARG FA 148 -85.35 -18.05 66.76
N GLN FA 149 -86.26 -19.00 66.77
CA GLN FA 149 -87.68 -18.69 66.89
C GLN FA 149 -88.37 -19.51 67.97
N PHE FA 150 -87.97 -20.76 68.15
CA PHE FA 150 -88.58 -21.65 69.14
C PHE FA 150 -87.53 -22.27 70.05
N ALA FA 151 -86.40 -21.58 70.22
CA ALA FA 151 -85.35 -22.08 71.10
C ALA FA 151 -85.85 -22.26 72.52
N HIS FA 152 -86.76 -21.39 72.96
CA HIS FA 152 -87.35 -21.55 74.29
C HIS FA 152 -88.29 -22.74 74.35
N LEU FA 153 -89.13 -22.93 73.32
CA LEU FA 153 -90.07 -24.04 73.33
C LEU FA 153 -89.35 -25.38 73.30
N ILE FA 154 -88.28 -25.49 72.51
CA ILE FA 154 -87.54 -26.75 72.44
C ILE FA 154 -86.89 -27.07 73.78
N GLU FA 155 -86.30 -26.06 74.43
CA GLU FA 155 -85.68 -26.29 75.74
C GLU FA 155 -86.71 -26.65 76.80
N THR FA 156 -87.89 -26.00 76.76
CA THR FA 156 -88.95 -26.38 77.70
C THR FA 156 -89.45 -27.80 77.46
N THR FA 157 -89.58 -28.21 76.20
CA THR FA 157 -89.98 -29.58 75.90
C THR FA 157 -88.95 -30.58 76.40
N ALA FA 158 -87.66 -30.28 76.19
CA ALA FA 158 -86.61 -31.16 76.68
C ALA FA 158 -86.60 -31.22 78.21
N ARG FA 159 -86.85 -30.09 78.87
CA ARG FA 159 -86.93 -30.08 80.33
C ARG FA 159 -88.10 -30.94 80.82
N ASP FA 160 -89.25 -30.82 80.17
CA ASP FA 160 -90.41 -31.59 80.59
C ASP FA 160 -90.26 -33.07 80.25
N CYS FA 161 -89.46 -33.40 79.25
CA CYS FA 161 -89.22 -34.80 78.91
C CYS FA 161 -88.11 -35.44 79.71
N GLY FA 162 -87.18 -34.66 80.25
CA GLY FA 162 -86.03 -35.25 80.91
C GLY FA 162 -84.89 -35.60 79.98
N GLU FA 163 -85.00 -35.21 78.70
CA GLU FA 163 -83.95 -35.38 77.73
C GLU FA 163 -83.24 -34.05 77.50
N TYR FA 164 -82.13 -34.08 76.77
CA TYR FA 164 -81.26 -32.92 76.68
C TYR FA 164 -81.52 -32.16 75.39
N ALA FA 165 -81.15 -30.88 75.38
CA ALA FA 165 -81.40 -30.01 74.25
C ALA FA 165 -80.15 -29.23 73.88
N HIS FA 166 -80.14 -28.71 72.66
CA HIS FA 166 -79.02 -27.93 72.15
C HIS FA 166 -79.56 -27.02 71.04
N THR FA 167 -79.74 -25.74 71.37
CA THR FA 167 -80.26 -24.76 70.42
C THR FA 167 -79.37 -23.53 70.31
N ARG FA 168 -78.17 -23.56 70.88
CA ARG FA 168 -77.24 -22.45 70.80
C ARG FA 168 -76.18 -22.76 69.75
N TYR FA 169 -75.16 -21.90 69.67
CA TYR FA 169 -74.09 -22.07 68.69
C TYR FA 169 -73.44 -23.42 68.86
N PHE FA 170 -73.57 -24.27 67.83
CA PHE FA 170 -73.00 -25.61 67.88
C PHE FA 170 -71.48 -25.54 67.76
N LYS FA 171 -70.79 -26.01 68.78
CA LYS FA 171 -69.34 -25.96 68.80
C LYS FA 171 -68.76 -27.03 67.87
N GLY FA 172 -67.54 -26.78 67.40
CA GLY FA 172 -66.91 -27.65 66.42
C GLY FA 172 -66.66 -29.07 66.88
N GLY FA 173 -65.77 -29.23 67.85
CA GLY FA 173 -65.41 -30.56 68.32
C GLY FA 173 -66.26 -31.03 69.48
N LEU FA 174 -67.58 -30.84 69.38
CA LEU FA 174 -68.47 -31.25 70.46
C LEU FA 174 -68.61 -32.76 70.52
N LEU FA 175 -69.09 -33.36 69.43
CA LEU FA 175 -69.30 -34.80 69.38
C LEU FA 175 -68.06 -35.57 68.98
N THR FA 176 -67.16 -34.96 68.22
CA THR FA 176 -65.93 -35.64 67.82
C THR FA 176 -64.86 -35.55 68.91
N ASN FA 177 -64.48 -34.33 69.28
CA ASN FA 177 -63.49 -34.13 70.34
C ASN FA 177 -64.20 -33.95 71.69
N ALA FA 178 -65.08 -34.90 71.99
CA ALA FA 178 -65.83 -34.89 73.24
C ALA FA 178 -64.92 -35.12 74.44
N PRO FA 179 -63.98 -36.08 74.41
CA PRO FA 179 -63.08 -36.25 75.55
C PRO FA 179 -62.20 -35.03 75.85
N LEU FA 180 -62.27 -33.97 75.05
CA LEU FA 180 -61.59 -32.72 75.35
C LEU FA 180 -62.54 -31.56 75.56
N LEU FA 181 -63.73 -31.59 74.98
CA LEU FA 181 -64.69 -30.50 75.17
C LEU FA 181 -65.57 -30.71 76.40
N LEU FA 182 -66.07 -31.91 76.63
CA LEU FA 182 -67.00 -32.14 77.72
C LEU FA 182 -66.30 -32.58 78.99
N GLY FA 183 -65.48 -33.64 78.93
CA GLY FA 183 -64.78 -34.12 80.09
C GLY FA 183 -63.82 -35.26 79.72
N PRO FA 184 -63.22 -35.88 80.74
CA PRO FA 184 -62.28 -36.98 80.48
C PRO FA 184 -62.90 -38.12 79.69
N GLY FA 185 -63.97 -38.71 80.25
CA GLY FA 185 -64.71 -39.73 79.55
C GLY FA 185 -66.20 -39.53 79.68
N VAL FA 186 -66.88 -39.28 78.56
CA VAL FA 186 -68.29 -38.91 78.56
C VAL FA 186 -69.08 -39.96 77.80
N ARG FA 187 -70.40 -39.87 77.91
CA ARG FA 187 -71.33 -40.78 77.27
C ARG FA 187 -72.08 -40.00 76.19
N LEU FA 188 -71.83 -40.34 74.93
CA LEU FA 188 -72.41 -39.61 73.82
C LEU FA 188 -73.92 -39.86 73.74
N PRO FA 189 -74.67 -38.92 73.19
CA PRO FA 189 -76.13 -39.12 73.06
C PRO FA 189 -76.44 -40.31 72.16
N ASP FA 190 -77.30 -41.20 72.67
CA ASP FA 190 -77.68 -42.38 71.91
C ASP FA 190 -78.63 -42.07 70.77
N LEU FA 191 -79.28 -40.91 70.78
CA LEU FA 191 -80.20 -40.54 69.71
C LEU FA 191 -80.20 -39.03 69.56
N ILE FA 192 -80.19 -38.56 68.31
CA ILE FA 192 -80.21 -37.14 68.01
C ILE FA 192 -81.48 -36.82 67.24
N ILE FA 193 -82.24 -35.83 67.71
CA ILE FA 193 -83.50 -35.43 67.10
C ILE FA 193 -83.36 -34.02 66.57
N PHE FA 194 -83.67 -33.82 65.30
CA PHE FA 194 -83.54 -32.54 64.62
C PHE FA 194 -84.92 -31.95 64.39
N LEU FA 195 -85.15 -30.78 64.99
CA LEU FA 195 -86.36 -30.00 64.72
C LEU FA 195 -86.14 -28.92 63.66
N HIS FA 196 -84.89 -28.57 63.39
CA HIS FA 196 -84.54 -27.67 62.30
C HIS FA 196 -83.21 -28.13 61.73
N THR FA 197 -83.24 -28.74 60.54
CA THR FA 197 -82.02 -29.28 59.96
C THR FA 197 -81.07 -28.18 59.53
N LEU FA 198 -81.59 -27.09 58.97
CA LEU FA 198 -80.76 -25.99 58.48
C LEU FA 198 -80.60 -24.94 59.57
N ASN FA 199 -79.37 -24.46 59.74
CA ASN FA 199 -79.06 -23.44 60.73
C ASN FA 199 -79.35 -22.06 60.15
N ASN FA 200 -78.89 -21.01 60.85
CA ASN FA 200 -79.14 -19.64 60.41
C ASN FA 200 -78.40 -19.28 59.12
N VAL FA 201 -77.44 -20.10 58.68
CA VAL FA 201 -76.73 -19.87 57.43
C VAL FA 201 -77.33 -20.68 56.29
N PHE FA 202 -78.49 -21.31 56.52
CA PHE FA 202 -79.19 -22.10 55.50
C PHE FA 202 -78.33 -23.25 54.98
N GLU FA 203 -77.43 -23.73 55.81
CA GLU FA 203 -76.58 -24.87 55.50
C GLU FA 203 -76.90 -26.04 56.43
N PRO FA 204 -76.62 -27.28 56.00
CA PRO FA 204 -76.86 -28.42 56.88
C PRO FA 204 -76.09 -28.28 58.18
N HIS FA 205 -76.73 -28.70 59.27
CA HIS FA 205 -76.14 -28.59 60.59
C HIS FA 205 -74.89 -29.45 60.70
N VAL FA 206 -74.13 -29.23 61.77
CA VAL FA 206 -72.92 -30.01 61.98
C VAL FA 206 -73.24 -31.32 62.68
N ALA FA 207 -74.26 -31.33 63.54
CA ALA FA 207 -74.61 -32.55 64.25
C ALA FA 207 -75.18 -33.60 63.32
N VAL FA 208 -75.83 -33.19 62.23
CA VAL FA 208 -76.40 -34.18 61.31
C VAL FA 208 -75.31 -34.96 60.62
N ARG FA 209 -74.11 -34.39 60.49
CA ARG FA 209 -72.97 -35.12 59.96
C ARG FA 209 -72.17 -35.81 61.06
N ASP FA 210 -72.05 -35.19 62.22
CA ASP FA 210 -71.33 -35.79 63.34
C ASP FA 210 -72.00 -37.05 63.86
N ALA FA 211 -73.33 -37.13 63.80
CA ALA FA 211 -74.02 -38.35 64.21
C ALA FA 211 -73.65 -39.52 63.29
N ALA FA 212 -73.69 -39.30 61.98
CA ALA FA 212 -73.27 -40.33 61.05
C ALA FA 212 -71.78 -40.63 61.15
N LYS FA 213 -70.97 -39.64 61.57
CA LYS FA 213 -69.54 -39.86 61.72
C LYS FA 213 -69.19 -40.61 63.01
N MET FA 214 -70.05 -40.53 64.03
CA MET FA 214 -69.83 -41.24 65.28
C MET FA 214 -70.80 -42.38 65.48
N ASN FA 215 -71.53 -42.78 64.44
CA ASN FA 215 -72.47 -43.91 64.48
C ASN FA 215 -73.57 -43.65 65.51
N ILE FA 216 -74.32 -42.57 65.27
CA ILE FA 216 -75.40 -42.17 66.16
C ILE FA 216 -76.68 -41.98 65.34
N PRO FA 217 -77.79 -42.60 65.71
CA PRO FA 217 -79.01 -42.47 64.91
C PRO FA 217 -79.62 -41.08 65.04
N THR FA 218 -80.24 -40.65 63.95
CA THR FA 218 -80.79 -39.31 63.82
C THR FA 218 -82.21 -39.38 63.29
N VAL FA 219 -83.12 -38.68 63.96
CA VAL FA 219 -84.51 -38.53 63.53
C VAL FA 219 -84.76 -37.05 63.29
N GLY FA 220 -84.96 -36.66 62.04
CA GLY FA 220 -85.03 -35.25 61.73
C GLY FA 220 -86.19 -34.79 60.87
N ILE FA 221 -86.75 -33.64 61.20
CA ILE FA 221 -87.77 -32.99 60.37
C ILE FA 221 -87.05 -32.25 59.25
N VAL FA 222 -87.26 -32.69 58.02
CA VAL FA 222 -86.61 -32.12 56.84
C VAL FA 222 -87.64 -31.34 56.04
N ASP FA 223 -87.35 -30.07 55.77
CA ASP FA 223 -88.22 -29.22 54.96
C ASP FA 223 -87.91 -29.48 53.49
N THR FA 224 -88.47 -28.65 52.60
CA THR FA 224 -88.23 -28.83 51.17
C THR FA 224 -86.84 -28.39 50.74
N ASN FA 225 -86.05 -27.79 51.64
CA ASN FA 225 -84.70 -27.34 51.32
C ASN FA 225 -83.64 -28.02 52.18
N CYS FA 226 -84.00 -29.10 52.85
CA CYS FA 226 -83.07 -29.84 53.68
C CYS FA 226 -82.58 -31.09 52.95
N ASN FA 227 -81.46 -31.63 53.43
CA ASN FA 227 -80.84 -32.80 52.80
C ASN FA 227 -81.03 -34.03 53.69
N PRO FA 228 -81.99 -34.90 53.38
CA PRO FA 228 -82.22 -36.08 54.24
C PRO FA 228 -81.33 -37.25 53.89
N ALA FA 229 -80.25 -36.99 53.15
CA ALA FA 229 -79.39 -38.08 52.68
C ALA FA 229 -78.68 -38.78 53.84
N LEU FA 230 -78.49 -38.09 54.97
CA LEU FA 230 -77.76 -38.64 56.09
C LEU FA 230 -78.63 -38.94 57.31
N ILE FA 231 -79.85 -38.44 57.35
CA ILE FA 231 -80.72 -38.67 58.50
C ILE FA 231 -81.24 -40.10 58.46
N THR FA 232 -81.21 -40.77 59.62
CA THR FA 232 -81.63 -42.17 59.67
C THR FA 232 -83.14 -42.30 59.47
N TYR FA 233 -83.92 -41.55 60.25
CA TYR FA 233 -85.38 -41.56 60.16
C TYR FA 233 -85.86 -40.15 59.86
N PRO FA 234 -85.84 -39.73 58.59
CA PRO FA 234 -86.31 -38.40 58.25
C PRO FA 234 -87.83 -38.35 58.15
N VAL FA 235 -88.37 -37.15 58.35
CA VAL FA 235 -89.80 -36.93 58.21
C VAL FA 235 -90.03 -35.66 57.39
N PRO FA 236 -90.54 -35.78 56.16
CA PRO FA 236 -90.77 -34.59 55.33
C PRO FA 236 -91.93 -33.76 55.87
N GLY FA 237 -91.61 -32.60 56.40
CA GLY FA 237 -92.61 -31.71 56.95
C GLY FA 237 -92.16 -30.28 56.92
N ASN FA 238 -92.83 -29.46 57.72
CA ASN FA 238 -92.53 -28.04 57.82
C ASN FA 238 -92.00 -27.73 59.21
N ASP FA 239 -90.86 -27.06 59.28
CA ASP FA 239 -90.26 -26.64 60.54
C ASP FA 239 -90.29 -25.12 60.71
N ASP FA 240 -91.04 -24.41 59.87
CA ASP FA 240 -91.13 -22.96 59.96
C ASP FA 240 -92.44 -22.48 60.58
N SER FA 241 -93.41 -23.36 60.77
CA SER FA 241 -94.69 -22.93 61.32
C SER FA 241 -94.74 -23.19 62.83
N PRO FA 242 -95.19 -22.20 63.58
CA PRO FA 242 -95.36 -22.38 65.03
C PRO FA 242 -96.27 -23.55 65.37
N PRO FA 243 -97.43 -23.72 64.70
CA PRO FA 243 -98.25 -24.91 64.98
C PRO FA 243 -97.55 -26.21 64.62
N ALA FA 244 -96.77 -26.25 63.54
CA ALA FA 244 -96.05 -27.47 63.18
C ALA FA 244 -95.01 -27.83 64.23
N VAL FA 245 -94.21 -26.85 64.66
CA VAL FA 245 -93.19 -27.15 65.66
C VAL FA 245 -93.82 -27.50 66.99
N ARG FA 246 -94.96 -26.88 67.34
CA ARG FA 246 -95.66 -27.27 68.55
C ARG FA 246 -96.18 -28.70 68.46
N LEU FA 247 -96.72 -29.09 67.30
CA LEU FA 247 -97.21 -30.45 67.12
C LEU FA 247 -96.08 -31.46 67.26
N PHE FA 248 -94.94 -31.19 66.62
CA PHE FA 248 -93.81 -32.11 66.73
C PHE FA 248 -93.27 -32.18 68.16
N CYS FA 249 -93.17 -31.03 68.84
CA CYS FA 249 -92.73 -31.02 70.22
C CYS FA 249 -93.66 -31.82 71.13
N ARG FA 250 -94.97 -31.67 70.96
CA ARG FA 250 -95.91 -32.43 71.76
C ARG FA 250 -95.89 -33.92 71.44
N LEU FA 251 -95.72 -34.28 70.16
CA LEU FA 251 -95.61 -35.69 69.79
C LEU FA 251 -94.40 -36.33 70.44
N PHE FA 252 -93.24 -35.69 70.35
CA PHE FA 252 -92.07 -36.23 71.04
C PHE FA 252 -92.24 -36.20 72.55
N GLN FA 253 -92.94 -35.20 73.09
CA GLN FA 253 -93.20 -35.14 74.52
C GLN FA 253 -93.96 -36.38 74.99
N VAL FA 254 -95.09 -36.68 74.35
CA VAL FA 254 -95.88 -37.84 74.74
C VAL FA 254 -95.15 -39.14 74.42
N ALA FA 255 -94.37 -39.19 73.34
CA ALA FA 255 -93.62 -40.41 73.04
C ALA FA 255 -92.55 -40.70 74.08
N ILE FA 256 -91.94 -39.66 74.66
CA ILE FA 256 -90.98 -39.88 75.72
C ILE FA 256 -91.69 -40.21 77.03
N SER FA 257 -92.79 -39.52 77.32
CA SER FA 257 -93.49 -39.73 78.59
C SER FA 257 -94.04 -41.15 78.69
N ARG FA 258 -94.75 -41.60 77.65
CA ARG FA 258 -95.29 -42.96 77.67
C ARG FA 258 -94.19 -44.00 77.75
N ALA FA 259 -93.08 -43.80 77.04
CA ALA FA 259 -91.99 -44.75 77.09
C ALA FA 259 -91.40 -44.85 78.49
N LYS FA 260 -91.13 -43.71 79.12
CA LYS FA 260 -90.59 -43.74 80.48
C LYS FA 260 -91.58 -44.35 81.47
N GLU FA 261 -92.86 -44.02 81.35
CA GLU FA 261 -93.84 -44.56 82.28
C GLU FA 261 -93.99 -46.07 82.11
N LYS FA 262 -93.95 -46.56 80.87
CA LYS FA 262 -94.02 -48.00 80.65
C LYS FA 262 -92.75 -48.70 81.11
N ARG FA 263 -91.59 -48.06 80.97
CA ARG FA 263 -90.37 -48.63 81.54
C ARG FA 263 -90.47 -48.77 83.06
N ARG FA 264 -90.99 -47.73 83.72
CA ARG FA 264 -91.19 -47.80 85.16
C ARG FA 264 -92.18 -48.90 85.54
N GLN FA 265 -93.26 -49.04 84.78
CA GLN FA 265 -94.23 -50.10 85.07
C GLN FA 265 -93.62 -51.48 84.87
N VAL FA 266 -92.79 -51.65 83.84
CA VAL FA 266 -92.14 -52.93 83.61
C VAL FA 266 -91.15 -53.25 84.72
N GLU FA 267 -90.44 -52.23 85.22
CA GLU FA 267 -89.56 -52.47 86.35
C GLU FA 267 -90.33 -52.81 87.61
N ALA FA 268 -91.48 -52.16 87.83
CA ALA FA 268 -92.32 -52.51 88.98
C ALA FA 268 -92.79 -53.96 88.89
N LEU FA 269 -93.24 -54.38 87.70
CA LEU FA 269 -93.61 -55.77 87.50
C LEU FA 269 -92.44 -56.72 87.68
N TYR FA 270 -91.24 -56.33 87.25
CA TYR FA 270 -90.06 -57.16 87.45
C TYR FA 270 -89.74 -57.33 88.93
N ARG FA 271 -89.98 -56.28 89.72
CA ARG FA 271 -89.72 -56.39 91.15
C ARG FA 271 -90.64 -57.43 91.81
N LEU FA 272 -91.84 -57.61 91.29
CA LEU FA 272 -92.75 -58.62 91.82
C LEU FA 272 -92.59 -59.97 91.13
N GLN FA 273 -91.92 -60.03 89.97
CA GLN FA 273 -91.64 -61.30 89.31
C GLN FA 273 -90.96 -62.30 90.23
N GLY FA 274 -90.15 -61.85 91.17
CA GLY FA 274 -89.47 -62.73 92.11
C GLY FA 274 -89.18 -62.08 93.44
N LYS GA 36 -34.06 -5.91 73.97
CA LYS GA 36 -34.48 -6.98 74.86
C LYS GA 36 -33.46 -7.20 75.97
N ASN GA 37 -33.95 -7.34 77.20
CA ASN GA 37 -33.07 -7.59 78.34
C ASN GA 37 -32.58 -9.03 78.32
N ARG GA 38 -31.28 -9.21 78.56
CA ARG GA 38 -30.68 -10.53 78.59
C ARG GA 38 -30.03 -10.87 79.92
N ALA GA 39 -29.89 -9.90 80.83
CA ALA GA 39 -29.17 -10.11 82.07
C ALA GA 39 -29.90 -11.10 82.96
N ALA GA 40 -29.22 -12.21 83.28
CA ALA GA 40 -29.75 -13.25 84.17
C ALA GA 40 -31.13 -13.71 83.72
N ARG GA 41 -31.31 -13.86 82.42
CA ARG GA 41 -32.58 -14.24 81.82
C ARG GA 41 -32.35 -15.37 80.85
N VAL GA 42 -32.96 -16.52 81.12
CA VAL GA 42 -32.88 -17.67 80.22
C VAL GA 42 -34.02 -17.57 79.21
N ARG GA 43 -33.69 -17.76 77.93
CA ARG GA 43 -34.68 -17.58 76.88
C ARG GA 43 -35.59 -18.79 76.78
N VAL GA 44 -36.69 -18.60 76.07
CA VAL GA 44 -37.74 -19.61 75.94
C VAL GA 44 -37.36 -20.59 74.83
N SER GA 45 -37.30 -21.87 75.18
CA SER GA 45 -37.01 -22.92 74.21
C SER GA 45 -38.32 -23.45 73.62
N LYS GA 46 -38.25 -24.58 72.92
CA LYS GA 46 -39.44 -25.16 72.32
C LYS GA 46 -40.45 -25.61 73.38
N GLY GA 47 -40.01 -25.85 74.62
CA GLY GA 47 -40.92 -26.21 75.68
C GLY GA 47 -40.56 -27.48 76.42
N ASP GA 48 -39.30 -27.91 76.32
CA ASP GA 48 -38.87 -29.14 76.98
C ASP GA 48 -37.71 -28.93 77.94
N LYS GA 49 -37.17 -27.72 78.05
CA LYS GA 49 -36.02 -27.57 78.92
C LYS GA 49 -36.46 -27.37 80.36
N PRO GA 50 -35.84 -28.04 81.33
CA PRO GA 50 -36.19 -27.82 82.73
C PRO GA 50 -35.47 -26.60 83.29
N VAL GA 51 -36.23 -25.70 83.92
CA VAL GA 51 -35.67 -24.50 84.52
C VAL GA 51 -36.04 -24.48 86.01
N THR GA 52 -35.14 -23.92 86.81
CA THR GA 52 -35.31 -23.88 88.25
C THR GA 52 -36.11 -22.63 88.64
N TYR GA 53 -36.52 -22.58 89.91
CA TYR GA 53 -37.27 -21.44 90.42
C TYR GA 53 -36.48 -20.15 90.31
N GLU GA 54 -35.15 -20.22 90.38
CA GLU GA 54 -34.33 -19.02 90.30
C GLU GA 54 -34.21 -18.51 88.87
N GLU GA 55 -33.88 -19.39 87.92
CA GLU GA 55 -33.74 -18.98 86.53
C GLU GA 55 -35.08 -18.67 85.88
N ALA GA 56 -36.18 -19.21 86.42
CA ALA GA 56 -37.50 -18.96 85.84
C ALA GA 56 -38.01 -17.54 86.10
N HIS GA 57 -37.30 -16.74 86.88
CA HIS GA 57 -37.73 -15.39 87.22
C HIS GA 57 -36.74 -14.38 86.67
N ALA GA 58 -37.27 -13.35 86.01
CA ALA GA 58 -36.44 -12.29 85.44
C ALA GA 58 -35.78 -11.49 86.54
N PRO GA 59 -34.73 -10.73 86.22
CA PRO GA 59 -34.02 -9.98 87.26
C PRO GA 59 -34.86 -8.93 87.97
N HIS GA 60 -35.99 -8.53 87.39
CA HIS GA 60 -36.85 -7.54 88.04
C HIS GA 60 -37.73 -8.13 89.14
N TYR GA 61 -37.48 -9.38 89.53
CA TYR GA 61 -38.23 -10.03 90.59
C TYR GA 61 -37.42 -10.21 91.87
N ILE GA 62 -36.21 -9.66 91.92
CA ILE GA 62 -35.39 -9.74 93.12
C ILE GA 62 -36.08 -8.92 94.22
N ALA GA 63 -36.19 -9.53 95.41
CA ALA GA 63 -36.88 -9.01 96.59
C ALA GA 63 -38.38 -8.89 96.39
N HIS GA 64 -38.91 -9.28 95.22
CA HIS GA 64 -40.34 -9.36 94.99
C HIS GA 64 -40.87 -10.77 95.16
N ARG GA 65 -40.30 -11.73 94.43
CA ARG GA 65 -40.67 -13.13 94.53
C ARG GA 65 -39.52 -14.04 94.93
N LYS GA 66 -38.29 -13.70 94.55
CA LYS GA 66 -37.11 -14.47 94.93
C LYS GA 66 -36.19 -13.61 95.79
N GLY GA 67 -35.51 -14.27 96.73
CA GLY GA 67 -34.65 -13.59 97.67
C GLY GA 67 -33.19 -13.58 97.24
N TRP GA 68 -32.37 -12.94 98.08
CA TRP GA 68 -30.95 -12.84 97.82
C TRP GA 68 -30.23 -14.15 98.13
N LEU GA 69 -29.28 -14.51 97.29
CA LEU GA 69 -28.45 -15.69 97.51
C LEU GA 69 -27.34 -15.46 98.53
N SER GA 70 -27.11 -14.21 98.91
CA SER GA 70 -26.08 -13.86 99.88
C SER GA 70 -26.63 -12.85 100.86
N LEU GA 71 -26.32 -13.02 102.14
CA LEU GA 71 -26.79 -12.14 103.20
C LEU GA 71 -25.59 -11.71 104.04
N HIS GA 72 -25.41 -10.40 104.18
CA HIS GA 72 -24.36 -9.85 105.03
C HIS GA 72 -24.76 -8.42 105.40
N THR GA 73 -23.80 -7.67 105.95
CA THR GA 73 -24.05 -6.30 106.39
C THR GA 73 -23.38 -5.25 105.52
N GLY GA 74 -22.48 -5.64 104.62
CA GLY GA 74 -21.77 -4.67 103.80
C GLY GA 74 -22.65 -3.89 102.84
N ASN GA 75 -23.81 -4.45 102.48
CA ASN GA 75 -24.72 -3.80 101.55
C ASN GA 75 -25.75 -2.92 102.25
N LEU GA 76 -25.46 -2.44 103.45
CA LEU GA 76 -26.37 -1.57 104.17
C LEU GA 76 -25.99 -0.10 103.92
N ASP GA 77 -26.71 0.80 104.57
CA ASP GA 77 -26.51 2.23 104.32
C ASP GA 77 -25.28 2.75 105.06
N GLY GA 78 -25.29 2.69 106.38
CA GLY GA 78 -24.20 3.22 107.17
C GLY GA 78 -23.19 2.18 107.55
N GLU GA 79 -22.93 1.24 106.65
CA GLU GA 79 -21.96 0.17 106.87
C GLU GA 79 -20.89 0.22 105.79
N ASP GA 80 -19.81 -0.53 106.04
CA ASP GA 80 -18.67 -0.54 105.14
C ASP GA 80 -18.31 -1.97 104.73
N HIS GA 81 -17.16 -2.13 104.07
CA HIS GA 81 -16.66 -3.43 103.63
C HIS GA 81 -17.62 -4.09 102.65
N ALA GA 82 -17.95 -3.37 101.58
CA ALA GA 82 -18.83 -3.94 100.56
C ALA GA 82 -18.07 -4.80 99.56
N ALA GA 83 -16.86 -4.38 99.19
CA ALA GA 83 -16.05 -5.15 98.24
C ALA GA 83 -15.28 -6.29 98.90
N GLU GA 84 -14.87 -6.14 100.15
CA GLU GA 84 -14.14 -7.19 100.84
C GLU GA 84 -14.99 -8.45 100.97
N ARG GA 85 -16.30 -8.30 101.17
CA ARG GA 85 -17.19 -9.44 101.20
C ARG GA 85 -17.57 -9.90 99.80
N THR GA 86 -17.64 -8.99 98.83
CA THR GA 86 -18.04 -9.37 97.47
C THR GA 86 -16.98 -10.25 96.81
N VAL GA 87 -15.70 -9.89 96.98
CA VAL GA 87 -14.63 -10.69 96.40
C VAL GA 87 -14.60 -12.08 97.03
N GLU GA 88 -14.78 -12.17 98.34
CA GLU GA 88 -14.85 -13.46 99.01
C GLU GA 88 -16.08 -14.25 98.61
N ASP GA 89 -17.18 -13.57 98.27
CA ASP GA 89 -18.37 -14.25 97.78
C ASP GA 89 -18.13 -14.87 96.42
N VAL GA 90 -17.54 -14.10 95.50
CA VAL GA 90 -17.26 -14.62 94.16
C VAL GA 90 -16.24 -15.75 94.22
N PHE GA 91 -15.21 -15.60 95.06
CA PHE GA 91 -14.21 -16.65 95.19
C PHE GA 91 -14.84 -17.95 95.66
N LEU GA 92 -15.77 -17.88 96.61
CA LEU GA 92 -16.44 -19.08 97.08
C LEU GA 92 -17.42 -19.63 96.04
N ARG GA 93 -18.10 -18.76 95.29
CA ARG GA 93 -18.95 -19.22 94.19
C ARG GA 93 -18.15 -20.07 93.22
N LYS GA 94 -16.93 -19.65 92.90
CA LYS GA 94 -16.09 -20.44 92.01
C LYS GA 94 -15.50 -21.66 92.71
N PHE GA 95 -15.14 -21.53 93.99
CA PHE GA 95 -14.48 -22.60 94.71
C PHE GA 95 -15.40 -23.80 94.89
N MET GA 96 -16.64 -23.54 95.34
CA MET GA 96 -17.58 -24.64 95.50
C MET GA 96 -17.99 -25.27 94.17
N LEU GA 97 -18.10 -24.46 93.12
CA LEU GA 97 -18.40 -25.02 91.80
C LEU GA 97 -17.28 -25.93 91.31
N GLY GA 98 -16.02 -25.56 91.58
CA GLY GA 98 -14.91 -26.43 91.23
C GLY GA 98 -14.75 -27.61 92.15
N THR GA 99 -15.23 -27.49 93.40
CA THR GA 99 -15.07 -28.56 94.38
C THR GA 99 -16.11 -29.66 94.17
N PHE GA 100 -17.36 -29.26 93.88
CA PHE GA 100 -18.45 -30.20 93.66
C PHE GA 100 -18.90 -30.08 92.20
N PRO GA 101 -18.20 -30.74 91.28
CA PRO GA 101 -18.54 -30.60 89.86
C PRO GA 101 -19.62 -31.57 89.42
N GLY GA 102 -20.64 -31.07 88.72
CA GLY GA 102 -21.70 -31.89 88.20
C GLY GA 102 -22.77 -32.30 89.20
N CYS GA 103 -22.45 -32.30 90.50
CA CYS GA 103 -23.41 -32.70 91.53
C CYS GA 103 -24.08 -31.51 92.21
N LEU GA 104 -23.64 -30.29 91.93
CA LEU GA 104 -24.26 -29.11 92.51
C LEU GA 104 -25.46 -28.69 91.67
N ALA GA 105 -26.64 -28.63 92.31
CA ALA GA 105 -27.87 -28.37 91.59
C ALA GA 105 -28.07 -26.88 91.32
N ASP GA 106 -28.18 -26.09 92.37
CA ASP GA 106 -28.46 -24.66 92.26
C ASP GA 106 -27.28 -23.87 92.83
N GLN GA 107 -27.47 -22.55 92.92
CA GLN GA 107 -26.43 -21.69 93.46
C GLN GA 107 -26.32 -21.85 94.97
N LEU GA 108 -25.29 -21.23 95.53
CA LEU GA 108 -25.02 -21.31 96.96
C LEU GA 108 -25.87 -20.32 97.74
N VAL GA 109 -26.02 -20.59 99.04
CA VAL GA 109 -26.62 -19.63 99.96
C VAL GA 109 -25.53 -19.21 100.94
N LEU GA 110 -25.08 -17.97 100.86
CA LEU GA 110 -23.94 -17.52 101.64
C LEU GA 110 -24.43 -16.56 102.72
N LYS GA 111 -24.58 -17.07 103.94
CA LYS GA 111 -24.97 -16.26 105.07
C LYS GA 111 -23.72 -15.79 105.82
N ARG GA 112 -23.76 -14.55 106.32
CA ARG GA 112 -22.64 -13.98 107.06
C ARG GA 112 -23.18 -13.46 108.39
N ARG GA 113 -22.87 -14.15 109.48
CA ARG GA 113 -23.49 -13.88 110.78
C ARG GA 113 -22.44 -14.03 111.87
N ALA GA 114 -22.00 -12.90 112.43
CA ALA GA 114 -21.16 -12.85 113.62
C ALA GA 114 -19.86 -13.65 113.42
N ASN GA 115 -19.07 -13.15 112.47
CA ASN GA 115 -17.68 -13.58 112.28
C ASN GA 115 -17.57 -14.99 111.71
N GLN GA 116 -18.69 -15.70 111.61
CA GLN GA 116 -18.72 -17.04 111.04
C GLN GA 116 -19.66 -17.04 109.84
N LEU GA 117 -19.21 -17.63 108.74
CA LEU GA 117 -19.97 -17.61 107.50
C LEU GA 117 -20.51 -19.01 107.19
N GLU GA 118 -21.77 -19.08 106.80
CA GLU GA 118 -22.45 -20.34 106.51
C GLU GA 118 -22.64 -20.48 105.01
N ILE GA 119 -22.39 -21.68 104.49
CA ILE GA 119 -22.53 -21.99 103.07
C ILE GA 119 -23.54 -23.13 102.97
N CYS GA 120 -24.72 -22.82 102.44
CA CYS GA 120 -25.77 -23.80 102.22
C CYS GA 120 -25.74 -24.23 100.76
N ALA GA 121 -25.72 -25.54 100.53
CA ALA GA 121 -25.60 -26.09 99.18
C ALA GA 121 -26.63 -27.19 98.97
N LEU GA 122 -27.17 -27.23 97.75
CA LEU GA 122 -28.07 -28.28 97.31
C LEU GA 122 -27.32 -29.16 96.33
N VAL GA 123 -26.93 -30.36 96.78
CA VAL GA 123 -26.07 -31.26 96.03
C VAL GA 123 -26.87 -32.50 95.65
N LEU GA 124 -26.63 -33.02 94.46
CA LEU GA 124 -27.19 -34.31 94.10
C LEU GA 124 -26.44 -35.43 94.81
N ARG GA 125 -27.15 -36.51 95.09
CA ARG GA 125 -26.56 -37.66 95.79
C ARG GA 125 -25.84 -38.59 94.83
N GLN GA 126 -24.92 -38.03 94.04
CA GLN GA 126 -24.15 -38.82 93.09
C GLN GA 126 -22.93 -39.45 93.75
N LEU GA 127 -22.24 -38.70 94.60
CA LEU GA 127 -21.01 -39.16 95.26
C LEU GA 127 -21.35 -39.96 96.51
N PRO GA 128 -20.49 -40.90 96.89
CA PRO GA 128 -20.70 -41.67 98.12
C PRO GA 128 -20.65 -40.77 99.34
N PRO GA 129 -21.30 -41.17 100.44
CA PRO GA 129 -21.24 -40.36 101.66
C PRO GA 129 -19.84 -40.18 102.19
N HIS GA 130 -18.97 -41.17 102.03
CA HIS GA 130 -17.58 -41.01 102.46
C HIS GA 130 -16.88 -39.92 101.67
N LYS GA 131 -17.09 -39.86 100.36
CA LYS GA 131 -16.52 -38.79 99.55
C LYS GA 131 -17.16 -37.43 99.83
N PHE GA 132 -18.43 -37.42 100.25
CA PHE GA 132 -19.03 -36.15 100.65
C PHE GA 132 -18.43 -35.64 101.96
N TYR GA 133 -18.26 -36.54 102.94
CA TYR GA 133 -17.66 -36.15 104.21
C TYR GA 133 -16.20 -35.77 104.08
N PHE GA 134 -15.43 -36.48 103.25
CA PHE GA 134 -14.06 -36.08 102.96
C PHE GA 134 -13.99 -34.65 102.46
N LEU GA 135 -14.82 -34.30 101.47
CA LEU GA 135 -14.82 -32.96 100.90
C LEU GA 135 -15.32 -31.90 101.87
N VAL GA 136 -16.34 -32.20 102.68
CA VAL GA 136 -16.81 -31.19 103.63
C VAL GA 136 -15.77 -30.95 104.72
N GLY GA 137 -15.09 -32.00 105.17
CA GLY GA 137 -14.04 -31.83 106.16
C GLY GA 137 -12.82 -31.13 105.60
N TYR GA 138 -12.54 -31.33 104.31
CA TYR GA 138 -11.45 -30.60 103.67
C TYR GA 138 -11.81 -29.12 103.49
N SER GA 139 -13.05 -28.83 103.13
CA SER GA 139 -13.47 -27.45 102.92
C SER GA 139 -13.51 -26.66 104.23
N GLU GA 140 -14.12 -27.24 105.27
CA GLU GA 140 -14.22 -26.53 106.55
C GLU GA 140 -12.86 -26.24 107.15
N THR GA 141 -11.83 -26.97 106.77
CA THR GA 141 -10.47 -26.72 107.26
C THR GA 141 -9.63 -25.91 106.30
N LEU GA 142 -9.99 -25.87 105.00
CA LEU GA 142 -9.22 -25.06 104.06
C LEU GA 142 -9.73 -23.63 104.02
N LEU GA 143 -11.03 -23.44 103.83
CA LEU GA 143 -11.58 -22.09 103.68
C LEU GA 143 -11.45 -21.29 104.98
N SER GA 144 -11.62 -21.96 106.13
CA SER GA 144 -11.48 -21.26 107.40
C SER GA 144 -10.09 -20.68 107.56
N HIS GA 145 -9.05 -21.47 107.27
CA HIS GA 145 -7.68 -20.98 107.35
C HIS GA 145 -7.32 -20.04 106.22
N PHE GA 146 -8.01 -20.11 105.08
CA PHE GA 146 -7.74 -19.22 103.96
C PHE GA 146 -8.35 -17.84 104.14
N TYR GA 147 -9.46 -17.73 104.86
CA TYR GA 147 -10.12 -16.45 105.09
C TYR GA 147 -10.04 -15.99 106.54
N LYS GA 148 -9.37 -16.74 107.42
CA LYS GA 148 -9.16 -16.35 108.81
C LYS GA 148 -10.50 -16.08 109.52
N CYS GA 149 -11.47 -16.97 109.27
CA CYS GA 149 -12.78 -16.83 109.88
C CYS GA 149 -13.47 -18.18 109.87
N PRO GA 150 -14.28 -18.51 110.88
CA PRO GA 150 -14.95 -19.82 110.92
C PRO GA 150 -15.97 -19.97 109.79
N VAL GA 151 -15.98 -21.15 109.18
CA VAL GA 151 -16.88 -21.47 108.09
C VAL GA 151 -17.71 -22.69 108.48
N HIS GA 152 -19.00 -22.62 108.19
CA HIS GA 152 -19.91 -23.76 108.33
C HIS GA 152 -20.37 -24.16 106.94
N LEU GA 153 -20.44 -25.46 106.68
CA LEU GA 153 -20.85 -25.98 105.38
C LEU GA 153 -21.98 -26.98 105.58
N HIS GA 154 -23.17 -26.64 105.09
CA HIS GA 154 -24.34 -27.49 105.20
C HIS GA 154 -24.73 -27.99 103.82
N LEU GA 155 -24.93 -29.30 103.71
CA LEU GA 155 -25.24 -29.95 102.44
C LEU GA 155 -26.63 -30.56 102.51
N GLN GA 156 -27.42 -30.37 101.45
CA GLN GA 156 -28.74 -30.98 101.34
C GLN GA 156 -28.76 -31.80 100.05
N THR GA 157 -28.95 -33.11 100.19
CA THR GA 157 -28.92 -34.01 99.04
C THR GA 157 -30.30 -34.11 98.42
N VAL GA 158 -30.38 -33.79 97.13
CA VAL GA 158 -31.62 -33.91 96.37
C VAL GA 158 -31.46 -35.03 95.36
N PRO GA 159 -32.53 -35.78 95.05
CA PRO GA 159 -32.39 -36.85 94.06
C PRO GA 159 -32.14 -36.33 92.65
N SER GA 160 -32.71 -35.18 92.31
CA SER GA 160 -32.50 -34.58 91.00
C SER GA 160 -32.80 -33.09 91.12
N LYS GA 161 -32.55 -32.36 90.03
CA LYS GA 161 -32.83 -30.93 90.01
C LYS GA 161 -34.33 -30.70 90.09
N VAL GA 162 -34.76 -29.95 91.11
CA VAL GA 162 -36.18 -29.66 91.28
C VAL GA 162 -36.62 -28.69 90.19
N VAL GA 163 -37.58 -29.12 89.37
CA VAL GA 163 -38.07 -28.34 88.25
C VAL GA 163 -39.32 -27.59 88.69
N TYR GA 164 -39.33 -26.28 88.43
CA TYR GA 164 -40.45 -25.42 88.82
C TYR GA 164 -41.42 -25.21 87.66
N LYS GA 165 -40.93 -24.74 86.52
CA LYS GA 165 -41.76 -24.50 85.36
C LYS GA 165 -41.85 -25.77 84.51
N TYR GA 166 -42.31 -25.62 83.27
CA TYR GA 166 -42.39 -26.73 82.34
C TYR GA 166 -41.06 -27.46 82.23
N ILE GA 167 -41.13 -28.76 81.95
CA ILE GA 167 -39.92 -29.58 81.83
C ILE GA 167 -39.95 -30.34 80.52
N SER HA 88 -5.96 -13.85 87.97
CA SER HA 88 -6.77 -14.03 86.78
C SER HA 88 -7.78 -15.16 86.95
N PHE HA 89 -7.86 -15.68 88.18
CA PHE HA 89 -8.80 -16.76 88.46
C PHE HA 89 -10.24 -16.30 88.35
N PHE HA 90 -10.51 -15.02 88.61
CA PHE HA 90 -11.85 -14.48 88.48
C PHE HA 90 -12.28 -14.29 87.03
N THR HA 91 -11.35 -14.36 86.08
CA THR HA 91 -11.66 -14.14 84.67
C THR HA 91 -12.15 -15.41 83.97
N LYS HA 92 -12.23 -16.54 84.66
CA LYS HA 92 -12.70 -17.78 84.06
C LYS HA 92 -14.22 -17.90 84.21
N LEU HA 93 -14.81 -18.70 83.32
CA LEU HA 93 -16.26 -18.85 83.28
C LEU HA 93 -16.66 -20.33 83.32
N THR HA 94 -17.94 -20.60 83.10
CA THR HA 94 -18.46 -21.96 83.12
C THR HA 94 -18.22 -22.64 81.77
N ALA HA 95 -18.01 -23.96 81.82
CA ALA HA 95 -17.80 -24.72 80.59
C ALA HA 95 -19.01 -24.64 79.68
N ASP HA 96 -20.21 -24.52 80.23
CA ASP HA 96 -21.41 -24.37 79.40
C ASP HA 96 -21.34 -23.08 78.58
N GLU HA 97 -21.00 -21.96 79.23
CA GLU HA 97 -20.85 -20.71 78.48
C GLU HA 97 -19.70 -20.79 77.50
N LEU HA 98 -18.61 -21.46 77.87
CA LEU HA 98 -17.48 -21.61 76.96
C LEU HA 98 -17.89 -22.34 75.69
N TRP HA 99 -18.61 -23.46 75.83
CA TRP HA 99 -19.06 -24.20 74.66
C TRP HA 99 -20.12 -23.44 73.89
N LYS HA 100 -21.00 -22.70 74.57
CA LYS HA 100 -22.01 -21.93 73.88
C LYS HA 100 -21.38 -20.79 73.06
N GLY HA 101 -20.25 -20.26 73.51
CA GLY HA 101 -19.56 -19.23 72.78
C GLY HA 101 -18.65 -19.79 71.70
N ALA HA 102 -18.20 -21.04 71.88
CA ALA HA 102 -17.33 -21.66 70.90
C ALA HA 102 -18.11 -22.21 69.71
N LEU HA 103 -19.15 -23.02 69.97
CA LEU HA 103 -19.91 -23.63 68.90
C LEU HA 103 -20.79 -22.59 68.20
N ALA HA 104 -21.23 -21.56 68.91
CA ALA HA 104 -22.07 -20.50 68.36
C ALA HA 104 -23.35 -21.08 67.74
N GLU HA 105 -24.03 -21.94 68.52
CA GLU HA 105 -25.28 -22.52 68.05
C GLU HA 105 -26.39 -21.47 67.97
N SER HA 106 -26.29 -20.41 68.77
CA SER HA 106 -27.29 -19.34 68.78
C SER HA 106 -26.83 -18.12 67.97
N GLY HA 107 -26.09 -18.35 66.88
CA GLY HA 107 -25.61 -17.24 66.09
C GLY HA 107 -26.72 -16.56 65.31
N ALA HA 108 -26.49 -15.30 64.96
CA ALA HA 108 -27.47 -14.53 64.22
C ALA HA 108 -27.51 -14.92 62.74
N GLY HA 109 -26.47 -15.59 62.24
CA GLY HA 109 -26.43 -15.98 60.85
C GLY HA 109 -27.08 -17.33 60.59
N ALA HA 110 -27.10 -18.18 61.60
CA ALA HA 110 -27.69 -19.51 61.46
C ALA HA 110 -29.20 -19.53 61.64
N ARG HA 111 -29.85 -18.36 61.66
CA ARG HA 111 -31.29 -18.31 61.84
C ARG HA 111 -32.02 -18.55 60.53
N LYS HA 112 -31.79 -17.69 59.53
CA LYS HA 112 -32.43 -17.87 58.23
C LYS HA 112 -31.76 -18.97 57.42
N GLY HA 113 -30.46 -19.18 57.59
CA GLY HA 113 -29.75 -20.18 56.83
C GLY HA 113 -28.46 -19.69 56.22
N ARG HA 114 -27.99 -18.52 56.67
CA ARG HA 114 -26.72 -18.00 56.17
C ARG HA 114 -25.53 -18.88 56.55
N GLY HA 115 -25.70 -19.80 57.49
CA GLY HA 115 -24.64 -20.72 57.84
C GLY HA 115 -24.63 -21.94 56.96
N LYS HA 116 -24.68 -23.13 57.58
CA LYS HA 116 -24.73 -24.40 56.87
C LYS HA 116 -23.45 -24.65 56.05
N ARG HA 117 -22.47 -23.76 56.17
CA ARG HA 117 -21.20 -23.96 55.50
C ARG HA 117 -20.37 -25.02 56.22
N THR HA 118 -20.07 -24.78 57.50
CA THR HA 118 -19.37 -25.75 58.33
C THR HA 118 -20.43 -26.54 59.09
N LYS HA 119 -21.08 -27.47 58.36
CA LYS HA 119 -22.20 -28.23 58.88
C LYS HA 119 -21.70 -29.32 59.83
N LYS HA 120 -21.22 -28.88 60.99
CA LYS HA 120 -20.78 -29.79 62.03
C LYS HA 120 -20.89 -29.07 63.37
N LYS HA 121 -21.38 -29.79 64.38
CA LYS HA 121 -21.56 -29.23 65.72
C LYS HA 121 -21.39 -30.35 66.73
N ARG HA 122 -20.30 -30.31 67.49
CA ARG HA 122 -20.00 -31.33 68.50
C ARG HA 122 -19.49 -30.64 69.76
N ARG HA 123 -20.11 -30.96 70.89
CA ARG HA 123 -19.67 -30.49 72.20
C ARG HA 123 -19.25 -31.71 73.02
N LYS HA 124 -17.96 -31.79 73.33
CA LYS HA 124 -17.40 -32.93 74.04
C LYS HA 124 -17.29 -32.62 75.52
N ASP HA 125 -17.84 -33.50 76.35
CA ASP HA 125 -17.82 -33.31 77.79
C ASP HA 125 -16.41 -33.57 78.32
N LEU HA 126 -15.83 -32.55 78.96
CA LEU HA 126 -14.48 -32.69 79.50
C LEU HA 126 -14.47 -33.52 80.78
N ASN HA 127 -15.54 -33.45 81.58
CA ASN HA 127 -15.63 -34.16 82.84
C ASN HA 127 -16.26 -35.54 82.69
N ARG HA 128 -16.16 -36.14 81.50
CA ARG HA 128 -16.79 -37.44 81.26
C ARG HA 128 -16.09 -38.54 82.06
N GLY HA 129 -14.81 -38.75 81.80
CA GLY HA 129 -14.05 -39.76 82.51
C GLY HA 129 -13.01 -39.17 83.44
N GLN HA 130 -13.35 -38.07 84.10
CA GLN HA 130 -12.44 -37.38 85.01
C GLN HA 130 -12.75 -37.80 86.44
N ILE HA 131 -11.88 -38.63 87.01
CA ILE HA 131 -12.00 -39.02 88.41
C ILE HA 131 -11.64 -37.83 89.29
N ILE HA 132 -12.44 -37.62 90.34
CA ILE HA 132 -12.27 -36.44 91.18
C ILE HA 132 -10.98 -36.51 91.99
N GLY HA 133 -10.57 -37.70 92.40
CA GLY HA 133 -9.44 -37.81 93.30
C GLY HA 133 -8.08 -37.65 92.65
N GLU HA 134 -7.92 -38.18 91.43
CA GLU HA 134 -6.61 -38.17 90.78
C GLU HA 134 -6.19 -36.75 90.42
N GLY HA 135 -4.90 -36.49 90.53
CA GLY HA 135 -4.33 -35.20 90.16
C GLY HA 135 -3.07 -35.38 89.33
N ARG HA 136 -2.46 -34.25 88.99
CA ARG HA 136 -1.24 -34.29 88.19
C ARG HA 136 -0.08 -34.89 88.97
N HIS HA 137 0.00 -34.60 90.27
CA HIS HA 137 1.08 -35.13 91.09
C HIS HA 137 0.83 -36.56 91.55
N GLY HA 138 -0.40 -37.04 91.43
CA GLY HA 138 -0.69 -38.43 91.77
C GLY HA 138 -0.83 -38.71 93.25
N PHE HA 139 -1.49 -37.85 93.99
CA PHE HA 139 -1.69 -38.09 95.42
C PHE HA 139 -2.91 -38.97 95.64
N LEU HA 140 -2.72 -40.04 96.40
CA LEU HA 140 -3.78 -41.00 96.71
C LEU HA 140 -4.45 -40.55 98.00
N TRP HA 141 -5.61 -39.89 97.87
CA TRP HA 141 -6.30 -39.44 99.07
C TRP HA 141 -7.10 -40.59 99.67
N PRO HA 142 -7.07 -40.74 100.99
CA PRO HA 142 -7.77 -41.87 101.63
C PRO HA 142 -9.28 -41.86 101.45
N GLY HA 143 -9.85 -40.78 100.93
CA GLY HA 143 -11.29 -40.69 100.77
C GLY HA 143 -11.77 -40.73 99.34
N LEU HA 144 -10.88 -40.42 98.39
CA LEU HA 144 -11.26 -40.33 96.99
C LEU HA 144 -10.62 -41.42 96.13
N ASN HA 145 -9.29 -41.52 96.12
CA ASN HA 145 -8.63 -42.48 95.25
C ASN HA 145 -8.58 -43.87 95.90
N ILE HA 146 -7.88 -43.97 97.03
CA ILE HA 146 -7.69 -45.24 97.72
C ILE HA 146 -8.78 -45.42 98.76
N PRO HA 147 -9.06 -46.65 99.20
CA PRO HA 147 -10.05 -46.83 100.28
C PRO HA 147 -9.63 -46.11 101.54
N LEU HA 148 -10.54 -46.12 102.51
CA LEU HA 148 -10.30 -45.42 103.78
C LEU HA 148 -9.65 -46.31 104.83
N MET HA 149 -9.84 -47.63 104.74
CA MET HA 149 -9.35 -48.55 105.74
C MET HA 149 -8.73 -49.77 105.06
N ARG HA 150 -7.48 -50.07 105.44
CA ARG HA 150 -6.80 -51.26 104.96
C ARG HA 150 -6.16 -51.98 106.14
N ASN HA 151 -6.29 -53.31 106.15
CA ASN HA 151 -5.72 -54.16 107.20
C ASN HA 151 -6.21 -53.75 108.58
N GLY HA 152 -7.41 -53.16 108.66
CA GLY HA 152 -7.96 -52.70 109.91
C GLY HA 152 -7.47 -51.34 110.38
N ALA HA 153 -6.41 -50.80 109.78
CA ALA HA 153 -5.86 -49.51 110.16
C ALA HA 153 -6.15 -48.48 109.08
N VAL HA 154 -6.03 -47.21 109.46
CA VAL HA 154 -6.30 -46.12 108.53
C VAL HA 154 -5.16 -46.00 107.52
N GLN HA 155 -5.41 -45.24 106.45
CA GLN HA 155 -4.42 -45.03 105.40
C GLN HA 155 -3.93 -43.59 105.46
N THR HA 156 -2.61 -43.42 105.33
CA THR HA 156 -2.01 -42.11 105.39
C THR HA 156 -1.92 -41.49 104.00
N ILE HA 157 -1.49 -40.23 103.94
CA ILE HA 157 -1.39 -39.51 102.67
C ILE HA 157 -0.16 -40.00 101.93
N ALA HA 158 -0.37 -40.59 100.76
CA ALA HA 158 0.72 -41.12 99.94
C ALA HA 158 0.64 -40.53 98.53
N GLN HA 159 1.74 -40.66 97.81
CA GLN HA 159 1.84 -40.18 96.45
C GLN HA 159 2.49 -41.24 95.57
N ARG HA 160 1.91 -41.46 94.40
CA ARG HA 160 2.46 -42.44 93.47
C ARG HA 160 3.81 -41.98 92.94
N SER HA 161 4.59 -42.94 92.47
CA SER HA 161 5.87 -42.65 91.82
C SER HA 161 5.63 -42.25 90.36
N LYS HA 162 6.71 -41.90 89.68
CA LYS HA 162 6.63 -41.49 88.28
C LYS HA 162 6.79 -42.68 87.33
N GLU HA 163 6.03 -43.74 87.60
CA GLU HA 163 5.99 -44.89 86.70
C GLU HA 163 4.59 -45.44 86.46
N ASP HA 164 3.62 -45.20 87.35
CA ASP HA 164 2.26 -45.67 87.17
C ASP HA 164 1.28 -44.58 86.81
N GLN HA 165 1.54 -43.33 87.21
CA GLN HA 165 0.69 -42.22 86.81
C GLN HA 165 0.71 -42.04 85.30
N GLU HA 166 1.86 -42.29 84.67
CA GLU HA 166 1.95 -42.19 83.23
C GLU HA 166 1.11 -43.26 82.54
N LYS HA 167 1.10 -44.47 83.09
CA LYS HA 167 0.25 -45.52 82.53
C LYS HA 167 -1.23 -45.22 82.77
N VAL HA 168 -1.56 -44.61 83.90
CA VAL HA 168 -2.95 -44.20 84.14
C VAL HA 168 -3.37 -43.14 83.13
N GLU HA 169 -2.48 -42.17 82.85
CA GLU HA 169 -2.79 -41.17 81.83
C GLU HA 169 -2.88 -41.78 80.44
N ALA HA 170 -2.07 -42.81 80.16
CA ALA HA 170 -2.18 -43.51 78.88
C ALA HA 170 -3.52 -44.23 78.76
N ASP HA 171 -3.99 -44.84 79.85
CA ASP HA 171 -5.32 -45.44 79.85
C ASP HA 171 -6.41 -44.38 79.69
N MET HA 172 -6.20 -43.18 80.26
CA MET HA 172 -7.15 -42.10 80.08
C MET HA 172 -7.20 -41.65 78.62
N VAL HA 173 -6.03 -41.60 77.96
CA VAL HA 173 -6.00 -41.25 76.54
C VAL HA 173 -6.67 -42.34 75.71
N GLN HA 174 -6.46 -43.61 76.09
CA GLN HA 174 -7.15 -44.72 75.43
C GLN HA 174 -8.66 -44.56 75.54
N GLN HA 175 -9.15 -44.24 76.73
CA GLN HA 175 -10.58 -44.00 76.91
C GLN HA 175 -11.07 -42.78 76.15
N ARG HA 176 -10.25 -41.72 76.04
CA ARG HA 176 -10.62 -40.57 75.22
C ARG HA 176 -10.80 -40.97 73.77
N GLU HA 177 -9.83 -41.72 73.22
CA GLU HA 177 -9.90 -42.18 71.84
C GLU HA 177 -10.93 -43.27 71.62
N GLU HA 178 -11.43 -43.89 72.68
CA GLU HA 178 -12.51 -44.87 72.58
C GLU HA 178 -13.89 -44.28 72.83
N TRP HA 179 -13.96 -43.06 73.40
CA TRP HA 179 -15.25 -42.42 73.66
C TRP HA 179 -16.13 -42.39 72.40
N ASP HA 180 -15.55 -42.06 71.25
CA ASP HA 180 -16.33 -42.01 70.02
C ASP HA 180 -16.81 -43.40 69.61
N ARG HA 181 -16.10 -44.45 70.00
CA ARG HA 181 -16.54 -45.81 69.66
C ARG HA 181 -17.77 -46.21 70.46
N ARG HA 182 -17.90 -45.71 71.70
CA ARG HA 182 -19.04 -46.09 72.53
C ARG HA 182 -20.34 -45.54 71.95
N ARG HA 183 -20.36 -44.26 71.59
CA ARG HA 183 -21.59 -43.62 71.12
C ARG HA 183 -21.68 -43.67 69.59
N LYS HA 184 -21.64 -44.90 69.07
CA LYS HA 184 -21.81 -45.12 67.63
C LYS HA 184 -22.53 -46.45 67.45
N MET HA 185 -23.86 -46.37 67.35
CA MET HA 185 -24.71 -47.54 67.11
C MET HA 185 -26.12 -47.13 66.72
N LYS HA 186 -26.63 -47.69 65.64
CA LYS HA 186 -27.98 -47.41 65.16
C LYS HA 186 -28.81 -48.68 65.31
N VAL HA 187 -29.82 -48.65 66.17
CA VAL HA 187 -30.65 -49.82 66.45
C VAL HA 187 -31.40 -50.20 65.19
N LYS HA 188 -31.06 -51.37 64.64
CA LYS HA 188 -31.68 -51.85 63.41
C LYS HA 188 -32.97 -52.59 63.70
N ARG HA 189 -33.78 -52.76 62.66
CA ARG HA 189 -35.02 -53.49 62.75
C ARG HA 189 -35.27 -54.20 61.43
N GLU HA 190 -36.40 -54.89 61.32
CA GLU HA 190 -36.74 -55.61 60.11
C GLU HA 190 -37.12 -54.64 59.00
N ARG HA 191 -36.73 -54.99 57.77
CA ARG HA 191 -36.97 -54.16 56.60
C ARG HA 191 -38.26 -54.59 55.91
N GLY HA 192 -39.11 -53.61 55.57
CA GLY HA 192 -40.37 -53.90 54.92
C GLY HA 192 -40.21 -54.13 53.42
N TRP HA 193 -39.76 -53.11 52.70
CA TRP HA 193 -39.59 -53.19 51.25
C TRP HA 193 -38.12 -53.18 50.84
N SER HA 194 -37.35 -52.22 51.33
CA SER HA 194 -35.92 -52.15 51.09
C SER HA 194 -35.21 -51.90 52.41
N GLY HA 195 -33.87 -51.95 52.36
CA GLY HA 195 -33.08 -51.87 53.58
C GLY HA 195 -33.04 -50.49 54.21
N ASN HA 196 -33.40 -49.45 53.46
CA ASN HA 196 -33.30 -48.08 53.93
C ASN HA 196 -34.61 -47.33 53.69
N THR HA 197 -35.72 -47.96 54.06
CA THR HA 197 -37.03 -47.32 53.92
C THR HA 197 -37.93 -47.77 55.06
N TRP HA 198 -39.05 -47.06 55.20
CA TRP HA 198 -40.07 -47.41 56.18
C TRP HA 198 -41.31 -48.01 55.54
N GLY HA 199 -41.31 -48.22 54.22
CA GLY HA 199 -42.46 -48.78 53.55
C GLY HA 199 -42.59 -50.26 53.86
N GLY HA 200 -43.74 -50.66 54.41
CA GLY HA 200 -44.00 -52.05 54.72
C GLY HA 200 -43.43 -52.54 56.03
N VAL HA 201 -42.70 -51.70 56.76
CA VAL HA 201 -42.12 -52.13 58.04
C VAL HA 201 -43.21 -52.20 59.09
N SER HA 202 -42.99 -53.03 60.10
CA SER HA 202 -43.97 -53.19 61.18
C SER HA 202 -43.76 -52.12 62.25
N LEU HA 203 -44.86 -51.73 62.88
CA LEU HA 203 -44.83 -50.73 63.93
C LEU HA 203 -45.54 -51.14 65.20
N GLY HA 204 -46.19 -52.31 65.21
CA GLY HA 204 -46.84 -52.79 66.41
C GLY HA 204 -48.29 -52.35 66.51
N PRO HA 205 -49.05 -52.99 67.39
CA PRO HA 205 -50.46 -52.61 67.55
C PRO HA 205 -50.59 -51.17 68.03
N PRO HA 206 -51.67 -50.49 67.68
CA PRO HA 206 -51.84 -49.10 68.09
C PRO HA 206 -52.12 -48.99 69.59
N ASP HA 207 -52.10 -47.74 70.05
CA ASP HA 207 -52.35 -47.47 71.46
C ASP HA 207 -53.82 -47.74 71.80
N PRO HA 208 -54.10 -48.16 73.02
CA PRO HA 208 -55.49 -48.39 73.42
C PRO HA 208 -56.28 -47.09 73.47
N GLY HA 209 -57.59 -47.22 73.25
CA GLY HA 209 -58.48 -46.10 73.25
C GLY HA 209 -58.68 -45.52 74.64
N PRO HA 210 -59.27 -44.32 74.71
CA PRO HA 210 -59.47 -43.70 76.03
C PRO HA 210 -60.50 -44.43 76.88
N ASN HA 211 -61.48 -45.07 76.26
CA ASN HA 211 -62.51 -45.77 77.02
C ASN HA 211 -62.00 -47.05 77.66
N GLY HA 212 -60.84 -47.55 77.23
CA GLY HA 212 -60.25 -48.75 77.80
C GLY HA 212 -60.10 -49.90 76.83
N GLU HA 213 -60.56 -49.77 75.59
CA GLU HA 213 -60.44 -50.85 74.62
C GLU HA 213 -59.01 -50.95 74.12
N THR HA 214 -58.50 -52.18 74.04
CA THR HA 214 -57.14 -52.44 73.57
C THR HA 214 -57.21 -53.21 72.26
N TYR HA 215 -56.42 -52.77 71.28
CA TYR HA 215 -56.41 -53.39 69.95
C TYR HA 215 -55.14 -54.22 69.84
N ASP HA 216 -55.22 -55.47 70.30
CA ASP HA 216 -54.08 -56.36 70.25
C ASP HA 216 -54.03 -57.18 68.97
N ASP HA 217 -55.18 -57.53 68.41
CA ASP HA 217 -55.23 -58.30 67.18
C ASP HA 217 -54.95 -57.46 65.94
N PHE HA 218 -54.95 -56.14 66.06
CA PHE HA 218 -54.65 -55.27 64.93
C PHE HA 218 -53.16 -55.24 64.65
N ASP HA 219 -52.80 -55.17 63.37
CA ASP HA 219 -51.42 -55.04 62.93
C ASP HA 219 -51.34 -53.87 61.96
N THR HA 220 -50.30 -53.05 62.12
CA THR HA 220 -50.18 -51.85 61.30
C THR HA 220 -48.88 -51.89 60.50
N ARG HA 221 -48.88 -51.14 59.40
CA ARG HA 221 -47.74 -51.04 58.51
C ARG HA 221 -47.63 -49.62 57.98
N ILE HA 222 -46.40 -49.15 57.83
CA ILE HA 222 -46.14 -47.83 57.27
C ILE HA 222 -46.00 -47.95 55.76
N LEU HA 223 -46.76 -47.15 55.02
CA LEU HA 223 -46.76 -47.23 53.56
C LEU HA 223 -45.92 -46.15 52.90
N GLU HA 224 -45.78 -44.98 53.52
CA GLU HA 224 -45.06 -43.87 52.91
C GLU HA 224 -44.46 -42.99 54.00
N VAL HA 225 -43.25 -42.49 53.74
CA VAL HA 225 -42.58 -41.55 54.62
C VAL HA 225 -42.01 -40.43 53.76
N ARG HA 226 -42.23 -39.18 54.17
CA ARG HA 226 -41.82 -38.04 53.37
C ARG HA 226 -41.52 -36.86 54.28
N ASN HA 227 -40.43 -36.16 53.98
CA ASN HA 227 -40.04 -34.96 54.73
C ASN HA 227 -40.65 -33.76 54.02
N VAL HA 228 -41.72 -33.22 54.60
CA VAL HA 228 -42.42 -32.08 54.02
C VAL HA 228 -41.82 -30.79 54.57
N PHE HA 229 -41.55 -29.83 53.69
CA PHE HA 229 -41.01 -28.54 54.06
C PHE HA 229 -42.04 -27.44 53.81
N ASN HA 230 -42.00 -26.43 54.67
CA ASN HA 230 -42.88 -25.27 54.57
C ASN HA 230 -42.08 -24.00 54.79
N MET HA 231 -42.36 -22.98 54.01
CA MET HA 231 -41.64 -21.71 54.08
C MET HA 231 -42.41 -20.75 54.98
N THR HA 232 -41.93 -20.58 56.21
CA THR HA 232 -42.55 -19.68 57.16
C THR HA 232 -41.98 -18.27 57.01
N ALA HA 233 -42.30 -17.41 57.98
CA ALA HA 233 -41.80 -16.03 57.92
C ALA HA 233 -40.47 -15.88 58.61
N LYS HA 234 -40.24 -16.61 59.70
CA LYS HA 234 -39.03 -16.47 60.50
C LYS HA 234 -38.09 -17.67 60.38
N GLU HA 235 -38.59 -18.88 60.64
CA GLU HA 235 -37.76 -20.06 60.62
C GLU HA 235 -37.39 -20.53 59.22
N GLY HA 236 -37.94 -19.92 58.18
CA GLY HA 236 -37.67 -20.33 56.82
C GLY HA 236 -38.20 -21.72 56.52
N ARG HA 237 -37.30 -22.68 56.33
CA ARG HA 237 -37.73 -24.05 56.08
C ARG HA 237 -38.17 -24.72 57.38
N LYS HA 238 -39.37 -25.27 57.39
CA LYS HA 238 -39.94 -25.95 58.55
C LYS HA 238 -40.15 -27.41 58.16
N ARG HA 239 -39.16 -28.24 58.46
CA ARG HA 239 -39.22 -29.65 58.12
C ARG HA 239 -40.27 -30.35 58.96
N SER HA 240 -41.25 -30.96 58.30
CA SER HA 240 -42.32 -31.70 58.97
C SER HA 240 -42.44 -33.07 58.32
N VAL HA 241 -42.62 -34.09 59.15
CA VAL HA 241 -42.69 -35.48 58.68
C VAL HA 241 -44.15 -35.88 58.56
N ARG HA 242 -44.55 -36.27 57.36
CA ARG HA 242 -45.88 -36.80 57.09
C ARG HA 242 -45.76 -38.23 56.60
N VAL HA 243 -46.56 -39.13 57.18
CA VAL HA 243 -46.48 -40.55 56.88
C VAL HA 243 -47.89 -41.11 56.72
N LEU HA 244 -47.99 -42.17 55.91
CA LEU HA 244 -49.24 -42.89 55.71
C LEU HA 244 -49.13 -44.21 56.47
N VAL HA 245 -50.12 -44.52 57.28
CA VAL HA 245 -50.11 -45.71 58.13
C VAL HA 245 -51.42 -46.46 57.96
N ALA HA 246 -51.31 -47.76 57.68
CA ALA HA 246 -52.47 -48.61 57.49
C ALA HA 246 -52.57 -49.61 58.62
N VAL HA 247 -53.80 -49.92 59.03
CA VAL HA 247 -54.08 -50.86 60.10
C VAL HA 247 -55.02 -51.94 59.57
N GLY HA 248 -54.87 -53.14 60.11
CA GLY HA 248 -55.71 -54.26 59.73
C GLY HA 248 -55.38 -55.47 60.56
N ASN HA 249 -56.43 -56.23 60.89
CA ASN HA 249 -56.30 -57.40 61.75
C ASN HA 249 -56.17 -58.71 60.98
N GLY HA 250 -56.76 -58.82 59.80
CA GLY HA 250 -56.71 -60.04 59.02
C GLY HA 250 -58.05 -60.73 58.84
N LYS HA 251 -59.13 -60.16 59.36
CA LYS HA 251 -60.46 -60.75 59.25
C LYS HA 251 -61.35 -59.96 58.30
N GLY HA 252 -60.83 -58.94 57.63
CA GLY HA 252 -61.60 -58.13 56.72
C GLY HA 252 -61.78 -56.70 57.15
N ALA HA 253 -61.44 -56.36 58.39
CA ALA HA 253 -61.56 -55.00 58.90
C ALA HA 253 -60.21 -54.31 58.83
N ALA HA 254 -60.13 -53.20 58.10
CA ALA HA 254 -58.88 -52.48 57.94
C ALA HA 254 -59.18 -51.03 57.63
N GLY HA 255 -58.12 -50.22 57.66
CA GLY HA 255 -58.24 -48.80 57.39
C GLY HA 255 -56.87 -48.17 57.19
N PHE HA 256 -56.88 -46.88 56.89
CA PHE HA 256 -55.65 -46.13 56.68
C PHE HA 256 -55.81 -44.74 57.27
N ALA HA 257 -54.68 -44.05 57.44
CA ALA HA 257 -54.69 -42.69 57.94
C ALA HA 257 -53.36 -42.02 57.63
N ILE HA 258 -53.32 -40.71 57.81
CA ILE HA 258 -52.13 -39.90 57.58
C ILE HA 258 -51.77 -39.19 58.88
N GLY HA 259 -50.53 -39.38 59.32
CA GLY HA 259 -50.03 -38.68 60.49
C GLY HA 259 -48.92 -37.72 60.13
N LYS HA 260 -49.09 -36.44 60.47
CA LYS HA 260 -48.10 -35.42 60.16
C LYS HA 260 -47.73 -34.69 61.44
N ALA HA 261 -46.43 -34.57 61.70
CA ALA HA 261 -45.94 -33.93 62.91
C ALA HA 261 -44.55 -33.37 62.64
N THR HA 262 -43.88 -32.98 63.72
CA THR HA 262 -42.51 -32.47 63.61
C THR HA 262 -41.50 -33.60 63.80
N GLU HA 263 -41.68 -34.41 64.84
CA GLU HA 263 -40.81 -35.54 65.11
C GLU HA 263 -41.39 -36.80 64.46
N ARG HA 264 -40.47 -37.70 64.06
CA ARG HA 264 -40.89 -38.93 63.40
C ARG HA 264 -41.62 -39.86 64.37
N ALA HA 265 -41.12 -40.00 65.59
CA ALA HA 265 -41.78 -40.85 66.58
C ALA HA 265 -43.16 -40.31 66.95
N ASP HA 266 -43.33 -38.98 66.94
CA ASP HA 266 -44.63 -38.40 67.21
C ASP HA 266 -45.59 -38.53 66.03
N ALA HA 267 -45.09 -38.38 64.80
CA ALA HA 267 -45.93 -38.58 63.63
C ALA HA 267 -46.41 -40.03 63.54
N PHE HA 268 -45.53 -40.99 63.80
CA PHE HA 268 -45.96 -42.39 63.79
C PHE HA 268 -47.03 -42.65 64.84
N ARG HA 269 -46.87 -42.08 66.04
CA ARG HA 269 -47.85 -42.30 67.10
C ARG HA 269 -49.19 -41.67 66.73
N LYS HA 270 -49.18 -40.44 66.21
CA LYS HA 270 -50.41 -39.81 65.77
C LYS HA 270 -51.11 -40.59 64.67
N ALA HA 271 -50.35 -41.10 63.70
CA ALA HA 271 -50.95 -41.89 62.64
C ALA HA 271 -51.54 -43.18 63.17
N LYS HA 272 -50.84 -43.86 64.08
CA LYS HA 272 -51.38 -45.09 64.66
C LYS HA 272 -52.64 -44.80 65.46
N ASN HA 273 -52.68 -43.69 66.18
CA ASN HA 273 -53.85 -43.38 66.99
C ASN HA 273 -55.03 -42.90 66.15
N ARG HA 274 -54.78 -42.32 64.97
CA ARG HA 274 -55.85 -41.85 64.11
C ARG HA 274 -56.29 -42.88 63.09
N ALA HA 275 -55.52 -43.96 62.89
CA ALA HA 275 -55.91 -44.98 61.92
C ALA HA 275 -57.02 -45.88 62.43
N VAL HA 276 -57.22 -45.98 63.74
CA VAL HA 276 -58.28 -46.83 64.26
C VAL HA 276 -59.66 -46.23 64.02
N HIS HA 277 -59.74 -44.89 63.95
CA HIS HA 277 -61.02 -44.24 63.79
C HIS HA 277 -61.61 -44.42 62.40
N TYR HA 278 -60.78 -44.69 61.39
CA TYR HA 278 -61.22 -44.89 60.02
C TYR HA 278 -60.98 -46.35 59.65
N LEU HA 279 -62.03 -47.17 59.72
CA LEU HA 279 -61.95 -48.59 59.43
C LEU HA 279 -62.99 -48.97 58.40
N HIS HA 280 -62.56 -49.73 57.39
CA HIS HA 280 -63.46 -50.32 56.41
C HIS HA 280 -63.60 -51.82 56.66
N TYR HA 281 -64.58 -52.43 56.01
CA TYR HA 281 -64.76 -53.87 56.03
C TYR HA 281 -64.81 -54.36 54.59
N ILE HA 282 -63.88 -55.25 54.24
CA ILE HA 282 -63.72 -55.72 52.88
C ILE HA 282 -64.38 -57.09 52.76
N GLU HA 283 -65.40 -57.18 51.91
CA GLU HA 283 -66.07 -58.45 51.67
C GLU HA 283 -65.12 -59.39 50.94
N ARG HA 284 -64.77 -60.50 51.58
CA ARG HA 284 -63.80 -61.45 51.04
C ARG HA 284 -64.50 -62.76 50.75
N TYR HA 285 -64.56 -63.11 49.46
CA TYR HA 285 -65.16 -64.37 49.04
C TYR HA 285 -64.33 -65.54 49.55
N GLU HA 286 -64.93 -66.37 50.40
CA GLU HA 286 -64.27 -67.51 51.03
C GLU HA 286 -63.04 -67.09 51.83
N ASP HA 287 -62.96 -65.81 52.18
CA ASP HA 287 -61.92 -65.24 53.03
C ASP HA 287 -60.51 -65.40 52.45
N HIS HA 288 -60.39 -65.58 51.13
CA HIS HA 288 -59.07 -65.66 50.53
C HIS HA 288 -58.98 -64.80 49.26
N THR HA 289 -60.11 -64.51 48.64
CA THR HA 289 -60.16 -63.71 47.42
C THR HA 289 -61.33 -62.74 47.50
N ILE HA 290 -61.45 -61.90 46.49
CA ILE HA 290 -62.56 -60.97 46.39
C ILE HA 290 -63.62 -61.59 45.49
N TYR HA 291 -64.82 -61.00 45.53
CA TYR HA 291 -65.95 -61.59 44.82
C TYR HA 291 -65.78 -61.49 43.31
N HIS HA 292 -65.71 -60.28 42.78
CA HIS HA 292 -65.69 -60.06 41.34
C HIS HA 292 -64.51 -59.17 40.97
N ASP HA 293 -64.18 -59.20 39.67
CA ASP HA 293 -63.11 -58.38 39.13
C ASP HA 293 -63.49 -56.91 39.22
N ILE HA 294 -62.61 -56.09 39.77
CA ILE HA 294 -62.88 -54.68 39.99
C ILE HA 294 -61.91 -53.84 39.16
N SER HA 295 -62.47 -53.04 38.26
CA SER HA 295 -61.69 -52.14 37.41
C SER HA 295 -62.10 -50.72 37.77
N LEU HA 296 -61.37 -50.12 38.71
CA LEU HA 296 -61.70 -48.80 39.23
C LEU HA 296 -60.74 -47.76 38.67
N LYS HA 297 -61.24 -46.53 38.56
CA LYS HA 297 -60.46 -45.39 38.09
C LYS HA 297 -60.57 -44.29 39.14
N PHE HA 298 -59.50 -44.11 39.92
CA PHE HA 298 -59.46 -43.04 40.90
C PHE HA 298 -59.13 -41.74 40.18
N LYS HA 299 -58.75 -40.71 40.94
CA LYS HA 299 -58.41 -39.41 40.38
C LYS HA 299 -57.52 -39.54 39.15
N ARG HA 300 -56.34 -40.12 39.31
CA ARG HA 300 -55.47 -40.40 38.18
C ARG HA 300 -54.81 -41.78 38.28
N THR HA 301 -55.27 -42.64 39.17
CA THR HA 301 -54.72 -43.99 39.34
C THR HA 301 -55.76 -44.99 38.88
N HIS HA 302 -55.41 -45.80 37.88
CA HIS HA 302 -56.31 -46.81 37.33
C HIS HA 302 -55.92 -48.17 37.87
N ILE HA 303 -56.79 -48.75 38.70
CA ILE HA 303 -56.52 -50.03 39.35
C ILE HA 303 -57.38 -51.09 38.68
N LYS HA 304 -56.76 -52.24 38.36
CA LYS HA 304 -57.46 -53.37 37.78
C LYS HA 304 -57.10 -54.60 38.59
N MET HA 305 -58.06 -55.14 39.34
CA MET HA 305 -57.86 -56.29 40.19
C MET HA 305 -58.74 -57.44 39.73
N LYS HA 306 -58.13 -58.61 39.58
CA LYS HA 306 -58.84 -59.78 39.07
C LYS HA 306 -58.91 -60.85 40.15
N LYS HA 307 -59.98 -61.64 40.11
CA LYS HA 307 -60.14 -62.73 41.06
C LYS HA 307 -59.18 -63.87 40.72
N GLN HA 308 -58.65 -64.51 41.75
CA GLN HA 308 -57.65 -65.55 41.57
C GLN HA 308 -58.00 -66.78 42.41
N PRO HA 309 -57.63 -67.97 41.94
CA PRO HA 309 -57.88 -69.18 42.73
C PRO HA 309 -56.94 -69.31 43.91
N ARG HA 310 -57.02 -70.47 44.60
CA ARG HA 310 -56.23 -70.68 45.82
C ARG HA 310 -54.73 -70.74 45.54
N GLY HA 311 -54.31 -70.87 44.29
CA GLY HA 311 -52.92 -71.06 43.95
C GLY HA 311 -52.17 -69.85 43.45
N TYR HA 312 -52.83 -68.70 43.33
CA TYR HA 312 -52.20 -67.47 42.84
C TYR HA 312 -52.25 -66.47 43.97
N GLY HA 313 -51.26 -66.52 44.85
CA GLY HA 313 -51.30 -65.78 46.09
C GLY HA 313 -50.62 -64.43 46.10
N LEU HA 314 -51.41 -63.36 46.02
CA LEU HA 314 -50.95 -61.99 46.22
C LEU HA 314 -49.81 -61.62 45.25
N HIS HA 315 -50.13 -61.64 43.98
CA HIS HA 315 -49.22 -61.19 42.93
C HIS HA 315 -49.56 -59.75 42.52
N CYS HA 316 -49.41 -58.84 43.47
CA CYS HA 316 -49.81 -57.45 43.31
C CYS HA 316 -48.65 -56.52 43.65
N HIS HA 317 -48.92 -55.22 43.59
CA HIS HA 317 -47.94 -54.21 43.96
C HIS HA 317 -47.45 -54.43 45.38
N ARG HA 318 -46.26 -53.91 45.69
CA ARG HA 318 -45.67 -54.16 47.00
C ARG HA 318 -46.40 -53.42 48.11
N ALA HA 319 -47.25 -52.46 47.78
CA ALA HA 319 -48.11 -51.82 48.78
C ALA HA 319 -49.48 -52.45 48.85
N ILE HA 320 -50.04 -52.84 47.70
CA ILE HA 320 -51.32 -53.55 47.70
C ILE HA 320 -51.19 -54.88 48.43
N MET HA 321 -50.05 -55.54 48.29
CA MET HA 321 -49.79 -56.77 49.05
C MET HA 321 -49.73 -56.49 50.54
N THR HA 322 -49.08 -55.39 50.93
CA THR HA 322 -49.00 -55.03 52.35
C THR HA 322 -50.38 -54.75 52.92
N ILE HA 323 -51.25 -54.12 52.12
CA ILE HA 323 -52.60 -53.83 52.59
C ILE HA 323 -53.44 -55.11 52.67
N CYS HA 324 -53.33 -55.97 51.65
CA CYS HA 324 -54.12 -57.20 51.63
C CYS HA 324 -53.67 -58.17 52.71
N ARG HA 325 -52.39 -58.14 53.10
CA ARG HA 325 -51.92 -59.03 54.15
C ARG HA 325 -52.55 -58.69 55.49
N LEU HA 326 -52.85 -57.42 55.72
CA LEU HA 326 -53.57 -57.03 56.93
C LEU HA 326 -55.08 -57.10 56.78
N ILE HA 327 -55.59 -57.02 55.56
CA ILE HA 327 -57.02 -57.15 55.34
C ILE HA 327 -57.46 -58.59 55.52
N GLY HA 328 -56.84 -59.51 54.79
CA GLY HA 328 -57.21 -60.91 54.86
C GLY HA 328 -57.18 -61.59 53.51
N ILE HA 329 -56.98 -60.80 52.45
CA ILE HA 329 -56.89 -61.35 51.11
C ILE HA 329 -55.58 -62.12 50.97
N LYS HA 330 -55.68 -63.40 50.62
CA LYS HA 330 -54.51 -64.26 50.48
C LYS HA 330 -54.15 -64.55 49.03
N ASP HA 331 -55.09 -64.42 48.11
CA ASP HA 331 -54.84 -64.66 46.69
C ASP HA 331 -55.47 -63.53 45.90
N LEU HA 332 -54.66 -62.81 45.12
CA LEU HA 332 -55.15 -61.66 44.37
C LEU HA 332 -54.11 -61.25 43.35
N TYR HA 333 -54.60 -60.71 42.23
CA TYR HA 333 -53.76 -60.10 41.21
C TYR HA 333 -54.26 -58.70 40.93
N ALA HA 334 -53.36 -57.73 40.93
CA ALA HA 334 -53.74 -56.33 40.75
C ALA HA 334 -52.68 -55.62 39.91
N LYS HA 335 -53.14 -54.71 39.06
CA LYS HA 335 -52.27 -53.91 38.21
C LYS HA 335 -52.68 -52.45 38.32
N VAL HA 336 -51.71 -51.59 38.63
CA VAL HA 336 -51.95 -50.16 38.76
C VAL HA 336 -51.28 -49.45 37.59
N SER HA 337 -52.06 -48.70 36.82
CA SER HA 337 -51.58 -47.95 35.68
C SER HA 337 -51.88 -46.47 35.88
N GLY HA 338 -51.13 -45.64 35.16
CA GLY HA 338 -51.29 -44.21 35.31
C GLY HA 338 -50.43 -43.71 36.45
N SER HA 339 -51.07 -43.04 37.40
CA SER HA 339 -50.35 -42.52 38.55
C SER HA 339 -49.95 -43.64 39.50
N VAL HA 340 -48.93 -43.36 40.31
CA VAL HA 340 -48.42 -44.30 41.30
C VAL HA 340 -48.35 -43.66 42.69
N ASN HA 341 -49.04 -42.53 42.86
CA ASN HA 341 -49.06 -41.85 44.16
C ASN HA 341 -49.59 -42.77 45.24
N MET HA 342 -48.91 -42.80 46.39
CA MET HA 342 -49.26 -43.75 47.44
C MET HA 342 -50.61 -43.45 48.05
N LEU HA 343 -50.90 -42.17 48.31
CA LEU HA 343 -52.17 -41.81 48.95
C LEU HA 343 -53.34 -42.12 48.04
N ASN HA 344 -53.27 -41.69 46.78
CA ASN HA 344 -54.32 -42.01 45.81
C ASN HA 344 -54.45 -43.51 45.57
N LEU HA 345 -53.33 -44.25 45.57
CA LEU HA 345 -53.40 -45.69 45.44
C LEU HA 345 -54.17 -46.31 46.60
N THR HA 346 -53.85 -45.91 47.83
CA THR HA 346 -54.55 -46.45 48.99
C THR HA 346 -56.03 -46.10 48.95
N ARG HA 347 -56.35 -44.84 48.63
CA ARG HA 347 -57.75 -44.43 48.60
C ARG HA 347 -58.53 -45.18 47.53
N GLY HA 348 -57.95 -45.32 46.33
CA GLY HA 348 -58.62 -46.05 45.28
C GLY HA 348 -58.77 -47.52 45.59
N LEU HA 349 -57.77 -48.14 46.21
CA LEU HA 349 -57.87 -49.53 46.60
C LEU HA 349 -58.99 -49.74 47.61
N PHE HA 350 -59.05 -48.89 48.64
CA PHE HA 350 -60.12 -48.99 49.62
C PHE HA 350 -61.49 -48.73 49.01
N LEU HA 351 -61.60 -47.76 48.09
CA LEU HA 351 -62.88 -47.50 47.45
C LEU HA 351 -63.33 -48.69 46.60
N GLY HA 352 -62.40 -49.29 45.85
CA GLY HA 352 -62.76 -50.44 45.03
C GLY HA 352 -63.12 -51.65 45.86
N LEU HA 353 -62.42 -51.85 46.99
CA LEU HA 353 -62.74 -52.97 47.86
C LEU HA 353 -64.03 -52.73 48.65
N SER HA 354 -64.41 -51.47 48.85
CA SER HA 354 -65.67 -51.17 49.54
C SER HA 354 -66.86 -51.19 48.61
N ARG HA 355 -66.67 -50.91 47.32
CA ARG HA 355 -67.75 -50.95 46.35
C ARG HA 355 -67.99 -52.36 45.80
N GLN HA 356 -67.55 -53.39 46.51
CA GLN HA 356 -67.79 -54.76 46.07
C GLN HA 356 -69.27 -55.11 46.16
N GLU HA 357 -69.66 -56.12 45.40
CA GLU HA 357 -71.04 -56.61 45.37
C GLU HA 357 -71.03 -58.06 45.82
N THR HA 358 -71.62 -58.33 46.98
CA THR HA 358 -71.68 -59.69 47.50
C THR HA 358 -72.60 -60.54 46.63
N HIS HA 359 -72.28 -61.84 46.55
CA HIS HA 359 -73.16 -62.78 45.84
C HIS HA 359 -74.57 -62.76 46.41
N GLN HA 360 -74.69 -62.64 47.73
CA GLN HA 360 -76.02 -62.60 48.35
C GLN HA 360 -76.79 -61.36 47.92
N GLN HA 361 -76.13 -60.21 47.88
CA GLN HA 361 -76.80 -58.98 47.43
C GLN HA 361 -77.16 -59.05 45.95
N LEU HA 362 -76.30 -59.66 45.13
CA LEU HA 362 -76.63 -59.84 43.72
C LEU HA 362 -77.85 -60.74 43.55
N ALA HA 363 -77.88 -61.86 44.28
CA ALA HA 363 -79.04 -62.75 44.23
C ALA HA 363 -80.30 -62.09 44.76
N ASP HA 364 -80.18 -61.21 45.76
CA ASP HA 364 -81.35 -60.49 46.25
C ASP HA 364 -81.86 -59.49 45.24
N LYS HA 365 -80.96 -58.78 44.55
CA LYS HA 365 -81.38 -57.78 43.58
C LYS HA 365 -81.81 -58.37 42.25
N LYS HA 366 -81.45 -59.62 41.96
CA LYS HA 366 -81.85 -60.26 40.71
C LYS HA 366 -82.87 -61.37 40.88
N SER HA 367 -83.18 -61.79 42.11
CA SER HA 367 -84.17 -62.85 42.36
C SER HA 367 -83.83 -64.13 41.61
N LEU HA 368 -82.54 -64.36 41.38
CA LEU HA 368 -82.07 -65.54 40.67
C LEU HA 368 -80.95 -66.20 41.46
N HIS HA 369 -80.68 -67.46 41.14
CA HIS HA 369 -79.64 -68.21 41.81
C HIS HA 369 -78.27 -67.86 41.24
N VAL HA 370 -77.31 -67.60 42.12
CA VAL HA 370 -75.94 -67.34 41.73
C VAL HA 370 -75.24 -68.70 41.69
N VAL HA 371 -75.12 -69.27 40.49
CA VAL HA 371 -74.57 -70.60 40.31
C VAL HA 371 -73.10 -70.47 39.93
N GLU HA 372 -72.23 -71.07 40.73
CA GLU HA 372 -70.80 -71.08 40.47
C GLU HA 372 -70.44 -72.36 39.72
N PHE HA 373 -69.65 -72.23 38.66
CA PHE HA 373 -69.18 -73.36 37.87
C PHE HA 373 -67.67 -73.42 37.97
N ARG HA 374 -67.18 -74.20 38.93
CA ARG HA 374 -65.74 -74.40 39.09
C ARG HA 374 -65.19 -75.12 37.86
N GLU HA 375 -64.11 -74.59 37.29
CA GLU HA 375 -63.53 -75.19 36.10
C GLU HA 375 -62.98 -76.58 36.37
N GLU HA 376 -62.50 -76.83 37.60
CA GLU HA 376 -61.98 -78.14 37.93
C GLU HA 376 -63.08 -79.12 38.31
N CYS HA 377 -64.18 -78.62 38.87
CA CYS HA 377 -65.29 -79.47 39.27
C CYS HA 377 -66.22 -79.83 38.11
N GLY HA 378 -65.83 -79.53 36.88
CA GLY HA 378 -66.60 -79.88 35.72
C GLY HA 378 -67.91 -79.11 35.63
N PRO HA 379 -68.93 -79.73 35.05
CA PRO HA 379 -70.21 -79.04 34.85
C PRO HA 379 -71.09 -79.05 36.09
N LEU HA 380 -70.51 -79.34 37.24
CA LEU HA 380 -71.27 -79.36 38.49
C LEU HA 380 -71.81 -77.97 38.81
N PRO HA 381 -73.13 -77.78 38.86
CA PRO HA 381 -73.70 -76.45 39.18
C PRO HA 381 -73.72 -76.17 40.68
N ILE HA 382 -72.57 -75.74 41.19
CA ILE HA 382 -72.45 -75.42 42.61
C ILE HA 382 -73.18 -74.12 42.90
N VAL HA 383 -74.01 -74.12 43.94
CA VAL HA 383 -74.74 -72.94 44.36
C VAL HA 383 -74.14 -72.42 45.65
N VAL HA 384 -73.79 -71.14 45.68
CA VAL HA 384 -73.19 -70.51 46.85
C VAL HA 384 -74.17 -69.55 47.53
N ALA HA 385 -74.97 -68.83 46.74
CA ALA HA 385 -75.93 -67.87 47.27
C ALA HA 385 -77.31 -68.16 46.72
N SER HA 386 -78.32 -68.10 47.58
CA SER HA 386 -79.70 -68.33 47.18
C SER HA 386 -80.49 -67.04 47.25
N PRO HA 387 -81.33 -66.76 46.26
CA PRO HA 387 -82.10 -65.52 46.27
C PRO HA 387 -83.23 -65.55 47.28
N GLN HA 388 -82.91 -65.24 48.54
CA GLN HA 388 -83.91 -65.24 49.60
C GLN HA 388 -85.02 -64.24 49.29
N GLY HA 389 -86.27 -64.70 49.39
CA GLY HA 389 -87.43 -63.88 49.09
C GLY HA 389 -88.22 -64.46 47.93
N ALA HA 390 -88.70 -63.57 47.06
CA ALA HA 390 -89.49 -63.98 45.90
C ALA HA 390 -88.56 -64.47 44.81
N LEU HA 391 -88.58 -65.78 44.56
CA LEU HA 391 -87.78 -66.37 43.49
C LEU HA 391 -88.52 -66.16 42.17
N ARG HA 392 -87.96 -65.30 41.31
CA ARG HA 392 -88.61 -64.97 40.05
C ARG HA 392 -88.47 -66.13 39.06
N LYS HA 393 -89.58 -66.50 38.43
CA LYS HA 393 -89.60 -67.55 37.42
C LYS HA 393 -89.40 -67.01 36.01
N ASP HA 394 -89.18 -65.72 35.87
CA ASP HA 394 -88.91 -65.14 34.55
C ASP HA 394 -87.43 -65.30 34.22
N PRO HA 395 -87.09 -66.04 33.16
CA PRO HA 395 -85.67 -66.18 32.80
C PRO HA 395 -85.09 -64.85 32.33
N GLU HA 396 -83.81 -64.65 32.63
CA GLU HA 396 -83.13 -63.44 32.22
C GLU HA 396 -82.95 -63.43 30.70
N PRO HA 397 -82.93 -62.24 30.08
CA PRO HA 397 -82.73 -62.18 28.63
C PRO HA 397 -81.34 -62.61 28.22
N GLU HA 398 -81.25 -63.75 27.53
CA GLU HA 398 -79.96 -64.28 27.08
C GLU HA 398 -79.44 -63.41 25.93
N ASP HA 399 -78.40 -62.63 26.20
CA ASP HA 399 -77.79 -61.78 25.18
C ASP HA 399 -76.80 -62.59 24.37
N GLU HA 400 -77.02 -62.66 23.05
CA GLU HA 400 -76.11 -63.43 22.19
C GLU HA 400 -74.73 -62.79 22.13
N VAL HA 401 -74.65 -61.47 22.32
CA VAL HA 401 -73.37 -60.76 22.33
C VAL HA 401 -73.34 -59.83 23.53
N PRO HA 402 -72.64 -60.19 24.61
CA PRO HA 402 -72.61 -59.31 25.79
C PRO HA 402 -71.80 -58.06 25.53
N ASP HA 403 -72.46 -56.91 25.63
CA ASP HA 403 -71.81 -55.61 25.44
C ASP HA 403 -70.98 -55.30 26.69
N ILE HA 404 -69.80 -55.90 26.74
CA ILE HA 404 -68.90 -55.76 27.87
C ILE HA 404 -67.82 -54.75 27.52
N THR HA 405 -67.27 -54.11 28.54
CA THR HA 405 -66.20 -53.13 28.37
C THR HA 405 -64.89 -53.81 28.72
N LEU HA 406 -64.32 -54.51 27.75
CA LEU HA 406 -63.05 -55.20 27.95
C LEU HA 406 -61.89 -54.20 27.86
N ASP HA 407 -60.68 -54.71 28.13
CA ASP HA 407 -59.47 -53.91 28.07
C ASP HA 407 -58.45 -54.61 27.20
N TRP HA 408 -57.70 -53.82 26.43
CA TRP HA 408 -56.67 -54.38 25.56
C TRP HA 408 -55.58 -55.09 26.35
N GLU HA 409 -55.30 -54.62 27.57
CA GLU HA 409 -54.31 -55.30 28.41
C GLU HA 409 -54.78 -56.71 28.78
N ASP HA 410 -56.09 -56.92 28.87
CA ASP HA 410 -56.63 -58.25 29.10
C ASP HA 410 -56.77 -59.06 27.82
N VAL HA 411 -57.05 -58.39 26.70
CA VAL HA 411 -57.12 -59.09 25.43
C VAL HA 411 -55.76 -59.66 25.05
N LYS HA 412 -54.69 -58.90 25.31
CA LYS HA 412 -53.35 -59.41 25.05
C LYS HA 412 -53.03 -60.63 25.91
N ALA HA 413 -53.43 -60.60 27.19
CA ALA HA 413 -53.20 -61.76 28.05
C ALA HA 413 -54.03 -62.95 27.61
N ALA HA 414 -55.24 -62.72 27.10
CA ALA HA 414 -56.07 -63.82 26.63
C ALA HA 414 -55.55 -64.43 25.34
N GLN HA 415 -54.98 -63.61 24.45
CA GLN HA 415 -54.44 -64.09 23.18
C GLN HA 415 -53.00 -64.53 23.27
N GLY HA 416 -52.32 -64.29 24.39
CA GLY HA 416 -50.94 -64.69 24.51
C GLY HA 416 -49.95 -63.78 23.81
N MET HA 417 -50.34 -62.55 23.53
CA MET HA 417 -49.46 -61.58 22.88
C MET HA 417 -48.53 -60.89 23.86
N LYS HA 418 -48.59 -61.22 25.15
CA LYS HA 418 -47.72 -60.61 26.15
C LYS HA 418 -46.35 -61.26 26.07
N ARG HA 419 -45.48 -60.66 25.26
CA ARG HA 419 -44.11 -61.12 25.12
C ARG HA 419 -43.15 -60.42 26.08
N SER HA 420 -43.68 -59.69 27.06
CA SER HA 420 -42.82 -58.99 28.02
C SER HA 420 -42.04 -59.98 28.86
N VAL HA 421 -40.75 -59.70 29.05
CA VAL HA 421 -39.89 -60.58 29.83
C VAL HA 421 -40.08 -60.41 31.33
N TRP HA 422 -40.74 -59.34 31.77
CA TRP HA 422 -41.00 -59.12 33.18
C TRP HA 422 -42.30 -59.77 33.64
N SER HA 423 -43.03 -60.41 32.75
CA SER HA 423 -44.33 -61.00 33.09
C SER HA 423 -44.19 -62.40 33.71
N GLY HA 424 -43.28 -63.21 33.18
CA GLY HA 424 -43.13 -64.57 33.66
C GLY HA 424 -41.89 -64.78 34.50
N LEU HA 425 -41.57 -63.82 35.36
CA LEU HA 425 -40.41 -63.91 36.23
C LEU HA 425 -40.78 -64.59 37.53
N LYS HA 426 -39.91 -65.49 37.98
CA LYS HA 426 -40.10 -66.17 39.25
C LYS HA 426 -39.71 -65.23 40.39
N ARG HA 427 -40.64 -64.95 41.29
CA ARG HA 427 -40.42 -64.05 42.41
C ARG HA 427 -40.48 -64.82 43.71
N ALA HA 428 -40.20 -64.12 44.81
CA ALA HA 428 -40.25 -64.74 46.12
C ALA HA 428 -41.70 -65.03 46.53
N ALA HA 429 -41.84 -65.72 47.66
CA ALA HA 429 -43.16 -66.08 48.15
C ALA HA 429 -43.86 -64.84 48.73
N THR HA 430 -45.07 -65.05 49.23
CA THR HA 430 -45.86 -63.98 49.82
C THR HA 430 -45.20 -63.43 51.09
N PRO IA 154 -99.80 0.83 -2.26
CA PRO IA 154 -98.57 1.55 -2.63
C PRO IA 154 -97.32 0.71 -2.43
N ARG IA 155 -96.41 0.75 -3.41
CA ARG IA 155 -95.16 -0.01 -3.35
C ARG IA 155 -93.98 0.85 -2.91
N TYR IA 156 -93.70 1.92 -3.66
CA TYR IA 156 -92.59 2.81 -3.34
C TYR IA 156 -93.11 4.05 -2.64
N GLU IA 157 -92.21 4.98 -2.35
CA GLU IA 157 -92.57 6.23 -1.73
C GLU IA 157 -91.50 7.27 -2.04
N LEU IA 158 -91.94 8.42 -2.54
CA LEU IA 158 -91.06 9.52 -2.89
C LEU IA 158 -91.30 10.65 -1.89
N ALA IA 159 -90.28 10.94 -1.07
CA ALA IA 159 -90.28 12.11 -0.20
C ALA IA 159 -89.57 13.23 -0.97
N LEU IA 160 -90.36 14.21 -1.38
CA LEU IA 160 -89.87 15.32 -2.19
C LEU IA 160 -89.79 16.57 -1.32
N ILE IA 161 -88.64 17.24 -1.36
CA ILE IA 161 -88.42 18.47 -0.60
C ILE IA 161 -88.24 19.59 -1.63
N LEU IA 162 -89.31 20.31 -1.92
CA LEU IA 162 -89.25 21.39 -2.91
C LEU IA 162 -88.89 22.71 -2.25
N LYS IA 163 -88.24 23.57 -3.03
CA LYS IA 163 -87.84 24.88 -2.55
C LYS IA 163 -89.08 25.75 -2.29
N ALA IA 164 -88.98 26.62 -1.29
CA ALA IA 164 -90.08 27.51 -0.95
C ALA IA 164 -90.32 28.48 -2.09
N MET IA 165 -91.41 28.29 -2.84
CA MET IA 165 -91.73 29.12 -3.98
C MET IA 165 -93.23 29.39 -3.97
N GLN IA 166 -93.73 29.98 -5.05
CA GLN IA 166 -95.12 30.40 -5.11
C GLN IA 166 -96.05 29.23 -5.45
N ARG IA 167 -97.35 29.51 -5.43
CA ARG IA 167 -98.33 28.44 -5.68
C ARG IA 167 -98.27 27.94 -7.12
N PRO IA 168 -98.30 28.79 -8.16
CA PRO IA 168 -98.17 28.25 -9.53
C PRO IA 168 -96.83 27.59 -9.78
N GLU IA 169 -95.75 28.08 -9.15
CA GLU IA 169 -94.45 27.44 -9.33
C GLU IA 169 -94.42 26.05 -8.70
N THR IA 170 -94.96 25.89 -7.49
CA THR IA 170 -95.08 24.56 -6.90
C THR IA 170 -95.96 23.65 -7.75
N ALA IA 171 -97.06 24.19 -8.28
CA ALA IA 171 -97.93 23.41 -9.14
C ALA IA 171 -97.20 22.90 -10.38
N ALA IA 172 -96.47 23.78 -11.06
CA ALA IA 172 -95.70 23.37 -12.23
C ALA IA 172 -94.58 22.40 -11.88
N ALA IA 173 -93.94 22.58 -10.73
CA ALA IA 173 -92.89 21.66 -10.31
C ALA IA 173 -93.43 20.26 -10.06
N LEU IA 174 -94.52 20.16 -9.30
CA LEU IA 174 -95.16 18.87 -9.11
C LEU IA 174 -95.67 18.28 -10.42
N LYS IA 175 -96.17 19.12 -11.32
CA LYS IA 175 -96.65 18.64 -12.61
C LYS IA 175 -95.51 18.00 -13.40
N ARG IA 176 -94.37 18.68 -13.51
CA ARG IA 176 -93.26 18.13 -14.28
C ARG IA 176 -92.65 16.92 -13.58
N THR IA 177 -92.63 16.90 -12.25
CA THR IA 177 -92.10 15.73 -11.55
C THR IA 177 -92.97 14.50 -11.79
N LEU IA 178 -94.29 14.66 -11.66
CA LEU IA 178 -95.18 13.53 -11.92
C LEU IA 178 -95.16 13.14 -13.40
N GLU IA 179 -94.96 14.11 -14.29
CA GLU IA 179 -94.84 13.78 -15.71
C GLU IA 179 -93.60 12.95 -15.97
N ALA IA 180 -92.47 13.31 -15.34
CA ALA IA 180 -91.26 12.51 -15.49
C ALA IA 180 -91.45 11.11 -14.90
N LEU IA 181 -92.11 11.02 -13.75
CA LEU IA 181 -92.33 9.71 -13.14
C LEU IA 181 -93.27 8.85 -13.97
N MET IA 182 -94.22 9.46 -14.67
CA MET IA 182 -95.10 8.70 -15.56
C MET IA 182 -94.39 8.31 -16.85
N ASP IA 183 -93.46 9.15 -17.32
CA ASP IA 183 -92.69 8.78 -18.50
C ASP IA 183 -91.69 7.66 -18.20
N ARG IA 184 -91.19 7.60 -16.97
CA ARG IA 184 -90.23 6.56 -16.58
C ARG IA 184 -90.89 5.21 -16.35
N GLY IA 185 -92.20 5.09 -16.57
CA GLY IA 185 -92.88 3.82 -16.45
C GLY IA 185 -93.52 3.53 -15.12
N ALA IA 186 -94.10 4.52 -14.45
CA ALA IA 186 -94.72 4.34 -13.15
C ALA IA 186 -96.05 5.07 -13.12
N VAL IA 187 -97.04 4.45 -12.47
CA VAL IA 187 -98.36 5.04 -12.31
C VAL IA 187 -98.47 5.60 -10.89
N VAL IA 188 -98.84 6.87 -10.78
CA VAL IA 188 -98.91 7.54 -9.50
C VAL IA 188 -100.24 7.21 -8.83
N ARG IA 189 -100.18 6.68 -7.61
CA ARG IA 189 -101.40 6.36 -6.87
C ARG IA 189 -102.04 7.61 -6.30
N ASN IA 190 -101.30 8.34 -5.45
CA ASN IA 190 -101.81 9.55 -4.82
C ASN IA 190 -100.65 10.52 -4.60
N LEU IA 191 -100.98 11.70 -4.08
CA LEU IA 191 -100.00 12.73 -3.77
C LEU IA 191 -100.49 13.48 -2.53
N GLU IA 192 -99.61 13.64 -1.54
CA GLU IA 192 -99.98 14.24 -0.26
C GLU IA 192 -98.99 15.34 0.09
N ASN IA 193 -99.50 16.55 0.29
CA ASN IA 193 -98.67 17.67 0.71
C ASN IA 193 -98.63 17.74 2.23
N LEU IA 194 -97.44 17.62 2.81
CA LEU IA 194 -97.27 17.67 4.25
C LEU IA 194 -97.13 19.09 4.79
N GLY IA 195 -97.36 20.09 3.96
CA GLY IA 195 -97.29 21.47 4.38
C GLY IA 195 -95.88 22.03 4.35
N GLU IA 196 -95.79 23.35 4.23
CA GLU IA 196 -94.51 24.05 4.21
C GLU IA 196 -94.06 24.29 5.63
N ARG IA 197 -93.11 23.49 6.10
CA ARG IA 197 -92.59 23.58 7.45
C ARG IA 197 -91.16 24.12 7.43
N MET IA 198 -90.64 24.40 8.62
CA MET IA 198 -89.26 24.87 8.75
C MET IA 198 -88.32 23.68 8.69
N LEU IA 199 -87.24 23.82 7.91
CA LEU IA 199 -86.26 22.75 7.81
C LEU IA 199 -85.55 22.57 9.15
N PRO IA 200 -85.32 21.33 9.57
CA PRO IA 200 -84.57 21.12 10.82
C PRO IA 200 -83.16 21.67 10.77
N TYR IA 201 -82.57 21.78 9.58
CA TYR IA 201 -81.23 22.32 9.43
C TYR IA 201 -81.15 22.99 8.06
N LYS IA 202 -80.24 23.96 7.97
CA LYS IA 202 -80.05 24.70 6.72
C LYS IA 202 -79.41 23.80 5.68
N ILE IA 203 -80.16 23.45 4.64
CA ILE IA 203 -79.68 22.56 3.59
C ILE IA 203 -79.05 23.39 2.49
N SER IA 204 -77.87 22.97 2.03
CA SER IA 204 -77.17 23.63 0.93
C SER IA 204 -77.22 22.70 -0.28
N ALA IA 205 -77.97 23.10 -1.30
CA ALA IA 205 -78.11 22.30 -2.51
C ALA IA 205 -78.28 23.22 -3.70
N HIS IA 206 -77.69 22.82 -4.83
CA HIS IA 206 -77.72 23.61 -6.06
C HIS IA 206 -77.19 25.02 -5.84
N ASN IA 207 -76.14 25.13 -5.01
CA ASN IA 207 -75.53 26.41 -4.68
C ASN IA 207 -76.55 27.38 -4.07
N GLN IA 208 -77.42 26.85 -3.21
CA GLN IA 208 -78.45 27.64 -2.56
C GLN IA 208 -78.59 27.21 -1.11
N ARG IA 209 -78.68 28.20 -0.22
CA ARG IA 209 -78.85 27.94 1.22
C ARG IA 209 -80.34 27.91 1.52
N HIS IA 210 -80.88 26.71 1.69
CA HIS IA 210 -82.31 26.52 1.92
C HIS IA 210 -82.59 26.49 3.41
N SER IA 211 -83.50 27.35 3.86
CA SER IA 211 -83.92 27.39 5.25
C SER IA 211 -85.30 26.79 5.47
N ARG IA 212 -86.18 26.89 4.49
CA ARG IA 212 -87.51 26.28 4.54
C ARG IA 212 -87.66 25.33 3.36
N GLY IA 213 -88.77 24.61 3.34
CA GLY IA 213 -89.03 23.66 2.26
C GLY IA 213 -90.37 22.97 2.35
N GLY IA 214 -91.00 22.73 1.19
CA GLY IA 214 -92.28 22.06 1.15
C GLY IA 214 -92.09 20.55 1.01
N TYR IA 215 -92.81 19.81 1.84
CA TYR IA 215 -92.70 18.35 1.86
C TYR IA 215 -93.86 17.72 1.09
N PHE IA 216 -93.51 16.77 0.23
CA PHE IA 216 -94.50 16.07 -0.57
C PHE IA 216 -94.25 14.57 -0.51
N LEU IA 217 -95.33 13.80 -0.53
CA LEU IA 217 -95.30 12.35 -0.37
C LEU IA 217 -96.00 11.75 -1.58
N VAL IA 218 -95.27 11.00 -2.39
CA VAL IA 218 -95.79 10.40 -3.61
C VAL IA 218 -95.71 8.90 -3.47
N ASP IA 219 -96.87 8.25 -3.32
CA ASP IA 219 -96.95 6.80 -3.27
C ASP IA 219 -97.32 6.27 -4.65
N PHE IA 220 -96.58 5.27 -5.12
CA PHE IA 220 -96.80 4.76 -6.46
C PHE IA 220 -96.22 3.36 -6.59
N TYR IA 221 -96.42 2.79 -7.78
CA TYR IA 221 -95.84 1.51 -8.16
C TYR IA 221 -94.85 1.74 -9.31
N ALA IA 222 -93.66 1.19 -9.18
CA ALA IA 222 -92.62 1.37 -10.18
C ALA IA 222 -91.76 0.12 -10.25
N PRO IA 223 -91.21 -0.19 -11.42
CA PRO IA 223 -90.30 -1.34 -11.53
C PRO IA 223 -88.95 -1.02 -10.88
N ALA IA 224 -88.21 -2.09 -10.59
CA ALA IA 224 -86.92 -1.94 -9.94
C ALA IA 224 -85.85 -1.38 -10.85
N THR IA 225 -86.16 -1.15 -12.13
CA THR IA 225 -85.16 -0.70 -13.09
C THR IA 225 -85.14 0.82 -13.28
N THR IA 226 -86.11 1.54 -12.71
CA THR IA 226 -86.21 2.98 -12.91
C THR IA 226 -85.96 3.77 -11.63
N VAL IA 227 -85.66 3.09 -10.52
CA VAL IA 227 -85.44 3.79 -9.26
C VAL IA 227 -84.22 4.70 -9.34
N GLU IA 228 -83.14 4.21 -9.96
CA GLU IA 228 -81.96 5.04 -10.13
C GLU IA 228 -82.17 6.14 -11.17
N SER IA 229 -82.94 5.88 -12.22
CA SER IA 229 -83.19 6.91 -13.23
C SER IA 229 -84.01 8.06 -12.65
N MET IA 230 -85.04 7.73 -11.87
CA MET IA 230 -85.83 8.79 -11.22
C MET IA 230 -84.98 9.59 -10.25
N MET IA 231 -84.10 8.94 -9.49
CA MET IA 231 -83.24 9.66 -8.57
C MET IA 231 -82.25 10.56 -9.31
N GLU IA 232 -81.70 10.08 -10.43
CA GLU IA 232 -80.81 10.92 -11.24
C GLU IA 232 -81.54 12.10 -11.84
N HIS IA 233 -82.81 11.92 -12.22
CA HIS IA 233 -83.58 13.04 -12.76
C HIS IA 233 -83.90 14.06 -11.67
N LEU IA 234 -84.25 13.58 -10.47
CA LEU IA 234 -84.59 14.49 -9.38
C LEU IA 234 -83.38 15.18 -8.78
N SER IA 235 -82.19 14.59 -8.91
CA SER IA 235 -81.01 15.19 -8.29
C SER IA 235 -80.60 16.48 -9.01
N ARG IA 236 -80.74 16.52 -10.33
CA ARG IA 236 -80.30 17.67 -11.12
C ARG IA 236 -81.33 18.80 -11.14
N ASP IA 237 -82.44 18.66 -10.44
CA ASP IA 237 -83.47 19.69 -10.42
C ASP IA 237 -83.15 20.70 -9.32
N ILE IA 238 -83.03 21.98 -9.68
CA ILE IA 238 -82.68 23.01 -8.72
C ILE IA 238 -83.82 23.34 -7.77
N ASP IA 239 -85.07 23.07 -8.17
CA ASP IA 239 -86.22 23.27 -7.30
C ASP IA 239 -86.42 22.14 -6.31
N VAL IA 240 -85.65 21.06 -6.43
CA VAL IA 240 -85.71 19.94 -5.51
C VAL IA 240 -84.53 20.06 -4.54
N ILE IA 241 -84.83 20.13 -3.25
CA ILE IA 241 -83.78 20.31 -2.25
C ILE IA 241 -83.13 18.97 -1.93
N ARG IA 242 -83.93 17.98 -1.53
CA ARG IA 242 -83.41 16.66 -1.17
C ARG IA 242 -84.48 15.62 -1.46
N PRO IA 243 -84.38 14.91 -2.58
CA PRO IA 243 -85.34 13.85 -2.89
C PRO IA 243 -84.93 12.52 -2.28
N ASN IA 244 -85.93 11.72 -1.93
CA ASN IA 244 -85.66 10.41 -1.33
C ASN IA 244 -86.65 9.40 -1.89
N ILE IA 245 -86.15 8.24 -2.30
CA ILE IA 245 -86.96 7.16 -2.85
C ILE IA 245 -86.80 5.96 -1.93
N VAL IA 246 -87.85 5.61 -1.19
CA VAL IA 246 -87.81 4.54 -0.22
C VAL IA 246 -88.96 3.57 -0.51
N LYS IA 247 -89.04 2.52 0.30
CA LYS IA 247 -90.19 1.63 0.25
C LYS IA 247 -91.32 2.20 1.10
N HIS IA 248 -92.55 1.96 0.67
CA HIS IA 248 -93.70 2.47 1.40
C HIS IA 248 -93.89 1.68 2.70
N PRO IA 249 -94.12 2.37 3.82
CA PRO IA 249 -94.22 1.67 5.10
C PRO IA 249 -95.46 0.79 5.24
N LEU IA 250 -96.35 0.75 4.26
CA LEU IA 250 -97.53 -0.10 4.34
C LEU IA 250 -97.31 -1.51 3.81
N THR IA 251 -96.32 -1.70 2.94
CA THR IA 251 -96.06 -3.04 2.41
C THR IA 251 -95.46 -3.96 3.46
N GLN IA 252 -94.87 -3.42 4.52
CA GLN IA 252 -94.41 -4.22 5.65
C GLN IA 252 -95.59 -4.40 6.59
N GLU IA 253 -96.20 -5.58 6.56
CA GLU IA 253 -97.34 -5.86 7.42
C GLU IA 253 -96.93 -5.76 8.89
N VAL IA 254 -97.81 -5.16 9.69
CA VAL IA 254 -97.54 -4.93 11.11
C VAL IA 254 -97.65 -6.28 11.82
N LYS IA 255 -96.50 -6.90 12.08
CA LYS IA 255 -96.49 -8.18 12.77
C LYS IA 255 -96.96 -8.02 14.21
N GLU IA 256 -97.32 -9.14 14.82
CA GLU IA 256 -97.87 -9.13 16.18
C GLU IA 256 -96.78 -8.78 17.18
N CYS IA 257 -96.88 -7.59 17.77
CA CYS IA 257 -95.99 -7.19 18.86
C CYS IA 257 -96.39 -8.00 20.09
N GLU IA 258 -95.67 -9.11 20.33
CA GLU IA 258 -96.09 -10.04 21.36
C GLU IA 258 -96.11 -9.40 22.74
N GLY IA 259 -95.08 -8.62 23.05
CA GLY IA 259 -94.98 -7.96 24.34
C GLY IA 259 -93.67 -8.28 25.02
N ILE IA 260 -93.52 -7.76 26.23
CA ILE IA 260 -92.30 -7.95 27.01
C ILE IA 260 -92.32 -9.37 27.56
N VAL IA 261 -91.63 -10.28 26.88
CA VAL IA 261 -91.53 -11.66 27.31
C VAL IA 261 -90.62 -11.72 28.53
N PRO IA 262 -91.08 -12.22 29.68
CA PRO IA 262 -90.24 -12.25 30.89
C PRO IA 262 -89.07 -13.20 30.71
N VAL IA 263 -87.87 -12.64 30.70
CA VAL IA 263 -86.63 -13.40 30.56
C VAL IA 263 -86.03 -13.63 31.93
N PRO IA 264 -85.82 -14.87 32.35
CA PRO IA 264 -85.25 -15.12 33.68
C PRO IA 264 -83.75 -14.89 33.70
N LEU IA 265 -83.19 -14.93 34.91
CA LEU IA 265 -81.76 -14.79 35.08
C LEU IA 265 -81.07 -16.09 34.70
N GLU IA 266 -80.06 -16.00 33.83
CA GLU IA 266 -79.40 -17.20 33.34
C GLU IA 266 -78.62 -17.88 34.46
N GLU IA 267 -78.76 -19.19 34.55
CA GLU IA 267 -78.10 -20.00 35.56
C GLU IA 267 -77.16 -21.00 34.89
N LYS IA 268 -76.52 -21.84 35.71
CA LYS IA 268 -75.61 -22.88 35.23
C LYS IA 268 -74.43 -22.27 34.46
N LEU IA 269 -73.99 -21.10 34.90
CA LEU IA 269 -72.85 -20.43 34.28
C LEU IA 269 -71.53 -20.75 34.95
N TYR IA 270 -71.55 -21.32 36.16
CA TYR IA 270 -70.33 -21.67 36.88
C TYR IA 270 -70.52 -23.01 37.55
N SER IA 271 -69.40 -23.65 37.90
CA SER IA 271 -69.43 -24.96 38.52
C SER IA 271 -69.97 -24.87 39.94
N THR IA 272 -70.13 -26.03 40.57
CA THR IA 272 -70.63 -26.14 41.94
C THR IA 272 -69.51 -26.27 42.95
N LYS IA 273 -68.32 -25.79 42.62
CA LYS IA 273 -67.18 -25.91 43.52
C LYS IA 273 -67.35 -24.99 44.72
N LYS IA 274 -66.94 -25.48 45.89
CA LYS IA 274 -67.01 -24.69 47.11
C LYS IA 274 -65.88 -23.68 47.13
N ARG IA 275 -66.21 -22.40 47.28
CA ARG IA 275 -65.22 -21.34 47.28
C ARG IA 275 -64.39 -21.35 48.57
N SER JA 35 -53.24 13.78 85.39
CA SER JA 35 -53.57 12.41 85.03
C SER JA 35 -53.88 11.59 86.27
N ARG JA 36 -53.56 12.15 87.45
CA ARG JA 36 -53.80 11.43 88.69
C ARG JA 36 -55.28 11.31 89.01
N TYR JA 37 -56.13 12.12 88.37
CA TYR JA 37 -57.58 12.01 88.53
C TYR JA 37 -58.12 11.03 87.51
N GLY JA 38 -58.72 9.94 87.99
CA GLY JA 38 -59.26 8.94 87.12
C GLY JA 38 -60.53 9.42 86.43
N PRO JA 39 -61.12 8.54 85.62
CA PRO JA 39 -62.33 8.91 84.88
C PRO JA 39 -63.53 9.15 85.78
N GLU JA 40 -63.55 8.61 86.99
CA GLU JA 40 -64.66 8.81 87.90
C GLU JA 40 -64.63 10.16 88.62
N TYR JA 41 -63.58 10.95 88.43
CA TYR JA 41 -63.49 12.27 89.05
C TYR JA 41 -64.12 13.32 88.16
N LYS JA 42 -65.03 14.11 88.73
CA LYS JA 42 -65.70 15.18 88.03
C LYS JA 42 -65.14 16.54 88.47
N ASP JA 43 -65.63 17.59 87.83
CA ASP JA 43 -65.17 18.94 88.14
C ASP JA 43 -65.87 19.46 89.39
N PRO JA 44 -65.17 20.24 90.21
CA PRO JA 44 -65.80 20.80 91.42
C PRO JA 44 -66.83 21.87 91.06
N GLN JA 45 -67.57 22.30 92.09
CA GLN JA 45 -68.56 23.36 91.96
C GLN JA 45 -68.31 24.38 93.05
N ILE JA 46 -67.79 25.55 92.68
CA ILE JA 46 -67.39 26.55 93.65
C ILE JA 46 -68.50 27.53 93.99
N ASP JA 47 -69.53 27.65 93.15
CA ASP JA 47 -70.59 28.61 93.38
C ASP JA 47 -71.33 28.30 94.68
N LYS JA 48 -71.26 29.23 95.63
CA LYS JA 48 -71.96 29.06 96.90
C LYS JA 48 -73.47 29.24 96.75
N GLU JA 49 -73.89 30.17 95.91
CA GLU JA 49 -75.31 30.41 95.70
C GLU JA 49 -75.99 29.21 95.06
N TYR JA 50 -75.25 28.38 94.33
CA TYR JA 50 -75.82 27.17 93.74
C TYR JA 50 -76.37 26.24 94.82
N TYR JA 51 -75.79 26.26 96.02
CA TYR JA 51 -76.23 25.42 97.11
C TYR JA 51 -77.01 26.18 98.17
N ARG JA 52 -76.84 27.50 98.26
CA ARG JA 52 -77.53 28.28 99.30
C ARG JA 52 -79.03 28.38 99.07
N LYS JA 53 -79.56 27.84 97.97
CA LYS JA 53 -81.00 27.79 97.73
C LYS JA 53 -81.34 26.45 97.09
N PRO JA 54 -81.40 25.39 97.90
CA PRO JA 54 -81.70 24.07 97.35
C PRO JA 54 -83.20 23.81 97.21
N LEU JA 55 -84.01 24.54 97.99
CA LEU JA 55 -85.45 24.36 97.99
C LEU JA 55 -86.16 25.22 96.95
N ALA JA 56 -85.53 26.28 96.46
CA ALA JA 56 -86.16 27.20 95.52
C ALA JA 56 -86.40 26.58 94.15
N GLU JA 57 -86.01 25.33 93.92
CA GLU JA 57 -86.20 24.69 92.63
C GLU JA 57 -86.15 23.18 92.80
N GLN JA 58 -86.75 22.48 91.82
CA GLN JA 58 -86.78 21.03 91.81
C GLN JA 58 -85.94 20.42 90.70
N THR JA 59 -85.86 21.06 89.54
CA THR JA 59 -85.08 20.50 88.44
C THR JA 59 -83.59 20.44 88.78
N GLU JA 60 -83.07 21.50 89.42
CA GLU JA 60 -81.68 21.48 89.87
C GLU JA 60 -81.50 20.58 91.07
N GLU JA 61 -82.52 20.43 91.91
CA GLU JA 61 -82.44 19.51 93.04
C GLU JA 61 -82.34 18.07 92.59
N GLU JA 62 -83.01 17.73 91.48
CA GLU JA 62 -83.02 16.35 91.01
C GLU JA 62 -81.63 15.83 90.68
N LYS JA 63 -80.75 16.68 90.15
CA LYS JA 63 -79.39 16.24 89.83
C LYS JA 63 -78.46 16.35 91.02
N TYR JA 64 -78.68 17.36 91.89
CA TYR JA 64 -77.81 17.52 93.04
C TYR JA 64 -78.09 16.49 94.12
N GLU JA 65 -79.28 15.88 94.14
CA GLU JA 65 -79.55 14.84 95.12
C GLU JA 65 -78.94 13.50 94.71
N ARG JA 66 -78.53 13.36 93.45
CA ARG JA 66 -77.88 12.14 93.00
C ARG JA 66 -76.38 12.30 92.75
N ASP JA 67 -75.91 13.55 92.55
CA ASP JA 67 -74.50 13.77 92.29
C ASP JA 67 -73.63 13.18 93.40
N PHE JA 68 -74.08 13.27 94.65
CA PHE JA 68 -73.34 12.69 95.76
C PHE JA 68 -73.79 11.29 96.11
N LYS JA 69 -75.07 10.97 95.88
CA LYS JA 69 -75.57 9.63 96.17
C LYS JA 69 -74.97 8.57 95.24
N LYS JA 70 -74.52 8.97 94.06
CA LYS JA 70 -73.75 8.08 93.20
C LYS JA 70 -72.32 7.89 93.70
N THR JA 71 -71.97 8.52 94.82
CA THR JA 71 -70.63 8.44 95.40
C THR JA 71 -69.57 8.86 94.38
N GLN JA 72 -69.87 9.93 93.65
CA GLN JA 72 -68.96 10.44 92.63
C GLN JA 72 -67.80 11.18 93.28
N LEU JA 73 -66.58 10.81 92.87
CA LEU JA 73 -65.38 11.48 93.35
C LEU JA 73 -65.23 12.82 92.65
N ILE JA 74 -64.75 13.81 93.39
CA ILE JA 74 -64.59 15.17 92.89
C ILE JA 74 -63.13 15.57 93.00
N LYS JA 75 -62.62 16.24 91.97
CA LYS JA 75 -61.24 16.70 91.98
C LYS JA 75 -61.04 17.79 93.04
N ALA JA 76 -59.78 18.05 93.35
CA ALA JA 76 -59.45 19.08 94.33
C ALA JA 76 -59.65 20.47 93.73
N ALA JA 77 -60.04 21.41 94.59
CA ALA JA 77 -60.25 22.77 94.14
C ALA JA 77 -58.92 23.39 93.74
N PRO JA 78 -58.85 24.07 92.59
CA PRO JA 78 -57.57 24.64 92.15
C PRO JA 78 -57.14 25.79 93.05
N ALA JA 79 -55.82 25.99 93.12
CA ALA JA 79 -55.27 27.04 93.97
C ALA JA 79 -55.52 28.43 93.41
N THR JA 80 -55.80 28.54 92.11
CA THR JA 80 -56.02 29.85 91.50
C THR JA 80 -57.48 30.29 91.54
N LYS JA 81 -58.40 29.36 91.75
CA LYS JA 81 -59.83 29.66 91.75
C LYS JA 81 -60.40 29.47 93.16
N THR JA 82 -61.11 30.48 93.65
CA THR JA 82 -61.77 30.40 94.94
C THR JA 82 -63.21 30.86 94.82
N SER JA 83 -63.89 31.05 95.95
CA SER JA 83 -65.26 31.53 95.97
C SER JA 83 -65.35 33.05 96.13
N SER JA 84 -64.25 33.77 95.89
CA SER JA 84 -64.26 35.21 96.06
C SER JA 84 -65.16 35.88 95.03
N VAL JA 85 -65.92 36.89 95.49
CA VAL JA 85 -66.83 37.60 94.61
C VAL JA 85 -66.15 38.70 93.80
N PHE JA 86 -64.90 39.03 94.10
CA PHE JA 86 -64.18 40.07 93.39
C PHE JA 86 -63.31 39.54 92.26
N GLU JA 87 -63.14 38.23 92.16
CA GLU JA 87 -62.36 37.62 91.10
C GLU JA 87 -63.27 37.14 89.98
N ASP JA 88 -62.73 37.07 88.77
CA ASP JA 88 -63.50 36.68 87.60
C ASP JA 88 -62.73 35.64 86.79
N PRO JA 89 -63.43 34.67 86.21
CA PRO JA 89 -62.74 33.69 85.37
C PRO JA 89 -62.10 34.30 84.14
N VAL JA 90 -62.69 35.37 83.59
CA VAL JA 90 -62.06 36.05 82.47
C VAL JA 90 -60.74 36.68 82.88
N ILE JA 91 -60.71 37.32 84.06
CA ILE JA 91 -59.47 37.89 84.56
C ILE JA 91 -58.45 36.78 84.82
N SER JA 92 -58.92 35.63 85.34
CA SER JA 92 -58.01 34.52 85.58
C SER JA 92 -57.40 34.00 84.28
N LYS JA 93 -58.24 33.84 83.25
CA LYS JA 93 -57.73 33.38 81.95
C LYS JA 93 -56.75 34.38 81.36
N PHE JA 94 -57.04 35.68 81.46
CA PHE JA 94 -56.13 36.67 80.91
C PHE JA 94 -54.81 36.71 81.68
N THR JA 95 -54.86 36.57 83.00
CA THR JA 95 -53.62 36.51 83.78
C THR JA 95 -52.82 35.26 83.44
N ASN JA 96 -53.49 34.13 83.22
CA ASN JA 96 -52.79 32.91 82.85
C ASN JA 96 -52.14 33.04 81.47
N MET JA 97 -52.84 33.68 80.53
CA MET JA 97 -52.26 33.89 79.20
C MET JA 97 -51.13 34.92 79.23
N MET JA 98 -51.16 35.87 80.16
CA MET JA 98 -50.10 36.86 80.29
C MET JA 98 -48.89 36.32 81.01
N MET JA 99 -49.08 35.36 81.92
CA MET JA 99 -47.97 34.84 82.73
C MET JA 99 -46.95 34.13 81.85
N LYS JA 100 -45.68 34.49 82.02
CA LYS JA 100 -44.57 33.84 81.34
C LYS JA 100 -43.93 32.85 82.30
N GLY JA 101 -43.73 31.62 81.83
CA GLY JA 101 -43.13 30.60 82.66
C GLY JA 101 -44.03 30.12 83.78
N GLY JA 102 -43.62 30.36 85.02
CA GLY JA 102 -44.38 29.92 86.17
C GLY JA 102 -44.45 30.96 87.28
N ASN JA 103 -43.89 32.13 87.03
CA ASN JA 103 -43.90 33.22 88.01
C ASN JA 103 -45.30 33.84 88.02
N LYS JA 104 -46.13 33.41 88.98
CA LYS JA 104 -47.51 33.84 89.03
C LYS JA 104 -47.68 35.22 89.66
N VAL JA 105 -46.87 35.53 90.68
CA VAL JA 105 -47.02 36.81 91.36
C VAL JA 105 -46.66 37.97 90.45
N LEU JA 106 -45.75 37.75 89.49
CA LEU JA 106 -45.41 38.81 88.55
C LEU JA 106 -46.60 39.17 87.67
N ALA JA 107 -47.28 38.16 87.11
CA ALA JA 107 -48.46 38.42 86.31
C ALA JA 107 -49.57 39.02 87.16
N ARG JA 108 -49.70 38.57 88.41
CA ARG JA 108 -50.72 39.12 89.30
C ARG JA 108 -50.48 40.61 89.55
N SER JA 109 -49.23 40.98 89.83
CA SER JA 109 -48.89 42.38 90.06
C SER JA 109 -49.06 43.20 88.79
N LEU JA 110 -48.73 42.63 87.64
CA LEU JA 110 -48.95 43.34 86.37
C LEU JA 110 -50.42 43.62 86.15
N MET JA 111 -51.28 42.62 86.41
CA MET JA 111 -52.72 42.83 86.27
C MET JA 111 -53.23 43.86 87.26
N THR JA 112 -52.73 43.81 88.50
CA THR JA 112 -53.15 44.79 89.50
C THR JA 112 -52.78 46.20 89.08
N GLN JA 113 -51.53 46.39 88.61
CA GLN JA 113 -51.11 47.71 88.15
C GLN JA 113 -51.89 48.15 86.92
N THR JA 114 -52.23 47.22 86.04
CA THR JA 114 -53.03 47.58 84.87
C THR JA 114 -54.41 48.07 85.28
N LEU JA 115 -55.08 47.33 86.16
CA LEU JA 115 -56.40 47.75 86.63
C LEU JA 115 -56.32 49.10 87.36
N GLU JA 116 -55.27 49.29 88.16
CA GLU JA 116 -55.13 50.54 88.89
C GLU JA 116 -54.90 51.71 87.94
N ALA JA 117 -54.06 51.52 86.92
CA ALA JA 117 -53.82 52.58 85.94
C ALA JA 117 -55.08 52.90 85.15
N VAL JA 118 -55.84 51.88 84.76
CA VAL JA 118 -57.10 52.11 84.06
C VAL JA 118 -58.05 52.91 84.93
N LYS JA 119 -58.20 52.51 86.19
CA LYS JA 119 -59.11 53.20 87.09
C LYS JA 119 -58.68 54.65 87.30
N ARG JA 120 -57.38 54.89 87.49
CA ARG JA 120 -56.92 56.25 87.73
C ARG JA 120 -57.02 57.13 86.49
N LYS JA 121 -56.75 56.59 85.30
CA LYS JA 121 -56.94 57.38 84.09
C LYS JA 121 -58.41 57.70 83.85
N GLN JA 122 -59.30 56.74 84.12
CA GLN JA 122 -60.73 57.02 83.99
C GLN JA 122 -61.20 58.03 85.02
N PHE JA 123 -60.65 58.00 86.24
CA PHE JA 123 -60.99 59.00 87.24
C PHE JA 123 -60.48 60.38 86.83
N ALA JA 124 -59.30 60.44 86.24
CA ALA JA 124 -58.79 61.72 85.74
C ALA JA 124 -59.69 62.26 84.62
N LYS JA 125 -60.09 61.39 83.69
CA LYS JA 125 -60.99 61.81 82.63
C LYS JA 125 -62.36 62.20 83.16
N TYR JA 126 -62.77 61.60 84.28
CA TYR JA 126 -64.06 61.93 84.88
C TYR JA 126 -64.01 63.29 85.58
N HIS JA 127 -62.91 63.57 86.29
CA HIS JA 127 -62.76 64.84 86.98
C HIS JA 127 -62.36 65.97 86.06
N ALA JA 128 -61.85 65.68 84.86
CA ALA JA 128 -61.55 66.70 83.88
C ALA JA 128 -62.69 66.93 82.90
N ALA JA 129 -63.80 66.21 83.05
CA ALA JA 129 -64.97 66.36 82.19
C ALA JA 129 -66.01 67.22 82.89
N SER JA 130 -67.13 67.45 82.20
CA SER JA 130 -68.24 68.21 82.73
C SER JA 130 -69.32 67.25 83.24
N ALA JA 131 -70.39 67.83 83.80
CA ALA JA 131 -71.47 67.02 84.35
C ALA JA 131 -72.22 66.23 83.29
N GLU JA 132 -72.17 66.66 82.02
CA GLU JA 132 -72.82 65.90 80.96
C GLU JA 132 -72.03 64.65 80.60
N GLU JA 133 -70.70 64.75 80.55
CA GLU JA 133 -69.86 63.59 80.27
C GLU JA 133 -69.70 62.68 81.48
N GLN JA 134 -70.02 63.16 82.69
CA GLN JA 134 -69.95 62.32 83.86
C GLN JA 134 -71.02 61.24 83.84
N ALA JA 135 -72.15 61.49 83.18
CA ALA JA 135 -73.23 60.51 83.06
C ALA JA 135 -72.99 59.52 81.94
N THR JA 136 -71.88 59.61 81.22
CA THR JA 136 -71.56 58.69 80.13
C THR JA 136 -70.23 57.99 80.32
N ILE JA 137 -69.24 58.65 80.90
CA ILE JA 137 -67.92 58.04 81.10
C ILE JA 137 -68.01 57.04 82.25
N GLU JA 138 -67.65 55.79 81.97
CA GLU JA 138 -67.65 54.74 82.98
C GLU JA 138 -66.31 54.72 83.71
N ARG JA 139 -66.31 54.10 84.89
CA ARG JA 139 -65.12 53.95 85.70
C ARG JA 139 -64.84 52.51 86.13
N ASN JA 140 -65.72 51.57 85.77
CA ASN JA 140 -65.55 50.19 86.20
C ASN JA 140 -64.47 49.50 85.36
N PRO JA 141 -63.34 49.13 85.98
CA PRO JA 141 -62.28 48.48 85.20
C PRO JA 141 -62.69 47.14 84.64
N TYR JA 142 -63.42 46.33 85.42
CA TYR JA 142 -63.89 45.05 84.91
C TYR JA 142 -64.82 45.23 83.72
N THR JA 143 -65.72 46.21 83.79
CA THR JA 143 -66.64 46.46 82.68
C THR JA 143 -65.89 46.94 81.45
N ILE JA 144 -64.93 47.85 81.62
CA ILE JA 144 -64.15 48.34 80.48
C ILE JA 144 -63.37 47.19 79.85
N PHE JA 145 -62.77 46.34 80.68
CA PHE JA 145 -61.99 45.22 80.16
C PHE JA 145 -62.86 44.23 79.41
N HIS JA 146 -64.03 43.89 79.96
CA HIS JA 146 -64.92 42.94 79.30
C HIS JA 146 -65.48 43.51 78.01
N GLN JA 147 -65.81 44.81 77.99
CA GLN JA 147 -66.30 45.42 76.77
C GLN JA 147 -65.20 45.48 75.71
N ALA JA 148 -63.97 45.75 76.12
CA ALA JA 148 -62.85 45.73 75.17
C ALA JA 148 -62.65 44.35 74.58
N LEU JA 149 -62.75 43.31 75.42
CA LEU JA 149 -62.62 41.95 74.92
C LEU JA 149 -63.76 41.60 73.96
N LYS JA 150 -64.99 42.02 74.29
CA LYS JA 150 -66.11 41.75 73.39
C LYS JA 150 -65.95 42.49 72.07
N ASN JA 151 -65.37 43.69 72.09
CA ASN JA 151 -65.15 44.43 70.84
C ASN JA 151 -64.04 43.80 70.02
N CYS JA 152 -62.99 43.29 70.67
CA CYS JA 152 -61.89 42.65 69.98
C CYS JA 152 -62.19 41.20 69.60
N GLU JA 153 -63.29 40.64 70.06
CA GLU JA 153 -63.63 39.26 69.75
C GLU JA 153 -63.99 39.12 68.29
N PRO JA 154 -63.30 38.28 67.51
CA PRO JA 154 -63.63 38.13 66.09
C PRO JA 154 -64.95 37.39 65.92
N VAL JA 155 -65.36 37.30 64.66
CA VAL JA 155 -66.61 36.65 64.28
C VAL JA 155 -66.36 35.38 63.47
N ILE JA 156 -65.52 35.48 62.44
CA ILE JA 156 -65.22 34.36 61.56
C ILE JA 156 -63.72 34.34 61.30
N GLY JA 157 -63.14 33.15 61.24
CA GLY JA 157 -61.71 33.03 61.01
C GLY JA 157 -61.36 32.39 59.69
N LEU JA 158 -60.08 32.12 59.47
CA LEU JA 158 -59.61 31.47 58.26
C LEU JA 158 -58.90 30.17 58.62
N VAL JA 159 -59.19 29.12 57.86
CA VAL JA 159 -58.60 27.80 58.08
C VAL JA 159 -57.88 27.40 56.80
N PRO JA 160 -56.62 26.99 56.87
CA PRO JA 160 -55.92 26.51 55.68
C PRO JA 160 -56.30 25.07 55.36
N ILE JA 161 -56.89 24.86 54.18
CA ILE JA 161 -57.32 23.56 53.72
C ILE JA 161 -56.49 23.18 52.51
N LEU JA 162 -55.94 21.97 52.52
CA LEU JA 162 -55.11 21.47 51.42
C LEU JA 162 -56.01 20.86 50.37
N LYS JA 163 -55.99 21.43 49.16
CA LYS JA 163 -56.79 20.95 48.04
C LYS JA 163 -56.03 21.17 46.76
N GLY JA 164 -55.85 20.11 45.98
CA GLY JA 164 -55.11 20.21 44.73
C GLY JA 164 -53.64 20.52 44.93
N GLY JA 165 -53.07 20.17 46.08
CA GLY JA 165 -51.68 20.45 46.35
C GLY JA 165 -51.40 21.85 46.85
N HIS JA 166 -52.42 22.67 47.10
CA HIS JA 166 -52.23 24.03 47.57
C HIS JA 166 -53.17 24.29 48.74
N PHE JA 167 -52.76 25.23 49.58
CA PHE JA 167 -53.51 25.58 50.79
C PHE JA 167 -54.36 26.80 50.52
N TYR JA 168 -55.67 26.68 50.75
CA TYR JA 168 -56.61 27.77 50.59
C TYR JA 168 -57.16 28.18 51.95
N GLN JA 169 -57.26 29.50 52.17
CA GLN JA 169 -57.74 30.04 53.42
C GLN JA 169 -59.26 30.14 53.34
N VAL JA 170 -59.95 29.12 53.84
CA VAL JA 170 -61.41 29.06 53.79
C VAL JA 170 -61.96 29.81 55.00
N PRO JA 171 -62.96 30.68 54.80
CA PRO JA 171 -63.61 31.34 55.94
C PRO JA 171 -64.49 30.35 56.70
N VAL JA 172 -64.25 30.25 58.01
CA VAL JA 172 -64.92 29.25 58.84
C VAL JA 172 -65.44 29.92 60.11
N PRO JA 173 -66.68 29.64 60.51
CA PRO JA 173 -67.17 30.13 61.80
C PRO JA 173 -66.42 29.48 62.95
N LEU JA 174 -65.98 30.31 63.90
CA LEU JA 174 -65.20 29.84 65.03
C LEU JA 174 -66.06 29.74 66.27
N ALA JA 175 -65.63 28.90 67.21
CA ALA JA 175 -66.33 28.75 68.47
C ALA JA 175 -66.08 29.96 69.37
N ASP JA 176 -66.91 30.07 70.41
CA ASP JA 176 -66.79 31.20 71.32
C ASP JA 176 -65.45 31.19 72.04
N ARG JA 177 -65.02 30.01 72.50
CA ARG JA 177 -63.72 29.91 73.16
C ARG JA 177 -62.59 30.27 72.21
N ARG JA 178 -62.68 29.81 70.96
CA ARG JA 178 -61.66 30.17 69.96
C ARG JA 178 -61.61 31.68 69.75
N ARG JA 179 -62.78 32.31 69.60
CA ARG JA 179 -62.82 33.75 69.36
C ARG JA 179 -62.25 34.52 70.54
N ARG JA 180 -62.64 34.15 71.76
CA ARG JA 180 -62.12 34.85 72.94
C ARG JA 180 -60.63 34.63 73.10
N PHE JA 181 -60.14 33.42 72.83
CA PHE JA 181 -58.71 33.15 72.93
C PHE JA 181 -57.94 33.99 71.92
N LEU JA 182 -58.43 34.07 70.68
CA LEU JA 182 -57.76 34.90 69.69
C LEU JA 182 -57.78 36.37 70.08
N ALA JA 183 -58.91 36.85 70.59
CA ALA JA 183 -59.01 38.25 70.99
C ALA JA 183 -58.04 38.57 72.11
N MET JA 184 -57.89 37.66 73.07
CA MET JA 184 -56.93 37.90 74.15
C MET JA 184 -55.50 37.82 73.66
N LYS JA 185 -55.20 36.83 72.81
CA LYS JA 185 -53.83 36.63 72.36
C LYS JA 185 -53.35 37.77 71.49
N TRP JA 186 -54.23 38.32 70.64
CA TRP JA 186 -53.84 39.45 69.80
C TRP JA 186 -53.44 40.64 70.66
N MET JA 187 -54.26 40.98 71.65
CA MET JA 187 -53.94 42.11 72.53
C MET JA 187 -52.67 41.86 73.32
N ILE JA 188 -52.48 40.64 73.82
CA ILE JA 188 -51.28 40.34 74.61
C ILE JA 188 -50.04 40.45 73.73
N ALA JA 189 -50.09 39.89 72.52
CA ALA JA 189 -48.94 39.97 71.63
C ALA JA 189 -48.64 41.40 71.22
N GLU JA 190 -49.67 42.21 70.96
CA GLU JA 190 -49.42 43.59 70.58
C GLU JA 190 -48.81 44.36 71.74
N CYS JA 191 -49.34 44.20 72.94
CA CYS JA 191 -48.77 44.88 74.11
C CYS JA 191 -47.38 44.36 74.45
N ARG JA 192 -47.03 43.16 74.00
CA ARG JA 192 -45.68 42.65 74.25
C ARG JA 192 -44.67 43.16 73.24
N GLU JA 193 -45.03 43.19 71.96
CA GLU JA 193 -44.05 43.47 70.91
C GLU JA 193 -44.10 44.89 70.34
N LYS JA 194 -45.27 45.55 70.34
CA LYS JA 194 -45.43 46.85 69.70
C LYS JA 194 -45.34 48.01 70.68
N LYS JA 195 -44.56 47.87 71.76
CA LYS JA 195 -44.37 48.94 72.73
C LYS JA 195 -42.89 49.32 72.79
N HIS JA 196 -42.62 50.41 73.49
CA HIS JA 196 -41.26 50.88 73.69
C HIS JA 196 -40.69 50.30 74.98
N ARG JA 197 -39.37 50.32 75.08
CA ARG JA 197 -38.71 49.79 76.27
C ARG JA 197 -39.01 50.63 77.51
N ARG JA 198 -39.21 51.94 77.33
CA ARG JA 198 -39.52 52.80 78.46
C ARG JA 198 -40.97 52.68 78.91
N VAL JA 199 -41.88 52.27 78.02
CA VAL JA 199 -43.28 52.09 78.38
C VAL JA 199 -43.47 50.71 78.99
N LEU JA 200 -44.13 50.67 80.14
CA LEU JA 200 -44.35 49.41 80.85
C LEU JA 200 -45.59 48.70 80.33
N MET JA 201 -45.68 47.41 80.65
CA MET JA 201 -46.84 46.62 80.23
C MET JA 201 -48.14 47.13 80.83
N PRO JA 202 -48.25 47.44 82.13
CA PRO JA 202 -49.53 47.98 82.62
C PRO JA 202 -49.88 49.32 81.99
N GLU JA 203 -48.90 50.20 81.81
CA GLU JA 203 -49.17 51.50 81.20
C GLU JA 203 -49.65 51.35 79.76
N LYS JA 204 -49.04 50.42 79.02
CA LYS JA 204 -49.45 50.23 77.62
C LYS JA 204 -50.83 49.57 77.54
N LEU JA 205 -51.10 48.61 78.42
CA LEU JA 205 -52.40 47.95 78.40
C LEU JA 205 -53.51 48.88 78.87
N SER JA 206 -53.21 49.82 79.76
CA SER JA 206 -54.21 50.79 80.19
C SER JA 206 -54.68 51.66 79.02
N GLN JA 207 -53.81 51.89 78.04
CA GLN JA 207 -54.20 52.64 76.86
C GLN JA 207 -54.85 51.73 75.82
N GLU JA 208 -54.35 50.49 75.70
CA GLU JA 208 -54.92 49.56 74.74
C GLU JA 208 -56.37 49.22 75.09
N LEU JA 209 -56.68 49.08 76.37
CA LEU JA 209 -58.05 48.78 76.77
C LEU JA 209 -58.98 49.96 76.47
N LEU JA 210 -58.52 51.18 76.72
CA LEU JA 210 -59.33 52.35 76.42
C LEU JA 210 -59.53 52.52 74.91
N GLU JA 211 -58.53 52.15 74.11
CA GLU JA 211 -58.70 52.22 72.66
C GLU JA 211 -59.67 51.14 72.18
N ALA JA 212 -59.57 49.92 72.74
CA ALA JA 212 -60.47 48.86 72.32
C ALA JA 212 -61.90 49.10 72.78
N PHE JA 213 -62.08 49.87 73.87
CA PHE JA 213 -63.42 50.21 74.30
C PHE JA 213 -64.11 51.13 73.30
N HIS JA 214 -63.36 52.05 72.69
CA HIS JA 214 -63.91 52.97 71.70
C HIS JA 214 -63.76 52.48 70.27
N ASN JA 215 -63.16 51.30 70.07
CA ASN JA 215 -63.07 50.66 68.76
C ASN JA 215 -62.24 51.49 67.79
N GLN JA 216 -61.06 51.90 68.24
CA GLN JA 216 -60.14 52.69 67.43
C GLN JA 216 -58.70 52.19 67.55
N GLY JA 217 -58.49 50.98 68.05
CA GLY JA 217 -57.16 50.49 68.32
C GLY JA 217 -56.65 49.51 67.28
N PRO JA 218 -55.36 49.20 67.35
CA PRO JA 218 -54.77 48.23 66.42
C PRO JA 218 -55.37 46.83 66.54
N VAL JA 219 -55.94 46.47 67.68
CA VAL JA 219 -56.61 45.18 67.78
C VAL JA 219 -57.86 45.17 66.91
N ILE JA 220 -58.65 46.25 66.96
CA ILE JA 220 -59.81 46.37 66.08
C ILE JA 220 -59.35 46.44 64.63
N LYS JA 221 -58.20 47.07 64.38
CA LYS JA 221 -57.66 47.10 63.02
C LYS JA 221 -57.34 45.70 62.52
N ARG JA 222 -56.70 44.88 63.37
CA ARG JA 222 -56.36 43.51 62.98
C ARG JA 222 -57.62 42.67 62.80
N LYS JA 223 -58.63 42.88 63.66
CA LYS JA 223 -59.89 42.16 63.49
C LYS JA 223 -60.56 42.52 62.17
N HIS JA 224 -60.56 43.80 61.81
CA HIS JA 224 -61.14 44.21 60.54
C HIS JA 224 -60.33 43.71 59.36
N ASP JA 225 -59.01 43.63 59.49
CA ASP JA 225 -58.20 43.04 58.44
C ASP JA 225 -58.53 41.57 58.25
N MET JA 226 -58.73 40.84 59.36
CA MET JA 226 -59.13 39.45 59.28
C MET JA 226 -60.49 39.31 58.60
N HIS JA 227 -61.43 40.18 58.96
CA HIS JA 227 -62.76 40.13 58.33
C HIS JA 227 -62.68 40.44 56.84
N LYS JA 228 -61.82 41.39 56.45
CA LYS JA 228 -61.68 41.72 55.04
C LYS JA 228 -61.03 40.57 54.28
N MET JA 229 -60.02 39.93 54.86
CA MET JA 229 -59.39 38.79 54.21
C MET JA 229 -60.31 37.59 54.14
N ALA JA 230 -61.26 37.47 55.08
CA ALA JA 230 -62.27 36.42 55.00
C ALA JA 230 -63.33 36.74 53.95
N GLU JA 231 -63.71 38.01 53.83
CA GLU JA 231 -64.67 38.40 52.81
C GLU JA 231 -64.08 38.25 51.41
N ALA JA 232 -62.78 38.47 51.26
CA ALA JA 232 -62.14 38.30 49.96
C ALA JA 232 -62.00 36.84 49.57
N ASN JA 233 -62.12 35.91 50.52
CA ASN JA 233 -62.00 34.49 50.26
C ASN JA 233 -63.31 33.73 50.43
N ARG JA 234 -64.39 34.43 50.79
CA ARG JA 234 -65.70 33.78 50.92
C ARG JA 234 -66.11 32.99 49.69
N ALA JA 235 -65.54 33.31 48.52
CA ALA JA 235 -65.83 32.52 47.33
C ALA JA 235 -65.33 31.09 47.44
N LEU JA 236 -64.39 30.82 48.35
CA LEU JA 236 -63.86 29.49 48.59
C LEU JA 236 -64.59 28.77 49.72
N ALA JA 237 -65.78 29.24 50.09
CA ALA JA 237 -66.51 28.63 51.19
C ALA JA 237 -67.04 27.24 50.84
N HIS JA 238 -67.12 26.90 49.56
CA HIS JA 238 -67.58 25.58 49.16
C HIS JA 238 -66.56 24.49 49.44
N TYR JA 239 -65.36 24.85 49.89
CA TYR JA 239 -64.33 23.86 50.17
C TYR JA 239 -64.46 23.26 51.57
N ARG JA 240 -65.18 23.91 52.47
CA ARG JA 240 -65.34 23.38 53.82
C ARG JA 240 -66.28 22.18 53.79
N TRP JA 241 -66.01 21.22 54.68
CA TRP JA 241 -66.80 20.00 54.77
C TRP JA 241 -67.50 19.83 56.10
N TRP JA 242 -67.42 20.81 57.01
CA TRP JA 242 -68.08 20.71 58.30
C TRP JA 242 -68.97 21.93 58.54
N LEU KA 49 -41.91 -37.71 124.77
CA LEU KA 49 -41.77 -38.21 126.13
C LEU KA 49 -40.33 -38.63 126.40
N HIS KA 50 -39.50 -37.65 126.76
CA HIS KA 50 -38.07 -37.89 127.02
C HIS KA 50 -37.91 -38.38 128.45
N VAL KA 51 -37.57 -39.66 128.61
CA VAL KA 51 -37.45 -40.26 129.93
C VAL KA 51 -36.02 -40.14 130.46
N ASP KA 52 -35.02 -40.35 129.61
CA ASP KA 52 -33.62 -40.32 130.03
C ASP KA 52 -33.12 -38.88 129.96
N VAL KA 53 -33.34 -38.13 131.03
CA VAL KA 53 -32.92 -36.73 131.13
C VAL KA 53 -31.62 -36.67 131.90
N PRO KA 54 -30.61 -35.93 131.43
CA PRO KA 54 -29.36 -35.83 132.18
C PRO KA 54 -29.55 -35.14 133.52
N LYS KA 55 -28.78 -35.58 134.51
CA LYS KA 55 -28.86 -35.06 135.87
C LYS KA 55 -27.62 -34.24 136.18
N ASP KA 56 -27.81 -33.23 137.05
CA ASP KA 56 -26.76 -32.30 137.46
C ASP KA 56 -26.14 -31.61 136.24
N MET KA 57 -26.98 -30.88 135.52
CA MET KA 57 -26.56 -30.15 134.33
C MET KA 57 -26.19 -28.71 134.61
N THR KA 58 -26.39 -28.23 135.84
CA THR KA 58 -26.14 -26.84 136.21
C THR KA 58 -24.81 -26.75 136.93
N LYS KA 59 -23.90 -25.94 136.38
CA LYS KA 59 -22.60 -25.71 137.00
C LYS KA 59 -22.02 -24.39 136.51
N PRO KA 60 -22.52 -23.26 136.97
CA PRO KA 60 -22.00 -21.96 136.54
C PRO KA 60 -20.89 -21.46 137.45
N GLU KA 61 -20.18 -20.44 136.97
CA GLU KA 61 -19.12 -19.78 137.72
C GLU KA 61 -19.49 -18.31 137.85
N ILE KA 62 -20.26 -17.99 138.89
CA ILE KA 62 -20.71 -16.63 139.14
C ILE KA 62 -20.19 -16.20 140.51
N THR KA 63 -19.40 -15.14 140.53
CA THR KA 63 -18.84 -14.60 141.75
C THR KA 63 -19.30 -13.16 141.95
N ILE KA 64 -19.32 -12.71 143.20
CA ILE KA 64 -19.78 -11.38 143.56
C ILE KA 64 -18.55 -10.54 143.88
N SER KA 65 -18.19 -9.63 142.97
CA SER KA 65 -17.07 -8.74 143.19
C SER KA 65 -17.50 -7.54 144.02
N ASP KA 66 -16.55 -7.02 144.80
CA ASP KA 66 -16.83 -5.89 145.68
C ASP KA 66 -16.86 -4.56 144.95
N GLU KA 67 -16.64 -4.54 143.66
CA GLU KA 67 -16.64 -3.28 142.92
C GLU KA 67 -18.06 -2.87 142.57
N PRO KA 68 -18.45 -1.62 142.81
CA PRO KA 68 -19.83 -1.20 142.52
C PRO KA 68 -20.13 -1.25 141.03
N ASP KA 69 -21.26 -1.86 140.69
CA ASP KA 69 -21.65 -2.02 139.30
C ASP KA 69 -21.96 -0.68 138.65
N THR KA 70 -21.68 -0.59 137.36
CA THR KA 70 -21.94 0.63 136.60
C THR KA 70 -23.42 0.71 136.23
N LEU KA 71 -23.96 1.92 136.27
CA LEU KA 71 -25.35 2.19 135.95
C LEU KA 71 -25.47 2.85 134.59
N TYR KA 72 -26.60 2.61 133.92
CA TYR KA 72 -26.87 3.15 132.60
C TYR KA 72 -28.25 3.78 132.57
N LYS KA 73 -28.36 4.93 131.91
CA LYS KA 73 -29.66 5.59 131.78
C LYS KA 73 -30.43 5.10 130.56
N ARG KA 74 -29.83 5.21 129.38
CA ARG KA 74 -30.51 4.88 128.13
C ARG KA 74 -29.61 4.01 127.28
N LEU KA 75 -30.15 2.89 126.81
CA LEU KA 75 -29.47 1.99 125.90
C LEU KA 75 -30.25 2.00 124.59
N SER KA 76 -29.70 2.68 123.59
CA SER KA 76 -30.34 2.77 122.29
C SER KA 76 -29.77 1.69 121.37
N VAL KA 77 -30.65 1.00 120.66
CA VAL KA 77 -30.27 -0.06 119.73
C VAL KA 77 -30.88 0.28 118.37
N LEU KA 78 -30.03 0.63 117.42
CA LEU KA 78 -30.46 0.95 116.06
C LEU KA 78 -30.17 -0.25 115.17
N VAL KA 79 -31.22 -0.96 114.78
CA VAL KA 79 -31.10 -2.16 113.96
C VAL KA 79 -31.44 -1.77 112.53
N LYS KA 80 -30.51 -1.99 111.61
CA LYS KA 80 -30.71 -1.70 110.21
C LYS KA 80 -30.79 -3.01 109.42
N GLY KA 81 -31.74 -3.06 108.49
CA GLY KA 81 -31.93 -4.26 107.69
C GLY KA 81 -32.45 -3.90 106.32
N HIS KA 82 -32.63 -4.93 105.49
CA HIS KA 82 -33.13 -4.77 104.14
C HIS KA 82 -34.62 -4.97 104.05
N ASP KA 83 -35.14 -6.03 104.66
CA ASP KA 83 -36.56 -6.34 104.63
C ASP KA 83 -37.18 -6.09 106.01
N LYS KA 84 -38.51 -5.99 106.02
CA LYS KA 84 -39.23 -5.68 107.25
C LYS KA 84 -39.65 -6.91 108.03
N ALA KA 85 -39.76 -8.07 107.39
CA ALA KA 85 -40.18 -9.26 108.11
C ALA KA 85 -39.15 -9.69 109.14
N VAL KA 86 -37.86 -9.67 108.76
CA VAL KA 86 -36.81 -10.01 109.71
C VAL KA 86 -36.78 -9.01 110.86
N LEU KA 87 -36.99 -7.72 110.55
CA LEU KA 87 -37.01 -6.70 111.60
C LEU KA 87 -38.19 -6.89 112.54
N ASP KA 88 -39.35 -7.29 112.01
CA ASP KA 88 -40.51 -7.52 112.87
C ASP KA 88 -40.31 -8.74 113.75
N SER KA 89 -39.77 -9.83 113.19
CA SER KA 89 -39.45 -10.99 113.99
C SER KA 89 -38.45 -10.66 115.08
N TYR KA 90 -37.42 -9.86 114.75
CA TYR KA 90 -36.43 -9.47 115.73
C TYR KA 90 -37.03 -8.56 116.80
N GLU KA 91 -37.97 -7.69 116.41
CA GLU KA 91 -38.63 -6.85 117.40
C GLU KA 91 -39.47 -7.69 118.36
N TYR KA 92 -40.21 -8.65 117.83
CA TYR KA 92 -40.97 -9.56 118.70
C TYR KA 92 -40.05 -10.34 119.62
N PHE KA 93 -38.93 -10.84 119.10
CA PHE KA 93 -37.97 -11.57 119.92
C PHE KA 93 -37.39 -10.70 121.02
N ALA KA 94 -37.02 -9.46 120.69
CA ALA KA 94 -36.45 -8.55 121.68
C ALA KA 94 -37.48 -8.17 122.74
N VAL KA 95 -38.74 -7.97 122.34
CA VAL KA 95 -39.78 -7.65 123.30
C VAL KA 95 -40.01 -8.83 124.24
N LEU KA 96 -40.02 -10.05 123.70
CA LEU KA 96 -40.21 -11.23 124.54
C LEU KA 96 -39.04 -11.43 125.48
N ALA KA 97 -37.82 -11.14 125.02
CA ALA KA 97 -36.65 -11.27 125.87
C ALA KA 97 -36.56 -10.16 126.92
N ALA KA 98 -37.17 -9.00 126.65
CA ALA KA 98 -37.12 -7.89 127.59
C ALA KA 98 -38.23 -7.97 128.62
N LYS KA 99 -39.40 -8.50 128.26
CA LYS KA 99 -40.50 -8.58 129.23
C LYS KA 99 -40.21 -9.59 130.32
N GLU KA 100 -39.43 -10.63 130.03
CA GLU KA 100 -39.05 -11.59 131.06
C GLU KA 100 -38.05 -10.98 132.04
N LEU KA 101 -37.15 -10.13 131.57
CA LEU KA 101 -36.15 -9.50 132.41
C LEU KA 101 -36.64 -8.24 133.08
N GLY KA 102 -37.78 -7.69 132.65
CA GLY KA 102 -38.29 -6.47 133.23
C GLY KA 102 -37.49 -5.25 132.80
N ILE KA 103 -37.49 -4.97 131.50
CA ILE KA 103 -36.71 -3.88 130.94
C ILE KA 103 -37.58 -2.71 130.48
N SER KA 104 -38.84 -2.95 130.14
CA SER KA 104 -39.76 -1.92 129.66
C SER KA 104 -39.19 -1.20 128.43
N ILE KA 105 -39.02 -1.98 127.37
CA ILE KA 105 -38.42 -1.49 126.13
C ILE KA 105 -39.44 -0.67 125.36
N LYS KA 106 -39.00 0.50 124.88
CA LYS KA 106 -39.81 1.36 124.04
C LYS KA 106 -39.32 1.25 122.60
N VAL KA 107 -40.20 0.83 121.70
CA VAL KA 107 -39.83 0.53 120.32
C VAL KA 107 -40.60 1.46 119.40
N HIS KA 108 -39.86 2.18 118.55
CA HIS KA 108 -40.45 2.96 117.49
C HIS KA 108 -39.65 2.73 116.22
N GLU KA 109 -40.29 2.99 115.08
CA GLU KA 109 -39.68 2.71 113.78
C GLU KA 109 -39.09 4.00 113.21
N PRO KA 110 -37.77 4.13 113.15
CA PRO KA 110 -37.17 5.30 112.51
C PRO KA 110 -37.45 5.30 111.02
N PRO KA 111 -37.38 6.46 110.37
CA PRO KA 111 -37.62 6.51 108.92
C PRO KA 111 -36.59 5.69 108.16
N ARG KA 112 -37.00 5.21 106.98
CA ARG KA 112 -36.14 4.40 106.14
C ARG KA 112 -35.18 5.27 105.35
N LYS KA 113 -34.17 4.64 104.76
CA LYS KA 113 -33.20 5.33 103.92
C LYS KA 113 -32.94 4.48 102.68
N ILE KA 114 -33.18 5.05 101.51
CA ILE KA 114 -33.06 4.34 100.25
C ILE KA 114 -31.97 5.02 99.42
N GLU KA 115 -31.01 4.23 98.97
CA GLU KA 115 -29.92 4.72 98.13
C GLU KA 115 -30.10 4.17 96.71
N ARG KA 116 -30.28 5.06 95.75
CA ARG KA 116 -30.49 4.68 94.36
C ARG KA 116 -29.32 5.15 93.51
N PHE KA 117 -28.94 4.32 92.54
CA PHE KA 117 -27.85 4.70 91.66
C PHE KA 117 -28.12 4.16 90.25
N THR KA 118 -27.73 4.96 89.26
CA THR KA 118 -28.02 4.69 87.86
C THR KA 118 -26.75 4.26 87.15
N LEU KA 119 -26.85 3.23 86.32
CA LEU KA 119 -25.76 2.74 85.49
C LEU KA 119 -26.25 2.62 84.05
N LEU KA 120 -25.30 2.36 83.15
CA LEU KA 120 -25.65 2.16 81.75
C LEU KA 120 -26.45 0.86 81.58
N LYS KA 121 -27.19 0.79 80.47
CA LYS KA 121 -27.98 -0.40 80.18
C LYS KA 121 -27.23 -1.37 79.28
N SER KA 122 -26.60 -0.87 78.22
CA SER KA 122 -25.85 -1.69 77.29
C SER KA 122 -24.36 -1.70 77.66
N VAL KA 123 -23.54 -2.24 76.77
CA VAL KA 123 -22.12 -2.42 77.06
C VAL KA 123 -21.29 -1.27 76.51
N HIS KA 124 -21.35 -1.05 75.20
CA HIS KA 124 -20.40 -0.14 74.56
C HIS KA 124 -20.93 1.29 74.48
N ILE KA 125 -22.01 1.51 73.73
CA ILE KA 125 -22.55 2.85 73.60
C ILE KA 125 -24.07 2.84 73.57
N PHE KA 126 -24.70 3.04 74.74
CA PHE KA 126 -26.13 3.32 74.81
C PHE KA 126 -26.36 4.07 76.13
N LYS KA 127 -26.50 5.39 76.04
CA LYS KA 127 -26.64 6.23 77.21
C LYS KA 127 -28.08 6.69 77.45
N LYS KA 128 -28.90 6.76 76.39
CA LYS KA 128 -30.30 7.14 76.57
C LYS KA 128 -31.06 6.12 77.40
N HIS KA 129 -30.63 4.86 77.37
CA HIS KA 129 -31.25 3.80 78.14
C HIS KA 129 -30.39 3.47 79.34
N ARG KA 130 -31.00 3.45 80.52
CA ARG KA 130 -30.28 3.27 81.78
C ARG KA 130 -30.90 2.15 82.60
N VAL KA 131 -30.16 1.73 83.63
CA VAL KA 131 -30.63 0.73 84.58
C VAL KA 131 -30.41 1.30 85.97
N GLN KA 132 -31.48 1.43 86.76
CA GLN KA 132 -31.39 2.02 88.09
C GLN KA 132 -31.52 0.93 89.15
N TYR KA 133 -30.58 0.91 90.08
CA TYR KA 133 -30.57 -0.04 91.18
C TYR KA 133 -30.87 0.68 92.49
N GLU KA 134 -31.49 -0.05 93.42
CA GLU KA 134 -31.99 0.49 94.67
C GLU KA 134 -31.51 -0.36 95.83
N MET KA 135 -31.16 0.30 96.93
CA MET KA 135 -30.75 -0.36 98.17
C MET KA 135 -31.56 0.26 99.31
N ARG KA 136 -32.48 -0.51 99.87
CA ARG KA 136 -33.30 -0.04 100.97
C ARG KA 136 -32.62 -0.32 102.30
N THR KA 137 -32.91 0.50 103.29
CA THR KA 137 -32.43 0.29 104.66
C THR KA 137 -33.55 0.71 105.61
N LEU KA 138 -34.19 -0.28 106.21
CA LEU KA 138 -35.22 -0.07 107.21
C LEU KA 138 -34.61 -0.13 108.60
N TYR KA 139 -35.08 0.76 109.47
CA TYR KA 139 -34.51 0.93 110.80
C TYR KA 139 -35.51 0.56 111.88
N ARG KA 140 -34.99 0.04 112.99
CA ARG KA 140 -35.75 -0.26 114.18
C ARG KA 140 -35.03 0.30 115.39
N CYS KA 141 -35.74 1.03 116.23
CA CYS KA 141 -35.16 1.66 117.41
C CYS KA 141 -35.66 0.95 118.66
N LEU KA 142 -34.73 0.30 119.37
CA LEU KA 142 -35.02 -0.36 120.64
C LEU KA 142 -34.47 0.54 121.74
N GLU KA 143 -35.37 1.18 122.49
CA GLU KA 143 -34.98 2.12 123.54
C GLU KA 143 -35.16 1.44 124.89
N LEU KA 144 -34.04 1.08 125.53
CA LEU KA 144 -34.05 0.45 126.84
C LEU KA 144 -33.72 1.51 127.88
N GLU KA 145 -34.40 1.46 129.02
CA GLU KA 145 -34.16 2.43 130.08
C GLU KA 145 -34.10 1.71 131.42
N HIS KA 146 -33.33 2.29 132.34
CA HIS KA 146 -33.16 1.78 133.70
C HIS KA 146 -32.50 0.39 133.69
N LEU KA 147 -31.29 0.36 133.16
CA LEU KA 147 -30.50 -0.87 133.08
C LEU KA 147 -29.22 -0.74 133.90
N THR KA 148 -28.73 -1.88 134.37
CA THR KA 148 -27.49 -1.97 135.12
C THR KA 148 -26.41 -2.59 134.24
N GLY KA 149 -25.20 -2.67 134.79
CA GLY KA 149 -24.08 -3.20 134.02
C GLY KA 149 -24.25 -4.66 133.66
N SER KA 150 -24.48 -5.51 134.66
CA SER KA 150 -24.65 -6.93 134.41
C SER KA 150 -25.89 -7.23 133.57
N THR KA 151 -26.98 -6.50 133.82
CA THR KA 151 -28.19 -6.69 133.02
C THR KA 151 -27.96 -6.33 131.57
N ALA KA 152 -27.31 -5.18 131.32
CA ALA KA 152 -26.99 -4.81 129.95
C ALA KA 152 -26.05 -5.81 129.31
N ASP KA 153 -25.07 -6.34 130.06
CA ASP KA 153 -24.15 -7.32 129.52
C ASP KA 153 -24.88 -8.60 129.10
N VAL KA 154 -25.71 -9.16 129.99
CA VAL KA 154 -26.40 -10.39 129.65
C VAL KA 154 -27.41 -10.16 128.53
N TYR KA 155 -28.07 -9.00 128.49
CA TYR KA 155 -29.02 -8.73 127.42
C TYR KA 155 -28.31 -8.60 126.07
N LEU KA 156 -27.24 -7.81 126.01
CA LEU KA 156 -26.49 -7.70 124.77
C LEU KA 156 -25.89 -9.01 124.33
N GLU KA 157 -25.46 -9.86 125.27
CA GLU KA 157 -24.97 -11.19 124.92
C GLU KA 157 -26.07 -12.01 124.28
N TYR KA 158 -27.22 -12.12 124.95
CA TYR KA 158 -28.33 -12.92 124.42
C TYR KA 158 -28.89 -12.35 123.13
N ILE KA 159 -28.68 -11.07 122.86
CA ILE KA 159 -29.14 -10.47 121.61
C ILE KA 159 -28.14 -10.71 120.48
N GLN KA 160 -26.84 -10.49 120.73
CA GLN KA 160 -25.85 -10.61 119.68
C GLN KA 160 -25.51 -12.06 119.38
N ARG KA 161 -25.82 -13.00 120.29
CA ARG KA 161 -25.65 -14.41 119.97
C ARG KA 161 -26.67 -14.85 118.92
N ASN KA 162 -27.88 -14.30 118.96
CA ASN KA 162 -28.95 -14.70 118.05
C ASN KA 162 -29.26 -13.62 117.02
N LEU KA 163 -28.40 -12.62 116.90
CA LEU KA 163 -28.58 -11.61 115.87
C LEU KA 163 -28.54 -12.25 114.48
N PRO KA 164 -29.49 -11.92 113.61
CA PRO KA 164 -29.50 -12.52 112.26
C PRO KA 164 -28.30 -12.09 111.43
N GLU KA 165 -28.23 -12.65 110.22
CA GLU KA 165 -27.12 -12.38 109.32
C GLU KA 165 -27.35 -11.18 108.41
N GLY KA 166 -28.60 -10.89 108.08
CA GLY KA 166 -28.93 -9.83 107.15
C GLY KA 166 -29.13 -8.46 107.76
N VAL KA 167 -28.90 -8.30 109.06
CA VAL KA 167 -29.12 -7.03 109.74
C VAL KA 167 -27.87 -6.66 110.51
N ALA KA 168 -27.74 -5.36 110.79
CA ALA KA 168 -26.67 -4.83 111.61
C ALA KA 168 -27.28 -4.07 112.78
N MET KA 169 -26.47 -3.84 113.81
CA MET KA 169 -26.98 -3.26 115.05
C MET KA 169 -25.95 -2.28 115.62
N GLU KA 170 -26.41 -1.08 115.97
CA GLU KA 170 -25.58 -0.07 116.60
C GLU KA 170 -26.07 0.12 118.03
N VAL KA 171 -25.17 0.00 119.00
CA VAL KA 171 -25.50 0.14 120.41
C VAL KA 171 -24.92 1.45 120.93
N THR KA 172 -25.79 2.30 121.46
CA THR KA 172 -25.39 3.56 122.08
C THR KA 172 -25.74 3.51 123.56
N LYS KA 173 -24.74 3.66 124.41
CA LYS KA 173 -24.90 3.51 125.85
C LYS KA 173 -24.81 4.86 126.53
N THR KA 174 -25.66 5.08 127.52
CA THR KA 174 -25.62 6.28 128.36
C THR KA 174 -25.05 5.88 129.71
N LYS KA 175 -23.72 5.93 129.83
CA LYS KA 175 -23.05 5.53 131.05
C LYS KA 175 -23.26 6.60 132.13
N LEU KA 176 -23.78 6.18 133.28
CA LEU KA 176 -24.06 7.10 134.38
C LEU KA 176 -22.83 7.28 135.26
N GLU KA 177 -22.60 8.53 135.66
CA GLU KA 177 -21.49 8.85 136.56
C GLU KA 177 -21.82 10.15 137.28
N GLN KA 178 -21.47 10.22 138.56
CA GLN KA 178 -21.83 11.39 139.37
C GLN KA 178 -20.85 12.54 139.14
N LEU KA 179 -19.59 12.35 139.54
CA LEU KA 179 -18.55 13.38 139.45
C LEU KA 179 -17.17 12.75 139.62
N PRO KA 180 -16.15 13.24 138.93
CA PRO KA 180 -14.78 12.80 139.22
C PRO KA 180 -14.28 13.31 140.56
N GLU KA 181 -13.03 13.01 140.92
CA GLU KA 181 -12.51 13.37 142.23
C GLU KA 181 -11.99 14.79 142.30
N HIS KA 182 -11.58 15.37 141.17
CA HIS KA 182 -10.98 16.69 141.13
C HIS KA 182 -11.98 17.79 140.85
N ILE KA 183 -13.29 17.52 140.99
CA ILE KA 183 -14.32 18.49 140.67
C ILE KA 183 -15.37 18.62 141.77
N ARG KA 184 -15.36 17.76 142.78
CA ARG KA 184 -16.41 17.78 143.80
C ARG KA 184 -16.44 19.11 144.54
N LYS KA 185 -15.34 19.45 145.21
CA LYS KA 185 -15.22 20.77 145.82
C LYS KA 185 -13.76 21.22 145.84
N PRO KA 186 -13.12 21.42 144.68
CA PRO KA 186 -11.72 21.84 144.66
C PRO KA 186 -11.58 23.35 144.62
N ILE KA 187 -10.44 23.81 145.14
CA ILE KA 187 -10.06 25.23 145.09
C ILE KA 187 -8.69 25.27 144.42
N TRP KA 188 -8.68 25.41 143.10
CA TRP KA 188 -7.45 25.42 142.31
C TRP KA 188 -6.49 24.30 142.67
N SER LA 60 -95.61 31.53 39.26
CA SER LA 60 -94.22 31.63 38.82
C SER LA 60 -93.86 30.47 37.89
N SER LA 61 -94.40 30.52 36.68
CA SER LA 61 -94.14 29.49 35.68
C SER LA 61 -92.80 29.79 35.01
N PHE LA 62 -91.76 29.07 35.40
CA PHE LA 62 -90.43 29.23 34.83
C PHE LA 62 -90.01 27.93 34.16
N SER LA 63 -89.63 28.04 32.88
CA SER LA 63 -89.12 26.91 32.12
C SER LA 63 -87.66 27.14 31.79
N ILE LA 64 -86.83 26.13 32.05
CA ILE LA 64 -85.40 26.24 31.77
C ILE LA 64 -85.08 26.19 30.28
N TYR LA 65 -86.08 25.91 29.44
CA TYR LA 65 -85.86 25.89 28.01
C TYR LA 65 -85.64 27.31 27.48
N PRO LA 66 -84.83 27.47 26.45
CA PRO LA 66 -84.56 28.81 25.94
C PRO LA 66 -85.77 29.38 25.23
N PRO LA 67 -85.95 30.70 25.26
CA PRO LA 67 -87.09 31.31 24.57
C PRO LA 67 -86.90 31.37 23.06
N ILE LA 68 -87.24 30.27 22.39
CA ILE LA 68 -87.14 30.15 20.93
C ILE LA 68 -87.87 31.32 20.27
N PRO LA 69 -87.27 31.97 19.26
CA PRO LA 69 -87.92 33.11 18.61
C PRO LA 69 -89.20 32.74 17.85
N GLY LA 70 -89.42 31.45 17.57
CA GLY LA 70 -90.59 31.06 16.81
C GLY LA 70 -91.90 31.22 17.55
N GLN LA 71 -91.86 31.37 18.87
CA GLN LA 71 -93.05 31.51 19.68
C GLN LA 71 -93.36 32.98 19.92
N GLU LA 72 -94.47 33.23 20.61
CA GLU LA 72 -94.94 34.59 20.90
C GLU LA 72 -94.73 34.93 22.38
N ASN LA 73 -93.64 34.44 22.96
CA ASN LA 73 -93.35 34.70 24.37
C ASN LA 73 -92.90 36.15 24.56
N SER LA 74 -93.14 36.66 25.77
CA SER LA 74 -92.78 38.02 26.14
C SER LA 74 -91.79 37.95 27.31
N LEU LA 75 -90.50 37.81 26.98
CA LEU LA 75 -89.44 37.80 27.97
C LEU LA 75 -88.40 38.84 27.55
N ARG LA 76 -88.19 39.84 28.40
CA ARG LA 76 -87.33 40.97 28.07
C ARG LA 76 -86.24 41.12 29.12
N TRP LA 77 -85.06 41.56 28.69
CA TRP LA 77 -83.95 41.88 29.56
C TRP LA 77 -83.40 43.24 29.16
N ALA LA 78 -83.51 44.22 30.06
CA ALA LA 78 -83.09 45.59 29.80
C ALA LA 78 -83.78 46.17 28.57
N GLY LA 79 -85.03 45.78 28.36
CA GLY LA 79 -85.82 46.25 27.24
C GLY LA 79 -85.62 45.48 25.95
N LYS LA 80 -84.57 44.67 25.84
CA LYS LA 80 -84.29 43.93 24.63
C LYS LA 80 -84.88 42.52 24.70
N LYS LA 81 -85.01 41.89 23.53
CA LYS LA 81 -85.45 40.52 23.46
C LYS LA 81 -84.26 39.58 23.65
N PHE LA 82 -84.55 38.27 23.68
CA PHE LA 82 -83.49 37.27 23.83
C PHE LA 82 -82.57 37.21 22.63
N GLU LA 83 -83.05 37.63 21.45
CA GLU LA 83 -82.23 37.58 20.24
C GLU LA 83 -81.23 38.73 20.18
N GLU LA 84 -81.47 39.82 20.90
CA GLU LA 84 -80.58 40.98 20.89
C GLU LA 84 -79.52 40.95 21.99
N ILE LA 85 -79.60 40.00 22.91
CA ILE LA 85 -78.65 39.95 24.03
C ILE LA 85 -77.29 39.52 23.50
N PRO LA 86 -76.20 40.23 23.85
CA PRO LA 86 -74.88 39.85 23.36
C PRO LA 86 -74.47 38.47 23.84
N ILE LA 87 -73.44 37.93 23.19
CA ILE LA 87 -72.95 36.58 23.45
C ILE LA 87 -71.55 36.68 24.01
N ALA LA 88 -71.17 35.70 24.83
CA ALA LA 88 -69.83 35.61 25.40
C ALA LA 88 -69.32 34.20 25.15
N HIS LA 89 -68.43 34.05 24.16
CA HIS LA 89 -67.82 32.76 23.87
C HIS LA 89 -66.68 32.51 24.83
N ILE LA 90 -66.78 31.44 25.62
CA ILE LA 90 -65.73 31.03 26.54
C ILE LA 90 -65.19 29.69 26.06
N LYS LA 91 -64.02 29.72 25.43
CA LYS LA 91 -63.34 28.49 24.99
C LYS LA 91 -62.44 28.06 26.13
N ALA LA 92 -62.83 26.98 26.82
CA ALA LA 92 -62.07 26.47 27.96
C ALA LA 92 -61.31 25.23 27.51
N SER LA 93 -60.05 25.42 27.16
CA SER LA 93 -59.18 24.33 26.78
C SER LA 93 -58.53 23.73 28.02
N TYR LA 94 -57.62 22.79 27.82
CA TYR LA 94 -56.94 22.15 28.95
C TYR LA 94 -55.72 22.92 29.42
N ASN LA 95 -55.28 23.94 28.67
CA ASN LA 95 -54.15 24.76 29.08
C ASN LA 95 -54.43 26.25 28.98
N ASN LA 96 -55.58 26.66 28.46
CA ASN LA 96 -55.89 28.07 28.31
C ASN LA 96 -57.40 28.24 28.22
N THR LA 97 -57.89 29.37 28.74
CA THR LA 97 -59.30 29.70 28.73
C THR LA 97 -59.46 31.10 28.13
N GLN LA 98 -60.01 31.17 26.92
CA GLN LA 98 -60.22 32.44 26.23
C GLN LA 98 -61.67 32.87 26.38
N ILE LA 99 -61.89 34.18 26.51
CA ILE LA 99 -63.23 34.75 26.60
C ILE LA 99 -63.31 35.89 25.59
N GLN LA 100 -64.37 35.88 24.78
CA GLN LA 100 -64.57 36.94 23.80
C GLN LA 100 -66.04 37.31 23.75
N VAL LA 101 -66.33 38.61 23.85
CA VAL LA 101 -67.69 39.12 23.88
C VAL LA 101 -68.04 39.65 22.50
N VAL LA 102 -69.12 39.16 21.93
CA VAL LA 102 -69.63 39.61 20.64
C VAL LA 102 -71.05 40.13 20.82
N SER LA 103 -71.49 40.95 19.87
CA SER LA 103 -72.84 41.50 19.93
C SER LA 103 -73.83 40.52 19.31
N ALA LA 104 -75.08 40.96 19.20
CA ALA LA 104 -76.11 40.12 18.59
C ALA LA 104 -75.86 39.93 17.09
N ALA LA 105 -75.23 40.91 16.44
CA ALA LA 105 -74.89 40.83 15.03
C ALA LA 105 -73.52 40.19 14.79
N HIS LA 106 -73.05 39.39 15.75
CA HIS LA 106 -71.76 38.69 15.63
C HIS LA 106 -70.60 39.68 15.46
N GLN LA 107 -70.70 40.82 16.14
CA GLN LA 107 -69.64 41.81 16.13
C GLN LA 107 -68.89 41.76 17.45
N PRO LA 108 -67.59 41.48 17.45
CA PRO LA 108 -66.87 41.32 18.72
C PRO LA 108 -66.75 42.64 19.47
N LEU LA 109 -67.04 42.60 20.77
CA LEU LA 109 -66.97 43.79 21.62
C LEU LA 109 -65.76 43.77 22.53
N ALA LA 110 -65.60 42.71 23.32
CA ALA LA 110 -64.50 42.61 24.27
C ALA LA 110 -63.82 41.25 24.12
N HIS LA 111 -62.50 41.25 24.27
CA HIS LA 111 -61.70 40.03 24.16
C HIS LA 111 -60.65 40.03 25.26
N ALA LA 112 -60.64 38.96 26.06
CA ALA LA 112 -59.68 38.83 27.15
C ALA LA 112 -59.46 37.35 27.43
N SER LA 113 -58.20 36.94 27.42
CA SER LA 113 -57.83 35.54 27.64
C SER LA 113 -56.88 35.45 28.82
N CYS LA 114 -56.69 34.21 29.30
CA CYS LA 114 -55.72 33.98 30.38
C CYS LA 114 -54.31 34.31 29.93
N GLY LA 115 -54.03 34.23 28.63
CA GLY LA 115 -52.72 34.63 28.14
C GLY LA 115 -52.56 36.14 28.10
N THR LA 116 -53.62 36.85 27.71
CA THR LA 116 -53.61 38.31 27.69
C THR LA 116 -53.75 38.91 29.08
N GLU LA 117 -54.08 38.11 30.09
CA GLU LA 117 -54.21 38.56 31.46
C GLU LA 117 -52.86 38.65 32.18
N GLY LA 118 -51.77 38.28 31.51
CA GLY LA 118 -50.45 38.32 32.11
C GLY LA 118 -50.04 37.07 32.84
N PHE LA 119 -50.57 35.91 32.45
CA PHE LA 119 -50.21 34.65 33.08
C PHE LA 119 -49.13 33.96 32.26
N ARG LA 120 -48.80 32.72 32.62
CA ARG LA 120 -47.74 31.97 31.96
C ARG LA 120 -48.24 30.55 31.71
N ASN LA 121 -47.32 29.66 31.33
CA ASN LA 121 -47.70 28.35 30.80
C ASN LA 121 -48.58 27.58 31.78
N ALA LA 122 -48.04 27.22 32.93
CA ALA LA 122 -48.83 26.50 33.93
C ALA LA 122 -49.68 27.42 34.79
N LYS LA 123 -49.44 28.73 34.74
CA LYS LA 123 -50.22 29.64 35.57
C LYS LA 123 -51.59 29.91 34.97
N LYS LA 124 -51.71 29.91 33.64
CA LYS LA 124 -52.99 30.17 33.00
C LYS LA 124 -53.90 28.96 32.97
N GLY LA 125 -53.44 27.79 33.44
CA GLY LA 125 -54.29 26.62 33.48
C GLY LA 125 -55.15 26.52 34.73
N THR LA 126 -54.84 27.29 35.76
CA THR LA 126 -55.59 27.24 37.00
C THR LA 126 -56.90 28.01 36.86
N GLY LA 127 -57.76 27.86 37.88
CA GLY LA 127 -59.04 28.53 37.86
C GLY LA 127 -58.97 30.02 38.16
N ILE LA 128 -57.98 30.43 38.95
CA ILE LA 128 -57.81 31.85 39.24
C ILE LA 128 -57.51 32.64 37.97
N ALA LA 129 -56.79 32.03 37.02
CA ALA LA 129 -56.53 32.69 35.75
C ALA LA 129 -57.81 32.90 34.97
N ALA LA 130 -58.68 31.89 34.92
CA ALA LA 130 -59.96 32.03 34.25
C ALA LA 130 -60.84 33.07 34.94
N GLN LA 131 -60.78 33.14 36.28
CA GLN LA 131 -61.57 34.13 37.00
C GLN LA 131 -61.08 35.54 36.70
N THR LA 132 -59.77 35.74 36.66
CA THR LA 132 -59.23 37.06 36.30
C THR LA 132 -59.55 37.40 34.85
N ALA LA 133 -59.49 36.43 33.95
CA ALA LA 133 -59.87 36.68 32.57
C ALA LA 133 -61.33 37.07 32.45
N GLY LA 134 -62.22 36.41 33.18
CA GLY LA 134 -63.62 36.81 33.21
C GLY LA 134 -63.85 38.18 33.80
N ILE LA 135 -63.11 38.53 34.86
CA ILE LA 135 -63.22 39.87 35.43
C ILE LA 135 -62.80 40.92 34.40
N ALA LA 136 -61.68 40.69 33.71
CA ALA LA 136 -61.22 41.63 32.71
C ALA LA 136 -62.18 41.72 31.53
N ALA LA 137 -62.74 40.59 31.10
CA ALA LA 137 -63.72 40.62 30.01
C ALA LA 137 -64.97 41.37 30.39
N ALA LA 138 -65.48 41.15 31.62
CA ALA LA 138 -66.63 41.90 32.09
C ALA LA 138 -66.34 43.39 32.21
N ALA LA 139 -65.12 43.75 32.63
CA ALA LA 139 -64.75 45.16 32.70
C ALA LA 139 -64.72 45.79 31.31
N LYS LA 140 -64.05 45.13 30.35
CA LYS LA 140 -64.00 45.66 28.99
C LYS LA 140 -65.38 45.68 28.33
N ALA LA 141 -66.29 44.80 28.76
CA ALA LA 141 -67.63 44.79 28.20
C ALA LA 141 -68.47 45.93 28.78
N THR LA 142 -68.43 46.10 30.11
CA THR LA 142 -69.13 47.22 30.73
C THR LA 142 -68.55 48.56 30.31
N GLY LA 143 -67.30 48.59 29.87
CA GLY LA 143 -66.74 49.81 29.29
C GLY LA 143 -67.45 50.26 28.03
N LYS LA 144 -68.19 49.36 27.38
CA LYS LA 144 -68.97 49.70 26.20
C LYS LA 144 -70.47 49.72 26.47
N GLY LA 145 -70.89 49.55 27.72
CA GLY LA 145 -72.28 49.65 28.07
C GLY LA 145 -73.13 48.45 27.72
N VAL LA 146 -72.84 47.30 28.34
CA VAL LA 146 -73.65 46.10 28.15
C VAL LA 146 -74.22 45.69 29.50
N THR LA 147 -75.41 45.08 29.46
CA THR LA 147 -76.12 44.69 30.67
C THR LA 147 -76.25 43.17 30.81
N HIS LA 148 -76.82 42.51 29.82
CA HIS LA 148 -77.05 41.07 29.86
C HIS LA 148 -76.22 40.38 28.79
N VAL LA 149 -75.93 39.09 29.03
CA VAL LA 149 -75.08 38.32 28.12
C VAL LA 149 -75.50 36.86 28.17
N ARG LA 150 -75.25 36.16 27.08
CA ARG LA 150 -75.51 34.73 26.97
C ARG LA 150 -74.18 34.01 26.84
N VAL LA 151 -73.87 33.15 27.81
CA VAL LA 151 -72.58 32.47 27.87
C VAL LA 151 -72.63 31.23 27.01
N VAL LA 152 -71.66 31.11 26.09
CA VAL LA 152 -71.52 29.93 25.25
C VAL LA 152 -70.21 29.26 25.64
N VAL LA 153 -70.30 28.16 26.36
CA VAL LA 153 -69.12 27.42 26.83
C VAL LA 153 -68.71 26.43 25.74
N LYS LA 154 -67.41 26.34 25.49
CA LYS LA 154 -66.88 25.49 24.43
C LYS LA 154 -65.67 24.74 24.96
N GLY LA 155 -65.80 23.42 25.09
CA GLY LA 155 -64.71 22.61 25.57
C GLY LA 155 -64.72 22.41 27.07
N LEU LA 156 -64.32 21.22 27.52
CA LEU LA 156 -64.29 20.87 28.93
C LEU LA 156 -62.87 21.10 29.45
N GLY LA 157 -62.68 22.18 30.18
CA GLY LA 157 -61.40 22.51 30.74
C GLY LA 157 -61.47 22.84 32.21
N PRO LA 158 -60.31 23.08 32.83
CA PRO LA 158 -60.31 23.41 34.26
C PRO LA 158 -60.88 24.78 34.57
N GLY LA 159 -60.76 25.73 33.63
CA GLY LA 159 -61.31 27.06 33.84
C GLY LA 159 -62.70 27.20 33.25
N ARG LA 160 -63.52 26.17 33.41
CA ARG LA 160 -64.86 26.19 32.82
C ARG LA 160 -65.83 27.01 33.66
N LEU LA 161 -65.99 26.64 34.93
CA LEU LA 161 -66.88 27.38 35.82
C LEU LA 161 -66.24 28.65 36.34
N SER LA 162 -64.91 28.69 36.43
CA SER LA 162 -64.22 29.89 36.86
C SER LA 162 -64.46 31.05 35.89
N ALA LA 163 -64.32 30.80 34.59
CA ALA LA 163 -64.59 31.82 33.60
C ALA LA 163 -66.05 32.23 33.54
N ILE LA 164 -66.97 31.34 33.95
CA ILE LA 164 -68.38 31.70 34.01
C ILE LA 164 -68.63 32.64 35.18
N LYS LA 165 -68.15 32.27 36.37
CA LYS LA 165 -68.36 33.11 37.54
C LYS LA 165 -67.55 34.40 37.49
N GLY LA 166 -66.51 34.45 36.65
CA GLY LA 166 -65.74 35.68 36.48
C GLY LA 166 -66.56 36.84 35.94
N LEU LA 167 -67.49 36.57 35.03
CA LEU LA 167 -68.33 37.65 34.51
C LEU LA 167 -69.25 38.22 35.58
N THR LA 168 -69.84 37.35 36.42
CA THR LA 168 -70.68 37.83 37.51
C THR LA 168 -69.85 38.58 38.54
N MET LA 169 -68.61 38.14 38.78
CA MET LA 169 -67.75 38.86 39.72
C MET LA 169 -67.28 40.18 39.16
N GLY LA 170 -67.13 40.29 37.84
CA GLY LA 170 -66.74 41.53 37.18
C GLY LA 170 -67.89 42.42 36.79
N GLY LA 171 -69.14 42.00 37.03
CA GLY LA 171 -70.26 42.88 36.80
C GLY LA 171 -71.00 42.65 35.50
N LEU LA 172 -71.34 41.40 35.21
CA LEU LA 172 -72.18 41.06 34.07
C LEU LA 172 -73.27 40.10 34.50
N GLU LA 173 -74.47 40.29 33.95
CA GLU LA 173 -75.62 39.46 34.29
C GLU LA 173 -75.70 38.30 33.32
N VAL LA 174 -75.51 37.08 33.83
CA VAL LA 174 -75.57 35.86 33.03
C VAL LA 174 -77.01 35.38 33.01
N ILE LA 175 -77.60 35.32 31.81
CA ILE LA 175 -78.99 34.92 31.67
C ILE LA 175 -79.14 33.54 31.02
N SER LA 176 -78.25 33.17 30.10
CA SER LA 176 -78.37 31.89 29.41
C SER LA 176 -76.99 31.28 29.25
N ILE LA 177 -76.79 30.10 29.84
CA ILE LA 177 -75.54 29.37 29.74
C ILE LA 177 -75.76 28.24 28.74
N THR LA 178 -75.20 28.38 27.54
CA THR LA 178 -75.30 27.39 26.49
C THR LA 178 -73.98 26.65 26.36
N ASP LA 179 -74.05 25.31 26.40
CA ASP LA 179 -72.85 24.48 26.30
C ASP LA 179 -72.72 24.03 24.85
N ASN LA 180 -71.86 24.71 24.09
CA ASN LA 180 -71.59 24.36 22.70
C ASN LA 180 -70.18 23.78 22.66
N THR LA 181 -70.08 22.48 22.92
CA THR LA 181 -68.80 21.77 22.88
C THR LA 181 -68.71 20.95 21.61
N PRO LA 182 -67.61 21.04 20.86
CA PRO LA 182 -67.51 20.25 19.63
C PRO LA 182 -67.44 18.76 19.92
N ILE LA 183 -68.50 18.05 19.57
CA ILE LA 183 -68.57 16.61 19.76
C ILE LA 183 -68.59 15.96 18.39
N PRO LA 184 -67.45 15.47 17.90
CA PRO LA 184 -67.43 14.88 16.55
C PRO LA 184 -68.12 13.53 16.54
N HIS LA 185 -69.03 13.35 15.58
CA HIS LA 185 -69.73 12.08 15.40
C HIS LA 185 -68.83 11.10 14.65
N ASN LA 186 -67.71 10.78 15.29
CA ASN LA 186 -66.65 9.95 14.71
C ASN LA 186 -66.22 10.50 13.34
N GLY LA 187 -65.71 11.73 13.37
CA GLY LA 187 -65.21 12.37 12.17
C GLY LA 187 -63.72 12.18 12.01
N CYS LA 188 -62.95 13.25 12.21
CA CYS LA 188 -61.50 13.15 12.10
C CYS LA 188 -60.94 12.30 13.23
N ARG LA 189 -59.93 11.49 12.92
CA ARG LA 189 -59.32 10.61 13.90
C ARG LA 189 -58.46 11.42 14.86
N PRO LA 190 -58.76 11.43 16.16
CA PRO LA 190 -57.95 12.19 17.10
C PRO LA 190 -56.58 11.58 17.33
N ARG LA 191 -55.78 12.19 18.21
CA ARG LA 191 -54.43 11.72 18.46
C ARG LA 191 -54.44 10.40 19.24
N LYS LA 192 -53.27 9.78 19.30
CA LYS LA 192 -53.12 8.49 19.98
C LYS LA 192 -53.13 8.67 21.49
N ALA LA 193 -53.10 7.56 22.19
CA ALA LA 193 -53.13 7.56 23.65
C ALA LA 193 -51.74 7.80 24.22
N ARG LA 194 -51.70 8.39 25.42
CA ARG LA 194 -50.45 8.65 26.12
C ARG LA 194 -50.14 7.52 27.09
N ARG LA 195 -48.95 7.58 27.69
CA ARG LA 195 -48.46 6.57 28.62
C ARG LA 195 -48.44 5.19 27.96
N LEU LA 196 -47.63 5.08 26.92
CA LEU LA 196 -47.51 3.84 26.16
C LEU LA 196 -46.91 2.73 27.02
N ALA MA 31 -57.52 -40.78 17.54
CA ALA MA 31 -56.91 -42.04 17.13
C ALA MA 31 -57.96 -43.12 16.97
N THR MA 32 -58.83 -42.95 15.96
CA THR MA 32 -59.89 -43.91 15.72
C THR MA 32 -59.32 -45.19 15.11
N LEU MA 33 -60.22 -46.18 14.94
CA LEU MA 33 -59.80 -47.47 14.40
C LEU MA 33 -59.28 -47.33 12.97
N ASN MA 34 -59.94 -46.50 12.16
CA ASN MA 34 -59.51 -46.34 10.78
C ASN MA 34 -58.14 -45.68 10.71
N GLN MA 35 -57.89 -44.66 11.55
CA GLN MA 35 -56.59 -44.01 11.56
C GLN MA 35 -55.51 -44.95 12.07
N MET MA 36 -55.82 -45.76 13.09
CA MET MA 36 -54.84 -46.72 13.58
C MET MA 36 -54.52 -47.77 12.53
N HIS MA 37 -55.53 -48.20 11.77
CA HIS MA 37 -55.30 -49.16 10.69
C HIS MA 37 -54.46 -48.53 9.58
N ARG MA 38 -54.72 -47.26 9.26
CA ARG MA 38 -53.96 -46.60 8.21
C ARG MA 38 -52.52 -46.38 8.62
N LEU MA 39 -52.27 -46.09 9.90
CA LEU MA 39 -50.91 -45.82 10.36
C LEU MA 39 -50.14 -47.08 10.74
N GLY MA 40 -50.84 -48.19 11.00
CA GLY MA 40 -50.18 -49.41 11.42
C GLY MA 40 -49.70 -49.33 12.85
N PRO MA 41 -49.26 -50.46 13.39
CA PRO MA 41 -48.75 -50.47 14.77
C PRO MA 41 -47.41 -49.76 14.85
N PRO MA 42 -47.20 -48.92 15.87
CA PRO MA 42 -45.92 -48.22 15.99
C PRO MA 42 -44.81 -49.17 16.38
N LYS MA 43 -43.67 -49.03 15.72
CA LYS MA 43 -42.50 -49.88 15.94
C LYS MA 43 -41.43 -49.11 16.70
N HIS MA 44 -40.63 -49.83 17.48
CA HIS MA 44 -39.54 -49.21 18.20
C HIS MA 44 -38.44 -48.79 17.22
N PRO MA 45 -37.87 -47.59 17.39
CA PRO MA 45 -36.81 -47.16 16.49
C PRO MA 45 -35.52 -47.90 16.80
N PRO MA 46 -34.67 -48.11 15.80
CA PRO MA 46 -33.39 -48.78 16.05
C PRO MA 46 -32.50 -47.97 16.99
N GLY MA 47 -31.81 -48.68 17.87
CA GLY MA 47 -30.92 -48.03 18.81
C GLY MA 47 -29.73 -47.41 18.09
N LYS MA 48 -29.60 -46.09 18.17
CA LYS MA 48 -28.52 -45.41 17.48
C LYS MA 48 -27.18 -45.75 18.12
N MET MA 49 -26.19 -46.05 17.28
CA MET MA 49 -24.86 -46.39 17.78
C MET MA 49 -24.23 -45.19 18.49
N GLY MA 50 -23.48 -45.48 19.54
CA GLY MA 50 -22.82 -44.44 20.31
C GLY MA 50 -21.60 -43.91 19.60
N PRO MA 51 -20.59 -43.50 20.39
CA PRO MA 51 -19.37 -42.97 19.77
C PRO MA 51 -18.48 -44.05 19.18
N THR MA 52 -18.61 -45.30 19.63
CA THR MA 52 -17.74 -46.39 19.19
C THR MA 52 -18.27 -47.12 17.97
N ALA MA 53 -19.34 -46.62 17.35
CA ALA MA 53 -19.92 -47.23 16.15
C ALA MA 53 -20.32 -48.68 16.39
N GLY MA 54 -20.78 -48.97 17.61
CA GLY MA 54 -21.24 -50.30 17.96
C GLY MA 54 -20.18 -51.25 18.45
N ARG MA 55 -18.91 -50.86 18.41
CA ARG MA 55 -17.96 -51.84 18.92
C ARG MA 55 -17.73 -51.62 20.41
N PRO MA 56 -17.67 -52.70 21.20
CA PRO MA 56 -17.44 -52.52 22.64
C PRO MA 56 -16.06 -51.99 22.97
N GLN MA 57 -15.03 -52.32 22.18
CA GLN MA 57 -13.69 -51.82 22.40
C GLN MA 57 -13.10 -51.32 21.10
N LEU MA 58 -12.19 -50.36 21.22
CA LEU MA 58 -11.51 -49.79 20.07
C LEU MA 58 -10.04 -49.60 20.40
N LYS MA 59 -9.17 -50.16 19.56
CA LYS MA 59 -7.72 -50.08 19.75
C LYS MA 59 -7.20 -48.86 19.02
N GLY MA 60 -6.69 -47.89 19.76
CA GLY MA 60 -6.28 -46.63 19.16
C GLY MA 60 -4.95 -46.15 19.72
N VAL MA 61 -4.26 -45.37 18.91
CA VAL MA 61 -2.97 -44.79 19.29
C VAL MA 61 -3.22 -43.44 19.95
N VAL MA 62 -2.49 -43.17 21.03
CA VAL MA 62 -2.63 -41.92 21.76
C VAL MA 62 -1.89 -40.82 21.03
N LEU MA 63 -2.57 -39.71 20.76
CA LEU MA 63 -1.97 -38.56 20.10
C LEU MA 63 -1.54 -37.47 21.06
N ARG MA 64 -2.29 -37.26 22.14
CA ARG MA 64 -1.91 -36.22 23.10
C ARG MA 64 -2.54 -36.54 24.46
N THR MA 65 -1.80 -36.22 25.52
CA THR MA 65 -2.28 -36.36 26.89
C THR MA 65 -2.31 -35.00 27.56
N PHE MA 66 -3.49 -34.60 28.04
CA PHE MA 66 -3.65 -33.29 28.66
C PHE MA 66 -4.64 -33.40 29.81
N ILE MA 67 -5.04 -32.26 30.36
CA ILE MA 67 -5.89 -32.20 31.53
C ILE MA 67 -7.08 -31.29 31.26
N ARG MA 68 -8.27 -31.74 31.65
CA ARG MA 68 -9.49 -30.96 31.55
C ARG MA 68 -10.08 -30.75 32.94
N LYS MA 69 -11.10 -29.88 33.00
CA LYS MA 69 -11.73 -29.52 34.26
C LYS MA 69 -13.19 -29.96 34.28
N PRO MA 70 -13.74 -30.25 35.46
CA PRO MA 70 -15.14 -30.68 35.55
C PRO MA 70 -16.13 -29.54 35.34
N LYS MA 71 -17.40 -29.83 35.58
CA LYS MA 71 -18.48 -28.87 35.36
C LYS MA 71 -18.52 -27.86 36.49
N LYS MA 72 -19.61 -27.08 36.54
CA LYS MA 72 -19.75 -26.02 37.54
C LYS MA 72 -19.69 -26.53 38.98
N PRO MA 73 -20.48 -27.55 39.40
CA PRO MA 73 -20.49 -27.92 40.83
C PRO MA 73 -19.18 -28.53 41.29
N ASN MA 74 -18.64 -29.46 40.51
CA ASN MA 74 -17.42 -30.15 40.89
C ASN MA 74 -16.19 -29.30 40.54
N SER MA 75 -15.05 -29.71 41.08
CA SER MA 75 -13.79 -29.01 40.84
C SER MA 75 -12.65 -30.00 41.01
N ALA MA 76 -11.99 -30.34 39.91
CA ALA MA 76 -10.90 -31.31 39.92
C ALA MA 76 -10.05 -31.08 38.68
N ASN MA 77 -9.19 -32.05 38.36
CA ASN MA 77 -8.38 -32.02 37.14
C ASN MA 77 -8.32 -33.44 36.59
N ARG MA 78 -9.08 -33.69 35.53
CA ARG MA 78 -9.20 -35.02 34.96
C ARG MA 78 -8.21 -35.20 33.81
N LYS MA 79 -7.69 -36.42 33.67
CA LYS MA 79 -6.71 -36.73 32.65
C LYS MA 79 -7.43 -37.13 31.37
N CYS MA 80 -7.32 -36.30 30.34
CA CYS MA 80 -7.93 -36.57 29.04
C CYS MA 80 -6.84 -36.84 28.01
N CYS MA 81 -7.24 -37.42 26.90
CA CYS MA 81 -6.30 -37.76 25.84
C CYS MA 81 -7.00 -37.69 24.49
N ARG MA 82 -6.35 -37.00 23.56
CA ARG MA 82 -6.73 -37.01 22.16
C ARG MA 82 -6.14 -38.26 21.53
N VAL MA 83 -7.01 -39.11 20.99
CA VAL MA 83 -6.65 -40.45 20.52
C VAL MA 83 -7.14 -40.64 19.09
N ARG MA 84 -6.31 -41.25 18.25
CA ARG MA 84 -6.67 -41.59 16.88
C ARG MA 84 -7.24 -43.00 16.86
N LEU MA 85 -8.54 -43.12 16.58
CA LEU MA 85 -9.18 -44.42 16.57
C LEU MA 85 -8.77 -45.21 15.33
N SER MA 86 -9.03 -46.52 15.38
CA SER MA 86 -8.73 -47.39 14.25
C SER MA 86 -9.68 -47.18 13.09
N THR MA 87 -10.87 -46.65 13.34
CA THR MA 87 -11.85 -46.41 12.29
C THR MA 87 -11.63 -45.10 11.55
N GLY MA 88 -10.51 -44.42 11.80
CA GLY MA 88 -10.20 -43.19 11.12
C GLY MA 88 -10.66 -41.93 11.81
N ARG MA 89 -11.42 -42.04 12.89
CA ARG MA 89 -11.89 -40.88 13.62
C ARG MA 89 -10.96 -40.56 14.78
N GLU MA 90 -10.90 -39.28 15.13
CA GLU MA 90 -10.06 -38.80 16.23
C GLU MA 90 -10.95 -38.15 17.27
N ALA MA 91 -11.16 -38.84 18.40
CA ALA MA 91 -12.05 -38.38 19.44
C ALA MA 91 -11.28 -38.26 20.76
N VAL MA 92 -11.97 -37.76 21.77
CA VAL MA 92 -11.39 -37.55 23.09
C VAL MA 92 -11.69 -38.76 23.95
N CYS MA 93 -10.81 -39.02 24.93
CA CYS MA 93 -11.01 -40.12 25.86
C CYS MA 93 -10.53 -39.67 27.24
N PHE MA 94 -10.96 -40.41 28.26
CA PHE MA 94 -10.59 -40.13 29.64
C PHE MA 94 -9.80 -41.31 30.19
N ILE MA 95 -8.78 -41.02 31.00
CA ILE MA 95 -7.93 -42.04 31.59
C ILE MA 95 -8.42 -42.31 33.00
N PRO MA 96 -9.00 -43.46 33.29
CA PRO MA 96 -9.43 -43.76 34.66
C PRO MA 96 -8.26 -44.13 35.55
N GLY MA 97 -8.51 -44.15 36.85
CA GLY MA 97 -7.50 -44.45 37.82
C GLY MA 97 -6.55 -43.30 38.07
N GLU MA 98 -5.91 -43.33 39.23
CA GLU MA 98 -4.97 -42.30 39.64
C GLU MA 98 -3.56 -42.70 39.21
N GLY MA 99 -2.91 -41.83 38.44
CA GLY MA 99 -1.57 -42.11 37.96
C GLY MA 99 -1.56 -42.96 36.72
N HIS MA 100 -0.77 -42.57 35.71
CA HIS MA 100 -0.72 -43.30 34.46
C HIS MA 100 0.57 -42.92 33.73
N SER MA 101 1.00 -43.81 32.85
CA SER MA 101 2.15 -43.59 31.98
C SER MA 101 1.67 -43.75 30.54
N LEU MA 102 1.12 -42.68 29.98
CA LEU MA 102 0.61 -42.68 28.62
C LEU MA 102 1.07 -41.42 27.91
N GLN MA 103 1.97 -41.58 26.96
CA GLN MA 103 2.50 -40.47 26.18
C GLN MA 103 2.14 -40.66 24.71
N GLU MA 104 2.65 -39.79 23.86
CA GLU MA 104 2.33 -39.85 22.44
C GLU MA 104 2.86 -41.15 21.83
N HIS MA 105 2.19 -41.58 20.76
CA HIS MA 105 2.58 -42.75 19.99
C HIS MA 105 2.51 -44.02 20.83
N HIS MA 106 1.49 -44.10 21.68
CA HIS MA 106 1.23 -45.28 22.50
C HIS MA 106 -0.12 -45.86 22.13
N VAL MA 107 -0.19 -47.19 22.09
CA VAL MA 107 -1.40 -47.89 21.68
C VAL MA 107 -2.16 -48.35 22.93
N VAL MA 108 -3.43 -47.97 23.04
CA VAL MA 108 -4.29 -48.34 24.15
C VAL MA 108 -5.62 -48.83 23.60
N LEU MA 109 -6.49 -49.26 24.51
CA LEU MA 109 -7.81 -49.75 24.18
C LEU MA 109 -8.85 -48.93 24.94
N VAL MA 110 -9.82 -48.38 24.22
CA VAL MA 110 -10.87 -47.58 24.83
C VAL MA 110 -12.18 -48.35 24.74
N GLN MA 111 -13.07 -48.06 25.69
CA GLN MA 111 -14.36 -48.74 25.75
C GLN MA 111 -15.50 -47.74 25.82
N GLY MA 112 -16.71 -48.23 26.05
CA GLY MA 112 -17.89 -47.38 26.03
C GLY MA 112 -18.24 -46.77 27.36
N GLY MA 113 -17.25 -46.28 28.09
CA GLY MA 113 -17.50 -45.63 29.37
C GLY MA 113 -17.73 -44.14 29.21
N ARG MA 114 -18.88 -43.66 29.70
CA ARG MA 114 -19.22 -42.24 29.64
C ARG MA 114 -18.91 -41.57 30.97
N THR MA 115 -18.13 -40.50 30.91
CA THR MA 115 -17.79 -39.73 32.11
C THR MA 115 -18.87 -38.68 32.35
N GLN MA 116 -19.32 -38.56 33.60
CA GLN MA 116 -20.42 -37.67 33.92
C GLN MA 116 -19.97 -36.24 34.11
N ASP MA 117 -18.72 -36.01 34.50
CA ASP MA 117 -18.23 -34.66 34.76
C ASP MA 117 -17.61 -34.00 33.54
N LEU MA 118 -17.10 -34.79 32.61
CA LEU MA 118 -16.45 -34.24 31.42
C LEU MA 118 -17.45 -34.19 30.28
N PRO MA 119 -17.85 -33.01 29.81
CA PRO MA 119 -18.80 -32.93 28.69
C PRO MA 119 -18.13 -33.35 27.39
N GLY MA 120 -18.83 -34.19 26.62
CA GLY MA 120 -18.34 -34.66 25.35
C GLY MA 120 -17.41 -35.86 25.41
N VAL MA 121 -16.81 -36.14 26.56
CA VAL MA 121 -15.89 -37.26 26.70
C VAL MA 121 -16.71 -38.52 26.95
N LYS MA 122 -16.69 -39.45 25.98
CA LYS MA 122 -17.47 -40.67 26.06
C LYS MA 122 -16.62 -41.93 25.96
N LEU MA 123 -15.31 -41.82 26.14
CA LEU MA 123 -14.41 -42.97 26.05
C LEU MA 123 -13.54 -43.04 27.30
N THR MA 124 -13.24 -44.27 27.72
CA THR MA 124 -12.39 -44.51 28.87
C THR MA 124 -11.35 -45.56 28.51
N VAL MA 125 -10.09 -45.30 28.84
CA VAL MA 125 -9.01 -46.22 28.53
C VAL MA 125 -9.18 -47.49 29.36
N VAL MA 126 -9.23 -48.63 28.68
CA VAL MA 126 -9.30 -49.92 29.37
C VAL MA 126 -7.96 -50.15 30.07
N ARG MA 127 -7.97 -50.10 31.39
CA ARG MA 127 -6.75 -50.26 32.16
C ARG MA 127 -6.28 -51.71 32.09
N GLY MA 128 -5.02 -51.89 31.71
CA GLY MA 128 -4.47 -53.23 31.57
C GLY MA 128 -4.37 -53.69 30.12
N LYS MA 129 -3.91 -52.80 29.25
CA LYS MA 129 -3.73 -53.12 27.84
C LYS MA 129 -2.25 -52.98 27.47
N TYR MA 130 -1.97 -53.04 26.16
CA TYR MA 130 -0.60 -53.13 25.66
C TYR MA 130 0.31 -52.09 26.32
N ASP MA 131 -0.01 -50.81 26.15
CA ASP MA 131 0.82 -49.74 26.67
C ASP MA 131 0.34 -49.18 28.00
N CYS MA 132 -0.92 -49.43 28.37
CA CYS MA 132 -1.50 -48.88 29.59
C CYS MA 132 -1.75 -50.06 30.55
N GLY MA 133 -0.76 -50.35 31.38
CA GLY MA 133 -0.87 -51.42 32.35
C GLY MA 133 -1.75 -51.05 33.52
N HIS MA 134 -1.86 -51.99 34.45
CA HIS MA 134 -2.69 -51.76 35.63
C HIS MA 134 -2.09 -50.66 36.51
N VAL MA 135 -2.94 -50.08 37.35
CA VAL MA 135 -2.51 -49.02 38.26
C VAL MA 135 -1.77 -49.65 39.43
N GLN MA 136 -0.55 -49.19 39.66
CA GLN MA 136 0.28 -49.75 40.72
C GLN MA 136 -0.05 -49.11 42.06
N LYS MA 137 0.27 -49.83 43.13
CA LYS MA 137 0.03 -49.33 44.48
C LYS MA 137 1.17 -48.42 44.93
N LYS MA 138 0.83 -47.48 45.80
CA LYS MA 138 1.82 -46.55 46.34
C LYS MA 138 2.63 -47.25 47.42
N LYS MA 139 3.87 -47.61 47.09
CA LYS MA 139 4.74 -48.31 48.04
C LYS MA 139 5.65 -47.34 48.77
N TYR NA 28 -1.74 -15.50 87.62
CA TYR NA 28 -1.41 -14.17 87.11
C TYR NA 28 -2.42 -13.13 87.58
N TYR NA 29 -2.22 -11.89 87.15
CA TYR NA 29 -3.19 -10.83 87.39
C TYR NA 29 -4.17 -10.79 86.22
N VAL NA 30 -5.07 -9.80 86.22
CA VAL NA 30 -6.03 -9.67 85.14
C VAL NA 30 -5.34 -9.11 83.88
N ASP NA 31 -4.51 -8.10 84.06
CA ASP NA 31 -3.84 -7.45 82.94
C ASP NA 31 -2.51 -6.88 83.41
N TRP NA 32 -1.63 -6.59 82.44
CA TRP NA 32 -0.38 -5.92 82.76
C TRP NA 32 -0.62 -4.53 83.35
N LYS NA 33 -1.70 -3.87 82.94
CA LYS NA 33 -2.06 -2.59 83.55
C LYS NA 33 -2.35 -2.75 85.04
N MET NA 34 -3.10 -3.79 85.41
CA MET NA 34 -3.36 -4.07 86.82
C MET NA 34 -2.09 -4.48 87.55
N LEU NA 35 -1.22 -5.25 86.90
CA LEU NA 35 0.06 -5.60 87.52
C LEU NA 35 0.88 -4.36 87.83
N ARG NA 36 0.93 -3.41 86.89
CA ARG NA 36 1.65 -2.16 87.13
C ARG NA 36 0.98 -1.33 88.22
N ASP NA 37 -0.35 -1.32 88.25
CA ASP NA 37 -1.06 -0.54 89.26
C ASP NA 37 -0.84 -1.10 90.66
N VAL NA 38 -0.71 -2.42 90.78
CA VAL NA 38 -0.39 -3.02 92.08
C VAL NA 38 0.97 -2.54 92.57
N LYS NA 39 1.97 -2.53 91.68
CA LYS NA 39 3.29 -2.03 92.05
C LYS NA 39 3.25 -0.54 92.37
N ARG NA 40 2.42 0.23 91.65
CA ARG NA 40 2.25 1.65 91.96
C ARG NA 40 1.71 1.84 93.37
N ARG NA 41 0.66 1.09 93.72
CA ARG NA 41 0.10 1.19 95.07
C ARG NA 41 1.11 0.74 96.12
N LYS NA 42 1.89 -0.30 95.83
CA LYS NA 42 2.89 -0.76 96.78
C LYS NA 42 3.97 0.28 97.00
N MET NA 43 4.44 0.92 95.93
CA MET NA 43 5.46 1.95 96.06
C MET NA 43 4.92 3.20 96.75
N ALA NA 44 3.63 3.52 96.51
CA ALA NA 44 3.02 4.64 97.21
C ALA NA 44 2.92 4.35 98.71
N TYR NA 45 2.54 3.13 99.08
CA TYR NA 45 2.51 2.76 100.50
C TYR NA 45 3.92 2.73 101.08
N GLU NA 46 4.91 2.39 100.27
CA GLU NA 46 6.29 2.33 100.76
C GLU NA 46 6.84 3.72 101.04
N TYR NA 47 6.66 4.65 100.10
CA TYR NA 47 7.19 6.01 100.24
C TYR NA 47 6.12 7.02 100.67
N ALA NA 48 5.04 6.56 101.31
CA ALA NA 48 4.02 7.48 101.77
C ALA NA 48 4.53 8.34 102.92
N ASP NA 49 5.36 7.76 103.81
CA ASP NA 49 5.86 8.51 104.94
C ASP NA 49 6.83 9.61 104.52
N GLU NA 50 7.70 9.32 103.55
CA GLU NA 50 8.68 10.31 103.12
C GLU NA 50 8.01 11.52 102.49
N ARG NA 51 7.06 11.28 101.59
CA ARG NA 51 6.31 12.39 100.99
C ARG NA 51 5.49 13.12 102.04
N LEU NA 52 4.90 12.40 102.99
CA LEU NA 52 4.12 13.04 104.05
C LEU NA 52 4.99 13.95 104.91
N ARG NA 53 6.26 13.59 105.11
CA ARG NA 53 7.16 14.43 105.88
C ARG NA 53 7.73 15.57 105.07
N ILE NA 54 7.92 15.38 103.76
CA ILE NA 54 8.53 16.41 102.94
C ILE NA 54 7.53 17.49 102.58
N ASN NA 55 6.29 17.11 102.27
CA ASN NA 55 5.26 18.09 101.91
C ASN NA 55 5.00 19.09 103.03
N SER NA 56 5.28 18.72 104.28
CA SER NA 56 5.17 19.65 105.39
C SER NA 56 6.18 20.77 105.30
N LEU NA 57 7.24 20.59 104.52
CA LEU NA 57 8.23 21.64 104.31
C LEU NA 57 7.89 22.53 103.12
N ARG NA 58 6.96 22.13 102.27
CA ARG NA 58 6.58 22.91 101.10
C ARG NA 58 5.24 23.61 101.25
N LYS NA 59 4.27 22.97 101.89
CA LYS NA 59 2.92 23.53 102.01
C LYS NA 59 2.79 24.54 103.14
N ASN NA 60 3.90 25.04 103.67
CA ASN NA 60 3.88 25.99 104.76
C ASN NA 60 4.39 27.36 104.29
N THR NA 61 4.07 28.38 105.06
CA THR NA 61 4.52 29.74 104.79
C THR NA 61 5.37 30.33 105.92
N ILE NA 62 5.52 29.64 107.04
CA ILE NA 62 6.34 30.15 108.13
C ILE NA 62 7.82 29.94 107.83
N LEU NA 63 8.20 28.72 107.44
CA LEU NA 63 9.57 28.44 107.10
C LEU NA 63 9.97 29.19 105.83
N PRO NA 64 11.23 29.63 105.73
CA PRO NA 64 11.65 30.39 104.55
C PRO NA 64 11.64 29.54 103.29
N LYS NA 65 11.50 30.20 102.15
CA LYS NA 65 11.44 29.51 100.87
C LYS NA 65 12.78 28.93 100.46
N ASP NA 66 13.88 29.34 101.11
CA ASP NA 66 15.19 28.80 100.76
C ASP NA 66 15.25 27.29 100.97
N LEU NA 67 14.71 26.81 102.09
CA LEU NA 67 14.64 25.37 102.32
C LEU NA 67 13.51 24.72 101.54
N GLN NA 68 12.46 25.47 101.21
CA GLN NA 68 11.37 24.90 100.42
C GLN NA 68 11.82 24.57 99.00
N GLU NA 69 12.66 25.42 98.41
CA GLU NA 69 13.16 25.15 97.07
C GLU NA 69 14.07 23.92 97.07
N VAL NA 70 14.74 23.63 98.18
CA VAL NA 70 15.57 22.43 98.26
C VAL NA 70 14.69 21.20 98.50
N ALA NA 71 13.66 21.34 99.34
CA ALA NA 71 12.72 20.24 99.55
C ALA NA 71 11.98 19.86 98.27
N ASP NA 72 11.73 20.85 97.40
CA ASP NA 72 11.14 20.53 96.10
C ASP NA 72 12.03 19.62 95.28
N GLU NA 73 13.32 19.95 95.19
CA GLU NA 73 14.25 19.08 94.47
C GLU NA 73 14.36 17.72 95.14
N GLU NA 74 14.33 17.68 96.48
CA GLU NA 74 14.45 16.41 97.18
C GLU NA 74 13.26 15.50 96.90
N ILE NA 75 12.04 16.05 96.95
CA ILE NA 75 10.87 15.25 96.66
C ILE NA 75 10.76 14.91 95.18
N ALA NA 76 11.35 15.74 94.31
CA ALA NA 76 11.39 15.38 92.89
C ALA NA 76 12.39 14.26 92.63
N SER NA 77 13.46 14.18 93.40
CA SER NA 77 14.43 13.11 93.25
C SER NA 77 13.86 11.74 93.61
N LEU NA 78 12.68 11.69 94.23
CA LEU NA 78 12.05 10.43 94.56
C LEU NA 78 11.64 9.69 93.27
N PRO NA 79 11.48 8.37 93.35
CA PRO NA 79 11.01 7.63 92.18
C PRO NA 79 9.61 8.06 91.77
N ARG NA 80 9.29 7.85 90.49
CA ARG NA 80 8.05 8.36 89.94
C ARG NA 80 6.84 7.63 90.51
N ASP NA 81 6.91 6.30 90.59
CA ASP NA 81 5.77 5.52 91.09
C ASP NA 81 5.54 5.68 92.60
N SER NA 82 6.32 6.50 93.30
CA SER NA 82 6.13 6.67 94.74
C SER NA 82 4.96 7.60 95.07
N CYS NA 83 4.53 8.42 94.12
CA CYS NA 83 3.41 9.31 94.42
C CYS NA 83 2.09 8.59 94.17
N PRO NA 84 1.12 8.74 95.08
CA PRO NA 84 -0.19 8.11 94.88
C PRO NA 84 -0.99 8.67 93.72
N VAL NA 85 -0.45 9.66 93.00
CA VAL NA 85 -1.20 10.27 91.91
C VAL NA 85 -1.29 9.32 90.71
N ARG NA 86 -0.26 8.49 90.49
CA ARG NA 86 -0.28 7.53 89.40
C ARG NA 86 -1.22 6.36 89.66
N ILE NA 87 -1.85 6.30 90.83
CA ILE NA 87 -2.75 5.19 91.15
C ILE NA 87 -4.06 5.40 90.41
N ARG NA 88 -4.46 4.39 89.64
CA ARG NA 88 -5.70 4.40 88.89
C ARG NA 88 -6.67 3.41 89.51
N ASN NA 89 -7.88 3.88 89.82
CA ASN NA 89 -8.89 3.04 90.45
C ASN NA 89 -9.55 2.17 89.39
N ARG NA 90 -9.00 0.97 89.19
CA ARG NA 90 -9.52 0.01 88.23
C ARG NA 90 -10.48 -0.95 88.89
N CYS NA 91 -10.97 -1.91 88.11
CA CYS NA 91 -11.86 -2.95 88.62
C CYS NA 91 -11.04 -4.11 89.19
N VAL NA 92 -11.69 -4.90 90.04
CA VAL NA 92 -11.03 -6.05 90.62
C VAL NA 92 -11.20 -7.29 89.75
N MET NA 93 -12.37 -7.43 89.12
CA MET NA 93 -12.63 -8.61 88.31
C MET NA 93 -12.01 -8.48 86.92
N THR NA 94 -12.34 -7.41 86.20
CA THR NA 94 -11.90 -7.23 84.82
C THR NA 94 -10.88 -6.11 84.65
N SER NA 95 -10.57 -5.37 85.70
CA SER NA 95 -9.59 -4.28 85.65
C SER NA 95 -9.97 -3.24 84.59
N ARG NA 96 -11.24 -2.87 84.57
CA ARG NA 96 -11.70 -1.84 83.65
C ARG NA 96 -11.30 -0.47 84.18
N PRO NA 97 -10.65 0.38 83.38
CA PRO NA 97 -10.13 1.65 83.91
C PRO NA 97 -11.21 2.67 84.25
N ARG NA 98 -12.41 2.53 83.69
CA ARG NA 98 -13.49 3.49 83.95
C ARG NA 98 -14.79 2.73 84.23
N GLY NA 99 -15.77 3.46 84.75
CA GLY NA 99 -17.06 2.87 85.05
C GLY NA 99 -17.05 1.91 86.22
N VAL NA 100 -16.21 2.15 87.22
CA VAL NA 100 -16.07 1.27 88.37
C VAL NA 100 -16.48 2.03 89.63
N LYS NA 101 -17.40 1.46 90.38
CA LYS NA 101 -17.82 2.05 91.65
C LYS NA 101 -16.72 1.94 92.69
N ARG NA 102 -16.68 2.92 93.59
CA ARG NA 102 -15.64 2.95 94.61
C ARG NA 102 -16.01 2.06 95.80
N ARG NA 103 -17.29 1.88 96.09
CA ARG NA 103 -17.69 1.08 97.25
C ARG NA 103 -17.52 -0.41 96.97
N TRP NA 104 -17.92 -0.87 95.79
CA TRP NA 104 -17.82 -2.27 95.42
C TRP NA 104 -16.52 -2.60 94.69
N ARG NA 105 -15.79 -1.60 94.20
CA ARG NA 105 -14.56 -1.80 93.44
C ARG NA 105 -14.78 -2.68 92.22
N LEU NA 106 -16.01 -2.71 91.71
CA LEU NA 106 -16.37 -3.55 90.58
C LEU NA 106 -16.86 -2.68 89.43
N SER NA 107 -16.64 -3.17 88.21
CA SER NA 107 -17.11 -2.45 87.03
C SER NA 107 -18.64 -2.44 86.98
N ARG NA 108 -19.16 -1.47 86.22
CA ARG NA 108 -20.61 -1.33 86.10
C ARG NA 108 -21.26 -2.54 85.46
N ILE NA 109 -20.50 -3.37 84.76
CA ILE NA 109 -21.04 -4.53 84.05
C ILE NA 109 -20.94 -5.79 84.90
N VAL NA 110 -19.80 -6.00 85.57
CA VAL NA 110 -19.70 -7.12 86.49
C VAL NA 110 -20.65 -6.94 87.67
N PHE NA 111 -20.84 -5.69 88.11
CA PHE NA 111 -21.78 -5.44 89.19
C PHE NA 111 -23.19 -5.86 88.79
N ARG NA 112 -23.60 -5.56 87.56
CA ARG NA 112 -24.91 -6.01 87.09
C ARG NA 112 -24.94 -7.53 86.94
N HIS NA 113 -23.88 -8.11 86.38
CA HIS NA 113 -23.84 -9.56 86.19
C HIS NA 113 -23.96 -10.31 87.51
N LEU NA 114 -23.50 -9.70 88.60
CA LEU NA 114 -23.64 -10.31 89.93
C LEU NA 114 -24.96 -9.96 90.61
N ALA NA 115 -25.43 -8.72 90.47
CA ALA NA 115 -26.67 -8.32 91.14
C ALA NA 115 -27.88 -9.02 90.55
N ASP NA 116 -27.97 -9.07 89.22
CA ASP NA 116 -29.07 -9.78 88.58
C ASP NA 116 -29.02 -11.28 88.87
N HIS NA 117 -27.85 -11.81 89.23
CA HIS NA 117 -27.77 -13.17 89.76
C HIS NA 117 -28.18 -13.25 91.22
N GLY NA 118 -28.05 -12.17 91.97
CA GLY NA 118 -28.49 -12.15 93.34
C GLY NA 118 -27.45 -12.50 94.37
N GLN NA 119 -26.17 -12.39 94.03
CA GLN NA 119 -25.10 -12.70 94.96
C GLN NA 119 -24.72 -11.52 95.86
N LEU NA 120 -25.43 -10.40 95.74
CA LEU NA 120 -25.20 -9.23 96.60
C LEU NA 120 -26.52 -8.87 97.26
N SER NA 121 -26.52 -8.82 98.58
CA SER NA 121 -27.74 -8.51 99.32
C SER NA 121 -28.18 -7.07 99.08
N GLY NA 122 -29.46 -6.81 99.31
CA GLY NA 122 -30.01 -5.47 99.26
C GLY NA 122 -30.08 -4.83 97.89
N VAL NA 123 -29.44 -5.40 96.89
CA VAL NA 123 -29.44 -4.82 95.55
C VAL NA 123 -30.67 -5.30 94.80
N GLN NA 124 -31.40 -4.37 94.20
CA GLN NA 124 -32.64 -4.69 93.49
C GLN NA 124 -32.90 -3.59 92.48
N ARG NA 125 -33.79 -3.90 91.53
CA ARG NA 125 -34.15 -2.94 90.50
C ARG NA 125 -34.92 -1.78 91.13
N ALA NA 126 -34.48 -0.56 90.87
CA ALA NA 126 -35.13 0.62 91.43
C ALA NA 126 -36.47 0.83 90.76
N MET NA 127 -37.55 0.75 91.54
CA MET NA 127 -38.91 0.90 91.05
C MET NA 127 -39.66 1.85 91.98
N TRP NA 128 -39.88 3.08 91.52
CA TRP NA 128 -40.63 4.05 92.29
C TRP NA 128 -41.31 5.06 91.36
N GLN OA 65 -81.47 -18.83 -24.12
CA GLN OA 65 -81.80 -18.18 -22.85
C GLN OA 65 -83.30 -17.91 -22.75
N ASP OA 66 -83.84 -18.02 -21.54
CA ASP OA 66 -85.25 -17.77 -21.31
C ASP OA 66 -85.51 -16.28 -21.16
N ASP OA 67 -86.63 -15.82 -21.73
CA ASP OA 67 -87.00 -14.40 -21.70
C ASP OA 67 -88.46 -14.30 -21.28
N PRO OA 68 -88.73 -14.18 -19.98
CA PRO OA 68 -90.12 -14.01 -19.52
C PRO OA 68 -90.68 -12.68 -19.99
N PRO OA 69 -91.87 -12.69 -20.60
CA PRO OA 69 -92.45 -11.43 -21.06
C PRO OA 69 -92.82 -10.54 -19.88
N PRO OA 70 -92.84 -9.22 -20.09
CA PRO OA 70 -93.21 -8.32 -18.97
C PRO OA 70 -94.66 -8.45 -18.53
N SER OA 71 -95.55 -8.97 -19.39
CA SER OA 71 -96.96 -9.14 -19.07
C SER OA 71 -97.28 -10.60 -18.75
N MET OA 72 -96.39 -11.28 -18.04
CA MET OA 72 -96.54 -12.72 -17.81
C MET OA 72 -97.66 -13.05 -16.85
N LEU OA 73 -98.15 -12.09 -16.06
CA LEU OA 73 -99.22 -12.32 -15.09
C LEU OA 73 -98.80 -13.41 -14.10
N LEU OA 74 -97.84 -13.04 -13.25
CA LEU OA 74 -97.10 -13.95 -12.38
C LEU OA 74 -98.01 -14.90 -11.59
N LEU OA 75 -97.43 -16.03 -11.14
CA LEU OA 75 -98.20 -17.15 -10.64
C LEU OA 75 -99.13 -16.77 -9.50
N ASP OA 76 -98.74 -15.80 -8.68
CA ASP OA 76 -99.58 -15.39 -7.57
C ASP OA 76 -100.91 -14.80 -8.03
N TYR OA 77 -100.98 -14.33 -9.28
CA TYR OA 77 -102.20 -13.76 -9.83
C TYR OA 77 -102.45 -14.32 -11.24
N GLN OA 78 -102.33 -15.63 -11.40
CA GLN OA 78 -102.49 -16.27 -12.69
C GLN OA 78 -103.56 -17.34 -12.70
N ASN OA 79 -103.70 -18.12 -11.62
CA ASN OA 79 -104.67 -19.20 -11.56
C ASN OA 79 -106.06 -18.73 -11.18
N VAL OA 80 -106.23 -17.48 -10.76
CA VAL OA 80 -107.52 -16.96 -10.33
C VAL OA 80 -108.30 -16.46 -11.54
N PRO OA 81 -109.62 -16.65 -11.57
CA PRO OA 81 -110.41 -16.16 -12.70
C PRO OA 81 -110.52 -14.65 -12.70
N GLY OA 82 -111.05 -14.12 -13.80
CA GLY OA 82 -111.24 -12.69 -13.92
C GLY OA 82 -109.96 -11.88 -14.01
N ILE OA 83 -108.93 -12.42 -14.66
CA ILE OA 83 -107.66 -11.69 -14.79
C ILE OA 83 -107.58 -10.93 -16.11
N HIS OA 84 -108.25 -11.41 -17.15
CA HIS OA 84 -108.25 -10.74 -18.44
C HIS OA 84 -109.39 -9.75 -18.59
N LYS OA 85 -110.32 -9.70 -17.65
CA LYS OA 85 -111.43 -8.77 -17.70
C LYS OA 85 -111.10 -7.41 -17.11
N VAL OA 86 -110.08 -7.33 -16.24
CA VAL OA 86 -109.65 -6.07 -15.67
C VAL OA 86 -108.89 -5.27 -16.72
N ASP OA 87 -108.68 -3.99 -16.45
CA ASP OA 87 -108.09 -3.11 -17.45
C ASP OA 87 -106.57 -3.23 -17.46
N ASP OA 88 -105.94 -2.54 -18.41
CA ASP OA 88 -104.50 -2.61 -18.58
C ASP OA 88 -103.77 -1.99 -17.38
N VAL OA 89 -104.35 -0.98 -16.75
CA VAL OA 89 -103.70 -0.36 -15.59
C VAL OA 89 -103.57 -1.37 -14.46
N VAL OA 90 -104.53 -2.29 -14.34
CA VAL OA 90 -104.46 -3.31 -13.30
C VAL OA 90 -103.59 -4.48 -13.74
N LYS OA 91 -103.69 -4.87 -15.02
CA LYS OA 91 -102.87 -5.99 -15.50
C LYS OA 91 -101.38 -5.64 -15.46
N ARG OA 92 -101.02 -4.39 -15.75
CA ARG OA 92 -99.62 -4.00 -15.75
C ARG OA 92 -99.03 -4.00 -14.34
N LEU OA 93 -99.86 -3.75 -13.33
CA LEU OA 93 -99.39 -3.85 -11.95
C LEU OA 93 -99.39 -5.28 -11.45
N LEU OA 94 -100.30 -6.12 -11.97
CA LEU OA 94 -100.36 -7.52 -11.59
C LEU OA 94 -99.48 -8.40 -12.48
N SER OA 95 -98.68 -7.80 -13.35
CA SER OA 95 -97.77 -8.53 -14.22
C SER OA 95 -96.36 -8.54 -13.63
N LEU OA 96 -95.40 -9.05 -14.40
CA LEU OA 96 -94.02 -9.14 -13.97
C LEU OA 96 -93.24 -7.84 -14.14
N GLU OA 97 -93.81 -6.85 -14.83
CA GLU OA 97 -93.08 -5.61 -15.07
C GLU OA 97 -92.80 -4.87 -13.77
N MET OA 98 -93.82 -4.73 -12.92
CA MET OA 98 -93.68 -4.09 -11.62
C MET OA 98 -93.23 -5.07 -10.54
N ALA OA 99 -92.68 -6.21 -10.92
CA ALA OA 99 -92.27 -7.24 -9.98
C ALA OA 99 -90.77 -7.20 -9.74
N ASN OA 100 -90.33 -7.93 -8.72
CA ASN OA 100 -88.92 -8.00 -8.34
C ASN OA 100 -88.27 -9.21 -9.00
N GLN OA 101 -87.02 -9.50 -8.60
CA GLN OA 101 -86.30 -10.62 -9.19
C GLN OA 101 -86.77 -11.96 -8.66
N LYS OA 102 -87.27 -12.00 -7.42
CA LYS OA 102 -87.79 -13.26 -6.89
C LYS OA 102 -89.02 -13.74 -7.65
N GLU OA 103 -89.83 -12.80 -8.14
CA GLU OA 103 -90.98 -13.19 -8.95
C GLU OA 103 -90.53 -13.83 -10.28
N LYS OA 104 -89.52 -13.24 -10.92
CA LYS OA 104 -88.97 -13.86 -12.12
C LYS OA 104 -88.34 -15.22 -11.82
N LEU OA 105 -87.70 -15.35 -10.65
CA LEU OA 105 -87.18 -16.65 -10.26
C LEU OA 105 -88.28 -17.69 -10.13
N LYS OA 106 -89.38 -17.32 -9.48
CA LYS OA 106 -90.52 -18.23 -9.36
C LYS OA 106 -91.09 -18.58 -10.73
N ILE OA 107 -91.20 -17.60 -11.63
CA ILE OA 107 -91.74 -17.85 -12.95
C ILE OA 107 -90.85 -18.82 -13.73
N LYS OA 108 -89.54 -18.59 -13.70
CA LYS OA 108 -88.61 -19.48 -14.38
C LYS OA 108 -88.64 -20.88 -13.78
N LYS OA 109 -88.70 -20.99 -12.45
CA LYS OA 109 -88.78 -22.29 -11.81
C LYS OA 109 -90.03 -23.04 -12.23
N MET OA 110 -91.18 -22.35 -12.25
CA MET OA 110 -92.42 -23.00 -12.66
C MET OA 110 -92.35 -23.44 -14.12
N GLN OA 111 -91.90 -22.55 -15.01
CA GLN OA 111 -91.84 -22.87 -16.42
C GLN OA 111 -90.83 -23.97 -16.73
N LEU OA 112 -89.78 -24.11 -15.92
CA LEU OA 112 -88.82 -25.18 -16.14
C LEU OA 112 -89.29 -26.51 -15.54
N MET OA 113 -89.93 -26.48 -14.38
CA MET OA 113 -90.46 -27.70 -13.79
C MET OA 113 -91.66 -28.24 -14.55
N ASN OA 114 -92.42 -27.39 -15.23
CA ASN OA 114 -93.55 -27.86 -16.00
C ASN OA 114 -93.15 -28.52 -17.31
N LYS OA 115 -91.97 -28.20 -17.84
CA LYS OA 115 -91.52 -28.73 -19.12
C LYS OA 115 -90.45 -29.80 -19.01
N VAL OA 116 -89.62 -29.77 -17.98
CA VAL OA 116 -88.55 -30.74 -17.83
C VAL OA 116 -88.99 -31.95 -17.02
N LEU OA 117 -89.68 -31.71 -15.90
CA LEU OA 117 -90.13 -32.80 -15.05
C LEU OA 117 -91.42 -33.40 -15.59
N GLU OA 118 -91.80 -34.54 -15.01
CA GLU OA 118 -93.03 -35.24 -15.38
C GLU OA 118 -94.13 -35.10 -14.33
N ASN OA 119 -93.77 -35.02 -13.06
CA ASN OA 119 -94.73 -34.85 -11.96
C ASN OA 119 -94.32 -33.62 -11.16
N PRO OA 120 -94.84 -32.43 -11.49
CA PRO OA 120 -94.42 -31.22 -10.77
C PRO OA 120 -94.87 -31.15 -9.33
N GLU OA 121 -95.80 -32.02 -8.90
CA GLU OA 121 -96.23 -32.01 -7.51
C GLU OA 121 -95.25 -32.72 -6.58
N ASP OA 122 -94.40 -33.60 -7.13
CA ASP OA 122 -93.43 -34.34 -6.32
C ASP OA 122 -92.17 -33.50 -6.22
N THR OA 123 -92.22 -32.48 -5.36
CA THR OA 123 -91.10 -31.56 -5.22
C THR OA 123 -89.92 -32.21 -4.50
N SER OA 124 -90.18 -33.21 -3.64
CA SER OA 124 -89.14 -33.86 -2.86
C SER OA 124 -88.22 -34.73 -3.71
N SER OA 125 -88.38 -34.74 -5.03
CA SER OA 125 -87.56 -35.60 -5.87
C SER OA 125 -86.22 -34.95 -6.19
N LEU OA 126 -85.21 -35.80 -6.39
CA LEU OA 126 -83.89 -35.31 -6.77
C LEU OA 126 -83.94 -34.54 -8.08
N GLU OA 127 -84.75 -35.02 -9.03
CA GLU OA 127 -84.91 -34.33 -10.30
C GLU OA 127 -85.56 -32.95 -10.13
N ALA OA 128 -86.36 -32.75 -9.09
CA ALA OA 128 -86.93 -31.43 -8.83
C ALA OA 128 -85.93 -30.53 -8.12
N ARG OA 129 -85.18 -31.08 -7.17
CA ARG OA 129 -84.17 -30.28 -6.47
C ARG OA 129 -83.07 -29.84 -7.42
N ILE OA 130 -82.71 -30.68 -8.39
CA ILE OA 130 -81.69 -30.30 -9.36
C ILE OA 130 -82.15 -29.09 -10.17
N VAL OA 131 -83.41 -29.07 -10.58
CA VAL OA 131 -83.92 -27.93 -11.34
C VAL OA 131 -84.02 -26.69 -10.45
N ALA OA 132 -84.49 -26.86 -9.21
CA ALA OA 132 -84.59 -25.73 -8.30
C ALA OA 132 -83.23 -25.12 -7.99
N LEU OA 133 -82.18 -25.94 -7.98
CA LEU OA 133 -80.83 -25.41 -7.78
C LEU OA 133 -80.24 -24.87 -9.07
N THR OA 134 -80.64 -25.42 -10.23
CA THR OA 134 -80.16 -24.89 -11.50
C THR OA 134 -80.68 -23.47 -11.74
N VAL OA 135 -81.93 -23.22 -11.36
CA VAL OA 135 -82.47 -21.86 -11.48
C VAL OA 135 -81.63 -20.89 -10.63
N LYS OA 136 -81.31 -21.28 -9.40
CA LYS OA 136 -80.51 -20.41 -8.53
C LYS OA 136 -79.09 -20.26 -9.06
N ILE OA 137 -78.54 -21.31 -9.66
CA ILE OA 137 -77.19 -21.23 -10.22
C ILE OA 137 -77.16 -20.25 -11.38
N ARG OA 138 -78.17 -20.30 -12.25
CA ARG OA 138 -78.23 -19.38 -13.37
C ARG OA 138 -78.47 -17.95 -12.91
N ASN OA 139 -79.28 -17.76 -11.87
CA ASN OA 139 -79.48 -16.42 -11.31
C ASN OA 139 -78.18 -15.89 -10.71
N TYR OA 140 -77.43 -16.75 -10.02
CA TYR OA 140 -76.16 -16.32 -9.44
C TYR OA 140 -75.13 -16.01 -10.51
N GLU OA 141 -75.17 -16.74 -11.62
CA GLU OA 141 -74.30 -16.42 -12.75
C GLU OA 141 -74.67 -15.06 -13.36
N GLU OA 142 -75.97 -14.79 -13.51
CA GLU OA 142 -76.40 -13.48 -13.97
C GLU OA 142 -75.94 -12.39 -13.02
N HIS OA 143 -75.95 -12.66 -11.71
CA HIS OA 143 -75.46 -11.69 -10.74
C HIS OA 143 -73.95 -11.49 -10.85
N MET OA 144 -73.20 -12.57 -11.04
CA MET OA 144 -71.76 -12.49 -11.18
C MET OA 144 -71.34 -11.75 -12.44
N GLN OA 145 -72.12 -11.86 -13.51
CA GLN OA 145 -71.77 -11.17 -14.74
C GLN OA 145 -71.78 -9.65 -14.55
N LYS OA 146 -72.54 -9.16 -13.57
CA LYS OA 146 -72.53 -7.73 -13.27
C LYS OA 146 -71.58 -7.39 -12.14
N HIS OA 147 -71.50 -8.23 -11.11
CA HIS OA 147 -70.66 -8.00 -9.95
C HIS OA 147 -69.47 -8.95 -10.00
N ARG OA 148 -68.27 -8.38 -10.16
CA ARG OA 148 -67.07 -9.21 -10.32
C ARG OA 148 -66.45 -9.56 -8.97
N LYS OA 149 -66.24 -8.56 -8.12
CA LYS OA 149 -65.55 -8.77 -6.85
C LYS OA 149 -66.45 -9.31 -5.76
N ASP OA 150 -67.70 -9.64 -6.07
CA ASP OA 150 -68.62 -10.20 -5.08
C ASP OA 150 -68.13 -11.60 -4.72
N LYS OA 151 -67.56 -11.74 -3.52
CA LYS OA 151 -67.01 -13.01 -3.09
C LYS OA 151 -68.04 -13.93 -2.45
N ALA OA 152 -69.00 -13.38 -1.71
CA ALA OA 152 -70.00 -14.21 -1.06
C ALA OA 152 -70.88 -14.91 -2.09
N HIS OA 153 -71.37 -14.16 -3.09
CA HIS OA 153 -72.17 -14.77 -4.14
C HIS OA 153 -71.35 -15.75 -4.98
N LYS OA 154 -70.07 -15.48 -5.17
CA LYS OA 154 -69.21 -16.42 -5.91
C LYS OA 154 -69.07 -17.73 -5.15
N ARG OA 155 -68.86 -17.66 -3.84
CA ARG OA 155 -68.81 -18.87 -3.02
C ARG OA 155 -70.14 -19.60 -3.04
N PHE OA 156 -71.24 -18.86 -2.95
CA PHE OA 156 -72.57 -19.48 -3.06
C PHE OA 156 -72.71 -20.24 -4.36
N LEU OA 157 -72.28 -19.64 -5.47
CA LEU OA 157 -72.40 -20.28 -6.78
C LEU OA 157 -71.51 -21.52 -6.87
N LEU OA 158 -70.26 -21.42 -6.40
CA LEU OA 158 -69.35 -22.55 -6.50
C LEU OA 158 -69.78 -23.70 -5.60
N MET OA 159 -70.49 -23.41 -4.51
CA MET OA 159 -70.97 -24.49 -3.66
C MET OA 159 -72.28 -25.07 -4.18
N SER OA 160 -73.13 -24.23 -4.77
CA SER OA 160 -74.36 -24.74 -5.38
C SER OA 160 -74.07 -25.63 -6.57
N ILE OA 161 -73.03 -25.30 -7.33
CA ILE OA 161 -72.62 -26.17 -8.44
C ILE OA 161 -72.19 -27.53 -7.92
N ASP OA 162 -71.44 -27.55 -6.81
CA ASP OA 162 -71.00 -28.82 -6.24
C ASP OA 162 -72.17 -29.62 -5.69
N GLN OA 163 -73.15 -28.94 -5.07
CA GLN OA 163 -74.33 -29.64 -4.59
C GLN OA 163 -75.14 -30.21 -5.74
N ARG OA 164 -75.29 -29.45 -6.82
CA ARG OA 164 -76.00 -29.95 -8.00
C ARG OA 164 -75.27 -31.14 -8.61
N LYS OA 165 -73.94 -31.11 -8.62
CA LYS OA 165 -73.18 -32.24 -9.15
C LYS OA 165 -73.31 -33.47 -8.26
N LYS OA 166 -73.34 -33.28 -6.93
CA LYS OA 166 -73.57 -34.41 -6.04
C LYS OA 166 -74.94 -35.03 -6.26
N MET OA 167 -75.98 -34.19 -6.39
CA MET OA 167 -77.30 -34.73 -6.67
C MET OA 167 -77.38 -35.36 -8.05
N LEU OA 168 -76.62 -34.85 -9.02
CA LEU OA 168 -76.56 -35.50 -10.33
C LEU OA 168 -75.92 -36.87 -10.22
N LYS OA 169 -74.86 -37.01 -9.42
CA LYS OA 169 -74.26 -38.31 -9.20
C LYS OA 169 -75.26 -39.27 -8.57
N ASN OA 170 -76.00 -38.79 -7.55
CA ASN OA 170 -76.99 -39.65 -6.92
C ASN OA 170 -78.09 -40.06 -7.89
N LEU OA 171 -78.53 -39.12 -8.74
CA LEU OA 171 -79.56 -39.44 -9.73
C LEU OA 171 -79.06 -40.42 -10.77
N ARG OA 172 -77.79 -40.29 -11.19
CA ARG OA 172 -77.22 -41.24 -12.14
C ARG OA 172 -77.09 -42.62 -11.52
N GLU OA 173 -76.79 -42.70 -10.22
CA GLU OA 173 -76.70 -43.97 -9.54
C GLU OA 173 -78.07 -44.59 -9.23
N THR OA 174 -79.12 -43.79 -9.14
CA THR OA 174 -80.46 -44.29 -8.86
C THR OA 174 -81.26 -44.60 -10.10
N ASN OA 175 -81.50 -43.61 -10.96
CA ASN OA 175 -82.32 -43.78 -12.17
C ASN OA 175 -81.55 -43.20 -13.35
N TYR OA 176 -81.14 -44.06 -14.28
CA TYR OA 176 -80.31 -43.62 -15.39
C TYR OA 176 -81.11 -42.84 -16.42
N ALA OA 177 -82.35 -43.24 -16.68
CA ALA OA 177 -83.16 -42.58 -17.70
C ALA OA 177 -83.48 -41.15 -17.31
N VAL OA 178 -83.93 -40.94 -16.06
CA VAL OA 178 -84.25 -39.59 -15.60
C VAL OA 178 -82.99 -38.72 -15.59
N PHE OA 179 -81.86 -39.29 -15.19
CA PHE OA 179 -80.61 -38.55 -15.21
C PHE OA 179 -80.23 -38.13 -16.62
N GLU OA 180 -80.33 -39.06 -17.58
CA GLU OA 180 -79.95 -38.76 -18.94
C GLU OA 180 -80.89 -37.75 -19.59
N LYS OA 181 -82.17 -37.77 -19.21
CA LYS OA 181 -83.10 -36.76 -19.73
C LYS OA 181 -82.89 -35.40 -19.08
N ILE OA 182 -82.62 -35.38 -17.78
CA ILE OA 182 -82.33 -34.12 -17.08
C ILE OA 182 -81.10 -33.46 -17.69
N CYS OA 183 -80.04 -34.23 -17.92
CA CYS OA 183 -78.83 -33.68 -18.52
C CYS OA 183 -79.08 -33.13 -19.92
N LYS OA 184 -79.83 -33.86 -20.75
CA LYS OA 184 -80.08 -33.41 -22.11
C LYS OA 184 -80.98 -32.18 -22.13
N GLU OA 185 -81.89 -32.05 -21.16
CA GLU OA 185 -82.79 -30.90 -21.14
C GLU OA 185 -82.13 -29.66 -20.55
N LEU OA 186 -81.28 -29.84 -19.54
CA LEU OA 186 -80.67 -28.70 -18.86
C LEU OA 186 -79.29 -28.34 -19.40
N GLY OA 187 -78.74 -29.14 -20.32
CA GLY OA 187 -77.43 -28.84 -20.86
C GLY OA 187 -76.28 -29.04 -19.90
N ILE OA 188 -76.52 -29.67 -18.75
CA ILE OA 188 -75.46 -29.91 -17.79
C ILE OA 188 -74.66 -31.13 -18.24
N GLU OA 189 -73.38 -30.92 -18.55
CA GLU OA 189 -72.50 -32.00 -18.96
C GLU OA 189 -71.90 -32.61 -17.71
N TYR OA 190 -72.44 -33.75 -17.30
CA TYR OA 190 -71.97 -34.43 -16.09
C TYR OA 190 -70.57 -34.98 -16.32
N THR OA 191 -69.60 -34.44 -15.59
CA THR OA 191 -68.22 -34.88 -15.68
C THR OA 191 -67.90 -35.81 -14.52
N PHE OA 192 -67.11 -36.83 -14.79
CA PHE OA 192 -66.73 -37.76 -13.74
C PHE OA 192 -65.53 -37.21 -12.97
N PRO OA 193 -65.56 -37.27 -11.64
CA PRO OA 193 -64.47 -36.72 -10.84
C PRO OA 193 -63.16 -37.44 -11.13
N PRO OA 194 -62.17 -36.74 -11.67
CA PRO OA 194 -60.90 -37.39 -11.98
C PRO OA 194 -60.12 -37.71 -10.73
N PRO OA 195 -59.72 -38.96 -10.55
CA PRO OA 195 -58.92 -39.32 -9.37
C PRO OA 195 -57.57 -38.64 -9.39
N TYR OA 196 -56.88 -38.72 -8.24
CA TYR OA 196 -55.56 -38.13 -8.06
C TYR OA 196 -55.60 -36.61 -8.30
N HIS OA 197 -56.37 -35.93 -7.45
CA HIS OA 197 -56.47 -34.48 -7.51
C HIS OA 197 -55.13 -33.84 -7.17
N ARG OA 198 -54.49 -33.21 -8.16
CA ARG OA 198 -53.18 -32.61 -7.97
C ARG OA 198 -53.14 -31.25 -8.64
N LYS OA 199 -52.27 -30.38 -8.12
CA LYS OA 199 -52.07 -29.05 -8.68
C LYS OA 199 -51.01 -29.15 -9.77
N ALA OA 200 -51.42 -28.97 -11.02
CA ALA OA 200 -50.50 -29.06 -12.16
C ALA OA 200 -49.58 -27.86 -12.15
N HIS OA 201 -48.33 -28.08 -11.74
CA HIS OA 201 -47.34 -27.02 -11.69
C HIS OA 201 -46.57 -26.95 -13.02
N ARG OA 202 -45.72 -25.94 -13.13
CA ARG OA 202 -45.01 -25.70 -14.39
C ARG OA 202 -44.10 -26.87 -14.75
N ARG OA 203 -43.37 -27.42 -13.78
CA ARG OA 203 -42.49 -28.55 -14.05
C ARG OA 203 -43.27 -29.75 -14.58
N TRP OA 204 -44.37 -30.10 -13.92
CA TRP OA 204 -45.15 -31.25 -14.37
C TRP OA 204 -45.78 -31.02 -15.73
N VAL OA 205 -46.29 -29.81 -15.98
CA VAL OA 205 -46.88 -29.51 -17.28
C VAL OA 205 -45.83 -29.61 -18.38
N THR OA 206 -44.64 -29.01 -18.16
CA THR OA 206 -43.59 -29.06 -19.16
C THR OA 206 -43.14 -30.48 -19.42
N LYS OA 207 -42.96 -31.28 -18.36
CA LYS OA 207 -42.52 -32.65 -18.55
C LYS OA 207 -43.58 -33.50 -19.25
N LYS OA 208 -44.86 -33.26 -18.96
CA LYS OA 208 -45.91 -34.00 -19.65
C LYS OA 208 -45.96 -33.64 -21.12
N ALA OA 209 -45.84 -32.34 -21.44
CA ALA OA 209 -45.79 -31.94 -22.85
C ALA OA 209 -44.60 -32.54 -23.57
N LEU OA 210 -43.44 -32.56 -22.91
CA LEU OA 210 -42.25 -33.16 -23.51
C LEU OA 210 -42.45 -34.65 -23.76
N CYS OA 211 -43.00 -35.37 -22.77
CA CYS OA 211 -43.24 -36.80 -22.95
C CYS OA 211 -44.24 -37.06 -24.07
N THR OA 212 -45.29 -36.23 -24.18
CA THR OA 212 -46.26 -36.43 -25.25
C THR OA 212 -45.62 -36.20 -26.62
N GLN OA 213 -44.83 -35.14 -26.75
CA GLN OA 213 -44.17 -34.88 -28.03
C GLN OA 213 -43.16 -35.97 -28.37
N VAL OA 214 -42.44 -36.47 -27.36
CA VAL OA 214 -41.49 -37.55 -27.60
C VAL OA 214 -42.22 -38.81 -28.05
N PHE OA 215 -43.35 -39.12 -27.42
CA PHE OA 215 -44.13 -40.29 -27.82
C PHE OA 215 -44.62 -40.16 -29.26
N ARG OA 216 -45.16 -38.99 -29.61
CA ARG OA 216 -45.62 -38.77 -30.98
C ARG OA 216 -44.50 -38.88 -31.99
N GLU OA 217 -43.34 -38.25 -31.73
CA GLU OA 217 -42.21 -38.36 -32.64
C GLU OA 217 -41.69 -39.79 -32.76
N VAL OA 218 -41.65 -40.54 -31.66
CA VAL OA 218 -41.16 -41.92 -31.71
C VAL OA 218 -42.10 -42.78 -32.54
N GLN OA 219 -43.41 -42.67 -32.30
CA GLN OA 219 -44.34 -43.46 -33.09
C GLN OA 219 -44.35 -43.03 -34.55
N LYS OA 220 -44.13 -41.75 -34.84
CA LYS OA 220 -44.06 -41.30 -36.23
C LYS OA 220 -42.84 -41.86 -36.94
N LEU OA 221 -41.67 -41.82 -36.28
CA LEU OA 221 -40.47 -42.37 -36.91
C LEU OA 221 -40.58 -43.89 -37.06
N LYS OA 222 -41.24 -44.57 -36.12
CA LYS OA 222 -41.41 -46.00 -36.25
C LYS OA 222 -42.39 -46.35 -37.37
N LYS OA 223 -43.43 -45.53 -37.56
CA LYS OA 223 -44.33 -45.73 -38.69
C LYS OA 223 -43.60 -45.52 -40.01
N GLN OA 224 -42.77 -44.48 -40.10
CA GLN OA 224 -41.99 -44.27 -41.31
C GLN OA 224 -41.00 -45.41 -41.56
N LYS OA 225 -40.37 -45.94 -40.51
CA LYS OA 225 -39.48 -47.07 -40.66
C LYS OA 225 -40.22 -48.31 -41.14
N ARG OA 226 -41.40 -48.57 -40.57
CA ARG OA 226 -42.19 -49.71 -41.03
C ARG OA 226 -42.63 -49.55 -42.48
N ALA OA 227 -42.97 -48.33 -42.89
CA ALA OA 227 -43.33 -48.11 -44.28
C ALA OA 227 -42.14 -48.35 -45.20
N LEU OA 228 -40.96 -47.87 -44.81
CA LEU OA 228 -39.76 -48.10 -45.62
C LEU OA 228 -39.42 -49.58 -45.69
N ARG OA 229 -39.60 -50.31 -44.59
CA ARG OA 229 -39.34 -51.75 -44.59
C ARG OA 229 -40.34 -52.49 -45.47
N ALA OA 230 -41.62 -52.11 -45.41
CA ALA OA 230 -42.61 -52.72 -46.29
C ALA OA 230 -42.30 -52.46 -47.76
N ALA OA 231 -41.89 -51.23 -48.09
CA ALA OA 231 -41.49 -50.93 -49.46
C ALA OA 231 -40.26 -51.71 -49.89
N ALA OA 232 -39.25 -51.86 -49.03
CA ALA OA 232 -38.06 -52.63 -49.37
C ALA OA 232 -38.37 -54.11 -49.52
N VAL OA 233 -39.34 -54.63 -48.76
CA VAL OA 233 -39.75 -56.02 -48.92
C VAL OA 233 -40.53 -56.21 -50.21
N ALA OA 234 -41.39 -55.25 -50.56
CA ALA OA 234 -42.14 -55.33 -51.81
C ALA OA 234 -41.22 -55.21 -53.02
N ALA OA 235 -40.17 -54.40 -52.93
CA ALA OA 235 -39.22 -54.29 -54.03
C ALA OA 235 -38.27 -55.48 -54.12
N HIS OA 236 -38.08 -56.21 -53.03
CA HIS OA 236 -37.21 -57.38 -53.02
C HIS OA 236 -37.93 -58.66 -53.40
N LYS OA 237 -39.22 -58.76 -53.09
CA LYS OA 237 -39.98 -59.96 -53.44
C LYS OA 237 -40.33 -60.00 -54.93
N GLN OA 238 -40.33 -58.85 -55.60
CA GLN OA 238 -40.67 -58.82 -57.03
C GLN OA 238 -39.49 -59.22 -57.90
N GLY OA 239 -38.38 -58.48 -57.78
CA GLY OA 239 -37.19 -58.79 -58.56
C GLY OA 239 -36.35 -57.56 -58.87
N ARG PA 10 -34.28 -77.74 -2.56
CA ARG PA 10 -33.69 -76.98 -3.65
C ARG PA 10 -33.89 -77.69 -4.98
N ALA PA 11 -33.56 -77.00 -6.07
CA ALA PA 11 -33.71 -77.57 -7.40
C ALA PA 11 -32.49 -78.40 -7.78
N TYR PA 12 -32.72 -79.64 -8.18
CA TYR PA 12 -31.67 -80.53 -8.63
C TYR PA 12 -31.81 -80.79 -10.12
N ARG PA 13 -30.72 -81.23 -10.75
CA ARG PA 13 -30.76 -81.60 -12.15
C ARG PA 13 -31.33 -82.98 -12.37
N GLY PA 14 -31.24 -83.86 -11.38
CA GLY PA 14 -31.77 -85.20 -11.49
C GLY PA 14 -31.94 -85.86 -10.13
N GLY PA 15 -31.59 -87.14 -10.04
CA GLY PA 15 -31.69 -87.86 -8.79
C GLY PA 15 -32.91 -88.77 -8.74
N HIS PA 16 -32.86 -89.71 -7.81
CA HIS PA 16 -33.93 -90.70 -7.65
C HIS PA 16 -34.31 -90.83 -6.18
N LEU PA 17 -35.58 -91.09 -5.94
CA LEU PA 17 -36.07 -91.25 -4.58
C LEU PA 17 -35.43 -92.47 -3.93
N THR PA 18 -34.85 -92.27 -2.75
CA THR PA 18 -34.12 -93.32 -2.05
C THR PA 18 -34.56 -93.36 -0.60
N ILE PA 19 -34.94 -94.55 -0.14
CA ILE PA 19 -35.29 -94.78 1.26
C ILE PA 19 -34.01 -95.15 1.99
N ARG PA 20 -33.48 -94.23 2.78
CA ARG PA 20 -32.20 -94.41 3.44
C ARG PA 20 -32.35 -94.13 4.93
N LEU PA 21 -31.21 -94.07 5.62
CA LEU PA 21 -31.15 -93.85 7.05
C LEU PA 21 -30.37 -92.57 7.32
N ALA PA 22 -31.06 -91.55 7.82
CA ALA PA 22 -30.43 -90.29 8.19
C ALA PA 22 -29.86 -90.44 9.59
N LEU PA 23 -28.54 -90.33 9.72
CA LEU PA 23 -27.87 -90.47 11.02
C LEU PA 23 -27.98 -89.14 11.77
N GLY PA 24 -29.09 -88.98 12.47
CA GLY PA 24 -29.26 -87.81 13.30
C GLY PA 24 -29.30 -88.22 14.76
N GLY PA 25 -28.24 -87.95 15.49
CA GLY PA 25 -28.12 -88.43 16.85
C GLY PA 25 -27.13 -87.63 17.66
N CYS PA 26 -26.48 -88.31 18.59
CA CYS PA 26 -25.63 -87.68 19.58
C CYS PA 26 -24.30 -88.42 19.64
N THR PA 27 -23.27 -87.72 20.13
CA THR PA 27 -21.92 -88.28 20.12
C THR PA 27 -21.87 -89.55 20.96
N ASN PA 28 -21.23 -90.58 20.40
CA ASN PA 28 -21.19 -91.92 20.99
C ASN PA 28 -22.58 -92.52 21.19
N ARG PA 29 -23.56 -92.01 20.44
CA ARG PA 29 -24.93 -92.50 20.53
C ARG PA 29 -25.59 -92.28 19.17
N PRO PA 30 -25.35 -93.18 18.23
CA PRO PA 30 -25.94 -93.01 16.89
C PRO PA 30 -27.45 -93.23 16.92
N PHE PA 31 -28.13 -92.58 15.99
CA PHE PA 31 -29.59 -92.70 15.90
C PHE PA 31 -29.98 -92.49 14.44
N TYR PA 32 -30.41 -93.57 13.79
CA TYR PA 32 -30.78 -93.54 12.39
C TYR PA 32 -32.29 -93.42 12.24
N ARG PA 33 -32.73 -92.37 11.55
CA ARG PA 33 -34.13 -92.20 11.21
C ARG PA 33 -34.34 -92.72 9.79
N ILE PA 34 -35.21 -93.71 9.64
CA ILE PA 34 -35.52 -94.25 8.32
C ILE PA 34 -36.39 -93.23 7.59
N VAL PA 35 -35.93 -92.77 6.43
CA VAL PA 35 -36.63 -91.71 5.72
C VAL PA 35 -36.45 -91.88 4.22
N ALA PA 36 -37.53 -91.60 3.48
CA ALA PA 36 -37.50 -91.55 2.02
C ALA PA 36 -37.29 -90.09 1.62
N ALA PA 37 -36.22 -89.84 0.87
CA ALA PA 37 -35.82 -88.50 0.48
C ALA PA 37 -35.16 -88.56 -0.89
N HIS PA 38 -34.76 -87.40 -1.40
CA HIS PA 38 -34.05 -87.35 -2.67
C HIS PA 38 -32.65 -87.92 -2.50
N SER PA 39 -32.02 -88.24 -3.62
CA SER PA 39 -30.68 -88.83 -3.59
C SER PA 39 -29.58 -87.78 -3.62
N LYS PA 40 -29.85 -86.58 -4.12
CA LYS PA 40 -28.86 -85.52 -4.19
C LYS PA 40 -28.97 -84.53 -3.04
N CYS PA 41 -29.77 -84.84 -2.03
CA CYS PA 41 -29.88 -84.01 -0.84
C CYS PA 41 -28.95 -84.52 0.25
N PRO PA 42 -28.57 -83.66 1.20
CA PRO PA 42 -27.68 -84.10 2.27
C PRO PA 42 -28.35 -85.15 3.15
N ARG PA 43 -27.56 -85.67 4.11
CA ARG PA 43 -28.04 -86.75 4.96
C ARG PA 43 -29.19 -86.28 5.83
N ASP PA 44 -28.99 -85.20 6.59
CA ASP PA 44 -30.02 -84.66 7.48
C ASP PA 44 -30.75 -83.48 6.85
N GLY PA 45 -30.83 -83.44 5.53
CA GLY PA 45 -31.44 -82.32 4.82
C GLY PA 45 -32.91 -82.52 4.56
N ARG PA 46 -33.40 -81.87 3.50
CA ARG PA 46 -34.80 -81.97 3.13
C ARG PA 46 -35.14 -83.41 2.75
N PHE PA 47 -36.33 -83.85 3.16
CA PHE PA 47 -36.76 -85.22 2.92
C PHE PA 47 -38.22 -85.22 2.47
N VAL PA 48 -38.69 -86.39 2.05
CA VAL PA 48 -40.05 -86.54 1.55
C VAL PA 48 -40.94 -87.08 2.66
N GLU PA 49 -40.57 -88.21 3.25
CA GLU PA 49 -41.41 -88.79 4.30
C GLU PA 49 -40.59 -89.67 5.22
N GLN PA 50 -40.71 -89.45 6.52
CA GLN PA 50 -40.06 -90.30 7.52
C GLN PA 50 -40.93 -91.52 7.81
N LEU PA 51 -40.32 -92.71 7.73
CA LEU PA 51 -41.04 -93.96 7.86
C LEU PA 51 -40.80 -94.64 9.21
N GLY PA 52 -39.55 -94.82 9.60
CA GLY PA 52 -39.25 -95.48 10.86
C GLY PA 52 -37.98 -94.99 11.52
N SER PA 53 -37.52 -95.70 12.54
CA SER PA 53 -36.32 -95.34 13.27
C SER PA 53 -35.55 -96.60 13.62
N TYR PA 54 -34.24 -96.44 13.77
CA TYR PA 54 -33.35 -97.54 14.13
C TYR PA 54 -32.46 -97.11 15.29
N ASP PA 55 -32.39 -97.95 16.32
CA ASP PA 55 -31.53 -97.69 17.47
C ASP PA 55 -30.41 -98.72 17.50
N PRO PA 56 -29.16 -98.31 17.26
CA PRO PA 56 -28.08 -99.31 17.23
C PRO PA 56 -27.75 -99.86 18.61
N LEU PA 57 -27.67 -99.01 19.63
CA LEU PA 57 -27.30 -99.49 20.94
C LEU PA 57 -28.51 -100.12 21.64
N PRO PA 58 -28.33 -101.28 22.28
CA PRO PA 58 -29.45 -101.92 22.95
C PRO PA 58 -29.81 -101.22 24.25
N ASN PA 59 -31.07 -101.36 24.64
CA ASN PA 59 -31.58 -100.75 25.86
C ASN PA 59 -31.34 -101.67 27.05
N SER PA 60 -31.98 -101.36 28.19
CA SER PA 60 -31.78 -102.15 29.38
C SER PA 60 -32.26 -103.60 29.21
N HIS PA 61 -33.29 -103.81 28.40
CA HIS PA 61 -33.77 -105.15 28.12
C HIS PA 61 -32.91 -105.89 27.09
N GLY PA 62 -31.80 -105.30 26.66
CA GLY PA 62 -30.97 -105.92 25.66
C GLY PA 62 -31.62 -106.02 24.30
N GLU PA 63 -32.42 -105.01 23.92
CA GLU PA 63 -33.17 -105.02 22.68
C GLU PA 63 -32.81 -103.79 21.85
N LYS PA 64 -32.59 -104.00 20.56
CA LYS PA 64 -32.34 -102.93 19.62
C LYS PA 64 -33.65 -102.63 18.88
N LEU PA 65 -34.25 -101.49 19.19
CA LEU PA 65 -35.57 -101.18 18.65
C LEU PA 65 -35.47 -100.70 17.21
N VAL PA 66 -36.29 -101.28 16.35
CA VAL PA 66 -36.37 -100.91 14.93
C VAL PA 66 -37.83 -100.63 14.60
N ALA PA 67 -38.08 -99.56 13.85
CA ALA PA 67 -39.42 -99.14 13.48
C ALA PA 67 -39.55 -99.15 11.96
N LEU PA 68 -40.67 -99.70 11.47
CA LEU PA 68 -40.96 -99.74 10.05
C LEU PA 68 -42.42 -99.38 9.82
N ASN PA 69 -42.66 -98.43 8.92
CA ASN PA 69 -44.02 -98.09 8.48
C ASN PA 69 -44.26 -98.83 7.16
N PHE PA 70 -44.54 -100.13 7.29
CA PHE PA 70 -44.60 -101.01 6.12
C PHE PA 70 -45.60 -100.53 5.08
N ASP PA 71 -46.72 -99.97 5.50
CA ASP PA 71 -47.74 -99.53 4.56
C ASP PA 71 -47.21 -98.44 3.64
N ARG PA 72 -46.44 -97.50 4.19
CA ARG PA 72 -45.85 -96.46 3.37
C ARG PA 72 -44.59 -96.95 2.66
N ILE PA 73 -43.88 -97.90 3.26
CA ILE PA 73 -42.67 -98.44 2.64
C ILE PA 73 -43.01 -99.12 1.32
N ARG PA 74 -43.99 -100.04 1.36
CA ARG PA 74 -44.41 -100.71 0.13
C ARG PA 74 -44.99 -99.73 -0.88
N HIS PA 75 -45.68 -98.69 -0.41
CA HIS PA 75 -46.21 -97.67 -1.32
C HIS PA 75 -45.09 -96.95 -2.06
N TRP PA 76 -44.06 -96.52 -1.32
CA TRP PA 76 -42.95 -95.81 -1.97
C TRP PA 76 -42.16 -96.74 -2.88
N ILE PA 77 -42.00 -98.01 -2.48
CA ILE PA 77 -41.25 -98.94 -3.33
C ILE PA 77 -42.02 -99.21 -4.62
N GLY PA 78 -43.35 -99.33 -4.53
CA GLY PA 78 -44.15 -99.41 -5.73
C GLY PA 78 -44.16 -98.14 -6.55
N CYS PA 79 -43.97 -96.99 -5.90
CA CYS PA 79 -43.80 -95.73 -6.61
C CYS PA 79 -42.45 -95.60 -7.29
N GLY PA 80 -41.45 -96.36 -6.86
CA GLY PA 80 -40.18 -96.38 -7.55
C GLY PA 80 -39.00 -95.88 -6.74
N ALA PA 81 -39.04 -96.08 -5.44
CA ALA PA 81 -37.95 -95.67 -4.56
C ALA PA 81 -36.92 -96.79 -4.44
N HIS PA 82 -35.65 -96.41 -4.42
CA HIS PA 82 -34.57 -97.39 -4.25
C HIS PA 82 -34.28 -97.61 -2.77
N LEU PA 83 -33.52 -98.65 -2.49
CA LEU PA 83 -33.13 -99.00 -1.14
C LEU PA 83 -31.61 -99.04 -1.01
N SER PA 84 -31.12 -98.84 0.20
CA SER PA 84 -29.70 -98.86 0.49
C SER PA 84 -29.32 -100.16 1.19
N LYS PA 85 -28.02 -100.34 1.42
CA LYS PA 85 -27.54 -101.58 2.02
C LYS PA 85 -28.03 -101.79 3.46
N PRO PA 86 -27.93 -100.82 4.37
CA PRO PA 86 -28.46 -101.06 5.72
C PRO PA 86 -29.98 -101.18 5.74
N VAL PA 87 -30.68 -100.48 4.86
CA VAL PA 87 -32.13 -100.62 4.79
C VAL PA 87 -32.49 -102.04 4.36
N GLU PA 88 -31.80 -102.57 3.35
CA GLU PA 88 -32.03 -103.95 2.94
C GLU PA 88 -31.66 -104.94 4.04
N LYS PA 89 -30.58 -104.67 4.78
CA LYS PA 89 -30.20 -105.54 5.89
C LYS PA 89 -31.29 -105.57 6.95
N LEU PA 90 -31.81 -104.40 7.31
CA LEU PA 90 -32.88 -104.35 8.32
C LEU PA 90 -34.15 -105.02 7.83
N LEU PA 91 -34.48 -104.83 6.55
CA LEU PA 91 -35.67 -105.49 6.01
C LEU PA 91 -35.50 -107.01 5.98
N GLY PA 92 -34.30 -107.49 5.67
CA GLY PA 92 -34.07 -108.93 5.70
C GLY PA 92 -34.10 -109.49 7.11
N LEU PA 93 -33.58 -108.73 8.08
CA LEU PA 93 -33.67 -109.18 9.47
C LEU PA 93 -35.12 -109.16 9.96
N SER PA 94 -35.93 -108.23 9.48
CA SER PA 94 -37.32 -108.17 9.91
C SER PA 94 -38.16 -109.26 9.25
N GLY PA 95 -37.87 -109.59 7.99
CA GLY PA 95 -38.64 -110.56 7.27
C GLY PA 95 -39.55 -109.99 6.21
N PHE PA 96 -39.53 -108.66 6.01
CA PHE PA 96 -40.31 -108.06 4.92
C PHE PA 96 -39.68 -108.31 3.57
N TYR PA 97 -38.35 -108.39 3.52
CA TYR PA 97 -37.59 -108.75 2.34
C TYR PA 97 -36.72 -109.96 2.65
N PRO PA 98 -36.37 -110.76 1.65
CA PRO PA 98 -35.51 -111.91 1.89
C PRO PA 98 -34.13 -111.48 2.40
N LEU PA 99 -33.46 -112.42 3.07
CA LEU PA 99 -32.16 -112.13 3.65
C LEU PA 99 -31.16 -111.75 2.57
N HIS PA 100 -30.32 -110.77 2.88
CA HIS PA 100 -29.40 -110.26 1.88
C HIS PA 100 -28.24 -111.21 1.68
N PRO PA 101 -27.85 -111.49 0.43
CA PRO PA 101 -26.68 -112.35 0.20
C PRO PA 101 -25.40 -111.79 0.79
N MET PA 102 -25.29 -110.47 0.93
CA MET PA 102 -24.15 -109.91 1.67
C MET PA 102 -24.18 -110.36 3.13
N MET PA 103 -25.34 -110.33 3.77
CA MET PA 103 -25.46 -110.85 5.13
C MET PA 103 -25.13 -112.33 5.19
N ILE PA 104 -25.57 -113.09 4.18
CA ILE PA 104 -25.29 -114.53 4.17
C ILE PA 104 -23.80 -114.79 4.07
N THR PA 105 -23.12 -114.14 3.12
CA THR PA 105 -21.69 -114.38 2.95
C THR PA 105 -20.89 -113.82 4.13
N ASN PA 106 -21.39 -112.77 4.78
CA ASN PA 106 -20.73 -112.29 6.00
C ASN PA 106 -20.89 -113.28 7.14
N ALA PA 107 -22.05 -113.90 7.28
CA ALA PA 107 -22.22 -114.96 8.27
C ALA PA 107 -21.29 -116.13 7.98
N GLU PA 108 -21.14 -116.49 6.70
CA GLU PA 108 -20.24 -117.57 6.33
C GLU PA 108 -18.79 -117.22 6.64
N ARG PA 109 -18.38 -115.98 6.36
CA ARG PA 109 -17.03 -115.53 6.69
C ARG PA 109 -16.82 -115.54 8.20
N LEU PA 110 -17.84 -115.14 8.97
CA LEU PA 110 -17.73 -115.17 10.42
C LEU PA 110 -17.58 -116.61 10.93
N ARG PA 111 -18.33 -117.54 10.35
CA ARG PA 111 -18.18 -118.95 10.73
C ARG PA 111 -16.79 -119.46 10.40
N ARG PA 112 -16.26 -119.09 9.24
CA ARG PA 112 -14.90 -119.50 8.89
C ARG PA 112 -13.87 -118.90 9.83
N LYS PA 113 -14.06 -117.64 10.24
CA LYS PA 113 -13.15 -117.03 11.19
C LYS PA 113 -13.22 -117.72 12.55
N ARG PA 114 -14.43 -118.09 12.99
CA ARG PA 114 -14.56 -118.83 14.23
C ARG PA 114 -13.87 -120.19 14.13
N ALA PA 115 -14.00 -120.85 12.98
CA ALA PA 115 -13.33 -122.14 12.79
C ALA PA 115 -11.81 -121.99 12.82
N ARG PA 116 -11.29 -120.96 12.16
CA ARG PA 116 -9.85 -120.72 12.21
C ARG PA 116 -9.39 -120.38 13.63
N GLU PA 117 -10.19 -119.60 14.38
CA GLU PA 117 -9.86 -119.29 15.76
C GLU PA 117 -9.82 -120.56 16.61
N VAL PA 118 -10.79 -121.46 16.41
CA VAL PA 118 -10.80 -122.71 17.16
C VAL PA 118 -9.59 -123.57 16.81
N LEU PA 119 -9.24 -123.62 15.52
CA LEU PA 119 -8.07 -124.39 15.11
C LEU PA 119 -6.79 -123.82 15.72
N LEU PA 120 -6.66 -122.49 15.74
CA LEU PA 120 -5.48 -121.87 16.32
C LEU PA 120 -5.43 -122.09 17.84
N ALA PA 121 -6.58 -122.02 18.51
CA ALA PA 121 -6.61 -122.27 19.95
C ALA PA 121 -6.29 -123.72 20.27
N SER PA 122 -6.65 -124.64 19.38
CA SER PA 122 -6.31 -126.04 19.58
C SER PA 122 -4.84 -126.33 19.30
N GLN PA 123 -4.24 -125.61 18.34
CA GLN PA 123 -2.84 -125.81 18.02
C GLN PA 123 -1.90 -125.06 18.95
N LYS PA 124 -2.39 -124.04 19.67
CA LYS PA 124 -1.56 -123.31 20.62
C LYS PA 124 -1.65 -123.86 22.03
N THR PA 125 -2.52 -124.84 22.28
CA THR PA 125 -2.73 -125.34 23.63
C THR PA 125 -1.74 -126.44 24.00
N ASP PA 126 -1.51 -127.41 23.11
CA ASP PA 126 -0.62 -128.53 23.40
C ASP PA 126 0.84 -128.08 23.51
N SER QA 2 -61.85 -82.70 -20.36
CA SER QA 2 -62.28 -81.39 -19.87
C SER QA 2 -61.10 -80.60 -19.32
N ILE QA 3 -60.07 -80.41 -20.15
CA ILE QA 3 -58.86 -79.69 -19.77
C ILE QA 3 -59.17 -78.20 -19.97
N ALA QA 4 -59.65 -77.56 -18.90
CA ALA QA 4 -59.97 -76.13 -18.93
C ALA QA 4 -59.66 -75.58 -17.54
N ARG QA 5 -58.47 -75.01 -17.37
CA ARG QA 5 -58.00 -74.57 -16.07
C ARG QA 5 -57.47 -73.14 -16.16
N SER QA 6 -57.47 -72.47 -15.02
CA SER QA 6 -56.89 -71.14 -14.88
C SER QA 6 -55.98 -71.14 -13.66
N SER QA 7 -54.72 -70.71 -13.86
CA SER QA 7 -53.75 -70.76 -12.78
C SER QA 7 -54.02 -69.73 -11.69
N VAL QA 8 -54.78 -68.68 -11.99
CA VAL QA 8 -55.06 -67.63 -11.01
C VAL QA 8 -56.03 -68.17 -9.97
N HIS QA 9 -56.04 -67.53 -8.80
CA HIS QA 9 -56.95 -67.94 -7.74
C HIS QA 9 -58.35 -67.38 -7.92
N ALA QA 10 -58.47 -66.21 -8.56
CA ALA QA 10 -59.77 -65.56 -8.73
C ALA QA 10 -60.55 -66.29 -9.82
N LYS QA 11 -61.15 -67.42 -9.44
CA LYS QA 11 -62.00 -68.16 -10.37
C LYS QA 11 -63.23 -67.34 -10.73
N TRP QA 12 -63.89 -66.78 -9.72
CA TRP QA 12 -65.05 -65.92 -9.91
C TRP QA 12 -64.94 -64.75 -8.95
N VAL QA 13 -65.18 -63.53 -9.44
CA VAL QA 13 -65.08 -62.33 -8.62
C VAL QA 13 -66.23 -61.40 -8.96
N VAL QA 14 -66.50 -60.46 -8.05
CA VAL QA 14 -67.51 -59.42 -8.25
C VAL QA 14 -66.85 -58.08 -8.03
N GLY QA 15 -67.03 -57.16 -8.97
CA GLY QA 15 -66.40 -55.85 -8.84
C GLY QA 15 -67.20 -54.76 -9.48
N LYS QA 16 -66.64 -53.55 -9.41
CA LYS QA 16 -67.24 -52.36 -10.01
C LYS QA 16 -66.33 -51.85 -11.12
N VAL QA 17 -66.95 -51.44 -12.22
CA VAL QA 17 -66.20 -50.94 -13.37
C VAL QA 17 -65.79 -49.50 -13.12
N ILE QA 18 -64.49 -49.22 -13.27
CA ILE QA 18 -63.95 -47.90 -13.03
C ILE QA 18 -63.99 -47.08 -14.31
N GLY QA 19 -63.33 -47.56 -15.35
CA GLY QA 19 -63.27 -46.84 -16.61
C GLY QA 19 -63.46 -47.78 -17.79
N THR QA 20 -64.04 -47.23 -18.86
CA THR QA 20 -64.32 -48.00 -20.07
C THR QA 20 -63.67 -47.37 -21.30
N ALA QA 21 -62.56 -46.65 -21.10
CA ALA QA 21 -61.89 -46.02 -22.23
C ALA QA 21 -61.16 -47.03 -23.11
N MET QA 22 -60.90 -48.23 -22.60
CA MET QA 22 -60.21 -49.25 -23.38
C MET QA 22 -61.18 -49.94 -24.32
N GLN QA 23 -60.75 -50.14 -25.56
CA GLN QA 23 -61.61 -50.77 -26.56
C GLN QA 23 -61.83 -52.23 -26.23
N LYS QA 24 -63.10 -52.61 -26.08
CA LYS QA 24 -63.49 -54.00 -25.79
C LYS QA 24 -62.81 -54.53 -24.53
N THR QA 25 -62.60 -53.67 -23.55
CA THR QA 25 -61.95 -54.06 -22.31
C THR QA 25 -62.48 -53.19 -21.19
N ALA QA 26 -62.99 -53.83 -20.13
CA ALA QA 26 -63.53 -53.13 -18.97
C ALA QA 26 -62.58 -53.24 -17.80
N LYS QA 27 -62.21 -52.10 -17.23
CA LYS QA 27 -61.34 -52.05 -16.06
C LYS QA 27 -62.21 -52.10 -14.81
N VAL QA 28 -62.14 -53.22 -14.09
CA VAL QA 28 -63.01 -53.48 -12.95
C VAL QA 28 -62.17 -53.52 -11.68
N ARG QA 29 -62.71 -52.94 -10.62
CA ARG QA 29 -62.06 -52.91 -9.31
C ARG QA 29 -62.82 -53.83 -8.36
N VAL QA 30 -62.13 -54.84 -7.86
CA VAL QA 30 -62.72 -55.82 -6.94
C VAL QA 30 -62.31 -55.44 -5.52
N THR QA 31 -63.28 -55.50 -4.61
CA THR QA 31 -63.07 -55.17 -3.21
C THR QA 31 -63.25 -56.42 -2.37
N ARG QA 32 -62.25 -56.71 -1.53
CA ARG QA 32 -62.28 -57.85 -0.63
C ARG QA 32 -62.14 -57.37 0.81
N LEU QA 33 -62.25 -58.31 1.74
CA LEU QA 33 -62.15 -58.02 3.17
C LEU QA 33 -60.92 -58.75 3.71
N VAL QA 34 -60.02 -58.00 4.36
CA VAL QA 34 -58.77 -58.53 4.89
C VAL QA 34 -58.72 -58.28 6.39
N LEU QA 35 -58.33 -59.31 7.14
CA LEU QA 35 -58.21 -59.19 8.59
C LEU QA 35 -56.97 -58.39 8.96
N ASP QA 36 -57.13 -57.42 9.84
CA ASP QA 36 -55.99 -56.69 10.38
C ASP QA 36 -55.33 -57.52 11.47
N PRO QA 37 -54.05 -57.88 11.33
CA PRO QA 37 -53.41 -58.71 12.36
C PRO QA 37 -53.33 -58.05 13.72
N TYR QA 38 -53.44 -56.73 13.80
CA TYR QA 38 -53.33 -56.00 15.06
C TYR QA 38 -54.68 -55.54 15.59
N LEU QA 39 -55.51 -54.93 14.73
CA LEU QA 39 -56.81 -54.43 15.16
C LEU QA 39 -57.90 -55.49 15.11
N LEU QA 40 -57.67 -56.59 14.41
CA LEU QA 40 -58.65 -57.67 14.27
C LEU QA 40 -59.97 -57.14 13.68
N LYS QA 41 -59.86 -56.26 12.69
CA LYS QA 41 -61.00 -55.72 11.99
C LYS QA 41 -60.79 -55.85 10.50
N TYR QA 42 -61.87 -56.20 9.78
CA TYR QA 42 -61.79 -56.43 8.34
C TYR QA 42 -62.07 -55.13 7.59
N PHE QA 43 -61.14 -54.75 6.73
CA PHE QA 43 -61.24 -53.55 5.93
C PHE QA 43 -61.32 -53.91 4.45
N ASN QA 44 -61.77 -52.95 3.64
CA ASN QA 44 -61.94 -53.16 2.21
C ASN QA 44 -60.60 -52.93 1.52
N LYS QA 45 -60.03 -54.01 0.97
CA LYS QA 45 -58.82 -53.93 0.17
C LYS QA 45 -59.18 -54.01 -1.31
N ARG QA 46 -58.78 -53.00 -2.06
CA ARG QA 46 -59.12 -52.91 -3.47
C ARG QA 46 -58.02 -53.53 -4.34
N LYS QA 47 -58.40 -53.89 -5.55
CA LYS QA 47 -57.46 -54.45 -6.53
C LYS QA 47 -58.08 -54.32 -7.91
N THR QA 48 -57.27 -53.93 -8.89
CA THR QA 48 -57.75 -53.69 -10.25
C THR QA 48 -57.59 -54.96 -11.08
N TYR QA 49 -58.64 -55.30 -11.83
CA TYR QA 49 -58.64 -56.46 -12.71
C TYR QA 49 -59.10 -56.03 -14.09
N PHE QA 50 -58.35 -56.43 -15.12
CA PHE QA 50 -58.74 -56.18 -16.50
C PHE QA 50 -59.64 -57.30 -17.00
N ALA QA 51 -60.74 -56.93 -17.62
CA ALA QA 51 -61.71 -57.89 -18.14
C ALA QA 51 -61.92 -57.67 -19.64
N HIS QA 52 -62.17 -58.76 -20.34
CA HIS QA 52 -62.37 -58.73 -21.78
C HIS QA 52 -63.87 -58.73 -22.08
N ASP QA 53 -64.37 -57.64 -22.66
CA ASP QA 53 -65.76 -57.50 -23.04
C ASP QA 53 -65.83 -57.40 -24.56
N ALA QA 54 -66.12 -58.53 -25.21
CA ALA QA 54 -66.21 -58.53 -26.66
C ALA QA 54 -67.40 -57.72 -27.16
N LEU QA 55 -68.44 -57.57 -26.34
CA LEU QA 55 -69.61 -56.81 -26.73
C LEU QA 55 -69.47 -55.31 -26.43
N GLN QA 56 -68.57 -54.93 -25.53
CA GLN QA 56 -68.38 -53.55 -25.11
C GLN QA 56 -69.69 -52.94 -24.64
N GLN QA 57 -70.21 -53.51 -23.55
CA GLN QA 57 -71.50 -53.10 -23.00
C GLN QA 57 -71.42 -52.51 -21.61
N CYS QA 58 -70.40 -52.85 -20.82
CA CYS QA 58 -70.28 -52.31 -19.47
C CYS QA 58 -69.85 -50.85 -19.51
N THR QA 59 -70.44 -50.05 -18.64
CA THR QA 59 -70.13 -48.63 -18.51
C THR QA 59 -69.69 -48.32 -17.09
N VAL QA 60 -69.49 -47.03 -16.82
CA VAL QA 60 -68.98 -46.59 -15.52
C VAL QA 60 -70.08 -46.76 -14.48
N GLY QA 61 -69.87 -47.65 -13.52
CA GLY QA 61 -70.79 -47.85 -12.42
C GLY QA 61 -71.60 -49.13 -12.46
N ASP QA 62 -71.03 -50.23 -12.96
CA ASP QA 62 -71.76 -51.49 -13.08
C ASP QA 62 -71.18 -52.51 -12.11
N ILE QA 63 -72.07 -53.31 -11.52
CA ILE QA 63 -71.68 -54.44 -10.69
C ILE QA 63 -71.52 -55.64 -11.61
N VAL QA 64 -70.30 -56.12 -11.76
CA VAL QA 64 -69.95 -57.08 -12.80
C VAL QA 64 -69.33 -58.32 -12.16
N LEU QA 65 -69.79 -59.50 -12.59
CA LEU QA 65 -69.20 -60.76 -12.21
C LEU QA 65 -68.21 -61.19 -13.28
N LEU QA 66 -66.98 -61.51 -12.87
CA LEU QA 66 -65.90 -61.89 -13.77
C LEU QA 66 -65.48 -63.33 -13.51
N LYS QA 67 -65.26 -64.06 -14.60
CA LYS QA 67 -64.81 -65.44 -14.57
C LYS QA 67 -63.37 -65.52 -15.08
N ALA QA 68 -62.57 -66.36 -14.44
CA ALA QA 68 -61.18 -66.52 -14.83
C ALA QA 68 -61.08 -67.09 -16.25
N LEU QA 69 -60.42 -66.36 -17.12
CA LEU QA 69 -60.25 -66.81 -18.49
C LEU QA 69 -59.22 -67.95 -18.52
N PRO QA 70 -59.53 -69.08 -19.15
CA PRO QA 70 -58.58 -70.21 -19.11
C PRO QA 70 -57.29 -69.95 -19.85
N VAL QA 71 -57.31 -69.13 -20.89
CA VAL QA 71 -56.12 -68.78 -21.65
C VAL QA 71 -55.91 -67.27 -21.54
N PRO QA 72 -54.84 -66.81 -20.88
CA PRO QA 72 -54.60 -65.36 -20.77
C PRO QA 72 -54.31 -64.78 -22.15
N ARG QA 73 -55.17 -63.86 -22.59
CA ARG QA 73 -54.98 -63.23 -23.88
C ARG QA 73 -53.70 -62.39 -23.90
N THR QA 74 -53.46 -61.63 -22.83
CA THR QA 74 -52.26 -60.83 -22.69
C THR QA 74 -51.74 -61.00 -21.26
N LYS QA 75 -50.77 -60.16 -20.89
CA LYS QA 75 -50.18 -60.21 -19.57
C LYS QA 75 -50.97 -59.43 -18.52
N HIS QA 76 -52.00 -58.69 -18.92
CA HIS QA 76 -52.80 -57.92 -17.99
C HIS QA 76 -54.27 -58.32 -17.94
N VAL QA 77 -54.82 -58.87 -19.02
CA VAL QA 77 -56.23 -59.25 -19.07
C VAL QA 77 -56.29 -60.75 -18.79
N LYS QA 78 -56.65 -61.11 -17.54
CA LYS QA 78 -56.76 -62.49 -17.13
C LYS QA 78 -58.17 -62.86 -16.71
N HIS QA 79 -59.16 -62.07 -17.12
CA HIS QA 79 -60.56 -62.35 -16.79
C HIS QA 79 -61.43 -61.92 -17.95
N GLU QA 80 -62.73 -62.26 -17.86
CA GLU QA 80 -63.68 -61.95 -18.91
C GLU QA 80 -65.04 -61.67 -18.29
N LEU QA 81 -65.77 -60.74 -18.90
CA LEU QA 81 -67.12 -60.41 -18.43
C LEU QA 81 -68.03 -61.62 -18.56
N ALA QA 82 -68.64 -62.03 -17.45
CA ALA QA 82 -69.62 -63.10 -17.47
C ALA QA 82 -71.05 -62.55 -17.55
N GLU QA 83 -71.44 -61.76 -16.55
CA GLU QA 83 -72.78 -61.18 -16.50
C GLU QA 83 -72.72 -59.85 -15.76
N ILE QA 84 -73.63 -58.96 -16.12
CA ILE QA 84 -73.78 -57.68 -15.43
C ILE QA 84 -74.83 -57.86 -14.34
N ILE QA 85 -74.42 -57.68 -13.08
CA ILE QA 85 -75.32 -57.92 -11.96
C ILE QA 85 -76.31 -56.78 -11.80
N PHE QA 86 -75.81 -55.54 -11.82
CA PHE QA 86 -76.68 -54.37 -11.66
C PHE QA 86 -76.23 -53.31 -12.66
N LYS QA 87 -77.11 -52.96 -13.59
CA LYS QA 87 -76.84 -51.87 -14.52
C LYS QA 87 -76.95 -50.53 -13.79
N VAL QA 88 -76.13 -49.57 -14.22
CA VAL QA 88 -76.11 -48.26 -13.57
C VAL QA 88 -77.42 -47.55 -13.81
N GLY QA 89 -78.07 -47.15 -12.71
CA GLY QA 89 -79.32 -46.40 -12.79
C GLY QA 89 -80.51 -47.26 -13.17
N GLN QA 90 -80.27 -48.43 -13.75
CA GLN QA 90 -81.32 -49.35 -14.16
C GLN QA 90 -81.13 -50.64 -13.38
N VAL QA 91 -81.73 -50.70 -12.20
CA VAL QA 91 -81.60 -51.84 -11.30
C VAL QA 91 -82.87 -52.68 -11.41
N ILE QA 92 -82.70 -53.98 -11.60
CA ILE QA 92 -83.81 -54.93 -11.63
C ILE QA 92 -83.71 -55.80 -10.39
N ASP QA 93 -84.70 -55.72 -9.52
CA ASP QA 93 -84.70 -56.50 -8.29
C ASP QA 93 -84.77 -57.98 -8.62
N PRO QA 94 -83.74 -58.78 -8.33
CA PRO QA 94 -83.77 -60.20 -8.72
C PRO QA 94 -84.75 -61.02 -7.90
N VAL QA 95 -85.15 -60.57 -6.72
CA VAL QA 95 -86.07 -61.36 -5.91
C VAL QA 95 -87.51 -61.16 -6.36
N THR QA 96 -87.80 -60.04 -7.05
CA THR QA 96 -89.15 -59.75 -7.51
C THR QA 96 -89.25 -59.57 -9.01
N GLY QA 97 -88.17 -59.19 -9.69
CA GLY QA 97 -88.22 -58.98 -11.12
C GLY QA 97 -88.81 -57.66 -11.56
N LYS QA 98 -88.69 -56.63 -10.72
CA LYS QA 98 -89.25 -55.33 -11.05
C LYS QA 98 -88.14 -54.26 -11.10
N PRO QA 99 -88.33 -53.23 -11.92
CA PRO QA 99 -87.34 -52.14 -11.93
C PRO QA 99 -87.46 -51.29 -10.68
N CYS QA 100 -86.32 -50.90 -10.13
CA CYS QA 100 -86.27 -50.08 -8.94
C CYS QA 100 -85.11 -49.10 -9.03
N ALA QA 101 -85.31 -47.92 -8.44
CA ALA QA 101 -84.29 -46.88 -8.38
C ALA QA 101 -83.94 -46.67 -6.91
N GLY QA 102 -82.95 -47.41 -6.43
CA GLY QA 102 -82.55 -47.34 -5.04
C GLY QA 102 -83.40 -48.20 -4.14
N THR QA 103 -84.24 -47.57 -3.32
CA THR QA 103 -85.10 -48.29 -2.38
C THR QA 103 -86.58 -48.17 -2.73
N THR QA 104 -86.91 -47.65 -3.92
CA THR QA 104 -88.28 -47.46 -4.33
C THR QA 104 -88.55 -48.22 -5.62
N TYR QA 105 -89.73 -48.84 -5.71
CA TYR QA 105 -90.12 -49.56 -6.90
C TYR QA 105 -90.68 -48.60 -7.94
N LEU QA 106 -90.19 -48.71 -9.18
CA LEU QA 106 -90.76 -47.94 -10.28
C LEU QA 106 -92.07 -48.56 -10.76
N GLU QA 107 -92.18 -49.88 -10.70
CA GLU QA 107 -93.40 -50.59 -11.05
C GLU QA 107 -93.73 -51.55 -9.91
N SER QA 108 -94.85 -51.34 -9.26
CA SER QA 108 -95.21 -52.15 -8.10
C SER QA 108 -95.52 -53.58 -8.55
N PRO QA 109 -95.03 -54.58 -7.81
CA PRO QA 109 -95.30 -55.98 -8.20
C PRO QA 109 -96.72 -56.43 -7.88
N ILE QA 110 -97.52 -55.62 -7.20
CA ILE QA 110 -98.89 -55.99 -6.87
C ILE QA 110 -99.82 -55.56 -7.99
N SER QA 111 -99.23 -55.10 -9.10
CA SER QA 111 -99.98 -54.67 -10.28
C SER QA 111 -99.50 -55.51 -11.47
N PRO QA 112 -100.06 -56.70 -11.67
CA PRO QA 112 -99.62 -57.53 -12.80
C PRO QA 112 -99.98 -56.94 -14.14
N GLU QA 113 -101.19 -56.43 -14.30
CA GLU QA 113 -101.62 -55.85 -15.56
C GLU QA 113 -101.97 -54.38 -15.39
N SER RA 47 -108.16 -44.60 42.10
CA SER RA 47 -109.60 -44.57 42.28
C SER RA 47 -110.06 -43.24 42.88
N ASN RA 48 -109.09 -42.45 43.35
CA ASN RA 48 -109.41 -41.16 43.93
C ASN RA 48 -109.80 -40.17 42.85
N GLU RA 49 -110.81 -39.36 43.12
CA GLU RA 49 -111.32 -38.37 42.17
C GLU RA 49 -110.88 -36.95 42.50
N ASP RA 50 -110.16 -36.76 43.61
CA ASP RA 50 -109.67 -35.44 43.99
C ASP RA 50 -108.19 -35.26 43.69
N LEU RA 51 -107.64 -36.07 42.80
CA LEU RA 51 -106.25 -35.94 42.43
C LEU RA 51 -106.05 -34.76 41.47
N PRO RA 52 -104.91 -34.09 41.55
CA PRO RA 52 -104.65 -32.97 40.62
C PRO RA 52 -104.52 -33.47 39.20
N VAL RA 53 -105.07 -32.70 38.27
CA VAL RA 53 -105.08 -33.09 36.86
C VAL RA 53 -103.98 -32.33 36.13
N PRO RA 54 -103.29 -32.96 35.18
CA PRO RA 54 -102.23 -32.26 34.45
C PRO RA 54 -102.80 -31.27 33.44
N MET RA 55 -103.21 -30.11 33.91
CA MET RA 55 -103.77 -29.07 33.05
C MET RA 55 -102.89 -27.83 33.09
N GLU RA 56 -103.21 -26.89 32.21
CA GLU RA 56 -102.47 -25.64 32.14
C GLU RA 56 -102.78 -24.77 33.35
N ASN RA 57 -102.08 -23.66 33.46
CA ASN RA 57 -102.28 -22.73 34.57
C ASN RA 57 -103.44 -21.80 34.26
N PRO RA 58 -104.54 -21.85 35.02
CA PRO RA 58 -105.66 -20.96 34.71
C PRO RA 58 -105.39 -19.51 35.07
N TYR RA 59 -104.63 -19.25 36.12
CA TYR RA 59 -104.35 -17.89 36.57
C TYR RA 59 -103.19 -17.25 35.83
N LYS RA 60 -102.80 -17.79 34.67
CA LYS RA 60 -101.69 -17.23 33.91
C LYS RA 60 -102.05 -15.83 33.44
N GLU RA 61 -101.35 -14.83 33.98
CA GLU RA 61 -101.65 -13.45 33.65
C GLU RA 61 -101.20 -13.13 32.22
N PRO RA 62 -101.87 -12.20 31.55
CA PRO RA 62 -101.43 -11.79 30.21
C PRO RA 62 -100.05 -11.15 30.25
N LEU RA 63 -99.32 -11.28 29.15
CA LEU RA 63 -97.98 -10.74 29.08
C LEU RA 63 -98.01 -9.22 28.93
N LYS RA 64 -97.00 -8.58 29.50
CA LYS RA 64 -96.91 -7.12 29.45
C LYS RA 64 -96.58 -6.66 28.04
N LYS RA 65 -97.27 -5.62 27.58
CA LYS RA 65 -97.12 -5.09 26.24
C LYS RA 65 -96.29 -3.82 26.27
N CYS RA 66 -95.60 -3.54 25.16
CA CYS RA 66 -94.90 -2.27 25.05
C CYS RA 66 -95.88 -1.17 24.69
N ILE RA 67 -95.42 0.07 24.85
CA ILE RA 67 -96.29 1.23 24.58
C ILE RA 67 -96.75 1.22 23.13
N LEU RA 68 -95.93 0.66 22.23
CA LEU RA 68 -96.27 0.58 20.82
C LEU RA 68 -96.64 -0.85 20.40
N CYS RA 69 -97.03 -1.70 21.34
CA CYS RA 69 -97.43 -3.05 21.01
C CYS RA 69 -98.68 -3.03 20.13
N GLU RA 70 -98.60 -3.74 19.00
CA GLU RA 70 -99.69 -3.78 18.02
C GLU RA 70 -100.02 -2.39 17.49
N LYS RA 71 -99.00 -1.56 17.35
CA LYS RA 71 -99.12 -0.23 16.77
C LYS RA 71 -98.33 -0.17 15.46
N HIS RA 72 -98.47 0.94 14.75
CA HIS RA 72 -97.79 1.15 13.47
C HIS RA 72 -96.87 2.36 13.61
N VAL RA 73 -95.57 2.09 13.75
CA VAL RA 73 -94.59 3.17 13.81
C VAL RA 73 -94.31 3.67 12.40
N ASP RA 74 -93.86 4.91 12.31
CA ASP RA 74 -93.57 5.54 11.02
C ASP RA 74 -92.29 6.36 11.16
N TYR RA 75 -91.76 6.79 10.02
CA TYR RA 75 -90.59 7.65 9.99
C TYR RA 75 -90.93 9.12 9.78
N LYS RA 76 -92.21 9.45 9.62
CA LYS RA 76 -92.62 10.82 9.37
C LYS RA 76 -93.30 11.49 10.56
N ASN RA 77 -93.78 10.72 11.53
CA ASN RA 77 -94.38 11.29 12.74
C ASN RA 77 -93.27 11.80 13.63
N VAL RA 78 -92.78 13.00 13.33
CA VAL RA 78 -91.74 13.62 14.14
C VAL RA 78 -92.23 13.85 15.56
N GLN RA 79 -93.52 14.16 15.73
CA GLN RA 79 -94.09 14.30 17.07
C GLN RA 79 -93.99 13.00 17.84
N LEU RA 80 -94.13 11.86 17.17
CA LEU RA 80 -94.03 10.57 17.84
C LEU RA 80 -92.58 10.23 18.16
N LEU RA 81 -91.67 10.47 17.19
CA LEU RA 81 -90.27 10.11 17.41
C LEU RA 81 -89.56 11.04 18.37
N SER RA 82 -90.08 12.25 18.60
CA SER RA 82 -89.41 13.19 19.48
C SER RA 82 -89.62 12.83 20.95
N GLN RA 83 -90.68 12.09 21.26
CA GLN RA 83 -90.96 11.71 22.65
C GLN RA 83 -89.95 10.72 23.21
N PHE RA 84 -88.99 10.26 22.41
CA PHE RA 84 -87.99 9.32 22.85
C PHE RA 84 -86.57 9.87 22.80
N ILE RA 85 -86.39 11.14 22.44
CA ILE RA 85 -85.08 11.76 22.37
C ILE RA 85 -84.97 12.82 23.45
N SER RA 86 -83.75 13.11 23.87
CA SER RA 86 -83.53 14.08 24.92
C SER RA 86 -83.78 15.49 24.40
N PRO RA 87 -84.43 16.35 25.19
CA PRO RA 87 -84.72 17.70 24.71
C PRO RA 87 -83.51 18.62 24.69
N PHE RA 88 -82.48 18.32 25.50
CA PHE RA 88 -81.33 19.20 25.59
C PHE RA 88 -80.21 18.80 24.64
N THR RA 89 -80.08 17.53 24.32
CA THR RA 89 -78.99 17.04 23.47
C THR RA 89 -79.48 16.27 22.25
N GLY RA 90 -80.53 15.46 22.40
CA GLY RA 90 -81.00 14.63 21.31
C GLY RA 90 -80.59 13.18 21.39
N CYS RA 91 -80.06 12.73 22.52
CA CYS RA 91 -79.69 11.34 22.67
C CYS RA 91 -80.94 10.46 22.66
N ILE RA 92 -80.83 9.32 21.96
CA ILE RA 92 -81.93 8.37 21.86
C ILE RA 92 -81.96 7.53 23.13
N TYR RA 93 -83.06 7.58 23.86
CA TYR RA 93 -83.18 6.82 25.09
C TYR RA 93 -83.22 5.33 24.80
N GLY RA 94 -82.64 4.55 25.70
CA GLY RA 94 -82.55 3.12 25.55
C GLY RA 94 -83.73 2.38 26.15
N ARG RA 95 -83.58 1.06 26.28
CA ARG RA 95 -84.63 0.23 26.83
C ARG RA 95 -84.89 0.54 28.30
N HIS RA 96 -83.82 0.72 29.08
CA HIS RA 96 -83.97 0.96 30.51
C HIS RA 96 -84.72 2.23 30.84
N ILE RA 97 -84.84 3.15 29.88
CA ILE RA 97 -85.55 4.41 30.07
C ILE RA 97 -86.92 4.39 29.40
N THR RA 98 -86.98 3.85 28.17
CA THR RA 98 -88.25 3.82 27.45
C THR RA 98 -89.15 2.69 27.94
N GLY RA 99 -88.68 1.45 27.86
CA GLY RA 99 -89.49 0.32 28.24
C GLY RA 99 -90.30 -0.25 27.09
N LEU RA 100 -89.64 -0.57 25.99
CA LEU RA 100 -90.28 -1.13 24.81
C LEU RA 100 -89.80 -2.55 24.59
N CYS RA 101 -90.72 -3.42 24.15
CA CYS RA 101 -90.37 -4.80 23.94
C CYS RA 101 -89.59 -4.95 22.63
N GLY RA 102 -88.98 -6.13 22.46
CA GLY RA 102 -87.94 -6.36 21.49
C GLY RA 102 -88.16 -5.91 20.05
N LYS RA 103 -89.41 -5.74 19.63
CA LYS RA 103 -89.68 -5.41 18.24
C LYS RA 103 -89.63 -3.91 17.97
N LYS RA 104 -90.44 -3.12 18.67
CA LYS RA 104 -90.55 -1.70 18.36
C LYS RA 104 -89.29 -0.92 18.73
N GLN RA 105 -88.47 -1.44 19.63
CA GLN RA 105 -87.28 -0.70 20.07
C GLN RA 105 -86.34 -0.43 18.91
N LYS RA 106 -86.15 -1.43 18.03
CA LYS RA 106 -85.24 -1.25 16.91
C LYS RA 106 -85.88 -0.43 15.79
N GLU RA 107 -87.18 -0.61 15.56
CA GLU RA 107 -87.85 0.13 14.51
C GLU RA 107 -87.93 1.62 14.84
N ILE RA 108 -88.10 1.96 16.12
CA ILE RA 108 -88.09 3.37 16.51
C ILE RA 108 -86.73 3.99 16.21
N THR RA 109 -85.64 3.29 16.54
CA THR RA 109 -84.31 3.80 16.26
C THR RA 109 -84.08 3.95 14.76
N LYS RA 110 -84.53 2.96 13.97
CA LYS RA 110 -84.39 3.05 12.52
C LYS RA 110 -85.16 4.23 11.96
N ALA RA 111 -86.39 4.44 12.41
CA ALA RA 111 -87.19 5.57 11.96
C ALA RA 111 -86.57 6.89 12.36
N ILE RA 112 -86.00 6.97 13.56
CA ILE RA 112 -85.35 8.21 13.99
C ILE RA 112 -84.13 8.49 13.12
N LYS RA 113 -83.32 7.47 12.86
CA LYS RA 113 -82.14 7.67 12.03
C LYS RA 113 -82.51 8.02 10.60
N ARG RA 114 -83.64 7.51 10.11
CA ARG RA 114 -84.09 7.87 8.77
C ARG RA 114 -84.59 9.31 8.73
N ALA RA 115 -85.38 9.71 9.73
CA ALA RA 115 -85.91 11.07 9.78
C ALA RA 115 -84.82 12.11 10.04
N GLN RA 116 -83.72 11.71 10.66
CA GLN RA 116 -82.63 12.64 10.90
C GLN RA 116 -81.76 12.88 9.67
N ILE RA 117 -81.87 12.03 8.65
CA ILE RA 117 -81.06 12.20 7.45
C ILE RA 117 -81.92 12.70 6.31
N LEU RA 118 -83.21 12.31 6.29
CA LEU RA 118 -84.08 12.76 5.21
C LEU RA 118 -84.49 14.21 5.36
N GLY RA 119 -84.38 14.77 6.55
CA GLY RA 119 -84.76 16.14 6.79
C GLY RA 119 -86.09 16.34 7.48
N PHE RA 120 -86.53 15.40 8.30
CA PHE RA 120 -87.79 15.50 9.02
C PHE RA 120 -87.63 15.99 10.46
N MET RA 121 -86.55 15.57 11.14
CA MET RA 121 -86.36 15.88 12.55
C MET RA 121 -84.91 16.28 12.77
N PRO RA 122 -84.65 17.34 13.54
CA PRO RA 122 -83.27 17.73 13.80
C PRO RA 122 -82.56 16.73 14.69
N VAL RA 123 -81.23 16.77 14.64
CA VAL RA 123 -80.39 15.83 15.35
C VAL RA 123 -79.80 16.43 16.62
N THR RA 124 -79.32 17.67 16.54
CA THR RA 124 -78.62 18.28 17.67
C THR RA 124 -79.55 18.59 18.83
N TYR RA 125 -80.87 18.59 18.62
CA TYR RA 125 -81.82 18.87 19.68
C TYR RA 125 -83.17 18.31 19.27
N LYS RA 126 -84.18 18.60 20.07
CA LYS RA 126 -85.56 18.21 19.78
C LYS RA 126 -86.33 19.43 19.30
N ASP RA 127 -87.23 19.20 18.35
CA ASP RA 127 -88.05 20.28 17.81
C ASP RA 127 -88.89 20.91 18.92
N PRO RA 128 -88.71 22.21 19.21
CA PRO RA 128 -89.43 22.80 20.35
C PRO RA 128 -90.94 22.83 20.17
N ALA RA 129 -91.44 22.76 18.94
CA ALA RA 129 -92.89 22.70 18.75
C ALA RA 129 -93.49 21.43 19.32
N TYR RA 130 -92.70 20.36 19.40
CA TYR RA 130 -93.14 19.10 19.98
C TYR RA 130 -92.67 18.93 21.43
N LEU RA 131 -92.34 20.04 22.10
CA LEU RA 131 -91.91 19.97 23.49
C LEU RA 131 -93.09 19.79 24.45
N LYS RA 132 -94.27 20.26 24.06
CA LYS RA 132 -95.47 20.17 24.88
C LYS RA 132 -96.12 18.79 24.83
N ASP RA 133 -95.47 17.82 24.21
CA ASP RA 133 -96.03 16.48 24.13
C ASP RA 133 -95.95 15.80 25.51
N PRO RA 134 -96.84 14.85 25.77
CA PRO RA 134 -96.82 14.17 27.07
C PRO RA 134 -95.53 13.38 27.26
N LYS RA 135 -95.04 13.37 28.50
CA LYS RA 135 -93.79 12.69 28.83
C LYS RA 135 -94.01 11.19 28.90
N VAL RA 136 -93.29 10.45 28.07
CA VAL RA 136 -93.43 8.99 28.00
C VAL RA 136 -92.22 8.34 28.66
N CYS RA 137 -91.07 8.99 28.57
CA CYS RA 137 -89.84 8.44 29.10
C CYS RA 137 -89.89 8.39 30.63
N ASN RA 138 -88.91 7.70 31.21
CA ASN RA 138 -88.83 7.48 32.65
C ASN RA 138 -87.60 8.13 33.26
N ILE RA 139 -87.13 9.23 32.67
CA ILE RA 139 -85.93 9.91 33.13
C ILE RA 139 -86.31 11.30 33.64
N LYS RA 140 -85.76 11.65 34.80
CA LYS RA 140 -86.00 12.95 35.42
C LYS RA 140 -84.68 13.70 35.51
N TYR RA 141 -84.64 14.90 34.92
CA TYR RA 141 -83.42 15.70 34.90
C TYR RA 141 -83.37 16.67 36.08
N ARG RA 142 -84.37 17.55 36.18
CA ARG RA 142 -84.38 18.56 37.24
C ARG RA 142 -84.79 17.92 38.55
N GLU RA 143 -83.84 17.83 39.48
CA GLU RA 143 -84.11 17.26 40.79
C GLU RA 143 -84.47 18.33 41.81
N ALA SA 2 -73.88 23.85 13.89
CA ALA SA 2 -73.61 24.69 12.74
C ALA SA 2 -74.86 24.91 11.90
N ASN SA 3 -75.32 23.84 11.23
CA ASN SA 3 -76.51 23.95 10.40
C ASN SA 3 -77.79 23.96 11.21
N HIS SA 4 -77.76 23.48 12.45
CA HIS SA 4 -78.93 23.54 13.31
C HIS SA 4 -79.08 24.96 13.89
N LEU SA 5 -80.24 25.20 14.50
CA LEU SA 5 -80.52 26.51 15.06
C LEU SA 5 -79.69 26.76 16.31
N LYS SA 6 -79.40 28.04 16.56
CA LYS SA 6 -78.56 28.44 17.66
C LYS SA 6 -79.38 28.62 18.94
N PHE SA 7 -78.70 28.46 20.08
CA PHE SA 7 -79.27 28.72 21.40
C PHE SA 7 -80.51 27.88 21.66
N ILE SA 8 -80.51 26.64 21.16
CA ILE SA 8 -81.57 25.68 21.42
C ILE SA 8 -81.02 24.39 22.03
N ALA SA 9 -79.94 23.87 21.46
CA ALA SA 9 -79.33 22.63 21.94
C ALA SA 9 -78.36 22.94 23.08
N ARG SA 10 -78.52 22.19 24.18
CA ARG SA 10 -77.67 22.32 25.37
C ARG SA 10 -77.71 23.76 25.90
N THR SA 11 -78.91 24.23 26.21
CA THR SA 11 -79.13 25.57 26.71
C THR SA 11 -79.96 25.51 27.99
N VAL SA 12 -79.53 26.26 29.00
CA VAL SA 12 -80.22 26.34 30.28
C VAL SA 12 -80.42 27.80 30.64
N MET SA 13 -81.68 28.16 30.92
CA MET SA 13 -82.02 29.53 31.30
C MET SA 13 -81.96 29.68 32.81
N VAL SA 14 -81.25 30.72 33.27
CA VAL SA 14 -81.16 30.97 34.70
C VAL SA 14 -82.45 31.59 35.21
N GLN SA 15 -82.67 31.47 36.52
CA GLN SA 15 -83.83 32.04 37.18
C GLN SA 15 -83.35 32.93 38.31
N GLU SA 16 -83.75 34.21 38.28
CA GLU SA 16 -83.41 35.18 39.31
C GLU SA 16 -81.90 35.33 39.46
N GLY SA 17 -81.19 35.24 38.34
CA GLY SA 17 -79.75 35.44 38.34
C GLY SA 17 -78.94 34.35 39.02
N ASN SA 18 -79.55 33.21 39.32
CA ASN SA 18 -78.82 32.11 39.96
C ASN SA 18 -77.94 31.42 38.92
N VAL SA 19 -76.63 31.51 39.11
CA VAL SA 19 -75.67 31.00 38.14
C VAL SA 19 -75.17 29.61 38.50
N GLU SA 20 -74.86 29.39 39.78
CA GLU SA 20 -74.29 28.10 40.20
C GLU SA 20 -75.30 26.98 40.01
N GLY SA 21 -76.56 27.21 40.39
CA GLY SA 21 -77.58 26.20 40.20
C GLY SA 21 -77.84 25.88 38.74
N ALA SA 22 -77.87 26.90 37.89
CA ALA SA 22 -78.04 26.67 36.46
C ALA SA 22 -76.86 25.91 35.87
N TYR SA 23 -75.64 26.22 36.31
CA TYR SA 23 -74.48 25.47 35.84
C TYR SA 23 -74.53 24.02 36.30
N ARG SA 24 -74.93 23.77 37.55
CA ARG SA 24 -75.06 22.40 38.01
C ARG SA 24 -76.14 21.65 37.26
N THR SA 25 -77.25 22.32 36.91
CA THR SA 25 -78.29 21.69 36.12
C THR SA 25 -77.77 21.33 34.72
N LEU SA 26 -77.07 22.28 34.09
CA LEU SA 26 -76.50 22.01 32.77
C LEU SA 26 -75.51 20.85 32.82
N ASN SA 27 -74.72 20.78 33.90
CA ASN SA 27 -73.73 19.71 34.01
C ASN SA 27 -74.39 18.36 34.24
N ARG SA 28 -75.42 18.33 35.09
CA ARG SA 28 -76.17 17.09 35.28
C ARG SA 28 -76.86 16.64 34.01
N ILE SA 29 -77.35 17.59 33.19
CA ILE SA 29 -77.91 17.23 31.89
C ILE SA 29 -76.91 16.44 31.07
N LEU SA 30 -75.69 16.97 30.93
CA LEU SA 30 -74.70 16.31 30.10
C LEU SA 30 -74.22 15.00 30.71
N THR SA 31 -74.14 14.92 32.04
CA THR SA 31 -73.72 13.67 32.66
C THR SA 31 -74.77 12.59 32.48
N MET SA 32 -76.06 12.94 32.60
CA MET SA 32 -77.11 11.96 32.39
C MET SA 32 -77.28 11.60 30.92
N ASP SA 33 -76.93 12.50 30.01
CA ASP SA 33 -76.95 12.19 28.58
C ASP SA 33 -75.71 11.44 28.13
N GLY SA 34 -74.64 11.46 28.91
CA GLY SA 34 -73.43 10.74 28.56
C GLY SA 34 -72.46 11.52 27.70
N LEU SA 35 -72.45 12.84 27.77
CA LEU SA 35 -71.55 13.64 26.93
C LEU SA 35 -70.23 13.92 27.64
N ILE SA 36 -70.25 14.04 28.96
CA ILE SA 36 -69.02 14.34 29.69
C ILE SA 36 -68.01 13.22 29.51
N GLU SA 37 -68.42 11.99 29.83
CA GLU SA 37 -67.56 10.83 29.62
C GLU SA 37 -67.21 10.62 28.16
N ASP SA 38 -68.14 10.92 27.25
CA ASP SA 38 -67.84 10.78 25.83
C ASP SA 38 -66.73 11.71 25.39
N ILE SA 39 -66.75 12.96 25.86
CA ILE SA 39 -65.68 13.90 25.52
C ILE SA 39 -64.37 13.49 26.18
N LYS SA 40 -64.44 13.08 27.45
CA LYS SA 40 -63.24 12.65 28.15
C LYS SA 40 -62.62 11.42 27.49
N ARG SA 41 -63.43 10.60 26.83
CA ARG SA 41 -62.90 9.45 26.11
C ARG SA 41 -62.40 9.81 24.72
N ARG SA 42 -63.09 10.72 24.03
CA ARG SA 42 -62.70 11.14 22.69
C ARG SA 42 -61.53 12.11 22.67
N ARG SA 43 -61.12 12.63 23.84
CA ARG SA 43 -59.92 13.45 23.88
C ARG SA 43 -58.72 12.72 23.28
N TYR SA 44 -58.60 11.42 23.54
CA TYR SA 44 -57.56 10.58 22.95
C TYR SA 44 -58.20 9.37 22.29
N TYR SA 45 -57.74 9.03 21.09
CA TYR SA 45 -58.32 7.92 20.35
C TYR SA 45 -57.99 6.59 21.02
N GLU SA 46 -58.99 5.73 21.13
CA GLU SA 46 -58.81 4.39 21.64
C GLU SA 46 -59.04 3.38 20.52
N LYS SA 47 -58.33 2.27 20.58
CA LYS SA 47 -58.46 1.25 19.55
C LYS SA 47 -59.63 0.33 19.86
N PRO SA 48 -60.21 -0.31 18.84
CA PRO SA 48 -61.32 -1.24 19.10
C PRO SA 48 -60.95 -2.39 20.02
N CYS SA 49 -59.69 -2.83 20.02
CA CYS SA 49 -59.26 -3.88 20.95
C CYS SA 49 -59.45 -3.44 22.39
N ARG SA 50 -59.32 -2.15 22.67
CA ARG SA 50 -59.61 -1.62 23.99
C ARG SA 50 -61.08 -1.24 24.15
N ARG SA 51 -61.76 -0.89 23.05
CA ARG SA 51 -63.16 -0.50 23.14
C ARG SA 51 -64.04 -1.68 23.53
N ARG SA 52 -63.83 -2.84 22.89
CA ARG SA 52 -64.58 -4.04 23.28
C ARG SA 52 -64.31 -4.42 24.72
N GLN SA 53 -63.06 -4.32 25.18
CA GLN SA 53 -62.75 -4.64 26.56
C GLN SA 53 -63.44 -3.68 27.52
N ARG SA 54 -63.44 -2.38 27.20
CA ARG SA 54 -64.12 -1.41 28.06
C ARG SA 54 -65.61 -1.67 28.10
N GLU SA 55 -66.22 -2.00 26.96
CA GLU SA 55 -67.65 -2.30 26.95
C GLU SA 55 -67.97 -3.54 27.77
N SER SA 56 -67.16 -4.60 27.63
CA SER SA 56 -67.38 -5.79 28.44
C SER SA 56 -67.22 -5.51 29.93
N TYR SA 57 -66.18 -4.77 30.30
CA TYR SA 57 -65.97 -4.40 31.69
C TYR SA 57 -67.13 -3.60 32.25
N GLU SA 58 -67.61 -2.60 31.50
CA GLU SA 58 -68.74 -1.80 31.97
C GLU SA 58 -70.01 -2.62 32.06
N THR SA 59 -70.24 -3.53 31.12
CA THR SA 59 -71.44 -4.37 31.19
C THR SA 59 -71.39 -5.27 32.42
N CYS SA 60 -70.26 -5.93 32.66
CA CYS SA 60 -70.13 -6.78 33.84
C CYS SA 60 -70.28 -5.97 35.13
N ARG SA 61 -69.68 -4.78 35.17
CA ARG SA 61 -69.79 -3.95 36.37
C ARG SA 61 -71.23 -3.52 36.61
N ARG SA 62 -71.95 -3.12 35.56
CA ARG SA 62 -73.34 -2.74 35.72
C ARG SA 62 -74.18 -3.91 36.17
N ILE SA 63 -73.96 -5.10 35.62
CA ILE SA 63 -74.73 -6.27 36.02
C ILE SA 63 -74.48 -6.59 37.49
N TYR SA 64 -73.21 -6.57 37.92
CA TYR SA 64 -72.90 -6.87 39.31
C TYR SA 64 -73.48 -5.83 40.25
N ASN SA 65 -73.40 -4.55 39.89
CA ASN SA 65 -73.95 -3.50 40.74
C ASN SA 65 -75.46 -3.60 40.84
N MET SA 66 -76.14 -3.88 39.72
CA MET SA 66 -77.58 -4.04 39.75
C MET SA 66 -78.00 -5.23 40.60
N GLU SA 67 -77.28 -6.36 40.49
CA GLU SA 67 -77.59 -7.51 41.33
C GLU SA 67 -77.36 -7.22 42.80
N MET SA 68 -76.27 -6.52 43.14
CA MET SA 68 -76.01 -6.18 44.53
C MET SA 68 -77.08 -5.25 45.08
N ALA SA 69 -77.47 -4.24 44.31
CA ALA SA 69 -78.53 -3.34 44.76
C ALA SA 69 -79.86 -4.07 44.90
N ARG SA 70 -80.15 -5.00 44.00
CA ARG SA 70 -81.39 -5.76 44.10
C ARG SA 70 -81.40 -6.63 45.35
N LYS SA 71 -80.30 -7.31 45.65
CA LYS SA 71 -80.25 -8.11 46.86
C LYS SA 71 -80.29 -7.25 48.12
N ILE SA 72 -79.70 -6.05 48.07
CA ILE SA 72 -79.76 -5.16 49.22
C ILE SA 72 -81.19 -4.69 49.48
N ASN SA 73 -81.89 -4.30 48.41
CA ASN SA 73 -83.29 -3.91 48.56
C ASN SA 73 -84.18 -5.10 48.93
N PHE SA 74 -83.75 -6.31 48.62
CA PHE SA 74 -84.52 -7.51 48.97
C PHE SA 74 -84.29 -7.93 50.41
N LEU SA 75 -83.11 -7.65 50.96
CA LEU SA 75 -82.78 -8.00 52.34
C LEU SA 75 -82.93 -6.83 53.30
N MET SA 76 -83.28 -5.64 52.80
CA MET SA 76 -83.47 -4.49 53.68
C MET SA 76 -84.58 -4.73 54.71
N ARG SA 77 -85.55 -5.60 54.39
CA ARG SA 77 -86.62 -5.88 55.32
C ARG SA 77 -86.11 -6.49 56.62
N LYS SA 78 -85.06 -7.30 56.54
CA LYS SA 78 -84.54 -8.01 57.71
C LYS SA 78 -83.60 -7.16 58.55
N ASN SA 79 -83.61 -5.84 58.37
CA ASN SA 79 -82.74 -4.97 59.16
C ASN SA 79 -83.35 -4.58 60.50
N ARG SA 80 -84.63 -4.91 60.73
CA ARG SA 80 -85.30 -4.52 61.96
C ARG SA 80 -84.63 -5.18 63.17
N ALA SA 81 -84.97 -4.66 64.35
CA ALA SA 81 -84.38 -5.17 65.58
C ALA SA 81 -84.77 -6.62 65.80
N ASP SA 82 -83.81 -7.41 66.25
CA ASP SA 82 -84.03 -8.84 66.48
C ASP SA 82 -85.01 -9.05 67.63
N PRO SA 83 -86.19 -9.61 67.38
CA PRO SA 83 -87.14 -9.83 68.47
C PRO SA 83 -86.85 -11.05 69.32
N TRP SA 84 -85.93 -11.91 68.91
CA TRP SA 84 -85.61 -13.15 69.61
C TRP SA 84 -84.20 -13.11 70.20
N GLN SA 85 -83.80 -11.96 70.72
CA GLN SA 85 -82.48 -11.85 71.33
C GLN SA 85 -82.44 -12.63 72.64
N GLY SA 86 -81.34 -13.35 72.86
CA GLY SA 86 -81.16 -14.14 74.06
C GLY SA 86 -81.63 -15.57 73.97
N CYS SA 87 -82.27 -15.96 72.86
CA CYS SA 87 -82.75 -17.33 72.70
C CYS SA 87 -81.58 -18.29 72.49
N ALA WA 1 0.92 39.26 118.41
CA ALA WA 1 1.83 40.17 119.09
C ALA WA 1 2.20 39.64 120.47
N ALA WA 2 1.47 40.11 121.48
CA ALA WA 2 1.72 39.66 122.85
C ALA WA 2 1.24 38.23 123.04
N ALA WA 3 1.99 37.45 123.82
CA ALA WA 3 1.67 36.05 124.08
C ALA WA 3 1.51 35.85 125.58
N ALA WA 4 0.44 35.16 125.96
CA ALA WA 4 0.19 34.85 127.37
C ALA WA 4 0.80 33.50 127.73
N ALA WA 5 1.41 33.43 128.90
CA ALA WA 5 2.05 32.20 129.36
C ALA WA 5 0.98 31.25 129.89
N ALA WA 6 0.99 30.02 129.38
CA ALA WA 6 0.05 28.99 129.79
C ALA WA 6 0.79 27.91 130.57
N ALA WA 7 0.29 27.58 131.76
CA ALA WA 7 0.88 26.54 132.59
C ALA WA 7 0.45 25.18 132.05
N ALA WA 8 1.32 24.56 131.26
CA ALA WA 8 1.00 23.27 130.65
C ALA WA 8 1.36 22.11 131.56
N ALA WA 9 2.62 22.01 131.98
CA ALA WA 9 3.03 20.92 132.87
C ALA WA 9 2.32 21.00 134.21
N ALA WA 10 2.04 22.21 134.70
CA ALA WA 10 1.33 22.35 135.96
C ALA WA 10 -0.08 21.80 135.85
N ALA WA 11 -0.80 22.17 134.79
CA ALA WA 11 -2.15 21.63 134.59
C ALA WA 11 -2.12 20.13 134.37
N ALA WA 12 -1.08 19.64 133.69
CA ALA WA 12 -0.97 18.19 133.47
C ALA WA 12 -0.77 17.45 134.79
N ALA WA 13 0.11 17.95 135.65
CA ALA WA 13 0.33 17.32 136.94
C ALA WA 13 -0.87 17.47 137.85
N ALA WA 14 -1.65 18.54 137.69
CA ALA WA 14 -2.83 18.73 138.54
C ALA WA 14 -3.96 17.81 138.13
N ALA WA 15 -4.21 17.66 136.82
CA ALA WA 15 -5.30 16.83 136.31
C ALA WA 15 -4.82 15.46 135.84
N ALA WA 16 -3.64 15.03 136.27
CA ALA WA 16 -3.09 13.71 135.92
C ALA WA 16 -2.98 13.55 134.41
N ALA WA 17 -2.55 14.60 133.73
CA ALA WA 17 -2.45 14.62 132.27
C ALA WA 17 -1.00 14.71 131.79
N ALA WA 18 -0.04 14.30 132.62
CA ALA WA 18 1.36 14.33 132.23
C ALA WA 18 1.83 12.95 131.78
N ARG XA 88 -74.98 -119.35 26.73
CA ARG XA 88 -75.48 -118.06 27.20
C ARG XA 88 -75.02 -117.76 28.62
N LYS XA 89 -73.71 -117.71 28.81
CA LYS XA 89 -73.16 -117.37 30.12
C LYS XA 89 -73.19 -115.86 30.32
N PRO XA 90 -73.84 -115.37 31.37
CA PRO XA 90 -73.90 -113.92 31.58
C PRO XA 90 -72.50 -113.32 31.72
N THR XA 91 -72.26 -112.25 30.98
CA THR XA 91 -70.98 -111.56 30.97
C THR XA 91 -71.11 -110.20 31.64
N PHE XA 92 -69.95 -109.59 31.92
CA PHE XA 92 -69.94 -108.29 32.58
C PHE XA 92 -70.58 -107.22 31.72
N MET XA 93 -70.52 -107.36 30.41
CA MET XA 93 -71.08 -106.37 29.49
C MET XA 93 -72.56 -106.60 29.19
N ASP XA 94 -73.20 -107.56 29.83
CA ASP XA 94 -74.62 -107.79 29.61
C ASP XA 94 -75.45 -106.72 30.30
N GLU XA 95 -76.57 -106.36 29.66
CA GLU XA 95 -77.44 -105.32 30.20
C GLU XA 95 -78.03 -105.72 31.54
N GLU XA 96 -78.43 -106.99 31.69
CA GLU XA 96 -79.03 -107.45 32.94
C GLU XA 96 -78.09 -107.29 34.13
N VAL XA 97 -76.78 -107.21 33.89
CA VAL XA 97 -75.81 -107.03 34.96
C VAL XA 97 -75.46 -105.55 35.08
N GLN XA 98 -75.35 -104.86 33.94
CA GLN XA 98 -74.93 -103.47 33.95
C GLN XA 98 -75.98 -102.56 34.58
N ASN XA 99 -77.26 -102.76 34.23
CA ASN XA 99 -78.30 -101.91 34.79
C ASN XA 99 -78.43 -102.09 36.30
N ILE XA 100 -78.11 -103.28 36.79
CA ILE XA 100 -78.14 -103.51 38.24
C ILE XA 100 -76.91 -102.91 38.90
N LEU XA 101 -75.74 -103.05 38.26
CA LEU XA 101 -74.52 -102.49 38.83
C LEU XA 101 -74.56 -100.98 38.91
N ILE XA 102 -75.18 -100.33 37.92
CA ILE XA 102 -75.29 -98.87 37.96
C ILE XA 102 -76.19 -98.44 39.12
N LYS XA 103 -77.33 -99.12 39.29
CA LYS XA 103 -78.23 -98.78 40.38
C LYS XA 103 -77.60 -99.05 41.73
N MET XA 104 -76.78 -100.11 41.83
CA MET XA 104 -76.11 -100.43 43.08
C MET XA 104 -74.94 -99.50 43.36
N THR XA 105 -74.32 -98.94 42.32
CA THR XA 105 -73.28 -97.93 42.54
C THR XA 105 -73.88 -96.62 42.99
N GLY XA 106 -74.87 -96.12 42.26
CA GLY XA 106 -75.51 -94.88 42.63
C GLY XA 106 -74.75 -93.66 42.17
N LEU XA 107 -75.43 -92.52 42.19
CA LEU XA 107 -74.88 -91.25 41.72
C LEU XA 107 -74.64 -90.34 42.93
N ASP XA 108 -73.37 -90.06 43.20
CA ASP XA 108 -72.97 -89.13 44.26
C ASP XA 108 -72.10 -88.05 43.61
N LEU XA 109 -72.75 -86.96 43.17
CA LEU XA 109 -72.04 -85.90 42.48
C LEU XA 109 -70.97 -85.26 43.35
N GLN XA 110 -71.19 -85.13 44.65
CA GLN XA 110 -70.23 -84.48 45.53
C GLN XA 110 -68.90 -85.20 45.57
N LYS XA 111 -68.89 -86.51 45.29
CA LYS XA 111 -67.65 -87.26 45.17
C LYS XA 111 -67.20 -87.44 43.73
N ILE XA 112 -68.14 -87.51 42.78
CA ILE XA 112 -67.77 -87.64 41.38
C ILE XA 112 -67.03 -86.39 40.91
N PHE XA 113 -67.68 -85.23 41.00
CA PHE XA 113 -67.06 -83.97 40.59
C PHE XA 113 -66.31 -83.37 41.78
N LYS XA 114 -65.20 -84.01 42.10
CA LYS XA 114 -64.35 -83.61 43.21
C LYS XA 114 -63.14 -82.85 42.69
N PRO XA 115 -62.81 -81.70 43.26
CA PRO XA 115 -61.66 -80.93 42.77
C PRO XA 115 -60.36 -81.70 42.97
N ALA XA 116 -59.65 -81.92 41.87
CA ALA XA 116 -58.41 -82.68 41.88
C ALA XA 116 -57.25 -81.80 42.35
N LEU XA 117 -56.03 -82.27 42.16
CA LEU XA 117 -54.82 -81.55 42.56
C LEU XA 117 -54.04 -81.03 41.35
N GLN XA 118 -54.77 -80.57 40.32
CA GLN XA 118 -54.16 -80.04 39.12
C GLN XA 118 -54.20 -78.51 39.15
N GLU XA 119 -53.84 -77.88 38.04
CA GLU XA 119 -53.84 -76.43 37.95
C GLU XA 119 -55.25 -75.88 38.15
N LEU XA 120 -55.33 -74.71 38.78
CA LEU XA 120 -56.60 -74.07 39.08
C LEU XA 120 -56.76 -72.80 38.25
N LYS XA 121 -58.02 -72.40 38.08
CA LYS XA 121 -58.38 -71.19 37.37
C LYS XA 121 -59.57 -70.55 38.08
N PRO XA 122 -59.75 -69.24 37.94
CA PRO XA 122 -60.87 -68.57 38.61
C PRO XA 122 -62.21 -69.12 38.15
N PRO XA 123 -63.17 -69.26 39.05
CA PRO XA 123 -64.46 -69.84 38.67
C PRO XA 123 -65.29 -68.87 37.85
N THR XA 124 -66.40 -69.39 37.31
CA THR XA 124 -67.33 -68.61 36.52
C THR XA 124 -68.67 -68.51 37.25
N TYR XA 125 -69.36 -67.40 37.04
CA TYR XA 125 -70.63 -67.13 37.69
C TYR XA 125 -71.65 -66.66 36.67
N LYS XA 126 -72.88 -67.17 36.79
CA LYS XA 126 -73.97 -66.77 35.91
C LYS XA 126 -75.29 -66.98 36.63
N LEU XA 127 -76.25 -66.11 36.33
CA LEU XA 127 -77.55 -66.13 37.01
C LEU XA 127 -78.49 -67.06 36.26
N MET XA 128 -79.07 -68.02 36.99
CA MET XA 128 -79.95 -69.02 36.42
C MET XA 128 -81.21 -69.15 37.27
N THR XA 129 -82.30 -69.56 36.61
CA THR XA 129 -83.56 -69.80 37.30
C THR XA 129 -83.56 -71.19 37.92
N GLN XA 130 -84.68 -71.55 38.53
CA GLN XA 130 -84.81 -72.89 39.12
C GLN XA 130 -84.86 -73.97 38.03
N ALA XA 131 -85.58 -73.69 36.94
CA ALA XA 131 -85.59 -74.63 35.83
C ALA XA 131 -84.21 -74.77 35.21
N GLN XA 132 -83.48 -73.66 35.08
CA GLN XA 132 -82.12 -73.73 34.55
C GLN XA 132 -81.19 -74.47 35.50
N LEU XA 133 -81.41 -74.34 36.81
CA LEU XA 133 -80.61 -75.10 37.77
C LEU XA 133 -80.89 -76.59 37.65
N GLU XA 134 -82.16 -76.96 37.48
CA GLU XA 134 -82.49 -78.37 37.28
C GLU XA 134 -81.89 -78.90 35.97
N GLU XA 135 -81.90 -78.09 34.91
CA GLU XA 135 -81.25 -78.49 33.67
C GLU XA 135 -79.76 -78.66 33.83
N ALA XA 136 -79.11 -77.76 34.59
CA ALA XA 136 -77.69 -77.91 34.87
C ALA XA 136 -77.41 -79.17 35.67
N THR XA 137 -78.26 -79.50 36.64
CA THR XA 137 -78.06 -80.72 37.41
C THR XA 137 -78.25 -81.97 36.55
N LYS XA 138 -79.25 -81.98 35.67
CA LYS XA 138 -79.44 -83.15 34.82
C LYS XA 138 -78.32 -83.28 33.79
N GLN XA 139 -77.80 -82.16 33.29
CA GLN XA 139 -76.64 -82.24 32.39
C GLN XA 139 -75.42 -82.73 33.15
N ALA XA 140 -75.26 -82.32 34.41
CA ALA XA 140 -74.17 -82.84 35.22
C ALA XA 140 -74.32 -84.33 35.47
N VAL XA 141 -75.56 -84.82 35.62
CA VAL XA 141 -75.78 -86.26 35.75
C VAL XA 141 -75.39 -86.98 34.47
N GLU XA 142 -75.80 -86.42 33.32
CA GLU XA 142 -75.43 -87.02 32.04
C GLU XA 142 -73.91 -87.05 31.86
N ALA XA 143 -73.23 -86.02 32.35
CA ALA XA 143 -71.77 -85.98 32.24
C ALA XA 143 -71.12 -86.98 33.20
N ALA XA 144 -71.65 -87.09 34.42
CA ALA XA 144 -71.14 -88.06 35.39
C ALA XA 144 -71.39 -89.49 34.96
N LYS XA 145 -72.36 -89.72 34.07
CA LYS XA 145 -72.50 -91.04 33.47
C LYS XA 145 -71.22 -91.45 32.77
N VAL XA 146 -70.58 -90.53 32.03
CA VAL XA 146 -69.33 -90.84 31.36
C VAL XA 146 -68.21 -91.07 32.37
N ARG XA 147 -68.21 -90.33 33.48
CA ARG XA 147 -67.25 -90.59 34.53
C ARG XA 147 -67.42 -91.99 35.13
N LEU XA 148 -68.67 -92.44 35.27
CA LEU XA 148 -68.98 -93.75 35.84
C LEU XA 148 -69.07 -94.84 34.77
N LYS XA 149 -68.67 -94.55 33.54
CA LYS XA 149 -68.53 -95.59 32.53
C LYS XA 149 -67.57 -96.67 33.03
N MET XA 150 -68.02 -97.91 33.00
CA MET XA 150 -67.26 -98.99 33.63
C MET XA 150 -66.08 -99.42 32.77
N PRO XA 151 -64.97 -99.81 33.38
CA PRO XA 151 -63.85 -100.33 32.60
C PRO XA 151 -64.06 -101.80 32.26
N PRO XA 152 -63.77 -102.20 31.03
CA PRO XA 152 -63.97 -103.61 30.63
C PRO XA 152 -63.04 -104.54 31.39
N VAL XA 153 -63.62 -105.53 32.05
CA VAL XA 153 -62.86 -106.56 32.75
C VAL XA 153 -62.90 -107.83 31.90
N LEU XA 154 -61.72 -108.39 31.61
CA LEU XA 154 -61.58 -109.55 30.75
C LEU XA 154 -60.84 -110.65 31.49
N GLU XA 155 -60.62 -111.77 30.79
CA GLU XA 155 -59.86 -112.88 31.33
C GLU XA 155 -58.38 -112.73 30.98
N GLU XA 156 -57.57 -113.64 31.50
CA GLU XA 156 -56.14 -113.62 31.23
C GLU XA 156 -55.88 -114.02 29.78
N ARG XA 157 -55.15 -113.18 29.05
CA ARG XA 157 -54.87 -113.46 27.66
C ARG XA 157 -53.82 -114.55 27.52
N ALA XA 158 -53.91 -115.30 26.43
CA ALA XA 158 -52.97 -116.41 26.20
C ALA XA 158 -51.60 -115.87 25.79
N PRO XA 159 -50.53 -116.47 26.28
CA PRO XA 159 -49.19 -116.01 25.88
C PRO XA 159 -48.96 -116.23 24.39
N ILE XA 160 -48.20 -115.32 23.79
CA ILE XA 160 -47.91 -115.36 22.36
C ILE XA 160 -46.62 -116.16 22.14
N ASN XA 161 -46.72 -117.29 21.44
CA ASN XA 161 -45.55 -118.10 21.13
C ASN XA 161 -45.76 -118.70 19.74
N ASP XA 162 -45.13 -118.09 18.75
CA ASP XA 162 -45.27 -118.54 17.37
C ASP XA 162 -44.01 -118.11 16.60
N VAL XA 163 -43.42 -119.07 15.88
CA VAL XA 163 -42.21 -118.85 15.11
C VAL XA 163 -42.59 -118.77 13.63
N LEU XA 164 -42.19 -117.69 12.98
CA LEU XA 164 -42.49 -117.50 11.56
C LEU XA 164 -41.44 -118.11 10.65
N ALA XA 165 -40.17 -118.05 11.05
CA ALA XA 165 -39.10 -118.58 10.22
C ALA XA 165 -37.91 -118.92 11.10
N GLU XA 166 -36.99 -119.72 10.57
CA GLU XA 166 -35.77 -120.11 11.25
C GLU XA 166 -34.61 -120.01 10.28
N ASP XA 167 -33.56 -119.29 10.67
CA ASP XA 167 -32.37 -119.10 9.85
C ASP XA 167 -31.16 -119.54 10.64
N LYS XA 168 -30.54 -120.64 10.22
CA LYS XA 168 -29.36 -121.15 10.92
C LYS XA 168 -28.12 -120.30 10.66
N ILE XA 169 -28.11 -119.53 9.57
CA ILE XA 169 -26.94 -118.70 9.26
C ILE XA 169 -26.80 -117.54 10.23
N LEU XA 170 -27.85 -117.21 10.98
CA LEU XA 170 -27.82 -116.13 11.97
C LEU XA 170 -27.62 -116.68 13.38
N GLU XA 171 -26.82 -117.74 13.51
CA GLU XA 171 -26.62 -118.37 14.81
C GLU XA 171 -25.96 -117.40 15.79
N GLY XA 172 -24.90 -116.73 15.37
CA GLY XA 172 -24.20 -115.81 16.24
C GLY XA 172 -23.74 -114.54 15.55
N THR XA 173 -24.43 -114.16 14.47
CA THR XA 173 -24.06 -112.96 13.72
C THR XA 173 -24.35 -111.68 14.50
N GLU XA 174 -25.24 -111.73 15.48
CA GLU XA 174 -25.58 -110.58 16.29
C GLU XA 174 -25.59 -110.97 17.76
N THR XA 175 -25.30 -109.98 18.62
CA THR XA 175 -25.31 -110.20 20.06
C THR XA 175 -26.69 -109.98 20.66
N ALA XA 176 -27.31 -108.84 20.37
CA ALA XA 176 -28.64 -108.54 20.86
C ALA XA 176 -29.69 -108.98 19.84
N LYS XA 177 -30.96 -108.78 20.18
CA LYS XA 177 -32.07 -109.17 19.31
C LYS XA 177 -32.72 -107.92 18.73
N TYR XA 178 -33.28 -108.06 17.54
CA TYR XA 178 -33.90 -106.95 16.83
C TYR XA 178 -35.41 -107.02 17.01
N VAL XA 179 -36.00 -105.94 17.53
CA VAL XA 179 -37.44 -105.84 17.72
C VAL XA 179 -38.00 -104.95 16.62
N PHE XA 180 -38.89 -105.49 15.80
CA PHE XA 180 -39.52 -104.76 14.71
C PHE XA 180 -40.99 -104.53 15.01
N THR XA 181 -41.43 -103.29 14.80
CA THR XA 181 -42.80 -102.87 15.08
C THR XA 181 -43.35 -102.15 13.87
N ASP XA 182 -44.55 -102.54 13.44
CA ASP XA 182 -45.21 -101.91 12.30
C ASP XA 182 -45.94 -100.66 12.76
N ILE XA 183 -45.59 -99.51 12.17
CA ILE XA 183 -46.21 -98.23 12.50
C ILE XA 183 -47.25 -97.93 11.43
N SER XA 184 -48.50 -97.75 11.86
CA SER XA 184 -49.58 -97.39 10.94
C SER XA 184 -50.71 -96.79 11.76
N TYR XA 185 -51.04 -95.53 11.48
CA TYR XA 185 -52.07 -94.86 12.25
C TYR XA 185 -53.48 -95.36 11.92
N SER XA 186 -53.66 -96.02 10.78
CA SER XA 186 -54.98 -96.44 10.34
C SER XA 186 -55.35 -97.85 10.80
N ILE XA 187 -54.52 -98.50 11.60
CA ILE XA 187 -54.80 -99.85 12.06
C ILE XA 187 -54.89 -99.86 13.59
N PRO XA 188 -55.70 -100.73 14.17
CA PRO XA 188 -55.75 -100.83 15.64
C PRO XA 188 -54.48 -101.45 16.19
N HIS XA 189 -54.32 -101.33 17.50
CA HIS XA 189 -53.13 -101.88 18.17
C HIS XA 189 -53.18 -103.39 18.29
N ARG XA 190 -54.38 -103.97 18.38
CA ARG XA 190 -54.51 -105.41 18.51
C ARG XA 190 -54.12 -106.16 17.24
N GLU XA 191 -53.90 -105.45 16.12
CA GLU XA 191 -53.58 -106.09 14.85
C GLU XA 191 -52.19 -105.73 14.35
N ARG XA 192 -51.35 -105.13 15.18
CA ARG XA 192 -50.00 -104.76 14.76
C ARG XA 192 -49.06 -105.95 14.91
N PHE XA 193 -48.18 -106.12 13.92
CA PHE XA 193 -47.21 -107.20 13.91
C PHE XA 193 -45.95 -106.75 14.64
N ILE XA 194 -45.75 -107.27 15.84
CA ILE XA 194 -44.59 -106.95 16.67
C ILE XA 194 -43.70 -108.19 16.66
N VAL XA 195 -42.70 -108.20 15.79
CA VAL XA 195 -41.87 -109.38 15.61
C VAL XA 195 -40.51 -109.14 16.25
N VAL XA 196 -39.77 -110.22 16.48
CA VAL XA 196 -38.46 -110.15 17.10
C VAL XA 196 -37.56 -111.22 16.49
N ARG XA 197 -36.41 -110.79 15.98
CA ARG XA 197 -35.36 -111.67 15.49
C ARG XA 197 -34.35 -111.84 16.62
N GLU XA 198 -34.33 -113.03 17.21
CA GLU XA 198 -33.38 -113.31 18.29
C GLU XA 198 -31.97 -113.47 17.73
N PRO XA 199 -30.95 -113.29 18.57
CA PRO XA 199 -29.58 -113.50 18.08
C PRO XA 199 -29.26 -114.94 17.73
N SER XA 200 -30.07 -115.89 18.19
CA SER XA 200 -29.83 -117.30 17.87
C SER XA 200 -30.18 -117.62 16.42
N GLY XA 201 -30.99 -116.80 15.77
CA GLY XA 201 -31.36 -117.02 14.38
C GLY XA 201 -32.84 -117.20 14.13
N THR XA 202 -33.69 -117.19 15.15
CA THR XA 202 -35.12 -117.34 14.97
C THR XA 202 -35.80 -115.98 14.83
N LEU XA 203 -36.97 -116.00 14.20
CA LEU XA 203 -37.79 -114.80 13.97
C LEU XA 203 -39.19 -115.13 14.46
N ARG XA 204 -39.51 -114.73 15.69
CA ARG XA 204 -40.78 -115.08 16.30
C ARG XA 204 -41.63 -113.83 16.55
N LYS XA 205 -42.82 -114.06 17.10
CA LYS XA 205 -43.66 -112.96 17.53
C LYS XA 205 -43.35 -112.61 18.98
N ALA XA 206 -43.46 -111.32 19.31
CA ALA XA 206 -43.13 -110.85 20.64
C ALA XA 206 -44.24 -111.22 21.62
N SER XA 207 -43.85 -111.42 22.89
CA SER XA 207 -44.80 -111.68 23.95
C SER XA 207 -45.61 -110.42 24.24
N TRP XA 208 -46.55 -110.54 25.18
CA TRP XA 208 -47.39 -109.39 25.51
C TRP XA 208 -46.60 -108.30 26.23
N GLU XA 209 -45.71 -108.68 27.15
CA GLU XA 209 -44.95 -107.68 27.89
C GLU XA 209 -44.04 -106.87 26.97
N GLU XA 210 -43.61 -107.44 25.85
CA GLU XA 210 -42.81 -106.71 24.88
C GLU XA 210 -43.67 -105.96 23.88
N ARG XA 211 -44.79 -106.56 23.45
CA ARG XA 211 -45.68 -105.89 22.52
C ARG XA 211 -46.26 -104.61 23.12
N ASP XA 212 -46.76 -104.68 24.35
CA ASP XA 212 -47.29 -103.50 25.00
C ASP XA 212 -46.21 -102.45 25.26
N ARG XA 213 -45.00 -102.89 25.61
CA ARG XA 213 -43.91 -101.93 25.82
C ARG XA 213 -43.57 -101.20 24.53
N MET XA 214 -43.51 -101.93 23.42
CA MET XA 214 -43.20 -101.28 22.14
C MET XA 214 -44.33 -100.37 21.69
N ILE XA 215 -45.58 -100.77 21.93
CA ILE XA 215 -46.71 -99.90 21.59
C ILE XA 215 -46.68 -98.64 22.44
N GLN XA 216 -46.26 -98.77 23.70
CA GLN XA 216 -46.12 -97.58 24.54
C GLN XA 216 -44.99 -96.69 24.06
N VAL XA 217 -43.89 -97.28 23.59
CA VAL XA 217 -42.76 -96.48 23.14
C VAL XA 217 -43.12 -95.72 21.86
N TYR XA 218 -43.71 -96.41 20.89
CA TYR XA 218 -44.02 -95.78 19.61
C TYR XA 218 -45.33 -95.01 19.59
N PHE XA 219 -46.17 -95.18 20.61
CA PHE XA 219 -47.45 -94.47 20.71
C PHE XA 219 -47.74 -94.24 22.19
N PRO XA 220 -47.06 -93.28 22.81
CA PRO XA 220 -47.24 -93.05 24.25
C PRO XA 220 -48.53 -92.32 24.56
N ARG XA 221 -49.18 -92.75 25.65
CA ARG XA 221 -50.37 -92.08 26.15
C ARG XA 221 -50.12 -91.63 27.59
N GLU XA 222 -50.78 -90.54 27.96
CA GLU XA 222 -50.59 -89.97 29.29
C GLU XA 222 -51.01 -90.95 30.37
N GLY XA 223 -50.13 -91.17 31.34
CA GLY XA 223 -50.39 -92.09 32.44
C GLY XA 223 -49.69 -93.42 32.34
N ARG XA 224 -48.92 -93.67 31.29
CA ARG XA 224 -48.24 -94.93 31.09
C ARG XA 224 -46.74 -94.76 31.29
N ARG XA 225 -46.12 -95.76 31.93
CA ARG XA 225 -44.68 -95.81 32.11
C ARG XA 225 -44.11 -96.95 31.27
N ILE XA 226 -43.01 -96.66 30.57
CA ILE XA 226 -42.38 -97.68 29.72
C ILE XA 226 -41.88 -98.85 30.58
N LEU XA 227 -41.19 -98.53 31.67
CA LEU XA 227 -40.78 -99.56 32.61
C LEU XA 227 -41.85 -99.78 33.67
N THR XA 228 -41.71 -100.87 34.40
CA THR XA 228 -42.66 -101.20 35.46
C THR XA 228 -42.45 -100.27 36.64
N PRO XA 229 -43.45 -99.50 37.05
CA PRO XA 229 -43.26 -98.60 38.20
C PRO XA 229 -43.05 -99.38 39.49
N VAL XA 230 -42.27 -98.78 40.38
CA VAL XA 230 -41.93 -99.44 41.65
C VAL XA 230 -43.11 -99.44 42.61
N ILE XA 231 -44.10 -98.58 42.41
CA ILE XA 231 -45.21 -98.47 43.35
C ILE XA 231 -46.07 -99.73 43.38
N PHE XA 232 -46.02 -100.55 42.34
CA PHE XA 232 -46.86 -101.73 42.25
C PHE XA 232 -46.28 -102.93 42.99
N LYS XA 233 -45.19 -102.77 43.73
CA LYS XA 233 -44.66 -103.84 44.54
C LYS XA 233 -45.48 -103.98 45.83
N GLU XA 234 -45.20 -105.04 46.59
CA GLU XA 234 -46.01 -105.33 47.76
C GLU XA 234 -45.86 -104.26 48.85
N GLU XA 235 -44.67 -103.72 49.02
CA GLU XA 235 -44.44 -102.74 50.09
C GLU XA 235 -45.15 -101.43 49.79
N ASN XA 236 -44.86 -100.83 48.63
CA ASN XA 236 -45.52 -99.59 48.24
C ASN XA 236 -47.02 -99.77 48.08
N LEU XA 237 -47.47 -100.92 47.57
CA LEU XA 237 -48.89 -101.16 47.46
C LEU XA 237 -49.56 -101.30 48.82
N GLN XA 238 -48.91 -101.97 49.76
CA GLN XA 238 -49.46 -102.06 51.11
C GLN XA 238 -49.50 -100.68 51.77
N THR XA 239 -48.49 -99.85 51.54
CA THR XA 239 -48.52 -98.50 52.10
C THR XA 239 -49.64 -97.67 51.49
N MET XA 240 -49.85 -97.79 50.17
CA MET XA 240 -50.92 -97.05 49.52
C MET XA 240 -52.29 -97.55 49.95
N TYR XA 241 -52.40 -98.84 50.29
CA TYR XA 241 -53.64 -99.35 50.87
C TYR XA 241 -53.86 -98.82 52.27
N SER XA 242 -52.80 -98.77 53.09
CA SER XA 242 -52.92 -98.22 54.43
C SER XA 242 -53.30 -96.74 54.39
N GLN XA 243 -52.86 -96.02 53.36
CA GLN XA 243 -53.28 -94.64 53.14
C GLN XA 243 -54.62 -94.55 52.42
N ASP XA 244 -55.38 -95.64 52.38
CA ASP XA 244 -56.70 -95.72 51.76
C ASP XA 244 -56.77 -94.95 50.43
N GLN XA 245 -55.90 -95.34 49.51
CA GLN XA 245 -55.90 -94.80 48.16
C GLN XA 245 -56.24 -95.86 47.11
N HIS XA 246 -57.19 -96.74 47.42
CA HIS XA 246 -57.49 -97.85 46.52
C HIS XA 246 -58.09 -97.37 45.20
N VAL XA 247 -58.88 -96.30 45.24
CA VAL XA 247 -59.42 -95.75 44.00
C VAL XA 247 -58.29 -95.27 43.10
N ASP XA 248 -57.30 -94.59 43.69
CA ASP XA 248 -56.14 -94.15 42.91
C ASP XA 248 -55.33 -95.34 42.40
N VAL XA 249 -55.19 -96.39 43.21
CA VAL XA 249 -54.49 -97.59 42.76
C VAL XA 249 -55.18 -98.16 41.53
N LEU XA 250 -56.51 -98.26 41.56
CA LEU XA 250 -57.24 -98.83 40.43
C LEU XA 250 -57.15 -97.93 39.20
N ASN XA 251 -57.32 -96.62 39.38
CA ASN XA 251 -57.22 -95.70 38.25
C ASN XA 251 -55.82 -95.66 37.67
N LEU XA 252 -54.79 -95.96 38.45
CA LEU XA 252 -53.43 -96.03 37.94
C LEU XA 252 -53.15 -97.35 37.24
N CYS XA 253 -53.62 -98.47 37.80
CA CYS XA 253 -53.40 -99.76 37.18
C CYS XA 253 -54.16 -99.89 35.86
N VAL XA 254 -55.39 -99.37 35.78
CA VAL XA 254 -56.13 -99.44 34.53
C VAL XA 254 -55.41 -98.65 33.44
N ALA XA 255 -54.85 -97.50 33.78
CA ALA XA 255 -54.14 -96.70 32.79
C ALA XA 255 -52.82 -97.34 32.40
N GLN XA 256 -52.13 -97.95 33.36
CA GLN XA 256 -50.82 -98.52 33.09
C GLN XA 256 -50.92 -99.80 32.28
N PHE XA 257 -51.61 -100.80 32.81
CA PHE XA 257 -51.68 -102.11 32.19
C PHE XA 257 -52.91 -102.25 31.30
N GLU XA 258 -52.90 -103.28 30.49
CA GLU XA 258 -54.08 -103.66 29.72
C GLU XA 258 -55.07 -104.40 30.61
N PRO XA 259 -56.38 -104.19 30.44
CA PRO XA 259 -57.36 -104.87 31.30
C PRO XA 259 -57.43 -106.37 31.09
N ASP XA 260 -56.72 -106.92 30.10
CA ASP XA 260 -56.71 -108.36 29.86
C ASP XA 260 -55.35 -108.99 30.14
N SER XA 261 -54.42 -108.26 30.75
CA SER XA 261 -53.09 -108.78 31.01
C SER XA 261 -53.11 -109.62 32.29
N ALA XA 262 -51.92 -109.98 32.78
CA ALA XA 262 -51.80 -110.81 33.97
C ALA XA 262 -51.65 -109.98 35.24
N GLU XA 263 -50.69 -109.05 35.26
CA GLU XA 263 -50.48 -108.22 36.43
C GLU XA 263 -51.66 -107.32 36.72
N TYR XA 264 -52.43 -106.92 35.70
CA TYR XA 264 -53.64 -106.14 35.92
C TYR XA 264 -54.61 -106.90 36.81
N ILE XA 265 -54.95 -108.14 36.42
CA ILE XA 265 -55.84 -108.97 37.22
C ILE XA 265 -55.21 -109.28 38.57
N LYS XA 266 -53.89 -109.47 38.60
CA LYS XA 266 -53.21 -109.74 39.87
C LYS XA 266 -53.41 -108.62 40.86
N ILE XA 267 -53.13 -107.39 40.46
CA ILE XA 267 -53.27 -106.23 41.34
C ILE XA 267 -54.73 -105.97 41.68
N HIS XA 268 -55.64 -106.16 40.72
CA HIS XA 268 -57.06 -105.96 41.02
C HIS XA 268 -57.55 -106.95 42.07
N HIS XA 269 -57.22 -108.23 41.92
CA HIS XA 269 -57.58 -109.20 42.95
C HIS XA 269 -56.87 -108.94 44.27
N HIS XA 270 -55.63 -108.44 44.23
CA HIS XA 270 -54.93 -108.14 45.47
C HIS XA 270 -55.61 -107.02 46.24
N THR XA 271 -56.01 -105.94 45.56
CA THR XA 271 -56.69 -104.86 46.27
C THR XA 271 -58.12 -105.26 46.65
N TYR XA 272 -58.76 -106.12 45.85
CA TYR XA 272 -60.08 -106.63 46.22
C TYR XA 272 -60.00 -107.51 47.46
N GLU XA 273 -58.88 -108.19 47.67
CA GLU XA 273 -58.67 -108.93 48.90
C GLU XA 273 -58.57 -108.00 50.11
N ASP XA 274 -57.77 -106.94 50.01
CA ASP XA 274 -57.59 -106.03 51.12
C ASP XA 274 -58.84 -105.22 51.45
N ILE XA 275 -59.60 -104.78 50.45
CA ILE XA 275 -60.77 -103.96 50.75
C ILE XA 275 -61.79 -104.75 51.56
N ASP XA 276 -62.05 -106.00 51.20
CA ASP XA 276 -63.00 -106.82 51.95
C ASP XA 276 -62.36 -107.55 53.13
N LYS XA 277 -61.03 -107.48 53.27
CA LYS XA 277 -60.41 -107.93 54.51
C LYS XA 277 -60.55 -106.87 55.59
N CYS XA 278 -60.35 -105.60 55.23
CA CYS XA 278 -60.38 -104.51 56.20
C CYS XA 278 -61.75 -103.84 56.28
N GLY XA 279 -62.70 -104.19 55.42
CA GLY XA 279 -64.01 -103.59 55.47
C GLY XA 279 -64.01 -102.16 54.99
N LYS XA 280 -63.50 -101.92 53.79
CA LYS XA 280 -63.41 -100.59 53.21
C LYS XA 280 -64.26 -100.48 51.94
N TYR XA 281 -65.48 -101.04 51.98
CA TYR XA 281 -66.35 -100.98 50.82
C TYR XA 281 -66.83 -99.57 50.54
N ASP XA 282 -66.88 -98.71 51.55
CA ASP XA 282 -67.36 -97.35 51.36
C ASP XA 282 -66.42 -96.52 50.48
N LEU XA 283 -65.13 -96.88 50.43
CA LEU XA 283 -64.20 -96.14 49.58
C LEU XA 283 -64.54 -96.31 48.10
N LEU XA 284 -65.21 -97.42 47.76
CA LEU XA 284 -65.61 -97.68 46.38
C LEU XA 284 -67.12 -97.47 46.17
N ARG XA 285 -67.73 -96.62 46.99
CA ARG XA 285 -69.18 -96.41 46.92
C ARG XA 285 -69.58 -95.83 45.56
N SER XA 286 -69.09 -94.63 45.25
CA SER XA 286 -69.51 -93.91 44.05
C SER XA 286 -68.44 -93.89 42.97
N THR XA 287 -67.44 -94.77 43.07
CA THR XA 287 -66.41 -94.84 42.03
C THR XA 287 -66.93 -95.64 40.84
N ARG XA 288 -66.10 -95.68 39.78
CA ARG XA 288 -66.41 -96.45 38.59
C ARG XA 288 -65.85 -97.87 38.66
N HIS XA 289 -65.49 -98.35 39.84
CA HIS XA 289 -65.00 -99.70 40.03
C HIS XA 289 -65.90 -100.54 40.94
N PHE XA 290 -67.00 -99.96 41.42
CA PHE XA 290 -67.91 -100.71 42.28
C PHE XA 290 -68.50 -101.91 41.55
N GLY XA 291 -68.89 -101.72 40.29
CA GLY XA 291 -69.33 -102.83 39.48
C GLY XA 291 -68.28 -103.90 39.28
N GLY XA 292 -67.02 -103.51 39.08
CA GLY XA 292 -65.97 -104.50 38.92
C GLY XA 292 -65.72 -105.30 40.18
N MET XA 293 -65.64 -104.63 41.33
CA MET XA 293 -65.45 -105.36 42.59
C MET XA 293 -66.65 -106.22 42.94
N ALA XA 294 -67.86 -105.77 42.60
CA ALA XA 294 -69.04 -106.60 42.84
C ALA XA 294 -69.03 -107.83 41.94
N TRP XA 295 -68.64 -107.66 40.67
CA TRP XA 295 -68.57 -108.79 39.75
C TRP XA 295 -67.46 -109.76 40.12
N TYR XA 296 -66.41 -109.28 40.78
CA TYR XA 296 -65.40 -110.19 41.30
C TYR XA 296 -65.88 -110.92 42.55
N PHE XA 297 -66.61 -110.21 43.43
CA PHE XA 297 -67.10 -110.84 44.66
C PHE XA 297 -68.16 -111.90 44.36
N VAL XA 298 -69.03 -111.65 43.37
CA VAL XA 298 -70.05 -112.64 43.06
C VAL XA 298 -69.44 -113.88 42.41
N ASN XA 299 -68.24 -113.76 41.83
CA ASN XA 299 -67.56 -114.94 41.30
C ASN XA 299 -66.75 -115.65 42.38
N LYS XA 300 -66.20 -114.91 43.34
CA LYS XA 300 -65.48 -115.51 44.46
C LYS XA 300 -66.40 -115.98 45.57
N LYS XA 301 -67.71 -115.73 45.46
CA LYS XA 301 -68.69 -116.14 46.46
C LYS XA 301 -68.38 -115.58 47.85
N LYS XA 302 -67.83 -114.36 47.88
CA LYS XA 302 -67.57 -113.67 49.15
C LYS XA 302 -68.46 -112.43 49.20
N ILE XA 303 -69.68 -112.63 49.70
CA ILE XA 303 -70.70 -111.60 49.73
C ILE XA 303 -71.06 -111.20 51.16
N ASP XA 304 -70.46 -111.86 52.16
CA ASP XA 304 -70.83 -111.59 53.55
C ASP XA 304 -70.50 -110.15 53.93
N GLY XA 305 -69.24 -109.75 53.76
CA GLY XA 305 -68.83 -108.42 54.16
C GLY XA 305 -69.51 -107.32 53.37
N LEU XA 306 -69.56 -107.46 52.05
CA LEU XA 306 -70.25 -106.45 51.23
C LEU XA 306 -71.72 -106.37 51.58
N LEU XA 307 -72.36 -107.51 51.86
CA LEU XA 307 -73.78 -107.50 52.19
C LEU XA 307 -74.03 -106.82 53.52
N ILE XA 308 -73.22 -107.14 54.54
CA ILE XA 308 -73.44 -106.51 55.83
C ILE XA 308 -73.11 -105.01 55.78
N ASP XA 309 -72.12 -104.63 54.95
CA ASP XA 309 -71.81 -103.21 54.82
C ASP XA 309 -72.91 -102.46 54.08
N GLN XA 310 -73.54 -103.11 53.10
CA GLN XA 310 -74.68 -102.49 52.42
C GLN XA 310 -75.90 -102.41 53.33
N ILE XA 311 -76.08 -103.38 54.23
CA ILE XA 311 -77.21 -103.33 55.15
C ILE XA 311 -76.99 -102.24 56.21
N GLN XA 312 -75.76 -102.11 56.70
CA GLN XA 312 -75.48 -101.12 57.73
C GLN XA 312 -75.63 -99.69 57.22
N ARG XA 313 -75.54 -99.46 55.92
CA ARG XA 313 -75.71 -98.13 55.35
C ARG XA 313 -77.15 -97.84 54.95
N ASP XA 314 -78.11 -98.61 55.47
CA ASP XA 314 -79.53 -98.42 55.17
C ASP XA 314 -79.80 -98.53 53.67
N LEU XA 315 -79.10 -99.44 53.01
CA LEU XA 315 -79.23 -99.67 51.57
C LEU XA 315 -79.88 -101.03 51.37
N VAL XA 316 -81.20 -101.04 51.24
CA VAL XA 316 -81.95 -102.28 51.01
C VAL XA 316 -82.05 -102.60 49.53
N SER XA 317 -82.21 -101.58 48.69
CA SER XA 317 -82.26 -101.81 47.26
C SER XA 317 -80.92 -102.31 46.72
N ASP XA 318 -79.81 -101.77 47.23
CA ASP XA 318 -78.49 -102.20 46.79
C ASP XA 318 -78.15 -103.62 47.23
N ALA XA 319 -78.87 -104.17 48.20
CA ALA XA 319 -78.69 -105.55 48.61
C ALA XA 319 -79.63 -106.49 47.89
N THR XA 320 -80.89 -106.07 47.69
CA THR XA 320 -81.82 -106.88 46.91
C THR XA 320 -81.47 -106.89 45.44
N SER XA 321 -80.64 -105.94 44.99
CA SER XA 321 -80.11 -106.00 43.63
C SER XA 321 -78.87 -106.87 43.55
N LEU XA 322 -78.09 -106.95 44.65
CA LEU XA 322 -76.91 -107.81 44.66
C LEU XA 322 -77.31 -109.27 44.74
N VAL XA 323 -78.34 -109.59 45.53
CA VAL XA 323 -78.79 -110.98 45.60
C VAL XA 323 -79.33 -111.43 44.26
N HIS XA 324 -79.94 -110.53 43.49
CA HIS XA 324 -80.42 -110.88 42.16
C HIS XA 324 -79.25 -111.15 41.21
N LEU XA 325 -78.19 -110.34 41.30
CA LEU XA 325 -76.99 -110.62 40.51
C LEU XA 325 -76.39 -111.97 40.87
N TYR XA 326 -76.34 -112.29 42.17
CA TYR XA 326 -75.84 -113.60 42.59
C TYR XA 326 -76.68 -114.72 42.02
N HIS XA 327 -78.01 -114.60 42.10
CA HIS XA 327 -78.89 -115.62 41.53
C HIS XA 327 -78.74 -115.77 40.03
N ILE XA 328 -78.52 -114.65 39.31
CA ILE XA 328 -78.36 -114.72 37.87
C ILE XA 328 -77.03 -115.36 37.51
N LEU XA 329 -75.97 -115.04 38.27
CA LEU XA 329 -74.65 -115.54 37.95
C LEU XA 329 -74.47 -117.01 38.36
N HIS XA 330 -75.22 -117.46 39.37
CA HIS XA 330 -75.19 -118.86 39.81
C HIS XA 330 -76.60 -119.41 39.74
N PRO XA 331 -77.06 -119.80 38.54
CA PRO XA 331 -78.42 -120.36 38.44
C PRO XA 331 -78.57 -121.70 39.13
N ASP XA 332 -77.56 -122.57 39.02
CA ASP XA 332 -77.60 -123.88 39.64
C ASP XA 332 -77.10 -123.77 41.08
N GLY XA 333 -78.03 -123.73 42.03
CA GLY XA 333 -77.68 -123.61 43.42
C GLY XA 333 -78.92 -123.57 44.28
N GLN XA 334 -78.76 -124.01 45.53
CA GLN XA 334 -79.88 -124.02 46.46
C GLN XA 334 -80.39 -122.62 46.76
N SER XA 335 -79.51 -121.62 46.80
CA SER XA 335 -79.96 -120.25 47.03
C SER XA 335 -80.86 -119.76 45.91
N ALA XA 336 -80.55 -120.13 44.67
CA ALA XA 336 -81.35 -119.71 43.53
C ALA XA 336 -82.63 -120.55 43.40
N GLN XA 337 -82.60 -121.81 43.83
CA GLN XA 337 -83.77 -122.66 43.67
C GLN XA 337 -84.79 -122.46 44.79
N GLU XA 338 -84.33 -122.29 46.03
CA GLU XA 338 -85.26 -122.08 47.14
C GLU XA 338 -86.00 -120.75 47.00
N ALA XA 339 -85.32 -119.71 46.53
CA ALA XA 339 -86.00 -118.45 46.27
C ALA XA 339 -87.11 -118.59 45.24
N LYS XA 340 -86.88 -119.34 44.17
CA LYS XA 340 -87.92 -119.55 43.16
C LYS XA 340 -89.07 -120.39 43.71
N LYS XA 341 -88.74 -121.45 44.48
CA LYS XA 341 -89.78 -122.32 44.98
C LYS XA 341 -90.56 -121.69 46.13
N GLN XA 342 -90.02 -120.64 46.74
CA GLN XA 342 -90.71 -119.95 47.81
C GLN XA 342 -91.45 -118.72 47.33
N GLY XA 343 -90.96 -118.05 46.29
CA GLY XA 343 -91.57 -116.83 45.82
C GLY XA 343 -91.41 -115.67 46.79
N ALA XA 344 -90.27 -115.60 47.48
CA ALA XA 344 -90.06 -114.58 48.48
C ALA XA 344 -89.81 -113.22 47.82
N GLU XA 345 -90.05 -112.16 48.58
CA GLU XA 345 -89.81 -110.81 48.11
C GLU XA 345 -88.32 -110.47 48.23
N GLY XA 346 -87.97 -109.25 47.82
CA GLY XA 346 -86.57 -108.85 47.86
C GLY XA 346 -86.01 -108.77 49.26
N LEU XA 347 -86.86 -108.44 50.23
CA LEU XA 347 -86.40 -108.33 51.62
C LEU XA 347 -86.09 -109.72 52.20
N HIS XA 348 -86.81 -110.75 51.77
CA HIS XA 348 -86.54 -112.11 52.19
C HIS XA 348 -85.49 -112.80 51.32
N LEU XA 349 -85.19 -112.23 50.15
CA LEU XA 349 -84.07 -112.72 49.35
C LEU XA 349 -82.75 -112.63 50.09
N ILE XA 350 -82.61 -111.70 51.03
CA ILE XA 350 -81.40 -111.60 51.83
C ILE XA 350 -81.38 -112.68 52.92
N LYS XA 351 -82.52 -112.93 53.55
CA LYS XA 351 -82.58 -113.95 54.61
C LYS XA 351 -82.36 -115.34 54.03
N VAL XA 352 -82.94 -115.63 52.87
CA VAL XA 352 -82.76 -116.95 52.27
C VAL XA 352 -81.32 -117.15 51.85
N PHE XA 353 -80.67 -116.08 51.36
CA PHE XA 353 -79.26 -116.17 50.99
C PHE XA 353 -78.37 -116.31 52.22
N ALA XA 354 -78.77 -115.70 53.34
CA ALA XA 354 -78.03 -115.85 54.58
C ALA XA 354 -78.20 -117.24 55.20
N LYS XA 355 -79.32 -117.90 54.93
CA LYS XA 355 -79.56 -119.24 55.46
C LYS XA 355 -79.01 -120.35 54.57
N THR XA 356 -78.97 -120.15 53.25
CA THR XA 356 -78.56 -121.23 52.36
C THR XA 356 -77.04 -121.32 52.22
N GLU XA 357 -76.41 -120.27 51.68
CA GLU XA 357 -75.00 -120.35 51.31
C GLU XA 357 -74.19 -119.16 51.83
N ALA XA 358 -74.47 -118.70 53.05
CA ALA XA 358 -73.69 -117.64 53.66
C ALA XA 358 -72.83 -118.22 54.78
N GLN XA 359 -71.59 -117.76 54.86
CA GLN XA 359 -70.68 -118.24 55.91
C GLN XA 359 -71.02 -117.60 57.25
N LYS XA 360 -71.09 -116.27 57.29
CA LYS XA 360 -71.48 -115.54 58.50
C LYS XA 360 -72.99 -115.26 58.48
N GLY XA 361 -73.75 -116.34 58.30
CA GLY XA 361 -75.20 -116.24 58.28
C GLY XA 361 -75.80 -115.69 59.56
N ALA XA 362 -75.22 -116.05 60.72
CA ALA XA 362 -75.70 -115.49 61.98
C ALA XA 362 -75.46 -113.99 62.04
N TYR XA 363 -74.30 -113.52 61.56
CA TYR XA 363 -74.04 -112.10 61.50
C TYR XA 363 -75.00 -111.38 60.56
N ILE XA 364 -75.28 -111.97 59.39
CA ILE XA 364 -76.20 -111.35 58.46
C ILE XA 364 -77.61 -111.27 59.06
N GLU XA 365 -78.03 -112.33 59.73
CA GLU XA 365 -79.35 -112.32 60.36
C GLU XA 365 -79.43 -111.30 61.48
N LEU XA 366 -78.37 -111.19 62.29
CA LEU XA 366 -78.35 -110.19 63.35
C LEU XA 366 -78.40 -108.79 62.78
N THR XA 367 -77.67 -108.54 61.70
CA THR XA 367 -77.68 -107.21 61.08
C THR XA 367 -79.04 -106.90 60.49
N LEU XA 368 -79.68 -107.88 59.84
CA LEU XA 368 -81.01 -107.66 59.29
C LEU XA 368 -82.04 -107.39 60.40
N GLN XA 369 -81.96 -108.12 61.50
CA GLN XA 369 -82.88 -107.89 62.61
C GLN XA 369 -82.64 -106.53 63.24
N ALA XA 370 -81.37 -106.11 63.37
CA ALA XA 370 -81.08 -104.79 63.90
C ALA XA 370 -81.57 -103.69 62.97
N TYR XA 371 -81.48 -103.91 61.66
CA TYR XA 371 -82.06 -102.97 60.70
C TYR XA 371 -83.57 -102.90 60.81
N GLN XA 372 -84.22 -104.06 60.99
CA GLN XA 372 -85.69 -104.07 61.11
C GLN XA 372 -86.14 -103.35 62.37
N GLU XA 373 -85.62 -103.75 63.54
CA GLU XA 373 -86.06 -103.18 64.80
C GLU XA 373 -85.76 -101.69 64.90
N ALA XA 374 -84.93 -101.14 64.03
CA ALA XA 374 -84.68 -99.71 63.97
C ALA XA 374 -85.53 -98.99 62.93
N PHE XA 375 -85.60 -99.53 61.71
CA PHE XA 375 -86.37 -98.89 60.65
C PHE XA 375 -87.86 -98.91 60.92
N ILE XA 376 -88.39 -100.04 61.41
CA ILE XA 376 -89.82 -100.10 61.71
C ILE XA 376 -90.20 -99.08 62.78
N THR XA 377 -89.30 -98.84 63.73
CA THR XA 377 -89.62 -97.92 64.82
C THR XA 377 -89.40 -96.46 64.42
N HIS XA 378 -88.41 -96.20 63.56
CA HIS XA 378 -88.11 -94.82 63.20
C HIS XA 378 -88.95 -94.32 62.02
N SER XA 379 -89.51 -95.23 61.23
CA SER XA 379 -90.33 -94.83 60.09
C SER XA 379 -91.46 -95.82 59.85
N ALA YA 2 -62.53 -48.77 68.18
CA ALA YA 2 -63.24 -47.51 68.42
C ALA YA 2 -64.49 -47.43 67.57
N GLY YA 3 -64.35 -47.01 66.32
CA GLY YA 3 -65.49 -46.91 65.44
C GLY YA 3 -65.07 -46.62 64.02
N SER YA 4 -66.04 -46.21 63.21
CA SER YA 4 -65.82 -45.89 61.81
C SER YA 4 -66.36 -44.49 61.55
N ARG YA 5 -65.46 -43.53 61.33
CA ARG YA 5 -65.82 -42.14 61.08
C ARG YA 5 -65.96 -41.84 59.60
N LEU YA 6 -66.28 -42.83 58.78
CA LEU YA 6 -66.43 -42.64 57.35
C LEU YA 6 -67.88 -42.25 57.03
N GLU YA 7 -68.03 -41.33 56.08
CA GLU YA 7 -69.34 -40.79 55.72
C GLU YA 7 -69.82 -41.24 54.35
N THR YA 8 -68.95 -41.20 53.34
CA THR YA 8 -69.34 -41.46 51.97
C THR YA 8 -69.47 -42.93 51.63
N VAL YA 9 -69.12 -43.83 52.54
CA VAL YA 9 -69.14 -45.25 52.23
C VAL YA 9 -70.57 -45.79 52.23
N GLY YA 10 -71.37 -45.40 53.21
CA GLY YA 10 -72.72 -45.93 53.32
C GLY YA 10 -73.49 -45.38 54.51
N SER YA 11 -74.19 -46.26 55.22
CA SER YA 11 -75.01 -45.88 56.35
C SER YA 11 -74.36 -46.29 57.66
N ILE YA 12 -74.88 -45.75 58.76
CA ILE YA 12 -74.37 -46.11 60.08
C ILE YA 12 -74.65 -47.58 60.38
N PHE YA 13 -75.79 -48.11 59.95
CA PHE YA 13 -76.05 -49.53 60.11
C PHE YA 13 -75.08 -50.37 59.29
N SER YA 14 -74.81 -49.95 58.05
CA SER YA 14 -73.90 -50.69 57.19
C SER YA 14 -72.46 -50.59 57.68
N ARG YA 15 -72.16 -49.57 58.49
CA ARG YA 15 -70.81 -49.41 59.06
C ARG YA 15 -70.66 -50.05 60.44
N THR YA 16 -71.76 -50.30 61.14
CA THR YA 16 -71.70 -50.94 62.46
C THR YA 16 -71.93 -52.44 62.43
N ARG YA 17 -72.87 -52.92 61.60
CA ARG YA 17 -73.15 -54.34 61.55
C ARG YA 17 -71.94 -55.12 61.03
N ASP YA 18 -71.31 -54.62 59.97
CA ASP YA 18 -70.13 -55.30 59.43
C ASP YA 18 -68.97 -55.25 60.41
N LEU YA 19 -68.82 -54.15 61.15
CA LEU YA 19 -67.76 -54.07 62.15
C LEU YA 19 -67.98 -55.07 63.27
N ILE YA 20 -69.22 -55.20 63.74
CA ILE YA 20 -69.53 -56.19 64.76
C ILE YA 20 -69.33 -57.60 64.21
N ARG YA 21 -69.67 -57.82 62.95
CA ARG YA 21 -69.43 -59.13 62.33
C ARG YA 21 -67.94 -59.44 62.28
N ALA YA 22 -67.11 -58.45 61.96
CA ALA YA 22 -65.66 -58.60 62.00
C ALA YA 22 -65.14 -58.80 63.41
N GLY YA 23 -65.85 -58.32 64.42
CA GLY YA 23 -65.51 -58.61 65.80
C GLY YA 23 -64.65 -57.57 66.50
N VAL YA 24 -64.48 -56.39 65.93
CA VAL YA 24 -63.72 -55.34 66.60
C VAL YA 24 -64.54 -54.69 67.69
N LEU YA 25 -65.72 -54.20 67.34
CA LEU YA 25 -66.64 -53.61 68.32
C LEU YA 25 -67.31 -54.74 69.08
N LYS YA 26 -66.72 -55.11 70.22
CA LYS YA 26 -67.20 -56.24 71.00
C LYS YA 26 -68.41 -55.89 71.87
N GLU YA 27 -68.93 -54.67 71.79
CA GLU YA 27 -70.13 -54.26 72.51
C GLU YA 27 -71.16 -53.79 71.51
N LYS YA 28 -72.36 -54.36 71.58
CA LYS YA 28 -73.39 -54.02 70.61
C LYS YA 28 -74.13 -52.77 71.07
N PRO YA 29 -74.27 -51.76 70.20
CA PRO YA 29 -75.03 -50.57 70.59
C PRO YA 29 -76.50 -50.90 70.83
N LEU YA 30 -77.11 -50.16 71.76
CA LEU YA 30 -78.49 -50.42 72.14
C LEU YA 30 -79.46 -50.12 70.99
N TRP YA 31 -79.13 -49.15 70.15
CA TRP YA 31 -80.00 -48.80 69.04
C TRP YA 31 -79.94 -49.79 67.89
N LEU YA 32 -78.97 -50.71 67.88
CA LEU YA 32 -78.85 -51.64 66.78
C LEU YA 32 -80.00 -52.64 66.76
N ASP YA 33 -80.40 -53.13 67.94
CA ASP YA 33 -81.56 -54.01 68.01
C ASP YA 33 -82.84 -53.29 67.56
N ILE YA 34 -83.00 -52.02 67.92
CA ILE YA 34 -84.16 -51.27 67.46
C ILE YA 34 -84.12 -51.09 65.96
N TYR YA 35 -82.94 -50.83 65.39
CA TYR YA 35 -82.83 -50.68 63.95
C TYR YA 35 -83.16 -51.98 63.23
N ASN YA 36 -82.70 -53.11 63.78
CA ASN YA 36 -83.02 -54.40 63.17
C ASN YA 36 -84.50 -54.73 63.32
N ALA YA 37 -85.14 -54.26 64.39
CA ALA YA 37 -86.56 -54.53 64.59
C ALA YA 37 -87.42 -53.70 63.66
N PHE YA 38 -87.11 -52.41 63.53
CA PHE YA 38 -87.89 -51.48 62.71
C PHE YA 38 -86.94 -50.66 61.85
N PRO YA 39 -86.49 -51.20 60.72
CA PRO YA 39 -85.64 -50.42 59.82
C PRO YA 39 -86.45 -49.34 59.14
N PRO YA 40 -85.80 -48.23 58.74
CA PRO YA 40 -86.53 -47.18 58.03
C PRO YA 40 -86.89 -47.58 56.60
N LEU YA 41 -87.60 -46.71 55.89
CA LEU YA 41 -87.97 -47.03 54.50
C LEU YA 41 -86.76 -46.95 53.59
N ARG YA 42 -85.88 -45.97 53.81
CA ARG YA 42 -84.67 -45.80 53.02
C ARG YA 42 -83.45 -45.97 53.90
N GLU YA 43 -82.46 -46.71 53.41
CA GLU YA 43 -81.19 -46.83 54.12
C GLU YA 43 -80.46 -45.49 54.06
N PRO YA 44 -79.98 -44.97 55.20
CA PRO YA 44 -79.34 -43.65 55.19
C PRO YA 44 -77.95 -43.66 54.58
N VAL YA 45 -77.87 -43.86 53.27
CA VAL YA 45 -76.60 -43.84 52.55
C VAL YA 45 -76.30 -42.42 52.10
N PHE YA 46 -75.03 -42.06 52.12
CA PHE YA 46 -74.62 -40.72 51.73
C PHE YA 46 -74.70 -40.57 50.21
N ARG YA 47 -75.41 -39.55 49.76
CA ARG YA 47 -75.57 -39.27 48.34
C ARG YA 47 -75.24 -37.80 48.09
N ARG YA 48 -74.37 -37.55 47.11
CA ARG YA 48 -74.00 -36.17 46.82
C ARG YA 48 -74.99 -35.56 45.84
N PRO YA 49 -75.55 -34.39 46.15
CA PRO YA 49 -76.57 -33.75 45.27
C PRO YA 49 -75.97 -33.12 44.03
N ARG YA 50 -75.76 -33.94 43.00
CA ARG YA 50 -75.28 -33.43 41.73
C ARG YA 50 -76.31 -32.50 41.10
N LEU YA 51 -75.83 -31.40 40.52
CA LEU YA 51 -76.71 -30.45 39.86
C LEU YA 51 -77.26 -31.04 38.56
N ARG YA 52 -78.53 -30.77 38.30
CA ARG YA 52 -79.21 -31.30 37.12
C ARG YA 52 -78.96 -30.38 35.92
N TYR YA 53 -78.30 -30.91 34.90
CA TYR YA 53 -78.01 -30.17 33.69
C TYR YA 53 -78.81 -30.73 32.52
N GLY YA 54 -78.70 -30.04 31.37
CA GLY YA 54 -79.34 -30.51 30.16
C GLY YA 54 -80.84 -30.30 30.16
N LYS YA 55 -81.51 -31.10 29.33
CA LYS YA 55 -82.96 -31.02 29.17
C LYS YA 55 -83.71 -31.72 30.31
N ALA YA 56 -83.01 -32.31 31.26
CA ALA YA 56 -83.68 -33.02 32.34
C ALA YA 56 -84.45 -32.06 33.23
N LYS YA 57 -85.58 -32.52 33.75
CA LYS YA 57 -86.44 -31.71 34.60
C LYS YA 57 -86.85 -32.53 35.82
N ALA YA 58 -87.29 -31.83 36.86
CA ALA YA 58 -87.72 -32.48 38.09
C ALA YA 58 -88.95 -33.35 37.84
N ALA YA 59 -89.10 -34.39 38.66
CA ALA YA 59 -90.20 -35.33 38.54
C ALA YA 59 -91.45 -34.89 39.28
N VAL YA 60 -91.47 -33.69 39.83
CA VAL YA 60 -92.64 -33.20 40.55
C VAL YA 60 -93.67 -32.69 39.55
N GLN YA 61 -94.95 -32.88 39.86
CA GLN YA 61 -96.03 -32.47 38.99
C GLN YA 61 -96.87 -31.39 39.68
N ASP YA 62 -97.25 -30.38 38.90
CA ASP YA 62 -97.98 -29.24 39.46
C ASP YA 62 -99.36 -29.66 39.95
N ILE YA 63 -99.90 -28.88 40.90
CA ILE YA 63 -101.20 -29.15 41.49
C ILE YA 63 -102.20 -28.20 40.87
N PHE YA 64 -103.12 -28.75 40.08
CA PHE YA 64 -104.18 -27.97 39.47
C PHE YA 64 -105.43 -28.82 39.37
N TYR YA 65 -106.58 -28.22 39.69
CA TYR YA 65 -107.86 -28.90 39.64
C TYR YA 65 -108.77 -28.19 38.65
N HIS YA 66 -109.86 -28.88 38.28
CA HIS YA 66 -110.86 -28.25 37.43
C HIS YA 66 -111.56 -27.10 38.12
N GLU YA 67 -111.56 -27.08 39.45
CA GLU YA 67 -112.13 -25.94 40.17
C GLU YA 67 -111.30 -24.69 40.00
N ASP YA 68 -110.00 -24.84 39.73
CA ASP YA 68 -109.14 -23.68 39.51
C ASP YA 68 -109.53 -22.95 38.23
N ARG YA 69 -109.92 -23.71 37.20
CA ARG YA 69 -110.35 -23.09 35.95
C ARG YA 69 -111.60 -22.26 36.12
N ILE YA 70 -112.44 -22.59 37.11
CA ILE YA 70 -113.62 -21.79 37.42
C ILE YA 70 -113.28 -20.62 38.33
N ARG YA 71 -112.40 -20.85 39.31
CA ARG YA 71 -111.96 -19.77 40.19
C ARG YA 71 -111.24 -18.67 39.43
N ALA YA 72 -110.55 -19.02 38.34
CA ALA YA 72 -109.90 -18.00 37.53
C ALA YA 72 -110.90 -17.04 36.92
N LYS YA 73 -112.07 -17.54 36.49
CA LYS YA 73 -113.10 -16.66 35.95
C LYS YA 73 -113.59 -15.67 36.99
N PHE YA 74 -113.84 -16.13 38.22
CA PHE YA 74 -114.30 -15.23 39.27
C PHE YA 74 -113.23 -14.22 39.65
N TYR YA 75 -111.97 -14.66 39.72
CA TYR YA 75 -110.89 -13.74 40.06
C TYR YA 75 -110.56 -12.75 38.95
N SER YA 76 -110.91 -13.07 37.70
CA SER YA 76 -110.72 -12.12 36.62
C SER YA 76 -111.93 -11.21 36.43
N ALA YA 77 -113.10 -11.64 36.89
CA ALA YA 77 -114.32 -10.85 36.74
C ALA YA 77 -114.53 -9.91 37.93
N TYR YA 78 -114.57 -10.45 39.15
CA TYR YA 78 -114.87 -9.67 40.34
C TYR YA 78 -113.69 -9.49 41.27
N GLY YA 79 -112.61 -10.24 41.08
CA GLY YA 79 -111.45 -10.09 41.95
C GLY YA 79 -111.66 -10.78 43.29
N SER YA 80 -111.03 -10.22 44.32
CA SER YA 80 -111.14 -10.77 45.66
C SER YA 80 -112.52 -10.53 46.24
N GLY YA 81 -113.05 -11.53 46.93
CA GLY YA 81 -114.37 -11.44 47.51
C GLY YA 81 -114.42 -10.50 48.70
N PRO YA 82 -115.63 -10.12 49.11
CA PRO YA 82 -115.74 -9.23 50.27
C PRO YA 82 -115.40 -9.92 51.58
N LYS YA 83 -115.87 -11.15 51.77
CA LYS YA 83 -115.57 -11.91 52.99
C LYS YA 83 -114.11 -12.36 52.93
N ALA YA 84 -113.27 -11.75 53.75
CA ALA YA 84 -111.85 -12.08 53.75
C ALA YA 84 -111.64 -13.52 54.20
N PHE YA 85 -110.56 -14.12 53.71
CA PHE YA 85 -110.26 -15.51 54.04
C PHE YA 85 -109.83 -15.65 55.49
N ASP YA 86 -110.23 -16.76 56.11
CA ASP YA 86 -109.85 -17.09 57.48
C ASP YA 86 -109.11 -18.43 57.44
N LEU YA 87 -107.79 -18.36 57.46
CA LEU YA 87 -106.96 -19.56 57.32
C LEU YA 87 -106.94 -20.43 58.58
N PHE YA 88 -107.56 -19.99 59.67
CA PHE YA 88 -107.62 -20.78 60.89
C PHE YA 88 -108.79 -21.74 60.90
N ASN YA 89 -109.87 -21.42 60.19
CA ASN YA 89 -111.05 -22.28 60.17
C ASN YA 89 -110.85 -23.40 59.16
N PRO YA 90 -110.86 -24.66 59.59
CA PRO YA 90 -110.68 -25.76 58.63
C PRO YA 90 -111.79 -25.86 57.59
N ASN YA 91 -113.04 -25.67 58.02
CA ASN YA 91 -114.18 -25.75 57.12
C ASN YA 91 -114.65 -24.38 56.64
N PHE YA 92 -113.72 -23.45 56.47
CA PHE YA 92 -114.07 -22.12 55.98
C PHE YA 92 -114.41 -22.18 54.49
N LYS YA 93 -115.57 -21.63 54.13
CA LYS YA 93 -116.02 -21.58 52.75
C LYS YA 93 -115.99 -20.13 52.28
N SER YA 94 -115.26 -19.87 51.21
CA SER YA 94 -115.09 -18.52 50.71
C SER YA 94 -116.16 -18.18 49.68
N THR YA 95 -116.17 -16.91 49.25
CA THR YA 95 -117.11 -16.48 48.23
C THR YA 95 -116.86 -17.17 46.90
N CYS YA 96 -115.59 -17.25 46.49
CA CYS YA 96 -115.26 -17.98 45.28
C CYS YA 96 -115.54 -19.47 45.42
N GLN YA 97 -115.40 -20.03 46.63
CA GLN YA 97 -115.76 -21.43 46.84
C GLN YA 97 -117.25 -21.65 46.66
N ARG YA 98 -118.09 -20.79 47.24
CA ARG YA 98 -119.53 -20.87 46.99
C ARG YA 98 -119.86 -20.67 45.52
N PHE YA 99 -119.13 -19.78 44.83
CA PHE YA 99 -119.39 -19.56 43.41
C PHE YA 99 -119.07 -20.81 42.58
N VAL YA 100 -117.93 -21.45 42.86
CA VAL YA 100 -117.59 -22.64 42.10
C VAL YA 100 -118.50 -23.81 42.48
N GLU YA 101 -118.99 -23.84 43.72
CA GLU YA 101 -119.98 -24.85 44.08
C GLU YA 101 -121.29 -24.64 43.31
N LYS YA 102 -121.77 -23.40 43.23
CA LYS YA 102 -122.95 -23.12 42.41
C LYS YA 102 -122.70 -23.44 40.94
N TYR YA 103 -121.49 -23.19 40.45
CA TYR YA 103 -121.17 -23.50 39.07
C TYR YA 103 -121.23 -25.00 38.80
N ILE YA 104 -120.60 -25.80 39.67
CA ILE YA 104 -120.59 -27.24 39.46
C ILE YA 104 -121.97 -27.83 39.72
N GLU YA 105 -122.81 -27.15 40.51
CA GLU YA 105 -124.17 -27.61 40.68
C GLU YA 105 -125.02 -27.33 39.44
N LEU YA 106 -124.87 -26.13 38.87
CA LEU YA 106 -125.59 -25.81 37.64
C LEU YA 106 -125.08 -26.61 36.45
N GLN YA 107 -123.84 -27.11 36.50
CA GLN YA 107 -123.32 -27.93 35.41
C GLN YA 107 -124.09 -29.23 35.28
N ARG YA 108 -124.58 -29.79 36.39
CA ARG YA 108 -125.34 -31.03 36.33
C ARG YA 108 -126.70 -30.87 35.67
N LEU YA 109 -127.19 -29.64 35.51
CA LEU YA 109 -128.48 -29.39 34.88
C LEU YA 109 -128.41 -29.43 33.36
N GLY YA 110 -127.31 -29.90 32.79
CA GLY YA 110 -127.19 -29.98 31.34
C GLY YA 110 -126.91 -28.66 30.66
N GLU YA 111 -126.34 -27.70 31.37
CA GLU YA 111 -126.03 -26.39 30.83
C GLU YA 111 -124.60 -26.40 30.30
N THR YA 112 -124.44 -26.25 28.99
CA THR YA 112 -123.14 -26.31 28.35
C THR YA 112 -122.56 -24.95 27.96
N ASP YA 113 -123.38 -23.90 27.97
CA ASP YA 113 -122.87 -22.57 27.63
C ASP YA 113 -122.09 -21.99 28.80
N GLU YA 114 -120.88 -21.50 28.52
CA GLU YA 114 -120.06 -20.92 29.57
C GLU YA 114 -120.70 -19.67 30.16
N GLU YA 115 -121.33 -18.85 29.32
CA GLU YA 115 -122.04 -17.67 29.83
C GLU YA 115 -123.23 -18.07 30.69
N LYS YA 116 -123.98 -19.09 30.26
CA LYS YA 116 -125.11 -19.57 31.05
C LYS YA 116 -124.65 -20.12 32.39
N LEU YA 117 -123.51 -20.80 32.42
CA LEU YA 117 -123.00 -21.33 33.67
C LEU YA 117 -122.34 -20.27 34.55
N PHE YA 118 -121.87 -19.17 33.97
CA PHE YA 118 -121.18 -18.12 34.72
C PHE YA 118 -122.13 -17.07 35.27
N VAL YA 119 -123.03 -16.52 34.45
CA VAL YA 119 -123.85 -15.43 34.94
C VAL YA 119 -124.97 -15.94 35.86
N GLU YA 120 -125.43 -17.18 35.67
CA GLU YA 120 -126.50 -17.69 36.50
C GLU YA 120 -126.05 -17.91 37.93
N ALA YA 121 -124.80 -18.31 38.14
CA ALA YA 121 -124.28 -18.44 39.51
C ALA YA 121 -124.22 -17.08 40.21
N GLY YA 122 -123.77 -16.04 39.50
CA GLY YA 122 -123.75 -14.71 40.08
C GLY YA 122 -125.14 -14.19 40.39
N LYS YA 123 -126.11 -14.52 39.53
CA LYS YA 123 -127.48 -14.10 39.79
C LYS YA 123 -128.10 -14.89 40.94
N ALA YA 124 -127.70 -16.15 41.12
CA ALA YA 124 -128.24 -16.96 42.19
C ALA YA 124 -127.63 -16.60 43.54
N LEU YA 125 -126.37 -16.15 43.55
CA LEU YA 125 -125.75 -15.72 44.80
C LEU YA 125 -126.49 -14.56 45.44
N LEU YA 126 -127.23 -13.77 44.64
CA LEU YA 126 -128.06 -12.71 45.20
C LEU YA 126 -129.21 -13.26 46.03
N ALA YA 127 -129.57 -14.54 45.84
CA ALA YA 127 -130.59 -15.14 46.68
C ALA YA 127 -130.05 -15.40 48.08
N GLU YA 128 -128.81 -15.87 48.20
CA GLU YA 128 -128.17 -15.96 49.50
C GLU YA 128 -127.84 -14.59 50.07
N GLY YA 129 -127.61 -13.60 49.22
CA GLY YA 129 -127.44 -12.24 49.65
C GLY YA 129 -126.01 -11.75 49.81
N VAL YA 130 -125.07 -12.29 49.05
CA VAL YA 130 -123.69 -11.85 49.11
C VAL YA 130 -123.52 -10.66 48.18
N THR YA 131 -122.58 -9.78 48.53
CA THR YA 131 -122.30 -8.59 47.75
C THR YA 131 -121.12 -8.85 46.83
N LEU YA 132 -121.29 -8.55 45.54
CA LEU YA 132 -120.26 -8.75 44.54
C LEU YA 132 -119.84 -7.40 43.96
N ARG YA 133 -118.53 -7.21 43.81
CA ARG YA 133 -117.96 -5.98 43.26
C ARG YA 133 -117.23 -6.34 41.97
N ARG YA 134 -117.87 -6.10 40.84
CA ARG YA 134 -117.27 -6.41 39.55
C ARG YA 134 -116.20 -5.37 39.21
N VAL YA 135 -115.00 -5.85 38.93
CA VAL YA 135 -113.87 -4.97 38.64
C VAL YA 135 -113.89 -4.65 37.15
N GLY YA 136 -114.08 -3.37 36.82
CA GLY YA 136 -114.09 -2.92 35.44
C GLY YA 136 -113.00 -1.93 35.11
N PRO ZA 2 -60.66 -55.11 23.29
CA PRO ZA 2 -60.23 -53.71 23.35
C PRO ZA 2 -61.27 -52.81 24.00
N MET ZA 3 -61.15 -51.51 23.78
CA MET ZA 3 -62.09 -50.53 24.34
C MET ZA 3 -62.75 -49.67 23.29
N LYS ZA 4 -62.04 -49.33 22.21
CA LYS ZA 4 -62.61 -48.47 21.19
C LYS ZA 4 -63.61 -49.24 20.33
N GLY ZA 5 -64.66 -48.55 19.92
CA GLY ZA 5 -65.71 -49.13 19.10
C GLY ZA 5 -66.99 -49.35 19.88
N ARG ZA 6 -68.05 -49.64 19.12
CA ARG ZA 6 -69.36 -49.88 19.72
C ARG ZA 6 -69.38 -51.21 20.45
N PHE ZA 7 -69.12 -52.31 19.74
CA PHE ZA 7 -69.07 -53.64 20.32
C PHE ZA 7 -67.63 -54.16 20.24
N PRO ZA 8 -66.82 -53.96 21.29
CA PRO ZA 8 -65.44 -54.45 21.25
C PRO ZA 8 -65.32 -55.97 21.30
N ILE ZA 9 -66.40 -56.68 21.59
CA ILE ZA 9 -66.32 -58.14 21.73
C ILE ZA 9 -66.14 -58.80 20.37
N ARG ZA 10 -66.69 -58.21 19.30
CA ARG ZA 10 -66.61 -58.82 17.98
C ARG ZA 10 -65.25 -58.64 17.33
N ARG ZA 11 -64.26 -58.10 18.05
CA ARG ZA 11 -62.90 -57.95 17.55
C ARG ZA 11 -61.91 -58.76 18.39
N THR ZA 12 -62.32 -59.95 18.79
CA THR ZA 12 -61.50 -60.84 19.59
C THR ZA 12 -61.36 -62.18 18.88
N LEU ZA 13 -60.23 -62.86 19.14
CA LEU ZA 13 -59.99 -64.15 18.49
C LEU ZA 13 -61.04 -65.18 18.89
N GLN ZA 14 -61.52 -65.14 20.14
CA GLN ZA 14 -62.51 -66.10 20.58
C GLN ZA 14 -63.82 -65.93 19.84
N TYR ZA 15 -64.27 -64.69 19.65
CA TYR ZA 15 -65.52 -64.45 18.94
C TYR ZA 15 -65.43 -64.90 17.49
N LEU ZA 16 -64.29 -64.66 16.85
CA LEU ZA 16 -64.11 -65.08 15.46
C LEU ZA 16 -63.86 -66.57 15.31
N GLY ZA 17 -63.44 -67.25 16.38
CA GLY ZA 17 -63.19 -68.67 16.31
C GLY ZA 17 -64.39 -69.50 16.70
N GLN ZA 18 -65.30 -68.93 17.48
CA GLN ZA 18 -66.48 -69.66 17.91
C GLN ZA 18 -67.55 -69.75 16.84
N GLY ZA 19 -67.46 -68.93 15.79
CA GLY ZA 19 -68.44 -68.99 14.72
C GLY ZA 19 -68.23 -70.19 13.81
N ASP ZA 20 -69.15 -71.17 13.89
CA ASP ZA 20 -69.02 -72.41 13.14
C ASP ZA 20 -69.86 -72.31 11.86
N VAL ZA 21 -69.31 -71.62 10.87
CA VAL ZA 21 -69.91 -71.46 9.56
C VAL ZA 21 -68.82 -71.72 8.54
N VAL ZA 22 -68.80 -72.92 7.97
CA VAL ZA 22 -67.77 -73.32 7.00
C VAL ZA 22 -68.48 -73.70 5.71
N PHE ZA 23 -68.22 -72.94 4.65
CA PHE ZA 23 -68.81 -73.20 3.35
C PHE ZA 23 -68.17 -74.43 2.70
N LYS ZA 24 -68.76 -74.86 1.59
CA LYS ZA 24 -68.19 -75.93 0.79
C LYS ZA 24 -67.13 -75.34 -0.15
N ASP ZA 25 -66.47 -76.23 -0.90
CA ASP ZA 25 -65.42 -75.82 -1.81
C ASP ZA 25 -65.96 -75.17 -3.09
N SER ZA 26 -67.28 -75.09 -3.25
CA SER ZA 26 -67.85 -74.53 -4.46
C SER ZA 26 -68.20 -73.05 -4.35
N VAL ZA 27 -68.47 -72.56 -3.13
CA VAL ZA 27 -68.84 -71.16 -2.96
C VAL ZA 27 -67.61 -70.28 -3.11
N LYS ZA 28 -67.72 -69.24 -3.93
CA LYS ZA 28 -66.61 -68.35 -4.22
C LYS ZA 28 -66.87 -66.92 -3.80
N VAL ZA 29 -68.04 -66.38 -4.13
CA VAL ZA 29 -68.37 -64.98 -3.85
C VAL ZA 29 -69.72 -64.91 -3.15
N MET ZA 30 -69.80 -64.05 -2.13
CA MET ZA 30 -71.03 -63.77 -1.41
C MET ZA 30 -71.30 -62.27 -1.51
N THR ZA 31 -72.29 -61.90 -2.30
CA THR ZA 31 -72.69 -60.50 -2.46
C THR ZA 31 -73.93 -60.26 -1.60
N VAL ZA 32 -73.78 -59.48 -0.54
CA VAL ZA 32 -74.86 -59.15 0.37
C VAL ZA 32 -75.32 -57.74 0.09
N ASN ZA 33 -76.57 -57.58 -0.35
CA ASN ZA 33 -77.14 -56.28 -0.63
C ASN ZA 33 -78.23 -55.99 0.38
N TYR ZA 34 -78.04 -54.96 1.20
CA TYR ZA 34 -78.98 -54.63 2.26
C TYR ZA 34 -79.24 -53.14 2.27
N ASN ZA 35 -80.26 -52.75 3.04
CA ASN ZA 35 -80.66 -51.36 3.19
C ASN ZA 35 -80.26 -50.84 4.56
N THR ZA 36 -80.50 -49.54 4.78
CA THR ZA 36 -80.15 -48.88 6.02
C THR ZA 36 -81.35 -48.22 6.70
N HIS ZA 37 -82.57 -48.46 6.20
CA HIS ZA 37 -83.76 -47.87 6.77
C HIS ZA 37 -84.82 -48.95 6.92
N GLY ZA 38 -85.93 -48.59 7.56
CA GLY ZA 38 -87.03 -49.52 7.74
C GLY ZA 38 -86.80 -50.55 8.81
N GLU ZA 39 -87.88 -50.98 9.48
CA GLU ZA 39 -87.79 -52.00 10.51
C GLU ZA 39 -87.60 -53.40 9.95
N LEU ZA 40 -87.65 -53.56 8.62
CA LEU ZA 40 -87.52 -54.88 8.02
C LEU ZA 40 -86.07 -55.31 7.93
N GLY ZA 41 -85.19 -54.41 7.48
CA GLY ZA 41 -83.79 -54.74 7.29
C GLY ZA 41 -82.98 -54.80 8.58
N GLU ZA 42 -83.67 -54.85 9.72
CA GLU ZA 42 -82.94 -54.94 10.99
C GLU ZA 42 -82.15 -56.23 11.09
N GLY ZA 43 -82.73 -57.36 10.67
CA GLY ZA 43 -82.01 -58.62 10.65
C GLY ZA 43 -80.81 -58.63 9.73
N ALA ZA 44 -80.96 -58.10 8.51
CA ALA ZA 44 -79.83 -58.03 7.60
C ALA ZA 44 -78.73 -57.13 8.13
N ARG ZA 45 -79.10 -56.00 8.74
CA ARG ZA 45 -78.09 -55.10 9.30
C ARG ZA 45 -77.36 -55.75 10.47
N LYS ZA 46 -78.09 -56.42 11.36
CA LYS ZA 46 -77.44 -57.12 12.46
C LYS ZA 46 -76.54 -58.24 11.95
N PHE ZA 47 -76.97 -58.96 10.91
CA PHE ZA 47 -76.12 -59.99 10.33
C PHE ZA 47 -74.83 -59.39 9.77
N VAL ZA 48 -74.94 -58.34 8.96
CA VAL ZA 48 -73.75 -57.69 8.42
C VAL ZA 48 -72.85 -57.16 9.53
N PHE ZA 49 -73.44 -56.71 10.64
CA PHE ZA 49 -72.65 -56.13 11.72
C PHE ZA 49 -71.96 -57.19 12.57
N PHE ZA 50 -72.56 -58.37 12.73
CA PHE ZA 50 -72.01 -59.37 13.64
C PHE ZA 50 -71.41 -60.59 12.95
N ASN ZA 51 -72.17 -61.25 12.08
CA ASN ZA 51 -71.78 -62.58 11.60
C ASN ZA 51 -70.89 -62.55 10.37
N ILE ZA 52 -70.73 -61.40 9.71
CA ILE ZA 52 -69.85 -61.31 8.55
C ILE ZA 52 -68.41 -61.64 8.91
N PRO ZA 53 -67.80 -61.05 9.96
CA PRO ZA 53 -66.45 -61.47 10.35
C PRO ZA 53 -66.37 -62.93 10.77
N GLN ZA 54 -67.41 -63.46 11.41
CA GLN ZA 54 -67.39 -64.87 11.80
C GLN ZA 54 -67.21 -65.77 10.60
N ILE ZA 55 -67.94 -65.51 9.52
CA ILE ZA 55 -67.82 -66.33 8.31
C ILE ZA 55 -66.51 -66.03 7.59
N GLN ZA 56 -66.09 -64.77 7.57
CA GLN ZA 56 -64.90 -64.39 6.84
C GLN ZA 56 -63.63 -64.95 7.49
N TYR ZA 57 -63.65 -65.16 8.81
CA TYR ZA 57 -62.48 -65.68 9.49
C TYR ZA 57 -62.22 -67.14 9.11
N LYS ZA 58 -63.27 -67.94 8.96
CA LYS ZA 58 -63.12 -69.35 8.61
C LYS ZA 58 -63.22 -69.59 7.10
N ASN ZA 59 -63.57 -68.59 6.31
CA ASN ZA 59 -63.55 -68.69 4.85
C ASN ZA 59 -62.66 -67.59 4.29
N PRO ZA 60 -61.35 -67.75 4.40
CA PRO ZA 60 -60.44 -66.68 3.94
C PRO ZA 60 -60.36 -66.56 2.42
N TRP ZA 61 -60.63 -67.63 1.68
CA TRP ZA 61 -60.54 -67.60 0.23
C TRP ZA 61 -61.83 -67.15 -0.45
N VAL ZA 62 -62.90 -66.98 0.30
CA VAL ZA 62 -64.20 -66.61 -0.26
C VAL ZA 62 -64.35 -65.10 -0.19
N GLN ZA 63 -64.66 -64.49 -1.33
CA GLN ZA 63 -64.92 -63.06 -1.36
C GLN ZA 63 -66.26 -62.76 -0.72
N ILE ZA 64 -66.29 -61.72 0.10
CA ILE ZA 64 -67.53 -61.25 0.74
C ILE ZA 64 -67.64 -59.76 0.48
N THR ZA 65 -68.64 -59.36 -0.31
CA THR ZA 65 -68.80 -57.97 -0.71
C THR ZA 65 -70.19 -57.49 -0.34
N MET ZA 66 -70.26 -56.33 0.32
CA MET ZA 66 -71.51 -55.76 0.76
C MET ZA 66 -71.89 -54.55 -0.09
N PHE ZA 67 -73.20 -54.29 -0.16
CA PHE ZA 67 -73.75 -53.17 -0.90
C PHE ZA 67 -74.92 -52.60 -0.11
N LYS ZA 68 -75.03 -51.28 -0.10
CA LYS ZA 68 -76.02 -50.57 0.70
C LYS ZA 68 -76.86 -49.67 -0.18
N ASN ZA 69 -78.18 -49.77 -0.02
CA ASN ZA 69 -79.15 -48.89 -0.69
C ASN ZA 69 -79.04 -48.98 -2.22
N MET ZA 70 -79.27 -50.19 -2.72
CA MET ZA 70 -79.36 -50.43 -4.16
C MET ZA 70 -80.68 -51.07 -4.56
N THR ZA 71 -81.20 -51.99 -3.76
CA THR ZA 71 -82.49 -52.62 -3.97
C THR ZA 71 -83.32 -52.52 -2.69
N PRO ZA 72 -84.64 -52.32 -2.80
CA PRO ZA 72 -85.46 -52.18 -1.60
C PRO ZA 72 -85.61 -53.47 -0.80
N SER ZA 73 -85.12 -54.60 -1.30
CA SER ZA 73 -85.22 -55.87 -0.61
C SER ZA 73 -83.84 -56.40 -0.26
N PRO ZA 74 -83.58 -56.69 1.01
CA PRO ZA 74 -82.27 -57.27 1.36
C PRO ZA 74 -82.15 -58.71 0.89
N PHE ZA 75 -80.96 -59.04 0.41
CA PHE ZA 75 -80.73 -60.38 -0.11
C PHE ZA 75 -79.25 -60.70 -0.09
N LEU ZA 76 -78.96 -61.99 -0.26
CA LEU ZA 76 -77.61 -62.50 -0.43
C LEU ZA 76 -77.55 -63.31 -1.73
N ARG ZA 77 -76.40 -63.26 -2.38
CA ARG ZA 77 -76.21 -63.95 -3.65
C ARG ZA 77 -74.89 -64.70 -3.59
N PHE ZA 78 -74.96 -66.03 -3.61
CA PHE ZA 78 -73.78 -66.88 -3.62
C PHE ZA 78 -73.48 -67.31 -5.04
N TYR ZA 79 -72.24 -67.07 -5.48
CA TYR ZA 79 -71.79 -67.45 -6.81
C TYR ZA 79 -70.91 -68.68 -6.69
N LEU ZA 80 -71.45 -69.83 -7.08
CA LEU ZA 80 -70.73 -71.09 -6.99
C LEU ZA 80 -69.65 -71.18 -8.05
N ASP ZA 81 -68.87 -72.26 -7.99
CA ASP ZA 81 -67.81 -72.46 -8.97
C ASP ZA 81 -68.35 -72.91 -10.31
N SER ZA 82 -69.48 -73.63 -10.32
CA SER ZA 82 -70.06 -74.12 -11.56
C SER ZA 82 -70.85 -73.05 -12.30
N GLY ZA 83 -71.11 -71.90 -11.68
CA GLY ZA 83 -71.85 -70.83 -12.31
C GLY ZA 83 -73.27 -70.65 -11.79
N GLU ZA 84 -73.75 -71.56 -10.96
CA GLU ZA 84 -75.10 -71.44 -10.42
C GLU ZA 84 -75.15 -70.34 -9.36
N GLN ZA 85 -76.13 -69.45 -9.50
CA GLN ZA 85 -76.29 -68.32 -8.60
C GLN ZA 85 -77.41 -68.62 -7.61
N VAL ZA 86 -77.06 -68.71 -6.33
CA VAL ZA 86 -78.02 -68.99 -5.27
C VAL ZA 86 -78.47 -67.66 -4.68
N LEU ZA 87 -79.76 -67.35 -4.83
CA LEU ZA 87 -80.33 -66.12 -4.33
C LEU ZA 87 -81.13 -66.42 -3.06
N VAL ZA 88 -80.85 -65.69 -1.98
CA VAL ZA 88 -81.52 -65.86 -0.70
C VAL ZA 88 -82.06 -64.51 -0.27
N ASP ZA 89 -83.37 -64.33 -0.37
CA ASP ZA 89 -84.01 -63.08 0.01
C ASP ZA 89 -84.30 -63.10 1.50
N VAL ZA 90 -84.05 -61.97 2.17
CA VAL ZA 90 -84.30 -61.83 3.60
C VAL ZA 90 -85.01 -60.49 3.80
N GLU ZA 91 -86.22 -60.54 4.35
CA GLU ZA 91 -87.01 -59.34 4.59
C GLU ZA 91 -87.33 -59.14 6.07
N SER ZA 92 -87.67 -60.21 6.77
CA SER ZA 92 -87.96 -60.14 8.20
C SER ZA 92 -87.19 -61.18 9.00
N LYS ZA 93 -86.23 -61.86 8.40
CA LYS ZA 93 -85.44 -62.85 9.12
C LYS ZA 93 -84.57 -62.16 10.17
N SER ZA 94 -84.43 -62.81 11.32
CA SER ZA 94 -83.63 -62.26 12.42
C SER ZA 94 -82.16 -62.52 12.15
N ASN ZA 95 -81.32 -62.28 13.15
CA ASN ZA 95 -79.88 -62.45 12.96
C ASN ZA 95 -79.49 -63.92 12.88
N LYS ZA 96 -79.98 -64.74 13.81
CA LYS ZA 96 -79.61 -66.15 13.82
C LYS ZA 96 -80.32 -66.95 12.74
N GLU ZA 97 -81.50 -66.49 12.31
CA GLU ZA 97 -82.24 -67.22 11.27
C GLU ZA 97 -81.49 -67.21 9.95
N ILE ZA 98 -80.88 -66.08 9.58
CA ILE ZA 98 -80.12 -66.04 8.33
C ILE ZA 98 -78.91 -66.97 8.42
N VAL ZA 99 -78.22 -66.99 9.56
CA VAL ZA 99 -77.05 -67.85 9.72
C VAL ZA 99 -77.45 -69.32 9.60
N GLU ZA 100 -78.52 -69.71 10.29
CA GLU ZA 100 -79.00 -71.08 10.21
C GLU ZA 100 -79.47 -71.46 8.81
N HIS ZA 101 -80.16 -70.56 8.12
CA HIS ZA 101 -80.59 -70.82 6.75
C HIS ZA 101 -79.41 -71.00 5.82
N ILE ZA 102 -78.37 -70.17 5.97
CA ILE ZA 102 -77.19 -70.29 5.13
C ILE ZA 102 -76.46 -71.59 5.41
N ARG ZA 103 -76.29 -71.95 6.69
CA ARG ZA 103 -75.66 -73.22 7.02
C ARG ZA 103 -76.48 -74.40 6.51
N LYS ZA 104 -77.79 -74.26 6.44
CA LYS ZA 104 -78.63 -75.34 5.92
C LYS ZA 104 -78.54 -75.46 4.41
N ILE ZA 105 -78.48 -74.33 3.70
CA ILE ZA 105 -78.52 -74.38 2.24
C ILE ZA 105 -77.15 -74.71 1.65
N LEU ZA 106 -76.09 -74.09 2.18
CA LEU ZA 106 -74.74 -74.31 1.65
C LEU ZA 106 -73.74 -74.19 2.79
N GLY ZA 107 -73.30 -75.34 3.30
CA GLY ZA 107 -72.32 -75.37 4.36
C GLY ZA 107 -71.77 -76.78 4.51
N LYS ZA 108 -70.83 -76.92 5.44
CA LYS ZA 108 -70.23 -78.21 5.74
C LYS ZA 108 -70.95 -78.86 6.91
N ASN ZA 109 -71.32 -80.12 6.74
CA ASN ZA 109 -72.04 -80.84 7.79
C ASN ZA 109 -71.11 -81.16 8.95
N GLU ZA 110 -71.70 -81.61 10.05
CA GLU ZA 110 -70.91 -82.03 11.21
C GLU ZA 110 -69.95 -83.15 10.82
N GLU ZA 111 -70.44 -84.17 10.12
CA GLU ZA 111 -69.57 -85.24 9.66
C GLU ZA 111 -68.53 -84.74 8.67
N THR ZA 112 -68.91 -83.78 7.81
CA THR ZA 112 -67.96 -83.23 6.85
C THR ZA 112 -66.80 -82.54 7.56
N LEU ZA 113 -67.08 -81.80 8.63
CA LEU ZA 113 -66.02 -81.17 9.39
C LEU ZA 113 -65.23 -82.20 10.20
N GLU ZA 114 -65.91 -83.20 10.75
CA GLU ZA 114 -65.25 -84.18 11.61
C GLU ZA 114 -64.26 -85.04 10.82
N LYS ZA 115 -64.65 -85.50 9.63
CA LYS ZA 115 -63.71 -86.30 8.84
C LYS ZA 115 -62.48 -85.50 8.44
N GLU ZA 116 -62.65 -84.21 8.12
CA GLU ZA 116 -61.51 -83.39 7.74
C GLU ZA 116 -60.59 -83.13 8.93
N GLU ZA 117 -61.17 -82.79 10.09
CA GLU ZA 117 -60.35 -82.54 11.27
C GLU ZA 117 -59.75 -83.82 11.83
N GLN ZA 118 -60.29 -84.98 11.47
CA GLN ZA 118 -59.66 -86.23 11.84
C GLN ZA 118 -58.52 -86.59 10.88
N GLU ZA 119 -58.70 -86.31 9.59
CA GLU ZA 119 -57.65 -86.56 8.63
C GLU ZA 119 -56.46 -85.61 8.85
N LYS ZA 120 -56.73 -84.39 9.31
CA LYS ZA 120 -55.63 -83.46 9.57
C LYS ZA 120 -54.77 -83.92 10.75
N LYS ZA 121 -55.35 -84.69 11.68
CA LYS ZA 121 -54.59 -85.17 12.83
C LYS ZA 121 -53.56 -86.22 12.42
N GLN ZA 122 -53.79 -86.90 11.30
CA GLN ZA 122 -52.88 -87.98 10.89
C GLN ZA 122 -51.51 -87.46 10.49
N LEU ZA 123 -51.43 -86.21 10.01
CA LEU ZA 123 -50.15 -85.68 9.53
C LEU ZA 123 -49.13 -85.62 10.65
N SER ZA 124 -49.55 -85.26 11.86
CA SER ZA 124 -48.66 -85.22 13.02
C SER ZA 124 -48.57 -86.64 13.58
N HIS ZA 125 -47.42 -87.29 13.40
CA HIS ZA 125 -47.40 -88.67 13.85
C HIS ZA 125 -46.66 -88.80 15.17
N PRO ZA 126 -47.19 -89.58 16.11
CA PRO ZA 126 -46.52 -89.72 17.41
C PRO ZA 126 -45.26 -90.57 17.35
N ALA ZA 127 -45.07 -91.38 16.31
CA ALA ZA 127 -43.92 -92.28 16.24
C ALA ZA 127 -42.71 -91.64 15.59
N HIS ZA 128 -42.87 -90.54 14.86
CA HIS ZA 128 -41.75 -89.92 14.18
C HIS ZA 128 -40.85 -89.19 15.17
N PHE ZA 129 -39.74 -88.68 14.65
CA PHE ZA 129 -38.79 -87.92 15.46
C PHE ZA 129 -38.34 -86.69 14.69
N GLY ZA 130 -37.97 -85.65 15.43
CA GLY ZA 130 -37.54 -84.40 14.84
C GLY ZA 130 -37.68 -83.24 15.79
N PRO ZA 131 -37.75 -82.03 15.25
CA PRO ZA 131 -37.86 -80.83 16.09
C PRO ZA 131 -39.17 -80.82 16.87
N ARG ZA 132 -39.19 -79.99 17.91
CA ARG ZA 132 -40.38 -79.82 18.73
C ARG ZA 132 -41.55 -79.20 17.99
N LYS ZA 133 -41.30 -78.60 16.81
CA LYS ZA 133 -42.37 -77.97 16.06
C LYS ZA 133 -43.26 -79.00 15.38
N TYR ZA 134 -42.69 -80.15 14.99
CA TYR ZA 134 -43.43 -81.17 14.28
C TYR ZA 134 -43.48 -82.50 15.00
N CYS ZA 135 -42.46 -82.84 15.78
CA CYS ZA 135 -42.40 -84.13 16.46
C CYS ZA 135 -42.26 -83.92 17.96
N LEU ZA 136 -42.62 -84.96 18.71
CA LEU ZA 136 -42.62 -84.90 20.17
C LEU ZA 136 -41.27 -85.22 20.79
N ARG ZA 137 -40.32 -85.74 20.01
CA ARG ZA 137 -39.01 -86.13 20.54
C ARG ZA 137 -37.93 -85.78 19.54
N GLU ZA 138 -36.81 -85.25 20.05
CA GLU ZA 138 -35.68 -84.85 19.21
C GLU ZA 138 -34.65 -85.97 19.05
N CYS ZA 139 -34.06 -86.42 20.17
CA CYS ZA 139 -33.13 -87.53 20.16
C CYS ZA 139 -33.67 -88.65 21.04
N MET ZA 140 -33.52 -89.89 20.58
CA MET ZA 140 -34.16 -91.04 21.22
C MET ZA 140 -33.54 -91.34 22.58
N CYS ZA 141 -32.50 -90.59 22.96
CA CYS ZA 141 -31.87 -90.81 24.26
C CYS ZA 141 -32.87 -90.59 25.39
N GLU ZA 142 -33.76 -89.61 25.24
CA GLU ZA 142 -34.69 -89.24 26.31
C GLU ZA 142 -35.74 -90.30 26.58
N VAL ZA 143 -35.81 -91.36 25.77
CA VAL ZA 143 -36.73 -92.45 26.05
C VAL ZA 143 -36.32 -93.13 27.35
N GLU ZA 144 -37.31 -93.46 28.18
CA GLU ZA 144 -37.03 -94.00 29.51
C GLU ZA 144 -36.29 -95.33 29.45
N GLY ZA 145 -36.55 -96.14 28.43
CA GLY ZA 145 -35.95 -97.46 28.36
C GLY ZA 145 -34.57 -97.48 27.70
N GLN ZA 146 -34.33 -96.55 26.79
CA GLN ZA 146 -33.10 -96.57 26.00
C GLN ZA 146 -31.94 -95.97 26.77
N VAL ZA 147 -30.80 -95.85 26.11
CA VAL ZA 147 -29.60 -95.28 26.72
C VAL ZA 147 -29.75 -93.76 26.77
N PRO ZA 148 -29.46 -93.11 27.90
CA PRO ZA 148 -29.63 -91.66 27.99
C PRO ZA 148 -28.63 -90.92 27.13
N CYS ZA 149 -28.81 -89.60 27.08
CA CYS ZA 149 -28.00 -88.72 26.26
C CYS ZA 149 -26.65 -88.44 26.93
N PRO ZA 150 -25.56 -88.42 26.17
CA PRO ZA 150 -24.24 -88.24 26.79
C PRO ZA 150 -24.08 -86.91 27.51
N GLY ZA 151 -24.73 -85.86 27.01
CA GLY ZA 151 -24.68 -84.57 27.67
C GLY ZA 151 -25.44 -84.52 28.98
N LEU ZA 152 -26.33 -85.47 29.23
CA LEU ZA 152 -27.08 -85.56 30.48
C LEU ZA 152 -26.52 -86.63 31.40
N VAL ZA 153 -26.19 -87.79 30.86
CA VAL ZA 153 -25.59 -88.89 31.62
C VAL ZA 153 -24.30 -89.29 30.93
N PRO ZA 154 -23.15 -89.27 31.62
CA PRO ZA 154 -21.90 -89.67 30.98
C PRO ZA 154 -21.91 -91.17 30.66
N LEU ZA 155 -21.43 -91.50 29.47
CA LEU ZA 155 -21.34 -92.89 29.07
C LEU ZA 155 -20.12 -93.56 29.71
N PRO ZA 156 -20.19 -94.86 29.98
CA PRO ZA 156 -19.05 -95.55 30.59
C PRO ZA 156 -17.86 -95.60 29.65
N LYS ZA 157 -16.71 -95.99 30.21
CA LYS ZA 157 -15.47 -95.98 29.44
C LYS ZA 157 -15.46 -97.05 28.35
N GLU ZA 158 -16.18 -98.16 28.57
CA GLU ZA 158 -16.20 -99.22 27.57
C GLU ZA 158 -16.95 -98.83 26.30
N MET ZA 159 -17.79 -97.79 26.38
CA MET ZA 159 -18.56 -97.34 25.23
C MET ZA 159 -17.94 -96.15 24.51
N THR ZA 160 -16.93 -95.52 25.10
CA THR ZA 160 -16.31 -94.36 24.47
C THR ZA 160 -15.46 -94.78 23.28
N GLY ZA 161 -15.53 -93.99 22.22
CA GLY ZA 161 -14.74 -94.26 21.03
C GLY ZA 161 -13.25 -94.07 21.23
N LYS ZA 162 -12.85 -93.29 22.24
CA LYS ZA 162 -11.44 -93.10 22.51
C LYS ZA 162 -10.83 -94.34 23.16
N TYR ZA 163 -11.56 -94.99 24.06
CA TYR ZA 163 -11.07 -96.21 24.68
C TYR ZA 163 -10.94 -97.35 23.66
N LYS ZA 164 -11.90 -97.45 22.74
CA LYS ZA 164 -11.81 -98.47 21.70
C LYS ZA 164 -10.67 -98.18 20.74
N ALA ZA 165 -10.40 -96.90 20.45
CA ALA ZA 165 -9.28 -96.54 19.60
C ALA ZA 165 -7.94 -96.68 20.32
N ALA ZA 166 -7.94 -96.68 21.66
CA ALA ZA 166 -6.70 -96.83 22.41
C ALA ZA 166 -6.36 -98.30 22.64
N LEU ZA 167 -7.38 -99.13 22.91
CA LEU ZA 167 -7.11 -100.55 23.15
C LEU ZA 167 -6.66 -101.25 21.88
N LYS ZA 168 -7.04 -100.74 20.71
CA LYS ZA 168 -6.60 -101.33 19.46
C LYS ZA 168 -5.19 -100.92 19.08
N ALA ZA 169 -4.66 -99.85 19.68
CA ALA ZA 169 -3.30 -99.42 19.37
C ALA ZA 169 -2.26 -100.38 19.95
N THR ZA 170 -2.51 -100.93 21.14
CA THR ZA 170 -1.58 -101.85 21.77
C THR ZA 170 -1.75 -103.25 21.21
N ARG AB 27 -16.32 -82.11 -1.79
CA ARG AB 27 -15.56 -82.74 -2.86
C ARG AB 27 -14.90 -81.70 -3.77
N LYS AB 28 -14.30 -82.18 -4.86
CA LYS AB 28 -13.67 -81.31 -5.84
C LYS AB 28 -14.75 -80.72 -6.75
N THR AB 29 -14.31 -80.08 -7.83
CA THR AB 29 -15.20 -79.51 -8.83
C THR AB 29 -14.72 -79.93 -10.21
N ARG AB 30 -15.56 -79.69 -11.21
CA ARG AB 30 -15.22 -80.07 -12.58
C ARG AB 30 -14.03 -79.28 -13.12
N HIS AB 31 -13.76 -78.11 -12.57
CA HIS AB 31 -12.67 -77.25 -13.03
C HIS AB 31 -11.44 -77.32 -12.14
N ASP AB 32 -11.40 -78.26 -11.20
CA ASP AB 32 -10.22 -78.42 -10.35
C ASP AB 32 -9.36 -79.55 -10.87
N PRO AB 33 -8.05 -79.34 -11.03
CA PRO AB 33 -7.21 -80.41 -11.55
C PRO AB 33 -6.97 -81.48 -10.50
N PRO AB 34 -6.72 -82.72 -10.90
CA PRO AB 34 -6.44 -83.78 -9.93
C PRO AB 34 -5.08 -83.60 -9.28
N ALA AB 35 -4.92 -84.26 -8.14
CA ALA AB 35 -3.66 -84.18 -7.41
C ALA AB 35 -2.56 -84.94 -8.14
N LYS AB 36 -1.32 -84.54 -7.87
CA LYS AB 36 -0.17 -85.17 -8.52
C LYS AB 36 0.06 -86.58 -8.01
N SER AB 37 -0.31 -86.87 -6.76
CA SER AB 37 -0.12 -88.21 -6.21
C SER AB 37 -1.07 -89.22 -6.83
N LYS AB 38 -2.19 -88.78 -7.39
CA LYS AB 38 -3.17 -89.68 -7.97
C LYS AB 38 -3.38 -89.44 -9.46
N ALA AB 39 -2.63 -88.52 -10.06
CA ALA AB 39 -2.72 -88.32 -11.51
C ALA AB 39 -2.25 -89.55 -12.26
N GLY AB 40 -1.16 -90.18 -11.79
CA GLY AB 40 -0.65 -91.38 -12.40
C GLY AB 40 -0.96 -92.62 -11.58
N ARG AB 41 -2.17 -92.67 -11.01
CA ARG AB 41 -2.60 -93.76 -10.16
C ARG AB 41 -3.75 -94.50 -10.82
N VAL AB 42 -3.71 -95.83 -10.78
CA VAL AB 42 -4.76 -96.68 -11.31
C VAL AB 42 -5.28 -97.56 -10.18
N ALA AB 43 -6.58 -97.81 -10.18
CA ALA AB 43 -7.19 -98.61 -9.13
C ALA AB 43 -6.75 -100.07 -9.25
N THR AB 44 -6.60 -100.73 -8.10
CA THR AB 44 -6.17 -102.11 -8.06
C THR AB 44 -7.26 -103.00 -7.48
N PRO AB 45 -7.63 -104.08 -8.16
CA PRO AB 45 -8.67 -104.97 -7.65
C PRO AB 45 -8.11 -105.85 -6.53
N PRO AB 46 -8.96 -106.25 -5.59
CA PRO AB 46 -8.50 -107.13 -4.50
C PRO AB 46 -8.47 -108.59 -4.94
N ALA AB 47 -8.15 -109.46 -4.00
CA ALA AB 47 -8.12 -110.89 -4.26
C ALA AB 47 -9.54 -111.43 -4.47
N VAL AB 48 -9.66 -112.40 -5.36
CA VAL AB 48 -10.95 -112.96 -5.76
C VAL AB 48 -10.96 -114.44 -5.42
N ASP AB 49 -11.95 -114.86 -4.62
CA ASP AB 49 -12.14 -116.27 -4.32
C ASP AB 49 -13.27 -116.80 -5.21
N PRO AB 50 -12.98 -117.67 -6.17
CA PRO AB 50 -14.01 -118.08 -7.14
C PRO AB 50 -15.14 -118.89 -6.53
N THR AB 51 -14.80 -119.87 -5.68
CA THR AB 51 -15.80 -120.71 -5.07
C THR AB 51 -16.77 -119.92 -4.19
N GLU AB 52 -16.35 -118.77 -3.68
CA GLU AB 52 -17.24 -117.88 -2.95
C GLU AB 52 -17.91 -116.87 -3.87
N PHE AB 53 -17.18 -116.38 -4.88
CA PHE AB 53 -17.75 -115.36 -5.77
C PHE AB 53 -18.92 -115.90 -6.57
N PHE AB 54 -18.82 -117.14 -7.06
CA PHE AB 54 -19.91 -117.71 -7.85
C PHE AB 54 -21.14 -117.98 -6.98
N VAL AB 55 -20.92 -118.56 -5.79
CA VAL AB 55 -22.04 -118.84 -4.89
C VAL AB 55 -22.62 -117.56 -4.33
N LEU AB 56 -21.90 -116.45 -4.39
CA LEU AB 56 -22.46 -115.16 -4.01
C LEU AB 56 -23.22 -114.51 -5.16
N THR AB 57 -22.74 -114.65 -6.39
CA THR AB 57 -23.44 -114.06 -7.53
C THR AB 57 -24.75 -114.79 -7.80
N GLU AB 58 -24.78 -116.11 -7.60
CA GLU AB 58 -26.05 -116.82 -7.79
C GLU AB 58 -27.08 -116.38 -6.76
N ARG AB 59 -26.67 -116.19 -5.50
CA ARG AB 59 -27.59 -115.66 -4.51
C ARG AB 59 -27.98 -114.22 -4.83
N TYR AB 60 -27.06 -113.43 -5.38
CA TYR AB 60 -27.39 -112.10 -5.84
C TYR AB 60 -28.54 -112.13 -6.84
N ARG AB 61 -28.44 -113.02 -7.83
CA ARG AB 61 -29.49 -113.11 -8.84
C ARG AB 61 -30.80 -113.61 -8.24
N GLN AB 62 -30.73 -114.64 -7.39
CA GLN AB 62 -31.94 -115.18 -6.77
C GLN AB 62 -32.61 -114.17 -5.85
N TYR AB 63 -31.84 -113.22 -5.30
CA TYR AB 63 -32.41 -112.19 -4.46
C TYR AB 63 -32.95 -111.03 -5.29
N ARG AB 64 -32.26 -110.69 -6.39
CA ARG AB 64 -32.73 -109.58 -7.22
C ARG AB 64 -34.01 -109.94 -7.96
N GLN AB 65 -34.15 -111.18 -8.41
CA GLN AB 65 -35.43 -111.58 -9.00
C GLN AB 65 -36.58 -111.50 -7.99
N THR AB 66 -36.33 -111.90 -6.74
CA THR AB 66 -37.35 -111.83 -5.71
C THR AB 66 -37.74 -110.40 -5.40
N VAL AB 67 -36.75 -109.50 -5.26
CA VAL AB 67 -37.08 -108.11 -4.99
C VAL AB 67 -37.74 -107.44 -6.18
N ARG AB 68 -37.42 -107.86 -7.41
CA ARG AB 68 -38.13 -107.35 -8.58
C ARG AB 68 -39.58 -107.78 -8.57
N ALA AB 69 -39.85 -109.05 -8.23
CA ALA AB 69 -41.22 -109.51 -8.14
C ALA AB 69 -41.98 -108.78 -7.04
N LEU AB 70 -41.32 -108.51 -5.91
CA LEU AB 70 -41.97 -107.77 -4.83
C LEU AB 70 -42.25 -106.33 -5.25
N ARG AB 71 -41.33 -105.71 -6.00
CA ARG AB 71 -41.57 -104.37 -6.53
C ARG AB 71 -42.76 -104.36 -7.48
N LEU AB 72 -42.88 -105.39 -8.32
CA LEU AB 72 -44.04 -105.48 -9.20
C LEU AB 72 -45.33 -105.66 -8.40
N GLU AB 73 -45.29 -106.46 -7.34
CA GLU AB 73 -46.47 -106.61 -6.48
C GLU AB 73 -46.86 -105.28 -5.85
N PHE AB 74 -45.88 -104.51 -5.39
CA PHE AB 74 -46.16 -103.21 -4.80
C PHE AB 74 -46.70 -102.23 -5.84
N MET AB 75 -46.19 -102.27 -7.07
CA MET AB 75 -46.74 -101.44 -8.13
C MET AB 75 -48.19 -101.80 -8.43
N SER AB 76 -48.50 -103.10 -8.42
CA SER AB 76 -49.89 -103.51 -8.60
C SER AB 76 -50.78 -103.00 -7.46
N GLU AB 77 -50.28 -103.07 -6.22
CA GLU AB 77 -51.05 -102.55 -5.10
C GLU AB 77 -51.28 -101.05 -5.23
N VAL AB 78 -50.24 -100.31 -5.65
CA VAL AB 78 -50.37 -98.87 -5.83
C VAL AB 78 -51.38 -98.56 -6.93
N ARG AB 79 -51.36 -99.32 -8.04
CA ARG AB 79 -52.35 -99.13 -9.09
C ARG AB 79 -53.77 -99.40 -8.57
N LYS AB 80 -53.94 -100.46 -7.79
CA LYS AB 80 -55.26 -100.77 -7.23
C LYS AB 80 -55.75 -99.64 -6.35
N LYS AB 81 -54.90 -99.13 -5.46
CA LYS AB 81 -55.30 -98.05 -4.57
C LYS AB 81 -55.59 -96.76 -5.34
N LEU AB 82 -54.78 -96.46 -6.37
CA LEU AB 82 -55.03 -95.27 -7.17
C LEU AB 82 -56.35 -95.35 -7.93
N HIS AB 83 -56.69 -96.53 -8.46
CA HIS AB 83 -57.97 -96.68 -9.13
C HIS AB 83 -59.13 -96.60 -8.14
N GLU AB 84 -58.99 -97.19 -6.96
CA GLU AB 84 -59.99 -97.05 -5.92
C GLU AB 84 -60.19 -95.60 -5.50
N ALA AB 85 -59.12 -94.81 -5.49
CA ALA AB 85 -59.23 -93.39 -5.14
C ALA AB 85 -59.75 -92.52 -6.29
N ARG AB 86 -59.53 -92.93 -7.54
CA ARG AB 86 -60.00 -92.14 -8.68
C ARG AB 86 -61.46 -92.44 -9.02
N ALA AB 87 -61.77 -93.70 -9.33
CA ALA AB 87 -63.10 -94.07 -9.79
C ALA AB 87 -63.66 -95.20 -8.93
N GLY AB 88 -63.55 -95.06 -7.62
CA GLY AB 88 -64.00 -96.10 -6.71
C GLY AB 88 -65.50 -96.11 -6.50
N VAL AB 89 -65.98 -97.27 -6.07
CA VAL AB 89 -67.40 -97.41 -5.74
C VAL AB 89 -67.76 -96.58 -4.52
N GLN AB 90 -66.77 -96.25 -3.69
CA GLN AB 90 -66.99 -95.35 -2.55
C GLN AB 90 -66.95 -93.89 -2.96
N ALA AB 91 -66.13 -93.55 -3.97
CA ALA AB 91 -66.06 -92.17 -4.42
C ALA AB 91 -67.29 -91.78 -5.24
N GLU AB 92 -67.77 -92.69 -6.09
CA GLU AB 92 -68.94 -92.39 -6.90
C GLU AB 92 -70.19 -92.17 -6.07
N ARG AB 93 -70.35 -92.92 -4.97
CA ARG AB 93 -71.50 -92.72 -4.10
C ARG AB 93 -71.54 -91.30 -3.56
N LYS AB 94 -70.41 -90.79 -3.07
CA LYS AB 94 -70.36 -89.41 -2.60
C LYS AB 94 -70.57 -88.42 -3.75
N ALA AB 95 -69.93 -88.68 -4.89
CA ALA AB 95 -70.06 -87.76 -6.03
C ALA AB 95 -71.50 -87.64 -6.49
N GLN AB 96 -72.31 -88.69 -6.31
CA GLN AB 96 -73.71 -88.61 -6.67
C GLN AB 96 -74.57 -88.02 -5.56
N GLU AB 97 -74.38 -88.45 -4.31
CA GLU AB 97 -75.23 -87.99 -3.22
C GLU AB 97 -75.03 -86.51 -2.92
N ASP AB 98 -73.81 -85.99 -3.12
CA ASP AB 98 -73.59 -84.57 -2.91
C ASP AB 98 -74.38 -83.72 -3.91
N ALA AB 99 -74.35 -84.10 -5.19
CA ALA AB 99 -75.15 -83.38 -6.18
C ALA AB 99 -76.64 -83.52 -5.91
N ALA AB 100 -77.07 -84.71 -5.48
CA ALA AB 100 -78.48 -84.90 -5.16
C ALA AB 100 -78.92 -83.97 -4.02
N GLU AB 101 -78.17 -83.96 -2.92
CA GLU AB 101 -78.50 -83.07 -1.81
C GLU AB 101 -78.39 -81.61 -2.22
N HIS AB 102 -77.46 -81.28 -3.11
CA HIS AB 102 -77.35 -79.91 -3.60
C HIS AB 102 -78.60 -79.47 -4.33
N ARG AB 103 -79.08 -80.30 -5.27
CA ARG AB 103 -80.32 -79.99 -5.98
C ARG AB 103 -81.50 -79.90 -5.02
N GLU AB 104 -81.57 -80.81 -4.03
CA GLU AB 104 -82.66 -80.77 -3.07
C GLU AB 104 -82.65 -79.46 -2.28
N LEU AB 105 -81.49 -79.04 -1.79
CA LEU AB 105 -81.39 -77.81 -1.02
C LEU AB 105 -81.71 -76.59 -1.87
N MET AB 106 -81.30 -76.60 -3.14
CA MET AB 106 -81.63 -75.47 -4.02
C MET AB 106 -83.13 -75.39 -4.29
N ALA AB 107 -83.79 -76.53 -4.50
CA ALA AB 107 -85.24 -76.51 -4.66
C ALA AB 107 -85.94 -76.02 -3.39
N TRP AB 108 -85.46 -76.45 -2.22
CA TRP AB 108 -86.07 -75.99 -0.97
C TRP AB 108 -85.86 -74.49 -0.76
N ASN AB 109 -84.68 -73.98 -1.12
CA ASN AB 109 -84.45 -72.54 -1.05
C ASN AB 109 -85.36 -71.79 -2.00
N GLN AB 110 -85.59 -72.33 -3.20
CA GLN AB 110 -86.52 -71.70 -4.14
C GLN AB 110 -87.93 -71.66 -3.55
N ALA AB 111 -88.37 -72.74 -2.92
CA ALA AB 111 -89.68 -72.74 -2.27
C ALA AB 111 -89.76 -71.71 -1.15
N GLU AB 112 -88.71 -71.61 -0.33
CA GLU AB 112 -88.70 -70.60 0.73
C GLU AB 112 -88.79 -69.19 0.15
N ASN AB 113 -88.07 -68.93 -0.93
CA ASN AB 113 -88.12 -67.61 -1.56
C ASN AB 113 -89.50 -67.33 -2.13
N GLN AB 114 -90.16 -68.34 -2.69
CA GLN AB 114 -91.52 -68.16 -3.18
C GLN AB 114 -92.48 -67.82 -2.04
N ARG AB 115 -92.36 -68.51 -0.91
CA ARG AB 115 -93.21 -68.20 0.24
C ARG AB 115 -92.99 -66.77 0.71
N LEU AB 116 -91.72 -66.36 0.82
CA LEU AB 116 -91.43 -64.99 1.21
C LEU AB 116 -91.97 -63.97 0.21
N HIS AB 117 -91.91 -64.29 -1.07
CA HIS AB 117 -92.46 -63.39 -2.09
C HIS AB 117 -93.97 -63.24 -1.93
N GLU AB 118 -94.68 -64.34 -1.65
CA GLU AB 118 -96.12 -64.25 -1.45
C GLU AB 118 -96.46 -63.41 -0.23
N LEU AB 119 -95.76 -63.64 0.88
CA LEU AB 119 -95.99 -62.84 2.07
C LEU AB 119 -95.71 -61.36 1.82
N ARG AB 120 -94.63 -61.05 1.09
CA ARG AB 120 -94.32 -59.68 0.76
C ARG AB 120 -95.38 -59.06 -0.14
N LEU AB 121 -95.94 -59.84 -1.06
CA LEU AB 121 -97.01 -59.31 -1.92
C LEU AB 121 -98.24 -58.96 -1.10
N ALA AB 122 -98.62 -59.82 -0.16
CA ALA AB 122 -99.74 -59.48 0.71
C ALA AB 122 -99.46 -58.22 1.53
N ARG AB 123 -98.26 -58.13 2.12
CA ARG AB 123 -97.90 -56.94 2.89
C ARG AB 123 -97.92 -55.69 2.00
N LEU AB 124 -97.48 -55.81 0.75
CA LEU AB 124 -97.48 -54.66 -0.14
C LEU AB 124 -98.89 -54.25 -0.53
N ARG AB 125 -99.80 -55.21 -0.68
CA ARG AB 125 -101.20 -54.85 -0.91
C ARG AB 125 -101.78 -54.07 0.26
N GLN AB 126 -101.49 -54.53 1.49
CA GLN AB 126 -101.98 -53.80 2.66
C GLN AB 126 -101.36 -52.40 2.74
N GLU AB 127 -100.06 -52.28 2.43
CA GLU AB 127 -99.41 -50.97 2.41
C GLU AB 127 -99.99 -50.09 1.31
N ALA AB 128 -100.40 -50.67 0.19
CA ALA AB 128 -101.05 -49.90 -0.86
C ALA AB 128 -102.40 -49.35 -0.39
N LEU AB 129 -103.15 -50.17 0.36
CA LEU AB 129 -104.38 -49.65 0.96
C LEU AB 129 -104.10 -48.50 1.92
N GLU AB 130 -103.07 -48.63 2.75
CA GLU AB 130 -102.71 -47.55 3.66
C GLU AB 130 -102.30 -46.29 2.89
N GLN AB 131 -101.56 -46.46 1.80
CA GLN AB 131 -101.14 -45.31 1.00
C GLN AB 131 -102.34 -44.67 0.30
N GLU AB 132 -103.33 -45.48 -0.08
CA GLU AB 132 -104.55 -44.91 -0.63
C GLU AB 132 -105.28 -44.07 0.41
N ARG AB 133 -105.31 -44.55 1.66
CA ARG AB 133 -105.89 -43.73 2.73
C ARG AB 133 -105.12 -42.43 2.92
N ARG AB 134 -103.79 -42.49 2.85
CA ARG AB 134 -102.98 -41.27 2.96
C ARG AB 134 -103.26 -40.31 1.82
N GLN AB 135 -103.40 -40.83 0.60
CA GLN AB 135 -103.77 -39.99 -0.54
C GLN AB 135 -105.17 -39.41 -0.38
N ALA AB 136 -106.08 -40.14 0.26
CA ALA AB 136 -107.41 -39.62 0.52
C ALA AB 136 -107.38 -38.47 1.52
N GLU AB 137 -106.54 -38.56 2.56
CA GLU AB 137 -106.51 -37.46 3.53
C GLU AB 137 -105.74 -36.25 3.02
N GLU AB 138 -104.61 -36.46 2.31
CA GLU AB 138 -103.88 -35.32 1.77
C GLU AB 138 -104.68 -34.58 0.71
N ALA AB 139 -105.59 -35.28 0.02
CA ALA AB 139 -106.45 -34.61 -0.95
C ALA AB 139 -107.36 -33.60 -0.29
N VAL AB 140 -108.03 -33.97 0.81
CA VAL AB 140 -108.90 -33.02 1.48
C VAL AB 140 -108.08 -31.93 2.18
N LEU AB 141 -106.86 -32.26 2.64
CA LEU AB 141 -106.00 -31.21 3.18
C LEU AB 141 -105.64 -30.17 2.13
N GLN AB 142 -105.25 -30.62 0.93
CA GLN AB 142 -104.95 -29.70 -0.16
C GLN AB 142 -106.19 -28.94 -0.61
N ALA AB 143 -107.36 -29.58 -0.55
CA ALA AB 143 -108.60 -28.88 -0.89
C ALA AB 143 -108.92 -27.78 0.12
N ARG AB 144 -108.62 -28.01 1.40
CA ARG AB 144 -108.80 -26.96 2.39
C ARG AB 144 -107.79 -25.84 2.21
N GLU AB 145 -106.54 -26.18 1.88
CA GLU AB 145 -105.50 -25.15 1.78
C GLU AB 145 -105.58 -24.35 0.49
N ALA AB 146 -106.09 -24.93 -0.59
CA ALA AB 146 -106.02 -24.26 -1.89
C ALA AB 146 -107.14 -23.22 -2.05
N GLN AB 147 -108.34 -23.53 -1.56
CA GLN AB 147 -109.47 -22.63 -1.75
C GLN AB 147 -109.25 -21.29 -1.05
N ALA AB 148 -108.69 -21.33 0.16
CA ALA AB 148 -108.47 -20.09 0.90
C ALA AB 148 -107.47 -19.19 0.18
N TRP AB 149 -106.44 -19.78 -0.44
CA TRP AB 149 -105.47 -18.98 -1.17
C TRP AB 149 -106.09 -18.32 -2.38
N ALA AB 150 -106.92 -19.05 -3.14
CA ALA AB 150 -107.62 -18.44 -4.27
C ALA AB 150 -108.58 -17.35 -3.82
N GLN AB 151 -109.25 -17.55 -2.68
CA GLN AB 151 -110.14 -16.51 -2.16
C GLN AB 151 -109.35 -15.26 -1.77
N LEU AB 152 -108.19 -15.44 -1.13
CA LEU AB 152 -107.37 -14.30 -0.74
C LEU AB 152 -106.85 -13.56 -1.97
N LYS AB 153 -106.42 -14.30 -2.99
CA LYS AB 153 -105.94 -13.65 -4.21
C LYS AB 153 -107.08 -12.91 -4.93
N GLU AB 154 -108.28 -13.50 -4.95
CA GLU AB 154 -109.42 -12.82 -5.56
C GLU AB 154 -109.77 -11.56 -4.79
N GLN AB 155 -109.70 -11.61 -3.46
CA GLN AB 155 -109.97 -10.42 -2.66
C GLN AB 155 -108.92 -9.34 -2.91
N GLU AB 156 -107.65 -9.74 -3.03
CA GLU AB 156 -106.61 -8.76 -3.36
C GLU AB 156 -106.83 -8.13 -4.72
N VAL AB 157 -107.23 -8.93 -5.72
CA VAL AB 157 -107.48 -8.38 -7.05
C VAL AB 157 -108.67 -7.44 -7.02
N LEU AB 158 -109.74 -7.81 -6.32
CA LEU AB 158 -110.91 -6.93 -6.24
C LEU AB 158 -110.59 -5.65 -5.49
N GLN AB 159 -109.74 -5.71 -4.47
CA GLN AB 159 -109.35 -4.49 -3.75
C GLN AB 159 -108.49 -3.60 -4.64
N LEU AB 160 -107.54 -4.18 -5.37
CA LEU AB 160 -106.73 -3.39 -6.29
C LEU AB 160 -107.59 -2.78 -7.39
N GLN AB 161 -108.67 -3.45 -7.79
CA GLN AB 161 -109.55 -2.90 -8.81
C GLN AB 161 -110.20 -1.60 -8.32
N GLU AB 162 -110.50 -1.51 -7.03
CA GLU AB 162 -111.10 -0.29 -6.51
C GLU AB 162 -110.09 0.84 -6.42
N GLU AB 163 -108.83 0.52 -6.12
CA GLU AB 163 -107.78 1.54 -6.06
C GLU AB 163 -107.47 2.11 -7.44
N ALA AB 164 -107.74 1.36 -8.51
CA ALA AB 164 -107.48 1.85 -9.85
C ALA AB 164 -108.43 2.97 -10.25
N LYS AB 165 -109.49 3.20 -9.49
CA LYS AB 165 -110.46 4.24 -9.84
C LYS AB 165 -109.96 5.63 -9.45
N THR AB 166 -109.09 5.73 -8.45
CA THR AB 166 -108.61 7.01 -7.96
C THR AB 166 -107.15 7.27 -8.33
N PHE AB 167 -106.62 6.56 -9.33
CA PHE AB 167 -105.25 6.77 -9.73
C PHE AB 167 -105.09 8.09 -10.49
N ILE AB 168 -103.85 8.57 -10.54
CA ILE AB 168 -103.54 9.83 -11.22
C ILE AB 168 -103.11 9.50 -12.65
N THR AB 169 -103.75 10.16 -13.62
CA THR AB 169 -103.47 9.96 -15.03
C THR AB 169 -103.18 11.31 -15.69
N ARG AB 170 -102.97 11.28 -17.00
CA ARG AB 170 -102.74 12.52 -17.74
C ARG AB 170 -103.92 13.47 -17.63
N GLU AB 171 -105.13 12.94 -17.53
CA GLU AB 171 -106.32 13.78 -17.40
C GLU AB 171 -106.49 14.32 -15.99
N ASN AB 172 -106.19 13.50 -14.98
CA ASN AB 172 -106.40 13.86 -13.59
C ASN AB 172 -105.18 14.53 -12.97
N LEU AB 173 -104.13 14.78 -13.74
CA LEU AB 173 -102.92 15.38 -13.18
C LEU AB 173 -103.19 16.80 -12.69
N GLU AB 174 -103.75 17.65 -13.55
CA GLU AB 174 -104.02 19.04 -13.18
C GLU AB 174 -105.02 19.14 -12.04
N ALA AB 175 -105.92 18.17 -11.91
CA ALA AB 175 -106.87 18.15 -10.80
C ALA AB 175 -106.22 17.71 -9.50
N ARG AB 176 -105.43 16.63 -9.53
CA ARG AB 176 -104.80 16.12 -8.32
C ARG AB 176 -103.76 17.09 -7.79
N VAL AB 177 -103.07 17.82 -8.67
CA VAL AB 177 -102.10 18.80 -8.20
C VAL AB 177 -102.78 19.87 -7.35
N GLU AB 178 -103.82 20.50 -7.89
CA GLU AB 178 -104.53 21.54 -7.15
C GLU AB 178 -105.34 20.97 -5.99
N GLU AB 179 -105.66 19.68 -6.01
CA GLU AB 179 -106.33 19.07 -4.87
C GLU AB 179 -105.38 18.85 -3.70
N ALA AB 180 -104.17 18.34 -3.98
CA ALA AB 180 -103.19 18.13 -2.93
C ALA AB 180 -102.61 19.45 -2.43
N LEU AB 181 -102.53 20.47 -3.29
CA LEU AB 181 -102.00 21.75 -2.84
C LEU AB 181 -103.00 22.52 -1.99
N ASP AB 182 -104.24 22.04 -1.87
CA ASP AB 182 -105.26 22.68 -1.05
C ASP AB 182 -105.80 21.78 0.05
N SER AB 183 -105.51 20.48 0.02
CA SER AB 183 -105.91 19.56 1.08
C SER AB 183 -104.65 18.93 1.68
N PRO AB 184 -103.95 19.66 2.54
CA PRO AB 184 -102.76 19.10 3.18
C PRO AB 184 -103.12 17.99 4.16
N LYS AB 185 -102.12 17.16 4.46
CA LYS AB 185 -102.29 16.05 5.40
C LYS AB 185 -101.21 16.12 6.47
N SER AB 186 -101.46 15.40 7.56
CA SER AB 186 -100.55 15.38 8.70
C SER AB 186 -100.46 13.96 9.26
N TYR AB 187 -99.24 13.56 9.61
CA TYR AB 187 -98.99 12.24 10.20
C TYR AB 187 -98.48 12.32 11.63
N ASN AB 188 -98.48 13.49 12.24
CA ASN AB 188 -98.00 13.61 13.61
C ASN AB 188 -99.05 13.12 14.59
N TRP AB 189 -98.66 12.19 15.46
CA TRP AB 189 -99.55 11.71 16.52
C TRP AB 189 -98.69 11.19 17.66
N ALA AB 190 -98.98 11.66 18.87
CA ALA AB 190 -98.21 11.30 20.05
C ALA AB 190 -98.88 10.12 20.77
N ILE AB 191 -98.25 9.70 21.87
CA ILE AB 191 -98.74 8.59 22.67
C ILE AB 191 -98.71 9.00 24.14
N THR AB 192 -99.33 8.17 24.97
CA THR AB 192 -99.38 8.38 26.41
C THR AB 192 -98.80 7.16 27.12
N ARG AB 193 -98.61 7.30 28.44
CA ARG AB 193 -98.08 6.19 29.22
C ARG AB 193 -99.08 5.05 29.33
N GLU AB 194 -100.37 5.34 29.23
CA GLU AB 194 -101.37 4.28 29.26
C GLU AB 194 -101.43 3.52 27.94
N GLY AB 195 -101.01 4.16 26.85
CA GLY AB 195 -100.99 3.51 25.56
C GLY AB 195 -102.06 4.01 24.60
N LEU AB 196 -102.48 5.25 24.78
CA LEU AB 196 -103.47 5.88 23.93
C LEU AB 196 -102.82 6.98 23.10
N VAL AB 197 -103.34 7.17 21.88
CA VAL AB 197 -102.77 8.13 20.95
C VAL AB 197 -103.59 9.40 20.96
N VAL AB 198 -102.93 10.52 20.66
CA VAL AB 198 -103.57 11.82 20.53
C VAL AB 198 -103.09 12.46 19.24
N ARG AB 199 -103.94 13.31 18.66
CA ARG AB 199 -103.62 13.98 17.40
C ARG AB 199 -103.76 15.48 17.59
N PRO AB 200 -102.78 16.27 17.15
CA PRO AB 200 -102.86 17.73 17.32
C PRO AB 200 -103.97 18.38 16.50
N GLN AB 201 -104.75 17.61 15.75
CA GLN AB 201 -105.86 18.17 14.98
C GLN AB 201 -107.02 18.61 15.86
N GLN AB 202 -107.01 18.26 17.15
CA GLN AB 202 -108.07 18.66 18.05
C GLN AB 202 -107.91 20.08 18.57
N LYS AB 203 -106.78 20.73 18.31
CA LYS AB 203 -106.55 22.09 18.80
C LYS AB 203 -107.27 23.10 17.92
N CYS BB 68 -4.13 -121.80 -66.52
CA CYS BB 68 -3.69 -120.80 -67.47
C CYS BB 68 -4.48 -120.90 -68.76
N LEU BB 69 -5.30 -121.95 -68.88
CA LEU BB 69 -6.11 -122.16 -70.07
C LEU BB 69 -7.35 -121.29 -70.09
N LEU BB 70 -7.74 -120.71 -68.95
CA LEU BB 70 -8.93 -119.85 -68.91
C LEU BB 70 -8.78 -118.65 -69.83
N SER BB 71 -7.66 -117.93 -69.72
CA SER BB 71 -7.44 -116.72 -70.50
C SER BB 71 -7.38 -116.99 -72.00
N ALA BB 72 -7.30 -118.24 -72.42
CA ALA BB 72 -7.33 -118.54 -73.86
C ALA BB 72 -8.71 -118.28 -74.44
N ALA BB 73 -9.75 -118.79 -73.77
CA ALA BB 73 -11.12 -118.57 -74.20
C ALA BB 73 -11.75 -117.32 -73.59
N TYR BB 74 -11.12 -116.75 -72.56
CA TYR BB 74 -11.59 -115.52 -71.93
C TYR BB 74 -10.77 -114.31 -72.35
N VAL BB 75 -10.42 -114.22 -73.64
CA VAL BB 75 -9.67 -113.08 -74.14
C VAL BB 75 -10.36 -111.79 -73.72
N ASP BB 76 -9.58 -110.90 -73.09
CA ASP BB 76 -10.12 -109.66 -72.54
C ASP BB 76 -9.75 -108.42 -73.32
N SER BB 77 -8.80 -108.51 -74.24
CA SER BB 77 -8.45 -107.35 -75.06
C SER BB 77 -9.59 -106.92 -75.97
N HIS BB 78 -10.46 -107.86 -76.36
CA HIS BB 78 -11.59 -107.52 -77.22
C HIS BB 78 -12.73 -106.90 -76.42
N LYS BB 79 -12.99 -107.40 -75.21
CA LYS BB 79 -14.13 -106.93 -74.43
C LYS BB 79 -13.79 -105.74 -73.54
N TRP BB 80 -12.52 -105.49 -73.28
CA TRP BB 80 -12.15 -104.41 -72.37
C TRP BB 80 -12.21 -103.06 -73.05
N GLU BB 81 -11.76 -102.98 -74.31
CA GLU BB 81 -11.73 -101.71 -75.02
C GLU BB 81 -13.11 -101.23 -75.43
N ALA BB 82 -14.12 -102.10 -75.39
CA ALA BB 82 -15.50 -101.73 -75.73
C ALA BB 82 -16.29 -101.25 -74.52
N ARG BB 83 -15.61 -100.78 -73.47
CA ARG BB 83 -16.27 -100.34 -72.25
C ARG BB 83 -15.99 -98.89 -71.89
N ASP BB 84 -14.86 -98.33 -72.32
CA ASP BB 84 -14.49 -96.96 -72.00
C ASP BB 84 -15.37 -96.01 -72.79
N LYS BB 85 -16.43 -95.52 -72.14
CA LYS BB 85 -17.40 -94.63 -72.77
C LYS BB 85 -17.52 -93.32 -72.01
N GLU BB 86 -16.45 -92.89 -71.34
CA GLU BB 86 -16.47 -91.65 -70.58
C GLU BB 86 -15.96 -90.47 -71.42
N ASP BB 87 -14.73 -90.59 -71.93
CA ASP BB 87 -14.09 -89.56 -72.74
C ASP BB 87 -14.02 -88.23 -71.98
N CYS BB 88 -13.31 -88.26 -70.86
CA CYS BB 88 -13.11 -87.10 -70.01
C CYS BB 88 -11.62 -86.80 -69.90
N HIS BB 89 -11.30 -85.66 -69.29
CA HIS BB 89 -9.93 -85.19 -69.13
C HIS BB 89 -9.45 -85.47 -67.71
N LEU BB 90 -8.15 -85.76 -67.60
CA LEU BB 90 -7.58 -86.10 -66.30
C LEU BB 90 -7.35 -84.86 -65.44
N ALA BB 91 -6.90 -83.75 -66.04
CA ALA BB 91 -6.60 -82.56 -65.25
C ALA BB 91 -7.86 -81.96 -64.62
N ASP BB 92 -8.97 -81.93 -65.36
CA ASP BB 92 -10.21 -81.38 -64.82
C ASP BB 92 -10.75 -82.24 -63.68
N LEU BB 93 -10.68 -83.57 -63.82
CA LEU BB 93 -11.10 -84.45 -62.73
C LEU BB 93 -10.20 -84.28 -61.51
N ALA BB 94 -8.88 -84.17 -61.72
CA ALA BB 94 -7.97 -83.95 -60.61
C ALA BB 94 -8.28 -82.65 -59.90
N SER BB 95 -8.53 -81.57 -60.66
CA SER BB 95 -8.85 -80.28 -60.05
C SER BB 95 -10.17 -80.34 -59.30
N LEU BB 96 -11.18 -81.03 -59.85
CA LEU BB 96 -12.45 -81.16 -59.15
C LEU BB 96 -12.30 -81.95 -57.85
N MET BB 97 -11.54 -83.05 -57.88
CA MET BB 97 -11.32 -83.83 -56.67
C MET BB 97 -10.56 -83.02 -55.63
N ASP BB 98 -9.54 -82.28 -56.04
CA ASP BB 98 -8.80 -81.42 -55.11
C ASP BB 98 -9.68 -80.32 -54.53
N LYS BB 99 -10.57 -79.73 -55.33
CA LYS BB 99 -11.45 -78.69 -54.81
C LYS BB 99 -12.44 -79.27 -53.80
N THR BB 100 -13.02 -80.44 -54.13
CA THR BB 100 -13.96 -81.06 -53.21
C THR BB 100 -13.29 -81.48 -51.91
N TYR BB 101 -12.05 -81.97 -51.99
CA TYR BB 101 -11.33 -82.34 -50.78
C TYR BB 101 -10.83 -81.13 -50.01
N GLU BB 102 -10.62 -80.00 -50.69
CA GLU BB 102 -10.27 -78.77 -49.98
C GLU BB 102 -11.48 -78.21 -49.23
N ARG BB 103 -12.65 -78.27 -49.84
CA ARG BB 103 -13.89 -77.86 -49.20
C ARG BB 103 -14.47 -78.96 -48.30
N LYS BB 104 -13.81 -80.11 -48.23
CA LYS BB 104 -14.22 -81.24 -47.39
C LYS BB 104 -15.61 -81.73 -47.78
N LEU BB 105 -15.75 -82.06 -49.06
CA LEU BB 105 -16.98 -82.61 -49.61
C LEU BB 105 -16.72 -84.00 -50.17
N PRO BB 106 -17.48 -85.01 -49.78
CA PRO BB 106 -17.27 -86.35 -50.33
C PRO BB 106 -17.66 -86.42 -51.80
N VAL BB 107 -17.01 -87.33 -52.52
CA VAL BB 107 -17.24 -87.51 -53.95
C VAL BB 107 -17.78 -88.92 -54.19
N SER BB 108 -18.25 -89.13 -55.42
CA SER BB 108 -18.83 -90.39 -55.83
C SER BB 108 -17.76 -91.35 -56.34
N SER BB 109 -18.14 -92.63 -56.39
CA SER BB 109 -17.30 -93.63 -57.03
C SER BB 109 -17.20 -93.43 -58.55
N LEU BB 110 -18.21 -92.79 -59.15
CA LEU BB 110 -18.14 -92.46 -60.57
C LEU BB 110 -17.03 -91.45 -60.83
N THR BB 111 -16.77 -90.55 -59.88
CA THR BB 111 -15.72 -89.56 -60.04
C THR BB 111 -14.34 -90.20 -60.12
N ILE BB 112 -14.12 -91.31 -59.39
CA ILE BB 112 -12.85 -92.01 -59.49
C ILE BB 112 -12.85 -93.02 -60.64
N SER BB 113 -14.02 -93.52 -61.03
CA SER BB 113 -14.08 -94.40 -62.20
C SER BB 113 -13.76 -93.65 -63.48
N ARG BB 114 -14.26 -92.43 -63.63
CA ARG BB 114 -13.92 -91.62 -64.80
C ARG BB 114 -12.43 -91.30 -64.85
N PHE BB 115 -11.77 -91.24 -63.69
CA PHE BB 115 -10.34 -90.96 -63.68
C PHE BB 115 -9.52 -92.21 -63.98
N VAL BB 116 -9.93 -93.36 -63.44
CA VAL BB 116 -9.20 -94.61 -63.69
C VAL BB 116 -9.54 -95.23 -65.04
N ASP BB 117 -10.56 -94.72 -65.73
CA ASP BB 117 -10.88 -95.24 -67.05
C ASP BB 117 -10.12 -94.54 -68.18
N ASN BB 118 -9.68 -93.31 -67.98
CA ASN BB 118 -8.96 -92.54 -68.99
C ASN BB 118 -7.45 -92.61 -68.78
N ILE BB 119 -6.96 -93.74 -68.28
CA ILE BB 119 -5.52 -93.88 -68.05
C ILE BB 119 -4.79 -93.99 -69.38
N ALA BB 120 -3.70 -93.25 -69.52
CA ALA BB 120 -2.90 -93.25 -70.73
C ALA BB 120 -1.48 -93.76 -70.54
N SER BB 121 -0.92 -93.63 -69.34
CA SER BB 121 0.45 -94.06 -69.07
C SER BB 121 0.51 -94.65 -67.67
N ARG BB 122 1.72 -95.10 -67.29
CA ARG BB 122 1.89 -95.70 -65.97
C ARG BB 122 1.86 -94.63 -64.87
N GLU BB 123 2.29 -93.41 -65.17
CA GLU BB 123 2.20 -92.33 -64.19
C GLU BB 123 0.74 -92.02 -63.85
N ASP BB 124 -0.16 -92.16 -64.84
CA ASP BB 124 -1.58 -92.03 -64.56
C ASP BB 124 -2.07 -93.13 -63.62
N ILE BB 125 -1.47 -94.33 -63.68
CA ILE BB 125 -1.81 -95.38 -62.72
C ILE BB 125 -1.38 -94.97 -61.31
N ASP BB 126 -0.22 -94.33 -61.19
CA ASP BB 126 0.21 -93.85 -59.87
C ASP BB 126 -0.71 -92.75 -59.37
N HIS BB 127 -1.12 -91.83 -60.25
CA HIS BB 127 -2.08 -90.80 -59.85
C HIS BB 127 -3.40 -91.41 -59.40
N ALA BB 128 -3.91 -92.40 -60.14
CA ALA BB 128 -5.14 -93.07 -59.75
C ALA BB 128 -5.00 -93.83 -58.43
N GLU BB 129 -3.83 -94.43 -58.18
CA GLU BB 129 -3.60 -95.12 -56.93
C GLU BB 129 -3.58 -94.14 -55.75
N TYR BB 130 -2.92 -93.00 -55.93
CA TYR BB 130 -2.94 -91.97 -54.88
C TYR BB 130 -4.34 -91.44 -54.65
N TYR BB 131 -5.11 -91.24 -55.72
CA TYR BB 131 -6.49 -90.79 -55.56
C TYR BB 131 -7.37 -91.85 -54.91
N LEU BB 132 -7.09 -93.13 -55.15
CA LEU BB 132 -7.81 -94.18 -54.44
C LEU BB 132 -7.45 -94.20 -52.96
N TYR BB 133 -6.17 -93.99 -52.64
CA TYR BB 133 -5.77 -93.86 -51.24
C TYR BB 133 -6.48 -92.70 -50.57
N LYS BB 134 -6.66 -91.59 -51.30
CA LYS BB 134 -7.35 -90.43 -50.73
C LYS BB 134 -8.86 -90.66 -50.66
N PHE BB 135 -9.42 -91.44 -51.59
CA PHE BB 135 -10.85 -91.71 -51.59
C PHE BB 135 -11.22 -92.73 -50.52
N ARG BB 136 -10.29 -93.61 -50.15
CA ARG BB 136 -10.53 -94.52 -49.03
C ARG BB 136 -10.74 -93.76 -47.73
N HIS BB 137 -10.26 -92.52 -47.64
CA HIS BB 137 -10.50 -91.66 -46.49
C HIS BB 137 -11.55 -90.59 -46.79
N SER BB 138 -12.60 -90.96 -47.54
CA SER BB 138 -13.72 -90.10 -47.86
C SER BB 138 -15.00 -90.63 -47.22
N PRO BB 139 -15.98 -89.78 -46.93
CA PRO BB 139 -17.25 -90.26 -46.38
C PRO BB 139 -17.95 -91.29 -47.25
N ASN BB 140 -17.65 -91.34 -48.55
CA ASN BB 140 -18.24 -92.30 -49.46
C ASN BB 140 -17.29 -93.47 -49.75
N CYS BB 141 -16.47 -93.86 -48.78
CA CYS BB 141 -15.52 -94.94 -48.98
C CYS BB 141 -16.21 -96.30 -49.11
N TRP BB 142 -17.45 -96.42 -48.66
CA TRP BB 142 -18.16 -97.68 -48.77
C TRP BB 142 -18.88 -97.83 -50.11
N TYR BB 143 -19.28 -96.72 -50.72
CA TYR BB 143 -20.03 -96.73 -51.97
C TYR BB 143 -19.16 -96.97 -53.20
N LEU BB 144 -17.93 -97.42 -53.03
CA LEU BB 144 -17.06 -97.71 -54.16
C LEU BB 144 -17.64 -98.84 -55.00
N ARG BB 145 -17.89 -98.57 -56.27
CA ARG BB 145 -18.47 -99.57 -57.15
C ARG BB 145 -17.45 -100.67 -57.46
N ASP BB 146 -17.93 -101.73 -58.10
CA ASP BB 146 -17.06 -102.86 -58.42
C ASP BB 146 -16.50 -102.76 -59.84
N TRP BB 147 -17.26 -102.16 -60.76
CA TRP BB 147 -16.73 -101.93 -62.09
C TRP BB 147 -15.58 -100.94 -62.08
N THR BB 148 -15.53 -100.04 -61.10
CA THR BB 148 -14.35 -99.20 -60.93
C THR BB 148 -13.12 -100.03 -60.56
N ILE BB 149 -13.29 -101.00 -59.65
CA ILE BB 149 -12.19 -101.90 -59.31
C ILE BB 149 -11.75 -102.69 -60.53
N HIS BB 150 -12.72 -103.17 -61.31
CA HIS BB 150 -12.40 -103.92 -62.52
C HIS BB 150 -11.63 -103.07 -63.53
N THR BB 151 -12.06 -101.82 -63.72
CA THR BB 151 -11.36 -100.91 -64.61
C THR BB 151 -9.95 -100.63 -64.12
N TRP BB 152 -9.78 -100.42 -62.81
CA TRP BB 152 -8.45 -100.18 -62.27
C TRP BB 152 -7.55 -101.40 -62.46
N ILE BB 153 -8.09 -102.60 -62.30
CA ILE BB 153 -7.29 -103.80 -62.51
C ILE BB 153 -6.91 -103.95 -63.98
N ARG BB 154 -7.86 -103.70 -64.89
CA ARG BB 154 -7.56 -103.78 -66.31
C ARG BB 154 -6.52 -102.74 -66.72
N GLN BB 155 -6.53 -101.57 -66.06
CA GLN BB 155 -5.53 -100.55 -66.38
C GLN BB 155 -4.18 -100.86 -65.76
N CYS BB 156 -4.16 -101.54 -64.60
CA CYS BB 156 -2.90 -102.01 -64.04
C CYS BB 156 -2.31 -103.12 -64.89
N LEU BB 157 -3.15 -103.89 -65.58
CA LEU BB 157 -2.69 -104.91 -66.51
C LEU BB 157 -1.97 -104.33 -67.72
N LYS BB 158 -1.87 -103.00 -67.83
CA LYS BB 158 -1.29 -102.38 -69.01
C LYS BB 158 0.23 -102.39 -68.98
N TYR BB 159 0.81 -101.73 -67.98
CA TYR BB 159 2.27 -101.57 -67.93
C TYR BB 159 2.95 -102.66 -67.11
N GLY BB 160 2.59 -102.79 -65.84
CA GLY BB 160 3.27 -103.73 -64.97
C GLY BB 160 2.56 -105.06 -64.86
N ALA BB 161 1.31 -105.03 -64.39
CA ALA BB 161 0.45 -106.21 -64.30
C ALA BB 161 0.98 -107.23 -63.30
N GLN BB 162 2.09 -106.90 -62.63
CA GLN BB 162 2.74 -107.80 -61.69
C GLN BB 162 3.14 -107.17 -60.37
N ASP BB 163 3.30 -105.84 -60.32
CA ASP BB 163 3.79 -105.17 -59.12
C ASP BB 163 2.76 -104.24 -58.50
N LYS BB 164 2.05 -103.47 -59.32
CA LYS BB 164 1.06 -102.54 -58.78
C LYS BB 164 -0.22 -103.25 -58.34
N ALA BB 165 -0.46 -104.46 -58.83
CA ALA BB 165 -1.58 -105.25 -58.35
C ALA BB 165 -1.26 -105.97 -57.05
N LEU BB 166 0.03 -106.17 -56.77
CA LEU BB 166 0.47 -106.84 -55.54
C LEU BB 166 0.73 -105.86 -54.40
N TYR BB 167 1.32 -104.70 -54.71
CA TYR BB 167 1.60 -103.72 -53.67
C TYR BB 167 0.31 -103.15 -53.10
N THR BB 168 -0.68 -102.89 -53.95
CA THR BB 168 -1.96 -102.36 -53.50
C THR BB 168 -2.85 -103.43 -52.87
N LEU BB 169 -2.50 -104.71 -53.01
CA LEU BB 169 -3.28 -105.79 -52.42
C LEU BB 169 -2.72 -106.31 -51.11
N LYS BB 170 -1.39 -106.29 -50.95
CA LYS BB 170 -0.81 -106.77 -49.69
C LYS BB 170 -1.18 -105.88 -48.52
N ASN BB 171 -1.44 -104.59 -48.77
CA ASN BB 171 -1.91 -103.71 -47.71
C ASN BB 171 -3.41 -103.88 -47.50
N LYS BB 172 -4.20 -103.68 -48.56
CA LYS BB 172 -5.62 -103.95 -48.64
C LYS BB 172 -6.48 -103.02 -47.78
N VAL BB 173 -5.88 -102.10 -47.03
CA VAL BB 173 -6.63 -101.23 -46.13
C VAL BB 173 -6.47 -99.76 -46.50
N GLN BB 174 -5.26 -99.32 -46.87
CA GLN BB 174 -5.06 -97.93 -47.22
C GLN BB 174 -5.70 -97.59 -48.56
N TYR BB 175 -5.59 -98.49 -49.54
CA TYR BB 175 -6.17 -98.26 -50.85
C TYR BB 175 -7.53 -98.92 -51.00
N GLY BB 176 -7.66 -100.17 -50.55
CA GLY BB 176 -8.94 -100.85 -50.54
C GLY BB 176 -9.49 -101.19 -51.90
N ILE BB 177 -8.82 -102.10 -52.61
CA ILE BB 177 -9.32 -102.55 -53.91
C ILE BB 177 -10.47 -103.54 -53.74
N PHE BB 178 -10.24 -104.59 -52.95
CA PHE BB 178 -11.22 -105.64 -52.67
C PHE BB 178 -11.81 -106.21 -53.95
N PRO BB 179 -11.02 -106.94 -54.74
CA PRO BB 179 -11.53 -107.51 -56.01
C PRO BB 179 -12.11 -108.91 -55.84
N ASP BB 180 -13.25 -108.98 -55.13
CA ASP BB 180 -13.91 -110.26 -54.86
C ASP BB 180 -14.82 -110.63 -56.02
N ASN BB 181 -14.20 -110.87 -57.17
CA ASN BB 181 -14.91 -111.20 -58.39
C ASN BB 181 -14.03 -112.13 -59.22
N TYR BB 182 -14.36 -112.28 -60.50
CA TYR BB 182 -13.55 -113.08 -61.41
C TYR BB 182 -12.17 -112.48 -61.64
N THR BB 183 -11.92 -111.26 -61.17
CA THR BB 183 -10.59 -110.69 -61.26
C THR BB 183 -9.57 -111.53 -60.50
N PHE BB 184 -10.00 -112.23 -59.45
CA PHE BB 184 -9.10 -113.12 -58.74
C PHE BB 184 -8.61 -114.25 -59.64
N ASN BB 185 -9.51 -114.85 -60.42
CA ASN BB 185 -9.09 -115.85 -61.39
C ASN BB 185 -8.24 -115.22 -62.49
N LEU BB 186 -8.62 -114.01 -62.93
CA LEU BB 186 -7.91 -113.36 -64.02
C LEU BB 186 -6.46 -113.08 -63.66
N LEU BB 187 -6.21 -112.56 -62.46
CA LEU BB 187 -4.84 -112.25 -62.04
C LEU BB 187 -4.00 -113.52 -61.93
N MET BB 188 -4.55 -114.58 -61.34
CA MET BB 188 -3.79 -115.81 -61.18
C MET BB 188 -3.53 -116.48 -62.51
N ASP BB 189 -4.43 -116.32 -63.48
CA ASP BB 189 -4.18 -116.87 -64.81
C ASP BB 189 -3.16 -116.05 -65.57
N TYR BB 190 -3.18 -114.73 -65.42
CA TYR BB 190 -2.19 -113.87 -66.07
C TYR BB 190 -0.81 -114.00 -65.44
N PHE BB 191 -0.72 -114.41 -64.17
CA PHE BB 191 0.58 -114.58 -63.53
C PHE BB 191 1.40 -115.70 -64.17
N ILE BB 192 0.73 -116.72 -64.73
CA ILE BB 192 1.45 -117.87 -65.27
C ILE BB 192 2.19 -117.57 -66.55
N LYS BB 193 1.88 -116.45 -67.21
CA LYS BB 193 2.61 -116.10 -68.43
C LYS BB 193 4.09 -115.90 -68.15
N LYS BB 194 4.44 -115.35 -66.99
CA LYS BB 194 5.81 -115.33 -66.50
C LYS BB 194 6.05 -116.35 -65.41
N GLU BB 195 4.99 -117.08 -65.01
CA GLU BB 195 5.01 -118.17 -64.04
C GLU BB 195 5.19 -117.68 -62.60
N ASN BB 196 5.57 -116.41 -62.44
CA ASN BB 196 5.49 -115.65 -61.19
C ASN BB 196 5.70 -116.50 -59.94
N TYR BB 197 6.85 -117.17 -59.84
CA TYR BB 197 7.09 -118.07 -58.72
C TYR BB 197 6.98 -117.34 -57.38
N LYS BB 198 7.77 -116.27 -57.21
CA LYS BB 198 7.71 -115.51 -55.97
C LYS BB 198 6.69 -114.39 -56.02
N ASP BB 199 6.19 -114.02 -57.20
CA ASP BB 199 5.22 -112.94 -57.30
C ASP BB 199 3.81 -113.42 -56.99
N ALA BB 200 3.40 -114.55 -57.55
CA ALA BB 200 2.05 -115.06 -57.36
C ALA BB 200 1.86 -115.76 -56.02
N LEU BB 201 2.90 -115.87 -55.19
CA LEU BB 201 2.76 -116.54 -53.91
C LEU BB 201 1.96 -115.70 -52.91
N SER BB 202 2.14 -114.38 -52.97
CA SER BB 202 1.50 -113.50 -51.99
C SER BB 202 0.04 -113.21 -52.30
N VAL BB 203 -0.35 -113.25 -53.58
CA VAL BB 203 -1.73 -112.93 -53.93
C VAL BB 203 -2.69 -113.98 -53.42
N VAL BB 204 -2.26 -115.25 -53.38
CA VAL BB 204 -3.09 -116.30 -52.83
C VAL BB 204 -3.36 -116.07 -51.35
N PHE BB 205 -2.38 -115.53 -50.62
CA PHE BB 205 -2.58 -115.23 -49.20
C PHE BB 205 -3.64 -114.15 -49.02
N GLU BB 206 -3.58 -113.10 -49.84
CA GLU BB 206 -4.60 -112.05 -49.73
C GLU BB 206 -5.97 -112.55 -50.15
N ILE BB 207 -6.04 -113.45 -51.14
CA ILE BB 207 -7.32 -114.04 -51.50
C ILE BB 207 -7.88 -114.87 -50.35
N MET BB 208 -7.02 -115.66 -49.69
CA MET BB 208 -7.46 -116.42 -48.52
C MET BB 208 -7.90 -115.51 -47.39
N MET BB 209 -7.24 -114.36 -47.23
CA MET BB 209 -7.68 -113.39 -46.22
C MET BB 209 -9.05 -112.82 -46.57
N GLN BB 210 -9.27 -112.47 -47.83
CA GLN BB 210 -10.55 -111.89 -48.24
C GLN BB 210 -11.68 -112.91 -48.21
N GLU BB 211 -11.36 -114.21 -48.31
CA GLU BB 211 -12.35 -115.28 -48.19
C GLU BB 211 -13.40 -115.17 -49.30
N ALA BB 212 -12.94 -115.09 -50.54
CA ALA BB 212 -13.80 -114.95 -51.71
C ALA BB 212 -13.90 -116.25 -52.50
N PHE BB 213 -13.95 -117.37 -51.79
CA PHE BB 213 -13.96 -118.68 -52.45
C PHE BB 213 -15.40 -119.14 -52.73
N GLU BB 214 -16.07 -118.36 -53.58
CA GLU BB 214 -17.37 -118.71 -54.13
C GLU BB 214 -17.32 -119.08 -55.60
N VAL BB 215 -16.49 -118.39 -56.39
CA VAL BB 215 -16.26 -118.73 -57.78
C VAL BB 215 -15.37 -119.96 -57.82
N PRO BB 216 -15.40 -120.77 -58.89
CA PRO BB 216 -14.57 -121.97 -58.92
C PRO BB 216 -13.09 -121.68 -59.11
N SER BB 217 -12.47 -121.04 -58.12
CA SER BB 217 -11.03 -120.80 -58.09
C SER BB 217 -10.31 -121.70 -57.11
N THR BB 218 -11.01 -122.63 -56.47
CA THR BB 218 -10.40 -123.52 -55.50
C THR BB 218 -9.27 -124.32 -56.14
N GLN BB 219 -9.58 -125.03 -57.23
CA GLN BB 219 -8.55 -125.78 -57.94
C GLN BB 219 -7.49 -124.87 -58.55
N LEU BB 220 -7.86 -123.65 -58.93
CA LEU BB 220 -6.90 -122.71 -59.50
C LEU BB 220 -5.82 -122.36 -58.48
N LEU BB 221 -6.22 -122.07 -57.24
CA LEU BB 221 -5.23 -121.78 -56.21
C LEU BB 221 -4.56 -123.07 -55.70
N SER BB 222 -5.26 -124.20 -55.76
CA SER BB 222 -4.66 -125.45 -55.32
C SER BB 222 -3.50 -125.86 -56.22
N LEU BB 223 -3.66 -125.70 -57.54
CA LEU BB 223 -2.56 -126.02 -58.44
C LEU BB 223 -1.32 -125.20 -58.13
N TYR BB 224 -1.48 -123.93 -57.78
CA TYR BB 224 -0.32 -123.08 -57.52
C TYR BB 224 0.30 -123.36 -56.16
N VAL BB 225 -0.53 -123.59 -55.13
CA VAL BB 225 0.05 -123.91 -53.83
C VAL BB 225 0.73 -125.27 -53.87
N LEU BB 226 0.27 -126.18 -54.74
CA LEU BB 226 0.96 -127.46 -54.91
C LEU BB 226 2.19 -127.32 -55.79
N TYR BB 227 2.21 -126.37 -56.72
CA TYR BB 227 3.46 -126.01 -57.40
C TYR BB 227 4.51 -125.53 -56.41
N HIS BB 228 4.08 -124.75 -55.42
CA HIS BB 228 5.03 -124.17 -54.46
C HIS BB 228 5.40 -125.12 -53.33
N CYS BB 229 4.53 -126.04 -52.94
CA CYS BB 229 4.82 -126.91 -51.80
C CYS BB 229 5.97 -127.86 -52.11
N LEU BB 230 6.03 -128.38 -53.35
CA LEU BB 230 7.11 -129.28 -53.71
C LEU BB 230 8.45 -128.56 -53.75
N ALA BB 231 8.46 -127.30 -54.21
CA ALA BB 231 9.69 -126.51 -54.23
C ALA BB 231 10.06 -125.98 -52.85
N GLU BB 232 9.13 -125.94 -51.92
CA GLU BB 232 9.41 -125.55 -50.53
C GLU BB 232 10.20 -126.67 -49.87
N LYS BB 233 11.52 -126.47 -49.74
CA LYS BB 233 12.40 -127.37 -48.97
C LYS BB 233 13.23 -126.47 -48.04
N THR BB 234 12.66 -126.13 -46.89
CA THR BB 234 13.34 -125.30 -45.91
C THR BB 234 12.75 -125.56 -44.55
N ASP BB 235 13.30 -124.89 -43.53
CA ASP BB 235 12.76 -124.92 -42.18
C ASP BB 235 11.79 -123.76 -42.03
N LEU BB 236 10.48 -124.07 -42.07
CA LEU BB 236 9.47 -123.03 -42.05
C LEU BB 236 9.49 -122.26 -40.74
N SER BB 237 9.42 -120.93 -40.83
CA SER BB 237 9.42 -120.08 -39.65
C SER BB 237 8.01 -120.03 -39.06
N TRP BB 238 7.81 -119.13 -38.09
CA TRP BB 238 6.51 -119.05 -37.44
C TRP BB 238 5.43 -118.59 -38.41
N GLU BB 239 5.72 -117.58 -39.23
CA GLU BB 239 4.77 -117.12 -40.22
C GLU BB 239 4.63 -118.09 -41.38
N GLU BB 240 5.70 -118.81 -41.70
CA GLU BB 240 5.64 -119.76 -42.81
C GLU BB 240 4.82 -120.99 -42.45
N GLU BB 241 4.86 -121.41 -41.19
CA GLU BB 241 4.01 -122.52 -40.75
C GLU BB 241 2.55 -122.12 -40.66
N ARG BB 242 2.26 -120.82 -40.59
CA ARG BB 242 0.88 -120.34 -40.45
C ARG BB 242 0.23 -120.04 -41.79
N ASN BB 243 0.91 -119.27 -42.65
CA ASN BB 243 0.29 -118.86 -43.91
C ASN BB 243 0.07 -120.04 -44.84
N PHE BB 244 1.06 -120.93 -44.97
CA PHE BB 244 0.90 -122.11 -45.81
C PHE BB 244 -0.18 -123.03 -45.26
N GLY BB 245 -0.25 -123.17 -43.94
CA GLY BB 245 -1.27 -124.02 -43.35
C GLY BB 245 -2.67 -123.47 -43.49
N ALA BB 246 -2.80 -122.14 -43.47
CA ALA BB 246 -4.10 -121.51 -43.61
C ALA BB 246 -4.53 -121.33 -45.07
N SER BB 247 -3.60 -121.37 -46.01
CA SER BB 247 -3.93 -121.23 -47.42
C SER BB 247 -4.43 -122.52 -48.05
N LEU BB 248 -4.86 -123.50 -47.26
CA LEU BB 248 -5.33 -124.78 -47.78
C LEU BB 248 -6.72 -125.17 -47.30
N LEU BB 249 -7.17 -124.71 -46.13
CA LEU BB 249 -8.49 -125.08 -45.63
C LEU BB 249 -9.59 -124.23 -46.24
N LEU BB 250 -9.52 -122.92 -46.08
CA LEU BB 250 -10.52 -122.05 -46.69
C LEU BB 250 -10.40 -122.03 -48.22
N PRO BB 251 -9.21 -121.95 -48.82
CA PRO BB 251 -9.15 -122.07 -50.28
C PRO BB 251 -9.62 -123.43 -50.79
N GLY BB 252 -9.03 -124.51 -50.28
CA GLY BB 252 -9.39 -125.84 -50.72
C GLY BB 252 -10.67 -126.36 -50.09
N LEU BB 253 -11.75 -126.41 -50.86
CA LEU BB 253 -13.03 -126.88 -50.33
C LEU BB 253 -13.72 -127.86 -51.27
N LYS BB 254 -12.98 -128.53 -52.15
CA LYS BB 254 -13.56 -129.48 -53.09
C LYS BB 254 -13.69 -130.85 -52.45
N GLN BB 255 -14.90 -131.40 -52.49
CA GLN BB 255 -15.16 -132.75 -52.00
C GLN BB 255 -15.31 -133.76 -53.13
N LYS BB 256 -15.26 -133.32 -54.38
CA LYS BB 256 -15.43 -134.22 -55.51
C LYS BB 256 -14.15 -134.97 -55.85
N ASN BB 257 -13.02 -134.25 -55.89
CA ASN BB 257 -11.73 -134.85 -56.18
C ASN BB 257 -11.01 -135.20 -54.89
N SER BB 258 -9.96 -136.01 -55.01
CA SER BB 258 -9.16 -136.40 -53.86
C SER BB 258 -8.19 -135.31 -53.43
N VAL BB 259 -7.79 -134.41 -54.34
CA VAL BB 259 -6.88 -133.34 -53.99
C VAL BB 259 -7.54 -132.36 -53.04
N GLY BB 260 -8.82 -132.06 -53.26
CA GLY BB 260 -9.53 -131.16 -52.37
C GLY BB 260 -9.70 -131.72 -50.97
N LEU BB 261 -9.71 -133.05 -50.83
CA LEU BB 261 -9.82 -133.67 -49.51
C LEU BB 261 -8.45 -133.80 -48.86
N SER BB 262 -7.40 -134.06 -49.66
CA SER BB 262 -6.06 -134.19 -49.10
C SER BB 262 -5.46 -132.84 -48.72
N SER BB 263 -5.88 -131.77 -49.38
CA SER BB 263 -5.40 -130.44 -49.03
C SER BB 263 -5.84 -130.06 -47.62
N GLN BB 264 -7.05 -130.46 -47.22
CA GLN BB 264 -7.50 -130.21 -45.86
C GLN BB 264 -6.59 -130.89 -44.84
N LEU BB 265 -6.23 -132.15 -45.07
CA LEU BB 265 -5.33 -132.85 -44.17
C LEU BB 265 -3.94 -132.22 -44.18
N TYR BB 266 -3.44 -131.83 -45.35
CA TYR BB 266 -2.10 -131.24 -45.41
C TYR BB 266 -2.06 -129.86 -44.77
N GLY BB 267 -3.19 -129.15 -44.73
CA GLY BB 267 -3.25 -127.88 -44.05
C GLY BB 267 -3.39 -128.04 -42.55
N TYR BB 268 -4.25 -128.98 -42.13
CA TYR BB 268 -4.41 -129.24 -40.70
C TYR BB 268 -3.12 -129.76 -40.07
N ALA BB 269 -2.39 -130.60 -40.78
CA ALA BB 269 -1.14 -131.15 -40.23
C ALA BB 269 -0.11 -130.06 -40.02
N LEU BB 270 -0.10 -129.04 -40.88
CA LEU BB 270 0.82 -127.92 -40.71
C LEU BB 270 0.34 -126.96 -39.63
N LEU BB 271 -0.98 -126.73 -39.56
CA LEU BB 271 -1.51 -125.82 -38.55
C LEU BB 271 -1.37 -126.38 -37.15
N GLY BB 272 -1.38 -127.71 -37.01
CA GLY BB 272 -1.24 -128.32 -35.69
C GLY BB 272 0.12 -128.11 -35.05
N LYS BB 273 1.13 -127.72 -35.84
CA LYS BB 273 2.46 -127.52 -35.28
C LYS BB 273 2.55 -126.25 -34.46
N VAL BB 274 1.87 -125.18 -34.88
CA VAL BB 274 1.98 -123.90 -34.21
C VAL BB 274 1.34 -123.94 -32.83
N GLU BB 275 0.18 -124.57 -32.69
CA GLU BB 275 -0.51 -124.60 -31.41
C GLU BB 275 0.28 -125.38 -30.35
N LEU BB 276 1.22 -126.23 -30.79
CA LEU BB 276 2.07 -126.96 -29.85
C LEU BB 276 3.42 -126.29 -29.64
N GLN BB 277 3.96 -125.62 -30.66
CA GLN BB 277 5.30 -125.05 -30.55
C GLN BB 277 5.28 -123.63 -30.02
N GLN BB 278 4.38 -122.77 -30.51
CA GLN BB 278 4.38 -121.35 -30.18
C GLN BB 278 3.21 -120.97 -29.30
N GLY BB 279 1.99 -121.25 -29.72
CA GLY BB 279 0.82 -120.88 -28.94
C GLY BB 279 -0.44 -121.11 -29.73
N LEU BB 280 -1.57 -121.02 -29.01
CA LEU BB 280 -2.87 -121.25 -29.63
C LEU BB 280 -3.39 -119.99 -30.31
N ARG BB 281 -3.23 -118.83 -29.67
CA ARG BB 281 -3.77 -117.59 -30.21
C ARG BB 281 -3.07 -117.16 -31.49
N ALA BB 282 -1.86 -117.64 -31.75
CA ALA BB 282 -1.10 -117.22 -32.91
C ALA BB 282 -1.67 -117.75 -34.22
N VAL BB 283 -2.50 -118.79 -34.18
CA VAL BB 283 -3.05 -119.35 -35.41
C VAL BB 283 -4.29 -118.60 -35.88
N TYR BB 284 -4.96 -117.87 -34.98
CA TYR BB 284 -6.16 -117.12 -35.35
C TYR BB 284 -6.05 -115.63 -35.01
N CYS BB 285 -4.86 -115.17 -34.62
CA CYS BB 285 -4.65 -113.74 -34.42
C CYS BB 285 -4.90 -112.98 -35.72
N ASN BB 286 -4.13 -113.30 -36.77
CA ASN BB 286 -4.30 -112.66 -38.07
C ASN BB 286 -4.85 -113.61 -39.13
N MET BB 287 -4.63 -114.91 -39.00
CA MET BB 287 -5.17 -115.85 -39.97
C MET BB 287 -6.65 -116.11 -39.67
N PRO BB 288 -7.50 -116.08 -40.70
CA PRO BB 288 -8.93 -116.31 -40.47
C PRO BB 288 -9.24 -117.76 -40.13
N LEU BB 289 -8.95 -118.15 -38.89
CA LEU BB 289 -9.18 -119.52 -38.45
C LEU BB 289 -10.03 -119.54 -37.18
N LEU BB 290 -10.14 -120.72 -36.57
CA LEU BB 290 -10.94 -120.91 -35.37
C LEU BB 290 -10.05 -120.94 -34.13
N TRP BB 291 -10.68 -120.86 -32.97
CA TRP BB 291 -9.98 -120.77 -31.69
C TRP BB 291 -10.02 -122.06 -30.89
N GLN BB 292 -10.73 -123.08 -31.36
CA GLN BB 292 -10.76 -124.34 -30.65
C GLN BB 292 -9.39 -125.02 -30.73
N PRO BB 293 -8.91 -125.60 -29.62
CA PRO BB 293 -7.58 -126.23 -29.65
C PRO BB 293 -7.52 -127.52 -30.45
N GLY BB 294 -8.64 -127.98 -31.01
CA GLY BB 294 -8.65 -129.23 -31.73
C GLY BB 294 -8.42 -129.09 -33.22
N TYR BB 295 -7.19 -129.31 -33.66
CA TYR BB 295 -6.84 -129.34 -35.07
C TYR BB 295 -6.25 -130.66 -35.52
N LEU BB 296 -5.49 -131.34 -34.64
CA LEU BB 296 -5.10 -132.71 -34.94
C LEU BB 296 -6.33 -133.62 -34.99
N HIS BB 297 -7.38 -133.30 -34.23
CA HIS BB 297 -8.63 -134.04 -34.35
C HIS BB 297 -9.31 -133.77 -35.69
N ARG BB 298 -9.23 -132.53 -36.19
CA ARG BB 298 -9.76 -132.25 -37.52
C ARG BB 298 -8.94 -132.95 -38.60
N ALA BB 299 -7.64 -133.12 -38.36
CA ALA BB 299 -6.79 -133.87 -39.29
C ALA BB 299 -7.05 -135.37 -39.22
N LEU BB 300 -7.49 -135.88 -38.07
CA LEU BB 300 -7.81 -137.29 -37.93
C LEU BB 300 -9.21 -137.64 -38.43
N GLN BB 301 -10.17 -136.73 -38.32
CA GLN BB 301 -11.52 -137.03 -38.77
C GLN BB 301 -11.61 -137.06 -40.30
N VAL BB 302 -10.81 -136.27 -41.00
CA VAL BB 302 -10.83 -136.31 -42.46
C VAL BB 302 -10.25 -137.63 -42.96
N MET BB 303 -9.39 -138.28 -42.16
CA MET BB 303 -8.93 -139.62 -42.47
C MET BB 303 -9.91 -140.69 -42.04
N GLU BB 304 -10.62 -140.47 -40.93
CA GLU BB 304 -11.67 -141.37 -40.48
C GLU BB 304 -12.88 -141.39 -41.39
N LYS BB 305 -13.08 -140.32 -42.17
CA LYS BB 305 -14.17 -140.26 -43.15
C LYS BB 305 -13.97 -141.22 -44.33
N VAL BB 306 -12.93 -142.06 -44.30
CA VAL BB 306 -12.69 -143.00 -45.38
C VAL BB 306 -13.80 -144.04 -45.48
N ALA BB 307 -14.56 -144.26 -44.40
CA ALA BB 307 -15.68 -145.19 -44.45
C ALA BB 307 -16.76 -144.74 -45.41
N SER BB 308 -16.85 -143.43 -45.68
CA SER BB 308 -17.80 -142.88 -46.65
C SER BB 308 -17.14 -142.39 -47.92
N SER BB 309 -15.89 -141.92 -47.85
CA SER BB 309 -15.17 -141.47 -49.03
C SER BB 309 -14.09 -142.49 -49.39
N PRO BB 310 -14.20 -143.15 -50.54
CA PRO BB 310 -13.23 -144.20 -50.86
C PRO BB 310 -11.89 -143.67 -51.34
N GLU BB 311 -11.89 -142.51 -51.98
CA GLU BB 311 -10.69 -141.95 -52.58
C GLU BB 311 -10.10 -140.86 -51.69
N ASP BB 312 -8.80 -140.97 -51.39
CA ASP BB 312 -8.10 -140.00 -50.57
C ASP BB 312 -6.77 -139.67 -51.25
N GLY BB 313 -5.97 -138.84 -50.59
CA GLY BB 313 -4.63 -138.54 -51.06
C GLY BB 313 -3.64 -139.56 -50.56
N GLN BB 314 -3.56 -139.71 -49.23
CA GLN BB 314 -2.84 -140.76 -48.52
C GLN BB 314 -1.32 -140.72 -48.72
N LEU BB 315 -0.78 -139.69 -49.37
CA LEU BB 315 0.66 -139.58 -49.54
C LEU BB 315 1.25 -138.37 -48.83
N CYS BB 316 0.80 -137.16 -49.20
CA CYS BB 316 1.34 -135.96 -48.58
C CYS BB 316 0.86 -135.79 -47.14
N GLY BB 317 -0.41 -136.11 -46.88
CA GLY BB 317 -0.90 -136.08 -45.51
C GLY BB 317 -0.14 -137.02 -44.61
N GLU BB 318 0.15 -138.24 -45.09
CA GLU BB 318 0.91 -139.19 -44.30
C GLU BB 318 2.35 -138.70 -44.08
N ALA BB 319 2.99 -138.21 -45.14
CA ALA BB 319 4.36 -137.72 -45.02
C ALA BB 319 4.46 -136.54 -44.07
N LEU BB 320 3.42 -135.70 -44.01
CA LEU BB 320 3.45 -134.56 -43.11
C LEU BB 320 3.09 -134.96 -41.69
N ASP BB 321 2.18 -135.91 -41.52
CA ASP BB 321 1.84 -136.40 -40.19
C ASP BB 321 3.00 -137.15 -39.56
N VAL BB 322 3.83 -137.81 -40.37
CA VAL BB 322 5.04 -138.43 -39.82
C VAL BB 322 5.98 -137.35 -39.28
N LEU BB 323 6.16 -136.28 -40.05
CA LEU BB 323 7.00 -135.17 -39.59
C LEU BB 323 6.41 -134.50 -38.34
N ASP BB 324 5.08 -134.49 -38.20
CA ASP BB 324 4.47 -133.90 -37.03
C ASP BB 324 4.63 -134.81 -35.80
N ARG BB 325 4.46 -136.11 -35.98
CA ARG BB 325 4.60 -137.04 -34.86
C ARG BB 325 6.04 -137.18 -34.41
N VAL BB 326 7.01 -137.10 -35.32
CA VAL BB 326 8.41 -137.18 -34.87
C VAL BB 326 8.81 -135.92 -34.11
N LEU BB 327 8.25 -134.75 -34.45
CA LEU BB 327 8.57 -133.54 -33.71
C LEU BB 327 8.09 -133.63 -32.27
N LYS BB 328 7.03 -134.37 -32.01
CA LYS BB 328 6.55 -134.57 -30.65
C LYS BB 328 7.18 -135.77 -29.97
N ALA BB 329 7.68 -136.73 -30.75
CA ALA BB 329 8.43 -137.85 -30.19
C ALA BB 329 9.88 -137.50 -29.89
N VAL BB 330 10.38 -136.37 -30.40
CA VAL BB 330 11.72 -135.91 -30.06
C VAL BB 330 11.70 -134.84 -28.97
N THR BB 331 10.61 -134.08 -28.83
CA THR BB 331 10.56 -133.04 -27.82
C THR BB 331 10.27 -133.61 -26.42
N ALA BB 332 9.70 -134.81 -26.34
CA ALA BB 332 9.43 -135.41 -25.04
C ALA BB 332 10.68 -135.95 -24.37
N PRO BB 333 11.51 -136.78 -25.01
CA PRO BB 333 12.69 -137.29 -24.30
C PRO BB 333 13.78 -136.24 -24.13
N ALA BB 334 13.92 -135.33 -25.09
CA ALA BB 334 14.96 -134.30 -25.06
C ALA BB 334 14.28 -132.95 -24.79
N GLN BB 335 14.44 -132.44 -23.57
CA GLN BB 335 13.86 -131.16 -23.21
C GLN BB 335 14.81 -129.99 -23.44
N GLY BB 336 16.11 -130.24 -23.50
CA GLY BB 336 17.10 -129.22 -23.75
C GLY BB 336 17.64 -129.16 -25.16
N THR BB 337 17.13 -130.00 -26.07
CA THR BB 337 17.61 -130.05 -27.44
C THR BB 337 16.73 -129.25 -28.39
N SER BB 338 15.43 -129.57 -28.44
CA SER BB 338 14.49 -128.93 -29.34
C SER BB 338 13.72 -127.79 -28.68
N GLU BB 339 13.32 -127.95 -27.42
CA GLU BB 339 12.57 -126.92 -26.71
C GLU BB 339 13.45 -125.78 -26.21
N GLU BB 340 14.72 -125.74 -26.61
CA GLU BB 340 15.64 -124.70 -26.18
C GLU BB 340 15.66 -123.50 -27.13
N GLN BB 341 14.58 -123.29 -27.88
CA GLN BB 341 14.50 -122.16 -28.81
C GLN BB 341 13.81 -120.95 -28.21
N PRO BB 342 13.47 -120.99 -26.92
CA PRO BB 342 12.81 -119.88 -26.23
C PRO BB 342 13.85 -119.18 -25.36
N GLN BB 343 14.50 -118.16 -25.94
CA GLN BB 343 15.54 -117.42 -25.24
C GLN BB 343 15.35 -115.92 -25.39
N GLU BB 344 14.10 -115.48 -25.54
CA GLU BB 344 13.82 -114.05 -25.67
C GLU BB 344 13.75 -113.38 -24.30
N GLY BB 345 12.82 -113.81 -23.45
CA GLY BB 345 12.67 -113.26 -22.12
C GLY BB 345 11.86 -114.24 -21.28
N GLU BB 346 12.12 -114.22 -19.96
CA GLU BB 346 11.41 -115.09 -19.02
C GLU BB 346 10.41 -114.33 -18.17
N GLU BB 347 10.85 -113.28 -17.47
CA GLU BB 347 9.94 -112.51 -16.62
C GLU BB 347 8.94 -111.69 -17.42
N SER BB 348 9.36 -111.10 -18.54
CA SER BB 348 8.44 -110.33 -19.36
C SER BB 348 7.37 -111.22 -19.99
N GLN BB 349 7.65 -112.50 -20.14
CA GLN BB 349 6.65 -113.45 -20.61
C GLN BB 349 5.79 -114.01 -19.49
N ARG BB 350 6.37 -114.23 -18.30
CA ARG BB 350 5.59 -114.71 -17.18
C ARG BB 350 4.60 -113.66 -16.69
N SER BB 351 4.98 -112.38 -16.80
CA SER BB 351 4.09 -111.31 -16.34
C SER BB 351 2.94 -111.08 -17.32
N GLU BB 352 3.12 -111.47 -18.59
CA GLU BB 352 2.10 -111.27 -19.61
C GLU BB 352 1.57 -112.59 -20.15
N GLU BB 353 1.77 -113.68 -19.41
CA GLU BB 353 1.26 -114.97 -19.83
C GLU BB 353 -0.26 -114.98 -19.81
N LEU BB 354 -0.87 -115.46 -20.89
CA LEU BB 354 -2.32 -115.56 -21.01
C LEU BB 354 -2.71 -117.02 -21.12
N VAL BB 355 -3.59 -117.47 -20.22
CA VAL BB 355 -4.04 -118.85 -20.16
C VAL BB 355 -5.40 -118.90 -20.85
N GLU BB 356 -5.43 -119.43 -22.07
CA GLU BB 356 -6.68 -119.52 -22.82
C GLU BB 356 -7.48 -120.75 -22.42
N GLN BB 357 -6.81 -121.88 -22.20
CA GLN BB 357 -7.48 -123.12 -21.86
C GLN BB 357 -7.75 -123.21 -20.37
N LEU BB 358 -8.56 -124.20 -19.99
CA LEU BB 358 -8.88 -124.44 -18.59
C LEU BB 358 -7.91 -125.49 -18.03
N ASP BB 359 -8.17 -125.93 -16.80
CA ASP BB 359 -7.33 -126.96 -16.18
C ASP BB 359 -7.81 -128.37 -16.51
N VAL BB 360 -9.11 -128.53 -16.79
CA VAL BB 360 -9.65 -129.85 -17.12
C VAL BB 360 -10.21 -129.80 -18.55
N GLU BB 361 -9.60 -128.98 -19.40
CA GLU BB 361 -10.02 -128.88 -20.79
C GLU BB 361 -9.33 -129.90 -21.70
N GLU BB 362 -8.56 -130.83 -21.12
CA GLU BB 362 -7.87 -131.87 -21.87
C GLU BB 362 -6.95 -131.27 -22.94
N THR BB 363 -5.93 -130.57 -22.43
CA THR BB 363 -4.94 -129.94 -23.29
C THR BB 363 -4.28 -130.97 -24.20
N GLU BB 364 -3.95 -130.53 -25.42
CA GLU BB 364 -3.38 -131.42 -26.41
C GLU BB 364 -1.94 -131.83 -26.08
N GLN BB 365 -1.32 -131.19 -25.09
CA GLN BB 365 0.04 -131.56 -24.72
C GLN BB 365 0.10 -132.97 -24.16
N SER BB 366 -0.96 -133.43 -23.49
CA SER BB 366 -1.01 -134.77 -22.92
C SER BB 366 -1.76 -135.75 -23.80
N LYS BB 367 -2.24 -135.34 -24.97
CA LYS BB 367 -3.01 -136.19 -25.86
C LYS BB 367 -2.17 -136.74 -27.01
N LEU BB 368 -0.85 -136.58 -26.94
CA LEU BB 368 0.00 -137.09 -28.00
C LEU BB 368 0.00 -138.62 -28.11
N PRO BB 369 0.04 -139.40 -27.03
CA PRO BB 369 -0.05 -140.86 -27.20
C PRO BB 369 -1.37 -141.31 -27.81
N GLN BB 370 -2.44 -140.53 -27.65
CA GLN BB 370 -3.69 -140.85 -28.32
C GLN BB 370 -3.63 -140.52 -29.81
N TYR BB 371 -3.06 -139.37 -30.17
CA TYR BB 371 -2.90 -139.01 -31.57
C TYR BB 371 -2.02 -140.03 -32.30
N LEU BB 372 -0.94 -140.47 -31.67
CA LEU BB 372 -0.06 -141.47 -32.28
C LEU BB 372 -0.79 -142.79 -32.52
N GLU BB 373 -1.58 -143.24 -31.55
CA GLU BB 373 -2.33 -144.48 -31.73
C GLU BB 373 -3.38 -144.35 -32.82
N ARG BB 374 -4.11 -143.23 -32.84
CA ARG BB 374 -5.10 -143.03 -33.90
C ARG BB 374 -4.43 -143.01 -35.27
N PHE BB 375 -3.27 -142.37 -35.38
CA PHE BB 375 -2.57 -142.31 -36.66
C PHE BB 375 -2.09 -143.69 -37.09
N GLU BB 376 -1.49 -144.44 -36.16
CA GLU BB 376 -1.00 -145.77 -36.49
C GLU BB 376 -2.14 -146.74 -36.82
N ALA BB 377 -3.33 -146.48 -36.29
CA ALA BB 377 -4.48 -147.32 -36.60
C ALA BB 377 -5.18 -146.91 -37.89
N LEU BB 378 -5.12 -145.63 -38.26
CA LEU BB 378 -5.79 -145.17 -39.47
C LEU BB 378 -4.93 -145.40 -40.71
N ARG BB 379 -3.61 -145.23 -40.58
CA ARG BB 379 -2.74 -145.43 -41.74
C ARG BB 379 -2.64 -146.89 -42.15
N SER BB 380 -2.85 -147.82 -41.22
CA SER BB 380 -2.82 -149.23 -41.55
C SER BB 380 -4.06 -149.68 -42.30
N LYS BB 381 -5.18 -148.98 -42.15
CA LYS BB 381 -6.41 -149.34 -42.84
C LYS BB 381 -6.61 -148.53 -44.11
N LEU BB 382 -6.11 -147.30 -44.16
CA LEU BB 382 -6.27 -146.48 -45.36
C LEU BB 382 -5.53 -147.09 -46.55
N GLN BB 383 -4.33 -147.61 -46.31
CA GLN BB 383 -3.55 -148.26 -47.37
C GLN BB 383 -3.99 -149.70 -47.62
N ALA BB 384 -4.85 -150.26 -46.77
CA ALA BB 384 -5.33 -151.63 -46.93
C ALA BB 384 -6.68 -151.70 -47.64
N LEU BB 385 -7.59 -150.77 -47.36
CA LEU BB 385 -8.89 -150.75 -47.99
C LEU BB 385 -9.03 -149.64 -49.03
N GLY BB 386 -8.52 -148.45 -48.74
CA GLY BB 386 -8.60 -147.35 -49.68
C GLY BB 386 -7.73 -147.57 -50.91
N LYS BB 387 -6.42 -147.64 -50.69
CA LYS BB 387 -5.43 -147.86 -51.75
C LYS BB 387 -5.59 -146.81 -52.86
N VAL BB 388 -5.52 -145.55 -52.44
CA VAL BB 388 -5.62 -144.43 -53.38
C VAL BB 388 -4.25 -143.78 -53.49
N GLU BB 389 -3.20 -144.56 -53.21
CA GLU BB 389 -1.83 -144.05 -53.23
C GLU BB 389 -1.43 -143.73 -54.66
N SER BB 390 -1.32 -142.44 -54.97
CA SER BB 390 -0.83 -142.00 -56.26
C SER BB 390 0.68 -141.82 -56.20
N GLU BB 391 1.29 -141.53 -57.35
CA GLU BB 391 2.75 -141.35 -57.38
C GLU BB 391 3.15 -140.01 -56.79
N SER BB 392 2.37 -138.95 -57.06
CA SER BB 392 2.64 -137.63 -56.51
C SER BB 392 1.36 -136.82 -56.58
N LEU BB 393 1.13 -136.01 -55.54
CA LEU BB 393 -0.09 -135.20 -55.50
C LEU BB 393 -0.04 -134.07 -56.51
N LEU BB 394 1.17 -133.65 -56.93
CA LEU BB 394 1.28 -132.57 -57.90
C LEU BB 394 0.84 -133.03 -59.28
N THR BB 395 1.42 -134.12 -59.78
CA THR BB 395 1.09 -134.60 -61.13
C THR BB 395 -0.34 -135.11 -61.23
N LEU BB 396 -0.95 -135.50 -60.12
CA LEU BB 396 -2.34 -135.94 -60.15
C LEU BB 396 -3.30 -134.75 -60.09
N SER BB 397 -2.93 -133.70 -59.34
CA SER BB 397 -3.78 -132.53 -59.25
C SER BB 397 -3.75 -131.72 -60.53
N THR BB 398 -2.65 -131.79 -61.30
CA THR BB 398 -2.55 -131.02 -62.53
C THR BB 398 -3.57 -131.50 -63.56
N GLN BB 399 -3.65 -132.82 -63.77
CA GLN BB 399 -4.60 -133.36 -64.73
C GLN BB 399 -6.04 -133.24 -64.24
N LEU BB 400 -6.25 -133.13 -62.93
CA LEU BB 400 -7.59 -132.91 -62.41
C LEU BB 400 -8.00 -131.45 -62.54
N ALA BB 401 -7.06 -130.52 -62.35
CA ALA BB 401 -7.37 -129.11 -62.47
C ALA BB 401 -7.66 -128.73 -63.93
N LYS BB 402 -6.85 -129.25 -64.86
CA LYS BB 402 -7.05 -128.95 -66.27
C LYS BB 402 -8.26 -129.65 -66.85
N ALA BB 403 -8.88 -130.57 -66.12
CA ALA BB 403 -10.09 -131.23 -66.60
C ALA BB 403 -11.34 -130.45 -66.20
N GLN BB 404 -11.36 -129.90 -64.98
CA GLN BB 404 -12.49 -129.11 -64.53
C GLN BB 404 -12.46 -127.68 -65.01
N LEU BB 405 -11.36 -127.25 -65.62
CA LEU BB 405 -11.23 -125.89 -66.14
C LEU BB 405 -12.16 -125.66 -67.33
N PRO BB 406 -12.25 -126.57 -68.30
CA PRO BB 406 -13.27 -126.41 -69.35
C PRO BB 406 -14.70 -126.46 -68.84
N THR BB 407 -14.93 -127.05 -67.66
CA THR BB 407 -16.27 -127.06 -67.10
C THR BB 407 -16.59 -125.76 -66.37
N CYS BB 408 -15.60 -125.18 -65.68
CA CYS BB 408 -15.82 -123.92 -64.98
C CYS BB 408 -15.82 -122.71 -65.92
N GLU BB 409 -15.06 -122.77 -67.02
CA GLU BB 409 -15.09 -121.68 -67.99
C GLU BB 409 -16.41 -121.59 -68.73
N ALA BB 410 -17.19 -122.68 -68.76
CA ALA BB 410 -18.49 -122.64 -69.39
C ALA BB 410 -19.56 -122.06 -68.48
N GLU BB 411 -19.33 -122.10 -67.17
CA GLU BB 411 -20.29 -121.57 -66.21
C GLU BB 411 -19.95 -120.17 -65.72
N ASP BB 412 -18.70 -119.73 -65.86
CA ASP BB 412 -18.32 -118.39 -65.42
C ASP BB 412 -18.67 -117.30 -66.42
N ILE BB 413 -18.62 -117.59 -67.72
CA ILE BB 413 -18.89 -116.57 -68.72
C ILE BB 413 -20.34 -116.10 -68.65
N ALA BB 414 -21.27 -117.00 -68.33
CA ALA BB 414 -22.67 -116.64 -68.29
C ALA BB 414 -22.94 -115.57 -67.24
N VAL BB 415 -22.30 -115.67 -66.07
CA VAL BB 415 -22.49 -114.66 -65.05
C VAL BB 415 -21.60 -113.43 -65.27
N TYR BB 416 -20.43 -113.60 -65.91
CA TYR BB 416 -19.60 -112.44 -66.19
C TYR BB 416 -20.23 -111.51 -67.21
N GLU BB 417 -20.88 -112.07 -68.23
CA GLU BB 417 -21.47 -111.25 -69.29
C GLU BB 417 -22.65 -110.43 -68.77
N GLN BB 418 -23.32 -110.89 -67.71
CA GLN BB 418 -24.39 -110.11 -67.10
C GLN BB 418 -23.87 -109.20 -66.00
N ARG BB 419 -22.79 -109.57 -65.31
CA ARG BB 419 -22.15 -108.64 -64.37
C ARG BB 419 -21.70 -107.38 -65.09
N LEU BB 420 -20.99 -107.53 -66.21
CA LEU BB 420 -20.57 -106.35 -66.96
C LEU BB 420 -21.75 -105.54 -67.48
N GLN BB 421 -22.83 -106.20 -67.90
CA GLN BB 421 -24.01 -105.50 -68.39
C GLN BB 421 -24.67 -104.68 -67.28
N GLN BB 422 -24.86 -105.27 -66.10
CA GLN BB 422 -25.48 -104.53 -65.01
C GLN BB 422 -24.58 -103.41 -64.50
N TRP BB 423 -23.26 -103.60 -64.56
CA TRP BB 423 -22.35 -102.51 -64.19
C TRP BB 423 -22.48 -101.35 -65.17
N HIS BB 424 -22.51 -101.64 -66.47
CA HIS BB 424 -22.71 -100.59 -67.46
C HIS BB 424 -24.08 -99.95 -67.33
N GLY BB 425 -25.07 -100.70 -66.83
CA GLY BB 425 -26.39 -100.12 -66.62
C GLY BB 425 -26.45 -99.19 -65.42
N GLU BB 426 -25.70 -99.52 -64.35
CA GLU BB 426 -25.62 -98.61 -63.21
C GLU BB 426 -24.77 -97.39 -63.48
N ARG BB 427 -23.77 -97.51 -64.36
CA ARG BB 427 -22.93 -96.37 -64.70
C ARG BB 427 -23.76 -95.23 -65.30
N VAL BB 428 -24.58 -95.55 -66.31
CA VAL BB 428 -25.41 -94.52 -66.94
C VAL BB 428 -26.46 -94.00 -65.98
N ARG BB 429 -26.93 -94.83 -65.04
CA ARG BB 429 -27.87 -94.34 -64.04
C ARG BB 429 -27.23 -93.29 -63.14
N LEU BB 430 -26.00 -93.54 -62.69
CA LEU BB 430 -25.28 -92.53 -61.92
C LEU BB 430 -25.02 -91.28 -62.75
N ILE BB 431 -24.70 -91.45 -64.03
CA ILE BB 431 -24.47 -90.30 -64.90
C ILE BB 431 -25.72 -89.45 -65.01
N GLN BB 432 -26.87 -90.09 -65.21
CA GLN BB 432 -28.13 -89.35 -65.32
C GLN BB 432 -28.52 -88.69 -64.00
N ARG BB 433 -28.26 -89.36 -62.88
CA ARG BB 433 -28.53 -88.74 -61.58
C ARG BB 433 -27.70 -87.48 -61.39
N GLU BB 434 -26.39 -87.55 -61.69
CA GLU BB 434 -25.56 -86.36 -61.60
C GLU BB 434 -26.03 -85.27 -62.56
N GLN BB 435 -26.42 -85.64 -63.79
CA GLN BB 435 -26.88 -84.64 -64.75
C GLN BB 435 -28.14 -83.94 -64.27
N GLU BB 436 -29.11 -84.70 -63.75
CA GLU BB 436 -30.34 -84.08 -63.27
C GLU BB 436 -30.10 -83.24 -62.01
N GLN BB 437 -29.22 -83.66 -61.11
CA GLN BB 437 -28.87 -82.82 -59.98
C GLN BB 437 -28.23 -81.51 -60.42
N ARG BB 438 -27.29 -81.57 -61.37
CA ARG BB 438 -26.66 -80.34 -61.85
C ARG BB 438 -27.64 -79.42 -62.56
N GLU BB 439 -28.54 -79.97 -63.39
CA GLU BB 439 -29.49 -79.11 -64.09
C GLU BB 439 -30.52 -78.52 -63.13
N ARG BB 440 -30.97 -79.27 -62.11
CA ARG BB 440 -31.89 -78.68 -61.15
C ARG BB 440 -31.21 -77.63 -60.29
N ALA BB 441 -29.93 -77.82 -59.96
CA ALA BB 441 -29.18 -76.79 -59.25
C ALA BB 441 -29.05 -75.52 -60.09
N ARG BB 442 -28.74 -75.66 -61.38
CA ARG BB 442 -28.66 -74.51 -62.26
C ARG BB 442 -30.01 -73.81 -62.41
N GLN BB 443 -31.10 -74.58 -62.51
CA GLN BB 443 -32.43 -73.97 -62.61
C GLN BB 443 -32.78 -73.21 -61.34
N ASP BB 444 -32.47 -73.78 -60.17
CA ASP BB 444 -32.73 -73.06 -58.92
C ASP BB 444 -31.89 -71.79 -58.82
N TYR BB 445 -30.62 -71.86 -59.21
CA TYR BB 445 -29.77 -70.67 -59.17
C TYR BB 445 -30.31 -69.59 -60.10
N GLU BB 446 -30.74 -69.96 -61.30
CA GLU BB 446 -31.31 -68.97 -62.23
C GLU BB 446 -32.62 -68.40 -61.70
N ALA BB 447 -33.48 -69.24 -61.12
CA ALA BB 447 -34.77 -68.75 -60.61
C ALA BB 447 -34.57 -67.81 -59.43
N ARG BB 448 -33.55 -68.07 -58.60
CA ARG BB 448 -33.26 -67.15 -57.50
C ARG BB 448 -32.58 -65.88 -57.96
N ARG BB 449 -31.71 -65.96 -58.97
CA ARG BB 449 -31.05 -64.75 -59.46
C ARG BB 449 -32.02 -63.86 -60.22
N ALA BB 450 -33.04 -64.46 -60.85
CA ALA BB 450 -34.05 -63.66 -61.54
C ALA BB 450 -34.93 -62.89 -60.57
N ALA BB 451 -35.33 -63.53 -59.48
CA ALA BB 451 -36.12 -62.91 -58.41
C ALA BB 451 -35.41 -63.21 -57.09
N LYS BB 452 -34.39 -62.41 -56.77
CA LYS BB 452 -33.65 -62.53 -55.51
C LYS BB 452 -34.54 -62.08 -54.36
N ALA BB 453 -35.32 -63.02 -53.85
CA ALA BB 453 -36.17 -62.81 -52.67
C ALA BB 453 -35.46 -63.41 -51.47
N SER BB 454 -34.67 -62.59 -50.77
CA SER BB 454 -33.87 -63.05 -49.64
C SER BB 454 -34.13 -62.13 -48.45
N ALA BB 455 -34.64 -62.71 -47.37
CA ALA BB 455 -34.95 -61.96 -46.14
C ALA BB 455 -35.87 -60.78 -46.40
N PRO CB 2 0.04 58.06 -67.80
CA PRO CB 2 -1.30 58.53 -68.18
C PRO CB 2 -2.10 59.05 -66.99
N LEU CB 3 -2.57 60.29 -67.08
CA LEU CB 3 -3.35 60.92 -66.02
C LEU CB 3 -4.65 61.46 -66.59
N HIS CB 4 -5.62 61.65 -65.70
CA HIS CB 4 -6.87 62.28 -66.09
C HIS CB 4 -6.66 63.78 -66.24
N LYS CB 5 -7.08 64.33 -67.39
CA LYS CB 5 -6.99 65.77 -67.59
C LYS CB 5 -7.94 66.51 -66.65
N VAL CB 6 -9.16 66.01 -66.51
CA VAL CB 6 -10.14 66.56 -65.57
C VAL CB 6 -10.25 65.61 -64.40
N PRO CB 7 -10.13 66.10 -63.16
CA PRO CB 7 -10.19 65.20 -62.01
C PRO CB 7 -11.56 64.56 -61.86
N VAL CB 8 -11.60 63.51 -61.03
CA VAL CB 8 -12.85 62.80 -60.80
C VAL CB 8 -13.84 63.64 -60.00
N GLY CB 9 -13.35 64.67 -59.30
CA GLY CB 9 -14.23 65.49 -58.50
C GLY CB 9 -15.22 66.32 -59.30
N LEU CB 10 -14.94 66.53 -60.59
CA LEU CB 10 -15.80 67.34 -61.45
C LEU CB 10 -16.49 66.52 -62.54
N TRP CB 11 -16.42 65.18 -62.47
CA TRP CB 11 -17.08 64.38 -63.49
C TRP CB 11 -18.60 64.50 -63.40
N LYS CB 12 -19.12 64.63 -62.18
CA LYS CB 12 -20.56 64.84 -62.02
C LYS CB 12 -20.99 66.18 -62.60
N GLN CB 13 -20.20 67.24 -62.35
CA GLN CB 13 -20.51 68.54 -62.90
C GLN CB 13 -20.42 68.54 -64.42
N LEU CB 14 -19.45 67.82 -64.97
CA LEU CB 14 -19.35 67.73 -66.43
C LEU CB 14 -20.53 66.95 -67.01
N ARG CB 15 -20.94 65.87 -66.34
CA ARG CB 15 -22.11 65.12 -66.80
C ARG CB 15 -23.37 65.96 -66.71
N LEU CB 16 -23.45 66.88 -65.74
CA LEU CB 16 -24.60 67.77 -65.66
C LEU CB 16 -24.57 68.81 -66.77
N TRP CB 17 -23.40 69.40 -67.03
CA TRP CB 17 -23.31 70.41 -68.08
C TRP CB 17 -23.41 69.81 -69.48
N GLU CB 18 -23.18 68.50 -69.62
CA GLU CB 18 -23.33 67.80 -70.88
C GLU CB 18 -24.58 66.91 -70.83
N GLY CB 19 -24.80 66.16 -71.91
CA GLY CB 19 -25.92 65.26 -71.99
C GLY CB 19 -27.25 65.99 -71.92
N ILE CB 20 -28.31 65.21 -71.66
CA ILE CB 20 -29.65 65.76 -71.52
C ILE CB 20 -29.81 66.58 -70.25
N TYR CB 21 -28.86 66.47 -69.31
CA TYR CB 21 -28.95 67.24 -68.07
C TYR CB 21 -28.87 68.73 -68.35
N SER CB 22 -28.17 69.14 -69.42
CA SER CB 22 -28.06 70.56 -69.74
C SER CB 22 -29.38 71.14 -70.20
N ARG CB 23 -30.24 70.33 -70.82
CA ARG CB 23 -31.52 70.80 -71.31
C ARG CB 23 -32.53 71.07 -70.21
N LEU CB 24 -32.17 70.81 -68.95
CA LEU CB 24 -33.06 71.09 -67.84
C LEU CB 24 -33.21 72.59 -67.65
N PRO CB 25 -34.28 73.03 -66.99
CA PRO CB 25 -34.44 74.45 -66.73
C PRO CB 25 -33.35 74.99 -65.81
N ARG CB 26 -32.93 76.22 -66.09
CA ARG CB 26 -31.80 76.81 -65.38
C ARG CB 26 -32.12 77.04 -63.90
N HIS CB 27 -33.38 77.33 -63.57
CA HIS CB 27 -33.72 77.52 -62.16
C HIS CB 27 -33.56 76.22 -61.38
N TYR CB 28 -33.99 75.10 -61.96
CA TYR CB 28 -33.78 73.80 -61.32
C TYR CB 28 -32.30 73.46 -61.26
N LEU CB 29 -31.56 73.77 -62.32
CA LEU CB 29 -30.12 73.51 -62.32
C LEU CB 29 -29.42 74.29 -61.21
N ARG CB 30 -29.79 75.55 -61.01
CA ARG CB 30 -29.18 76.34 -59.94
C ARG CB 30 -29.65 75.87 -58.57
N SER CB 31 -30.90 75.42 -58.45
CA SER CB 31 -31.37 74.90 -57.18
C SER CB 31 -30.64 73.62 -56.80
N LEU CB 32 -30.25 72.81 -57.79
CA LEU CB 32 -29.45 71.63 -57.51
C LEU CB 32 -27.98 71.98 -57.29
N GLU CB 33 -27.50 73.05 -57.93
CA GLU CB 33 -26.11 73.44 -57.76
C GLU CB 33 -25.86 74.03 -56.38
N GLU CB 34 -26.76 74.87 -55.89
CA GLU CB 34 -26.55 75.51 -54.60
C GLU CB 34 -26.49 74.47 -53.48
N ALA CB 35 -25.57 74.68 -52.55
CA ALA CB 35 -25.33 73.76 -51.44
C ALA CB 35 -25.44 74.55 -50.14
N ARG CB 36 -26.65 74.62 -49.59
CA ARG CB 36 -26.87 75.28 -48.32
C ARG CB 36 -26.65 74.31 -47.17
N THR CB 37 -25.90 74.75 -46.17
CA THR CB 37 -25.66 73.92 -44.99
C THR CB 37 -26.94 73.73 -44.21
N PRO CB 38 -27.33 72.50 -43.88
CA PRO CB 38 -28.58 72.29 -43.13
C PRO CB 38 -28.48 72.86 -41.73
N THR CB 39 -29.64 73.01 -41.11
CA THR CB 39 -29.69 73.56 -39.76
C THR CB 39 -29.12 72.55 -38.76
N PRO CB 40 -28.42 73.00 -37.73
CA PRO CB 40 -27.90 72.07 -36.72
C PRO CB 40 -29.02 71.38 -35.97
N VAL CB 41 -29.16 70.08 -36.17
CA VAL CB 41 -30.23 69.30 -35.56
C VAL CB 41 -29.74 68.49 -34.37
N HIS CB 42 -28.55 67.90 -34.45
CA HIS CB 42 -27.97 67.13 -33.36
C HIS CB 42 -26.86 67.89 -32.64
N TYR CB 43 -25.86 68.37 -33.38
CA TYR CB 43 -24.76 69.08 -32.76
C TYR CB 43 -25.19 70.48 -32.34
N ARG CB 44 -24.67 70.92 -31.20
CA ARG CB 44 -25.01 72.25 -30.68
C ARG CB 44 -23.96 73.25 -31.16
N PRO CB 45 -24.31 74.22 -31.99
CA PRO CB 45 -23.30 75.14 -32.53
C PRO CB 45 -22.92 76.21 -31.51
N HIS CB 46 -21.80 76.86 -31.79
CA HIS CB 46 -21.29 77.95 -30.98
C HIS CB 46 -21.56 79.29 -31.65
N GLY CB 47 -21.71 80.32 -30.83
CA GLY CB 47 -22.07 81.64 -31.33
C GLY CB 47 -20.98 82.35 -32.10
N ALA CB 48 -19.90 82.72 -31.41
CA ALA CB 48 -18.87 83.55 -32.00
C ALA CB 48 -17.86 82.71 -32.79
N LYS CB 49 -17.19 83.38 -33.74
CA LYS CB 49 -16.16 82.73 -34.53
C LYS CB 49 -14.82 82.65 -33.81
N PHE CB 50 -14.59 83.51 -32.82
CA PHE CB 50 -13.37 83.49 -32.03
C PHE CB 50 -13.70 83.13 -30.60
N LYS CB 51 -12.70 82.58 -29.91
CA LYS CB 51 -12.89 82.14 -28.53
C LYS CB 51 -11.57 82.24 -27.78
N ILE CB 52 -11.67 82.57 -26.50
CA ILE CB 52 -10.50 82.66 -25.63
C ILE CB 52 -10.22 81.29 -25.05
N ASN CB 53 -9.01 80.79 -25.29
CA ASN CB 53 -8.62 79.48 -24.78
C ASN CB 53 -8.54 79.52 -23.27
N PRO CB 54 -9.34 78.74 -22.55
CA PRO CB 54 -9.29 78.80 -21.07
C PRO CB 54 -7.96 78.40 -20.48
N LYS CB 55 -7.14 77.63 -21.20
CA LYS CB 55 -5.84 77.22 -20.72
C LYS CB 55 -4.74 78.18 -21.15
N ASN CB 56 -4.79 78.66 -22.38
CA ASN CB 56 -3.76 79.53 -22.93
C ASN CB 56 -4.07 81.01 -22.76
N TRP CB 57 -5.36 81.37 -22.62
CA TRP CB 57 -5.79 82.75 -22.46
C TRP CB 57 -5.40 83.59 -23.67
N GLN CB 58 -5.72 83.07 -24.86
CA GLN CB 58 -5.47 83.77 -26.11
C GLN CB 58 -6.64 83.53 -27.05
N ARG CB 59 -6.76 84.42 -28.04
CA ARG CB 59 -7.84 84.31 -29.02
C ARG CB 59 -7.50 83.27 -30.08
N GLU CB 60 -8.47 82.44 -30.41
CA GLU CB 60 -8.30 81.43 -31.44
C GLU CB 60 -9.61 81.28 -32.22
N ARG CB 61 -9.48 81.02 -33.52
CA ARG CB 61 -10.65 80.84 -34.37
C ARG CB 61 -11.21 79.43 -34.19
N VAL CB 62 -12.49 79.33 -33.84
CA VAL CB 62 -13.18 78.06 -33.69
C VAL CB 62 -14.21 77.95 -34.80
N GLU CB 63 -14.17 76.84 -35.53
CA GLU CB 63 -15.06 76.59 -36.65
C GLU CB 63 -15.99 75.43 -36.35
N ASP CB 64 -17.26 75.59 -36.69
CA ASP CB 64 -18.24 74.53 -36.46
C ASP CB 64 -18.07 73.43 -37.50
N VAL CB 65 -18.01 72.19 -37.03
CA VAL CB 65 -17.85 71.02 -37.87
C VAL CB 65 -19.16 70.24 -37.84
N PRO CB 66 -19.89 70.12 -38.94
CA PRO CB 66 -21.17 69.37 -38.92
C PRO CB 66 -20.92 67.88 -38.73
N ILE CB 67 -21.68 67.29 -37.83
CA ILE CB 67 -21.54 65.86 -37.53
C ILE CB 67 -22.29 65.06 -38.60
N PRO CB 68 -21.63 64.11 -39.26
CA PRO CB 68 -22.32 63.32 -40.30
C PRO CB 68 -23.44 62.49 -39.70
N VAL CB 69 -24.61 62.57 -40.32
CA VAL CB 69 -25.79 61.82 -39.89
C VAL CB 69 -26.24 60.94 -41.04
N HIS CB 70 -26.83 59.79 -40.69
CA HIS CB 70 -27.30 58.82 -41.67
C HIS CB 70 -28.82 58.83 -41.71
N TYR CB 71 -29.36 58.84 -42.93
CA TYR CB 71 -30.81 58.82 -43.13
C TYR CB 71 -31.21 57.48 -43.74
N PRO CB 72 -31.91 56.62 -43.02
CA PRO CB 72 -32.35 55.34 -43.60
C PRO CB 72 -33.41 55.57 -44.64
N PRO CB 73 -33.59 54.63 -45.58
CA PRO CB 73 -34.64 54.79 -46.59
C PRO CB 73 -36.03 54.87 -46.00
N GLU CB 74 -36.24 54.40 -44.77
CA GLU CB 74 -37.54 54.55 -44.12
C GLU CB 74 -37.81 55.98 -43.70
N SER CB 75 -36.77 56.81 -43.59
CA SER CB 75 -36.99 58.22 -43.25
C SER CB 75 -37.62 58.97 -44.42
N GLN CB 76 -37.42 58.50 -45.65
CA GLN CB 76 -37.99 59.17 -46.81
C GLN CB 76 -39.51 58.99 -46.88
N LEU CB 77 -40.04 57.97 -46.21
CA LEU CB 77 -41.48 57.76 -46.17
C LEU CB 77 -42.15 58.58 -45.07
N GLY CB 78 -41.38 59.29 -44.25
CA GLY CB 78 -41.93 60.10 -43.19
C GLY CB 78 -41.30 61.47 -43.10
N LEU CB 79 -41.65 62.23 -42.07
CA LEU CB 79 -41.11 63.56 -41.83
C LEU CB 79 -40.44 63.56 -40.47
N TRP CB 80 -39.13 63.31 -40.45
CA TRP CB 80 -38.37 63.30 -39.22
C TRP CB 80 -37.76 64.66 -38.89
N GLY CB 81 -38.22 65.71 -39.57
CA GLY CB 81 -37.74 67.06 -39.28
C GLY CB 81 -36.31 67.34 -39.66
N GLY CB 82 -35.67 66.44 -40.40
CA GLY CB 82 -34.29 66.64 -40.81
C GLY CB 82 -33.25 65.92 -39.98
N GLU CB 83 -33.63 64.89 -39.23
CA GLU CB 83 -32.70 64.11 -38.45
C GLU CB 83 -32.69 62.67 -38.95
N GLY CB 84 -31.82 61.86 -38.34
CA GLY CB 84 -31.70 60.47 -38.73
C GLY CB 84 -30.92 59.65 -37.73
N TRP CB 85 -30.17 58.67 -38.22
CA TRP CB 85 -29.36 57.81 -37.36
C TRP CB 85 -27.97 58.40 -37.19
N VAL CB 86 -27.53 58.52 -35.94
CA VAL CB 86 -26.19 59.00 -35.62
C VAL CB 86 -25.32 57.79 -35.35
N LEU CB 87 -24.40 57.51 -36.25
CA LEU CB 87 -23.46 56.40 -36.12
C LEU CB 87 -22.13 56.94 -35.64
N GLY CB 88 -21.65 56.44 -34.52
CA GLY CB 88 -20.41 56.93 -33.98
C GLY CB 88 -19.77 56.00 -33.00
N HIS CB 89 -18.82 56.52 -32.23
CA HIS CB 89 -18.13 55.79 -31.19
C HIS CB 89 -18.29 56.50 -29.87
N ARG CB 90 -18.06 55.75 -28.78
CA ARG CB 90 -18.15 56.31 -27.45
C ARG CB 90 -17.16 55.61 -26.53
N TYR CB 91 -16.92 56.22 -25.38
CA TYR CB 91 -16.09 55.65 -24.33
C TYR CB 91 -16.99 55.24 -23.18
N VAL CB 92 -17.00 53.95 -22.86
CA VAL CB 92 -17.88 53.46 -21.80
C VAL CB 92 -17.46 54.06 -20.46
N ASN CB 93 -18.44 54.23 -19.57
CA ASN CB 93 -18.26 54.83 -18.26
C ASN CB 93 -17.74 56.27 -18.33
N ASN CB 94 -17.86 56.90 -19.51
CA ASN CB 94 -17.46 58.29 -19.72
C ASN CB 94 -16.01 58.52 -19.37
N ASP CB 95 -15.16 57.51 -19.54
CA ASP CB 95 -13.74 57.61 -19.24
C ASP CB 95 -12.95 57.37 -20.53
N LYS CB 96 -12.03 58.27 -20.82
CA LYS CB 96 -11.24 58.17 -22.06
C LYS CB 96 -10.34 56.95 -22.04
N LEU CB 97 -9.78 56.61 -20.87
CA LEU CB 97 -8.85 55.50 -20.78
C LEU CB 97 -9.51 54.14 -20.92
N SER CB 98 -10.83 54.08 -21.04
CA SER CB 98 -11.54 52.82 -21.17
C SER CB 98 -11.61 52.43 -22.66
N LYS CB 99 -12.43 51.43 -22.97
CA LYS CB 99 -12.51 50.91 -24.33
C LYS CB 99 -13.37 51.83 -25.22
N ARG CB 100 -13.28 51.58 -26.51
CA ARG CB 100 -14.07 52.29 -27.52
C ARG CB 100 -15.18 51.37 -28.01
N VAL CB 101 -16.41 51.89 -28.03
CA VAL CB 101 -17.60 51.10 -28.35
C VAL CB 101 -18.38 51.83 -29.43
N ARG CB 102 -18.69 51.11 -30.52
CA ARG CB 102 -19.53 51.69 -31.57
C ARG CB 102 -20.97 51.77 -31.10
N LYS CB 103 -21.65 52.84 -31.52
CA LYS CB 103 -23.01 53.12 -31.07
C LYS CB 103 -23.82 53.72 -32.21
N VAL CB 104 -25.11 53.40 -32.23
CA VAL CB 104 -26.05 53.87 -33.22
C VAL CB 104 -27.22 54.50 -32.47
N TRP CB 105 -27.28 55.83 -32.46
CA TRP CB 105 -28.38 56.55 -31.84
C TRP CB 105 -29.48 56.75 -32.86
N LYS CB 106 -30.70 56.32 -32.52
CA LYS CB 106 -31.84 56.44 -33.41
C LYS CB 106 -32.88 57.38 -32.81
N PRO CB 107 -33.59 58.13 -33.65
CA PRO CB 107 -34.66 58.99 -33.15
C PRO CB 107 -35.89 58.18 -32.78
N GLN CB 108 -36.65 58.71 -31.82
CA GLN CB 108 -37.87 58.06 -31.35
C GLN CB 108 -38.98 58.33 -32.34
N LEU CB 109 -39.40 57.29 -33.06
CA LEU CB 109 -40.42 57.44 -34.10
C LEU CB 109 -41.81 57.36 -33.50
N PHE CB 110 -42.76 58.05 -34.15
CA PHE CB 110 -44.14 58.06 -33.71
C PHE CB 110 -45.06 57.98 -34.91
N GLN CB 111 -46.07 57.11 -34.82
CA GLN CB 111 -47.07 56.96 -35.86
C GLN CB 111 -48.16 57.99 -35.59
N ARG CB 112 -48.14 59.10 -36.32
CA ARG CB 112 -49.05 60.21 -36.10
C ARG CB 112 -49.79 60.54 -37.39
N GLU CB 113 -50.99 61.09 -37.23
CA GLU CB 113 -51.81 61.53 -38.34
C GLU CB 113 -51.91 63.04 -38.33
N LEU CB 114 -51.50 63.67 -39.44
CA LEU CB 114 -51.47 65.12 -39.55
C LEU CB 114 -52.39 65.56 -40.70
N TYR CB 115 -53.21 66.56 -40.44
CA TYR CB 115 -54.13 67.09 -41.43
C TYR CB 115 -53.56 68.37 -42.04
N SER CB 116 -53.64 68.45 -43.37
CA SER CB 116 -53.16 69.61 -44.11
C SER CB 116 -54.33 70.42 -44.62
N GLU CB 117 -54.20 71.75 -44.59
CA GLU CB 117 -55.28 72.62 -45.03
C GLU CB 117 -55.35 72.75 -46.54
N ILE CB 118 -54.20 72.85 -47.21
CA ILE CB 118 -54.19 73.10 -48.64
C ILE CB 118 -54.65 71.88 -49.43
N LEU CB 119 -54.18 70.69 -49.02
CA LEU CB 119 -54.56 69.47 -49.70
C LEU CB 119 -55.80 68.81 -49.12
N ASP CB 120 -56.19 69.19 -47.90
CA ASP CB 120 -57.41 68.69 -47.25
C ASP CB 120 -57.41 67.16 -47.16
N LYS CB 121 -56.33 66.61 -46.61
CA LYS CB 121 -56.21 65.18 -46.41
C LYS CB 121 -55.42 64.91 -45.14
N ARG CB 122 -55.75 63.81 -44.46
CA ARG CB 122 -55.05 63.38 -43.27
C ARG CB 122 -54.07 62.28 -43.65
N PHE CB 123 -52.77 62.58 -43.54
CA PHE CB 123 -51.72 61.63 -43.87
C PHE CB 123 -51.15 61.03 -42.59
N THR CB 124 -51.03 59.70 -42.57
CA THR CB 124 -50.44 58.99 -41.44
C THR CB 124 -48.93 58.93 -41.65
N VAL CB 125 -48.23 59.92 -41.11
CA VAL CB 125 -46.81 60.11 -41.34
C VAL CB 125 -46.06 59.79 -40.05
N THR CB 126 -44.97 59.03 -40.17
CA THR CB 126 -44.13 58.70 -39.02
C THR CB 126 -43.25 59.90 -38.71
N VAL CB 127 -43.75 60.78 -37.83
CA VAL CB 127 -43.03 61.98 -37.45
C VAL CB 127 -42.52 61.80 -36.02
N THR CB 128 -41.63 62.70 -35.62
CA THR CB 128 -40.99 62.66 -34.31
C THR CB 128 -41.33 63.90 -33.51
N MET CB 129 -40.84 63.92 -32.26
CA MET CB 129 -41.10 65.05 -31.38
C MET CB 129 -40.50 66.34 -31.92
N ARG CB 130 -39.31 66.28 -32.52
CA ARG CB 130 -38.75 67.48 -33.12
C ARG CB 130 -39.56 67.94 -34.32
N THR CB 131 -40.12 67.00 -35.09
CA THR CB 131 -41.01 67.38 -36.19
C THR CB 131 -42.23 68.10 -35.67
N LEU CB 132 -42.86 67.56 -34.62
CA LEU CB 132 -44.04 68.21 -34.06
C LEU CB 132 -43.69 69.59 -33.48
N ASP CB 133 -42.51 69.71 -32.87
CA ASP CB 133 -42.10 71.00 -32.32
C ASP CB 133 -41.84 72.01 -33.43
N LEU CB 134 -41.23 71.58 -34.53
CA LEU CB 134 -41.05 72.48 -35.67
C LEU CB 134 -42.39 72.90 -36.25
N ILE CB 135 -43.35 71.97 -36.30
CA ILE CB 135 -44.68 72.31 -36.80
C ILE CB 135 -45.32 73.37 -35.92
N ASP CB 136 -45.29 73.16 -34.60
CA ASP CB 136 -45.91 74.12 -33.69
C ASP CB 136 -45.15 75.44 -33.66
N GLN CB 137 -43.86 75.43 -33.96
CA GLN CB 137 -43.10 76.68 -34.04
C GLN CB 137 -43.45 77.46 -35.29
N ALA CB 138 -43.55 76.77 -36.43
CA ALA CB 138 -43.97 77.40 -37.68
C ALA CB 138 -45.46 77.74 -37.70
N CYS CB 139 -46.22 77.25 -36.73
CA CYS CB 139 -47.64 77.58 -36.59
C CYS CB 139 -48.45 77.12 -37.80
N GLY CB 140 -48.21 75.87 -38.22
CA GLY CB 140 -48.92 75.33 -39.34
C GLY CB 140 -48.13 74.27 -40.09
N PHE CB 141 -48.81 73.18 -40.48
CA PHE CB 141 -48.14 72.12 -41.22
C PHE CB 141 -47.66 72.60 -42.58
N ASP CB 142 -48.55 73.21 -43.36
CA ASP CB 142 -48.17 73.74 -44.66
C ASP CB 142 -47.20 74.91 -44.52
N PHE CB 143 -47.34 75.71 -43.46
CA PHE CB 143 -46.37 76.78 -43.20
C PHE CB 143 -44.97 76.19 -43.03
N TYR CB 144 -44.85 75.15 -42.20
CA TYR CB 144 -43.56 74.50 -41.99
C TYR CB 144 -43.02 73.91 -43.29
N ILE CB 145 -43.89 73.26 -44.07
CA ILE CB 145 -43.45 72.64 -45.31
C ILE CB 145 -42.92 73.69 -46.27
N LEU CB 146 -43.65 74.80 -46.41
CA LEU CB 146 -43.24 75.84 -47.36
C LEU CB 146 -42.05 76.64 -46.88
N LYS CB 147 -41.85 76.77 -45.57
CA LYS CB 147 -40.75 77.58 -45.07
C LYS CB 147 -39.44 76.80 -44.97
N THR CB 148 -39.51 75.55 -44.55
CA THR CB 148 -38.28 74.76 -44.44
C THR CB 148 -37.85 74.30 -45.83
N PRO CB 149 -36.60 74.57 -46.22
CA PRO CB 149 -36.15 74.17 -47.57
C PRO CB 149 -35.84 72.69 -47.68
N LYS CB 150 -35.31 72.28 -48.84
CA LYS CB 150 -34.95 70.88 -49.04
C LYS CB 150 -33.85 70.45 -48.08
N GLU CB 151 -32.85 71.31 -47.87
CA GLU CB 151 -31.74 70.98 -46.98
C GLU CB 151 -32.18 70.79 -45.54
N ASP CB 152 -33.33 71.36 -45.15
CA ASP CB 152 -33.85 71.16 -43.81
C ASP CB 152 -34.83 70.00 -43.75
N LEU CB 153 -35.63 69.80 -44.80
CA LEU CB 153 -36.58 68.69 -44.82
C LEU CB 153 -35.85 67.35 -44.90
N CYS CB 154 -35.00 67.19 -45.92
CA CYS CB 154 -34.28 65.93 -46.15
C CYS CB 154 -35.24 64.76 -46.27
N SER CB 155 -36.41 65.01 -46.86
CA SER CB 155 -37.45 63.98 -47.00
C SER CB 155 -38.10 64.13 -48.35
N LYS CB 156 -38.07 63.06 -49.15
CA LYS CB 156 -38.74 63.08 -50.44
C LYS CB 156 -40.24 63.27 -50.27
N PHE CB 157 -40.81 62.72 -49.20
CA PHE CB 157 -42.22 62.93 -48.92
C PHE CB 157 -42.53 64.40 -48.67
N GLY CB 158 -41.68 65.07 -47.88
CA GLY CB 158 -41.87 66.49 -47.65
C GLY CB 158 -41.70 67.32 -48.91
N MET CB 159 -40.73 66.95 -49.76
CA MET CB 159 -40.53 67.66 -51.01
C MET CB 159 -41.72 67.48 -51.93
N ASP CB 160 -42.30 66.28 -51.96
CA ASP CB 160 -43.50 66.06 -52.77
C ASP CB 160 -44.68 66.86 -52.24
N LEU CB 161 -44.84 66.93 -50.91
CA LEU CB 161 -45.87 67.77 -50.33
C LEU CB 161 -45.69 69.23 -50.74
N LYS CB 162 -44.45 69.73 -50.64
CA LYS CB 162 -44.18 71.12 -51.00
C LYS CB 162 -44.49 71.38 -52.46
N ARG CB 163 -44.03 70.49 -53.35
CA ARG CB 163 -44.29 70.68 -54.78
C ARG CB 163 -45.77 70.63 -55.09
N GLY CB 164 -46.51 69.71 -54.46
CA GLY CB 164 -47.94 69.63 -54.71
C GLY CB 164 -48.68 70.86 -54.25
N MET CB 165 -48.37 71.34 -53.04
CA MET CB 165 -49.09 72.52 -52.55
C MET CB 165 -48.68 73.78 -53.31
N LEU CB 166 -47.42 73.85 -53.78
CA LEU CB 166 -47.02 74.98 -54.61
C LEU CB 166 -47.74 74.95 -55.96
N LEU CB 167 -47.88 73.77 -56.55
CA LEU CB 167 -48.64 73.66 -57.80
C LEU CB 167 -50.08 74.05 -57.59
N ARG CB 168 -50.68 73.63 -56.47
CA ARG CB 168 -52.06 74.00 -56.19
C ARG CB 168 -52.20 75.51 -56.02
N LEU CB 169 -51.28 76.14 -55.27
CA LEU CB 169 -51.35 77.58 -55.08
C LEU CB 169 -51.13 78.34 -56.39
N ALA CB 170 -50.27 77.82 -57.27
CA ALA CB 170 -50.00 78.52 -58.52
C ALA CB 170 -51.11 78.33 -59.55
N ARG CB 171 -51.80 77.19 -59.52
CA ARG CB 171 -52.85 76.92 -60.48
C ARG CB 171 -54.23 77.35 -59.99
N GLN CB 172 -54.39 77.64 -58.69
CA GLN CB 172 -55.66 78.01 -58.10
C GLN CB 172 -56.72 76.94 -58.40
N ASP CB 173 -56.41 75.72 -58.01
CA ASP CB 173 -57.25 74.57 -58.30
C ASP CB 173 -58.62 74.72 -57.64
N PRO CB 174 -59.71 74.76 -58.41
CA PRO CB 174 -61.05 74.80 -57.79
C PRO CB 174 -61.45 73.50 -57.12
N GLN CB 175 -60.70 72.42 -57.32
CA GLN CB 175 -61.04 71.14 -56.71
C GLN CB 175 -60.86 71.14 -55.21
N LEU CB 176 -60.23 72.16 -54.64
CA LEU CB 176 -60.07 72.24 -53.19
C LEU CB 176 -61.41 72.28 -52.48
N HIS CB 177 -62.24 73.27 -52.82
CA HIS CB 177 -63.58 73.40 -52.26
C HIS CB 177 -64.52 73.94 -53.33
N PRO CB 178 -65.01 73.08 -54.22
CA PRO CB 178 -66.02 73.53 -55.19
C PRO CB 178 -67.32 73.95 -54.54
N ASP CB 179 -67.58 73.51 -53.31
CA ASP CB 179 -68.78 73.91 -52.58
C ASP CB 179 -68.61 75.22 -51.84
N ASP CB 180 -67.39 75.57 -51.44
CA ASP CB 180 -67.11 76.78 -50.68
C ASP CB 180 -66.00 77.56 -51.35
N PRO CB 181 -66.33 78.34 -52.39
CA PRO CB 181 -65.30 79.18 -53.02
C PRO CB 181 -64.78 80.26 -52.08
N ALA CB 182 -65.63 80.77 -51.18
CA ALA CB 182 -65.15 81.74 -50.19
C ALA CB 182 -64.10 81.11 -49.29
N ARG CB 183 -64.34 79.90 -48.80
CA ARG CB 183 -63.35 79.22 -47.97
C ARG CB 183 -62.09 78.90 -48.77
N ARG CB 184 -62.25 78.52 -50.04
CA ARG CB 184 -61.09 78.26 -50.88
C ARG CB 184 -60.22 79.51 -51.01
N ALA CB 185 -60.86 80.65 -51.26
CA ALA CB 185 -60.11 81.90 -51.37
C ALA CB 185 -59.47 82.29 -50.04
N ALA CB 186 -60.18 82.05 -48.93
CA ALA CB 186 -59.62 82.37 -47.62
C ALA CB 186 -58.40 81.53 -47.32
N ILE CB 187 -58.41 80.26 -47.74
CA ILE CB 187 -57.26 79.40 -47.53
C ILE CB 187 -56.11 79.82 -48.45
N TYR CB 188 -56.43 80.20 -49.69
CA TYR CB 188 -55.38 80.60 -50.62
C TYR CB 188 -54.73 81.92 -50.22
N ASP CB 189 -55.49 82.83 -49.61
CA ASP CB 189 -54.96 84.16 -49.30
C ASP CB 189 -53.92 84.11 -48.19
N ARG CB 190 -54.09 83.21 -47.22
CA ARG CB 190 -53.18 83.19 -46.07
C ARG CB 190 -51.84 82.52 -46.39
N TYR CB 191 -51.63 82.09 -47.64
CA TYR CB 191 -50.36 81.52 -48.06
C TYR CB 191 -49.79 82.25 -49.28
N LYS CB 192 -50.18 83.52 -49.47
CA LYS CB 192 -49.78 84.27 -50.65
C LYS CB 192 -48.33 84.73 -50.62
N ALA CB 193 -47.62 84.51 -49.52
CA ALA CB 193 -46.20 84.89 -49.47
C ALA CB 193 -45.30 83.87 -50.14
N PHE CB 194 -45.79 82.66 -50.38
CA PHE CB 194 -45.01 81.58 -51.00
C PHE CB 194 -45.47 81.28 -52.42
N VAL CB 195 -46.07 82.26 -53.09
CA VAL CB 195 -46.56 82.05 -54.45
C VAL CB 195 -45.37 81.95 -55.40
N ILE CB 196 -45.33 80.86 -56.16
CA ILE CB 196 -44.26 80.61 -57.12
C ILE CB 196 -44.91 80.38 -58.49
N PRO CB 197 -44.39 80.99 -59.56
CA PRO CB 197 -45.00 80.80 -60.88
C PRO CB 197 -44.98 79.35 -61.32
N GLU CB 198 -45.85 79.03 -62.28
CA GLU CB 198 -46.02 77.65 -62.72
C GLU CB 198 -44.77 77.14 -63.44
N ALA CB 199 -43.97 78.04 -64.03
CA ALA CB 199 -42.77 77.62 -64.73
C ALA CB 199 -41.73 77.02 -63.79
N GLU CB 200 -41.85 77.26 -62.49
CA GLU CB 200 -40.92 76.74 -61.51
C GLU CB 200 -41.59 75.96 -60.38
N ALA CB 201 -42.91 75.97 -60.29
CA ALA CB 201 -43.60 75.29 -59.20
C ALA CB 201 -43.59 73.78 -59.35
N GLU CB 202 -43.22 73.25 -60.51
CA GLU CB 202 -43.17 71.80 -60.73
C GLU CB 202 -41.74 71.31 -60.90
N TRP CB 203 -40.77 72.00 -60.30
CA TRP CB 203 -39.38 71.58 -60.37
C TRP CB 203 -38.67 71.75 -59.03
N VAL CB 204 -39.39 71.66 -57.91
CA VAL CB 204 -38.79 71.83 -56.60
C VAL CB 204 -38.61 70.50 -55.88
N GLY CB 205 -39.62 69.64 -55.92
CA GLY CB 205 -39.55 68.35 -55.23
C GLY CB 205 -39.22 67.20 -56.16
N LEU CB 206 -38.30 67.42 -57.09
CA LEU CB 206 -37.88 66.40 -58.04
C LEU CB 206 -36.40 66.08 -57.85
N THR CB 207 -36.09 64.78 -57.89
CA THR CB 207 -34.70 64.34 -57.83
C THR CB 207 -34.06 64.42 -59.21
N LEU CB 208 -32.80 64.02 -59.29
CA LEU CB 208 -32.08 64.09 -60.57
C LEU CB 208 -32.70 63.15 -61.60
N ASP CB 209 -32.94 61.90 -61.21
CA ASP CB 209 -33.47 60.93 -62.16
C ASP CB 209 -34.91 61.27 -62.55
N GLU CB 210 -35.71 61.74 -61.60
CA GLU CB 210 -37.08 62.15 -61.92
C GLU CB 210 -37.08 63.35 -62.86
N ALA CB 211 -36.18 64.31 -62.64
CA ALA CB 211 -36.11 65.46 -63.53
C ALA CB 211 -35.67 65.04 -64.93
N VAL CB 212 -34.71 64.12 -65.02
CA VAL CB 212 -34.27 63.63 -66.32
C VAL CB 212 -35.42 62.92 -67.02
N GLU CB 213 -36.18 62.12 -66.29
CA GLU CB 213 -37.30 61.40 -66.90
C GLU CB 213 -38.39 62.37 -67.36
N LYS CB 214 -38.68 63.40 -66.56
CA LYS CB 214 -39.69 64.38 -66.96
C LYS CB 214 -39.24 65.15 -68.19
N GLN CB 215 -37.96 65.53 -68.25
CA GLN CB 215 -37.45 66.22 -69.43
C GLN CB 215 -37.49 65.32 -70.66
N ARG CB 216 -37.19 64.02 -70.48
CA ARG CB 216 -37.27 63.09 -71.60
C ARG CB 216 -38.70 62.95 -72.09
N LEU CB 217 -39.67 62.89 -71.17
CA LEU CB 217 -41.07 62.79 -71.57
C LEU CB 217 -41.54 64.06 -72.26
N LEU CB 218 -41.04 65.22 -71.83
CA LEU CB 218 -41.43 66.48 -72.48
C LEU CB 218 -40.77 66.66 -73.85
N GLU CB 219 -39.57 66.13 -74.04
CA GLU CB 219 -38.86 66.25 -75.29
C GLU CB 219 -39.10 65.09 -76.25
N GLU CB 220 -39.82 64.05 -75.81
CA GLU CB 220 -40.05 62.88 -76.64
C GLU CB 220 -41.00 63.23 -77.78
N LYS CB 221 -40.49 63.16 -79.02
CA LYS CB 221 -41.31 63.38 -80.20
C LYS CB 221 -40.95 62.31 -81.24
N ASP CB 222 -41.95 61.91 -82.02
CA ASP CB 222 -41.71 60.94 -83.06
C ASP CB 222 -40.93 61.58 -84.20
N PRO CB 223 -40.06 60.82 -84.88
CA PRO CB 223 -39.27 61.42 -85.97
C PRO CB 223 -40.15 61.83 -87.14
N ILE CB 224 -39.97 63.06 -87.59
CA ILE CB 224 -40.77 63.56 -88.72
C ILE CB 224 -40.36 62.83 -89.98
N PRO CB 225 -41.30 62.34 -90.79
CA PRO CB 225 -40.93 61.67 -92.03
C PRO CB 225 -40.25 62.63 -93.00
N LEU CB 226 -39.27 62.09 -93.73
CA LEU CB 226 -38.53 62.90 -94.69
C LEU CB 226 -39.39 63.36 -95.85
N PHE CB 227 -40.55 62.72 -96.07
CA PHE CB 227 -41.47 63.18 -97.10
C PHE CB 227 -41.95 64.59 -96.82
N LYS CB 228 -42.20 64.91 -95.56
CA LYS CB 228 -42.63 66.26 -95.21
C LYS CB 228 -41.54 67.29 -95.52
N ILE CB 229 -40.30 66.98 -95.16
CA ILE CB 229 -39.19 67.90 -95.44
C ILE CB 229 -39.02 68.08 -96.94
N PHE CB 230 -39.13 66.99 -97.71
CA PHE CB 230 -38.96 67.09 -99.16
C PHE CB 230 -40.08 67.90 -99.79
N VAL CB 231 -41.33 67.71 -99.33
CA VAL CB 231 -42.44 68.49 -99.85
C VAL CB 231 -42.28 69.96 -99.50
N GLU CB 232 -41.78 70.24 -98.30
CA GLU CB 232 -41.55 71.63 -97.90
C GLU CB 232 -40.48 72.27 -98.78
N GLU CB 233 -39.39 71.55 -99.03
CA GLU CB 233 -38.34 72.09 -99.90
C GLU CB 233 -38.86 72.32 -101.31
N LEU CB 234 -39.67 71.38 -101.82
CA LEU CB 234 -40.22 71.54 -103.17
C LEU CB 234 -41.15 72.74 -103.25
N LEU CB 235 -42.00 72.92 -102.22
CA LEU CB 235 -42.88 74.08 -102.21
C LEU CB 235 -42.09 75.38 -102.13
N GLY CB 236 -41.02 75.40 -101.34
CA GLY CB 236 -40.18 76.59 -101.28
C GLY CB 236 -39.53 76.91 -102.61
N GLN CB 237 -39.02 75.89 -103.29
CA GLN CB 237 -38.40 76.10 -104.60
C GLN CB 237 -39.43 76.57 -105.63
N LEU CB 238 -40.64 76.03 -105.57
CA LEU CB 238 -41.69 76.46 -106.50
C LEU CB 238 -42.09 77.90 -106.23
N GLN CB 239 -42.21 78.28 -104.95
CA GLN CB 239 -42.51 79.67 -104.62
C GLN CB 239 -41.42 80.61 -105.10
N GLN CB 240 -40.15 80.20 -104.93
CA GLN CB 240 -39.04 81.03 -105.39
C GLN CB 240 -39.06 81.18 -106.90
N GLN CB 241 -39.31 80.07 -107.62
CA GLN CB 241 -39.37 80.14 -109.08
C GLN CB 241 -40.54 81.00 -109.55
N ALA CB 242 -41.66 80.98 -108.81
CA ALA CB 242 -42.80 81.79 -109.20
C ALA CB 242 -42.56 83.27 -108.94
N LEU CB 243 -41.89 83.60 -107.82
CA LEU CB 243 -41.61 84.99 -107.52
C LEU CB 243 -40.47 85.57 -108.36
N SER CB 244 -39.57 84.72 -108.85
CA SER CB 244 -38.50 85.19 -109.72
C SER CB 244 -38.95 85.38 -111.17
N GLU CB 245 -40.23 85.24 -111.45
CA GLU CB 245 -40.75 85.39 -112.80
C GLU CB 245 -41.76 86.53 -112.89
N VAL DB 78 -112.00 -43.56 55.88
CA VAL DB 78 -110.86 -42.72 56.24
C VAL DB 78 -110.59 -41.71 55.14
N GLU DB 79 -110.44 -40.44 55.54
CA GLU DB 79 -110.17 -39.35 54.61
C GLU DB 79 -108.65 -39.22 54.41
N SER DB 80 -108.20 -39.48 53.19
CA SER DB 80 -106.78 -39.42 52.90
C SER DB 80 -106.33 -37.97 52.69
N PHE DB 81 -105.09 -37.79 52.23
CA PHE DB 81 -104.56 -36.45 52.01
C PHE DB 81 -105.10 -35.81 50.74
N ALA DB 82 -105.33 -36.60 49.70
CA ALA DB 82 -105.77 -36.03 48.43
C ALA DB 82 -107.13 -35.35 48.55
N SER DB 83 -108.02 -35.89 49.39
CA SER DB 83 -109.33 -35.28 49.56
C SER DB 83 -109.28 -34.06 50.48
N MET DB 84 -108.49 -34.13 51.54
CA MET DB 84 -108.42 -33.00 52.47
C MET DB 84 -107.61 -31.83 51.91
N LEU DB 85 -106.76 -32.07 50.92
CA LEU DB 85 -106.03 -30.96 50.31
C LEU DB 85 -106.90 -30.15 49.36
N ARG DB 86 -107.81 -30.81 48.65
CA ARG DB 86 -108.64 -30.10 47.69
C ARG DB 86 -109.61 -29.14 48.38
N HIS DB 87 -110.02 -29.45 49.60
CA HIS DB 87 -110.94 -28.62 50.37
C HIS DB 87 -110.21 -27.62 51.26
N SER DB 88 -108.92 -27.37 51.01
CA SER DB 88 -108.17 -26.43 51.82
C SER DB 88 -108.49 -24.99 51.39
N PRO DB 89 -108.59 -24.07 52.35
CA PRO DB 89 -108.81 -22.67 51.97
C PRO DB 89 -107.68 -22.09 51.14
N LEU DB 90 -106.45 -22.58 51.34
CA LEU DB 90 -105.33 -22.12 50.52
C LEU DB 90 -105.52 -22.51 49.07
N THR DB 91 -106.11 -23.67 48.80
CA THR DB 91 -106.41 -24.05 47.42
C THR DB 91 -107.52 -23.20 46.84
N GLN DB 92 -108.52 -22.86 47.65
CA GLN DB 92 -109.61 -22.00 47.18
C GLN DB 92 -109.13 -20.58 46.90
N MET DB 93 -108.13 -20.10 47.63
CA MET DB 93 -107.63 -18.75 47.43
C MET DB 93 -106.87 -18.62 46.10
N GLY DB 94 -106.23 -19.69 45.65
CA GLY DB 94 -105.47 -19.66 44.42
C GLY DB 94 -104.21 -18.84 44.55
N PRO DB 95 -104.02 -17.88 43.64
CA PRO DB 95 -102.84 -17.02 43.73
C PRO DB 95 -102.93 -16.09 44.93
N ALA DB 96 -101.75 -15.71 45.45
CA ALA DB 96 -101.66 -14.85 46.62
C ALA DB 96 -101.53 -13.38 46.26
N LYS DB 97 -101.97 -12.98 45.07
CA LYS DB 97 -101.87 -11.61 44.60
C LYS DB 97 -103.12 -10.85 45.00
N ASN DB 98 -102.99 -9.92 45.94
CA ASN DB 98 -104.08 -9.03 46.38
C ASN DB 98 -105.29 -9.84 46.85
N LYS DB 99 -105.09 -10.59 47.92
CA LYS DB 99 -106.14 -11.35 48.57
C LYS DB 99 -106.37 -10.82 49.98
N LEU DB 100 -107.63 -10.64 50.34
CA LEU DB 100 -108.00 -10.11 51.65
C LEU DB 100 -108.04 -11.26 52.64
N VAL DB 101 -107.22 -11.17 53.69
CA VAL DB 101 -107.08 -12.23 54.67
C VAL DB 101 -107.12 -11.62 56.08
N ILE DB 102 -107.26 -12.48 57.07
CA ILE DB 102 -107.30 -12.08 58.48
C ILE DB 102 -106.16 -12.78 59.21
N GLY DB 103 -105.41 -12.03 60.00
CA GLY DB 103 -104.27 -12.57 60.72
C GLY DB 103 -104.23 -12.07 62.15
N GLN DB 104 -103.81 -12.98 63.04
CA GLN DB 104 -103.74 -12.68 64.47
C GLN DB 104 -102.29 -12.43 64.86
N ILE DB 105 -102.06 -11.26 65.48
CA ILE DB 105 -100.71 -10.90 65.91
C ILE DB 105 -100.27 -11.81 67.04
N PHE DB 106 -99.01 -12.23 67.01
CA PHE DB 106 -98.45 -13.10 68.04
C PHE DB 106 -97.24 -12.52 68.76
N HIS DB 107 -96.65 -11.45 68.25
CA HIS DB 107 -95.50 -10.84 68.90
C HIS DB 107 -95.51 -9.34 68.61
N ILE DB 108 -95.02 -8.57 69.57
CA ILE DB 108 -95.07 -7.11 69.51
C ILE DB 108 -93.66 -6.56 69.64
N VAL DB 109 -93.31 -5.61 68.77
CA VAL DB 109 -92.05 -4.90 68.85
C VAL DB 109 -92.36 -3.44 69.16
N GLU DB 110 -91.33 -2.61 69.31
CA GLU DB 110 -91.53 -1.20 69.60
C GLU DB 110 -92.37 -0.51 68.53
N ASP DB 111 -92.12 -0.84 67.27
CA ASP DB 111 -92.86 -0.26 66.15
C ASP DB 111 -93.31 -1.25 65.10
N ASP DB 112 -92.79 -2.48 65.09
CA ASP DB 112 -93.14 -3.47 64.09
C ASP DB 112 -94.12 -4.49 64.68
N LEU DB 113 -94.88 -5.12 63.79
CA LEU DB 113 -95.90 -6.09 64.17
C LEU DB 113 -95.74 -7.35 63.33
N TYR DB 114 -95.53 -8.48 64.00
CA TYR DB 114 -95.45 -9.78 63.34
C TYR DB 114 -96.84 -10.39 63.29
N ILE DB 115 -97.50 -10.29 62.13
CA ILE DB 115 -98.86 -10.77 61.96
C ILE DB 115 -98.81 -12.09 61.20
N ASP DB 116 -99.44 -13.12 61.77
CA ASP DB 116 -99.50 -14.44 61.18
C ASP DB 116 -100.85 -14.59 60.49
N PHE DB 117 -100.87 -14.36 59.18
CA PHE DB 117 -102.10 -14.56 58.41
C PHE DB 117 -102.51 -16.03 58.38
N GLY DB 118 -101.58 -16.94 58.60
CA GLY DB 118 -101.90 -18.34 58.80
C GLY DB 118 -101.40 -19.29 57.74
N GLY DB 119 -100.99 -18.79 56.57
CA GLY DB 119 -100.63 -19.72 55.50
C GLY DB 119 -99.32 -20.45 55.74
N LYS DB 120 -98.19 -19.77 55.59
CA LYS DB 120 -96.91 -20.39 55.92
C LYS DB 120 -96.10 -19.55 56.90
N PHE DB 121 -95.94 -18.27 56.60
CA PHE DB 121 -95.04 -17.38 57.32
C PHE DB 121 -95.81 -16.26 58.00
N HIS DB 122 -95.06 -15.35 58.60
CA HIS DB 122 -95.60 -14.18 59.28
C HIS DB 122 -95.07 -12.92 58.62
N CYS DB 123 -95.97 -11.99 58.32
CA CYS DB 123 -95.58 -10.73 57.68
C CYS DB 123 -95.27 -9.69 58.74
N VAL DB 124 -94.32 -8.81 58.43
CA VAL DB 124 -93.92 -7.74 59.32
C VAL DB 124 -94.52 -6.44 58.79
N CYS DB 125 -95.37 -5.81 59.60
CA CYS DB 125 -96.01 -4.57 59.22
C CYS DB 125 -95.61 -3.46 60.20
N LYS DB 126 -95.84 -2.22 59.78
CA LYS DB 126 -95.53 -1.07 60.61
C LYS DB 126 -96.80 -0.54 61.28
N ARG DB 127 -96.64 -0.10 62.52
CA ARG DB 127 -97.78 0.40 63.29
C ARG DB 127 -98.25 1.72 62.71
N PRO DB 128 -99.52 1.83 62.30
CA PRO DB 128 -100.01 3.10 61.75
C PRO DB 128 -100.19 4.16 62.84
N GLU DB 129 -100.49 5.40 62.42
CA GLU DB 129 -100.72 6.47 63.37
C GLU DB 129 -102.14 6.48 63.92
N VAL DB 130 -103.07 5.81 63.25
CA VAL DB 130 -104.46 5.77 63.68
C VAL DB 130 -104.66 4.53 64.55
N ASP DB 131 -105.08 4.74 65.79
CA ASP DB 131 -105.38 3.66 66.73
C ASP DB 131 -104.19 2.73 66.92
N GLY DB 132 -102.99 3.30 66.86
CA GLY DB 132 -101.79 2.49 67.04
C GLY DB 132 -101.71 1.81 68.39
N GLU DB 133 -102.40 2.36 69.39
CA GLU DB 133 -102.42 1.75 70.71
C GLU DB 133 -103.37 0.55 70.77
N LYS DB 134 -104.32 0.47 69.84
CA LYS DB 134 -105.27 -0.65 69.84
C LYS DB 134 -104.67 -1.95 69.34
N TYR DB 135 -103.41 -1.95 68.91
CA TYR DB 135 -102.75 -3.16 68.43
C TYR DB 135 -101.98 -3.78 69.59
N GLN DB 136 -102.47 -4.92 70.07
CA GLN DB 136 -101.85 -5.64 71.18
C GLN DB 136 -101.60 -7.08 70.78
N LYS DB 137 -100.99 -7.84 71.69
CA LYS DB 137 -100.67 -9.23 71.42
C LYS DB 137 -101.95 -10.07 71.43
N GLY DB 138 -102.26 -10.67 70.29
CA GLY DB 138 -103.45 -11.48 70.13
C GLY DB 138 -104.55 -10.84 69.31
N THR DB 139 -104.38 -9.58 68.90
CA THR DB 139 -105.42 -8.90 68.15
C THR DB 139 -105.49 -9.44 66.72
N ARG DB 140 -106.70 -9.57 66.21
CA ARG DB 140 -106.90 -9.99 64.83
C ARG DB 140 -107.08 -8.77 63.94
N VAL DB 141 -106.37 -8.75 62.81
CA VAL DB 141 -106.37 -7.62 61.91
C VAL DB 141 -106.57 -8.13 60.48
N ARG DB 142 -106.85 -7.19 59.59
CA ARG DB 142 -107.07 -7.47 58.17
C ARG DB 142 -105.82 -7.13 57.38
N LEU DB 143 -105.56 -7.91 56.33
CA LEU DB 143 -104.39 -7.74 55.49
C LEU DB 143 -104.76 -7.98 54.03
N ARG DB 144 -103.99 -7.36 53.14
CA ARG DB 144 -104.07 -7.61 51.70
C ARG DB 144 -102.80 -8.33 51.30
N LEU DB 145 -102.87 -9.65 51.16
CA LEU DB 145 -101.68 -10.46 50.92
C LEU DB 145 -101.12 -10.16 49.53
N LEU DB 146 -99.83 -9.82 49.49
CA LEU DB 146 -99.12 -9.55 48.24
C LEU DB 146 -98.35 -10.76 47.75
N ASP DB 147 -97.47 -11.31 48.59
CA ASP DB 147 -96.69 -12.49 48.25
C ASP DB 147 -96.67 -13.42 49.43
N LEU DB 148 -96.56 -14.73 49.15
CA LEU DB 148 -96.61 -15.73 50.21
C LEU DB 148 -95.25 -15.91 50.88
N GLU DB 149 -94.17 -15.91 50.10
CA GLU DB 149 -92.83 -16.14 50.63
C GLU DB 149 -91.84 -15.52 49.65
N LEU DB 150 -91.16 -14.45 50.09
CA LEU DB 150 -90.26 -13.71 49.22
C LEU DB 150 -89.01 -14.55 48.94
N THR DB 151 -88.94 -15.12 47.74
CA THR DB 151 -87.79 -15.87 47.30
C THR DB 151 -87.39 -15.39 45.91
N SER DB 152 -86.09 -15.28 45.68
CA SER DB 152 -85.58 -14.85 44.38
C SER DB 152 -84.18 -15.40 44.19
N ARG DB 153 -83.74 -15.43 42.94
CA ARG DB 153 -82.43 -15.94 42.57
C ARG DB 153 -81.49 -14.81 42.22
N PHE DB 154 -80.20 -15.08 42.33
CA PHE DB 154 -79.16 -14.11 42.04
C PHE DB 154 -78.07 -14.80 41.24
N LEU DB 155 -76.93 -14.12 41.10
CA LEU DB 155 -75.82 -14.69 40.34
C LEU DB 155 -75.11 -15.77 41.15
N GLY DB 156 -74.92 -16.94 40.52
CA GLY DB 156 -74.16 -18.00 41.15
C GLY DB 156 -74.83 -18.67 42.33
N ALA DB 157 -76.15 -18.56 42.45
CA ALA DB 157 -76.88 -19.18 43.54
C ALA DB 157 -77.63 -20.39 43.00
N THR DB 158 -77.27 -21.58 43.50
CA THR DB 158 -77.93 -22.79 43.05
C THR DB 158 -79.41 -22.81 43.45
N THR DB 159 -79.72 -22.24 44.62
CA THR DB 159 -81.08 -22.12 45.11
C THR DB 159 -81.44 -20.64 45.25
N ASP DB 160 -82.60 -20.37 45.82
CA ASP DB 160 -83.05 -19.00 46.01
C ASP DB 160 -82.69 -18.51 47.41
N THR DB 161 -82.82 -17.20 47.60
CA THR DB 161 -82.54 -16.55 48.88
C THR DB 161 -83.88 -16.23 49.53
N THR DB 162 -84.35 -17.14 50.39
CA THR DB 162 -85.63 -16.97 51.04
C THR DB 162 -85.54 -15.90 52.13
N ILE DB 163 -86.55 -15.05 52.24
CA ILE DB 163 -86.59 -14.04 53.30
C ILE DB 163 -87.16 -14.59 54.60
N LEU DB 164 -87.74 -15.79 54.58
CA LEU DB 164 -88.35 -16.41 55.76
C LEU DB 164 -89.48 -15.56 56.34
N GLU DB 165 -90.14 -14.78 55.48
CA GLU DB 165 -91.24 -13.90 55.87
C GLU DB 165 -92.25 -13.88 54.75
N ALA DB 166 -93.19 -12.93 54.82
CA ALA DB 166 -94.19 -12.74 53.79
C ALA DB 166 -94.38 -11.24 53.56
N ASP DB 167 -95.14 -10.92 52.52
CA ASP DB 167 -95.41 -9.53 52.14
C ASP DB 167 -96.90 -9.26 52.26
N ALA DB 168 -97.26 -8.33 53.14
CA ALA DB 168 -98.65 -7.97 53.34
C ALA DB 168 -98.71 -6.56 53.92
N VAL DB 169 -99.84 -5.89 53.70
CA VAL DB 169 -100.04 -4.53 54.18
C VAL DB 169 -101.27 -4.50 55.08
N LEU DB 170 -101.31 -3.48 55.95
CA LEU DB 170 -102.39 -3.32 56.90
C LEU DB 170 -103.51 -2.48 56.31
N LEU DB 171 -104.74 -2.95 56.48
CA LEU DB 171 -105.93 -2.21 56.08
C LEU DB 171 -106.83 -1.88 57.25
N GLY DB 172 -107.20 -2.86 58.06
CA GLY DB 172 -108.03 -2.65 59.22
C GLY DB 172 -107.71 -3.69 60.28
N LEU DB 173 -108.46 -3.63 61.38
CA LEU DB 173 -108.28 -4.55 62.51
C LEU DB 173 -109.64 -5.15 62.85
N GLN DB 174 -110.00 -6.23 62.15
CA GLN DB 174 -111.22 -7.00 62.40
C GLN DB 174 -112.45 -6.08 62.46
N GLU DB 175 -112.73 -5.45 61.32
CA GLU DB 175 -113.91 -4.58 61.21
C GLU DB 175 -115.17 -5.43 61.29
N SER DB 176 -115.81 -5.41 62.46
CA SER DB 176 -117.02 -6.21 62.67
C SER DB 176 -117.78 -5.70 63.88
N ARG EB 58 -74.65 55.48 106.88
CA ARG EB 58 -75.02 56.03 108.17
C ARG EB 58 -73.79 56.48 108.95
N ALA EB 59 -72.70 55.74 108.79
CA ALA EB 59 -71.46 56.05 109.50
C ALA EB 59 -70.87 57.36 109.00
N ILE EB 60 -70.51 58.23 109.93
CA ILE EB 60 -69.91 59.51 109.57
C ILE EB 60 -68.51 59.29 109.02
N SER EB 61 -68.25 59.83 107.84
CA SER EB 61 -66.98 59.64 107.15
C SER EB 61 -66.21 60.94 106.96
N ARG EB 62 -66.84 61.95 106.37
CA ARG EB 62 -66.18 63.21 106.05
C ARG EB 62 -66.95 64.39 106.63
N THR EB 63 -67.33 64.28 107.91
CA THR EB 63 -68.06 65.33 108.61
C THR EB 63 -67.18 66.13 109.55
N SER EB 64 -65.94 65.71 109.78
CA SER EB 64 -65.07 66.42 110.71
C SER EB 64 -64.54 67.71 110.09
N GLU EB 65 -64.38 68.71 110.93
CA GLU EB 65 -63.83 69.99 110.49
C GLU EB 65 -62.31 69.95 110.50
N ASP EB 66 -61.70 70.91 109.79
CA ASP EB 66 -60.25 71.02 109.71
C ASP EB 66 -59.76 71.84 110.90
N ASP EB 67 -59.39 71.16 111.98
CA ASP EB 67 -58.89 71.81 113.18
C ASP EB 67 -57.78 70.97 113.77
N PRO EB 68 -56.55 71.13 113.30
CA PRO EB 68 -55.43 70.36 113.86
C PRO EB 68 -55.21 70.59 115.33
N ALA EB 69 -55.61 71.74 115.87
CA ALA EB 69 -55.43 72.05 117.28
C ALA EB 69 -56.65 71.68 118.13
N LYS EB 70 -57.78 71.38 117.50
CA LYS EB 70 -59.01 71.05 118.22
C LYS EB 70 -59.45 69.62 117.90
N HIS EB 71 -58.49 68.71 117.86
CA HIS EB 71 -58.80 67.29 117.67
C HIS EB 71 -59.21 66.66 119.00
N ARG EB 72 -60.42 66.11 119.03
CA ARG EB 72 -60.95 65.47 120.21
C ARG EB 72 -60.95 63.97 120.03
N GLU EB 73 -61.09 63.26 121.17
CA GLU EB 73 -61.02 61.80 121.13
C GLU EB 73 -62.17 61.19 120.36
N GLN EB 74 -63.32 61.86 120.32
CA GLN EB 74 -64.49 61.32 119.64
C GLN EB 74 -64.35 61.33 118.12
N HIS EB 75 -63.38 62.09 117.59
CA HIS EB 75 -63.17 62.18 116.15
C HIS EB 75 -62.30 61.05 115.60
N GLU EB 76 -62.19 59.92 116.31
CA GLU EB 76 -61.41 58.80 115.81
C GLU EB 76 -62.05 58.22 114.55
N GLY EB 77 -61.24 58.07 113.51
CA GLY EB 77 -61.74 57.57 112.24
C GLY EB 77 -62.50 58.59 111.43
N GLN EB 78 -62.02 59.84 111.43
CA GLN EB 78 -62.66 60.91 110.69
C GLN EB 78 -61.64 61.61 109.82
N HIS EB 79 -62.10 62.11 108.68
CA HIS EB 79 -61.24 62.75 107.68
C HIS EB 79 -61.61 64.22 107.56
N TYR EB 80 -60.59 65.08 107.55
CA TYR EB 80 -60.77 66.52 107.40
C TYR EB 80 -60.18 66.96 106.06
N ASN EB 81 -60.89 67.84 105.37
CA ASN EB 81 -60.48 68.29 104.04
C ASN EB 81 -59.33 69.28 104.16
N ILE EB 82 -58.29 69.06 103.37
CA ILE EB 82 -57.14 69.95 103.27
C ILE EB 82 -57.08 70.49 101.84
N SER EB 83 -56.95 71.81 101.72
CA SER EB 83 -56.92 72.43 100.41
C SER EB 83 -55.61 72.07 99.68
N LEU EB 84 -55.65 72.23 98.36
CA LEU EB 84 -54.46 71.93 97.55
C LEU EB 84 -53.33 72.90 97.83
N GLN EB 85 -53.65 74.17 98.14
CA GLN EB 85 -52.62 75.15 98.41
C GLN EB 85 -51.92 74.90 99.74
N GLU EB 86 -52.55 74.16 100.66
CA GLU EB 86 -51.92 73.87 101.94
C GLU EB 86 -50.82 72.82 101.81
N LEU EB 87 -51.00 71.86 100.90
CA LEU EB 87 -50.00 70.80 100.74
C LEU EB 87 -48.69 71.36 100.20
N LYS EB 88 -48.76 72.31 99.27
CA LYS EB 88 -47.54 72.86 98.68
C LYS EB 88 -46.66 73.52 99.73
N THR EB 89 -47.26 74.14 100.75
CA THR EB 89 -46.50 74.85 101.77
C THR EB 89 -46.23 74.00 103.00
N VAL EB 90 -47.00 72.93 103.23
CA VAL EB 90 -46.75 72.11 104.41
C VAL EB 90 -45.83 70.95 104.09
N PHE EB 91 -46.05 70.27 102.96
CA PHE EB 91 -45.23 69.14 102.53
C PHE EB 91 -44.63 69.44 101.17
N PRO EB 92 -43.61 70.31 101.11
CA PRO EB 92 -42.93 70.54 99.82
C PRO EB 92 -41.95 69.45 99.45
N HIS EB 93 -41.52 68.63 100.41
CA HIS EB 93 -40.57 67.56 100.15
C HIS EB 93 -41.30 66.36 99.54
N GLY EB 94 -40.63 65.21 99.49
CA GLY EB 94 -41.27 64.03 98.96
C GLY EB 94 -42.34 63.48 99.88
N LEU EB 95 -43.38 62.91 99.28
CA LEU EB 95 -44.49 62.30 99.98
C LEU EB 95 -44.58 60.82 99.65
N PRO EB 96 -45.24 60.03 100.50
CA PRO EB 96 -45.48 58.63 100.15
C PRO EB 96 -46.32 58.52 98.89
N PRO EB 97 -45.79 57.90 97.83
CA PRO EB 97 -46.51 57.91 96.54
C PRO EB 97 -47.90 57.29 96.61
N ARG EB 98 -48.09 56.28 97.46
CA ARG EB 98 -49.39 55.62 97.56
C ARG EB 98 -50.50 56.57 97.96
N PHE EB 99 -50.17 57.65 98.68
CA PHE EB 99 -51.14 58.70 99.01
C PHE EB 99 -50.99 59.94 98.15
N ALA EB 100 -49.79 60.21 97.64
CA ALA EB 100 -49.58 61.36 96.78
C ALA EB 100 -50.29 61.19 95.44
N MET EB 101 -50.50 59.96 95.00
CA MET EB 101 -51.32 59.71 93.83
C MET EB 101 -52.81 59.63 94.17
N GLN EB 102 -53.15 59.15 95.37
CA GLN EB 102 -54.56 59.12 95.77
C GLN EB 102 -55.13 60.51 95.90
N VAL EB 103 -54.35 61.45 96.47
CA VAL EB 103 -54.84 62.83 96.60
C VAL EB 103 -54.98 63.48 95.23
N LYS EB 104 -54.06 63.19 94.30
CA LYS EB 104 -54.15 63.75 92.97
C LYS EB 104 -55.33 63.17 92.20
N THR EB 105 -55.68 61.91 92.47
CA THR EB 105 -56.84 61.31 91.80
C THR EB 105 -58.14 61.84 92.38
N PHE EB 106 -58.25 61.92 93.70
CA PHE EB 106 -59.47 62.35 94.36
C PHE EB 106 -59.65 63.86 94.38
N ASN EB 107 -58.62 64.62 94.01
CA ASN EB 107 -58.65 66.09 94.06
C ASN EB 107 -59.00 66.61 95.44
N GLU EB 108 -58.68 65.83 96.47
CA GLU EB 108 -58.92 66.22 97.85
C GLU EB 108 -57.90 65.53 98.74
N ALA EB 109 -57.48 66.22 99.80
CA ALA EB 109 -56.52 65.70 100.77
C ALA EB 109 -57.24 65.49 102.10
N CYS EB 110 -57.79 64.30 102.28
CA CYS EB 110 -58.51 63.93 103.50
C CYS EB 110 -57.67 62.94 104.26
N LEU EB 111 -57.13 63.36 105.41
CA LEU EB 111 -56.28 62.54 106.25
C LEU EB 111 -57.06 62.13 107.49
N MET EB 112 -57.03 60.84 107.82
CA MET EB 112 -57.76 60.30 108.94
C MET EB 112 -56.88 60.31 110.19
N VAL EB 113 -57.40 60.90 111.27
CA VAL EB 113 -56.68 60.93 112.54
C VAL EB 113 -56.89 59.60 113.25
N ARG EB 114 -55.84 59.13 113.92
CA ARG EB 114 -55.90 57.83 114.58
C ARG EB 114 -55.41 57.93 116.03
N LYS EB 115 -55.35 56.80 116.72
CA LYS EB 115 -54.86 56.78 118.10
C LYS EB 115 -53.43 57.32 118.22
N PRO EB 116 -52.46 56.89 117.41
CA PRO EB 116 -51.11 57.46 117.56
C PRO EB 116 -51.03 58.94 117.25
N ALA EB 117 -51.76 59.41 116.24
CA ALA EB 117 -51.74 60.84 115.93
C ALA EB 117 -52.35 61.65 117.07
N LEU EB 118 -53.47 61.18 117.63
CA LEU EB 118 -54.06 61.87 118.77
C LEU EB 118 -53.13 61.86 119.97
N GLU EB 119 -52.47 60.73 120.24
CA GLU EB 119 -51.57 60.68 121.39
C GLU EB 119 -50.34 61.56 121.19
N LEU EB 120 -49.89 61.72 119.94
CA LEU EB 120 -48.74 62.57 119.67
C LEU EB 120 -49.11 64.04 119.80
N LEU EB 121 -50.28 64.43 119.28
CA LEU EB 121 -50.70 65.82 119.42
C LEU EB 121 -51.07 66.15 120.86
N HIS EB 122 -51.52 65.17 121.65
CA HIS EB 122 -51.77 65.40 123.07
C HIS EB 122 -50.50 65.79 123.80
N TYR EB 123 -49.37 65.19 123.43
CA TYR EB 123 -48.09 65.56 124.02
C TYR EB 123 -47.56 66.86 123.45
N LEU EB 124 -47.75 67.09 122.14
CA LEU EB 124 -47.34 68.36 121.55
C LEU EB 124 -48.07 69.54 122.16
N LYS EB 125 -49.33 69.33 122.58
CA LYS EB 125 -50.09 70.38 123.23
C LYS EB 125 -49.52 70.75 124.59
N ASN EB 126 -48.77 69.84 125.23
CA ASN EB 126 -48.24 70.07 126.56
C ASN EB 126 -46.70 70.08 126.57
N THR EB 127 -46.10 70.16 125.38
CA THR EB 127 -44.64 70.28 125.29
C THR EB 127 -44.18 71.60 125.90
N ASN EB 128 -43.02 71.54 126.56
CA ASN EB 128 -42.43 72.70 127.23
C ASN EB 128 -41.16 73.12 126.49
N PHE EB 129 -41.10 74.39 126.11
CA PHE EB 129 -39.91 74.90 125.44
C PHE EB 129 -38.73 75.02 126.40
N ALA EB 130 -39.00 75.26 127.68
CA ALA EB 130 -37.92 75.37 128.65
C ALA EB 130 -37.18 74.04 128.84
N HIS EB 131 -37.90 72.93 128.71
CA HIS EB 131 -37.28 71.62 128.77
C HIS EB 131 -36.62 71.30 127.43
N PRO EB 132 -35.59 70.46 127.44
CA PRO EB 132 -34.93 70.09 126.17
C PRO EB 132 -35.88 69.33 125.26
N ALA EB 133 -35.42 69.13 124.02
CA ALA EB 133 -36.24 68.48 123.01
C ALA EB 133 -36.56 67.05 123.41
N VAL EB 134 -37.82 66.66 123.25
CA VAL EB 134 -38.30 65.32 123.58
C VAL EB 134 -38.45 64.54 122.29
N ARG EB 135 -38.12 63.24 122.34
CA ARG EB 135 -38.22 62.38 121.18
C ARG EB 135 -39.45 61.48 121.26
N TYR EB 136 -40.21 61.47 120.18
CA TYR EB 136 -41.37 60.59 120.04
C TYR EB 136 -41.14 59.70 118.84
N VAL EB 137 -41.03 58.39 119.07
CA VAL EB 137 -40.73 57.42 118.02
C VAL EB 137 -42.01 56.64 117.70
N LEU EB 138 -42.49 56.79 116.46
CA LEU EB 138 -43.65 56.06 115.97
C LEU EB 138 -43.15 54.79 115.28
N TYR EB 139 -43.38 53.64 115.91
CA TYR EB 139 -42.98 52.36 115.33
C TYR EB 139 -44.22 51.49 115.10
N GLY EB 140 -44.09 50.58 114.14
CA GLY EB 140 -45.18 49.69 113.80
C GLY EB 140 -44.76 48.76 112.67
N GLU EB 141 -45.76 48.15 112.05
CA GLU EB 141 -45.51 47.24 110.94
C GLU EB 141 -45.49 48.01 109.63
N LYS EB 142 -45.25 47.29 108.53
CA LYS EB 142 -45.20 47.90 107.22
C LYS EB 142 -46.60 48.22 106.73
N GLY EB 143 -46.83 49.50 106.42
CA GLY EB 143 -48.13 49.92 105.95
C GLY EB 143 -49.19 49.98 107.04
N THR EB 144 -48.88 50.60 108.17
CA THR EB 144 -49.79 50.66 109.30
C THR EB 144 -50.19 52.08 109.69
N GLY EB 145 -49.63 53.10 109.03
CA GLY EB 145 -50.00 54.47 109.34
C GLY EB 145 -48.95 55.26 110.07
N LYS EB 146 -47.68 55.07 109.68
CA LYS EB 146 -46.58 55.82 110.28
C LYS EB 146 -46.35 57.15 109.57
N THR EB 147 -46.12 57.11 108.25
CA THR EB 147 -45.85 58.32 107.51
C THR EB 147 -47.07 59.25 107.50
N LEU EB 148 -48.28 58.68 107.49
CA LEU EB 148 -49.47 59.51 107.50
C LEU EB 148 -49.64 60.24 108.82
N SER EB 149 -49.37 59.56 109.94
CA SER EB 149 -49.40 60.25 111.23
C SER EB 149 -48.30 61.29 111.33
N LEU EB 150 -47.12 60.99 110.78
CA LEU EB 150 -46.06 61.99 110.72
C LEU EB 150 -46.49 63.22 109.92
N CYS EB 151 -47.18 63.02 108.80
CA CYS EB 151 -47.65 64.14 108.00
C CYS EB 151 -48.75 64.91 108.71
N HIS EB 152 -49.61 64.22 109.48
CA HIS EB 152 -50.61 64.91 110.27
C HIS EB 152 -49.97 65.79 111.32
N ILE EB 153 -48.96 65.27 112.02
CA ILE EB 153 -48.24 66.07 113.01
C ILE EB 153 -47.53 67.25 112.34
N LEU EB 154 -46.94 67.01 111.16
CA LEU EB 154 -46.28 68.07 110.42
C LEU EB 154 -47.26 69.17 110.03
N HIS EB 155 -48.46 68.78 109.59
CA HIS EB 155 -49.48 69.78 109.23
C HIS EB 155 -49.97 70.55 110.44
N PHE EB 156 -50.15 69.88 111.57
CA PHE EB 156 -50.53 70.58 112.79
C PHE EB 156 -49.48 71.62 113.17
N CYS EB 157 -48.21 71.23 113.14
CA CYS EB 157 -47.15 72.17 113.50
C CYS EB 157 -47.01 73.28 112.46
N ALA EB 158 -47.25 72.98 111.18
CA ALA EB 158 -47.19 74.02 110.16
C ALA EB 158 -48.33 75.02 110.33
N LYS EB 159 -49.50 74.56 110.75
CA LYS EB 159 -50.59 75.49 111.05
C LYS EB 159 -50.30 76.27 112.32
N GLN EB 160 -49.63 75.67 113.30
CA GLN EB 160 -49.19 76.36 114.50
C GLN EB 160 -47.92 77.19 114.26
N ASN EB 161 -47.43 77.22 113.02
CA ASN EB 161 -46.29 78.05 112.62
C ASN EB 161 -45.03 77.69 113.40
N TRP EB 162 -44.57 76.46 113.21
CA TRP EB 162 -43.31 75.98 113.74
C TRP EB 162 -42.24 75.98 112.64
N LEU EB 163 -40.99 75.84 113.06
CA LEU EB 163 -39.88 75.69 112.13
C LEU EB 163 -39.69 74.19 111.90
N ILE EB 164 -40.04 73.74 110.69
CA ILE EB 164 -40.04 72.33 110.37
C ILE EB 164 -38.72 71.95 109.73
N LEU EB 165 -38.10 70.89 110.23
CA LEU EB 165 -36.93 70.28 109.59
C LEU EB 165 -37.36 68.87 109.21
N HIS EB 166 -37.91 68.75 108.00
CA HIS EB 166 -38.49 67.50 107.51
C HIS EB 166 -37.54 66.82 106.54
N ILE EB 167 -37.37 65.51 106.73
CA ILE EB 167 -36.54 64.68 105.86
C ILE EB 167 -37.46 63.74 105.10
N PRO EB 168 -37.41 63.72 103.76
CA PRO EB 168 -38.30 62.81 103.02
C PRO EB 168 -38.03 61.34 103.32
N ASP EB 169 -36.79 60.90 103.15
CA ASP EB 169 -36.41 59.51 103.44
C ASP EB 169 -34.91 59.48 103.69
N ALA EB 170 -34.51 59.20 104.92
CA ALA EB 170 -33.10 59.20 105.27
C ALA EB 170 -32.33 58.06 104.59
N HIS EB 171 -33.02 56.99 104.19
CA HIS EB 171 -32.35 55.89 103.51
C HIS EB 171 -31.84 56.30 102.12
N ILE EB 172 -32.48 57.29 101.49
CA ILE EB 172 -31.96 57.81 100.23
C ILE EB 172 -30.60 58.47 100.46
N TRP EB 173 -30.38 59.06 101.63
CA TRP EB 173 -29.11 59.67 101.96
C TRP EB 173 -28.02 58.65 102.27
N VAL EB 174 -28.36 57.38 102.46
CA VAL EB 174 -27.39 56.35 102.77
C VAL EB 174 -27.24 55.31 101.69
N LYS EB 175 -28.15 55.25 100.72
CA LYS EB 175 -28.04 54.28 99.63
C LYS EB 175 -28.33 54.98 98.31
N ASN EB 176 -27.83 54.37 97.23
CA ASN EB 176 -28.10 54.80 95.86
C ASN EB 176 -27.68 56.26 95.63
N CYS EB 177 -26.38 56.49 95.76
CA CYS EB 177 -25.79 57.79 95.46
C CYS EB 177 -25.03 57.69 94.15
N ARG EB 178 -25.25 58.66 93.26
CA ARG EB 178 -24.66 58.59 91.92
C ARG EB 178 -23.20 59.01 91.93
N ASP EB 179 -22.93 60.26 92.30
CA ASP EB 179 -21.58 60.81 92.33
C ASP EB 179 -21.14 60.96 93.78
N LEU EB 180 -19.91 60.55 94.07
CA LEU EB 180 -19.35 60.62 95.42
C LEU EB 180 -17.99 61.30 95.35
N LEU EB 181 -17.86 62.44 96.02
CA LEU EB 181 -16.60 63.16 96.11
C LEU EB 181 -15.99 62.94 97.48
N GLN EB 182 -14.81 63.52 97.68
CA GLN EB 182 -14.08 63.42 98.94
C GLN EB 182 -13.86 64.82 99.51
N SER EB 183 -13.94 64.94 100.83
CA SER EB 183 -13.70 66.20 101.53
C SER EB 183 -12.74 65.91 102.67
N ASN EB 184 -11.49 66.34 102.51
CA ASN EB 184 -10.51 66.20 103.58
C ASN EB 184 -10.62 67.30 104.62
N TYR EB 185 -11.22 68.44 104.27
CA TYR EB 185 -11.46 69.50 105.22
C TYR EB 185 -12.63 69.21 106.16
N ASN EB 186 -13.45 68.21 105.84
CA ASN EB 186 -14.50 67.73 106.73
C ASN EB 186 -14.10 66.46 107.46
N LYS EB 187 -12.80 66.32 107.76
CA LYS EB 187 -12.25 65.15 108.46
C LYS EB 187 -12.48 63.87 107.65
N GLN EB 188 -12.07 63.92 106.38
CA GLN EB 188 -12.06 62.77 105.49
C GLN EB 188 -13.45 62.14 105.38
N ARG EB 189 -14.38 62.89 104.80
CA ARG EB 189 -15.76 62.45 104.67
C ARG EB 189 -16.23 62.51 103.23
N PHE EB 190 -17.23 61.70 102.90
CA PHE EB 190 -17.84 61.71 101.59
C PHE EB 190 -19.12 62.54 101.62
N ASP EB 191 -19.49 63.06 100.45
CA ASP EB 191 -20.61 63.99 100.35
C ASP EB 191 -21.56 63.54 99.24
N GLN EB 192 -22.78 64.08 99.30
CA GLN EB 192 -23.82 63.82 98.30
C GLN EB 192 -24.41 65.16 97.90
N PRO EB 193 -23.80 65.85 96.93
CA PRO EB 193 -24.29 67.18 96.55
C PRO EB 193 -25.67 67.16 95.94
N LEU EB 194 -26.01 66.13 95.17
CA LEU EB 194 -27.35 66.02 94.60
C LEU EB 194 -28.39 65.88 95.71
N GLU EB 195 -28.14 64.98 96.66
CA GLU EB 195 -29.08 64.78 97.76
C GLU EB 195 -29.15 65.98 98.68
N ALA EB 196 -28.09 66.80 98.74
CA ALA EB 196 -28.16 68.03 99.51
C ALA EB 196 -28.95 69.11 98.79
N SER EB 197 -28.71 69.30 97.49
CA SER EB 197 -29.41 70.35 96.75
C SER EB 197 -30.88 70.05 96.58
N THR EB 198 -31.23 68.77 96.33
CA THR EB 198 -32.63 68.42 96.16
C THR EB 198 -33.42 68.63 97.44
N TRP EB 199 -32.78 68.48 98.61
CA TRP EB 199 -33.46 68.75 99.86
C TRP EB 199 -33.47 70.23 100.19
N LEU EB 200 -32.42 70.97 99.81
CA LEU EB 200 -32.42 72.42 100.05
C LEU EB 200 -33.48 73.13 99.22
N LYS EB 201 -33.71 72.67 97.99
CA LYS EB 201 -34.73 73.29 97.15
C LYS EB 201 -36.11 73.18 97.79
N ASN EB 202 -36.38 72.08 98.51
CA ASN EB 202 -37.66 71.94 99.21
C ASN EB 202 -37.65 72.60 100.57
N PHE EB 203 -36.50 72.66 101.25
CA PHE EB 203 -36.41 73.35 102.53
C PHE EB 203 -36.62 74.85 102.36
N LYS EB 204 -36.24 75.38 101.20
CA LYS EB 204 -36.52 76.80 100.93
C LYS EB 204 -38.02 77.07 100.83
N THR EB 205 -38.74 76.18 100.13
CA THR EB 205 -40.19 76.37 99.99
C THR EB 205 -40.95 75.96 101.25
N ALA EB 206 -40.31 75.21 102.14
CA ALA EB 206 -40.98 74.75 103.36
C ALA EB 206 -41.53 75.92 104.17
N ASN EB 207 -40.65 76.82 104.62
CA ASN EB 207 -41.06 77.96 105.43
C ASN EB 207 -40.22 79.17 105.02
N GLU EB 208 -40.82 80.07 104.26
CA GLU EB 208 -40.19 81.32 103.88
C GLU EB 208 -40.39 82.42 104.91
N HIS EB 209 -40.93 82.08 106.09
CA HIS EB 209 -41.18 83.05 107.14
C HIS EB 209 -39.94 83.36 107.97
N PHE EB 210 -39.04 82.39 108.13
CA PHE EB 210 -37.90 82.55 109.02
C PHE EB 210 -36.57 82.73 108.29
N LEU EB 211 -36.47 82.30 107.03
CA LEU EB 211 -35.22 82.43 106.30
C LEU EB 211 -34.88 83.87 105.97
N SER EB 212 -35.88 84.76 105.94
CA SER EB 212 -35.64 86.18 105.69
C SER EB 212 -35.49 87.00 106.95
N GLN EB 213 -35.80 86.44 108.11
CA GLN EB 213 -35.71 87.13 109.39
C GLN EB 213 -34.51 86.70 110.22
N ILE EB 214 -34.20 85.40 110.24
CA ILE EB 214 -33.13 84.89 111.07
C ILE EB 214 -31.78 85.24 110.45
N LYS EB 215 -30.92 85.86 111.23
CA LYS EB 215 -29.60 86.27 110.77
C LYS EB 215 -28.54 85.28 111.23
N VAL EB 216 -27.56 85.02 110.36
CA VAL EB 216 -26.49 84.08 110.67
C VAL EB 216 -25.39 84.82 111.44
N GLN EB 217 -24.75 84.09 112.36
CA GLN EB 217 -23.65 84.63 113.17
C GLN EB 217 -22.47 83.65 113.13
N GLU EB 218 -21.66 83.75 112.09
CA GLU EB 218 -20.45 82.94 111.93
C GLU EB 218 -19.71 83.34 110.65
N LYS EB 219 -18.42 83.02 110.57
CA LYS EB 219 -17.60 83.32 109.40
C LYS EB 219 -17.40 82.03 108.62
N TYR EB 220 -18.36 81.69 107.77
CA TYR EB 220 -18.30 80.48 106.96
C TYR EB 220 -17.46 80.73 105.71
N VAL EB 221 -16.57 79.79 105.40
CA VAL EB 221 -15.66 79.90 104.26
C VAL EB 221 -15.86 78.68 103.37
N TRP EB 222 -16.25 78.91 102.12
CA TRP EB 222 -16.39 77.84 101.13
C TRP EB 222 -15.13 77.69 100.28
N ASN EB 223 -14.74 78.77 99.60
CA ASN EB 223 -13.53 78.79 98.79
C ASN EB 223 -12.71 80.03 99.14
N LYS EB 224 -11.56 80.17 98.48
CA LYS EB 224 -10.67 81.29 98.73
C LYS EB 224 -11.13 82.59 98.11
N ARG EB 225 -12.26 82.60 97.40
CA ARG EB 225 -12.73 83.79 96.70
C ARG EB 225 -14.04 84.32 97.25
N GLU EB 226 -14.96 83.44 97.65
CA GLU EB 226 -16.29 83.85 98.11
C GLU EB 226 -16.54 83.34 99.52
N SER EB 227 -17.12 84.20 100.35
CA SER EB 227 -17.47 83.85 101.72
C SER EB 227 -18.54 84.82 102.21
N THR EB 228 -19.16 84.48 103.32
CA THR EB 228 -20.22 85.29 103.91
C THR EB 228 -19.84 85.68 105.34
N GLU EB 229 -20.08 86.94 105.68
CA GLU EB 229 -19.80 87.47 106.99
C GLU EB 229 -21.06 87.44 107.85
N LYS EB 230 -21.00 88.06 109.03
CA LYS EB 230 -22.13 88.09 109.93
C LYS EB 230 -23.20 89.04 109.41
N GLY EB 231 -24.38 88.98 110.04
CA GLY EB 231 -25.49 89.83 109.70
C GLY EB 231 -26.31 89.40 108.51
N ARG EB 232 -25.95 88.28 107.88
CA ARG EB 232 -26.69 87.85 106.69
C ARG EB 232 -27.89 87.00 107.09
N PRO EB 233 -29.00 87.13 106.35
CA PRO EB 233 -30.19 86.32 106.67
C PRO EB 233 -29.98 84.86 106.32
N LEU EB 234 -30.95 84.05 106.76
CA LEU EB 234 -30.90 82.61 106.49
C LEU EB 234 -31.35 82.27 105.07
N GLY EB 235 -31.97 83.20 104.36
CA GLY EB 235 -32.47 82.93 103.02
C GLY EB 235 -31.40 82.90 101.95
N GLU EB 236 -30.26 83.55 102.18
CA GLU EB 236 -29.20 83.59 101.17
C GLU EB 236 -28.17 82.48 101.36
N VAL EB 237 -27.99 81.99 102.59
CA VAL EB 237 -27.03 80.92 102.81
C VAL EB 237 -27.51 79.62 102.16
N VAL EB 238 -28.83 79.42 102.09
CA VAL EB 238 -29.35 78.25 101.37
C VAL EB 238 -29.37 78.49 99.87
N GLU EB 239 -29.61 79.74 99.44
CA GLU EB 239 -29.54 80.06 98.02
C GLU EB 239 -28.13 79.84 97.47
N GLN EB 240 -27.11 80.13 98.28
CA GLN EB 240 -25.74 79.85 97.84
C GLN EB 240 -25.51 78.37 97.60
N GLY EB 241 -25.97 77.51 98.52
CA GLY EB 241 -25.84 76.08 98.34
C GLY EB 241 -26.67 75.55 97.19
N ILE EB 242 -27.79 76.21 96.91
CA ILE EB 242 -28.63 75.82 95.78
C ILE EB 242 -27.93 76.17 94.47
N MET EB 243 -27.36 77.38 94.38
CA MET EB 243 -26.75 77.81 93.13
C MET EB 243 -25.40 77.15 92.90
N ARG EB 244 -24.70 76.75 93.96
CA ARG EB 244 -23.40 76.10 93.84
C ARG EB 244 -23.51 74.71 94.45
N VAL EB 245 -23.79 73.71 93.59
CA VAL EB 245 -23.97 72.34 94.06
C VAL EB 245 -22.68 71.77 94.66
N ARG EB 246 -21.52 72.31 94.27
CA ARG EB 246 -20.27 71.86 94.86
C ARG EB 246 -20.14 72.27 96.32
N ASN EB 247 -20.99 73.16 96.79
CA ASN EB 247 -20.93 73.65 98.17
C ASN EB 247 -22.24 73.42 98.93
N ALA EB 248 -23.20 72.72 98.31
CA ALA EB 248 -24.46 72.43 98.99
C ALA EB 248 -24.25 71.49 100.17
N THR EB 249 -23.35 70.51 100.03
CA THR EB 249 -23.10 69.56 101.11
C THR EB 249 -22.51 70.26 102.34
N ASP EB 250 -21.81 71.37 102.13
CA ASP EB 250 -21.31 72.16 103.26
C ASP EB 250 -22.34 73.16 103.76
N ALA EB 251 -23.14 73.74 102.87
CA ALA EB 251 -24.15 74.70 103.28
C ALA EB 251 -25.23 74.04 104.13
N VAL EB 252 -25.60 72.80 103.80
CA VAL EB 252 -26.62 72.12 104.59
C VAL EB 252 -26.11 71.82 105.99
N GLY EB 253 -24.86 71.37 106.12
CA GLY EB 253 -24.27 71.21 107.44
C GLY EB 253 -24.11 72.51 108.20
N ILE EB 254 -23.78 73.60 107.50
CA ILE EB 254 -23.69 74.91 108.12
C ILE EB 254 -25.03 75.33 108.72
N VAL EB 255 -26.10 75.23 107.93
CA VAL EB 255 -27.40 75.66 108.43
C VAL EB 255 -27.90 74.73 109.53
N LEU EB 256 -27.56 73.43 109.43
CA LEU EB 256 -27.94 72.51 110.50
C LEU EB 256 -27.21 72.83 111.80
N LYS EB 257 -25.92 73.16 111.71
CA LYS EB 257 -25.15 73.47 112.90
C LYS EB 257 -25.58 74.81 113.49
N GLU EB 258 -26.05 75.74 112.65
CA GLU EB 258 -26.50 77.03 113.16
C GLU EB 258 -27.92 77.00 113.69
N LEU EB 259 -28.75 76.05 113.23
CA LEU EB 259 -30.09 75.89 113.80
C LEU EB 259 -30.02 75.50 115.27
N LYS EB 260 -29.14 74.57 115.62
CA LYS EB 260 -28.96 74.21 117.03
C LYS EB 260 -28.45 75.37 117.87
N ARG EB 261 -27.65 76.27 117.28
CA ARG EB 261 -27.15 77.41 118.03
C ARG EB 261 -28.24 78.45 118.26
N GLN EB 262 -28.90 78.87 117.19
CA GLN EB 262 -29.88 79.94 117.29
C GLN EB 262 -31.26 79.45 117.73
N SER EB 263 -31.44 78.15 117.94
CA SER EB 263 -32.75 77.64 118.33
C SER EB 263 -33.11 77.99 119.76
N SER EB 264 -32.14 78.44 120.56
CA SER EB 264 -32.41 78.81 121.95
C SER EB 264 -33.23 80.09 122.08
N LEU EB 265 -33.41 80.84 121.00
CA LEU EB 265 -34.21 82.05 121.04
C LEU EB 265 -35.70 81.70 121.17
N GLY EB 266 -36.47 82.68 121.65
CA GLY EB 266 -37.89 82.52 121.80
C GLY EB 266 -38.69 82.50 120.52
N ILE EB 267 -38.05 82.77 119.38
CA ILE EB 267 -38.72 82.76 118.09
C ILE EB 267 -38.48 81.47 117.33
N PHE EB 268 -37.96 80.44 118.00
CA PHE EB 268 -37.69 79.15 117.38
C PHE EB 268 -38.53 78.08 118.04
N HIS EB 269 -39.31 77.36 117.23
CA HIS EB 269 -40.13 76.23 117.66
C HIS EB 269 -39.82 75.08 116.72
N LEU EB 270 -38.75 74.34 117.03
CA LEU EB 270 -38.24 73.34 116.12
C LEU EB 270 -39.04 72.05 116.17
N LEU EB 271 -39.41 71.56 114.99
CA LEU EB 271 -39.97 70.21 114.85
C LEU EB 271 -39.08 69.45 113.87
N VAL EB 272 -38.27 68.54 114.39
CA VAL EB 272 -37.37 67.76 113.55
C VAL EB 272 -38.01 66.40 113.26
N ALA EB 273 -38.40 66.19 112.01
CA ALA EB 273 -39.12 64.99 111.58
C ALA EB 273 -38.33 64.30 110.48
N VAL EB 274 -37.62 63.23 110.83
CA VAL EB 274 -36.85 62.44 109.87
C VAL EB 274 -37.40 61.02 109.89
N ASP EB 275 -37.85 60.55 108.72
CA ASP EB 275 -38.36 59.20 108.57
C ASP EB 275 -37.22 58.26 108.22
N GLY EB 276 -37.20 57.09 108.86
CA GLY EB 276 -36.12 56.14 108.65
C GLY EB 276 -34.86 56.52 109.38
N VAL EB 277 -34.99 56.83 110.67
CA VAL EB 277 -33.84 57.26 111.46
C VAL EB 277 -32.85 56.13 111.67
N ASN EB 278 -33.30 54.87 111.54
CA ASN EB 278 -32.39 53.74 111.72
C ASN EB 278 -31.29 53.71 110.66
N ALA EB 279 -31.50 54.35 109.51
CA ALA EB 279 -30.47 54.39 108.48
C ALA EB 279 -29.24 55.18 108.91
N LEU EB 280 -29.35 56.02 109.94
CA LEU EB 280 -28.19 56.75 110.43
C LEU EB 280 -27.21 55.82 111.13
N TRP EB 281 -27.71 54.86 111.91
CA TRP EB 281 -26.87 53.91 112.62
C TRP EB 281 -26.77 52.57 111.90
N GLY EB 282 -27.42 52.42 110.75
CA GLY EB 282 -27.34 51.20 109.96
C GLY EB 282 -26.05 51.09 109.18
N ARG EB 283 -26.12 50.33 108.08
CA ARG EB 283 -24.99 50.12 107.20
C ARG EB 283 -25.19 50.89 105.90
N THR EB 284 -24.07 51.19 105.24
CA THR EB 284 -24.06 51.95 104.00
C THR EB 284 -23.43 51.09 102.91
N THR EB 285 -24.22 50.81 101.86
CA THR EB 285 -23.72 50.01 100.73
C THR EB 285 -22.80 50.79 99.80
N LEU EB 286 -22.71 52.10 99.95
CA LEU EB 286 -21.84 52.89 99.10
C LEU EB 286 -20.38 52.55 99.35
N LYS EB 287 -19.61 52.41 98.28
CA LYS EB 287 -18.22 52.01 98.37
C LYS EB 287 -17.34 53.05 97.66
N ARG EB 288 -16.03 52.90 97.88
CA ARG EB 288 -15.04 53.78 97.28
C ARG EB 288 -14.54 53.18 95.97
N GLU EB 289 -13.46 53.75 95.43
CA GLU EB 289 -12.83 53.17 94.25
C GLU EB 289 -12.20 51.82 94.56
N ASP EB 290 -11.79 51.60 95.81
CA ASP EB 290 -11.23 50.33 96.26
C ASP EB 290 -12.29 49.29 96.56
N LYS EB 291 -13.56 49.57 96.25
CA LYS EB 291 -14.67 48.63 96.42
C LYS EB 291 -14.79 48.18 97.87
N SER EB 292 -14.72 49.15 98.79
CA SER EB 292 -14.90 48.88 100.21
C SER EB 292 -16.00 49.77 100.78
N PRO EB 293 -16.87 49.21 101.62
CA PRO EB 293 -17.98 50.02 102.15
C PRO EB 293 -17.48 51.07 103.12
N ILE EB 294 -18.22 52.18 103.18
CA ILE EB 294 -17.88 53.32 104.04
C ILE EB 294 -18.77 53.28 105.27
N ALA EB 295 -18.21 53.70 106.40
CA ALA EB 295 -18.98 53.74 107.63
C ALA EB 295 -20.05 54.84 107.55
N PRO EB 296 -21.17 54.67 108.25
CA PRO EB 296 -22.20 55.72 108.23
C PRO EB 296 -21.75 57.03 108.86
N GLU EB 297 -20.75 57.00 109.73
CA GLU EB 297 -20.22 58.23 110.32
C GLU EB 297 -19.36 59.03 109.35
N GLU EB 298 -18.93 58.42 108.25
CA GLU EB 298 -18.01 59.07 107.32
C GLU EB 298 -18.73 59.89 106.25
N LEU EB 299 -19.97 60.32 106.50
CA LEU EB 299 -20.72 61.12 105.56
C LEU EB 299 -21.00 62.49 106.16
N ALA EB 300 -20.81 63.53 105.35
CA ALA EB 300 -21.03 64.89 105.80
C ALA EB 300 -22.51 65.19 106.04
N LEU EB 301 -23.40 64.39 105.47
CA LEU EB 301 -24.83 64.57 105.69
C LEU EB 301 -25.34 63.75 106.87
N ILE EB 302 -24.66 62.67 107.22
CA ILE EB 302 -25.07 61.82 108.34
C ILE EB 302 -24.45 62.31 109.64
N HIS EB 303 -23.17 62.68 109.62
CA HIS EB 303 -22.51 63.12 110.84
C HIS EB 303 -23.09 64.43 111.36
N ASN EB 304 -23.35 65.38 110.47
CA ASN EB 304 -23.94 66.66 110.88
C ASN EB 304 -25.39 66.53 111.27
N LEU EB 305 -26.06 65.44 110.89
CA LEU EB 305 -27.43 65.18 111.32
C LEU EB 305 -27.51 64.41 112.63
N ARG EB 306 -26.49 63.60 112.93
CA ARG EB 306 -26.46 62.89 114.21
C ARG EB 306 -26.53 63.84 115.40
N LYS EB 307 -25.91 65.02 115.27
CA LYS EB 307 -25.94 65.99 116.36
C LYS EB 307 -27.29 66.69 116.49
N MET EB 308 -28.14 66.61 115.47
CA MET EB 308 -29.43 67.28 115.48
C MET EB 308 -30.46 66.61 116.38
N VAL EB 309 -30.14 65.45 116.95
CA VAL EB 309 -31.08 64.72 117.79
C VAL EB 309 -30.62 64.62 119.24
N LYS EB 310 -29.42 65.08 119.58
CA LYS EB 310 -28.91 64.96 120.94
C LYS EB 310 -29.67 65.80 121.95
N ASN EB 311 -30.66 66.58 121.50
CA ASN EB 311 -31.49 67.46 122.34
C ASN EB 311 -30.65 68.20 123.38
N ASP EB 312 -29.51 68.74 122.91
CA ASP EB 312 -28.68 69.57 123.76
C ASP EB 312 -29.20 71.00 123.88
N TRP EB 313 -30.12 71.40 122.99
CA TRP EB 313 -30.70 72.73 123.02
C TRP EB 313 -32.02 72.71 123.79
N GLN EB 314 -32.73 73.83 123.76
CA GLN EB 314 -34.01 73.98 124.45
C GLN EB 314 -35.04 74.52 123.48
N GLY EB 315 -36.26 73.99 123.55
CA GLY EB 315 -37.34 74.46 122.72
C GLY EB 315 -37.52 73.72 121.41
N GLY EB 316 -37.40 72.40 121.41
CA GLY EB 316 -37.58 71.62 120.20
C GLY EB 316 -38.38 70.35 120.47
N ALA EB 317 -38.70 69.65 119.39
CA ALA EB 317 -39.41 68.38 119.46
C ALA EB 317 -38.95 67.50 118.31
N ILE EB 318 -38.44 66.32 118.65
CA ILE EB 318 -37.95 65.37 117.67
C ILE EB 318 -39.00 64.28 117.52
N VAL EB 319 -39.40 63.98 116.28
CA VAL EB 319 -40.31 62.89 115.99
C VAL EB 319 -39.63 61.97 114.98
N LEU EB 320 -39.41 60.72 115.40
CA LEU EB 320 -38.72 59.72 114.61
C LEU EB 320 -39.70 58.65 114.16
N THR EB 321 -39.37 58.03 113.03
CA THR EB 321 -40.19 56.96 112.48
C THR EB 321 -39.25 55.90 111.91
N VAL EB 322 -39.00 54.85 112.67
CA VAL EB 322 -38.10 53.79 112.22
C VAL EB 322 -38.78 53.01 111.10
N SER EB 323 -38.15 53.00 109.93
CA SER EB 323 -38.72 52.39 108.73
C SER EB 323 -38.11 51.02 108.49
N GLN EB 324 -38.82 50.22 107.69
CA GLN EB 324 -38.35 48.89 107.33
C GLN EB 324 -38.37 48.72 105.82
N THR EB 325 -39.27 49.45 105.15
CA THR EB 325 -39.36 49.35 103.69
C THR EB 325 -38.07 49.83 103.02
N GLY EB 326 -37.29 50.67 103.70
CA GLY EB 326 -36.01 51.12 103.19
C GLY EB 326 -34.81 50.65 103.98
N SER EB 327 -34.96 49.66 104.85
CA SER EB 327 -33.83 49.20 105.66
C SER EB 327 -32.87 48.37 104.82
N LEU EB 328 -31.60 48.39 105.24
CA LEU EB 328 -30.54 47.64 104.57
C LEU EB 328 -29.91 46.67 105.57
N PHE EB 329 -29.63 45.45 105.09
CA PHE EB 329 -29.04 44.39 105.90
C PHE EB 329 -29.92 44.06 107.11
N LYS EB 330 -31.23 44.13 106.92
CA LYS EB 330 -32.21 43.82 107.96
C LYS EB 330 -33.37 43.08 107.33
N PRO EB 331 -33.88 42.03 108.00
CA PRO EB 331 -34.97 41.26 107.42
C PRO EB 331 -36.27 42.06 107.38
N ARG EB 332 -37.16 41.63 106.48
CA ARG EB 332 -38.43 42.32 106.31
C ARG EB 332 -39.36 42.09 107.51
N ASN EB 333 -39.16 41.00 108.24
CA ASN EB 333 -39.93 40.73 109.45
C ASN EB 333 -39.46 41.53 110.64
N ALA EB 334 -38.50 42.43 110.47
CA ALA EB 334 -37.94 43.20 111.56
C ALA EB 334 -38.66 44.54 111.66
N TYR EB 335 -39.42 44.74 112.73
CA TYR EB 335 -40.08 46.01 112.98
C TYR EB 335 -39.86 46.52 114.39
N LEU EB 336 -39.11 45.81 115.22
CA LEU EB 336 -38.88 46.22 116.59
C LEU EB 336 -37.85 47.36 116.64
N PRO EB 337 -38.13 48.43 117.40
CA PRO EB 337 -37.20 49.56 117.42
C PRO EB 337 -35.81 49.19 117.93
N GLN EB 338 -35.72 48.34 118.95
CA GLN EB 338 -34.42 47.98 119.50
C GLN EB 338 -33.55 47.28 118.46
N GLU EB 339 -34.11 46.25 117.81
CA GLU EB 339 -33.33 45.51 116.81
C GLU EB 339 -33.12 46.31 115.53
N LEU EB 340 -33.97 47.29 115.25
CA LEU EB 340 -33.76 48.12 114.07
C LEU EB 340 -32.75 49.23 114.32
N LEU EB 341 -32.58 49.65 115.57
CA LEU EB 341 -31.56 50.63 115.90
C LEU EB 341 -30.21 50.00 116.20
N GLY EB 342 -30.19 48.75 116.68
CA GLY EB 342 -28.95 48.06 116.94
C GLY EB 342 -28.27 48.54 118.22
N LYS EB 343 -27.16 47.88 118.53
CA LYS EB 343 -26.42 48.22 119.75
C LYS EB 343 -25.72 49.56 119.62
N GLU EB 344 -25.24 49.90 118.43
CA GLU EB 344 -24.53 51.17 118.25
C GLU EB 344 -25.47 52.37 118.35
N GLY EB 345 -26.76 52.16 118.10
CA GLY EB 345 -27.70 53.28 118.07
C GLY EB 345 -28.44 53.51 119.37
N PHE EB 346 -29.01 52.45 119.95
CA PHE EB 346 -29.89 52.61 121.10
C PHE EB 346 -29.14 53.11 122.34
N ASP EB 347 -27.82 52.92 122.39
CA ASP EB 347 -27.07 53.32 123.58
C ASP EB 347 -27.10 54.82 123.78
N ALA EB 348 -27.00 55.61 122.72
CA ALA EB 348 -27.00 57.06 122.78
C ALA EB 348 -28.23 57.62 122.07
N LEU EB 349 -29.39 57.01 122.31
CA LEU EB 349 -30.62 57.40 121.63
C LEU EB 349 -31.46 58.37 122.45
N ASP EB 350 -30.97 58.82 123.61
CA ASP EB 350 -31.67 59.79 124.43
C ASP EB 350 -33.10 59.33 124.71
N PRO EB 351 -33.29 58.33 125.60
CA PRO EB 351 -34.55 57.57 125.68
C PRO EB 351 -35.81 58.34 125.36
N PHE EB 352 -36.58 57.82 124.41
CA PHE EB 352 -37.71 58.48 123.79
C PHE EB 352 -39.01 57.93 124.36
N ILE EB 353 -40.13 58.36 123.78
CA ILE EB 353 -41.44 57.80 124.10
C ILE EB 353 -41.85 56.88 122.95
N PRO EB 354 -41.68 55.56 123.09
CA PRO EB 354 -41.95 54.65 121.98
C PRO EB 354 -43.43 54.45 121.73
N ILE EB 355 -44.05 55.34 120.98
CA ILE EB 355 -45.48 55.26 120.71
C ILE EB 355 -45.71 54.32 119.53
N LEU EB 356 -46.57 53.33 119.73
CA LEU EB 356 -46.82 52.28 118.75
C LEU EB 356 -48.04 52.61 117.92
N VAL EB 357 -47.96 52.34 116.61
CA VAL EB 357 -49.09 52.49 115.70
C VAL EB 357 -49.65 51.11 115.40
N SER EB 358 -50.98 50.99 115.48
CA SER EB 358 -51.65 49.71 115.29
C SER EB 358 -52.38 49.69 113.94
N ASN EB 359 -53.11 48.60 113.71
CA ASN EB 359 -53.84 48.42 112.48
C ASN EB 359 -55.21 49.10 112.58
N TYR EB 360 -56.07 48.87 111.61
CA TYR EB 360 -57.40 49.49 111.61
C TYR EB 360 -58.30 48.82 112.65
N ASN EB 361 -59.10 49.64 113.31
CA ASN EB 361 -60.10 49.17 114.26
C ASN EB 361 -61.34 48.69 113.52
N PRO EB 362 -62.24 47.98 114.21
CA PRO EB 362 -63.53 47.65 113.59
C PRO EB 362 -64.30 48.87 113.13
N LYS EB 363 -64.08 50.03 113.76
CA LYS EB 363 -64.70 51.27 113.31
C LYS EB 363 -63.86 52.01 112.28
N GLU EB 364 -62.53 51.98 112.43
CA GLU EB 364 -61.65 52.64 111.47
C GLU EB 364 -61.74 52.00 110.09
N PHE EB 365 -61.82 50.66 110.03
CA PHE EB 365 -62.00 49.98 108.76
C PHE EB 365 -63.31 50.39 108.10
N GLU EB 366 -64.40 50.42 108.87
CA GLU EB 366 -65.69 50.83 108.31
C GLU EB 366 -65.65 52.27 107.80
N SER EB 367 -65.02 53.18 108.57
CA SER EB 367 -64.93 54.57 108.13
C SER EB 367 -64.08 54.72 106.89
N CYS EB 368 -62.98 53.97 106.80
CA CYS EB 368 -62.12 54.05 105.62
C CYS EB 368 -62.80 53.47 104.39
N ILE EB 369 -63.63 52.44 104.58
CA ILE EB 369 -64.37 51.88 103.45
C ILE EB 369 -65.47 52.83 103.00
N GLN EB 370 -66.16 53.46 103.96
CA GLN EB 370 -67.20 54.41 103.61
C GLN EB 370 -66.64 55.67 102.96
N TYR EB 371 -65.44 56.11 103.35
CA TYR EB 371 -64.81 57.24 102.68
C TYR EB 371 -64.54 56.91 101.21
N TYR EB 372 -64.11 55.68 100.93
CA TYR EB 372 -63.92 55.27 99.54
C TYR EB 372 -65.24 55.15 98.80
N LEU EB 373 -66.28 54.65 99.47
CA LEU EB 373 -67.58 54.54 98.82
C LEU EB 373 -68.16 55.92 98.50
N GLU EB 374 -67.90 56.92 99.33
CA GLU EB 374 -68.39 58.26 99.06
C GLU EB 374 -67.78 58.84 97.78
N ASN EB 375 -66.46 58.70 97.64
CA ASN EB 375 -65.78 59.18 96.44
C ASN EB 375 -65.81 58.17 95.29
N ASN EB 376 -66.50 57.05 95.48
CA ASN EB 376 -66.68 56.04 94.43
C ASN EB 376 -65.34 55.46 93.98
N TRP EB 377 -64.56 54.99 94.96
CA TRP EB 377 -63.30 54.32 94.63
C TRP EB 377 -63.53 52.86 94.24
N LEU EB 378 -64.47 52.19 94.91
CA LEU EB 378 -64.79 50.79 94.62
C LEU EB 378 -65.88 50.77 93.55
N GLN EB 379 -65.46 50.57 92.30
CA GLN EB 379 -66.38 50.51 91.17
C GLN EB 379 -66.94 49.12 90.93
N HIS EB 380 -66.54 48.12 91.73
CA HIS EB 380 -67.04 46.77 91.54
C HIS EB 380 -68.48 46.66 92.02
N GLU EB 381 -69.18 45.63 91.52
CA GLU EB 381 -70.59 45.45 91.84
C GLU EB 381 -70.78 44.97 93.28
N LYS EB 382 -70.10 43.87 93.64
CA LYS EB 382 -70.24 43.30 94.96
C LYS EB 382 -69.39 43.99 96.01
N ALA EB 383 -68.78 45.14 95.70
CA ALA EB 383 -68.00 45.89 96.66
C ALA EB 383 -68.85 46.78 97.55
N HIS EB 384 -70.17 46.75 97.38
CA HIS EB 384 -71.07 47.60 98.15
C HIS EB 384 -71.80 46.86 99.25
N THR EB 385 -71.69 45.53 99.30
CA THR EB 385 -72.37 44.74 100.32
C THR EB 385 -71.45 44.50 101.53
N GLU EB 386 -72.02 43.87 102.55
CA GLU EB 386 -71.26 43.56 103.76
C GLU EB 386 -70.40 42.30 103.60
N GLU EB 387 -70.80 41.38 102.72
CA GLU EB 387 -69.98 40.20 102.48
C GLU EB 387 -68.63 40.58 101.89
N GLY EB 388 -68.62 41.49 100.92
CA GLY EB 388 -67.36 41.97 100.39
C GLY EB 388 -66.53 42.75 101.40
N LYS EB 389 -67.21 43.49 102.28
CA LYS EB 389 -66.49 44.17 103.36
C LYS EB 389 -65.80 43.17 104.28
N LYS EB 390 -66.50 42.11 104.68
CA LYS EB 390 -65.87 41.08 105.51
C LYS EB 390 -64.76 40.35 104.74
N GLU EB 391 -64.93 40.15 103.44
CA GLU EB 391 -63.87 39.55 102.63
C GLU EB 391 -62.62 40.41 102.66
N LEU EB 392 -62.76 41.70 102.40
CA LEU EB 392 -61.61 42.61 102.43
C LEU EB 392 -61.00 42.69 103.82
N LEU EB 393 -61.84 42.68 104.86
CA LEU EB 393 -61.32 42.65 106.22
C LEU EB 393 -60.44 41.44 106.47
N PHE EB 394 -60.96 40.25 106.22
CA PHE EB 394 -60.19 39.03 106.44
C PHE EB 394 -58.96 38.96 105.54
N LEU EB 395 -59.03 39.55 104.34
CA LEU EB 395 -57.92 39.48 103.41
C LEU EB 395 -56.79 40.40 103.83
N SER EB 396 -57.11 41.67 104.07
CA SER EB 396 -56.09 42.66 104.39
C SER EB 396 -55.69 42.66 105.86
N ASN EB 397 -56.39 41.90 106.71
CA ASN EB 397 -56.13 41.89 108.14
C ASN EB 397 -56.25 43.29 108.73
N ARG EB 398 -57.32 43.99 108.32
CA ARG EB 398 -57.62 45.38 108.71
C ARG EB 398 -56.36 46.24 108.77
N ASN EB 399 -55.62 46.25 107.66
CA ASN EB 399 -54.39 47.02 107.55
C ASN EB 399 -54.55 48.11 106.50
N PRO EB 400 -54.14 49.34 106.80
CA PRO EB 400 -54.33 50.42 105.80
C PRO EB 400 -53.47 50.25 104.57
N GLY EB 401 -52.19 49.88 104.73
CA GLY EB 401 -51.34 49.67 103.57
C GLY EB 401 -51.80 48.52 102.68
N GLN EB 402 -52.37 47.48 103.29
CA GLN EB 402 -52.91 46.38 102.50
C GLN EB 402 -54.22 46.75 101.83
N LEU EB 403 -55.08 47.49 102.52
CA LEU EB 403 -56.33 47.95 101.92
C LEU EB 403 -56.06 48.89 100.75
N GLU EB 404 -55.04 49.74 100.86
CA GLU EB 404 -54.71 50.66 99.78
C GLU EB 404 -54.37 49.90 98.51
N ARG EB 405 -53.65 48.78 98.63
CA ARG EB 405 -53.29 47.98 97.47
C ARG EB 405 -54.47 47.15 96.98
N LEU EB 406 -55.31 46.67 97.91
CA LEU EB 406 -56.39 45.76 97.51
C LEU EB 406 -57.55 46.51 96.86
N CYS EB 407 -57.92 47.69 97.36
CA CYS EB 407 -59.03 48.44 96.81
C CYS EB 407 -58.65 49.18 95.52
N ALA EB 408 -57.40 49.05 95.07
CA ALA EB 408 -56.97 49.74 93.85
C ALA EB 408 -57.49 49.06 92.59
N TYR EB 409 -57.61 47.74 92.60
CA TYR EB 409 -58.06 46.97 91.44
C TYR EB 409 -59.45 46.39 91.63
N LEU EB 410 -60.24 46.95 92.54
CA LEU EB 410 -61.60 46.48 92.76
C LEU EB 410 -62.63 47.54 92.37
N SER FB 268 9.98 -29.54 130.25
CA SER FB 268 9.79 -30.97 130.41
C SER FB 268 8.84 -31.53 129.38
N LEU FB 269 9.35 -32.40 128.50
CA LEU FB 269 8.51 -33.01 127.47
C LEU FB 269 7.50 -33.97 128.07
N TRP FB 270 7.79 -34.52 129.25
CA TRP FB 270 6.87 -35.45 129.88
C TRP FB 270 5.60 -34.75 130.36
N ASP FB 271 5.70 -33.47 130.73
CA ASP FB 271 4.50 -32.71 131.07
C ASP FB 271 3.59 -32.55 129.86
N ILE FB 272 4.17 -32.30 128.68
CA ILE FB 272 3.36 -32.20 127.47
C ILE FB 272 2.80 -33.56 127.09
N GLU FB 273 3.57 -34.63 127.34
CA GLU FB 273 3.08 -35.97 127.10
C GLU FB 273 1.87 -36.29 127.98
N PHE FB 274 1.88 -35.81 129.23
CA PHE FB 274 0.73 -35.99 130.10
C PHE FB 274 -0.44 -35.10 129.70
N ALA FB 275 -0.15 -33.88 129.24
CA ALA FB 275 -1.21 -32.97 128.82
C ALA FB 275 -1.94 -33.48 127.58
N LYS FB 276 -1.20 -34.05 126.61
CA LYS FB 276 -1.86 -34.59 125.43
C LYS FB 276 -2.67 -35.84 125.76
N GLN FB 277 -2.19 -36.65 126.71
CA GLN FB 277 -2.98 -37.79 127.16
C GLN FB 277 -4.22 -37.37 127.92
N LEU FB 278 -4.18 -36.24 128.63
CA LEU FB 278 -5.39 -35.70 129.23
C LEU FB 278 -6.36 -35.19 128.18
N ALA FB 279 -5.85 -34.46 127.18
CA ALA FB 279 -6.69 -33.95 126.12
C ALA FB 279 -7.31 -35.07 125.28
N ALA FB 280 -6.63 -36.22 125.18
CA ALA FB 280 -7.18 -37.34 124.42
C ALA FB 280 -8.50 -37.82 125.01
N VAL FB 281 -8.62 -37.83 126.33
CA VAL FB 281 -9.88 -38.21 126.97
C VAL FB 281 -10.77 -37.01 127.23
N THR FB 282 -10.24 -35.80 127.17
CA THR FB 282 -11.06 -34.60 127.37
C THR FB 282 -11.86 -34.24 126.13
N GLU FB 283 -11.21 -34.17 124.97
CA GLU FB 283 -11.88 -33.74 123.74
C GLU FB 283 -12.87 -34.81 123.26
N ARG FB 284 -13.85 -34.35 122.50
CA ARG FB 284 -14.88 -35.21 121.94
C ARG FB 284 -15.48 -34.52 120.72
N PRO FB 285 -15.97 -35.29 119.74
CA PRO FB 285 -16.71 -34.67 118.64
C PRO FB 285 -17.93 -33.92 119.18
N PHE FB 286 -18.22 -32.78 118.55
CA PHE FB 286 -19.26 -31.90 119.05
C PHE FB 286 -20.63 -32.55 118.94
N GLN FB 287 -21.36 -32.56 120.05
CA GLN FB 287 -22.72 -33.08 120.09
C GLN FB 287 -23.77 -31.99 120.16
N ASN FB 288 -23.37 -30.72 120.13
CA ASN FB 288 -24.31 -29.61 120.21
C ASN FB 288 -23.68 -28.36 119.62
N GLY FB 289 -24.51 -27.54 118.98
CA GLY FB 289 -24.04 -26.27 118.46
C GLY FB 289 -23.56 -25.34 119.56
N PHE FB 290 -24.09 -25.51 120.78
CA PHE FB 290 -23.59 -24.74 121.91
C PHE FB 290 -22.15 -25.09 122.23
N GLU FB 291 -21.83 -26.39 122.25
CA GLU FB 291 -20.44 -26.80 122.43
C GLU FB 291 -19.58 -26.35 121.25
N GLU FB 292 -20.14 -26.38 120.04
CA GLU FB 292 -19.40 -25.93 118.86
C GLU FB 292 -18.99 -24.47 118.99
N MET FB 293 -19.82 -23.63 119.60
CA MET FB 293 -19.48 -22.25 119.86
C MET FB 293 -18.58 -22.08 121.09
N ILE FB 294 -18.77 -22.90 122.13
CA ILE FB 294 -17.95 -22.79 123.33
C ILE FB 294 -16.49 -23.08 123.00
N GLN FB 295 -16.24 -24.15 122.25
CA GLN FB 295 -14.87 -24.52 121.92
C GLN FB 295 -14.20 -23.43 121.07
N TRP FB 296 -14.92 -22.90 120.09
CA TRP FB 296 -14.34 -21.86 119.24
C TRP FB 296 -14.12 -20.56 120.01
N THR FB 297 -14.98 -20.24 120.97
CA THR FB 297 -14.78 -19.05 121.78
C THR FB 297 -13.58 -19.21 122.70
N LYS FB 298 -13.41 -20.41 123.27
CA LYS FB 298 -12.26 -20.65 124.12
C LYS FB 298 -10.96 -20.69 123.32
N GLU FB 299 -11.01 -21.14 122.06
CA GLU FB 299 -9.81 -21.20 121.26
C GLU FB 299 -9.44 -19.84 120.65
N GLY FB 300 -10.44 -19.02 120.32
CA GLY FB 300 -10.20 -17.71 119.73
C GLY FB 300 -10.86 -17.48 118.39
N LYS FB 301 -11.62 -18.45 117.86
CA LYS FB 301 -12.27 -18.24 116.57
C LYS FB 301 -13.47 -17.31 116.70
N LEU FB 302 -14.36 -17.61 117.64
CA LEU FB 302 -15.53 -16.77 117.85
C LEU FB 302 -15.15 -15.46 118.53
N TRP FB 303 -15.97 -14.44 118.32
CA TRP FB 303 -15.74 -13.14 118.92
C TRP FB 303 -16.17 -13.14 120.38
N GLU FB 304 -15.73 -12.11 121.10
CA GLU FB 304 -16.10 -11.93 122.51
C GLU FB 304 -17.35 -11.07 122.57
N PHE FB 305 -18.42 -11.63 123.15
CA PHE FB 305 -19.69 -10.93 123.25
C PHE FB 305 -19.87 -10.33 124.64
N PRO FB 306 -20.42 -9.12 124.76
CA PRO FB 306 -20.89 -8.26 123.66
C PRO FB 306 -19.76 -7.72 122.79
N ILE FB 307 -20.02 -7.63 121.48
CA ILE FB 307 -18.99 -7.30 120.51
C ILE FB 307 -18.56 -5.85 120.72
N ASN FB 308 -17.32 -5.66 121.17
CA ASN FB 308 -16.71 -4.35 121.31
C ASN FB 308 -15.65 -4.18 120.23
N ASN FB 309 -15.64 -3.02 119.59
CA ASN FB 309 -14.78 -2.77 118.43
C ASN FB 309 -13.31 -2.56 118.80
N GLU FB 310 -12.92 -2.78 120.05
CA GLU FB 310 -11.53 -2.62 120.48
C GLU FB 310 -10.99 -3.88 121.14
N ALA FB 311 -11.54 -5.04 120.82
CA ALA FB 311 -11.08 -6.30 121.40
C ALA FB 311 -9.83 -6.77 120.66
N GLY FB 312 -8.74 -6.96 121.39
CA GLY FB 312 -7.49 -7.41 120.81
C GLY FB 312 -6.52 -6.31 120.44
N PHE FB 313 -6.86 -5.04 120.70
CA PHE FB 313 -6.00 -3.91 120.38
C PHE FB 313 -5.88 -3.04 121.62
N ASP FB 314 -4.72 -3.07 122.26
CA ASP FB 314 -4.48 -2.30 123.48
C ASP FB 314 -3.68 -1.03 123.25
N ASP FB 315 -3.08 -0.87 122.07
CA ASP FB 315 -2.27 0.31 121.73
C ASP FB 315 -1.14 0.50 122.73
N ASP FB 316 -0.45 -0.61 123.05
CA ASP FB 316 0.73 -0.61 123.90
C ASP FB 316 0.44 -0.05 125.30
N GLY FB 317 -0.82 -0.15 125.73
CA GLY FB 317 -1.19 0.34 127.05
C GLY FB 317 -1.00 1.84 127.24
N SER FB 318 -1.04 2.61 126.16
CA SER FB 318 -0.84 4.04 126.25
C SER FB 318 -2.11 4.74 126.74
N GLU FB 319 -1.94 5.99 127.16
CA GLU FB 319 -3.04 6.81 127.66
C GLU FB 319 -3.14 8.09 126.82
N PHE FB 320 -4.01 9.00 127.27
CA PHE FB 320 -4.22 10.24 126.52
C PHE FB 320 -3.05 11.20 126.66
N HIS FB 321 -2.29 11.11 127.75
CA HIS FB 321 -1.15 11.99 127.93
C HIS FB 321 0.03 11.62 127.05
N GLU FB 322 0.06 10.39 126.52
CA GLU FB 322 1.08 10.00 125.56
C GLU FB 322 0.72 10.37 124.13
N HIS FB 323 -0.56 10.65 123.86
CA HIS FB 323 -1.03 11.00 122.52
C HIS FB 323 -1.20 12.50 122.35
N ILE FB 324 -1.94 13.16 123.24
CA ILE FB 324 -2.26 14.56 123.05
C ILE FB 324 -1.08 15.45 123.44
N PHE FB 325 -0.55 15.26 124.64
CA PHE FB 325 0.54 16.11 125.14
C PHE FB 325 1.85 15.61 124.55
N LEU FB 326 2.32 16.28 123.51
CA LEU FB 326 3.57 15.93 122.84
C LEU FB 326 4.60 17.05 122.90
N ASP FB 327 4.40 18.05 123.76
CA ASP FB 327 5.36 19.14 123.88
C ASP FB 327 6.66 18.69 124.53
N LYS FB 328 6.68 17.51 125.16
CA LYS FB 328 7.88 17.01 125.80
C LYS FB 328 8.96 16.60 124.82
N TYR FB 329 8.65 16.45 123.54
CA TYR FB 329 9.61 16.03 122.54
C TYR FB 329 10.19 17.18 121.73
N LEU FB 330 9.76 18.42 122.00
CA LEU FB 330 10.22 19.58 121.26
C LEU FB 330 11.24 20.41 122.05
N GLN FB 331 11.95 19.78 122.99
CA GLN FB 331 12.94 20.50 123.78
C GLN FB 331 14.23 20.75 123.00
N ASP FB 332 14.52 19.91 122.01
CA ASP FB 332 15.75 20.05 121.22
C ASP FB 332 15.48 20.92 119.98
N PHE FB 333 14.94 22.11 120.24
CA PHE FB 333 14.59 23.05 119.18
C PHE FB 333 14.65 24.46 119.75
N PRO FB 334 14.92 25.47 118.93
CA PRO FB 334 14.88 26.85 119.44
C PRO FB 334 13.46 27.27 119.77
N LYS FB 335 13.27 27.78 120.99
CA LYS FB 335 11.93 28.09 121.46
C LYS FB 335 11.38 29.35 120.79
N GLN FB 336 12.18 30.40 120.68
CA GLN FB 336 11.73 31.68 120.18
C GLN FB 336 11.90 31.82 118.67
N GLY FB 337 12.31 30.76 117.98
CA GLY FB 337 12.47 30.80 116.54
C GLY FB 337 11.23 30.31 115.82
N PRO FB 338 11.27 30.34 114.48
CA PRO FB 338 10.14 29.80 113.71
C PRO FB 338 10.03 28.28 113.77
N ILE FB 339 11.03 27.59 114.32
CA ILE FB 339 10.96 26.14 114.43
C ILE FB 339 9.82 25.71 115.34
N ARG FB 340 9.62 26.42 116.45
CA ARG FB 340 8.49 26.11 117.32
C ARG FB 340 7.16 26.41 116.64
N HIS FB 341 7.10 27.52 115.89
CA HIS FB 341 5.88 27.85 115.15
C HIS FB 341 5.55 26.78 114.11
N PHE FB 342 6.58 26.17 113.53
CA PHE FB 342 6.34 25.09 112.57
C PHE FB 342 5.99 23.78 113.26
N MET FB 343 6.61 23.50 114.41
CA MET FB 343 6.42 22.21 115.06
C MET FB 343 5.15 22.14 115.89
N GLU FB 344 4.58 23.28 116.30
CA GLU FB 344 3.30 23.25 117.01
C GLU FB 344 2.20 22.69 116.11
N LEU FB 345 2.26 23.00 114.81
CA LEU FB 345 1.27 22.45 113.88
C LEU FB 345 1.42 20.94 113.73
N VAL FB 346 2.66 20.45 113.66
CA VAL FB 346 2.89 19.02 113.58
C VAL FB 346 2.42 18.34 114.86
N THR FB 347 2.66 18.96 116.02
CA THR FB 347 2.22 18.39 117.28
C THR FB 347 0.69 18.32 117.34
N CYS FB 348 0.01 19.39 116.92
CA CYS FB 348 -1.45 19.36 116.89
C CYS FB 348 -1.97 18.30 115.92
N GLY FB 349 -1.34 18.16 114.75
CA GLY FB 349 -1.78 17.16 113.80
C GLY FB 349 -1.60 15.74 114.33
N LEU FB 350 -0.47 15.50 115.00
CA LEU FB 350 -0.23 14.17 115.58
C LEU FB 350 -1.17 13.90 116.75
N SER FB 351 -1.52 14.93 117.52
CA SER FB 351 -2.47 14.73 118.61
C SER FB 351 -3.89 14.51 118.10
N LYS FB 352 -4.22 15.09 116.94
CA LYS FB 352 -5.53 14.89 116.32
C LYS FB 352 -5.54 13.73 115.33
N ASN FB 353 -4.64 12.75 115.50
CA ASN FB 353 -4.54 11.61 114.60
C ASN FB 353 -4.73 10.33 115.42
N PRO FB 354 -5.97 9.83 115.53
CA PRO FB 354 -6.20 8.56 116.23
C PRO FB 354 -5.73 7.34 115.45
N TYR FB 355 -5.15 7.51 114.27
CA TYR FB 355 -4.77 6.38 113.45
C TYR FB 355 -3.36 5.87 113.77
N LEU FB 356 -2.45 6.74 114.17
CA LEU FB 356 -1.07 6.38 114.44
C LEU FB 356 -0.86 6.17 115.93
N SER FB 357 0.18 5.40 116.27
CA SER FB 357 0.52 5.12 117.64
C SER FB 357 1.48 6.18 118.18
N VAL FB 358 1.99 5.98 119.40
CA VAL FB 358 2.90 6.94 119.99
C VAL FB 358 4.30 6.80 119.39
N LYS FB 359 4.73 5.57 119.11
CA LYS FB 359 6.07 5.36 118.58
C LYS FB 359 6.23 5.97 117.19
N GLN FB 360 5.18 5.92 116.37
CA GLN FB 360 5.27 6.50 115.03
C GLN FB 360 5.35 8.03 115.09
N LYS FB 361 4.61 8.66 116.00
CA LYS FB 361 4.76 10.10 116.20
C LYS FB 361 6.13 10.46 116.74
N VAL FB 362 6.68 9.66 117.66
CA VAL FB 362 8.04 9.89 118.13
C VAL FB 362 9.03 9.76 116.98
N GLU FB 363 8.81 8.81 116.08
CA GLU FB 363 9.69 8.65 114.92
C GLU FB 363 9.58 9.83 113.96
N HIS FB 364 8.38 10.38 113.79
CA HIS FB 364 8.22 11.58 112.97
C HIS FB 364 8.96 12.77 113.59
N ILE FB 365 8.80 12.95 114.90
CA ILE FB 365 9.50 14.04 115.58
C ILE FB 365 11.01 13.87 115.46
N GLU FB 366 11.50 12.63 115.59
CA GLU FB 366 12.93 12.39 115.47
C GLU FB 366 13.42 12.59 114.04
N TRP FB 367 12.59 12.25 113.05
CA TRP FB 367 12.96 12.51 111.66
C TRP FB 367 13.12 14.01 111.43
N PHE FB 368 12.16 14.81 111.90
CA PHE FB 368 12.31 16.26 111.80
C PHE FB 368 13.53 16.78 112.55
N ARG FB 369 13.79 16.26 113.75
CA ARG FB 369 14.96 16.66 114.52
C ARG FB 369 16.25 16.40 113.74
N ASN FB 370 16.46 15.17 113.26
CA ASN FB 370 17.69 14.86 112.56
C ASN FB 370 17.78 15.54 111.19
N TYR FB 371 16.65 15.78 110.52
CA TYR FB 371 16.69 16.53 109.27
C TYR FB 371 17.16 17.96 109.52
N PHE FB 372 16.58 18.63 110.51
CA PHE FB 372 16.96 20.01 110.80
C PHE FB 372 18.39 20.08 111.35
N ASN FB 373 18.84 19.04 112.05
CA ASN FB 373 20.19 19.03 112.58
C ASN FB 373 21.22 18.68 111.52
N GLU FB 374 20.83 17.96 110.47
CA GLU FB 374 21.73 17.69 109.36
C GLU FB 374 21.84 18.89 108.43
N LYS FB 375 20.71 19.55 108.16
CA LYS FB 375 20.73 20.77 107.34
C LYS FB 375 20.95 21.97 108.25
N ARG FB 376 22.22 22.29 108.44
CA ARG FB 376 22.61 23.45 109.25
C ARG FB 376 23.01 24.66 108.41
N VAL FB 377 23.51 24.44 107.19
CA VAL FB 377 23.92 25.56 106.36
C VAL FB 377 22.74 26.38 105.85
N ILE FB 378 21.60 25.73 105.57
CA ILE FB 378 20.46 26.44 105.02
C ILE FB 378 19.82 27.36 106.04
N LEU FB 379 19.73 26.94 107.31
CA LEU FB 379 19.14 27.80 108.33
C LEU FB 379 20.06 28.97 108.67
N LYS FB 380 21.38 28.77 108.59
CA LYS FB 380 22.30 29.88 108.81
C LYS FB 380 22.30 30.84 107.62
N GLU FB 381 22.07 30.33 106.41
CA GLU FB 381 21.99 31.19 105.23
C GLU FB 381 20.68 31.96 105.17
N SER FB 382 19.58 31.39 105.68
CA SER FB 382 18.28 32.04 105.62
C SER FB 382 18.24 33.38 106.35
N GLY FB 383 19.15 33.62 107.29
CA GLY FB 383 19.18 34.85 108.04
C GLY FB 383 18.66 34.75 109.45
N ILE FB 384 18.04 33.64 109.83
CA ILE FB 384 17.54 33.41 111.17
C ILE FB 384 18.47 32.42 111.86
N GLN FB 385 18.99 32.79 113.03
CA GLN FB 385 19.92 31.96 113.77
C GLN FB 385 19.19 30.79 114.39
N LEU FB 386 19.54 29.57 113.99
CA LEU FB 386 18.95 28.35 114.53
C LEU FB 386 20.05 27.40 114.96
N ASN FB 387 19.77 26.64 116.02
CA ASN FB 387 20.73 25.68 116.54
C ASN FB 387 20.29 24.25 116.28
N LEU GB 4 -14.31 42.46 117.55
CA LEU GB 4 -13.10 41.84 118.05
C LEU GB 4 -12.44 42.72 119.11
N SER GB 5 -12.24 42.16 120.30
CA SER GB 5 -11.65 42.88 121.42
C SER GB 5 -10.50 42.08 122.00
N GLU GB 6 -9.72 42.74 122.86
CA GLU GB 6 -8.57 42.09 123.48
C GLU GB 6 -9.00 41.00 124.45
N TYR GB 7 -10.04 41.25 125.24
CA TYR GB 7 -10.57 40.20 126.11
C TYR GB 7 -11.03 39.00 125.30
N ALA GB 8 -11.71 39.23 124.17
CA ALA GB 8 -12.17 38.13 123.33
C ALA GB 8 -11.01 37.37 122.71
N VAL GB 9 -9.97 38.06 122.24
CA VAL GB 9 -8.86 37.34 121.62
C VAL GB 9 -8.06 36.58 122.66
N ARG GB 10 -7.97 37.10 123.89
CA ARG GB 10 -7.31 36.35 124.96
C ARG GB 10 -8.13 35.13 125.35
N MET GB 11 -9.45 35.27 125.42
CA MET GB 11 -10.31 34.13 125.71
C MET GB 11 -10.18 33.06 124.64
N SER GB 12 -10.11 33.47 123.37
CA SER GB 12 -9.92 32.49 122.29
C SER GB 12 -8.54 31.84 122.36
N ARG GB 13 -7.50 32.62 122.67
CA ARG GB 13 -6.16 32.06 122.80
C ARG GB 13 -6.10 31.04 123.94
N LEU GB 14 -6.83 31.29 125.03
CA LEU GB 14 -6.86 30.33 126.13
C LEU GB 14 -7.71 29.10 125.77
N SER GB 15 -8.82 29.31 125.06
CA SER GB 15 -9.66 28.19 124.66
C SER GB 15 -8.92 27.26 123.72
N ALA GB 16 -8.16 27.81 122.78
CA ALA GB 16 -7.33 26.99 121.91
C ALA GB 16 -6.25 26.23 122.65
N ARG GB 17 -5.60 26.87 123.62
CA ARG GB 17 -4.57 26.18 124.40
C ARG GB 17 -5.18 25.05 125.23
N LEU GB 18 -6.40 25.25 125.74
CA LEU GB 18 -7.03 24.21 126.55
C LEU GB 18 -7.54 23.05 125.69
N PHE GB 19 -8.16 23.37 124.55
CA PHE GB 19 -8.69 22.33 123.68
C PHE GB 19 -7.61 21.64 122.86
N GLY GB 20 -6.41 22.21 122.79
CA GLY GB 20 -5.33 21.60 122.05
C GLY GB 20 -5.21 22.04 120.61
N GLU GB 21 -5.83 23.16 120.24
CA GLU GB 21 -5.75 23.66 118.87
C GLU GB 21 -4.56 24.60 118.74
N VAL GB 22 -4.45 25.29 117.61
CA VAL GB 22 -3.39 26.25 117.38
C VAL GB 22 -3.71 27.53 118.15
N ALA GB 23 -2.86 27.86 119.11
CA ALA GB 23 -3.12 29.03 119.95
C ALA GB 23 -2.78 30.32 119.22
N ARG GB 24 -1.53 30.47 118.78
CA ARG GB 24 -1.12 31.68 118.10
C ARG GB 24 -1.80 31.79 116.74
N PRO GB 25 -2.07 33.01 116.28
CA PRO GB 25 -2.78 33.17 115.00
C PRO GB 25 -1.94 32.71 113.82
N THR GB 26 -2.55 31.92 112.95
CA THR GB 26 -1.91 31.39 111.75
C THR GB 26 -2.83 31.57 110.56
N ASP GB 27 -2.25 31.82 109.39
CA ASP GB 27 -3.04 31.94 108.17
C ASP GB 27 -3.58 30.58 107.75
N SER GB 28 -4.60 30.61 106.89
CA SER GB 28 -5.25 29.38 106.47
C SER GB 28 -4.32 28.50 105.65
N LYS GB 29 -3.31 29.08 105.00
CA LYS GB 29 -2.38 28.30 104.20
C LYS GB 29 -1.51 27.40 105.05
N SER GB 30 -1.26 27.78 106.30
CA SER GB 30 -0.43 26.99 107.20
C SER GB 30 -1.20 25.86 107.87
N MET GB 31 -2.50 25.76 107.66
CA MET GB 31 -3.28 24.66 108.23
C MET GB 31 -3.26 23.42 107.35
N LYS GB 32 -2.67 23.50 106.16
CA LYS GB 32 -2.53 22.30 105.33
C LYS GB 32 -1.61 21.28 105.99
N VAL GB 33 -0.49 21.74 106.56
CA VAL GB 33 0.39 20.83 107.28
C VAL GB 33 -0.25 20.35 108.57
N VAL GB 34 -1.22 21.08 109.11
CA VAL GB 34 -1.97 20.60 110.26
C VAL GB 34 -2.87 19.44 109.86
N LYS GB 35 -3.67 19.66 108.81
CA LYS GB 35 -4.56 18.60 108.31
C LYS GB 35 -3.79 17.38 107.83
N LEU GB 36 -2.59 17.58 107.26
CA LEU GB 36 -1.84 16.46 106.70
C LEU GB 36 -1.46 15.45 107.77
N PHE GB 37 -1.22 15.90 109.00
CA PHE GB 37 -0.96 14.99 110.10
C PHE GB 37 -2.22 14.66 110.90
N SER GB 38 -3.24 15.52 110.86
CA SER GB 38 -4.48 15.24 111.56
C SER GB 38 -5.30 14.14 110.89
N GLU GB 39 -5.15 13.97 109.57
CA GLU GB 39 -5.87 12.94 108.84
C GLU GB 39 -4.88 11.93 108.27
N GLN GB 40 -5.40 10.74 107.95
CA GLN GB 40 -4.57 9.68 107.41
C GLN GB 40 -4.25 9.96 105.95
N PRO GB 41 -2.99 9.78 105.52
CA PRO GB 41 -2.65 10.02 104.11
C PRO GB 41 -3.34 9.03 103.20
N LEU GB 42 -3.40 9.40 101.92
CA LEU GB 42 -4.13 8.59 100.93
C LEU GB 42 -3.45 7.25 100.71
N ALA GB 43 -2.13 7.24 100.54
CA ALA GB 43 -1.41 6.00 100.25
C ALA GB 43 -1.40 5.03 101.42
N LYS GB 44 -1.74 5.48 102.63
CA LYS GB 44 -1.71 4.64 103.81
C LYS GB 44 -3.07 4.06 104.18
N ARG GB 45 -4.15 4.56 103.59
CA ARG GB 45 -5.47 4.02 103.87
C ARG GB 45 -5.56 2.56 103.43
N LYS GB 46 -6.31 1.77 104.20
CA LYS GB 46 -6.50 0.37 103.86
C LYS GB 46 -7.30 0.21 102.58
N GLU GB 47 -8.38 0.98 102.40
CA GLU GB 47 -9.18 0.91 101.18
C GLU GB 47 -8.36 1.24 99.94
N THR GB 48 -7.24 1.94 100.09
CA THR GB 48 -6.39 2.31 98.96
C THR GB 48 -5.25 1.31 98.75
N TYR GB 49 -4.49 1.00 99.81
CA TYR GB 49 -3.35 0.12 99.65
C TYR GB 49 -3.73 -1.35 99.56
N ASP GB 50 -4.97 -1.70 99.89
CA ASP GB 50 -5.47 -3.06 99.77
C ASP GB 50 -6.65 -3.13 98.81
N TRP GB 51 -6.53 -2.42 97.69
CA TRP GB 51 -7.61 -2.39 96.71
C TRP GB 51 -7.77 -3.75 96.02
N TYR GB 52 -6.71 -4.22 95.38
CA TYR GB 52 -6.76 -5.48 94.65
C TYR GB 52 -6.24 -6.61 95.52
N PRO GB 53 -7.01 -7.67 95.76
CA PRO GB 53 -6.47 -8.83 96.48
C PRO GB 53 -5.39 -9.52 95.67
N ASN GB 54 -4.80 -10.55 96.27
CA ASN GB 54 -3.67 -11.23 95.65
C ASN GB 54 -4.12 -12.22 94.58
N HIS GB 55 -4.33 -11.71 93.35
CA HIS GB 55 -4.68 -12.58 92.24
C HIS GB 55 -3.64 -13.65 91.99
N ASN GB 56 -2.36 -13.36 92.26
CA ASN GB 56 -1.34 -14.39 92.18
C ASN GB 56 -1.59 -15.51 93.18
N THR GB 57 -1.96 -15.17 94.42
CA THR GB 57 -2.30 -16.20 95.39
C THR GB 57 -3.52 -16.99 94.95
N TYR GB 58 -4.55 -16.30 94.44
CA TYR GB 58 -5.73 -16.99 93.91
C TYR GB 58 -5.35 -18.01 92.86
N PHE GB 59 -4.66 -17.58 91.80
CA PHE GB 59 -4.29 -18.46 90.71
C PHE GB 59 -3.38 -19.59 91.16
N ALA GB 60 -2.38 -19.30 92.01
CA ALA GB 60 -1.47 -20.34 92.47
C ALA GB 60 -2.20 -21.38 93.31
N LEU GB 61 -3.08 -20.95 94.22
CA LEU GB 61 -3.84 -21.90 95.02
C LEU GB 61 -4.73 -22.77 94.15
N MET GB 62 -5.45 -22.15 93.21
CA MET GB 62 -6.33 -22.91 92.33
C MET GB 62 -5.56 -23.91 91.47
N GLY GB 63 -4.43 -23.51 90.91
CA GLY GB 63 -3.62 -24.41 90.12
C GLY GB 63 -3.01 -25.54 90.91
N THR GB 64 -2.53 -25.24 92.12
CA THR GB 64 -1.98 -26.30 92.97
C THR GB 64 -3.07 -27.30 93.35
N LEU GB 65 -4.27 -26.82 93.70
CA LEU GB 65 -5.36 -27.74 93.99
C LEU GB 65 -5.74 -28.56 92.77
N ARG GB 66 -5.77 -27.94 91.59
CA ARG GB 66 -6.08 -28.67 90.37
C ARG GB 66 -5.05 -29.76 90.09
N PHE GB 67 -3.77 -29.48 90.31
CA PHE GB 67 -2.74 -30.48 90.07
C PHE GB 67 -2.68 -31.54 91.16
N LEU GB 68 -3.10 -31.22 92.38
CA LEU GB 68 -3.15 -32.20 93.45
C LEU GB 68 -4.40 -33.06 93.41
N GLY GB 69 -5.43 -32.64 92.69
CA GLY GB 69 -6.62 -33.46 92.51
C GLY GB 69 -7.77 -33.13 93.42
N LEU GB 70 -7.97 -31.85 93.73
CA LEU GB 70 -9.10 -31.41 94.53
C LEU GB 70 -9.99 -30.44 93.78
N TYR GB 71 -9.41 -29.48 93.08
CA TYR GB 71 -10.15 -28.53 92.26
C TYR GB 71 -10.14 -29.00 90.81
N ARG GB 72 -11.25 -28.78 90.12
CA ARG GB 72 -11.39 -29.18 88.72
C ARG GB 72 -11.82 -27.94 87.93
N ASP GB 73 -10.85 -27.27 87.31
CA ASP GB 73 -11.12 -26.03 86.59
C ASP GB 73 -11.59 -26.35 85.17
N GLU GB 74 -12.88 -26.16 84.93
CA GLU GB 74 -13.44 -26.44 83.61
C GLU GB 74 -12.84 -25.54 82.53
N HIS GB 75 -12.57 -24.27 82.87
CA HIS GB 75 -12.00 -23.38 81.88
C HIS GB 75 -10.57 -23.78 81.51
N GLN GB 76 -9.77 -24.18 82.49
CA GLN GB 76 -8.41 -24.62 82.19
C GLN GB 76 -8.43 -25.94 81.42
N ASP GB 77 -9.36 -26.83 81.76
CA ASP GB 77 -9.50 -28.05 80.96
C ASP GB 77 -9.92 -27.75 79.53
N PHE GB 78 -10.79 -26.76 79.32
CA PHE GB 78 -11.17 -26.36 77.97
C PHE GB 78 -9.98 -25.78 77.21
N ARG GB 79 -9.20 -24.92 77.87
CA ARG GB 79 -7.99 -24.37 77.24
C ARG GB 79 -7.04 -25.49 76.84
N ASP GB 80 -6.82 -26.45 77.75
CA ASP GB 80 -5.90 -27.55 77.47
C ASP GB 80 -6.41 -28.43 76.34
N GLU GB 81 -7.72 -28.71 76.30
CA GLU GB 81 -8.29 -29.51 75.22
C GLU GB 81 -8.16 -28.79 73.88
N GLN GB 82 -8.42 -27.48 73.86
CA GLN GB 82 -8.29 -26.74 72.62
C GLN GB 82 -6.84 -26.68 72.15
N LEU GB 83 -5.90 -26.51 73.08
CA LEU GB 83 -4.48 -26.51 72.70
C LEU GB 83 -4.05 -27.88 72.20
N ARG GB 84 -4.54 -28.95 72.82
CA ARG GB 84 -4.24 -30.30 72.35
C ARG GB 84 -4.77 -30.51 70.93
N LEU GB 85 -6.02 -30.11 70.68
CA LEU GB 85 -6.57 -30.23 69.34
C LEU GB 85 -5.82 -29.37 68.33
N LYS GB 86 -5.37 -28.19 68.72
CA LYS GB 86 -4.63 -27.32 67.81
C LYS GB 86 -3.27 -27.93 67.46
N LYS GB 87 -2.57 -28.47 68.46
CA LYS GB 87 -1.29 -29.11 68.20
C LYS GB 87 -1.46 -30.40 67.40
N LEU GB 88 -2.58 -31.09 67.57
CA LEU GB 88 -2.85 -32.27 66.76
C LEU GB 88 -3.19 -31.89 65.32
N ARG GB 89 -3.84 -30.74 65.13
CA ARG GB 89 -4.11 -30.26 63.78
C ARG GB 89 -2.84 -29.80 63.10
N GLY GB 90 -1.91 -29.20 63.85
CA GLY GB 90 -0.60 -28.90 63.29
C GLY GB 90 -0.07 -27.51 63.53
N LYS GB 91 -0.84 -26.66 64.19
CA LYS GB 91 -0.46 -25.28 64.46
C LYS GB 91 -0.30 -25.09 65.96
N GLY GB 92 0.93 -25.23 66.46
CA GLY GB 92 1.23 -25.09 67.86
C GLY GB 92 1.97 -23.80 68.16
N LYS GB 93 2.61 -23.77 69.34
CA LYS GB 93 3.38 -22.61 69.75
C LYS GB 93 4.84 -22.83 69.38
N PRO GB 94 5.44 -21.96 68.57
CA PRO GB 94 6.83 -22.17 68.17
C PRO GB 94 7.79 -22.02 69.35
N ARG GB 95 8.92 -22.73 69.24
CA ARG GB 95 9.95 -22.65 70.27
C ARG GB 95 10.58 -21.26 70.29
N LYS GB 96 10.97 -20.82 71.48
CA LYS GB 96 11.55 -19.49 71.64
C LYS GB 96 12.90 -19.43 70.94
N GLY GB 97 13.01 -18.59 69.92
CA GLY GB 97 14.25 -18.36 69.22
C GLY GB 97 14.29 -18.85 67.79
N GLU GB 98 13.27 -19.57 67.34
CA GLU GB 98 13.22 -20.08 65.98
C GLU GB 98 12.01 -19.60 65.20
N GLY GB 99 11.27 -18.61 65.72
CA GLY GB 99 10.09 -18.11 65.06
C GLY GB 99 10.40 -17.18 63.91
N LYS GB 100 11.33 -16.24 64.11
CA LYS GB 100 11.66 -15.27 63.08
C LYS GB 100 12.78 -15.77 62.17
N ARG GB 101 13.90 -16.16 62.77
CA ARG GB 101 15.06 -16.59 61.99
C ARG GB 101 14.78 -17.93 61.30
N ALA GB 102 14.44 -18.95 62.08
CA ALA GB 102 14.15 -20.27 61.53
C ALA GB 102 12.69 -20.39 61.12
N MET HB 1 -37.96 -64.64 -9.18
CA MET HB 1 -39.00 -65.32 -9.95
C MET HB 1 -39.45 -64.46 -11.12
N ALA HB 2 -40.60 -63.80 -10.95
CA ALA HB 2 -41.16 -62.91 -11.97
C ALA HB 2 -41.40 -61.56 -11.32
N ARG HB 3 -40.50 -60.60 -11.58
CA ARG HB 3 -40.57 -59.28 -10.98
C ARG HB 3 -40.67 -58.22 -12.06
N LYS HB 4 -41.01 -57.00 -11.64
CA LYS HB 4 -41.07 -55.86 -12.55
C LYS HB 4 -39.69 -55.30 -12.87
N LYS HB 5 -38.71 -55.55 -12.01
CA LYS HB 5 -37.36 -55.00 -12.16
C LYS HB 5 -36.37 -56.04 -12.64
N VAL HB 6 -36.80 -56.96 -13.50
CA VAL HB 6 -35.92 -58.00 -14.02
C VAL HB 6 -35.16 -57.46 -15.23
N ARG HB 7 -33.85 -57.64 -15.22
CA ARG HB 7 -33.04 -57.20 -16.35
C ARG HB 7 -32.96 -58.28 -17.41
N PRO HB 8 -33.17 -57.94 -18.68
CA PRO HB 8 -33.11 -58.94 -19.78
C PRO HB 8 -31.67 -59.32 -20.15
N ARG HB 9 -31.13 -60.28 -19.41
CA ARG HB 9 -29.76 -60.76 -19.64
C ARG HB 9 -29.62 -61.32 -21.04
N LEU HB 10 -28.68 -60.75 -21.81
CA LEU HB 10 -28.43 -61.20 -23.17
C LEU HB 10 -27.13 -62.00 -23.31
N ILE HB 11 -26.14 -61.72 -22.46
CA ILE HB 11 -24.88 -62.44 -22.54
C ILE HB 11 -25.08 -63.91 -22.18
N ALA HB 12 -25.93 -64.21 -21.20
CA ALA HB 12 -26.19 -65.59 -20.82
C ALA HB 12 -26.83 -66.37 -21.97
N GLU HB 13 -27.65 -65.71 -22.77
CA GLU HB 13 -28.27 -66.38 -23.92
C GLU HB 13 -27.30 -66.49 -25.09
N LEU HB 14 -26.43 -65.49 -25.29
CA LEU HB 14 -25.46 -65.56 -26.37
C LEU HB 14 -24.40 -66.63 -26.11
N ALA HB 15 -24.02 -66.83 -24.84
CA ALA HB 15 -23.06 -67.88 -24.51
C ALA HB 15 -23.60 -69.26 -24.86
N ARG HB 16 -24.91 -69.47 -24.70
CA ARG HB 16 -25.50 -70.75 -25.10
C ARG HB 16 -25.30 -71.02 -26.58
N ARG HB 17 -25.60 -70.03 -27.44
CA ARG HB 17 -25.39 -70.19 -28.87
C ARG HB 17 -23.91 -70.39 -29.20
N VAL HB 18 -23.03 -69.66 -28.53
CA VAL HB 18 -21.60 -69.78 -28.79
C VAL HB 18 -21.13 -71.20 -28.49
N ARG HB 19 -21.47 -71.71 -27.30
CA ARG HB 19 -21.05 -73.05 -26.93
C ARG HB 19 -21.74 -74.13 -27.77
N ALA HB 20 -22.98 -73.90 -28.20
CA ALA HB 20 -23.63 -74.85 -29.10
C ALA HB 20 -22.92 -74.91 -30.44
N LEU HB 21 -22.49 -73.77 -30.97
CA LEU HB 21 -21.75 -73.76 -32.23
C LEU HB 21 -20.39 -74.41 -32.06
N ARG HB 22 -19.72 -74.16 -30.95
CA ARG HB 22 -18.40 -74.74 -30.69
C ARG HB 22 -18.46 -76.23 -30.39
N GLU HB 23 -19.59 -76.74 -29.91
CA GLU HB 23 -19.77 -78.17 -29.70
C GLU HB 23 -19.82 -78.93 -31.02
N GLN HB 24 -20.43 -78.33 -32.05
CA GLN HB 24 -20.59 -78.98 -33.33
C GLN HB 24 -19.40 -78.74 -34.27
N ARG HB 25 -18.87 -77.51 -34.30
CA ARG HB 25 -17.74 -77.23 -35.18
C ARG HB 25 -16.48 -77.91 -34.68
N GLU HB 26 -16.20 -77.80 -33.39
CA GLU HB 26 -15.01 -78.40 -32.79
C GLU HB 26 -15.29 -79.78 -32.19
N ARG HB 27 -16.25 -80.51 -32.74
CA ARG HB 27 -16.56 -81.85 -32.25
C ARG HB 27 -15.38 -82.79 -32.52
N PRO HB 28 -14.75 -83.34 -31.48
CA PRO HB 28 -13.60 -84.23 -31.72
C PRO HB 28 -14.03 -85.49 -32.45
N ARG HB 29 -13.29 -85.83 -33.49
CA ARG HB 29 -13.60 -87.01 -34.28
C ARG HB 29 -13.32 -88.28 -33.47
N ASP HB 30 -14.12 -89.31 -33.73
CA ASP HB 30 -14.03 -90.56 -32.97
C ASP HB 30 -12.67 -91.22 -33.06
N SER HB 31 -11.94 -91.03 -34.16
CA SER HB 31 -10.62 -91.63 -34.29
C SER HB 31 -9.69 -91.19 -33.17
N GLN HB 32 -9.40 -89.88 -33.10
CA GLN HB 32 -8.56 -89.37 -32.03
C GLN HB 32 -9.26 -89.38 -30.68
N ARG HB 33 -10.59 -89.49 -30.66
CA ARG HB 33 -11.29 -89.61 -29.38
C ARG HB 33 -11.02 -90.96 -28.74
N TYR HB 34 -10.97 -92.02 -29.54
CA TYR HB 34 -10.74 -93.38 -29.06
C TYR HB 34 -9.31 -93.84 -29.28
N ALA HB 35 -8.42 -92.94 -29.73
CA ALA HB 35 -7.01 -93.27 -29.83
C ALA HB 35 -6.46 -93.73 -28.47
N LEU HB 36 -5.49 -94.62 -28.52
CA LEU HB 36 -5.02 -95.29 -27.31
C LEU HB 36 -3.52 -95.51 -27.39
N ASP HB 37 -2.81 -95.15 -26.33
CA ASP HB 37 -1.38 -95.41 -26.22
C ASP HB 37 -1.20 -96.76 -25.53
N TYR HB 38 -0.67 -97.74 -26.27
CA TYR HB 38 -0.51 -99.09 -25.74
C TYR HB 38 0.65 -99.22 -24.76
N GLU HB 39 1.38 -98.15 -24.49
CA GLU HB 39 2.50 -98.19 -23.54
C GLU HB 39 2.09 -97.75 -22.15
N THR HB 40 1.39 -96.62 -22.03
CA THR HB 40 0.98 -96.08 -20.74
C THR HB 40 -0.47 -96.40 -20.40
N MET HB 41 -1.22 -96.98 -21.35
CA MET HB 41 -2.65 -97.28 -21.14
C MET HB 41 -3.43 -96.02 -20.80
N MET HB 42 -3.06 -94.92 -21.44
CA MET HB 42 -3.66 -93.60 -21.19
C MET HB 42 -4.30 -93.11 -22.48
N ARG HB 43 -5.52 -92.60 -22.37
CA ARG HB 43 -6.20 -92.03 -23.52
C ARG HB 43 -5.65 -90.63 -23.79
N PRO HB 44 -5.05 -90.39 -24.96
CA PRO HB 44 -4.50 -89.05 -25.23
C PRO HB 44 -5.55 -87.97 -25.37
N HIS HB 45 -6.82 -88.34 -25.62
CA HIS HB 45 -7.86 -87.34 -25.80
C HIS HB 45 -8.38 -86.83 -24.45
N SER HB 46 -8.91 -87.75 -23.63
CA SER HB 46 -9.49 -87.36 -22.34
C SER HB 46 -8.44 -87.33 -21.23
N GLY HB 47 -7.55 -88.30 -21.19
CA GLY HB 47 -6.57 -88.40 -20.13
C GLY HB 47 -6.86 -89.44 -19.07
N ASN HB 48 -7.71 -90.42 -19.37
CA ASN HB 48 -8.07 -91.46 -18.44
C ASN HB 48 -7.20 -92.68 -18.65
N ARG HB 49 -6.91 -93.40 -17.56
CA ARG HB 49 -6.12 -94.62 -17.62
C ARG HB 49 -7.03 -95.83 -17.61
N LEU HB 50 -6.68 -96.83 -18.41
CA LEU HB 50 -7.49 -98.04 -18.52
C LEU HB 50 -7.36 -98.88 -17.26
N PRO HB 51 -8.37 -99.69 -16.96
CA PRO HB 51 -8.30 -100.55 -15.76
C PRO HB 51 -7.20 -101.59 -15.87
N MET HB 52 -6.84 -102.16 -14.72
CA MET HB 52 -5.76 -103.13 -14.68
C MET HB 52 -6.16 -104.46 -15.28
N ARG HB 53 -7.43 -104.85 -15.14
CA ARG HB 53 -7.87 -106.14 -15.66
C ARG HB 53 -7.91 -106.19 -17.18
N ALA HB 54 -7.87 -105.04 -17.84
CA ALA HB 54 -7.89 -104.98 -19.29
C ALA HB 54 -6.50 -104.90 -19.90
N TRP HB 55 -5.45 -104.82 -19.07
CA TRP HB 55 -4.10 -104.70 -19.59
C TRP HB 55 -3.66 -105.92 -20.37
N ALA HB 56 -4.28 -107.08 -20.14
CA ALA HB 56 -3.97 -108.28 -20.90
C ALA HB 56 -4.72 -108.32 -22.23
N ASP HB 57 -6.02 -108.08 -22.19
CA ASP HB 57 -6.84 -108.16 -23.40
C ASP HB 57 -6.57 -107.03 -24.38
N VAL HB 58 -6.25 -105.82 -23.90
CA VAL HB 58 -5.94 -104.73 -24.82
C VAL HB 58 -4.71 -105.06 -25.65
N ARG HB 59 -3.73 -105.72 -25.04
CA ARG HB 59 -2.48 -106.06 -25.72
C ARG HB 59 -2.53 -107.38 -26.44
N HIS HB 60 -3.45 -108.27 -26.10
CA HIS HB 60 -3.50 -109.59 -26.72
C HIS HB 60 -4.70 -109.82 -27.63
N GLU HB 61 -5.59 -108.84 -27.78
CA GLU HB 61 -6.76 -109.01 -28.63
C GLU HB 61 -6.91 -107.80 -29.54
N SER HB 62 -7.98 -107.79 -30.33
CA SER HB 62 -8.25 -106.75 -31.29
C SER HB 62 -9.69 -106.26 -31.14
N ARG HB 63 -9.96 -105.11 -31.74
CA ARG HB 63 -11.29 -104.51 -31.66
C ARG HB 63 -12.09 -104.91 -32.89
N LEU HB 64 -13.29 -104.32 -33.04
CA LEU HB 64 -14.16 -104.66 -34.17
C LEU HB 64 -13.58 -104.16 -35.49
N LEU HB 65 -13.26 -102.87 -35.56
CA LEU HB 65 -12.78 -102.30 -36.82
C LEU HB 65 -11.42 -102.84 -37.24
N GLN HB 66 -10.54 -103.16 -36.28
CA GLN HB 66 -9.22 -103.66 -36.62
C GLN HB 66 -9.28 -104.98 -37.37
N LEU HB 67 -10.38 -105.72 -37.26
CA LEU HB 67 -10.58 -106.94 -38.03
C LEU HB 67 -11.62 -106.77 -39.13
N LEU HB 68 -12.45 -105.72 -39.06
CA LEU HB 68 -13.45 -105.45 -40.06
C LEU HB 68 -12.93 -104.65 -41.24
N ASN HB 69 -11.79 -103.97 -41.09
CA ASN HB 69 -11.23 -103.15 -42.16
C ASN HB 69 -10.58 -103.99 -43.26
N ARG HB 70 -10.56 -105.31 -43.14
CA ARG HB 70 -9.98 -106.18 -44.15
C ARG HB 70 -11.03 -106.99 -44.91
N LEU HB 71 -12.32 -106.67 -44.72
CA LEU HB 71 -13.41 -107.34 -45.43
C LEU HB 71 -13.84 -106.50 -46.63
N PRO HB 72 -14.30 -107.14 -47.71
CA PRO HB 72 -14.62 -106.38 -48.93
C PRO HB 72 -15.73 -105.35 -48.72
N LEU HB 73 -16.89 -105.77 -48.24
CA LEU HB 73 -18.02 -104.86 -48.01
C LEU HB 73 -18.17 -104.49 -46.55
N PHE HB 74 -17.06 -104.43 -45.81
CA PHE HB 74 -17.06 -104.12 -44.38
C PHE HB 74 -17.97 -105.07 -43.60
N GLY HB 75 -18.08 -106.31 -44.06
CA GLY HB 75 -18.85 -107.31 -43.36
C GLY HB 75 -20.35 -107.09 -43.40
N LEU HB 76 -20.95 -107.21 -44.59
CA LEU HB 76 -22.40 -107.13 -44.73
C LEU HB 76 -22.97 -108.52 -44.51
N GLY HB 77 -23.65 -108.71 -43.38
CA GLY HB 77 -24.18 -110.01 -43.02
C GLY HB 77 -23.23 -110.90 -42.26
N ARG HB 78 -21.98 -110.47 -42.05
CA ARG HB 78 -21.02 -111.28 -41.33
C ARG HB 78 -21.40 -111.39 -39.85
N LEU HB 79 -20.75 -112.33 -39.17
CA LEU HB 79 -20.99 -112.59 -37.76
C LEU HB 79 -19.73 -112.25 -36.96
N VAL HB 80 -19.90 -111.48 -35.89
CA VAL HB 80 -18.79 -111.09 -35.03
C VAL HB 80 -19.14 -111.49 -33.60
N THR HB 81 -18.11 -111.87 -32.83
CA THR HB 81 -18.33 -112.27 -31.44
C THR HB 81 -17.33 -111.60 -30.51
N ARG HB 82 -17.34 -111.97 -29.23
CA ARG HB 82 -16.47 -111.36 -28.23
C ARG HB 82 -15.75 -112.44 -27.43
N LYS HB 83 -14.54 -112.11 -27.00
CA LYS HB 83 -13.76 -113.05 -26.19
C LYS HB 83 -14.41 -113.26 -24.83
N SER HB 84 -14.92 -112.20 -24.22
CA SER HB 84 -15.62 -112.35 -22.95
C SER HB 84 -16.86 -113.22 -23.10
N TRP HB 85 -17.59 -113.07 -24.20
CA TRP HB 85 -18.73 -113.94 -24.46
C TRP HB 85 -18.30 -115.39 -24.65
N LEU HB 86 -17.25 -115.62 -25.43
CA LEU HB 86 -16.73 -116.97 -25.62
C LEU HB 86 -16.30 -117.61 -24.30
N TRP HB 87 -15.77 -116.82 -23.39
CA TRP HB 87 -15.32 -117.35 -22.10
C TRP HB 87 -16.47 -117.60 -21.14
N GLN HB 88 -17.39 -116.65 -21.03
CA GLN HB 88 -18.45 -116.76 -20.02
C GLN HB 88 -19.60 -117.65 -20.50
N HIS HB 89 -20.15 -117.36 -21.68
CA HIS HB 89 -21.34 -118.03 -22.18
C HIS HB 89 -20.92 -119.14 -23.14
N ASP HB 90 -21.16 -120.40 -22.75
CA ASP HB 90 -20.90 -121.50 -23.65
C ASP HB 90 -21.85 -121.51 -24.85
N GLU HB 91 -23.01 -120.87 -24.72
CA GLU HB 91 -23.95 -120.76 -25.82
C GLU HB 91 -23.46 -119.72 -26.83
N PRO HB 92 -23.77 -119.91 -28.11
CA PRO HB 92 -23.28 -118.96 -29.13
C PRO HB 92 -23.93 -117.59 -28.97
N CYS HB 93 -23.09 -116.57 -28.86
CA CYS HB 93 -23.53 -115.18 -28.79
C CYS HB 93 -22.79 -114.40 -29.85
N TYR HB 94 -23.51 -113.96 -30.88
CA TYR HB 94 -22.88 -113.29 -32.01
C TYR HB 94 -23.74 -112.12 -32.46
N TRP HB 95 -23.16 -111.30 -33.33
CA TRP HB 95 -23.82 -110.14 -33.92
C TRP HB 95 -23.74 -110.27 -35.43
N ARG HB 96 -24.90 -110.17 -36.10
CA ARG HB 96 -24.97 -110.15 -37.55
C ARG HB 96 -24.91 -108.70 -38.01
N LEU HB 97 -23.80 -108.31 -38.62
CA LEU HB 97 -23.60 -106.94 -39.04
C LEU HB 97 -24.51 -106.62 -40.22
N THR HB 98 -25.40 -105.64 -40.05
CA THR HB 98 -26.28 -105.21 -41.12
C THR HB 98 -25.84 -103.91 -41.77
N ARG HB 99 -25.07 -103.08 -41.07
CA ARG HB 99 -24.57 -101.84 -41.64
C ARG HB 99 -23.42 -101.32 -40.79
N VAL HB 100 -22.44 -100.71 -41.44
CA VAL HB 100 -21.26 -100.16 -40.78
C VAL HB 100 -20.93 -98.82 -41.44
N ARG HB 101 -20.52 -97.84 -40.63
CA ARG HB 101 -20.03 -96.56 -41.10
C ARG HB 101 -18.67 -96.33 -40.44
N PRO HB 102 -17.58 -96.57 -41.16
CA PRO HB 102 -16.26 -96.30 -40.59
C PRO HB 102 -15.88 -94.83 -40.73
N ASP HB 103 -15.08 -94.36 -39.78
CA ASP HB 103 -14.64 -92.98 -39.78
C ASP HB 103 -13.45 -92.81 -40.71
N TYR HB 104 -13.60 -91.90 -41.68
CA TYR HB 104 -12.55 -91.67 -42.67
C TYR HB 104 -11.38 -90.87 -42.11
N ALA HB 105 -11.49 -90.33 -40.90
CA ALA HB 105 -10.40 -89.57 -40.31
C ALA HB 105 -9.29 -90.46 -39.78
N ALA HB 106 -9.58 -91.74 -39.54
CA ALA HB 106 -8.54 -92.65 -39.08
C ALA HB 106 -7.56 -92.94 -40.21
N GLU HB 107 -6.26 -92.82 -39.91
CA GLU HB 107 -5.26 -93.02 -40.94
C GLU HB 107 -5.19 -94.46 -41.42
N ASN HB 108 -5.47 -95.41 -40.53
CA ASN HB 108 -5.48 -96.83 -40.89
C ASN HB 108 -6.88 -97.43 -40.87
N LEU HB 109 -7.91 -96.61 -40.66
CA LEU HB 109 -9.31 -97.04 -40.70
C LEU HB 109 -9.58 -98.14 -39.66
N ASP HB 110 -9.41 -97.77 -38.39
CA ASP HB 110 -9.68 -98.69 -37.28
C ASP HB 110 -10.66 -98.07 -36.29
N HIS HB 111 -11.59 -97.25 -36.79
CA HIS HB 111 -12.61 -96.65 -35.96
C HIS HB 111 -13.89 -96.50 -36.78
N GLY HB 112 -15.03 -96.67 -36.14
CA GLY HB 112 -16.29 -96.54 -36.84
C GLY HB 112 -17.44 -96.98 -35.96
N LYS HB 113 -18.65 -96.72 -36.45
CA LYS HB 113 -19.87 -97.07 -35.75
C LYS HB 113 -20.66 -98.05 -36.59
N ALA HB 114 -21.05 -99.17 -35.98
CA ALA HB 114 -21.74 -100.23 -36.69
C ALA HB 114 -23.06 -100.53 -35.99
N TRP HB 115 -24.00 -101.11 -36.74
CA TRP HB 115 -25.26 -101.60 -36.24
C TRP HB 115 -25.32 -103.11 -36.52
N GLY HB 116 -26.41 -103.74 -36.12
CA GLY HB 116 -26.57 -105.14 -36.40
C GLY HB 116 -27.72 -105.75 -35.63
N ILE HB 117 -27.86 -107.06 -35.80
CA ILE HB 117 -28.90 -107.84 -35.14
C ILE HB 117 -28.25 -108.60 -33.98
N LEU HB 118 -28.83 -108.47 -32.80
CA LEU HB 118 -28.29 -109.10 -31.59
C LEU HB 118 -28.79 -110.54 -31.49
N THR HB 119 -27.85 -111.47 -31.26
CA THR HB 119 -28.17 -112.87 -31.01
C THR HB 119 -27.33 -113.29 -29.80
N PHE HB 120 -27.88 -113.12 -28.61
CA PHE HB 120 -27.19 -113.42 -27.37
C PHE HB 120 -27.81 -114.64 -26.72
N LYS HB 121 -26.96 -115.60 -26.32
CA LYS HB 121 -27.39 -116.86 -25.73
C LYS HB 121 -28.36 -117.61 -26.64
N GLY HB 122 -28.17 -117.48 -27.96
CA GLY HB 122 -29.04 -118.09 -28.93
C GLY HB 122 -30.32 -117.34 -29.20
N LYS HB 123 -30.75 -116.47 -28.29
CA LYS HB 123 -31.99 -115.71 -28.50
C LYS HB 123 -31.79 -114.68 -29.60
N THR HB 124 -32.53 -114.83 -30.69
CA THR HB 124 -32.44 -113.91 -31.82
C THR HB 124 -33.46 -112.81 -31.67
N GLU HB 125 -33.01 -111.56 -31.84
CA GLU HB 125 -33.88 -110.40 -31.75
C GLU HB 125 -34.37 -110.01 -33.14
N SER HB 126 -35.63 -109.60 -33.23
CA SER HB 126 -36.25 -109.23 -34.49
C SER HB 126 -36.19 -107.73 -34.77
N GLU HB 127 -35.18 -107.03 -34.25
CA GLU HB 127 -35.04 -105.61 -34.46
C GLU HB 127 -33.58 -105.28 -34.74
N ALA HB 128 -33.37 -104.15 -35.42
CA ALA HB 128 -32.03 -103.67 -35.74
C ALA HB 128 -31.56 -102.72 -34.63
N ARG HB 129 -30.45 -103.07 -33.98
CA ARG HB 129 -29.94 -102.30 -32.86
C ARG HB 129 -28.51 -101.87 -33.15
N GLU HB 130 -28.14 -100.72 -32.59
CA GLU HB 130 -26.78 -100.21 -32.73
C GLU HB 130 -25.82 -101.03 -31.86
N ILE HB 131 -24.65 -101.35 -32.41
CA ILE HB 131 -23.68 -102.15 -31.69
C ILE HB 131 -23.07 -101.34 -30.56
N GLU HB 132 -23.00 -101.94 -29.38
CA GLU HB 132 -22.44 -101.28 -28.20
C GLU HB 132 -21.01 -101.76 -27.96
N GLN HB 133 -20.20 -100.87 -27.41
CA GLN HB 133 -18.81 -101.17 -27.04
C GLN HB 133 -18.00 -101.58 -28.28
N VAL HB 134 -17.92 -100.66 -29.24
CA VAL HB 134 -17.22 -100.94 -30.48
C VAL HB 134 -15.71 -100.87 -30.29
N MET HB 135 -15.23 -99.89 -29.54
CA MET HB 135 -13.79 -99.71 -29.34
C MET HB 135 -13.18 -100.73 -28.40
N TYR HB 136 -13.96 -101.69 -27.90
CA TYR HB 136 -13.41 -102.69 -26.99
C TYR HB 136 -12.46 -103.62 -27.72
N HIS HB 137 -11.38 -104.00 -27.05
CA HIS HB 137 -10.39 -104.92 -27.61
C HIS HB 137 -10.70 -106.35 -27.19
N ASP HB 138 -11.87 -106.83 -27.62
CA ASP HB 138 -12.31 -108.19 -27.31
C ASP HB 138 -13.00 -108.88 -28.46
N TRP HB 139 -13.05 -108.29 -29.65
CA TRP HB 139 -13.85 -108.83 -30.74
C TRP HB 139 -13.05 -109.81 -31.58
N ARG HB 140 -13.76 -110.82 -32.10
CA ARG HB 140 -13.18 -111.83 -32.98
C ARG HB 140 -14.18 -112.16 -34.07
N LEU HB 141 -13.67 -112.61 -35.20
CA LEU HB 141 -14.50 -112.98 -36.35
C LEU HB 141 -14.53 -114.49 -36.54
N VAL HB 142 -15.67 -114.99 -36.98
CA VAL HB 142 -15.84 -116.41 -37.26
C VAL HB 142 -15.68 -116.63 -38.75
N PRO HB 143 -14.99 -117.69 -39.18
CA PRO HB 143 -14.78 -117.91 -40.62
C PRO HB 143 -16.04 -118.37 -41.34
N LYS HB 144 -16.00 -118.36 -42.67
CA LYS HB 144 -17.14 -118.81 -43.46
C LYS HB 144 -17.41 -120.30 -43.30
N HIS HB 145 -16.35 -121.11 -43.18
CA HIS HB 145 -16.54 -122.55 -43.03
C HIS HB 145 -17.16 -122.93 -41.69
N GLU HB 146 -17.06 -122.07 -40.68
CA GLU HB 146 -17.63 -122.32 -39.36
C GLU HB 146 -18.82 -121.43 -39.06
N GLU HB 147 -19.20 -120.56 -40.00
CA GLU HB 147 -20.36 -119.70 -39.79
C GLU HB 147 -21.62 -120.50 -39.51
N GLU HB 148 -21.79 -121.65 -40.17
CA GLU HB 148 -22.97 -122.49 -39.95
C GLU HB 148 -22.79 -123.50 -38.83
N ALA HB 149 -21.55 -123.80 -38.45
CA ALA HB 149 -21.33 -124.74 -37.35
C ALA HB 149 -21.41 -124.06 -35.99
N PHE HB 150 -20.96 -122.81 -35.89
CA PHE HB 150 -21.04 -122.09 -34.62
C PHE HB 150 -22.47 -121.65 -34.31
N THR HB 151 -23.30 -121.48 -35.35
CA THR HB 151 -24.68 -121.06 -35.16
C THR HB 151 -25.56 -122.18 -34.63
N ALA HB 152 -25.10 -123.42 -34.65
CA ALA HB 152 -25.88 -124.55 -34.17
C ALA HB 152 -26.12 -124.41 -32.67
N PHE HB 153 -27.38 -124.22 -32.29
CA PHE HB 153 -27.74 -124.02 -30.89
C PHE HB 153 -28.99 -124.84 -30.59
N THR HB 154 -28.94 -125.60 -29.49
CA THR HB 154 -30.06 -126.44 -29.06
C THR HB 154 -30.90 -125.68 -28.05
N LEU HB 155 -32.18 -125.49 -28.35
CA LEU HB 155 -33.10 -124.79 -27.47
C LEU HB 155 -33.47 -125.70 -26.31
N VAL HB 156 -32.98 -125.37 -25.12
CA VAL HB 156 -33.28 -126.12 -23.89
C VAL HB 156 -34.16 -125.24 -23.02
N PRO HB 157 -35.34 -125.70 -22.60
CA PRO HB 157 -36.21 -124.88 -21.76
C PRO HB 157 -35.61 -124.62 -20.39
N GLU HB 158 -36.06 -123.55 -19.76
CA GLU HB 158 -35.56 -123.17 -18.45
C GLU HB 158 -36.31 -123.93 -17.35
N ASP HB 159 -35.60 -124.18 -16.25
CA ASP HB 159 -36.15 -124.87 -15.10
C ASP HB 159 -36.41 -123.92 -13.92
N THR HB 160 -36.63 -122.65 -14.20
CA THR HB 160 -36.87 -121.68 -13.13
C THR HB 160 -38.29 -121.85 -12.59
N PRO HB 161 -38.47 -122.03 -11.28
CA PRO HB 161 -39.82 -122.14 -10.73
C PRO HB 161 -40.57 -120.82 -10.89
N LEU HB 162 -41.75 -120.90 -11.48
CA LEU HB 162 -42.56 -119.71 -11.72
C LEU HB 162 -43.19 -119.16 -10.46
N SER HB 163 -43.19 -119.91 -9.36
CA SER HB 163 -43.79 -119.47 -8.11
C SER HB 163 -42.83 -119.73 -6.97
N VAL HB 164 -42.62 -118.72 -6.13
CA VAL HB 164 -41.70 -118.84 -4.99
C VAL HB 164 -42.44 -118.49 -3.70
N PRO HB 165 -41.98 -118.98 -2.56
CA PRO HB 165 -42.63 -118.60 -1.29
C PRO HB 165 -42.36 -117.14 -0.95
N TYR HB 166 -43.37 -116.49 -0.39
CA TYR HB 166 -43.23 -115.14 0.10
C TYR HB 166 -42.33 -115.11 1.33
N PRO HB 167 -41.74 -113.96 1.64
CA PRO HB 167 -40.99 -113.83 2.91
C PRO HB 167 -41.90 -114.07 4.10
N PRO HB 168 -41.33 -114.37 5.28
CA PRO HB 168 -42.20 -114.75 6.41
C PRO HB 168 -43.15 -113.65 6.87
N LEU HB 169 -42.65 -112.43 7.03
CA LEU HB 169 -43.49 -111.35 7.53
C LEU HB 169 -44.59 -110.99 6.53
N LEU HB 170 -44.23 -110.90 5.24
CA LEU HB 170 -45.24 -110.61 4.23
C LEU HB 170 -46.25 -111.75 4.10
N ARG HB 171 -45.79 -112.99 4.28
CA ARG HB 171 -46.71 -114.13 4.26
C ARG HB 171 -47.71 -114.04 5.41
N ALA HB 172 -47.22 -113.72 6.62
CA ALA HB 172 -48.12 -113.52 7.74
C ALA HB 172 -49.08 -112.36 7.49
N MET HB 173 -48.61 -111.27 6.89
CA MET HB 173 -49.48 -110.14 6.57
C MET HB 173 -50.58 -110.57 5.62
N ILE HB 174 -50.24 -111.33 4.57
CA ILE HB 174 -51.25 -111.79 3.62
C ILE HB 174 -52.22 -112.76 4.27
N LEU HB 175 -51.72 -113.64 5.15
CA LEU HB 175 -52.60 -114.58 5.83
C LEU HB 175 -53.56 -113.86 6.78
N ALA HB 176 -53.14 -112.73 7.35
CA ALA HB 176 -54.00 -111.96 8.24
C ALA HB 176 -54.91 -110.98 7.51
N GLN HB 177 -54.58 -110.61 6.28
CA GLN HB 177 -55.42 -109.68 5.53
C GLN HB 177 -56.78 -110.31 5.21
N ARG HB 178 -56.77 -111.39 4.41
CA ARG HB 178 -58.01 -112.00 3.97
C ARG HB 178 -58.74 -112.72 5.11
N GLN HB 179 -58.04 -113.04 6.20
CA GLN HB 179 -58.70 -113.70 7.32
C GLN HB 179 -59.76 -112.81 7.96
N LYS HB 180 -59.55 -111.50 7.95
CA LYS HB 180 -60.52 -110.59 8.55
C LYS HB 180 -61.80 -110.51 7.74
N TYR HB 181 -61.72 -110.70 6.43
CA TYR HB 181 -62.88 -110.60 5.55
C TYR HB 181 -63.70 -111.88 5.49
N GLY HB 182 -63.36 -112.89 6.29
CA GLY HB 182 -64.10 -114.13 6.30
C GLY HB 182 -63.62 -115.15 5.31
N ASP HB 183 -62.33 -115.16 4.98
CA ASP HB 183 -61.77 -116.13 4.04
C ASP HB 183 -61.01 -117.19 4.82
N THR HB 184 -61.59 -118.38 4.89
CA THR HB 184 -60.98 -119.51 5.58
C THR HB 184 -60.07 -120.32 4.68
N SER HB 185 -59.82 -119.86 3.47
CA SER HB 185 -58.98 -120.58 2.51
C SER HB 185 -57.54 -120.61 3.02
N THR HB 186 -57.08 -121.79 3.45
CA THR HB 186 -55.73 -121.98 3.94
C THR HB 186 -54.74 -122.32 2.83
N GLU HB 187 -55.06 -121.97 1.59
CA GLU HB 187 -54.17 -122.27 0.47
C GLU HB 187 -52.90 -121.43 0.56
N GLU HB 188 -51.79 -122.06 0.17
CA GLU HB 188 -50.48 -121.41 0.28
C GLU HB 188 -50.35 -120.32 -0.78
N PRO HB 189 -50.05 -119.09 -0.41
CA PRO HB 189 -49.82 -118.04 -1.42
C PRO HB 189 -48.40 -118.08 -1.95
N MET HB 190 -48.28 -117.93 -3.27
CA MET HB 190 -46.99 -117.90 -3.94
C MET HB 190 -46.83 -116.59 -4.69
N LEU HB 191 -45.57 -116.19 -4.87
CA LEU HB 191 -45.21 -115.00 -5.63
C LEU HB 191 -44.77 -115.44 -7.02
N ASN HB 192 -45.39 -114.86 -8.04
CA ASN HB 192 -45.11 -115.24 -9.42
C ASN HB 192 -43.88 -114.51 -9.93
N LEU HB 193 -43.12 -115.19 -10.79
CA LEU HB 193 -41.87 -114.67 -11.34
C LEU HB 193 -41.91 -114.60 -12.86
N GLU HB 194 -43.10 -114.43 -13.45
CA GLU HB 194 -43.20 -114.40 -14.91
C GLU HB 194 -42.55 -113.16 -15.48
N ARG HB 195 -42.90 -111.99 -14.96
CA ARG HB 195 -42.33 -110.73 -15.41
C ARG HB 195 -41.04 -110.37 -14.69
N ALA HB 196 -40.51 -111.28 -13.86
CA ALA HB 196 -39.31 -111.02 -13.08
C ALA HB 196 -38.04 -111.44 -13.79
N ARG HB 197 -38.11 -111.72 -15.08
CA ARG HB 197 -36.92 -112.12 -15.83
C ARG HB 197 -36.05 -110.91 -16.11
N ILE HB 198 -34.76 -111.02 -15.79
CA ILE HB 198 -33.81 -109.94 -16.00
C ILE HB 198 -32.62 -110.48 -16.78
N ASP HB 199 -32.04 -109.63 -17.63
CA ASP HB 199 -30.90 -109.98 -18.46
C ASP HB 199 -29.61 -109.86 -17.66
N PRO HB 200 -28.60 -110.67 -17.97
CA PRO HB 200 -27.32 -110.57 -17.27
C PRO HB 200 -26.59 -109.28 -17.64
N TRP HB 201 -25.48 -109.04 -16.94
CA TRP HB 201 -24.71 -107.82 -17.17
C TRP HB 201 -23.98 -107.83 -18.51
N ASP HB 202 -23.73 -109.01 -19.08
CA ASP HB 202 -23.08 -109.09 -20.38
C ASP HB 202 -24.02 -108.74 -21.52
N TYR HB 203 -25.31 -108.61 -21.27
CA TYR HB 203 -26.27 -108.30 -22.32
C TYR HB 203 -26.10 -106.84 -22.75
N PRO HB 204 -25.75 -106.58 -24.01
CA PRO HB 204 -25.54 -105.19 -24.42
C PRO HB 204 -26.86 -104.42 -24.50
N ALA HB 205 -26.77 -103.13 -24.22
CA ALA HB 205 -27.92 -102.25 -24.19
C ALA HB 205 -28.04 -101.46 -25.49
N LYS HB 206 -29.20 -100.84 -25.69
CA LYS HB 206 -29.44 -100.01 -26.86
C LYS HB 206 -28.90 -98.61 -26.64
N LEU HB 207 -28.59 -97.93 -27.74
CA LEU HB 207 -28.01 -96.60 -27.71
C LEU HB 207 -28.91 -95.55 -28.35
N GLU HB 208 -30.07 -95.93 -28.88
CA GLU HB 208 -30.97 -94.97 -29.51
C GLU HB 208 -31.86 -94.30 -28.48
N ALA HB 209 -32.49 -93.21 -28.90
CA ALA HB 209 -33.38 -92.46 -28.03
C ALA HB 209 -34.71 -93.19 -27.86
N LYS HB 210 -35.25 -93.15 -26.65
CA LYS HB 210 -36.51 -93.81 -26.36
C LYS HB 210 -37.67 -92.97 -26.88
N THR HB 211 -38.66 -93.62 -27.49
CA THR HB 211 -39.83 -92.96 -28.05
C THR HB 211 -40.93 -92.89 -26.99
N LYS HB 212 -41.32 -91.68 -26.61
CA LYS HB 212 -42.37 -91.47 -25.62
C LYS HB 212 -43.72 -91.53 -26.32
N THR HB 213 -44.35 -92.69 -26.32
CA THR HB 213 -45.64 -92.88 -26.96
C THR HB 213 -46.78 -92.43 -26.06
N ARG IB 51 -24.99 -48.89 94.62
CA ARG IB 51 -25.80 -49.02 95.83
C ARG IB 51 -26.17 -47.66 96.40
N ARG IB 52 -27.46 -47.35 96.36
CA ARG IB 52 -27.99 -46.10 96.90
C ARG IB 52 -28.95 -46.40 98.04
N LYS IB 53 -28.77 -45.70 99.15
CA LYS IB 53 -29.59 -45.90 100.34
C LYS IB 53 -30.45 -44.67 100.58
N ALA IB 54 -31.72 -44.89 100.89
CA ALA IB 54 -32.68 -43.82 101.13
C ALA IB 54 -33.20 -43.95 102.56
N LEU IB 55 -32.80 -43.03 103.42
CA LEU IB 55 -33.22 -43.04 104.82
C LEU IB 55 -34.37 -42.08 105.04
N PRO IB 56 -35.40 -42.49 105.78
CA PRO IB 56 -36.51 -41.58 106.05
C PRO IB 56 -36.07 -40.46 106.98
N PRO IB 57 -36.67 -39.29 106.88
CA PRO IB 57 -36.28 -38.15 107.72
C PRO IB 57 -36.83 -38.31 109.14
N ARG IB 58 -36.59 -37.29 109.95
CA ARG IB 58 -37.04 -37.29 111.33
C ARG IB 58 -38.54 -37.04 111.47
N THR IB 59 -39.23 -36.67 110.39
CA THR IB 59 -40.65 -36.33 110.49
C THR IB 59 -41.47 -37.52 110.98
N GLU IB 60 -41.17 -38.72 110.48
CA GLU IB 60 -41.90 -39.90 110.90
C GLU IB 60 -41.59 -40.31 112.33
N LYS IB 61 -40.57 -39.73 112.95
CA LYS IB 61 -40.21 -40.04 114.33
C LYS IB 61 -40.46 -38.89 115.29
N MET IB 62 -40.85 -37.73 114.79
CA MET IB 62 -41.11 -36.59 115.66
C MET IB 62 -42.30 -36.86 116.57
N ALA IB 63 -42.10 -36.64 117.87
CA ALA IB 63 -43.20 -36.75 118.82
C ALA IB 63 -43.99 -35.44 118.88
N VAL IB 64 -45.29 -35.57 119.10
CA VAL IB 64 -46.15 -34.39 119.12
C VAL IB 64 -45.92 -33.55 120.37
N ASP IB 65 -45.37 -34.16 121.42
CA ASP IB 65 -45.05 -33.46 122.66
C ASP IB 65 -43.55 -33.25 122.83
N GLN IB 66 -42.78 -33.34 121.76
CA GLN IB 66 -41.34 -33.20 121.83
C GLN IB 66 -40.95 -31.73 121.94
N ASP IB 67 -39.91 -31.47 122.73
CA ASP IB 67 -39.42 -30.10 122.91
C ASP IB 67 -38.70 -29.63 121.64
N TRP IB 68 -39.21 -28.57 121.03
CA TRP IB 68 -38.67 -28.01 119.80
C TRP IB 68 -37.29 -27.38 119.95
N PRO IB 69 -36.99 -26.69 121.06
CA PRO IB 69 -35.61 -26.19 121.25
C PRO IB 69 -34.58 -27.30 121.33
N SER IB 70 -34.98 -28.52 121.73
CA SER IB 70 -34.04 -29.63 121.70
C SER IB 70 -33.65 -30.01 120.28
N VAL IB 71 -34.53 -29.79 119.31
CA VAL IB 71 -34.21 -30.06 117.91
C VAL IB 71 -33.51 -28.87 117.27
N TYR IB 72 -33.90 -27.66 117.64
CA TYR IB 72 -33.33 -26.43 117.10
C TYR IB 72 -32.86 -25.53 118.24
N PRO IB 73 -31.73 -25.87 118.87
CA PRO IB 73 -31.22 -24.99 119.94
C PRO IB 73 -30.58 -23.72 119.41
N VAL IB 74 -29.80 -23.80 118.33
CA VAL IB 74 -29.07 -22.65 117.81
C VAL IB 74 -29.46 -22.40 116.36
N ALA IB 75 -28.83 -21.42 115.74
CA ALA IB 75 -29.13 -21.08 114.35
C ALA IB 75 -28.80 -22.25 113.43
N ALA IB 76 -29.74 -22.58 112.56
CA ALA IB 76 -29.62 -23.70 111.64
C ALA IB 76 -29.95 -23.23 110.23
N PRO IB 77 -29.49 -23.95 109.20
CA PRO IB 77 -29.81 -23.56 107.82
C PRO IB 77 -31.18 -23.99 107.36
N PHE IB 78 -32.04 -24.35 108.32
CA PHE IB 78 -33.40 -24.84 108.04
C PHE IB 78 -33.35 -26.10 107.18
N LYS IB 79 -32.78 -27.15 107.77
CA LYS IB 79 -32.73 -28.45 107.12
C LYS IB 79 -34.12 -29.08 107.15
N PRO IB 80 -34.72 -29.39 105.99
CA PRO IB 80 -36.09 -29.92 105.98
C PRO IB 80 -36.21 -31.30 106.62
N SER IB 81 -35.11 -31.98 106.91
CA SER IB 81 -35.16 -33.32 107.49
C SER IB 81 -35.52 -33.31 108.97
N ALA IB 82 -35.44 -32.16 109.64
CA ALA IB 82 -35.75 -32.05 111.05
C ALA IB 82 -36.96 -31.17 111.32
N VAL IB 83 -37.66 -30.73 110.28
CA VAL IB 83 -38.84 -29.88 110.44
C VAL IB 83 -40.08 -30.66 110.02
N PRO IB 84 -40.90 -31.11 110.96
CA PRO IB 84 -42.13 -31.85 110.61
C PRO IB 84 -43.27 -30.98 110.11
N LEU IB 85 -43.02 -29.70 109.82
CA LEU IB 85 -44.07 -28.80 109.36
C LEU IB 85 -44.04 -28.70 107.84
N PRO IB 86 -45.09 -29.09 107.14
CA PRO IB 86 -45.13 -28.91 105.68
C PRO IB 86 -45.38 -27.45 105.32
N VAL IB 87 -44.33 -26.78 104.86
CA VAL IB 87 -44.39 -25.37 104.51
C VAL IB 87 -44.16 -25.23 103.01
N ARG IB 88 -44.97 -24.39 102.37
CA ARG IB 88 -44.89 -24.15 100.93
C ARG IB 88 -44.52 -22.69 100.71
N MET IB 89 -43.36 -22.44 100.12
CA MET IB 89 -42.88 -21.11 99.83
C MET IB 89 -42.58 -20.99 98.34
N GLY IB 90 -42.86 -19.83 97.77
CA GLY IB 90 -42.61 -19.59 96.36
C GLY IB 90 -43.83 -19.14 95.61
N TYR IB 91 -43.63 -18.47 94.48
CA TYR IB 91 -44.75 -18.00 93.68
C TYR IB 91 -45.41 -19.19 92.99
N PRO IB 92 -46.69 -19.44 93.19
CA PRO IB 92 -47.34 -20.59 92.57
C PRO IB 92 -47.54 -20.37 91.07
N VAL IB 93 -47.96 -21.45 90.40
CA VAL IB 93 -48.19 -21.43 88.97
C VAL IB 93 -49.67 -21.19 88.73
N LYS IB 94 -50.00 -20.83 87.48
CA LYS IB 94 -51.40 -20.59 87.11
C LYS IB 94 -52.27 -21.81 87.41
N ARG IB 95 -51.70 -23.01 87.24
CA ARG IB 95 -52.40 -24.24 87.60
C ARG IB 95 -51.72 -25.01 88.73
N GLY IB 96 -50.56 -24.55 89.21
CA GLY IB 96 -49.81 -25.26 90.21
C GLY IB 96 -49.94 -24.66 91.60
N VAL IB 97 -49.14 -25.18 92.52
CA VAL IB 97 -49.14 -24.75 93.92
C VAL IB 97 -47.72 -24.33 94.27
N PRO IB 98 -47.55 -23.61 95.38
CA PRO IB 98 -46.19 -23.28 95.83
C PRO IB 98 -45.37 -24.54 96.09
N MET IB 99 -44.07 -24.43 95.85
CA MET IB 99 -43.17 -25.58 95.93
C MET IB 99 -43.14 -26.14 97.35
N ALA IB 100 -42.80 -27.43 97.45
CA ALA IB 100 -42.73 -28.09 98.74
C ALA IB 100 -41.47 -27.66 99.50
N LYS IB 101 -41.33 -28.17 100.71
CA LYS IB 101 -40.20 -27.81 101.56
C LYS IB 101 -38.92 -28.54 101.15
N GLU IB 102 -39.03 -29.62 100.36
CA GLU IB 102 -37.86 -30.40 99.98
C GLU IB 102 -37.12 -29.69 98.86
N GLY IB 103 -35.86 -29.33 99.11
CA GLY IB 103 -35.04 -28.71 98.10
C GLY IB 103 -35.46 -27.31 97.71
N ASN IB 104 -36.23 -26.62 98.55
CA ASN IB 104 -36.68 -25.28 98.23
C ASN IB 104 -35.57 -24.28 98.54
N LEU IB 105 -35.04 -23.64 97.50
CA LEU IB 105 -33.96 -22.68 97.69
C LEU IB 105 -34.43 -21.44 98.44
N GLU IB 106 -35.69 -21.06 98.27
CA GLU IB 106 -36.21 -19.88 98.95
C GLU IB 106 -36.33 -20.10 100.45
N LEU IB 107 -36.49 -21.36 100.89
CA LEU IB 107 -36.54 -21.65 102.32
C LEU IB 107 -35.16 -21.59 102.96
N LEU IB 108 -34.09 -21.78 102.17
CA LEU IB 108 -32.74 -21.58 102.67
C LEU IB 108 -32.26 -20.14 102.52
N LYS IB 109 -32.83 -19.39 101.58
CA LYS IB 109 -32.47 -17.98 101.42
C LYS IB 109 -32.85 -17.16 102.64
N ILE IB 110 -33.99 -17.46 103.25
CA ILE IB 110 -34.53 -16.62 104.32
C ILE IB 110 -33.99 -17.08 105.66
N PRO IB 111 -33.75 -16.16 106.60
CA PRO IB 111 -33.31 -16.57 107.94
C PRO IB 111 -34.44 -17.27 108.69
N ASN IB 112 -34.08 -18.27 109.49
CA ASN IB 112 -35.06 -19.02 110.25
C ASN IB 112 -34.98 -18.64 111.73
N PHE IB 113 -36.15 -18.47 112.35
CA PHE IB 113 -36.26 -18.20 113.78
C PHE IB 113 -36.78 -19.42 114.55
N LEU IB 114 -36.52 -20.62 114.04
CA LEU IB 114 -37.00 -21.83 114.70
C LEU IB 114 -36.30 -22.08 116.03
N HIS IB 115 -35.10 -21.54 116.23
CA HIS IB 115 -34.41 -21.64 117.49
C HIS IB 115 -34.80 -20.53 118.46
N LEU IB 116 -35.65 -19.61 118.04
CA LEU IB 116 -36.09 -18.48 118.87
C LEU IB 116 -37.61 -18.48 119.03
N THR IB 117 -38.20 -19.67 119.13
CA THR IB 117 -39.61 -19.76 119.47
C THR IB 117 -39.82 -19.26 120.90
N PRO IB 118 -41.04 -18.81 121.24
CA PRO IB 118 -41.28 -18.32 122.60
C PRO IB 118 -40.92 -19.31 123.69
N VAL IB 119 -41.11 -20.61 123.44
CA VAL IB 119 -40.72 -21.62 124.43
C VAL IB 119 -39.22 -21.54 124.71
N ALA IB 120 -38.40 -21.55 123.65
CA ALA IB 120 -36.96 -21.42 123.82
C ALA IB 120 -36.56 -20.07 124.41
N ILE IB 121 -37.27 -19.01 124.05
CA ILE IB 121 -36.98 -17.69 124.62
C ILE IB 121 -37.16 -17.71 126.14
N LYS IB 122 -38.28 -18.27 126.59
CA LYS IB 122 -38.51 -18.38 128.04
C LYS IB 122 -37.50 -19.31 128.69
N ARG IB 123 -37.20 -20.44 128.06
CA ARG IB 123 -36.26 -21.40 128.64
C ARG IB 123 -34.86 -20.78 128.79
N HIS IB 124 -34.47 -19.93 127.85
CA HIS IB 124 -33.17 -19.28 127.94
C HIS IB 124 -33.18 -18.12 128.93
N CYS IB 125 -34.23 -17.30 128.92
CA CYS IB 125 -34.30 -16.15 129.81
C CYS IB 125 -34.47 -16.56 131.27
N GLU IB 126 -35.00 -17.76 131.53
CA GLU IB 126 -35.14 -18.20 132.92
C GLU IB 126 -33.79 -18.44 133.57
N ALA IB 127 -32.84 -18.99 132.81
CA ALA IB 127 -31.50 -19.24 133.34
C ALA IB 127 -30.63 -18.01 133.37
N LEU IB 128 -31.05 -16.91 132.74
CA LEU IB 128 -30.28 -15.67 132.71
C LEU IB 128 -30.58 -14.75 133.89
N LYS IB 129 -31.43 -15.18 134.82
CA LYS IB 129 -31.71 -14.37 136.00
C LYS IB 129 -30.55 -14.37 136.99
N ASP IB 130 -29.59 -15.28 136.84
CA ASP IB 130 -28.49 -15.38 137.79
C ASP IB 130 -27.36 -14.41 137.49
N PHE IB 131 -27.16 -14.04 136.23
CA PHE IB 131 -26.06 -13.15 135.85
C PHE IB 131 -26.40 -11.68 136.01
N CYS IB 132 -27.68 -11.31 135.93
CA CYS IB 132 -28.07 -9.92 136.01
C CYS IB 132 -28.16 -9.46 137.46
N THR IB 133 -28.24 -8.14 137.63
CA THR IB 133 -28.37 -7.51 138.93
C THR IB 133 -29.69 -6.74 139.00
N GLU IB 134 -29.99 -6.21 140.18
CA GLU IB 134 -31.22 -5.48 140.42
C GLU IB 134 -31.01 -4.00 140.17
N TRP IB 135 -31.96 -3.37 139.48
CA TRP IB 135 -31.90 -1.95 139.23
C TRP IB 135 -32.42 -1.17 140.45
N PRO IB 136 -31.74 -0.10 140.86
CA PRO IB 136 -32.20 0.66 142.03
C PRO IB 136 -33.51 1.37 141.74
N ALA IB 137 -34.57 0.98 142.48
CA ALA IB 137 -35.87 1.60 142.30
C ALA IB 137 -35.92 3.05 142.77
N ALA IB 138 -34.93 3.50 143.53
CA ALA IB 138 -34.87 4.89 143.97
C ALA IB 138 -34.45 5.85 142.87
N LEU IB 139 -34.17 5.35 141.67
CA LEU IB 139 -33.75 6.18 140.54
C LEU IB 139 -34.66 5.93 139.34
N ASP IB 140 -35.97 5.82 139.57
CA ASP IB 140 -36.90 5.62 138.47
C ASP IB 140 -37.14 6.92 137.72
N SER IB 141 -37.27 8.02 138.44
CA SER IB 141 -37.49 9.33 137.83
C SER IB 141 -36.14 9.99 137.53
N ASP IB 142 -36.07 10.66 136.39
CA ASP IB 142 -34.83 11.30 135.96
C ASP IB 142 -34.47 12.52 136.79
N GLU IB 143 -35.43 13.09 137.54
CA GLU IB 143 -35.14 14.24 138.37
C GLU IB 143 -34.09 13.92 139.43
N LYS IB 144 -34.27 12.80 140.13
CA LYS IB 144 -33.27 12.38 141.12
C LYS IB 144 -32.02 11.80 140.46
N CYS IB 145 -32.16 11.19 139.27
CA CYS IB 145 -30.99 10.73 138.56
C CYS IB 145 -30.06 11.88 138.19
N GLU IB 146 -30.64 13.03 137.84
CA GLU IB 146 -29.82 14.20 137.53
C GLU IB 146 -29.20 14.78 138.80
N LYS IB 147 -29.91 14.73 139.92
CA LYS IB 147 -29.37 15.25 141.17
C LYS IB 147 -28.26 14.37 141.74
N HIS IB 148 -28.29 13.07 141.45
CA HIS IB 148 -27.29 12.14 141.97
C HIS IB 148 -26.13 11.91 141.00
N PHE IB 149 -26.41 11.58 139.75
CA PHE IB 149 -25.39 11.36 138.72
C PHE IB 149 -25.64 12.35 137.59
N PRO IB 150 -25.14 13.58 137.70
CA PRO IB 150 -25.45 14.60 136.69
C PRO IB 150 -24.74 14.38 135.35
N ILE IB 151 -23.65 13.64 135.31
CA ILE IB 151 -22.85 13.49 134.11
C ILE IB 151 -23.37 12.33 133.28
N GLU IB 152 -23.58 12.56 131.99
CA GLU IB 152 -24.00 11.53 131.06
C GLU IB 152 -22.85 11.22 130.09
N ILE IB 153 -22.59 9.94 129.88
CA ILE IB 153 -21.47 9.49 129.06
C ILE IB 153 -22.03 8.65 127.93
N ASP IB 154 -22.06 9.23 126.73
CA ASP IB 154 -22.54 8.52 125.54
C ASP IB 154 -21.37 7.83 124.84
N THR IB 155 -21.46 6.51 124.73
CA THR IB 155 -20.44 5.69 124.10
C THR IB 155 -21.10 4.80 123.05
N ALA IB 156 -20.54 4.81 121.83
CA ALA IB 156 -21.10 4.08 120.71
C ALA IB 156 -20.41 2.74 120.55
N ASP IB 157 -21.18 1.72 120.21
CA ASP IB 157 -20.66 0.37 119.98
C ASP IB 157 -21.41 -0.25 118.80
N TYR IB 158 -20.67 -0.80 117.86
CA TYR IB 158 -21.24 -1.33 116.62
C TYR IB 158 -20.86 -2.79 116.45
N VAL IB 159 -21.72 -3.54 115.74
CA VAL IB 159 -21.47 -4.93 115.42
C VAL IB 159 -21.61 -5.11 113.92
N SER IB 160 -20.85 -6.07 113.38
CA SER IB 160 -20.87 -6.35 111.96
C SER IB 160 -20.34 -7.76 111.73
N ALA IB 161 -20.97 -8.50 110.84
CA ALA IB 161 -20.53 -9.85 110.51
C ALA IB 161 -19.38 -9.78 109.51
N GLY IB 162 -18.30 -10.51 109.81
CA GLY IB 162 -17.14 -10.53 108.96
C GLY IB 162 -15.86 -10.73 109.74
N PRO IB 163 -14.72 -10.71 109.04
CA PRO IB 163 -13.43 -10.91 109.73
C PRO IB 163 -12.96 -9.71 110.53
N SER IB 164 -13.41 -8.50 110.22
CA SER IB 164 -12.93 -7.30 110.87
C SER IB 164 -13.92 -6.85 111.95
N ILE IB 165 -13.37 -6.27 113.03
CA ILE IB 165 -14.19 -5.76 114.13
C ILE IB 165 -13.96 -4.27 114.28
N ARG IB 166 -12.81 -3.79 113.83
CA ARG IB 166 -12.44 -2.39 114.02
C ARG IB 166 -13.33 -1.48 113.19
N ASN IB 167 -14.07 -0.60 113.85
CA ASN IB 167 -14.91 0.38 113.19
C ASN IB 167 -14.51 1.78 113.65
N PRO IB 168 -14.01 2.64 112.75
CA PRO IB 168 -13.56 3.97 113.17
C PRO IB 168 -14.65 4.85 113.75
N LYS IB 169 -15.92 4.48 113.60
CA LYS IB 169 -17.01 5.23 114.20
C LYS IB 169 -17.14 4.97 115.70
N ALA IB 170 -16.40 4.02 116.24
CA ALA IB 170 -16.53 3.66 117.66
C ALA IB 170 -15.66 4.50 118.58
N ARG IB 171 -14.79 5.36 118.03
CA ARG IB 171 -13.86 6.10 118.88
C ARG IB 171 -14.49 7.33 119.52
N VAL IB 172 -15.65 7.76 119.04
CA VAL IB 172 -16.25 9.00 119.53
C VAL IB 172 -16.85 8.78 120.91
N VAL IB 173 -16.61 9.71 121.83
CA VAL IB 173 -17.17 9.67 123.17
C VAL IB 173 -17.80 11.02 123.47
N THR IB 174 -19.06 11.03 123.88
CA THR IB 174 -19.77 12.26 124.19
C THR IB 174 -19.92 12.40 125.70
N LEU IB 175 -19.72 13.60 126.22
CA LEU IB 175 -19.88 13.90 127.64
C LEU IB 175 -20.84 15.06 127.78
N ARG IB 176 -21.99 14.81 128.41
CA ARG IB 176 -23.02 15.82 128.60
C ARG IB 176 -23.12 16.13 130.10
N VAL IB 177 -22.90 17.40 130.44
CA VAL IB 177 -22.90 17.83 131.84
C VAL IB 177 -23.85 19.01 132.00
N LYS IB 178 -24.78 18.89 132.95
CA LYS IB 178 -25.71 19.96 133.26
C LYS IB 178 -25.03 20.97 134.18
N LEU IB 179 -24.91 22.21 133.71
CA LEU IB 179 -24.21 23.24 134.46
C LEU IB 179 -25.00 23.72 135.67
N SER IB 180 -26.26 23.33 135.80
CA SER IB 180 -27.07 23.71 136.96
C SER IB 180 -26.85 22.79 138.16
N SER IB 181 -25.97 21.80 138.04
CA SER IB 181 -25.69 20.87 139.13
C SER IB 181 -24.28 21.01 139.67
N LEU IB 182 -23.56 22.07 139.30
CA LEU IB 182 -22.20 22.30 139.74
C LEU IB 182 -22.17 23.50 140.69
N ASN IB 183 -20.95 23.86 141.11
CA ASN IB 183 -20.74 24.92 142.09
C ASN IB 183 -19.98 26.10 141.49
N LEU IB 184 -20.31 26.45 140.24
CA LEU IB 184 -19.70 27.63 139.63
C LEU IB 184 -20.35 28.89 140.16
N ASP IB 185 -19.55 29.93 140.38
CA ASP IB 185 -20.08 31.22 140.76
C ASP IB 185 -20.52 31.98 139.51
N ASP IB 186 -20.93 33.24 139.71
CA ASP IB 186 -21.44 34.03 138.59
C ASP IB 186 -20.34 34.29 137.56
N HIS IB 187 -19.20 34.85 137.99
CA HIS IB 187 -18.13 35.14 137.05
C HIS IB 187 -17.51 33.85 136.51
N ALA IB 188 -17.46 32.81 137.33
CA ALA IB 188 -16.95 31.53 136.84
C ALA IB 188 -17.82 30.96 135.73
N LYS IB 189 -19.14 31.06 135.87
CA LYS IB 189 -20.04 30.58 134.82
C LYS IB 189 -19.95 31.45 133.58
N LYS IB 190 -19.89 32.78 133.78
CA LYS IB 190 -19.75 33.68 132.63
C LYS IB 190 -18.45 33.45 131.88
N LYS IB 191 -17.40 33.04 132.59
CA LYS IB 191 -16.13 32.72 131.94
C LYS IB 191 -16.17 31.37 131.26
N LEU IB 192 -16.80 30.38 131.89
CA LEU IB 192 -16.91 29.05 131.29
C LEU IB 192 -17.72 29.10 130.00
N ILE IB 193 -18.75 29.94 129.95
CA ILE IB 193 -19.54 30.07 128.72
C ILE IB 193 -18.66 30.51 127.57
N LYS IB 194 -17.92 31.61 127.74
CA LYS IB 194 -17.05 32.10 126.69
C LYS IB 194 -15.83 31.22 126.45
N LEU IB 195 -15.47 30.37 127.40
CA LEU IB 195 -14.35 29.45 127.23
C LEU IB 195 -14.75 28.22 126.43
N VAL IB 196 -15.97 27.72 126.61
CA VAL IB 196 -16.40 26.54 125.87
C VAL IB 196 -17.00 26.93 124.52
N GLY IB 197 -17.58 28.12 124.40
CA GLY IB 197 -18.11 28.58 123.13
C GLY IB 197 -19.48 27.99 122.86
N ASP IB 198 -19.64 27.38 121.69
CA ASP IB 198 -20.93 26.87 121.24
C ASP IB 198 -21.25 25.48 121.79
N ARG IB 199 -20.32 24.85 122.51
CA ARG IB 199 -20.58 23.54 123.08
C ARG IB 199 -21.57 23.58 124.22
N TYR IB 200 -21.93 24.77 124.71
CA TYR IB 200 -22.87 24.93 125.80
C TYR IB 200 -24.19 25.46 125.24
N CYS IB 201 -25.27 24.70 125.44
CA CYS IB 201 -26.59 25.12 125.01
C CYS IB 201 -27.20 26.01 126.09
N LYS IB 202 -27.40 27.29 125.78
CA LYS IB 202 -27.92 28.22 126.76
C LYS IB 202 -29.38 27.92 127.10
N SER IB 203 -30.16 27.45 126.13
CA SER IB 203 -31.57 27.16 126.39
C SER IB 203 -31.72 25.89 127.22
N THR IB 204 -30.88 24.89 126.97
CA THR IB 204 -30.96 23.63 127.70
C THR IB 204 -30.03 23.58 128.90
N ASP IB 205 -29.07 24.50 129.00
CA ASP IB 205 -28.14 24.57 130.13
C ASP IB 205 -27.33 23.29 130.26
N VAL IB 206 -26.85 22.77 129.13
CA VAL IB 206 -26.05 21.55 129.09
C VAL IB 206 -24.81 21.80 128.24
N LEU IB 207 -23.66 21.37 128.74
CA LEU IB 207 -22.41 21.42 128.00
C LEU IB 207 -22.12 20.04 127.41
N THR IB 208 -21.81 20.01 126.12
CA THR IB 208 -21.54 18.78 125.40
C THR IB 208 -20.11 18.81 124.88
N ILE IB 209 -19.32 17.80 125.27
CA ILE IB 209 -17.93 17.67 124.84
C ILE IB 209 -17.82 16.37 124.06
N LYS IB 210 -17.55 16.49 122.76
CA LYS IB 210 -17.49 15.34 121.86
C LYS IB 210 -16.03 15.08 121.50
N THR IB 211 -15.41 14.10 122.16
CA THR IB 211 -14.00 13.81 121.97
C THR IB 211 -13.82 12.65 120.98
N ASP IB 212 -12.92 12.86 120.02
CA ASP IB 212 -12.56 11.83 119.05
C ASP IB 212 -11.06 11.83 118.75
N ARG IB 213 -10.26 12.56 119.53
CA ARG IB 213 -8.83 12.66 119.26
C ARG IB 213 -8.08 11.40 119.69
N CYS IB 214 -8.56 10.71 120.72
CA CYS IB 214 -7.82 9.54 121.16
C CYS IB 214 -8.28 8.30 120.40
N PRO IB 215 -7.37 7.37 120.11
CA PRO IB 215 -7.76 6.16 119.37
C PRO IB 215 -8.69 5.27 120.15
N LEU IB 216 -8.32 4.95 121.38
CA LEU IB 216 -9.11 4.04 122.21
C LEU IB 216 -10.28 4.78 122.86
N LYS IB 217 -11.38 4.04 123.06
CA LYS IB 217 -12.54 4.63 123.72
C LYS IB 217 -12.24 5.01 125.16
N ARG IB 218 -11.49 4.16 125.87
CA ARG IB 218 -11.08 4.51 127.23
C ARG IB 218 -10.17 5.73 127.25
N GLN IB 219 -9.28 5.86 126.25
CA GLN IB 219 -8.44 7.04 126.17
C GLN IB 219 -9.25 8.29 125.88
N ASN IB 220 -10.26 8.20 125.02
CA ASN IB 220 -11.16 9.33 124.81
C ASN IB 220 -11.96 9.67 126.07
N TYR IB 221 -12.35 8.66 126.85
CA TYR IB 221 -13.05 8.91 128.11
C TYR IB 221 -12.17 9.65 129.10
N ASP IB 222 -10.90 9.21 129.22
CA ASP IB 222 -9.94 9.90 130.08
C ASP IB 222 -9.68 11.33 129.58
N TYR IB 223 -9.57 11.52 128.28
CA TYR IB 223 -9.41 12.87 127.74
C TYR IB 223 -10.62 13.74 128.01
N ALA IB 224 -11.83 13.18 127.95
CA ALA IB 224 -13.04 13.96 128.25
C ALA IB 224 -13.10 14.36 129.71
N VAL IB 225 -12.79 13.43 130.63
CA VAL IB 225 -12.79 13.80 132.04
C VAL IB 225 -11.67 14.79 132.35
N TYR IB 226 -10.52 14.68 131.67
CA TYR IB 226 -9.49 15.70 131.83
C TYR IB 226 -9.94 17.05 131.32
N LEU IB 227 -10.66 17.08 130.20
CA LEU IB 227 -11.17 18.34 129.67
C LEU IB 227 -12.15 18.97 130.65
N LEU IB 228 -13.06 18.18 131.20
CA LEU IB 228 -13.98 18.70 132.21
C LEU IB 228 -13.23 19.24 133.42
N THR IB 229 -12.23 18.50 133.91
CA THR IB 229 -11.46 18.95 135.07
C THR IB 229 -10.72 20.26 134.78
N VAL IB 230 -10.04 20.33 133.64
CA VAL IB 230 -9.26 21.54 133.33
C VAL IB 230 -10.18 22.72 133.07
N LEU IB 231 -11.37 22.52 132.50
CA LEU IB 231 -12.31 23.61 132.36
C LEU IB 231 -12.83 24.10 133.70
N TYR IB 232 -13.19 23.17 134.60
CA TYR IB 232 -13.67 23.58 135.92
C TYR IB 232 -12.56 24.28 136.71
N HIS IB 233 -11.30 23.91 136.47
CA HIS IB 233 -10.20 24.58 137.16
C HIS IB 233 -9.91 25.95 136.57
N GLU IB 234 -9.94 26.09 135.25
CA GLU IB 234 -9.61 27.36 134.62
C GLU IB 234 -10.76 28.36 134.69
N SER IB 235 -11.99 27.90 134.94
CA SER IB 235 -13.11 28.84 135.06
C SER IB 235 -12.99 29.75 136.27
N TRP IB 236 -12.09 29.45 137.21
CA TRP IB 236 -11.95 30.24 138.42
C TRP IB 236 -10.74 31.16 138.42
N LYS IB 237 -9.72 30.87 137.62
CA LYS IB 237 -8.49 31.66 137.63
C LYS IB 237 -8.72 32.99 136.93
N THR IB 238 -8.65 34.08 137.70
CA THR IB 238 -8.78 35.43 137.16
C THR IB 238 -7.39 35.95 136.81
N GLU IB 239 -7.08 36.01 135.52
CA GLU IB 239 -5.77 36.42 135.07
C GLU IB 239 -5.72 37.95 134.92
N GLU IB 240 -4.63 38.44 134.33
CA GLU IB 240 -4.46 39.89 134.20
C GLU IB 240 -5.35 40.48 133.12
N TRP IB 241 -5.62 39.72 132.06
CA TRP IB 241 -6.39 40.24 130.93
C TRP IB 241 -7.88 40.30 131.21
N GLU IB 242 -8.36 39.68 132.29
CA GLU IB 242 -9.77 39.75 132.64
C GLU IB 242 -10.16 41.08 133.25
N LYS IB 243 -9.20 41.91 133.64
CA LYS IB 243 -9.49 43.23 134.19
C LYS IB 243 -9.85 44.25 133.11
N LYS IB 244 -9.55 43.96 131.85
CA LYS IB 244 -9.83 44.87 130.74
C LYS IB 244 -11.03 44.43 129.92
N LYS IB 245 -12.03 43.81 130.55
CA LYS IB 245 -13.21 43.37 129.83
C LYS IB 245 -14.08 44.57 129.47
N THR IB 246 -14.50 44.62 128.21
CA THR IB 246 -15.35 45.71 127.73
C THR IB 246 -16.82 45.30 127.81
N GLU IB 247 -17.70 46.30 127.70
CA GLU IB 247 -19.13 46.04 127.74
C GLU IB 247 -19.65 45.43 126.44
N ALA IB 248 -18.82 45.35 125.40
CA ALA IB 248 -19.27 44.77 124.14
C ALA IB 248 -19.40 43.25 124.25
N ASP IB 249 -18.47 42.60 124.94
CA ASP IB 249 -18.49 41.15 125.11
C ASP IB 249 -19.22 40.71 126.36
N MET IB 250 -19.82 41.64 127.11
CA MET IB 250 -20.55 41.27 128.31
C MET IB 250 -21.88 40.64 127.94
N GLU IB 251 -22.22 39.53 128.60
CA GLU IB 251 -23.46 38.82 128.27
C GLU IB 251 -24.68 39.60 128.70
N GLU IB 252 -24.65 40.20 129.89
CA GLU IB 252 -25.76 40.97 130.43
C GLU IB 252 -25.60 42.45 130.10
N TYR IB 253 -26.58 43.22 130.56
CA TYR IB 253 -26.60 44.67 130.36
C TYR IB 253 -26.53 45.34 131.73
N ILE IB 254 -25.37 45.88 132.06
CA ILE IB 254 -25.15 46.51 133.36
C ILE IB 254 -25.48 47.99 133.26
N TRP IB 255 -25.98 48.56 134.35
CA TRP IB 255 -26.35 49.97 134.37
C TRP IB 255 -25.15 50.86 134.71
N GLU IB 256 -24.18 50.32 135.44
CA GLU IB 256 -23.02 51.13 135.83
C GLU IB 256 -22.14 51.42 134.62
N ASN IB 257 -21.71 52.68 134.51
CA ASN IB 257 -20.91 53.16 133.37
C ASN IB 257 -21.60 52.88 132.04
N SER IB 258 -22.91 53.05 131.99
CA SER IB 258 -23.68 52.81 130.77
C SER IB 258 -24.00 54.13 130.08
N THR IB 259 -24.09 54.05 128.75
CA THR IB 259 -24.39 55.26 127.96
C THR IB 259 -25.78 55.78 128.27
N SER IB 260 -26.72 54.89 128.61
CA SER IB 260 -28.04 55.35 129.03
C SER IB 260 -27.97 56.09 130.36
N GLU IB 261 -27.13 55.61 131.29
CA GLU IB 261 -26.91 56.33 132.53
C GLU IB 261 -26.31 57.70 132.28
N LYS IB 262 -25.36 57.79 131.34
CA LYS IB 262 -24.77 59.08 131.02
C LYS IB 262 -25.78 60.01 130.36
N ASN IB 263 -26.67 59.47 129.52
CA ASN IB 263 -27.73 60.29 128.94
C ASN IB 263 -28.69 60.79 130.01
N ILE IB 264 -29.00 59.95 131.01
CA ILE IB 264 -29.85 60.40 132.10
C ILE IB 264 -29.17 61.49 132.91
N LEU IB 265 -27.88 61.33 133.18
CA LEU IB 265 -27.13 62.37 133.88
C LEU IB 265 -27.03 63.65 133.08
N GLU IB 266 -27.04 63.55 131.74
CA GLU IB 266 -27.01 64.72 130.87
C GLU IB 266 -28.35 65.44 130.83
N THR IB 267 -29.46 64.68 130.85
CA THR IB 267 -30.78 65.32 130.75
C THR IB 267 -31.27 65.84 132.09
N LEU IB 268 -30.90 65.20 133.21
CA LEU IB 268 -31.37 65.67 134.51
C LEU IB 268 -30.72 67.00 134.88
N LEU IB 269 -29.44 67.19 134.56
CA LEU IB 269 -28.81 68.48 134.78
C LEU IB 269 -29.51 69.59 134.01
N GLN IB 270 -29.88 69.32 132.75
CA GLN IB 270 -30.61 70.31 131.96
C GLN IB 270 -32.01 70.58 132.50
N ILE IB 271 -32.72 69.55 132.96
CA ILE IB 271 -34.03 69.77 133.55
C ILE IB 271 -33.91 70.63 134.81
N LYS IB 272 -32.92 70.36 135.65
CA LYS IB 272 -32.75 71.14 136.87
C LYS IB 272 -32.31 72.57 136.57
N ALA IB 273 -31.46 72.76 135.55
CA ALA IB 273 -31.07 74.12 135.17
C ALA IB 273 -32.24 74.88 134.57
N ALA IB 274 -33.13 74.20 133.84
CA ALA IB 274 -34.31 74.87 133.32
C ALA IB 274 -35.29 75.23 134.42
N GLU IB 275 -35.44 74.38 135.42
CA GLU IB 275 -36.28 74.68 136.58
C GLU IB 275 -35.58 75.60 137.57
N LYS IB 276 -34.31 75.92 137.34
CA LYS IB 276 -33.52 76.80 138.22
C LYS IB 276 -33.41 76.21 139.63
N ASN IB 277 -33.03 74.94 139.69
CA ASN IB 277 -32.78 74.25 140.95
C ASN IB 277 -31.28 74.01 141.06
N LEU IB 278 -30.64 74.73 141.98
CA LEU IB 278 -29.20 74.67 142.17
C LEU IB 278 -28.77 73.50 143.06
N GLU IB 279 -29.62 72.49 143.24
CA GLU IB 279 -29.28 71.30 144.02
C GLU IB 279 -28.85 70.22 143.04
N LEU IB 280 -27.55 70.16 142.78
CA LEU IB 280 -26.98 69.24 141.79
C LEU IB 280 -26.11 68.21 142.51
N SER IB 281 -26.44 66.93 142.34
CA SER IB 281 -25.66 65.85 142.92
C SER IB 281 -25.97 64.57 142.16
N LYS IB 282 -24.91 63.79 141.88
CA LYS IB 282 -25.10 62.56 141.11
C LYS IB 282 -25.92 61.54 141.88
N GLU IB 283 -25.67 61.37 143.18
CA GLU IB 283 -26.49 60.48 144.00
C GLU IB 283 -27.92 61.00 144.16
N GLU IB 284 -28.11 62.32 144.27
CA GLU IB 284 -29.45 62.89 144.31
C GLU IB 284 -30.22 62.59 143.03
N LEU IB 285 -29.53 62.65 141.89
CA LEU IB 285 -30.21 62.39 140.62
C LEU IB 285 -30.47 60.90 140.42
N LEU IB 286 -29.53 60.05 140.84
CA LEU IB 286 -29.63 58.62 140.57
C LEU IB 286 -30.20 57.82 141.74
N GLY IB 287 -30.73 58.48 142.77
CA GLY IB 287 -31.32 57.76 143.87
C GLY IB 287 -32.83 57.77 143.92
N THR IB 288 -33.50 58.42 142.96
CA THR IB 288 -34.94 58.56 143.00
C THR IB 288 -35.63 57.33 142.39
N LYS IB 289 -36.93 57.22 142.66
CA LYS IB 289 -37.72 56.11 142.16
C LYS IB 289 -37.89 56.16 140.64
N GLU IB 290 -37.86 57.34 140.03
CA GLU IB 290 -37.94 57.42 138.56
C GLU IB 290 -36.74 56.74 137.91
N VAL IB 291 -35.53 57.10 138.34
CA VAL IB 291 -34.35 56.45 137.78
C VAL IB 291 -34.22 55.01 138.25
N GLU IB 292 -34.79 54.66 139.41
CA GLU IB 292 -34.82 53.25 139.81
C GLU IB 292 -35.68 52.43 138.85
N ASP IB 293 -36.87 52.94 138.52
CA ASP IB 293 -37.74 52.28 137.55
C ASP IB 293 -37.06 52.21 136.18
N TYR IB 294 -36.40 53.27 135.75
CA TYR IB 294 -35.68 53.21 134.49
C TYR IB 294 -34.55 52.19 134.52
N ARG IB 295 -33.83 52.09 135.64
CA ARG IB 295 -32.74 51.12 135.75
C ARG IB 295 -33.26 49.70 135.73
N LYS IB 296 -34.41 49.44 136.35
CA LYS IB 296 -34.98 48.10 136.32
C LYS IB 296 -35.77 47.82 135.04
N SER IB 297 -36.05 48.82 134.22
CA SER IB 297 -36.78 48.61 132.97
C SER IB 297 -35.85 48.49 131.77
N VAL IB 298 -34.77 49.27 131.71
CA VAL IB 298 -33.89 49.20 130.55
C VAL IB 298 -33.11 47.89 130.55
N VAL IB 299 -32.81 47.34 131.73
CA VAL IB 299 -32.14 46.05 131.81
C VAL IB 299 -33.04 44.96 131.24
N SER IB 300 -34.33 45.00 131.57
CA SER IB 300 -35.28 44.06 130.98
C SER IB 300 -35.43 44.28 129.49
N LEU IB 301 -35.46 45.54 129.02
CA LEU IB 301 -35.57 45.81 127.60
C LEU IB 301 -34.35 45.31 126.83
N LYS IB 302 -33.17 45.32 127.44
CA LYS IB 302 -31.97 44.83 126.78
C LYS IB 302 -31.86 43.31 126.83
N ASN IB 303 -32.23 42.68 127.95
CA ASN IB 303 -32.09 41.24 128.09
C ASN IB 303 -33.25 40.49 127.46
N GLU IB 304 -34.47 40.72 127.96
CA GLU IB 304 -35.63 39.99 127.45
C GLU IB 304 -36.02 40.43 126.06
N GLY IB 305 -35.70 41.66 125.68
CA GLY IB 305 -36.04 42.18 124.38
C GLY IB 305 -37.31 43.02 124.42
N ASP IB 306 -37.78 43.35 123.22
CA ASP IB 306 -39.01 44.13 123.08
C ASP IB 306 -40.22 43.24 123.27
N ASN IB 307 -41.05 43.56 124.26
CA ASN IB 307 -42.29 42.84 124.50
C ASN IB 307 -43.38 43.84 124.83
N GLU IB 308 -44.64 43.38 124.77
CA GLU IB 308 -45.76 44.28 124.98
C GLU IB 308 -45.85 44.79 126.41
N ASN IB 309 -45.18 44.14 127.36
CA ASN IB 309 -45.09 44.62 128.73
C ASN IB 309 -43.83 45.41 129.00
N THR IB 310 -42.69 44.98 128.48
CA THR IB 310 -41.44 45.70 128.70
C THR IB 310 -41.46 47.05 127.99
N LEU IB 311 -42.05 47.11 126.80
CA LEU IB 311 -42.18 48.39 126.10
C LEU IB 311 -43.13 49.33 126.84
N SER IB 312 -44.19 48.80 127.43
CA SER IB 312 -45.06 49.63 128.25
C SER IB 312 -44.33 50.15 129.49
N GLN IB 313 -43.52 49.30 130.11
CA GLN IB 313 -42.71 49.73 131.25
C GLN IB 313 -41.76 50.86 130.84
N TYR IB 314 -41.08 50.69 129.72
CA TYR IB 314 -40.14 51.71 129.24
C TYR IB 314 -40.86 52.99 128.84
N LYS IB 315 -42.08 52.89 128.33
CA LYS IB 315 -42.84 54.10 127.99
C LYS IB 315 -43.29 54.83 129.25
N GLU IB 316 -43.76 54.09 130.26
CA GLU IB 316 -44.13 54.70 131.52
C GLU IB 316 -42.94 55.33 132.24
N SER IB 317 -41.77 54.71 132.17
CA SER IB 317 -40.60 55.25 132.86
C SER IB 317 -40.16 56.58 132.26
N VAL IB 318 -40.14 56.67 130.92
CA VAL IB 318 -39.73 57.91 130.28
C VAL IB 318 -40.73 59.02 130.58
N LYS IB 319 -42.03 58.70 130.55
CA LYS IB 319 -43.04 59.70 130.89
C LYS IB 319 -42.92 60.16 132.33
N ARG IB 320 -42.70 59.24 133.27
CA ARG IB 320 -42.54 59.63 134.66
C ARG IB 320 -41.26 60.45 134.87
N LEU IB 321 -40.22 60.18 134.08
CA LEU IB 321 -38.98 60.94 134.21
C LEU IB 321 -39.15 62.34 133.64
N LEU IB 322 -39.86 62.48 132.53
CA LEU IB 322 -40.05 63.77 131.88
C LEU IB 322 -41.28 64.52 132.38
N ASN IB 323 -41.99 63.97 133.36
CA ASN IB 323 -43.15 64.61 133.97
C ASN IB 323 -44.23 64.90 132.93
N LEU IB 324 -44.38 63.99 131.97
CA LEU IB 324 -45.35 64.11 130.91
C LEU IB 324 -46.40 63.01 131.05
N ALA IB 325 -47.65 63.35 130.73
CA ALA IB 325 -48.75 62.41 130.82
C ALA IB 325 -49.84 62.75 129.81
N ALA JB 2 -83.61 -1.99 35.38
CA ALA JB 2 -83.66 -3.44 35.53
C ALA JB 2 -82.27 -4.05 35.35
N THR JB 3 -82.21 -5.38 35.41
CA THR JB 3 -80.95 -6.09 35.27
C THR JB 3 -80.73 -6.47 33.80
N PRO JB 4 -79.56 -6.19 33.23
CA PRO JB 4 -79.30 -6.57 31.84
C PRO JB 4 -79.34 -8.08 31.67
N SER JB 5 -79.63 -8.49 30.43
CA SER JB 5 -79.70 -9.90 30.12
C SER JB 5 -78.33 -10.56 30.24
N LEU JB 6 -78.34 -11.86 30.55
CA LEU JB 6 -77.11 -12.62 30.73
C LEU JB 6 -77.05 -13.89 29.90
N ARG JB 7 -78.16 -14.34 29.33
CA ARG JB 7 -78.15 -15.53 28.49
C ARG JB 7 -77.39 -15.27 27.20
N GLY JB 8 -76.50 -16.19 26.84
CA GLY JB 8 -75.75 -16.07 25.60
C GLY JB 8 -74.67 -15.02 25.64
N ARG JB 9 -74.10 -14.76 26.81
CA ARG JB 9 -73.03 -13.77 26.96
C ARG JB 9 -71.67 -14.40 27.21
N LEU JB 10 -71.59 -15.42 28.05
CA LEU JB 10 -70.32 -15.99 28.48
C LEU JB 10 -69.90 -17.13 27.55
N ALA JB 11 -68.65 -17.55 27.68
CA ALA JB 11 -68.08 -18.60 26.86
C ALA JB 11 -68.31 -19.94 27.55
N ARG JB 12 -69.24 -20.73 27.03
CA ARG JB 12 -69.56 -22.04 27.56
C ARG JB 12 -69.64 -23.05 26.43
N LEU JB 13 -69.68 -24.34 26.80
CA LEU JB 13 -69.77 -25.39 25.79
C LEU JB 13 -71.11 -25.38 25.10
N GLY JB 14 -72.18 -25.06 25.83
CA GLY JB 14 -73.51 -25.03 25.26
C GLY JB 14 -73.85 -23.81 24.46
N ASN JB 15 -73.00 -22.79 24.47
CA ASN JB 15 -73.26 -21.57 23.73
C ASN JB 15 -72.72 -21.70 22.31
N PRO JB 16 -73.58 -21.63 21.28
CA PRO JB 16 -73.10 -21.85 19.91
C PRO JB 16 -72.46 -20.62 19.27
N ARG JB 17 -72.78 -19.42 19.74
CA ARG JB 17 -72.26 -18.20 19.14
C ARG JB 17 -70.96 -17.79 19.84
N ARG JB 18 -70.43 -16.63 19.47
CA ARG JB 18 -69.25 -16.08 20.11
C ARG JB 18 -69.63 -15.45 21.45
N PRO JB 19 -68.84 -15.67 22.50
CA PRO JB 19 -69.15 -15.04 23.79
C PRO JB 19 -69.06 -13.53 23.70
N ILE JB 20 -70.06 -12.86 24.27
CA ILE JB 20 -70.15 -11.41 24.22
C ILE JB 20 -69.40 -10.77 25.38
N LEU JB 21 -69.66 -11.24 26.59
CA LEU JB 21 -69.07 -10.66 27.80
C LEU JB 21 -67.86 -11.48 28.23
N LYS JB 22 -66.75 -10.80 28.49
CA LYS JB 22 -65.51 -11.43 28.95
C LYS JB 22 -65.26 -11.00 30.39
N PRO JB 23 -65.81 -11.70 31.37
CA PRO JB 23 -65.69 -11.24 32.76
C PRO JB 23 -64.26 -11.34 33.26
N ASN JB 24 -63.80 -10.28 33.93
CA ASN JB 24 -62.48 -10.29 34.53
C ASN JB 24 -62.39 -11.33 35.65
N LYS JB 25 -63.41 -11.39 36.49
CA LYS JB 25 -63.53 -12.33 37.58
C LYS JB 25 -64.88 -13.01 37.50
N PRO JB 26 -65.03 -14.19 38.09
CA PRO JB 26 -66.32 -14.90 38.01
C PRO JB 26 -67.45 -14.07 38.59
N LEU JB 27 -68.54 -13.96 37.83
CA LEU JB 27 -69.68 -13.12 38.21
C LEU JB 27 -70.48 -13.83 39.30
N ILE JB 28 -69.90 -13.85 40.50
CA ILE JB 28 -70.52 -14.42 41.68
C ILE JB 28 -70.72 -13.30 42.69
N LEU JB 29 -71.94 -13.18 43.21
CA LEU JB 29 -72.26 -12.13 44.16
C LEU JB 29 -71.59 -12.43 45.50
N ALA JB 30 -70.64 -11.58 45.89
CA ALA JB 30 -69.92 -11.78 47.14
C ALA JB 30 -70.84 -11.52 48.34
N ASN JB 31 -70.39 -11.99 49.50
CA ASN JB 31 -71.16 -11.86 50.74
C ASN JB 31 -70.77 -10.62 51.53
N HIS JB 32 -70.04 -9.69 50.94
CA HIS JB 32 -69.66 -8.45 51.62
C HIS JB 32 -69.50 -7.35 50.58
N VAL JB 33 -70.10 -6.19 50.86
CA VAL JB 33 -70.07 -5.07 49.93
C VAL JB 33 -68.75 -4.33 50.08
N GLY JB 34 -68.43 -3.48 49.11
CA GLY JB 34 -67.23 -2.67 49.20
C GLY JB 34 -67.42 -1.50 50.15
N GLU JB 35 -66.36 -1.19 50.89
CA GLU JB 35 -66.43 -0.11 51.87
C GLU JB 35 -66.41 1.24 51.18
N ARG JB 36 -67.27 2.14 51.63
CA ARG JB 36 -67.43 3.44 50.99
C ARG JB 36 -66.19 4.30 51.21
N ARG JB 37 -65.67 4.85 50.11
CA ARG JB 37 -64.40 5.56 50.14
C ARG JB 37 -64.52 6.93 50.79
N ARG JB 38 -64.60 6.96 52.13
CA ARG JB 38 -64.60 8.19 52.92
C ARG JB 38 -65.76 9.11 52.50
N GLU JB 39 -66.97 8.61 52.76
CA GLU JB 39 -68.19 9.39 52.54
C GLU JB 39 -68.09 10.75 53.20
N LYS JB 40 -68.22 11.80 52.40
CA LYS JB 40 -68.00 13.17 52.85
C LYS JB 40 -69.32 13.94 52.89
N GLY JB 41 -69.24 15.16 53.44
CA GLY JB 41 -70.39 16.02 53.52
C GLY JB 41 -70.03 17.45 53.13
N GLU JB 42 -71.07 18.26 52.96
CA GLU JB 42 -70.90 19.63 52.51
C GLU JB 42 -70.90 20.60 53.68
N ALA JB 43 -70.54 21.84 53.41
CA ALA JB 43 -70.48 22.88 54.43
C ALA JB 43 -71.89 23.34 54.81
N THR JB 44 -71.96 24.27 55.76
CA THR JB 44 -73.22 24.77 56.27
C THR JB 44 -73.16 26.28 56.46
N CYS JB 45 -74.35 26.89 56.55
CA CYS JB 45 -74.51 28.30 56.90
C CYS JB 45 -73.83 29.22 55.89
N ILE JB 46 -73.75 28.78 54.63
CA ILE JB 46 -73.16 29.61 53.59
C ILE JB 46 -74.06 30.81 53.29
N THR JB 47 -75.38 30.57 53.19
CA THR JB 47 -76.31 31.67 52.97
C THR JB 47 -76.37 32.62 54.16
N GLU JB 48 -76.17 32.09 55.37
CA GLU JB 48 -76.15 32.95 56.55
C GLU JB 48 -74.86 33.76 56.63
N MET JB 49 -73.75 33.21 56.13
CA MET JB 49 -72.50 33.94 56.10
C MET JB 49 -72.47 35.00 55.01
N SER JB 50 -73.14 34.74 53.89
CA SER JB 50 -73.19 35.71 52.81
C SER JB 50 -73.90 36.99 53.25
N VAL JB 51 -75.09 36.85 53.87
CA VAL JB 51 -75.81 38.03 54.36
C VAL JB 51 -75.11 38.66 55.55
N MET JB 52 -74.22 37.93 56.23
CA MET JB 52 -73.44 38.52 57.32
C MET JB 52 -72.32 39.40 56.76
N MET JB 53 -71.58 38.88 55.78
CA MET JB 53 -70.52 39.66 55.14
C MET JB 53 -71.07 40.78 54.26
N ALA JB 54 -72.33 40.70 53.85
CA ALA JB 54 -72.95 41.83 53.15
C ALA JB 54 -72.98 43.06 54.04
N CYS JB 55 -73.26 42.89 55.34
CA CYS JB 55 -73.21 44.03 56.27
C CYS JB 55 -71.82 44.63 56.33
N TRP JB 56 -70.79 43.79 56.38
CA TRP JB 56 -69.42 44.29 56.43
C TRP JB 56 -69.05 45.04 55.16
N LYS JB 57 -69.48 44.52 54.00
CA LYS JB 57 -69.14 45.18 52.75
C LYS JB 57 -69.92 46.47 52.55
N GLN JB 58 -71.13 46.55 53.09
CA GLN JB 58 -71.96 47.74 52.89
C GLN JB 58 -71.64 48.84 53.90
N ASN JB 59 -71.65 48.52 55.19
CA ASN JB 59 -71.41 49.48 56.25
C ASN JB 59 -69.93 49.63 56.59
N GLU JB 60 -69.03 49.22 55.69
CA GLU JB 60 -67.59 49.43 55.84
C GLU JB 60 -67.04 48.69 57.06
N PHE JB 61 -67.43 47.43 57.19
CA PHE JB 61 -66.84 46.48 58.15
C PHE JB 61 -66.96 46.99 59.59
N ARG JB 62 -68.22 47.05 60.04
CA ARG JB 62 -68.52 47.35 61.43
C ARG JB 62 -69.75 46.56 61.85
N ASP JB 63 -69.69 45.99 63.06
CA ASP JB 63 -70.76 45.14 63.56
C ASP JB 63 -71.84 45.91 64.31
N GLU JB 64 -71.56 47.14 64.74
CA GLU JB 64 -72.56 47.93 65.44
C GLU JB 64 -73.64 48.46 64.50
N ALA JB 65 -73.42 48.43 63.19
CA ALA JB 65 -74.43 48.90 62.25
C ALA JB 65 -75.56 47.89 62.12
N CYS JB 66 -75.23 46.67 61.67
CA CYS JB 66 -76.20 45.60 61.54
C CYS JB 66 -75.85 44.48 62.51
N ARG JB 67 -76.85 43.95 63.19
CA ARG JB 67 -76.65 42.97 64.25
C ARG JB 67 -77.37 41.65 64.05
N LYS JB 68 -78.58 41.66 63.49
CA LYS JB 68 -79.32 40.41 63.31
C LYS JB 68 -78.58 39.47 62.36
N GLU JB 69 -77.88 40.02 61.36
CA GLU JB 69 -77.05 39.19 60.49
C GLU JB 69 -75.83 38.64 61.22
N ILE JB 70 -75.53 39.15 62.41
CA ILE JB 70 -74.46 38.59 63.22
C ILE JB 70 -74.99 37.53 64.18
N GLN JB 71 -76.25 37.66 64.62
CA GLN JB 71 -76.81 36.72 65.59
C GLN JB 71 -77.35 35.47 64.89
N ASP JB 72 -77.98 35.64 63.72
CA ASP JB 72 -78.49 34.48 63.00
C ASP JB 72 -77.34 33.58 62.52
N PHE JB 73 -76.20 34.18 62.19
CA PHE JB 73 -75.03 33.39 61.82
C PHE JB 73 -74.55 32.52 62.98
N PHE JB 74 -74.48 33.09 64.18
CA PHE JB 74 -74.11 32.31 65.35
C PHE JB 74 -75.14 31.24 65.69
N ASP JB 75 -76.42 31.54 65.49
CA ASP JB 75 -77.46 30.54 65.70
C ASP JB 75 -77.31 29.37 64.73
N CYS JB 76 -77.05 29.68 63.46
CA CYS JB 76 -76.83 28.62 62.48
C CYS JB 76 -75.59 27.81 62.82
N ALA JB 77 -74.52 28.47 63.27
CA ALA JB 77 -73.32 27.75 63.69
C ALA JB 77 -73.61 26.82 64.86
N SER JB 78 -74.36 27.28 65.85
CA SER JB 78 -74.69 26.45 67.00
C SER JB 78 -75.56 25.27 66.60
N ARG JB 79 -76.55 25.51 65.74
CA ARG JB 79 -77.41 24.41 65.28
C ARG JB 79 -76.63 23.38 64.48
N ALA JB 80 -75.69 23.83 63.64
CA ALA JB 80 -74.85 22.89 62.90
C ALA JB 80 -73.93 22.12 63.83
N GLU JB 81 -73.38 22.78 64.86
CA GLU JB 81 -72.54 22.10 65.83
C GLU JB 81 -73.32 21.05 66.61
N ALA JB 82 -74.59 21.34 66.91
CA ALA JB 82 -75.41 20.36 67.62
C ALA JB 82 -75.80 19.19 66.72
N ALA JB 83 -76.14 19.47 65.46
CA ALA JB 83 -76.51 18.41 64.52
C ALA JB 83 -75.32 17.55 64.12
N ARG JB 84 -74.10 18.09 64.13
CA ARG JB 84 -72.92 17.30 63.85
C ARG JB 84 -72.66 16.24 64.90
N LYS JB 85 -73.11 16.47 66.14
CA LYS JB 85 -72.88 15.54 67.24
C LYS JB 85 -74.07 14.63 67.49
N MET JB 86 -75.30 15.15 67.35
CA MET JB 86 -76.47 14.33 67.64
C MET JB 86 -76.79 13.37 66.50
N ARG JB 87 -76.76 13.87 65.26
CA ARG JB 87 -77.02 13.01 64.11
C ARG JB 87 -75.94 11.96 63.90
N SER JB 88 -74.68 12.26 64.26
CA SER JB 88 -73.60 11.29 64.18
C SER JB 88 -73.87 10.03 65.01
N ILE JB 89 -74.85 10.07 65.92
CA ILE JB 89 -75.28 8.90 66.66
C ILE JB 89 -76.68 8.46 66.24
N GLN JB 90 -77.55 9.42 65.91
CA GLN JB 90 -78.91 9.06 65.50
C GLN JB 90 -78.91 8.26 64.21
N GLU JB 91 -78.14 8.69 63.21
CA GLU JB 91 -78.11 7.99 61.93
C GLU JB 91 -77.38 6.66 62.00
N ASN JB 92 -76.46 6.50 62.95
CA ASN JB 92 -75.78 5.23 63.17
C ASN JB 92 -76.61 4.27 64.01
N LEU JB 93 -77.55 4.78 64.80
CA LEU JB 93 -78.48 3.90 65.52
C LEU JB 93 -79.66 3.49 64.65
N GLY JB 94 -80.18 4.41 63.83
CA GLY JB 94 -81.28 4.09 62.95
C GLY JB 94 -80.81 3.63 61.58
N GLU JB 95 -81.77 3.14 60.79
CA GLU JB 95 -81.48 2.65 59.44
C GLU JB 95 -82.55 3.07 58.44
N LEU JB 96 -83.17 4.24 58.63
CA LEU JB 96 -84.22 4.68 57.72
C LEU JB 96 -83.67 4.94 56.33
N GLY JB 97 -82.59 5.72 56.23
CA GLY JB 97 -82.01 6.04 54.95
C GLY JB 97 -80.82 5.16 54.60
N SER JB 98 -79.65 5.76 54.41
CA SER JB 98 -78.45 5.01 54.09
C SER JB 98 -77.92 4.32 55.34
N LEU JB 99 -76.88 3.50 55.14
CA LEU JB 99 -76.26 2.75 56.22
C LEU JB 99 -74.83 2.43 55.84
N PRO JB 100 -73.92 2.40 56.81
CA PRO JB 100 -72.52 2.08 56.51
C PRO JB 100 -72.36 0.63 56.12
N PRO JB 101 -71.29 0.28 55.40
CA PRO JB 101 -71.07 -1.12 55.02
C PRO JB 101 -70.83 -2.03 56.21
N LYS JB 102 -70.47 -1.49 57.37
CA LYS JB 102 -70.27 -2.33 58.55
C LYS JB 102 -71.53 -3.07 58.94
N LYS JB 103 -72.70 -2.54 58.57
CA LYS JB 103 -73.96 -3.24 58.78
C LYS JB 103 -74.43 -4.00 57.55
N LEU JB 104 -74.10 -3.52 56.35
CA LEU JB 104 -74.45 -4.26 55.14
C LEU JB 104 -73.76 -5.61 55.11
N ASN JB 105 -72.52 -5.68 55.58
CA ASN JB 105 -71.79 -6.95 55.61
C ASN JB 105 -72.47 -7.94 56.55
N LYS JB 106 -72.84 -7.49 57.75
CA LYS JB 106 -73.52 -8.37 58.70
C LYS JB 106 -74.90 -8.74 58.21
N LEU JB 107 -75.55 -7.88 57.42
CA LEU JB 107 -76.85 -8.21 56.86
C LEU JB 107 -76.72 -9.25 55.76
N LEU JB 108 -75.67 -9.15 54.94
CA LEU JB 108 -75.48 -10.14 53.89
C LEU JB 108 -74.99 -11.47 54.42
N HIS JB 109 -74.19 -11.47 55.48
CA HIS JB 109 -73.69 -12.73 56.03
C HIS JB 109 -74.81 -13.57 56.63
N ARG JB 110 -75.90 -12.93 57.07
CA ARG JB 110 -77.03 -13.69 57.58
C ARG JB 110 -77.70 -14.50 56.49
N PHE JB 111 -77.74 -13.97 55.27
CA PHE JB 111 -78.35 -14.64 54.13
C PHE JB 111 -77.37 -14.63 52.96
N PRO JB 112 -76.31 -15.42 53.06
CA PRO JB 112 -75.26 -15.37 52.04
C PRO JB 112 -75.67 -16.13 50.77
N ASN JB 113 -74.81 -16.01 49.76
CA ASN JB 113 -74.99 -16.75 48.52
C ASN JB 113 -74.44 -18.17 48.68
N LYS JB 114 -75.04 -19.11 47.95
CA LYS JB 114 -74.68 -20.52 48.03
C LYS JB 114 -74.04 -20.95 46.72
N PRO JB 115 -72.72 -20.85 46.60
CA PRO JB 115 -72.07 -21.26 45.33
C PRO JB 115 -72.09 -22.76 45.12
N HIS JB 116 -71.95 -23.54 46.18
CA HIS JB 116 -71.89 -24.99 46.07
C HIS JB 116 -73.25 -25.62 46.38
N VAL JB 117 -73.30 -26.94 46.29
CA VAL JB 117 -74.52 -27.71 46.52
C VAL JB 117 -75.65 -27.22 45.62
N LYS KB 128 -44.91 -18.14 33.49
CA LYS KB 128 -45.65 -19.28 32.99
C LYS KB 128 -45.37 -19.51 31.50
N ASN KB 129 -46.44 -19.55 30.69
CA ASN KB 129 -46.28 -19.73 29.26
C ASN KB 129 -45.54 -18.57 28.59
N ILE KB 130 -45.53 -17.41 29.25
CA ILE KB 130 -44.79 -16.28 28.72
C ILE KB 130 -43.29 -16.56 28.64
N LEU KB 131 -42.78 -17.48 29.46
CA LEU KB 131 -41.39 -17.89 29.31
C LEU KB 131 -41.12 -18.40 27.91
N LYS KB 132 -41.83 -19.44 27.48
CA LYS KB 132 -41.67 -19.99 26.14
C LYS KB 132 -42.07 -19.01 25.05
N ILE KB 133 -43.07 -18.17 25.31
CA ILE KB 133 -43.46 -17.17 24.33
C ILE KB 133 -42.30 -16.21 24.07
N ARG KB 134 -41.69 -15.68 25.12
CA ARG KB 134 -40.57 -14.77 24.96
C ARG KB 134 -39.35 -15.49 24.40
N ARG KB 135 -39.19 -16.78 24.70
CA ARG KB 135 -38.09 -17.54 24.11
C ARG KB 135 -38.23 -17.62 22.60
N ARG KB 136 -39.40 -18.03 22.11
CA ARG KB 136 -39.67 -18.04 20.68
C ARG KB 136 -39.57 -16.64 20.06
N LYS KB 137 -40.01 -15.61 20.78
CA LYS KB 137 -39.87 -14.24 20.30
C LYS KB 137 -38.41 -13.87 20.08
N MET KB 138 -37.56 -14.16 21.07
CA MET KB 138 -36.14 -13.83 20.96
C MET KB 138 -35.50 -14.62 19.83
N ASN KB 139 -35.88 -15.88 19.67
CA ASN KB 139 -35.30 -16.68 18.58
C ASN KB 139 -35.70 -16.12 17.21
N HIS KB 140 -36.98 -15.77 17.05
CA HIS KB 140 -37.41 -15.18 15.78
C HIS KB 140 -36.75 -13.84 15.53
N HIS KB 141 -36.56 -13.04 16.58
CA HIS KB 141 -35.90 -11.75 16.43
C HIS KB 141 -34.45 -11.92 16.00
N LYS KB 142 -33.74 -12.87 16.61
CA LYS KB 142 -32.37 -13.15 16.20
C LYS KB 142 -32.31 -13.67 14.77
N TYR KB 143 -33.28 -14.50 14.37
CA TYR KB 143 -33.30 -14.96 12.97
C TYR KB 143 -33.52 -13.79 12.01
N ARG KB 144 -34.44 -12.87 12.35
CA ARG KB 144 -34.67 -11.72 11.50
C ARG KB 144 -33.43 -10.84 11.40
N LYS KB 145 -32.73 -10.64 12.52
CA LYS KB 145 -31.51 -9.85 12.48
C LYS KB 145 -30.42 -10.53 11.66
N LEU KB 146 -30.30 -11.85 11.76
CA LEU KB 146 -29.34 -12.58 10.93
C LEU KB 146 -29.68 -12.43 9.46
N VAL KB 147 -30.97 -12.53 9.11
CA VAL KB 147 -31.37 -12.37 7.72
C VAL KB 147 -31.04 -10.97 7.23
N LYS KB 148 -31.31 -9.95 8.05
CA LYS KB 148 -31.01 -8.59 7.65
C LYS KB 148 -29.51 -8.37 7.49
N ARG KB 149 -28.69 -9.04 8.31
CA ARG KB 149 -27.25 -8.86 8.22
C ARG KB 149 -26.65 -9.60 7.03
N THR KB 150 -27.20 -10.76 6.67
CA THR KB 150 -26.69 -11.56 5.56
C THR KB 150 -27.75 -11.70 4.46
N ARG KB 151 -28.43 -10.60 4.14
CA ARG KB 151 -29.47 -10.61 3.11
C ARG KB 151 -28.90 -11.00 1.76
N PHE KB 152 -27.92 -10.24 1.27
CA PHE KB 152 -27.43 -10.43 -0.11
C PHE KB 152 -26.70 -11.74 -0.29
N LEU KB 153 -26.03 -12.24 0.75
CA LEU KB 153 -25.44 -13.58 0.65
C LEU KB 153 -26.53 -14.63 0.47
N ARG KB 154 -27.66 -14.48 1.16
CA ARG KB 154 -28.77 -15.40 0.97
C ARG KB 154 -29.32 -15.32 -0.44
N ARG KB 155 -29.36 -14.12 -1.03
CA ARG KB 155 -29.81 -14.00 -2.41
C ARG KB 155 -28.84 -14.65 -3.38
N LYS KB 156 -27.54 -14.52 -3.12
CA LYS KB 156 -26.55 -15.20 -3.97
C LYS KB 156 -26.71 -16.71 -3.87
N VAL KB 157 -26.90 -17.23 -2.67
CA VAL KB 157 -27.11 -18.67 -2.50
C VAL KB 157 -28.40 -19.12 -3.18
N ARG KB 158 -29.45 -18.30 -3.10
CA ARG KB 158 -30.71 -18.64 -3.76
C ARG KB 158 -30.56 -18.70 -5.27
N GLU KB 159 -29.85 -17.72 -5.85
CA GLU KB 159 -29.59 -17.75 -7.28
C GLU KB 159 -28.74 -18.95 -7.67
N GLY KB 160 -27.72 -19.27 -6.87
CA GLY KB 160 -26.89 -20.43 -7.16
C GLY KB 160 -27.64 -21.74 -7.06
N ARG KB 161 -28.62 -21.81 -6.18
CA ARG KB 161 -29.43 -23.02 -6.07
C ARG KB 161 -30.45 -23.12 -7.19
N LEU KB 162 -31.06 -22.00 -7.57
CA LEU KB 162 -32.01 -22.01 -8.69
C LEU KB 162 -31.31 -22.32 -10.01
N ARG KB 163 -30.07 -21.88 -10.17
CA ARG KB 163 -29.32 -22.20 -11.37
C ARG KB 163 -29.14 -23.71 -11.49
N GLN KB 164 -28.65 -24.36 -10.43
CA GLN KB 164 -28.50 -25.81 -10.44
C GLN KB 164 -29.83 -26.51 -10.59
N LYS KB 165 -30.91 -25.93 -10.03
CA LYS KB 165 -32.23 -26.51 -10.20
C LYS KB 165 -32.64 -26.53 -11.68
N GLN KB 166 -32.49 -25.40 -12.37
CA GLN KB 166 -32.79 -25.33 -13.79
C GLN KB 166 -31.90 -26.27 -14.60
N VAL KB 167 -30.63 -26.39 -14.22
CA VAL KB 167 -29.71 -27.27 -14.95
C VAL KB 167 -30.13 -28.73 -14.78
N LYS KB 168 -30.49 -29.11 -13.55
CA LYS KB 168 -30.94 -30.48 -13.30
C LYS KB 168 -32.23 -30.77 -14.06
N PHE KB 169 -33.15 -29.79 -14.09
CA PHE KB 169 -34.37 -29.97 -14.87
C PHE KB 169 -34.07 -30.12 -16.36
N GLU KB 170 -33.15 -29.32 -16.89
CA GLU KB 170 -32.78 -29.42 -18.30
C GLU KB 170 -32.18 -30.79 -18.61
N ARG KB 171 -31.29 -31.28 -17.74
CA ARG KB 171 -30.70 -32.59 -17.96
C ARG KB 171 -31.72 -33.71 -17.84
N ASP KB 172 -32.65 -33.63 -16.89
CA ASP KB 172 -33.69 -34.64 -16.78
C ASP KB 172 -34.61 -34.64 -18.00
N LEU KB 173 -34.85 -33.46 -18.57
CA LEU KB 173 -35.63 -33.42 -19.81
C LEU KB 173 -34.85 -33.99 -20.99
N LYS KB 174 -33.56 -33.65 -21.09
CA LYS KB 174 -32.75 -34.13 -22.20
C LYS KB 174 -32.56 -35.64 -22.15
N ARG KB 175 -32.52 -36.22 -20.94
CA ARG KB 175 -32.38 -37.66 -20.81
C ARG KB 175 -33.59 -38.41 -21.36
N ILE KB 176 -34.76 -37.77 -21.40
CA ILE KB 176 -35.99 -38.46 -21.78
C ILE KB 176 -35.90 -38.98 -23.21
N TRP KB 177 -35.70 -38.08 -24.18
CA TRP KB 177 -35.65 -38.52 -25.57
C TRP KB 177 -34.43 -39.35 -25.87
N GLN KB 178 -33.33 -39.17 -25.14
CA GLN KB 178 -32.15 -39.99 -25.35
C GLN KB 178 -32.40 -41.43 -24.93
N LYS KB 179 -33.11 -41.64 -23.82
CA LYS KB 179 -33.50 -42.98 -23.44
C LYS KB 179 -34.68 -43.51 -24.25
N ALA KB 180 -35.45 -42.62 -24.89
CA ALA KB 180 -36.56 -43.04 -25.74
C ALA KB 180 -36.14 -43.36 -27.16
N GLY KB 181 -34.93 -42.95 -27.57
CA GLY KB 181 -34.40 -43.27 -28.87
C GLY KB 181 -34.11 -42.07 -29.75
N LEU KB 182 -34.71 -40.92 -29.47
CA LEU KB 182 -34.46 -39.74 -30.27
C LEU KB 182 -33.04 -39.24 -30.08
N LYS KB 183 -32.40 -38.87 -31.19
CA LYS KB 183 -31.04 -38.34 -31.12
C LYS KB 183 -31.05 -36.91 -30.60
N GLU KB 184 -31.85 -36.04 -31.21
CA GLU KB 184 -31.96 -34.64 -30.82
C GLU KB 184 -33.29 -34.38 -30.15
N ALA KB 185 -33.53 -33.12 -29.80
CA ALA KB 185 -34.79 -32.73 -29.21
C ALA KB 185 -35.89 -32.71 -30.27
N PRO KB 186 -37.14 -32.96 -29.88
CA PRO KB 186 -38.24 -32.89 -30.85
C PRO KB 186 -38.38 -31.50 -31.45
N ALA KB 187 -39.00 -31.45 -32.61
CA ALA KB 187 -39.17 -30.18 -33.32
C ALA KB 187 -40.12 -29.27 -32.57
N GLY KB 188 -39.78 -27.98 -32.53
CA GLY KB 188 -40.62 -27.01 -31.85
C GLY KB 188 -40.55 -27.07 -30.34
N TRP KB 189 -39.38 -27.39 -29.79
CA TRP KB 189 -39.20 -27.50 -28.35
C TRP KB 189 -38.19 -26.46 -27.90
N GLN KB 190 -38.57 -25.63 -26.93
CA GLN KB 190 -37.72 -24.55 -26.44
C GLN KB 190 -37.27 -24.73 -25.00
N THR KB 191 -38.03 -25.46 -24.19
CA THR KB 191 -37.73 -25.69 -22.78
C THR KB 191 -37.53 -24.36 -22.06
N PRO KB 192 -38.60 -23.61 -21.81
CA PRO KB 192 -38.46 -22.29 -21.16
C PRO KB 192 -37.97 -22.43 -19.73
N LYS KB 193 -37.59 -21.28 -19.17
CA LYS KB 193 -37.07 -21.20 -17.81
C LYS KB 193 -38.23 -21.01 -16.86
N ILE KB 194 -38.48 -22.00 -16.00
CA ILE KB 194 -39.56 -21.90 -15.02
C ILE KB 194 -39.07 -21.41 -13.65
N TYR KB 195 -37.79 -21.61 -13.34
CA TYR KB 195 -37.24 -21.16 -12.07
C TYR KB 195 -36.54 -19.81 -12.15
N LEU KB 196 -36.05 -19.43 -13.33
CA LEU KB 196 -35.36 -18.16 -13.53
C LEU KB 196 -36.30 -17.03 -13.89
N LYS KB 197 -37.59 -17.13 -13.54
CA LYS KB 197 -38.54 -16.08 -13.86
C LYS KB 197 -38.27 -14.85 -13.01
N ASN KB 198 -38.12 -13.71 -13.68
CA ASN KB 198 -37.90 -12.46 -12.98
C ASN KB 198 -39.17 -12.01 -12.26
N GLN KB 199 -38.98 -11.16 -11.25
CA GLN KB 199 -40.11 -10.65 -10.47
C GLN KB 199 -40.98 -9.71 -11.29
N GLU LB 55 -27.03 9.03 151.00
CA GLU LB 55 -27.62 8.00 151.86
C GLU LB 55 -28.83 7.37 151.20
N GLU LB 56 -29.39 8.07 150.21
CA GLU LB 56 -30.58 7.59 149.52
C GLU LB 56 -30.24 6.81 148.25
N VAL LB 57 -29.01 6.93 147.75
CA VAL LB 57 -28.60 6.21 146.55
C VAL LB 57 -28.37 4.75 146.89
N VAL LB 58 -28.66 3.87 145.93
CA VAL LB 58 -28.45 2.44 146.09
C VAL LB 58 -27.65 1.94 144.88
N ILE LB 59 -26.43 1.49 145.12
CA ILE LB 59 -25.57 0.99 144.06
C ILE LB 59 -25.15 -0.43 144.39
N PRO LB 60 -25.69 -1.44 143.70
CA PRO LB 60 -25.31 -2.83 143.98
C PRO LB 60 -23.95 -3.16 143.39
N LYS LB 61 -23.56 -4.42 143.54
CA LYS LB 61 -22.29 -4.91 143.02
C LYS LB 61 -22.51 -5.68 141.72
N LYS LB 62 -21.45 -5.75 140.92
CA LYS LB 62 -21.50 -6.46 139.65
C LYS LB 62 -21.04 -7.90 139.82
N LYS LB 63 -21.34 -8.72 138.82
CA LYS LB 63 -20.99 -10.14 138.82
C LYS LB 63 -20.03 -10.40 137.67
N THR LB 64 -18.89 -11.02 137.96
CA THR LB 64 -17.88 -11.34 136.96
C THR LB 64 -18.02 -12.80 136.57
N TRP LB 65 -18.18 -13.05 135.27
CA TRP LB 65 -18.33 -14.40 134.74
C TRP LB 65 -17.28 -14.63 133.65
N ASP LB 66 -17.20 -15.88 133.20
CA ASP LB 66 -16.26 -16.25 132.16
C ASP LB 66 -16.80 -15.89 130.78
N LYS LB 67 -15.95 -16.04 129.76
CA LYS LB 67 -16.36 -15.72 128.40
C LYS LB 67 -17.39 -16.71 127.87
N VAL LB 68 -17.36 -17.95 128.36
CA VAL LB 68 -18.29 -18.99 127.94
C VAL LB 68 -19.20 -19.45 129.07
N ALA LB 69 -19.18 -18.74 130.21
CA ALA LB 69 -20.05 -19.12 131.32
C ALA LB 69 -21.52 -18.94 130.95
N ILE LB 70 -21.86 -17.80 130.35
CA ILE LB 70 -23.24 -17.56 129.96
C ILE LB 70 -23.65 -18.48 128.82
N LEU LB 71 -22.69 -18.92 128.00
CA LEU LB 71 -23.02 -19.86 126.95
C LEU LB 71 -23.27 -21.26 127.50
N GLN LB 72 -22.50 -21.68 128.50
CA GLN LB 72 -22.80 -22.93 129.18
C GLN LB 72 -24.11 -22.86 129.95
N ALA LB 73 -24.46 -21.67 130.46
CA ALA LB 73 -25.76 -21.50 131.10
C ALA LB 73 -26.89 -21.76 130.12
N LEU LB 74 -26.72 -21.34 128.86
CA LEU LB 74 -27.71 -21.65 127.84
C LEU LB 74 -27.66 -23.10 127.38
N ALA LB 75 -26.46 -23.69 127.37
CA ALA LB 75 -26.33 -25.10 127.01
C ALA LB 75 -27.00 -26.01 128.04
N SER LB 76 -27.02 -25.59 129.31
CA SER LB 76 -27.69 -26.36 130.34
C SER LB 76 -29.21 -26.35 130.20
N THR LB 77 -29.76 -25.42 129.42
CA THR LB 77 -31.21 -25.33 129.28
C THR LB 77 -31.74 -26.39 128.33
N VAL LB 78 -31.00 -26.70 127.27
CA VAL LB 78 -31.41 -27.69 126.28
C VAL LB 78 -30.63 -28.97 126.53
N HIS LB 79 -31.35 -30.08 126.66
CA HIS LB 79 -30.75 -31.39 126.87
C HIS LB 79 -30.63 -32.14 125.55
N ARG LB 80 -30.20 -33.39 125.61
CA ARG LB 80 -29.98 -34.19 124.41
C ARG LB 80 -31.31 -34.54 123.76
N ASP LB 81 -31.37 -34.43 122.44
CA ASP LB 81 -32.57 -34.74 121.70
C ASP LB 81 -32.67 -36.26 121.45
N SER LB 82 -33.90 -36.72 121.25
CA SER LB 82 -34.17 -38.15 121.07
C SER LB 82 -34.04 -38.58 119.61
N THR LB 83 -34.80 -37.95 118.71
CA THR LB 83 -34.83 -38.32 117.31
C THR LB 83 -33.77 -37.60 116.49
N ALA LB 84 -32.72 -37.09 117.12
CA ALA LB 84 -31.68 -36.33 116.43
C ALA LB 84 -30.41 -37.16 116.29
N ALA LB 85 -29.77 -37.03 115.14
CA ALA LB 85 -28.48 -37.65 114.89
C ALA LB 85 -27.38 -36.85 115.59
N PRO LB 86 -26.24 -37.48 115.88
CA PRO LB 86 -25.13 -36.74 116.50
C PRO LB 86 -24.72 -35.55 115.65
N TYR LB 87 -24.31 -34.48 116.34
CA TYR LB 87 -24.06 -33.20 115.69
C TYR LB 87 -22.87 -33.24 114.74
N VAL LB 88 -21.91 -34.15 114.96
CA VAL LB 88 -20.74 -34.20 114.10
C VAL LB 88 -21.14 -34.70 112.70
N PHE LB 89 -22.12 -35.59 112.62
CA PHE LB 89 -22.62 -36.03 111.33
C PHE LB 89 -23.57 -35.01 110.74
N GLN LB 90 -23.71 -35.06 109.42
CA GLN LB 90 -24.63 -34.18 108.72
C GLN LB 90 -26.05 -34.73 108.80
N ASP LB 91 -27.00 -33.82 109.01
CA ASP LB 91 -28.40 -34.21 109.23
C ASP LB 91 -29.11 -34.67 107.97
N ASP LB 92 -28.48 -34.56 106.81
CA ASP LB 92 -29.12 -35.00 105.58
C ASP LB 92 -29.26 -36.53 105.59
N PRO LB 93 -30.41 -37.05 105.16
CA PRO LB 93 -30.63 -38.51 105.23
C PRO LB 93 -29.62 -39.30 104.41
N TYR LB 94 -29.13 -38.75 103.30
CA TYR LB 94 -28.12 -39.45 102.51
C TYR LB 94 -26.77 -39.52 103.20
N LEU LB 95 -26.56 -38.70 104.22
CA LEU LB 95 -25.31 -38.68 104.96
C LEU LB 95 -25.45 -39.12 106.41
N ILE LB 96 -26.66 -39.35 106.89
CA ILE LB 96 -26.85 -39.84 108.26
C ILE LB 96 -26.33 -41.27 108.35
N PRO LB 97 -25.50 -41.60 109.34
CA PRO LB 97 -24.96 -42.97 109.42
C PRO LB 97 -26.07 -43.97 109.73
N THR LB 98 -26.11 -45.06 108.96
CA THR LB 98 -27.12 -46.09 109.13
C THR LB 98 -26.70 -47.12 110.17
N SER LB 99 -25.46 -47.59 110.11
CA SER LB 99 -24.95 -48.61 111.01
C SER LB 99 -23.71 -48.10 111.75
N SER LB 100 -23.24 -48.90 112.70
CA SER LB 100 -22.07 -48.53 113.48
C SER LB 100 -20.82 -48.44 112.61
N VAL LB 101 -20.67 -49.33 111.63
CA VAL LB 101 -19.52 -49.26 110.75
C VAL LB 101 -19.57 -47.99 109.89
N GLU LB 102 -20.76 -47.60 109.44
CA GLU LB 102 -20.88 -46.36 108.67
C GLU LB 102 -20.58 -45.15 109.54
N SER LB 103 -21.02 -45.16 110.81
CA SER LB 103 -20.72 -44.06 111.71
C SER LB 103 -19.22 -43.99 112.00
N HIS LB 104 -18.57 -45.14 112.09
CA HIS LB 104 -17.12 -45.17 112.30
C HIS LB 104 -16.36 -44.75 111.05
N SER LB 105 -16.90 -44.99 109.87
CA SER LB 105 -16.21 -44.66 108.63
C SER LB 105 -16.39 -43.19 108.22
N PHE LB 106 -17.56 -42.60 108.49
CA PHE LB 106 -17.79 -41.22 108.07
C PHE LB 106 -16.90 -40.24 108.83
N LEU LB 107 -16.69 -40.47 110.13
CA LEU LB 107 -15.79 -39.61 110.89
C LEU LB 107 -14.36 -39.69 110.38
N LEU LB 108 -13.89 -40.90 110.08
CA LEU LB 108 -12.56 -41.05 109.50
C LEU LB 108 -12.48 -40.40 108.12
N ALA LB 109 -13.55 -40.49 107.33
CA ALA LB 109 -13.53 -39.83 106.02
C ALA LB 109 -13.44 -38.32 106.16
N LYS LB 110 -14.18 -37.74 107.09
CA LYS LB 110 -14.12 -36.30 107.30
C LYS LB 110 -12.75 -35.88 107.83
N LYS LB 111 -12.18 -36.67 108.75
CA LYS LB 111 -10.86 -36.33 109.28
C LYS LB 111 -9.77 -36.50 108.23
N SER LB 112 -9.96 -37.42 107.27
CA SER LB 112 -9.00 -37.58 106.20
C SER LB 112 -9.00 -36.39 105.24
N GLY LB 113 -10.09 -35.62 105.21
CA GLY LB 113 -10.11 -34.38 104.45
C GLY LB 113 -9.57 -33.22 105.27
N GLU LB 114 -9.89 -33.24 106.57
CA GLU LB 114 -9.39 -32.20 107.47
C GLU LB 114 -7.87 -32.21 107.52
N ASN LB 115 -7.27 -33.37 107.80
CA ASN LB 115 -5.81 -33.45 107.89
C ASN LB 115 -5.17 -33.28 106.51
N ALA LB 116 -5.88 -33.62 105.43
CA ALA LB 116 -5.35 -33.35 104.10
C ALA LB 116 -5.26 -31.86 103.84
N ALA LB 117 -6.30 -31.11 104.19
CA ALA LB 117 -6.25 -29.66 104.06
C ALA LB 117 -5.17 -29.06 104.95
N LYS LB 118 -5.01 -29.62 106.17
CA LYS LB 118 -3.94 -29.15 107.04
C LYS LB 118 -2.57 -29.42 106.44
N PHE LB 119 -2.39 -30.57 105.80
CA PHE LB 119 -1.12 -30.87 105.12
C PHE LB 119 -0.88 -29.93 103.95
N ILE LB 120 -1.93 -29.61 103.20
CA ILE LB 120 -1.79 -28.63 102.11
C ILE LB 120 -1.40 -27.27 102.66
N ILE LB 121 -1.99 -26.85 103.78
CA ILE LB 121 -1.62 -25.59 104.40
C ILE LB 121 -0.17 -25.60 104.84
N ASN LB 122 0.28 -26.71 105.43
CA ASN LB 122 1.66 -26.81 105.88
C ASN LB 122 2.64 -26.85 104.71
N SER LB 123 2.22 -27.44 103.59
CA SER LB 123 3.08 -27.51 102.41
C SER LB 123 3.13 -26.20 101.63
N TYR LB 124 2.09 -25.38 101.70
CA TYR LB 124 2.05 -24.09 101.03
C TYR LB 124 1.59 -23.02 102.01
N PRO LB 125 2.51 -22.54 102.86
CA PRO LB 125 2.12 -21.49 103.82
C PRO LB 125 1.95 -20.13 103.18
N LYS LB 126 2.62 -19.87 102.05
CA LYS LB 126 2.57 -18.54 101.44
C LYS LB 126 1.18 -18.17 100.95
N TYR LB 127 0.30 -19.14 100.76
CA TYR LB 127 -1.07 -18.86 100.34
C TYR LB 127 -1.97 -18.51 101.51
N PHE LB 128 -1.46 -18.56 102.74
CA PHE LB 128 -2.26 -18.27 103.93
C PHE LB 128 -1.58 -17.28 104.86
N GLN LB 129 -0.53 -16.59 104.40
CA GLN LB 129 0.17 -15.64 105.26
C GLN LB 129 -0.66 -14.38 105.48
N LYS LB 130 -1.51 -14.01 104.53
CA LYS LB 130 -2.29 -12.79 104.64
C LYS LB 130 -3.32 -12.93 105.75
N ASP LB 131 -3.27 -12.01 106.72
CA ASP LB 131 -4.20 -11.99 107.83
C ASP LB 131 -5.25 -10.91 107.61
N ILE LB 132 -6.51 -11.30 107.74
CA ILE LB 132 -7.63 -10.38 107.57
C ILE LB 132 -8.35 -10.15 108.90
N ALA LB 133 -8.45 -11.18 109.74
CA ALA LB 133 -9.16 -11.05 111.01
C ALA LB 133 -8.40 -10.12 111.96
N GLU LB 134 -9.16 -9.23 112.62
CA GLU LB 134 -8.54 -8.30 113.56
C GLU LB 134 -7.95 -8.99 114.78
N PRO LB 135 -8.64 -9.93 115.46
CA PRO LB 135 -8.05 -10.54 116.66
C PRO LB 135 -6.80 -11.36 116.38
N HIS LB 136 -6.49 -11.67 115.11
CA HIS LB 136 -5.29 -12.41 114.73
C HIS LB 136 -5.25 -13.77 115.43
N ILE LB 137 -6.22 -14.61 115.09
CA ILE LB 137 -6.31 -15.95 115.64
C ILE LB 137 -5.11 -16.75 115.17
N PRO LB 138 -4.21 -17.17 116.09
CA PRO LB 138 -3.00 -17.88 115.66
C PRO LB 138 -3.25 -19.32 115.24
N CYS LB 139 -4.34 -19.94 115.67
CA CYS LB 139 -4.60 -21.33 115.32
C CYS LB 139 -4.93 -21.51 113.84
N LEU LB 140 -5.37 -20.45 113.17
CA LEU LB 140 -5.68 -20.52 111.74
C LEU LB 140 -4.48 -20.14 110.87
N MET LB 141 -3.26 -20.12 111.45
CA MET LB 141 -2.03 -19.79 110.74
C MET LB 141 -1.29 -21.06 110.34
N PRO LB 142 -0.58 -21.05 109.21
CA PRO LB 142 0.16 -22.24 108.79
C PRO LB 142 1.32 -22.53 109.73
N GLU LB 143 1.65 -23.81 109.84
CA GLU LB 143 2.75 -24.27 110.68
C GLU LB 143 4.01 -24.45 109.85
N TYR LB 144 5.15 -24.37 110.53
CA TYR LB 144 6.45 -24.49 109.90
C TYR LB 144 7.24 -25.60 110.59
N PHE LB 145 7.73 -26.56 109.80
CA PHE LB 145 8.48 -27.69 110.33
C PHE LB 145 9.97 -27.59 110.06
N GLU LB 146 10.47 -26.40 109.68
CA GLU LB 146 11.88 -26.22 109.42
C GLU LB 146 12.53 -25.39 110.52
N PRO LB 147 13.77 -25.70 110.89
CA PRO LB 147 14.45 -24.90 111.91
C PRO LB 147 14.76 -23.50 111.41
N GLN LB 148 15.14 -22.64 112.36
CA GLN LB 148 15.45 -21.24 112.05
C GLN LB 148 16.91 -21.05 111.64
N ILE LB 149 17.83 -21.72 112.32
CA ILE LB 149 19.26 -21.61 112.04
C ILE LB 149 19.81 -23.01 111.78
N GLU LB 150 20.61 -23.14 110.73
CA GLU LB 150 21.21 -24.42 110.37
C GLU LB 150 22.69 -24.51 110.68
N ASP LB 151 23.37 -23.38 110.90
CA ASP LB 151 24.79 -23.38 111.19
C ASP LB 151 25.09 -23.52 112.68
N VAL LB 152 24.40 -22.75 113.52
CA VAL LB 152 24.62 -22.83 114.96
C VAL LB 152 24.05 -24.15 115.48
N SER LB 153 24.93 -24.97 116.07
CA SER LB 153 24.48 -26.27 116.58
C SER LB 153 23.56 -26.11 117.77
N GLU LB 154 23.85 -25.15 118.67
CA GLU LB 154 23.00 -24.91 119.82
C GLU LB 154 21.63 -24.39 119.43
N ALA LB 155 21.53 -23.71 118.29
CA ALA LB 155 20.24 -23.24 117.79
C ALA LB 155 19.51 -24.29 116.96
N ALA LB 156 20.24 -25.20 116.34
CA ALA LB 156 19.63 -26.28 115.59
C ALA LB 156 19.12 -27.41 116.48
N LEU LB 157 19.79 -27.68 117.60
CA LEU LB 157 19.34 -28.72 118.51
C LEU LB 157 17.99 -28.37 119.13
N GLN LB 158 17.84 -27.12 119.59
CA GLN LB 158 16.59 -26.70 120.21
C GLN LB 158 15.44 -26.64 119.23
N GLU LB 159 15.71 -26.59 117.92
CA GLU LB 159 14.66 -26.63 116.91
C GLU LB 159 14.38 -28.04 116.41
N ARG LB 160 15.37 -28.94 116.47
CA ARG LB 160 15.17 -30.31 116.03
C ARG LB 160 14.65 -31.22 117.12
N ILE LB 161 14.79 -30.84 118.40
CA ILE LB 161 14.24 -31.67 119.46
C ILE LB 161 12.72 -31.62 119.46
N LYS LB 162 12.13 -30.48 119.05
CA LYS LB 162 10.69 -30.32 119.05
C LYS LB 162 10.05 -30.66 117.71
N LEU LB 163 10.84 -30.76 116.64
CA LEU LB 163 10.29 -31.11 115.33
C LEU LB 163 11.00 -32.33 114.75
N ASN LB 206 12.73 -37.05 115.12
CA ASN LB 206 13.25 -38.40 115.30
C ASN LB 206 14.62 -38.55 114.66
N TYR LB 207 14.63 -38.72 113.33
CA TYR LB 207 15.89 -38.85 112.60
C TYR LB 207 16.63 -37.52 112.52
N ASN LB 208 15.91 -36.43 112.30
CA ASN LB 208 16.55 -35.12 112.25
C ASN LB 208 17.12 -34.72 113.61
N PHE LB 209 16.42 -35.05 114.70
CA PHE LB 209 16.92 -34.75 116.03
C PHE LB 209 18.19 -35.54 116.34
N GLN LB 210 18.31 -36.76 115.82
CA GLN LB 210 19.52 -37.54 116.02
C GLN LB 210 20.66 -37.06 115.13
N GLN LB 211 20.34 -36.63 113.91
CA GLN LB 211 21.36 -36.09 113.02
C GLN LB 211 21.89 -34.74 113.52
N ARG LB 212 21.04 -33.93 114.15
CA ARG LB 212 21.51 -32.69 114.74
C ARG LB 212 22.52 -32.94 115.86
N GLU LB 213 22.37 -34.05 116.60
CA GLU LB 213 23.34 -34.38 117.62
C GLU LB 213 24.72 -34.64 117.02
N GLN LB 214 24.77 -35.39 115.92
CA GLN LB 214 26.06 -35.61 115.25
C GLN LB 214 26.59 -34.32 114.64
N SER LB 215 25.72 -33.49 114.08
CA SER LB 215 26.17 -32.21 113.53
C SER LB 215 26.71 -31.28 114.61
N GLU LB 216 26.22 -31.42 115.84
CA GLU LB 216 26.74 -30.62 116.95
C GLU LB 216 28.04 -31.21 117.49
N GLU LB 217 28.14 -32.54 117.56
CA GLU LB 217 29.34 -33.18 118.08
C GLU LB 217 30.50 -33.18 117.09
N LEU LB 218 30.23 -32.97 115.79
CA LEU LB 218 31.32 -32.92 114.82
C LEU LB 218 32.18 -31.68 114.96
N GLU LB 219 31.61 -30.58 115.47
CA GLU LB 219 32.33 -29.32 115.61
C GLU LB 219 33.00 -29.18 116.97
N GLU LB 220 33.10 -30.27 117.74
CA GLU LB 220 33.72 -30.26 119.07
C GLU LB 220 33.07 -29.22 119.99
N ALA LB 221 31.74 -29.15 119.93
CA ALA LB 221 30.97 -28.21 120.73
C ALA LB 221 30.54 -28.88 122.03
N THR LB 222 30.80 -28.21 123.15
CA THR LB 222 30.44 -28.74 124.46
C THR LB 222 28.96 -28.48 124.74
N GLU LB 223 28.18 -29.54 124.87
CA GLU LB 223 26.75 -29.43 125.13
C GLU LB 223 26.50 -29.53 126.62
N ALA LB 224 25.61 -28.67 127.13
CA ALA LB 224 25.30 -28.64 128.54
C ALA LB 224 24.34 -29.77 128.91
N ASP LB 225 23.91 -29.80 130.18
CA ASP LB 225 23.00 -30.82 130.66
C ASP LB 225 21.53 -30.49 130.39
N ASN LB 226 21.24 -29.35 129.77
CA ASN LB 226 19.87 -28.95 129.48
C ASN LB 226 19.41 -29.36 128.09
N GLU LB 227 20.24 -29.16 127.07
CA GLU LB 227 19.85 -29.54 125.71
C GLU LB 227 19.86 -31.06 125.55
N LYS LB 228 20.83 -31.73 126.17
CA LYS LB 228 20.92 -33.19 126.11
C LYS LB 228 19.70 -33.88 126.71
N SER LB 229 19.12 -33.32 127.78
CA SER LB 229 17.94 -33.93 128.37
C SER LB 229 16.77 -33.96 127.39
N LYS LB 230 16.50 -32.81 126.75
CA LYS LB 230 15.45 -32.76 125.74
C LYS LB 230 15.79 -33.59 124.51
N THR LB 231 17.07 -33.66 124.13
CA THR LB 231 17.45 -34.49 123.00
C THR LB 231 17.21 -35.96 123.28
N LYS LB 232 17.45 -36.39 124.52
CA LYS LB 232 17.19 -37.78 124.89
C LYS LB 232 15.70 -38.03 125.05
N ALA LB 233 14.94 -37.04 125.53
CA ALA LB 233 13.50 -37.18 125.63
C ALA LB 233 12.82 -37.26 124.27
N GLY LB 234 13.32 -36.52 123.28
CA GLY LB 234 12.76 -36.60 121.93
C GLY LB 234 12.90 -38.00 121.35
N HIS LB 235 13.96 -38.72 121.71
CA HIS LB 235 14.12 -40.10 121.27
C HIS LB 235 13.33 -41.08 122.13
N HIS LB 236 13.28 -40.86 123.45
CA HIS LB 236 12.52 -41.73 124.34
C HIS LB 236 11.02 -41.60 124.16
N LEU LB 237 10.55 -40.52 123.51
CA LEU LB 237 9.13 -40.37 123.21
C LEU LB 237 8.74 -41.12 121.93
N GLY LB 238 9.58 -41.04 120.90
CA GLY LB 238 9.27 -41.69 119.63
C GLY LB 238 9.66 -43.17 119.65
N VAL LB 239 10.94 -43.45 119.82
CA VAL LB 239 11.43 -44.82 119.80
C VAL LB 239 10.98 -45.60 121.04
N THR LB 240 16.69 -51.02 119.01
CA THR LB 240 17.25 -51.38 120.31
C THR LB 240 18.72 -50.98 120.41
N TRP LB 241 19.47 -51.22 119.34
CA TRP LB 241 20.87 -50.83 119.32
C TRP LB 241 21.03 -49.32 119.32
N ARG LB 242 20.15 -48.60 118.63
CA ARG LB 242 20.20 -47.14 118.64
C ARG LB 242 19.89 -46.59 120.03
N THR LB 243 19.01 -47.26 120.79
CA THR LB 243 18.73 -46.84 122.15
C THR LB 243 19.99 -46.89 123.02
N LYS LB 244 20.76 -47.96 122.90
CA LYS LB 244 22.01 -48.06 123.65
C LYS LB 244 23.05 -47.07 123.14
N ASN LB 245 23.11 -46.87 121.82
CA ASN LB 245 24.04 -45.90 121.26
C ASN LB 245 23.75 -44.48 121.74
N ASN LB 246 22.48 -44.15 121.96
CA ASN LB 246 22.13 -42.83 122.48
C ASN LB 246 22.25 -42.77 123.99
N ALA LB 247 22.04 -43.88 124.70
CA ALA LB 247 22.19 -43.89 126.14
C ALA LB 247 23.66 -43.77 126.56
N GLU LB 248 24.56 -44.34 125.76
CA GLU LB 248 25.98 -44.09 125.99
C GLU LB 248 26.36 -42.64 125.71
N ARG LB 249 25.67 -41.99 124.78
CA ARG LB 249 25.85 -40.56 124.52
C ARG LB 249 25.34 -39.69 125.66
N ILE LB 250 24.75 -40.28 126.69
CA ILE LB 250 24.24 -39.53 127.84
C ILE LB 250 25.28 -39.44 128.95
N PHE LB 251 26.08 -40.49 129.14
CA PHE LB 251 27.09 -40.52 130.20
C PHE LB 251 28.51 -40.39 129.67
N ALA LB 252 28.83 -41.07 128.56
CA ALA LB 252 30.22 -41.11 128.10
C ALA LB 252 30.69 -39.75 127.60
N LEU LB 253 29.80 -38.94 127.02
CA LEU LB 253 30.21 -37.66 126.47
C LEU LB 253 30.27 -36.58 127.55
N MET LB 254 29.18 -36.41 128.30
CA MET LB 254 29.09 -35.39 129.35
C MET LB 254 28.34 -35.98 130.53
N PRO LB 255 28.75 -35.65 131.76
CA PRO LB 255 28.04 -36.16 132.93
C PRO LB 255 26.66 -35.53 133.08
N GLU LB 256 25.68 -36.04 132.33
CA GLU LB 256 24.32 -35.52 132.40
C GLU LB 256 23.74 -35.77 133.79
N LYS LB 257 22.92 -34.81 134.24
CA LYS LB 257 22.38 -34.87 135.59
C LYS LB 257 21.49 -36.09 135.78
N ASN LB 258 21.57 -36.69 136.96
CA ASN LB 258 20.72 -37.83 137.29
C ASN LB 258 19.25 -37.47 137.25
N ALA LB 259 18.89 -36.22 137.60
CA ALA LB 259 17.50 -35.81 137.54
C ALA LB 259 16.97 -35.82 136.11
N HIS LB 260 17.86 -35.77 135.12
CA HIS LB 260 17.48 -35.87 133.72
C HIS LB 260 17.80 -37.22 133.11
N SER LB 261 18.51 -38.08 133.84
CA SER LB 261 18.86 -39.41 133.34
C SER LB 261 17.72 -40.42 133.53
N TYR LB 262 17.11 -40.44 134.71
CA TYR LB 262 16.02 -41.39 134.96
C TYR LB 262 14.72 -40.97 134.30
N CYS LB 263 14.55 -39.68 134.01
CA CYS LB 263 13.37 -39.24 133.28
C CYS LB 263 13.38 -39.72 131.83
N THR LB 264 14.51 -40.19 131.33
CA THR LB 264 14.62 -40.69 129.97
C THR LB 264 14.85 -42.20 129.92
N MET LB 265 15.87 -42.71 130.62
CA MET LB 265 16.21 -44.12 130.46
C MET LB 265 15.17 -45.05 131.07
N ILE LB 266 14.67 -44.69 132.26
CA ILE LB 266 13.68 -45.54 132.93
C ILE LB 266 12.41 -45.64 132.07
N ARG LB 267 12.00 -44.53 131.47
CA ARG LB 267 10.81 -44.51 130.64
C ARG LB 267 11.04 -45.06 129.23
N GLY LB 268 12.29 -45.13 128.79
CA GLY LB 268 12.58 -45.68 127.48
C GLY LB 268 12.80 -47.17 127.49
N MET LB 269 13.24 -47.72 128.62
CA MET LB 269 13.49 -49.15 128.72
C MET LB 269 12.23 -49.97 128.99
N VAL LB 270 11.17 -49.34 129.52
CA VAL LB 270 9.96 -50.10 129.82
C VAL LB 270 9.27 -50.57 128.55
N LYS LB 271 9.40 -49.81 127.46
CA LYS LB 271 8.84 -50.24 126.18
C LYS LB 271 9.78 -51.13 125.40
N HIS LB 272 11.07 -51.11 125.70
CA HIS LB 272 12.05 -52.01 125.09
C HIS LB 272 12.19 -53.31 125.86
N GLN LB 273 11.55 -53.42 127.02
CA GLN LB 273 11.54 -54.65 127.82
C GLN LB 273 12.97 -55.04 128.25
N ALA LB 274 13.67 -54.07 128.84
CA ALA LB 274 15.00 -54.28 129.40
C ALA LB 274 15.09 -53.57 130.74
N PRO LB 275 14.40 -54.10 131.76
CA PRO LB 275 14.37 -53.42 133.06
C PRO LB 275 15.57 -53.71 133.95
N THR LB 276 16.46 -54.64 133.55
CA THR LB 276 17.60 -54.96 134.39
C THR LB 276 18.59 -53.81 134.48
N GLN LB 277 18.65 -52.96 133.44
CA GLN LB 277 19.49 -51.79 133.51
C GLN LB 277 18.83 -50.62 134.22
N ALA LB 278 17.50 -50.65 134.36
CA ALA LB 278 16.79 -49.55 134.99
C ALA LB 278 17.02 -49.50 136.48
N LEU LB 279 17.13 -50.68 137.12
CA LEU LB 279 17.32 -50.74 138.56
C LEU LB 279 18.69 -50.25 139.00
N ASN LB 280 19.69 -50.30 138.11
CA ASN LB 280 21.01 -49.80 138.46
C ASN LB 280 21.03 -48.27 138.53
N LEU LB 281 20.19 -47.61 137.73
CA LEU LB 281 20.14 -46.15 137.78
C LEU LB 281 19.62 -45.66 139.12
N TYR LB 282 18.74 -46.43 139.77
CA TYR LB 282 18.29 -46.04 141.11
C TYR LB 282 19.43 -46.08 142.11
N THR LB 283 20.27 -47.12 142.07
CA THR LB 283 21.44 -47.16 142.93
C THR LB 283 22.42 -46.05 142.59
N VAL LB 284 22.55 -45.72 141.30
CA VAL LB 284 23.46 -44.65 140.91
C VAL LB 284 22.98 -43.30 141.47
N LEU LB 285 21.69 -43.02 141.35
CA LEU LB 285 21.16 -41.76 141.87
C LEU LB 285 21.14 -41.75 143.40
N LEU LB 286 21.05 -42.90 144.05
CA LEU LB 286 21.17 -42.96 145.50
C LEU LB 286 22.60 -42.71 145.96
N ASN LB 287 23.59 -43.21 145.21
CA ASN LB 287 24.98 -42.95 145.54
C ASN LB 287 25.41 -41.52 145.21
N ASN LB 288 24.80 -40.90 144.20
CA ASN LB 288 25.06 -39.51 143.88
C ASN LB 288 24.36 -38.54 144.83
N ARG LB 289 23.70 -39.06 145.87
CA ARG LB 289 23.06 -38.26 146.91
C ARG LB 289 21.96 -37.36 146.37
N LEU LB 290 21.41 -37.67 145.20
CA LEU LB 290 20.31 -36.92 144.61
C LEU LB 290 19.02 -37.70 144.80
N ARG LB 291 17.97 -36.99 145.22
CA ARG LB 291 16.71 -37.64 145.53
C ARG LB 291 16.05 -38.19 144.27
N ALA LB 292 15.12 -39.11 144.47
CA ALA LB 292 14.33 -39.69 143.38
C ALA LB 292 12.96 -39.05 143.37
N ASP LB 293 12.53 -38.61 142.19
CA ASP LB 293 11.26 -37.90 142.04
C ASP LB 293 10.11 -38.92 141.99
N VAL LB 294 8.90 -38.42 141.77
CA VAL LB 294 7.72 -39.29 141.77
C VAL LB 294 7.73 -40.19 140.54
N TYR LB 295 8.09 -39.64 139.38
CA TYR LB 295 8.09 -40.41 138.14
C TYR LB 295 9.12 -41.54 138.16
N THR LB 296 10.11 -41.48 139.05
CA THR LB 296 11.04 -42.59 139.20
C THR LB 296 10.33 -43.83 139.73
N PHE LB 297 9.71 -43.71 140.91
CA PHE LB 297 8.97 -44.81 141.49
C PHE LB 297 7.70 -45.14 140.70
N ASN LB 298 7.19 -44.20 139.90
CA ASN LB 298 6.01 -44.50 139.10
C ASN LB 298 6.31 -45.53 138.01
N SER LB 299 7.59 -45.75 137.69
CA SER LB 299 7.97 -46.72 136.68
C SER LB 299 8.85 -47.84 137.21
N LEU LB 300 9.64 -47.60 138.26
CA LEU LB 300 10.53 -48.63 138.77
C LEU LB 300 9.77 -49.78 139.42
N ILE LB 301 8.66 -49.48 140.10
CA ILE LB 301 7.85 -50.56 140.68
C ILE LB 301 7.26 -51.44 139.60
N GLU LB 302 6.81 -50.87 138.48
CA GLU LB 302 6.35 -51.68 137.36
C GLU LB 302 7.49 -52.49 136.76
N ALA LB 303 8.67 -51.87 136.62
CA ALA LB 303 9.81 -52.57 136.05
C ALA LB 303 10.26 -53.74 136.91
N THR LB 304 10.15 -53.62 138.24
CA THR LB 304 10.53 -54.71 139.13
C THR LB 304 9.40 -55.69 139.36
N ALA LB 305 8.16 -55.32 139.05
CA ALA LB 305 7.04 -56.24 139.20
C ALA LB 305 6.87 -57.12 137.97
N LEU LB 306 7.09 -56.56 136.78
CA LEU LB 306 6.88 -57.34 135.55
C LEU LB 306 7.85 -58.51 135.44
N VAL LB 307 8.96 -58.49 136.18
CA VAL LB 307 9.92 -59.58 136.19
C VAL LB 307 9.56 -60.49 137.37
N VAL LB 308 9.02 -61.66 137.07
CA VAL LB 308 8.68 -62.66 138.08
C VAL LB 308 9.10 -64.03 137.56
N ASN LB 309 9.90 -64.74 138.37
CA ASN LB 309 10.39 -66.07 138.02
C ASN LB 309 10.09 -66.98 139.22
N GLU LB 310 8.89 -67.54 139.25
CA GLU LB 310 8.44 -68.45 140.30
C GLU LB 310 8.49 -67.80 141.68
N LYS LB 311 8.37 -66.49 141.75
CA LYS LB 311 8.40 -65.78 143.03
C LYS LB 311 7.54 -64.52 142.92
N PHE LB 312 6.58 -64.38 143.84
CA PHE LB 312 5.72 -63.21 143.89
C PHE LB 312 5.87 -62.40 145.17
N GLU LB 313 6.61 -62.91 146.17
CA GLU LB 313 6.75 -62.20 147.43
C GLU LB 313 7.93 -61.24 147.42
N GLU LB 314 9.01 -61.60 146.73
CA GLU LB 314 10.21 -60.76 146.72
C GLU LB 314 9.94 -59.41 146.07
N LYS LB 315 9.18 -59.42 144.97
CA LYS LB 315 8.90 -58.16 144.28
C LYS LB 315 7.99 -57.26 145.10
N TRP LB 316 7.01 -57.84 145.80
CA TRP LB 316 6.14 -57.04 146.65
C TRP LB 316 6.92 -56.48 147.84
N ASN LB 317 7.82 -57.27 148.42
CA ASN LB 317 8.66 -56.77 149.50
C ASN LB 317 9.58 -55.66 149.02
N ASN LB 318 10.10 -55.78 147.79
CA ASN LB 318 10.93 -54.72 147.23
C ASN LB 318 10.11 -53.46 146.97
N ILE LB 319 8.86 -53.62 146.53
CA ILE LB 319 7.99 -52.45 146.34
C ILE LB 319 7.73 -51.76 147.68
N LEU LB 320 7.51 -52.55 148.73
CA LEU LB 320 7.32 -51.96 150.06
C LEU LB 320 8.58 -51.25 150.55
N ASP LB 321 9.76 -51.84 150.30
CA ASP LB 321 11.01 -51.22 150.70
C ASP LB 321 11.32 -49.98 149.88
N LEU LB 322 10.81 -49.91 148.65
CA LEU LB 322 10.94 -48.70 147.86
C LEU LB 322 9.97 -47.62 148.32
N LEU LB 323 8.77 -48.01 148.76
CA LEU LB 323 7.84 -47.03 149.31
C LEU LB 323 8.33 -46.46 150.64
N LYS LB 324 8.94 -47.31 151.48
CA LYS LB 324 9.44 -46.82 152.75
C LYS LB 324 10.65 -45.91 152.58
N GLN LB 325 11.32 -45.97 151.43
CA GLN LB 325 12.39 -45.02 151.13
C GLN LB 325 11.88 -43.79 150.39
N MET LB 326 10.82 -43.95 149.57
CA MET LB 326 10.18 -42.79 148.97
C MET LB 326 9.58 -41.87 150.02
N VAL LB 327 9.00 -42.46 151.07
CA VAL LB 327 8.49 -41.65 152.18
C VAL LB 327 9.62 -41.12 153.06
N THR LB 328 10.82 -41.69 152.95
CA THR LB 328 11.93 -41.22 153.76
C THR LB 328 12.66 -40.07 153.08
N GLN LB 329 12.72 -40.08 151.75
CA GLN LB 329 13.46 -39.09 150.98
C GLN LB 329 12.73 -37.75 150.86
N ASN LB 330 11.70 -37.53 151.69
CA ASN LB 330 10.98 -36.25 151.73
C ASN LB 330 10.30 -35.94 150.39
N VAL LB 331 9.81 -36.99 149.74
CA VAL LB 331 9.05 -36.86 148.50
C VAL LB 331 7.70 -37.53 148.71
N LYS LB 332 6.63 -36.74 148.67
CA LYS LB 332 5.30 -37.25 148.93
C LYS LB 332 4.82 -38.08 147.75
N PRO LB 333 4.28 -39.29 147.97
CA PRO LB 333 3.75 -40.09 146.86
C PRO LB 333 2.51 -39.44 146.27
N ASN LB 334 2.53 -39.24 144.95
CA ASN LB 334 1.41 -38.60 144.26
C ASN LB 334 0.28 -39.61 144.06
N LEU LB 335 -0.77 -39.19 143.34
CA LEU LB 335 -1.86 -40.11 143.03
C LEU LB 335 -1.37 -41.23 142.10
N GLN LB 336 -0.57 -40.88 141.09
CA GLN LB 336 -0.03 -41.90 140.20
C GLN LB 336 0.92 -42.84 140.91
N THR LB 337 1.54 -42.41 142.01
CA THR LB 337 2.39 -43.31 142.79
C THR LB 337 1.58 -44.47 143.36
N PHE LB 338 0.42 -44.17 143.95
CA PHE LB 338 -0.45 -45.22 144.46
C PHE LB 338 -1.24 -45.91 143.35
N ASN LB 339 -1.35 -45.29 142.18
CA ASN LB 339 -2.05 -45.92 141.06
C ASN LB 339 -1.19 -46.94 140.33
N THR LB 340 0.11 -46.68 140.19
CA THR LB 340 0.99 -47.59 139.45
C THR LB 340 1.21 -48.89 140.21
N ILE LB 341 1.36 -48.82 141.53
CA ILE LB 341 1.48 -50.04 142.33
C ILE LB 341 0.19 -50.85 142.26
N LEU LB 342 -0.96 -50.17 142.20
CA LEU LB 342 -2.23 -50.86 142.08
C LEU LB 342 -2.42 -51.49 140.70
N LYS LB 343 -1.89 -50.86 139.66
CA LYS LB 343 -2.00 -51.40 138.31
C LYS LB 343 -1.23 -52.70 138.12
N CYS LB 344 -0.25 -52.98 138.97
CA CYS LB 344 0.57 -54.18 138.82
C CYS LB 344 0.01 -55.38 139.58
N LEU LB 345 -0.87 -55.16 140.55
CA LEU LB 345 -1.42 -56.24 141.35
C LEU LB 345 -2.64 -56.91 140.71
N ARG LB 346 -2.97 -56.56 139.47
CA ARG LB 346 -4.16 -57.11 138.82
C ARG LB 346 -3.83 -58.30 137.92
N ARG LB 347 -2.61 -58.40 137.43
CA ARG LB 347 -2.23 -59.43 136.46
C ARG LB 347 -1.42 -60.56 137.08
N PHE LB 348 -1.22 -60.55 138.40
CA PHE LB 348 -0.36 -61.53 139.06
C PHE LB 348 -1.13 -62.50 139.94
N TYR LB 349 -1.91 -62.00 140.90
CA TYR LB 349 -2.62 -62.86 141.84
C TYR LB 349 -4.09 -62.46 141.92
N ALA LB 350 -4.96 -63.45 142.06
CA ALA LB 350 -6.37 -63.21 142.28
C ALA LB 350 -6.70 -62.89 143.73
N PHE LB 351 -5.84 -63.30 144.66
CA PHE LB 351 -6.02 -63.00 146.07
C PHE LB 351 -5.34 -61.70 146.49
N GLY LB 352 -4.78 -60.96 145.55
CA GLY LB 352 -4.04 -59.76 145.88
C GLY LB 352 -4.91 -58.53 146.08
N LYS LB 353 -6.19 -58.74 146.36
CA LYS LB 353 -7.10 -57.62 146.61
C LYS LB 353 -6.96 -57.06 148.02
N LEU LB 354 -6.43 -57.84 148.96
CA LEU LB 354 -6.23 -57.31 150.32
C LEU LB 354 -5.24 -56.17 150.34
N PRO LB 355 -4.04 -56.26 149.74
CA PRO LB 355 -3.17 -55.08 149.67
C PRO LB 355 -3.74 -53.98 148.78
N ALA LB 356 -4.52 -54.33 147.75
CA ALA LB 356 -5.15 -53.32 146.91
C ALA LB 356 -6.14 -52.47 147.71
N LEU LB 357 -6.85 -53.09 148.65
CA LEU LB 357 -7.75 -52.31 149.51
C LEU LB 357 -6.99 -51.64 150.64
N GLN LB 358 -5.89 -52.24 151.11
CA GLN LB 358 -5.09 -51.60 152.15
C GLN LB 358 -4.49 -50.29 151.65
N THR LB 359 -3.89 -50.30 150.45
CA THR LB 359 -3.37 -49.07 149.89
C THR LB 359 -4.49 -48.08 149.54
N LEU LB 360 -5.68 -48.58 149.21
CA LEU LB 360 -6.80 -47.68 148.96
C LEU LB 360 -7.21 -46.94 150.23
N ARG LB 361 -7.24 -47.66 151.36
CA ARG LB 361 -7.54 -47.02 152.64
C ARG LB 361 -6.40 -46.08 153.07
N GLU LB 362 -5.15 -46.48 152.81
CA GLU LB 362 -4.03 -45.62 153.17
C GLU LB 362 -4.03 -44.33 152.36
N MET LB 363 -4.45 -44.38 151.10
CA MET LB 363 -4.57 -43.18 150.29
C MET LB 363 -5.73 -42.30 150.74
N LYS LB 364 -6.83 -42.90 151.21
CA LYS LB 364 -7.89 -42.10 151.82
C LYS LB 364 -7.39 -41.42 153.09
N ALA LB 365 -6.54 -42.11 153.85
CA ALA LB 365 -5.98 -41.54 155.07
C ALA LB 365 -5.05 -40.36 154.80
N ILE LB 366 -4.57 -40.20 153.57
CA ILE LB 366 -3.71 -39.07 153.26
C ILE LB 366 -4.51 -37.81 153.00
N GLY LB 367 -5.57 -37.89 152.19
CA GLY LB 367 -6.40 -36.74 151.91
C GLY LB 367 -6.48 -36.41 150.44
N ILE LB 368 -6.11 -37.37 149.59
CA ILE LB 368 -6.14 -37.21 148.14
C ILE LB 368 -7.31 -38.03 147.60
N GLU LB 369 -8.26 -37.36 146.97
CA GLU LB 369 -9.40 -38.06 146.39
C GLU LB 369 -8.94 -38.90 145.20
N PRO LB 370 -9.17 -40.20 145.22
CA PRO LB 370 -8.70 -41.04 144.10
C PRO LB 370 -9.53 -40.81 142.84
N SER LB 371 -8.85 -40.86 141.70
CA SER LB 371 -9.53 -40.74 140.42
C SER LB 371 -10.19 -42.06 140.05
N LEU LB 372 -10.83 -42.08 138.87
CA LEU LB 372 -11.52 -43.28 138.42
C LEU LB 372 -10.55 -44.41 138.08
N ALA LB 373 -9.32 -44.08 137.68
CA ALA LB 373 -8.35 -45.11 137.34
C ALA LB 373 -7.95 -45.96 138.54
N THR LB 374 -8.00 -45.38 139.74
CA THR LB 374 -7.68 -46.15 140.94
C THR LB 374 -8.75 -47.21 141.21
N TYR LB 375 -10.01 -46.80 141.22
CA TYR LB 375 -11.10 -47.75 141.45
C TYR LB 375 -11.26 -48.72 140.29
N HIS LB 376 -10.80 -48.35 139.08
CA HIS LB 376 -10.92 -49.25 137.94
C HIS LB 376 -10.19 -50.56 138.19
N TYR LB 377 -8.95 -50.51 138.69
CA TYR LB 377 -8.18 -51.73 138.91
C TYR LB 377 -8.76 -52.57 140.05
N VAL LB 378 -9.26 -51.92 141.10
CA VAL LB 378 -9.89 -52.65 142.20
C VAL LB 378 -11.13 -53.37 141.70
N ILE LB 379 -11.97 -52.68 140.92
CA ILE LB 379 -13.16 -53.33 140.38
C ILE LB 379 -12.79 -54.42 139.38
N GLN LB 380 -11.68 -54.24 138.66
CA GLN LB 380 -11.22 -55.28 137.74
C GLN LB 380 -10.83 -56.54 138.49
N LEU LB 381 -10.06 -56.40 139.57
CA LEU LB 381 -9.67 -57.55 140.38
C LEU LB 381 -10.89 -58.19 141.04
N PHE LB 382 -11.83 -57.37 141.51
CA PHE LB 382 -13.05 -57.92 142.08
C PHE LB 382 -13.88 -58.65 141.03
N TYR LB 383 -13.84 -58.21 139.78
CA TYR LB 383 -14.55 -58.93 138.72
C TYR LB 383 -13.87 -60.25 138.39
N GLN LB 384 -12.56 -60.34 138.58
CA GLN LB 384 -11.87 -61.61 138.38
C GLN LB 384 -12.16 -62.58 139.53
N HIS LB 385 -12.26 -62.06 140.75
CA HIS LB 385 -12.55 -62.90 141.91
C HIS LB 385 -14.05 -63.10 142.14
N GLU LB 386 -14.90 -62.46 141.33
CA GLU LB 386 -16.35 -62.53 141.51
C GLU LB 386 -16.98 -63.75 140.85
N SER LB 387 -16.36 -64.28 139.78
CA SER LB 387 -16.95 -65.44 139.13
C SER LB 387 -17.04 -66.66 140.05
N PRO LB 388 -16.03 -67.00 140.85
CA PRO LB 388 -16.22 -68.14 141.76
C PRO LB 388 -17.02 -67.80 143.02
N SER LB 389 -16.90 -66.58 143.53
CA SER LB 389 -17.56 -66.18 144.77
C SER LB 389 -18.34 -64.91 144.54
N LYS LB 390 -19.63 -64.93 144.87
CA LYS LB 390 -20.52 -63.79 144.64
C LYS LB 390 -20.44 -62.75 145.75
N GLY LB 391 -19.41 -62.78 146.60
CA GLY LB 391 -19.33 -61.82 147.69
C GLY LB 391 -18.72 -60.49 147.30
N SER LB 392 -17.82 -60.49 146.32
CA SER LB 392 -17.16 -59.25 145.92
C SER LB 392 -18.11 -58.28 145.23
N SER LB 393 -19.25 -58.76 144.74
CA SER LB 393 -20.21 -57.88 144.10
C SER LB 393 -20.77 -56.85 145.07
N LEU LB 394 -21.04 -57.26 146.32
CA LEU LB 394 -21.53 -56.31 147.32
C LEU LB 394 -20.49 -55.24 147.64
N ILE LB 395 -19.21 -55.64 147.72
CA ILE LB 395 -18.16 -54.66 147.94
C ILE LB 395 -18.08 -53.69 146.78
N ILE LB 396 -18.14 -54.20 145.54
CA ILE LB 396 -18.18 -53.33 144.37
C ILE LB 396 -19.33 -52.34 144.47
N TYR LB 397 -20.53 -52.82 144.81
CA TYR LB 397 -21.70 -51.96 144.86
C TYR LB 397 -21.58 -50.90 145.95
N ASP LB 398 -21.08 -51.25 147.13
CA ASP LB 398 -21.00 -50.24 148.19
C ASP LB 398 -19.89 -49.23 147.91
N ILE LB 399 -18.75 -49.66 147.35
CA ILE LB 399 -17.72 -48.68 147.04
C ILE LB 399 -18.17 -47.79 145.89
N MET LB 400 -18.94 -48.32 144.94
CA MET LB 400 -19.45 -47.48 143.85
C MET LB 400 -20.51 -46.51 144.36
N ASN LB 401 -21.33 -46.93 145.31
CA ASN LB 401 -22.31 -46.03 145.92
C ASN LB 401 -21.64 -44.95 146.76
N GLU LB 402 -20.51 -45.26 147.38
CA GLU LB 402 -19.75 -44.25 148.12
C GLU LB 402 -19.02 -43.29 147.19
N VAL LB 403 -18.60 -43.76 146.01
CA VAL LB 403 -17.94 -42.88 145.05
C VAL LB 403 -18.92 -42.00 144.28
N MET LB 404 -20.11 -42.51 143.96
CA MET LB 404 -21.06 -41.78 143.11
C MET LB 404 -21.73 -40.61 143.81
N GLY LB 405 -21.35 -40.23 145.02
CA GLY LB 405 -21.98 -39.11 145.69
C GLY LB 405 -21.40 -37.75 145.39
N LYS LB 406 -20.35 -37.68 144.58
CA LYS LB 406 -19.69 -36.42 144.29
C LYS LB 406 -19.36 -36.35 142.80
N ARG LB 407 -19.37 -35.13 142.27
CA ARG LB 407 -19.05 -34.89 140.87
C ARG LB 407 -17.53 -34.92 140.68
N PHE LB 408 -17.06 -35.82 139.82
CA PHE LB 408 -15.64 -35.96 139.54
C PHE LB 408 -15.28 -35.28 138.22
N SER LB 409 -13.99 -35.34 137.90
CA SER LB 409 -13.46 -34.77 136.68
C SER LB 409 -12.38 -35.70 136.15
N PRO LB 410 -12.36 -35.98 134.85
CA PRO LB 410 -11.35 -36.91 134.30
C PRO LB 410 -9.97 -36.30 134.24
N ARG LB 411 -9.27 -36.26 135.37
CA ARG LB 411 -7.92 -35.72 135.44
C ARG LB 411 -6.85 -36.79 135.25
N ASP LB 412 -7.24 -38.00 134.85
CA ASP LB 412 -6.30 -39.08 134.62
C ASP LB 412 -6.63 -39.73 133.27
N PRO LB 413 -5.64 -39.95 132.40
CA PRO LB 413 -5.94 -40.53 131.09
C PRO LB 413 -6.37 -42.00 131.13
N ASP LB 414 -6.40 -42.62 132.31
CA ASP LB 414 -6.81 -44.01 132.46
C ASP LB 414 -8.21 -44.14 133.06
N ASP LB 415 -9.11 -43.19 132.76
CA ASP LB 415 -10.47 -43.20 133.29
C ASP LB 415 -11.49 -43.66 132.26
N ASP LB 416 -11.10 -44.55 131.34
CA ASP LB 416 -12.00 -45.00 130.29
C ASP LB 416 -12.61 -46.36 130.61
N MET LB 417 -11.81 -47.32 131.06
CA MET LB 417 -12.27 -48.67 131.35
C MET LB 417 -12.99 -48.78 132.68
N PHE LB 418 -13.00 -47.71 133.49
CA PHE LB 418 -13.69 -47.74 134.77
C PHE LB 418 -15.16 -48.05 134.60
N PHE LB 419 -15.83 -47.32 133.71
CA PHE LB 419 -17.24 -47.61 133.43
C PHE LB 419 -17.41 -48.94 132.70
N GLN LB 420 -16.50 -49.28 131.79
CA GLN LB 420 -16.56 -50.57 131.10
C GLN LB 420 -16.59 -51.73 132.09
N SER LB 421 -15.87 -51.61 133.21
CA SER LB 421 -15.90 -52.64 134.24
C SER LB 421 -17.07 -52.49 135.21
N ALA LB 422 -17.39 -51.26 135.62
CA ALA LB 422 -18.47 -51.03 136.59
C ALA LB 422 -19.85 -51.35 136.02
N MET LB 423 -19.99 -51.37 134.69
CA MET LB 423 -21.23 -51.84 134.09
C MET LB 423 -21.14 -53.30 133.65
N ARG LB 424 -19.94 -53.79 133.34
CA ARG LB 424 -19.80 -55.21 133.04
C ARG LB 424 -20.13 -56.07 134.25
N VAL LB 425 -19.74 -55.61 135.45
CA VAL LB 425 -20.09 -56.37 136.65
C VAL LB 425 -21.61 -56.42 136.82
N CYS LB 426 -22.30 -55.30 136.58
CA CYS LB 426 -23.74 -55.26 136.68
C CYS LB 426 -24.42 -56.14 135.63
N SER LB 427 -23.92 -56.13 134.40
CA SER LB 427 -24.46 -56.98 133.34
C SER LB 427 -24.15 -58.45 133.54
N SER LB 428 -23.10 -58.77 134.30
CA SER LB 428 -22.77 -60.17 134.58
C SER LB 428 -23.55 -60.70 135.77
N LEU LB 429 -23.84 -59.85 136.76
CA LEU LB 429 -24.54 -60.27 137.96
C LEU LB 429 -26.01 -59.86 137.97
N ARG LB 430 -26.52 -59.33 136.86
CA ARG LB 430 -27.95 -59.05 136.68
C ARG LB 430 -28.46 -58.07 137.74
N ASP LB 431 -27.96 -56.84 137.69
CA ASP LB 431 -28.35 -55.79 138.63
C ASP LB 431 -28.74 -54.54 137.84
N LEU LB 432 -30.03 -54.43 137.49
CA LEU LB 432 -30.52 -53.24 136.81
C LEU LB 432 -30.70 -52.06 137.75
N GLU LB 433 -31.06 -52.33 139.02
CA GLU LB 433 -31.15 -51.26 140.00
C GLU LB 433 -29.80 -50.58 140.21
N LEU LB 434 -28.71 -51.29 139.94
CA LEU LB 434 -27.38 -50.71 139.97
C LEU LB 434 -26.91 -50.24 138.60
N ALA LB 435 -27.42 -50.83 137.51
CA ALA LB 435 -27.13 -50.29 136.18
C ALA LB 435 -27.70 -48.89 136.03
N TYR LB 436 -28.87 -48.64 136.61
CA TYR LB 436 -29.42 -47.29 136.62
C TYR LB 436 -28.50 -46.32 137.34
N GLN LB 437 -27.91 -46.74 138.47
CA GLN LB 437 -26.99 -45.87 139.19
C GLN LB 437 -25.69 -45.64 138.40
N VAL LB 438 -25.18 -46.68 137.73
CA VAL LB 438 -24.00 -46.52 136.90
C VAL LB 438 -24.29 -45.55 135.76
N HIS LB 439 -25.50 -45.61 135.19
CA HIS LB 439 -25.85 -44.70 134.11
C HIS LB 439 -26.06 -43.27 134.62
N GLY LB 440 -26.58 -43.12 135.83
CA GLY LB 440 -26.73 -41.81 136.43
C GLY LB 440 -25.45 -41.19 136.92
N LEU LB 441 -24.43 -42.00 137.17
CA LEU LB 441 -23.13 -41.47 137.61
C LEU LB 441 -22.33 -40.87 136.47
N LEU LB 442 -22.42 -41.43 135.26
CA LEU LB 442 -21.57 -40.96 134.16
C LEU LB 442 -22.01 -39.58 133.67
N ASN LB 443 -23.31 -39.33 133.62
CA ASN LB 443 -23.84 -38.05 133.15
C ASN LB 443 -23.97 -37.02 134.26
N THR LB 444 -23.30 -37.23 135.39
CA THR LB 444 -23.35 -36.26 136.48
C THR LB 444 -22.56 -35.01 136.14
N GLY LB 445 -21.26 -35.15 135.90
CA GLY LB 445 -20.41 -34.02 135.59
C GLY LB 445 -20.19 -33.83 134.10
N ASP LB 446 -19.85 -34.91 133.39
CA ASP LB 446 -19.58 -34.84 131.97
C ASP LB 446 -20.09 -36.11 131.31
N ASN LB 447 -21.12 -35.98 130.47
CA ASN LB 447 -21.72 -37.14 129.82
C ASN LB 447 -20.85 -37.69 128.71
N TRP LB 448 -19.88 -36.92 128.22
CA TRP LB 448 -19.08 -37.32 127.07
C TRP LB 448 -17.58 -37.32 127.32
N LYS LB 449 -17.08 -36.52 128.27
CA LYS LB 449 -15.65 -36.44 128.53
C LYS LB 449 -15.14 -37.57 129.41
N LEU LB 450 -15.92 -38.62 129.62
CA LEU LB 450 -15.51 -39.75 130.44
C LEU LB 450 -15.17 -41.00 129.66
N ILE LB 451 -15.52 -41.05 128.37
CA ILE LB 451 -15.21 -42.18 127.50
C ILE LB 451 -14.46 -41.66 126.29
N GLY LB 452 -13.33 -42.30 125.98
CA GLY LB 452 -12.51 -41.87 124.86
C GLY LB 452 -12.87 -42.49 123.54
N SER LB 453 -12.90 -43.82 123.48
CA SER LB 453 -13.15 -44.55 122.24
C SER LB 453 -14.60 -45.05 122.20
N ASP LB 454 -15.10 -45.22 120.98
CA ASP LB 454 -16.45 -45.73 120.77
C ASP LB 454 -16.53 -47.25 120.85
N HIS LB 455 -15.38 -47.94 120.81
CA HIS LB 455 -15.39 -49.38 121.01
C HIS LB 455 -15.92 -49.73 122.39
N ARG LB 456 -15.69 -48.87 123.38
CA ARG LB 456 -16.27 -49.07 124.69
C ARG LB 456 -17.73 -48.63 124.76
N ARG LB 457 -18.12 -47.61 124.02
CA ARG LB 457 -19.51 -47.15 124.05
C ARG LB 457 -20.44 -48.20 123.44
N ASN LB 458 -20.02 -48.79 122.32
CA ASN LB 458 -20.86 -49.80 121.66
C ASN LB 458 -21.05 -51.03 122.54
N PHE LB 459 -20.03 -51.39 123.31
CA PHE LB 459 -20.15 -52.49 124.26
C PHE LB 459 -20.84 -52.09 125.55
N TYR LB 460 -20.86 -50.79 125.85
CA TYR LB 460 -21.46 -50.28 127.07
C TYR LB 460 -22.97 -50.20 126.96
N TYR LB 461 -23.47 -49.49 125.95
CA TYR LB 461 -24.90 -49.38 125.76
C TYR LB 461 -25.56 -50.71 125.40
N SER LB 462 -24.84 -51.58 124.69
CA SER LB 462 -25.39 -52.90 124.39
C SER LB 462 -25.61 -53.72 125.66
N LYS LB 463 -24.62 -53.76 126.55
CA LYS LB 463 -24.77 -54.51 127.79
C LYS LB 463 -25.71 -53.83 128.77
N PHE LB 464 -25.92 -52.51 128.64
CA PHE LB 464 -26.94 -51.86 129.45
C PHE LB 464 -28.34 -52.25 128.98
N PHE LB 465 -28.59 -52.16 127.68
CA PHE LB 465 -29.89 -52.58 127.15
C PHE LB 465 -30.12 -54.08 127.30
N ASN LB 466 -29.05 -54.88 127.41
CA ASN LB 466 -29.19 -56.29 127.71
C ASN LB 466 -30.03 -56.50 128.97
N LEU LB 467 -29.70 -55.79 130.05
CA LEU LB 467 -30.51 -55.87 131.26
C LEU LB 467 -31.81 -55.11 131.12
N LEU LB 468 -31.77 -53.93 130.48
CA LEU LB 468 -32.95 -53.07 130.40
C LEU LB 468 -34.09 -53.67 129.58
N CYS LB 469 -33.80 -54.61 128.67
CA CYS LB 469 -34.86 -55.15 127.83
C CYS LB 469 -35.78 -56.07 128.61
N PHE LB 470 -35.20 -57.01 129.37
CA PHE LB 470 -35.99 -58.04 130.03
C PHE LB 470 -36.20 -57.80 131.51
N MET LB 471 -35.31 -57.07 132.18
CA MET LB 471 -35.44 -56.92 133.63
C MET LB 471 -36.61 -56.02 134.00
N GLU LB 472 -36.69 -54.84 133.39
CA GLU LB 472 -37.73 -53.88 133.72
C GLU LB 472 -38.93 -54.06 132.81
N GLN LB 473 -39.88 -53.12 132.91
CA GLN LB 473 -41.14 -53.23 132.18
C GLN LB 473 -40.92 -53.02 130.69
N ILE LB 474 -41.83 -53.60 129.89
CA ILE LB 474 -41.77 -53.43 128.44
C ILE LB 474 -41.97 -51.97 128.06
N ASP LB 475 -42.79 -51.25 128.83
CA ASP LB 475 -42.95 -49.82 128.58
C ASP LB 475 -41.64 -49.07 128.77
N VAL LB 476 -40.92 -49.38 129.86
CA VAL LB 476 -39.62 -48.75 130.08
C VAL LB 476 -38.64 -49.14 128.99
N THR LB 477 -38.66 -50.40 128.55
CA THR LB 477 -37.79 -50.84 127.47
C THR LB 477 -38.06 -50.06 126.20
N LEU LB 478 -39.33 -49.91 125.83
CA LEU LB 478 -39.67 -49.18 124.61
C LEU LB 478 -39.36 -47.70 124.72
N LYS LB 479 -39.49 -47.13 125.92
CA LYS LB 479 -39.19 -45.70 126.08
C LYS LB 479 -37.69 -45.43 126.07
N TRP LB 480 -36.88 -46.37 126.56
CA TRP LB 480 -35.43 -46.23 126.47
C TRP LB 480 -34.87 -46.70 125.14
N TYR LB 481 -35.67 -47.39 124.33
CA TYR LB 481 -35.22 -47.84 123.02
C TYR LB 481 -35.09 -46.68 122.03
N LYS LB 482 -36.13 -45.87 121.92
CA LYS LB 482 -36.18 -44.81 120.91
C LYS LB 482 -35.25 -43.65 121.21
N ASP LB 483 -34.54 -43.67 122.34
CA ASP LB 483 -33.62 -42.59 122.69
C ASP LB 483 -32.16 -43.00 122.63
N LEU LB 484 -31.84 -44.28 122.81
CA LEU LB 484 -30.47 -44.75 122.84
C LEU LB 484 -30.07 -45.52 121.59
N ILE LB 485 -31.00 -46.23 120.97
CA ILE LB 485 -30.70 -47.09 119.83
C ILE LB 485 -30.49 -46.27 118.57
N PRO LB 486 -31.42 -45.38 118.16
CA PRO LB 486 -31.21 -44.65 116.91
C PRO LB 486 -30.30 -43.44 117.06
N SER LB 487 -30.26 -42.85 118.26
CA SER LB 487 -29.55 -41.61 118.49
C SER LB 487 -28.14 -41.82 119.01
N VAL LB 488 -28.00 -42.53 120.14
CA VAL LB 488 -26.69 -42.65 120.78
C VAL LB 488 -25.78 -43.58 119.98
N PHE LB 489 -26.18 -44.84 119.85
CA PHE LB 489 -25.37 -45.82 119.12
C PHE LB 489 -26.25 -47.02 118.77
N PHE LB 490 -25.88 -47.68 117.68
CA PHE LB 490 -26.61 -48.85 117.22
C PHE LB 490 -26.16 -50.10 117.97
N PRO LB 491 -27.08 -51.00 118.29
CA PRO LB 491 -26.69 -52.19 119.07
C PRO LB 491 -25.87 -53.16 118.23
N HIS LB 492 -25.31 -54.15 118.93
CA HIS LB 492 -24.55 -55.20 118.28
C HIS LB 492 -25.47 -56.39 118.04
N SER LB 493 -24.91 -57.52 117.59
CA SER LB 493 -25.71 -58.70 117.33
C SER LB 493 -26.21 -59.36 118.61
N GLN LB 494 -25.69 -58.95 119.76
CA GLN LB 494 -26.09 -59.57 121.03
C GLN LB 494 -27.43 -59.03 121.52
N THR LB 495 -27.53 -57.71 121.70
CA THR LB 495 -28.72 -57.12 122.28
C THR LB 495 -29.94 -57.29 121.36
N MET LB 496 -29.71 -57.52 120.06
CA MET LB 496 -30.82 -57.79 119.16
C MET LB 496 -31.53 -59.09 119.51
N ILE LB 497 -30.82 -60.06 120.09
CA ILE LB 497 -31.46 -61.29 120.54
C ILE LB 497 -32.16 -61.07 121.88
N ASP LB 498 -31.57 -60.23 122.74
CA ASP LB 498 -32.24 -59.90 123.99
C ASP LB 498 -33.53 -59.13 123.76
N LEU LB 499 -33.59 -58.34 122.70
CA LEU LB 499 -34.84 -57.68 122.32
C LEU LB 499 -35.91 -58.69 121.94
N LEU LB 500 -35.54 -59.72 121.17
CA LEU LB 500 -36.49 -60.79 120.84
C LEU LB 500 -36.93 -61.53 122.10
N GLN LB 501 -36.00 -61.80 123.01
CA GLN LB 501 -36.35 -62.44 124.27
C GLN LB 501 -37.31 -61.59 125.09
N ALA LB 502 -37.10 -60.27 125.14
CA ALA LB 502 -38.00 -59.39 125.89
C ALA LB 502 -39.37 -59.30 125.23
N LEU LB 503 -39.42 -59.29 123.90
CA LEU LB 503 -40.70 -59.28 123.20
C LEU LB 503 -41.40 -60.62 123.25
N ASP LB 504 -40.69 -61.70 123.55
CA ASP LB 504 -41.28 -63.04 123.66
C ASP LB 504 -41.73 -63.37 125.07
N VAL LB 505 -41.04 -62.87 126.10
CA VAL LB 505 -41.44 -63.22 127.47
C VAL LB 505 -42.74 -62.54 127.86
N ALA LB 506 -43.03 -61.36 127.30
CA ALA LB 506 -44.21 -60.60 127.66
C ALA LB 506 -45.32 -60.68 126.61
N ASN LB 507 -45.12 -61.45 125.55
CA ASN LB 507 -46.11 -61.63 124.49
C ASN LB 507 -46.52 -60.28 123.88
N ARG LB 508 -45.53 -59.59 123.32
CA ARG LB 508 -45.74 -58.30 122.66
C ARG LB 508 -45.61 -58.51 121.16
N LEU LB 509 -46.72 -58.31 120.44
CA LEU LB 509 -46.74 -58.50 119.00
C LEU LB 509 -46.80 -57.21 118.21
N ASP LB 510 -47.38 -56.15 118.77
CA ASP LB 510 -47.48 -54.88 118.04
C ASP LB 510 -46.13 -54.21 117.86
N MET LB 511 -45.12 -54.59 118.64
CA MET LB 511 -43.80 -53.99 118.54
C MET LB 511 -42.85 -54.77 117.64
N VAL LB 512 -43.19 -56.00 117.28
CA VAL LB 512 -42.31 -56.79 116.41
C VAL LB 512 -42.15 -56.16 115.03
N PRO LB 513 -43.23 -55.76 114.33
CA PRO LB 513 -43.02 -55.06 113.05
C PRO LB 513 -42.36 -53.71 113.19
N GLN LB 514 -42.46 -53.07 114.36
CA GLN LB 514 -41.81 -51.78 114.56
C GLN LB 514 -40.32 -51.93 114.88
N ILE LB 515 -39.93 -53.05 115.50
CA ILE LB 515 -38.52 -53.27 115.76
C ILE LB 515 -37.83 -53.89 114.54
N TRP LB 516 -38.56 -54.69 113.76
CA TRP LB 516 -37.94 -55.35 112.62
C TRP LB 516 -37.61 -54.37 111.51
N LYS LB 517 -38.44 -53.32 111.35
CA LYS LB 517 -38.15 -52.33 110.31
C LYS LB 517 -36.88 -51.55 110.62
N ASP LB 518 -36.59 -51.35 111.91
CA ASP LB 518 -35.31 -50.74 112.29
C ASP LB 518 -34.17 -51.73 112.20
N SER LB 519 -34.42 -53.00 112.55
CA SER LB 519 -33.40 -54.03 112.40
C SER LB 519 -33.00 -54.24 110.96
N LYS LB 520 -33.90 -54.00 110.01
CA LYS LB 520 -33.56 -54.10 108.59
C LYS LB 520 -32.36 -53.21 108.25
N GLU LB 521 -32.29 -52.02 108.85
CA GLU LB 521 -31.20 -51.10 108.59
C GLU LB 521 -30.05 -51.23 109.57
N TYR LB 522 -30.33 -51.64 110.82
CA TYR LB 522 -29.29 -51.67 111.84
C TYR LB 522 -28.56 -53.00 111.92
N GLY LB 523 -29.12 -54.06 111.36
CA GLY LB 523 -28.51 -55.37 111.45
C GLY LB 523 -28.45 -56.11 110.13
N HIS LB 524 -28.26 -55.37 109.03
CA HIS LB 524 -28.20 -56.02 107.72
C HIS LB 524 -26.96 -56.89 107.59
N THR LB 525 -25.86 -56.53 108.28
CA THR LB 525 -24.68 -57.37 108.27
C THR LB 525 -24.87 -58.62 109.12
N PHE LB 526 -25.78 -58.57 110.10
CA PHE LB 526 -26.05 -59.69 110.98
C PHE LB 526 -27.39 -60.35 110.69
N ARG LB 527 -28.04 -59.97 109.59
CA ARG LB 527 -29.36 -60.53 109.28
C ARG LB 527 -29.28 -62.01 108.96
N ASN LB 528 -28.25 -62.42 108.19
CA ASN LB 528 -28.12 -63.82 107.81
C ASN LB 528 -27.84 -64.73 109.00
N GLU LB 529 -27.33 -64.18 110.10
CA GLU LB 529 -27.11 -64.94 111.32
C GLU LB 529 -28.06 -64.53 112.45
N LEU LB 530 -29.09 -63.75 112.14
CA LEU LB 530 -30.07 -63.31 113.13
C LEU LB 530 -31.51 -63.60 112.73
N LYS LB 531 -31.78 -63.94 111.47
CA LYS LB 531 -33.17 -64.10 111.03
C LYS LB 531 -33.82 -65.36 111.59
N GLU LB 532 -33.03 -66.38 111.93
CA GLU LB 532 -33.61 -67.63 112.40
C GLU LB 532 -34.18 -67.54 113.81
N GLU LB 533 -34.04 -66.39 114.49
CA GLU LB 533 -34.60 -66.21 115.81
C GLU LB 533 -35.56 -65.04 115.91
N ILE LB 534 -35.74 -64.26 114.84
CA ILE LB 534 -36.68 -63.14 114.88
C ILE LB 534 -38.10 -63.54 114.50
N LEU LB 535 -38.28 -64.67 113.81
CA LEU LB 535 -39.58 -65.08 113.33
C LEU LB 535 -40.22 -66.20 114.15
N MET LB 536 -39.49 -66.79 115.11
CA MET LB 536 -40.05 -67.85 115.92
C MET LB 536 -41.06 -67.35 116.93
N LEU LB 537 -41.09 -66.04 117.19
CA LEU LB 537 -41.99 -65.50 118.20
C LEU LB 537 -43.46 -65.52 117.75
N MET LB 538 -43.71 -65.65 116.46
CA MET LB 538 -45.09 -65.65 115.97
C MET LB 538 -45.76 -67.01 116.16
N ALA LB 539 -44.99 -68.09 116.14
CA ALA LB 539 -45.56 -69.43 116.30
C ALA LB 539 -45.81 -69.77 117.76
N ARG LB 540 -45.10 -69.14 118.70
CA ARG LB 540 -45.29 -69.44 120.11
C ARG LB 540 -46.51 -68.73 120.68
N ASP LB 541 -46.89 -67.59 120.11
CA ASP LB 541 -48.07 -66.85 120.55
C ASP LB 541 -49.22 -67.11 119.58
N GLN LB 542 -50.38 -66.58 119.93
CA GLN LB 542 -51.58 -66.72 119.11
C GLN LB 542 -51.54 -65.71 117.95
N HIS LB 543 -52.54 -65.84 117.07
CA HIS LB 543 -52.69 -64.95 115.91
C HIS LB 543 -54.04 -64.25 116.01
N PRO LB 544 -54.10 -63.11 116.69
CA PRO LB 544 -55.36 -62.36 116.73
C PRO LB 544 -55.73 -61.86 115.35
N PRO LB 545 -57.03 -61.74 115.05
CA PRO LB 545 -57.43 -61.26 113.72
C PRO LB 545 -57.25 -59.77 113.51
N GLU LB 546 -56.54 -59.08 114.41
CA GLU LB 546 -56.30 -57.65 114.29
C GLU LB 546 -54.96 -57.30 113.63
N LEU LB 547 -54.03 -58.25 113.58
CA LEU LB 547 -52.69 -58.00 113.06
C LEU LB 547 -52.40 -58.80 111.79
N GLN LB 548 -53.45 -59.15 111.03
CA GLN LB 548 -53.27 -59.98 109.85
C GLN LB 548 -52.52 -59.27 108.75
N VAL LB 549 -52.59 -57.94 108.68
CA VAL LB 549 -51.84 -57.22 107.65
C VAL LB 549 -50.35 -57.16 108.00
N ALA LB 550 -50.02 -56.95 109.28
CA ALA LB 550 -48.62 -56.98 109.69
C ALA LB 550 -48.04 -58.39 109.56
N PHE LB 551 -48.84 -59.41 109.84
CA PHE LB 551 -48.38 -60.78 109.68
C PHE LB 551 -48.00 -61.07 108.24
N ALA LB 552 -48.69 -60.47 107.28
CA ALA LB 552 -48.34 -60.64 105.87
C ALA LB 552 -47.18 -59.75 105.45
N ASP LB 553 -47.11 -58.52 105.99
CA ASP LB 553 -46.04 -57.60 105.61
C ASP LB 553 -44.69 -58.10 106.10
N CYS LB 554 -44.63 -58.60 107.34
CA CYS LB 554 -43.35 -59.05 107.90
C CYS LB 554 -42.83 -60.26 107.13
N ALA LB 555 -43.72 -61.08 106.59
CA ALA LB 555 -43.29 -62.23 105.78
C ALA LB 555 -42.92 -61.80 104.37
N ALA LB 556 -43.67 -60.87 103.78
CA ALA LB 556 -43.39 -60.44 102.41
C ALA LB 556 -42.07 -59.71 102.32
N ASP LB 557 -41.85 -58.73 103.21
CA ASP LB 557 -40.60 -57.96 103.16
C ASP LB 557 -39.38 -58.84 103.39
N ILE LB 558 -39.55 -60.04 103.93
CA ILE LB 558 -38.44 -60.97 104.10
C ILE LB 558 -38.30 -61.89 102.90
N LYS LB 559 -39.42 -62.42 102.40
CA LYS LB 559 -39.34 -63.47 101.38
C LYS LB 559 -39.16 -62.92 99.97
N SER LB 560 -39.70 -61.73 99.68
CA SER LB 560 -39.59 -61.18 98.33
C SER LB 560 -38.19 -60.67 98.00
N THR LB 561 -37.33 -60.53 99.00
CA THR LB 561 -35.98 -60.01 98.78
C THR LB 561 -34.94 -61.11 98.62
N TYR LB 562 -35.22 -62.32 99.12
CA TYR LB 562 -34.23 -63.39 99.07
C TYR LB 562 -34.30 -64.19 97.78
N GLU LB 563 -35.46 -64.24 97.13
CA GLU LB 563 -35.60 -65.00 95.90
C GLU LB 563 -35.05 -64.28 94.67
N SER LB 564 -34.58 -63.05 94.82
CA SER LB 564 -34.01 -62.28 93.73
C SER LB 564 -32.49 -62.26 93.74
N GLN LB 565 -31.87 -62.92 94.71
CA GLN LB 565 -30.41 -62.96 94.80
C GLN LB 565 -29.86 -64.22 94.14
N PRO LB 572 -28.07 -66.14 100.43
CA PRO LB 572 -29.27 -66.03 101.28
C PRO LB 572 -29.93 -67.38 101.54
N GLU LB 573 -29.39 -68.14 102.49
CA GLU LB 573 -29.95 -69.43 102.83
C GLU LB 573 -31.35 -69.24 103.43
N TRP LB 574 -32.32 -69.99 102.88
CA TRP LB 574 -33.70 -69.87 103.31
C TRP LB 574 -34.03 -70.97 104.28
N PRO LB 575 -34.20 -70.69 105.58
CA PRO LB 575 -34.53 -71.75 106.53
C PRO LB 575 -35.92 -72.30 106.31
N ALA LB 576 -36.07 -73.60 106.55
CA ALA LB 576 -37.36 -74.25 106.37
C ALA LB 576 -38.36 -73.90 107.46
N SER LB 577 -37.91 -73.35 108.59
CA SER LB 577 -38.83 -72.98 109.66
C SER LB 577 -39.64 -71.74 109.33
N SER LB 578 -39.18 -70.91 108.40
CA SER LB 578 -39.94 -69.73 108.01
C SER LB 578 -41.20 -70.10 107.26
N LEU LB 579 -41.20 -71.23 106.55
CA LEU LB 579 -42.40 -71.67 105.86
C LEU LB 579 -43.48 -72.10 106.85
N ASN LB 580 -43.09 -72.75 107.94
CA ASN LB 580 -44.05 -73.08 108.99
C ASN LB 580 -44.66 -71.84 109.63
N TYR LB 581 -43.92 -70.72 109.65
CA TYR LB 581 -44.46 -69.48 110.18
C TYR LB 581 -45.37 -68.80 109.18
N VAL LB 582 -44.99 -68.78 107.89
CA VAL LB 582 -45.83 -68.20 106.87
C VAL LB 582 -47.09 -69.03 106.62
N ALA LB 583 -47.10 -70.29 107.05
CA ALA LB 583 -48.32 -71.07 107.03
C ALA LB 583 -49.27 -70.69 108.16
N VAL LB 584 -48.76 -70.60 109.40
CA VAL LB 584 -49.62 -70.26 110.52
C VAL LB 584 -50.03 -68.79 110.56
N LEU LB 585 -49.32 -67.92 109.84
CA LEU LB 585 -49.73 -66.52 109.77
C LEU LB 585 -50.95 -66.35 108.87
N PHE LB 586 -51.09 -67.19 107.85
CA PHE LB 586 -52.21 -67.10 106.93
C PHE LB 586 -53.31 -68.12 107.24
N LEU LB 587 -53.03 -69.12 108.08
CA LEU LB 587 -54.06 -70.07 108.48
C LEU LB 587 -55.22 -69.36 109.16
N ARG LB 588 -54.95 -68.61 110.23
CA ARG LB 588 -55.99 -67.86 110.92
C ARG LB 588 -56.36 -66.58 110.19
N ALA LB 589 -55.57 -66.16 109.20
CA ALA LB 589 -55.91 -64.99 108.40
C ALA LB 589 -56.86 -65.31 107.26
N GLY LB 590 -56.95 -66.56 106.85
CA GLY LB 590 -57.90 -66.94 105.82
C GLY LB 590 -57.45 -66.65 104.41
N ARG LB 591 -56.14 -66.61 104.16
CA ARG LB 591 -55.60 -66.32 102.84
C ARG LB 591 -54.85 -67.58 102.37
N THR LB 592 -55.50 -68.37 101.54
CA THR LB 592 -54.93 -69.63 101.06
C THR LB 592 -54.23 -69.51 99.71
N GLN LB 593 -54.73 -68.63 98.82
CA GLN LB 593 -54.11 -68.48 97.50
C GLN LB 593 -52.69 -67.96 97.63
N GLU LB 594 -52.48 -66.95 98.49
CA GLU LB 594 -51.14 -66.41 98.70
C GLU LB 594 -50.26 -67.35 99.49
N ALA LB 595 -50.83 -68.20 100.34
CA ALA LB 595 -50.04 -69.12 101.15
C ALA LB 595 -49.64 -70.37 100.37
N TRP LB 596 -50.41 -70.76 99.36
CA TRP LB 596 -50.10 -71.96 98.59
C TRP LB 596 -48.90 -71.78 97.67
N LYS LB 597 -48.63 -70.56 97.21
CA LYS LB 597 -47.49 -70.35 96.33
C LYS LB 597 -46.17 -70.43 97.07
N MET LB 598 -46.13 -70.01 98.34
CA MET LB 598 -44.90 -70.05 99.10
C MET LB 598 -44.48 -71.49 99.41
N LEU LB 599 -45.45 -72.40 99.53
CA LEU LB 599 -45.12 -73.80 99.73
C LEU LB 599 -44.56 -74.42 98.46
N GLY LB 600 -45.09 -74.06 97.29
CA GLY LB 600 -44.58 -74.57 96.04
C GLY LB 600 -43.28 -73.93 95.60
N LEU LB 601 -42.98 -72.74 96.10
CA LEU LB 601 -41.72 -72.09 95.75
C LEU LB 601 -40.52 -72.73 96.44
N PHE LB 602 -40.66 -73.13 97.70
CA PHE LB 602 -39.52 -73.68 98.42
C PHE LB 602 -39.24 -75.13 98.05
N ARG LB 603 -40.25 -75.87 97.59
CA ARG LB 603 -40.03 -77.25 97.20
C ARG LB 603 -39.12 -77.39 95.99
N LYS LB 604 -38.95 -76.31 95.22
CA LYS LB 604 -38.02 -76.29 94.09
C LYS LB 604 -36.63 -75.83 94.49
N HIS LB 605 -36.39 -75.58 95.77
CA HIS LB 605 -35.09 -75.15 96.28
C HIS LB 605 -34.21 -76.33 96.70
N ASN LB 606 -34.48 -77.52 96.18
CA ASN LB 606 -33.73 -78.73 96.54
C ASN LB 606 -33.77 -79.00 98.04
N LYS LB 607 -34.84 -78.60 98.70
CA LYS LB 607 -35.01 -78.81 100.13
C LYS LB 607 -36.49 -78.84 100.46
N ILE LB 608 -36.90 -79.83 101.23
CA ILE LB 608 -38.30 -80.07 101.57
C ILE LB 608 -38.44 -79.93 103.08
N PRO LB 609 -39.43 -79.17 103.56
CA PRO LB 609 -39.62 -79.06 105.02
C PRO LB 609 -40.25 -80.32 105.60
N ARG LB 610 -40.52 -80.30 106.90
CA ARG LB 610 -41.13 -81.46 107.54
C ARG LB 610 -42.59 -81.59 107.14
N ALA LB 611 -43.12 -82.81 107.25
CA ALA LB 611 -44.47 -83.11 106.81
C ALA LB 611 -45.55 -82.57 107.75
N GLU LB 612 -45.18 -82.03 108.91
CA GLU LB 612 -46.17 -81.37 109.76
C GLU LB 612 -46.74 -80.15 109.05
N LEU LB 613 -45.91 -79.43 108.31
CA LEU LB 613 -46.39 -78.31 107.52
C LEU LB 613 -47.38 -78.77 106.45
N LEU LB 614 -47.09 -79.91 105.82
CA LEU LB 614 -48.01 -80.46 104.82
C LEU LB 614 -49.34 -80.87 105.48
N ASN LB 615 -49.26 -81.49 106.65
CA ASN LB 615 -50.48 -81.88 107.36
C ASN LB 615 -51.29 -80.67 107.85
N GLU LB 616 -50.63 -79.55 108.11
CA GLU LB 616 -51.35 -78.33 108.47
C GLU LB 616 -52.00 -77.70 107.25
N PHE LB 617 -51.26 -77.58 106.14
CA PHE LB 617 -51.83 -77.02 104.93
C PHE LB 617 -52.93 -77.90 104.37
N LEU LB 618 -52.86 -79.22 104.63
CA LEU LB 618 -53.95 -80.10 104.22
C LEU LB 618 -55.22 -79.84 105.01
N ASP LB 619 -55.09 -79.60 106.32
CA ASP LB 619 -56.26 -79.20 107.11
C ASP LB 619 -56.81 -77.87 106.62
N SER LB 620 -55.94 -76.92 106.29
CA SER LB 620 -56.40 -75.64 105.74
C SER LB 620 -57.13 -75.82 104.42
N ALA LB 621 -56.61 -76.66 103.53
CA ALA LB 621 -57.22 -76.89 102.23
C ALA LB 621 -58.56 -77.63 102.36
N LYS LB 622 -58.64 -78.62 103.26
CA LYS LB 622 -59.90 -79.31 103.47
C LYS LB 622 -60.93 -78.45 104.20
N ALA LB 623 -60.49 -77.44 104.93
CA ALA LB 623 -61.43 -76.48 105.51
C ALA LB 623 -61.87 -75.44 104.48
N SER LB 624 -61.00 -75.11 103.52
CA SER LB 624 -61.32 -74.15 102.47
C SER LB 624 -61.97 -74.79 101.25
N SER LB 625 -62.11 -76.12 101.24
CA SER LB 625 -62.78 -76.85 100.16
C SER LB 625 -62.10 -76.62 98.81
N SER LB 626 -60.84 -77.06 98.72
CA SER LB 626 -60.06 -77.00 97.48
C SER LB 626 -59.26 -78.29 97.37
N PRO LB 627 -59.89 -79.36 96.85
CA PRO LB 627 -59.21 -80.66 96.80
C PRO LB 627 -58.14 -80.76 95.71
N ALA LB 628 -58.12 -79.84 94.75
CA ALA LB 628 -57.14 -79.92 93.67
C ALA LB 628 -55.72 -79.60 94.13
N GLN LB 629 -55.56 -79.00 95.32
CA GLN LB 629 -54.24 -78.59 95.77
C GLN LB 629 -53.50 -79.71 96.51
N ALA LB 630 -54.24 -80.62 97.13
CA ALA LB 630 -53.60 -81.69 97.91
C ALA LB 630 -53.06 -82.82 97.05
N ILE LB 631 -53.64 -83.03 95.86
CA ILE LB 631 -53.14 -84.09 94.98
C ILE LB 631 -51.75 -83.78 94.46
N GLU LB 632 -51.37 -82.50 94.43
CA GLU LB 632 -50.00 -82.13 94.10
C GLU LB 632 -49.06 -82.19 95.30
N LEU LB 633 -49.56 -81.84 96.49
CA LEU LB 633 -48.73 -81.91 97.69
C LEU LB 633 -48.35 -83.35 98.01
N VAL LB 634 -49.32 -84.26 97.95
CA VAL LB 634 -49.02 -85.67 98.23
C VAL LB 634 -48.05 -86.22 97.18
N LYS LB 635 -48.16 -85.77 95.93
CA LYS LB 635 -47.26 -86.28 94.90
C LYS LB 635 -45.85 -85.74 95.06
N LEU LB 636 -45.73 -84.46 95.39
CA LEU LB 636 -44.42 -83.85 95.60
C LEU LB 636 -43.81 -84.23 96.94
N ALA LB 637 -44.57 -84.86 97.83
CA ALA LB 637 -44.04 -85.41 99.07
C ALA LB 637 -43.68 -86.89 98.97
N SER LB 638 -44.45 -87.68 98.22
CA SER LB 638 -44.16 -89.10 98.08
C SER LB 638 -42.87 -89.34 97.31
N ALA LB 639 -42.60 -88.54 96.28
CA ALA LB 639 -41.37 -88.68 95.50
C ALA LB 639 -40.12 -88.35 96.31
N PHE LB 640 -40.26 -87.59 97.40
CA PHE LB 640 -39.14 -87.25 98.26
C PHE LB 640 -39.16 -88.01 99.58
N SER LB 641 -40.21 -88.81 99.82
CA SER LB 641 -40.26 -89.76 100.93
C SER LB 641 -40.12 -89.07 102.29
N LEU LB 642 -41.11 -88.25 102.61
CA LEU LB 642 -41.17 -87.64 103.93
C LEU LB 642 -41.40 -88.73 104.98
N PRO LB 643 -40.85 -88.57 106.19
CA PRO LB 643 -41.02 -89.62 107.21
C PRO LB 643 -42.44 -89.76 107.71
N VAL LB 644 -43.29 -88.76 107.49
CA VAL LB 644 -44.69 -88.83 107.93
C VAL LB 644 -45.58 -89.03 106.71
N CYS LB 645 -45.02 -89.67 105.67
CA CYS LB 645 -45.80 -89.93 104.47
C CYS LB 645 -46.95 -90.89 104.74
N GLU LB 646 -46.78 -91.82 105.68
CA GLU LB 646 -47.87 -92.73 106.00
C GLU LB 646 -49.03 -92.02 106.69
N GLY LB 647 -48.74 -90.89 107.36
CA GLY LB 647 -49.81 -90.08 107.92
C GLY LB 647 -50.39 -89.11 106.91
N LEU LB 648 -49.58 -88.60 105.99
CA LEU LB 648 -50.11 -87.79 104.90
C LEU LB 648 -51.04 -88.60 104.02
N THR LB 649 -50.73 -89.87 103.78
CA THR LB 649 -51.60 -90.76 103.01
C THR LB 649 -52.91 -91.03 103.75
N ARG LB 650 -52.90 -90.98 105.09
CA ARG LB 650 -54.13 -91.13 105.84
C ARG LB 650 -54.96 -89.85 105.82
N ARG LB 651 -54.29 -88.70 105.85
CA ARG LB 651 -55.00 -87.43 105.84
C ARG LB 651 -55.62 -87.13 104.48
N VAL LB 652 -54.92 -87.47 103.39
CA VAL LB 652 -55.49 -87.23 102.07
C VAL LB 652 -56.74 -88.07 101.85
N MET LB 653 -56.78 -89.28 102.42
CA MET LB 653 -57.96 -90.12 102.26
C MET LB 653 -59.16 -89.50 102.96
N ALA LB 654 -58.98 -89.01 104.19
CA ALA LB 654 -60.07 -88.33 104.88
C ALA LB 654 -60.49 -87.06 104.17
N GLU LB 655 -59.53 -86.30 103.64
CA GLU LB 655 -59.87 -85.09 102.89
C GLU LB 655 -60.70 -85.42 101.66
N PHE LB 656 -60.30 -86.44 100.90
CA PHE LB 656 -61.03 -86.82 99.70
C PHE LB 656 -62.39 -87.42 100.03
N THR LB 657 -62.51 -88.15 101.14
CA THR LB 657 -63.82 -88.65 101.57
C THR LB 657 -64.73 -87.49 101.96
N LEU LB 658 -64.18 -86.46 102.59
CA LEU LB 658 -64.99 -85.31 102.98
C LEU LB 658 -65.44 -84.52 101.75
N THR LB 659 -64.55 -84.35 100.76
CA THR LB 659 -64.85 -83.54 99.60
C THR LB 659 -65.39 -84.36 98.42
N GLN LB 660 -65.67 -85.64 98.62
CA GLN LB 660 -66.26 -86.51 97.60
C GLN LB 660 -65.34 -86.62 96.38
N GLU LB 661 -64.13 -87.13 96.64
CA GLU LB 661 -63.16 -87.37 95.57
C GLU LB 661 -62.49 -88.73 95.71
N GLN LB 662 -63.29 -89.78 95.90
CA GLN LB 662 -62.73 -91.12 96.03
C GLN LB 662 -62.03 -91.56 94.74
N ARG LB 663 -62.49 -91.08 93.58
CA ARG LB 663 -61.80 -91.38 92.34
C ARG LB 663 -60.37 -90.87 92.37
N GLU LB 664 -60.18 -89.61 92.81
CA GLU LB 664 -58.82 -89.10 92.99
C GLU LB 664 -58.08 -89.79 94.11
N ALA LB 665 -58.77 -90.22 95.17
CA ALA LB 665 -58.11 -90.95 96.24
C ALA LB 665 -57.50 -92.25 95.74
N LEU LB 666 -58.21 -92.93 94.83
CA LEU LB 666 -57.66 -94.14 94.21
C LEU LB 666 -56.62 -93.83 93.15
N GLY LB 667 -56.80 -92.74 92.39
CA GLY LB 667 -55.81 -92.36 91.40
C GLY LB 667 -54.48 -91.96 92.00
N GLU LB 668 -54.50 -91.41 93.22
CA GLU LB 668 -53.26 -91.07 93.90
C GLU LB 668 -52.55 -92.32 94.40
N LEU LB 669 -53.30 -93.32 94.87
CA LEU LB 669 -52.68 -94.58 95.25
C LEU LB 669 -52.09 -95.30 94.04
N THR LB 670 -52.82 -95.32 92.91
CA THR LB 670 -52.29 -95.92 91.70
C THR LB 670 -51.08 -95.17 91.16
N ALA LB 671 -50.93 -93.89 91.51
CA ALA LB 671 -49.76 -93.14 91.07
C ALA LB 671 -48.57 -93.34 91.99
N LEU LB 672 -48.82 -93.40 93.30
CA LEU LB 672 -47.73 -93.64 94.25
C LEU LB 672 -47.26 -95.08 94.23
N THR LB 673 -48.07 -96.01 93.72
CA THR LB 673 -47.63 -97.39 93.61
C THR LB 673 -46.47 -97.53 92.63
N SER LB 674 -46.56 -96.85 91.49
CA SER LB 674 -45.49 -96.90 90.48
C SER LB 674 -44.49 -95.77 90.70
N SER MB 49 -26.87 -84.08 62.80
CA SER MB 49 -28.09 -84.86 63.02
C SER MB 49 -27.78 -86.12 63.82
N PRO MB 50 -28.41 -86.27 64.98
CA PRO MB 50 -28.20 -87.48 65.78
C PRO MB 50 -29.00 -88.67 65.27
N TYR MB 51 -30.15 -88.40 64.64
CA TYR MB 51 -31.02 -89.45 64.14
C TYR MB 51 -30.33 -90.27 63.05
N LYS MB 52 -30.08 -89.64 61.90
CA LYS MB 52 -29.38 -90.24 60.77
C LYS MB 52 -30.10 -91.47 60.20
N ASP MB 53 -31.26 -91.80 60.75
CA ASP MB 53 -31.97 -93.01 60.32
C ASP MB 53 -33.45 -92.73 60.07
N GLU MB 54 -34.00 -91.74 60.77
CA GLU MB 54 -35.43 -91.43 60.70
C GLU MB 54 -35.59 -89.92 60.58
N PRO MB 55 -35.64 -89.39 59.36
CA PRO MB 55 -35.81 -87.94 59.19
C PRO MB 55 -37.14 -87.42 59.70
N TRP MB 56 -38.17 -88.26 59.75
CA TRP MB 56 -39.48 -87.82 60.19
C TRP MB 56 -39.57 -87.63 61.70
N LYS MB 57 -38.61 -88.16 62.46
CA LYS MB 57 -38.64 -88.00 63.91
C LYS MB 57 -38.42 -86.56 64.31
N TYR MB 58 -37.54 -85.84 63.60
CA TYR MB 58 -37.28 -84.45 63.95
C TYR MB 58 -38.49 -83.56 63.70
N LEU MB 59 -39.30 -83.88 62.69
CA LEU MB 59 -40.49 -83.08 62.41
C LEU MB 59 -41.54 -83.20 63.50
N ASP MB 60 -41.57 -84.32 64.23
CA ASP MB 60 -42.48 -84.49 65.35
C ASP MB 60 -41.84 -84.14 66.69
N SER MB 61 -40.52 -84.03 66.73
CA SER MB 61 -39.83 -83.64 67.96
C SER MB 61 -40.26 -82.24 68.39
N GLU MB 62 -39.94 -81.91 69.64
CA GLU MB 62 -40.36 -80.64 70.22
C GLU MB 62 -39.51 -79.48 69.71
N GLU MB 63 -38.20 -79.71 69.52
CA GLU MB 63 -37.31 -78.64 69.10
C GLU MB 63 -37.65 -78.09 67.72
N TYR MB 64 -38.53 -78.76 66.98
CA TYR MB 64 -39.03 -78.23 65.71
C TYR MB 64 -40.30 -77.42 65.89
N GLN MB 65 -41.18 -77.85 66.78
CA GLN MB 65 -42.46 -77.16 66.97
C GLN MB 65 -42.30 -75.78 67.59
N ASN MB 66 -41.31 -75.61 68.47
CA ASN MB 66 -41.09 -74.31 69.09
C ASN MB 66 -40.34 -73.35 68.16
N ARG MB 67 -39.57 -73.88 67.22
CA ARG MB 67 -38.83 -73.02 66.30
C ARG MB 67 -39.66 -72.64 65.09
N TYR MB 68 -40.15 -73.63 64.34
CA TYR MB 68 -40.92 -73.34 63.14
C TYR MB 68 -42.43 -73.33 63.39
N GLY MB 69 -42.94 -74.29 64.15
CA GLY MB 69 -44.36 -74.32 64.42
C GLY MB 69 -45.16 -74.76 63.21
N SER MB 70 -46.40 -74.27 63.13
CA SER MB 70 -47.28 -74.60 62.02
C SER MB 70 -46.87 -73.93 60.72
N ARG MB 71 -45.90 -73.03 60.75
CA ARG MB 71 -45.40 -72.34 59.57
C ARG MB 71 -44.33 -73.17 58.87
N PRO MB 72 -44.27 -73.11 57.54
CA PRO MB 72 -43.26 -73.88 56.81
C PRO MB 72 -41.85 -73.43 57.17
N VAL MB 73 -40.88 -74.25 56.76
CA VAL MB 73 -39.48 -73.99 57.11
C VAL MB 73 -38.94 -72.75 56.42
N TRP MB 74 -39.55 -72.32 55.32
CA TRP MB 74 -39.12 -71.13 54.60
C TRP MB 74 -39.97 -69.91 54.92
N ALA MB 75 -40.58 -69.88 56.10
CA ALA MB 75 -41.50 -68.79 56.43
C ALA MB 75 -40.74 -67.48 56.63
N ASP MB 76 -39.81 -67.45 57.59
CA ASP MB 76 -39.09 -66.23 57.92
C ASP MB 76 -37.83 -66.03 57.08
N TYR MB 77 -37.59 -66.88 56.10
CA TYR MB 77 -36.40 -66.73 55.24
C TYR MB 77 -36.68 -65.72 54.15
N ARG MB 78 -35.77 -64.75 54.00
CA ARG MB 78 -35.86 -63.74 52.95
C ARG MB 78 -34.54 -63.68 52.21
N ARG MB 79 -34.59 -63.81 50.89
CA ARG MB 79 -33.40 -63.83 50.06
C ARG MB 79 -33.07 -62.43 49.57
N ASN MB 80 -31.80 -62.05 49.70
CA ASN MB 80 -31.33 -60.76 49.21
C ASN MB 80 -31.02 -60.85 47.71
N HIS MB 81 -31.13 -59.71 47.04
CA HIS MB 81 -30.86 -59.65 45.61
C HIS MB 81 -30.35 -58.25 45.26
N LYS MB 82 -30.29 -57.95 43.97
CA LYS MB 82 -29.64 -56.74 43.49
C LYS MB 82 -30.60 -55.56 43.34
N GLY MB 83 -31.83 -55.80 42.89
CA GLY MB 83 -32.75 -54.71 42.66
C GLY MB 83 -34.15 -54.98 43.20
N GLY MB 84 -35.16 -54.66 42.39
CA GLY MB 84 -36.53 -54.87 42.81
C GLY MB 84 -37.02 -56.27 42.50
N ILE MB 85 -36.40 -56.92 41.53
CA ILE MB 85 -36.78 -58.26 41.10
C ILE MB 85 -35.59 -59.19 41.36
N PRO MB 86 -35.76 -60.26 42.11
CA PRO MB 86 -34.66 -61.20 42.35
C PRO MB 86 -34.32 -61.95 41.07
N PRO MB 87 -33.09 -62.46 40.96
CA PRO MB 87 -32.71 -63.18 39.75
C PRO MB 87 -33.52 -64.45 39.56
N GLN MB 88 -33.66 -64.87 38.30
CA GLN MB 88 -34.35 -66.11 38.00
C GLN MB 88 -33.51 -67.34 38.37
N ARG MB 89 -32.21 -67.16 38.58
CA ARG MB 89 -31.32 -68.23 39.00
C ARG MB 89 -30.87 -67.96 40.42
N THR MB 90 -31.11 -68.92 41.32
CA THR MB 90 -30.71 -68.76 42.71
C THR MB 90 -29.27 -69.25 42.89
N ARG MB 91 -28.83 -69.37 44.13
CA ARG MB 91 -27.48 -69.81 44.42
C ARG MB 91 -27.29 -71.27 44.02
N LYS MB 92 -26.17 -71.55 43.35
CA LYS MB 92 -25.91 -72.91 42.87
C LYS MB 92 -25.69 -73.87 44.04
N MET MB 93 -24.64 -73.61 44.83
CA MET MB 93 -24.35 -74.41 46.01
C MET MB 93 -23.94 -73.49 47.14
N CYS MB 94 -24.55 -73.65 48.31
CA CYS MB 94 -24.33 -72.77 49.43
C CYS MB 94 -23.31 -73.31 50.43
N ILE MB 95 -22.93 -74.57 50.32
CA ILE MB 95 -21.98 -75.20 51.24
C ILE MB 95 -20.85 -75.77 50.41
N ARG MB 96 -19.68 -75.12 50.46
CA ARG MB 96 -18.49 -75.56 49.76
C ARG MB 96 -17.51 -76.08 50.79
N GLY MB 97 -17.38 -77.41 50.88
CA GLY MB 97 -16.52 -78.01 51.86
C GLY MB 97 -17.08 -77.88 53.26
N ASN MB 98 -16.47 -77.02 54.08
CA ASN MB 98 -16.94 -76.76 55.43
C ASN MB 98 -17.45 -75.34 55.63
N LYS MB 99 -17.23 -74.45 54.65
CA LYS MB 99 -17.60 -73.04 54.80
C LYS MB 99 -19.05 -72.82 54.35
N VAL MB 100 -19.77 -72.04 55.16
CA VAL MB 100 -21.14 -71.66 54.83
C VAL MB 100 -21.10 -70.33 54.10
N ALA MB 101 -21.81 -70.25 52.98
CA ALA MB 101 -21.79 -69.06 52.12
C ALA MB 101 -22.74 -68.00 52.67
N GLY MB 102 -22.31 -67.39 53.78
CA GLY MB 102 -23.10 -66.31 54.36
C GLY MB 102 -24.45 -66.80 54.85
N ASN MB 103 -25.50 -66.12 54.43
CA ASN MB 103 -26.86 -66.47 54.80
C ASN MB 103 -27.23 -67.83 54.23
N PRO MB 104 -27.46 -68.85 55.06
CA PRO MB 104 -27.78 -70.18 54.52
C PRO MB 104 -29.23 -70.27 54.09
N CYS MB 105 -29.53 -71.34 53.36
CA CYS MB 105 -30.87 -71.63 52.90
C CYS MB 105 -31.74 -72.10 54.06
N PRO MB 106 -33.06 -72.07 53.92
CA PRO MB 106 -33.92 -72.56 55.02
C PRO MB 106 -33.68 -74.02 55.34
N ILE MB 107 -33.40 -74.86 54.33
CA ILE MB 107 -33.10 -76.26 54.59
C ILE MB 107 -31.68 -76.41 55.10
N CYS MB 108 -30.74 -75.70 54.50
CA CYS MB 108 -29.32 -75.90 54.76
C CYS MB 108 -28.82 -75.19 56.00
N ARG MB 109 -29.65 -74.36 56.64
CA ARG MB 109 -29.19 -73.64 57.83
C ARG MB 109 -29.25 -74.52 59.07
N ASP MB 110 -30.19 -75.45 59.14
CA ASP MB 110 -30.29 -76.42 60.22
C ASP MB 110 -30.03 -77.80 59.66
N GLN MB 111 -28.88 -78.38 60.03
CA GLN MB 111 -28.46 -79.65 59.45
C GLN MB 111 -29.35 -80.82 59.86
N LYS MB 112 -30.23 -80.63 60.84
CA LYS MB 112 -31.12 -81.69 61.27
C LYS MB 112 -32.29 -81.93 60.31
N LEU MB 113 -32.45 -81.07 59.31
CA LEU MB 113 -33.47 -81.27 58.27
C LEU MB 113 -32.84 -82.10 57.16
N HIS MB 114 -33.22 -83.38 57.09
CA HIS MB 114 -32.72 -84.29 56.07
C HIS MB 114 -33.72 -84.37 54.92
N VAL MB 115 -33.25 -84.12 53.71
CA VAL MB 115 -34.06 -84.28 52.51
C VAL MB 115 -34.15 -85.78 52.21
N ASP MB 116 -35.36 -86.33 52.34
CA ASP MB 116 -35.57 -87.76 52.15
C ASP MB 116 -37.00 -87.98 51.67
N PHE MB 117 -37.20 -89.06 50.93
CA PHE MB 117 -38.51 -89.39 50.41
C PHE MB 117 -39.40 -90.10 51.42
N ARG MB 118 -38.95 -90.25 52.66
CA ARG MB 118 -39.75 -90.90 53.69
C ARG MB 118 -40.55 -89.89 54.50
N ASN MB 119 -39.90 -88.85 55.02
CA ASN MB 119 -40.59 -87.82 55.79
C ASN MB 119 -41.38 -86.93 54.82
N VAL MB 120 -42.65 -87.27 54.63
CA VAL MB 120 -43.47 -86.54 53.67
C VAL MB 120 -43.91 -85.18 54.19
N LYS MB 121 -43.88 -84.97 55.50
CA LYS MB 121 -44.30 -83.68 56.05
C LYS MB 121 -43.35 -82.56 55.64
N LEU MB 122 -42.06 -82.88 55.45
CA LEU MB 122 -41.11 -81.88 54.99
C LEU MB 122 -41.30 -81.58 53.50
N LEU MB 123 -41.50 -82.63 52.69
CA LEU MB 123 -41.67 -82.42 51.25
C LEU MB 123 -43.00 -81.78 50.91
N GLU MB 124 -44.02 -81.93 51.78
CA GLU MB 124 -45.31 -81.32 51.50
C GLU MB 124 -45.24 -79.79 51.59
N GLN MB 125 -44.30 -79.26 52.38
CA GLN MB 125 -44.16 -77.82 52.50
C GLN MB 125 -43.68 -77.18 51.20
N PHE MB 126 -43.12 -77.97 50.28
CA PHE MB 126 -42.61 -77.46 49.03
C PHE MB 126 -43.52 -77.74 47.84
N VAL MB 127 -44.69 -78.33 48.08
CA VAL MB 127 -45.68 -78.58 47.03
C VAL MB 127 -46.98 -77.89 47.43
N CYS MB 128 -47.53 -77.12 46.50
CA CYS MB 128 -48.78 -76.43 46.77
C CYS MB 128 -49.91 -77.42 46.98
N ALA MB 129 -50.64 -77.26 48.08
CA ALA MB 129 -51.73 -78.16 48.40
C ALA MB 129 -52.91 -78.02 47.45
N HIS MB 130 -52.95 -76.96 46.64
CA HIS MB 130 -54.04 -76.73 45.70
C HIS MB 130 -53.68 -77.14 44.28
N THR MB 131 -52.59 -76.61 43.74
CA THR MB 131 -52.19 -76.91 42.37
C THR MB 131 -51.36 -78.17 42.23
N GLY MB 132 -50.78 -78.65 43.33
CA GLY MB 132 -49.96 -79.85 43.26
C GLY MB 132 -48.69 -79.72 42.46
N ILE MB 133 -48.17 -78.50 42.30
CA ILE MB 133 -46.97 -78.27 41.54
C ILE MB 133 -45.79 -78.14 42.50
N ILE MB 134 -44.59 -78.18 41.95
CA ILE MB 134 -43.36 -78.08 42.74
C ILE MB 134 -42.96 -76.62 42.84
N PHE MB 135 -42.67 -76.17 44.06
CA PHE MB 135 -42.21 -74.80 44.26
C PHE MB 135 -40.83 -74.63 43.65
N HIS MB 136 -40.64 -73.54 42.91
CA HIS MB 136 -39.36 -73.28 42.28
C HIS MB 136 -38.38 -72.69 43.29
N ALA MB 137 -37.11 -72.63 42.86
CA ALA MB 137 -36.06 -72.15 43.75
C ALA MB 137 -36.22 -70.69 44.14
N PRO MB 138 -36.54 -69.75 43.23
CA PRO MB 138 -36.80 -68.38 43.68
C PRO MB 138 -37.97 -68.27 44.64
N TYR MB 139 -38.93 -69.19 44.58
CA TYR MB 139 -40.04 -69.15 45.50
C TYR MB 139 -39.64 -69.69 46.88
N THR MB 140 -38.89 -70.78 46.91
CA THR MB 140 -38.49 -71.37 48.18
C THR MB 140 -37.40 -70.55 48.85
N GLY MB 141 -36.23 -70.46 48.20
CA GLY MB 141 -35.10 -69.77 48.77
C GLY MB 141 -33.93 -70.68 49.01
N VAL MB 142 -34.03 -71.93 48.54
CA VAL MB 142 -32.97 -72.90 48.72
C VAL MB 142 -32.02 -72.84 47.53
N CYS MB 143 -30.83 -73.40 47.71
CA CYS MB 143 -29.86 -73.48 46.63
C CYS MB 143 -30.30 -74.52 45.60
N MET MB 144 -29.73 -74.40 44.39
CA MET MB 144 -30.12 -75.29 43.30
C MET MB 144 -29.73 -76.73 43.57
N LYS MB 145 -28.58 -76.96 44.21
CA LYS MB 145 -28.16 -78.31 44.52
C LYS MB 145 -29.16 -79.01 45.43
N GLN MB 146 -29.82 -78.27 46.32
CA GLN MB 146 -30.87 -78.83 47.15
C GLN MB 146 -32.22 -78.85 46.46
N HIS MB 147 -32.48 -77.90 45.55
CA HIS MB 147 -33.77 -77.88 44.86
C HIS MB 147 -33.90 -79.06 43.91
N LYS MB 148 -32.83 -79.40 43.18
CA LYS MB 148 -32.86 -80.57 42.32
C LYS MB 148 -33.06 -81.84 43.13
N LYS MB 149 -32.37 -81.95 44.28
CA LYS MB 149 -32.55 -83.11 45.14
C LYS MB 149 -33.96 -83.18 45.71
N LEU MB 150 -34.56 -82.02 46.01
CA LEU MB 150 -35.95 -82.01 46.47
C LEU MB 150 -36.91 -82.46 45.39
N THR MB 151 -36.68 -82.04 44.14
CA THR MB 151 -37.50 -82.52 43.04
C THR MB 151 -37.37 -84.03 42.88
N GLN MB 152 -36.14 -84.55 42.97
CA GLN MB 152 -35.94 -85.99 42.89
C GLN MB 152 -36.62 -86.73 44.03
N ALA MB 153 -36.54 -86.19 45.26
CA ALA MB 153 -37.20 -86.82 46.40
C ALA MB 153 -38.72 -86.78 46.27
N ILE MB 154 -39.28 -85.68 45.77
CA ILE MB 154 -40.72 -85.60 45.55
C ILE MB 154 -41.16 -86.63 44.51
N GLN MB 155 -40.40 -86.77 43.43
CA GLN MB 155 -40.75 -87.76 42.42
C GLN MB 155 -40.63 -89.18 42.98
N LYS MB 156 -39.58 -89.44 43.77
CA LYS MB 156 -39.42 -90.77 44.35
C LYS MB 156 -40.52 -91.10 45.35
N ALA MB 157 -41.00 -90.09 46.08
CA ALA MB 157 -42.08 -90.31 47.03
C ALA MB 157 -43.41 -90.51 46.30
N ARG MB 158 -43.63 -89.79 45.20
CA ARG MB 158 -44.84 -90.01 44.41
C ARG MB 158 -44.81 -91.38 43.75
N ASP MB 159 -43.63 -91.88 43.40
CA ASP MB 159 -43.49 -93.22 42.85
C ASP MB 159 -43.56 -94.31 43.91
N HIS MB 160 -43.77 -93.95 45.17
CA HIS MB 160 -43.92 -94.93 46.26
C HIS MB 160 -45.23 -94.77 47.01
N GLY MB 161 -46.16 -93.94 46.51
CA GLY MB 161 -47.43 -93.74 47.16
C GLY MB 161 -47.40 -92.94 48.44
N LEU MB 162 -46.23 -92.42 48.83
CA LEU MB 162 -46.14 -91.67 50.08
C LEU MB 162 -46.69 -90.26 49.93
N LEU MB 163 -46.51 -89.65 48.76
CA LEU MB 163 -46.98 -88.30 48.50
C LEU MB 163 -48.08 -88.35 47.44
N ARG MB 164 -49.22 -87.73 47.74
CA ARG MB 164 -50.37 -87.78 46.85
C ARG MB 164 -50.21 -86.82 45.68
N TYR MB 165 -50.77 -87.22 44.54
CA TYR MB 165 -50.78 -86.37 43.35
C TYR MB 165 -51.96 -86.78 42.47
N HIS MB 166 -52.20 -85.98 41.44
CA HIS MB 166 -53.38 -86.18 40.60
C HIS MB 166 -53.26 -87.46 39.79
N ILE MB 167 -54.33 -88.25 39.78
CA ILE MB 167 -54.43 -89.46 39.00
C ILE MB 167 -55.63 -89.34 38.08
N PRO MB 168 -55.42 -89.03 36.80
CA PRO MB 168 -56.55 -88.84 35.88
C PRO MB 168 -57.25 -90.15 35.57
N GLN MB 169 -58.49 -90.01 35.12
CA GLN MB 169 -59.29 -91.14 34.67
C GLN MB 169 -59.01 -91.36 33.18
N VAL MB 170 -58.37 -92.47 32.86
CA VAL MB 170 -57.94 -92.77 31.50
C VAL MB 170 -58.76 -93.95 30.97
N GLU MB 171 -59.31 -93.78 29.76
CA GLU MB 171 -60.02 -94.87 29.11
C GLU MB 171 -59.04 -95.97 28.71
N PRO MB 172 -59.54 -97.19 28.46
CA PRO MB 172 -58.64 -98.27 28.04
C PRO MB 172 -57.95 -97.96 26.73
N ARG MB 173 -56.88 -98.70 26.46
CA ARG MB 173 -56.02 -98.41 25.32
C ARG MB 173 -56.72 -98.73 24.01
N ASP MB 174 -57.32 -99.92 23.91
CA ASP MB 174 -58.04 -100.35 22.71
C ASP MB 174 -59.53 -100.22 22.92
N LEU MB 175 -60.23 -99.74 21.90
CA LEU MB 175 -61.68 -99.66 21.97
C LEU MB 175 -62.31 -101.05 22.05
N ASP MB 176 -61.80 -102.00 21.27
CA ASP MB 176 -62.26 -103.37 21.29
C ASP MB 176 -61.07 -104.30 21.46
N PHE MB 177 -61.27 -105.39 22.17
CA PHE MB 177 -60.22 -106.37 22.45
C PHE MB 177 -60.47 -107.61 21.62
N SER MB 178 -59.66 -107.80 20.58
CA SER MB 178 -59.81 -108.91 19.65
C SER MB 178 -58.53 -109.74 19.69
N THR MB 179 -58.61 -110.93 20.27
CA THR MB 179 -57.48 -111.85 20.33
C THR MB 179 -57.50 -112.88 19.21
N THR MB 180 -58.45 -112.77 18.28
CA THR MB 180 -58.57 -113.73 17.18
C THR MB 180 -57.76 -113.35 15.96
N HIS MB 181 -57.26 -112.12 15.88
CA HIS MB 181 -56.51 -111.69 14.71
C HIS MB 181 -55.17 -112.42 14.65
N GLY MB 182 -54.63 -112.52 13.42
CA GLY MB 182 -53.38 -113.21 13.19
C GLY MB 182 -52.15 -112.52 13.74
N ALA MB 183 -52.31 -111.34 14.34
CA ALA MB 183 -51.17 -110.65 14.91
C ALA MB 183 -50.72 -111.29 16.22
N VAL MB 184 -51.68 -111.61 17.10
CA VAL MB 184 -51.35 -112.18 18.39
C VAL MB 184 -51.53 -113.70 18.42
N SER MB 185 -52.27 -114.28 17.48
CA SER MB 185 -52.51 -115.71 17.47
C SER MB 185 -51.43 -116.43 16.67
N SER MB 186 -51.45 -117.75 16.74
CA SER MB 186 -50.49 -118.56 16.01
C SER MB 186 -50.90 -118.70 14.55
N THR MB 187 -49.90 -118.69 13.67
CA THR MB 187 -50.12 -118.78 12.24
C THR MB 187 -49.80 -120.20 11.74
N PRO MB 188 -50.45 -120.64 10.67
CA PRO MB 188 -50.15 -121.96 10.11
C PRO MB 188 -48.74 -122.00 9.56
N PRO MB 189 -47.87 -122.85 10.09
CA PRO MB 189 -46.48 -122.86 9.65
C PRO MB 189 -46.33 -123.31 8.21
N ALA MB 190 -45.25 -122.87 7.59
CA ALA MB 190 -44.97 -123.22 6.21
C ALA MB 190 -44.52 -124.68 6.10
N PRO MB 191 -44.75 -125.31 4.96
CA PRO MB 191 -44.22 -126.68 4.77
C PRO MB 191 -42.71 -126.73 4.79
N THR MB 192 -42.03 -125.67 4.35
CA THR MB 192 -40.59 -125.60 4.48
C THR MB 192 -40.15 -125.28 5.90
N LEU MB 193 -41.04 -124.70 6.71
CA LEU MB 193 -40.71 -124.44 8.11
C LEU MB 193 -40.83 -125.70 8.95
N VAL MB 194 -41.93 -126.46 8.75
CA VAL MB 194 -42.11 -127.68 9.52
C VAL MB 194 -41.14 -128.78 9.09
N SER MB 195 -40.54 -128.66 7.91
CA SER MB 195 -39.58 -129.65 7.44
C SER MB 195 -38.16 -129.37 7.89
N GLY MB 196 -37.88 -128.19 8.42
CA GLY MB 196 -36.55 -127.85 8.86
C GLY MB 196 -35.66 -127.23 7.80
N ASP MB 197 -36.23 -126.90 6.62
CA ASP MB 197 -35.53 -126.30 5.50
C ASP MB 197 -35.54 -124.78 5.62
N PRO MB 198 -34.52 -124.10 5.09
CA PRO MB 198 -34.52 -122.64 5.11
C PRO MB 198 -35.70 -122.10 4.31
N TRP MB 199 -36.00 -120.81 4.56
CA TRP MB 199 -37.14 -120.19 3.88
C TRP MB 199 -36.95 -120.16 2.38
N TYR MB 200 -35.71 -119.96 1.93
CA TYR MB 200 -35.37 -120.03 0.52
C TYR MB 200 -34.29 -121.09 0.31
N PRO MB 201 -34.47 -121.97 -0.67
CA PRO MB 201 -33.47 -123.04 -0.88
C PRO MB 201 -32.08 -122.52 -1.20
N TRP MB 202 -31.97 -121.34 -1.82
CA TRP MB 202 -30.68 -120.75 -2.13
C TRP MB 202 -30.04 -120.08 -0.91
N TYR MB 203 -30.64 -120.21 0.27
CA TYR MB 203 -29.99 -119.73 1.49
C TYR MB 203 -28.81 -120.62 1.87
N SER MB 204 -28.94 -121.92 1.65
CA SER MB 204 -27.87 -122.85 1.97
C SER MB 204 -26.68 -122.64 1.03
N TRP MB 205 -25.52 -123.12 1.46
CA TRP MB 205 -24.29 -122.99 0.69
C TRP MB 205 -24.17 -124.17 -0.26
N LYS MB 206 -24.27 -123.92 -1.55
CA LYS MB 206 -24.15 -124.93 -2.58
C LYS MB 206 -22.76 -124.88 -3.22
N GLN MB 207 -22.20 -126.05 -3.47
CA GLN MB 207 -20.89 -126.13 -4.11
C GLN MB 207 -21.02 -125.84 -5.61
N PRO MB 208 -20.34 -124.83 -6.14
CA PRO MB 208 -20.42 -124.56 -7.58
C PRO MB 208 -19.76 -125.68 -8.37
N PRO MB 209 -20.14 -125.84 -9.64
CA PRO MB 209 -19.51 -126.88 -10.47
C PRO MB 209 -18.05 -126.59 -10.73
N GLU MB 210 -17.30 -127.67 -11.00
CA GLU MB 210 -15.87 -127.52 -11.28
C GLU MB 210 -15.62 -126.76 -12.57
N ARG MB 211 -16.50 -126.92 -13.56
CA ARG MB 211 -16.32 -126.18 -14.81
C ARG MB 211 -16.50 -124.68 -14.59
N GLU MB 212 -17.50 -124.30 -13.79
CA GLU MB 212 -17.66 -122.88 -13.46
C GLU MB 212 -16.51 -122.36 -12.60
N LEU MB 213 -16.00 -123.20 -11.69
CA LEU MB 213 -14.82 -122.80 -10.92
C LEU MB 213 -13.64 -122.52 -11.83
N SER MB 214 -13.41 -123.40 -12.81
CA SER MB 214 -12.33 -123.19 -13.77
C SER MB 214 -12.57 -121.98 -14.65
N ARG MB 215 -13.82 -121.74 -15.05
CA ARG MB 215 -14.13 -120.56 -15.86
C ARG MB 215 -13.85 -119.28 -15.09
N LEU MB 216 -14.14 -119.28 -13.79
CA LEU MB 216 -13.84 -118.11 -12.96
C LEU MB 216 -12.34 -117.96 -12.75
N ARG MB 217 -11.63 -119.06 -12.50
CA ARG MB 217 -10.19 -118.99 -12.27
C ARG MB 217 -9.42 -118.62 -13.53
N ARG MB 218 -9.94 -118.92 -14.71
CA ARG MB 218 -9.29 -118.52 -15.95
C ARG MB 218 -9.36 -117.01 -16.16
N LEU MB 219 -10.48 -116.39 -15.80
CA LEU MB 219 -10.64 -114.96 -16.01
C LEU MB 219 -10.06 -114.14 -14.87
N TYR MB 220 -10.04 -114.68 -13.66
CA TYR MB 220 -9.54 -113.95 -12.49
C TYR MB 220 -8.09 -114.34 -12.15
N GLN MB 221 -7.27 -114.59 -13.17
CA GLN MB 221 -5.87 -114.89 -12.92
C GLN MB 221 -5.18 -113.68 -12.28
N GLY MB 222 -4.17 -113.97 -11.47
CA GLY MB 222 -3.42 -112.95 -10.75
C GLY MB 222 -4.02 -112.57 -9.41
N ARG MB 223 -5.35 -112.46 -9.35
CA ARG MB 223 -6.06 -112.14 -8.11
C ARG MB 223 -6.67 -113.37 -7.46
N LEU MB 224 -6.13 -114.55 -7.75
CA LEU MB 224 -6.72 -115.78 -7.24
C LEU MB 224 -6.52 -115.87 -5.73
N ARG MB 225 -7.52 -116.44 -5.05
CA ARG MB 225 -7.52 -116.56 -3.60
C ARG MB 225 -7.67 -118.03 -3.22
N GLU MB 226 -7.31 -118.35 -1.99
CA GLU MB 226 -7.45 -119.72 -1.50
C GLU MB 226 -8.91 -120.14 -1.49
N GLU MB 227 -9.17 -121.35 -1.98
CA GLU MB 227 -10.54 -121.83 -2.04
C GLU MB 227 -11.07 -122.13 -0.65
N SER MB 228 -12.39 -122.20 -0.55
CA SER MB 228 -13.06 -122.51 0.72
C SER MB 228 -14.40 -123.15 0.41
N GLY MB 229 -14.61 -124.35 0.91
CA GLY MB 229 -15.84 -125.08 0.68
C GLY MB 229 -16.98 -124.58 1.52
N PRO MB 230 -17.94 -125.46 1.82
CA PRO MB 230 -19.09 -125.06 2.63
C PRO MB 230 -18.66 -124.70 4.04
N PRO MB 231 -19.21 -123.64 4.61
CA PRO MB 231 -18.87 -123.27 5.99
C PRO MB 231 -19.51 -124.23 6.97
N PRO MB 232 -18.98 -124.31 8.19
CA PRO MB 232 -19.56 -125.23 9.18
C PRO MB 232 -20.99 -124.84 9.52
N GLU MB 233 -21.76 -125.83 9.98
CA GLU MB 233 -23.15 -125.59 10.34
C GLU MB 233 -23.25 -124.79 11.64
N LEU MB 234 -22.62 -125.28 12.70
CA LEU MB 234 -22.62 -124.61 13.99
C LEU MB 234 -21.27 -123.95 14.22
N MET MB 235 -21.31 -122.72 14.74
CA MET MB 235 -20.09 -121.98 15.03
C MET MB 235 -19.63 -122.29 16.45
N PRO MB 236 -18.42 -122.82 16.65
CA PRO MB 236 -17.96 -123.10 18.00
C PRO MB 236 -17.65 -121.83 18.77
N GLU MB 237 -17.55 -121.97 20.08
CA GLU MB 237 -17.23 -120.86 20.97
C GLU MB 237 -15.72 -120.81 21.18
N VAL MB 238 -15.27 -119.91 22.06
CA VAL MB 238 -13.85 -119.78 22.35
C VAL MB 238 -13.41 -120.84 23.34
N GLU NB 46 113.77 -11.69 31.34
CA GLU NB 46 114.04 -13.11 31.46
C GLU NB 46 112.92 -13.93 30.81
N ALA NB 47 113.15 -15.25 30.71
CA ALA NB 47 112.18 -16.15 30.10
C ALA NB 47 112.22 -17.48 30.85
N LEU NB 48 111.31 -18.38 30.47
CA LEU NB 48 111.19 -19.69 31.07
C LEU NB 48 111.99 -20.71 30.26
N ALA NB 49 111.82 -21.99 30.59
CA ALA NB 49 112.53 -23.04 29.90
C ALA NB 49 112.00 -23.21 28.47
N GLY NB 50 112.68 -24.04 27.69
CA GLY NB 50 112.33 -24.28 26.31
C GLY NB 50 111.27 -25.33 26.07
N ALA NB 51 110.58 -25.78 27.13
CA ALA NB 51 109.50 -26.75 27.05
C ALA NB 51 109.98 -28.05 26.39
N PRO NB 52 110.84 -28.81 27.05
CA PRO NB 52 111.32 -30.07 26.47
C PRO NB 52 110.36 -31.22 26.73
N LEU NB 53 110.59 -32.32 26.01
CA LEU NB 53 109.78 -33.52 26.12
C LEU NB 53 110.70 -34.73 26.17
N ASP NB 54 110.09 -35.91 26.32
CA ASP NB 54 110.83 -37.16 26.42
C ASP NB 54 111.01 -37.87 25.09
N ASN NB 55 110.38 -37.38 24.02
CA ASN NB 55 110.54 -38.01 22.72
C ASN NB 55 111.97 -37.83 22.20
N ALA NB 56 112.59 -36.68 22.50
CA ALA NB 56 113.98 -36.43 22.13
C ALA NB 56 114.74 -35.80 23.30
N PRO NB 57 114.61 -36.38 24.50
CA PRO NB 57 115.24 -35.78 25.69
C PRO NB 57 116.74 -36.09 25.73
N LYS NB 58 117.55 -35.06 25.47
CA LYS NB 58 118.99 -35.20 25.53
C LYS NB 58 119.69 -34.05 26.24
N GLU NB 59 119.03 -32.91 26.47
CA GLU NB 59 119.65 -31.76 27.10
C GLU NB 59 119.22 -31.70 28.56
N TYR NB 60 120.19 -31.83 29.47
CA TYR NB 60 120.01 -31.78 30.90
C TYR NB 60 120.39 -30.40 31.44
N PRO NB 61 119.85 -29.99 32.57
CA PRO NB 61 120.19 -28.69 33.15
C PRO NB 61 121.67 -28.60 33.47
N PRO NB 62 122.35 -27.55 33.00
CA PRO NB 62 123.80 -27.43 33.26
C PRO NB 62 124.14 -27.23 34.73
N LYS NB 63 123.17 -26.83 35.55
CA LYS NB 63 123.43 -26.70 36.98
C LYS NB 63 123.73 -28.06 37.61
N ILE NB 64 123.05 -29.11 37.16
CA ILE NB 64 123.35 -30.46 37.65
C ILE NB 64 124.79 -30.84 37.30
N GLN NB 65 125.21 -30.56 36.07
CA GLN NB 65 126.56 -30.93 35.65
C GLN NB 65 127.61 -30.14 36.41
N GLN NB 66 127.38 -28.83 36.61
CA GLN NB 66 128.37 -28.03 37.34
C GLN NB 66 128.40 -28.40 38.82
N LEU NB 67 127.28 -28.82 39.39
CA LEU NB 67 127.30 -29.30 40.77
C LEU NB 67 128.02 -30.63 40.88
N VAL NB 68 127.83 -31.52 39.91
CA VAL NB 68 128.58 -32.78 39.90
C VAL NB 68 130.07 -32.50 39.78
N GLN NB 69 130.45 -31.52 38.96
CA GLN NB 69 131.86 -31.15 38.84
C GLN NB 69 132.39 -30.55 40.14
N ASP NB 70 131.59 -29.71 40.80
CA ASP NB 70 132.02 -29.15 42.08
C ASP NB 70 132.20 -30.25 43.13
N ILE NB 71 131.36 -31.28 43.09
CA ILE NB 71 131.52 -32.41 44.00
C ILE NB 71 132.78 -33.18 43.67
N ALA NB 72 132.99 -33.50 42.39
CA ALA NB 72 134.14 -34.30 41.97
C ALA NB 72 135.46 -33.55 42.05
N SER NB 73 135.45 -32.23 42.19
CA SER NB 73 136.67 -31.46 42.30
C SER NB 73 137.09 -31.21 43.74
N LEU NB 74 136.49 -31.91 44.70
CA LEU NB 74 136.82 -31.76 46.11
C LEU NB 74 137.44 -33.05 46.64
N THR NB 75 138.16 -32.91 47.76
CA THR NB 75 138.81 -34.04 48.38
C THR NB 75 137.81 -34.90 49.15
N LEU NB 76 138.30 -36.01 49.70
CA LEU NB 76 137.42 -36.93 50.42
C LEU NB 76 136.93 -36.33 51.73
N LEU NB 77 137.76 -35.53 52.41
CA LEU NB 77 137.33 -34.93 53.66
C LEU NB 77 136.21 -33.91 53.45
N GLU NB 78 136.25 -33.16 52.36
CA GLU NB 78 135.15 -32.25 52.04
C GLU NB 78 133.87 -33.00 51.73
N ILE NB 79 133.96 -34.12 51.03
CA ILE NB 79 132.77 -34.92 50.74
C ILE NB 79 132.19 -35.50 52.03
N SER NB 80 133.06 -35.96 52.93
CA SER NB 80 132.58 -36.45 54.22
C SER NB 80 131.93 -35.35 55.04
N ASP NB 81 132.51 -34.14 55.03
CA ASP NB 81 131.89 -33.02 55.73
C ASP NB 81 130.52 -32.69 55.15
N LEU NB 82 130.41 -32.67 53.82
CA LEU NB 82 129.13 -32.39 53.18
C LEU NB 82 128.10 -33.47 53.53
N ASN NB 83 128.51 -34.74 53.52
CA ASN NB 83 127.60 -35.81 53.86
C ASN NB 83 127.14 -35.71 55.31
N GLU NB 84 128.05 -35.36 56.22
CA GLU NB 84 127.68 -35.19 57.62
C GLU NB 84 126.70 -34.03 57.79
N LEU NB 85 126.97 -32.90 57.12
CA LEU NB 85 126.06 -31.76 57.21
C LEU NB 85 124.68 -32.10 56.65
N LEU NB 86 124.64 -32.86 55.55
CA LEU NB 86 123.35 -33.25 54.99
C LEU NB 86 122.59 -34.20 55.91
N LYS NB 87 123.30 -35.17 56.50
CA LYS NB 87 122.64 -36.08 57.43
C LYS NB 87 122.17 -35.37 58.69
N LYS NB 88 122.85 -34.30 59.09
CA LYS NB 88 122.42 -33.55 60.27
C LYS NB 88 121.23 -32.66 59.96
N THR NB 89 121.25 -31.98 58.80
CA THR NB 89 120.16 -31.06 58.48
C THR NB 89 118.93 -31.80 57.97
N LEU NB 90 119.06 -32.51 56.86
CA LEU NB 90 117.94 -33.25 56.28
C LEU NB 90 117.85 -34.65 56.86
N ILE OB 64 131.65 -24.46 50.52
CA ILE OB 64 130.95 -25.73 50.62
C ILE OB 64 129.47 -25.49 50.92
N GLN OB 65 129.16 -24.33 51.50
CA GLN OB 65 127.76 -23.99 51.78
C GLN OB 65 126.97 -23.74 50.50
N GLN OB 66 127.63 -23.32 49.43
CA GLN OB 66 126.93 -23.14 48.16
C GLN OB 66 126.32 -24.43 47.65
N LEU OB 67 126.93 -25.58 47.95
CA LEU OB 67 126.37 -26.85 47.52
C LEU OB 67 125.04 -27.14 48.21
N VAL OB 68 125.00 -26.99 49.54
CA VAL OB 68 123.76 -27.25 50.26
C VAL OB 68 122.73 -26.16 49.97
N GLN OB 69 123.18 -24.96 49.57
CA GLN OB 69 122.23 -23.93 49.18
C GLN OB 69 121.61 -24.23 47.82
N ASP OB 70 122.41 -24.73 46.88
CA ASP OB 70 121.91 -25.05 45.55
C ASP OB 70 121.12 -26.35 45.52
N ILE OB 71 121.32 -27.24 46.51
CA ILE OB 71 120.54 -28.47 46.57
C ILE OB 71 119.06 -28.15 46.72
N ALA OB 72 118.72 -27.24 47.64
CA ALA OB 72 117.33 -26.93 47.91
C ALA OB 72 116.74 -25.94 46.91
N SER OB 73 117.54 -25.44 45.96
CA SER OB 73 117.06 -24.45 45.01
C SER OB 73 116.44 -25.06 43.76
N LEU OB 74 116.65 -26.35 43.50
CA LEU OB 74 116.10 -26.99 42.32
C LEU OB 74 114.74 -27.59 42.62
N THR OB 75 114.05 -28.01 41.57
CA THR OB 75 112.70 -28.54 41.68
C THR OB 75 112.75 -30.07 41.69
N LEU OB 76 111.58 -30.70 41.75
CA LEU OB 76 111.50 -32.15 41.79
C LEU OB 76 112.10 -32.78 40.54
N LEU OB 77 111.79 -32.22 39.36
CA LEU OB 77 112.32 -32.76 38.13
C LEU OB 77 113.84 -32.69 38.10
N GLU OB 78 114.41 -31.55 38.50
CA GLU OB 78 115.86 -31.39 38.44
C GLU OB 78 116.57 -32.26 39.48
N ILE OB 79 116.01 -32.37 40.69
CA ILE OB 79 116.63 -33.24 41.68
C ILE OB 79 116.50 -34.72 41.27
N SER OB 80 115.40 -35.09 40.59
CA SER OB 80 115.28 -36.46 40.10
C SER OB 80 116.27 -36.73 38.98
N ASP OB 81 116.50 -35.74 38.12
CA ASP OB 81 117.53 -35.90 37.09
C ASP OB 81 118.92 -36.01 37.70
N LEU OB 82 119.19 -35.24 38.75
CA LEU OB 82 120.48 -35.36 39.44
C LEU OB 82 120.63 -36.75 40.04
N ASN OB 83 119.58 -37.27 40.67
CA ASN OB 83 119.65 -38.62 41.25
C ASN OB 83 119.83 -39.67 40.16
N GLU OB 84 119.14 -39.53 39.03
CA GLU OB 84 119.27 -40.48 37.94
C GLU OB 84 120.66 -40.43 37.31
N LEU OB 85 121.29 -39.25 37.31
CA LEU OB 85 122.65 -39.15 36.78
C LEU OB 85 123.66 -39.74 37.74
N LEU OB 86 123.51 -39.49 39.05
CA LEU OB 86 124.48 -40.02 40.01
C LEU OB 86 124.34 -41.53 40.19
N LYS OB 87 123.12 -42.07 40.09
CA LYS OB 87 122.96 -43.51 40.21
C LYS OB 87 123.61 -44.26 39.05
N LYS OB 88 123.80 -43.61 37.91
CA LYS OB 88 124.47 -44.23 36.77
C LYS OB 88 125.96 -43.91 36.74
N THR OB 89 126.36 -42.77 37.28
CA THR OB 89 127.79 -42.44 37.35
C THR OB 89 128.48 -43.23 38.46
N LEU OB 90 128.01 -43.08 39.70
CA LEU OB 90 128.61 -43.80 40.83
C LEU OB 90 128.17 -45.26 40.83
N ILE PB 64 147.07 -43.75 41.78
CA ILE PB 64 145.84 -44.52 41.76
C ILE PB 64 146.16 -46.01 41.67
N GLN PB 65 147.37 -46.34 41.23
CA GLN PB 65 147.83 -47.71 41.16
C GLN PB 65 148.73 -48.10 42.32
N GLN PB 66 149.57 -47.16 42.77
CA GLN PB 66 150.42 -47.42 43.94
C GLN PB 66 149.59 -47.68 45.20
N LEU PB 67 148.39 -47.09 45.28
CA LEU PB 67 147.52 -47.36 46.42
C LEU PB 67 147.11 -48.83 46.46
N VAL PB 68 146.65 -49.35 45.33
CA VAL PB 68 146.29 -50.77 45.26
C VAL PB 68 147.52 -51.64 45.46
N GLN PB 69 148.68 -51.23 44.94
CA GLN PB 69 149.90 -52.00 45.12
C GLN PB 69 150.30 -52.08 46.59
N ASP PB 70 150.12 -51.00 47.34
CA ASP PB 70 150.48 -51.00 48.76
C ASP PB 70 149.43 -51.73 49.60
N ILE PB 71 148.16 -51.67 49.19
CA ILE PB 71 147.13 -52.41 49.89
C ILE PB 71 147.30 -53.91 49.68
N ALA PB 72 147.72 -54.33 48.48
CA ALA PB 72 147.96 -55.73 48.21
C ALA PB 72 149.20 -56.27 48.91
N SER PB 73 149.99 -55.42 49.56
CA SER PB 73 151.19 -55.83 50.28
C SER PB 73 150.96 -55.93 51.78
N LEU PB 74 149.73 -55.83 52.23
CA LEU PB 74 149.39 -55.91 53.65
C LEU PB 74 148.72 -57.24 53.96
N THR PB 75 148.96 -57.74 55.17
CA THR PB 75 148.34 -58.99 55.61
C THR PB 75 146.89 -58.74 56.00
N LEU PB 76 146.18 -59.82 56.33
CA LEU PB 76 144.75 -59.73 56.59
C LEU PB 76 144.46 -58.89 57.83
N LEU PB 77 145.33 -58.94 58.85
CA LEU PB 77 145.12 -58.13 60.04
C LEU PB 77 145.24 -56.64 59.74
N GLU PB 78 146.22 -56.26 58.92
CA GLU PB 78 146.35 -54.86 58.53
C GLU PB 78 145.16 -54.40 57.72
N ILE PB 79 144.63 -55.26 56.85
CA ILE PB 79 143.45 -54.90 56.07
C ILE PB 79 142.24 -54.75 56.97
N SER PB 80 142.11 -55.61 57.98
CA SER PB 80 141.00 -55.50 58.91
C SER PB 80 141.10 -54.20 59.72
N ASP PB 81 142.30 -53.86 60.18
CA ASP PB 81 142.49 -52.60 60.88
C ASP PB 81 142.20 -51.40 59.98
N LEU PB 82 142.59 -51.47 58.70
CA LEU PB 82 142.31 -50.38 57.78
C LEU PB 82 140.80 -50.23 57.55
N ASN PB 83 140.09 -51.35 57.37
CA ASN PB 83 138.65 -51.29 57.18
C ASN PB 83 137.95 -50.75 58.42
N GLU PB 84 138.41 -51.16 59.60
CA GLU PB 84 137.84 -50.63 60.85
C GLU PB 84 138.08 -49.14 60.97
N LEU PB 85 139.29 -48.67 60.67
CA LEU PB 85 139.58 -47.25 60.73
C LEU PB 85 138.72 -46.48 59.73
N LEU PB 86 138.54 -47.02 58.53
CA LEU PB 86 137.73 -46.34 57.53
C LEU PB 86 136.27 -46.27 57.95
N LYS PB 87 135.72 -47.37 58.48
CA LYS PB 87 134.33 -47.37 58.89
C LYS PB 87 134.09 -46.56 60.17
N LYS PB 88 135.13 -46.31 60.96
CA LYS PB 88 134.97 -45.47 62.14
C LYS PB 88 135.28 -43.99 61.88
N THR PB 89 135.99 -43.67 60.80
CA THR PB 89 136.27 -42.28 60.47
C THR PB 89 135.38 -41.73 59.37
N LEU PB 90 134.70 -42.60 58.61
CA LEU PB 90 133.81 -42.17 57.54
C LEU PB 90 132.37 -42.58 57.77
N LYS PB 91 132.13 -43.87 58.04
CA LYS PB 91 130.80 -44.40 58.31
C LYS PB 91 129.82 -44.10 57.18
N ILE QB 64 148.68 -48.57 57.28
CA ILE QB 64 147.46 -48.39 58.05
C ILE QB 64 146.97 -46.95 57.89
N GLN QB 65 147.55 -46.03 58.66
CA GLN QB 65 147.16 -44.63 58.58
C GLN QB 65 147.70 -43.97 57.32
N GLN QB 66 148.81 -44.47 56.78
CA GLN QB 66 149.32 -43.95 55.52
C GLN QB 66 148.38 -44.28 54.37
N LEU QB 67 147.60 -45.37 54.49
CA LEU QB 67 146.59 -45.68 53.49
C LEU QB 67 145.38 -44.78 53.60
N VAL QB 68 145.10 -44.25 54.80
CA VAL QB 68 143.97 -43.34 54.95
C VAL QB 68 144.36 -41.92 54.53
N GLN QB 69 145.59 -41.50 54.84
CA GLN QB 69 145.99 -40.13 54.57
C GLN QB 69 146.05 -39.81 53.08
N ASP QB 70 146.25 -40.83 52.24
CA ASP QB 70 146.29 -40.56 50.80
C ASP QB 70 144.88 -40.59 50.19
N ILE QB 71 144.03 -41.51 50.64
CA ILE QB 71 142.68 -41.56 50.11
C ILE QB 71 141.86 -40.37 50.61
N ALA QB 72 142.26 -39.76 51.73
CA ALA QB 72 141.56 -38.58 52.22
C ALA QB 72 141.74 -37.38 51.28
N SER QB 73 142.79 -37.37 50.47
CA SER QB 73 143.05 -36.27 49.54
C SER QB 73 142.77 -36.66 48.09
N LEU QB 74 141.88 -37.62 47.86
CA LEU QB 74 141.53 -38.05 46.51
C LEU QB 74 140.15 -37.52 46.13
N THR QB 75 139.95 -37.30 44.84
CA THR QB 75 138.71 -36.74 44.34
C THR QB 75 137.73 -37.88 44.01
N LEU QB 76 136.53 -37.50 43.57
CA LEU QB 76 135.52 -38.50 43.23
C LEU QB 76 135.95 -39.35 42.04
N LEU QB 77 136.58 -38.72 41.03
CA LEU QB 77 137.05 -39.50 39.89
C LEU QB 77 138.12 -40.50 40.30
N GLU QB 78 139.05 -40.09 41.15
CA GLU QB 78 140.11 -41.00 41.59
C GLU QB 78 139.56 -42.13 42.45
N ILE QB 79 138.63 -41.83 43.36
CA ILE QB 79 138.08 -42.89 44.19
C ILE QB 79 137.19 -43.82 43.36
N SER QB 80 136.53 -43.30 42.33
CA SER QB 80 135.74 -44.16 41.45
C SER QB 80 136.63 -45.06 40.62
N ASP QB 81 137.77 -44.54 40.15
CA ASP QB 81 138.73 -45.38 39.46
C ASP QB 81 139.30 -46.45 40.38
N LEU QB 82 139.56 -46.10 41.65
CA LEU QB 82 139.98 -47.08 42.63
C LEU QB 82 138.94 -48.19 42.79
N ASN QB 83 137.67 -47.80 42.94
CA ASN QB 83 136.62 -48.79 43.10
C ASN QB 83 136.48 -49.67 41.88
N GLU QB 84 136.60 -49.09 40.68
CA GLU QB 84 136.50 -49.88 39.46
C GLU QB 84 137.66 -50.86 39.33
N LEU QB 85 138.87 -50.42 39.67
CA LEU QB 85 140.01 -51.32 39.65
C LEU QB 85 139.85 -52.44 40.68
N LEU QB 86 139.30 -52.13 41.86
CA LEU QB 86 139.04 -53.16 42.84
C LEU QB 86 137.99 -54.16 42.36
N LYS QB 87 136.96 -53.68 41.68
CA LYS QB 87 135.95 -54.57 41.10
C LYS QB 87 136.57 -55.46 40.04
N LYS QB 88 137.46 -54.92 39.22
CA LYS QB 88 138.08 -55.70 38.15
C LYS QB 88 139.06 -56.73 38.72
N THR QB 89 139.74 -56.38 39.81
CA THR QB 89 140.71 -57.30 40.39
C THR QB 89 140.05 -58.37 41.25
N LEU QB 90 139.35 -57.96 42.31
CA LEU QB 90 138.69 -58.90 43.20
C LEU QB 90 137.22 -59.09 42.82
N ILE RB 64 150.60 -72.17 49.36
CA ILE RB 64 149.17 -72.08 49.08
C ILE RB 64 148.57 -73.47 48.91
N GLN RB 65 149.31 -74.36 48.23
CA GLN RB 65 148.84 -75.72 48.03
C GLN RB 65 148.72 -76.48 49.34
N GLN RB 66 149.63 -76.22 50.29
CA GLN RB 66 149.51 -76.87 51.59
C GLN RB 66 148.26 -76.42 52.33
N LEU RB 67 147.92 -75.14 52.25
CA LEU RB 67 146.69 -74.66 52.87
C LEU RB 67 145.46 -75.23 52.18
N VAL RB 68 145.52 -75.37 50.85
CA VAL RB 68 144.41 -76.00 50.13
C VAL RB 68 144.22 -77.43 50.59
N GLN RB 69 145.32 -78.18 50.73
CA GLN RB 69 145.22 -79.55 51.20
C GLN RB 69 144.71 -79.63 52.62
N ASP RB 70 145.15 -78.71 53.49
CA ASP RB 70 144.68 -78.72 54.87
C ASP RB 70 143.21 -78.35 54.97
N ILE RB 71 142.71 -77.52 54.04
CA ILE RB 71 141.29 -77.21 54.03
C ILE RB 71 140.49 -78.39 53.48
N ALA RB 72 141.03 -79.08 52.49
CA ALA RB 72 140.32 -80.20 51.88
C ALA RB 72 140.34 -81.46 52.74
N SER RB 73 141.30 -81.60 53.64
CA SER RB 73 141.39 -82.77 54.51
C SER RB 73 140.53 -82.65 55.77
N LEU RB 74 139.58 -81.73 55.80
CA LEU RB 74 138.72 -81.53 56.96
C LEU RB 74 137.29 -81.93 56.63
N THR RB 75 136.53 -82.25 57.68
CA THR RB 75 135.15 -82.69 57.54
C THR RB 75 134.21 -81.49 57.65
N LEU RB 76 132.90 -81.74 57.65
CA LEU RB 76 131.93 -80.66 57.67
C LEU RB 76 131.95 -79.89 58.98
N LEU RB 77 132.11 -80.58 60.11
CA LEU RB 77 132.14 -79.91 61.40
C LEU RB 77 133.39 -79.01 61.51
N GLU RB 78 134.54 -79.51 61.07
CA GLU RB 78 135.75 -78.71 61.12
C GLU RB 78 135.69 -77.55 60.14
N ILE RB 79 135.05 -77.74 58.98
CA ILE RB 79 134.90 -76.65 58.02
C ILE RB 79 133.99 -75.57 58.59
N SER RB 80 132.90 -75.97 59.26
CA SER RB 80 132.03 -74.98 59.89
C SER RB 80 132.73 -74.28 61.05
N ASP RB 81 133.59 -75.00 61.77
CA ASP RB 81 134.37 -74.36 62.84
C ASP RB 81 135.34 -73.34 62.26
N LEU RB 82 136.00 -73.68 61.16
CA LEU RB 82 136.87 -72.72 60.48
C LEU RB 82 136.09 -71.50 60.01
N ASN RB 83 134.88 -71.71 59.48
CA ASN RB 83 134.03 -70.60 59.07
C ASN RB 83 133.68 -69.70 60.25
N GLU RB 84 133.28 -70.30 61.37
CA GLU RB 84 132.95 -69.52 62.56
C GLU RB 84 134.15 -68.75 63.08
N LEU RB 85 135.34 -69.36 63.09
CA LEU RB 85 136.53 -68.66 63.53
C LEU RB 85 136.86 -67.49 62.62
N LEU RB 86 136.81 -67.71 61.30
CA LEU RB 86 137.13 -66.64 60.35
C LEU RB 86 136.09 -65.53 60.37
N LYS RB 87 134.85 -65.83 60.75
CA LYS RB 87 133.84 -64.79 60.83
C LYS RB 87 133.84 -64.06 62.18
N LYS RB 88 134.35 -64.70 63.23
CA LYS RB 88 134.37 -64.06 64.54
C LYS RB 88 135.71 -63.40 64.87
N THR RB 89 136.78 -63.70 64.14
CA THR RB 89 138.05 -63.04 64.40
C THR RB 89 138.12 -61.67 63.74
N LEU RB 90 137.67 -61.56 62.49
CA LEU RB 90 137.71 -60.29 61.78
C LEU RB 90 136.44 -59.48 62.07
N ILE SB 64 143.72 -76.40 63.02
CA ILE SB 64 142.58 -75.50 62.96
C ILE SB 64 143.03 -74.06 63.20
N GLN SB 65 143.40 -73.76 64.45
CA GLN SB 65 143.91 -72.43 64.77
C GLN SB 65 145.24 -72.14 64.08
N GLN SB 66 146.07 -73.16 63.85
CA GLN SB 66 147.27 -72.96 63.06
C GLN SB 66 146.93 -72.58 61.63
N LEU SB 67 145.89 -73.20 61.07
CA LEU SB 67 145.42 -72.81 59.75
C LEU SB 67 144.89 -71.39 59.74
N VAL SB 68 144.18 -70.99 60.80
CA VAL SB 68 143.68 -69.63 60.90
C VAL SB 68 144.84 -68.64 60.94
N GLN SB 69 145.88 -68.96 61.71
CA GLN SB 69 147.05 -68.07 61.77
C GLN SB 69 147.77 -68.01 60.43
N ASP SB 70 147.89 -69.15 59.72
CA ASP SB 70 148.55 -69.14 58.43
C ASP SB 70 147.75 -68.34 57.40
N ILE SB 71 146.41 -68.39 57.50
CA ILE SB 71 145.58 -67.57 56.64
C ILE SB 71 145.75 -66.10 56.97
N ALA SB 72 145.80 -65.76 58.26
CA ALA SB 72 145.92 -64.37 58.69
C ALA SB 72 147.30 -63.79 58.41
N SER SB 73 148.33 -64.62 58.26
CA SER SB 73 149.68 -64.13 57.99
C SER SB 73 149.97 -63.94 56.50
N LEU SB 74 148.97 -64.10 55.63
CA LEU SB 74 149.16 -63.96 54.20
C LEU SB 74 148.64 -62.62 53.70
N THR SB 75 149.13 -62.20 52.54
CA THR SB 75 148.78 -60.90 51.96
C THR SB 75 147.67 -61.08 50.92
N LEU SB 76 147.30 -59.97 50.27
CA LEU SB 76 146.18 -59.99 49.34
C LEU SB 76 146.46 -60.84 48.11
N LEU SB 77 147.67 -60.77 47.55
CA LEU SB 77 147.98 -61.55 46.35
C LEU SB 77 147.86 -63.04 46.62
N GLU SB 78 148.50 -63.51 47.70
CA GLU SB 78 148.44 -64.93 48.01
C GLU SB 78 147.05 -65.38 48.45
N ILE SB 79 146.32 -64.53 49.18
CA ILE SB 79 144.97 -64.92 49.58
C ILE SB 79 144.02 -64.92 48.38
N SER SB 80 144.25 -64.08 47.37
CA SER SB 80 143.45 -64.14 46.16
C SER SB 80 143.81 -65.33 45.30
N ASP SB 81 145.09 -65.73 45.29
CA ASP SB 81 145.47 -66.98 44.63
C ASP SB 81 144.79 -68.17 45.31
N LEU SB 82 144.74 -68.17 46.65
CA LEU SB 82 144.01 -69.21 47.37
C LEU SB 82 142.53 -69.19 47.03
N ASN SB 83 141.94 -67.99 46.97
CA ASN SB 83 140.53 -67.87 46.60
C ASN SB 83 140.27 -68.42 45.20
N GLU SB 84 141.16 -68.16 44.25
CA GLU SB 84 140.99 -68.70 42.90
C GLU SB 84 141.15 -70.21 42.90
N LEU SB 85 142.14 -70.74 43.64
CA LEU SB 85 142.37 -72.18 43.66
C LEU SB 85 141.23 -72.92 44.35
N LEU SB 86 140.52 -72.26 45.26
CA LEU SB 86 139.34 -72.86 45.87
C LEU SB 86 138.07 -72.64 45.06
N LYS SB 87 138.01 -71.57 44.25
CA LYS SB 87 136.84 -71.33 43.42
C LYS SB 87 136.84 -72.24 42.19
N LYS SB 88 138.02 -72.54 41.63
CA LYS SB 88 138.08 -73.43 40.49
C LYS SB 88 137.66 -74.86 40.85
N THR SB 89 137.76 -75.23 42.12
CA THR SB 89 137.33 -76.53 42.62
C THR SB 89 137.99 -77.68 41.86
N HIS TB 129 68.98 -52.06 51.29
CA HIS TB 129 68.26 -53.26 50.85
C HIS TB 129 69.23 -54.38 50.51
N PHE TB 130 68.68 -55.49 49.99
CA PHE TB 130 69.45 -56.65 49.62
C PHE TB 130 69.19 -57.00 48.15
N THR TB 131 70.00 -57.92 47.63
CA THR TB 131 69.91 -58.34 46.24
C THR TB 131 69.94 -59.86 46.19
N VAL TB 132 68.96 -60.45 45.52
CA VAL TB 132 68.85 -61.90 45.39
C VAL TB 132 69.40 -62.29 44.03
N ARG TB 133 70.36 -63.21 44.01
CA ARG TB 133 70.94 -63.69 42.76
C ARG TB 133 70.97 -65.21 42.77
N LEU TB 134 70.77 -65.81 41.61
CA LEU TB 134 70.88 -67.25 41.43
C LEU TB 134 72.20 -67.51 40.73
N THR TB 135 73.11 -68.19 41.44
CA THR TB 135 74.47 -68.39 40.92
C THR TB 135 74.52 -69.59 39.99
N GLU TB 136 74.19 -70.78 40.49
CA GLU TB 136 74.22 -72.00 39.69
C GLU TB 136 72.97 -72.81 39.97
N ALA TB 137 72.62 -73.66 39.01
CA ALA TB 137 71.45 -74.52 39.09
C ALA TB 137 71.88 -75.98 39.08
N LYS TB 138 71.39 -76.74 40.04
CA LYS TB 138 71.67 -78.17 40.05
C LYS TB 138 70.97 -78.84 38.88
N PRO TB 139 71.66 -79.71 38.13
CA PRO TB 139 71.02 -80.32 36.96
C PRO TB 139 69.86 -81.24 37.30
N VAL TB 140 69.73 -81.65 38.57
CA VAL TB 140 68.64 -82.54 38.94
C VAL TB 140 67.38 -81.74 39.26
N ASP TB 141 67.52 -80.55 39.85
CA ASP TB 141 66.38 -79.78 40.33
C ASP TB 141 66.07 -78.58 39.46
N LYS TB 142 66.39 -78.65 38.16
CA LYS TB 142 66.14 -77.51 37.27
C LYS TB 142 64.64 -77.26 37.11
N VAL TB 143 63.85 -78.33 36.96
CA VAL TB 143 62.41 -78.16 36.77
C VAL TB 143 61.78 -77.51 38.01
N LYS TB 144 62.10 -78.03 39.19
CA LYS TB 144 61.56 -77.47 40.43
C LYS TB 144 62.06 -76.04 40.66
N LEU TB 145 63.31 -75.75 40.30
CA LEU TB 145 63.81 -74.38 40.43
C LEU TB 145 63.08 -73.43 39.50
N ILE TB 146 62.81 -73.85 38.26
CA ILE TB 146 62.05 -73.01 37.34
C ILE TB 146 60.63 -72.79 37.86
N LYS TB 147 60.02 -73.85 38.41
CA LYS TB 147 58.68 -73.70 38.98
C LYS TB 147 58.68 -72.70 40.12
N GLU TB 148 59.65 -72.81 41.03
CA GLU TB 148 59.71 -71.89 42.17
C GLU TB 148 60.00 -70.46 41.72
N ILE TB 149 60.84 -70.28 40.70
CA ILE TB 149 61.11 -68.94 40.19
C ILE TB 149 59.86 -68.34 39.58
N LYS TB 150 59.13 -69.13 38.78
CA LYS TB 150 57.90 -68.65 38.16
C LYS TB 150 56.83 -68.34 39.20
N SER TB 151 56.82 -69.06 40.32
CA SER TB 151 55.88 -68.78 41.39
C SER TB 151 56.28 -67.61 42.26
N HIS TB 152 57.58 -67.31 42.32
CA HIS TB 152 58.05 -66.23 43.19
C HIS TB 152 58.03 -64.87 42.48
N ILE TB 153 58.42 -64.84 41.19
CA ILE TB 153 58.51 -63.54 40.51
C ILE TB 153 57.12 -62.95 40.29
N GLN TB 154 56.11 -63.79 40.08
CA GLN TB 154 54.70 -63.43 39.93
C GLN TB 154 54.41 -62.60 38.68
N GLY TB 155 55.40 -62.33 37.85
CA GLY TB 155 55.17 -61.57 36.63
C GLY TB 155 55.95 -62.10 35.45
N ILE TB 156 56.67 -63.20 35.67
CA ILE TB 156 57.54 -63.79 34.66
C ILE TB 156 56.79 -64.93 33.98
N ASN TB 157 57.19 -65.23 32.74
CA ASN TB 157 56.63 -66.34 32.00
C ASN TB 157 57.49 -67.59 32.19
N LEU TB 158 56.95 -68.73 31.76
CA LEU TB 158 57.67 -69.99 31.92
C LEU TB 158 58.93 -70.03 31.06
N VAL TB 159 58.83 -69.58 29.81
CA VAL TB 159 59.99 -69.59 28.93
C VAL TB 159 61.05 -68.60 29.43
N GLN TB 160 60.60 -67.44 29.94
CA GLN TB 160 61.54 -66.49 30.51
C GLN TB 160 62.23 -67.04 31.75
N ALA TB 161 61.50 -67.74 32.61
CA ALA TB 161 62.12 -68.35 33.79
C ALA TB 161 63.09 -69.45 33.39
N LYS TB 162 62.75 -70.22 32.36
CA LYS TB 162 63.66 -71.25 31.88
C LYS TB 162 64.94 -70.63 31.34
N LYS TB 163 64.83 -69.56 30.56
CA LYS TB 163 66.03 -68.88 30.07
C LYS TB 163 66.83 -68.28 31.21
N LEU TB 164 66.16 -67.75 32.25
CA LEU TB 164 66.87 -67.19 33.39
C LEU TB 164 67.64 -68.28 34.14
N VAL TB 165 67.04 -69.46 34.30
CA VAL TB 165 67.72 -70.54 35.00
C VAL TB 165 68.86 -71.12 34.15
N GLU TB 166 68.72 -71.10 32.82
CA GLU TB 166 69.80 -71.60 31.97
C GLU TB 166 70.92 -70.59 31.78
N SER TB 167 70.67 -69.30 31.95
CA SER TB 167 71.68 -68.27 31.74
C SER TB 167 72.28 -67.77 33.06
N LEU TB 168 72.44 -68.66 34.03
CA LEU TB 168 73.03 -68.29 35.31
C LEU TB 168 74.50 -67.95 35.15
N PRO TB 169 75.06 -67.09 36.02
CA PRO TB 169 74.42 -66.42 37.16
C PRO TB 169 73.51 -65.27 36.73
N GLN TB 170 72.43 -65.04 37.48
CA GLN TB 170 71.45 -64.03 37.12
C GLN TB 170 70.84 -63.42 38.38
N GLU TB 171 70.75 -62.09 38.40
CA GLU TB 171 70.11 -61.37 39.50
C GLU TB 171 68.60 -61.42 39.30
N ILE TB 172 67.89 -61.99 40.28
CA ILE TB 172 66.45 -62.22 40.13
C ILE TB 172 65.67 -60.97 40.53
N LYS TB 173 65.82 -60.56 41.79
CA LYS TB 173 65.06 -59.44 42.34
C LYS TB 173 66.02 -58.43 42.93
N ALA TB 174 65.63 -57.16 42.87
CA ALA TB 174 66.48 -56.07 43.33
C ALA TB 174 65.75 -55.22 44.37
N ASN TB 175 66.54 -54.66 45.29
CA ASN TB 175 66.04 -53.77 46.34
C ASN TB 175 64.98 -54.47 47.19
N VAL TB 176 65.37 -55.57 47.83
CA VAL TB 176 64.45 -56.36 48.65
C VAL TB 176 64.83 -56.21 50.12
N PRO TB 177 63.87 -56.31 51.04
CA PRO TB 177 64.21 -56.28 52.47
C PRO TB 177 64.83 -57.59 52.93
N LYS TB 178 65.38 -57.60 54.15
CA LYS TB 178 66.08 -58.77 54.64
C LYS TB 178 65.15 -59.96 54.82
N ALA TB 179 63.94 -59.73 55.36
CA ALA TB 179 63.01 -60.83 55.57
C ALA TB 179 62.63 -61.49 54.25
N GLU TB 180 62.20 -60.69 53.26
CA GLU TB 180 61.83 -61.25 51.97
C GLU TB 180 63.02 -61.91 51.28
N ALA TB 181 64.21 -61.31 51.37
CA ALA TB 181 65.39 -61.91 50.76
C ALA TB 181 65.71 -63.27 51.37
N GLU TB 182 65.71 -63.36 52.70
CA GLU TB 182 66.01 -64.63 53.36
C GLU TB 182 64.95 -65.67 53.04
N LYS TB 183 63.66 -65.27 53.01
CA LYS TB 183 62.61 -66.23 52.72
C LYS TB 183 62.70 -66.74 51.29
N ILE TB 184 62.99 -65.86 50.33
CA ILE TB 184 63.13 -66.29 48.95
C ILE TB 184 64.36 -67.19 48.79
N LYS TB 185 65.46 -66.84 49.46
CA LYS TB 185 66.64 -67.68 49.41
C LYS TB 185 66.36 -69.07 49.97
N ALA TB 186 65.65 -69.14 51.09
CA ALA TB 186 65.32 -70.43 51.68
C ALA TB 186 64.40 -71.24 50.78
N ALA TB 187 63.40 -70.58 50.19
CA ALA TB 187 62.47 -71.29 49.32
C ALA TB 187 63.14 -71.78 48.05
N LEU TB 188 64.14 -71.04 47.55
CA LEU TB 188 64.85 -71.47 46.35
C LEU TB 188 65.96 -72.47 46.65
N GLU TB 189 66.44 -72.54 47.89
CA GLU TB 189 67.40 -73.58 48.25
C GLU TB 189 66.71 -74.87 48.63
N ALA TB 190 65.47 -74.79 49.14
CA ALA TB 190 64.72 -76.01 49.45
C ALA TB 190 64.32 -76.75 48.19
N VAL TB 191 64.25 -76.05 47.04
CA VAL TB 191 63.93 -76.68 45.77
C VAL TB 191 65.17 -77.07 44.98
N GLY TB 192 66.36 -76.81 45.50
CA GLY TB 192 67.59 -77.18 44.86
C GLY TB 192 68.25 -76.10 44.02
N GLY TB 193 68.33 -74.87 44.52
CA GLY TB 193 68.94 -73.76 43.79
C GLY TB 193 70.01 -73.09 44.63
N THR TB 194 71.08 -72.67 43.98
CA THR TB 194 72.19 -71.99 44.64
C THR TB 194 71.92 -70.49 44.63
N VAL TB 195 71.59 -69.93 45.78
CA VAL TB 195 71.17 -68.54 45.92
C VAL TB 195 72.24 -67.76 46.68
N VAL TB 196 72.42 -66.50 46.32
CA VAL TB 196 73.36 -65.60 46.98
C VAL TB 196 72.61 -64.30 47.29
N LEU TB 197 72.65 -63.88 48.56
CA LEU TB 197 72.07 -62.62 48.97
C LEU TB 197 73.18 -61.61 49.25
N GLU TB 198 73.08 -60.46 48.61
CA GLU TB 198 74.10 -59.42 48.75
C GLU TB 198 73.50 -58.12 49.27
N GLY UB 65 -36.76 17.33 -112.10
CA GLY UB 65 -36.15 18.63 -111.93
C GLY UB 65 -34.99 18.63 -110.94
N LEU UB 66 -34.46 17.44 -110.67
CA LEU UB 66 -33.34 17.29 -109.75
C LEU UB 66 -31.99 17.49 -110.42
N GLU UB 67 -31.96 17.61 -111.75
CA GLU UB 67 -30.69 17.78 -112.45
C GLU UB 67 -30.12 19.19 -112.29
N GLU UB 68 -30.94 20.15 -111.86
CA GLU UB 68 -30.47 21.53 -111.72
C GLU UB 68 -29.37 21.68 -110.68
N PHE UB 69 -29.15 20.68 -109.83
CA PHE UB 69 -28.04 20.70 -108.89
C PHE UB 69 -26.70 20.37 -109.54
N PHE UB 70 -26.69 20.04 -110.83
CA PHE UB 70 -25.47 19.73 -111.55
C PHE UB 70 -25.36 20.61 -112.77
N ASP UB 71 -24.17 20.64 -113.36
CA ASP UB 71 -23.90 21.46 -114.53
C ASP UB 71 -24.22 20.65 -115.80
N ASP UB 72 -23.84 21.18 -116.96
CA ASP UB 72 -24.09 20.49 -118.21
C ASP UB 72 -23.25 19.21 -118.28
N PRO UB 73 -23.76 18.17 -118.95
CA PRO UB 73 -22.99 16.93 -119.05
C PRO UB 73 -21.66 17.09 -119.77
N LYS UB 74 -21.56 18.06 -120.70
CA LYS UB 74 -20.31 18.31 -121.41
C LYS UB 74 -19.32 19.11 -120.60
N ASN UB 75 -19.68 19.53 -119.38
CA ASN UB 75 -18.83 20.41 -118.58
C ASN UB 75 -18.39 19.75 -117.28
N TRP UB 76 -18.66 18.47 -117.09
CA TRP UB 76 -18.30 17.80 -115.84
C TRP UB 76 -16.79 17.53 -115.77
N GLY UB 77 -16.27 16.80 -116.74
CA GLY UB 77 -14.86 16.45 -116.76
C GLY UB 77 -13.93 17.52 -117.31
N GLU UB 78 -14.42 18.74 -117.50
CA GLU UB 78 -13.57 19.79 -118.06
C GLU UB 78 -12.58 20.30 -117.02
N GLU UB 79 -11.43 20.77 -117.51
CA GLU UB 79 -10.38 21.28 -116.64
C GLU UB 79 -10.55 22.77 -116.34
N LYS UB 80 -10.89 23.57 -117.34
CA LYS UB 80 -11.06 25.01 -117.18
C LYS UB 80 -12.45 25.39 -117.67
N VAL UB 81 -13.28 25.90 -116.76
CA VAL UB 81 -14.64 26.32 -117.08
C VAL UB 81 -14.71 27.82 -116.81
N LYS UB 82 -14.66 28.62 -117.87
CA LYS UB 82 -14.71 30.07 -117.74
C LYS UB 82 -16.15 30.55 -117.65
N SER UB 83 -16.32 31.76 -117.13
CA SER UB 83 -17.63 32.35 -116.96
C SER UB 83 -17.50 33.87 -117.06
N GLY UB 84 -18.65 34.53 -117.14
CA GLY UB 84 -18.68 35.97 -117.28
C GLY UB 84 -18.35 36.68 -115.98
N ALA UB 85 -18.45 38.01 -116.04
CA ALA UB 85 -18.18 38.83 -114.87
C ALA UB 85 -19.38 38.85 -113.93
N SER UB 86 -19.19 39.47 -112.77
CA SER UB 86 -20.24 39.57 -111.78
C SER UB 86 -21.07 40.83 -112.00
N TRP UB 87 -22.22 40.88 -111.35
CA TRP UB 87 -23.12 42.01 -111.49
C TRP UB 87 -22.62 43.20 -110.69
N THR UB 88 -22.89 44.40 -111.20
CA THR UB 88 -22.53 45.65 -110.54
C THR UB 88 -23.76 46.24 -109.85
N CYS UB 89 -23.51 47.05 -108.83
CA CYS UB 89 -24.61 47.68 -108.10
C CYS UB 89 -25.49 48.50 -109.04
N GLN UB 90 -24.89 49.21 -110.00
CA GLN UB 90 -25.67 49.94 -110.97
C GLN UB 90 -26.46 49.00 -111.87
N GLN UB 91 -25.86 47.86 -112.22
CA GLN UB 91 -26.56 46.88 -113.04
C GLN UB 91 -27.78 46.32 -112.32
N LEU UB 92 -27.70 46.20 -111.00
CA LEU UB 92 -28.87 45.77 -110.23
C LEU UB 92 -29.89 46.90 -110.09
N ARG UB 93 -29.42 48.13 -109.90
CA ARG UB 93 -30.34 49.26 -109.76
C ARG UB 93 -31.12 49.52 -111.05
N ASN UB 94 -30.50 49.27 -112.20
CA ASN UB 94 -31.17 49.53 -113.47
C ASN UB 94 -32.35 48.60 -113.71
N LYS UB 95 -32.39 47.44 -113.07
CA LYS UB 95 -33.46 46.50 -113.30
C LYS UB 95 -34.67 46.82 -112.42
N SER UB 96 -35.81 46.22 -112.78
CA SER UB 96 -37.05 46.43 -112.05
C SER UB 96 -37.07 45.54 -110.81
N ASN UB 97 -38.23 45.45 -110.15
CA ASN UB 97 -38.34 44.66 -108.93
C ASN UB 97 -38.51 43.18 -109.24
N GLU UB 98 -39.38 42.85 -110.19
CA GLU UB 98 -39.59 41.44 -110.55
C GLU UB 98 -38.33 40.85 -111.17
N ASP UB 99 -37.59 41.66 -111.93
CA ASP UB 99 -36.34 41.19 -112.50
C ASP UB 99 -35.37 40.76 -111.40
N LEU UB 100 -35.23 41.58 -110.35
CA LEU UB 100 -34.36 41.22 -109.24
C LEU UB 100 -34.90 40.02 -108.49
N HIS UB 101 -36.23 39.94 -108.34
CA HIS UB 101 -36.82 38.81 -107.62
C HIS UB 101 -36.55 37.50 -108.34
N LYS UB 102 -36.53 37.52 -109.68
CA LYS UB 102 -36.24 36.30 -110.43
C LYS UB 102 -34.75 36.02 -110.48
N LEU UB 103 -33.93 37.07 -110.63
CA LEU UB 103 -32.49 36.89 -110.62
C LEU UB 103 -32.01 36.34 -109.28
N TRP UB 104 -32.75 36.63 -108.20
CA TRP UB 104 -32.40 36.07 -106.90
C TRP UB 104 -32.47 34.55 -106.93
N TYR UB 105 -33.57 33.99 -107.48
CA TYR UB 105 -33.68 32.55 -107.56
C TYR UB 105 -32.70 31.96 -108.57
N VAL UB 106 -32.42 32.70 -109.66
CA VAL UB 106 -31.41 32.23 -110.61
C VAL UB 106 -30.06 32.07 -109.91
N LEU UB 107 -29.63 33.13 -109.21
CA LEU UB 107 -28.37 33.06 -108.47
C LEU UB 107 -28.42 32.02 -107.36
N LEU UB 108 -29.60 31.79 -106.77
CA LEU UB 108 -29.72 30.77 -105.74
C LEU UB 108 -29.46 29.38 -106.31
N LYS UB 109 -30.10 29.05 -107.44
CA LYS UB 109 -29.83 27.77 -108.08
C LYS UB 109 -28.37 27.65 -108.49
N GLU UB 110 -27.80 28.74 -109.02
CA GLU UB 110 -26.40 28.69 -109.43
C GLU UB 110 -25.48 28.44 -108.25
N ARG UB 111 -25.72 29.11 -107.13
CA ARG UB 111 -24.86 28.94 -105.95
C ARG UB 111 -25.03 27.57 -105.34
N ASN UB 112 -26.26 27.02 -105.36
CA ASN UB 112 -26.45 25.66 -104.89
C ASN UB 112 -25.68 24.67 -105.75
N MET UB 113 -25.74 24.84 -107.07
CA MET UB 113 -24.98 23.95 -107.96
C MET UB 113 -23.48 24.07 -107.72
N LEU UB 114 -22.99 25.29 -107.52
CA LEU UB 114 -21.56 25.49 -107.30
C LEU UB 114 -21.11 24.90 -105.96
N LEU UB 115 -21.94 25.03 -104.92
CA LEU UB 115 -21.59 24.43 -103.64
C LEU UB 115 -21.60 22.91 -103.73
N THR UB 116 -22.57 22.34 -104.45
CA THR UB 116 -22.59 20.89 -104.64
C THR UB 116 -21.34 20.43 -105.38
N LEU UB 117 -20.95 21.16 -106.44
CA LEU UB 117 -19.75 20.80 -107.18
C LEU UB 117 -18.51 20.90 -106.32
N GLU UB 118 -18.43 21.94 -105.48
CA GLU UB 118 -17.28 22.09 -104.60
C GLU UB 118 -17.20 20.97 -103.57
N GLN UB 119 -18.34 20.58 -102.99
CA GLN UB 119 -18.34 19.50 -102.03
C GLN UB 119 -17.96 18.17 -102.70
N GLU UB 120 -18.44 17.94 -103.92
CA GLU UB 120 -18.07 16.71 -104.61
C GLU UB 120 -16.60 16.70 -104.99
N ALA UB 121 -16.05 17.86 -105.33
CA ALA UB 121 -14.62 17.94 -105.63
C ALA UB 121 -13.78 17.67 -104.38
N LYS UB 122 -14.19 18.24 -103.24
CA LYS UB 122 -13.50 17.93 -101.99
C LYS UB 122 -13.62 16.46 -101.62
N ARG UB 123 -14.77 15.84 -101.95
CA ARG UB 123 -14.93 14.41 -101.71
C ARG UB 123 -13.98 13.59 -102.57
N GLN UB 124 -13.91 13.90 -103.86
CA GLN UB 124 -13.02 13.19 -104.77
C GLN UB 124 -11.57 13.60 -104.63
N ARG UB 125 -11.26 14.58 -103.77
CA ARG UB 125 -9.89 15.02 -103.52
C ARG UB 125 -9.25 15.60 -104.78
N LEU UB 126 -10.05 16.31 -105.56
CA LEU UB 126 -9.59 16.99 -106.76
C LEU UB 126 -9.97 18.47 -106.71
N PRO UB 127 -9.20 19.34 -107.35
CA PRO UB 127 -9.55 20.76 -107.34
C PRO UB 127 -10.72 21.04 -108.27
N MET UB 128 -11.69 21.80 -107.76
CA MET UB 128 -12.83 22.18 -108.59
C MET UB 128 -12.38 23.15 -109.67
N PRO UB 129 -12.78 22.95 -110.93
CA PRO UB 129 -12.34 23.85 -112.00
C PRO UB 129 -12.82 25.27 -111.78
N SER UB 130 -11.86 26.19 -111.63
CA SER UB 130 -12.10 27.61 -111.45
C SER UB 130 -13.07 27.87 -110.30
N PRO UB 131 -12.63 27.69 -109.04
CA PRO UB 131 -13.53 27.92 -107.91
C PRO UB 131 -13.93 29.37 -107.72
N GLU UB 132 -13.41 30.30 -108.52
CA GLU UB 132 -13.79 31.70 -108.41
C GLU UB 132 -15.21 31.98 -108.87
N ARG UB 133 -15.84 31.03 -109.57
CA ARG UB 133 -17.25 31.19 -109.95
C ARG UB 133 -18.12 31.34 -108.72
N LEU UB 134 -17.85 30.56 -107.68
CA LEU UB 134 -18.63 30.65 -106.45
C LEU UB 134 -18.46 32.01 -105.79
N GLU UB 135 -17.23 32.53 -105.76
CA GLU UB 135 -16.99 33.86 -105.20
C GLU UB 135 -17.71 34.93 -106.01
N LYS UB 136 -17.70 34.81 -107.33
CA LYS UB 136 -18.40 35.77 -108.17
C LYS UB 136 -19.91 35.73 -107.91
N VAL UB 137 -20.47 34.53 -107.77
CA VAL UB 137 -21.89 34.42 -107.51
C VAL UB 137 -22.24 34.98 -106.14
N VAL UB 138 -21.38 34.74 -105.15
CA VAL UB 138 -21.61 35.30 -103.81
C VAL UB 138 -21.57 36.82 -103.85
N ASP UB 139 -20.62 37.38 -104.60
CA ASP UB 139 -20.54 38.83 -104.71
C ASP UB 139 -21.77 39.40 -105.42
N SER UB 140 -22.26 38.71 -106.46
CA SER UB 140 -23.45 39.17 -107.15
C SER UB 140 -24.67 39.13 -106.24
N MET UB 141 -24.82 38.06 -105.46
CA MET UB 141 -25.94 37.97 -104.54
C MET UB 141 -25.85 39.03 -103.45
N ASP UB 142 -24.63 39.31 -102.97
CA ASP UB 142 -24.46 40.34 -101.97
C ASP UB 142 -24.80 41.71 -102.52
N ALA UB 143 -24.41 41.98 -103.77
CA ALA UB 143 -24.76 43.26 -104.39
C ALA UB 143 -26.27 43.37 -104.57
N LEU UB 144 -26.93 42.28 -104.96
CA LEU UB 144 -28.39 42.30 -105.10
C LEU UB 144 -29.06 42.57 -103.76
N ASP UB 145 -28.61 41.89 -102.70
CA ASP UB 145 -29.16 42.13 -101.38
C ASP UB 145 -28.91 43.55 -100.92
N LYS UB 146 -27.74 44.10 -101.27
CA LYS UB 146 -27.43 45.49 -100.92
C LYS UB 146 -28.38 46.46 -101.63
N VAL UB 147 -28.66 46.20 -102.91
CA VAL UB 147 -29.57 47.08 -103.65
C VAL UB 147 -30.98 46.99 -103.06
N VAL UB 148 -31.43 45.78 -102.73
CA VAL UB 148 -32.75 45.62 -102.13
C VAL UB 148 -32.81 46.35 -100.79
N GLN UB 149 -31.76 46.21 -99.97
CA GLN UB 149 -31.74 46.87 -98.68
C GLN UB 149 -31.72 48.38 -98.83
N GLU UB 150 -30.98 48.89 -99.82
CA GLU UB 150 -30.96 50.34 -100.06
C GLU UB 150 -32.33 50.86 -100.49
N ARG UB 151 -33.01 50.13 -101.38
CA ARG UB 151 -34.35 50.53 -101.79
C ARG UB 151 -35.30 50.54 -100.59
N GLU UB 152 -35.25 49.49 -99.78
CA GLU UB 152 -36.14 49.41 -98.61
C GLU UB 152 -35.83 50.53 -97.62
N ASP UB 153 -34.54 50.84 -97.42
CA ASP UB 153 -34.16 51.88 -96.48
C ASP UB 153 -34.60 53.25 -96.98
N ALA UB 154 -34.45 53.51 -98.28
CA ALA UB 154 -34.94 54.77 -98.83
C ALA UB 154 -36.45 54.89 -98.69
N LEU UB 155 -37.16 53.80 -98.95
CA LEU UB 155 -38.62 53.84 -98.85
C LEU UB 155 -39.06 54.09 -97.42
N ARG UB 156 -38.42 53.43 -96.44
CA ARG UB 156 -38.81 53.64 -95.05
C ARG UB 156 -38.39 55.01 -94.55
N LEU UB 157 -37.27 55.55 -95.03
CA LEU UB 157 -36.91 56.92 -94.70
C LEU UB 157 -37.92 57.91 -95.27
N LEU UB 158 -38.47 57.63 -96.45
CA LEU UB 158 -39.43 58.54 -97.05
C LEU UB 158 -40.80 58.44 -96.38
N GLN UB 159 -41.21 57.23 -96.00
CA GLN UB 159 -42.55 57.05 -95.41
C GLN UB 159 -42.54 57.37 -93.92
N THR UB 160 -41.72 56.67 -93.15
CA THR UB 160 -41.65 56.87 -91.70
C THR UB 160 -40.51 57.80 -91.29
N GLY UB 161 -39.29 57.54 -91.77
CA GLY UB 161 -38.14 58.34 -91.42
C GLY UB 161 -37.20 57.70 -90.42
N GLN UB 162 -37.38 56.44 -90.09
CA GLN UB 162 -36.52 55.76 -89.12
C GLN UB 162 -35.29 55.21 -89.80
N GLU UB 163 -34.20 55.11 -89.03
CA GLU UB 163 -32.93 54.63 -89.58
C GLU UB 163 -32.91 53.11 -89.67
N LYS UB 164 -33.26 52.43 -88.59
CA LYS UB 164 -33.23 50.97 -88.53
C LYS UB 164 -34.62 50.38 -88.69
N ALA UB 165 -34.69 49.22 -89.34
CA ALA UB 165 -35.96 48.54 -89.56
C ALA UB 165 -36.48 47.83 -88.32
N ARG UB 166 -35.67 47.71 -87.27
CA ARG UB 166 -36.08 47.06 -86.04
C ARG UB 166 -35.99 48.05 -84.89
N PRO UB 167 -37.01 48.13 -84.04
CA PRO UB 167 -36.95 49.08 -82.91
C PRO UB 167 -35.84 48.73 -81.95
N GLY UB 168 -35.08 49.76 -81.54
CA GLY UB 168 -33.99 49.58 -80.61
C GLY UB 168 -33.88 50.78 -79.69
N ALA UB 169 -33.17 50.58 -78.58
CA ALA UB 169 -33.04 51.63 -77.59
C ALA UB 169 -31.69 51.51 -76.89
N TRP UB 170 -31.12 52.65 -76.54
CA TRP UB 170 -29.87 52.68 -75.79
C TRP UB 170 -30.16 52.41 -74.32
N ARG UB 171 -29.76 51.23 -73.85
CA ARG UB 171 -29.98 50.82 -72.48
C ARG UB 171 -28.66 50.79 -71.72
N ARG UB 172 -28.77 50.83 -70.40
CA ARG UB 172 -27.62 50.78 -69.49
C ARG UB 172 -27.81 49.58 -68.58
N ASP UB 173 -27.13 48.48 -68.92
CA ASP UB 173 -27.28 47.24 -68.16
C ASP UB 173 -26.60 47.37 -66.80
N ILE UB 174 -26.68 46.29 -66.02
CA ILE UB 174 -26.10 46.28 -64.68
C ILE UB 174 -24.58 46.38 -64.71
N PHE UB 175 -23.97 46.08 -65.84
CA PHE UB 175 -22.52 46.12 -65.97
C PHE UB 175 -21.99 47.51 -66.27
N GLY UB 176 -22.83 48.53 -66.19
CA GLY UB 176 -22.42 49.90 -66.45
C GLY UB 176 -22.26 50.26 -67.91
N ARG UB 177 -22.17 49.28 -68.79
CA ARG UB 177 -21.98 49.55 -70.21
C ARG UB 177 -23.28 50.09 -70.82
N ILE UB 178 -23.13 50.73 -71.97
CA ILE UB 178 -24.27 51.22 -72.76
C ILE UB 178 -24.41 50.32 -73.97
N ILE UB 179 -25.55 49.65 -74.08
CA ILE UB 179 -25.78 48.70 -75.16
C ILE UB 179 -26.96 49.18 -76.00
N TRP UB 180 -27.05 48.64 -77.22
CA TRP UB 180 -28.16 48.92 -78.12
C TRP UB 180 -29.11 47.73 -78.05
N HIS UB 181 -30.03 47.77 -77.09
CA HIS UB 181 -30.97 46.68 -76.89
C HIS UB 181 -32.06 46.74 -77.95
N LYS UB 182 -32.17 45.69 -78.76
CA LYS UB 182 -33.24 45.57 -79.72
C LYS UB 182 -34.54 45.22 -79.01
N PHE UB 183 -35.64 45.30 -79.75
CA PHE UB 183 -36.95 44.93 -79.22
C PHE UB 183 -37.42 43.63 -79.88
N LYS UB 184 -38.11 42.82 -79.10
CA LYS UB 184 -38.66 41.55 -79.58
C LYS UB 184 -40.18 41.66 -79.71
N GLN UB 185 -40.74 40.71 -80.46
CA GLN UB 185 -42.18 40.68 -80.71
C GLN UB 185 -42.86 39.90 -79.58
N TRP UB 186 -43.79 40.54 -78.89
CA TRP UB 186 -44.48 39.92 -77.77
C TRP UB 186 -45.99 40.09 -77.93
N PRO UB 187 -46.78 39.08 -77.57
CA PRO UB 187 -48.24 39.23 -77.60
C PRO UB 187 -48.80 39.97 -76.40
N ILE UB 188 -48.01 40.16 -75.35
CA ILE UB 188 -48.45 40.83 -74.14
C ILE UB 188 -47.59 42.08 -73.95
N PRO UB 189 -48.10 43.08 -73.22
CA PRO UB 189 -47.31 44.30 -72.99
C PRO UB 189 -46.08 44.03 -72.14
N TRP UB 190 -45.25 45.07 -71.93
CA TRP UB 190 -43.99 44.88 -71.24
C TRP UB 190 -44.16 44.68 -69.74
N TYR UB 191 -45.26 45.13 -69.16
CA TYR UB 191 -45.46 45.03 -67.72
C TYR UB 191 -46.16 43.74 -67.31
N LEU UB 192 -46.30 42.77 -68.21
CA LEU UB 192 -46.92 41.50 -67.88
C LEU UB 192 -46.10 40.29 -68.32
N ASN UB 193 -44.86 40.49 -68.77
CA ASN UB 193 -44.03 39.40 -69.25
C ASN UB 193 -43.04 38.97 -68.17
N LYS UB 194 -43.10 37.69 -67.81
CA LYS UB 194 -42.20 37.17 -66.78
C LYS UB 194 -40.74 37.26 -67.21
N LYS UB 195 -40.45 36.91 -68.47
CA LYS UB 195 -39.07 36.87 -68.92
C LYS UB 195 -38.48 38.27 -69.04
N TYR UB 196 -39.30 39.27 -69.38
CA TYR UB 196 -38.77 40.61 -69.56
C TYR UB 196 -38.79 41.41 -68.25
N ASN UB 197 -39.66 41.06 -67.31
CA ASN UB 197 -39.78 41.85 -66.10
C ASN UB 197 -38.53 41.72 -65.23
N ARG UB 198 -38.02 40.50 -65.06
CA ARG UB 198 -36.87 40.28 -64.19
C ARG UB 198 -35.55 40.70 -64.81
N LYS UB 199 -35.57 41.39 -65.96
CA LYS UB 199 -34.35 41.97 -66.50
C LYS UB 199 -34.10 43.35 -65.89
N ARG UB 200 -32.84 43.63 -65.60
CA ARG UB 200 -32.44 44.86 -64.93
C ARG UB 200 -31.71 45.75 -65.94
N PHE UB 201 -32.17 46.98 -66.09
CA PHE UB 201 -31.51 47.96 -66.96
C PHE UB 201 -31.27 49.23 -66.14
N PHE UB 202 -30.15 49.23 -65.41
CA PHE UB 202 -29.72 50.35 -64.58
C PHE UB 202 -28.38 49.98 -63.98
N ALA UB 203 -27.71 50.98 -63.41
CA ALA UB 203 -26.39 50.81 -62.82
C ALA UB 203 -26.51 50.81 -61.30
N MET UB 204 -25.85 49.84 -60.66
CA MET UB 204 -25.82 49.76 -59.22
C MET UB 204 -24.73 50.66 -58.65
N PRO UB 205 -24.81 51.01 -57.36
CA PRO UB 205 -23.78 51.87 -56.76
C PRO UB 205 -22.40 51.23 -56.66
N TYR UB 206 -22.24 49.96 -57.05
CA TYR UB 206 -20.93 49.33 -57.04
C TYR UB 206 -20.33 49.19 -58.44
N VAL UB 207 -21.03 49.66 -59.47
CA VAL UB 207 -20.54 49.50 -60.84
C VAL UB 207 -19.73 50.69 -61.33
N GLU UB 208 -19.84 51.85 -60.66
CA GLU UB 208 -19.07 53.01 -61.09
C GLU UB 208 -17.57 52.77 -60.94
N ARG UB 209 -17.16 51.99 -59.94
CA ARG UB 209 -15.74 51.67 -59.78
C ARG UB 209 -15.21 50.89 -60.98
N PHE UB 210 -15.96 49.89 -61.43
CA PHE UB 210 -15.54 49.11 -62.60
C PHE UB 210 -15.62 49.95 -63.86
N VAL UB 211 -16.59 50.85 -63.95
CA VAL UB 211 -16.67 51.73 -65.12
C VAL UB 211 -15.43 52.61 -65.20
N ARG UB 212 -15.04 53.20 -64.06
CA ARG UB 212 -13.82 54.01 -64.02
C ARG UB 212 -12.60 53.17 -64.34
N MET UB 213 -12.56 51.92 -63.87
CA MET UB 213 -11.43 51.05 -64.17
C MET UB 213 -11.33 50.78 -65.68
N ARG UB 214 -12.46 50.51 -66.32
CA ARG UB 214 -12.44 50.28 -67.77
C ARG UB 214 -12.04 51.53 -68.52
N ILE UB 215 -12.50 52.70 -68.06
CA ILE UB 215 -12.11 53.96 -68.69
C ILE UB 215 -10.60 54.13 -68.58
N GLU UB 216 -10.04 53.86 -67.40
CA GLU UB 216 -8.60 54.00 -67.21
C GLU UB 216 -7.83 53.02 -68.08
N LYS UB 217 -8.32 51.79 -68.20
CA LYS UB 217 -7.64 50.80 -69.03
C LYS UB 217 -7.64 51.21 -70.49
N GLN UB 218 -8.79 51.71 -70.99
CA GLN UB 218 -8.84 52.15 -72.38
C GLN UB 218 -7.96 53.36 -72.62
N ALA UB 219 -7.93 54.30 -71.67
CA ALA UB 219 -7.05 55.46 -71.80
C ALA UB 219 -5.59 55.03 -71.82
N ARG UB 220 -5.22 54.07 -70.99
CA ARG UB 220 -3.85 53.57 -70.98
C ARG UB 220 -3.50 52.89 -72.29
N ILE UB 221 -4.44 52.11 -72.85
CA ILE UB 221 -4.19 51.46 -74.13
C ILE UB 221 -3.97 52.50 -75.22
N LYS UB 222 -4.85 53.50 -75.28
CA LYS UB 222 -4.70 54.54 -76.29
C LYS UB 222 -3.40 55.32 -76.10
N ALA UB 223 -3.01 55.58 -74.85
CA ALA UB 223 -1.78 56.32 -74.60
C ALA UB 223 -0.56 55.54 -75.04
N ARG UB 224 -0.49 54.25 -74.72
CA ARG UB 224 0.67 53.47 -75.13
C ARG UB 224 0.67 53.22 -76.63
N LYS UB 225 -0.49 53.15 -77.26
CA LYS UB 225 -0.51 53.06 -78.73
C LYS UB 225 0.00 54.35 -79.36
N ARG UB 226 -0.40 55.49 -78.81
CA ARG UB 226 0.12 56.77 -79.29
C ARG UB 226 1.63 56.85 -79.11
N SER UB 227 2.14 56.40 -77.96
CA SER UB 227 3.57 56.42 -77.73
C SER UB 227 4.30 55.49 -78.69
N LEU UB 228 3.70 54.33 -78.99
CA LEU UB 228 4.30 53.41 -79.95
C LEU UB 228 4.36 54.05 -81.34
N GLU UB 229 3.28 54.69 -81.77
CA GLU UB 229 3.28 55.35 -83.07
C GLU UB 229 4.32 56.46 -83.11
N ARG UB 230 4.43 57.24 -82.02
CA ARG UB 230 5.40 58.33 -81.97
C ARG UB 230 6.83 57.79 -82.06
N LYS UB 231 7.13 56.74 -81.30
CA LYS UB 231 8.47 56.17 -81.34
C LYS UB 231 8.78 55.53 -82.69
N LYS UB 232 7.77 54.92 -83.33
CA LYS UB 232 8.00 54.34 -84.65
C LYS UB 232 8.26 55.43 -85.69
N GLU UB 233 7.55 56.55 -85.60
CA GLU UB 233 7.84 57.67 -86.48
C GLU UB 233 9.25 58.21 -86.24
N LYS UB 234 9.65 58.31 -84.97
CA LYS UB 234 11.00 58.73 -84.65
C LYS UB 234 12.03 57.78 -85.25
N PHE UB 235 11.79 56.48 -85.13
CA PHE UB 235 12.72 55.49 -85.66
C PHE UB 235 12.81 55.59 -87.18
N LEU UB 236 11.67 55.76 -87.85
CA LEU UB 236 11.70 55.88 -89.30
C LEU UB 236 12.42 57.16 -89.74
N GLN UB 237 12.22 58.26 -89.01
CA GLN UB 237 12.92 59.50 -89.35
C GLN UB 237 14.42 59.37 -89.13
N GLU UB 238 14.83 58.69 -88.07
CA GLU UB 238 16.25 58.45 -87.84
C GLU UB 238 16.84 57.45 -88.81
N LYS UB 239 16.02 56.57 -89.38
CA LYS UB 239 16.53 55.56 -90.32
C LYS UB 239 16.67 56.13 -91.72
N PHE UB 240 15.70 56.94 -92.16
CA PHE UB 240 15.72 57.53 -93.50
C PHE UB 240 15.89 59.04 -93.39
N PRO UB 241 17.12 59.56 -93.43
CA PRO UB 241 17.36 61.00 -93.39
C PRO UB 241 17.20 61.69 -94.75
N HIS UB 242 16.09 61.40 -95.42
CA HIS UB 242 15.83 61.99 -96.73
C HIS UB 242 15.41 63.45 -96.66
N LEU UB 243 15.17 63.98 -95.47
CA LEU UB 243 14.75 65.36 -95.32
C LEU UB 243 15.89 66.34 -95.62
N LYS VB 35 47.72 36.69 -5.81
CA LYS VB 35 47.77 37.52 -7.01
C LYS VB 35 49.19 37.66 -7.53
N PHE VB 36 49.34 37.70 -8.84
CA PHE VB 36 50.63 37.91 -9.49
C PHE VB 36 50.83 39.40 -9.71
N THR VB 37 51.76 39.99 -8.97
CA THR VB 37 52.07 41.41 -9.12
C THR VB 37 53.57 41.59 -9.35
N ARG VB 38 54.04 42.84 -9.31
CA ARG VB 38 55.46 43.10 -9.44
C ARG VB 38 56.21 42.44 -8.29
N SER VB 39 57.52 42.26 -8.50
CA SER VB 39 58.38 41.59 -7.52
C SER VB 39 59.43 42.58 -7.04
N ARG VB 40 59.27 43.07 -5.82
CA ARG VB 40 60.29 43.90 -5.20
C ARG VB 40 61.55 43.07 -4.96
N ILE VB 41 62.64 43.45 -5.60
CA ILE VB 41 63.91 42.74 -5.48
C ILE VB 41 64.69 43.35 -4.32
N PRO VB 42 65.06 42.57 -3.31
CA PRO VB 42 65.82 43.14 -2.20
C PRO VB 42 67.18 43.62 -2.62
N ASP VB 43 67.66 44.66 -1.95
CA ASP VB 43 68.94 45.28 -2.32
C ASP VB 43 70.12 44.37 -2.00
N LYS VB 44 69.92 43.32 -1.19
CA LYS VB 44 71.02 42.42 -0.86
C LYS VB 44 71.53 41.68 -2.09
N VAL VB 45 70.65 41.36 -3.03
CA VAL VB 45 71.06 40.63 -4.22
C VAL VB 45 72.04 41.46 -5.06
N PHE VB 46 71.89 42.78 -5.02
CA PHE VB 46 72.77 43.67 -5.78
C PHE VB 46 73.99 44.11 -4.98
N GLN VB 47 74.44 43.30 -4.02
CA GLN VB 47 75.67 43.56 -3.30
C GLN VB 47 76.78 42.74 -3.93
N PRO VB 48 77.72 43.35 -4.65
CA PRO VB 48 78.76 42.55 -5.30
C PRO VB 48 79.72 41.94 -4.30
N SER VB 49 80.10 40.70 -4.56
CA SER VB 49 81.04 39.97 -3.72
C SER VB 49 82.47 40.24 -4.17
N PRO VB 50 83.44 40.12 -3.25
CA PRO VB 50 84.84 40.40 -3.62
C PRO VB 50 85.37 39.52 -4.73
N GLU VB 51 84.70 38.41 -5.05
CA GLU VB 51 85.16 37.54 -6.12
C GLU VB 51 84.44 37.79 -7.44
N ASP VB 52 83.26 38.41 -7.41
CA ASP VB 52 82.54 38.68 -8.64
C ASP VB 52 83.31 39.64 -9.55
N HIS VB 53 84.05 40.57 -8.96
CA HIS VB 53 84.84 41.51 -9.77
C HIS VB 53 85.85 40.76 -10.63
N GLU VB 54 86.62 39.86 -10.01
CA GLU VB 54 87.59 39.09 -10.77
C GLU VB 54 86.92 38.05 -11.67
N LYS VB 55 85.71 37.60 -11.30
CA LYS VB 55 85.01 36.64 -12.14
C LYS VB 55 84.55 37.27 -13.45
N TYR VB 56 83.95 38.46 -13.38
CA TYR VB 56 83.40 39.12 -14.55
C TYR VB 56 84.34 40.14 -15.17
N GLY VB 57 85.56 40.28 -14.64
CA GLY VB 57 86.51 41.21 -15.23
C GLY VB 57 86.15 42.67 -15.02
N GLY VB 58 85.62 43.02 -13.84
CA GLY VB 58 85.23 44.37 -13.55
C GLY VB 58 86.25 45.11 -12.71
N ASP VB 59 86.13 46.44 -12.70
CA ASP VB 59 87.03 47.28 -11.94
C ASP VB 59 86.51 47.42 -10.52
N PRO VB 60 87.25 46.94 -9.51
CA PRO VB 60 86.74 47.02 -8.13
C PRO VB 60 86.68 48.43 -7.57
N GLN VB 61 87.52 49.35 -8.06
CA GLN VB 61 87.60 50.69 -7.50
C GLN VB 61 86.66 51.66 -8.21
N TYR VB 62 86.83 51.81 -9.52
CA TYR VB 62 86.07 52.79 -10.30
C TYR VB 62 85.02 52.07 -11.13
N PRO VB 63 83.74 52.36 -10.92
CA PRO VB 63 82.70 51.70 -11.72
C PRO VB 63 82.74 52.16 -13.17
N HIS VB 64 82.13 51.36 -14.03
CA HIS VB 64 82.03 51.70 -15.44
C HIS VB 64 81.07 52.87 -15.63
N LYS VB 65 81.14 53.48 -16.81
CA LYS VB 65 80.40 54.70 -17.09
C LYS VB 65 79.17 54.50 -17.96
N LEU VB 66 79.23 53.62 -18.95
CA LEU VB 66 78.13 53.45 -19.90
C LEU VB 66 77.77 51.99 -20.05
N HIS VB 67 76.47 51.71 -20.13
CA HIS VB 67 75.96 50.36 -20.31
C HIS VB 67 75.62 50.12 -21.77
N ILE VB 68 76.07 48.99 -22.30
CA ILE VB 68 75.61 48.48 -23.59
C ILE VB 68 74.56 47.42 -23.28
N VAL VB 69 73.31 47.71 -23.62
CA VAL VB 69 72.19 46.81 -23.36
C VAL VB 69 71.68 46.27 -24.68
N THR VB 70 71.34 44.98 -24.70
CA THR VB 70 70.82 44.33 -25.90
C THR VB 70 69.71 43.38 -25.49
N ARG VB 71 68.51 43.62 -26.02
CA ARG VB 71 67.35 42.80 -25.66
C ARG VB 71 67.50 41.40 -26.25
N ILE VB 72 67.36 40.39 -25.39
CA ILE VB 72 67.55 39.00 -25.80
C ILE VB 72 66.19 38.35 -26.03
N LYS VB 73 65.35 38.34 -25.00
CA LYS VB 73 64.08 37.66 -25.06
C LYS VB 73 63.01 38.56 -25.65
N SER VB 74 61.79 38.02 -25.77
CA SER VB 74 60.69 38.74 -26.38
C SER VB 74 59.89 39.51 -25.34
N THR VB 75 58.95 40.32 -25.84
CA THR VB 75 58.02 41.04 -24.98
C THR VB 75 56.70 40.31 -24.79
N LYS VB 76 56.39 39.34 -25.66
CA LYS VB 76 55.18 38.55 -25.48
C LYS VB 76 55.29 37.68 -24.24
N ARG VB 77 54.15 37.34 -23.67
CA ARG VB 77 54.07 36.57 -22.42
C ARG VB 77 54.80 37.29 -21.29
N ARG VB 78 54.84 38.61 -21.36
CA ARG VB 78 55.45 39.46 -20.34
C ARG VB 78 54.49 40.57 -19.97
N PRO VB 79 54.52 41.02 -18.72
CA PRO VB 79 53.53 42.00 -18.25
C PRO VB 79 53.61 43.32 -19.00
N TYR VB 80 52.53 44.09 -18.88
CA TYR VB 80 52.44 45.37 -19.58
C TYR VB 80 53.45 46.38 -19.04
N TRP VB 81 53.77 46.32 -17.75
CA TRP VB 81 54.77 47.24 -17.22
C TRP VB 81 56.15 46.90 -17.75
N GLU VB 82 56.47 45.61 -17.91
CA GLU VB 82 57.73 45.24 -18.52
C GLU VB 82 57.76 45.65 -19.99
N LYS VB 83 56.64 45.55 -20.68
CA LYS VB 83 56.56 46.04 -22.06
C LYS VB 83 56.82 47.54 -22.11
N ASP VB 84 56.22 48.29 -21.19
CA ASP VB 84 56.42 49.74 -21.16
C ASP VB 84 57.89 50.09 -20.87
N ILE VB 85 58.52 49.35 -19.96
CA ILE VB 85 59.92 49.62 -19.64
C ILE VB 85 60.81 49.32 -20.83
N ILE VB 86 60.59 48.17 -21.48
CA ILE VB 86 61.42 47.81 -22.62
C ILE VB 86 61.16 48.71 -23.82
N LYS VB 87 60.01 49.36 -23.87
CA LYS VB 87 59.77 50.34 -24.92
C LYS VB 87 60.43 51.67 -24.61
N MET VB 88 60.31 52.15 -23.37
CA MET VB 88 60.88 53.43 -22.99
C MET VB 88 62.39 53.40 -22.88
N LEU VB 89 62.99 52.22 -22.76
CA LEU VB 89 64.44 52.11 -22.76
C LEU VB 89 65.02 52.06 -24.17
N GLY VB 90 64.19 52.16 -25.20
CA GLY VB 90 64.68 52.15 -26.57
C GLY VB 90 65.28 50.82 -27.00
N LEU VB 91 64.63 49.72 -26.67
CA LEU VB 91 65.10 48.38 -27.00
C LEU VB 91 64.04 47.59 -27.77
N GLU VB 92 63.40 48.26 -28.73
CA GLU VB 92 62.37 47.59 -29.53
C GLU VB 92 62.99 46.55 -30.46
N LYS VB 93 63.91 46.99 -31.32
CA LYS VB 93 64.55 46.08 -32.26
C LYS VB 93 65.49 45.15 -31.49
N ALA VB 94 65.20 43.85 -31.54
CA ALA VB 94 65.99 42.88 -30.80
C ALA VB 94 67.39 42.76 -31.40
N HIS VB 95 68.32 42.30 -30.55
CA HIS VB 95 69.70 42.05 -30.94
C HIS VB 95 70.37 43.29 -31.54
N THR VB 96 70.02 44.47 -31.02
CA THR VB 96 70.64 45.72 -31.43
C THR VB 96 71.13 46.43 -30.17
N PRO VB 97 72.42 46.72 -30.05
CA PRO VB 97 72.93 47.31 -28.81
C PRO VB 97 72.53 48.78 -28.69
N GLN VB 98 72.33 49.21 -27.44
CA GLN VB 98 72.00 50.59 -27.14
C GLN VB 98 72.80 51.02 -25.92
N VAL VB 99 73.28 52.26 -25.94
CA VAL VB 99 74.10 52.80 -24.86
C VAL VB 99 73.21 53.59 -23.91
N HIS VB 100 73.40 53.38 -22.62
CA HIS VB 100 72.63 54.06 -21.59
C HIS VB 100 73.57 54.48 -20.46
N LYS VB 101 73.07 55.35 -19.60
CA LYS VB 101 73.85 55.87 -18.48
C LYS VB 101 74.07 54.78 -17.43
N ASN VB 102 74.76 55.16 -16.37
CA ASN VB 102 75.03 54.28 -15.23
C ASN VB 102 74.53 54.90 -13.93
N ILE VB 103 73.37 55.55 -14.00
CA ILE VB 103 72.79 56.24 -12.84
C ILE VB 103 71.72 55.35 -12.23
N PRO VB 104 71.44 55.47 -10.92
CA PRO VB 104 70.38 54.64 -10.33
C PRO VB 104 69.03 54.81 -10.99
N SER VB 105 68.78 55.97 -11.62
CA SER VB 105 67.51 56.19 -12.30
C SER VB 105 67.24 55.12 -13.34
N VAL VB 106 68.16 54.98 -14.32
CA VAL VB 106 68.00 53.93 -15.31
C VAL VB 106 68.35 52.56 -14.75
N ASN VB 107 69.15 52.50 -13.69
CA ASN VB 107 69.46 51.22 -13.08
C ASN VB 107 68.22 50.57 -12.47
N ALA VB 108 67.27 51.37 -12.00
CA ALA VB 108 66.02 50.81 -11.49
C ALA VB 108 65.28 50.04 -12.58
N LYS VB 109 65.11 50.65 -13.75
CA LYS VB 109 64.44 49.97 -14.85
C LYS VB 109 65.25 48.77 -15.34
N LEU VB 110 66.58 48.90 -15.36
CA LEU VB 110 67.40 47.77 -15.76
C LEU VB 110 67.28 46.61 -14.79
N LYS VB 111 67.09 46.90 -13.49
CA LYS VB 111 66.83 45.84 -12.52
C LYS VB 111 65.44 45.24 -12.74
N VAL VB 112 64.47 46.07 -13.10
CA VAL VB 112 63.12 45.57 -13.33
C VAL VB 112 63.10 44.59 -14.51
N VAL VB 113 63.82 44.91 -15.57
CA VAL VB 113 63.80 44.06 -16.76
C VAL VB 113 65.15 43.38 -16.99
N LYS VB 114 65.87 43.09 -15.90
CA LYS VB 114 67.18 42.47 -16.01
C LYS VB 114 67.14 41.08 -16.64
N HIS VB 115 66.01 40.37 -16.51
CA HIS VB 115 65.90 39.02 -17.03
C HIS VB 115 65.57 38.97 -18.52
N LEU VB 116 65.70 40.09 -19.24
CA LEU VB 116 65.36 40.14 -20.66
C LEU VB 116 66.44 40.78 -21.52
N ILE VB 117 67.55 41.25 -20.94
CA ILE VB 117 68.58 41.94 -21.70
C ILE VB 117 69.95 41.48 -21.24
N ARG VB 118 70.92 41.65 -22.13
CA ARG VB 118 72.33 41.46 -21.83
C ARG VB 118 72.98 42.81 -21.65
N ILE VB 119 73.76 42.97 -20.58
CA ILE VB 119 74.37 44.24 -20.20
C ILE VB 119 75.87 44.06 -20.15
N LYS VB 120 76.59 44.93 -20.84
CA LYS VB 120 78.05 44.96 -20.84
C LYS VB 120 78.53 46.36 -20.53
N PRO VB 121 79.75 46.51 -20.03
CA PRO VB 121 80.30 47.86 -19.84
C PRO VB 121 80.98 48.36 -21.10
N LEU VB 122 80.72 49.61 -21.48
CA LEU VB 122 81.33 50.15 -22.69
C LEU VB 122 82.79 50.49 -22.42
N LYS VB 123 83.69 49.89 -23.20
CA LYS VB 123 85.12 50.10 -23.05
C LYS VB 123 85.63 51.01 -24.16
N LEU VB 124 86.53 51.93 -23.80
CA LEU VB 124 87.05 52.95 -24.71
C LEU VB 124 88.56 52.82 -24.79
N PRO VB 125 89.08 51.91 -25.61
CA PRO VB 125 90.54 51.81 -25.74
C PRO VB 125 91.18 53.03 -26.38
N GLN VB 126 90.44 53.76 -27.23
CA GLN VB 126 90.98 54.92 -27.92
C GLN VB 126 90.30 56.21 -27.48
N GLY VB 127 89.65 56.21 -26.31
CA GLY VB 127 89.05 57.41 -25.78
C GLY VB 127 87.76 57.79 -26.50
N LEU VB 128 87.22 58.92 -26.06
CA LEU VB 128 85.98 59.43 -26.66
C LEU VB 128 86.24 59.87 -28.10
N PRO VB 129 85.41 59.47 -29.05
CA PRO VB 129 85.64 59.88 -30.45
C PRO VB 129 85.38 61.37 -30.63
N THR VB 130 86.27 62.01 -31.38
CA THR VB 130 86.12 63.43 -31.67
C THR VB 130 85.18 63.62 -32.87
N GLU VB 131 84.93 64.89 -33.21
CA GLU VB 131 84.05 65.20 -34.32
C GLU VB 131 84.66 64.87 -35.68
N GLU VB 132 85.96 64.55 -35.73
CA GLU VB 132 86.62 64.21 -36.99
C GLU VB 132 86.63 62.71 -37.26
N ASP VB 133 86.22 61.88 -36.30
CA ASP VB 133 86.19 60.44 -36.47
C ASP VB 133 84.81 59.85 -36.17
N MET VB 134 83.76 60.66 -36.27
CA MET VB 134 82.41 60.16 -35.98
C MET VB 134 81.94 59.18 -37.04
N ALA VB 135 82.52 59.22 -38.23
CA ALA VB 135 82.08 58.35 -39.32
C ALA VB 135 82.92 57.08 -39.45
N ASN VB 136 84.09 57.02 -38.81
CA ASN VB 136 84.98 55.88 -38.92
C ASN VB 136 85.05 55.08 -37.62
N THR VB 137 84.04 55.21 -36.77
CA THR VB 137 83.99 54.48 -35.52
C THR VB 137 83.35 53.12 -35.71
N CYS VB 138 83.57 52.23 -34.75
CA CYS VB 138 83.01 50.89 -34.82
C CYS VB 138 82.86 50.33 -33.41
N LEU VB 139 81.91 49.41 -33.26
CA LEU VB 139 81.59 48.81 -31.97
C LEU VB 139 81.83 47.30 -32.07
N LYS VB 140 82.88 46.83 -31.39
CA LYS VB 140 83.19 45.41 -31.44
C LYS VB 140 82.26 44.61 -30.54
N SER VB 141 82.27 43.29 -30.74
CA SER VB 141 81.35 42.42 -30.02
C SER VB 141 81.73 42.25 -28.56
N ASN VB 142 83.01 42.38 -28.21
CA ASN VB 142 83.44 42.18 -26.83
C ASN VB 142 83.06 43.35 -25.92
N GLY VB 143 82.54 44.44 -26.47
CA GLY VB 143 82.11 45.57 -25.68
C GLY VB 143 82.99 46.79 -25.74
N GLU VB 144 83.83 46.92 -26.77
CA GLU VB 144 84.69 48.09 -26.91
C GLU VB 144 84.28 48.91 -28.13
N LEU VB 145 84.64 50.19 -28.09
CA LEU VB 145 84.27 51.16 -29.14
C LEU VB 145 85.56 51.70 -29.75
N VAL VB 146 85.95 51.14 -30.89
CA VAL VB 146 87.16 51.61 -31.56
C VAL VB 146 86.83 52.86 -32.36
N VAL VB 147 87.75 53.82 -32.35
CA VAL VB 147 87.51 55.10 -32.99
C VAL VB 147 88.01 55.12 -34.44
N ARG VB 148 89.17 54.52 -34.69
CA ARG VB 148 89.76 54.47 -36.03
C ARG VB 148 89.57 53.06 -36.57
N TRP VB 149 88.57 52.90 -37.43
CA TRP VB 149 88.22 51.61 -38.00
C TRP VB 149 88.38 51.67 -39.52
N LEU VB 150 88.97 50.62 -40.09
CA LEU VB 150 89.17 50.50 -41.53
C LEU VB 150 89.98 51.68 -42.08
N LEU VB 151 91.22 51.76 -41.62
CA LEU VB 151 92.14 52.80 -42.07
C LEU VB 151 92.58 52.49 -43.50
N ASN VB 152 91.97 53.18 -44.46
CA ASN VB 152 92.28 53.01 -45.88
C ASN VB 152 92.10 51.55 -46.32
N ASP WB 35 47.47 54.11 69.97
CA ASP WB 35 46.97 54.56 68.67
C ASP WB 35 45.49 54.21 68.50
N CYS WB 36 44.82 53.94 69.62
CA CYS WB 36 43.40 53.59 69.58
C CYS WB 36 42.51 54.79 69.27
N ASN WB 37 43.04 56.00 69.32
CA ASN WB 37 42.29 57.22 69.02
C ASN WB 37 42.66 57.79 67.66
N ARG WB 38 42.98 56.94 66.69
CA ARG WB 38 43.35 57.41 65.36
C ARG WB 38 42.14 57.88 64.56
N ALA WB 39 41.18 56.96 64.34
CA ALA WB 39 39.99 57.26 63.56
C ALA WB 39 38.73 57.32 64.41
N LEU WB 40 38.87 57.76 65.67
CA LEU WB 40 37.72 57.85 66.56
C LEU WB 40 37.01 59.19 66.48
N LEU WB 41 37.74 60.27 66.19
CA LEU WB 41 37.18 61.61 66.19
C LEU WB 41 36.58 61.88 64.82
N THR WB 42 35.33 61.47 64.63
CA THR WB 42 34.59 61.71 63.40
C THR WB 42 33.13 62.00 63.75
N ARG WB 43 32.30 62.16 62.72
CA ARG WB 43 30.89 62.41 62.88
C ARG WB 43 30.16 61.72 61.74
N LEU WB 44 28.88 62.06 61.57
CA LEU WB 44 28.08 61.53 60.46
C LEU WB 44 28.23 62.46 59.26
N HIS WB 45 28.77 61.93 58.16
CA HIS WB 45 28.98 62.70 56.95
C HIS WB 45 27.74 62.73 56.05
N ARG WB 46 26.57 62.48 56.62
CA ARG WB 46 25.32 62.46 55.86
C ARG WB 46 24.56 63.76 56.06
N GLN WB 47 23.57 63.99 55.19
CA GLN WB 47 22.82 65.23 55.20
C GLN WB 47 21.60 65.15 56.14
N THR WB 48 20.71 64.20 55.89
CA THR WB 48 19.52 64.00 56.71
C THR WB 48 19.83 62.93 57.76
N TYR WB 49 19.89 63.34 59.02
CA TYR WB 49 20.22 62.43 60.11
C TYR WB 49 19.71 63.01 61.41
N ALA WB 50 19.57 62.14 62.40
CA ALA WB 50 19.10 62.54 63.73
C ALA WB 50 20.26 62.89 64.63
N ARG WB 51 19.97 63.67 65.67
CA ARG WB 51 20.98 64.07 66.65
C ARG WB 51 21.29 62.90 67.56
N LEU WB 52 22.53 62.42 67.53
CA LEU WB 52 22.97 61.33 68.37
C LEU WB 52 23.67 61.88 69.61
N TYR WB 53 23.64 61.09 70.68
CA TYR WB 53 24.19 61.51 71.96
C TYR WB 53 25.18 60.46 72.46
N PRO WB 54 26.33 60.89 72.98
CA PRO WB 54 27.33 59.92 73.45
C PRO WB 54 26.92 59.25 74.76
N VAL WB 55 26.05 58.26 74.67
CA VAL WB 55 25.65 57.51 75.86
C VAL WB 55 26.75 56.52 76.23
N LEU WB 56 26.66 55.99 77.45
CA LEU WB 56 27.63 55.04 77.97
C LEU WB 56 26.97 53.67 78.05
N LEU WB 57 27.47 52.73 77.26
CA LEU WB 57 26.91 51.38 77.19
C LEU WB 57 27.86 50.41 77.88
N VAL WB 58 27.32 49.59 78.78
CA VAL WB 58 28.09 48.58 79.50
C VAL WB 58 27.49 47.22 79.20
N LYS WB 59 28.31 46.31 78.69
CA LYS WB 59 27.88 44.96 78.35
C LYS WB 59 27.97 44.07 79.60
N GLN WB 60 27.83 42.76 79.41
CA GLN WB 60 27.90 41.81 80.53
C GLN WB 60 29.34 41.47 80.88
N ASP WB 61 30.17 42.51 81.03
CA ASP WB 61 31.57 42.32 81.41
C ASP WB 61 32.06 43.29 82.47
N GLY WB 62 31.40 44.43 82.68
CA GLY WB 62 31.89 45.45 83.56
C GLY WB 62 32.61 46.59 82.87
N SER WB 63 32.87 46.47 81.57
CA SER WB 63 33.52 47.52 80.79
C SER WB 63 32.46 48.38 80.10
N THR WB 64 32.81 49.65 79.90
CA THR WB 64 31.90 50.61 79.29
C THR WB 64 32.51 51.19 78.01
N ILE WB 65 31.64 51.61 77.10
CA ILE WB 65 32.04 52.22 75.83
C ILE WB 65 31.10 53.38 75.55
N HIS WB 66 31.52 54.23 74.61
CA HIS WB 66 30.72 55.37 74.17
C HIS WB 66 29.97 54.99 72.90
N ILE WB 67 28.66 55.29 72.88
CA ILE WB 67 27.80 54.97 71.75
C ILE WB 67 27.01 56.20 71.38
N ARG WB 68 27.12 56.64 70.13
CA ARG WB 68 26.30 57.74 69.63
C ARG WB 68 24.88 57.23 69.44
N TYR WB 69 23.99 57.57 70.37
CA TYR WB 69 22.64 57.03 70.37
C TYR WB 69 21.64 58.12 70.70
N ARG WB 70 20.55 58.17 69.94
CA ARG WB 70 19.47 59.11 70.20
C ARG WB 70 18.78 58.78 71.52
N GLU WB 71 17.82 59.62 71.91
CA GLU WB 71 17.10 59.46 73.17
C GLU WB 71 18.12 59.46 74.30
N PRO WB 72 18.66 60.63 74.66
CA PRO WB 72 19.92 60.67 75.41
C PRO WB 72 19.83 60.10 76.82
N ARG WB 73 19.68 58.79 76.91
CA ARG WB 73 19.76 58.10 78.19
C ARG WB 73 21.21 58.11 78.70
N ARG WB 74 21.37 58.34 80.00
CA ARG WB 74 22.71 58.53 80.54
C ARG WB 74 23.51 57.24 80.61
N MET WB 75 22.86 56.08 80.60
CA MET WB 75 23.58 54.82 80.68
C MET WB 75 22.68 53.70 80.18
N LEU WB 76 23.28 52.78 79.41
CA LEU WB 76 22.61 51.60 78.91
C LEU WB 76 23.34 50.36 79.38
N THR WB 77 22.60 49.33 79.75
CA THR WB 77 23.14 48.08 80.25
C THR WB 77 22.67 46.92 79.38
N MET WB 78 23.59 46.01 79.06
CA MET WB 78 23.26 44.85 78.26
C MET WB 78 22.91 43.68 79.18
N PRO WB 79 21.69 43.16 79.14
CA PRO WB 79 21.37 41.98 79.96
C PRO WB 79 21.69 40.67 79.24
N VAL WB 80 21.41 39.54 79.87
CA VAL WB 80 21.62 38.23 79.24
C VAL WB 80 20.76 37.19 79.94
N ASP WB 81 20.07 36.35 79.15
CA ASP WB 81 19.30 35.25 79.71
C ASP WB 81 19.39 33.98 78.87
N LEU WB 82 20.21 33.96 77.83
CA LEU WB 82 20.28 32.81 76.92
C LEU WB 82 21.68 32.26 76.76
N ASP WB 83 22.63 32.67 77.59
CA ASP WB 83 24.01 32.19 77.45
C ASP WB 83 24.24 30.92 78.27
N SER WB 84 23.54 30.76 79.39
CA SER WB 84 23.71 29.61 80.25
C SER WB 84 22.77 28.48 79.82
N LEU WB 85 22.91 27.33 80.48
CA LEU WB 85 22.10 26.17 80.18
C LEU WB 85 20.81 26.22 81.00
N SER WB 86 19.96 25.19 80.89
CA SER WB 86 18.72 25.17 81.62
C SER WB 86 18.95 25.01 83.12
N PRO WB 87 19.90 24.15 83.50
CA PRO WB 87 20.22 23.98 84.92
C PRO WB 87 20.74 25.26 85.53
N GLU WB 88 21.66 25.94 84.83
CA GLU WB 88 22.17 27.21 85.32
C GLU WB 88 21.10 28.29 85.35
N GLU WB 89 20.19 28.27 84.37
CA GLU WB 89 19.09 29.24 84.38
C GLU WB 89 18.18 29.02 85.58
N ARG WB 90 17.86 27.76 85.88
CA ARG WB 90 17.05 27.46 87.06
C ARG WB 90 17.78 27.84 88.34
N ARG WB 91 19.10 27.61 88.39
CA ARG WB 91 19.87 28.01 89.56
C ARG WB 91 19.86 29.52 89.75
N ALA WB 92 19.99 30.27 88.64
CA ALA WB 92 19.95 31.73 88.74
C ALA WB 92 18.57 32.22 89.15
N ARG WB 93 17.51 31.60 88.62
CA ARG WB 93 16.16 31.99 89.00
C ARG WB 93 15.89 31.70 90.47
N PHE WB 94 16.45 30.60 91.00
CA PHE WB 94 16.30 30.31 92.42
C PHE WB 94 17.13 31.25 93.28
N ARG WB 95 18.32 31.64 92.81
CA ARG WB 95 19.16 32.57 93.57
C ARG WB 95 18.55 33.96 93.60
N LYS WB 96 17.87 34.36 92.52
CA LYS WB 96 17.24 35.67 92.46
C LYS WB 96 16.00 35.71 93.35
N ALA XB 79 19.15 3.30 -50.09
CA ALA XB 79 20.45 3.91 -49.87
C ALA XB 79 20.68 5.07 -50.83
N ALA XB 80 21.39 6.09 -50.38
CA ALA XB 80 21.64 7.26 -51.21
C ALA XB 80 23.13 7.41 -51.50
N PRO XB 81 23.48 7.84 -52.71
CA PRO XB 81 24.90 8.12 -52.99
C PRO XB 81 25.38 9.33 -52.22
N LYS XB 82 26.62 9.25 -51.74
CA LYS XB 82 27.16 10.30 -50.88
C LYS XB 82 27.82 11.42 -51.68
N ASN XB 83 28.47 11.09 -52.79
CA ASN XB 83 29.15 12.09 -53.62
C ASN XB 83 28.97 11.74 -55.09
N ARG XB 84 29.17 12.75 -55.93
CA ARG XB 84 29.10 12.57 -57.37
C ARG XB 84 30.35 11.89 -57.88
N ARG XB 85 30.18 10.79 -58.60
CA ARG XB 85 31.31 10.05 -59.15
C ARG XB 85 31.91 10.84 -60.31
N SER XB 86 33.23 11.00 -60.30
CA SER XB 86 33.89 11.79 -61.31
C SER XB 86 33.94 11.06 -62.65
N ILE XB 87 34.20 11.82 -63.71
CA ILE XB 87 34.19 11.26 -65.06
C ILE XB 87 35.35 10.27 -65.24
N GLU XB 88 36.45 10.45 -64.52
CA GLU XB 88 37.55 9.51 -64.62
C GLU XB 88 37.12 8.11 -64.16
N VAL XB 89 36.49 8.04 -62.98
CA VAL XB 89 36.02 6.76 -62.48
C VAL XB 89 34.86 6.24 -63.35
N ASN XB 90 34.04 7.15 -63.87
CA ASN XB 90 32.96 6.73 -64.76
C ASN XB 90 33.53 6.02 -66.00
N ARG XB 91 34.56 6.60 -66.60
CA ARG XB 91 35.19 5.97 -67.76
C ARG XB 91 35.85 4.65 -67.37
N CYS XB 92 36.60 4.66 -66.26
CA CYS XB 92 37.24 3.43 -65.80
C CYS XB 92 36.23 2.32 -65.54
N ARG XB 93 34.98 2.67 -65.25
CA ARG XB 93 33.94 1.66 -65.05
C ARG XB 93 33.31 1.21 -66.36
N ARG XB 94 32.84 2.16 -67.17
CA ARG XB 94 32.07 1.81 -68.36
C ARG XB 94 32.92 1.76 -69.64
N ARG XB 95 34.24 1.61 -69.51
CA ARG XB 95 35.06 1.24 -70.64
C ARG XB 95 35.91 0.00 -70.38
N ASN XB 96 35.61 -0.75 -69.32
CA ASN XB 96 36.36 -1.95 -69.02
C ASN XB 96 36.07 -3.03 -70.07
N PRO XB 97 37.06 -3.85 -70.45
CA PRO XB 97 36.82 -4.89 -71.45
C PRO XB 97 35.70 -5.85 -71.09
N GLN XB 98 35.30 -5.94 -69.83
CA GLN XB 98 34.19 -6.82 -69.46
C GLN XB 98 32.88 -6.31 -70.04
N LYS XB 99 32.73 -5.00 -70.22
CA LYS XB 99 31.52 -4.42 -70.79
C LYS XB 99 31.64 -4.09 -72.26
N LEU XB 100 32.84 -4.13 -72.83
CA LEU XB 100 33.02 -3.86 -74.26
C LEU XB 100 32.54 -5.05 -75.07
N ILE XB 101 31.93 -4.75 -76.21
CA ILE XB 101 31.42 -5.80 -77.09
C ILE XB 101 32.59 -6.53 -77.73
N LYS XB 102 32.68 -7.83 -77.53
CA LYS XB 102 33.77 -8.62 -78.08
C LYS XB 102 33.54 -8.90 -79.56
N VAL XB 103 34.65 -9.03 -80.28
CA VAL XB 103 34.59 -9.30 -81.72
C VAL XB 103 34.37 -10.80 -81.92
N LYS XB 104 33.37 -11.14 -82.74
CA LYS XB 104 33.07 -12.54 -83.04
C LYS XB 104 33.86 -12.96 -84.28
N ASN XB 105 34.67 -14.00 -84.14
CA ASN XB 105 35.56 -14.45 -85.20
C ASN XB 105 35.08 -15.71 -85.89
N ASN XB 106 33.82 -16.11 -85.68
CA ASN XB 106 33.25 -17.27 -86.33
C ASN XB 106 32.47 -16.91 -87.59
N ILE XB 107 32.76 -15.76 -88.18
CA ILE XB 107 32.04 -15.29 -89.36
C ILE XB 107 32.64 -15.94 -90.59
N ASP XB 108 31.76 -16.40 -91.49
CA ASP XB 108 32.18 -17.02 -92.74
C ASP XB 108 31.17 -16.64 -93.81
N VAL XB 109 31.52 -16.96 -95.06
CA VAL XB 109 30.64 -16.67 -96.20
C VAL XB 109 29.97 -17.95 -96.64
N CYS XB 110 28.75 -17.81 -97.15
CA CYS XB 110 28.01 -18.95 -97.66
C CYS XB 110 28.52 -19.29 -99.05
N PRO XB 111 29.08 -20.48 -99.26
CA PRO XB 111 29.62 -20.82 -100.60
C PRO XB 111 28.55 -20.88 -101.67
N GLU XB 112 27.27 -20.94 -101.31
CA GLU XB 112 26.22 -21.07 -102.30
C GLU XB 112 25.84 -19.73 -102.90
N CYS XB 113 25.38 -18.79 -102.07
CA CYS XB 113 24.90 -17.51 -102.55
C CYS XB 113 25.86 -16.35 -102.30
N GLY XB 114 26.89 -16.56 -101.49
CA GLY XB 114 27.88 -15.53 -101.26
C GLY XB 114 27.58 -14.56 -100.14
N HIS XB 115 26.51 -14.79 -99.37
CA HIS XB 115 26.18 -13.93 -98.25
C HIS XB 115 27.01 -14.33 -97.03
N LEU XB 116 26.68 -13.74 -95.88
CA LEU XB 116 27.41 -13.98 -94.65
C LEU XB 116 26.60 -14.86 -93.72
N LYS XB 117 27.30 -15.71 -92.96
CA LYS XB 117 26.67 -16.58 -91.99
C LYS XB 117 27.71 -17.01 -90.97
N GLN XB 118 27.23 -17.57 -89.86
CA GLN XB 118 28.13 -18.12 -88.85
C GLN XB 118 28.36 -19.61 -89.12
N LYS XB 119 29.40 -20.13 -88.49
CA LYS XB 119 29.82 -21.50 -88.77
C LYS XB 119 28.91 -22.55 -88.14
N HIS XB 120 28.05 -22.15 -87.19
CA HIS XB 120 27.12 -23.08 -86.57
C HIS XB 120 25.66 -22.71 -86.82
N ILE XB 121 25.40 -21.74 -87.69
CA ILE XB 121 24.06 -21.28 -87.99
C ILE XB 121 23.85 -21.34 -89.50
N LEU XB 122 22.65 -21.73 -89.92
CA LEU XB 122 22.33 -21.78 -91.34
C LEU XB 122 22.40 -20.39 -91.96
N CYS XB 123 22.57 -20.36 -93.28
CA CYS XB 123 22.65 -19.10 -94.00
C CYS XB 123 21.28 -18.43 -94.02
N GLY XB 124 21.26 -17.14 -93.69
CA GLY XB 124 20.00 -16.41 -93.66
C GLY XB 124 19.33 -16.32 -95.01
N TYR XB 125 20.11 -16.08 -96.06
CA TYR XB 125 19.54 -15.94 -97.40
C TYR XB 125 18.94 -17.27 -97.86
N CYS XB 126 19.69 -18.36 -97.70
CA CYS XB 126 19.18 -19.67 -98.11
C CYS XB 126 17.97 -20.08 -97.29
N TYR XB 127 17.99 -19.79 -95.99
CA TYR XB 127 16.83 -20.11 -95.18
C TYR XB 127 15.61 -19.28 -95.58
N GLU XB 128 15.82 -18.02 -95.99
CA GLU XB 128 14.70 -17.21 -96.45
C GLU XB 128 14.14 -17.75 -97.75
N LYS XB 129 15.00 -18.19 -98.66
CA LYS XB 129 14.53 -18.82 -99.89
C LYS XB 129 13.70 -20.07 -99.58
N VAL XB 130 14.22 -20.93 -98.71
CA VAL XB 130 13.51 -22.15 -98.35
C VAL XB 130 12.19 -21.82 -97.67
N ARG XB 131 12.17 -20.75 -96.86
CA ARG XB 131 10.95 -20.39 -96.16
C ARG XB 131 9.90 -19.87 -97.13
N LYS XB 132 10.31 -19.06 -98.11
CA LYS XB 132 9.36 -18.60 -99.13
C LYS XB 132 8.79 -19.78 -99.92
N GLU XB 133 9.65 -20.71 -100.33
CA GLU XB 133 9.16 -21.86 -101.09
C GLU XB 133 8.24 -22.73 -100.24
N THR XB 134 8.57 -22.92 -98.96
CA THR XB 134 7.72 -23.71 -98.09
C THR XB 134 6.39 -23.03 -97.86
N ALA XB 135 6.39 -21.70 -97.73
CA ALA XB 135 5.14 -20.96 -97.56
C ALA XB 135 4.25 -21.12 -98.80
N GLU XB 136 4.84 -21.03 -99.99
CA GLU XB 136 4.06 -21.23 -101.20
C GLU XB 136 3.50 -22.65 -101.28
N ILE XB 137 4.33 -23.65 -100.98
CA ILE XB 137 3.88 -25.04 -101.04
C ILE XB 137 2.74 -25.28 -100.04
N ARG XB 138 2.88 -24.77 -98.82
CA ARG XB 138 1.84 -24.97 -97.82
C ARG XB 138 0.58 -24.21 -98.16
N ARG XB 139 0.71 -23.01 -98.75
CA ARG XB 139 -0.48 -22.27 -99.18
C ARG XB 139 -1.23 -23.05 -100.25
N GLN XB 140 -0.50 -23.65 -101.20
CA GLN XB 140 -1.19 -24.41 -102.24
C GLN XB 140 -1.82 -25.69 -101.68
N MET XB 141 -1.11 -26.39 -100.80
CA MET XB 141 -1.66 -27.62 -100.22
C MET XB 141 -2.82 -27.33 -99.28
N GLY XB 142 -2.90 -26.13 -98.71
CA GLY XB 142 -4.06 -25.76 -97.93
C GLY XB 142 -5.22 -25.30 -98.78
N LYS XB 143 -4.92 -24.64 -99.92
CA LYS XB 143 -5.97 -24.31 -100.87
C LYS XB 143 -6.60 -25.57 -101.46
N GLN XB 144 -5.80 -26.62 -101.64
CA GLN XB 144 -6.35 -27.88 -102.13
C GLN XB 144 -7.36 -28.47 -101.15
N GLU XB 145 -7.18 -28.23 -99.86
CA GLU XB 145 -8.06 -28.80 -98.82
C GLU XB 145 -8.96 -27.69 -98.31
N GLY XB 146 -10.20 -27.65 -98.83
CA GLY XB 146 -11.14 -26.61 -98.48
C GLY XB 146 -11.61 -26.63 -97.04
N GLY XB 147 -11.21 -27.63 -96.26
CA GLY XB 147 -11.60 -27.72 -94.87
C GLY XB 147 -10.41 -27.57 -93.94
N PRO XB 148 -10.66 -27.04 -92.74
CA PRO XB 148 -9.54 -26.85 -91.80
C PRO XB 148 -9.03 -28.15 -91.21
N PHE XB 149 -9.93 -29.10 -90.95
CA PHE XB 149 -9.56 -30.39 -90.36
C PHE XB 149 -9.51 -31.50 -91.39
N ARG XB 150 -9.29 -31.16 -92.66
CA ARG XB 150 -9.18 -32.16 -93.73
C ARG XB 150 -7.69 -32.34 -94.02
N ALA XB 151 -7.07 -33.29 -93.33
CA ALA XB 151 -5.66 -33.59 -93.45
C ALA XB 151 -5.44 -34.78 -94.37
N PRO XB 152 -4.33 -34.80 -95.10
CA PRO XB 152 -4.04 -35.95 -95.98
C PRO XB 152 -3.78 -37.21 -95.16
N THR XB 153 -4.43 -38.30 -95.56
CA THR XB 153 -4.28 -39.58 -94.89
C THR XB 153 -3.10 -40.39 -95.42
N THR XB 154 -2.51 -39.99 -96.53
CA THR XB 154 -1.39 -40.69 -97.14
C THR XB 154 -0.23 -39.72 -97.34
N GLU XB 155 0.85 -40.24 -97.91
CA GLU XB 155 2.03 -39.43 -98.18
C GLU XB 155 1.71 -38.35 -99.22
N THR XB 156 2.51 -37.29 -99.20
CA THR XB 156 2.34 -36.16 -100.10
C THR XB 156 3.62 -35.94 -100.90
N VAL XB 157 3.45 -35.46 -102.13
CA VAL XB 157 4.56 -35.20 -103.04
C VAL XB 157 4.27 -33.92 -103.80
N VAL XB 158 5.28 -33.05 -103.87
CA VAL XB 158 5.18 -31.78 -104.59
C VAL XB 158 5.94 -31.91 -105.91
N LEU XB 159 5.33 -31.46 -107.00
CA LEU XB 159 5.92 -31.49 -108.32
C LEU XB 159 5.72 -30.14 -109.00
N TYR XB 160 6.64 -29.80 -109.89
CA TYR XB 160 6.63 -28.52 -110.59
C TYR XB 160 6.27 -28.73 -112.05
N SER XB 161 6.10 -27.61 -112.75
CA SER XB 161 5.83 -27.64 -114.18
C SER XB 161 6.89 -28.46 -114.91
N GLY XB 162 6.45 -29.19 -115.94
CA GLY XB 162 7.36 -30.02 -116.69
C GLY XB 162 7.67 -31.35 -116.06
N GLU XB 163 6.82 -31.82 -115.15
CA GLU XB 163 7.06 -33.06 -114.44
C GLU XB 163 5.79 -33.90 -114.43
N THR XB 164 5.97 -35.22 -114.42
CA THR XB 164 4.86 -36.16 -114.38
C THR XB 164 5.07 -37.15 -113.24
N PRO XB 165 4.01 -37.55 -112.55
CA PRO XB 165 4.16 -38.49 -111.43
C PRO XB 165 4.57 -39.88 -111.92
N SER XB 166 5.66 -40.40 -111.37
CA SER XB 166 6.15 -41.72 -111.74
C SER XB 166 5.37 -42.79 -110.99
N GLU XB 167 5.80 -44.05 -111.16
CA GLU XB 167 5.11 -45.15 -110.50
C GLU XB 167 5.33 -45.14 -108.99
N GLN XB 168 6.51 -44.70 -108.54
CA GLN XB 168 6.76 -44.56 -107.12
C GLN XB 168 6.03 -43.36 -106.52
N ASP XB 169 5.61 -42.41 -107.35
CA ASP XB 169 4.86 -41.24 -106.90
C ASP XB 169 3.36 -41.41 -107.05
N GLN XB 170 2.90 -42.55 -107.57
CA GLN XB 170 1.48 -42.79 -107.71
C GLN XB 170 0.89 -43.36 -106.43
N GLY XB 171 -0.35 -42.97 -106.15
CA GLY XB 171 -1.01 -43.37 -104.92
C GLY XB 171 -0.90 -42.39 -103.79
N LYS XB 172 -0.18 -41.29 -103.97
CA LYS XB 172 0.01 -40.28 -102.95
C LYS XB 172 -0.67 -38.98 -103.35
N ARG XB 173 -0.86 -38.10 -102.37
CA ARG XB 173 -1.37 -36.78 -102.65
C ARG XB 173 -0.36 -35.98 -103.46
N ILE XB 174 -0.84 -35.21 -104.43
CA ILE XB 174 0.00 -34.53 -105.40
C ILE XB 174 -0.27 -33.04 -105.33
N ILE XB 175 0.81 -32.25 -105.20
CA ILE XB 175 0.75 -30.80 -105.31
C ILE XB 175 1.42 -30.41 -106.61
N GLU XB 176 0.78 -29.53 -107.37
CA GLU XB 176 1.28 -29.10 -108.68
C GLU XB 176 1.59 -27.62 -108.63
N ARG XB 177 2.82 -27.25 -108.98
CA ARG XB 177 3.25 -25.87 -108.99
C ARG XB 177 3.52 -25.40 -110.41
N GLU XB 178 3.10 -24.17 -110.70
CA GLU XB 178 3.35 -23.58 -112.02
C GLU XB 178 4.81 -23.19 -112.18
N ARG XB 179 5.46 -22.74 -111.11
CA ARG XB 179 6.87 -22.41 -111.16
C ARG XB 179 7.70 -23.66 -111.48
N LYS XB 180 8.81 -23.44 -112.18
CA LYS XB 180 9.72 -24.54 -112.45
C LYS XB 180 10.39 -25.01 -111.15
N ARG XB 181 10.95 -26.21 -111.22
CA ARG XB 181 11.65 -26.77 -110.07
C ARG XB 181 12.95 -26.02 -109.85
N PRO XB 182 13.18 -25.42 -108.68
CA PRO XB 182 14.41 -24.67 -108.46
C PRO XB 182 15.64 -25.57 -108.45
N SER XB 183 16.81 -24.93 -108.36
CA SER XB 183 18.06 -25.66 -108.42
C SER XB 183 18.33 -26.41 -107.13
N TRP XB 184 18.01 -25.81 -105.98
CA TRP XB 184 18.31 -26.45 -104.70
C TRP XB 184 17.39 -27.63 -104.43
N PHE XB 185 16.17 -27.60 -104.95
CA PHE XB 185 15.21 -28.68 -104.71
C PHE XB 185 15.60 -29.90 -105.54
N THR XB 186 15.88 -31.01 -104.87
CA THR XB 186 16.27 -32.24 -105.54
C THR XB 186 15.03 -33.05 -105.92
N GLN XB 187 15.15 -33.84 -106.99
CA GLN XB 187 14.04 -34.67 -107.42
C GLN XB 187 13.73 -35.75 -106.39
N ASN XB 188 14.70 -36.63 -106.13
CA ASN XB 188 14.55 -37.70 -105.15
C ASN XB 188 13.31 -38.55 -105.40
N SER YB 13 1.86 52.27 18.02
CA SER YB 13 2.11 53.70 18.04
C SER YB 13 2.43 54.22 16.64
N LYS YB 14 1.39 54.51 15.86
CA LYS YB 14 1.55 55.01 14.51
C LYS YB 14 1.60 56.54 14.52
N THR YB 15 2.45 57.11 13.68
CA THR YB 15 2.64 58.55 13.61
C THR YB 15 1.58 59.17 12.70
N ILE YB 16 1.69 60.49 12.51
CA ILE YB 16 0.72 61.24 11.71
C ILE YB 16 1.39 62.51 11.23
N LEU YB 17 1.16 62.85 9.96
CA LEU YB 17 1.73 64.05 9.34
C LEU YB 17 0.71 65.17 9.40
N VAL YB 18 1.10 66.30 9.96
CA VAL YB 18 0.20 67.45 10.13
C VAL YB 18 0.83 68.68 9.50
N LYS YB 19 -0.02 69.49 8.87
CA LYS YB 19 0.37 70.75 8.26
C LYS YB 19 0.06 71.87 9.25
N MET YB 20 1.09 72.61 9.64
CA MET YB 20 0.97 73.68 10.62
C MET YB 20 1.26 75.01 9.93
N MET YB 21 0.38 75.99 10.14
CA MET YB 21 0.54 77.32 9.57
C MET YB 21 1.04 78.29 10.63
N SER YB 22 1.66 79.37 10.16
CA SER YB 22 2.21 80.38 11.05
C SER YB 22 1.07 81.17 11.71
N GLN YB 23 1.43 81.89 12.78
CA GLN YB 23 0.50 82.74 13.50
C GLN YB 23 0.87 84.21 13.40
N ALA YB 24 1.90 84.56 12.63
CA ALA YB 24 2.29 85.94 12.42
C ALA YB 24 1.51 86.61 11.29
N GLY YB 25 0.38 86.04 10.90
CA GLY YB 25 -0.46 86.58 9.84
C GLY YB 25 -0.04 86.16 8.45
N THR YB 26 1.25 86.02 8.22
CA THR YB 26 1.74 85.63 6.91
C THR YB 26 1.41 84.16 6.64
N GLY YB 27 0.95 83.89 5.41
CA GLY YB 27 0.64 82.53 5.01
C GLY YB 27 1.89 81.70 4.79
N PHE YB 28 2.15 80.77 5.70
CA PHE YB 28 3.34 79.94 5.61
C PHE YB 28 3.08 78.66 6.41
N SER YB 29 3.03 77.53 5.71
CA SER YB 29 2.75 76.25 6.32
C SER YB 29 3.92 75.30 6.14
N PHE YB 30 4.07 74.37 7.09
CA PHE YB 30 5.12 73.37 7.02
C PHE YB 30 4.59 72.07 7.62
N ASN YB 31 5.16 70.96 7.16
CA ASN YB 31 4.71 69.64 7.56
C ASN YB 31 5.55 69.11 8.71
N THR YB 32 4.90 68.36 9.59
CA THR YB 32 5.57 67.83 10.78
C THR YB 32 5.03 66.45 11.11
N LYS YB 33 5.92 65.54 11.48
CA LYS YB 33 5.54 64.21 11.92
C LYS YB 33 5.25 64.23 13.41
N ARG YB 34 4.05 63.83 13.79
CA ARG YB 34 3.61 63.87 15.17
C ARG YB 34 3.11 62.50 15.59
N SER YB 35 3.02 62.29 16.90
CA SER YB 35 2.47 61.06 17.46
C SER YB 35 0.95 61.21 17.58
N ARG YB 36 0.25 60.10 17.36
CA ARG YB 36 -1.21 60.15 17.32
C ARG YB 36 -1.81 60.39 18.71
N LEU YB 37 -1.20 59.79 19.75
CA LEU YB 37 -1.75 59.86 21.10
C LEU YB 37 -1.31 61.12 21.86
N ARG YB 38 -0.85 62.15 21.16
CA ARG YB 38 -0.44 63.39 21.80
C ARG YB 38 -1.48 64.47 21.58
N GLU YB 39 -1.29 65.61 22.24
CA GLU YB 39 -2.22 66.72 22.16
C GLU YB 39 -2.00 67.49 20.85
N LYS YB 40 -2.67 68.61 20.69
CA LYS YB 40 -2.50 69.44 19.51
C LYS YB 40 -1.11 70.06 19.50
N LEU YB 41 -0.41 69.91 18.38
CA LEU YB 41 0.98 70.35 18.31
C LEU YB 41 1.05 71.87 18.25
N THR YB 42 1.95 72.44 19.04
CA THR YB 42 2.17 73.89 19.09
C THR YB 42 3.61 74.13 19.48
N LEU YB 43 4.42 74.63 18.55
CA LEU YB 43 5.85 74.79 18.74
C LEU YB 43 6.28 76.17 18.30
N LEU YB 44 7.60 76.40 18.32
CA LEU YB 44 8.19 77.66 17.88
C LEU YB 44 9.11 77.36 16.70
N HIS YB 45 8.86 78.00 15.58
CA HIS YB 45 9.63 77.82 14.35
C HIS YB 45 10.14 79.16 13.86
N TYR YB 46 10.86 79.12 12.74
CA TYR YB 46 11.41 80.33 12.11
C TYR YB 46 10.71 80.55 10.79
N ASP YB 47 10.03 81.69 10.66
CA ASP YB 47 9.32 82.02 9.44
C ASP YB 47 10.19 82.91 8.56
N PRO YB 48 10.57 82.46 7.36
CA PRO YB 48 11.44 83.27 6.51
C PRO YB 48 10.78 84.54 5.97
N VAL YB 49 9.46 84.65 6.05
CA VAL YB 49 8.78 85.83 5.52
C VAL YB 49 9.00 87.03 6.44
N VAL YB 50 8.56 86.92 7.70
CA VAL YB 50 8.76 88.01 8.66
C VAL YB 50 10.10 87.93 9.36
N LYS YB 51 10.86 86.85 9.17
CA LYS YB 51 12.20 86.69 9.73
C LYS YB 51 12.18 86.82 11.25
N LYS YB 52 11.26 86.10 11.89
CA LYS YB 52 11.10 86.14 13.33
C LYS YB 52 10.79 84.74 13.85
N LYS YB 53 10.96 84.57 15.15
CA LYS YB 53 10.62 83.31 15.82
C LYS YB 53 9.12 83.33 16.11
N VAL YB 54 8.38 82.50 15.39
CA VAL YB 54 6.92 82.54 15.41
C VAL YB 54 6.38 81.26 16.05
N LEU YB 55 5.18 81.38 16.61
CA LEU YB 55 4.46 80.24 17.16
C LEU YB 55 3.65 79.57 16.06
N PHE YB 56 3.81 78.25 15.93
CA PHE YB 56 3.13 77.47 14.90
C PHE YB 56 2.26 76.42 15.57
N VAL YB 57 0.97 76.41 15.22
CA VAL YB 57 0.02 75.46 15.75
C VAL YB 57 -0.45 74.55 14.62
N GLU YB 58 -0.92 73.37 15.00
CA GLU YB 58 -1.43 72.42 14.02
C GLU YB 58 -2.71 72.94 13.37
N GLN YB 59 -2.74 72.95 12.04
CA GLN YB 59 -3.90 73.39 11.29
C GLN YB 59 -4.65 72.24 10.62
N LYS YB 60 -3.97 71.44 9.81
CA LYS YB 60 -4.62 70.37 9.07
C LYS YB 60 -3.87 69.06 9.27
N LYS YB 61 -4.53 67.96 8.91
CA LYS YB 61 -3.95 66.63 8.97
C LYS YB 61 -3.82 66.10 7.55
N ILE YB 62 -2.59 65.84 7.11
CA ILE YB 62 -2.36 65.45 5.72
C ILE YB 62 -2.33 63.94 5.61
N ARG YB 63 -1.38 63.30 6.29
CA ARG YB 63 -1.17 61.87 6.21
C ARG YB 63 -1.21 61.27 7.61
N SER YB 64 -1.76 60.06 7.70
CA SER YB 64 -1.82 59.35 8.98
C SER YB 64 -0.45 58.83 9.38
N LYS ZB 50 -12.37 6.66 -47.93
CA LYS ZB 50 -11.27 5.73 -48.16
C LYS ZB 50 -10.31 6.29 -49.19
N ALA ZB 51 -10.66 6.14 -50.47
CA ALA ZB 51 -9.86 6.66 -51.56
C ALA ZB 51 -10.24 8.11 -51.84
N ARG ZB 52 -9.23 8.95 -52.02
CA ARG ZB 52 -9.43 10.38 -52.26
C ARG ZB 52 -8.81 10.78 -53.59
N GLY ZB 53 -9.17 11.98 -54.05
CA GLY ZB 53 -8.74 12.49 -55.32
C GLY ZB 53 -9.83 12.51 -56.38
N ASN ZB 54 -10.94 11.82 -56.16
CA ASN ZB 54 -12.04 11.73 -57.10
C ASN ZB 54 -13.25 12.54 -56.63
N GLU ZB 55 -13.00 13.69 -56.02
CA GLU ZB 55 -14.07 14.50 -55.43
C GLU ZB 55 -14.89 15.25 -56.47
N TYR ZB 56 -14.61 15.07 -57.76
CA TYR ZB 56 -15.32 15.79 -58.82
C TYR ZB 56 -16.20 14.80 -59.56
N GLN ZB 57 -17.49 14.81 -59.24
CA GLN ZB 57 -18.47 13.99 -59.95
C GLN ZB 57 -19.21 14.88 -60.94
N PRO ZB 58 -18.93 14.78 -62.23
CA PRO ZB 58 -19.47 15.76 -63.19
C PRO ZB 58 -20.98 15.67 -63.30
N SER ZB 59 -21.62 16.83 -63.41
CA SER ZB 59 -23.07 16.92 -63.60
C SER ZB 59 -23.39 18.27 -64.20
N ASN ZB 60 -23.92 18.28 -65.42
CA ASN ZB 60 -24.18 19.54 -66.10
C ASN ZB 60 -25.27 20.35 -65.38
N ILE ZB 61 -26.28 19.68 -64.84
CA ILE ZB 61 -27.35 20.39 -64.14
C ILE ZB 61 -26.80 21.08 -62.90
N LYS ZB 62 -26.03 20.35 -62.10
CA LYS ZB 62 -25.44 20.97 -60.91
C LYS ZB 62 -24.47 22.08 -61.27
N ARG ZB 63 -23.69 21.89 -62.33
CA ARG ZB 63 -22.75 22.92 -62.74
C ARG ZB 63 -23.47 24.19 -63.19
N LYS ZB 64 -24.54 24.04 -63.95
CA LYS ZB 64 -25.29 25.20 -64.43
C LYS ZB 64 -26.08 25.86 -63.31
N HIS ZB 65 -26.47 25.10 -62.29
CA HIS ZB 65 -27.21 25.69 -61.19
C HIS ZB 65 -26.32 26.29 -60.11
N LYS ZB 66 -25.05 25.91 -60.05
CA LYS ZB 66 -24.15 26.46 -59.05
C LYS ZB 66 -23.18 27.49 -59.59
N HIS ZB 67 -22.86 27.44 -60.89
CA HIS ZB 67 -21.91 28.39 -61.48
C HIS ZB 67 -22.42 28.94 -62.81
N GLY ZB 68 -23.70 28.78 -63.09
CA GLY ZB 68 -24.26 29.29 -64.33
C GLY ZB 68 -24.42 30.79 -64.33
N TRP ZB 69 -24.76 31.32 -65.51
CA TRP ZB 69 -24.90 32.76 -65.65
C TRP ZB 69 -26.09 33.30 -64.87
N VAL ZB 70 -27.20 32.56 -64.85
CA VAL ZB 70 -28.36 32.99 -64.09
C VAL ZB 70 -28.05 32.99 -62.60
N ARG ZB 71 -27.37 31.95 -62.12
CA ARG ZB 71 -26.97 31.91 -60.71
C ARG ZB 71 -26.00 33.04 -60.39
N ARG ZB 72 -25.14 33.41 -61.33
CA ARG ZB 72 -24.23 34.53 -61.11
C ARG ZB 72 -24.98 35.85 -61.01
N LEU ZB 73 -25.93 36.08 -61.91
CA LEU ZB 73 -26.58 37.38 -61.97
C LEU ZB 73 -27.72 37.54 -60.98
N ARG ZB 74 -28.26 36.45 -60.43
CA ARG ZB 74 -29.33 36.57 -59.47
C ARG ZB 74 -28.84 36.99 -58.08
N THR ZB 75 -27.55 37.24 -57.91
CA THR ZB 75 -27.00 37.73 -56.66
C THR ZB 75 -26.10 38.92 -56.92
N PRO ZB 76 -26.12 39.93 -56.05
CA PRO ZB 76 -25.27 41.11 -56.28
C PRO ZB 76 -23.78 40.79 -56.21
N THR ZB 77 -23.38 39.76 -55.46
CA THR ZB 77 -21.98 39.39 -55.41
C THR ZB 77 -21.52 38.79 -56.73
N GLY ZB 78 -22.38 37.99 -57.37
CA GLY ZB 78 -22.04 37.43 -58.66
C GLY ZB 78 -21.85 38.49 -59.73
N VAL ZB 79 -22.59 39.60 -59.63
CA VAL ZB 79 -22.38 40.71 -60.55
C VAL ZB 79 -20.98 41.27 -60.39
N GLN ZB 80 -20.51 41.39 -59.14
CA GLN ZB 80 -19.15 41.86 -58.90
C GLN ZB 80 -18.12 40.86 -59.42
N VAL ZB 81 -18.40 39.57 -59.26
CA VAL ZB 81 -17.51 38.54 -59.81
C VAL ZB 81 -17.39 38.70 -61.32
N ILE ZB 82 -18.53 38.85 -62.00
CA ILE ZB 82 -18.52 38.98 -63.45
C ILE ZB 82 -17.82 40.26 -63.88
N LEU ZB 83 -18.03 41.34 -63.14
CA LEU ZB 83 -17.36 42.60 -63.47
C LEU ZB 83 -15.85 42.49 -63.33
N ARG ZB 84 -15.39 41.82 -62.27
CA ARG ZB 84 -13.95 41.64 -62.10
C ARG ZB 84 -13.38 40.73 -63.19
N ARG ZB 85 -14.13 39.71 -63.60
CA ARG ZB 85 -13.65 38.85 -64.66
C ARG ZB 85 -13.58 39.59 -65.99
N MET ZB 86 -14.55 40.48 -66.24
CA MET ZB 86 -14.51 41.28 -67.46
C MET ZB 86 -13.38 42.29 -67.43
N HIS ZB 87 -13.09 42.84 -66.24
CA HIS ZB 87 -11.95 43.75 -66.11
C HIS ZB 87 -10.64 43.03 -66.35
N LYS ZB 88 -10.51 41.80 -65.83
CA LYS ZB 88 -9.29 41.04 -66.06
C LYS ZB 88 -9.19 40.55 -67.50
N GLY ZB 89 -10.32 40.36 -68.16
CA GLY ZB 89 -10.35 39.95 -69.55
C GLY ZB 89 -10.48 38.47 -69.80
N ARG ZB 90 -11.18 37.74 -68.95
CA ARG ZB 90 -11.34 36.31 -69.14
C ARG ZB 90 -12.08 36.01 -70.43
N LYS ZB 91 -11.71 34.91 -71.09
CA LYS ZB 91 -12.43 34.49 -72.28
C LYS ZB 91 -13.76 33.85 -71.91
N SER ZB 92 -13.79 33.07 -70.83
CA SER ZB 92 -15.00 32.42 -70.33
C SER ZB 92 -15.35 33.05 -68.99
N LEU ZB 93 -16.40 33.87 -68.97
CA LEU ZB 93 -16.80 34.52 -67.73
C LEU ZB 93 -17.36 33.52 -66.74
N SER ZB 94 -18.12 32.54 -67.22
CA SER ZB 94 -18.69 31.51 -66.37
C SER ZB 94 -18.92 30.26 -67.21
N HIS ZB 95 -19.41 29.20 -66.56
CA HIS ZB 95 -19.69 27.95 -67.24
C HIS ZB 95 -20.85 28.10 -68.21
N VAL AC 94 11.00 59.69 -32.87
CA VAL AC 94 11.20 60.98 -33.54
C VAL AC 94 11.03 60.80 -35.05
N THR AC 95 9.92 61.31 -35.57
CA THR AC 95 9.60 61.19 -37.00
C THR AC 95 10.59 62.01 -37.80
N TYR AC 96 11.52 61.34 -38.48
CA TYR AC 96 12.52 62.05 -39.25
C TYR AC 96 11.94 62.63 -40.53
N PHE AC 97 10.90 62.00 -41.09
CA PHE AC 97 10.25 62.48 -42.29
C PHE AC 97 8.75 62.38 -42.10
N SER AC 98 8.09 63.52 -41.91
CA SER AC 98 6.66 63.54 -41.69
C SER AC 98 5.92 63.12 -42.97
N SER AC 99 4.60 62.98 -42.84
CA SER AC 99 3.77 62.56 -43.97
C SER AC 99 3.04 63.70 -44.64
N ARG AC 100 2.76 64.79 -43.92
CA ARG AC 100 2.07 65.93 -44.53
C ARG AC 100 3.03 66.81 -45.30
N LYS AC 101 4.01 67.39 -44.61
CA LYS AC 101 4.99 68.28 -45.22
C LYS AC 101 6.29 67.59 -45.58
N GLY AC 102 6.54 66.40 -45.04
CA GLY AC 102 7.80 65.72 -45.27
C GLY AC 102 8.97 66.24 -44.50
N LYS AC 103 8.73 67.04 -43.46
CA LYS AC 103 9.80 67.61 -42.65
C LYS AC 103 10.09 66.68 -41.47
N ARG AC 104 10.91 67.15 -40.53
CA ARG AC 104 11.31 66.38 -39.36
C ARG AC 104 10.61 66.96 -38.13
N LYS AC 105 9.75 66.17 -37.51
CA LYS AC 105 9.03 66.63 -36.33
C LYS AC 105 9.95 66.68 -35.12
N THR AC 106 9.38 67.04 -33.97
CA THR AC 106 10.10 67.08 -32.72
C THR AC 106 9.19 66.63 -31.59
N VAL AC 107 9.77 66.04 -30.57
CA VAL AC 107 9.02 65.61 -29.40
C VAL AC 107 8.72 66.82 -28.53
N LYS AC 108 7.55 66.80 -27.89
CA LYS AC 108 7.13 67.93 -27.08
C LYS AC 108 7.52 67.80 -25.62
N ALA AC 109 7.82 66.58 -25.15
CA ALA AC 109 8.26 66.42 -23.77
C ALA AC 109 9.55 67.19 -23.52
N VAL AC 110 10.47 67.18 -24.49
CA VAL AC 110 11.73 67.89 -24.33
C VAL AC 110 11.50 69.39 -24.22
N ILE AC 111 10.66 69.95 -25.09
CA ILE AC 111 10.40 71.38 -25.02
C ILE AC 111 9.59 71.73 -23.78
N TYR AC 112 8.86 70.77 -23.20
CA TYR AC 112 8.11 71.08 -21.99
C TYR AC 112 8.98 71.05 -20.75
N ARG AC 113 9.97 70.15 -20.69
CA ARG AC 113 10.77 69.99 -19.49
C ARG AC 113 12.25 70.34 -19.73
N PHE AC 114 12.53 71.18 -20.73
CA PHE AC 114 13.90 71.62 -20.97
C PHE AC 114 13.88 73.05 -21.48
N LEU AC 115 15.07 73.62 -21.62
CA LEU AC 115 15.25 74.96 -22.17
C LEU AC 115 16.64 75.04 -22.79
N ARG AC 116 16.70 75.41 -24.06
CA ARG AC 116 17.95 75.44 -24.81
C ARG AC 116 18.52 76.85 -24.80
N LEU AC 117 19.73 76.99 -24.26
CA LEU AC 117 20.47 78.24 -24.38
C LEU AC 117 21.18 78.27 -25.73
N HIS AC 118 21.37 79.49 -26.25
CA HIS AC 118 22.01 79.62 -27.56
C HIS AC 118 23.46 79.17 -27.54
N SER AC 119 24.08 79.08 -26.37
CA SER AC 119 25.45 78.59 -26.27
C SER AC 119 25.55 77.08 -26.44
N GLY AC 120 24.44 76.39 -26.63
CA GLY AC 120 24.43 74.95 -26.80
C GLY AC 120 24.05 74.16 -25.57
N LEU AC 121 24.11 74.76 -24.39
CA LEU AC 121 23.77 74.07 -23.17
C LEU AC 121 22.26 73.93 -23.02
N TRP AC 122 21.84 72.92 -22.26
CA TRP AC 122 20.43 72.68 -21.97
C TRP AC 122 20.22 72.77 -20.47
N LEU AC 123 19.17 73.47 -20.07
CA LEU AC 123 18.83 73.67 -18.67
C LEU AC 123 17.62 72.81 -18.31
N ARG AC 124 17.66 72.20 -17.13
CA ARG AC 124 16.58 71.35 -16.67
C ARG AC 124 16.42 71.49 -15.16
N ARG AC 125 15.31 70.96 -14.67
CA ARG AC 125 15.06 70.94 -13.23
C ARG AC 125 15.60 69.65 -12.62
N LYS AC 126 15.89 69.71 -11.33
CA LYS AC 126 16.37 68.53 -10.62
C LYS AC 126 15.21 67.58 -10.36
N ALA AC 127 15.44 66.30 -10.61
CA ALA AC 127 14.38 65.30 -10.52
C ALA AC 127 13.98 65.09 -9.06
N GLY AC 128 12.71 65.33 -8.76
CA GLY AC 128 12.18 65.09 -7.44
C GLY AC 128 12.15 66.28 -6.51
N TYR AC 129 11.99 67.49 -7.03
CA TYR AC 129 11.95 68.68 -6.20
C TYR AC 129 10.56 68.98 -5.65
N LYS AC 130 9.61 68.07 -5.83
CA LYS AC 130 8.26 68.27 -5.31
C LYS AC 130 7.69 67.04 -4.64
N LYS AC 131 8.50 66.02 -4.33
CA LYS AC 131 8.02 64.77 -3.77
C LYS AC 131 8.60 64.59 -2.37
N LYS AC 132 7.71 64.57 -1.37
CA LYS AC 132 8.07 64.26 0.01
C LYS AC 132 9.13 65.22 0.55
N LEU AC 133 8.75 66.49 0.63
CA LEU AC 133 9.67 67.50 1.12
C LEU AC 133 9.87 67.40 2.62
N TRP AC 134 8.88 66.90 3.36
CA TRP AC 134 9.00 66.82 4.81
C TRP AC 134 9.95 65.73 5.27
N LYS AC 135 10.33 64.80 4.39
CA LYS AC 135 11.24 63.73 4.74
C LYS AC 135 12.68 64.01 4.34
N LYS AC 136 12.94 65.12 3.66
CA LYS AC 136 14.26 65.44 3.14
C LYS AC 136 14.88 66.59 3.91
N THR AC 137 16.21 66.64 3.89
CA THR AC 137 16.96 67.66 4.60
C THR AC 137 16.86 69.00 3.88
N ALA AC 138 17.29 70.06 4.58
CA ALA AC 138 17.27 71.39 3.98
C ALA AC 138 18.25 71.50 2.82
N ALA AC 139 19.46 70.96 3.01
CA ALA AC 139 20.44 70.97 1.91
C ALA AC 139 19.92 70.18 0.72
N ARG AC 140 19.24 69.06 0.96
CA ARG AC 140 18.66 68.30 -0.13
C ARG AC 140 17.56 69.08 -0.83
N LYS AC 141 16.76 69.82 -0.07
CA LYS AC 141 15.70 70.63 -0.68
C LYS AC 141 16.31 71.74 -1.54
N ARG AC 142 17.39 72.35 -1.08
CA ARG AC 142 18.06 73.36 -1.89
C ARG AC 142 18.64 72.76 -3.16
N ARG AC 143 19.28 71.59 -3.04
CA ARG AC 143 19.83 70.92 -4.22
C ARG AC 143 18.74 70.55 -5.21
N LEU AC 144 17.56 70.17 -4.71
CA LEU AC 144 16.45 69.84 -5.60
C LEU AC 144 15.89 71.09 -6.28
N ARG AC 145 15.76 72.19 -5.54
CA ARG AC 145 15.21 73.41 -6.12
C ARG AC 145 16.18 74.05 -7.11
N GLU AC 146 17.48 73.84 -6.94
CA GLU AC 146 18.45 74.47 -7.82
C GLU AC 146 18.40 73.89 -9.23
N PHE AC 147 18.67 74.73 -10.22
CA PHE AC 147 18.76 74.31 -11.60
C PHE AC 147 20.09 73.61 -11.86
N VAL AC 148 20.14 72.84 -12.94
CA VAL AC 148 21.34 72.10 -13.33
C VAL AC 148 21.43 72.07 -14.85
N PHE AC 149 22.66 71.81 -15.33
CA PHE AC 149 22.95 71.66 -16.75
C PHE AC 149 23.05 70.18 -17.09
N CYS AC 150 23.36 69.90 -18.37
CA CYS AC 150 23.46 68.55 -18.87
C CYS AC 150 24.85 68.30 -19.45
N ASN AC 151 25.12 67.04 -19.77
CA ASN AC 151 26.39 66.64 -20.36
C ASN AC 151 26.27 66.59 -21.88
N LYS AC 152 27.37 66.20 -22.54
CA LYS AC 152 27.42 66.26 -23.99
C LYS AC 152 26.50 65.24 -24.64
N THR AC 153 26.41 64.03 -24.07
CA THR AC 153 25.57 62.99 -24.65
C THR AC 153 24.10 63.41 -24.64
N GLN AC 154 23.60 63.84 -23.47
CA GLN AC 154 22.22 64.29 -23.37
C GLN AC 154 22.00 65.55 -24.19
N SER AC 155 23.01 66.42 -24.28
CA SER AC 155 22.88 67.62 -25.11
C SER AC 155 22.67 67.25 -26.57
N LYS AC 156 23.47 66.30 -27.08
CA LYS AC 156 23.29 65.87 -28.46
C LYS AC 156 21.98 65.15 -28.65
N LEU AC 157 21.53 64.39 -27.66
CA LEU AC 157 20.23 63.72 -27.76
C LEU AC 157 19.11 64.74 -27.89
N LEU AC 158 19.14 65.80 -27.06
CA LEU AC 158 18.12 66.83 -27.15
C LEU AC 158 18.22 67.60 -28.46
N ASP AC 159 19.44 67.82 -28.95
CA ASP AC 159 19.60 68.50 -30.22
C ASP AC 159 19.04 67.67 -31.37
N LYS AC 160 19.14 66.34 -31.28
CA LYS AC 160 18.56 65.49 -32.30
C LYS AC 160 17.05 65.43 -32.18
N MET AC 161 16.53 65.47 -30.96
CA MET AC 161 15.08 65.39 -30.77
C MET AC 161 14.37 66.72 -31.03
N THR AC 162 15.09 67.83 -31.01
CA THR AC 162 14.50 69.13 -31.33
C THR AC 162 14.90 69.55 -32.74
N THR AC 163 13.98 70.23 -33.42
CA THR AC 163 14.20 70.65 -34.79
C THR AC 163 15.02 71.93 -34.82
N SER AC 164 15.12 72.56 -36.00
CA SER AC 164 15.90 73.77 -36.17
C SER AC 164 15.21 75.01 -35.61
N PHE AC 165 13.90 74.96 -35.35
CA PHE AC 165 13.20 76.13 -34.85
C PHE AC 165 13.62 76.47 -33.44
N TRP AC 166 13.69 75.48 -32.56
CA TRP AC 166 14.03 75.72 -31.16
C TRP AC 166 15.50 76.06 -30.96
N LYS AC 167 16.32 75.99 -32.00
CA LYS AC 167 17.73 76.32 -31.92
C LYS AC 167 18.01 77.74 -32.37
N ARG AC 168 16.99 78.57 -32.51
CA ARG AC 168 17.16 79.94 -32.98
C ARG AC 168 17.65 80.82 -31.84
N ARG AC 169 17.95 82.08 -32.19
CA ARG AC 169 18.34 83.08 -31.21
C ARG AC 169 17.09 83.84 -30.76
N ASN AC 170 16.92 83.97 -29.45
CA ASN AC 170 15.73 84.58 -28.88
C ASN AC 170 16.10 85.85 -28.13
N TRP AC 171 15.36 86.93 -28.39
CA TRP AC 171 15.48 88.19 -27.68
C TRP AC 171 14.12 88.49 -27.07
N TYR AC 172 13.86 87.93 -25.89
CA TYR AC 172 12.58 88.13 -25.23
C TYR AC 172 12.59 89.42 -24.42
N ALA AC 173 11.40 89.97 -24.20
CA ALA AC 173 11.25 91.15 -23.38
C ALA AC 173 11.38 90.77 -21.90
N ASP AC 174 12.37 91.35 -21.22
CA ASP AC 174 12.64 91.07 -19.81
C ASP AC 174 12.90 89.58 -19.61
N ASP AC 175 13.82 89.05 -20.39
CA ASP AC 175 14.17 87.64 -20.30
C ASP AC 175 15.27 87.45 -19.26
N PRO AC 176 15.04 86.66 -18.20
CA PRO AC 176 16.11 86.48 -17.20
C PRO AC 176 17.33 85.77 -17.75
N TYR AC 177 17.14 84.78 -18.63
CA TYR AC 177 18.25 84.00 -19.15
C TYR AC 177 18.96 84.68 -20.32
N GLN AC 178 18.56 85.89 -20.68
CA GLN AC 178 19.25 86.62 -21.74
C GLN AC 178 20.71 86.86 -21.38
N LYS AC 179 20.99 87.02 -20.09
CA LYS AC 179 22.38 87.15 -19.64
C LYS AC 179 23.15 85.85 -19.84
N TYR AC 180 22.49 84.71 -19.71
CA TYR AC 180 23.14 83.42 -19.84
C TYR AC 180 23.07 82.85 -21.24
N GLN AC 181 22.46 83.58 -22.18
CA GLN AC 181 22.37 83.08 -23.55
C GLN AC 181 23.75 82.87 -24.18
N ASP AC 182 24.75 83.62 -23.75
CA ASP AC 182 26.09 83.56 -24.32
C ASP AC 182 27.09 82.99 -23.32
N ARG AC 183 28.28 82.70 -23.83
CA ARG AC 183 29.37 82.14 -23.05
C ARG AC 183 30.58 83.07 -23.11
N THR AC 184 31.29 83.19 -21.99
CA THR AC 184 32.43 84.08 -21.89
C THR AC 184 33.61 83.35 -21.24
N ASN AC 185 34.82 83.65 -21.73
CA ASN AC 185 36.07 83.13 -21.16
C ASN AC 185 36.10 81.61 -21.17
N LEU AC 186 35.79 81.02 -22.32
CA LEU AC 186 35.85 79.57 -22.50
C LEU AC 186 37.09 79.26 -23.33
N LYS AC 187 38.20 79.03 -22.64
CA LYS AC 187 39.48 78.76 -23.30
C LYS AC 187 39.60 77.26 -23.49
N VAL AC 188 39.03 76.76 -24.59
CA VAL AC 188 39.09 75.34 -24.91
C VAL AC 188 39.59 75.15 -26.34
N PHE BC 63 50.66 -20.78 -0.93
CA PHE BC 63 51.35 -19.52 -1.20
C PHE BC 63 50.42 -18.32 -1.05
N LYS BC 64 50.96 -17.22 -0.55
CA LYS BC 64 50.24 -15.96 -0.42
C LYS BC 64 51.01 -14.88 -1.16
N THR BC 65 50.34 -14.24 -2.11
CA THR BC 65 50.95 -13.14 -2.86
C THR BC 65 50.75 -11.84 -2.09
N LYS BC 66 51.85 -11.20 -1.71
CA LYS BC 66 51.80 -9.96 -0.94
C LYS BC 66 52.72 -8.92 -1.57
N GLY BC 67 52.56 -7.68 -1.12
CA GLY BC 67 53.40 -6.60 -1.58
C GLY BC 67 54.59 -6.36 -0.67
N VAL BC 68 54.42 -6.67 0.61
CA VAL BC 68 55.49 -6.54 1.60
C VAL BC 68 55.61 -7.88 2.32
N LEU BC 69 56.74 -8.55 2.11
CA LEU BC 69 56.99 -9.84 2.74
C LEU BC 69 57.62 -9.66 4.10
N LYS BC 70 57.35 -10.61 4.99
CA LYS BC 70 57.92 -10.59 6.33
C LYS BC 70 57.86 -11.99 6.93
N LYS BC 71 58.91 -12.36 7.65
CA LYS BC 71 58.99 -13.68 8.25
C LYS BC 71 58.00 -13.79 9.41
N ARG BC 72 57.42 -14.98 9.56
CA ARG BC 72 56.49 -15.24 10.65
C ARG BC 72 57.09 -16.12 11.73
N CYS BC 73 58.17 -16.83 11.44
CA CYS BC 73 58.90 -17.62 12.44
C CYS BC 73 60.38 -17.51 12.13
N ARG BC 74 61.19 -18.12 12.99
CA ARG BC 74 62.64 -18.06 12.83
C ARG BC 74 63.17 -19.04 11.79
N ASP BC 75 62.30 -19.79 11.11
CA ASP BC 75 62.72 -20.76 10.12
C ASP BC 75 62.42 -20.32 8.69
N CYS BC 76 61.70 -19.22 8.50
CA CYS BC 76 61.45 -18.70 7.16
C CYS BC 76 62.70 -18.05 6.60
N TYR BC 77 63.06 -18.42 5.38
CA TYR BC 77 64.20 -17.83 4.70
C TYR BC 77 63.74 -17.13 3.42
N LEU BC 78 64.39 -16.02 3.10
CA LEU BC 78 64.04 -15.20 1.96
C LEU BC 78 65.01 -15.50 0.82
N VAL BC 79 64.45 -15.86 -0.34
CA VAL BC 79 65.26 -16.25 -1.49
C VAL BC 79 64.78 -15.45 -2.70
N LYS BC 80 65.71 -15.11 -3.59
CA LYS BC 80 65.42 -14.35 -4.80
C LYS BC 80 65.35 -15.32 -5.98
N ARG BC 81 64.15 -15.54 -6.49
CA ARG BC 81 63.93 -16.53 -7.55
C ARG BC 81 62.93 -16.01 -8.55
N ARG BC 82 63.14 -16.35 -9.82
CA ARG BC 82 62.24 -15.99 -10.92
C ARG BC 82 61.98 -14.49 -11.00
N GLY BC 83 62.92 -13.69 -10.52
CA GLY BC 83 62.75 -12.25 -10.54
C GLY BC 83 61.92 -11.68 -9.41
N ARG BC 84 61.63 -12.46 -8.39
CA ARG BC 84 60.82 -12.02 -7.27
C ARG BC 84 61.45 -12.50 -5.96
N TRP BC 85 60.87 -12.05 -4.86
CA TRP BC 85 61.26 -12.50 -3.53
C TRP BC 85 60.28 -13.55 -3.02
N PHE BC 86 60.80 -14.57 -2.36
CA PHE BC 86 59.99 -15.67 -1.85
C PHE BC 86 60.41 -15.95 -0.42
N ILE BC 87 59.44 -15.84 0.50
CA ILE BC 87 59.63 -16.27 1.88
C ILE BC 87 59.20 -17.73 1.95
N TYR BC 88 60.18 -18.63 2.06
CA TYR BC 88 59.93 -20.06 2.13
C TYR BC 88 60.11 -20.54 3.56
N CYS BC 89 59.17 -21.36 4.03
CA CYS BC 89 59.25 -21.94 5.37
C CYS BC 89 59.04 -23.45 5.26
N LYS BC 90 59.97 -24.21 5.85
CA LYS BC 90 59.85 -25.67 5.84
C LYS BC 90 59.10 -26.21 7.04
N THR BC 91 59.13 -25.50 8.17
CA THR BC 91 58.42 -25.96 9.36
C THR BC 91 56.93 -25.78 9.19
N ASN BC 92 56.48 -24.55 8.97
CA ASN BC 92 55.07 -24.25 8.74
C ASN BC 92 54.85 -23.88 7.28
N PRO BC 93 54.36 -24.79 6.45
CA PRO BC 93 54.20 -24.48 5.02
C PRO BC 93 53.21 -23.36 4.74
N LYS BC 94 52.42 -22.95 5.72
CA LYS BC 94 51.47 -21.85 5.51
C LYS BC 94 52.15 -20.49 5.46
N HIS BC 95 53.44 -20.41 5.75
CA HIS BC 95 54.17 -19.15 5.74
C HIS BC 95 54.79 -18.83 4.39
N LYS BC 96 54.40 -19.55 3.33
CA LYS BC 96 54.97 -19.33 2.01
C LYS BC 96 54.43 -18.02 1.43
N GLN BC 97 55.30 -17.04 1.27
CA GLN BC 97 54.93 -15.73 0.76
C GLN BC 97 55.68 -15.43 -0.52
N ARG BC 98 55.04 -14.67 -1.40
CA ARG BC 98 55.60 -14.32 -2.71
C ARG BC 98 55.38 -12.84 -2.96
N GLN BC 99 56.45 -12.11 -3.24
CA GLN BC 99 56.34 -10.68 -3.52
C GLN BC 99 55.79 -10.47 -4.92
N MET BC 100 54.75 -9.64 -5.02
CA MET BC 100 54.13 -9.38 -6.31
C MET BC 100 54.74 -8.14 -6.98
N VAL EC 10 17.84 -86.73 19.87
CA VAL EC 10 18.47 -88.00 19.55
C VAL EC 10 19.97 -87.83 19.41
N ILE EC 11 20.37 -86.72 18.78
CA ILE EC 11 21.78 -86.42 18.59
C ILE EC 11 22.42 -86.11 19.94
N PRO EC 12 23.47 -86.82 20.34
CA PRO EC 12 24.12 -86.54 21.61
C PRO EC 12 24.75 -85.15 21.61
N ASN EC 13 24.96 -84.62 22.82
CA ASN EC 13 25.55 -83.30 22.95
C ASN EC 13 27.02 -83.24 22.53
N GLU EC 14 27.65 -84.39 22.33
CA GLU EC 14 29.05 -84.42 21.88
C GLU EC 14 29.20 -84.13 20.40
N LYS EC 15 28.11 -84.14 19.64
CA LYS EC 15 28.15 -83.92 18.19
C LYS EC 15 27.50 -82.62 17.78
N ILE EC 16 27.33 -81.68 18.72
CA ILE EC 16 26.70 -80.40 18.44
C ILE EC 16 27.61 -79.29 18.96
N ARG EC 17 27.69 -78.19 18.19
CA ARG EC 17 28.49 -77.04 18.57
C ARG EC 17 27.68 -75.78 18.32
N ASN EC 18 27.87 -74.78 19.18
CA ASN EC 18 27.22 -73.48 19.05
C ASN EC 18 28.30 -72.40 19.09
N ILE EC 19 28.49 -71.71 17.96
CA ILE EC 19 29.55 -70.73 17.85
C ILE EC 19 28.96 -69.39 17.40
N GLY EC 20 29.56 -68.32 17.89
CA GLY EC 20 29.21 -66.97 17.47
C GLY EC 20 30.36 -66.30 16.74
N ILE EC 21 30.11 -65.88 15.50
CA ILE EC 21 31.14 -65.27 14.67
C ILE EC 21 31.05 -63.76 14.86
N SER EC 22 32.11 -63.18 15.41
CA SER EC 22 32.18 -61.75 15.68
C SER EC 22 33.50 -61.18 15.20
N ALA EC 23 33.48 -59.90 14.81
CA ALA EC 23 34.66 -59.24 14.29
C ALA EC 23 34.36 -57.74 14.15
N HIS EC 24 35.34 -57.01 13.63
CA HIS EC 24 35.19 -55.61 13.34
C HIS EC 24 34.30 -55.41 12.11
N ILE EC 25 33.86 -54.18 11.90
CA ILE EC 25 33.02 -53.86 10.75
C ILE EC 25 33.82 -54.02 9.47
N ASP EC 26 33.19 -54.59 8.45
CA ASP EC 26 33.82 -54.86 7.15
C ASP EC 26 35.11 -55.67 7.34
N SER EC 27 34.94 -56.88 7.88
CA SER EC 27 36.07 -57.77 8.10
C SER EC 27 35.86 -59.18 7.56
N GLY EC 28 34.67 -59.51 7.07
CA GLY EC 28 34.45 -60.78 6.42
C GLY EC 28 33.65 -61.80 7.19
N LYS EC 29 32.87 -61.39 8.19
CA LYS EC 29 32.04 -62.34 8.92
C LYS EC 29 31.00 -62.98 8.02
N THR EC 30 30.25 -62.16 7.28
CA THR EC 30 29.23 -62.70 6.38
C THR EC 30 29.84 -63.55 5.28
N THR EC 31 30.98 -63.13 4.74
CA THR EC 31 31.66 -63.92 3.71
C THR EC 31 32.10 -65.27 4.26
N LEU EC 32 32.68 -65.29 5.45
CA LEU EC 32 33.11 -66.54 6.06
C LEU EC 32 31.91 -67.45 6.34
N THR EC 33 30.81 -66.87 6.82
CA THR EC 33 29.62 -67.67 7.07
C THR EC 33 29.07 -68.26 5.78
N GLU EC 34 29.08 -67.49 4.69
CA GLU EC 34 28.60 -68.01 3.42
C GLU EC 34 29.53 -69.11 2.89
N ARG EC 35 30.84 -68.94 3.07
CA ARG EC 35 31.76 -70.00 2.66
C ARG EC 35 31.54 -71.27 3.46
N VAL EC 36 31.26 -71.13 4.75
CA VAL EC 36 30.97 -72.30 5.59
C VAL EC 36 29.70 -72.99 5.11
N LEU EC 37 28.64 -72.21 4.88
CA LEU EC 37 27.39 -72.79 4.42
C LEU EC 37 27.51 -73.39 3.02
N TYR EC 38 28.46 -72.93 2.21
CA TYR EC 38 28.69 -73.57 0.91
C TYR EC 38 29.48 -74.86 1.05
N TYR EC 39 30.51 -74.86 1.89
CA TYR EC 39 31.31 -76.07 2.09
C TYR EC 39 30.56 -77.14 2.88
N THR EC 40 29.49 -76.77 3.56
CA THR EC 40 28.79 -77.73 4.40
C THR EC 40 27.36 -77.97 3.93
N GLY EC 41 27.18 -78.18 2.62
CA GLY EC 41 25.86 -78.56 2.15
C GLY EC 41 24.99 -77.42 1.66
N ARG EC 42 24.18 -76.89 2.58
CA ARG EC 42 23.00 -76.09 2.27
C ARG EC 42 23.17 -75.15 1.08
N ILE EC 43 24.21 -74.31 1.11
CA ILE EC 43 24.44 -73.37 0.02
C ILE EC 43 25.04 -74.10 -1.17
N ALA EC 44 24.39 -73.96 -2.33
CA ALA EC 44 24.89 -74.55 -3.56
C ALA EC 44 25.62 -73.56 -4.45
N LYS EC 45 25.50 -72.27 -4.18
CA LYS EC 45 26.17 -71.25 -4.99
C LYS EC 45 26.35 -70.01 -4.13
N MET EC 46 27.60 -69.62 -3.90
CA MET EC 46 27.90 -68.49 -3.05
C MET EC 46 27.75 -67.17 -3.81
N HIS EC 47 27.71 -66.08 -3.04
CA HIS EC 47 27.62 -64.74 -3.60
C HIS EC 47 28.51 -63.81 -2.79
N GLU EC 48 28.73 -62.61 -3.34
CA GLU EC 48 29.56 -61.61 -2.70
C GLU EC 48 28.72 -60.50 -2.10
N VAL EC 49 29.16 -59.98 -0.96
CA VAL EC 49 28.45 -58.92 -0.26
C VAL EC 49 28.65 -57.62 -1.03
N LYS EC 50 27.54 -56.99 -1.40
CA LYS EC 50 27.56 -55.73 -2.16
C LYS EC 50 28.35 -55.90 -3.47
N GLY EC 51 28.15 -57.03 -4.13
CA GLY EC 51 28.82 -57.33 -5.38
C GLY EC 51 28.00 -56.93 -6.59
N LYS EC 52 28.51 -57.27 -7.76
CA LYS EC 52 27.85 -56.97 -9.01
C LYS EC 52 26.70 -57.93 -9.33
N ASP EC 53 26.58 -59.03 -8.60
CA ASP EC 53 25.50 -59.98 -8.85
C ASP EC 53 24.15 -59.38 -8.51
N GLY EC 54 24.08 -58.63 -7.41
CA GLY EC 54 22.86 -57.99 -6.98
C GLY EC 54 21.98 -58.80 -6.05
N VAL EC 55 22.13 -60.13 -6.03
CA VAL EC 55 21.29 -60.96 -5.18
C VAL EC 55 21.66 -60.77 -3.72
N GLY EC 56 22.94 -60.89 -3.39
CA GLY EC 56 23.42 -60.72 -2.04
C GLY EC 56 23.65 -62.04 -1.33
N ALA EC 57 24.14 -61.93 -0.10
CA ALA EC 57 24.43 -63.10 0.70
C ALA EC 57 23.14 -63.68 1.28
N VAL EC 58 23.28 -64.84 1.92
CA VAL EC 58 22.11 -65.49 2.53
C VAL EC 58 21.88 -64.98 3.95
N MET EC 59 22.93 -64.51 4.62
CA MET EC 59 22.79 -64.07 6.00
C MET EC 59 22.11 -62.71 6.09
N ASP EC 60 22.44 -61.80 5.17
CA ASP EC 60 21.84 -60.48 5.13
C ASP EC 60 20.60 -60.55 4.24
N SER EC 61 19.46 -60.89 4.83
CA SER EC 61 18.21 -60.97 4.10
C SER EC 61 17.41 -59.67 4.14
N MET EC 62 17.72 -58.77 5.06
CA MET EC 62 17.03 -57.49 5.11
C MET EC 62 17.40 -56.65 3.90
N GLU EC 63 16.45 -55.79 3.50
CA GLU EC 63 16.68 -54.97 2.31
C GLU EC 63 17.78 -53.94 2.54
N LEU EC 64 17.77 -53.28 3.69
CA LEU EC 64 18.84 -52.32 3.99
C LEU EC 64 20.19 -53.02 4.12
N GLU EC 65 20.21 -54.22 4.70
CA GLU EC 65 21.44 -54.99 4.77
C GLU EC 65 21.97 -55.30 3.38
N ARG EC 66 21.09 -55.75 2.48
CA ARG EC 66 21.49 -56.06 1.12
C ARG EC 66 21.96 -54.82 0.38
N GLN EC 67 21.36 -53.66 0.67
CA GLN EC 67 21.71 -52.45 -0.06
C GLN EC 67 22.99 -51.80 0.45
N ARG EC 68 23.27 -51.91 1.75
CA ARG EC 68 24.46 -51.30 2.33
C ARG EC 68 25.62 -52.26 2.50
N GLY EC 69 25.42 -53.55 2.23
CA GLY EC 69 26.50 -54.50 2.41
C GLY EC 69 26.97 -54.68 3.83
N ILE EC 70 26.11 -54.41 4.81
CA ILE EC 70 26.47 -54.52 6.22
C ILE EC 70 25.43 -55.39 6.92
N THR EC 71 25.85 -56.06 7.98
CA THR EC 71 24.95 -56.86 8.79
C THR EC 71 24.39 -56.01 9.91
N ILE EC 72 23.07 -56.06 10.09
CA ILE EC 72 22.39 -55.26 11.11
C ILE EC 72 22.00 -56.09 12.32
N GLN EC 73 21.19 -57.12 12.10
CA GLN EC 73 20.75 -57.99 13.19
C GLN EC 73 21.54 -59.30 13.18
N SER EC 74 21.64 -59.90 14.36
CA SER EC 74 22.34 -61.17 14.50
C SER EC 74 21.57 -62.27 13.78
N ALA EC 75 22.27 -63.02 12.92
CA ALA EC 75 21.64 -64.05 12.12
C ALA EC 75 22.04 -65.43 12.62
N ALA EC 76 21.06 -66.32 12.75
CA ALA EC 76 21.29 -67.66 13.25
C ALA EC 76 21.07 -68.69 12.15
N THR EC 77 21.97 -69.68 12.08
CA THR EC 77 21.87 -70.75 11.10
C THR EC 77 22.45 -72.01 11.70
N TYR EC 78 22.07 -73.16 11.15
CA TYR EC 78 22.60 -74.45 11.58
C TYR EC 78 23.08 -75.22 10.37
N THR EC 79 24.16 -75.99 10.54
CA THR EC 79 24.72 -76.77 9.45
C THR EC 79 25.32 -78.04 10.01
N MET EC 80 25.67 -78.96 9.11
CA MET EC 80 26.15 -80.29 9.49
C MET EC 80 27.50 -80.53 8.83
N TRP EC 81 28.56 -80.57 9.64
CA TRP EC 81 29.88 -80.99 9.20
C TRP EC 81 30.01 -82.49 9.42
N LYS EC 82 31.24 -83.01 9.41
CA LYS EC 82 31.45 -84.46 9.52
C LYS EC 82 31.08 -84.89 10.93
N ASP EC 83 29.88 -85.44 11.07
CA ASP EC 83 29.35 -85.93 12.35
C ASP EC 83 29.28 -84.85 13.41
N VAL EC 84 29.23 -83.57 13.00
CA VAL EC 84 29.15 -82.46 13.94
C VAL EC 84 28.11 -81.47 13.43
N ASN EC 85 27.22 -81.04 14.32
CA ASN EC 85 26.18 -80.07 14.01
C ASN EC 85 26.59 -78.74 14.61
N ILE EC 86 26.83 -77.74 13.76
CA ILE EC 86 27.31 -76.44 14.20
C ILE EC 86 26.19 -75.42 14.04
N ASN EC 87 25.90 -74.70 15.12
CA ASN EC 87 24.92 -73.60 15.10
C ASN EC 87 25.70 -72.29 15.10
N ILE EC 88 25.74 -71.64 13.96
CA ILE EC 88 26.49 -70.39 13.78
C ILE EC 88 25.57 -69.21 14.04
N ILE EC 89 26.11 -68.20 14.70
CA ILE EC 89 25.41 -66.94 14.93
C ILE EC 89 26.33 -65.83 14.43
N ASP EC 90 26.03 -65.30 13.25
CA ASP EC 90 26.78 -64.17 12.71
C ASP EC 90 26.32 -62.89 13.40
N THR EC 91 27.30 -62.16 14.06
CA THR EC 91 26.92 -60.91 14.70
C THR EC 91 27.25 -59.72 13.81
N PRO EC 92 26.53 -58.60 13.96
CA PRO EC 92 26.88 -57.41 13.15
C PRO EC 92 28.28 -56.89 13.44
N GLY EC 93 28.60 -56.61 14.70
CA GLY EC 93 29.93 -56.20 15.07
C GLY EC 93 30.21 -54.71 14.98
N HIS EC 94 29.18 -53.87 14.97
CA HIS EC 94 29.40 -52.44 14.94
C HIS EC 94 29.56 -51.91 16.37
N VAL EC 95 29.91 -50.62 16.45
CA VAL EC 95 29.92 -49.93 17.74
C VAL EC 95 28.51 -49.57 18.18
N ASP EC 96 27.59 -49.42 17.23
CA ASP EC 96 26.20 -49.06 17.53
C ASP EC 96 25.34 -50.27 17.80
N PHE EC 97 25.58 -51.39 17.12
CA PHE EC 97 24.83 -52.61 17.31
C PHE EC 97 25.48 -53.54 18.33
N THR EC 98 26.22 -52.98 19.29
CA THR EC 98 26.89 -53.79 20.30
C THR EC 98 25.91 -54.56 21.16
N ILE EC 99 24.67 -54.07 21.30
CA ILE EC 99 23.68 -54.80 22.09
C ILE EC 99 23.34 -56.12 21.43
N GLU EC 100 23.32 -56.17 20.09
CA GLU EC 100 23.08 -57.42 19.39
C GLU EC 100 24.20 -58.42 19.66
N VAL EC 101 25.44 -57.96 19.63
CA VAL EC 101 26.57 -58.84 19.93
C VAL EC 101 26.50 -59.32 21.37
N GLU EC 102 26.10 -58.45 22.30
CA GLU EC 102 25.97 -58.85 23.69
C GLU EC 102 24.90 -59.91 23.86
N ARG EC 103 23.75 -59.74 23.19
CA ARG EC 103 22.68 -60.73 23.30
C ARG EC 103 23.05 -62.04 22.62
N ALA EC 104 23.85 -61.99 21.56
CA ALA EC 104 24.29 -63.22 20.92
C ALA EC 104 25.38 -63.92 21.72
N LEU EC 105 26.15 -63.18 22.51
CA LEU EC 105 27.19 -63.81 23.32
C LEU EC 105 26.65 -64.37 24.62
N ARG EC 106 25.71 -63.67 25.26
CA ARG EC 106 25.14 -64.17 26.51
C ARG EC 106 23.95 -65.09 26.24
N VAL EC 107 24.14 -66.05 25.33
CA VAL EC 107 23.17 -67.12 25.15
C VAL EC 107 23.91 -68.45 25.05
N LEU EC 108 25.21 -68.41 24.80
CA LEU EC 108 25.97 -69.62 24.56
C LEU EC 108 27.46 -69.30 24.62
N ASP EC 109 28.26 -70.34 24.81
CA ASP EC 109 29.70 -70.23 24.79
C ASP EC 109 30.26 -70.76 23.47
N GLY EC 110 31.43 -70.27 23.09
CA GLY EC 110 32.04 -70.63 21.83
C GLY EC 110 31.99 -69.50 20.83
N ALA EC 111 33.14 -68.92 20.52
CA ALA EC 111 33.19 -67.75 19.66
C ALA EC 111 34.33 -67.85 18.67
N VAL EC 112 34.14 -67.20 17.52
CA VAL EC 112 35.17 -67.08 16.49
C VAL EC 112 35.36 -65.59 16.24
N LEU EC 113 36.50 -65.06 16.65
CA LEU EC 113 36.84 -63.66 16.47
C LEU EC 113 37.67 -63.53 15.19
N VAL EC 114 37.13 -62.81 14.23
CA VAL EC 114 37.83 -62.59 12.96
C VAL EC 114 38.60 -61.29 13.05
N LEU EC 115 39.80 -61.29 12.49
CA LEU EC 115 40.69 -60.14 12.52
C LEU EC 115 41.10 -59.76 11.11
N CYS EC 116 41.17 -58.46 10.85
CA CYS EC 116 41.63 -57.96 9.57
C CYS EC 116 43.15 -57.93 9.56
N ALA EC 117 43.76 -58.63 8.61
CA ALA EC 117 45.22 -58.69 8.55
C ALA EC 117 45.80 -57.31 8.29
N VAL EC 118 45.25 -56.58 7.32
CA VAL EC 118 45.73 -55.24 7.03
C VAL EC 118 45.16 -54.21 8.00
N GLY EC 119 44.04 -54.50 8.65
CA GLY EC 119 43.42 -53.56 9.55
C GLY EC 119 44.23 -53.25 10.79
N GLY EC 120 44.39 -54.23 11.68
CA GLY EC 120 45.17 -54.08 12.89
C GLY EC 120 44.35 -54.42 14.13
N VAL EC 121 44.38 -53.51 15.10
CA VAL EC 121 43.71 -53.75 16.37
C VAL EC 121 42.19 -53.63 16.21
N GLN EC 122 41.72 -52.55 15.58
CA GLN EC 122 40.29 -52.34 15.30
C GLN EC 122 39.48 -52.34 16.61
N CYS EC 123 39.68 -51.28 17.38
CA CYS EC 123 39.24 -51.17 18.77
C CYS EC 123 37.84 -51.71 19.03
N GLN EC 124 36.98 -51.71 18.02
CA GLN EC 124 35.72 -52.43 18.16
C GLN EC 124 35.96 -53.91 18.43
N THR EC 125 37.00 -54.49 17.83
CA THR EC 125 37.37 -55.86 18.17
C THR EC 125 37.82 -55.97 19.62
N MET EC 126 38.50 -54.94 20.14
CA MET EC 126 38.85 -54.93 21.55
C MET EC 126 37.60 -54.92 22.43
N THR EC 127 36.60 -54.14 22.02
CA THR EC 127 35.33 -54.12 22.76
C THR EC 127 34.65 -55.49 22.69
N VAL EC 128 34.72 -56.15 21.54
CA VAL EC 128 34.14 -57.49 21.42
C VAL EC 128 34.88 -58.48 22.31
N ASN EC 129 36.21 -58.34 22.40
CA ASN EC 129 36.98 -59.19 23.29
C ASN EC 129 36.61 -58.94 24.75
N ARG EC 130 36.37 -57.67 25.11
CA ARG EC 130 35.91 -57.37 26.46
C ARG EC 130 34.56 -57.99 26.73
N GLN EC 131 33.65 -57.95 25.75
CA GLN EC 131 32.35 -58.59 25.91
C GLN EC 131 32.49 -60.09 26.08
N MET EC 132 33.41 -60.71 25.34
CA MET EC 132 33.67 -62.14 25.50
C MET EC 132 34.22 -62.44 26.89
N LYS EC 133 35.15 -61.61 27.37
CA LYS EC 133 35.69 -61.78 28.70
C LYS EC 133 34.61 -61.64 29.77
N ARG EC 134 33.62 -60.78 29.53
CA ARG EC 134 32.54 -60.61 30.49
C ARG EC 134 31.78 -61.91 30.72
N TYR EC 135 31.71 -62.78 29.72
CA TYR EC 135 30.98 -64.03 29.82
C TYR EC 135 31.90 -65.24 29.83
N ASN EC 136 33.21 -65.03 29.84
CA ASN EC 136 34.23 -66.08 29.89
C ASN EC 136 33.91 -67.22 28.92
N VAL EC 137 33.88 -66.87 27.63
CA VAL EC 137 33.60 -67.83 26.58
C VAL EC 137 34.90 -68.21 25.86
N PRO EC 138 35.04 -69.46 25.43
CA PRO EC 138 36.24 -69.83 24.65
C PRO EC 138 36.11 -69.30 23.23
N PHE EC 139 37.16 -68.64 22.75
CA PHE EC 139 37.12 -68.03 21.44
C PHE EC 139 38.39 -68.35 20.66
N LEU EC 140 38.21 -68.76 19.41
CA LEU EC 140 39.30 -68.91 18.46
C LEU EC 140 39.50 -67.59 17.72
N THR EC 141 40.67 -67.45 17.09
CA THR EC 141 40.99 -66.27 16.31
C THR EC 141 41.24 -66.69 14.86
N PHE EC 142 40.70 -65.92 13.93
CA PHE EC 142 40.89 -66.19 12.50
C PHE EC 142 41.30 -64.91 11.81
N ILE EC 143 42.54 -64.85 11.34
CA ILE EC 143 43.05 -63.70 10.60
C ILE EC 143 42.57 -63.83 9.15
N ASN EC 144 41.74 -62.88 8.72
CA ASN EC 144 41.15 -62.92 7.39
C ASN EC 144 41.79 -61.85 6.50
N LYS EC 145 41.38 -61.84 5.23
CA LYS EC 145 41.86 -60.87 4.25
C LYS EC 145 43.38 -60.92 4.11
N LEU EC 146 43.91 -62.14 3.97
CA LEU EC 146 45.34 -62.34 3.79
C LEU EC 146 45.77 -62.18 2.35
N ASP EC 147 44.94 -61.58 1.50
CA ASP EC 147 45.26 -61.35 0.10
C ASP EC 147 45.24 -59.88 -0.28
N ARG EC 148 45.06 -58.98 0.69
CA ARG EC 148 45.02 -57.55 0.43
C ARG EC 148 46.42 -56.97 0.53
N MET EC 149 46.72 -56.01 -0.35
CA MET EC 149 48.04 -55.40 -0.41
C MET EC 149 48.35 -54.66 0.89
N GLY EC 150 49.31 -55.18 1.66
CA GLY EC 150 49.72 -54.56 2.91
C GLY EC 150 49.38 -55.32 4.16
N SER EC 151 49.11 -56.62 4.08
CA SER EC 151 48.75 -57.40 5.25
C SER EC 151 50.00 -57.84 6.00
N ASN EC 152 49.85 -58.04 7.31
CA ASN EC 152 50.96 -58.49 8.14
C ASN EC 152 50.45 -59.33 9.31
N PRO EC 153 50.49 -60.67 9.18
CA PRO EC 153 50.10 -61.50 10.31
C PRO EC 153 50.98 -61.31 11.53
N ALA EC 154 52.25 -60.94 11.34
CA ALA EC 154 53.11 -60.65 12.48
C ALA EC 154 52.60 -59.43 13.26
N ARG EC 155 52.22 -58.37 12.54
CA ARG EC 155 51.64 -57.20 13.20
C ARG EC 155 50.33 -57.56 13.88
N ALA EC 156 49.51 -58.39 13.22
CA ALA EC 156 48.24 -58.80 13.83
C ALA EC 156 48.48 -59.55 15.14
N LEU EC 157 49.43 -60.49 15.14
CA LEU EC 157 49.74 -61.25 16.34
C LEU EC 157 50.31 -60.35 17.44
N GLN EC 158 51.18 -59.42 17.06
CA GLN EC 158 51.75 -58.51 18.06
C GLN EC 158 50.67 -57.65 18.70
N GLN EC 159 49.76 -57.12 17.89
CA GLN EC 159 48.65 -56.36 18.45
C GLN EC 159 47.76 -57.22 19.32
N MET EC 160 47.53 -58.48 18.91
CA MET EC 160 46.70 -59.38 19.70
C MET EC 160 47.33 -59.65 21.07
N ARG EC 161 48.64 -59.83 21.11
CA ARG EC 161 49.31 -60.14 22.37
C ARG EC 161 49.66 -58.92 23.20
N SER EC 162 49.64 -57.72 22.62
CA SER EC 162 49.97 -56.51 23.35
C SER EC 162 48.74 -55.74 23.82
N LYS EC 163 47.77 -55.52 22.93
CA LYS EC 163 46.60 -54.72 23.29
C LYS EC 163 45.61 -55.50 24.14
N LEU EC 164 45.44 -56.79 23.86
CA LEU EC 164 44.46 -57.62 24.55
C LEU EC 164 45.07 -58.48 25.64
N ASN EC 165 46.39 -58.66 25.65
CA ASN EC 165 47.09 -59.43 26.68
C ASN EC 165 46.56 -60.86 26.75
N HIS EC 166 46.70 -61.57 25.64
CA HIS EC 166 46.27 -62.97 25.53
C HIS EC 166 47.43 -63.79 24.99
N ASN EC 167 47.66 -64.95 25.62
CA ASN EC 167 48.72 -65.86 25.20
C ASN EC 167 48.27 -66.59 23.94
N ALA EC 168 48.51 -65.94 22.81
CA ALA EC 168 48.14 -66.48 21.50
C ALA EC 168 49.38 -66.87 20.71
N ALA EC 169 49.23 -67.87 19.86
CA ALA EC 169 50.33 -68.34 19.03
C ALA EC 169 49.80 -68.73 17.66
N PHE EC 170 50.72 -68.89 16.72
CA PHE EC 170 50.34 -69.19 15.35
C PHE EC 170 50.04 -70.68 15.19
N MET EC 171 48.79 -70.99 14.87
CA MET EC 171 48.41 -72.36 14.57
C MET EC 171 48.64 -72.73 13.11
N GLN EC 172 48.78 -71.74 12.24
CA GLN EC 172 49.00 -71.97 10.81
C GLN EC 172 49.96 -70.94 10.27
N ILE EC 173 50.68 -71.31 9.23
CA ILE EC 173 51.62 -70.40 8.55
C ILE EC 173 51.19 -70.27 7.09
N PRO EC 174 51.30 -69.08 6.49
CA PRO EC 174 50.95 -68.94 5.08
C PRO EC 174 52.11 -69.31 4.16
N MET EC 175 51.76 -69.70 2.93
CA MET EC 175 52.78 -69.95 1.93
C MET EC 175 53.47 -68.65 1.52
N GLY EC 176 52.69 -67.69 1.03
CA GLY EC 176 53.23 -66.40 0.67
C GLY EC 176 52.47 -65.26 1.32
N LEU EC 177 52.08 -64.27 0.53
CA LEU EC 177 51.35 -63.11 1.02
C LEU EC 177 50.39 -62.66 -0.07
N GLU EC 178 49.90 -61.43 0.04
CA GLU EC 178 48.95 -60.87 -0.91
C GLU EC 178 49.40 -61.10 -2.35
N GLY EC 179 48.53 -61.71 -3.15
CA GLY EC 179 48.83 -62.05 -4.51
C GLY EC 179 49.53 -63.39 -4.70
N ASN EC 180 50.32 -63.82 -3.70
CA ASN EC 180 51.02 -65.09 -3.76
C ASN EC 180 50.58 -66.05 -2.67
N PHE EC 181 49.59 -65.68 -1.86
CA PHE EC 181 49.07 -66.56 -0.82
C PHE EC 181 48.32 -67.72 -1.46
N LYS EC 182 48.94 -68.90 -1.48
CA LYS EC 182 48.40 -70.03 -2.21
C LYS EC 182 48.56 -71.34 -1.43
N GLY EC 183 48.40 -71.28 -0.11
CA GLY EC 183 48.44 -72.50 0.68
C GLY EC 183 48.78 -72.23 2.12
N ILE EC 184 48.52 -73.24 2.94
CA ILE EC 184 48.71 -73.17 4.38
C ILE EC 184 49.69 -74.25 4.81
N VAL EC 185 50.35 -74.02 5.94
CA VAL EC 185 51.21 -75.01 6.59
C VAL EC 185 50.73 -75.16 8.03
N ASP EC 186 50.35 -76.37 8.40
CA ASP EC 186 49.87 -76.63 9.75
C ASP EC 186 51.03 -76.74 10.72
N LEU EC 187 50.85 -76.20 11.92
CA LEU EC 187 51.88 -76.22 12.93
C LEU EC 187 51.79 -77.41 13.87
N ILE EC 188 50.58 -77.87 14.15
CA ILE EC 188 50.43 -79.06 14.99
C ILE EC 188 50.97 -80.29 14.27
N GLU EC 189 50.61 -80.45 13.00
CA GLU EC 189 51.05 -81.57 12.17
C GLU EC 189 51.75 -81.02 10.94
N GLU EC 190 52.95 -81.51 10.67
CA GLU EC 190 53.74 -81.04 9.53
C GLU EC 190 53.07 -81.48 8.24
N ARG EC 191 52.41 -80.55 7.56
CA ARG EC 191 51.79 -80.81 6.28
C ARG EC 191 51.54 -79.49 5.57
N ALA EC 192 51.15 -79.58 4.30
CA ALA EC 192 50.88 -78.41 3.47
C ALA EC 192 49.49 -78.57 2.85
N ILE EC 193 48.59 -77.67 3.22
CA ILE EC 193 47.23 -77.68 2.70
C ILE EC 193 47.19 -76.80 1.45
N TYR EC 194 46.78 -77.40 0.34
CA TYR EC 194 46.64 -76.68 -0.93
C TYR EC 194 45.17 -76.81 -1.37
N PHE EC 195 44.50 -75.67 -1.50
CA PHE EC 195 43.11 -75.64 -1.96
C PHE EC 195 43.13 -75.56 -3.49
N ASP EC 196 43.32 -76.72 -4.12
CA ASP EC 196 43.46 -76.75 -5.57
C ASP EC 196 42.14 -76.45 -6.25
N GLY EC 197 41.04 -76.98 -5.73
CA GLY EC 197 39.74 -76.65 -6.24
C GLY EC 197 39.33 -75.23 -5.89
N ASP EC 198 38.78 -74.51 -6.86
CA ASP EC 198 38.39 -73.11 -6.62
C ASP EC 198 37.38 -73.00 -5.49
N PHE EC 199 36.27 -73.74 -5.60
CA PHE EC 199 35.19 -73.65 -4.61
C PHE EC 199 35.39 -74.67 -3.50
N GLY EC 200 36.60 -74.69 -2.92
CA GLY EC 200 36.95 -75.60 -1.84
C GLY EC 200 36.55 -77.04 -2.09
N GLN EC 201 36.72 -77.49 -3.34
CA GLN EC 201 36.31 -78.84 -3.73
C GLN EC 201 37.46 -79.84 -3.78
N ILE EC 202 38.69 -79.38 -3.94
CA ILE EC 202 39.86 -80.25 -4.01
C ILE EC 202 40.86 -79.74 -2.99
N VAL EC 203 41.14 -80.56 -1.97
CA VAL EC 203 42.13 -80.25 -0.96
C VAL EC 203 43.27 -81.25 -1.07
N ARG EC 204 44.50 -80.74 -0.97
CA ARG EC 204 45.69 -81.58 -1.06
C ARG EC 204 46.50 -81.41 0.22
N TYR EC 205 46.71 -82.52 0.93
CA TYR EC 205 47.56 -82.53 2.12
C TYR EC 205 48.96 -83.02 1.75
N GLY EC 206 49.68 -82.17 1.04
CA GLY EC 206 51.00 -82.52 0.55
C GLY EC 206 52.09 -82.22 1.55
N GLU EC 207 53.33 -82.32 1.08
CA GLU EC 207 54.49 -82.06 1.92
C GLU EC 207 54.84 -80.58 1.93
N ILE EC 208 55.59 -80.17 2.94
CA ILE EC 208 55.97 -78.78 3.13
C ILE EC 208 57.23 -78.48 2.35
N PRO EC 209 57.30 -77.37 1.63
CA PRO EC 209 58.55 -77.02 0.94
C PRO EC 209 59.62 -76.59 1.92
N ALA EC 210 60.86 -76.99 1.60
CA ALA EC 210 62.00 -76.71 2.48
C ALA EC 210 62.33 -75.23 2.58
N GLU EC 211 61.82 -74.40 1.67
CA GLU EC 211 62.10 -72.97 1.73
C GLU EC 211 61.52 -72.37 3.00
N LEU EC 212 60.33 -72.81 3.41
CA LEU EC 212 59.69 -72.33 4.63
C LEU EC 212 59.53 -73.43 5.67
N ARG EC 213 60.09 -74.61 5.43
CA ARG EC 213 60.03 -75.67 6.44
C ARG EC 213 60.76 -75.27 7.73
N ALA EC 214 61.86 -74.51 7.60
CA ALA EC 214 62.56 -74.04 8.79
C ALA EC 214 61.72 -73.05 9.58
N ALA EC 215 61.07 -72.10 8.87
CA ALA EC 215 60.17 -71.19 9.55
C ALA EC 215 59.03 -71.95 10.21
N ALA EC 216 58.54 -73.02 9.57
CA ALA EC 216 57.47 -73.81 10.14
C ALA EC 216 57.92 -74.51 11.42
N THR EC 217 59.09 -75.15 11.39
CA THR EC 217 59.56 -75.84 12.59
C THR EC 217 60.00 -74.88 13.69
N ASP EC 218 60.26 -73.61 13.35
CA ASP EC 218 60.53 -72.62 14.38
C ASP EC 218 59.23 -72.10 15.00
N HIS EC 219 58.23 -71.83 14.15
CA HIS EC 219 56.92 -71.44 14.66
C HIS EC 219 56.29 -72.54 15.49
N ARG EC 220 56.61 -73.80 15.19
CA ARG EC 220 56.09 -74.89 16.01
C ARG EC 220 56.67 -74.86 17.42
N GLN EC 221 57.99 -74.65 17.52
CA GLN EC 221 58.60 -74.53 18.84
C GLN EC 221 58.06 -73.31 19.58
N GLU EC 222 57.83 -72.20 18.86
CA GLU EC 222 57.27 -71.02 19.51
C GLU EC 222 55.85 -71.28 20.01
N LEU EC 223 55.05 -72.02 19.23
CA LEU EC 223 53.71 -72.38 19.66
C LEU EC 223 53.73 -73.27 20.90
N ILE EC 224 54.65 -74.24 20.90
CA ILE EC 224 54.79 -75.10 22.07
C ILE EC 224 55.19 -74.29 23.29
N GLU EC 225 56.11 -73.33 23.11
CA GLU EC 225 56.51 -72.47 24.22
C GLU EC 225 55.35 -71.62 24.72
N CYS EC 226 54.52 -71.12 23.81
CA CYS EC 226 53.40 -70.29 24.20
C CYS EC 226 52.31 -71.09 24.91
N VAL EC 227 52.11 -72.36 24.53
CA VAL EC 227 51.09 -73.16 25.18
C VAL EC 227 51.61 -73.80 26.48
N ALA EC 228 52.93 -73.93 26.63
CA ALA EC 228 53.46 -74.47 27.87
C ALA EC 228 53.25 -73.51 29.04
N ASN EC 229 53.25 -72.20 28.77
CA ASN EC 229 52.98 -71.22 29.81
C ASN EC 229 51.53 -71.20 30.23
N SER EC 230 50.67 -72.01 29.62
CA SER EC 230 49.27 -72.09 29.97
C SER EC 230 48.80 -73.46 30.39
N ASP EC 231 49.40 -74.54 29.89
CA ASP EC 231 49.03 -75.90 30.27
C ASP EC 231 50.06 -76.48 31.21
N GLU EC 232 49.58 -77.20 32.24
CA GLU EC 232 50.48 -77.80 33.20
C GLU EC 232 51.02 -79.15 32.72
N GLN EC 233 50.15 -79.98 32.14
CA GLN EC 233 50.58 -81.30 31.69
C GLN EC 233 51.62 -81.18 30.57
N LEU EC 234 51.25 -80.53 29.47
CA LEU EC 234 52.20 -80.36 28.37
C LEU EC 234 53.36 -79.47 28.79
N GLY EC 235 53.14 -78.55 29.72
CA GLY EC 235 54.24 -77.75 30.24
C GLY EC 235 55.32 -78.60 30.89
N GLU EC 236 54.92 -79.43 31.86
CA GLU EC 236 55.86 -80.33 32.50
C GLU EC 236 56.46 -81.32 31.50
N MET EC 237 55.67 -81.74 30.50
CA MET EC 237 56.19 -82.65 29.50
C MET EC 237 57.32 -82.01 28.70
N PHE EC 238 57.07 -80.83 28.13
CA PHE EC 238 58.07 -80.15 27.32
C PHE EC 238 59.22 -79.60 28.14
N LEU EC 239 59.05 -79.44 29.45
CA LEU EC 239 60.05 -78.74 30.26
C LEU EC 239 61.40 -79.43 30.21
N GLU EC 240 61.49 -80.65 30.74
CA GLU EC 240 62.81 -81.26 30.92
C GLU EC 240 63.35 -81.88 29.63
N GLU EC 241 62.68 -82.92 29.14
CA GLU EC 241 63.18 -83.64 27.97
C GLU EC 241 62.12 -84.20 27.04
N LYS EC 242 60.86 -84.31 27.46
CA LYS EC 242 59.88 -85.07 26.73
C LYS EC 242 59.26 -84.22 25.62
N ILE EC 243 59.23 -84.77 24.40
CA ILE EC 243 58.62 -84.10 23.25
C ILE EC 243 57.14 -84.47 23.20
N PRO EC 244 56.25 -83.50 23.04
CA PRO EC 244 54.82 -83.81 22.98
C PRO EC 244 54.42 -84.43 21.66
N SER EC 245 53.40 -85.29 21.73
CA SER EC 245 52.86 -85.95 20.55
C SER EC 245 51.67 -85.17 19.99
N ILE EC 246 51.12 -85.67 18.89
CA ILE EC 246 50.02 -84.98 18.22
C ILE EC 246 48.77 -84.99 19.10
N SER EC 247 48.42 -86.15 19.65
CA SER EC 247 47.20 -86.24 20.47
C SER EC 247 47.35 -85.45 21.76
N ASP EC 248 48.51 -85.56 22.42
CA ASP EC 248 48.74 -84.79 23.64
C ASP EC 248 48.70 -83.29 23.36
N LEU EC 249 49.27 -82.87 22.22
CA LEU EC 249 49.24 -81.46 21.86
C LEU EC 249 47.82 -80.99 21.59
N LYS EC 250 47.03 -81.80 20.89
CA LYS EC 250 45.63 -81.45 20.65
C LYS EC 250 44.87 -81.30 21.97
N LEU EC 251 45.06 -82.26 22.88
CA LEU EC 251 44.36 -82.19 24.16
C LEU EC 251 44.79 -80.98 24.97
N ALA EC 252 46.09 -80.66 24.96
CA ALA EC 252 46.57 -79.50 25.70
C ALA EC 252 46.03 -78.21 25.10
N ILE EC 253 45.99 -78.12 23.77
CA ILE EC 253 45.43 -76.94 23.12
C ILE EC 253 43.96 -76.78 23.48
N ARG EC 254 43.21 -77.88 23.45
CA ARG EC 254 41.79 -77.82 23.79
C ARG EC 254 41.60 -77.37 25.24
N ARG EC 255 42.39 -77.94 26.15
CA ARG EC 255 42.27 -77.58 27.56
C ARG EC 255 42.60 -76.11 27.79
N ALA EC 256 43.68 -75.62 27.17
CA ALA EC 256 44.08 -74.23 27.35
C ALA EC 256 43.10 -73.28 26.68
N THR EC 257 42.41 -73.74 25.62
CA THR EC 257 41.38 -72.91 25.01
C THR EC 257 40.15 -72.83 25.89
N LEU EC 258 39.76 -73.96 26.50
CA LEU EC 258 38.63 -73.93 27.45
C LEU EC 258 38.95 -73.04 28.64
N LYS EC 259 40.21 -73.06 29.09
CA LYS EC 259 40.62 -72.25 30.23
C LYS EC 259 40.78 -70.77 29.89
N ARG EC 260 40.62 -70.40 28.62
CA ARG EC 260 40.79 -69.02 28.15
C ARG EC 260 42.17 -68.47 28.49
N SER EC 261 43.17 -69.35 28.56
CA SER EC 261 44.55 -68.95 28.77
C SER EC 261 45.34 -68.90 27.47
N PHE EC 262 45.10 -69.86 26.59
CA PHE EC 262 45.66 -69.86 25.24
C PHE EC 262 44.54 -69.67 24.23
N THR EC 263 44.88 -69.03 23.11
CA THR EC 263 43.91 -68.74 22.06
C THR EC 263 44.47 -69.20 20.72
N PRO EC 264 43.94 -70.28 20.14
CA PRO EC 264 44.42 -70.72 18.82
C PRO EC 264 44.07 -69.69 17.75
N VAL EC 265 45.07 -69.35 16.94
CA VAL EC 265 44.95 -68.34 15.90
C VAL EC 265 45.25 -69.00 14.55
N PHE EC 266 44.25 -69.10 13.70
CA PHE EC 266 44.40 -69.59 12.34
C PHE EC 266 44.33 -68.43 11.36
N LEU EC 267 44.62 -68.73 10.09
CA LEU EC 267 44.64 -67.70 9.07
C LEU EC 267 44.02 -68.25 7.79
N GLY EC 268 43.86 -67.36 6.82
CA GLY EC 268 43.25 -67.71 5.55
C GLY EC 268 42.50 -66.54 4.99
N SER EC 269 42.03 -66.72 3.76
CA SER EC 269 41.29 -65.68 3.03
C SER EC 269 39.90 -66.20 2.72
N ALA EC 270 38.88 -65.50 3.23
CA ALA EC 270 37.50 -65.92 3.02
C ALA EC 270 36.99 -65.58 1.63
N LEU EC 271 37.64 -64.63 0.93
CA LEU EC 271 37.18 -64.27 -0.41
C LEU EC 271 37.66 -65.26 -1.44
N LYS EC 272 38.96 -65.56 -1.45
CA LYS EC 272 39.54 -66.46 -2.44
C LYS EC 272 39.41 -67.92 -2.06
N ASN EC 273 38.54 -68.25 -1.10
CA ASN EC 273 38.21 -69.62 -0.74
C ASN EC 273 39.45 -70.39 -0.29
N LYS EC 274 40.11 -69.86 0.74
CA LYS EC 274 41.33 -70.46 1.26
C LYS EC 274 41.34 -70.33 2.78
N GLY EC 275 41.34 -71.46 3.47
CA GLY EC 275 41.45 -71.48 4.91
C GLY EC 275 40.16 -71.64 5.68
N VAL EC 276 39.13 -72.23 5.08
CA VAL EC 276 37.85 -72.40 5.77
C VAL EC 276 37.70 -73.81 6.34
N GLN EC 277 38.14 -74.82 5.59
CA GLN EC 277 38.06 -76.19 6.10
C GLN EC 277 38.93 -76.43 7.32
N PRO EC 278 40.17 -75.93 7.41
CA PRO EC 278 40.92 -76.10 8.67
C PRO EC 278 40.24 -75.45 9.86
N LEU EC 279 39.64 -74.27 9.67
CA LEU EC 279 38.91 -73.64 10.76
C LEU EC 279 37.69 -74.45 11.15
N LEU EC 280 36.98 -75.01 10.16
CA LEU EC 280 35.84 -75.85 10.45
C LEU EC 280 36.26 -77.07 11.26
N ASP EC 281 37.37 -77.70 10.89
CA ASP EC 281 37.87 -78.83 11.66
C ASP EC 281 38.28 -78.41 13.06
N ALA EC 282 38.93 -77.26 13.19
CA ALA EC 282 39.37 -76.78 14.49
C ALA EC 282 38.18 -76.48 15.40
N VAL EC 283 37.04 -76.09 14.82
CA VAL EC 283 35.85 -75.85 15.62
C VAL EC 283 35.49 -77.09 16.44
N LEU EC 284 35.41 -78.24 15.78
CA LEU EC 284 35.11 -79.48 16.48
C LEU EC 284 36.32 -80.01 17.27
N GLU EC 285 37.54 -79.65 16.87
CA GLU EC 285 38.71 -80.19 17.56
C GLU EC 285 38.93 -79.51 18.90
N TYR EC 286 38.68 -78.21 18.99
CA TYR EC 286 39.05 -77.45 20.18
C TYR EC 286 37.87 -76.82 20.90
N LEU EC 287 36.92 -76.24 20.18
CA LEU EC 287 35.81 -75.56 20.84
C LEU EC 287 34.92 -76.57 21.56
N PRO EC 288 34.39 -76.23 22.73
CA PRO EC 288 33.67 -77.21 23.53
C PRO EC 288 32.25 -77.44 23.04
N ASN EC 289 31.68 -78.54 23.53
CA ASN EC 289 30.28 -78.86 23.35
C ASN EC 289 29.47 -78.32 24.52
N PRO EC 290 28.16 -78.12 24.34
CA PRO EC 290 27.36 -77.53 25.43
C PRO EC 290 27.37 -78.32 26.72
N SER EC 291 27.76 -79.59 26.69
CA SER EC 291 27.78 -80.40 27.91
C SER EC 291 29.06 -80.23 28.72
N GLU EC 292 30.12 -79.71 28.11
CA GLU EC 292 31.38 -79.56 28.84
C GLU EC 292 31.33 -78.38 29.79
N VAL EC 293 31.12 -77.17 29.26
CA VAL EC 293 31.12 -75.98 30.09
C VAL EC 293 29.88 -75.96 30.96
N GLN EC 294 30.05 -75.48 32.20
CA GLN EC 294 28.98 -75.44 33.19
C GLN EC 294 28.48 -74.00 33.31
N ASN EC 295 27.28 -73.74 32.80
CA ASN EC 295 26.68 -72.42 32.82
C ASN EC 295 25.79 -72.29 34.05
N TYR EC 296 26.18 -71.41 34.98
CA TYR EC 296 25.41 -71.21 36.20
C TYR EC 296 24.07 -70.57 35.86
N ALA EC 297 23.00 -71.28 36.16
CA ALA EC 297 21.65 -70.90 35.75
C ALA EC 297 21.01 -69.89 36.70
N ILE EC 298 19.69 -69.74 36.57
CA ILE EC 298 18.87 -68.81 37.33
C ILE EC 298 19.18 -68.84 38.82
N LEU EC 299 19.03 -67.70 39.47
CA LEU EC 299 19.09 -67.65 40.92
C LEU EC 299 17.86 -68.32 41.52
N ASN EC 300 17.88 -68.51 42.84
CA ASN EC 300 16.78 -69.18 43.52
C ASN EC 300 15.49 -68.38 43.39
N LYS EC 301 15.56 -67.07 43.60
CA LYS EC 301 14.38 -66.21 43.51
C LYS EC 301 14.70 -64.92 42.77
N LYS EC 308 18.61 -66.58 45.56
CA LYS EC 308 19.81 -65.79 45.33
C LYS EC 308 21.01 -66.69 45.03
N THR EC 309 20.84 -67.99 45.21
CA THR EC 309 21.91 -68.93 44.94
C THR EC 309 21.85 -69.40 43.49
N LYS EC 310 23.02 -69.64 42.91
CA LYS EC 310 23.10 -70.08 41.53
C LYS EC 310 22.96 -71.60 41.46
N ILE EC 311 21.92 -72.07 40.78
CA ILE EC 311 21.71 -73.51 40.61
C ILE EC 311 22.37 -73.95 39.32
N LEU EC 312 23.11 -75.06 39.38
CA LEU EC 312 23.74 -75.60 38.19
C LEU EC 312 22.78 -76.51 37.44
N MET EC 313 22.76 -76.36 36.12
CA MET EC 313 21.87 -77.16 35.29
C MET EC 313 22.45 -78.56 35.07
N ASN EC 314 21.65 -79.40 34.40
CA ASN EC 314 22.04 -80.77 34.05
C ASN EC 314 21.76 -80.95 32.57
N SER EC 315 22.72 -80.58 31.73
CA SER EC 315 22.57 -80.71 30.29
C SER EC 315 22.74 -82.18 29.92
N SER EC 316 21.63 -82.87 29.71
CA SER EC 316 21.66 -84.29 29.37
C SER EC 316 20.81 -84.66 28.17
N ARG EC 317 20.01 -83.73 27.63
CA ARG EC 317 19.15 -84.00 26.48
C ARG EC 317 18.18 -85.15 26.76
N ASP EC 318 17.73 -85.24 28.01
CA ASP EC 318 16.83 -86.28 28.46
C ASP EC 318 15.53 -85.64 28.98
N ASN EC 319 14.66 -86.48 29.55
CA ASN EC 319 13.41 -86.03 30.15
C ASN EC 319 13.43 -86.13 31.66
N SER EC 320 14.60 -86.30 32.27
CA SER EC 320 14.73 -86.49 33.71
C SER EC 320 14.82 -85.17 34.47
N HIS EC 321 14.65 -84.03 33.80
CA HIS EC 321 14.75 -82.73 34.44
C HIS EC 321 13.69 -81.81 33.86
N PRO EC 322 13.18 -80.86 34.66
CA PRO EC 322 12.20 -79.92 34.12
C PRO EC 322 12.82 -79.01 33.07
N PHE EC 323 12.00 -78.62 32.10
CA PHE EC 323 12.48 -77.80 31.00
C PHE EC 323 12.76 -76.37 31.45
N VAL EC 324 13.76 -75.75 30.83
CA VAL EC 324 14.09 -74.36 31.06
C VAL EC 324 14.67 -73.78 29.77
N GLY EC 325 14.22 -72.58 29.40
CA GLY EC 325 14.70 -71.94 28.20
C GLY EC 325 14.78 -70.44 28.30
N LEU EC 326 15.94 -69.87 27.96
CA LEU EC 326 16.17 -68.44 28.03
C LEU EC 326 15.97 -67.82 26.65
N ALA EC 327 15.19 -66.75 26.59
CA ALA EC 327 14.94 -66.04 25.34
C ALA EC 327 15.88 -64.86 25.20
N PHE EC 328 16.35 -64.61 23.98
CA PHE EC 328 17.34 -63.57 23.77
C PHE EC 328 17.11 -62.68 22.56
N LYS EC 329 16.09 -62.93 21.74
CA LYS EC 329 15.91 -62.14 20.53
C LYS EC 329 14.47 -62.24 20.06
N LEU EC 330 13.94 -61.14 19.53
CA LEU EC 330 12.59 -61.08 19.02
C LEU EC 330 12.60 -60.74 17.53
N GLU EC 331 11.51 -61.08 16.86
CA GLU EC 331 11.32 -60.71 15.46
C GLU EC 331 9.83 -60.62 15.18
N VAL EC 332 9.38 -59.46 14.74
CA VAL EC 332 7.96 -59.27 14.43
C VAL EC 332 7.80 -58.83 12.98
N GLY EC 336 4.50 -63.63 11.99
CA GLY EC 336 4.09 -63.08 13.26
C GLY EC 336 5.23 -62.94 14.24
N GLN EC 337 4.93 -63.06 15.53
CA GLN EC 337 5.96 -62.95 16.55
C GLN EC 337 6.83 -64.19 16.55
N LEU EC 338 8.14 -63.99 16.67
CA LEU EC 338 9.10 -65.08 16.72
C LEU EC 338 10.12 -64.77 17.80
N THR EC 339 10.44 -65.78 18.61
CA THR EC 339 11.33 -65.62 19.75
C THR EC 339 12.47 -66.63 19.66
N TYR EC 340 13.70 -66.14 19.75
CA TYR EC 340 14.88 -67.01 19.75
C TYR EC 340 15.16 -67.44 21.18
N VAL EC 341 15.23 -68.76 21.40
CA VAL EC 341 15.36 -69.33 22.73
C VAL EC 341 16.50 -70.36 22.72
N ARG EC 342 17.13 -70.52 23.87
CA ARG EC 342 18.11 -71.58 24.07
C ARG EC 342 17.73 -72.37 25.33
N SER EC 343 17.75 -73.69 25.21
CA SER EC 343 17.40 -74.57 26.32
C SER EC 343 18.66 -74.97 27.07
N TYR EC 344 18.57 -74.97 28.40
CA TYR EC 344 19.70 -75.35 29.25
C TYR EC 344 19.59 -76.76 29.80
N GLN EC 345 18.38 -77.23 30.13
CA GLN EC 345 18.19 -78.60 30.53
C GLN EC 345 16.74 -79.00 30.25
N GLY EC 346 16.51 -80.30 30.22
CA GLY EC 346 15.20 -80.83 29.90
C GLY EC 346 15.05 -81.11 28.42
N GLU EC 347 13.79 -81.20 27.99
CA GLU EC 347 13.48 -81.49 26.58
C GLU EC 347 12.10 -80.94 26.28
N LEU EC 348 12.03 -79.96 25.38
CA LEU EC 348 10.76 -79.40 24.96
C LEU EC 348 10.28 -80.07 23.67
N LYS EC 349 8.98 -80.34 23.61
CA LYS EC 349 8.39 -80.99 22.46
C LYS EC 349 7.15 -80.21 22.01
N LYS EC 350 6.84 -80.33 20.72
CA LYS EC 350 5.73 -79.58 20.14
C LYS EC 350 4.40 -80.07 20.71
N GLY EC 351 3.50 -79.12 21.00
CA GLY EC 351 2.22 -79.45 21.56
C GLY EC 351 2.19 -79.52 23.07
N ASP EC 352 2.97 -78.69 23.75
CA ASP EC 352 3.08 -78.69 25.20
C ASP EC 352 2.57 -77.37 25.76
N THR EC 353 2.71 -77.21 27.07
CA THR EC 353 2.34 -75.99 27.76
C THR EC 353 3.54 -75.48 28.55
N ILE EC 354 3.94 -74.24 28.29
CA ILE EC 354 5.06 -73.63 28.99
C ILE EC 354 4.54 -72.49 29.86
N TYR EC 355 5.41 -71.91 30.68
CA TYR EC 355 5.02 -70.82 31.57
C TYR EC 355 6.15 -69.81 31.63
N ASN EC 356 5.79 -68.53 31.52
CA ASN EC 356 6.77 -67.47 31.65
C ASN EC 356 7.20 -67.34 33.12
N THR EC 357 8.44 -66.92 33.33
CA THR EC 357 8.91 -66.70 34.70
C THR EC 357 8.52 -65.32 35.21
N ARG EC 358 8.93 -64.27 34.50
CA ARG EC 358 8.64 -62.92 34.95
C ARG EC 358 7.15 -62.60 34.85
N THR EC 359 6.47 -63.15 33.85
CA THR EC 359 5.05 -62.89 33.66
C THR EC 359 4.17 -63.86 34.43
N ARG EC 360 4.66 -65.08 34.68
CA ARG EC 360 3.90 -66.12 35.37
C ARG EC 360 2.57 -66.39 34.68
N LYS EC 361 2.66 -66.69 33.39
CA LYS EC 361 1.48 -66.96 32.57
C LYS EC 361 1.73 -68.20 31.73
N LYS EC 362 0.67 -68.97 31.51
CA LYS EC 362 0.73 -70.19 30.74
C LYS EC 362 0.57 -69.91 29.25
N VAL EC 363 1.32 -70.63 28.42
CA VAL EC 363 1.27 -70.49 26.98
C VAL EC 363 1.27 -71.86 26.33
N ARG EC 364 0.30 -72.10 25.46
CA ARG EC 364 0.27 -73.32 24.66
C ARG EC 364 1.22 -73.19 23.48
N LEU EC 365 1.93 -74.27 23.16
CA LEU EC 365 2.91 -74.28 22.08
C LEU EC 365 2.30 -74.97 20.87
N GLN EC 366 2.30 -74.29 19.74
CA GLN EC 366 1.75 -74.82 18.49
C GLN EC 366 2.84 -75.33 17.55
N ARG EC 367 3.87 -74.53 17.30
CA ARG EC 367 4.95 -74.93 16.40
C ARG EC 367 6.24 -74.26 16.81
N LEU EC 368 7.35 -74.94 16.55
CA LEU EC 368 8.68 -74.41 16.79
C LEU EC 368 9.63 -74.99 15.75
N ALA EC 369 10.67 -74.24 15.42
CA ALA EC 369 11.55 -74.64 14.32
C ALA EC 369 12.91 -73.98 14.50
N ARG EC 370 13.82 -74.34 13.61
CA ARG EC 370 15.13 -73.70 13.53
C ARG EC 370 15.08 -72.56 12.52
N MET EC 371 16.24 -71.94 12.29
CA MET EC 371 16.32 -70.77 11.43
C MET EC 371 17.51 -70.90 10.48
N HIS EC 372 17.23 -70.87 9.19
CA HIS EC 372 18.27 -70.72 8.17
C HIS EC 372 18.48 -69.24 7.85
N ALA EC 373 18.56 -68.44 8.92
CA ALA EC 373 18.82 -67.00 8.90
C ALA EC 373 17.71 -66.22 8.20
N ASP EC 374 16.79 -66.93 7.54
CA ASP EC 374 15.61 -66.29 6.97
C ASP EC 374 14.33 -67.09 7.12
N MET EC 375 14.39 -68.41 7.30
CA MET EC 375 13.22 -69.27 7.21
C MET EC 375 13.28 -70.30 8.33
N MET EC 376 12.40 -71.30 8.26
CA MET EC 376 12.30 -72.33 9.28
C MET EC 376 12.35 -73.71 8.65
N GLU EC 377 12.49 -74.72 9.50
CA GLU EC 377 12.53 -76.11 9.05
C GLU EC 377 11.49 -77.00 9.73
N ASP EC 378 10.67 -76.45 10.63
CA ASP EC 378 9.58 -77.17 11.29
C ASP EC 378 10.10 -78.40 12.03
N VAL EC 379 10.94 -78.13 13.04
CA VAL EC 379 11.40 -79.21 13.92
C VAL EC 379 10.26 -79.65 14.83
N GLU EC 380 10.42 -80.85 15.41
CA GLU EC 380 9.40 -81.41 16.29
C GLU EC 380 9.74 -81.19 17.76
N GLU EC 381 10.91 -81.64 18.21
CA GLU EC 381 11.34 -81.48 19.59
C GLU EC 381 12.74 -80.89 19.62
N VAL EC 382 13.05 -80.20 20.72
CA VAL EC 382 14.37 -79.61 20.93
C VAL EC 382 14.91 -80.12 22.26
N TYR EC 383 16.24 -80.14 22.36
CA TYR EC 383 16.93 -80.63 23.54
C TYR EC 383 17.73 -79.50 24.18
N ALA EC 384 18.44 -79.83 25.25
CA ALA EC 384 19.24 -78.84 25.96
C ALA EC 384 20.43 -78.42 25.11
N GLY EC 385 20.71 -77.12 25.09
CA GLY EC 385 21.85 -76.60 24.37
C GLY EC 385 21.62 -76.50 22.88
N ASP EC 386 20.62 -75.72 22.48
CA ASP EC 386 20.31 -75.52 21.06
C ASP EC 386 19.55 -74.22 20.89
N ILE EC 387 19.84 -73.52 19.81
CA ILE EC 387 19.16 -72.27 19.47
C ILE EC 387 17.95 -72.62 18.61
N CYS EC 388 16.76 -72.32 19.12
CA CYS EC 388 15.52 -72.66 18.43
C CYS EC 388 14.61 -71.45 18.34
N ALA EC 389 13.81 -71.40 17.29
CA ALA EC 389 12.80 -70.38 17.12
C ALA EC 389 11.46 -70.87 17.67
N LEU EC 390 10.72 -69.95 18.29
CA LEU EC 390 9.45 -70.28 18.94
C LEU EC 390 8.39 -69.28 18.51
N PHE EC 391 7.23 -69.79 18.14
CA PHE EC 391 6.11 -68.99 17.67
C PHE EC 391 5.06 -68.84 18.76
N GLY EC 392 4.13 -67.92 18.53
CA GLY EC 392 3.02 -67.71 19.44
C GLY EC 392 3.35 -66.95 20.71
N ILE EC 393 4.60 -66.93 21.13
CA ILE EC 393 4.99 -66.23 22.36
C ILE EC 393 4.84 -64.73 22.14
N ASP EC 394 4.18 -64.06 23.09
CA ASP EC 394 3.98 -62.61 23.02
C ASP EC 394 4.29 -61.94 24.35
N CYS EC 395 5.09 -62.59 25.21
CA CYS EC 395 5.42 -62.02 26.52
C CYS EC 395 6.88 -62.24 26.86
N ALA EC 396 7.77 -62.25 25.87
CA ALA EC 396 9.19 -62.51 26.07
C ALA EC 396 10.01 -61.36 25.53
N SER EC 397 10.94 -60.85 26.34
CA SER EC 397 11.96 -59.92 25.91
C SER EC 397 13.36 -60.46 26.15
N GLY EC 398 13.69 -60.78 27.40
CA GLY EC 398 14.92 -61.46 27.74
C GLY EC 398 14.75 -62.52 28.81
N ASP EC 399 13.50 -62.97 29.03
CA ASP EC 399 13.16 -63.75 30.21
C ASP EC 399 13.20 -65.26 29.94
N THR EC 400 12.71 -66.04 30.90
CA THR EC 400 12.82 -67.48 30.91
C THR EC 400 11.44 -68.13 30.82
N PHE EC 401 11.40 -69.30 30.18
CA PHE EC 401 10.20 -70.14 30.08
C PHE EC 401 10.52 -71.49 30.71
N THR EC 402 9.57 -72.03 31.47
CA THR EC 402 9.79 -73.30 32.14
C THR EC 402 8.46 -74.00 32.37
N ASP EC 403 8.54 -75.18 32.97
CA ASP EC 403 7.36 -75.92 33.39
C ASP EC 403 7.20 -75.80 34.90
N LYS EC 404 6.07 -76.32 35.40
CA LYS EC 404 5.72 -76.31 36.82
C LYS EC 404 6.07 -74.99 37.48
N ALA EC 405 5.47 -73.90 37.00
CA ALA EC 405 5.82 -72.54 37.42
C ALA EC 405 5.33 -72.31 38.85
N ASN EC 406 6.13 -72.78 39.80
CA ASN EC 406 5.89 -72.50 41.21
C ASN EC 406 7.12 -71.96 41.92
N SER EC 407 8.29 -71.98 41.27
CA SER EC 407 9.52 -71.42 41.83
C SER EC 407 10.10 -70.44 40.83
N GLY EC 408 10.45 -69.25 41.30
CA GLY EC 408 10.99 -68.23 40.43
C GLY EC 408 12.33 -68.65 39.85
N LEU EC 409 12.39 -68.85 38.54
CA LEU EC 409 13.61 -69.24 37.84
C LEU EC 409 13.93 -68.17 36.80
N SER EC 410 14.62 -67.12 37.24
CA SER EC 410 14.91 -65.95 36.41
C SER EC 410 16.38 -65.89 36.08
N MET EC 411 16.70 -65.86 34.78
CA MET EC 411 18.07 -65.69 34.34
C MET EC 411 18.55 -64.27 34.60
N GLU EC 412 19.79 -64.00 34.26
CA GLU EC 412 20.37 -62.68 34.45
C GLU EC 412 20.21 -61.82 33.21
N SER EC 413 20.05 -60.52 33.43
CA SER EC 413 19.86 -59.57 32.35
C SER EC 413 21.18 -59.29 31.63
N ILE EC 414 21.09 -58.52 30.56
CA ILE EC 414 22.25 -58.12 29.77
C ILE EC 414 22.59 -56.68 30.11
N HIS EC 415 23.86 -56.32 29.95
CA HIS EC 415 24.29 -54.96 30.24
C HIS EC 415 23.70 -53.98 29.23
N VAL EC 416 23.03 -52.95 29.74
CA VAL EC 416 22.45 -51.90 28.91
C VAL EC 416 23.56 -50.93 28.53
N PRO EC 417 23.85 -50.75 27.24
CA PRO EC 417 25.02 -49.94 26.87
C PRO EC 417 24.78 -48.43 26.90
N ASP EC 418 23.68 -47.99 27.53
CA ASP EC 418 23.45 -46.57 27.81
C ASP EC 418 23.52 -45.70 26.55
N PRO EC 419 22.46 -45.68 25.72
CA PRO EC 419 22.48 -44.89 24.48
C PRO EC 419 23.01 -43.48 24.65
N VAL EC 420 23.75 -42.99 23.65
CA VAL EC 420 24.57 -41.79 23.80
C VAL EC 420 24.22 -40.70 22.80
N ILE EC 421 23.20 -40.90 21.96
CA ILE EC 421 22.78 -39.88 21.02
C ILE EC 421 21.28 -39.68 21.12
N SER EC 422 20.86 -38.42 21.19
CA SER EC 422 19.45 -38.06 21.30
C SER EC 422 19.01 -37.34 20.04
N ILE EC 423 17.84 -37.70 19.53
CA ILE EC 423 17.33 -37.16 18.27
C ILE EC 423 15.82 -36.93 18.40
N ALA EC 424 15.37 -35.76 17.95
CA ALA EC 424 13.94 -35.47 17.88
C ALA EC 424 13.42 -35.97 16.54
N MET EC 425 12.56 -36.99 16.60
CA MET EC 425 11.93 -37.55 15.41
C MET EC 425 10.49 -37.09 15.36
N LYS EC 426 10.04 -36.67 14.18
CA LYS EC 426 8.67 -36.20 14.04
C LYS EC 426 8.10 -36.64 12.70
N PRO EC 427 7.00 -37.38 12.67
CA PRO EC 427 6.45 -37.84 11.39
C PRO EC 427 6.08 -36.66 10.49
N SER EC 428 6.57 -36.70 9.25
CA SER EC 428 6.35 -35.58 8.33
C SER EC 428 4.86 -35.44 7.99
N ASN EC 429 4.27 -36.47 7.40
CA ASN EC 429 2.86 -36.44 7.05
C ASN EC 429 2.06 -37.00 8.22
N LYS EC 430 0.99 -36.29 8.58
CA LYS EC 430 0.21 -36.64 9.77
C LYS EC 430 -0.72 -37.84 9.55
N ASN EC 431 -0.87 -38.31 8.33
CA ASN EC 431 -1.69 -39.48 8.07
C ASN EC 431 -0.95 -40.79 8.29
N ASP EC 432 0.34 -40.73 8.68
CA ASP EC 432 1.14 -41.92 8.95
C ASP EC 432 1.47 -42.04 10.43
N LEU EC 433 0.74 -41.34 11.30
CA LEU EC 433 1.08 -41.34 12.72
C LEU EC 433 0.85 -42.71 13.34
N GLU EC 434 -0.21 -43.40 12.93
CA GLU EC 434 -0.48 -44.73 13.48
C GLU EC 434 0.60 -45.72 13.07
N LYS EC 435 1.02 -45.68 11.80
CA LYS EC 435 2.09 -46.56 11.35
C LYS EC 435 3.40 -46.24 12.05
N PHE EC 436 3.67 -44.95 12.27
CA PHE EC 436 4.86 -44.55 13.02
C PHE EC 436 4.80 -45.11 14.45
N SER EC 437 3.64 -45.01 15.09
CA SER EC 437 3.50 -45.49 16.46
C SER EC 437 3.70 -47.00 16.53
N LYS EC 438 3.10 -47.75 15.60
CA LYS EC 438 3.25 -49.21 15.66
C LYS EC 438 4.68 -49.63 15.30
N GLY EC 439 5.34 -48.90 14.40
CA GLY EC 439 6.73 -49.20 14.13
C GLY EC 439 7.63 -48.95 15.33
N ILE EC 440 7.38 -47.86 16.05
CA ILE EC 440 8.14 -47.58 17.27
C ILE EC 440 7.86 -48.66 18.31
N GLY EC 441 6.60 -49.08 18.43
CA GLY EC 441 6.26 -50.12 19.40
C GLY EC 441 6.92 -51.45 19.07
N ARG EC 442 7.04 -51.76 17.78
CA ARG EC 442 7.72 -52.99 17.40
C ARG EC 442 9.22 -52.89 17.65
N PHE EC 443 9.83 -51.75 17.29
CA PHE EC 443 11.27 -51.59 17.41
C PHE EC 443 11.73 -51.43 18.85
N THR EC 444 10.84 -51.02 19.76
CA THR EC 444 11.25 -50.79 21.14
C THR EC 444 11.44 -52.09 21.90
N ARG EC 445 10.53 -53.06 21.71
CA ARG EC 445 10.55 -54.27 22.52
C ARG EC 445 11.56 -55.29 22.03
N GLU EC 446 12.09 -55.14 20.82
CA GLU EC 446 13.08 -56.07 20.28
C GLU EC 446 14.51 -55.55 20.42
N ASP EC 447 14.71 -54.39 21.03
CA ASP EC 447 16.03 -53.79 21.18
C ASP EC 447 16.04 -52.95 22.44
N PRO EC 448 16.75 -53.40 23.48
CA PRO EC 448 16.77 -52.63 24.74
C PRO EC 448 17.59 -51.35 24.67
N THR EC 449 18.38 -51.15 23.62
CA THR EC 449 19.16 -49.93 23.48
C THR EC 449 18.35 -48.78 22.91
N PHE EC 450 17.53 -49.04 21.90
CA PHE EC 450 16.68 -48.03 21.31
C PHE EC 450 15.65 -47.57 22.33
N LYS EC 451 15.81 -46.35 22.86
CA LYS EC 451 14.95 -45.84 23.91
C LYS EC 451 14.09 -44.70 23.37
N VAL EC 452 12.88 -44.60 23.90
CA VAL EC 452 11.94 -43.53 23.56
C VAL EC 452 11.54 -42.83 24.85
N TYR EC 453 11.59 -41.50 24.84
CA TYR EC 453 11.27 -40.74 26.05
C TYR EC 453 10.53 -39.47 25.67
N PHE EC 454 9.44 -39.19 26.37
CA PHE EC 454 8.65 -37.98 26.12
C PHE EC 454 9.08 -36.89 27.10
N ASP EC 455 9.49 -35.74 26.55
CA ASP EC 455 9.95 -34.65 27.39
C ASP EC 455 8.75 -33.94 28.03
N THR EC 456 8.80 -33.79 29.36
CA THR EC 456 7.74 -33.09 30.06
C THR EC 456 7.66 -31.63 29.61
N GLU EC 457 8.73 -30.87 29.86
CA GLU EC 457 8.84 -29.53 29.30
C GLU EC 457 9.42 -29.60 27.89
N ASN EC 458 8.94 -28.70 27.04
CA ASN EC 458 9.25 -28.75 25.60
C ASN EC 458 8.83 -30.10 25.03
N LYS EC 459 7.51 -30.31 25.09
CA LYS EC 459 6.88 -31.61 24.81
C LYS EC 459 7.30 -32.11 23.44
N GLU EC 460 8.08 -33.19 23.42
CA GLU EC 460 8.51 -33.83 22.19
C GLU EC 460 9.01 -35.23 22.50
N THR EC 461 9.05 -36.06 21.47
CA THR EC 461 9.46 -37.45 21.58
C THR EC 461 10.93 -37.56 21.20
N VAL EC 462 11.78 -37.79 22.20
CA VAL EC 462 13.22 -37.91 22.00
C VAL EC 462 13.56 -39.39 21.87
N ILE EC 463 14.42 -39.72 20.91
CA ILE EC 463 14.89 -41.07 20.68
C ILE EC 463 16.34 -41.14 21.09
N SER EC 464 16.67 -42.12 21.94
CA SER EC 464 18.03 -42.33 22.41
C SER EC 464 18.59 -43.59 21.77
N GLY EC 465 19.77 -43.45 21.16
CA GLY EC 465 20.42 -44.54 20.46
C GLY EC 465 21.90 -44.58 20.74
N MET EC 466 22.55 -45.60 20.20
CA MET EC 466 23.98 -45.80 20.36
C MET EC 466 24.81 -45.10 19.31
N GLY EC 467 24.21 -44.72 18.18
CA GLY EC 467 24.97 -44.04 17.14
C GLY EC 467 24.11 -43.37 16.09
N GLU EC 468 24.65 -42.32 15.48
CA GLU EC 468 23.94 -41.67 14.38
C GLU EC 468 23.70 -42.65 13.24
N LEU EC 469 24.64 -43.58 13.02
CA LEU EC 469 24.43 -44.62 12.02
C LEU EC 469 23.23 -45.49 12.38
N HIS EC 470 23.14 -45.88 13.65
CA HIS EC 470 22.02 -46.69 14.12
C HIS EC 470 20.70 -45.98 13.88
N LEU EC 471 20.61 -44.72 14.33
CA LEU EC 471 19.36 -43.98 14.18
C LEU EC 471 19.03 -43.74 12.72
N GLU EC 472 20.04 -43.52 11.89
CA GLU EC 472 19.81 -43.28 10.47
C GLU EC 472 19.27 -44.52 9.79
N ILE EC 473 19.90 -45.68 10.04
CA ILE EC 473 19.42 -46.90 9.41
C ILE EC 473 18.04 -47.28 9.94
N TYR EC 474 17.75 -46.94 11.20
CA TYR EC 474 16.42 -47.21 11.74
C TYR EC 474 15.37 -46.34 11.07
N ALA EC 475 15.66 -45.05 10.89
CA ALA EC 475 14.72 -44.18 10.21
C ALA EC 475 14.53 -44.60 8.75
N GLN EC 476 15.60 -45.06 8.10
CA GLN EC 476 15.49 -45.52 6.72
C GLN EC 476 14.63 -46.79 6.65
N ARG EC 477 14.83 -47.70 7.60
CA ARG EC 477 14.01 -48.90 7.66
C ARG EC 477 12.54 -48.55 7.85
N LEU EC 478 12.27 -47.59 8.74
CA LEU EC 478 10.90 -47.12 8.93
C LEU EC 478 10.32 -46.59 7.62
N GLU EC 479 11.03 -45.67 6.98
CA GLU EC 479 10.48 -45.00 5.81
C GLU EC 479 10.38 -45.93 4.61
N ARG EC 480 11.15 -47.02 4.60
CA ARG EC 480 11.10 -47.96 3.48
C ARG EC 480 10.31 -49.22 3.78
N GLU EC 481 9.84 -49.41 5.00
CA GLU EC 481 9.04 -50.59 5.28
C GLU EC 481 7.62 -50.25 5.71
N TYR EC 482 7.41 -49.08 6.32
CA TYR EC 482 6.07 -48.67 6.72
C TYR EC 482 5.57 -47.46 5.95
N GLY EC 483 6.38 -46.89 5.06
CA GLY EC 483 5.96 -45.74 4.28
C GLY EC 483 5.70 -44.51 5.13
N CYS EC 484 6.56 -44.25 6.11
CA CYS EC 484 6.39 -43.13 7.04
C CYS EC 484 7.67 -42.31 7.09
N PRO EC 485 7.83 -41.35 6.20
CA PRO EC 485 8.99 -40.46 6.28
C PRO EC 485 8.89 -39.54 7.48
N CYS EC 486 10.00 -39.41 8.21
CA CYS EC 486 10.04 -38.64 9.44
C CYS EC 486 11.18 -37.64 9.40
N ILE EC 487 10.92 -36.43 9.88
CA ILE EC 487 11.95 -35.40 10.02
C ILE EC 487 12.76 -35.70 11.27
N THR EC 488 14.09 -35.62 11.13
CA THR EC 488 15.03 -35.89 12.19
C THR EC 488 15.81 -34.63 12.51
N GLY EC 489 15.81 -34.22 13.78
CA GLY EC 489 16.52 -33.02 14.15
C GLY EC 489 17.08 -33.04 15.57
N LYS EC 490 17.65 -31.92 16.00
CA LYS EC 490 18.14 -31.81 17.36
C LYS EC 490 16.98 -31.63 18.34
N PRO EC 491 16.97 -32.36 19.44
CA PRO EC 491 15.91 -32.16 20.44
C PRO EC 491 15.96 -30.76 21.03
N LYS EC 492 14.78 -30.23 21.33
CA LYS EC 492 14.67 -28.87 21.83
C LYS EC 492 15.15 -28.80 23.28
N VAL EC 493 15.94 -27.78 23.57
CA VAL EC 493 16.53 -27.58 24.90
C VAL EC 493 15.53 -26.86 25.78
N ALA EC 494 15.52 -27.20 27.06
CA ALA EC 494 14.59 -26.61 28.03
C ALA EC 494 15.24 -25.36 28.63
N PHE EC 495 15.00 -24.22 27.98
CA PHE EC 495 15.52 -22.96 28.48
C PHE EC 495 14.63 -22.42 29.60
N ARG EC 496 15.24 -21.62 30.47
CA ARG EC 496 14.54 -20.98 31.57
C ARG EC 496 14.79 -19.48 31.53
N GLU EC 497 13.87 -18.73 32.14
CA GLU EC 497 13.93 -17.28 32.18
C GLU EC 497 13.81 -16.80 33.62
N THR EC 498 14.61 -15.80 33.98
CA THR EC 498 14.58 -15.24 35.32
C THR EC 498 14.87 -13.75 35.23
N ILE EC 499 15.06 -13.13 36.40
CA ILE EC 499 15.36 -11.71 36.48
C ILE EC 499 16.78 -11.54 37.01
N THR EC 500 17.32 -10.34 36.81
CA THR EC 500 18.68 -10.01 37.23
C THR EC 500 18.73 -9.20 38.50
N ALA EC 501 18.01 -8.08 38.56
CA ALA EC 501 18.01 -7.22 39.73
C ALA EC 501 16.64 -7.21 40.38
N PRO EC 502 16.57 -7.01 41.70
CA PRO EC 502 15.27 -6.90 42.37
C PRO EC 502 14.47 -5.73 41.84
N VAL EC 503 13.14 -5.91 41.81
CA VAL EC 503 12.25 -4.89 41.28
C VAL EC 503 10.98 -4.83 42.11
N PRO EC 504 10.56 -3.65 42.58
CA PRO EC 504 9.32 -3.54 43.33
C PRO EC 504 8.11 -3.50 42.39
N PHE EC 505 6.95 -3.76 42.96
CA PHE EC 505 5.70 -3.77 42.21
C PHE EC 505 4.55 -3.37 43.13
N ASP EC 506 3.58 -2.66 42.55
CA ASP EC 506 2.34 -2.26 43.23
C ASP EC 506 1.23 -2.36 42.19
N PHE EC 507 0.54 -3.50 42.16
CA PHE EC 507 -0.52 -3.73 41.21
C PHE EC 507 -1.88 -3.58 41.89
N THR EC 508 -2.86 -3.14 41.11
CA THR EC 508 -4.21 -2.89 41.62
C THR EC 508 -5.21 -3.30 40.53
N HIS EC 509 -5.78 -4.50 40.67
CA HIS EC 509 -6.81 -4.97 39.76
C HIS EC 509 -8.17 -4.59 40.32
N LYS EC 510 -8.86 -3.68 39.63
CA LYS EC 510 -10.14 -3.16 40.09
C LYS EC 510 -11.12 -3.13 38.93
N LYS EC 511 -12.23 -3.85 39.06
CA LYS EC 511 -13.31 -3.82 38.07
C LYS EC 511 -14.62 -3.52 38.81
N GLN EC 512 -14.89 -2.24 39.04
CA GLN EC 512 -16.05 -1.79 39.79
C GLN EC 512 -16.90 -0.92 38.86
N SER EC 513 -17.86 -1.53 38.19
CA SER EC 513 -18.84 -0.81 37.39
C SER EC 513 -20.27 -1.03 37.87
N GLY EC 514 -20.62 -2.26 38.22
CA GLY EC 514 -21.91 -2.54 38.82
C GLY EC 514 -21.75 -3.08 40.23
N GLY EC 515 -22.46 -4.16 40.55
CA GLY EC 515 -22.37 -4.77 41.86
C GLY EC 515 -21.59 -6.06 41.87
N ALA EC 516 -20.59 -6.16 41.00
CA ALA EC 516 -19.80 -7.39 40.91
C ALA EC 516 -18.73 -7.45 42.00
N GLY EC 517 -17.80 -6.51 42.00
CA GLY EC 517 -16.73 -6.49 42.96
C GLY EC 517 -15.35 -6.51 42.33
N GLN EC 518 -14.54 -7.51 42.68
CA GLN EC 518 -13.24 -7.75 42.05
C GLN EC 518 -12.33 -6.53 42.17
N TYR EC 519 -11.95 -6.25 43.42
CA TYR EC 519 -10.96 -5.24 43.75
C TYR EC 519 -9.84 -5.90 44.56
N GLY EC 520 -8.60 -5.58 44.22
CA GLY EC 520 -7.47 -6.14 44.93
C GLY EC 520 -6.15 -5.46 44.63
N LYS EC 521 -5.42 -5.10 45.69
CA LYS EC 521 -4.13 -4.43 45.57
C LYS EC 521 -3.06 -5.30 46.19
N VAL EC 522 -1.95 -5.47 45.47
CA VAL EC 522 -0.82 -6.28 45.91
C VAL EC 522 0.46 -5.49 45.72
N ILE EC 523 1.22 -5.34 46.80
CA ILE EC 523 2.51 -4.66 46.75
C ILE EC 523 3.60 -5.65 47.16
N GLY EC 524 4.82 -5.38 46.70
CA GLY EC 524 5.93 -6.22 47.10
C GLY EC 524 7.13 -5.99 46.21
N VAL EC 525 8.03 -6.97 46.22
CA VAL EC 525 9.25 -6.92 45.42
C VAL EC 525 9.57 -8.32 44.93
N LEU EC 526 10.11 -8.41 43.72
CA LEU EC 526 10.52 -9.68 43.13
C LEU EC 526 12.02 -9.64 42.90
N GLU EC 527 12.71 -10.67 43.40
CA GLU EC 527 14.16 -10.71 43.33
C GLU EC 527 14.62 -12.14 43.09
N PRO EC 528 15.80 -12.33 42.51
CA PRO EC 528 16.34 -13.69 42.34
C PRO EC 528 16.65 -14.33 43.69
N LEU EC 529 16.50 -15.64 43.75
CA LEU EC 529 16.74 -16.40 44.97
C LEU EC 529 17.63 -17.59 44.65
N ASP EC 530 18.46 -17.97 45.64
CA ASP EC 530 19.29 -19.17 45.59
C ASP EC 530 20.08 -19.21 44.28
N PRO EC 531 21.13 -18.40 44.13
CA PRO EC 531 21.81 -18.31 42.83
C PRO EC 531 22.42 -19.62 42.35
N GLU EC 532 22.35 -20.70 43.12
CA GLU EC 532 22.83 -22.00 42.70
C GLU EC 532 21.70 -23.00 42.46
N ASP EC 533 20.45 -22.53 42.46
CA ASP EC 533 19.31 -23.42 42.27
C ASP EC 533 18.60 -23.15 40.95
N TYR EC 534 18.11 -21.93 40.74
CA TYR EC 534 17.46 -21.53 39.49
C TYR EC 534 16.40 -22.52 39.03
N THR EC 535 15.76 -23.20 39.98
CA THR EC 535 14.81 -24.25 39.65
C THR EC 535 13.47 -24.13 40.36
N LYS EC 536 13.40 -23.47 41.51
CA LYS EC 536 12.18 -23.41 42.30
C LYS EC 536 11.63 -21.99 42.33
N LEU EC 537 10.36 -21.88 42.71
CA LEU EC 537 9.67 -20.60 42.87
C LEU EC 537 9.30 -20.42 44.33
N GLU EC 538 9.80 -19.37 44.94
CA GLU EC 538 9.51 -19.08 46.34
C GLU EC 538 8.38 -18.08 46.45
N PHE EC 539 7.52 -18.27 47.46
CA PHE EC 539 6.39 -17.37 47.72
C PHE EC 539 6.48 -16.98 49.19
N SER EC 540 7.08 -15.83 49.47
CA SER EC 540 7.28 -15.35 50.83
C SER EC 540 6.28 -14.23 51.09
N ASP EC 541 5.35 -14.45 52.01
CA ASP EC 541 4.34 -13.47 52.36
C ASP EC 541 4.67 -12.90 53.74
N GLU EC 542 4.83 -11.58 53.80
CA GLU EC 542 5.08 -10.87 55.06
C GLU EC 542 4.02 -9.79 55.19
N THR EC 543 2.88 -10.15 55.78
CA THR EC 543 1.76 -9.24 55.95
C THR EC 543 1.68 -8.83 57.42
N PHE EC 544 2.28 -7.70 57.75
CA PHE EC 544 2.19 -7.14 59.09
C PHE EC 544 0.77 -6.65 59.31
N GLY EC 545 0.04 -7.32 60.20
CA GLY EC 545 -1.39 -7.12 60.31
C GLY EC 545 -2.10 -7.88 59.21
N SER EC 546 -3.39 -8.15 59.38
CA SER EC 546 -4.11 -8.90 58.36
C SER EC 546 -4.13 -8.13 57.04
N ASN EC 547 -4.86 -7.02 56.99
CA ASN EC 547 -4.88 -6.10 55.85
C ASN EC 547 -5.33 -6.79 54.57
N ILE EC 548 -5.67 -8.06 54.65
CA ILE EC 548 -5.99 -8.92 53.51
C ILE EC 548 -6.57 -10.21 54.07
N PRO EC 549 -7.63 -10.76 53.48
CA PRO EC 549 -8.16 -12.04 53.97
C PRO EC 549 -7.12 -13.14 53.85
N LYS EC 550 -6.85 -13.80 54.98
CA LYS EC 550 -5.84 -14.85 55.01
C LYS EC 550 -6.20 -16.01 54.10
N GLN EC 551 -7.49 -16.27 53.91
CA GLN EC 551 -7.91 -17.33 53.00
C GLN EC 551 -7.65 -17.01 51.54
N PHE EC 552 -7.36 -15.75 51.22
CA PHE EC 552 -7.05 -15.34 49.85
C PHE EC 552 -5.55 -15.27 49.58
N VAL EC 553 -4.71 -15.66 50.55
CA VAL EC 553 -3.28 -15.73 50.34
C VAL EC 553 -2.94 -16.92 49.45
N PRO EC 554 -3.51 -18.11 49.66
CA PRO EC 554 -3.34 -19.17 48.65
C PRO EC 554 -3.84 -18.77 47.28
N ALA EC 555 -4.86 -17.91 47.21
CA ALA EC 555 -5.37 -17.45 45.92
C ALA EC 555 -4.29 -16.69 45.15
N VAL EC 556 -3.69 -15.67 45.77
CA VAL EC 556 -2.65 -14.92 45.10
C VAL EC 556 -1.42 -15.78 44.88
N GLU EC 557 -1.16 -16.75 45.76
CA GLU EC 557 -0.04 -17.65 45.56
C GLU EC 557 -0.21 -18.48 44.29
N LYS EC 558 -1.38 -19.11 44.14
CA LYS EC 558 -1.60 -19.91 42.94
C LYS EC 558 -1.73 -19.04 41.69
N GLY EC 559 -2.18 -17.80 41.85
CA GLY EC 559 -2.18 -16.89 40.71
C GLY EC 559 -0.78 -16.57 40.23
N PHE EC 560 0.11 -16.24 41.17
CA PHE EC 560 1.52 -16.02 40.81
C PHE EC 560 2.14 -17.28 40.22
N LEU EC 561 1.79 -18.44 40.76
CA LEU EC 561 2.35 -19.69 40.23
C LEU EC 561 1.88 -19.95 38.81
N ASP EC 562 0.61 -19.66 38.52
CA ASP EC 562 0.10 -19.85 37.15
C ASP EC 562 0.67 -18.80 36.20
N ALA EC 563 1.00 -17.61 36.72
CA ALA EC 563 1.54 -16.55 35.88
C ALA EC 563 3.01 -16.76 35.53
N CYS EC 564 3.60 -17.91 35.89
CA CYS EC 564 4.98 -18.21 35.56
C CYS EC 564 5.12 -19.20 34.41
N GLU EC 565 4.01 -19.67 33.84
CA GLU EC 565 4.09 -20.67 32.79
C GLU EC 565 4.60 -20.08 31.47
N LYS EC 566 4.32 -18.81 31.22
CA LYS EC 566 4.74 -18.14 30.00
C LYS EC 566 5.77 -17.07 30.31
N GLY EC 567 6.70 -16.88 29.38
CA GLY EC 567 7.73 -15.88 29.51
C GLY EC 567 7.65 -14.84 28.40
N PRO EC 568 7.56 -13.57 28.78
CA PRO EC 568 7.42 -12.50 27.77
C PRO EC 568 8.68 -12.23 26.98
N LEU EC 569 9.80 -12.89 27.29
CA LEU EC 569 11.05 -12.69 26.56
C LEU EC 569 11.27 -13.74 25.48
N SER EC 570 11.16 -15.02 25.83
CA SER EC 570 11.36 -16.10 24.87
C SER EC 570 10.24 -17.13 24.85
N GLY EC 571 9.31 -17.11 25.80
CA GLY EC 571 8.22 -18.05 25.80
C GLY EC 571 8.52 -19.33 26.55
N HIS EC 572 9.19 -19.21 27.70
CA HIS EC 572 9.57 -20.36 28.51
C HIS EC 572 9.12 -20.11 29.95
N LYS EC 573 9.47 -21.06 30.82
CA LYS EC 573 9.11 -20.97 32.23
C LYS EC 573 9.88 -19.84 32.92
N LEU EC 574 9.27 -19.30 33.97
CA LEU EC 574 9.89 -18.24 34.76
C LEU EC 574 10.38 -18.87 36.06
N SER EC 575 11.60 -19.39 36.01
CA SER EC 575 12.19 -20.04 37.18
C SER EC 575 13.04 -19.05 37.97
N GLY EC 576 13.30 -19.41 39.23
CA GLY EC 576 14.11 -18.59 40.10
C GLY EC 576 13.52 -17.24 40.42
N LEU EC 577 12.35 -17.24 41.07
CA LEU EC 577 11.67 -15.99 41.45
C LEU EC 577 11.10 -16.14 42.84
N ARG EC 578 11.31 -15.13 43.68
CA ARG EC 578 10.76 -15.08 45.03
C ARG EC 578 9.71 -13.96 45.06
N PHE EC 579 8.45 -14.35 44.97
CA PHE EC 579 7.36 -13.39 45.06
C PHE EC 579 7.16 -12.99 46.52
N VAL EC 580 7.41 -11.72 46.82
CA VAL EC 580 7.28 -11.19 48.17
C VAL EC 580 5.93 -10.48 48.27
N LEU EC 581 5.00 -11.10 48.98
CA LEU EC 581 3.66 -10.54 49.17
C LEU EC 581 3.68 -9.68 50.43
N GLN EC 582 3.74 -8.37 50.23
CA GLN EC 582 3.75 -7.42 51.34
C GLN EC 582 2.31 -7.07 51.70
N ASP EC 583 2.13 -6.01 52.49
CA ASP EC 583 0.81 -5.67 53.05
C ASP EC 583 -0.25 -5.52 51.95
N GLY EC 584 -0.07 -4.52 51.08
CA GLY EC 584 -1.05 -4.30 50.03
C GLY EC 584 -2.34 -3.71 50.57
N ALA EC 585 -3.43 -3.98 49.86
CA ALA EC 585 -4.74 -3.47 50.25
C ALA EC 585 -5.80 -4.43 49.71
N HIS EC 586 -7.06 -4.15 50.05
CA HIS EC 586 -8.19 -4.98 49.65
C HIS EC 586 -9.46 -4.15 49.79
N HIS EC 587 -10.61 -4.82 49.69
CA HIS EC 587 -11.90 -4.20 49.91
C HIS EC 587 -12.73 -5.05 50.86
N MET EC 588 -13.73 -4.43 51.46
CA MET EC 588 -14.55 -5.13 52.45
C MET EC 588 -15.39 -6.22 51.80
N VAL EC 589 -16.09 -5.89 50.72
CA VAL EC 589 -16.95 -6.83 50.00
C VAL EC 589 -16.38 -7.16 48.62
N ASP EC 590 -15.77 -6.20 47.96
CA ASP EC 590 -15.23 -6.39 46.61
C ASP EC 590 -13.82 -7.00 46.70
N SER EC 591 -13.78 -8.22 47.23
CA SER EC 591 -12.53 -8.96 47.38
C SER EC 591 -12.84 -10.43 47.16
N ASN EC 592 -12.39 -11.00 46.04
CA ASN EC 592 -12.74 -12.35 45.68
C ASN EC 592 -11.47 -13.11 45.29
N GLU EC 593 -11.61 -14.44 45.17
CA GLU EC 593 -10.47 -15.28 44.82
C GLU EC 593 -9.94 -14.94 43.43
N ILE EC 594 -10.83 -14.77 42.46
CA ILE EC 594 -10.38 -14.38 41.12
C ILE EC 594 -9.74 -13.00 41.17
N SER EC 595 -10.27 -12.11 42.01
CA SER EC 595 -9.69 -10.78 42.14
C SER EC 595 -8.25 -10.86 42.61
N PHE EC 596 -7.99 -11.65 43.66
CA PHE EC 596 -6.62 -11.76 44.16
C PHE EC 596 -5.72 -12.52 43.19
N ILE EC 597 -6.26 -13.50 42.47
CA ILE EC 597 -5.47 -14.21 41.46
C ILE EC 597 -5.02 -13.26 40.37
N ARG EC 598 -5.95 -12.47 39.84
CA ARG EC 598 -5.57 -11.49 38.82
C ARG EC 598 -4.65 -10.41 39.39
N ALA EC 599 -4.82 -10.06 40.67
CA ALA EC 599 -3.91 -9.10 41.29
C ALA EC 599 -2.49 -9.65 41.32
N GLY EC 600 -2.32 -10.90 41.72
CA GLY EC 600 -1.00 -11.50 41.71
C GLY EC 600 -0.43 -11.62 40.31
N GLU EC 601 -1.28 -11.98 39.34
CA GLU EC 601 -0.79 -12.10 37.96
C GLU EC 601 -0.33 -10.75 37.42
N GLY EC 602 -1.08 -9.68 37.71
CA GLY EC 602 -0.65 -8.36 37.27
C GLY EC 602 0.59 -7.89 38.01
N ALA EC 603 0.70 -8.21 39.29
CA ALA EC 603 1.91 -7.87 40.04
C ALA EC 603 3.13 -8.56 39.46
N LEU EC 604 2.98 -9.80 38.99
CA LEU EC 604 4.10 -10.47 38.35
C LEU EC 604 4.35 -9.90 36.95
N LYS EC 605 3.29 -9.52 36.24
CA LYS EC 605 3.46 -8.93 34.91
C LYS EC 605 4.19 -7.60 34.98
N GLN EC 606 4.01 -6.85 36.07
CA GLN EC 606 4.75 -5.60 36.23
C GLN EC 606 6.26 -5.86 36.24
N ALA EC 607 6.70 -6.82 37.06
CA ALA EC 607 8.12 -7.16 37.10
C ALA EC 607 8.60 -7.75 35.79
N LEU EC 608 7.75 -8.53 35.11
CA LEU EC 608 8.11 -9.03 33.79
C LEU EC 608 8.29 -7.89 32.80
N ALA EC 609 7.48 -6.84 32.92
CA ALA EC 609 7.61 -5.68 32.03
C ALA EC 609 8.90 -4.92 32.31
N ASN EC 610 9.22 -4.69 33.58
CA ASN EC 610 10.47 -4.02 33.96
C ASN EC 610 11.20 -4.83 35.02
N ALA EC 611 11.97 -5.82 34.58
CA ALA EC 611 12.85 -6.56 35.46
C ALA EC 611 14.16 -7.00 34.82
N THR EC 612 14.41 -6.64 33.56
CA THR EC 612 15.63 -7.01 32.83
C THR EC 612 15.81 -8.53 32.82
N LEU EC 613 14.87 -9.19 32.15
CA LEU EC 613 14.85 -10.64 32.10
C LEU EC 613 16.09 -11.18 31.38
N CYS EC 614 16.61 -12.29 31.89
CA CYS EC 614 17.71 -13.01 31.27
C CYS EC 614 17.33 -14.48 31.12
N ILE EC 615 18.12 -15.20 30.33
CA ILE EC 615 17.83 -16.59 29.96
C ILE EC 615 18.86 -17.50 30.61
N LEU EC 616 18.38 -18.64 31.11
CA LEU EC 616 19.22 -19.66 31.72
C LEU EC 616 19.25 -20.90 30.84
N GLU EC 617 20.42 -21.53 30.74
CA GLU EC 617 20.57 -22.75 29.97
C GLU EC 617 21.05 -23.89 30.85
N PRO EC 618 20.64 -25.13 30.57
CA PRO EC 618 21.05 -26.25 31.42
C PRO EC 618 22.51 -26.62 31.19
N ILE EC 619 23.12 -27.18 32.23
CA ILE EC 619 24.52 -27.61 32.19
C ILE EC 619 24.55 -29.12 32.36
N MET EC 620 25.26 -29.80 31.47
CA MET EC 620 25.43 -31.24 31.53
C MET EC 620 26.83 -31.56 32.03
N ALA EC 621 26.92 -32.31 33.12
CA ALA EC 621 28.21 -32.71 33.69
C ALA EC 621 28.71 -33.91 32.89
N VAL EC 622 29.63 -33.66 31.97
CA VAL EC 622 30.13 -34.68 31.06
C VAL EC 622 31.34 -35.37 31.68
N GLU EC 623 31.39 -36.70 31.54
CA GLU EC 623 32.51 -37.51 32.01
C GLU EC 623 32.99 -38.35 30.84
N VAL EC 624 34.18 -38.05 30.34
CA VAL EC 624 34.74 -38.68 29.16
C VAL EC 624 35.87 -39.60 29.57
N VAL EC 625 35.86 -40.83 29.07
CA VAL EC 625 36.92 -41.81 29.30
C VAL EC 625 37.49 -42.17 27.93
N ALA EC 626 38.80 -41.98 27.78
CA ALA EC 626 39.45 -42.17 26.49
C ALA EC 626 40.93 -42.48 26.74
N PRO EC 627 41.61 -43.08 25.77
CA PRO EC 627 43.06 -43.26 25.89
C PRO EC 627 43.79 -41.93 26.01
N ASN EC 628 45.01 -41.98 26.55
CA ASN EC 628 45.75 -40.77 26.83
C ASN EC 628 46.25 -40.09 25.56
N GLU EC 629 46.53 -40.84 24.50
CA GLU EC 629 47.13 -40.26 23.31
C GLU EC 629 46.19 -39.32 22.57
N PHE EC 630 44.89 -39.34 22.88
CA PHE EC 630 43.93 -38.44 22.27
C PHE EC 630 43.39 -37.42 23.27
N GLN EC 631 44.08 -37.25 24.40
CA GLN EC 631 43.62 -36.31 25.41
C GLN EC 631 43.66 -34.88 24.90
N GLY EC 632 44.67 -34.55 24.10
CA GLY EC 632 44.74 -33.23 23.51
C GLY EC 632 43.52 -32.92 22.66
N GLN EC 633 43.15 -33.85 21.79
CA GLN EC 633 41.98 -33.63 20.93
C GLN EC 633 40.70 -33.60 21.74
N VAL EC 634 40.60 -34.44 22.78
CA VAL EC 634 39.41 -34.43 23.64
C VAL EC 634 39.24 -33.06 24.29
N ILE EC 635 40.32 -32.55 24.89
CA ILE EC 635 40.24 -31.26 25.58
C ILE EC 635 40.01 -30.14 24.57
N ALA EC 636 40.59 -30.26 23.37
CA ALA EC 636 40.34 -29.26 22.34
C ALA EC 636 38.86 -29.22 21.96
N GLY EC 637 38.25 -30.40 21.78
CA GLY EC 637 36.83 -30.43 21.46
C GLY EC 637 35.95 -29.90 22.57
N ILE EC 638 36.31 -30.22 23.82
CA ILE EC 638 35.51 -29.72 24.95
C ILE EC 638 35.61 -28.21 25.04
N ASN EC 639 36.81 -27.65 24.88
CA ASN EC 639 36.95 -26.21 24.88
C ASN EC 639 36.28 -25.57 23.67
N ARG EC 640 36.21 -26.29 22.55
CA ARG EC 640 35.51 -25.79 21.38
C ARG EC 640 34.02 -25.70 21.64
N ARG EC 641 33.46 -26.68 22.36
CA ARG EC 641 32.04 -26.68 22.66
C ARG EC 641 31.74 -25.89 23.94
N HIS EC 642 32.30 -24.68 24.03
CA HIS EC 642 32.06 -23.74 25.12
C HIS EC 642 32.08 -24.41 26.49
N GLY EC 643 32.98 -25.36 26.69
CA GLY EC 643 32.99 -26.18 27.88
C GLY EC 643 33.96 -25.70 28.95
N VAL EC 644 33.70 -26.11 30.18
CA VAL EC 644 34.52 -25.78 31.34
C VAL EC 644 34.91 -27.09 32.02
N ILE EC 645 36.21 -27.31 32.17
CA ILE EC 645 36.74 -28.52 32.77
C ILE EC 645 36.86 -28.34 34.27
N THR EC 646 36.58 -29.40 35.03
CA THR EC 646 36.64 -29.35 36.48
C THR EC 646 37.63 -30.34 37.10
N GLY EC 647 38.26 -31.19 36.31
CA GLY EC 647 39.25 -32.10 36.84
C GLY EC 647 39.28 -33.41 36.07
N GLN EC 648 40.28 -34.22 36.38
CA GLN EC 648 40.44 -35.54 35.77
C GLN EC 648 41.22 -36.43 36.72
N ASP EC 649 40.87 -37.71 36.74
CA ASP EC 649 41.50 -38.67 37.64
C ASP EC 649 42.28 -39.75 36.89
N GLY EC 650 41.65 -40.46 35.97
CA GLY EC 650 42.31 -41.50 35.20
C GLY EC 650 42.75 -42.70 36.02
N VAL EC 651 43.03 -43.83 35.36
CA VAL EC 651 43.54 -45.00 36.06
C VAL EC 651 44.87 -45.43 35.45
N GLU EC 652 44.85 -45.83 34.19
CA GLU EC 652 46.07 -46.24 33.48
C GLU EC 652 45.76 -46.28 31.99
N ASP EC 653 46.41 -45.41 31.22
CA ASP EC 653 46.16 -45.27 29.78
C ASP EC 653 44.70 -44.99 29.47
N TYR EC 654 43.95 -44.51 30.46
CA TYR EC 654 42.54 -44.18 30.29
C TYR EC 654 42.21 -43.05 31.24
N PHE EC 655 42.25 -41.82 30.74
CA PHE EC 655 41.95 -40.65 31.55
C PHE EC 655 40.46 -40.38 31.56
N THR EC 656 39.92 -40.06 32.73
CA THR EC 656 38.50 -39.74 32.89
C THR EC 656 38.39 -38.24 33.16
N LEU EC 657 37.84 -37.51 32.20
CA LEU EC 657 37.79 -36.06 32.26
C LEU EC 657 36.39 -35.61 32.65
N TYR EC 658 36.30 -34.84 33.72
CA TYR EC 658 35.05 -34.22 34.16
C TYR EC 658 34.98 -32.79 33.65
N ALA EC 659 33.79 -32.40 33.18
CA ALA EC 659 33.62 -31.06 32.61
C ALA EC 659 32.15 -30.70 32.66
N ASP EC 660 31.90 -29.40 32.42
CA ASP EC 660 30.54 -28.85 32.38
C ASP EC 660 30.33 -28.22 31.01
N VAL EC 661 29.52 -28.87 30.18
CA VAL EC 661 29.27 -28.43 28.81
C VAL EC 661 27.78 -28.14 28.69
N PRO EC 662 27.39 -27.02 28.08
CA PRO EC 662 25.95 -26.73 27.92
C PRO EC 662 25.29 -27.75 27.01
N LEU EC 663 24.04 -28.09 27.35
CA LEU EC 663 23.27 -29.04 26.56
C LEU EC 663 23.07 -28.54 25.13
N ASN EC 664 22.89 -27.24 24.96
CA ASN EC 664 22.67 -26.68 23.62
C ASN EC 664 23.88 -26.90 22.71
N ASP EC 665 25.07 -27.09 23.27
CA ASP EC 665 26.26 -27.36 22.50
C ASP EC 665 26.70 -28.82 22.60
N MET EC 666 26.07 -29.60 23.46
CA MET EC 666 26.40 -31.01 23.61
C MET EC 666 25.78 -31.90 22.54
N PHE EC 667 25.10 -31.32 21.55
CA PHE EC 667 24.51 -32.12 20.49
C PHE EC 667 25.57 -32.47 19.46
N GLY EC 668 25.42 -33.65 18.85
CA GLY EC 668 26.37 -34.10 17.85
C GLY EC 668 27.76 -34.35 18.38
N TYR EC 669 27.88 -34.71 19.65
CA TYR EC 669 29.18 -34.96 20.24
C TYR EC 669 29.63 -36.42 20.13
N SER EC 670 28.67 -37.35 19.97
CA SER EC 670 29.04 -38.75 19.86
C SER EC 670 29.73 -39.04 18.53
N THR EC 671 29.41 -38.29 17.49
CA THR EC 671 30.05 -38.46 16.19
C THR EC 671 31.38 -37.73 16.07
N GLU EC 672 31.73 -36.89 17.06
CA GLU EC 672 32.99 -36.17 17.07
C GLU EC 672 34.00 -36.76 18.05
N LEU EC 673 33.55 -37.16 19.23
CA LEU EC 673 34.47 -37.70 20.23
C LEU EC 673 35.14 -38.97 19.73
N ARG EC 674 34.34 -39.95 19.29
CA ARG EC 674 34.94 -41.17 18.79
C ARG EC 674 35.71 -40.93 17.50
N SER EC 675 35.33 -39.92 16.71
CA SER EC 675 36.04 -39.65 15.48
C SER EC 675 37.41 -39.06 15.74
N CYS EC 676 37.56 -38.26 16.79
CA CYS EC 676 38.87 -37.73 17.15
C CYS EC 676 39.66 -38.67 18.04
N THR EC 677 39.02 -39.67 18.64
CA THR EC 677 39.71 -40.66 19.46
C THR EC 677 39.79 -42.02 18.81
N GLU EC 678 39.50 -42.12 17.51
CA GLU EC 678 39.55 -43.38 16.76
C GLU EC 678 38.60 -44.42 17.34
N GLY EC 679 37.49 -43.97 17.92
CA GLY EC 679 36.46 -44.87 18.41
C GLY EC 679 36.74 -45.49 19.76
N LYS EC 680 37.83 -45.13 20.43
CA LYS EC 680 38.15 -45.69 21.73
C LYS EC 680 37.60 -44.86 22.89
N GLY EC 681 36.95 -43.73 22.60
CA GLY EC 681 36.44 -42.85 23.63
C GLY EC 681 34.94 -43.01 23.80
N GLU EC 682 34.48 -42.82 25.04
CA GLU EC 682 33.07 -42.85 25.37
C GLU EC 682 32.81 -41.84 26.48
N TYR EC 683 31.58 -41.36 26.54
CA TYR EC 683 31.23 -40.30 27.49
C TYR EC 683 29.84 -40.55 28.06
N THR EC 684 29.64 -40.08 29.29
CA THR EC 684 28.35 -40.10 29.97
C THR EC 684 28.12 -38.74 30.60
N MET EC 685 26.87 -38.28 30.56
CA MET EC 685 26.55 -36.96 31.09
C MET EC 685 25.20 -37.02 31.81
N GLU EC 686 24.90 -35.95 32.54
CA GLU EC 686 23.64 -35.84 33.26
C GLU EC 686 23.37 -34.38 33.56
N TYR EC 687 22.09 -34.03 33.63
CA TYR EC 687 21.69 -32.67 33.94
C TYR EC 687 22.12 -32.27 35.34
N SER EC 688 22.84 -31.16 35.46
CA SER EC 688 23.43 -30.76 36.73
C SER EC 688 22.85 -29.45 37.26
N ARG EC 689 22.90 -28.36 36.51
CA ARG EC 689 22.54 -27.06 37.04
C ARG EC 689 22.19 -26.12 35.89
N TYR EC 690 21.77 -24.91 36.23
CA TYR EC 690 21.52 -23.84 35.29
C TYR EC 690 22.50 -22.69 35.54
N GLN EC 691 22.59 -21.81 34.56
CA GLN EC 691 23.44 -20.62 34.66
C GLN EC 691 23.01 -19.63 33.59
N PRO EC 692 23.34 -18.35 33.76
CA PRO EC 692 22.95 -17.36 32.74
C PRO EC 692 23.52 -17.69 31.38
N CYS EC 693 22.66 -17.60 30.36
CA CYS EC 693 23.06 -17.94 29.00
C CYS EC 693 23.99 -16.89 28.42
N LEU EC 694 24.81 -17.32 27.46
CA LEU EC 694 25.72 -16.40 26.81
C LEU EC 694 24.96 -15.44 25.90
N PRO EC 695 25.50 -14.24 25.66
CA PRO EC 695 24.76 -13.25 24.87
C PRO EC 695 24.48 -13.68 23.45
N SER EC 696 25.43 -14.36 22.79
CA SER EC 696 25.20 -14.79 21.41
C SER EC 696 24.04 -15.77 21.31
N THR EC 697 24.06 -16.82 22.15
CA THR EC 697 22.98 -17.79 22.15
C THR EC 697 21.66 -17.17 22.61
N GLN EC 698 21.71 -16.20 23.53
CA GLN EC 698 20.49 -15.53 23.96
C GLN EC 698 19.87 -14.75 22.81
N GLU EC 699 20.69 -13.99 22.08
CA GLU EC 699 20.17 -13.27 20.92
C GLU EC 699 19.66 -14.23 19.86
N ASP EC 700 20.33 -15.37 19.69
CA ASP EC 700 19.90 -16.36 18.71
C ASP EC 700 18.53 -16.92 19.05
N VAL EC 701 18.33 -17.31 20.31
CA VAL EC 701 17.05 -17.89 20.70
C VAL EC 701 15.96 -16.82 20.72
N ILE EC 702 16.31 -15.57 21.00
CA ILE EC 702 15.32 -14.50 20.93
C ILE EC 702 14.87 -14.29 19.49
N ASN EC 703 15.82 -14.28 18.54
CA ASN EC 703 15.45 -14.16 17.14
C ASN EC 703 14.63 -15.36 16.69
N LYS EC 704 14.95 -16.55 17.22
CA LYS EC 704 14.16 -17.74 16.90
C LYS EC 704 12.73 -17.59 17.38
N TYR EC 705 12.54 -17.10 18.62
CA TYR EC 705 11.19 -16.88 19.13
C TYR EC 705 10.46 -15.82 18.33
N LEU EC 706 11.17 -14.78 17.90
CA LEU EC 706 10.53 -13.74 17.11
C LEU EC 706 10.07 -14.28 15.76
N GLU EC 707 10.91 -15.06 15.10
CA GLU EC 707 10.51 -15.65 13.82
C GLU EC 707 9.44 -16.70 14.00
N ALA EC 708 9.35 -17.32 15.18
CA ALA EC 708 8.27 -18.27 15.43
C ALA EC 708 6.95 -17.55 15.65
N THR EC 709 6.97 -16.44 16.40
CA THR EC 709 5.76 -15.66 16.63
C THR EC 709 5.42 -14.73 15.47
N GLY EC 710 6.26 -14.69 14.44
CA GLY EC 710 5.96 -13.90 13.27
C GLY EC 710 6.53 -12.49 13.32
N GLN EC 711 6.00 -11.66 14.21
CA GLN EC 711 6.48 -10.30 14.33
C GLN EC 711 7.88 -10.27 14.91
N LEU EC 712 8.68 -9.33 14.45
CA LEU EC 712 10.07 -9.20 14.89
C LEU EC 712 10.13 -8.71 16.34
N ALA FC 61 -31.50 29.59 -50.66
CA ALA FC 61 -32.83 30.17 -50.85
C ALA FC 61 -33.73 29.87 -49.65
N THR FC 62 -34.95 30.39 -49.70
CA THR FC 62 -35.93 30.22 -48.62
C THR FC 62 -36.94 29.16 -49.00
N SER FC 63 -37.25 28.28 -48.05
CA SER FC 63 -38.20 27.20 -48.27
C SER FC 63 -39.62 27.72 -48.18
N VAL FC 64 -40.53 27.03 -48.87
CA VAL FC 64 -41.95 27.37 -48.89
C VAL FC 64 -42.71 26.29 -48.12
N SER FC 65 -43.69 26.72 -47.33
CA SER FC 65 -44.47 25.78 -46.54
C SER FC 65 -45.34 24.90 -47.42
N TRP FC 66 -45.66 23.71 -46.90
CA TRP FC 66 -46.53 22.77 -47.61
C TRP FC 66 -48.00 22.97 -47.28
N LYS FC 67 -48.34 23.89 -46.39
CA LYS FC 67 -49.69 24.03 -45.86
C LYS FC 67 -50.58 24.90 -46.75
N SER FC 68 -50.26 25.01 -48.03
CA SER FC 68 -51.07 25.80 -48.96
C SER FC 68 -52.32 25.00 -49.32
N ARG FC 69 -53.34 25.14 -48.48
CA ARG FC 69 -54.64 24.52 -48.75
C ARG FC 69 -55.70 25.33 -48.02
N THR FC 70 -56.42 26.17 -48.76
CA THR FC 70 -57.47 26.98 -48.17
C THR FC 70 -58.75 26.19 -47.96
N LYS FC 71 -59.10 25.32 -48.91
CA LYS FC 71 -60.33 24.56 -48.84
C LYS FC 71 -60.17 23.37 -47.91
N TYR FC 72 -61.23 23.05 -47.17
CA TYR FC 72 -61.24 21.90 -46.30
C TYR FC 72 -61.43 20.62 -47.11
N THR FC 73 -60.71 19.57 -46.74
CA THR FC 73 -60.75 18.31 -47.48
C THR FC 73 -60.78 17.15 -46.48
N VAL FC 74 -61.75 16.25 -46.69
CA VAL FC 74 -61.84 15.07 -45.82
C VAL FC 74 -60.72 14.08 -46.14
N MET FC 75 -60.38 13.96 -47.42
CA MET FC 75 -59.32 13.03 -47.79
C MET FC 75 -57.97 13.52 -47.29
N PRO FC 76 -57.12 12.61 -46.81
CA PRO FC 76 -55.81 13.04 -46.27
C PRO FC 76 -54.93 13.59 -47.38
N VAL FC 77 -54.34 14.76 -47.12
CA VAL FC 77 -53.46 15.42 -48.07
C VAL FC 77 -52.01 15.11 -47.70
N LYS FC 78 -51.13 15.24 -48.70
CA LYS FC 78 -49.72 14.96 -48.49
C LYS FC 78 -49.04 16.14 -47.79
N MET FC 79 -48.04 15.82 -46.98
CA MET FC 79 -47.28 16.82 -46.23
C MET FC 79 -45.79 16.54 -46.38
N ARG FC 80 -45.00 17.60 -46.31
CA ARG FC 80 -43.54 17.51 -46.38
C ARG FC 80 -42.98 17.92 -45.03
N LYS FC 81 -42.52 16.94 -44.26
CA LYS FC 81 -41.92 17.25 -42.96
C LYS FC 81 -40.55 17.88 -43.14
N SER FC 82 -40.16 18.68 -42.15
CA SER FC 82 -38.86 19.32 -42.14
C SER FC 82 -38.29 19.22 -40.73
N GLY FC 83 -37.11 18.63 -40.61
CA GLY FC 83 -36.55 18.36 -39.31
C GLY FC 83 -35.75 19.51 -38.72
N GLY FC 84 -36.39 20.28 -37.83
CA GLY FC 84 -35.73 21.39 -37.19
C GLY FC 84 -35.26 22.50 -38.10
N ARG FC 85 -35.72 22.54 -39.34
CA ARG FC 85 -35.29 23.54 -40.30
C ARG FC 85 -36.37 24.60 -40.45
N ASN FC 86 -36.00 25.85 -40.23
CA ASN FC 86 -36.90 26.98 -40.46
C ASN FC 86 -36.89 27.32 -41.95
N HIS FC 87 -37.47 28.47 -42.31
CA HIS FC 87 -37.47 28.88 -43.70
C HIS FC 87 -36.08 29.28 -44.17
N THR FC 88 -35.14 29.50 -43.25
CA THR FC 88 -33.78 29.86 -43.63
C THR FC 88 -33.01 28.62 -44.12
N GLY FC 89 -32.86 27.63 -43.25
CA GLY FC 89 -32.16 26.42 -43.61
C GLY FC 89 -31.31 25.87 -42.48
N GLN FC 90 -31.15 26.66 -41.42
CA GLN FC 90 -30.36 26.24 -40.27
C GLN FC 90 -31.20 25.40 -39.33
N ILE FC 91 -30.52 24.55 -38.54
CA ILE FC 91 -31.20 23.72 -37.57
C ILE FC 91 -31.61 24.57 -36.39
N GLN FC 92 -32.92 24.68 -36.16
CA GLN FC 92 -33.46 25.42 -35.04
C GLN FC 92 -34.07 24.54 -33.96
N VAL FC 93 -34.42 23.30 -34.29
CA VAL FC 93 -34.95 22.34 -33.33
C VAL FC 93 -34.15 21.05 -33.46
N HIS FC 94 -33.39 20.72 -32.43
CA HIS FC 94 -32.56 19.52 -32.46
C HIS FC 94 -33.42 18.28 -32.21
N GLY FC 95 -33.13 17.22 -32.96
CA GLY FC 95 -33.75 15.94 -32.72
C GLY FC 95 -35.02 15.66 -33.49
N ILE FC 96 -35.16 16.21 -34.69
CA ILE FC 96 -36.31 15.95 -35.55
C ILE FC 96 -35.82 15.70 -36.96
N GLY FC 97 -36.38 14.71 -37.63
CA GLY FC 97 -36.04 14.38 -38.99
C GLY FC 97 -35.85 12.89 -39.18
N GLY FC 98 -35.83 12.46 -40.44
CA GLY FC 98 -35.63 11.08 -40.77
C GLY FC 98 -36.78 10.18 -40.35
N GLY FC 99 -38.02 10.65 -40.59
CA GLY FC 99 -39.19 9.93 -40.21
C GLY FC 99 -39.84 9.19 -41.38
N HIS FC 100 -40.91 8.48 -41.06
CA HIS FC 100 -41.68 7.74 -42.05
C HIS FC 100 -42.62 8.68 -42.80
N LYS FC 101 -42.94 8.29 -44.03
CA LYS FC 101 -43.84 9.10 -44.85
C LYS FC 101 -45.23 9.13 -44.23
N GLN FC 102 -45.73 10.33 -43.96
CA GLN FC 102 -47.02 10.51 -43.31
C GLN FC 102 -47.89 11.47 -44.11
N ARG FC 103 -49.19 11.24 -44.05
CA ARG FC 103 -50.17 12.17 -44.60
C ARG FC 103 -50.66 13.11 -43.50
N TYR FC 104 -51.50 14.06 -43.90
CA TYR FC 104 -52.09 15.01 -42.97
C TYR FC 104 -53.61 14.98 -43.12
N ARG FC 105 -54.31 14.77 -42.01
CA ARG FC 105 -55.76 14.76 -41.99
C ARG FC 105 -56.25 16.08 -41.38
N MET FC 106 -57.04 16.81 -42.15
CA MET FC 106 -57.52 18.10 -41.70
C MET FC 106 -58.52 17.94 -40.56
N ILE FC 107 -58.29 18.66 -39.47
CA ILE FC 107 -59.12 18.57 -38.26
C ILE FC 107 -59.81 19.91 -38.06
N ASP FC 108 -61.14 19.86 -37.87
CA ASP FC 108 -61.93 21.07 -37.60
C ASP FC 108 -62.14 21.14 -36.09
N PHE FC 109 -61.31 21.96 -35.43
CA PHE FC 109 -61.41 22.10 -33.98
C PHE FC 109 -62.61 22.93 -33.56
N LEU FC 110 -63.12 23.79 -34.42
CA LEU FC 110 -64.35 24.52 -34.15
C LEU FC 110 -65.51 23.53 -34.22
N ARG FC 111 -65.96 23.04 -33.07
CA ARG FC 111 -66.97 21.99 -33.04
C ARG FC 111 -68.31 22.52 -33.57
N PHE FC 112 -68.86 23.54 -32.92
CA PHE FC 112 -70.14 24.11 -33.30
C PHE FC 112 -69.94 24.98 -34.54
N ARG FC 113 -70.12 24.38 -35.71
CA ARG FC 113 -70.03 25.09 -36.99
C ARG FC 113 -71.21 24.69 -37.85
N PRO FC 114 -72.22 25.54 -37.97
CA PRO FC 114 -73.38 25.19 -38.80
C PRO FC 114 -73.01 25.12 -40.28
N GLU FC 115 -73.70 24.24 -41.00
CA GLU FC 115 -73.47 24.12 -42.43
C GLU FC 115 -73.93 25.38 -43.17
N HIS FC 116 -75.20 25.73 -43.00
CA HIS FC 116 -75.77 26.93 -43.60
C HIS FC 116 -76.13 27.94 -42.53
N GLU FC 117 -75.97 29.22 -42.84
CA GLU FC 117 -76.27 30.29 -41.90
C GLU FC 117 -77.77 30.52 -41.72
N SER FC 118 -78.61 29.81 -42.47
CA SER FC 118 -80.05 30.03 -42.37
C SER FC 118 -80.63 29.41 -41.11
N LYS FC 119 -80.13 28.24 -40.71
CA LYS FC 119 -80.61 27.51 -39.55
C LYS FC 119 -79.45 27.29 -38.58
N PRO FC 120 -79.14 28.29 -37.75
CA PRO FC 120 -78.01 28.16 -36.81
C PRO FC 120 -78.33 27.40 -35.53
N GLY FC 121 -79.44 26.65 -35.49
CA GLY FC 121 -79.81 25.93 -34.30
C GLY FC 121 -78.87 24.78 -34.00
N PRO FC 122 -78.97 24.23 -32.79
CA PRO FC 122 -78.15 23.07 -32.44
C PRO FC 122 -78.43 21.89 -33.37
N PHE FC 123 -77.38 21.15 -33.71
CA PHE FC 123 -77.50 20.12 -34.73
C PHE FC 123 -76.88 18.81 -34.26
N GLU FC 124 -77.42 17.72 -34.80
CA GLU FC 124 -77.02 16.37 -34.46
C GLU FC 124 -76.38 15.71 -35.67
N GLU FC 125 -75.25 15.03 -35.45
CA GLU FC 125 -74.53 14.32 -36.50
C GLU FC 125 -74.28 12.89 -36.04
N LYS FC 126 -73.82 12.06 -36.97
CA LYS FC 126 -73.58 10.65 -36.72
C LYS FC 126 -72.12 10.29 -37.01
N VAL FC 127 -71.52 9.56 -36.09
CA VAL FC 127 -70.15 9.09 -36.25
C VAL FC 127 -70.12 8.01 -37.32
N ILE FC 128 -69.12 8.08 -38.20
CA ILE FC 128 -68.98 7.11 -39.28
C ILE FC 128 -67.97 6.05 -38.87
N ALA FC 129 -66.74 6.47 -38.60
CA ALA FC 129 -65.69 5.54 -38.23
C ALA FC 129 -64.61 6.28 -37.45
N VAL FC 130 -64.02 5.58 -36.47
CA VAL FC 130 -62.93 6.11 -35.66
C VAL FC 130 -61.65 5.45 -36.14
N ARG FC 131 -60.73 6.25 -36.68
CA ARG FC 131 -59.48 5.77 -37.23
C ARG FC 131 -58.31 6.35 -36.45
N TYR FC 132 -57.12 5.81 -36.72
CA TYR FC 132 -55.90 6.32 -36.13
C TYR FC 132 -55.37 7.50 -36.94
N ASP FC 133 -54.71 8.43 -36.26
CA ASP FC 133 -54.12 9.60 -36.90
C ASP FC 133 -52.64 9.64 -36.54
N PRO FC 134 -51.74 9.68 -37.52
CA PRO FC 134 -50.31 9.70 -37.21
C PRO FC 134 -49.77 11.06 -36.77
N CYS FC 135 -50.51 12.14 -37.02
CA CYS FC 135 -50.00 13.46 -36.68
C CYS FC 135 -50.01 13.69 -35.18
N ARG FC 136 -51.11 13.37 -34.52
CA ARG FC 136 -51.27 13.58 -33.09
C ARG FC 136 -51.35 12.23 -32.37
N SER FC 137 -51.45 12.31 -31.05
CA SER FC 137 -51.50 11.10 -30.22
C SER FC 137 -52.89 10.50 -30.13
N ALA FC 138 -53.94 11.29 -30.37
CA ALA FC 138 -55.30 10.82 -30.23
C ALA FC 138 -55.79 10.19 -31.53
N ASP FC 139 -56.94 9.53 -31.45
CA ASP FC 139 -57.58 8.92 -32.60
C ASP FC 139 -58.65 9.85 -33.15
N ILE FC 140 -58.72 9.92 -34.48
CA ILE FC 140 -59.68 10.80 -35.13
C ILE FC 140 -60.96 10.03 -35.40
N ALA FC 141 -62.03 10.77 -35.67
CA ALA FC 141 -63.31 10.17 -36.02
C ALA FC 141 -63.97 11.00 -37.10
N LEU FC 142 -64.43 10.34 -38.16
CA LEU FC 142 -65.13 11.03 -39.23
C LEU FC 142 -66.61 11.09 -38.92
N VAL FC 143 -67.16 12.30 -38.91
CA VAL FC 143 -68.56 12.53 -38.58
C VAL FC 143 -69.19 13.34 -39.70
N ALA FC 144 -70.37 12.91 -40.15
CA ALA FC 144 -71.08 13.55 -41.24
C ALA FC 144 -72.31 14.27 -40.71
N GLY FC 145 -72.48 15.53 -41.10
CA GLY FC 145 -73.63 16.30 -40.71
C GLY FC 145 -74.17 17.12 -41.86
N GLY FC 146 -75.45 16.93 -42.19
CA GLY FC 146 -76.03 17.59 -43.34
C GLY FC 146 -75.49 17.04 -44.65
N ASN FC 147 -74.76 17.86 -45.40
CA ASN FC 147 -74.20 17.45 -46.67
C ASN FC 147 -72.67 17.45 -46.67
N ARG FC 148 -72.04 17.53 -45.49
CA ARG FC 148 -70.60 17.60 -45.41
C ARG FC 148 -70.09 16.75 -44.26
N LYS FC 149 -68.89 16.22 -44.43
CA LYS FC 149 -68.22 15.40 -43.43
C LYS FC 149 -67.07 16.20 -42.82
N ARG FC 150 -66.58 15.72 -41.68
CA ARG FC 150 -65.47 16.40 -41.02
C ARG FC 150 -64.80 15.44 -40.04
N TRP FC 151 -63.49 15.63 -39.89
CA TRP FC 151 -62.71 14.87 -38.91
C TRP FC 151 -62.70 15.63 -37.59
N ILE FC 152 -63.08 14.94 -36.50
CA ILE FC 152 -63.02 15.51 -35.17
C ILE FC 152 -62.21 14.58 -34.28
N ILE FC 153 -61.97 15.04 -33.05
CA ILE FC 153 -61.21 14.25 -32.07
C ILE FC 153 -62.20 13.41 -31.29
N ALA FC 154 -62.13 12.10 -31.46
CA ALA FC 154 -63.07 11.20 -30.80
C ALA FC 154 -62.80 11.15 -29.30
N THR FC 155 -63.87 11.03 -28.52
CA THR FC 155 -63.75 10.93 -27.07
C THR FC 155 -63.42 9.50 -26.69
N GLU FC 156 -63.51 9.18 -25.40
CA GLU FC 156 -63.05 7.88 -24.90
C GLU FC 156 -63.89 6.75 -25.49
N ASN FC 157 -65.20 6.77 -25.25
CA ASN FC 157 -66.09 5.69 -25.66
C ASN FC 157 -66.83 6.01 -26.95
N MET FC 158 -66.22 6.76 -27.86
CA MET FC 158 -66.82 7.03 -29.16
C MET FC 158 -66.52 5.86 -30.09
N LYS FC 159 -67.57 5.16 -30.51
CA LYS FC 159 -67.48 4.01 -31.39
C LYS FC 159 -68.19 4.32 -32.70
N ALA FC 160 -68.12 3.36 -33.63
CA ALA FC 160 -68.76 3.53 -34.92
C ALA FC 160 -70.28 3.45 -34.78
N GLY FC 161 -70.97 4.33 -35.48
CA GLY FC 161 -72.42 4.37 -35.43
C GLY FC 161 -72.96 4.93 -34.12
N ASP FC 162 -72.51 6.14 -33.77
CA ASP FC 162 -72.96 6.82 -32.56
C ASP FC 162 -73.52 8.19 -32.93
N THR FC 163 -74.18 8.80 -31.96
CA THR FC 163 -74.82 10.10 -32.14
C THR FC 163 -74.05 11.18 -31.39
N VAL FC 164 -73.78 12.30 -32.07
CA VAL FC 164 -73.08 13.43 -31.48
C VAL FC 164 -73.98 14.65 -31.61
N LEU FC 165 -74.09 15.41 -30.53
CA LEU FC 165 -74.89 16.63 -30.51
C LEU FC 165 -73.97 17.84 -30.35
N ASN FC 166 -74.25 18.91 -31.09
CA ASN FC 166 -73.51 20.15 -31.00
C ASN FC 166 -74.51 21.26 -30.74
N SER FC 167 -74.45 21.87 -29.56
CA SER FC 167 -75.39 22.90 -29.15
C SER FC 167 -74.66 24.07 -28.51
N ASP FC 168 -75.27 25.24 -28.60
CA ASP FC 168 -74.74 26.44 -27.96
C ASP FC 168 -75.78 27.14 -27.09
N HIS FC 169 -76.94 26.53 -26.90
CA HIS FC 169 -78.01 27.13 -26.11
C HIS FC 169 -77.70 27.02 -24.63
N ILE FC 170 -77.56 28.16 -23.96
CA ILE FC 170 -77.36 28.21 -22.52
C ILE FC 170 -78.72 28.35 -21.85
N GLY FC 171 -78.99 27.48 -20.87
CA GLY FC 171 -80.26 27.49 -20.18
C GLY FC 171 -80.06 27.42 -18.68
N ARG FC 172 -81.12 27.83 -17.96
CA ARG FC 172 -81.10 27.78 -16.51
C ARG FC 172 -81.05 26.36 -15.98
N MET FC 173 -81.42 25.37 -16.81
CA MET FC 173 -81.39 23.97 -16.42
C MET FC 173 -80.09 23.33 -16.89
N ALA FC 174 -79.53 22.46 -16.06
CA ALA FC 174 -78.33 21.73 -16.45
C ALA FC 174 -78.69 20.64 -17.46
N VAL FC 175 -77.82 20.45 -18.44
CA VAL FC 175 -78.04 19.49 -19.52
C VAL FC 175 -77.30 18.21 -19.19
N ALA FC 176 -77.87 17.08 -19.59
CA ALA FC 176 -77.24 15.78 -19.38
C ALA FC 176 -75.93 15.71 -20.15
N ALA FC 177 -74.84 15.43 -19.45
CA ALA FC 177 -73.51 15.42 -20.04
C ALA FC 177 -73.19 14.04 -20.58
N ARG FC 178 -73.21 13.89 -21.90
CA ARG FC 178 -72.78 12.67 -22.56
C ARG FC 178 -71.30 12.79 -22.93
N GLU FC 179 -70.81 11.85 -23.73
CA GLU FC 179 -69.44 11.92 -24.21
C GLU FC 179 -69.33 12.65 -25.55
N GLY FC 180 -70.25 12.37 -26.47
CA GLY FC 180 -70.23 13.05 -27.75
C GLY FC 180 -70.78 14.46 -27.73
N ASP FC 181 -71.44 14.85 -26.64
CA ASP FC 181 -72.08 16.16 -26.59
C ASP FC 181 -71.05 17.28 -26.60
N ALA FC 182 -71.42 18.39 -27.22
CA ALA FC 182 -70.60 19.60 -27.28
C ALA FC 182 -71.48 20.78 -26.94
N HIS FC 183 -71.47 21.17 -25.67
CA HIS FC 183 -72.26 22.27 -25.14
C HIS FC 183 -71.35 23.32 -24.51
N PRO FC 184 -71.80 24.56 -24.40
CA PRO FC 184 -70.99 25.58 -23.73
C PRO FC 184 -70.79 25.25 -22.26
N LEU FC 185 -69.79 25.90 -21.67
CA LEU FC 185 -69.41 25.59 -20.29
C LEU FC 185 -70.47 26.03 -19.30
N GLY FC 186 -71.19 27.12 -19.59
CA GLY FC 186 -72.19 27.60 -18.67
C GLY FC 186 -73.36 26.66 -18.48
N ALA FC 187 -73.64 25.82 -19.46
CA ALA FC 187 -74.74 24.89 -19.41
C ALA FC 187 -74.35 23.51 -18.89
N LEU FC 188 -73.09 23.31 -18.52
CA LEU FC 188 -72.66 22.01 -18.05
C LEU FC 188 -72.66 21.96 -16.52
N PRO FC 189 -72.80 20.78 -15.94
CA PRO FC 189 -72.73 20.66 -14.47
C PRO FC 189 -71.37 21.12 -13.95
N VAL FC 190 -71.35 21.44 -12.66
CA VAL FC 190 -70.18 22.07 -12.05
C VAL FC 190 -69.06 21.09 -11.74
N GLY FC 191 -69.26 19.80 -11.96
CA GLY FC 191 -68.23 18.83 -11.64
C GLY FC 191 -67.92 17.84 -12.74
N THR FC 192 -67.93 18.31 -13.98
CA THR FC 192 -67.74 17.44 -15.14
C THR FC 192 -66.30 17.47 -15.63
N LEU FC 193 -65.97 16.48 -16.45
CA LEU FC 193 -64.68 16.36 -17.11
C LEU FC 193 -64.87 16.66 -18.60
N ILE FC 194 -64.08 17.61 -19.11
CA ILE FC 194 -64.21 18.09 -20.47
C ILE FC 194 -62.86 18.03 -21.17
N ASN FC 195 -62.87 18.37 -22.45
CA ASN FC 195 -61.65 18.44 -23.25
C ASN FC 195 -61.94 19.28 -24.48
N ASN FC 196 -60.88 19.63 -25.21
CA ASN FC 196 -60.97 20.44 -26.43
C ASN FC 196 -61.65 21.77 -26.14
N VAL FC 197 -61.28 22.39 -25.02
CA VAL FC 197 -61.87 23.66 -24.63
C VAL FC 197 -61.31 24.79 -25.51
N GLU FC 198 -61.97 25.93 -25.44
CA GLU FC 198 -61.64 27.09 -26.26
C GLU FC 198 -61.17 28.25 -25.40
N SER FC 199 -60.64 29.27 -26.06
CA SER FC 199 -60.22 30.49 -25.38
C SER FC 199 -61.27 31.58 -25.47
N GLU FC 200 -61.68 31.93 -26.69
CA GLU FC 200 -62.70 32.94 -26.94
C GLU FC 200 -63.86 32.33 -27.72
N PRO FC 201 -65.06 32.90 -27.61
CA PRO FC 201 -66.19 32.39 -28.41
C PRO FC 201 -65.96 32.55 -29.90
N GLY FC 202 -65.82 31.43 -30.60
CA GLY FC 202 -65.57 31.45 -32.03
C GLY FC 202 -64.12 31.50 -32.44
N ARG FC 203 -63.20 31.17 -31.54
CA ARG FC 203 -61.77 31.20 -31.86
C ARG FC 203 -61.24 29.85 -32.31
N GLY FC 204 -61.53 28.78 -31.56
CA GLY FC 204 -61.04 27.46 -31.91
C GLY FC 204 -60.43 26.75 -30.73
N ALA FC 205 -60.60 25.43 -30.65
CA ALA FC 205 -60.12 24.65 -29.52
C ALA FC 205 -58.61 24.50 -29.61
N GLN FC 206 -57.89 25.54 -29.15
CA GLN FC 206 -56.43 25.48 -29.13
C GLN FC 206 -55.91 24.62 -27.99
N TYR FC 207 -56.66 24.54 -26.90
CA TYR FC 207 -56.25 23.82 -25.69
C TYR FC 207 -56.49 22.33 -25.81
N ILE FC 208 -56.55 21.63 -24.68
CA ILE FC 208 -56.27 20.22 -24.52
C ILE FC 208 -56.77 19.36 -25.68
N ARG FC 209 -55.86 18.58 -26.27
CA ARG FC 209 -56.19 17.65 -27.34
C ARG FC 209 -55.55 16.29 -27.21
N ALA FC 210 -54.56 16.11 -26.33
CA ALA FC 210 -53.78 14.88 -26.29
C ALA FC 210 -54.64 13.70 -25.84
N ALA FC 211 -54.18 12.51 -26.18
CA ALA FC 211 -54.90 11.29 -25.87
C ALA FC 211 -54.90 11.05 -24.35
N GLY FC 212 -56.09 10.87 -23.79
CA GLY FC 212 -56.24 10.64 -22.37
C GLY FC 212 -56.26 11.89 -21.51
N THR FC 213 -55.82 13.02 -22.03
CA THR FC 213 -55.82 14.26 -21.26
C THR FC 213 -57.21 14.88 -21.23
N CYS FC 214 -57.57 15.42 -20.07
CA CYS FC 214 -58.89 16.00 -19.89
C CYS FC 214 -58.85 16.97 -18.71
N GLY FC 215 -59.49 18.13 -18.88
CA GLY FC 215 -59.63 19.08 -17.81
C GLY FC 215 -60.93 18.86 -17.05
N VAL FC 216 -61.09 19.61 -15.96
CA VAL FC 216 -62.25 19.45 -15.09
C VAL FC 216 -62.85 20.82 -14.81
N LEU FC 217 -64.16 20.96 -15.02
CA LEU FC 217 -64.83 22.21 -14.71
C LEU FC 217 -64.97 22.37 -13.19
N LEU FC 218 -64.58 23.53 -12.67
CA LEU FC 218 -64.55 23.76 -11.23
C LEU FC 218 -65.78 24.55 -10.74
N ARG FC 219 -66.00 25.74 -11.26
CA ARG FC 219 -67.11 26.56 -10.82
C ARG FC 219 -67.47 27.57 -11.91
N LYS FC 220 -68.62 28.21 -11.74
CA LYS FC 220 -69.10 29.23 -12.67
C LYS FC 220 -69.67 30.38 -11.86
N VAL FC 221 -69.03 31.54 -11.94
CA VAL FC 221 -69.41 32.71 -11.15
C VAL FC 221 -69.45 33.94 -12.05
N ASN FC 222 -70.53 34.72 -11.93
CA ASN FC 222 -70.67 36.00 -12.63
C ASN FC 222 -70.52 35.84 -14.14
N GLY FC 223 -71.17 34.81 -14.68
CA GLY FC 223 -71.10 34.52 -16.10
C GLY FC 223 -69.67 34.31 -16.57
N THR FC 224 -68.99 33.34 -15.96
CA THR FC 224 -67.58 33.10 -16.26
C THR FC 224 -67.23 31.68 -15.81
N ALA FC 225 -66.66 30.90 -16.72
CA ALA FC 225 -66.33 29.51 -16.47
C ALA FC 225 -64.88 29.39 -16.00
N ILE FC 226 -64.66 28.49 -15.06
CA ILE FC 226 -63.34 28.20 -14.51
C ILE FC 226 -63.05 26.72 -14.68
N ILE FC 227 -61.93 26.38 -15.30
CA ILE FC 227 -61.55 25.00 -15.52
C ILE FC 227 -60.17 24.75 -14.92
N GLN FC 228 -59.88 23.48 -14.67
CA GLN FC 228 -58.57 23.05 -14.22
C GLN FC 228 -57.97 22.17 -15.31
N LEU FC 229 -56.80 22.56 -15.81
CA LEU FC 229 -56.13 21.90 -16.90
C LEU FC 229 -55.34 20.70 -16.40
N PRO FC 230 -54.88 19.83 -17.31
CA PRO FC 230 -54.01 18.72 -16.87
C PRO FC 230 -52.76 19.17 -16.14
N SER FC 231 -52.27 20.38 -16.39
CA SER FC 231 -51.14 20.92 -15.66
C SER FC 231 -51.53 21.51 -14.31
N LYS FC 232 -52.72 21.18 -13.81
CA LYS FC 232 -53.20 21.61 -12.50
C LYS FC 232 -53.27 23.13 -12.37
N ARG FC 233 -53.47 23.82 -13.50
CA ARG FC 233 -53.59 25.27 -13.50
C ARG FC 233 -55.02 25.67 -13.83
N GLN FC 234 -55.46 26.77 -13.24
CA GLN FC 234 -56.82 27.25 -13.42
C GLN FC 234 -56.90 28.22 -14.59
N MET FC 235 -57.94 28.05 -15.41
CA MET FC 235 -58.17 28.86 -16.59
C MET FC 235 -59.56 29.44 -16.52
N GLN FC 236 -59.65 30.77 -16.59
CA GLN FC 236 -60.90 31.51 -16.51
C GLN FC 236 -61.25 32.04 -17.89
N VAL FC 237 -62.45 31.71 -18.37
CA VAL FC 237 -62.90 32.08 -19.71
C VAL FC 237 -64.39 32.42 -19.65
N LEU FC 238 -64.94 32.80 -20.80
CA LEU FC 238 -66.37 33.07 -20.89
C LEU FC 238 -67.14 31.77 -21.05
N GLU FC 239 -68.41 31.79 -20.63
CA GLU FC 239 -69.23 30.58 -20.65
C GLU FC 239 -69.66 30.18 -22.05
N THR FC 240 -69.46 31.04 -23.05
CA THR FC 240 -69.84 30.72 -24.42
C THR FC 240 -68.79 29.87 -25.13
N CYS FC 241 -67.66 29.59 -24.48
CA CYS FC 241 -66.61 28.79 -25.10
C CYS FC 241 -67.06 27.33 -25.20
N ILE FC 242 -67.22 26.84 -26.43
CA ILE FC 242 -67.72 25.49 -26.64
C ILE FC 242 -66.61 24.49 -26.31
N ALA FC 243 -66.97 23.43 -25.60
CA ALA FC 243 -66.02 22.39 -25.23
C ALA FC 243 -66.72 21.03 -25.31
N THR FC 244 -65.91 19.99 -25.49
CA THR FC 244 -66.39 18.63 -25.59
C THR FC 244 -66.32 17.95 -24.23
N VAL FC 245 -67.40 17.29 -23.85
CA VAL FC 245 -67.50 16.63 -22.56
C VAL FC 245 -66.89 15.24 -22.63
N GLY FC 246 -66.08 14.90 -21.64
CA GLY FC 246 -65.50 13.57 -21.54
C GLY FC 246 -63.99 13.59 -21.72
N ARG FC 247 -63.43 12.38 -21.77
CA ARG FC 247 -62.01 12.19 -21.95
C ARG FC 247 -61.69 11.86 -23.41
N VAL FC 248 -60.47 12.16 -23.81
CA VAL FC 248 -60.03 11.89 -25.18
C VAL FC 248 -59.72 10.40 -25.32
N SER FC 249 -59.89 9.89 -26.53
CA SER FC 249 -59.69 8.47 -26.80
C SER FC 249 -58.22 8.09 -26.58
N ASN FC 250 -57.98 6.77 -26.62
CA ASN FC 250 -56.64 6.20 -26.47
C ASN FC 250 -55.99 6.63 -25.16
N VAL FC 251 -56.63 6.22 -24.06
CA VAL FC 251 -56.14 6.56 -22.72
C VAL FC 251 -54.90 5.78 -22.32
N ASP FC 252 -54.47 4.83 -23.15
CA ASP FC 252 -53.32 3.99 -22.85
C ASP FC 252 -52.06 4.44 -23.59
N HIS FC 253 -52.00 5.71 -24.02
CA HIS FC 253 -50.84 6.17 -24.77
C HIS FC 253 -49.63 6.35 -23.88
N ASN FC 254 -49.83 6.63 -22.60
CA ASN FC 254 -48.71 6.77 -21.68
C ASN FC 254 -48.17 5.42 -21.21
N LYS FC 255 -49.00 4.37 -21.22
CA LYS FC 255 -48.59 3.05 -20.78
C LYS FC 255 -47.84 2.28 -21.86
N ARG FC 256 -47.66 2.85 -23.05
CA ARG FC 256 -46.96 2.15 -24.11
C ARG FC 256 -45.47 2.01 -23.76
N VAL FC 257 -44.84 1.00 -24.34
CA VAL FC 257 -43.44 0.70 -24.10
C VAL FC 257 -42.76 0.60 -25.46
N ILE FC 258 -41.93 1.59 -25.79
CA ILE FC 258 -41.16 1.54 -27.02
C ILE FC 258 -40.17 0.38 -26.93
N GLY FC 259 -40.31 -0.59 -27.83
CA GLY FC 259 -39.55 -1.81 -27.72
C GLY FC 259 -38.08 -1.69 -28.08
N LYS FC 260 -37.75 -0.82 -29.03
CA LYS FC 260 -36.39 -0.72 -29.52
C LYS FC 260 -36.15 0.71 -30.01
N ALA FC 261 -34.88 1.00 -30.27
CA ALA FC 261 -34.51 2.33 -30.76
C ALA FC 261 -35.06 2.61 -32.15
N GLY FC 262 -35.56 1.59 -32.84
CA GLY FC 262 -36.06 1.79 -34.19
C GLY FC 262 -37.38 2.55 -34.22
N ARG FC 263 -38.20 2.41 -33.19
CA ARG FC 263 -39.49 3.10 -33.17
C ARG FC 263 -39.32 4.61 -33.09
N ASN FC 264 -38.29 5.08 -32.39
CA ASN FC 264 -38.03 6.52 -32.36
C ASN FC 264 -37.65 7.04 -33.73
N ARG FC 265 -36.82 6.30 -34.47
CA ARG FC 265 -36.48 6.70 -35.84
C ARG FC 265 -37.71 6.64 -36.74
N TRP FC 266 -38.60 5.68 -36.50
CA TRP FC 266 -39.83 5.61 -37.28
C TRP FC 266 -40.71 6.83 -37.02
N LEU FC 267 -40.88 7.20 -35.75
CA LEU FC 267 -41.70 8.36 -35.40
C LEU FC 267 -41.04 9.67 -35.80
N GLY FC 268 -39.71 9.69 -35.98
CA GLY FC 268 -39.03 10.89 -36.40
C GLY FC 268 -38.34 11.61 -35.26
N LYS FC 269 -37.67 10.86 -34.39
CA LYS FC 269 -36.96 11.42 -33.24
C LYS FC 269 -35.50 10.97 -33.33
N ARG FC 270 -34.65 11.88 -33.80
CA ARG FC 270 -33.22 11.59 -33.86
C ARG FC 270 -32.63 11.63 -32.45
N PRO FC 271 -31.58 10.83 -32.20
CA PRO FC 271 -31.02 10.75 -30.85
C PRO FC 271 -30.34 12.04 -30.43
N ASN FC 272 -30.17 12.19 -29.13
CA ASN FC 272 -29.54 13.37 -28.57
C ASN FC 272 -28.03 13.38 -28.87
N SER FC 273 -27.43 14.55 -28.71
CA SER FC 273 -26.00 14.68 -28.93
C SER FC 273 -25.23 13.98 -27.82
N GLY FC 274 -23.96 13.72 -28.10
CA GLY FC 274 -23.09 13.05 -27.16
C GLY FC 274 -22.20 13.95 -26.33
N LEU FC 275 -22.31 15.27 -26.51
CA LEU FC 275 -21.49 16.21 -25.77
C LEU FC 275 -21.88 16.17 -24.29
N TRP FC 276 -20.99 15.64 -23.46
CA TRP FC 276 -21.26 15.54 -22.02
C TRP FC 276 -21.23 16.94 -21.41
N GLN FC 277 -22.39 17.44 -21.00
CA GLN FC 277 -22.53 18.77 -20.45
C GLN FC 277 -22.80 18.68 -18.95
N ARG FC 278 -21.97 19.36 -18.16
CA ARG FC 278 -22.14 19.36 -16.72
C ARG FC 278 -23.44 20.06 -16.34
N LYS FC 279 -24.13 19.51 -15.35
CA LYS FC 279 -25.37 20.10 -14.88
C LYS FC 279 -25.12 21.46 -14.23
N GLY FC 280 -25.97 22.42 -14.54
CA GLY FC 280 -25.87 23.75 -14.00
C GLY FC 280 -26.88 24.01 -12.90
N GLY FC 281 -27.18 25.30 -12.69
CA GLY FC 281 -28.15 25.67 -11.67
C GLY FC 281 -29.58 25.32 -12.00
N TRP FC 282 -29.87 25.06 -13.28
CA TRP FC 282 -31.23 24.71 -13.67
C TRP FC 282 -31.64 23.35 -13.12
N ALA FC 283 -30.70 22.43 -12.97
CA ALA FC 283 -31.02 21.08 -12.51
C ALA FC 283 -31.41 21.08 -11.04
N GLY FC 284 -32.14 20.05 -10.65
CA GLY FC 284 -32.62 19.90 -9.29
C GLY FC 284 -34.14 19.84 -9.23
N ARG FC 285 -34.61 19.26 -8.13
CA ARG FC 285 -36.05 19.11 -7.87
C ARG FC 285 -36.56 20.43 -7.31
N LYS FC 286 -37.04 21.30 -8.21
CA LYS FC 286 -37.55 22.61 -7.82
C LYS FC 286 -39.01 22.48 -7.43
N ILE FC 287 -39.33 22.86 -6.19
CA ILE FC 287 -40.72 22.85 -5.71
C ILE FC 287 -41.21 24.30 -5.81
N ARG FC 288 -41.89 24.59 -6.93
CA ARG FC 288 -42.42 25.92 -7.18
C ARG FC 288 -43.88 26.00 -6.79
N PRO FC 289 -44.33 27.15 -6.29
CA PRO FC 289 -45.75 27.32 -6.01
C PRO FC 289 -46.57 27.32 -7.30
N LEU FC 290 -47.86 27.06 -7.14
CA LEU FC 290 -48.74 26.98 -8.30
C LEU FC 290 -48.86 28.35 -8.95
N PRO FC 291 -48.72 28.46 -10.27
CA PRO FC 291 -48.86 29.76 -10.92
C PRO FC 291 -50.27 30.29 -10.79
N PRO FC 292 -50.47 31.60 -10.91
CA PRO FC 292 -51.80 32.18 -10.74
C PRO FC 292 -52.76 31.70 -11.82
N MET FC 293 -54.04 31.95 -11.58
CA MET FC 293 -55.08 31.56 -12.52
C MET FC 293 -55.03 32.45 -13.75
N LYS FC 294 -54.97 31.82 -14.93
CA LYS FC 294 -54.89 32.57 -16.18
C LYS FC 294 -56.29 32.93 -16.66
N SER FC 295 -56.58 34.21 -16.75
CA SER FC 295 -57.91 34.70 -17.12
C SER FC 295 -57.86 35.34 -18.50
N TYR FC 296 -58.88 35.04 -19.32
CA TYR FC 296 -59.02 35.61 -20.65
C TYR FC 296 -60.17 36.59 -20.76
N VAL FC 297 -60.91 36.82 -19.67
CA VAL FC 297 -62.03 37.75 -19.68
C VAL FC 297 -61.47 39.16 -19.62
N LYS FC 298 -61.62 39.91 -20.71
CA LYS FC 298 -61.11 41.28 -20.78
C LYS FC 298 -62.04 42.16 -19.96
N LEU FC 299 -61.68 42.35 -18.69
CA LEU FC 299 -62.52 43.15 -17.79
C LEU FC 299 -62.34 44.63 -18.11
N PRO FC 300 -63.43 45.39 -18.22
CA PRO FC 300 -63.37 46.84 -18.48
C PRO FC 300 -62.86 47.63 -17.28
N HIS GC 42 45.17 -9.64 -90.36
CA HIS GC 42 44.67 -10.98 -90.61
C HIS GC 42 43.80 -11.48 -89.47
N GLY GC 43 42.49 -11.39 -89.66
CA GLY GC 43 41.55 -11.88 -88.66
C GLY GC 43 41.29 -13.36 -88.80
N LYS GC 44 42.23 -14.18 -88.35
CA LYS GC 44 42.08 -15.63 -88.46
C LYS GC 44 40.89 -16.11 -87.64
N SER GC 45 40.16 -17.08 -88.18
CA SER GC 45 38.99 -17.62 -87.52
C SER GC 45 39.37 -18.78 -86.61
N VAL GC 46 38.38 -19.28 -85.89
CA VAL GC 46 38.57 -20.44 -85.03
C VAL GC 46 38.35 -21.71 -85.81
N THR GC 47 39.10 -22.75 -85.47
CA THR GC 47 39.06 -24.01 -86.20
C THR GC 47 39.14 -25.18 -85.22
N TRP GC 48 38.20 -26.11 -85.34
CA TRP GC 48 38.20 -27.34 -84.57
C TRP GC 48 38.50 -28.51 -85.49
N TRP GC 49 38.68 -29.69 -84.90
CA TRP GC 49 39.14 -30.84 -85.65
C TRP GC 49 38.08 -31.47 -86.53
N ASP GC 50 36.82 -31.05 -86.42
CA ASP GC 50 35.75 -31.60 -87.25
C ASP GC 50 35.34 -30.69 -88.38
N GLU GC 51 35.88 -29.46 -88.44
CA GLU GC 51 35.41 -28.49 -89.41
C GLU GC 51 35.86 -28.84 -90.82
N HIS GC 52 37.12 -29.26 -90.97
CA HIS GC 52 37.71 -29.47 -92.28
C HIS GC 52 37.73 -30.93 -92.71
N LEU GC 53 37.32 -31.85 -91.83
CA LEU GC 53 37.35 -33.26 -92.18
C LEU GC 53 36.12 -33.65 -92.99
N SER GC 54 36.11 -34.90 -93.46
CA SER GC 54 35.05 -35.42 -94.30
C SER GC 54 34.34 -36.58 -93.59
N GLU GC 55 33.19 -36.97 -94.15
CA GLU GC 55 32.42 -38.06 -93.58
C GLU GC 55 33.18 -39.38 -93.62
N GLU GC 56 34.05 -39.56 -94.61
CA GLU GC 56 34.87 -40.76 -94.71
C GLU GC 56 36.18 -40.65 -93.95
N ASN GC 57 36.54 -39.46 -93.47
CA ASN GC 57 37.78 -39.27 -92.74
C ASN GC 57 37.59 -39.24 -91.23
N VAL GC 58 36.44 -38.75 -90.76
CA VAL GC 58 36.21 -38.67 -89.31
C VAL GC 58 36.29 -40.03 -88.65
N PRO GC 59 35.58 -41.07 -89.10
CA PRO GC 59 35.76 -42.38 -88.47
C PRO GC 59 37.16 -42.92 -88.61
N PHE GC 60 37.83 -42.64 -89.74
CA PHE GC 60 39.21 -43.07 -89.91
C PHE GC 60 40.11 -42.42 -88.86
N VAL GC 61 39.90 -41.12 -88.61
CA VAL GC 61 40.72 -40.43 -87.60
C VAL GC 61 40.43 -40.99 -86.21
N LYS GC 62 39.15 -41.21 -85.90
CA LYS GC 62 38.80 -41.78 -84.60
C LYS GC 62 39.48 -43.14 -84.41
N GLN GC 63 39.44 -43.98 -85.44
CA GLN GC 63 40.07 -45.31 -85.33
C GLN GC 63 41.59 -45.19 -85.24
N LEU GC 64 42.18 -44.24 -85.98
CA LEU GC 64 43.63 -44.09 -85.97
C LEU GC 64 44.14 -43.59 -84.63
N VAL GC 65 43.33 -42.82 -83.91
CA VAL GC 65 43.76 -42.43 -82.57
C VAL GC 65 43.43 -43.51 -81.55
N SER GC 66 42.32 -44.24 -81.76
CA SER GC 66 41.92 -45.26 -80.81
C SER GC 66 42.90 -46.42 -80.80
N ASP GC 67 43.23 -46.98 -81.97
CA ASP GC 67 44.18 -48.08 -82.01
C ASP GC 67 45.56 -47.62 -81.58
N GLU GC 68 45.90 -46.35 -81.81
CA GLU GC 68 47.17 -45.82 -81.32
C GLU GC 68 47.22 -45.82 -79.80
N ASN GC 69 46.17 -45.33 -79.15
CA ASN GC 69 46.12 -45.36 -77.69
C ASN GC 69 46.14 -46.79 -77.17
N LYS GC 70 45.44 -47.70 -77.85
CA LYS GC 70 45.42 -49.10 -77.43
C LYS GC 70 46.81 -49.71 -77.52
N ALA GC 71 47.52 -49.46 -78.62
CA ALA GC 71 48.87 -50.00 -78.78
C ALA GC 71 49.82 -49.39 -77.75
N GLN GC 72 49.64 -48.11 -77.44
CA GLN GC 72 50.51 -47.49 -76.42
C GLN GC 72 50.26 -48.10 -75.05
N LEU GC 73 49.00 -48.28 -74.67
CA LEU GC 73 48.70 -48.89 -73.38
C LEU GC 73 49.12 -50.34 -73.33
N ALA GC 74 49.16 -51.02 -74.48
CA ALA GC 74 49.64 -52.40 -74.51
C ALA GC 74 51.16 -52.47 -74.41
N SER GC 75 51.86 -51.50 -75.01
CA SER GC 75 53.31 -51.47 -74.91
C SER GC 75 53.75 -51.08 -73.50
N LYS GC 76 53.00 -50.19 -72.85
CA LYS GC 76 53.30 -49.78 -71.49
C LYS GC 76 52.70 -50.73 -70.45
N LEU GC 77 52.25 -51.92 -70.87
CA LEU GC 77 51.60 -52.84 -69.95
C LEU GC 77 52.59 -53.67 -69.13
N CYS GC 78 53.83 -53.81 -69.60
CA CYS GC 78 54.85 -54.60 -68.93
C CYS GC 78 56.04 -53.70 -68.62
N PRO GC 79 55.98 -52.95 -67.51
CA PRO GC 79 57.08 -52.04 -67.19
C PRO GC 79 58.24 -52.70 -66.46
N LEU GC 80 58.00 -53.83 -65.77
CA LEU GC 80 59.04 -54.44 -64.97
C LEU GC 80 60.09 -55.16 -65.83
N LYS GC 81 59.78 -55.44 -67.09
CA LYS GC 81 60.71 -56.16 -67.95
C LYS GC 81 61.51 -55.24 -68.87
N ASP GC 82 61.06 -54.01 -69.10
CA ASP GC 82 61.77 -53.13 -70.01
C ASP GC 82 62.97 -52.46 -69.33
N GLU GC 83 62.71 -51.64 -68.32
CA GLU GC 83 63.78 -50.98 -67.60
C GLU GC 83 63.28 -50.44 -66.25
N PRO GC 84 63.14 -51.29 -65.25
CA PRO GC 84 62.70 -50.80 -63.94
C PRO GC 84 63.84 -50.20 -63.15
N TRP GC 85 63.51 -49.19 -62.35
CA TRP GC 85 64.49 -48.57 -61.47
C TRP GC 85 64.83 -49.51 -60.31
N PRO GC 86 66.03 -49.37 -59.73
CA PRO GC 86 66.40 -50.26 -58.62
C PRO GC 86 65.47 -50.08 -57.43
N ILE GC 87 64.82 -51.17 -57.05
CA ILE GC 87 63.85 -51.15 -55.95
C ILE GC 87 64.61 -51.08 -54.63
N HIS GC 88 64.33 -50.04 -53.84
CA HIS GC 88 64.98 -49.87 -52.56
C HIS GC 88 64.18 -50.55 -51.46
N PRO GC 89 64.85 -51.02 -50.40
CA PRO GC 89 64.14 -51.67 -49.31
C PRO GC 89 63.29 -50.69 -48.52
N TRP GC 90 62.29 -51.23 -47.83
CA TRP GC 90 61.38 -50.41 -47.05
C TRP GC 90 62.11 -49.80 -45.85
N GLU GC 91 61.76 -48.56 -45.53
CA GLU GC 91 62.34 -47.86 -44.40
C GLU GC 91 61.23 -47.38 -43.47
N PRO GC 92 61.52 -47.23 -42.17
CA PRO GC 92 60.48 -46.76 -41.24
C PRO GC 92 60.03 -45.34 -41.52
N GLY GC 93 60.92 -44.46 -41.96
CA GLY GC 93 60.56 -43.10 -42.28
C GLY GC 93 60.33 -42.90 -43.76
N SER GC 94 59.68 -43.86 -44.41
CA SER GC 94 59.42 -43.81 -45.84
C SER GC 94 57.94 -43.70 -46.12
N SER GC 95 57.61 -43.23 -47.32
CA SER GC 95 56.24 -43.08 -47.76
C SER GC 95 56.09 -43.71 -49.14
N ARG GC 96 54.84 -43.90 -49.55
CA ARG GC 96 54.52 -44.57 -50.80
C ARG GC 96 53.62 -43.67 -51.65
N VAL GC 97 53.68 -43.88 -52.97
CA VAL GC 97 52.89 -43.09 -53.90
C VAL GC 97 51.44 -43.54 -53.84
N GLY GC 98 50.54 -42.65 -54.27
CA GLY GC 98 49.12 -42.92 -54.28
C GLY GC 98 48.58 -43.20 -55.66
N LEU GC 99 47.25 -43.15 -55.76
CA LEU GC 99 46.54 -43.44 -57.00
C LEU GC 99 45.52 -42.34 -57.28
N ILE GC 100 44.95 -42.40 -58.48
CA ILE GC 100 43.87 -41.51 -58.89
C ILE GC 100 42.78 -42.39 -59.49
N ALA GC 101 41.70 -42.58 -58.74
CA ALA GC 101 40.63 -43.49 -59.12
C ALA GC 101 39.38 -42.71 -59.53
N LEU GC 102 38.34 -43.46 -59.88
CA LEU GC 102 37.06 -42.90 -60.31
C LEU GC 102 35.98 -43.39 -59.35
N LYS GC 103 35.30 -42.45 -58.71
CA LYS GC 103 34.28 -42.80 -57.71
C LYS GC 103 33.03 -43.32 -58.42
N LEU GC 104 32.75 -44.60 -58.28
CA LEU GC 104 31.60 -45.20 -58.95
C LEU GC 104 30.31 -44.95 -58.16
N GLY GC 105 30.25 -45.44 -56.93
CA GLY GC 105 29.05 -45.27 -56.14
C GLY GC 105 29.25 -45.78 -54.73
N MET GC 106 28.14 -46.05 -54.06
CA MET GC 106 28.15 -46.52 -52.68
C MET GC 106 27.45 -47.86 -52.58
N MET GC 107 27.81 -48.63 -51.56
CA MET GC 107 27.25 -49.94 -51.33
C MET GC 107 27.27 -50.23 -49.83
N PRO GC 108 26.45 -51.17 -49.37
CA PRO GC 108 26.57 -51.63 -47.98
C PRO GC 108 27.55 -52.79 -47.88
N LEU GC 109 28.05 -52.99 -46.66
CA LEU GC 109 28.99 -54.07 -46.40
C LEU GC 109 28.83 -54.51 -44.95
N TRP GC 110 28.47 -55.76 -44.74
CA TRP GC 110 28.21 -56.27 -43.40
C TRP GC 110 29.45 -56.95 -42.84
N THR GC 111 29.71 -56.70 -41.56
CA THR GC 111 30.83 -57.30 -40.86
C THR GC 111 30.37 -58.54 -40.12
N LYS GC 112 31.34 -59.39 -39.75
CA LYS GC 112 31.02 -60.66 -39.11
C LYS GC 112 30.35 -60.48 -37.76
N ASP GC 113 30.54 -59.33 -37.11
CA ASP GC 113 29.91 -59.09 -35.81
C ASP GC 113 28.45 -58.69 -35.92
N GLY GC 114 27.89 -58.67 -37.13
CA GLY GC 114 26.51 -58.25 -37.35
C GLY GC 114 26.34 -56.79 -37.69
N GLN GC 115 27.38 -55.98 -37.56
CA GLN GC 115 27.30 -54.56 -37.87
C GLN GC 115 27.29 -54.35 -39.38
N LYS GC 116 26.87 -53.14 -39.78
CA LYS GC 116 26.75 -52.78 -41.19
C LYS GC 116 27.45 -51.46 -41.42
N HIS GC 117 28.44 -51.46 -42.30
CA HIS GC 117 29.14 -50.25 -42.71
C HIS GC 117 28.78 -49.91 -44.15
N VAL GC 118 29.18 -48.71 -44.56
CA VAL GC 118 28.90 -48.21 -45.90
C VAL GC 118 30.23 -47.99 -46.61
N VAL GC 119 30.40 -48.64 -47.75
CA VAL GC 119 31.62 -48.54 -48.53
C VAL GC 119 31.34 -47.74 -49.79
N THR GC 120 32.41 -47.18 -50.35
CA THR GC 120 32.39 -46.46 -51.60
C THR GC 120 33.35 -47.15 -52.56
N LEU GC 121 32.91 -47.30 -53.81
CA LEU GC 121 33.67 -48.00 -54.83
C LEU GC 121 34.51 -46.99 -55.61
N LEU GC 122 35.82 -47.19 -55.63
CA LEU GC 122 36.74 -46.36 -56.39
C LEU GC 122 37.42 -47.24 -57.43
N GLN GC 123 37.19 -46.94 -58.71
CA GLN GC 123 37.72 -47.73 -59.80
C GLN GC 123 39.01 -47.09 -60.31
N VAL GC 124 40.10 -47.84 -60.27
CA VAL GC 124 41.39 -47.38 -60.79
C VAL GC 124 41.39 -47.73 -62.27
N GLN GC 125 40.96 -46.78 -63.11
CA GLN GC 125 40.90 -47.02 -64.54
C GLN GC 125 42.29 -46.99 -65.18
N ASP GC 126 42.98 -45.85 -65.07
CA ASP GC 126 44.32 -45.69 -65.64
C ASP GC 126 45.13 -44.80 -64.70
N CYS GC 127 46.13 -45.37 -64.05
CA CYS GC 127 47.07 -44.63 -63.22
C CYS GC 127 48.46 -44.79 -63.81
N HIS GC 128 49.01 -43.69 -64.31
CA HIS GC 128 50.33 -43.69 -64.92
C HIS GC 128 51.19 -42.60 -64.30
N VAL GC 129 52.46 -42.93 -64.07
CA VAL GC 129 53.44 -41.97 -63.57
C VAL GC 129 53.92 -41.16 -64.77
N LEU GC 130 53.48 -39.90 -64.85
CA LEU GC 130 53.82 -39.06 -66.00
C LEU GC 130 55.25 -38.56 -65.93
N LYS GC 131 55.58 -37.81 -64.89
CA LYS GC 131 56.93 -37.28 -64.72
C LYS GC 131 57.35 -37.42 -63.28
N TYR GC 132 58.65 -37.31 -63.05
CA TYR GC 132 59.23 -37.40 -61.71
C TYR GC 132 60.06 -36.14 -61.46
N THR GC 133 59.71 -35.40 -60.43
CA THR GC 133 60.47 -34.21 -60.06
C THR GC 133 61.37 -34.52 -58.88
N PRO GC 134 62.67 -34.21 -58.96
CA PRO GC 134 63.57 -34.55 -57.86
C PRO GC 134 63.24 -33.81 -56.58
N LYS GC 135 63.79 -34.33 -55.48
CA LYS GC 135 63.54 -33.74 -54.17
C LYS GC 135 64.05 -32.31 -54.10
N GLU GC 136 65.31 -32.09 -54.52
CA GLU GC 136 65.88 -30.76 -54.50
C GLU GC 136 65.16 -29.80 -55.44
N ASN GC 137 64.61 -30.33 -56.53
CA ASN GC 137 63.90 -29.51 -57.51
C ASN GC 137 62.44 -29.26 -57.14
N HIS GC 138 61.89 -29.99 -56.17
CA HIS GC 138 60.50 -29.83 -55.79
C HIS GC 138 60.32 -29.22 -54.41
N ASN GC 139 60.88 -29.83 -53.37
CA ASN GC 139 60.61 -29.38 -52.01
C ASN GC 139 61.84 -29.28 -51.12
N GLY GC 140 62.94 -29.96 -51.44
CA GLY GC 140 64.10 -29.99 -50.58
C GLY GC 140 64.04 -30.98 -49.45
N ARG GC 141 62.89 -31.59 -49.20
CA ARG GC 141 62.74 -32.64 -48.20
C ARG GC 141 62.25 -33.96 -48.79
N MET GC 142 61.25 -33.92 -49.66
CA MET GC 142 60.68 -35.12 -50.24
C MET GC 142 60.54 -34.96 -51.74
N ALA GC 143 60.74 -36.06 -52.47
CA ALA GC 143 60.57 -36.07 -53.90
C ALA GC 143 59.08 -36.04 -54.26
N ALA GC 144 58.80 -35.71 -55.52
CA ALA GC 144 57.43 -35.56 -56.00
C ALA GC 144 57.23 -36.44 -57.22
N LEU GC 145 56.10 -37.16 -57.23
CA LEU GC 145 55.72 -37.99 -58.36
C LEU GC 145 54.43 -37.46 -58.96
N THR GC 146 54.38 -37.36 -60.28
CA THR GC 146 53.21 -36.88 -60.99
C THR GC 146 52.40 -38.06 -61.51
N VAL GC 147 51.11 -38.10 -61.18
CA VAL GC 147 50.24 -39.20 -61.54
C VAL GC 147 49.09 -38.67 -62.37
N GLY GC 148 48.74 -39.39 -63.43
CA GLY GC 148 47.66 -39.02 -64.32
C GLY GC 148 46.45 -39.93 -64.13
N GLY GC 149 45.27 -39.39 -64.41
CA GLY GC 149 44.03 -40.13 -64.28
C GLY GC 149 43.64 -40.89 -65.53
N LYS GC 150 42.34 -40.96 -65.78
CA LYS GC 150 41.83 -41.76 -66.89
C LYS GC 150 42.14 -41.08 -68.22
N THR GC 151 41.87 -41.82 -69.30
CA THR GC 151 42.19 -41.36 -70.65
C THR GC 151 41.15 -40.38 -71.14
N VAL GC 152 41.61 -39.34 -71.83
CA VAL GC 152 40.76 -38.33 -72.45
C VAL GC 152 41.17 -38.18 -73.92
N SER GC 153 40.46 -37.30 -74.63
CA SER GC 153 40.67 -37.14 -76.06
C SER GC 153 41.84 -36.20 -76.34
N HIS GC 154 42.54 -36.47 -77.44
CA HIS GC 154 43.59 -35.58 -77.90
C HIS GC 154 43.02 -34.32 -78.55
N PHE GC 155 41.79 -34.39 -79.06
CA PHE GC 155 41.20 -33.31 -79.84
C PHE GC 155 40.70 -32.16 -79.00
N HIS GC 156 41.05 -32.11 -77.71
CA HIS GC 156 40.62 -30.99 -76.86
C HIS GC 156 41.73 -30.51 -75.94
N LYS GC 157 42.96 -31.01 -76.09
CA LYS GC 157 44.10 -30.54 -75.32
C LYS GC 157 44.98 -29.64 -76.17
N SER GC 158 45.76 -28.81 -75.50
CA SER GC 158 46.56 -27.80 -76.17
C SER GC 158 47.81 -28.42 -76.78
N ALA GC 159 48.71 -27.56 -77.27
CA ALA GC 159 49.90 -28.04 -77.94
C ALA GC 159 50.95 -28.52 -76.95
N SER GC 160 51.11 -27.82 -75.83
CA SER GC 160 52.15 -28.18 -74.88
C SER GC 160 51.83 -29.51 -74.18
N ILE GC 161 50.59 -29.68 -73.75
CA ILE GC 161 50.20 -30.93 -73.07
C ILE GC 161 50.30 -32.11 -74.03
N LEU GC 162 49.85 -31.92 -75.28
CA LEU GC 162 49.94 -32.99 -76.26
C LEU GC 162 51.39 -33.32 -76.58
N GLU GC 163 52.25 -32.30 -76.64
CA GLU GC 163 53.68 -32.55 -76.87
C GLU GC 163 54.29 -33.33 -75.72
N PHE GC 164 53.93 -32.98 -74.48
CA PHE GC 164 54.41 -33.72 -73.32
C PHE GC 164 53.98 -35.18 -73.38
N TYR GC 165 52.69 -35.41 -73.66
CA TYR GC 165 52.21 -36.79 -73.71
C TYR GC 165 52.78 -37.55 -74.91
N GLN GC 166 53.12 -36.85 -75.99
CA GLN GC 166 53.76 -37.50 -77.12
C GLN GC 166 55.18 -37.92 -76.78
N GLU GC 167 55.94 -37.03 -76.13
CA GLU GC 167 57.28 -37.38 -75.70
C GLU GC 167 57.26 -38.48 -74.65
N LEU GC 168 56.18 -38.57 -73.87
CA LEU GC 168 56.06 -39.64 -72.88
C LEU GC 168 55.65 -40.96 -73.51
N GLY GC 169 54.77 -40.93 -74.51
CA GLY GC 169 54.28 -42.15 -75.11
C GLY GC 169 52.96 -42.65 -74.57
N LEU GC 170 52.19 -41.81 -73.90
CA LEU GC 170 50.93 -42.18 -73.29
C LEU GC 170 49.83 -41.23 -73.71
N PRO GC 171 48.58 -41.68 -73.72
CA PRO GC 171 47.47 -40.79 -74.03
C PRO GC 171 47.26 -39.77 -72.93
N PRO GC 172 46.64 -38.63 -73.24
CA PRO GC 172 46.46 -37.59 -72.21
C PRO GC 172 45.54 -38.06 -71.10
N LYS GC 173 45.79 -37.54 -69.91
CA LYS GC 173 45.01 -37.84 -68.72
C LYS GC 173 44.16 -36.65 -68.33
N GLN GC 174 43.06 -36.93 -67.62
CA GLN GC 174 42.14 -35.87 -67.25
C GLN GC 174 42.65 -35.08 -66.05
N LYS GC 175 42.85 -35.75 -64.92
CA LYS GC 175 43.31 -35.12 -63.69
C LYS GC 175 44.75 -35.49 -63.44
N VAL GC 176 45.58 -34.48 -63.19
CA VAL GC 176 47.02 -34.66 -62.96
C VAL GC 176 47.31 -34.21 -61.54
N LYS GC 177 47.80 -35.12 -60.70
CA LYS GC 177 48.06 -34.82 -59.31
C LYS GC 177 49.52 -35.08 -58.97
N ILE GC 178 49.93 -34.55 -57.83
CA ILE GC 178 51.30 -34.66 -57.34
C ILE GC 178 51.27 -35.37 -55.99
N PHE GC 179 52.18 -36.33 -55.80
CA PHE GC 179 52.30 -37.08 -54.56
C PHE GC 179 53.70 -36.88 -54.00
N ASN GC 180 53.77 -36.47 -52.73
CA ASN GC 180 55.04 -36.25 -52.06
C ASN GC 180 55.48 -37.56 -51.42
N VAL GC 181 56.52 -38.17 -51.98
CA VAL GC 181 57.05 -39.43 -51.49
C VAL GC 181 58.50 -39.23 -51.10
N THR GC 182 59.05 -40.23 -50.42
CA THR GC 182 60.45 -40.18 -50.02
C THR GC 182 61.35 -40.54 -51.20
N GLU GC 183 62.66 -40.30 -51.02
CA GLU GC 183 63.62 -40.49 -52.09
C GLU GC 183 63.94 -41.96 -52.34
N ASN GC 184 63.40 -42.88 -51.55
CA ASN GC 184 63.67 -44.30 -51.72
C ASN GC 184 62.52 -45.05 -52.38
N ALA GC 185 61.38 -44.40 -52.60
CA ALA GC 185 60.22 -45.02 -53.23
C ALA GC 185 59.93 -44.44 -54.61
N VAL GC 186 60.97 -44.00 -55.31
CA VAL GC 186 60.79 -43.40 -56.64
C VAL GC 186 60.56 -44.49 -57.67
N ILE GC 187 59.73 -44.19 -58.67
CA ILE GC 187 59.43 -45.10 -59.75
C ILE GC 187 59.70 -44.39 -61.07
N LYS GC 188 60.13 -45.17 -62.07
CA LYS GC 188 60.37 -44.61 -63.38
C LYS GC 188 59.06 -44.10 -63.98
N PRO GC 189 59.06 -42.90 -64.56
CA PRO GC 189 57.83 -42.40 -65.19
C PRO GC 189 57.41 -43.27 -66.36
N GLY GC 190 56.10 -43.30 -66.61
CA GLY GC 190 55.53 -44.15 -67.64
C GLY GC 190 55.10 -45.51 -67.16
N THR GC 191 55.17 -45.78 -65.86
CA THR GC 191 54.80 -47.08 -65.30
C THR GC 191 53.33 -47.07 -64.90
N PRO GC 192 52.54 -48.04 -65.34
CA PRO GC 192 51.14 -48.11 -64.90
C PRO GC 192 51.02 -48.63 -63.48
N LEU GC 193 49.90 -48.30 -62.85
CA LEU GC 193 49.62 -48.69 -61.48
C LEU GC 193 48.29 -49.43 -61.43
N TYR GC 194 48.17 -50.36 -60.48
CA TYR GC 194 46.99 -51.19 -60.35
C TYR GC 194 46.36 -51.01 -58.98
N ALA GC 195 45.04 -51.25 -58.92
CA ALA GC 195 44.30 -51.13 -57.67
C ALA GC 195 44.76 -52.13 -56.62
N ALA GC 196 45.55 -53.13 -56.99
CA ALA GC 196 46.16 -54.01 -56.01
C ALA GC 196 47.29 -53.34 -55.25
N HIS GC 197 47.48 -52.03 -55.44
CA HIS GC 197 48.50 -51.29 -54.70
C HIS GC 197 48.25 -51.34 -53.20
N PHE GC 198 46.99 -51.49 -52.79
CA PHE GC 198 46.62 -51.59 -51.39
C PHE GC 198 46.09 -52.98 -51.10
N ARG GC 199 46.25 -53.41 -49.85
CA ARG GC 199 45.83 -54.73 -49.41
C ARG GC 199 44.67 -54.63 -48.44
N PRO GC 200 43.85 -55.69 -48.32
CA PRO GC 200 42.67 -55.62 -47.44
C PRO GC 200 43.07 -55.39 -45.99
N GLY GC 201 42.65 -54.26 -45.45
CA GLY GC 201 42.98 -53.85 -44.10
C GLY GC 201 44.08 -52.82 -44.11
N GLN GC 202 43.69 -51.55 -44.06
CA GLN GC 202 44.61 -50.42 -44.18
C GLN GC 202 43.78 -49.15 -44.04
N TYR GC 203 44.45 -48.05 -43.70
CA TYR GC 203 43.84 -46.74 -43.60
C TYR GC 203 44.45 -45.83 -44.63
N VAL GC 204 43.61 -45.05 -45.32
CA VAL GC 204 44.04 -44.19 -46.42
C VAL GC 204 43.40 -42.82 -46.24
N ASP GC 205 43.82 -41.90 -47.11
CA ASP GC 205 43.26 -40.56 -47.19
C ASP GC 205 42.74 -40.32 -48.60
N VAL GC 206 41.67 -39.54 -48.69
CA VAL GC 206 40.96 -39.32 -49.95
C VAL GC 206 40.81 -37.81 -50.15
N THR GC 207 41.26 -37.33 -51.30
CA THR GC 207 41.19 -35.91 -51.64
C THR GC 207 40.42 -35.75 -52.95
N ALA GC 208 39.52 -34.77 -52.99
CA ALA GC 208 38.76 -34.51 -54.21
C ALA GC 208 37.99 -33.21 -54.07
N LYS GC 209 37.44 -32.75 -55.18
CA LYS GC 209 36.55 -31.59 -55.18
C LYS GC 209 35.14 -32.03 -54.80
N THR GC 210 34.59 -31.45 -53.74
CA THR GC 210 33.27 -31.81 -53.28
C THR GC 210 32.22 -31.30 -54.26
N ILE GC 211 30.96 -31.67 -54.02
CA ILE GC 211 29.87 -31.31 -54.92
C ILE GC 211 29.64 -29.80 -54.81
N GLY GC 212 30.05 -29.07 -55.84
CA GLY GC 212 29.92 -27.63 -55.82
C GLY GC 212 28.48 -27.16 -55.94
N LYS GC 213 27.94 -26.61 -54.86
CA LYS GC 213 26.56 -26.18 -54.81
C LYS GC 213 26.36 -24.73 -55.26
N GLY GC 214 27.42 -24.08 -55.73
CA GLY GC 214 27.30 -22.72 -56.23
C GLY GC 214 27.19 -21.69 -55.12
N PHE GC 215 26.76 -20.49 -55.53
CA PHE GC 215 26.62 -19.36 -54.61
C PHE GC 215 25.37 -19.58 -53.77
N GLN GC 216 25.54 -20.10 -52.56
CA GLN GC 216 24.43 -20.44 -51.69
C GLN GC 216 24.31 -19.44 -50.55
N GLY GC 217 23.14 -19.44 -49.91
CA GLY GC 217 22.90 -18.57 -48.79
C GLY GC 217 23.71 -18.96 -47.57
N VAL GC 218 23.64 -18.10 -46.55
CA VAL GC 218 24.44 -18.31 -45.35
C VAL GC 218 23.92 -19.50 -44.55
N MET GC 219 22.60 -19.71 -44.52
CA MET GC 219 22.05 -20.81 -43.75
C MET GC 219 22.50 -22.16 -44.29
N ARG GC 220 22.68 -22.26 -45.60
CA ARG GC 220 23.19 -23.49 -46.20
C ARG GC 220 24.71 -23.53 -46.24
N ARG GC 221 25.37 -22.38 -46.19
CA ARG GC 221 26.83 -22.36 -46.27
C ARG GC 221 27.45 -22.63 -44.91
N TRP GC 222 27.18 -21.76 -43.92
CA TRP GC 222 27.79 -21.87 -42.61
C TRP GC 222 26.85 -22.48 -41.57
N GLY GC 223 25.56 -22.58 -41.86
CA GLY GC 223 24.62 -23.14 -40.91
C GLY GC 223 24.06 -22.14 -39.92
N PHE GC 224 24.03 -20.86 -40.26
CA PHE GC 224 23.44 -19.87 -39.37
C PHE GC 224 21.93 -20.10 -39.26
N LYS GC 225 21.41 -19.92 -38.05
CA LYS GC 225 19.97 -20.03 -37.86
C LYS GC 225 19.27 -18.79 -38.40
N GLY GC 226 18.07 -19.00 -38.94
CA GLY GC 226 17.26 -17.91 -39.43
C GLY GC 226 16.33 -17.36 -38.36
N GLN GC 227 15.57 -16.34 -38.74
CA GLN GC 227 14.62 -15.73 -37.85
C GLN GC 227 13.30 -16.50 -37.87
N PRO GC 228 12.42 -16.28 -36.90
CA PRO GC 228 11.10 -16.94 -36.94
C PRO GC 228 10.35 -16.64 -38.23
N ALA GC 229 9.37 -17.50 -38.52
CA ALA GC 229 8.75 -17.48 -39.84
C ALA GC 229 7.66 -16.41 -39.95
N THR GC 230 6.75 -16.35 -38.97
CA THR GC 230 5.54 -15.56 -39.16
C THR GC 230 5.13 -14.71 -37.96
N HIS GC 231 6.00 -14.54 -36.96
CA HIS GC 231 5.64 -13.72 -35.81
C HIS GC 231 5.76 -12.23 -36.09
N GLY GC 232 5.88 -11.83 -37.36
CA GLY GC 232 6.00 -10.44 -37.74
C GLY GC 232 7.22 -10.12 -38.57
N GLN GC 233 8.15 -11.05 -38.73
CA GLN GC 233 9.36 -10.79 -39.49
C GLN GC 233 9.03 -10.43 -40.93
N THR GC 234 9.56 -9.30 -41.39
CA THR GC 234 9.30 -8.79 -42.74
C THR GC 234 10.60 -8.85 -43.53
N LYS GC 235 10.63 -9.71 -44.55
CA LYS GC 235 11.78 -9.83 -45.46
C LYS GC 235 13.05 -10.18 -44.69
N THR GC 236 12.93 -11.08 -43.71
CA THR GC 236 14.08 -11.47 -42.90
C THR GC 236 14.09 -12.95 -42.58
N HIS GC 237 13.38 -13.79 -43.34
CA HIS GC 237 13.26 -15.20 -42.98
C HIS GC 237 14.59 -15.96 -43.10
N ARG GC 238 15.55 -15.43 -43.87
CA ARG GC 238 16.83 -16.10 -44.02
C ARG GC 238 18.02 -15.15 -43.99
N ARG GC 239 17.85 -13.92 -43.55
CA ARG GC 239 18.96 -12.98 -43.52
C ARG GC 239 19.97 -13.37 -42.45
N PRO GC 240 21.25 -13.07 -42.67
CA PRO GC 240 22.26 -13.37 -41.63
C PRO GC 240 22.19 -12.46 -40.42
N GLY GC 241 21.47 -11.33 -40.51
CA GLY GC 241 21.40 -10.42 -39.39
C GLY GC 241 22.60 -9.50 -39.33
N ALA GC 242 22.94 -9.07 -38.12
CA ALA GC 242 24.09 -8.20 -37.93
C ALA GC 242 25.37 -8.93 -38.29
N ILE GC 243 26.27 -8.22 -38.98
CA ILE GC 243 27.51 -8.82 -39.47
C ILE GC 243 28.73 -8.38 -38.68
N SER GC 244 28.63 -7.32 -37.88
CA SER GC 244 29.75 -6.84 -37.10
C SER GC 244 29.20 -6.01 -35.95
N THR GC 245 30.07 -5.25 -35.29
CA THR GC 245 29.69 -4.39 -34.18
C THR GC 245 29.69 -2.93 -34.63
N GLY GC 246 29.46 -2.04 -33.67
CA GLY GC 246 29.35 -0.62 -33.98
C GLY GC 246 30.65 0.15 -33.95
N ASP GC 247 31.40 0.02 -32.85
CA ASP GC 247 32.64 0.79 -32.72
C ASP GC 247 33.72 0.34 -33.70
N VAL GC 248 33.61 -0.87 -34.24
CA VAL GC 248 34.62 -1.33 -35.19
C VAL GC 248 34.47 -0.58 -36.52
N ALA GC 249 33.26 -0.14 -36.85
CA ALA GC 249 32.97 0.63 -38.06
C ALA GC 249 33.41 -0.09 -39.34
N ARG GC 250 33.43 -1.41 -39.31
CA ARG GC 250 33.81 -2.22 -40.47
C ARG GC 250 33.43 -3.66 -40.14
N VAL GC 251 33.69 -4.56 -41.09
CA VAL GC 251 33.51 -5.99 -40.87
C VAL GC 251 34.88 -6.65 -40.86
N TRP GC 252 35.00 -7.69 -40.05
CA TRP GC 252 36.27 -8.39 -39.92
C TRP GC 252 36.48 -9.35 -41.08
N PRO GC 253 37.74 -9.57 -41.49
CA PRO GC 253 38.00 -10.43 -42.64
C PRO GC 253 37.48 -11.86 -42.48
N GLY GC 254 37.32 -12.34 -41.25
CA GLY GC 254 36.86 -13.70 -41.05
C GLY GC 254 35.36 -13.81 -40.86
N THR GC 255 34.63 -12.80 -41.33
CA THR GC 255 33.18 -12.80 -41.16
C THR GC 255 32.53 -13.77 -42.14
N LYS GC 256 31.70 -14.68 -41.61
CA LYS GC 256 31.03 -15.66 -42.44
C LYS GC 256 29.89 -14.99 -43.21
N MET GC 257 29.90 -15.15 -44.52
CA MET GC 257 28.94 -14.50 -45.40
C MET GC 257 28.59 -15.44 -46.54
N PRO GC 258 27.46 -15.18 -47.23
CA PRO GC 258 27.11 -16.02 -48.38
C PRO GC 258 28.13 -15.90 -49.50
N GLY GC 259 28.47 -17.03 -50.09
CA GLY GC 259 29.44 -17.04 -51.18
C GLY GC 259 29.48 -18.39 -51.84
N GLN GC 260 30.60 -18.66 -52.52
CA GLN GC 260 30.76 -19.93 -53.20
C GLN GC 260 30.76 -21.07 -52.19
N LEU GC 261 30.14 -22.19 -52.56
CA LEU GC 261 29.98 -23.32 -51.66
C LEU GC 261 30.12 -24.62 -52.45
N GLY GC 262 31.10 -25.44 -52.06
CA GLY GC 262 31.18 -26.79 -52.56
C GLY GC 262 32.37 -27.10 -53.46
N ASN GC 263 32.69 -26.20 -54.38
CA ASN GC 263 33.76 -26.45 -55.35
C ASN GC 263 35.10 -26.07 -54.71
N ILE GC 264 35.62 -27.00 -53.92
CA ILE GC 264 36.89 -26.79 -53.23
C ILE GC 264 37.49 -28.16 -52.94
N ASP GC 265 38.82 -28.23 -52.94
CA ASP GC 265 39.54 -29.49 -52.70
C ASP GC 265 39.50 -29.82 -51.22
N ARG GC 266 38.77 -30.87 -50.86
CA ARG GC 266 38.67 -31.33 -49.49
C ARG GC 266 39.32 -32.71 -49.36
N THR GC 267 39.81 -33.00 -48.16
CA THR GC 267 40.51 -34.24 -47.87
C THR GC 267 39.94 -34.86 -46.60
N ALA GC 268 39.57 -36.15 -46.70
CA ALA GC 268 39.13 -36.94 -45.57
C ALA GC 268 40.25 -37.91 -45.17
N PHE GC 269 40.52 -37.97 -43.88
CA PHE GC 269 41.62 -38.78 -43.34
C PHE GC 269 41.09 -40.04 -42.68
N GLY GC 270 41.93 -41.07 -42.67
CA GLY GC 270 41.67 -42.27 -41.91
C GLY GC 270 40.48 -43.09 -42.36
N LEU GC 271 40.29 -43.26 -43.67
CA LEU GC 271 39.24 -44.11 -44.18
C LEU GC 271 39.80 -45.52 -44.37
N LYS GC 272 39.14 -46.50 -43.76
CA LYS GC 272 39.62 -47.87 -43.82
C LYS GC 272 39.16 -48.54 -45.10
N VAL GC 273 40.04 -49.32 -45.72
CA VAL GC 273 39.73 -50.06 -46.93
C VAL GC 273 39.40 -51.49 -46.56
N TRP GC 274 38.26 -51.99 -47.07
CA TRP GC 274 37.79 -53.33 -46.74
C TRP GC 274 38.11 -54.36 -47.82
N ARG GC 275 37.64 -54.13 -49.05
CA ARG GC 275 37.70 -55.13 -50.10
C ARG GC 275 38.46 -54.59 -51.30
N ILE GC 276 39.26 -55.45 -51.91
CA ILE GC 276 40.08 -55.09 -53.08
C ILE GC 276 39.73 -56.07 -54.20
N ASN GC 277 39.11 -55.57 -55.26
CA ASN GC 277 38.82 -56.37 -56.44
C ASN GC 277 39.95 -56.19 -57.44
N THR GC 278 40.51 -57.32 -57.91
CA THR GC 278 41.65 -57.24 -58.80
C THR GC 278 41.22 -57.22 -60.27
N LYS GC 279 40.14 -57.92 -60.60
CA LYS GC 279 39.72 -58.03 -62.00
C LYS GC 279 39.32 -56.67 -62.56
N HIS GC 280 38.38 -56.00 -61.90
CA HIS GC 280 37.90 -54.71 -62.37
C HIS GC 280 38.62 -53.53 -61.73
N ASN GC 281 39.60 -53.78 -60.87
CA ASN GC 281 40.39 -52.74 -60.21
C ASN GC 281 39.48 -51.79 -59.43
N ILE GC 282 38.81 -52.35 -58.43
CA ILE GC 282 37.88 -51.61 -57.58
C ILE GC 282 38.38 -51.67 -56.14
N ILE GC 283 38.29 -50.55 -55.43
CA ILE GC 283 38.67 -50.45 -54.04
C ILE GC 283 37.44 -50.05 -53.24
N TYR GC 284 37.24 -50.72 -52.10
CA TYR GC 284 36.11 -50.47 -51.21
C TYR GC 284 36.62 -49.65 -50.04
N VAL GC 285 36.32 -48.35 -50.03
CA VAL GC 285 36.79 -47.46 -48.97
C VAL GC 285 35.62 -47.16 -48.03
N ASN GC 286 35.84 -47.34 -46.73
CA ASN GC 286 34.77 -47.13 -45.77
C ASN GC 286 34.44 -45.65 -45.63
N GLY GC 287 33.20 -45.37 -45.25
CA GLY GC 287 32.78 -44.01 -45.00
C GLY GC 287 32.47 -43.24 -46.27
N SER GC 288 32.12 -41.98 -46.08
CA SER GC 288 31.79 -41.10 -47.19
C SER GC 288 33.06 -40.57 -47.85
N VAL GC 289 33.05 -40.53 -49.17
CA VAL GC 289 34.16 -40.04 -49.97
C VAL GC 289 33.76 -38.69 -50.54
N PRO GC 290 34.53 -37.62 -50.29
CA PRO GC 290 34.18 -36.31 -50.85
C PRO GC 290 34.30 -36.33 -52.37
N GLY GC 291 33.26 -35.86 -53.04
CA GLY GC 291 33.24 -35.83 -54.49
C GLY GC 291 32.05 -36.56 -55.06
N HIS GC 292 31.49 -36.02 -56.14
CA HIS GC 292 30.35 -36.64 -56.80
C HIS GC 292 30.77 -37.93 -57.49
N LYS GC 293 29.78 -38.73 -57.85
CA LYS GC 293 30.04 -39.98 -58.53
C LYS GC 293 30.53 -39.73 -59.96
N ASN GC 294 31.33 -40.67 -60.46
CA ASN GC 294 31.97 -40.54 -61.78
C ASN GC 294 32.91 -39.34 -61.82
N CYS GC 295 33.62 -39.11 -60.72
CA CYS GC 295 34.62 -38.06 -60.64
C CYS GC 295 35.96 -38.65 -60.24
N LEU GC 296 37.02 -37.89 -60.49
CA LEU GC 296 38.36 -38.33 -60.13
C LEU GC 296 38.62 -38.07 -58.65
N VAL GC 297 39.31 -39.01 -58.01
CA VAL GC 297 39.57 -38.96 -56.57
C VAL GC 297 41.01 -39.38 -56.33
N LYS GC 298 41.76 -38.55 -55.61
CA LYS GC 298 43.17 -38.81 -55.30
C LYS GC 298 43.24 -39.60 -53.99
N ILE GC 299 43.69 -40.85 -54.09
CA ILE GC 299 43.84 -41.73 -52.93
C ILE GC 299 45.31 -41.75 -52.55
N LYS GC 300 45.57 -41.71 -51.24
CA LYS GC 300 46.94 -41.80 -50.76
C LYS GC 300 46.95 -42.53 -49.43
N ASP GC 301 48.16 -42.84 -48.96
CA ASP GC 301 48.29 -43.48 -47.66
C ASP GC 301 47.93 -42.51 -46.54
N SER GC 302 47.34 -43.03 -45.47
CA SER GC 302 46.88 -42.20 -44.38
C SER GC 302 48.07 -41.60 -43.63
N LYS GC 303 48.17 -40.27 -43.65
CA LYS GC 303 49.23 -39.57 -42.95
C LYS GC 303 48.91 -39.34 -41.48
N LEU GC 304 47.90 -40.02 -40.94
CA LEU GC 304 47.60 -39.89 -39.52
C LEU GC 304 48.72 -40.48 -38.68
N PRO GC 305 48.97 -39.92 -37.49
CA PRO GC 305 50.04 -40.46 -36.65
C PRO GC 305 49.78 -41.86 -36.14
N ALA GC 306 48.52 -42.30 -36.12
CA ALA GC 306 48.21 -43.64 -35.64
C ALA GC 306 48.49 -44.72 -36.69
N TYR GC 307 48.66 -44.35 -37.95
CA TYR GC 307 48.90 -45.28 -39.04
C TYR GC 307 50.06 -44.82 -39.90
N LYS GC 308 51.15 -44.41 -39.25
CA LYS GC 308 52.31 -43.91 -39.98
C LYS GC 308 53.26 -45.03 -40.37
N ASP GC 309 53.29 -46.13 -39.63
CA ASP GC 309 54.20 -47.24 -39.87
C ASP GC 309 53.45 -48.50 -40.28
N PHE GC 310 52.42 -48.34 -41.12
CA PHE GC 310 51.66 -49.48 -41.61
C PHE GC 310 52.11 -49.94 -42.99
N CYS GC 311 53.01 -49.21 -43.64
CA CYS GC 311 53.47 -49.55 -44.99
C CYS GC 311 54.58 -50.61 -44.99
N LYS GC 312 54.74 -51.36 -43.91
CA LYS GC 312 55.83 -52.34 -43.84
C LYS GC 312 55.48 -53.63 -44.56
N ASN GC 313 54.25 -54.14 -44.38
CA ASN GC 313 53.87 -55.39 -44.99
C ASN GC 313 53.39 -55.22 -46.43
N LEU GC 314 53.06 -54.00 -46.84
CA LEU GC 314 52.59 -53.73 -48.19
C LEU GC 314 53.76 -53.68 -49.17
N PRO GC 315 53.50 -53.88 -50.46
CA PRO GC 315 54.56 -53.72 -51.46
C PRO GC 315 55.09 -52.29 -51.45
N PHE GC 316 56.40 -52.16 -51.20
CA PHE GC 316 56.97 -50.82 -50.97
C PHE GC 316 56.91 -49.95 -52.21
N PRO GC 317 57.54 -50.31 -53.34
CA PRO GC 317 57.48 -49.40 -54.51
C PRO GC 317 56.06 -49.28 -55.05
N THR GC 318 55.47 -50.41 -55.44
CA THR GC 318 54.09 -50.49 -55.92
C THR GC 318 53.78 -51.98 -56.10
N TYR GC 319 52.61 -52.26 -56.65
CA TYR GC 319 52.21 -53.63 -56.97
C TYR GC 319 52.70 -53.97 -58.37
N PHE GC 320 53.69 -54.87 -58.45
CA PHE GC 320 54.17 -55.35 -59.74
C PHE GC 320 53.58 -56.72 -60.00
N PRO GC 321 52.62 -56.86 -60.92
CA PRO GC 321 52.05 -58.18 -61.20
C PRO GC 321 53.02 -59.12 -61.89
N ASP GC 322 54.09 -58.61 -62.49
CA ASP GC 322 55.06 -59.44 -63.20
C ASP GC 322 56.14 -59.99 -62.29
N GLY GC 323 56.30 -59.46 -61.08
CA GLY GC 323 57.37 -59.88 -60.21
C GLY GC 323 57.11 -61.16 -59.45
N ASP GC 324 55.87 -61.37 -59.04
CA ASP GC 324 55.51 -62.57 -58.27
C ASP GC 324 55.15 -63.75 -59.16
N GLU GC 325 54.82 -63.51 -60.43
CA GLU GC 325 54.41 -64.57 -61.36
C GLU GC 325 53.21 -65.36 -60.82
N GLU GC 326 52.32 -64.69 -60.10
CA GLU GC 326 51.17 -65.34 -59.51
C GLU GC 326 49.98 -64.39 -59.56
N ALA GC 327 48.82 -64.91 -59.97
CA ALA GC 327 47.62 -64.11 -60.05
C ALA GC 327 46.92 -64.08 -58.70
N LEU GC 328 46.64 -62.86 -58.21
CA LEU GC 328 45.93 -62.71 -56.96
C LEU GC 328 44.47 -63.14 -57.12
N PRO GC 329 43.79 -63.47 -56.02
CA PRO GC 329 42.36 -63.80 -56.11
C PRO GC 329 41.56 -62.64 -56.68
N GLU GC 330 40.33 -62.97 -57.11
CA GLU GC 330 39.47 -61.98 -57.73
C GLU GC 330 39.13 -60.85 -56.75
N ASP GC 331 38.81 -61.20 -55.51
CA ASP GC 331 38.42 -60.23 -54.50
C ASP GC 331 39.21 -60.47 -53.23
N LEU GC 332 40.03 -59.50 -52.84
CA LEU GC 332 40.79 -59.57 -51.60
C LEU GC 332 39.94 -58.97 -50.48
N TYR GC 333 39.42 -59.84 -49.61
CA TYR GC 333 38.56 -59.41 -48.52
C TYR GC 333 39.37 -59.20 -47.24
N ASP GC 334 38.84 -58.33 -46.38
CA ASP GC 334 39.46 -58.09 -45.09
C ASP GC 334 39.14 -59.24 -44.13
N GLU GC 335 39.88 -59.28 -43.03
CA GLU GC 335 39.73 -60.38 -42.07
C GLU GC 335 38.40 -60.33 -41.32
N ASN GC 336 37.59 -59.30 -41.51
CA ASN GC 336 36.30 -59.18 -40.85
C ASN GC 336 35.13 -59.02 -41.79
N VAL GC 337 35.37 -58.81 -43.09
CA VAL GC 337 34.28 -58.60 -44.03
C VAL GC 337 33.53 -59.91 -44.26
N CYS GC 338 32.21 -59.88 -44.09
CA CYS GC 338 31.38 -61.02 -44.42
C CYS GC 338 31.32 -61.18 -45.94
N GLN GC 339 32.05 -62.17 -46.45
CA GLN GC 339 32.15 -62.36 -47.89
C GLN GC 339 30.79 -62.71 -48.48
N PRO GC 340 30.59 -62.44 -49.77
CA PRO GC 340 29.31 -62.81 -50.41
C PRO GC 340 28.97 -64.28 -50.25
N GLY GC 341 29.97 -65.16 -50.40
CA GLY GC 341 29.76 -66.56 -50.09
C GLY GC 341 30.03 -66.83 -48.63
N ALA GC 342 28.97 -66.87 -47.84
CA ALA GC 342 29.09 -67.04 -46.39
C ALA GC 342 28.13 -68.10 -45.91
N PRO GC 343 28.44 -68.77 -44.80
CA PRO GC 343 27.55 -69.82 -44.29
C PRO GC 343 26.38 -69.28 -43.49
N SER GC 344 26.10 -67.98 -43.62
CA SER GC 344 25.04 -67.30 -42.86
C SER GC 344 25.30 -67.44 -41.36
N ILE GC 345 26.40 -66.81 -40.94
CA ILE GC 345 26.89 -66.96 -39.58
C ILE GC 345 25.81 -66.66 -38.56
N THR GC 346 25.80 -67.44 -37.48
CA THR GC 346 24.89 -67.24 -36.36
C THR GC 346 25.70 -67.21 -35.07
N PHE GC 347 25.20 -66.43 -34.11
CA PHE GC 347 25.89 -66.30 -32.84
C PHE GC 347 25.79 -67.59 -32.03
N THR GC 348 26.73 -67.77 -31.12
CA THR GC 348 26.76 -68.96 -30.28
C THR GC 348 26.92 -68.59 -28.82
N PRO HC 45 37.57 105.55 -90.33
CA PRO HC 45 37.31 106.27 -89.09
C PRO HC 45 37.56 105.41 -87.85
N PRO HC 46 38.55 105.78 -87.04
CA PRO HC 46 38.86 105.00 -85.84
C PRO HC 46 37.74 105.10 -84.81
N VAL HC 47 37.23 103.94 -84.39
CA VAL HC 47 36.16 103.85 -83.41
C VAL HC 47 36.76 103.36 -82.10
N LEU HC 48 36.52 104.10 -81.03
CA LEU HC 48 37.05 103.78 -79.71
C LEU HC 48 35.91 103.59 -78.72
N ARG HC 49 36.05 102.61 -77.84
CA ARG HC 49 35.04 102.27 -76.86
C ARG HC 49 35.63 102.45 -75.46
N LYS HC 50 35.01 103.32 -74.67
CA LYS HC 50 35.44 103.61 -73.31
C LYS HC 50 34.52 102.91 -72.32
N CYS HC 51 35.07 102.56 -71.16
CA CYS HC 51 34.29 101.92 -70.11
C CYS HC 51 33.28 102.91 -69.54
N GLU HC 52 32.00 102.52 -69.56
CA GLU HC 52 30.92 103.38 -69.09
C GLU HC 52 30.70 103.27 -67.58
N LEU HC 53 31.51 102.51 -66.88
CA LEU HC 53 31.39 102.35 -65.44
C LEU HC 53 32.71 102.68 -64.77
N PRO HC 54 32.66 103.15 -63.52
CA PRO HC 54 33.90 103.51 -62.83
C PRO HC 54 34.78 102.29 -62.59
N VAL HC 55 36.09 102.49 -62.74
CA VAL HC 55 37.07 101.42 -62.55
C VAL HC 55 37.84 101.70 -61.26
N PRO HC 56 38.43 100.69 -60.63
CA PRO HC 56 39.23 100.94 -59.42
C PRO HC 56 40.50 101.71 -59.73
N ALA HC 57 41.13 102.20 -58.67
CA ALA HC 57 42.32 103.04 -58.84
C ALA HC 57 43.56 102.22 -59.10
N HIS HC 58 43.76 101.13 -58.36
CA HIS HC 58 44.95 100.31 -58.48
C HIS HC 58 44.94 99.41 -59.71
N ARG HC 59 43.93 99.50 -60.56
CA ARG HC 59 43.77 98.61 -61.69
C ARG HC 59 43.33 99.41 -62.91
N ARG HC 60 43.87 99.03 -64.09
CA ARG HC 60 43.53 99.67 -65.36
C ARG HC 60 42.72 98.72 -66.23
N PRO HC 61 41.85 99.25 -67.09
CA PRO HC 61 41.10 98.38 -68.01
C PRO HC 61 42.02 97.72 -69.02
N VAL HC 62 41.50 96.65 -69.62
CA VAL HC 62 42.25 95.85 -70.59
C VAL HC 62 41.80 96.25 -71.99
N GLN HC 63 42.76 96.43 -72.90
CA GLN HC 63 42.44 96.90 -74.24
C GLN HC 63 42.29 95.72 -75.20
N ALA HC 64 41.40 95.90 -76.17
CA ALA HC 64 41.11 94.84 -77.13
C ALA HC 64 40.76 95.45 -78.47
N TRP HC 65 40.82 94.63 -79.52
CA TRP HC 65 40.51 95.08 -80.86
C TRP HC 65 39.02 94.98 -81.16
N ILE HC 66 38.59 95.74 -82.15
CA ILE HC 66 37.21 95.73 -82.64
C ILE HC 66 37.28 95.49 -84.14
N GLU HC 67 36.77 94.34 -84.57
CA GLU HC 67 36.87 93.91 -85.95
C GLU HC 67 35.60 94.26 -86.71
N SER HC 68 35.68 94.14 -88.04
CA SER HC 68 34.55 94.38 -88.92
C SER HC 68 34.22 93.08 -89.65
N LEU HC 69 32.93 92.73 -89.67
CA LEU HC 69 32.47 91.49 -90.28
C LEU HC 69 32.10 91.66 -91.75
N ARG HC 70 32.58 92.71 -92.40
CA ARG HC 70 32.28 92.99 -93.80
C ARG HC 70 33.41 92.66 -94.74
N GLY HC 71 34.66 92.89 -94.32
CA GLY HC 71 35.80 92.61 -95.17
C GLY HC 71 36.73 91.56 -94.60
N TYR HC 72 37.49 90.91 -95.48
CA TYR HC 72 38.42 89.87 -95.03
C TYR HC 72 39.65 90.47 -94.37
N GLU HC 73 40.27 91.46 -95.00
CA GLU HC 73 41.54 91.99 -94.55
C GLU HC 73 41.40 93.14 -93.55
N GLN HC 74 40.19 93.65 -93.33
CA GLN HC 74 40.00 94.76 -92.39
C GLN HC 74 39.57 94.19 -91.04
N GLU HC 75 40.54 93.65 -90.32
CA GLU HC 75 40.30 93.09 -88.99
C GLU HC 75 40.55 94.07 -87.86
N ARG HC 76 41.43 95.07 -88.07
CA ARG HC 76 41.75 96.05 -87.05
C ARG HC 76 41.04 97.36 -87.43
N VAL HC 77 39.84 97.54 -86.88
CA VAL HC 77 39.02 98.70 -87.21
C VAL HC 77 38.80 99.61 -86.01
N GLY HC 78 38.79 99.09 -84.79
CA GLY HC 78 38.57 99.91 -83.63
C GLY HC 78 39.29 99.38 -82.40
N LEU HC 79 39.26 100.18 -81.34
CA LEU HC 79 39.91 99.82 -80.09
C LEU HC 79 38.92 100.00 -78.94
N THR HC 80 38.79 98.99 -78.09
CA THR HC 80 37.86 99.03 -76.98
C THR HC 80 38.60 98.78 -75.67
N GLU HC 81 38.02 99.28 -74.58
CA GLU HC 81 38.51 99.01 -73.23
C GLU HC 81 37.46 98.23 -72.46
N LEU HC 82 37.92 97.24 -71.70
CA LEU HC 82 37.06 96.35 -70.95
C LEU HC 82 37.44 96.40 -69.47
N HIS HC 83 36.42 96.34 -68.61
CA HIS HC 83 36.65 96.43 -67.19
C HIS HC 83 37.47 95.24 -66.68
N PRO HC 84 38.38 95.46 -65.73
CA PRO HC 84 39.20 94.34 -65.25
C PRO HC 84 38.43 93.35 -64.40
N ASP HC 85 37.47 93.81 -63.60
CA ASP HC 85 36.67 92.92 -62.77
C ASP HC 85 35.62 92.16 -63.56
N VAL HC 86 35.61 92.30 -64.89
CA VAL HC 86 34.74 91.52 -65.77
C VAL HC 86 35.54 90.68 -66.74
N PHE HC 87 36.60 91.23 -67.31
CA PHE HC 87 37.42 90.53 -68.30
C PHE HC 87 38.84 90.28 -67.83
N SER HC 88 39.19 90.68 -66.60
CA SER HC 88 40.55 90.47 -66.12
C SER HC 88 40.58 90.02 -64.66
N THR HC 89 39.53 89.33 -64.21
CA THR HC 89 39.55 88.70 -62.89
C THR HC 89 40.51 87.51 -62.89
N ALA HC 90 40.62 86.87 -61.73
CA ALA HC 90 41.45 85.69 -61.64
C ALA HC 90 40.71 84.48 -62.23
N PRO HC 91 41.42 83.61 -62.95
CA PRO HC 91 40.75 82.43 -63.52
C PRO HC 91 40.46 81.36 -62.48
N ARG HC 92 39.18 81.12 -62.21
CA ARG HC 92 38.75 80.16 -61.21
C ARG HC 92 38.15 78.95 -61.91
N LEU HC 93 39.01 77.99 -62.24
CA LEU HC 93 38.55 76.78 -62.91
C LEU HC 93 37.59 75.99 -62.03
N ASP HC 94 37.72 76.11 -60.71
CA ASP HC 94 36.77 75.47 -59.81
C ASP HC 94 35.35 76.00 -60.04
N ILE HC 95 35.21 77.32 -60.07
CA ILE HC 95 33.88 77.90 -60.29
C ILE HC 95 33.41 77.65 -61.71
N LEU HC 96 34.33 77.62 -62.69
CA LEU HC 96 33.94 77.24 -64.04
C LEU HC 96 33.34 75.84 -64.06
N HIS HC 97 34.01 74.89 -63.43
CA HIS HC 97 33.52 73.51 -63.37
C HIS HC 97 32.18 73.44 -62.65
N GLN HC 98 32.03 74.20 -61.55
CA GLN HC 98 30.77 74.18 -60.81
C GLN HC 98 29.63 74.74 -61.64
N VAL HC 99 29.86 75.84 -62.35
CA VAL HC 99 28.81 76.42 -63.17
C VAL HC 99 28.46 75.50 -64.33
N ALA HC 100 29.46 74.82 -64.92
CA ALA HC 100 29.18 73.88 -65.98
C ALA HC 100 28.35 72.70 -65.47
N ILE HC 101 28.71 72.16 -64.30
CA ILE HC 101 27.94 71.07 -63.71
C ILE HC 101 26.52 71.53 -63.42
N TRP HC 102 26.35 72.77 -62.95
CA TRP HC 102 25.01 73.27 -62.67
C TRP HC 102 24.19 73.37 -63.95
N GLN HC 103 24.74 74.01 -64.99
CA GLN HC 103 24.02 74.14 -66.25
C GLN HC 103 23.71 72.79 -66.86
N LYS HC 104 24.51 71.76 -66.59
CA LYS HC 104 24.23 70.44 -67.14
C LYS HC 104 23.19 69.68 -66.32
N ASN HC 105 23.17 69.85 -65.00
CA ASN HC 105 22.34 69.01 -64.15
C ASN HC 105 21.00 69.63 -63.80
N PHE HC 106 20.94 70.94 -63.54
CA PHE HC 106 19.73 71.54 -62.99
C PHE HC 106 18.52 71.39 -63.90
N LYS HC 107 18.72 71.13 -65.19
CA LYS HC 107 17.61 70.90 -66.11
C LYS HC 107 17.24 69.43 -66.27
N ARG HC 108 18.00 68.53 -65.66
CA ARG HC 108 17.78 67.11 -65.87
C ARG HC 108 16.63 66.60 -65.02
N ILE HC 109 15.78 65.77 -65.63
CA ILE HC 109 14.73 65.05 -64.92
C ILE HC 109 14.78 63.60 -65.40
N SER HC 110 15.30 62.71 -64.57
CA SER HC 110 15.51 61.32 -64.96
C SER HC 110 14.17 60.59 -65.01
N TYR HC 111 13.77 60.14 -66.19
CA TYR HC 111 12.52 59.39 -66.37
C TYR HC 111 12.79 57.88 -66.26
N ALA HC 112 13.18 57.46 -65.06
CA ALA HC 112 13.51 56.06 -64.80
C ALA HC 112 12.70 55.59 -63.59
N LYS HC 113 11.75 54.71 -63.82
CA LYS HC 113 10.94 54.13 -62.74
C LYS HC 113 10.73 52.65 -63.04
N THR HC 114 11.24 51.80 -62.16
CA THR HC 114 11.02 50.36 -62.24
C THR HC 114 10.02 49.94 -61.19
N LYS HC 115 9.41 48.78 -61.41
CA LYS HC 115 8.37 48.27 -60.54
C LYS HC 115 8.97 47.42 -59.44
N THR HC 116 8.74 47.80 -58.19
CA THR HC 116 9.18 47.00 -57.06
C THR HC 116 8.29 45.78 -56.91
N ARG HC 117 8.58 44.97 -55.89
CA ARG HC 117 7.80 43.76 -55.67
C ARG HC 117 6.34 44.06 -55.31
N ALA HC 118 6.06 45.27 -54.84
CA ALA HC 118 4.69 45.65 -54.47
C ALA HC 118 3.87 46.14 -55.65
N GLU HC 119 4.49 46.38 -56.80
CA GLU HC 119 3.80 46.91 -57.97
C GLU HC 119 3.66 45.90 -59.10
N VAL HC 120 4.10 44.66 -58.89
CA VAL HC 120 3.94 43.64 -59.92
C VAL HC 120 2.47 43.23 -60.02
N ARG HC 121 2.13 42.61 -61.15
CA ARG HC 121 0.74 42.22 -61.40
C ARG HC 121 0.29 41.14 -60.42
N GLY HC 122 0.96 40.00 -60.44
CA GLY HC 122 0.59 38.87 -59.60
C GLY HC 122 1.34 38.85 -58.28
N GLY HC 123 1.58 37.65 -57.78
CA GLY HC 123 2.32 37.48 -56.54
C GLY HC 123 1.52 37.83 -55.31
N GLY HC 124 0.47 37.06 -55.03
CA GLY HC 124 -0.39 37.35 -53.91
C GLY HC 124 -0.31 36.33 -52.79
N ARG HC 125 -0.05 35.08 -53.13
CA ARG HC 125 -0.05 33.99 -52.15
C ARG HC 125 1.31 33.33 -52.11
N LYS HC 126 1.48 32.45 -51.13
CA LYS HC 126 2.68 31.65 -50.99
C LYS HC 126 2.69 30.55 -52.05
N PRO HC 127 3.83 30.32 -52.73
CA PRO HC 127 3.84 29.30 -53.78
C PRO HC 127 3.67 27.90 -53.24
N TRP HC 128 4.14 27.62 -52.02
CA TRP HC 128 3.96 26.33 -51.39
C TRP HC 128 4.06 26.50 -49.88
N VAL HC 129 3.67 25.45 -49.16
CA VAL HC 129 3.69 25.49 -47.71
C VAL HC 129 5.14 25.59 -47.21
N GLN HC 130 5.28 26.02 -45.95
CA GLN HC 130 6.59 26.29 -45.39
C GLN HC 130 7.45 25.03 -45.32
N LYS HC 131 6.99 24.03 -44.59
CA LYS HC 131 7.76 22.81 -44.36
C LYS HC 131 7.30 21.68 -45.26
N GLY HC 132 8.18 20.68 -45.42
CA GLY HC 132 7.88 19.49 -46.17
C GLY HC 132 8.15 19.58 -47.66
N SER HC 133 8.16 20.79 -48.22
CA SER HC 133 8.39 20.93 -49.65
C SER HC 133 9.81 20.55 -50.05
N GLY HC 134 10.74 20.54 -49.10
CA GLY HC 134 12.12 20.20 -49.39
C GLY HC 134 12.90 21.25 -50.13
N ARG HC 135 12.25 22.26 -50.71
CA ARG HC 135 12.91 23.33 -51.43
C ARG HC 135 13.01 24.57 -50.55
N ALA HC 136 13.54 25.64 -51.13
CA ALA HC 136 13.72 26.88 -50.39
C ALA HC 136 12.37 27.48 -50.00
N ARG HC 137 12.40 28.34 -48.99
CA ARG HC 137 11.19 29.01 -48.52
C ARG HC 137 11.03 30.36 -49.21
N HIS HC 138 9.80 30.65 -49.60
CA HIS HC 138 9.50 31.89 -50.31
C HIS HC 138 8.16 32.43 -49.84
N GLY HC 139 7.98 33.74 -50.06
CA GLY HC 139 6.72 34.40 -49.76
C GLY HC 139 5.96 34.75 -51.02
N SER HC 140 6.05 36.01 -51.44
CA SER HC 140 5.48 36.40 -52.72
C SER HC 140 6.38 35.92 -53.85
N ILE HC 141 5.76 35.40 -54.91
CA ILE HC 141 6.50 34.81 -56.02
C ILE HC 141 7.17 35.90 -56.84
N ARG HC 142 6.85 37.16 -56.54
CA ARG HC 142 7.47 38.31 -57.20
C ARG HC 142 8.63 38.88 -56.40
N SER HC 143 9.25 38.07 -55.54
CA SER HC 143 10.37 38.53 -54.76
C SER HC 143 11.54 38.90 -55.68
N PRO HC 144 12.44 39.77 -55.22
CA PRO HC 144 13.62 40.09 -56.05
C PRO HC 144 14.54 38.91 -56.30
N ILE HC 145 14.30 37.77 -55.66
CA ILE HC 145 15.11 36.59 -55.91
C ILE HC 145 14.57 35.79 -57.08
N TRP HC 146 13.26 35.77 -57.27
CA TRP HC 146 12.65 35.02 -58.36
C TRP HC 146 13.02 35.63 -59.70
N ARG HC 147 12.60 34.94 -60.77
CA ARG HC 147 12.93 35.39 -62.12
C ARG HC 147 12.11 36.62 -62.50
N GLY HC 148 10.79 36.48 -62.55
CA GLY HC 148 9.92 37.56 -62.98
C GLY HC 148 9.56 38.53 -61.86
N GLY HC 149 10.44 38.63 -60.85
CA GLY HC 149 10.18 39.51 -59.74
C GLY HC 149 10.71 40.92 -59.98
N GLY HC 150 10.23 41.84 -59.15
CA GLY HC 150 10.62 43.23 -59.27
C GLY HC 150 12.06 43.46 -58.84
N VAL HC 151 12.48 44.71 -58.97
CA VAL HC 151 13.82 45.12 -58.58
C VAL HC 151 13.83 45.49 -57.11
N ALA HC 152 14.93 45.20 -56.43
CA ALA HC 152 15.04 45.51 -55.00
C ALA HC 152 14.92 47.01 -54.76
N HIS HC 153 15.86 47.79 -55.31
CA HIS HC 153 15.83 49.24 -55.19
C HIS HC 153 15.58 49.92 -56.52
N GLY HC 154 16.45 49.71 -57.50
CA GLY HC 154 16.31 50.29 -58.82
C GLY HC 154 16.14 51.81 -58.81
N PRO HC 155 15.82 52.38 -59.97
CA PRO HC 155 15.40 53.78 -60.00
C PRO HC 155 13.93 53.91 -59.70
N ARG HC 156 13.58 54.89 -58.88
CA ARG HC 156 12.22 55.07 -58.40
C ARG HC 156 11.68 56.42 -58.85
N GLY HC 157 10.71 56.39 -59.76
CA GLY HC 157 9.99 57.57 -60.16
C GLY HC 157 10.84 58.57 -60.91
N PRO HC 158 10.21 59.64 -61.41
CA PRO HC 158 10.96 60.72 -62.05
C PRO HC 158 11.80 61.46 -61.02
N THR HC 159 13.12 61.45 -61.22
CA THR HC 159 14.06 62.11 -60.32
C THR HC 159 14.35 63.50 -60.86
N SER HC 160 14.14 64.52 -60.03
CA SER HC 160 14.30 65.91 -60.43
C SER HC 160 15.61 66.43 -59.84
N TYR HC 161 16.68 66.34 -60.62
CA TYR HC 161 17.97 66.91 -60.23
C TYR HC 161 17.89 68.42 -60.41
N TYR HC 162 17.51 69.12 -59.34
CA TYR HC 162 17.29 70.56 -59.41
C TYR HC 162 17.96 71.21 -58.21
N TYR HC 163 18.98 72.03 -58.48
CA TYR HC 163 19.63 72.81 -57.43
C TYR HC 163 20.12 74.11 -58.04
N MET HC 164 20.15 75.16 -57.22
CA MET HC 164 20.46 76.51 -57.68
C MET HC 164 21.72 77.01 -56.99
N LEU HC 165 22.79 77.20 -57.76
CA LEU HC 165 23.97 77.84 -57.23
C LEU HC 165 23.66 79.31 -56.92
N PRO HC 166 24.38 79.91 -55.97
CA PRO HC 166 24.12 81.32 -55.64
C PRO HC 166 24.43 82.25 -56.81
N MET HC 167 23.73 83.39 -56.81
CA MET HC 167 23.86 84.35 -57.88
C MET HC 167 25.27 84.92 -57.95
N LYS HC 168 25.89 85.16 -56.80
CA LYS HC 168 27.24 85.68 -56.77
C LYS HC 168 28.29 84.65 -57.17
N VAL HC 169 27.91 83.37 -57.25
CA VAL HC 169 28.79 82.36 -57.82
C VAL HC 169 28.57 82.23 -59.32
N ARG HC 170 27.31 82.31 -59.78
CA ARG HC 170 27.06 82.26 -61.22
C ARG HC 170 27.67 83.48 -61.93
N VAL HC 171 27.56 84.65 -61.32
CA VAL HC 171 28.17 85.85 -61.90
C VAL HC 171 29.69 85.72 -61.93
N GLN HC 172 30.27 85.17 -60.87
CA GLN HC 172 31.72 84.95 -60.84
C GLN HC 172 32.13 83.98 -61.93
N GLY HC 173 31.33 82.94 -62.16
CA GLY HC 173 31.64 82.00 -63.23
C GLY HC 173 31.59 82.63 -64.60
N LEU HC 174 30.58 83.47 -64.84
CA LEU HC 174 30.51 84.20 -66.11
C LEU HC 174 31.72 85.11 -66.27
N LYS HC 175 32.11 85.81 -65.21
CA LYS HC 175 33.30 86.66 -65.25
C LYS HC 175 34.54 85.86 -65.61
N VAL HC 176 34.73 84.71 -64.96
CA VAL HC 176 35.92 83.90 -65.21
C VAL HC 176 35.92 83.35 -66.63
N ALA HC 177 34.75 82.94 -67.12
CA ALA HC 177 34.66 82.43 -68.49
C ALA HC 177 35.04 83.50 -69.49
N LEU HC 178 34.48 84.71 -69.33
CA LEU HC 178 34.84 85.81 -70.22
C LEU HC 178 36.33 86.12 -70.12
N THR HC 179 36.88 86.12 -68.91
CA THR HC 179 38.28 86.44 -68.72
C THR HC 179 39.19 85.44 -69.42
N VAL HC 180 38.90 84.14 -69.26
CA VAL HC 180 39.77 83.14 -69.88
C VAL HC 180 39.59 83.13 -71.39
N LYS HC 181 38.37 83.37 -71.89
CA LYS HC 181 38.18 83.42 -73.34
C LYS HC 181 38.85 84.63 -73.95
N LEU HC 182 38.99 85.72 -73.19
CA LEU HC 182 39.74 86.87 -73.69
C LEU HC 182 41.24 86.64 -73.59
N ALA HC 183 41.69 85.96 -72.53
CA ALA HC 183 43.12 85.78 -72.31
C ALA HC 183 43.71 84.74 -73.24
N GLN HC 184 42.93 83.73 -73.65
CA GLN HC 184 43.42 82.71 -74.56
C GLN HC 184 43.30 83.12 -76.02
N ASP HC 185 43.10 84.42 -76.29
CA ASP HC 185 43.01 84.94 -77.66
C ASP HC 185 41.90 84.23 -78.45
N ASP HC 186 40.78 83.95 -77.76
CA ASP HC 186 39.63 83.30 -78.39
C ASP HC 186 38.39 84.18 -78.31
N LEU HC 187 38.56 85.46 -78.03
CA LEU HC 187 37.47 86.42 -77.94
C LEU HC 187 37.73 87.57 -78.89
N HIS HC 188 36.69 87.98 -79.62
CA HIS HC 188 36.81 89.07 -80.58
C HIS HC 188 35.59 89.97 -80.50
N ILE HC 189 35.77 91.24 -80.84
CA ILE HC 189 34.72 92.25 -80.79
C ILE HC 189 34.43 92.68 -82.22
N VAL HC 190 33.16 92.59 -82.61
CA VAL HC 190 32.70 92.99 -83.93
C VAL HC 190 31.59 94.03 -83.76
N ASP HC 191 31.66 95.10 -84.55
CA ASP HC 191 30.73 96.21 -84.43
C ASP HC 191 29.55 96.02 -85.38
N SER HC 192 28.34 96.16 -84.85
CA SER HC 192 27.09 96.22 -85.59
C SER HC 192 26.71 94.91 -86.27
N LEU HC 193 27.60 93.91 -86.20
CA LEU HC 193 27.34 92.56 -86.72
C LEU HC 193 26.72 92.60 -88.12
N GLU HC 194 27.42 93.22 -89.05
CA GLU HC 194 26.95 93.37 -90.41
C GLU HC 194 27.63 92.37 -91.33
N LEU HC 195 26.88 91.85 -92.30
CA LEU HC 195 27.39 90.91 -93.29
C LEU HC 195 27.06 91.43 -94.67
N PRO HC 196 28.02 91.45 -95.60
CA PRO HC 196 27.71 91.89 -96.97
C PRO HC 196 26.72 90.98 -97.68
N THR HC 197 26.67 89.70 -97.30
CA THR HC 197 25.75 88.75 -97.93
C THR HC 197 25.37 87.70 -96.92
N ALA HC 198 24.23 87.05 -97.18
CA ALA HC 198 23.74 85.96 -96.34
C ALA HC 198 24.31 84.62 -96.76
N ASP HC 199 25.42 84.61 -97.49
CA ASP HC 199 26.04 83.37 -97.94
C ASP HC 199 26.62 82.62 -96.75
N PRO HC 200 26.23 81.36 -96.52
CA PRO HC 200 26.82 80.62 -95.39
C PRO HC 200 28.30 80.34 -95.57
N GLN HC 201 28.77 80.14 -96.80
CA GLN HC 201 30.19 79.90 -97.04
C GLN HC 201 31.03 81.14 -96.74
N TYR HC 202 30.43 82.33 -96.78
CA TYR HC 202 31.17 83.55 -96.50
C TYR HC 202 31.72 83.54 -95.08
N LEU HC 203 30.88 83.15 -94.11
CA LEU HC 203 31.33 83.10 -92.72
C LEU HC 203 32.42 82.05 -92.53
N ILE HC 204 32.29 80.89 -93.18
CA ILE HC 204 33.31 79.85 -93.07
C ILE HC 204 34.64 80.35 -93.61
N GLU HC 205 34.61 81.01 -94.78
CA GLU HC 205 35.83 81.52 -95.37
C GLU HC 205 36.44 82.63 -94.52
N LEU HC 206 35.60 83.48 -93.93
CA LEU HC 206 36.10 84.55 -93.07
C LEU HC 206 36.77 83.97 -91.83
N ALA HC 207 36.15 82.96 -91.21
CA ALA HC 207 36.76 82.34 -90.03
C ALA HC 207 38.05 81.62 -90.39
N ARG HC 208 38.09 80.96 -91.55
CA ARG HC 208 39.31 80.29 -91.97
C ARG HC 208 40.42 81.29 -92.24
N TYR HC 209 40.07 82.47 -92.77
CA TYR HC 209 41.08 83.47 -93.05
C TYR HC 209 41.59 84.12 -91.76
N ARG HC 210 40.69 84.44 -90.84
CA ARG HC 210 41.09 85.09 -89.60
C ARG HC 210 41.59 84.12 -88.54
N ARG HC 211 41.56 82.82 -88.82
CA ARG HC 211 42.10 81.79 -87.91
C ARG HC 211 41.43 81.87 -86.53
N TRP HC 212 40.10 81.80 -86.55
CA TRP HC 212 39.32 81.79 -85.31
C TRP HC 212 39.20 80.40 -84.71
N GLY HC 213 39.15 79.37 -85.53
CA GLY HC 213 39.02 78.01 -85.02
C GLY HC 213 37.89 77.25 -85.67
N ASP HC 214 37.36 76.26 -84.95
CA ASP HC 214 36.29 75.42 -85.49
C ASP HC 214 34.91 75.98 -85.21
N SER HC 215 34.58 76.20 -83.94
CA SER HC 215 33.27 76.68 -83.54
C SER HC 215 33.33 78.15 -83.18
N VAL HC 216 32.27 78.88 -83.52
CA VAL HC 216 32.17 80.31 -83.26
C VAL HC 216 30.78 80.62 -82.72
N LEU HC 217 30.75 81.41 -81.65
CA LEU HC 217 29.52 81.83 -80.99
C LEU HC 217 29.42 83.35 -81.10
N LEU HC 218 28.54 83.82 -81.98
CA LEU HC 218 28.25 85.24 -82.11
C LEU HC 218 27.15 85.61 -81.12
N VAL HC 219 27.31 86.77 -80.48
CA VAL HC 219 26.33 87.25 -79.51
C VAL HC 219 25.80 88.59 -79.99
N ASP HC 220 24.49 88.67 -80.17
CA ASP HC 220 23.83 89.90 -80.58
C ASP HC 220 23.11 90.53 -79.39
N LEU HC 221 22.72 91.79 -79.54
CA LEU HC 221 22.10 92.52 -78.44
C LEU HC 221 20.68 92.03 -78.19
N GLU HC 222 19.81 92.14 -79.18
CA GLU HC 222 18.42 91.72 -79.06
C GLU HC 222 18.10 90.66 -80.10
N HIS HC 223 16.96 90.00 -79.91
CA HIS HC 223 16.54 88.94 -80.82
C HIS HC 223 15.90 89.50 -82.08
N GLU HC 224 14.90 90.37 -81.94
CA GLU HC 224 14.27 90.99 -83.10
C GLU HC 224 15.18 92.00 -83.80
N ASP HC 225 16.31 92.36 -83.18
CA ASP HC 225 17.25 93.32 -83.75
C ASP HC 225 18.41 92.64 -84.48
N MET HC 226 18.27 91.36 -84.82
CA MET HC 226 19.32 90.67 -85.56
C MET HC 226 19.16 90.90 -87.05
N PRO HC 227 20.24 91.22 -87.76
CA PRO HC 227 20.14 91.45 -89.20
C PRO HC 227 19.81 90.18 -89.96
N GLN HC 228 18.97 90.33 -90.98
CA GLN HC 228 18.49 89.18 -91.74
C GLN HC 228 19.63 88.44 -92.44
N ASN HC 229 20.66 89.17 -92.87
CA ASN HC 229 21.80 88.51 -93.51
C ASN HC 229 22.47 87.54 -92.55
N VAL HC 230 22.79 88.01 -91.35
CA VAL HC 230 23.44 87.14 -90.37
C VAL HC 230 22.51 86.01 -89.95
N VAL HC 231 21.21 86.31 -89.84
CA VAL HC 231 20.24 85.28 -89.46
C VAL HC 231 20.23 84.15 -90.48
N ALA HC 232 20.12 84.50 -91.76
CA ALA HC 232 20.09 83.49 -92.80
C ALA HC 232 21.42 82.78 -92.96
N ALA HC 233 22.53 83.48 -92.66
CA ALA HC 233 23.84 82.84 -92.77
C ALA HC 233 24.06 81.84 -91.64
N THR HC 234 23.54 82.12 -90.45
CA THR HC 234 23.73 81.25 -89.30
C THR HC 234 22.67 80.15 -89.18
N SER HC 235 21.52 80.32 -89.82
CA SER HC 235 20.48 79.30 -89.73
C SER HC 235 20.79 78.06 -90.56
N GLY HC 236 21.92 78.03 -91.26
CA GLY HC 236 22.26 76.87 -92.07
C GLY HC 236 23.60 76.26 -91.70
N LEU HC 237 24.27 76.84 -90.71
CA LEU HC 237 25.56 76.38 -90.26
C LEU HC 237 25.43 75.68 -88.90
N LYS HC 238 26.36 74.77 -88.63
CA LYS HC 238 26.40 74.05 -87.37
C LYS HC 238 27.45 74.61 -86.40
N THR HC 239 28.69 74.76 -86.87
CA THR HC 239 29.76 75.22 -85.99
C THR HC 239 29.63 76.69 -85.62
N PHE HC 240 28.82 77.46 -86.36
CA PHE HC 240 28.59 78.86 -86.07
C PHE HC 240 27.19 79.03 -85.50
N ASN HC 241 27.09 79.75 -84.39
CA ASN HC 241 25.81 79.90 -83.70
C ASN HC 241 25.64 81.33 -83.22
N LEU HC 242 24.51 81.95 -83.58
CA LEU HC 242 24.18 83.30 -83.16
C LEU HC 242 23.14 83.25 -82.06
N VAL HC 243 23.45 83.87 -80.93
CA VAL HC 243 22.55 83.89 -79.78
C VAL HC 243 22.36 85.32 -79.31
N PRO HC 244 21.23 85.66 -78.68
CA PRO HC 244 21.06 87.02 -78.14
C PRO HC 244 21.92 87.27 -76.92
N ALA HC 245 21.82 88.49 -76.35
CA ALA HC 245 22.62 88.81 -75.19
C ALA HC 245 22.18 88.04 -73.95
N VAL HC 246 20.88 87.80 -73.81
CA VAL HC 246 20.37 87.05 -72.66
C VAL HC 246 20.61 85.56 -72.78
N GLY HC 247 21.23 85.10 -73.86
CA GLY HC 247 21.47 83.69 -74.06
C GLY HC 247 22.93 83.29 -73.89
N LEU HC 248 23.68 84.08 -73.13
CA LEU HC 248 25.07 83.76 -72.87
C LEU HC 248 25.18 82.81 -71.69
N ASN HC 249 26.05 81.81 -71.81
CA ASN HC 249 26.20 80.79 -70.79
C ASN HC 249 27.60 80.20 -70.84
N VAL HC 250 28.09 79.79 -69.68
CA VAL HC 250 29.44 79.23 -69.59
C VAL HC 250 29.52 77.94 -70.39
N HIS HC 251 28.44 77.15 -70.40
CA HIS HC 251 28.44 75.91 -71.17
C HIS HC 251 28.66 76.18 -72.65
N SER HC 252 27.92 77.13 -73.21
CA SER HC 252 28.09 77.44 -74.63
C SER HC 252 29.42 78.10 -74.90
N MET HC 253 29.90 78.93 -73.97
CA MET HC 253 31.19 79.59 -74.16
C MET HC 253 32.34 78.59 -74.15
N LEU HC 254 32.22 77.52 -73.37
CA LEU HC 254 33.25 76.49 -73.38
C LEU HC 254 33.06 75.51 -74.54
N LYS HC 255 31.82 75.33 -75.00
CA LYS HC 255 31.58 74.47 -76.16
C LYS HC 255 32.13 75.10 -77.43
N HIS HC 256 31.92 76.40 -77.61
CA HIS HC 256 32.39 77.11 -78.80
C HIS HC 256 33.82 77.61 -78.56
N GLN HC 257 34.70 77.37 -79.53
CA GLN HC 257 36.10 77.71 -79.34
C GLN HC 257 36.34 79.21 -79.49
N THR HC 258 35.55 79.89 -80.30
CA THR HC 258 35.71 81.32 -80.53
C THR HC 258 34.43 82.05 -80.11
N LEU HC 259 34.59 83.21 -79.49
CA LEU HC 259 33.47 84.03 -79.05
C LEU HC 259 33.55 85.39 -79.74
N VAL HC 260 32.40 85.89 -80.17
CA VAL HC 260 32.30 87.16 -80.87
C VAL HC 260 31.24 88.00 -80.17
N LEU HC 261 31.61 89.21 -79.77
CA LEU HC 261 30.73 90.11 -79.03
C LEU HC 261 30.59 91.43 -79.76
N THR HC 262 29.42 92.04 -79.66
CA THR HC 262 29.20 93.38 -80.18
C THR HC 262 29.50 94.41 -79.10
N LEU HC 263 29.68 95.67 -79.52
CA LEU HC 263 29.97 96.73 -78.56
C LEU HC 263 28.80 96.98 -77.60
N PRO HC 264 27.56 97.15 -78.06
CA PRO HC 264 26.45 97.29 -77.10
C PRO HC 264 26.26 96.05 -76.26
N THR HC 265 26.51 94.86 -76.80
CA THR HC 265 26.43 93.64 -76.00
C THR HC 265 27.47 93.64 -74.90
N VAL HC 266 28.70 94.10 -75.20
CA VAL HC 266 29.74 94.18 -74.18
C VAL HC 266 29.36 95.19 -73.11
N ALA HC 267 28.82 96.35 -73.52
CA ALA HC 267 28.40 97.35 -72.55
C ALA HC 267 27.30 96.79 -71.65
N PHE HC 268 26.34 96.08 -72.23
CA PHE HC 268 25.25 95.51 -71.43
C PHE HC 268 25.77 94.45 -70.46
N LEU HC 269 26.65 93.58 -70.95
CA LEU HC 269 27.22 92.56 -70.07
C LEU HC 269 28.00 93.18 -68.92
N GLU HC 270 28.78 94.21 -69.21
CA GLU HC 270 29.56 94.87 -68.16
C GLU HC 270 28.63 95.53 -67.14
N GLU HC 271 27.60 96.22 -67.61
CA GLU HC 271 26.66 96.86 -66.70
C GLU HC 271 25.94 95.83 -65.83
N LYS HC 272 25.61 94.67 -66.41
CA LYS HC 272 24.90 93.65 -65.64
C LYS HC 272 25.81 92.94 -64.65
N LEU HC 273 27.09 92.74 -65.00
CA LEU HC 273 27.97 92.01 -64.11
C LEU HC 273 28.56 92.89 -63.01
N LEU HC 274 28.86 94.15 -63.30
CA LEU HC 274 29.41 95.04 -62.27
C LEU HC 274 28.36 95.53 -61.28
N TRP HC 275 27.09 95.20 -61.50
CA TRP HC 275 26.06 95.62 -60.56
C TRP HC 275 26.01 94.72 -59.33
N HIS HC 276 26.40 93.46 -59.46
CA HIS HC 276 26.35 92.53 -58.33
C HIS HC 276 27.51 92.68 -57.37
N ASN HC 277 28.54 93.45 -57.72
CA ASN HC 277 29.67 93.64 -56.83
C ASN HC 277 29.37 94.63 -55.72
N SER HC 278 28.40 95.51 -55.91
CA SER HC 278 28.03 96.53 -54.92
C SER HC 278 26.53 96.60 -54.75
N ARG HC 279 25.89 95.44 -54.59
CA ARG HC 279 24.45 95.36 -54.41
C ARG HC 279 24.13 94.76 -53.05
N TYR HC 280 22.94 95.08 -52.56
CA TYR HC 280 22.45 94.53 -51.31
C TYR HC 280 21.80 93.16 -51.54
N THR HC 281 21.44 92.51 -50.44
CA THR HC 281 20.69 91.27 -50.53
C THR HC 281 19.21 91.57 -50.73
N PRO HC 282 18.55 90.92 -51.68
CA PRO HC 282 17.15 91.24 -51.96
C PRO HC 282 16.20 90.83 -50.85
N LEU HC 283 15.59 91.81 -50.19
CA LEU HC 283 14.51 91.50 -49.25
C LEU HC 283 13.35 90.83 -49.97
N TYR HC 284 12.93 91.40 -51.08
CA TYR HC 284 12.01 90.80 -52.02
C TYR HC 284 12.69 90.66 -53.38
N PRO HC 285 12.29 89.69 -54.20
CA PRO HC 285 12.99 89.46 -55.47
C PRO HC 285 13.03 90.70 -56.35
N PHE HC 286 14.08 90.77 -57.17
CA PHE HC 286 14.35 91.96 -57.98
C PHE HC 286 13.31 92.20 -59.06
N ARG HC 287 12.41 91.24 -59.30
CA ARG HC 287 11.34 91.46 -60.27
C ARG HC 287 10.38 92.56 -59.82
N LEU HC 288 10.33 92.85 -58.53
CA LEU HC 288 9.48 93.88 -57.97
C LEU HC 288 10.18 95.23 -58.03
N PRO HC 289 9.43 96.33 -58.05
CA PRO HC 289 10.05 97.65 -58.18
C PRO HC 289 10.92 97.99 -56.98
N TYR HC 290 12.14 98.44 -57.26
CA TYR HC 290 13.08 98.90 -56.26
C TYR HC 290 13.29 100.40 -56.39
N CYS HC 291 14.18 100.95 -55.56
CA CYS HC 291 14.43 102.38 -55.58
C CYS HC 291 15.18 102.80 -56.84
N ASP HC 292 16.38 102.27 -57.04
CA ASP HC 292 17.18 102.59 -58.21
C ASP HC 292 17.21 101.48 -59.25
N PHE HC 293 16.58 100.34 -58.97
CA PHE HC 293 16.57 99.24 -59.92
C PHE HC 293 15.23 99.16 -60.64
N PRO HC 294 15.23 98.93 -61.96
CA PRO HC 294 14.01 98.82 -62.77
C PRO HC 294 13.07 97.73 -62.26
N THR IC 53 -34.72 63.57 -29.95
CA THR IC 53 -33.51 64.16 -30.52
C THR IC 53 -32.36 64.12 -29.51
N VAL IC 54 -31.22 63.59 -29.96
CA VAL IC 54 -30.03 63.47 -29.13
C VAL IC 54 -29.04 64.55 -29.53
N ILE IC 55 -28.22 64.97 -28.58
CA ILE IC 55 -27.21 66.00 -28.80
C ILE IC 55 -25.85 65.43 -28.43
N VAL IC 56 -24.98 65.30 -29.43
CA VAL IC 56 -23.67 64.68 -29.23
C VAL IC 56 -22.58 65.70 -29.58
N GLU IC 57 -21.41 65.50 -28.98
CA GLU IC 57 -20.26 66.37 -29.20
C GLU IC 57 -19.01 65.53 -29.36
N ARG IC 58 -18.05 66.05 -30.12
CA ARG IC 58 -16.82 65.33 -30.41
C ARG IC 58 -15.85 65.41 -29.24
N TRP IC 59 -15.13 64.31 -29.00
CA TRP IC 59 -14.10 64.30 -27.97
C TRP IC 59 -12.84 65.01 -28.45
N TRP IC 60 -12.22 64.48 -29.50
CA TRP IC 60 -11.00 65.07 -30.05
C TRP IC 60 -11.35 66.27 -30.90
N LYS IC 61 -10.61 67.37 -30.70
CA LYS IC 61 -10.87 68.58 -31.44
C LYS IC 61 -10.48 68.41 -32.90
N VAL IC 62 -11.23 69.08 -33.77
CA VAL IC 62 -11.03 69.01 -35.22
C VAL IC 62 -10.15 70.20 -35.62
N PRO IC 63 -9.07 69.97 -36.37
CA PRO IC 63 -8.27 71.10 -36.84
C PRO IC 63 -9.07 72.00 -37.77
N LEU IC 64 -8.72 73.29 -37.77
CA LEU IC 64 -9.51 74.29 -38.46
C LEU IC 64 -9.18 74.33 -39.95
N ALA IC 65 -10.13 74.85 -40.72
CA ALA IC 65 -9.92 75.08 -42.15
C ALA IC 65 -10.81 76.26 -42.55
N GLY IC 66 -10.23 77.46 -42.58
CA GLY IC 66 -10.98 78.68 -42.79
C GLY IC 66 -11.07 79.19 -44.20
N GLU IC 67 -10.57 78.44 -45.18
CA GLU IC 67 -10.60 78.85 -46.58
C GLU IC 67 -11.76 78.22 -47.33
N GLY IC 68 -12.88 77.97 -46.65
CA GLY IC 68 -14.03 77.36 -47.29
C GLY IC 68 -13.87 75.89 -47.60
N ARG IC 69 -12.80 75.26 -47.14
CA ARG IC 69 -12.57 73.85 -47.38
C ARG IC 69 -13.23 73.01 -46.31
N LYS IC 70 -13.55 71.77 -46.65
CA LYS IC 70 -14.19 70.87 -45.70
C LYS IC 70 -13.16 70.40 -44.66
N PRO IC 71 -13.57 70.25 -43.40
CA PRO IC 71 -12.62 69.81 -42.36
C PRO IC 71 -12.14 68.39 -42.63
N ARG IC 72 -10.86 68.16 -42.37
CA ARG IC 72 -10.24 66.87 -42.60
C ARG IC 72 -10.54 65.98 -41.40
N LEU IC 73 -11.63 65.22 -41.49
CA LEU IC 73 -12.02 64.34 -40.41
C LEU IC 73 -11.17 63.08 -40.40
N HIS IC 74 -11.16 62.39 -39.25
CA HIS IC 74 -10.35 61.21 -39.05
C HIS IC 74 -11.18 60.13 -38.37
N ARG IC 75 -10.57 58.96 -38.19
CA ARG IC 75 -11.27 57.84 -37.55
C ARG IC 75 -11.63 58.18 -36.11
N ARG IC 76 -10.70 58.79 -35.37
CA ARG IC 76 -10.95 59.11 -33.97
C ARG IC 76 -11.94 60.26 -33.79
N HIS IC 77 -12.24 61.00 -34.86
CA HIS IC 77 -13.21 62.08 -34.78
C HIS IC 77 -14.65 61.59 -34.70
N ARG IC 78 -14.87 60.28 -34.75
CA ARG IC 78 -16.21 59.71 -34.64
C ARG IC 78 -16.62 59.43 -33.20
N VAL IC 79 -15.73 59.61 -32.23
CA VAL IC 79 -16.05 59.37 -30.83
C VAL IC 79 -16.96 60.50 -30.37
N TYR IC 80 -18.20 60.15 -30.02
CA TYR IC 80 -19.20 61.13 -29.62
C TYR IC 80 -19.56 60.94 -28.15
N LYS IC 81 -19.80 62.05 -27.46
CA LYS IC 81 -20.32 62.06 -26.10
C LYS IC 81 -21.71 62.67 -26.12
N LEU IC 82 -22.67 62.00 -25.47
CA LEU IC 82 -24.04 62.48 -25.39
C LEU IC 82 -24.09 63.58 -24.35
N VAL IC 83 -24.05 64.84 -24.81
CA VAL IC 83 -23.98 65.96 -23.88
C VAL IC 83 -25.35 66.43 -23.40
N GLU IC 84 -26.41 66.11 -24.13
CA GLU IC 84 -27.75 66.54 -23.73
C GLU IC 84 -28.78 65.65 -24.41
N ASP IC 85 -29.88 65.40 -23.70
CA ASP IC 85 -30.98 64.61 -24.23
C ASP IC 85 -32.23 65.48 -24.22
N THR IC 86 -32.78 65.74 -25.40
CA THR IC 86 -33.92 66.65 -25.51
C THR IC 86 -35.17 66.06 -24.87
N LYS IC 87 -35.38 64.76 -25.00
CA LYS IC 87 -36.57 64.13 -24.45
C LYS IC 87 -36.57 64.08 -22.93
N HIS IC 88 -35.44 64.34 -22.28
CA HIS IC 88 -35.36 64.34 -20.84
C HIS IC 88 -35.48 65.74 -20.22
N ARG IC 89 -35.32 66.79 -21.01
CA ARG IC 89 -35.45 68.13 -20.49
C ARG IC 89 -36.91 68.45 -20.17
N PRO IC 90 -37.16 69.38 -19.24
CA PRO IC 90 -38.54 69.73 -18.90
C PRO IC 90 -39.27 70.34 -20.10
N LYS IC 91 -40.42 69.76 -20.43
CA LYS IC 91 -41.18 70.20 -21.58
C LYS IC 91 -41.81 71.57 -21.33
N ASP IC 92 -41.92 72.34 -22.41
CA ASP IC 92 -42.53 73.66 -22.35
C ASP IC 92 -44.03 73.57 -22.56
N ASN IC 93 -44.70 74.71 -22.44
CA ASN IC 93 -46.14 74.80 -22.64
C ASN IC 93 -46.46 75.38 -24.01
N LEU IC 94 -47.59 74.96 -24.55
CA LEU IC 94 -48.07 75.44 -25.84
C LEU IC 94 -49.21 76.43 -25.61
N GLU IC 95 -49.04 77.65 -26.11
CA GLU IC 95 -50.06 78.68 -25.97
C GLU IC 95 -50.94 78.70 -27.22
N LEU IC 96 -52.24 78.68 -27.02
CA LEU IC 96 -53.20 78.65 -28.12
C LEU IC 96 -54.38 79.57 -27.79
N VAL IC 97 -54.97 80.13 -28.84
CA VAL IC 97 -56.14 81.00 -28.72
C VAL IC 97 -57.37 80.19 -29.12
N LEU IC 98 -58.34 80.14 -28.21
CA LEU IC 98 -59.53 79.33 -28.44
C LEU IC 98 -60.44 79.97 -29.47
N THR IC 99 -61.01 79.13 -30.34
CA THR IC 99 -62.02 79.57 -31.30
C THR IC 99 -63.44 79.16 -30.92
N GLN IC 100 -63.61 78.40 -29.84
CA GLN IC 100 -64.92 78.03 -29.33
C GLN IC 100 -64.89 78.11 -27.82
N SER IC 101 -66.01 77.74 -27.20
CA SER IC 101 -66.15 77.78 -25.74
C SER IC 101 -65.83 76.39 -25.20
N VAL IC 102 -64.64 76.24 -24.64
CA VAL IC 102 -64.20 74.98 -24.05
C VAL IC 102 -64.51 75.00 -22.56
N GLU IC 103 -65.04 73.88 -22.06
CA GLU IC 103 -65.41 73.80 -20.65
C GLU IC 103 -64.18 73.89 -19.76
N GLU IC 104 -63.07 73.27 -20.16
CA GLU IC 104 -61.90 73.20 -19.30
C GLU IC 104 -61.05 74.45 -19.41
N LEU IC 105 -60.75 74.91 -20.62
CA LEU IC 105 -59.84 76.04 -20.80
C LEU IC 105 -60.53 77.37 -20.52
N GLY IC 106 -61.56 77.69 -21.28
CA GLY IC 106 -62.27 78.94 -21.07
C GLY IC 106 -63.17 79.27 -22.25
N VAL IC 107 -63.55 80.54 -22.32
CA VAL IC 107 -64.50 81.02 -23.32
C VAL IC 107 -63.77 81.25 -24.64
N ARG IC 108 -64.53 81.45 -25.71
CA ARG IC 108 -63.94 81.74 -27.01
C ARG IC 108 -63.20 83.06 -26.99
N GLY IC 109 -62.04 83.10 -27.65
CA GLY IC 109 -61.24 84.30 -27.71
C GLY IC 109 -60.36 84.50 -26.49
N ASP IC 110 -59.72 83.42 -26.04
CA ASP IC 110 -58.84 83.46 -24.89
C ASP IC 110 -57.56 82.71 -25.21
N LEU IC 111 -56.44 83.25 -24.75
CA LEU IC 111 -55.12 82.65 -24.93
C LEU IC 111 -54.78 81.86 -23.67
N VAL IC 112 -54.54 80.56 -23.83
CA VAL IC 112 -54.27 79.68 -22.70
C VAL IC 112 -53.07 78.80 -23.03
N SER IC 113 -52.32 78.43 -22.00
CA SER IC 113 -51.14 77.57 -22.13
C SER IC 113 -51.49 76.18 -21.63
N VAL IC 114 -51.54 75.22 -22.54
CA VAL IC 114 -51.81 73.83 -22.20
C VAL IC 114 -50.60 72.99 -22.61
N LYS IC 115 -50.56 71.76 -22.09
CA LYS IC 115 -49.46 70.87 -22.41
C LYS IC 115 -49.52 70.43 -23.87
N LYS IC 116 -48.35 70.09 -24.41
CA LYS IC 116 -48.24 69.81 -25.84
C LYS IC 116 -49.08 68.60 -26.25
N SER IC 117 -49.25 67.63 -25.36
CA SER IC 117 -50.05 66.45 -25.70
C SER IC 117 -51.47 66.85 -26.05
N VAL IC 118 -52.16 67.54 -25.14
CA VAL IC 118 -53.52 67.98 -25.41
C VAL IC 118 -53.54 69.00 -26.55
N GLY IC 119 -52.53 69.87 -26.61
CA GLY IC 119 -52.48 70.87 -27.66
C GLY IC 119 -52.42 70.28 -29.05
N ARG IC 120 -51.76 69.13 -29.20
CA ARG IC 120 -51.64 68.49 -30.50
C ARG IC 120 -52.69 67.41 -30.76
N ASN IC 121 -53.34 66.89 -29.71
CA ASN IC 121 -54.31 65.82 -29.90
C ASN IC 121 -55.76 66.28 -29.85
N ARG IC 122 -56.06 67.37 -29.15
CA ARG IC 122 -57.45 67.75 -28.91
C ARG IC 122 -57.82 69.07 -29.56
N LEU IC 123 -57.00 70.11 -29.39
CA LEU IC 123 -57.40 71.46 -29.81
C LEU IC 123 -57.22 71.66 -31.30
N LEU IC 124 -56.04 71.35 -31.84
CA LEU IC 124 -55.78 71.63 -33.25
C LEU IC 124 -56.54 70.69 -34.18
N PRO IC 125 -56.52 69.37 -34.01
CA PRO IC 125 -57.23 68.51 -34.99
C PRO IC 125 -58.73 68.73 -35.00
N GLN IC 126 -59.32 69.09 -33.86
CA GLN IC 126 -60.76 69.31 -33.77
C GLN IC 126 -61.17 70.74 -34.08
N GLY IC 127 -60.22 71.63 -34.34
CA GLY IC 127 -60.54 73.01 -34.62
C GLY IC 127 -60.99 73.83 -33.43
N LEU IC 128 -60.73 73.35 -32.22
CA LEU IC 128 -61.12 74.09 -31.02
C LEU IC 128 -60.21 75.27 -30.74
N ALA IC 129 -59.04 75.34 -31.35
CA ALA IC 129 -58.13 76.46 -31.16
C ALA IC 129 -57.18 76.53 -32.35
N VAL IC 130 -56.60 77.71 -32.53
CA VAL IC 130 -55.64 77.93 -33.61
C VAL IC 130 -54.32 78.39 -33.02
N TYR IC 131 -53.32 78.62 -33.87
CA TYR IC 131 -52.00 78.99 -33.40
C TYR IC 131 -52.00 80.43 -32.90
N ALA IC 132 -51.01 80.74 -32.07
CA ALA IC 132 -50.85 82.07 -31.46
C ALA IC 132 -50.01 83.01 -32.31
N SER IC 133 -49.94 82.78 -33.62
CA SER IC 133 -49.20 83.66 -34.50
C SER IC 133 -49.89 85.02 -34.59
N PRO IC 134 -49.15 86.09 -34.89
CA PRO IC 134 -49.77 87.41 -35.00
C PRO IC 134 -50.81 87.51 -36.11
N GLU IC 135 -50.66 86.74 -37.18
CA GLU IC 135 -51.63 86.79 -38.27
C GLU IC 135 -53.02 86.36 -37.79
N ASN IC 136 -53.08 85.33 -36.94
CA ASN IC 136 -54.35 84.92 -36.36
C ASN IC 136 -54.70 85.72 -35.12
N LYS IC 137 -53.73 86.35 -34.47
CA LYS IC 137 -54.01 87.19 -33.31
C LYS IC 137 -54.68 88.50 -33.70
N LYS IC 138 -54.35 89.04 -34.89
CA LYS IC 138 -55.00 90.26 -35.36
C LYS IC 138 -56.50 90.05 -35.54
N LEU IC 139 -56.89 88.85 -35.99
CA LEU IC 139 -58.31 88.55 -36.16
C LEU IC 139 -59.03 88.57 -34.82
N PHE IC 140 -58.46 87.94 -33.80
CA PHE IC 140 -59.06 87.97 -32.48
C PHE IC 140 -59.07 89.39 -31.90
N GLU IC 141 -58.04 90.18 -32.18
CA GLU IC 141 -58.02 91.55 -31.69
C GLU IC 141 -59.14 92.38 -32.31
N GLU IC 142 -59.33 92.26 -33.62
CA GLU IC 142 -60.42 93.01 -34.26
C GLU IC 142 -61.78 92.48 -33.84
N GLU IC 143 -61.89 91.17 -33.58
CA GLU IC 143 -63.14 90.63 -33.08
C GLU IC 143 -63.46 91.18 -31.70
N LYS IC 144 -62.46 91.28 -30.83
CA LYS IC 144 -62.67 91.89 -29.51
C LYS IC 144 -63.03 93.36 -29.62
N LEU IC 145 -62.39 94.08 -30.55
CA LEU IC 145 -62.69 95.50 -30.73
C LEU IC 145 -64.12 95.70 -31.22
N LEU IC 146 -64.60 94.81 -32.09
CA LEU IC 146 -65.98 94.90 -32.56
C LEU IC 146 -66.97 94.41 -31.51
N ARG IC 147 -66.54 93.51 -30.63
CA ARG IC 147 -67.45 92.96 -29.63
C ARG IC 147 -67.66 93.93 -28.47
N GLN IC 148 -66.59 94.55 -27.99
CA GLN IC 148 -66.69 95.43 -26.83
C GLN IC 148 -67.45 96.71 -27.12
N GLU IC 149 -67.74 97.02 -28.39
CA GLU IC 149 -68.51 98.21 -28.72
C GLU IC 149 -70.02 97.92 -28.65
N GLY IC 150 -70.47 96.91 -29.37
CA GLY IC 150 -71.88 96.55 -29.38
C GLY IC 150 -72.14 95.10 -29.04
N GLY JC 29 41.05 24.64 -13.35
CA GLY JC 29 40.96 25.43 -12.14
C GLY JC 29 40.97 24.58 -10.88
N SER JC 30 42.15 24.16 -10.47
CA SER JC 30 42.29 23.34 -9.27
C SER JC 30 42.61 24.20 -8.06
N LYS JC 31 42.36 23.63 -6.88
CA LYS JC 31 42.63 24.33 -5.64
C LYS JC 31 44.13 24.47 -5.42
N ALA JC 32 44.49 25.26 -4.41
CA ALA JC 32 45.91 25.46 -4.10
C ALA JC 32 46.51 24.24 -3.44
N VAL JC 33 45.72 23.46 -2.71
CA VAL JC 33 46.18 22.25 -2.03
C VAL JC 33 45.26 21.11 -2.44
N THR JC 34 45.85 20.08 -3.05
CA THR JC 34 45.06 18.94 -3.51
C THR JC 34 45.68 17.63 -3.04
N ARG JC 35 45.16 16.50 -3.54
CA ARG JC 35 45.69 15.19 -3.20
C ARG JC 35 46.41 14.51 -4.36
N HIS JC 36 46.21 14.97 -5.60
CA HIS JC 36 46.79 14.34 -6.78
C HIS JC 36 48.14 14.92 -7.14
N ARG JC 37 48.90 15.42 -6.16
CA ARG JC 37 50.27 15.90 -6.32
C ARG JC 37 50.32 17.23 -7.07
N ARG JC 38 49.18 17.67 -7.62
CA ARG JC 38 49.05 18.97 -8.28
C ARG JC 38 50.19 19.22 -9.27
N VAL JC 39 50.16 18.43 -10.35
CA VAL JC 39 51.19 18.45 -11.38
C VAL JC 39 51.55 19.89 -11.74
N MET JC 40 52.83 20.22 -11.69
CA MET JC 40 53.28 21.59 -11.75
C MET JC 40 53.37 22.08 -13.20
N HIS JC 41 53.73 23.36 -13.34
CA HIS JC 41 54.00 23.93 -14.65
C HIS JC 41 55.36 23.44 -15.15
N PHE JC 42 55.54 23.53 -16.48
CA PHE JC 42 56.79 23.06 -17.07
C PHE JC 42 57.97 23.90 -16.61
N GLU JC 43 57.78 25.21 -16.49
CA GLU JC 43 58.84 26.08 -15.98
C GLU JC 43 59.17 25.74 -14.54
N ARG JC 44 58.16 25.41 -13.74
CA ARG JC 44 58.43 25.00 -12.36
C ARG JC 44 59.19 23.70 -12.30
N GLN JC 45 58.88 22.75 -13.20
CA GLN JC 45 59.61 21.50 -13.24
C GLN JC 45 61.07 21.74 -13.64
N LYS JC 46 61.30 22.61 -14.63
CA LYS JC 46 62.67 22.95 -15.00
C LYS JC 46 63.41 23.60 -13.84
N LEU JC 47 62.72 24.49 -13.12
CA LEU JC 47 63.34 25.16 -11.98
C LEU JC 47 63.73 24.17 -10.89
N MET JC 48 62.83 23.22 -10.60
CA MET JC 48 63.15 22.19 -9.61
C MET JC 48 64.33 21.34 -10.06
N ALA JC 49 64.35 20.94 -11.33
CA ALA JC 49 65.45 20.13 -11.84
C ALA JC 49 66.78 20.89 -11.77
N VAL JC 50 66.75 22.20 -11.98
CA VAL JC 50 67.97 22.98 -11.90
C VAL JC 50 68.41 23.12 -10.44
N THR JC 51 67.48 23.42 -9.54
CA THR JC 51 67.79 23.65 -8.15
C THR JC 51 67.84 22.35 -7.33
N GLU JC 52 67.87 21.20 -7.99
CA GLU JC 52 68.10 19.95 -7.27
C GLU JC 52 69.40 20.01 -6.48
N TYR JC 53 69.48 19.19 -5.43
CA TYR JC 53 70.65 19.16 -4.58
C TYR JC 53 71.77 18.35 -5.20
N ILE JC 54 73.00 18.85 -5.06
CA ILE JC 54 74.19 18.18 -5.56
C ILE JC 54 75.09 17.88 -4.36
N PRO JC 55 75.37 16.61 -4.06
CA PRO JC 55 76.20 16.31 -2.90
C PRO JC 55 77.67 16.58 -3.20
N PRO JC 56 78.45 16.97 -2.19
CA PRO JC 56 79.88 17.19 -2.41
C PRO JC 56 80.62 15.87 -2.59
N LYS JC 57 81.26 15.71 -3.75
CA LYS JC 57 82.02 14.50 -4.05
C LYS JC 57 83.50 14.82 -4.01
N PRO JC 58 84.28 14.23 -3.11
CA PRO JC 58 85.71 14.52 -3.07
C PRO JC 58 86.45 13.89 -4.24
N THR JC 59 87.71 14.30 -4.38
CA THR JC 59 88.53 13.77 -5.47
C THR JC 59 88.87 12.30 -5.24
N ILE JC 60 89.43 11.99 -4.08
CA ILE JC 60 89.80 10.63 -3.71
C ILE JC 60 88.77 10.10 -2.73
N ASN JC 61 88.25 8.92 -3.00
CA ASN JC 61 87.27 8.30 -2.11
C ASN JC 61 87.94 7.95 -0.79
N PRO JC 62 87.50 8.51 0.34
CA PRO JC 62 88.22 8.30 1.60
C PRO JC 62 88.11 6.89 2.17
N ARG JC 63 87.32 6.00 1.56
CA ARG JC 63 87.17 4.66 2.10
C ARG JC 63 88.46 3.86 1.94
N CYS JC 64 88.89 3.64 0.69
CA CYS JC 64 90.13 2.93 0.45
C CYS JC 64 91.35 3.85 0.49
N LEU JC 65 91.17 5.10 0.86
CA LEU JC 65 92.30 5.96 1.17
C LEU JC 65 93.02 5.42 2.41
N PRO JC 66 94.33 5.68 2.53
CA PRO JC 66 95.04 5.35 3.77
C PRO JC 66 94.27 5.85 4.98
N PRO JC 67 94.02 4.98 5.96
CA PRO JC 67 93.11 5.32 7.05
C PRO JC 67 93.69 6.40 7.94
N PRO JC 68 92.83 7.10 8.69
CA PRO JC 68 93.33 8.12 9.64
C PRO JC 68 94.16 7.47 10.73
N PRO JC 69 94.86 8.27 11.53
CA PRO JC 69 95.65 7.69 12.63
C PRO JC 69 94.78 6.88 13.59
N THR JC 70 95.45 6.08 14.40
CA THR JC 70 94.75 5.11 15.24
C THR JC 70 94.03 5.82 16.38
N PRO JC 71 92.74 5.58 16.58
CA PRO JC 71 92.06 6.02 17.81
C PRO JC 71 92.27 5.02 18.93
N PRO JC 72 93.35 5.16 19.70
CA PRO JC 72 93.75 4.06 20.61
C PRO JC 72 92.68 3.75 21.64
N GLN JC 73 92.52 2.45 21.90
CA GLN JC 73 91.52 1.99 22.85
C GLN JC 73 92.02 2.11 24.29
N GLU JC 74 91.08 2.24 25.21
CA GLU JC 74 91.38 2.31 26.63
C GLU JC 74 91.09 0.96 27.29
N GLU JC 75 91.82 0.68 28.36
CA GLU JC 75 91.57 -0.54 29.13
C GLU JC 75 90.39 -0.33 30.05
N THR JC 76 89.54 -1.35 30.14
CA THR JC 76 88.34 -1.30 30.96
C THR JC 76 88.57 -2.05 32.28
N GLY JC 77 87.66 -1.82 33.22
CA GLY JC 77 87.76 -2.48 34.51
C GLY JC 77 87.73 -4.00 34.41
N LEU JC 78 86.95 -4.52 33.46
CA LEU JC 78 86.86 -5.97 33.31
C LEU JC 78 88.18 -6.56 32.83
N VAL JC 79 88.81 -5.94 31.82
CA VAL JC 79 90.08 -6.46 31.33
C VAL JC 79 91.17 -6.25 32.36
N ARG JC 80 91.10 -5.17 33.16
CA ARG JC 80 92.06 -4.99 34.24
C ARG JC 80 91.90 -6.09 35.29
N LEU JC 81 90.67 -6.42 35.66
CA LEU JC 81 90.44 -7.50 36.61
C LEU JC 81 90.92 -8.83 36.06
N LEU JC 82 90.70 -9.07 34.76
CA LEU JC 82 91.18 -10.30 34.15
C LEU JC 82 92.70 -10.39 34.20
N ARG JC 83 93.38 -9.30 33.86
CA ARG JC 83 94.85 -9.28 33.92
C ARG JC 83 95.33 -9.54 35.34
N ARG JC 84 94.72 -8.88 36.32
CA ARG JC 84 95.12 -9.08 37.71
C ARG JC 84 94.88 -10.51 38.16
N GLU JC 85 93.77 -11.11 37.74
CA GLU JC 85 93.47 -12.48 38.11
C GLU JC 85 94.46 -13.45 37.49
N ILE JC 86 94.79 -13.26 36.22
CA ILE JC 86 95.75 -14.14 35.56
C ILE JC 86 97.13 -14.00 36.22
N ALA JC 87 97.51 -12.78 36.58
CA ALA JC 87 98.79 -12.57 37.25
C ALA JC 87 98.82 -13.27 38.60
N ALA JC 88 97.75 -13.12 39.39
CA ALA JC 88 97.69 -13.78 40.68
C ALA JC 88 97.74 -15.30 40.53
N VAL JC 89 97.05 -15.83 39.51
CA VAL JC 89 97.08 -17.27 39.26
C VAL JC 89 98.49 -17.74 38.95
N PHE JC 90 99.15 -17.08 37.99
CA PHE JC 90 100.47 -17.52 37.58
C PHE JC 90 101.54 -17.23 38.63
N ARG JC 91 101.25 -16.38 39.61
CA ARG JC 91 102.24 -16.11 40.65
C ARG JC 91 102.07 -16.98 41.88
N ASP JC 92 100.83 -17.27 42.28
CA ASP JC 92 100.60 -17.93 43.57
C ASP JC 92 100.78 -19.44 43.49
N ASN JC 93 99.96 -20.10 42.68
CA ASN JC 93 99.92 -21.56 42.66
C ASN JC 93 101.14 -22.13 41.92
N ARG JC 94 101.27 -23.45 41.97
CA ARG JC 94 102.41 -24.15 41.38
C ARG JC 94 102.02 -24.91 40.11
N MET JC 95 101.06 -25.82 40.19
CA MET JC 95 100.66 -26.60 39.03
C MET JC 95 99.67 -25.80 38.19
N ILE JC 96 100.05 -25.50 36.95
CA ILE JC 96 99.18 -24.81 36.00
C ILE JC 96 99.11 -25.69 34.76
N ALA JC 97 98.10 -26.54 34.69
CA ALA JC 97 97.93 -27.46 33.56
C ALA JC 97 96.96 -26.87 32.55
N VAL JC 98 97.26 -27.07 31.27
CA VAL JC 98 96.44 -26.58 30.18
C VAL JC 98 95.81 -27.79 29.49
N CYS JC 99 94.48 -27.82 29.44
CA CYS JC 99 93.74 -28.90 28.81
C CYS JC 99 92.76 -28.32 27.81
N GLN JC 100 92.24 -29.18 26.93
CA GLN JC 100 91.24 -28.80 25.95
C GLN JC 100 89.86 -28.91 26.58
N HIS JC 101 89.17 -27.78 26.71
CA HIS JC 101 87.83 -27.77 27.29
C HIS JC 101 86.87 -28.47 26.36
N VAL JC 102 86.49 -29.70 26.70
CA VAL JC 102 85.60 -30.50 25.88
C VAL JC 102 84.15 -30.13 26.20
N ALA JC 103 83.34 -29.96 25.16
CA ALA JC 103 81.94 -29.60 25.34
C ALA JC 103 81.15 -30.77 25.88
N LEU JC 104 81.01 -30.84 27.20
CA LEU JC 104 80.31 -31.92 27.88
C LEU JC 104 79.04 -31.38 28.53
N SER JC 105 78.23 -32.31 29.02
CA SER JC 105 77.00 -31.92 29.70
C SER JC 105 77.32 -31.24 31.03
N ALA JC 106 76.40 -30.41 31.49
CA ALA JC 106 76.62 -29.67 32.72
C ALA JC 106 76.67 -30.58 33.94
N GLU JC 107 75.88 -31.67 33.93
CA GLU JC 107 75.92 -32.61 35.04
C GLU JC 107 77.30 -33.27 35.14
N ASP JC 108 77.84 -33.73 34.01
CA ASP JC 108 79.18 -34.31 34.02
C ASP JC 108 80.23 -33.26 34.37
N LYS JC 109 80.02 -32.02 33.96
CA LYS JC 109 80.97 -30.96 34.32
C LYS JC 109 80.99 -30.73 35.82
N LEU JC 110 79.80 -30.70 36.45
CA LEU JC 110 79.76 -30.55 37.91
C LEU JC 110 80.29 -31.77 38.62
N LEU JC 111 80.09 -32.97 38.07
CA LEU JC 111 80.66 -34.17 38.66
C LEU JC 111 82.19 -34.12 38.62
N LEU JC 112 82.75 -33.66 37.50
CA LEU JC 112 84.20 -33.49 37.42
C LEU JC 112 84.67 -32.39 38.36
N ARG JC 113 83.87 -31.34 38.52
CA ARG JC 113 84.18 -30.30 39.51
C ARG JC 113 84.29 -30.89 40.91
N HIS JC 114 83.34 -31.77 41.27
CA HIS JC 114 83.37 -32.38 42.58
C HIS JC 114 84.56 -33.31 42.74
N GLN JC 115 84.84 -34.12 41.72
CA GLN JC 115 85.98 -35.02 41.78
C GLN JC 115 87.32 -34.28 41.81
N LEU JC 116 87.35 -33.05 41.29
CA LEU JC 116 88.57 -32.24 41.40
C LEU JC 116 88.67 -31.55 42.75
N ARG JC 117 87.53 -31.06 43.28
CA ARG JC 117 87.53 -30.46 44.60
C ARG JC 117 87.83 -31.47 45.69
N LYS JC 118 87.58 -32.76 45.43
CA LYS JC 118 88.00 -33.79 46.37
C LYS JC 118 89.50 -33.75 46.59
N HIS JC 119 90.27 -33.56 45.53
CA HIS JC 119 91.72 -33.41 45.62
C HIS JC 119 92.16 -31.96 45.82
N LYS JC 120 91.20 -31.02 45.81
CA LYS JC 120 91.47 -29.61 46.08
C LYS JC 120 92.30 -28.97 44.97
N ILE JC 121 91.99 -29.30 43.72
CA ILE JC 121 92.56 -28.66 42.55
C ILE JC 121 91.42 -28.03 41.75
N LEU JC 122 91.52 -26.74 41.48
CA LEU JC 122 90.43 -26.00 40.86
C LEU JC 122 90.66 -25.86 39.37
N MET JC 123 89.63 -25.37 38.68
CA MET JC 123 89.69 -25.11 37.25
C MET JC 123 89.28 -23.69 36.97
N LYS JC 124 89.87 -23.11 35.93
CA LYS JC 124 89.53 -21.76 35.51
C LYS JC 124 89.50 -21.70 33.99
N ILE JC 125 88.83 -20.66 33.49
CA ILE JC 125 88.64 -20.45 32.06
C ILE JC 125 88.81 -18.96 31.78
N PHE JC 126 89.75 -18.63 30.90
CA PHE JC 126 90.02 -17.24 30.56
C PHE JC 126 89.84 -17.01 29.06
N PRO JC 127 89.31 -15.86 28.66
CA PRO JC 127 89.16 -15.59 27.23
C PRO JC 127 90.51 -15.45 26.54
N ASN JC 128 90.57 -15.91 25.29
CA ASN JC 128 91.81 -15.86 24.54
C ASN JC 128 92.27 -14.43 24.31
N GLN JC 129 91.33 -13.50 24.11
CA GLN JC 129 91.69 -12.13 23.82
C GLN JC 129 92.43 -11.48 24.99
N VAL JC 130 92.24 -11.99 26.20
CA VAL JC 130 92.99 -11.49 27.35
C VAL JC 130 94.12 -12.42 27.77
N LEU JC 131 94.10 -13.68 27.33
CA LEU JC 131 95.12 -14.62 27.76
C LEU JC 131 96.33 -14.65 26.83
N LYS JC 132 96.11 -14.49 25.51
CA LYS JC 132 97.24 -14.51 24.59
C LYS JC 132 98.19 -13.34 24.80
N PRO JC 133 97.74 -12.08 24.91
CA PRO JC 133 98.71 -10.99 25.12
C PRO JC 133 99.48 -11.12 26.43
N PHE JC 134 98.80 -11.51 27.51
CA PHE JC 134 99.49 -11.68 28.78
C PHE JC 134 100.58 -12.75 28.67
N LEU JC 135 100.26 -13.87 28.02
CA LEU JC 135 101.22 -14.96 27.92
C LEU JC 135 102.38 -14.60 27.00
N GLU JC 136 102.12 -13.90 25.90
CA GLU JC 136 103.20 -13.50 25.02
C GLU JC 136 104.05 -12.38 25.62
N GLU JC 137 103.51 -11.63 26.58
CA GLU JC 137 104.32 -10.64 27.28
C GLU JC 137 105.12 -11.26 28.41
N SER JC 138 104.57 -12.25 29.09
CA SER JC 138 105.26 -12.90 30.21
C SER JC 138 106.26 -13.93 29.67
N LYS JC 139 106.82 -14.72 30.58
CA LYS JC 139 107.83 -15.71 30.23
C LYS JC 139 107.25 -17.01 29.70
N TYR JC 140 105.93 -17.09 29.53
CA TYR JC 140 105.26 -18.31 29.11
C TYR JC 140 104.86 -18.27 27.64
N GLN JC 141 105.69 -17.68 26.78
CA GLN JC 141 105.38 -17.61 25.36
C GLN JC 141 105.46 -18.96 24.68
N ASN JC 142 105.94 -20.00 25.36
CA ASN JC 142 105.99 -21.33 24.78
C ASN JC 142 104.65 -22.05 24.82
N LEU JC 143 103.59 -21.40 25.32
CA LEU JC 143 102.27 -21.99 25.38
C LEU JC 143 101.30 -21.41 24.36
N LEU JC 144 101.79 -20.57 23.46
CA LEU JC 144 100.90 -19.96 22.47
C LEU JC 144 100.17 -20.97 21.59
N PRO JC 145 100.81 -22.00 21.03
CA PRO JC 145 100.05 -22.96 20.21
C PRO JC 145 99.09 -23.83 21.00
N LEU JC 146 99.08 -23.73 22.33
CA LEU JC 146 98.17 -24.53 23.14
C LEU JC 146 96.83 -23.86 23.37
N PHE JC 147 96.75 -22.54 23.22
CA PHE JC 147 95.53 -21.78 23.51
C PHE JC 147 94.82 -21.33 22.22
N VAL JC 148 94.81 -22.21 21.21
CA VAL JC 148 94.14 -21.87 19.96
C VAL JC 148 92.64 -22.11 20.08
N GLY JC 149 92.24 -23.32 20.45
CA GLY JC 149 90.83 -23.63 20.62
C GLY JC 149 90.35 -23.44 22.04
N HIS JC 150 89.42 -24.29 22.48
CA HIS JC 150 88.94 -24.22 23.86
C HIS JC 150 90.05 -24.59 24.83
N ASN JC 151 90.07 -23.91 25.97
CA ASN JC 151 91.15 -24.08 26.94
C ASN JC 151 90.58 -24.15 28.35
N LEU JC 152 91.31 -24.87 29.21
CA LEU JC 152 90.93 -25.03 30.61
C LEU JC 152 92.20 -25.07 31.44
N LEU JC 153 92.31 -24.19 32.41
CA LEU JC 153 93.51 -24.09 33.25
C LEU JC 153 93.23 -24.76 34.58
N LEU JC 154 93.83 -25.93 34.78
CA LEU JC 154 93.77 -26.62 36.06
C LEU JC 154 94.83 -26.03 36.99
N VAL JC 155 94.38 -25.40 38.07
CA VAL JC 155 95.25 -24.71 39.02
C VAL JC 155 95.32 -25.54 40.30
N SER JC 156 96.54 -25.83 40.74
CA SER JC 156 96.74 -26.64 41.95
C SER JC 156 97.92 -26.11 42.73
N GLU JC 157 97.76 -26.09 44.06
CA GLU JC 157 98.88 -25.86 44.97
C GLU JC 157 99.38 -27.20 45.49
N GLU JC 158 100.70 -27.27 45.70
CA GLU JC 158 101.38 -28.53 46.05
C GLU JC 158 101.04 -29.58 45.01
N PRO JC 159 101.62 -29.51 43.82
CA PRO JC 159 101.15 -30.31 42.68
C PRO JC 159 101.21 -31.81 42.97
N LYS JC 160 100.11 -32.50 42.63
CA LYS JC 160 100.02 -33.97 42.71
C LYS JC 160 99.33 -34.42 41.43
N VAL JC 161 100.12 -34.72 40.41
CA VAL JC 161 99.58 -35.06 39.10
C VAL JC 161 99.04 -36.47 39.01
N LYS JC 162 99.34 -37.32 40.00
CA LYS JC 162 98.88 -38.71 39.95
C LYS JC 162 97.37 -38.80 39.93
N GLU JC 163 96.72 -38.14 40.90
CA GLU JC 163 95.26 -38.16 40.97
C GLU JC 163 94.64 -37.47 39.76
N MET JC 164 95.29 -36.42 39.24
CA MET JC 164 94.76 -35.75 38.05
C MET JC 164 94.78 -36.67 36.85
N VAL JC 165 95.88 -37.38 36.63
CA VAL JC 165 95.96 -38.31 35.51
C VAL JC 165 94.96 -39.45 35.71
N ARG JC 166 94.80 -39.92 36.94
CA ARG JC 166 93.84 -40.98 37.20
C ARG JC 166 92.41 -40.53 36.90
N ILE JC 167 92.06 -39.30 37.30
CA ILE JC 167 90.71 -38.82 37.09
C ILE JC 167 90.46 -38.41 35.65
N LEU JC 168 91.51 -38.11 34.88
CA LEU JC 168 91.34 -37.86 33.46
C LEU JC 168 91.36 -39.14 32.63
N LYS JC 169 91.91 -40.23 33.18
CA LYS JC 169 91.88 -41.51 32.47
C LYS JC 169 90.46 -42.06 32.36
N GLY JC 170 89.62 -41.77 33.36
CA GLY JC 170 88.26 -42.26 33.35
C GLY JC 170 87.40 -41.70 32.23
N ILE JC 171 87.81 -40.59 31.64
CA ILE JC 171 87.11 -39.96 30.52
C ILE JC 171 87.99 -40.11 29.29
N PRO JC 172 87.51 -40.76 28.22
CA PRO JC 172 88.40 -41.08 27.10
C PRO JC 172 88.73 -39.89 26.20
N PHE JC 173 87.76 -39.01 25.98
CA PHE JC 173 87.92 -37.90 25.04
C PHE JC 173 88.22 -36.57 25.75
N LEU JC 174 88.94 -36.62 26.87
CA LEU JC 174 89.39 -35.41 27.57
C LEU JC 174 90.90 -35.52 27.72
N PRO JC 175 91.67 -35.02 26.75
CA PRO JC 175 93.13 -35.18 26.79
C PRO JC 175 93.83 -34.00 27.44
N LEU JC 176 94.92 -34.31 28.14
CA LEU JC 176 95.75 -33.29 28.76
C LEU JC 176 96.72 -32.73 27.73
N LEU JC 177 96.59 -31.44 27.42
CA LEU JC 177 97.45 -30.83 26.42
C LEU JC 177 98.86 -30.64 26.95
N GLY JC 178 99.00 -29.92 28.06
CA GLY JC 178 100.31 -29.69 28.65
C GLY JC 178 100.25 -28.92 29.94
N GLY JC 179 101.26 -28.12 30.22
CA GLY JC 179 101.23 -27.26 31.39
C GLY JC 179 102.60 -27.13 32.01
N CYS JC 180 102.65 -26.38 33.11
CA CYS JC 180 103.88 -26.11 33.83
C CYS JC 180 103.74 -26.56 35.28
N ILE JC 181 104.72 -27.33 35.75
CA ILE JC 181 104.80 -27.80 37.12
C ILE JC 181 106.08 -27.19 37.70
N ASP JC 182 105.94 -26.09 38.44
CA ASP JC 182 107.07 -25.36 39.01
C ASP JC 182 108.00 -24.86 37.92
N ASP JC 183 107.43 -24.06 37.02
CA ASP JC 183 108.17 -23.41 35.92
C ASP JC 183 108.85 -24.43 35.01
N THR JC 184 108.24 -25.59 34.84
CA THR JC 184 108.75 -26.63 33.95
C THR JC 184 107.62 -27.04 32.99
N ILE JC 185 107.68 -26.52 31.77
CA ILE JC 185 106.65 -26.79 30.77
C ILE JC 185 106.84 -28.21 30.24
N LEU JC 186 105.79 -29.02 30.33
CA LEU JC 186 105.83 -30.40 29.87
C LEU JC 186 104.59 -30.72 29.06
N SER JC 187 104.73 -31.72 28.19
CA SER JC 187 103.62 -32.22 27.39
C SER JC 187 102.90 -33.32 28.15
N ARG JC 188 102.03 -34.06 27.47
CA ARG JC 188 101.30 -35.14 28.13
C ARG JC 188 102.24 -36.23 28.63
N GLN JC 189 103.23 -36.61 27.81
CA GLN JC 189 104.20 -37.60 28.25
C GLN JC 189 105.04 -37.07 29.41
N GLY JC 190 105.35 -35.77 29.40
CA GLY JC 190 106.06 -35.18 30.53
C GLY JC 190 105.24 -35.24 31.81
N PHE JC 191 103.94 -34.96 31.71
CA PHE JC 191 103.07 -35.07 32.87
C PHE JC 191 102.97 -36.51 33.36
N ILE JC 192 102.92 -37.47 32.43
CA ILE JC 192 102.87 -38.87 32.81
C ILE JC 192 104.15 -39.27 33.55
N ASN JC 193 105.30 -38.81 33.04
CA ASN JC 193 106.57 -39.10 33.70
C ASN JC 193 106.64 -38.45 35.08
N TYR JC 194 106.15 -37.21 35.20
CA TYR JC 194 106.16 -36.55 36.50
C TYR JC 194 105.25 -37.27 37.49
N SER JC 195 104.12 -37.80 37.00
CA SER JC 195 103.21 -38.53 37.88
C SER JC 195 103.80 -39.85 38.31
N LYS JC 196 104.49 -40.55 37.40
CA LYS JC 196 105.14 -41.81 37.75
C LYS JC 196 106.39 -41.60 38.59
N LEU JC 197 106.95 -40.39 38.58
CA LEU JC 197 108.14 -40.11 39.37
C LEU JC 197 107.82 -40.18 40.86
N PRO JC 198 108.75 -40.67 41.69
CA PRO JC 198 108.53 -40.68 43.14
C PRO JC 198 108.39 -39.28 43.74
N SER JC 199 108.14 -39.21 45.04
CA SER JC 199 107.91 -37.94 45.70
C SER JC 199 109.22 -37.21 45.97
N LEU JC 200 109.09 -35.93 46.36
CA LEU JC 200 110.27 -35.13 46.65
C LEU JC 200 111.02 -35.64 47.86
N ALA JC 201 110.30 -36.01 48.93
CA ALA JC 201 110.95 -36.55 50.11
C ALA JC 201 111.67 -37.85 49.79
N LEU JC 202 111.04 -38.71 48.99
CA LEU JC 202 111.65 -39.98 48.62
C LEU JC 202 112.90 -39.77 47.76
N VAL JC 203 112.84 -38.85 46.80
CA VAL JC 203 114.01 -38.64 45.95
C VAL JC 203 115.12 -37.95 46.74
N GLN JC 204 114.78 -37.10 47.71
CA GLN JC 204 115.80 -36.50 48.56
C GLN JC 204 116.45 -37.55 49.47
N GLY JC 205 115.67 -38.48 49.98
CA GLY JC 205 116.25 -39.58 50.75
C GLY JC 205 117.10 -40.50 49.91
N GLU JC 206 116.73 -40.69 48.64
CA GLU JC 206 117.55 -41.50 47.74
C GLU JC 206 118.79 -40.78 47.24
N LEU JC 207 118.79 -39.44 47.28
CA LEU JC 207 119.97 -38.68 46.86
C LEU JC 207 121.19 -39.03 47.71
N VAL JC 208 121.04 -38.96 49.04
CA VAL JC 208 122.15 -39.27 49.94
C VAL JC 208 122.55 -40.73 49.80
N GLY JC 209 121.57 -41.61 49.61
CA GLY JC 209 121.88 -43.02 49.43
C GLY JC 209 122.73 -43.27 48.19
N GLY JC 210 122.33 -42.66 47.07
CA GLY JC 210 123.13 -42.80 45.85
C GLY JC 210 124.48 -42.12 45.94
N LEU JC 211 124.59 -41.06 46.74
CA LEU JC 211 125.89 -40.42 46.95
C LEU JC 211 126.82 -41.34 47.72
N THR JC 212 126.34 -41.90 48.83
CA THR JC 212 127.17 -42.78 49.66
C THR JC 212 127.27 -44.20 49.11
N PHE JC 213 126.54 -44.52 48.04
CA PHE JC 213 126.61 -45.85 47.44
C PHE JC 213 128.03 -46.19 46.99
N LEU JC 214 128.82 -45.20 46.60
CA LEU JC 214 130.19 -45.47 46.17
C LEU JC 214 131.02 -46.02 47.32
N THR JC 215 131.01 -45.32 48.46
CA THR JC 215 131.73 -45.82 49.63
C THR JC 215 131.10 -47.11 50.17
N ALA JC 216 129.79 -47.28 50.01
CA ALA JC 216 129.14 -48.52 50.44
C ALA JC 216 129.65 -49.70 49.63
N GLN JC 217 129.71 -49.56 48.32
CA GLN JC 217 130.26 -50.62 47.47
C GLN JC 217 131.75 -50.82 47.72
N THR JC 218 132.46 -49.75 48.05
CA THR JC 218 133.86 -49.88 48.43
C THR JC 218 134.01 -50.77 49.66
N TYR JC 219 133.25 -50.48 50.71
CA TYR JC 219 133.30 -51.30 51.93
C TYR JC 219 132.84 -52.73 51.65
N SER JC 220 131.86 -52.90 50.76
CA SER JC 220 131.39 -54.23 50.41
C SER JC 220 132.49 -55.04 49.74
N MET JC 221 133.20 -54.43 48.79
CA MET JC 221 134.31 -55.13 48.13
C MET JC 221 135.47 -55.38 49.09
N LEU JC 222 135.67 -54.48 50.06
CA LEU JC 222 136.74 -54.69 51.02
C LEU JC 222 136.41 -55.79 52.02
N GLN JC 223 135.13 -55.98 52.33
CA GLN JC 223 134.73 -57.00 53.29
C GLN JC 223 134.37 -58.34 52.66
N HIS JC 224 134.15 -58.38 51.34
CA HIS JC 224 133.76 -59.62 50.70
C HIS JC 224 134.91 -60.60 50.52
N GLN JC 225 136.15 -60.13 50.60
CA GLN JC 225 137.28 -61.05 50.47
C GLN JC 225 137.33 -62.06 51.61
N PRO JC 226 137.18 -61.68 52.88
CA PRO JC 226 137.02 -62.72 53.93
C PRO JC 226 135.69 -63.46 53.83
N ARG JC 227 134.69 -62.88 53.16
CA ARG JC 227 133.40 -63.54 53.02
C ARG JC 227 133.41 -64.62 51.95
N GLN JC 228 134.33 -64.51 50.97
CA GLN JC 228 134.43 -65.54 49.95
C GLN JC 228 134.84 -66.88 50.54
N LEU JC 229 135.80 -66.86 51.48
CA LEU JC 229 136.19 -68.10 52.15
C LEU JC 229 135.02 -68.69 52.94
N THR JC 230 134.26 -67.83 53.63
CA THR JC 230 133.11 -68.31 54.37
C THR JC 230 132.07 -68.93 53.44
N ALA JC 231 131.86 -68.31 52.27
CA ALA JC 231 130.89 -68.84 51.31
C ALA JC 231 131.35 -70.18 50.74
N LEU JC 232 132.63 -70.29 50.41
CA LEU JC 232 133.16 -71.56 49.92
C LEU JC 232 133.05 -72.65 51.00
N LEU JC 233 133.31 -72.29 52.25
CA LEU JC 233 133.19 -73.25 53.33
C LEU JC 233 131.75 -73.70 53.52
N ASP JC 234 130.80 -72.76 53.44
CA ASP JC 234 129.40 -73.13 53.56
C ASP JC 234 128.96 -74.00 52.39
N GLN JC 235 129.48 -73.73 51.20
CA GLN JC 235 129.17 -74.57 50.05
C GLN JC 235 129.71 -75.98 50.23
N TYR JC 236 130.94 -76.10 50.75
CA TYR JC 236 131.50 -77.42 50.99
C TYR JC 236 130.75 -78.16 52.10
N VAL JC 237 130.22 -77.43 53.09
CA VAL JC 237 129.41 -78.05 54.11
C VAL JC 237 128.10 -78.57 53.51
N LYS JC 238 127.44 -77.74 52.70
CA LYS JC 238 126.17 -78.14 52.11
C LYS JC 238 126.34 -79.28 51.11
N GLN JC 239 127.50 -79.38 50.47
CA GLN JC 239 127.74 -80.48 49.54
C GLN JC 239 127.82 -81.82 50.29
N GLN JC 240 128.16 -81.79 51.58
CA GLN JC 240 128.25 -83.01 52.36
C GLN JC 240 127.43 -82.89 53.65
N SER KC 17 64.72 -43.48 27.06
CA SER KC 17 63.85 -42.39 26.62
C SER KC 17 64.43 -41.03 27.00
N GLY KC 18 64.80 -40.88 28.26
CA GLY KC 18 65.40 -39.65 28.72
C GLY KC 18 65.05 -39.37 30.17
N MET KC 19 65.19 -38.09 30.53
CA MET KC 19 64.97 -37.63 31.90
C MET KC 19 63.61 -36.97 32.03
N ILE KC 20 62.93 -37.25 33.14
CA ILE KC 20 61.64 -36.64 33.45
C ILE KC 20 61.70 -36.09 34.88
N ARG KC 21 61.31 -34.83 35.04
CA ARG KC 21 61.25 -34.21 36.35
C ARG KC 21 59.81 -34.29 36.89
N ALA KC 22 59.69 -34.60 38.18
CA ALA KC 22 58.38 -34.68 38.80
C ALA KC 22 58.47 -34.19 40.24
N ILE KC 23 57.33 -33.74 40.75
CA ILE KC 23 57.19 -33.33 42.15
C ILE KC 23 55.91 -33.96 42.67
N VAL KC 24 56.04 -35.08 43.37
CA VAL KC 24 54.89 -35.80 43.92
C VAL KC 24 55.03 -35.82 45.44
N ARG KC 25 53.91 -36.08 46.11
CA ARG KC 25 53.91 -36.18 47.56
C ARG KC 25 54.70 -37.41 48.01
N ALA KC 26 54.84 -37.54 49.33
CA ALA KC 26 55.61 -38.65 49.89
C ALA KC 26 54.97 -40.00 49.55
N GLY KC 27 53.76 -40.23 50.03
CA GLY KC 27 53.09 -41.50 49.81
C GLY KC 27 51.89 -41.40 48.90
N GLN KC 28 51.52 -40.19 48.52
CA GLN KC 28 50.36 -39.94 47.66
C GLN KC 28 50.83 -39.87 46.21
N ALA KC 29 51.22 -41.03 45.69
CA ALA KC 29 51.66 -41.17 44.30
C ALA KC 29 50.63 -42.03 43.58
N ARG KC 30 49.59 -41.38 43.07
CA ARG KC 30 48.49 -42.03 42.37
C ARG KC 30 48.80 -42.18 40.88
N PRO KC 31 48.29 -43.23 40.25
CA PRO KC 31 48.67 -43.52 38.85
C PRO KC 31 47.93 -42.69 37.82
N GLY KC 32 47.28 -41.61 38.25
CA GLY KC 32 46.56 -40.75 37.34
C GLY KC 32 47.37 -39.53 36.94
N PRO KC 33 46.84 -38.76 36.00
CA PRO KC 33 47.49 -37.50 35.61
C PRO KC 33 47.58 -36.54 36.78
N PRO KC 34 48.50 -35.57 36.75
CA PRO KC 34 49.44 -35.28 35.65
C PRO KC 34 50.75 -36.06 35.73
N LEU KC 35 50.66 -37.36 36.05
CA LEU KC 35 51.85 -38.21 36.08
C LEU KC 35 51.63 -39.45 35.23
N GLY KC 36 50.37 -39.85 35.07
CA GLY KC 36 50.03 -41.04 34.34
C GLY KC 36 50.39 -40.99 32.87
N PRO KC 37 49.74 -40.10 32.11
CA PRO KC 37 49.98 -40.04 30.66
C PRO KC 37 51.44 -39.87 30.28
N ILE KC 38 52.25 -39.21 31.11
CA ILE KC 38 53.66 -39.01 30.77
C ILE KC 38 54.37 -40.36 30.66
N LEU KC 39 54.39 -41.12 31.75
CA LEU KC 39 55.04 -42.43 31.71
C LEU KC 39 54.30 -43.40 30.81
N GLY KC 40 53.01 -43.17 30.56
CA GLY KC 40 52.29 -44.01 29.60
C GLY KC 40 52.80 -43.82 28.19
N GLN KC 41 52.97 -42.56 27.78
CA GLN KC 41 53.56 -42.27 26.48
C GLN KC 41 55.00 -42.74 26.40
N ARG KC 42 55.74 -42.61 27.51
CA ARG KC 42 57.12 -43.07 27.51
C ARG KC 42 57.21 -44.59 27.33
N GLY KC 43 56.34 -45.33 28.00
CA GLY KC 43 56.30 -46.77 27.84
C GLY KC 43 56.26 -47.56 29.13
N VAL KC 44 56.86 -47.02 30.18
CA VAL KC 44 56.91 -47.74 31.46
C VAL KC 44 55.54 -47.74 32.11
N SER KC 45 55.34 -48.70 33.02
CA SER KC 45 54.07 -48.83 33.70
C SER KC 45 53.88 -47.73 34.73
N ILE KC 46 52.62 -47.42 35.03
CA ILE KC 46 52.29 -46.40 36.01
C ILE KC 46 52.11 -47.00 37.39
N ASN KC 47 51.41 -48.14 37.46
CA ASN KC 47 51.20 -48.82 38.75
C ASN KC 47 52.53 -49.28 39.33
N GLN KC 48 53.41 -49.81 38.50
CA GLN KC 48 54.73 -50.23 38.98
C GLN KC 48 55.52 -49.04 39.51
N PHE KC 49 55.49 -47.92 38.79
CA PHE KC 49 56.19 -46.73 39.26
C PHE KC 49 55.61 -46.23 40.59
N CYS KC 50 54.29 -46.27 40.72
CA CYS KC 50 53.67 -45.84 41.97
C CYS KC 50 54.05 -46.77 43.12
N LYS KC 51 54.08 -48.07 42.87
CA LYS KC 51 54.50 -49.01 43.91
C LYS KC 51 55.95 -48.76 44.32
N GLU KC 52 56.83 -48.56 43.35
CA GLU KC 52 58.22 -48.27 43.67
C GLU KC 52 58.33 -46.99 44.50
N PHE KC 53 57.61 -45.94 44.10
CA PHE KC 53 57.69 -44.67 44.81
C PHE KC 53 57.18 -44.81 46.24
N ASN KC 54 56.07 -45.54 46.42
CA ASN KC 54 55.52 -45.71 47.76
C ASN KC 54 56.44 -46.54 48.64
N GLU KC 55 57.04 -47.60 48.09
CA GLU KC 55 57.93 -48.43 48.88
C GLU KC 55 59.25 -47.72 49.18
N LYS KC 56 59.64 -46.75 48.34
CA LYS KC 56 60.84 -45.99 48.60
C LYS KC 56 60.61 -44.79 49.51
N THR KC 57 59.37 -44.29 49.59
CA THR KC 57 59.06 -43.14 50.44
C THR KC 57 58.11 -43.50 51.57
N LYS KC 58 58.01 -44.79 51.92
CA LYS KC 58 57.11 -45.20 53.00
C LYS KC 58 57.51 -44.61 54.34
N ASP KC 59 58.81 -44.39 54.57
CA ASP KC 59 59.25 -43.81 55.83
C ASP KC 59 59.07 -42.29 55.88
N ILE KC 60 58.76 -41.66 54.76
CA ILE KC 60 58.61 -40.21 54.68
C ILE KC 60 57.21 -39.83 55.16
N LYS KC 61 57.11 -38.69 55.82
CA LYS KC 61 55.82 -38.19 56.27
C LYS KC 61 54.91 -37.94 55.06
N GLU KC 62 53.83 -38.70 54.98
CA GLU KC 62 52.91 -38.59 53.86
C GLU KC 62 52.26 -37.21 53.83
N GLY KC 63 52.44 -36.51 52.71
CA GLY KC 63 51.86 -35.19 52.56
C GLY KC 63 52.83 -34.15 52.07
N ILE KC 64 54.13 -34.41 52.22
CA ILE KC 64 55.15 -33.45 51.81
C ILE KC 64 55.63 -33.79 50.40
N PRO KC 65 55.88 -32.81 49.55
CA PRO KC 65 56.39 -33.08 48.20
C PRO KC 65 57.91 -33.04 48.15
N LEU KC 66 58.47 -33.88 47.28
CA LEU KC 66 59.92 -33.93 47.08
C LEU KC 66 60.19 -34.16 45.60
N PRO KC 67 61.18 -33.46 45.03
CA PRO KC 67 61.46 -33.64 43.60
C PRO KC 67 62.07 -35.00 43.31
N THR KC 68 61.76 -35.53 42.13
CA THR KC 68 62.28 -36.81 41.68
C THR KC 68 62.61 -36.71 40.19
N LYS KC 69 63.64 -37.44 39.81
CA LYS KC 69 64.08 -37.53 38.42
C LYS KC 69 63.98 -38.99 37.99
N ILE KC 70 63.21 -39.22 36.93
CA ILE KC 70 63.00 -40.54 36.37
C ILE KC 70 63.82 -40.65 35.09
N PHE KC 71 64.79 -41.56 35.09
CA PHE KC 71 65.61 -41.83 33.91
C PHE KC 71 65.06 -43.09 33.24
N VAL KC 72 64.47 -42.93 32.07
CA VAL KC 72 63.89 -44.03 31.31
C VAL KC 72 64.84 -44.39 30.19
N LYS KC 73 65.23 -45.66 30.14
CA LYS KC 73 66.10 -46.22 29.11
C LYS KC 73 65.28 -46.71 27.94
N PRO KC 74 65.91 -46.89 26.77
CA PRO KC 74 65.15 -47.32 25.58
C PRO KC 74 64.44 -48.66 25.75
N ASP KC 75 64.84 -49.49 26.71
CA ASP KC 75 64.23 -50.79 26.91
C ASP KC 75 63.05 -50.75 27.88
N ARG KC 76 62.42 -49.58 28.04
CA ARG KC 76 61.25 -49.41 28.90
C ARG KC 76 61.55 -49.74 30.36
N THR KC 77 62.79 -49.51 30.77
CA THR KC 77 63.19 -49.59 32.17
C THR KC 77 63.38 -48.19 32.73
N PHE KC 78 63.16 -48.04 34.03
CA PHE KC 78 63.23 -46.73 34.64
C PHE KC 78 63.99 -46.80 35.97
N GLU KC 79 64.77 -45.75 36.23
CA GLU KC 79 65.46 -45.56 37.50
C GLU KC 79 65.01 -44.23 38.11
N ILE KC 80 65.03 -44.17 39.44
CA ILE KC 80 64.50 -43.04 40.18
C ILE KC 80 65.60 -42.43 41.02
N LYS KC 81 65.65 -41.09 41.05
CA LYS KC 81 66.56 -40.35 41.91
C LYS KC 81 65.75 -39.28 42.64
N ILE KC 82 65.63 -39.43 43.96
CA ILE KC 82 64.81 -38.55 44.78
C ILE KC 82 65.71 -37.55 45.47
N GLY KC 83 65.29 -36.28 45.52
CA GLY KC 83 66.02 -35.25 46.20
C GLY KC 83 65.36 -34.85 47.51
N GLN KC 84 65.98 -33.87 48.17
CA GLN KC 84 65.41 -33.34 49.40
C GLN KC 84 64.09 -32.63 49.11
N PRO KC 85 63.17 -32.59 50.09
CA PRO KC 85 61.85 -32.00 49.84
C PRO KC 85 61.90 -30.55 49.39
N THR KC 86 60.76 -30.03 48.96
CA THR KC 86 60.71 -28.71 48.34
C THR KC 86 61.07 -27.61 49.33
N VAL KC 87 61.95 -26.71 48.91
CA VAL KC 87 62.35 -25.60 49.78
C VAL KC 87 61.17 -24.68 50.07
N SER KC 88 60.23 -24.56 49.13
CA SER KC 88 59.01 -23.82 49.41
C SER KC 88 58.26 -24.45 50.56
N TYR KC 89 58.16 -25.78 50.58
CA TYR KC 89 57.53 -26.49 51.69
C TYR KC 89 58.30 -26.25 52.98
N PHE KC 90 59.63 -26.31 52.93
CA PHE KC 90 60.44 -26.07 54.12
C PHE KC 90 60.17 -24.69 54.70
N LEU KC 91 60.12 -23.67 53.85
CA LEU KC 91 59.90 -22.31 54.33
C LEU KC 91 58.48 -22.14 54.85
N LYS KC 92 57.48 -22.70 54.16
CA LYS KC 92 56.12 -22.60 54.63
C LYS KC 92 55.94 -23.29 55.99
N ALA KC 93 56.64 -24.41 56.18
CA ALA KC 93 56.57 -25.09 57.47
C ALA KC 93 57.26 -24.27 58.56
N ALA KC 94 58.46 -23.76 58.26
CA ALA KC 94 59.20 -22.98 59.25
C ALA KC 94 58.46 -21.70 59.62
N ALA KC 95 57.65 -21.17 58.71
CA ALA KC 95 56.87 -19.98 58.99
C ALA KC 95 55.51 -20.29 59.62
N GLY KC 96 54.99 -21.50 59.42
CA GLY KC 96 53.69 -21.84 59.96
C GLY KC 96 52.52 -21.41 59.12
N ILE KC 97 52.76 -21.03 57.86
CA ILE KC 97 51.72 -20.56 56.96
C ILE KC 97 51.52 -21.61 55.87
N GLU KC 98 50.27 -21.99 55.62
CA GLU KC 98 49.99 -23.06 54.67
C GLU KC 98 50.24 -22.60 53.24
N LYS KC 99 49.62 -21.49 52.83
CA LYS KC 99 49.74 -20.98 51.46
C LYS KC 99 50.37 -19.60 51.50
N GLY KC 100 51.41 -19.40 50.69
CA GLY KC 100 52.16 -18.17 50.71
C GLY KC 100 51.35 -16.95 50.32
N ALA KC 101 51.99 -15.79 50.43
CA ALA KC 101 51.33 -14.53 50.16
C ALA KC 101 51.09 -14.34 48.67
N ARG KC 102 50.07 -13.54 48.36
CA ARG KC 102 49.74 -13.25 46.97
C ARG KC 102 50.61 -12.10 46.43
N HIS KC 103 50.50 -10.92 47.03
CA HIS KC 103 51.27 -9.76 46.60
C HIS KC 103 52.59 -9.75 47.36
N THR KC 104 53.59 -10.40 46.77
CA THR KC 104 54.91 -10.45 47.38
C THR KC 104 55.52 -9.06 47.46
N GLY KC 105 56.09 -8.73 48.61
CA GLY KC 105 56.67 -7.42 48.87
C GLY KC 105 55.68 -6.43 49.43
N LYS KC 106 54.42 -6.51 49.03
CA LYS KC 106 53.38 -5.63 49.54
C LYS KC 106 52.79 -6.12 50.85
N GLU KC 107 52.75 -7.43 51.06
CA GLU KC 107 52.20 -8.01 52.28
C GLU KC 107 53.23 -8.97 52.87
N VAL KC 108 53.02 -9.30 54.15
CA VAL KC 108 53.90 -10.21 54.88
C VAL KC 108 53.18 -11.53 55.07
N ALA KC 109 53.84 -12.63 54.70
CA ALA KC 109 53.24 -13.96 54.83
C ALA KC 109 53.57 -14.59 56.18
N GLY KC 110 54.85 -14.76 56.47
CA GLY KC 110 55.26 -15.37 57.73
C GLY KC 110 56.44 -14.67 58.37
N LEU KC 111 57.12 -15.37 59.27
CA LEU KC 111 58.28 -14.80 59.97
C LEU KC 111 59.22 -15.92 60.34
N VAL KC 112 60.43 -15.90 59.77
CA VAL KC 112 61.45 -16.91 60.05
C VAL KC 112 62.69 -16.20 60.58
N THR KC 113 63.62 -17.00 61.08
CA THR KC 113 64.86 -16.50 61.67
C THR KC 113 66.06 -17.08 60.92
N LEU KC 114 67.21 -16.44 61.13
CA LEU KC 114 68.45 -16.93 60.54
C LEU KC 114 68.80 -18.31 61.06
N LYS KC 115 68.41 -18.61 62.30
CA LYS KC 115 68.59 -19.96 62.83
C LYS KC 115 67.82 -20.98 61.98
N HIS KC 116 66.56 -20.69 61.70
CA HIS KC 116 65.75 -21.59 60.88
C HIS KC 116 66.30 -21.68 59.45
N VAL KC 117 66.82 -20.56 58.93
CA VAL KC 117 67.39 -20.59 57.59
C VAL KC 117 68.62 -21.49 57.54
N TYR KC 118 69.49 -21.37 58.55
CA TYR KC 118 70.67 -22.23 58.62
C TYR KC 118 70.27 -23.69 58.80
N GLU KC 119 69.23 -23.94 59.58
CA GLU KC 119 68.76 -25.31 59.76
C GLU KC 119 68.25 -25.89 58.45
N ILE KC 120 67.48 -25.11 57.69
CA ILE KC 120 66.97 -25.58 56.41
C ILE KC 120 68.12 -25.83 55.44
N ALA KC 121 69.12 -24.94 55.45
CA ALA KC 121 70.29 -25.14 54.60
C ALA KC 121 71.01 -26.44 54.97
N ARG KC 122 71.17 -26.69 56.28
CA ARG KC 122 71.86 -27.89 56.72
C ARG KC 122 71.10 -29.15 56.33
N VAL KC 123 69.77 -29.12 56.43
CA VAL KC 123 69.00 -30.32 56.12
C VAL KC 123 68.75 -30.48 54.62
N LYS KC 124 68.98 -29.45 53.82
CA LYS KC 124 68.79 -29.55 52.38
C LYS KC 124 70.10 -29.67 51.60
N ALA KC 125 71.25 -29.42 52.24
CA ALA KC 125 72.52 -29.51 51.54
C ALA KC 125 72.75 -30.89 50.95
N GLN KC 126 72.27 -31.94 51.63
CA GLN KC 126 72.48 -33.32 51.18
C GLN KC 126 71.51 -33.65 50.05
N ASP KC 127 71.76 -33.04 48.89
CA ASP KC 127 70.98 -33.28 47.69
C ASP KC 127 71.90 -33.37 46.50
N ASP KC 128 71.33 -33.67 45.33
CA ASP KC 128 72.13 -33.88 44.13
C ASP KC 128 72.84 -32.60 43.70
N ALA KC 129 72.12 -31.49 43.65
CA ALA KC 129 72.71 -30.24 43.16
C ALA KC 129 73.82 -29.76 44.07
N PHE KC 130 73.55 -29.63 45.37
CA PHE KC 130 74.54 -29.15 46.31
C PHE KC 130 75.57 -30.21 46.67
N ALA KC 131 75.40 -31.44 46.18
CA ALA KC 131 76.45 -32.44 46.28
C ALA KC 131 77.41 -32.36 45.10
N LEU KC 132 76.88 -32.12 43.90
CA LEU KC 132 77.73 -31.92 42.74
C LEU KC 132 78.48 -30.60 42.84
N GLN KC 133 77.85 -29.58 43.41
CA GLN KC 133 78.47 -28.27 43.58
C GLN KC 133 79.11 -28.19 44.96
N ASP KC 134 80.43 -28.09 45.00
CA ASP KC 134 81.16 -27.97 46.27
C ASP KC 134 81.04 -26.51 46.74
N VAL KC 135 79.88 -26.21 47.31
CA VAL KC 135 79.61 -24.86 47.82
C VAL KC 135 79.47 -24.93 49.33
N PRO KC 136 79.90 -23.89 50.06
CA PRO KC 136 79.72 -23.90 51.52
C PRO KC 136 78.27 -23.66 51.89
N LEU KC 137 77.96 -23.70 53.19
CA LEU KC 137 76.59 -23.49 53.63
C LEU KC 137 76.12 -22.06 53.41
N SER KC 138 77.04 -21.12 53.21
CA SER KC 138 76.65 -19.73 52.99
C SER KC 138 75.85 -19.57 51.70
N SER KC 139 76.26 -20.28 50.64
CA SER KC 139 75.52 -20.22 49.38
C SER KC 139 74.11 -20.77 49.55
N VAL KC 140 73.97 -21.88 50.27
CA VAL KC 140 72.65 -22.46 50.49
C VAL KC 140 71.80 -21.52 51.34
N VAL KC 141 72.41 -20.87 52.32
CA VAL KC 141 71.67 -19.92 53.15
C VAL KC 141 71.17 -18.74 52.31
N ARG KC 142 72.02 -18.25 51.41
CA ARG KC 142 71.61 -17.15 50.54
C ARG KC 142 70.49 -17.58 49.60
N SER KC 143 70.57 -18.81 49.08
CA SER KC 143 69.49 -19.31 48.22
C SER KC 143 68.19 -19.44 49.00
N ILE KC 144 68.27 -19.89 50.25
CA ILE KC 144 67.07 -20.01 51.08
C ILE KC 144 66.48 -18.63 51.36
N ILE KC 145 67.34 -17.64 51.61
CA ILE KC 145 66.86 -16.28 51.84
C ILE KC 145 66.17 -15.75 50.59
N GLY KC 146 66.74 -16.02 49.43
CA GLY KC 146 66.11 -15.60 48.19
C GLY KC 146 64.76 -16.25 47.97
N SER KC 147 64.66 -17.57 48.22
CA SER KC 147 63.38 -18.25 48.09
C SER KC 147 62.36 -17.72 49.08
N ALA KC 148 62.80 -17.40 50.29
CA ALA KC 148 61.88 -16.87 51.29
C ALA KC 148 61.37 -15.49 50.90
N ARG KC 149 62.25 -14.62 50.40
CA ARG KC 149 61.80 -13.30 49.95
C ARG KC 149 60.92 -13.41 48.72
N SER KC 150 61.12 -14.45 47.90
CA SER KC 150 60.22 -14.68 46.78
C SER KC 150 58.84 -15.11 47.26
N LEU KC 151 58.80 -16.00 48.26
CA LEU KC 151 57.52 -16.37 48.87
C LEU KC 151 56.87 -15.19 49.58
N GLY KC 152 57.65 -14.20 49.99
CA GLY KC 152 57.13 -13.06 50.71
C GLY KC 152 57.33 -13.12 52.21
N ILE KC 153 58.07 -14.11 52.70
CA ILE KC 153 58.30 -14.26 54.14
C ILE KC 153 59.48 -13.40 54.54
N ARG KC 154 59.30 -12.60 55.60
CA ARG KC 154 60.38 -11.79 56.12
C ARG KC 154 61.31 -12.63 56.99
N VAL KC 155 62.59 -12.26 56.98
CA VAL KC 155 63.63 -13.00 57.70
C VAL KC 155 64.30 -12.01 58.66
N VAL KC 156 63.86 -12.02 59.91
CA VAL KC 156 64.48 -11.17 60.93
C VAL KC 156 65.72 -11.86 61.48
N LYS KC 157 66.65 -11.07 62.00
CA LYS KC 157 67.91 -11.61 62.51
C LYS KC 157 67.66 -12.54 63.70
N ASP KC 158 67.18 -11.99 64.81
CA ASP KC 158 66.87 -12.78 65.99
C ASP KC 158 65.76 -12.08 66.76
N LEU KC 159 64.51 -12.45 66.46
CA LEU KC 159 63.35 -11.94 67.20
C LEU KC 159 62.28 -13.03 67.18
N SER KC 160 62.25 -13.85 68.22
CA SER KC 160 61.16 -14.81 68.38
C SER KC 160 60.96 -15.10 69.86
N SER KC 161 60.12 -14.29 70.50
CA SER KC 161 59.54 -14.64 71.81
C SER KC 161 58.02 -14.63 71.75
N GLU KC 162 57.41 -13.50 71.37
CA GLU KC 162 55.97 -13.41 71.12
C GLU KC 162 55.64 -12.63 69.85
N GLU KC 163 56.63 -11.98 69.22
CA GLU KC 163 56.36 -11.21 68.01
C GLU KC 163 55.77 -12.08 66.91
N LEU KC 164 56.11 -13.37 66.90
CA LEU KC 164 55.51 -14.28 65.94
C LEU KC 164 53.99 -14.31 66.08
N ALA KC 165 53.50 -14.44 67.31
CA ALA KC 165 52.05 -14.43 67.53
C ALA KC 165 51.45 -13.05 67.33
N ALA KC 166 52.19 -12.00 67.71
CA ALA KC 166 51.71 -10.63 67.52
C ALA KC 166 51.48 -10.34 66.05
N PHE KC 167 52.35 -10.85 65.18
CA PHE KC 167 52.15 -10.72 63.75
C PHE KC 167 51.16 -11.75 63.22
N GLN KC 168 51.04 -12.89 63.89
CA GLN KC 168 50.15 -13.95 63.42
C GLN KC 168 48.69 -13.55 63.56
N LYS KC 169 48.33 -12.90 64.67
CA LYS KC 169 46.95 -12.46 64.83
C LYS KC 169 46.56 -11.45 63.74
N GLU KC 170 47.47 -10.51 63.45
CA GLU KC 170 47.19 -9.51 62.42
C GLU KC 170 47.15 -10.15 61.04
N ARG KC 171 48.02 -11.13 60.79
CA ARG KC 171 47.98 -11.84 59.51
C ARG KC 171 46.69 -12.63 59.36
N ALA KC 172 46.20 -13.22 60.45
CA ALA KC 172 44.93 -13.95 60.40
C ALA KC 172 43.77 -13.01 60.11
N LEU KC 173 43.73 -11.86 60.79
CA LEU KC 173 42.70 -10.87 60.48
C LEU KC 173 42.80 -10.41 59.03
N PHE KC 174 44.02 -10.20 58.54
CA PHE KC 174 44.23 -9.74 57.18
C PHE KC 174 43.74 -10.77 56.17
N LEU KC 175 44.05 -12.05 56.39
CA LEU KC 175 43.62 -13.08 55.45
C LEU KC 175 42.12 -13.31 55.53
N ALA KC 176 41.51 -13.16 56.72
CA ALA KC 176 40.07 -13.27 56.82
C ALA KC 176 39.38 -12.15 56.06
N ALA KC 177 39.83 -10.91 56.24
CA ALA KC 177 39.27 -9.80 55.48
C ALA KC 177 39.55 -9.96 53.98
N GLN KC 178 40.69 -10.55 53.63
CA GLN KC 178 41.02 -10.79 52.23
C GLN KC 178 40.06 -11.80 51.62
N ARG KC 179 39.76 -12.87 52.35
CA ARG KC 179 38.80 -13.86 51.86
C ARG KC 179 37.41 -13.27 51.75
N GLU KC 180 37.01 -12.44 52.72
CA GLU KC 180 35.71 -11.77 52.62
C GLU KC 180 35.66 -10.87 51.40
N ALA KC 181 36.71 -10.09 51.16
CA ALA KC 181 36.73 -9.20 49.99
C ALA KC 181 36.76 -9.99 48.69
N ASP KC 182 37.44 -11.15 48.67
CA ASP KC 182 37.44 -11.98 47.47
C ASP KC 182 36.05 -12.53 47.19
N LEU KC 183 35.36 -13.02 48.22
CA LEU KC 183 34.00 -13.50 48.03
C LEU KC 183 33.08 -12.37 47.58
N ALA KC 184 33.24 -11.18 48.15
CA ALA KC 184 32.42 -10.05 47.75
C ALA KC 184 32.68 -9.65 46.30
N ALA KC 185 33.95 -9.64 45.88
CA ALA KC 185 34.28 -9.29 44.51
C ALA KC 185 33.77 -10.35 43.54
N GLN KC 186 33.84 -11.62 43.94
CA GLN KC 186 33.31 -12.69 43.09
C GLN KC 186 31.79 -12.56 42.93
N ALA KC 187 31.09 -12.27 44.03
CA ALA KC 187 29.65 -12.06 43.95
C ALA KC 187 29.32 -10.84 43.08
N GLU KC 188 30.12 -9.78 43.20
CA GLU KC 188 29.88 -8.59 42.39
C GLU KC 188 30.09 -8.88 40.92
N ALA KC 189 31.16 -9.60 40.58
CA ALA KC 189 31.40 -9.96 39.18
C ALA KC 189 30.33 -10.89 38.66
N ALA KC 190 29.78 -11.76 39.51
CA ALA KC 190 28.69 -12.63 39.08
C ALA KC 190 27.40 -11.86 38.85
N LYS KC 191 27.15 -10.83 39.67
CA LYS KC 191 25.93 -10.05 39.53
C LYS KC 191 26.01 -9.02 38.41
N LYS KC 192 27.20 -8.55 38.07
CA LYS KC 192 27.36 -7.57 37.00
C LYS KC 192 27.23 -8.21 35.62
N SER LC 2 88.97 13.24 -65.71
CA SER LC 2 88.09 14.39 -65.51
C SER LC 2 87.40 14.78 -66.80
N SER LC 3 88.09 14.59 -67.92
CA SER LC 3 87.56 14.95 -69.23
C SER LC 3 86.94 13.71 -69.89
N PHE LC 4 85.79 13.32 -69.36
CA PHE LC 4 85.04 12.18 -69.89
C PHE LC 4 83.90 12.67 -70.76
N SER LC 5 83.41 11.76 -71.61
CA SER LC 5 82.21 12.05 -72.38
C SER LC 5 80.99 12.07 -71.45
N LYS LC 6 79.91 12.68 -71.95
CA LYS LC 6 78.75 12.93 -71.09
C LYS LC 6 78.10 11.64 -70.62
N ALA LC 7 77.89 10.70 -71.55
CA ALA LC 7 77.22 9.45 -71.16
C ALA LC 7 78.04 8.64 -70.18
N PRO LC 8 79.33 8.34 -70.41
CA PRO LC 8 80.08 7.58 -69.40
C PRO LC 8 80.29 8.36 -68.12
N GLN LC 9 80.43 9.69 -68.20
CA GLN LC 9 80.54 10.49 -66.97
C GLN LC 9 79.28 10.34 -66.12
N GLN LC 10 78.10 10.47 -66.75
CA GLN LC 10 76.85 10.30 -66.02
C GLN LC 10 76.72 8.89 -65.46
N TRP LC 11 77.11 7.89 -66.24
CA TRP LC 11 77.00 6.50 -65.78
C TRP LC 11 77.89 6.27 -64.56
N ALA LC 12 79.13 6.75 -64.62
CA ALA LC 12 80.03 6.59 -63.48
C ALA LC 12 79.57 7.41 -62.29
N THR LC 13 78.92 8.56 -62.52
CA THR LC 13 78.47 9.39 -61.42
C THR LC 13 77.32 8.74 -60.68
N PHE LC 14 76.34 8.20 -61.41
CA PHE LC 14 75.16 7.60 -60.80
C PHE LC 14 75.18 6.07 -60.86
N ALA LC 15 76.37 5.48 -60.89
CA ALA LC 15 76.48 4.02 -60.82
C ALA LC 15 76.08 3.50 -59.44
N ARG LC 16 75.73 2.22 -59.39
CA ARG LC 16 75.40 1.56 -58.14
C ARG LC 16 76.58 0.75 -57.64
N VAL LC 17 76.70 0.66 -56.32
CA VAL LC 17 77.82 0.01 -55.66
C VAL LC 17 77.29 -1.05 -54.71
N TRP LC 18 77.99 -2.19 -54.65
CA TRP LC 18 77.65 -3.28 -53.75
C TRP LC 18 78.62 -3.29 -52.58
N TYR LC 19 78.09 -3.25 -51.36
CA TYR LC 19 78.89 -3.27 -50.15
C TYR LC 19 78.66 -4.56 -49.38
N LEU LC 20 79.67 -4.96 -48.62
CA LEU LC 20 79.60 -6.13 -47.76
C LEU LC 20 79.57 -5.71 -46.30
N LEU LC 21 78.85 -6.47 -45.48
CA LEU LC 21 78.76 -6.17 -44.06
C LEU LC 21 78.63 -7.47 -43.28
N ASP LC 22 79.60 -7.72 -42.40
CA ASP LC 22 79.55 -8.87 -41.51
C ASP LC 22 78.72 -8.53 -40.29
N GLY LC 23 77.79 -9.42 -39.94
CA GLY LC 23 76.93 -9.24 -38.78
C GLY LC 23 77.21 -10.14 -37.60
N LYS LC 24 78.35 -10.85 -37.59
CA LYS LC 24 78.66 -11.73 -36.48
C LYS LC 24 79.03 -10.91 -35.25
N MET LC 25 78.34 -11.16 -34.13
CA MET LC 25 78.56 -10.44 -32.88
C MET LC 25 78.38 -8.94 -33.07
N GLN LC 26 77.32 -8.55 -33.79
CA GLN LC 26 77.06 -7.15 -34.08
C GLN LC 26 75.65 -6.78 -33.66
N PRO LC 27 75.46 -5.57 -33.12
CA PRO LC 27 74.12 -5.14 -32.73
C PRO LC 27 73.27 -4.80 -33.95
N PRO LC 28 72.01 -5.27 -33.97
CA PRO LC 28 71.16 -4.99 -35.13
C PRO LC 28 70.92 -3.52 -35.36
N GLY LC 29 70.86 -2.72 -34.30
CA GLY LC 29 70.66 -1.28 -34.49
C GLY LC 29 71.83 -0.63 -35.21
N LYS LC 30 73.04 -0.90 -34.74
CA LYS LC 30 74.21 -0.32 -35.39
C LYS LC 30 74.42 -0.89 -36.78
N LEU LC 31 73.97 -2.12 -37.03
CA LEU LC 31 74.01 -2.65 -38.40
C LEU LC 31 73.04 -1.90 -39.29
N ALA LC 32 71.77 -1.84 -38.87
CA ALA LC 32 70.73 -1.22 -39.70
C ALA LC 32 70.98 0.27 -39.91
N ALA LC 33 71.69 0.92 -38.99
CA ALA LC 33 72.02 2.33 -39.18
C ALA LC 33 72.80 2.52 -40.49
N MET LC 34 73.98 1.92 -40.58
CA MET LC 34 74.78 2.05 -41.80
C MET LC 34 74.11 1.38 -42.98
N ALA LC 35 73.30 0.34 -42.75
CA ALA LC 35 72.58 -0.29 -43.85
C ALA LC 35 71.61 0.69 -44.50
N SER LC 36 70.81 1.38 -43.67
CA SER LC 36 69.87 2.36 -44.19
C SER LC 36 70.60 3.55 -44.81
N VAL LC 37 71.75 3.94 -44.24
CA VAL LC 37 72.54 5.01 -44.82
C VAL LC 37 72.95 4.65 -46.24
N LYS LC 38 73.56 3.48 -46.40
CA LYS LC 38 74.02 3.06 -47.72
C LYS LC 38 72.85 2.79 -48.68
N LEU LC 39 71.69 2.42 -48.14
CA LEU LC 39 70.53 2.22 -49.01
C LEU LC 39 69.99 3.54 -49.53
N GLN LC 40 69.70 4.48 -48.63
CA GLN LC 40 69.23 5.79 -49.05
C GLN LC 40 70.25 6.54 -49.89
N GLY LC 41 71.53 6.22 -49.75
CA GLY LC 41 72.56 6.92 -50.49
C GLY LC 41 73.08 8.16 -49.84
N LEU LC 42 72.93 8.29 -48.52
CA LEU LC 42 73.40 9.46 -47.79
C LEU LC 42 74.91 9.49 -47.63
N HIS LC 43 75.62 8.61 -48.33
CA HIS LC 43 77.07 8.62 -48.37
C HIS LC 43 77.63 9.25 -49.63
N LYS LC 44 76.76 9.73 -50.52
CA LYS LC 44 77.18 10.34 -51.77
C LYS LC 44 76.88 11.83 -51.76
N PRO LC 45 77.83 12.70 -52.10
CA PRO LC 45 77.54 14.13 -52.21
C PRO LC 45 76.60 14.47 -53.35
N VAL LC 46 76.28 13.51 -54.23
CA VAL LC 46 75.32 13.73 -55.30
C VAL LC 46 73.94 13.19 -54.93
N TYR LC 47 73.69 12.97 -53.64
CA TYR LC 47 72.40 12.46 -53.19
C TYR LC 47 71.30 13.49 -53.40
N HIS LC 48 70.12 12.99 -53.74
CA HIS LC 48 68.92 13.81 -53.81
C HIS LC 48 67.70 12.93 -53.59
N GLN LC 49 66.61 13.54 -53.15
CA GLN LC 49 65.40 12.77 -52.87
C GLN LC 49 64.74 12.28 -54.16
N LEU LC 50 64.66 13.14 -55.18
CA LEU LC 50 64.03 12.75 -56.43
C LEU LC 50 64.87 11.74 -57.20
N SER LC 51 66.19 11.83 -57.10
CA SER LC 51 67.06 10.89 -57.80
C SER LC 51 67.03 9.53 -57.10
N ASP LC 52 67.34 8.49 -57.88
CA ASP LC 52 67.31 7.11 -57.41
C ASP LC 52 68.70 6.60 -57.04
N CYS LC 53 69.54 7.47 -56.49
CA CYS LC 53 70.89 7.08 -56.08
C CYS LC 53 70.81 6.13 -54.90
N GLY LC 54 71.04 4.84 -55.15
CA GLY LC 54 70.99 3.85 -54.11
C GLY LC 54 71.98 2.72 -54.32
N ASP LC 55 72.55 2.21 -53.23
CA ASP LC 55 73.56 1.17 -53.29
C ASP LC 55 73.04 -0.10 -52.63
N HIS LC 56 73.56 -1.24 -53.08
CA HIS LC 56 73.16 -2.53 -52.54
C HIS LC 56 74.07 -2.91 -51.37
N VAL LC 57 73.49 -3.59 -50.39
CA VAL LC 57 74.21 -4.03 -49.21
C VAL LC 57 73.95 -5.52 -49.00
N VAL LC 58 75.01 -6.28 -48.78
CA VAL LC 58 74.93 -7.71 -48.52
C VAL LC 58 75.41 -7.94 -47.11
N ILE LC 59 74.49 -8.33 -46.23
CA ILE LC 59 74.79 -8.59 -44.83
C ILE LC 59 74.90 -10.10 -44.62
N MET LC 60 76.05 -10.55 -44.12
CA MET LC 60 76.29 -11.97 -43.88
C MET LC 60 76.35 -12.24 -42.38
N ASN LC 61 76.34 -13.53 -42.04
CA ASN LC 61 76.31 -13.99 -40.65
C ASN LC 61 75.12 -13.38 -39.90
N THR LC 62 73.93 -13.53 -40.48
CA THR LC 62 72.73 -12.96 -39.87
C THR LC 62 72.28 -13.76 -38.66
N ARG LC 63 72.38 -15.10 -38.74
CA ARG LC 63 71.95 -15.95 -37.63
C ARG LC 63 72.81 -15.70 -36.39
N HIS LC 64 74.05 -15.25 -36.57
CA HIS LC 64 74.95 -14.98 -35.46
C HIS LC 64 74.87 -13.55 -34.97
N ILE LC 65 73.72 -12.90 -35.13
CA ILE LC 65 73.55 -11.54 -34.64
C ILE LC 65 73.57 -11.54 -33.10
N ALA LC 66 73.82 -10.36 -32.54
CA ALA LC 66 73.94 -10.20 -31.10
C ALA LC 66 73.13 -9.01 -30.63
N PHE LC 67 72.21 -9.25 -29.69
CA PHE LC 67 71.43 -8.19 -29.07
C PHE LC 67 72.09 -7.77 -27.76
N SER LC 68 72.05 -6.47 -27.48
CA SER LC 68 72.58 -5.96 -26.23
C SER LC 68 71.52 -6.03 -25.14
N GLY LC 69 71.93 -6.49 -23.96
CA GLY LC 69 71.01 -6.59 -22.86
C GLY LC 69 70.11 -7.81 -22.96
N ASN LC 70 69.02 -7.77 -22.19
CA ASN LC 70 68.04 -8.85 -22.17
C ASN LC 70 66.93 -8.65 -23.19
N LYS LC 71 67.22 -7.92 -24.28
CA LYS LC 71 66.22 -7.73 -25.32
C LYS LC 71 65.86 -9.04 -26.00
N TRP LC 72 66.79 -10.01 -26.01
CA TRP LC 72 66.50 -11.33 -26.57
C TRP LC 72 65.24 -11.93 -25.97
N GLU LC 73 64.96 -11.64 -24.70
CA GLU LC 73 63.78 -12.17 -24.05
C GLU LC 73 62.71 -11.11 -23.77
N GLN LC 74 63.06 -9.83 -23.80
CA GLN LC 74 62.09 -8.77 -23.51
C GLN LC 74 61.41 -8.23 -24.76
N LYS LC 75 62.14 -8.05 -25.86
CA LYS LC 75 61.57 -7.41 -27.04
C LYS LC 75 60.64 -8.35 -27.79
N VAL LC 76 59.50 -7.81 -28.23
CA VAL LC 76 58.52 -8.58 -28.97
C VAL LC 76 58.33 -7.95 -30.35
N TYR LC 77 57.88 -8.76 -31.30
CA TYR LC 77 57.50 -8.32 -32.62
C TYR LC 77 56.07 -8.77 -32.89
N SER LC 78 55.14 -7.83 -32.79
CA SER LC 78 53.72 -8.12 -32.89
C SER LC 78 53.24 -7.90 -34.32
N SER LC 79 52.57 -8.90 -34.87
CA SER LC 79 51.94 -8.81 -36.18
C SER LC 79 50.47 -9.20 -36.06
N HIS LC 80 49.71 -8.97 -37.12
CA HIS LC 80 48.30 -9.30 -37.13
C HIS LC 80 47.88 -9.70 -38.54
N THR LC 81 47.26 -10.86 -38.66
CA THR LC 81 46.80 -11.36 -39.94
C THR LC 81 45.49 -10.71 -40.39
N GLY LC 82 44.95 -9.78 -39.62
CA GLY LC 82 43.71 -9.13 -39.97
C GLY LC 82 42.48 -9.83 -39.41
N TYR LC 83 42.51 -11.16 -39.42
CA TYR LC 83 41.38 -11.93 -38.92
C TYR LC 83 41.25 -11.75 -37.42
N PRO LC 84 40.02 -11.85 -36.88
CA PRO LC 84 39.84 -11.67 -35.44
C PRO LC 84 40.52 -12.77 -34.65
N GLY LC 85 41.21 -12.37 -33.59
CA GLY LC 85 41.98 -13.31 -32.81
C GLY LC 85 43.27 -13.74 -33.44
N GLY LC 86 43.67 -13.14 -34.56
CA GLY LC 86 44.91 -13.47 -35.21
C GLY LC 86 46.02 -12.50 -34.87
N PHE LC 87 46.02 -12.00 -33.64
CA PHE LC 87 47.01 -11.05 -33.18
C PHE LC 87 48.13 -11.82 -32.49
N ARG LC 88 49.25 -11.98 -33.18
CA ARG LC 88 50.39 -12.75 -32.69
C ARG LC 88 51.46 -11.83 -32.14
N GLN LC 89 52.02 -12.20 -30.98
CA GLN LC 89 53.13 -11.47 -30.37
C GLN LC 89 54.27 -12.48 -30.21
N VAL LC 90 55.25 -12.40 -31.11
CA VAL LC 90 56.39 -13.31 -31.12
C VAL LC 90 57.55 -12.65 -30.41
N THR LC 91 58.16 -13.37 -29.45
CA THR LC 91 59.36 -12.88 -28.80
C THR LC 91 60.50 -12.76 -29.82
N ALA LC 92 61.47 -11.90 -29.49
CA ALA LC 92 62.61 -11.71 -30.39
C ALA LC 92 63.36 -13.01 -30.60
N ALA LC 93 63.55 -13.79 -29.53
CA ALA LC 93 64.26 -15.07 -29.65
C ALA LC 93 63.48 -16.04 -30.52
N GLN LC 94 62.16 -16.12 -30.33
CA GLN LC 94 61.36 -17.04 -31.13
C GLN LC 94 61.36 -16.63 -32.59
N LEU LC 95 61.30 -15.33 -32.87
CA LEU LC 95 61.34 -14.87 -34.24
C LEU LC 95 62.69 -15.15 -34.89
N HIS LC 96 63.78 -14.95 -34.14
CA HIS LC 96 65.10 -15.27 -34.67
C HIS LC 96 65.26 -16.76 -34.92
N GLN LC 97 64.67 -17.60 -34.06
CA GLN LC 97 64.75 -19.03 -34.27
C GLN LC 97 63.92 -19.48 -35.46
N LYS LC 98 62.76 -18.85 -35.66
CA LYS LC 98 61.92 -19.19 -36.80
C LYS LC 98 62.59 -18.77 -38.11
N ASP LC 99 62.93 -17.48 -38.22
CA ASP LC 99 63.60 -16.96 -39.40
C ASP LC 99 64.74 -16.05 -38.99
N PRO LC 100 65.99 -16.43 -39.24
CA PRO LC 100 67.12 -15.60 -38.78
C PRO LC 100 67.19 -14.26 -39.48
N VAL LC 101 66.69 -14.15 -40.72
CA VAL LC 101 66.78 -12.90 -41.46
C VAL LC 101 65.82 -11.86 -40.90
N ALA LC 102 64.68 -12.30 -40.39
CA ALA LC 102 63.57 -11.38 -40.09
C ALA LC 102 63.99 -10.28 -39.13
N ILE LC 103 64.90 -10.57 -38.20
CA ILE LC 103 65.30 -9.56 -37.21
C ILE LC 103 65.92 -8.35 -37.90
N VAL LC 104 67.02 -8.56 -38.61
CA VAL LC 104 67.68 -7.45 -39.27
C VAL LC 104 66.82 -6.89 -40.39
N LYS LC 105 65.98 -7.73 -41.01
CA LYS LC 105 65.09 -7.24 -42.05
C LYS LC 105 64.13 -6.21 -41.51
N LEU LC 106 63.47 -6.52 -40.38
CA LEU LC 106 62.55 -5.58 -39.76
C LEU LC 106 63.30 -4.36 -39.22
N ALA LC 107 64.51 -4.57 -38.69
CA ALA LC 107 65.28 -3.43 -38.21
C ALA LC 107 65.56 -2.43 -39.32
N ILE LC 108 66.01 -2.92 -40.48
CA ILE LC 108 66.30 -2.04 -41.59
C ILE LC 108 65.01 -1.45 -42.16
N TYR LC 109 63.93 -2.25 -42.22
CA TYR LC 109 62.66 -1.76 -42.72
C TYR LC 109 62.11 -0.64 -41.85
N GLY LC 110 62.42 -0.66 -40.56
CA GLY LC 110 62.02 0.41 -39.68
C GLY LC 110 62.94 1.62 -39.75
N MET LC 111 64.25 1.38 -39.91
CA MET LC 111 65.18 2.50 -39.96
C MET LC 111 65.06 3.27 -41.27
N LEU LC 112 64.61 2.62 -42.35
CA LEU LC 112 64.40 3.31 -43.60
C LEU LC 112 63.27 4.33 -43.47
N PRO LC 113 63.24 5.34 -44.34
CA PRO LC 113 62.15 6.32 -44.29
C PRO LC 113 60.80 5.68 -44.59
N LYS LC 114 59.73 6.43 -44.28
CA LYS LC 114 58.38 5.91 -44.35
C LYS LC 114 57.65 6.32 -45.63
N ASN LC 115 58.36 6.46 -46.73
CA ASN LC 115 57.77 6.80 -48.01
C ASN LC 115 57.70 5.56 -48.90
N LEU LC 116 57.27 5.76 -50.15
CA LEU LC 116 57.16 4.65 -51.08
C LEU LC 116 58.50 4.12 -51.55
N HIS LC 117 59.55 4.95 -51.52
CA HIS LC 117 60.87 4.49 -51.90
C HIS LC 117 61.43 3.42 -50.97
N ARG LC 118 60.75 3.16 -49.84
CA ARG LC 118 61.22 2.14 -48.92
C ARG LC 118 61.23 0.76 -49.57
N ARG LC 119 60.16 0.42 -50.28
CA ARG LC 119 60.13 -0.87 -50.97
C ARG LC 119 61.18 -0.94 -52.06
N THR LC 120 61.36 0.15 -52.80
CA THR LC 120 62.37 0.16 -53.87
C THR LC 120 63.76 -0.07 -53.32
N MET LC 121 64.14 0.65 -52.26
CA MET LC 121 65.47 0.49 -51.71
C MET LC 121 65.60 -0.79 -50.89
N MET LC 122 64.48 -1.38 -50.46
CA MET LC 122 64.53 -2.68 -49.79
C MET LC 122 64.75 -3.82 -50.79
N GLN LC 123 64.19 -3.70 -51.99
CA GLN LC 123 64.44 -4.71 -53.02
C GLN LC 123 65.91 -4.80 -53.39
N ARG LC 124 66.69 -3.75 -53.11
CA ARG LC 124 68.13 -3.76 -53.39
C ARG LC 124 68.93 -4.39 -52.26
N LEU LC 125 68.28 -4.77 -51.17
CA LEU LC 125 68.98 -5.34 -50.02
C LEU LC 125 69.10 -6.85 -50.16
N HIS LC 126 70.18 -7.41 -49.64
CA HIS LC 126 70.44 -8.84 -49.68
C HIS LC 126 70.92 -9.29 -48.30
N LEU LC 127 70.17 -10.20 -47.69
CA LEU LC 127 70.48 -10.70 -46.36
C LEU LC 127 70.65 -12.21 -46.40
N PHE LC 128 71.74 -12.70 -45.83
CA PHE LC 128 72.05 -14.12 -45.82
C PHE LC 128 72.33 -14.58 -44.41
N PRO LC 129 71.76 -15.72 -44.00
CA PRO LC 129 71.99 -16.19 -42.62
C PRO LC 129 73.44 -16.55 -42.34
N ASP LC 130 74.09 -17.27 -43.25
CA ASP LC 130 75.48 -17.66 -43.06
C ASP LC 130 76.33 -17.22 -44.25
N GLU LC 131 77.59 -17.67 -44.28
CA GLU LC 131 78.50 -17.30 -45.36
C GLU LC 131 78.29 -18.18 -46.58
N ASP LC 132 77.04 -18.29 -47.04
CA ASP LC 132 76.70 -19.06 -48.23
C ASP LC 132 76.11 -18.08 -49.24
N ILE LC 133 76.97 -17.45 -50.02
CA ILE LC 133 76.59 -16.45 -51.00
C ILE LC 133 76.82 -17.02 -52.39
N PRO LC 134 75.86 -16.95 -53.30
CA PRO LC 134 76.08 -17.43 -54.66
C PRO LC 134 77.18 -16.63 -55.35
N GLU LC 135 77.75 -17.23 -56.39
CA GLU LC 135 78.89 -16.61 -57.06
C GLU LC 135 78.48 -15.34 -57.81
N ASP LC 136 77.29 -15.35 -58.42
CA ASP LC 136 76.83 -14.17 -59.15
C ASP LC 136 76.57 -13.00 -58.23
N ILE LC 137 76.40 -13.24 -56.94
CA ILE LC 137 76.27 -12.15 -55.97
C ILE LC 137 77.62 -11.78 -55.37
N LEU LC 138 78.48 -12.77 -55.14
CA LEU LC 138 79.81 -12.50 -54.60
C LEU LC 138 80.63 -11.66 -55.58
N LYS LC 139 80.51 -11.93 -56.87
CA LYS LC 139 81.28 -11.18 -57.86
C LYS LC 139 80.79 -9.76 -58.06
N ASN LC 140 79.78 -9.32 -57.30
CA ASN LC 140 79.31 -7.94 -57.38
C ASN LC 140 79.90 -7.05 -56.29
N LEU LC 141 80.46 -7.63 -55.23
CA LEU LC 141 80.95 -6.84 -54.11
C LEU LC 141 82.06 -5.89 -54.55
N VAL LC 142 82.11 -4.73 -53.91
CA VAL LC 142 83.14 -3.73 -54.19
C VAL LC 142 84.05 -3.62 -52.98
N GLU LC 143 83.48 -3.26 -51.83
CA GLU LC 143 84.25 -3.14 -50.60
C GLU LC 143 83.41 -3.62 -49.44
N GLU LC 144 84.05 -3.71 -48.28
CA GLU LC 144 83.40 -4.17 -47.04
C GLU LC 144 83.42 -3.04 -46.03
N LEU LC 145 82.25 -2.73 -45.46
CA LEU LC 145 82.18 -1.69 -44.45
C LEU LC 145 82.73 -2.20 -43.12
N PRO LC 146 83.30 -1.32 -42.31
CA PRO LC 146 83.82 -1.74 -41.00
C PRO LC 146 82.69 -2.17 -40.08
N GLN LC 147 83.03 -3.04 -39.13
CA GLN LC 147 82.06 -3.49 -38.14
C GLN LC 147 81.79 -2.36 -37.15
N PRO LC 148 80.53 -2.08 -36.83
CA PRO LC 148 80.24 -0.95 -35.93
C PRO LC 148 80.61 -1.21 -34.48
N ARG LC 149 80.72 -2.47 -34.06
CA ARG LC 149 81.04 -2.81 -32.68
C ARG LC 149 82.27 -3.70 -32.66
N LYS LC 150 83.27 -3.31 -31.87
CA LYS LC 150 84.49 -4.09 -31.76
C LYS LC 150 84.22 -5.34 -30.93
N VAL LC 151 84.40 -6.51 -31.55
CA VAL LC 151 84.12 -7.79 -30.91
C VAL LC 151 85.11 -8.02 -29.78
N PRO LC 152 84.64 -8.22 -28.54
CA PRO LC 152 85.57 -8.47 -27.44
C PRO LC 152 86.14 -9.87 -27.49
N ARG LC 153 87.38 -10.00 -27.05
CA ARG LC 153 88.05 -11.29 -27.01
C ARG LC 153 87.49 -12.15 -25.88
N ARG LC 154 87.64 -13.47 -26.04
CA ARG LC 154 87.38 -14.39 -24.95
C ARG LC 154 88.63 -14.49 -24.07
N LEU LC 155 88.56 -15.33 -23.03
CA LEU LC 155 89.73 -15.50 -22.17
C LEU LC 155 90.79 -16.35 -22.84
N ASP LC 156 90.39 -17.41 -23.53
CA ASP LC 156 91.36 -18.25 -24.22
C ASP LC 156 91.88 -17.60 -25.50
N GLU LC 157 91.26 -16.52 -25.95
CA GLU LC 157 91.73 -15.82 -27.14
C GLU LC 157 92.89 -14.88 -26.86
N TYR LC 158 93.21 -14.62 -25.60
CA TYR LC 158 94.38 -13.82 -25.25
C TYR LC 158 95.63 -14.69 -25.27
N THR LC 159 96.73 -14.12 -25.74
CA THR LC 159 97.99 -14.84 -25.79
C THR LC 159 98.65 -14.87 -24.42
N GLN LC 160 99.49 -15.88 -24.20
CA GLN LC 160 100.11 -16.06 -22.89
C GLN LC 160 101.08 -14.93 -22.57
N GLU LC 161 101.76 -14.38 -23.58
CA GLU LC 161 102.63 -13.25 -23.32
C GLU LC 161 101.85 -12.05 -22.81
N GLU LC 162 100.67 -11.79 -23.40
CA GLU LC 162 99.84 -10.69 -22.90
C GLU LC 162 99.27 -11.02 -21.53
N ILE LC 163 98.96 -12.30 -21.28
CA ILE LC 163 98.45 -12.69 -19.97
C ILE LC 163 99.50 -12.41 -18.89
N GLU LC 164 100.76 -12.76 -19.17
CA GLU LC 164 101.81 -12.50 -18.20
C GLU LC 164 102.19 -11.03 -18.14
N ALA LC 165 101.96 -10.28 -19.23
CA ALA LC 165 102.21 -8.84 -19.21
C ALA LC 165 101.19 -8.13 -18.34
N PHE LC 166 99.94 -8.57 -18.39
CA PHE LC 166 98.92 -8.00 -17.52
C PHE LC 166 99.25 -8.34 -16.07
N PRO LC 167 99.44 -7.35 -15.20
CA PRO LC 167 99.98 -7.63 -13.87
C PRO LC 167 98.94 -8.27 -12.96
N ARG LC 168 99.44 -9.00 -11.97
CA ARG LC 168 98.60 -9.60 -10.95
C ARG LC 168 98.22 -8.53 -9.93
N VAL LC 169 96.92 -8.39 -9.67
CA VAL LC 169 96.46 -7.31 -8.80
C VAL LC 169 96.63 -7.69 -7.33
N TRP LC 170 96.14 -8.85 -6.93
CA TRP LC 170 96.16 -9.27 -5.54
C TRP LC 170 97.01 -10.53 -5.38
N SER LC 171 97.43 -10.78 -4.14
CA SER LC 171 98.23 -11.95 -3.81
C SER LC 171 97.39 -12.93 -3.01
N PRO LC 172 96.88 -13.99 -3.62
CA PRO LC 172 96.01 -14.92 -2.90
C PRO LC 172 96.81 -15.76 -1.92
N PRO LC 173 96.27 -16.04 -0.74
CA PRO LC 173 96.98 -16.90 0.22
C PRO LC 173 96.96 -18.35 -0.23
N GLU LC 174 98.00 -19.08 0.18
CA GLU LC 174 98.14 -20.47 -0.24
C GLU LC 174 97.19 -21.40 0.50
N ASP LC 175 96.72 -21.00 1.68
CA ASP LC 175 95.86 -21.88 2.48
C ASP LC 175 94.44 -21.98 1.95
N TYR LC 176 94.04 -21.08 1.06
CA TYR LC 176 92.68 -21.11 0.52
C TYR LC 176 92.56 -22.19 -0.54
N ARG LC 177 91.33 -22.67 -0.73
CA ARG LC 177 91.03 -23.73 -1.67
C ARG LC 177 90.04 -23.23 -2.72
N LEU LC 178 90.40 -23.34 -3.98
CA LEU LC 178 89.53 -22.94 -5.08
C LEU LC 178 88.62 -24.10 -5.49
N ALA MC 31 11.85 -41.25 -31.68
CA ALA MC 31 12.30 -39.99 -31.13
C ALA MC 31 11.30 -39.45 -30.11
N ILE MC 32 11.68 -39.43 -28.85
CA ILE MC 32 10.86 -38.90 -27.77
C ILE MC 32 11.59 -37.71 -27.17
N GLN MC 33 10.94 -36.54 -27.21
CA GLN MC 33 11.53 -35.32 -26.68
C GLN MC 33 10.59 -34.67 -25.67
N LYS MC 34 10.85 -33.43 -25.29
CA LYS MC 34 9.97 -32.73 -24.37
C LYS MC 34 8.57 -32.59 -24.98
N MET MC 35 7.58 -32.58 -24.09
CA MET MC 35 6.17 -32.39 -24.45
C MET MC 35 5.63 -33.50 -25.36
N THR MC 36 6.15 -34.72 -25.22
CA THR MC 36 5.61 -35.86 -25.96
C THR MC 36 4.61 -36.60 -25.07
N ARG MC 37 3.44 -36.89 -25.62
CA ARG MC 37 2.43 -37.65 -24.90
C ARG MC 37 2.73 -39.14 -25.07
N VAL MC 38 3.22 -39.75 -23.99
CA VAL MC 38 3.63 -41.15 -24.02
C VAL MC 38 2.58 -41.98 -23.30
N ARG MC 39 2.71 -43.31 -23.42
CA ARG MC 39 1.75 -44.25 -22.83
C ARG MC 39 2.51 -45.19 -21.90
N VAL MC 40 2.10 -45.20 -20.64
CA VAL MC 40 2.72 -46.08 -19.64
C VAL MC 40 2.17 -47.48 -19.82
N VAL MC 41 3.07 -48.46 -19.93
CA VAL MC 41 2.70 -49.83 -20.25
C VAL MC 41 2.57 -50.69 -19.01
N ASP MC 42 3.54 -50.62 -18.10
CA ASP MC 42 3.56 -51.52 -16.95
C ASP MC 42 2.37 -51.25 -16.03
N ASN MC 43 1.87 -52.33 -15.42
CA ASN MC 43 0.68 -52.26 -14.57
C ASN MC 43 1.04 -51.52 -13.28
N SER MC 44 0.72 -50.23 -13.24
CA SER MC 44 0.95 -49.41 -12.05
C SER MC 44 -0.28 -48.53 -11.83
N ALA MC 45 -0.38 -47.99 -10.62
CA ALA MC 45 -1.50 -47.10 -10.30
C ALA MC 45 -1.45 -45.85 -11.18
N LEU MC 46 -0.26 -45.27 -11.34
CA LEU MC 46 -0.12 -44.07 -12.16
C LEU MC 46 -0.40 -44.34 -13.63
N GLY MC 47 -0.20 -45.58 -14.07
CA GLY MC 47 -0.42 -45.92 -15.47
C GLY MC 47 -1.82 -46.43 -15.75
N THR MC 48 -2.55 -46.82 -14.71
CA THR MC 48 -3.90 -47.34 -14.87
C THR MC 48 -4.99 -46.35 -14.52
N THR MC 49 -4.82 -45.58 -13.45
CA THR MC 49 -5.85 -44.63 -13.05
C THR MC 49 -5.97 -43.51 -14.08
N PRO MC 50 -7.16 -43.25 -14.61
CA PRO MC 50 -7.31 -42.17 -15.57
C PRO MC 50 -7.03 -40.82 -14.94
N TYR MC 51 -6.75 -39.84 -15.79
CA TYR MC 51 -6.43 -38.49 -15.34
C TYR MC 51 -6.86 -37.50 -16.39
N HIS MC 52 -7.19 -36.28 -15.95
CA HIS MC 52 -7.67 -35.26 -16.86
C HIS MC 52 -6.57 -34.66 -17.74
N ARG MC 53 -5.32 -35.10 -17.58
CA ARG MC 53 -4.22 -34.68 -18.44
C ARG MC 53 -3.39 -35.92 -18.79
N PRO MC 54 -3.09 -36.14 -20.07
CA PRO MC 54 -2.29 -37.30 -20.43
C PRO MC 54 -0.87 -37.15 -19.90
N PRO MC 55 -0.19 -38.27 -19.64
CA PRO MC 55 1.20 -38.18 -19.16
C PRO MC 55 2.14 -37.68 -20.24
N ARG MC 56 2.62 -36.45 -20.09
CA ARG MC 56 3.53 -35.83 -21.04
C ARG MC 56 4.97 -35.99 -20.58
N CYS MC 57 5.89 -35.66 -21.48
CA CYS MC 57 7.30 -35.75 -21.15
C CYS MC 57 7.74 -34.56 -20.30
N ILE MC 58 8.92 -34.69 -19.71
CA ILE MC 58 9.52 -33.66 -18.87
C ILE MC 58 10.88 -33.23 -19.42
N HIS MC 59 11.81 -34.16 -19.53
CA HIS MC 59 13.19 -33.84 -19.89
C HIS MC 59 13.96 -35.12 -20.21
N VAL MC 60 14.72 -35.12 -21.29
CA VAL MC 60 15.51 -36.27 -21.70
C VAL MC 60 16.88 -36.16 -21.03
N TYR MC 61 17.25 -37.17 -20.26
CA TYR MC 61 18.50 -37.15 -19.53
C TYR MC 61 19.72 -37.28 -20.42
N ASN MC 62 19.55 -37.47 -21.71
CA ASN MC 62 20.66 -37.43 -22.65
C ASN MC 62 20.99 -35.98 -22.99
N LYS MC 63 22.26 -35.74 -23.34
CA LYS MC 63 22.67 -34.37 -23.67
C LYS MC 63 21.91 -33.83 -24.87
N THR MC 64 21.51 -34.70 -25.79
CA THR MC 64 20.67 -34.28 -26.90
C THR MC 64 19.21 -34.31 -26.46
N GLY MC 65 18.46 -33.27 -26.83
CA GLY MC 65 17.06 -33.17 -26.47
C GLY MC 65 16.16 -34.24 -27.05
N VAL MC 66 16.70 -35.15 -27.85
CA VAL MC 66 15.93 -36.22 -28.47
C VAL MC 66 16.32 -37.53 -27.80
N GLY MC 67 15.33 -38.26 -27.31
CA GLY MC 67 15.55 -39.55 -26.68
C GLY MC 67 15.23 -40.70 -27.61
N LYS MC 68 15.89 -41.83 -27.38
CA LYS MC 68 15.68 -43.02 -28.20
C LYS MC 68 15.34 -44.22 -27.32
N VAL MC 69 15.31 -45.41 -27.92
CA VAL MC 69 14.99 -46.62 -27.17
C VAL MC 69 16.11 -46.90 -26.17
N GLY MC 70 15.77 -46.90 -24.90
CA GLY MC 70 16.73 -47.19 -23.85
C GLY MC 70 17.37 -46.00 -23.19
N ASP MC 71 16.69 -44.86 -23.11
CA ASP MC 71 17.20 -43.66 -22.47
C ASP MC 71 16.28 -43.27 -21.32
N ARG MC 72 16.87 -43.02 -20.15
CA ARG MC 72 16.08 -42.64 -18.99
C ARG MC 72 15.41 -41.29 -19.24
N ILE MC 73 14.15 -41.19 -18.84
CA ILE MC 73 13.34 -40.00 -19.10
C ILE MC 73 12.57 -39.66 -17.83
N LEU MC 74 12.16 -38.40 -17.73
CA LEU MC 74 11.33 -37.94 -16.62
C LEU MC 74 9.93 -37.65 -17.14
N LEU MC 75 8.93 -37.98 -16.33
CA LEU MC 75 7.53 -37.83 -16.70
C LEU MC 75 6.78 -37.09 -15.59
N ALA MC 76 5.73 -36.40 -15.99
CA ALA MC 76 4.82 -35.72 -15.06
C ALA MC 76 3.47 -36.42 -15.16
N ILE MC 77 3.30 -37.47 -14.36
CA ILE MC 77 2.11 -38.32 -14.42
C ILE MC 77 1.17 -37.91 -13.29
N ARG MC 78 -0.07 -37.59 -13.65
CA ARG MC 78 -1.12 -37.25 -12.69
C ARG MC 78 -0.72 -36.06 -11.81
N GLY MC 79 0.12 -35.17 -12.33
CA GLY MC 79 0.53 -34.01 -11.58
C GLY MC 79 1.68 -34.21 -10.62
N GLN MC 80 2.50 -35.23 -10.83
CA GLN MC 80 3.66 -35.46 -9.98
C GLN MC 80 4.80 -36.02 -10.83
N LYS MC 81 6.01 -35.85 -10.32
CA LYS MC 81 7.20 -36.27 -11.04
C LYS MC 81 7.43 -37.76 -10.87
N LYS MC 82 8.03 -38.37 -11.89
CA LYS MC 82 8.43 -39.77 -11.83
C LYS MC 82 9.45 -40.03 -12.93
N LYS MC 83 10.17 -41.14 -12.81
CA LYS MC 83 11.11 -41.55 -13.83
C LYS MC 83 10.51 -42.67 -14.68
N ALA MC 84 11.10 -42.87 -15.86
CA ALA MC 84 10.60 -43.87 -16.79
C ALA MC 84 11.71 -44.23 -17.77
N LEU MC 85 11.48 -45.32 -18.51
CA LEU MC 85 12.40 -45.78 -19.53
C LEU MC 85 11.64 -45.94 -20.84
N ILE MC 86 12.23 -45.47 -21.93
CA ILE MC 86 11.60 -45.55 -23.24
C ILE MC 86 11.71 -46.98 -23.75
N VAL MC 87 10.57 -47.56 -24.12
CA VAL MC 87 10.53 -48.93 -24.63
C VAL MC 87 10.57 -48.89 -26.15
N GLY MC 88 9.69 -48.12 -26.74
CA GLY MC 88 9.64 -48.00 -28.19
C GLY MC 88 9.00 -46.71 -28.61
N HIS MC 89 9.43 -46.20 -29.77
CA HIS MC 89 8.92 -44.96 -30.33
C HIS MC 89 8.38 -45.21 -31.73
N ARG MC 90 7.72 -44.19 -32.29
CA ARG MC 90 7.12 -44.30 -33.61
C ARG MC 90 8.05 -43.81 -34.72
N MET MC 91 9.30 -43.49 -34.41
CA MET MC 91 10.15 -43.04 -35.50
C MET MC 91 10.97 -44.19 -36.07
N PRO MC 92 11.08 -44.30 -37.39
CA PRO MC 92 11.90 -45.36 -37.98
C PRO MC 92 13.35 -45.21 -37.57
N GLY MC 93 13.90 -46.27 -36.98
CA GLY MC 93 15.27 -46.25 -36.51
C GLY MC 93 16.19 -47.07 -37.38
N PRO MC 94 17.13 -47.79 -36.76
CA PRO MC 94 18.05 -48.63 -37.52
C PRO MC 94 17.31 -49.76 -38.23
N ARG MC 95 18.03 -50.43 -39.12
CA ARG MC 95 17.46 -51.55 -39.85
C ARG MC 95 17.28 -52.75 -38.92
N MET MC 96 16.27 -53.57 -39.23
CA MET MC 96 15.92 -54.74 -38.42
C MET MC 96 15.59 -54.35 -36.98
N THR MC 97 15.05 -53.16 -36.79
CA THR MC 97 14.66 -52.66 -35.49
C THR MC 97 13.15 -52.41 -35.46
N PRO MC 98 12.42 -52.94 -34.48
CA PRO MC 98 10.97 -52.76 -34.45
C PRO MC 98 10.60 -51.30 -34.17
N ARG MC 99 9.61 -50.82 -34.91
CA ARG MC 99 9.09 -49.46 -34.77
C ARG MC 99 7.60 -49.54 -34.42
N PHE MC 100 7.27 -49.22 -33.18
CA PHE MC 100 5.90 -49.37 -32.69
C PHE MC 100 5.02 -48.24 -33.20
N ASP MC 101 3.72 -48.36 -32.89
CA ASP MC 101 2.73 -47.36 -33.26
C ASP MC 101 2.33 -46.46 -32.10
N SER MC 102 3.05 -46.53 -30.98
CA SER MC 102 2.75 -45.68 -29.83
C SER MC 102 4.00 -45.61 -28.96
N ASN MC 103 4.25 -44.42 -28.41
CA ASN MC 103 5.44 -44.19 -27.58
C ASN MC 103 5.20 -44.84 -26.22
N ASN MC 104 5.51 -46.13 -26.16
CA ASN MC 104 5.32 -46.90 -24.94
C ASN MC 104 6.52 -46.74 -24.02
N VAL MC 105 6.25 -46.44 -22.74
CA VAL MC 105 7.29 -46.30 -21.74
C VAL MC 105 6.86 -47.03 -20.48
N VAL MC 106 7.85 -47.52 -19.73
CA VAL MC 106 7.61 -48.26 -18.49
C VAL MC 106 8.09 -47.42 -17.34
N LEU MC 107 7.32 -47.39 -16.25
CA LEU MC 107 7.68 -46.61 -15.08
C LEU MC 107 8.95 -47.16 -14.44
N LEU MC 108 9.76 -46.25 -13.91
CA LEU MC 108 11.03 -46.59 -13.29
C LEU MC 108 11.23 -45.72 -12.07
N GLU MC 109 11.80 -46.29 -11.02
CA GLU MC 109 12.09 -45.51 -9.83
C GLU MC 109 13.47 -44.87 -9.94
N ASP MC 110 13.77 -43.98 -9.00
CA ASP MC 110 15.05 -43.28 -9.01
C ASP MC 110 16.21 -44.23 -8.73
N ASN MC 111 15.98 -45.30 -7.97
CA ASN MC 111 17.04 -46.24 -7.64
C ASN MC 111 17.28 -47.27 -8.75
N GLY MC 112 16.50 -47.24 -9.82
CA GLY MC 112 16.70 -48.14 -10.94
C GLY MC 112 15.80 -49.35 -10.97
N ASN MC 113 14.66 -49.32 -10.28
CA ASN MC 113 13.76 -50.45 -10.24
C ASN MC 113 12.40 -50.07 -10.79
N PRO MC 114 11.81 -50.91 -11.65
CA PRO MC 114 10.48 -50.58 -12.17
C PRO MC 114 9.40 -50.79 -11.12
N VAL MC 115 8.55 -49.79 -10.95
CA VAL MC 115 7.47 -49.86 -9.96
C VAL MC 115 6.34 -50.78 -10.39
N GLY MC 116 6.29 -51.15 -11.67
CA GLY MC 116 5.23 -52.03 -12.14
C GLY MC 116 5.49 -53.48 -11.82
N THR MC 117 4.51 -54.31 -12.20
CA THR MC 117 4.60 -55.74 -11.96
C THR MC 117 5.06 -56.50 -13.20
N ARG MC 118 4.40 -56.26 -14.35
CA ARG MC 118 4.75 -56.94 -15.57
C ARG MC 118 4.43 -56.04 -16.76
N ILE MC 119 5.04 -56.37 -17.90
CA ILE MC 119 4.87 -55.61 -19.13
C ILE MC 119 4.22 -56.52 -20.15
N LYS MC 120 3.13 -56.03 -20.77
CA LYS MC 120 2.38 -56.83 -21.73
C LYS MC 120 2.78 -56.55 -23.17
N THR MC 121 2.97 -55.29 -23.52
CA THR MC 121 3.33 -54.94 -24.89
C THR MC 121 4.72 -55.47 -25.23
N PRO MC 122 4.99 -55.73 -26.51
CA PRO MC 122 6.31 -56.24 -26.89
C PRO MC 122 7.41 -55.21 -26.65
N ILE MC 123 8.62 -55.71 -26.50
CA ILE MC 123 9.79 -54.90 -26.20
C ILE MC 123 10.90 -55.23 -27.19
N PRO MC 124 11.58 -54.24 -27.77
CA PRO MC 124 12.67 -54.53 -28.70
C PRO MC 124 13.77 -55.32 -28.02
N SER MC 125 14.25 -56.36 -28.72
CA SER MC 125 15.30 -57.21 -28.18
C SER MC 125 16.64 -56.51 -28.06
N SER MC 126 16.77 -55.29 -28.60
CA SER MC 126 18.02 -54.56 -28.48
C SER MC 126 18.26 -54.04 -27.07
N LEU MC 127 17.21 -54.00 -26.23
CA LEU MC 127 17.39 -53.54 -24.86
C LEU MC 127 18.17 -54.55 -24.02
N ARG MC 128 18.10 -55.84 -24.37
CA ARG MC 128 18.82 -56.85 -23.61
C ARG MC 128 20.32 -56.82 -23.85
N GLN MC 129 20.82 -55.89 -24.67
CA GLN MC 129 22.25 -55.77 -24.86
C GLN MC 129 22.92 -55.26 -23.59
N ARG MC 130 22.39 -54.18 -23.01
CA ARG MC 130 22.93 -53.61 -21.78
C ARG MC 130 22.07 -54.12 -20.62
N GLU MC 131 22.42 -55.30 -20.13
CA GLU MC 131 21.68 -55.91 -19.02
C GLU MC 131 22.01 -55.26 -17.68
N GLY MC 132 23.19 -54.66 -17.54
CA GLY MC 132 23.59 -54.14 -16.24
C GLY MC 132 22.69 -53.04 -15.73
N GLU MC 133 22.18 -52.20 -16.62
CA GLU MC 133 21.35 -51.07 -16.23
C GLU MC 133 19.86 -51.34 -16.37
N PHE MC 134 19.46 -52.40 -17.08
CA PHE MC 134 18.06 -52.73 -17.30
C PHE MC 134 17.72 -54.12 -16.78
N SER MC 135 18.45 -54.60 -15.77
CA SER MC 135 18.28 -55.97 -15.29
C SER MC 135 16.87 -56.18 -14.75
N LYS MC 136 16.50 -55.44 -13.70
CA LYS MC 136 15.19 -55.63 -13.09
C LYS MC 136 14.06 -55.13 -13.97
N VAL MC 137 14.35 -54.21 -14.90
CA VAL MC 137 13.31 -53.73 -15.81
C VAL MC 137 12.98 -54.81 -16.84
N LEU MC 138 13.99 -55.54 -17.32
CA LEU MC 138 13.76 -56.61 -18.28
C LEU MC 138 13.36 -57.92 -17.61
N ALA MC 139 13.61 -58.07 -16.31
CA ALA MC 139 13.20 -59.30 -15.62
C ALA MC 139 11.69 -59.46 -15.59
N ILE MC 140 10.95 -58.34 -15.65
CA ILE MC 140 9.49 -58.40 -15.66
C ILE MC 140 8.92 -58.39 -17.06
N ALA MC 141 9.76 -58.33 -18.09
CA ALA MC 141 9.28 -58.32 -19.47
C ALA MC 141 8.92 -59.73 -19.91
N GLN MC 142 7.74 -59.85 -20.53
CA GLN MC 142 7.23 -61.14 -20.99
C GLN MC 142 7.47 -61.36 -22.48
N ASN MC 143 7.29 -60.32 -23.29
CA ASN MC 143 7.47 -60.42 -24.74
C ASN MC 143 8.73 -59.68 -25.15
N PHE MC 144 9.52 -60.31 -26.01
CA PHE MC 144 10.74 -59.71 -26.56
C PHE MC 144 10.68 -59.78 -28.07
N VAL MC 145 10.65 -58.62 -28.72
CA VAL MC 145 10.61 -58.56 -30.17
C VAL MC 145 11.74 -57.67 -30.69
N GLY NC 9 49.80 92.18 -62.92
CA GLY NC 9 49.00 91.77 -61.78
C GLY NC 9 48.77 90.27 -61.70
N PRO NC 10 47.60 89.82 -62.15
CA PRO NC 10 47.27 88.38 -62.10
C PRO NC 10 48.01 87.57 -63.16
N ARG NC 11 49.23 87.16 -62.82
CA ARG NC 11 50.09 86.44 -63.75
C ARG NC 11 49.47 85.15 -64.27
N ALA NC 12 48.37 84.69 -63.68
CA ALA NC 12 47.65 83.54 -64.23
C ALA NC 12 47.12 83.85 -65.62
N LEU NC 13 46.72 85.11 -65.87
CA LEU NC 13 46.23 85.48 -67.19
C LEU NC 13 47.34 85.38 -68.23
N ASP NC 14 48.57 85.70 -67.84
CA ASP NC 14 49.69 85.54 -68.76
C ASP NC 14 50.08 84.08 -68.92
N LEU NC 15 49.96 83.29 -67.85
CA LEU NC 15 50.26 81.86 -67.94
C LEU NC 15 49.26 81.13 -68.83
N LEU NC 16 48.02 81.61 -68.88
CA LEU NC 16 46.98 80.93 -69.65
C LEU NC 16 47.21 80.99 -71.15
N ARG NC 17 48.15 81.80 -71.63
CA ARG NC 17 48.39 81.88 -73.07
C ARG NC 17 49.10 80.63 -73.59
N ALA NC 18 50.16 80.21 -72.91
CA ALA NC 18 50.93 79.06 -73.37
C ALA NC 18 50.15 77.76 -73.20
N LEU NC 19 49.22 77.71 -72.26
CA LEU NC 19 48.43 76.52 -72.05
C LEU NC 19 47.40 76.34 -73.17
N PRO NC 20 46.98 75.11 -73.46
CA PRO NC 20 46.02 74.89 -74.54
C PRO NC 20 44.64 75.43 -74.23
N ARG NC 21 43.70 75.23 -75.15
CA ARG NC 21 42.36 75.79 -75.00
C ARG NC 21 41.63 75.13 -73.82
N VAL NC 22 40.88 75.94 -73.09
CA VAL NC 22 40.06 75.46 -71.99
C VAL NC 22 38.69 75.07 -72.53
N SER NC 23 38.38 73.78 -72.46
CA SER NC 23 37.10 73.27 -72.95
C SER NC 23 36.48 72.39 -71.87
N LEU NC 24 35.38 71.73 -72.20
CA LEU NC 24 34.72 70.83 -71.27
C LEU NC 24 35.45 69.50 -71.11
N ALA NC 25 36.57 69.31 -71.80
CA ALA NC 25 37.31 68.06 -71.67
C ALA NC 25 38.23 68.07 -70.46
N ASN NC 26 38.72 69.23 -70.05
CA ASN NC 26 39.64 69.36 -68.91
C ASN NC 26 39.03 70.33 -67.91
N LEU NC 27 38.23 69.79 -67.00
CA LEU NC 27 37.63 70.57 -65.90
C LEU NC 27 37.69 69.71 -64.65
N LYS NC 28 38.50 70.13 -63.67
CA LYS NC 28 38.67 69.39 -62.44
C LYS NC 28 38.16 70.21 -61.26
N PRO NC 29 37.37 69.64 -60.36
CA PRO NC 29 36.95 70.38 -59.17
C PRO NC 29 38.09 70.53 -58.17
N ASN NC 30 37.80 71.13 -57.02
CA ASN NC 30 38.84 71.30 -56.01
C ASN NC 30 39.18 69.95 -55.38
N PRO NC 31 40.46 69.67 -55.15
CA PRO NC 31 40.85 68.41 -54.51
C PRO NC 31 40.38 68.38 -53.07
N GLY NC 32 39.48 67.45 -52.78
CA GLY NC 32 38.86 67.36 -51.47
C GLY NC 32 37.49 67.99 -51.37
N SER NC 33 37.00 68.62 -52.45
CA SER NC 33 35.69 69.25 -52.40
C SER NC 33 34.57 68.22 -52.53
N ARG NC 34 34.74 67.25 -53.43
CA ARG NC 34 33.74 66.20 -53.64
C ARG NC 34 34.32 64.89 -53.09
N LYS NC 35 33.98 64.58 -51.85
CA LYS NC 35 34.43 63.34 -51.24
C LYS NC 35 33.74 62.16 -51.90
N PRO NC 36 34.46 61.23 -52.51
CA PRO NC 36 33.80 60.16 -53.26
C PRO NC 36 33.04 59.22 -52.35
N GLU NC 37 31.86 58.82 -52.80
CA GLU NC 37 31.04 57.87 -52.03
C GLU NC 37 31.67 56.49 -52.04
N ARG NC 38 31.35 55.71 -51.02
CA ARG NC 38 31.87 54.35 -50.86
C ARG NC 38 30.72 53.38 -50.77
N ARG NC 39 30.75 52.36 -51.63
CA ARG NC 39 29.67 51.37 -51.69
C ARG NC 39 30.12 50.06 -51.08
N PRO NC 40 29.21 49.30 -50.47
CA PRO NC 40 29.59 48.02 -49.86
C PRO NC 40 29.91 46.94 -50.88
N ARG NC 41 31.04 47.07 -51.56
CA ARG NC 41 31.51 46.07 -52.51
C ARG NC 41 32.98 45.80 -52.25
N GLY NC 42 33.35 44.54 -52.23
CA GLY NC 42 34.72 44.13 -51.99
C GLY NC 42 34.88 43.41 -50.66
N ARG NC 43 36.14 43.18 -50.30
CA ARG NC 43 36.43 42.47 -49.07
C ARG NC 43 36.39 43.38 -47.85
N ARG NC 44 36.78 44.64 -48.00
CA ARG NC 44 36.85 45.54 -46.86
C ARG NC 44 35.47 46.05 -46.47
N ARG NC 45 34.75 46.64 -47.43
CA ARG NC 45 33.43 47.21 -47.17
C ARG NC 45 32.31 46.20 -47.36
N GLY NC 46 32.63 44.92 -47.55
CA GLY NC 46 31.64 43.87 -47.59
C GLY NC 46 31.53 43.14 -46.27
N ARG NC 47 30.95 41.94 -46.33
CA ARG NC 47 30.83 41.06 -45.16
C ARG NC 47 30.09 41.77 -44.03
N LYS NC 48 28.79 41.96 -44.26
CA LYS NC 48 27.81 42.64 -43.42
C LYS NC 48 27.87 44.17 -43.59
N CYS NC 49 28.79 44.68 -44.41
CA CYS NC 49 28.75 46.08 -44.87
C CYS NC 49 28.78 47.09 -43.71
N GLY NC 50 29.47 46.76 -42.63
CA GLY NC 50 29.57 47.68 -41.51
C GLY NC 50 28.38 47.70 -40.59
N ARG NC 51 27.49 46.71 -40.67
CA ARG NC 51 26.31 46.64 -39.82
C ARG NC 51 26.53 45.81 -38.56
N GLY NC 52 27.69 45.20 -38.40
CA GLY NC 52 27.95 44.38 -37.24
C GLY NC 52 27.29 43.01 -37.34
N HIS NC 53 27.37 42.27 -36.23
CA HIS NC 53 26.83 40.93 -36.16
C HIS NC 53 25.31 41.00 -35.97
N LYS NC 54 24.71 39.87 -35.61
CA LYS NC 54 23.26 39.79 -35.43
C LYS NC 54 22.78 40.82 -34.42
N GLY NC 55 21.48 41.12 -34.49
CA GLY NC 55 20.83 42.04 -33.59
C GLY NC 55 20.04 43.09 -34.33
N GLU NC 56 19.40 43.95 -33.55
CA GLU NC 56 18.60 45.03 -34.13
C GLU NC 56 19.47 46.01 -34.91
N ARG NC 57 20.74 46.17 -34.51
CA ARG NC 57 21.62 47.09 -35.22
C ARG NC 57 21.89 46.61 -36.64
N GLN NC 58 21.86 45.31 -36.88
CA GLN NC 58 22.02 44.82 -38.24
C GLN NC 58 20.67 44.72 -38.96
N ARG NC 59 19.66 44.15 -38.31
CA ARG NC 59 18.38 43.98 -38.95
C ARG NC 59 17.56 45.26 -39.03
N GLY NC 60 18.14 46.40 -38.64
CA GLY NC 60 17.48 47.69 -38.81
C GLY NC 60 16.21 47.83 -38.01
N THR NC 61 16.25 47.43 -36.74
CA THR NC 61 15.06 47.51 -35.89
C THR NC 61 15.40 48.00 -34.49
N ARG NC 62 16.41 48.85 -34.36
CA ARG NC 62 16.74 49.41 -33.06
C ARG NC 62 15.71 50.47 -32.67
N PRO NC 63 15.50 50.69 -31.37
CA PRO NC 63 14.46 51.64 -30.93
C PRO NC 63 14.78 53.09 -31.27
N ARG NC 64 13.91 53.99 -30.82
CA ARG NC 64 14.04 55.41 -31.14
C ARG NC 64 15.21 56.03 -30.38
N LEU NC 65 15.34 57.35 -30.51
CA LEU NC 65 16.49 58.05 -29.94
C LEU NC 65 16.46 58.00 -28.41
N GLY NC 66 15.41 58.56 -27.82
CA GLY NC 66 15.34 58.68 -26.37
C GLY NC 66 15.19 57.37 -25.62
N PHE NC 67 14.99 56.27 -26.32
CA PHE NC 67 14.80 54.98 -25.68
C PHE NC 67 16.13 54.44 -25.18
N GLU NC 68 16.11 53.83 -23.99
CA GLU NC 68 17.32 53.30 -23.37
C GLU NC 68 17.10 51.90 -22.83
N GLY NC 69 16.36 51.07 -23.56
CA GLY NC 69 16.20 49.67 -23.20
C GLY NC 69 15.27 49.44 -22.02
N GLY NC 70 14.03 49.91 -22.12
CA GLY NC 70 13.05 49.70 -21.07
C GLY NC 70 13.21 50.64 -19.89
N GLN NC 71 14.44 51.11 -19.67
CA GLN NC 71 14.71 52.06 -18.60
C GLN NC 71 13.91 53.33 -18.82
N THR NC 72 13.46 53.94 -17.72
CA THR NC 72 12.77 55.22 -17.80
C THR NC 72 13.69 56.25 -18.44
N PRO NC 73 13.36 56.77 -19.61
CA PRO NC 73 14.31 57.62 -20.34
C PRO NC 73 14.60 58.91 -19.59
N PHE NC 74 15.77 59.49 -19.90
CA PHE NC 74 16.16 60.74 -19.26
C PHE NC 74 15.28 61.90 -19.71
N TYR NC 75 14.87 61.91 -20.98
CA TYR NC 75 14.00 62.96 -21.48
C TYR NC 75 12.56 62.81 -21.00
N LEU NC 76 12.26 61.75 -20.25
CA LEU NC 76 10.93 61.55 -19.69
C LEU NC 76 10.91 61.47 -18.18
N ARG NC 77 12.06 61.37 -17.52
CA ARG NC 77 12.10 61.31 -16.06
C ARG NC 77 12.17 62.68 -15.41
N ILE NC 78 12.73 63.68 -16.08
CA ILE NC 78 12.84 65.01 -15.50
C ILE NC 78 11.45 65.63 -15.38
N PRO NC 79 11.09 66.24 -14.26
CA PRO NC 79 9.74 66.80 -14.12
C PRO NC 79 9.55 68.04 -14.99
N LYS NC 80 8.30 68.26 -15.39
CA LYS NC 80 7.96 69.40 -16.22
C LYS NC 80 8.05 70.69 -15.42
N TYR NC 81 8.48 71.76 -16.10
CA TYR NC 81 8.47 73.09 -15.52
C TYR NC 81 8.38 74.10 -16.66
N GLY NC 82 7.74 75.23 -16.39
CA GLY NC 82 7.55 76.23 -17.42
C GLY NC 82 8.84 76.90 -17.84
N PHE NC 83 9.32 76.54 -19.03
CA PHE NC 83 10.47 77.19 -19.64
C PHE NC 83 10.10 77.86 -20.96
N ASN NC 84 9.29 77.21 -21.79
CA ASN NC 84 8.84 77.76 -23.06
C ASN NC 84 7.34 78.03 -23.04
N GLU NC 85 6.78 78.25 -21.85
CA GLU NC 85 5.35 78.51 -21.72
C GLU NC 85 5.02 79.88 -22.31
N GLY NC 86 4.17 79.90 -23.33
CA GLY NC 86 3.81 81.14 -23.98
C GLY NC 86 4.92 81.78 -24.77
N HIS NC 87 5.88 80.97 -25.25
CA HIS NC 87 6.95 81.52 -26.07
C HIS NC 87 6.44 81.99 -27.42
N SER NC 88 5.33 81.44 -27.90
CA SER NC 88 4.67 81.92 -29.11
C SER NC 88 3.77 83.12 -28.84
N PHE NC 89 3.87 83.71 -27.66
CA PHE NC 89 3.15 84.95 -27.37
C PHE NC 89 4.00 85.96 -26.61
N ARG NC 90 5.23 85.61 -26.20
CA ARG NC 90 6.14 86.59 -25.63
C ARG NC 90 6.62 87.53 -26.72
N HIS NC 91 6.63 88.82 -26.41
CA HIS NC 91 7.00 89.84 -27.40
C HIS NC 91 8.51 89.91 -27.52
N GLN NC 92 9.02 89.70 -28.72
CA GLN NC 92 10.45 89.79 -28.99
C GLN NC 92 10.78 91.10 -29.70
N TYR NC 93 11.97 91.63 -29.41
CA TYR NC 93 12.41 92.90 -29.95
C TYR NC 93 13.84 92.77 -30.43
N GLN NC 94 14.06 92.96 -31.72
CA GLN NC 94 15.40 92.90 -32.28
C GLN NC 94 16.25 94.03 -31.70
N PRO NC 95 17.38 93.74 -31.07
CA PRO NC 95 18.20 94.81 -30.49
C PRO NC 95 19.03 95.51 -31.56
N LEU NC 96 19.18 96.82 -31.38
CA LEU NC 96 20.02 97.64 -32.24
C LEU NC 96 20.92 98.50 -31.37
N SER NC 97 22.23 98.34 -31.54
CA SER NC 97 23.20 99.05 -30.71
C SER NC 97 23.49 100.44 -31.27
N LEU NC 98 23.83 101.35 -30.37
CA LEU NC 98 24.18 102.70 -30.80
C LEU NC 98 25.46 102.70 -31.62
N ASN NC 99 26.38 101.77 -31.34
CA ASN NC 99 27.58 101.65 -32.15
C ASN NC 99 27.24 101.27 -33.58
N ARG NC 100 26.37 100.27 -33.75
CA ARG NC 100 25.95 99.88 -35.10
C ARG NC 100 25.17 101.00 -35.77
N LEU NC 101 24.37 101.74 -35.01
CA LEU NC 101 23.64 102.87 -35.59
C LEU NC 101 24.59 103.94 -36.11
N GLN NC 102 25.61 104.28 -35.32
CA GLN NC 102 26.61 105.25 -35.77
C GLN NC 102 27.37 104.71 -36.97
N TYR NC 103 27.62 103.40 -37.01
CA TYR NC 103 28.27 102.80 -38.16
C TYR NC 103 27.44 102.98 -39.42
N LEU NC 104 26.14 102.69 -39.33
CA LEU NC 104 25.25 102.88 -40.48
C LEU NC 104 25.21 104.34 -40.90
N ILE NC 105 25.16 105.25 -39.93
CA ILE NC 105 25.09 106.68 -40.25
C ILE NC 105 26.35 107.13 -40.97
N ASP NC 106 27.52 106.69 -40.49
CA ASP NC 106 28.78 107.12 -41.09
C ASP NC 106 29.00 106.46 -42.44
N LEU NC 107 28.47 105.25 -42.65
CA LEU NC 107 28.62 104.60 -43.94
C LEU NC 107 27.58 105.04 -44.96
N GLY NC 108 26.49 105.65 -44.51
CA GLY NC 108 25.50 106.19 -45.43
C GLY NC 108 24.36 105.26 -45.78
N ARG NC 109 24.18 104.16 -45.05
CA ARG NC 109 23.03 103.29 -45.30
C ARG NC 109 21.73 104.00 -44.96
N VAL NC 110 21.75 104.87 -43.96
CA VAL NC 110 20.61 105.70 -43.60
C VAL NC 110 21.10 107.13 -43.44
N ASP NC 111 20.17 108.06 -43.52
CA ASP NC 111 20.49 109.48 -43.45
C ASP NC 111 19.80 110.12 -42.25
N PRO NC 112 20.53 110.89 -41.44
CA PRO NC 112 19.90 111.59 -40.32
C PRO NC 112 19.08 112.81 -40.73
N THR NC 113 19.16 113.23 -42.00
CA THR NC 113 18.38 114.37 -42.44
C THR NC 113 16.89 114.07 -42.48
N GLN NC 114 16.53 112.81 -42.72
CA GLN NC 114 15.16 112.35 -42.72
C GLN NC 114 14.85 111.55 -41.46
N PRO NC 115 13.60 111.53 -41.00
CA PRO NC 115 13.27 110.75 -39.80
C PRO NC 115 13.49 109.27 -40.04
N ILE NC 116 14.37 108.67 -39.25
CA ILE NC 116 14.74 107.27 -39.42
C ILE NC 116 13.79 106.40 -38.61
N ASP NC 117 13.07 105.52 -39.29
CA ASP NC 117 12.11 104.61 -38.68
C ASP NC 117 12.53 103.17 -38.99
N LEU NC 118 11.68 102.23 -38.61
CA LEU NC 118 11.96 100.82 -38.87
C LEU NC 118 12.08 100.54 -40.35
N THR NC 119 11.23 101.19 -41.17
CA THR NC 119 11.32 101.01 -42.61
C THR NC 119 12.66 101.51 -43.14
N GLN NC 120 13.10 102.66 -42.67
CA GLN NC 120 14.40 103.19 -43.09
C GLN NC 120 15.53 102.26 -42.66
N LEU NC 121 15.43 101.69 -41.46
CA LEU NC 121 16.46 100.76 -40.99
C LEU NC 121 16.52 99.52 -41.88
N VAL NC 122 15.36 98.93 -42.16
CA VAL NC 122 15.32 97.72 -42.99
C VAL NC 122 15.84 98.03 -44.39
N ASN NC 123 15.52 99.23 -44.91
CA ASN NC 123 16.05 99.61 -46.22
C ASN NC 123 17.57 99.79 -46.18
N GLY NC 124 18.09 100.30 -45.06
CA GLY NC 124 19.52 100.40 -44.87
C GLY NC 124 20.19 99.10 -44.50
N ARG NC 125 19.41 98.03 -44.33
CA ARG NC 125 19.93 96.69 -44.09
C ARG NC 125 20.68 96.60 -42.76
N GLY NC 126 20.27 97.39 -41.78
CA GLY NC 126 20.90 97.36 -40.48
C GLY NC 126 20.28 96.34 -39.55
N VAL NC 127 18.98 96.11 -39.71
CA VAL NC 127 18.24 95.17 -38.88
C VAL NC 127 17.40 94.27 -39.79
N THR NC 128 16.97 93.14 -39.23
CA THR NC 128 16.10 92.20 -39.91
C THR NC 128 15.00 91.76 -38.97
N ILE NC 129 13.75 91.93 -39.39
CA ILE NC 129 12.58 91.67 -38.55
C ILE NC 129 11.86 90.45 -39.08
N GLN NC 130 11.57 89.50 -38.19
CA GLN NC 130 10.75 88.33 -38.51
C GLN NC 130 9.43 88.47 -37.78
N PRO NC 131 8.41 89.09 -38.39
CA PRO NC 131 7.15 89.29 -37.68
C PRO NC 131 6.43 88.00 -37.34
N SER NC 132 6.58 86.96 -38.16
CA SER NC 132 5.94 85.68 -37.86
C SER NC 132 6.55 85.01 -36.63
N LYS NC 133 7.73 85.46 -36.20
CA LYS NC 133 8.40 84.92 -35.02
C LYS NC 133 8.07 85.70 -33.75
N ARG NC 134 6.87 86.30 -33.68
CA ARG NC 134 6.39 87.05 -32.52
C ARG NC 134 7.24 88.27 -32.22
N ASP NC 135 7.96 88.78 -33.22
CA ASP NC 135 8.71 90.01 -33.04
C ASP NC 135 7.77 91.21 -33.09
N TYR NC 136 8.12 92.24 -32.33
CA TYR NC 136 7.31 93.46 -32.25
C TYR NC 136 8.07 94.69 -32.71
N GLY NC 137 9.24 94.51 -33.34
CA GLY NC 137 10.01 95.61 -33.86
C GLY NC 137 11.42 95.63 -33.31
N VAL NC 138 12.00 96.82 -33.26
CA VAL NC 138 13.40 97.02 -32.88
C VAL NC 138 13.45 97.79 -31.57
N GLN NC 139 14.26 97.30 -30.63
CA GLN NC 139 14.58 98.00 -29.40
C GLN NC 139 16.01 98.54 -29.49
N LEU NC 140 16.32 99.45 -28.58
CA LEU NC 140 17.63 100.10 -28.55
C LEU NC 140 18.39 99.69 -27.29
N VAL NC 141 19.66 99.33 -27.47
CA VAL NC 141 20.54 99.04 -26.34
C VAL NC 141 21.64 100.10 -26.32
N GLU NC 142 22.52 100.03 -25.33
CA GLU NC 142 23.50 101.07 -25.07
C GLU NC 142 24.92 100.56 -25.26
N GLU NC 143 25.15 99.76 -26.31
CA GLU NC 143 26.48 99.19 -26.51
C GLU NC 143 27.49 100.24 -26.95
N GLY NC 144 27.05 101.22 -27.74
CA GLY NC 144 27.94 102.26 -28.21
C GLY NC 144 27.53 103.64 -27.77
N ALA NC 145 27.08 103.77 -26.51
CA ALA NC 145 26.58 105.04 -26.02
C ALA NC 145 27.68 106.07 -25.82
N ASP NC 146 28.93 105.65 -25.65
CA ASP NC 146 29.99 106.60 -25.36
C ASP NC 146 30.48 107.33 -26.61
N THR NC 147 30.39 106.69 -27.78
CA THR NC 147 30.92 107.24 -29.02
C THR NC 147 29.82 107.55 -30.03
N PHE NC 148 28.62 107.91 -29.56
CA PHE NC 148 27.51 108.27 -30.43
C PHE NC 148 27.53 109.78 -30.61
N LYS NC 149 27.86 110.23 -31.82
CA LYS NC 149 28.05 111.66 -32.09
C LYS NC 149 27.15 112.20 -33.19
N ALA NC 150 26.08 111.50 -33.54
CA ALA NC 150 25.19 111.94 -34.61
C ALA NC 150 23.86 112.44 -34.04
N LYS NC 151 23.26 113.38 -34.76
CA LYS NC 151 21.96 113.96 -34.41
C LYS NC 151 20.93 113.32 -35.33
N VAL NC 152 20.06 112.48 -34.77
CA VAL NC 152 19.10 111.73 -35.57
C VAL NC 152 17.80 111.59 -34.79
N ASN NC 153 16.68 111.76 -35.49
CA ASN NC 153 15.35 111.50 -34.95
C ASN NC 153 15.05 110.01 -35.11
N ILE NC 154 15.13 109.27 -34.02
CA ILE NC 154 14.98 107.82 -34.03
C ILE NC 154 13.64 107.45 -33.43
N GLU NC 155 12.91 106.57 -34.10
CA GLU NC 155 11.60 106.09 -33.65
C GLU NC 155 11.66 104.57 -33.59
N VAL NC 156 11.73 104.03 -32.38
CA VAL NC 156 11.85 102.58 -32.18
C VAL NC 156 10.68 102.09 -31.33
N GLN NC 157 10.67 100.79 -31.03
CA GLN NC 157 9.60 100.22 -30.23
C GLN NC 157 9.92 100.20 -28.75
N MET NC 158 11.18 99.97 -28.38
CA MET NC 158 11.62 100.04 -27.00
C MET NC 158 12.97 100.73 -26.95
N ALA NC 159 13.27 101.32 -25.79
CA ALA NC 159 14.52 102.04 -25.62
C ALA NC 159 14.87 102.07 -24.14
N SER NC 160 16.17 102.08 -23.86
CA SER NC 160 16.65 102.20 -22.50
C SER NC 160 16.96 103.66 -22.17
N GLU NC 161 16.93 103.96 -20.87
CA GLU NC 161 17.17 105.33 -20.43
C GLU NC 161 18.57 105.79 -20.81
N LEU NC 162 19.54 104.89 -20.79
CA LEU NC 162 20.89 105.28 -21.18
C LEU NC 162 20.97 105.65 -22.65
N ALA NC 163 20.32 104.88 -23.52
CA ALA NC 163 20.29 105.21 -24.93
C ALA NC 163 19.55 106.51 -25.19
N ILE NC 164 18.43 106.71 -24.50
CA ILE NC 164 17.68 107.96 -24.64
C ILE NC 164 18.52 109.14 -24.22
N ALA NC 165 19.27 109.00 -23.12
CA ALA NC 165 20.13 110.08 -22.65
C ALA NC 165 21.28 110.34 -23.61
N ALA NC 166 21.86 109.28 -24.17
CA ALA NC 166 22.93 109.45 -25.13
C ALA NC 166 22.45 110.15 -26.39
N ILE NC 167 21.19 109.93 -26.78
CA ILE NC 167 20.65 110.62 -27.95
C ILE NC 167 20.31 112.07 -27.60
N GLU NC 168 19.75 112.31 -26.42
CA GLU NC 168 19.44 113.67 -26.01
C GLU NC 168 20.69 114.52 -25.84
N LYS NC 169 21.82 113.89 -25.48
CA LYS NC 169 23.07 114.64 -25.34
C LYS NC 169 23.49 115.24 -26.67
N ASN NC 170 23.41 114.47 -27.75
CA ASN NC 170 23.69 115.02 -29.07
C ASN NC 170 22.56 115.89 -29.60
N GLY NC 171 21.35 115.71 -29.10
CA GLY NC 171 20.24 116.58 -29.48
C GLY NC 171 19.26 115.92 -30.42
N GLY NC 172 18.97 114.64 -30.21
CA GLY NC 172 18.03 113.91 -31.02
C GLY NC 172 16.67 113.80 -30.34
N VAL NC 173 15.81 112.98 -30.95
CA VAL NC 173 14.46 112.72 -30.46
C VAL NC 173 14.21 111.23 -30.49
N VAL NC 174 13.79 110.68 -29.35
CA VAL NC 174 13.47 109.27 -29.22
C VAL NC 174 11.96 109.14 -28.99
N THR NC 175 11.34 108.18 -29.67
CA THR NC 175 9.91 107.96 -29.54
C THR NC 175 9.63 106.47 -29.64
N THR NC 176 8.88 105.94 -28.68
CA THR NC 176 8.54 104.53 -28.63
C THR NC 176 7.10 104.34 -29.10
N ALA NC 177 6.93 103.59 -30.19
CA ALA NC 177 5.63 103.33 -30.78
C ALA NC 177 5.26 101.86 -30.63
N PHE NC 178 4.06 101.52 -31.11
CA PHE NC 178 3.55 100.16 -31.07
C PHE NC 178 3.13 99.72 -32.46
N TYR NC 179 3.25 98.43 -32.72
CA TYR NC 179 2.84 97.86 -34.01
C TYR NC 179 2.36 96.43 -33.76
N ASP NC 180 1.06 96.20 -34.00
CA ASP NC 180 0.56 94.83 -34.04
C ASP NC 180 1.19 94.10 -35.23
N PRO NC 181 1.24 92.77 -35.19
CA PRO NC 181 1.98 92.03 -36.24
C PRO NC 181 1.62 92.40 -37.67
N ARG NC 182 0.34 92.69 -37.96
CA ARG NC 182 -0.04 93.05 -39.32
C ARG NC 182 0.61 94.38 -39.73
N SER NC 183 0.41 95.41 -38.92
CA SER NC 183 1.04 96.70 -39.21
C SER NC 183 2.56 96.60 -39.23
N LEU NC 184 3.12 95.68 -38.44
CA LEU NC 184 4.57 95.49 -38.43
C LEU NC 184 5.04 94.89 -39.74
N GLU NC 185 4.33 93.88 -40.25
CA GLU NC 185 4.63 93.35 -41.58
C GLU NC 185 4.54 94.44 -42.63
N ILE NC 186 3.51 95.28 -42.57
CA ILE NC 186 3.33 96.34 -43.55
C ILE NC 186 4.49 97.34 -43.46
N LEU NC 187 4.91 97.67 -42.24
CA LEU NC 187 5.99 98.64 -42.05
C LEU NC 187 7.33 98.07 -42.50
N CYS NC 188 7.55 96.78 -42.30
CA CYS NC 188 8.82 96.18 -42.69
C CYS NC 188 8.92 96.01 -44.20
N LYS NC 189 7.89 95.43 -44.82
CA LYS NC 189 7.86 95.18 -46.25
C LYS NC 189 6.70 95.95 -46.87
N PRO NC 190 6.87 97.25 -47.10
CA PRO NC 190 5.76 98.04 -47.67
C PRO NC 190 5.53 97.73 -49.14
N VAL NC 191 6.60 97.42 -49.86
CA VAL NC 191 6.47 97.12 -51.29
C VAL NC 191 5.64 95.85 -51.53
N PRO NC 192 5.88 94.73 -50.83
CA PRO NC 192 4.97 93.59 -50.99
C PRO NC 192 3.56 93.87 -50.49
N PHE NC 193 3.38 94.87 -49.63
CA PHE NC 193 2.03 95.23 -49.22
C PHE NC 193 1.34 96.10 -50.27
N PHE NC 194 2.07 97.02 -50.88
CA PHE NC 194 1.49 97.83 -51.95
C PHE NC 194 1.23 96.99 -53.19
N LEU NC 195 2.01 95.93 -53.41
CA LEU NC 195 1.77 95.01 -54.51
C LEU NC 195 0.68 93.99 -54.20
N ARG NC 196 -0.04 94.17 -53.09
CA ARG NC 196 -1.10 93.25 -52.72
C ARG NC 196 -2.47 93.72 -53.18
N GLY NC 197 -2.70 95.02 -53.20
CA GLY NC 197 -3.98 95.56 -53.63
C GLY NC 197 -4.97 95.80 -52.52
N GLN NC 198 -4.50 96.08 -51.30
CA GLN NC 198 -5.38 96.33 -50.17
C GLN NC 198 -5.13 97.71 -49.60
N PRO NC 199 -6.17 98.37 -49.08
CA PRO NC 199 -5.96 99.68 -48.44
C PRO NC 199 -5.14 99.54 -47.17
N ILE NC 200 -4.40 100.60 -46.85
CA ILE NC 200 -3.58 100.64 -45.65
C ILE NC 200 -4.50 100.59 -44.43
N PRO NC 201 -4.49 99.54 -43.64
CA PRO NC 201 -5.42 99.40 -42.52
C PRO NC 201 -4.94 100.22 -41.33
N LYS NC 202 -5.77 100.22 -40.28
CA LYS NC 202 -5.46 100.97 -39.07
C LYS NC 202 -4.33 100.29 -38.30
N ARG NC 203 -3.70 101.08 -37.43
CA ARG NC 203 -2.65 100.58 -36.54
C ARG NC 203 -3.28 100.34 -35.17
N MET NC 204 -3.40 99.07 -34.79
CA MET NC 204 -4.08 98.71 -33.56
C MET NC 204 -3.34 99.24 -32.34
N LEU NC 205 -4.11 99.57 -31.31
CA LEU NC 205 -3.55 100.09 -30.07
C LEU NC 205 -2.86 98.98 -29.29
N PRO NC 206 -1.87 99.33 -28.46
CA PRO NC 206 -1.18 98.30 -27.69
C PRO NC 206 -2.11 97.68 -26.67
N PRO NC 207 -1.93 96.40 -26.33
CA PRO NC 207 -2.78 95.77 -25.32
C PRO NC 207 -2.47 96.24 -23.92
N GLU NC 208 -3.17 95.68 -22.93
CA GLU NC 208 -3.04 96.13 -21.54
C GLU NC 208 -1.64 95.91 -21.00
N ALA NC 209 -0.86 95.00 -21.58
CA ALA NC 209 0.49 94.77 -21.10
C ALA NC 209 1.46 95.86 -21.55
N LEU NC 210 1.16 96.54 -22.65
CA LEU NC 210 2.03 97.56 -23.19
C LEU NC 210 1.45 98.97 -23.11
N VAL NC 211 0.22 99.12 -22.62
CA VAL NC 211 -0.36 100.46 -22.47
C VAL NC 211 0.38 101.28 -21.43
N PRO NC 212 0.67 100.78 -20.22
CA PRO NC 212 1.42 101.62 -19.26
C PRO NC 212 2.83 101.93 -19.71
N TYR NC 213 3.43 101.10 -20.55
CA TYR NC 213 4.79 101.39 -21.04
C TYR NC 213 4.79 102.53 -22.04
N TYR NC 214 3.75 102.66 -22.85
CA TYR NC 214 3.64 103.71 -23.84
C TYR NC 214 2.93 104.95 -23.32
N THR NC 215 2.26 104.86 -22.19
CA THR NC 215 1.62 106.01 -21.57
C THR NC 215 2.50 106.68 -20.52
N ASP NC 216 3.75 106.26 -20.40
CA ASP NC 216 4.70 106.85 -19.47
C ASP NC 216 5.49 107.94 -20.16
N ALA NC 217 5.96 108.91 -19.37
CA ALA NC 217 6.74 110.02 -19.90
C ALA NC 217 8.21 109.69 -20.02
N LYS NC 218 8.76 108.91 -19.09
CA LYS NC 218 10.18 108.56 -19.13
C LYS NC 218 10.52 107.64 -20.29
N ASN NC 219 9.54 106.90 -20.81
CA ASN NC 219 9.77 105.99 -21.93
C ASN NC 219 9.60 106.66 -23.29
N ARG NC 220 9.18 107.93 -23.31
CA ARG NC 220 8.95 108.67 -24.55
C ARG NC 220 7.95 107.95 -25.45
N GLY NC 221 6.78 107.67 -24.89
CA GLY NC 221 5.75 106.97 -25.63
C GLY NC 221 5.04 107.89 -26.61
N TYR NC 222 4.60 107.30 -27.73
CA TYR NC 222 3.88 108.05 -28.74
C TYR NC 222 2.47 108.41 -28.31
N LEU NC 223 1.99 107.86 -27.19
CA LEU NC 223 0.70 108.22 -26.63
C LEU NC 223 0.82 108.93 -25.29
N ALA NC 224 2.04 109.27 -24.88
CA ALA NC 224 2.25 109.95 -23.61
C ALA NC 224 1.82 111.41 -23.69
N ASP NC 225 1.61 112.01 -22.54
CA ASP NC 225 1.22 113.41 -22.46
C ASP NC 225 2.38 114.30 -22.92
N PRO NC 226 2.20 115.09 -23.98
CA PRO NC 226 3.30 115.97 -24.43
C PRO NC 226 3.70 117.03 -23.43
N ALA NC 227 2.93 117.22 -22.34
CA ALA NC 227 3.29 118.19 -21.32
C ALA NC 227 4.36 117.66 -20.37
N ARG NC 228 4.70 116.37 -20.45
CA ARG NC 228 5.67 115.78 -19.55
C ARG NC 228 7.00 115.45 -20.21
N PHE NC 229 7.11 115.59 -21.54
CA PHE NC 229 8.37 115.33 -22.22
C PHE NC 229 9.50 116.21 -21.71
N PRO NC 230 9.37 117.54 -21.64
CA PRO NC 230 10.50 118.34 -21.14
C PRO NC 230 10.85 118.06 -19.70
N GLU NC 231 9.87 117.64 -18.88
CA GLU NC 231 10.17 117.27 -17.50
C GLU NC 231 11.13 116.09 -17.45
N ALA NC 232 10.81 115.02 -18.19
CA ALA NC 232 11.70 113.87 -18.21
C ALA NC 232 13.03 114.19 -18.88
N ARG NC 233 13.02 115.06 -19.88
CA ARG NC 233 14.27 115.48 -20.51
C ARG NC 233 15.19 116.18 -19.51
N LEU NC 234 14.63 117.11 -18.73
CA LEU NC 234 15.42 117.79 -17.71
C LEU NC 234 15.86 116.83 -16.62
N GLU NC 235 15.01 115.85 -16.29
CA GLU NC 235 15.40 114.85 -15.30
C GLU NC 235 16.61 114.05 -15.77
N LEU NC 236 16.57 113.57 -17.01
CA LEU NC 236 17.72 112.84 -17.55
C LEU NC 236 18.96 113.72 -17.63
N ALA NC 237 18.77 114.99 -18.01
CA ALA NC 237 19.90 115.91 -18.12
C ALA NC 237 20.57 116.12 -16.76
N ARG NC 238 19.77 116.38 -15.72
CA ARG NC 238 20.33 116.59 -14.40
C ARG NC 238 20.83 115.30 -13.77
N LYS NC 239 20.35 114.15 -14.24
CA LYS NC 239 20.83 112.88 -13.71
C LYS NC 239 22.15 112.46 -14.31
N TYR NC 240 22.35 112.70 -15.62
CA TYR NC 240 23.57 112.29 -16.29
C TYR NC 240 24.56 113.43 -16.52
N GLY NC 241 24.25 114.63 -16.03
CA GLY NC 241 25.23 115.70 -16.04
C GLY NC 241 25.64 116.22 -17.40
N TYR NC 242 24.71 116.27 -18.36
CA TYR NC 242 25.00 116.81 -19.68
C TYR NC 242 24.03 117.95 -19.97
N VAL NC 243 24.54 118.98 -20.64
CA VAL NC 243 23.71 120.15 -20.97
C VAL NC 243 22.69 119.78 -22.03
N LEU NC 244 21.43 120.06 -21.76
CA LEU NC 244 20.35 119.76 -22.70
C LEU NC 244 20.27 120.84 -23.76
N PRO NC 245 20.59 120.54 -25.01
CA PRO NC 245 20.60 121.57 -26.05
C PRO NC 245 19.18 122.04 -26.37
N ASP NC 246 19.09 123.32 -26.75
CA ASP NC 246 17.82 123.91 -27.16
C ASP NC 246 17.48 123.41 -28.55
N ILE NC 247 16.67 122.35 -28.60
CA ILE NC 247 16.28 121.77 -29.87
C ILE NC 247 15.43 122.73 -30.70
N THR NC 248 14.70 123.64 -30.04
CA THR NC 248 13.82 124.56 -30.76
C THR NC 248 14.59 125.50 -31.68
N LYS NC 249 15.86 125.76 -31.40
CA LYS NC 249 16.66 126.67 -32.20
C LYS NC 249 17.50 125.94 -33.25
N ASP NC 250 17.17 124.70 -33.57
CA ASP NC 250 17.88 123.94 -34.59
C ASP NC 250 17.21 124.10 -35.94
N GLU NC 251 18.00 124.00 -37.00
CA GLU NC 251 17.48 124.20 -38.35
C GLU NC 251 16.52 123.11 -38.78
N LEU NC 252 16.62 121.92 -38.20
CA LEU NC 252 15.77 120.79 -38.55
C LEU NC 252 14.78 120.46 -37.43
N PHE NC 253 14.26 121.50 -36.77
CA PHE NC 253 13.32 121.27 -35.68
C PHE NC 253 12.03 120.63 -36.18
N LYS NC 254 11.58 121.00 -37.39
CA LYS NC 254 10.41 120.37 -37.97
C LYS NC 254 10.61 118.87 -38.14
N MET NC 255 11.73 118.49 -38.76
CA MET NC 255 12.02 117.07 -38.97
C MET NC 255 12.21 116.33 -37.65
N LEU NC 256 12.78 117.01 -36.64
CA LEU NC 256 12.98 116.36 -35.35
C LEU NC 256 11.67 116.16 -34.60
N SER NC 257 10.73 117.11 -34.71
CA SER NC 257 9.45 117.01 -34.05
C SER NC 257 8.37 116.39 -34.92
N THR NC 258 8.73 115.87 -36.09
CA THR NC 258 7.76 115.16 -36.93
C THR NC 258 7.25 113.91 -36.23
N ARG NC 259 6.00 113.94 -35.79
CA ARG NC 259 5.39 112.83 -35.07
C ARG NC 259 4.51 112.01 -36.01
N LYS NC 260 4.03 110.88 -35.48
CA LYS NC 260 3.15 109.98 -36.21
C LYS NC 260 1.82 109.83 -35.49
N ASP NC 261 0.75 109.77 -36.26
CA ASP NC 261 -0.57 109.53 -35.69
C ASP NC 261 -0.66 108.10 -35.18
N PRO NC 262 -1.34 107.87 -34.05
CA PRO NC 262 -1.45 106.49 -33.54
C PRO NC 262 -2.09 105.52 -34.50
N ARG NC 263 -2.96 105.98 -35.40
CA ARG NC 263 -3.55 105.12 -36.41
C ARG NC 263 -2.77 105.09 -37.71
N GLN NC 264 -1.77 105.96 -37.86
CA GLN NC 264 -1.01 106.05 -39.09
C GLN NC 264 0.05 104.96 -39.16
N ILE NC 265 0.46 104.62 -40.38
CA ILE NC 265 1.47 103.58 -40.58
C ILE NC 265 2.78 104.22 -41.01
N PHE NC 266 2.77 104.90 -42.16
CA PHE NC 266 3.95 105.53 -42.69
C PHE NC 266 3.94 107.03 -42.34
N PHE NC 267 4.89 107.77 -42.89
CA PHE NC 267 4.93 109.22 -42.73
C PHE NC 267 4.16 109.89 -43.86
N GLY NC 268 3.28 110.82 -43.49
CA GLY NC 268 2.52 111.58 -44.46
C GLY NC 268 1.31 110.87 -45.04
N LEU NC 269 1.29 109.54 -45.03
CA LEU NC 269 0.17 108.78 -45.58
C LEU NC 269 -0.97 108.72 -44.55
N ALA NC 270 -2.08 108.12 -44.96
CA ALA NC 270 -3.27 108.03 -44.13
C ALA NC 270 -3.89 106.65 -44.29
N PRO NC 271 -4.51 106.13 -43.23
CA PRO NC 271 -5.18 104.82 -43.35
C PRO NC 271 -6.32 104.87 -44.34
N GLY NC 272 -6.29 103.94 -45.30
CA GLY NC 272 -7.32 103.83 -46.31
C GLY NC 272 -6.85 104.16 -47.71
N TRP NC 273 -5.65 104.72 -47.87
CA TRP NC 273 -5.15 105.05 -49.19
C TRP NC 273 -4.51 103.83 -49.84
N VAL NC 274 -4.87 103.58 -51.09
CA VAL NC 274 -4.31 102.49 -51.88
C VAL NC 274 -3.28 103.10 -52.82
N VAL NC 275 -2.04 102.62 -52.75
CA VAL NC 275 -0.94 103.18 -53.53
C VAL NC 275 -0.79 102.33 -54.79
N ASN NC 276 -1.29 102.84 -55.91
CA ASN NC 276 -1.13 102.18 -57.21
C ASN NC 276 0.21 102.63 -57.77
N MET NC 277 1.22 101.76 -57.67
CA MET NC 277 2.56 102.11 -58.12
C MET NC 277 2.75 101.98 -59.63
N ALA NC 278 1.81 101.32 -60.33
CA ALA NC 278 1.94 101.23 -61.78
C ALA NC 278 1.60 102.55 -62.45
N ASP NC 279 0.53 103.21 -62.00
CA ASP NC 279 0.11 104.50 -62.55
C ASP NC 279 0.57 105.68 -61.72
N LYS NC 280 1.33 105.43 -60.65
CA LYS NC 280 1.80 106.49 -59.74
C LYS NC 280 0.63 107.28 -59.18
N LYS NC 281 -0.33 106.57 -58.59
CA LYS NC 281 -1.56 107.18 -58.11
C LYS NC 281 -1.83 106.76 -56.66
N ILE NC 282 -2.61 107.60 -55.98
CA ILE NC 282 -3.02 107.36 -54.59
C ILE NC 282 -4.53 107.43 -54.55
N LEU NC 283 -5.19 106.29 -54.45
CA LEU NC 283 -6.64 106.23 -54.38
C LEU NC 283 -7.08 106.41 -52.92
N LYS NC 284 -7.85 107.47 -52.67
CA LYS NC 284 -8.30 107.80 -51.32
C LYS NC 284 -9.79 107.56 -51.19
N PRO NC 285 -10.25 107.04 -50.05
CA PRO NC 285 -11.69 106.82 -49.86
C PRO NC 285 -12.43 108.13 -49.66
N THR NC 286 -13.69 108.15 -50.07
CA THR NC 286 -14.53 109.33 -49.97
C THR NC 286 -15.85 109.10 -49.26
N ASP NC 287 -16.28 107.85 -49.10
CA ASP NC 287 -17.52 107.56 -48.40
C ASP NC 287 -17.41 107.99 -46.94
N GLU NC 288 -18.51 108.51 -46.39
CA GLU NC 288 -18.50 108.99 -45.01
C GLU NC 288 -18.23 107.86 -44.03
N ASN NC 289 -18.88 106.70 -44.23
CA ASN NC 289 -18.65 105.57 -43.33
C ASN NC 289 -17.22 105.05 -43.45
N LEU NC 290 -16.67 105.01 -44.66
CA LEU NC 290 -15.29 104.58 -44.84
C LEU NC 290 -14.33 105.54 -44.15
N LEU NC 291 -14.57 106.84 -44.27
CA LEU NC 291 -13.71 107.81 -43.60
C LEU NC 291 -13.81 107.68 -42.08
N LYS NC 292 -15.03 107.46 -41.57
CA LYS NC 292 -15.20 107.26 -40.14
C LYS NC 292 -14.45 106.02 -39.66
N TYR NC 293 -14.53 104.93 -40.42
CA TYR NC 293 -13.84 103.70 -40.04
C TYR NC 293 -12.33 103.87 -40.09
N TYR NC 294 -11.82 104.62 -41.08
CA TYR NC 294 -10.38 104.78 -41.21
C TYR NC 294 -9.81 105.85 -40.28
N SER NC 295 -10.66 106.74 -39.75
CA SER NC 295 -10.21 107.76 -38.82
C SER NC 295 -10.60 107.46 -37.38
N SER NC 296 -11.33 106.38 -37.13
CA SER NC 296 -11.73 106.02 -35.78
C SER NC 296 -10.58 105.37 -35.02
N PHE OC 30 84.00 -13.26 23.15
CA PHE OC 30 84.20 -12.26 24.19
C PHE OC 30 83.63 -10.91 23.76
N LYS OC 31 83.14 -10.15 24.73
CA LYS OC 31 82.56 -8.84 24.46
C LYS OC 31 82.56 -8.03 25.75
N THR OC 32 82.96 -6.77 25.64
CA THR OC 32 83.00 -5.89 26.79
C THR OC 32 81.59 -5.50 27.21
N LEU OC 33 81.35 -5.46 28.52
CA LEU OC 33 80.04 -5.14 29.06
C LEU OC 33 79.84 -3.63 29.06
N LEU OC 34 78.82 -3.17 28.33
CA LEU OC 34 78.51 -1.74 28.35
C LEU OC 34 77.39 -1.46 29.35
N PRO OC 35 77.46 -0.33 30.05
CA PRO OC 35 76.43 -0.04 31.07
C PRO OC 35 75.09 0.27 30.44
N VAL OC 36 74.03 0.01 31.21
CA VAL OC 36 72.67 0.21 30.75
C VAL OC 36 72.22 1.62 31.11
N PRO OC 37 71.44 2.29 30.26
CA PRO OC 37 70.89 3.61 30.62
C PRO OC 37 69.85 3.47 31.73
N THR OC 38 70.08 4.15 32.84
CA THR OC 38 69.20 4.12 33.99
C THR OC 38 68.48 5.45 34.12
N PHE OC 39 67.16 5.38 34.33
CA PHE OC 39 66.32 6.57 34.44
C PHE OC 39 65.72 6.61 35.84
N GLU OC 40 66.00 7.67 36.59
CA GLU OC 40 65.42 7.87 37.91
C GLU OC 40 64.81 9.25 38.11
N ASP OC 41 65.26 10.27 37.38
CA ASP OC 41 64.67 11.60 37.49
C ASP OC 41 63.40 11.75 36.66
N VAL OC 42 63.06 10.77 35.83
CA VAL OC 42 61.84 10.81 35.03
C VAL OC 42 60.68 10.36 35.91
N ALA OC 43 59.83 11.30 36.31
CA ALA OC 43 58.69 11.01 37.16
C ALA OC 43 57.47 10.73 36.28
N ILE OC 44 56.90 9.54 36.43
CA ILE OC 44 55.71 9.15 35.68
C ILE OC 44 54.48 9.80 36.31
N PRO OC 45 53.78 10.68 35.60
CA PRO OC 45 52.63 11.35 36.19
C PRO OC 45 51.42 10.42 36.25
N GLU OC 46 50.41 10.87 36.98
CA GLU OC 46 49.17 10.12 37.09
C GLU OC 46 48.42 10.13 35.76
N LYS OC 47 47.69 9.05 35.49
CA LYS OC 47 46.96 8.85 34.24
C LYS OC 47 47.93 8.93 33.06
N PRO OC 48 48.82 7.95 32.90
CA PRO OC 48 49.81 8.02 31.82
C PRO OC 48 49.23 7.74 30.44
N LYS OC 49 48.07 7.09 30.37
CA LYS OC 49 47.50 6.72 29.08
C LYS OC 49 46.81 7.93 28.43
N LEU OC 50 46.41 7.75 27.18
CA LEU OC 50 45.77 8.82 26.44
C LEU OC 50 44.32 9.02 26.91
N ARG OC 51 43.88 10.28 26.86
CA ARG OC 51 42.53 10.61 27.27
C ARG OC 51 41.57 10.46 26.10
N PHE OC 52 40.27 10.58 26.41
CA PHE OC 52 39.23 10.46 25.39
C PHE OC 52 38.94 11.81 24.77
N VAL OC 53 38.79 11.84 23.45
CA VAL OC 53 38.48 13.05 22.71
C VAL OC 53 37.09 12.90 22.11
N GLU OC 54 36.40 14.03 21.96
CA GLU OC 54 35.03 14.05 21.47
C GLU OC 54 35.02 14.28 19.97
N ARG OC 55 34.07 13.63 19.29
CA ARG OC 55 33.93 13.82 17.85
C ARG OC 55 33.41 15.22 17.53
N VAL OC 56 32.56 15.77 18.39
CA VAL OC 56 32.05 17.13 18.27
C VAL OC 56 32.25 17.81 19.62
N PRO OC 57 32.81 19.01 19.66
CA PRO OC 57 33.05 19.67 20.95
C PRO OC 57 31.75 20.00 21.66
N LEU OC 58 31.89 20.43 22.92
CA LEU OC 58 30.73 20.72 23.74
C LEU OC 58 29.94 21.90 23.20
N VAL OC 59 30.61 22.85 22.55
CA VAL OC 59 29.94 23.99 21.93
C VAL OC 59 30.08 23.87 20.42
N PRO OC 60 29.17 23.18 19.74
CA PRO OC 60 29.31 23.01 18.30
C PRO OC 60 29.12 24.32 17.55
N LYS OC 61 29.96 24.54 16.54
CA LYS OC 61 29.89 25.75 15.74
C LYS OC 61 28.61 25.76 14.92
N VAL OC 62 27.72 26.70 15.21
CA VAL OC 62 26.48 26.81 14.45
C VAL OC 62 26.72 27.49 13.11
N ARG OC 63 27.61 28.48 13.07
CA ARG OC 63 27.93 29.18 11.84
C ARG OC 63 28.94 28.39 11.04
N ARG OC 64 28.57 28.00 9.82
CA ARG OC 64 29.47 27.24 8.97
C ARG OC 64 30.59 28.14 8.45
N GLU OC 65 31.81 27.62 8.50
CA GLU OC 65 32.99 28.36 8.09
C GLU OC 65 33.49 27.86 6.74
N ARG OC 66 34.41 28.64 6.16
CA ARG OC 66 35.04 28.29 4.90
C ARG OC 66 36.23 27.37 5.15
N LYS OC 67 36.50 26.52 4.16
CA LYS OC 67 37.60 25.55 4.27
C LYS OC 67 38.90 26.22 3.81
N ASN OC 68 39.51 26.94 4.74
CA ASN OC 68 40.80 27.57 4.46
C ASN OC 68 41.87 26.50 4.31
N LEU OC 69 42.69 26.62 3.26
CA LEU OC 69 43.79 25.69 3.04
C LEU OC 69 45.11 26.21 3.60
N SER OC 70 45.13 27.42 4.16
CA SER OC 70 46.34 27.93 4.79
C SER OC 70 46.69 27.17 6.06
N ASP OC 71 45.72 26.51 6.68
CA ASP OC 71 45.98 25.71 7.87
C ASP OC 71 46.72 24.41 7.55
N ILE OC 72 46.84 24.05 6.28
CA ILE OC 72 47.60 22.90 5.86
C ILE OC 72 48.83 23.29 5.06
N ARG OC 73 48.69 24.30 4.19
CA ARG OC 73 49.81 24.71 3.34
C ARG OC 73 50.90 25.36 4.18
N GLY OC 74 52.15 24.99 3.90
CA GLY OC 74 53.28 25.59 4.56
C GLY OC 74 53.73 24.81 5.79
N PRO OC 75 54.87 25.19 6.35
CA PRO OC 75 55.38 24.50 7.53
C PRO OC 75 54.60 24.85 8.79
N SER OC 76 54.66 23.96 9.77
CA SER OC 76 54.00 24.19 11.04
C SER OC 76 54.75 25.23 11.85
N THR OC 77 54.00 26.13 12.48
CA THR OC 77 54.57 27.20 13.29
C THR OC 77 54.55 26.90 14.78
N GLU OC 78 53.55 26.19 15.26
CA GLU OC 78 53.42 25.85 16.66
C GLU OC 78 53.61 24.35 16.87
N ALA OC 79 53.95 23.99 18.11
CA ALA OC 79 54.12 22.60 18.52
C ALA OC 79 55.14 21.88 17.64
N THR OC 80 56.34 22.45 17.56
CA THR OC 80 57.43 21.87 16.79
C THR OC 80 58.57 21.34 17.64
N GLU OC 81 58.49 21.48 18.96
CA GLU OC 81 59.53 21.04 19.86
C GLU OC 81 58.94 20.22 20.99
N PHE OC 82 59.80 19.49 21.69
CA PHE OC 82 59.37 18.66 22.80
C PHE OC 82 59.19 19.51 24.05
N THR OC 83 58.13 19.22 24.80
CA THR OC 83 57.83 19.95 26.03
C THR OC 83 58.25 19.15 27.27
N GLU OC 84 57.73 17.93 27.43
CA GLU OC 84 58.07 17.11 28.58
C GLU OC 84 58.44 15.70 28.17
N GLY OC 85 57.93 15.25 27.03
CA GLY OC 85 58.21 13.92 26.54
C GLY OC 85 59.57 13.83 25.87
N ARG OC 86 59.89 12.61 25.43
CA ARG OC 86 61.16 12.35 24.75
C ARG OC 86 61.01 11.80 23.35
N PHE OC 87 59.93 11.07 23.05
CA PHE OC 87 59.65 10.58 21.71
C PHE OC 87 58.40 11.26 21.19
N ALA OC 88 58.20 11.21 19.88
CA ALA OC 88 57.04 11.86 19.29
C ALA OC 88 56.78 11.28 17.91
N ILE OC 89 55.57 11.55 17.43
CA ILE OC 89 55.15 11.16 16.08
C ILE OC 89 55.19 12.43 15.23
N LEU OC 90 56.24 12.56 14.42
CA LEU OC 90 56.42 13.74 13.59
C LEU OC 90 55.79 13.53 12.22
N ALA OC 91 54.98 14.49 11.79
CA ALA OC 91 54.30 14.42 10.51
C ALA OC 91 55.08 15.21 9.47
N LEU OC 92 55.58 14.51 8.45
CA LEU OC 92 56.33 15.15 7.38
C LEU OC 92 55.44 15.67 6.26
N GLY OC 93 54.13 15.79 6.51
CA GLY OC 93 53.21 16.27 5.51
C GLY OC 93 52.04 16.97 6.15
N GLY OC 94 51.09 17.38 5.31
CA GLY OC 94 49.91 18.05 5.79
C GLY OC 94 48.65 17.26 5.54
N GLY OC 95 47.59 17.54 6.30
CA GLY OC 95 46.34 16.83 6.12
C GLY OC 95 45.37 17.16 7.24
N TYR OC 96 44.35 16.32 7.36
CA TYR OC 96 43.32 16.47 8.38
C TYR OC 96 43.27 15.21 9.25
N LEU OC 97 42.94 15.42 10.52
CA LEU OC 97 42.81 14.33 11.50
C LEU OC 97 41.43 14.45 12.15
N HIS OC 98 40.68 13.35 12.13
CA HIS OC 98 39.32 13.34 12.65
C HIS OC 98 39.18 12.29 13.75
N TRP OC 99 37.94 12.10 14.19
CA TRP OC 99 37.66 11.24 15.34
C TRP OC 99 38.07 9.80 15.08
N GLY OC 100 37.95 9.33 13.85
CA GLY OC 100 38.38 7.97 13.55
C GLY OC 100 39.86 7.76 13.80
N HIS OC 101 40.69 8.65 13.27
CA HIS OC 101 42.12 8.55 13.49
C HIS OC 101 42.46 8.75 14.97
N PHE OC 102 41.77 9.67 15.64
CA PHE OC 102 42.01 9.87 17.06
C PHE OC 102 41.73 8.59 17.85
N GLU OC 103 40.61 7.93 17.57
CA GLU OC 103 40.30 6.68 18.27
C GLU OC 103 41.29 5.59 17.94
N MET OC 104 41.69 5.49 16.67
CA MET OC 104 42.70 4.50 16.29
C MET OC 104 43.98 4.68 17.09
N MET OC 105 44.52 5.90 17.08
CA MET OC 105 45.76 6.18 17.82
C MET OC 105 45.59 5.92 19.30
N ARG OC 106 44.46 6.39 19.87
CA ARG OC 106 44.23 6.22 21.30
C ARG OC 106 44.22 4.75 21.69
N LEU OC 107 43.44 3.94 20.98
CA LEU OC 107 43.35 2.51 21.30
C LEU OC 107 44.70 1.83 21.14
N THR OC 108 45.38 2.09 20.01
CA THR OC 108 46.64 1.41 19.76
C THR OC 108 47.68 1.76 20.83
N ILE OC 109 47.83 3.05 21.14
CA ILE OC 109 48.82 3.46 22.12
C ILE OC 109 48.45 2.94 23.50
N ASN OC 110 47.18 3.03 23.89
CA ASN OC 110 46.80 2.60 25.23
C ASN OC 110 46.90 1.09 25.40
N ARG OC 111 46.79 0.33 24.31
CA ARG OC 111 46.92 -1.11 24.43
C ARG OC 111 48.35 -1.60 24.23
N SER OC 112 49.23 -0.81 23.62
CA SER OC 112 50.60 -1.23 23.38
C SER OC 112 51.61 -0.43 24.18
N MET OC 113 51.18 0.40 25.12
CA MET OC 113 52.09 1.15 25.97
C MET OC 113 52.16 0.52 27.35
N ASP OC 114 53.16 0.94 28.12
CA ASP OC 114 53.33 0.46 29.48
C ASP OC 114 52.95 1.56 30.46
N PRO OC 115 51.79 1.47 31.11
CA PRO OC 115 51.37 2.54 32.04
C PRO OC 115 52.23 2.64 33.28
N LYS OC 116 53.14 1.69 33.53
CA LYS OC 116 54.01 1.75 34.70
C LYS OC 116 55.33 2.44 34.42
N ASN OC 117 55.78 2.45 33.17
CA ASN OC 117 57.06 3.05 32.81
C ASN OC 117 56.94 4.05 31.67
N MET OC 118 55.78 4.23 31.07
CA MET OC 118 55.61 5.11 29.93
C MET OC 118 54.36 5.96 30.12
N PHE OC 119 54.39 7.17 29.57
CA PHE OC 119 53.24 8.06 29.56
C PHE OC 119 53.19 8.76 28.21
N ALA OC 120 51.98 9.12 27.79
CA ALA OC 120 51.75 9.76 26.51
C ALA OC 120 50.99 11.08 26.72
N LEU OC 121 51.01 11.91 25.68
CA LEU OC 121 50.35 13.20 25.73
C LEU OC 121 50.05 13.64 24.31
N TRP OC 122 48.93 14.35 24.16
CA TRP OC 122 48.53 14.88 22.86
C TRP OC 122 49.25 16.18 22.56
N ARG OC 123 49.57 16.38 21.28
CA ARG OC 123 50.09 17.64 20.80
C ARG OC 123 49.13 18.37 19.87
N VAL OC 124 48.00 17.77 19.54
CA VAL OC 124 46.99 18.40 18.69
C VAL OC 124 45.71 18.53 19.51
N PRO OC 125 44.96 19.62 19.35
CA PRO OC 125 43.73 19.80 20.13
C PRO OC 125 42.61 18.91 19.59
N ALA OC 126 41.44 19.03 20.22
CA ALA OC 126 40.27 18.29 19.78
C ALA OC 126 39.79 18.82 18.42
N PRO OC 127 39.14 17.98 17.62
CA PRO OC 127 38.63 18.45 16.32
C PRO OC 127 37.62 19.57 16.49
N PHE OC 128 37.88 20.69 15.83
CA PHE OC 128 37.02 21.87 15.92
C PHE OC 128 36.60 22.43 14.57
N LYS OC 129 37.39 22.22 13.52
CA LYS OC 129 37.05 22.77 12.21
C LYS OC 129 35.93 21.96 11.57
N PRO OC 130 34.78 22.56 11.29
CA PRO OC 130 33.68 21.80 10.69
C PRO OC 130 33.89 21.59 9.20
N ILE OC 131 33.27 20.53 8.69
CA ILE OC 131 33.32 20.17 7.28
C ILE OC 131 31.90 19.99 6.77
N THR OC 132 31.57 20.65 5.67
CA THR OC 132 30.24 20.62 5.09
C THR OC 132 30.15 19.53 4.03
N ARG OC 133 28.97 18.90 3.95
CA ARG OC 133 28.71 17.84 2.98
C ARG OC 133 27.30 18.02 2.42
N LYS OC 134 27.08 17.40 1.26
CA LYS OC 134 25.78 17.38 0.62
C LYS OC 134 25.41 15.96 0.26
N GLY OC 135 24.11 15.69 0.27
CA GLY OC 135 23.64 14.36 -0.12
C GLY OC 135 23.70 14.16 -1.62
N MET OC 136 23.78 12.89 -2.01
CA MET OC 136 23.84 12.57 -3.44
C MET OC 136 22.53 12.90 -4.12
N GLY OC 137 22.61 13.34 -5.37
CA GLY OC 137 21.44 13.75 -6.11
C GLY OC 137 21.17 15.24 -6.09
N GLN OC 138 21.97 16.01 -5.36
CA GLN OC 138 21.80 17.45 -5.28
C GLN OC 138 22.67 18.14 -6.32
N ARG OC 139 22.06 19.00 -7.13
CA ARG OC 139 22.81 19.75 -8.12
C ARG OC 139 23.71 20.78 -7.42
N MET OC 140 24.62 21.36 -8.21
CA MET OC 140 25.54 22.36 -7.68
C MET OC 140 24.78 23.62 -7.27
N GLY OC 141 25.33 24.32 -6.29
CA GLY OC 141 24.71 25.54 -5.80
C GLY OC 141 23.60 25.26 -4.81
N GLY OC 142 22.75 26.27 -4.62
CA GLY OC 142 21.65 26.18 -3.69
C GLY OC 142 21.97 26.59 -2.28
N GLY OC 143 23.24 26.78 -1.94
CA GLY OC 143 23.67 27.19 -0.63
C GLY OC 143 24.71 26.24 -0.09
N LYS OC 144 25.09 26.48 1.16
CA LYS OC 144 26.09 25.66 1.82
C LYS OC 144 25.46 24.36 2.32
N GLY OC 145 26.29 23.33 2.44
CA GLY OC 145 25.86 22.04 2.93
C GLY OC 145 25.63 22.06 4.43
N ALA OC 146 25.57 20.86 5.00
CA ALA OC 146 25.38 20.67 6.43
C ALA OC 146 26.68 20.22 7.07
N ILE OC 147 26.89 20.62 8.33
CA ILE OC 147 28.09 20.25 9.05
C ILE OC 147 28.03 18.75 9.34
N ASP OC 148 28.95 17.99 8.75
CA ASP OC 148 28.96 16.54 8.90
C ASP OC 148 29.83 16.08 10.06
N HIS OC 149 31.09 16.52 10.08
CA HIS OC 149 32.03 16.09 11.10
C HIS OC 149 33.02 17.21 11.36
N TYR OC 150 33.97 16.95 12.26
CA TYR OC 150 35.01 17.89 12.63
C TYR OC 150 36.38 17.26 12.43
N VAL OC 151 37.36 18.09 12.06
CA VAL OC 151 38.72 17.65 11.81
C VAL OC 151 39.68 18.61 12.47
N THR OC 152 40.96 18.22 12.50
CA THR OC 152 42.03 19.02 13.07
C THR OC 152 43.09 19.26 12.01
N PRO OC 153 43.35 20.51 11.62
CA PRO OC 153 44.40 20.76 10.62
C PRO OC 153 45.79 20.56 11.20
N VAL OC 154 46.62 19.82 10.47
CA VAL OC 154 47.99 19.54 10.86
C VAL OC 154 48.90 19.88 9.70
N LYS OC 155 49.93 20.68 9.97
CA LYS OC 155 50.90 21.07 8.96
C LYS OC 155 52.11 20.14 9.01
N ALA OC 156 52.97 20.28 8.00
CA ALA OC 156 54.20 19.50 7.96
C ALA OC 156 55.18 20.00 9.01
N GLY OC 157 55.90 19.07 9.63
CA GLY OC 157 56.85 19.40 10.68
C GLY OC 157 56.25 19.49 12.07
N ARG OC 158 55.05 18.98 12.27
CA ARG OC 158 54.36 19.06 13.55
C ARG OC 158 54.38 17.71 14.25
N LEU OC 159 54.49 17.74 15.58
CA LEU OC 159 54.36 16.52 16.37
C LEU OC 159 52.89 16.29 16.72
N ILE OC 160 52.51 15.02 16.76
CA ILE OC 160 51.12 14.62 17.03
C ILE OC 160 50.97 14.05 18.44
N VAL OC 161 51.68 12.97 18.75
CA VAL OC 161 51.68 12.38 20.08
C VAL OC 161 53.10 12.43 20.61
N GLU OC 162 53.25 12.91 21.83
CA GLU OC 162 54.54 13.02 22.50
C GLU OC 162 54.53 12.12 23.74
N MET OC 163 55.51 11.23 23.83
CA MET OC 163 55.57 10.26 24.90
C MET OC 163 56.89 10.38 25.65
N GLY OC 164 56.86 9.97 26.92
CA GLY OC 164 58.04 9.95 27.76
C GLY OC 164 58.00 8.79 28.72
N GLY OC 165 59.04 8.68 29.53
CA GLY OC 165 59.13 7.65 30.53
C GLY OC 165 60.56 7.15 30.66
N ARG OC 166 60.69 6.00 31.31
CA ARG OC 166 61.99 5.36 31.55
C ARG OC 166 62.27 4.23 30.57
N CYS OC 167 61.81 4.38 29.33
CA CYS OC 167 61.93 3.37 28.31
C CYS OC 167 62.98 3.78 27.28
N GLU OC 168 63.36 2.80 26.44
CA GLU OC 168 64.35 3.03 25.40
C GLU OC 168 63.68 3.60 24.15
N PHE OC 169 64.47 3.78 23.10
CA PHE OC 169 63.98 4.35 21.86
C PHE OC 169 63.58 3.30 20.83
N LYS OC 170 64.16 2.09 20.89
CA LYS OC 170 63.86 1.10 19.88
C LYS OC 170 62.45 0.55 20.02
N GLU OC 171 62.01 0.28 21.24
CA GLU OC 171 60.68 -0.30 21.42
C GLU OC 171 59.57 0.70 21.10
N VAL OC 172 59.72 1.95 21.57
CA VAL OC 172 58.71 2.96 21.28
C VAL OC 172 58.65 3.24 19.79
N GLN OC 173 59.82 3.23 19.12
CA GLN OC 173 59.83 3.41 17.68
C GLN OC 173 59.12 2.25 16.99
N GLY OC 174 59.40 1.02 17.40
CA GLY OC 174 58.78 -0.13 16.78
C GLY OC 174 57.27 -0.15 16.95
N PHE OC 175 56.79 0.28 18.12
CA PHE OC 175 55.36 0.25 18.37
C PHE OC 175 54.63 1.51 17.90
N LEU OC 176 55.36 2.60 17.62
CA LEU OC 176 54.74 3.81 17.07
C LEU OC 176 54.83 3.88 15.56
N ASP OC 177 55.68 3.07 14.92
CA ASP OC 177 55.71 3.06 13.46
C ASP OC 177 54.38 2.62 12.87
N LEU OC 178 53.63 1.77 13.58
CA LEU OC 178 52.31 1.37 13.09
C LEU OC 178 51.38 2.56 13.01
N VAL OC 179 51.34 3.38 14.07
CA VAL OC 179 50.50 4.56 14.06
C VAL OC 179 51.00 5.56 13.02
N ALA OC 180 52.31 5.70 12.89
CA ALA OC 180 52.87 6.62 11.90
C ALA OC 180 52.48 6.19 10.48
N HIS OC 181 52.40 4.88 10.23
CA HIS OC 181 51.98 4.41 8.93
C HIS OC 181 50.48 4.60 8.72
N LYS OC 182 49.68 4.31 9.74
CA LYS OC 182 48.23 4.42 9.59
C LYS OC 182 47.75 5.86 9.54
N LEU OC 183 48.57 6.81 9.98
CA LEU OC 183 48.20 8.21 9.85
C LEU OC 183 48.08 8.59 8.37
N PRO OC 184 47.22 9.57 8.05
CA PRO OC 184 47.04 9.96 6.64
C PRO OC 184 48.31 10.50 6.01
N PHE OC 185 48.88 11.54 6.60
CA PHE OC 185 50.13 12.07 6.10
C PHE OC 185 51.29 11.14 6.46
N PRO OC 186 52.39 11.20 5.72
CA PRO OC 186 53.57 10.43 6.12
C PRO OC 186 54.09 10.90 7.47
N ALA OC 187 54.42 9.93 8.33
CA ALA OC 187 54.84 10.23 9.69
C ALA OC 187 55.97 9.29 10.08
N LYS OC 188 56.75 9.74 11.06
CA LYS OC 188 57.88 8.98 11.58
C LYS OC 188 57.92 9.08 13.10
N ALA OC 189 58.35 8.00 13.74
CA ALA OC 189 58.48 7.94 15.18
C ALA OC 189 59.90 8.41 15.53
N VAL OC 190 60.02 9.68 15.93
CA VAL OC 190 61.33 10.27 16.16
C VAL OC 190 61.49 10.63 17.63
N SER OC 191 62.66 11.14 17.99
CA SER OC 191 62.95 11.59 19.35
C SER OC 191 63.71 12.89 19.26
N ARG OC 192 64.15 13.39 20.43
CA ARG OC 192 64.97 14.59 20.46
C ARG OC 192 66.25 14.41 19.65
N GLU OC 193 66.95 13.30 19.89
CA GLU OC 193 68.21 13.05 19.20
C GLU OC 193 68.00 12.90 17.70
N THR OC 194 66.96 12.17 17.30
CA THR OC 194 66.71 11.96 15.88
C THR OC 194 66.32 13.27 15.19
N LEU OC 195 65.49 14.08 15.83
CA LEU OC 195 65.11 15.36 15.24
C LEU OC 195 66.32 16.28 15.12
N GLU OC 196 67.14 16.36 16.16
CA GLU OC 196 68.34 17.18 16.09
C GLU OC 196 69.28 16.69 14.99
N LYS OC 197 69.43 15.37 14.85
CA LYS OC 197 70.32 14.82 13.84
C LYS OC 197 69.81 15.14 12.44
N MET OC 198 68.51 14.97 12.20
CA MET OC 198 67.98 15.24 10.87
C MET OC 198 68.04 16.74 10.54
N ARG OC 199 67.83 17.60 11.55
CA ARG OC 199 67.93 19.03 11.29
C ARG OC 199 69.37 19.44 11.00
N LYS OC 200 70.33 18.84 11.72
CA LYS OC 200 71.73 19.11 11.42
C LYS OC 200 72.10 18.62 10.02
N ASP OC 201 71.59 17.46 9.62
CA ASP OC 201 71.84 16.96 8.28
C ASP OC 201 71.25 17.89 7.24
N GLN OC 202 70.04 18.41 7.49
CA GLN OC 202 69.42 19.34 6.55
C GLN OC 202 70.24 20.62 6.42
N GLU OC 203 70.69 21.18 7.55
CA GLU OC 203 71.52 22.38 7.50
C GLU OC 203 72.83 22.12 6.76
N GLU OC 204 73.46 20.98 7.04
CA GLU OC 204 74.71 20.65 6.37
C GLU OC 204 74.51 20.53 4.86
N ARG OC 205 73.45 19.86 4.43
CA ARG OC 205 73.19 19.71 3.01
C ARG OC 205 72.93 21.07 2.37
N GLU OC 206 72.08 21.89 2.99
CA GLU OC 206 71.73 23.17 2.40
C GLU OC 206 72.90 24.16 2.44
N ARG OC 207 73.92 23.90 3.25
CA ARG OC 207 75.08 24.78 3.26
C ARG OC 207 76.26 24.25 2.44
N ASN OC 208 76.31 22.96 2.14
CA ASN OC 208 77.36 22.43 1.28
C ASN OC 208 76.86 22.04 -0.10
N ASN OC 209 75.62 22.40 -0.45
CA ASN OC 209 75.13 22.19 -1.80
C ASN OC 209 76.06 22.83 -2.81
N GLN OC 210 76.29 22.12 -3.92
CA GLN OC 210 77.33 22.50 -4.87
C GLN OC 210 76.87 23.52 -5.90
N ASN OC 211 75.70 23.33 -6.50
CA ASN OC 211 75.26 24.22 -7.57
C ASN OC 211 75.01 25.62 -7.03
N PRO OC 212 75.53 26.66 -7.68
CA PRO OC 212 75.32 28.03 -7.17
C PRO OC 212 73.88 28.50 -7.27
N TRP OC 213 73.05 27.84 -8.07
CA TRP OC 213 71.67 28.27 -8.27
C TRP OC 213 70.77 27.52 -7.29
N THR OC 214 70.09 28.27 -6.43
CA THR OC 214 69.17 27.71 -5.47
C THR OC 214 67.79 28.33 -5.65
N PHE OC 215 66.76 27.55 -5.27
CA PHE OC 215 65.39 28.01 -5.44
C PHE OC 215 65.13 29.30 -4.67
N GLU OC 216 65.65 29.38 -3.43
CA GLU OC 216 65.44 30.58 -2.63
C GLU OC 216 66.09 31.80 -3.29
N ARG OC 217 67.32 31.66 -3.75
CA ARG OC 217 68.00 32.78 -4.41
C ARG OC 217 67.25 33.22 -5.66
N ILE OC 218 66.83 32.25 -6.48
CA ILE OC 218 66.14 32.58 -7.73
C ILE OC 218 64.81 33.28 -7.43
N ALA OC 219 64.05 32.77 -6.46
CA ALA OC 219 62.76 33.35 -6.15
C ALA OC 219 62.90 34.74 -5.54
N THR OC 220 63.95 34.95 -4.73
CA THR OC 220 64.13 36.25 -4.11
C THR OC 220 64.63 37.29 -5.11
N ALA OC 221 65.48 36.87 -6.06
CA ALA OC 221 65.99 37.80 -7.06
C ALA OC 221 65.08 37.92 -8.27
N ASN OC 222 64.00 37.14 -8.33
CA ASN OC 222 63.07 37.16 -9.47
C ASN OC 222 63.82 36.89 -10.77
N MET OC 223 64.63 35.84 -10.77
CA MET OC 223 65.42 35.50 -11.93
C MET OC 223 64.55 34.83 -12.99
N LEU OC 224 64.82 35.17 -14.25
CA LEU OC 224 64.09 34.66 -15.41
C LEU OC 224 62.61 35.01 -15.39
N GLY OC 225 62.21 35.95 -14.54
CA GLY OC 225 60.79 36.23 -14.39
C GLY OC 225 59.99 35.05 -13.89
N ILE OC 226 60.61 34.18 -13.10
CA ILE OC 226 59.96 32.95 -12.64
C ILE OC 226 58.85 33.21 -11.64
N ARG OC 227 58.72 34.45 -11.16
CA ARG OC 227 57.60 34.80 -10.29
C ARG OC 227 56.26 34.68 -10.99
N LYS OC 228 56.25 34.71 -12.32
CA LYS OC 228 55.00 34.49 -13.05
C LYS OC 228 54.48 33.09 -12.84
N VAL OC 229 55.37 32.11 -12.69
CA VAL OC 229 54.97 30.73 -12.45
C VAL OC 229 54.87 30.43 -10.97
N LEU OC 230 55.74 31.03 -10.15
CA LEU OC 230 55.76 30.73 -8.74
C LEU OC 230 54.59 31.40 -8.02
N SER OC 231 54.49 31.11 -6.73
CA SER OC 231 53.47 31.62 -5.82
C SER OC 231 54.10 32.53 -4.77
N PRO OC 232 53.37 33.52 -4.26
CA PRO OC 232 53.92 34.38 -3.20
C PRO OC 232 54.33 33.61 -1.96
N TYR OC 233 53.75 32.45 -1.70
CA TYR OC 233 54.19 31.62 -0.58
C TYR OC 233 55.47 30.84 -0.90
N ASP OC 234 55.83 30.71 -2.18
CA ASP OC 234 57.08 30.05 -2.53
C ASP OC 234 58.28 30.85 -2.07
N LEU OC 235 58.14 32.18 -1.95
CA LEU OC 235 59.24 33.01 -1.46
C LEU OC 235 59.65 32.62 -0.05
N THR OC 236 58.71 32.08 0.73
CA THR OC 236 58.99 31.60 2.08
C THR OC 236 59.23 30.10 2.14
N HIS OC 237 58.51 29.32 1.32
CA HIS OC 237 58.68 27.88 1.34
C HIS OC 237 59.99 27.44 0.72
N LYS OC 238 60.61 28.27 -0.13
CA LYS OC 238 61.90 27.98 -0.76
C LYS OC 238 61.85 26.67 -1.54
N GLY OC 239 60.71 26.42 -2.18
CA GLY OC 239 60.56 25.21 -2.99
C GLY OC 239 60.53 23.92 -2.21
N ARG OC 240 60.33 23.98 -0.90
CA ARG OC 240 60.28 22.77 -0.09
C ARG OC 240 58.87 22.27 0.16
N TYR OC 241 57.88 23.16 0.14
CA TYR OC 241 56.49 22.81 0.41
C TYR OC 241 55.66 23.07 -0.84
N TRP OC 242 55.03 22.02 -1.36
CA TRP OC 242 54.18 22.11 -2.55
C TRP OC 242 52.81 21.55 -2.20
N GLY OC 243 51.85 22.44 -1.98
CA GLY OC 243 50.52 22.02 -1.58
C GLY OC 243 50.51 21.46 -0.18
N LYS OC 244 50.23 20.16 -0.04
CA LYS OC 244 50.28 19.49 1.24
C LYS OC 244 51.50 18.60 1.41
N PHE OC 245 52.25 18.36 0.33
CA PHE OC 245 53.40 17.48 0.37
C PHE OC 245 54.66 18.25 0.75
N TYR OC 246 55.55 17.60 1.49
CA TYR OC 246 56.80 18.19 1.94
C TYR OC 246 57.93 17.25 1.62
N THR OC 247 58.82 17.66 0.71
CA THR OC 247 59.97 16.86 0.33
C THR OC 247 61.20 17.41 1.02
N PRO OC 248 61.74 16.74 2.05
CA PRO OC 248 62.89 17.29 2.77
C PRO OC 248 64.20 17.21 2.00
N GLU OC 249 64.23 16.53 0.85
CA GLU OC 249 65.46 16.37 0.08
C GLU OC 249 65.63 17.44 -0.99
N ARG OC 250 64.97 18.58 -0.83
CA ARG OC 250 65.03 19.67 -1.81
C ARG OC 250 65.71 20.91 -1.22
N VAL OC 251 66.76 20.72 -0.42
CA VAL OC 251 67.52 21.81 0.18
C VAL OC 251 66.63 22.74 0.98
N ILE PC 9 20.22 -25.05 -55.93
CA ILE PC 9 20.86 -26.19 -56.57
C ILE PC 9 19.96 -26.78 -57.64
N SER PC 10 20.52 -27.03 -58.81
CA SER PC 10 19.80 -27.61 -59.93
C SER PC 10 20.58 -28.76 -60.54
N HIS PC 11 21.12 -29.63 -59.69
CA HIS PC 11 21.92 -30.74 -60.16
C HIS PC 11 21.03 -31.94 -60.49
N GLY PC 12 21.41 -32.66 -61.54
CA GLY PC 12 20.70 -33.87 -61.91
C GLY PC 12 19.28 -33.65 -62.40
N ARG PC 13 19.05 -32.62 -63.20
CA ARG PC 13 17.73 -32.31 -63.74
C ARG PC 13 17.77 -32.42 -65.26
N VAL PC 14 16.65 -32.86 -65.83
CA VAL PC 14 16.55 -33.01 -67.27
C VAL PC 14 15.51 -32.10 -67.90
N PHE PC 15 14.49 -31.68 -67.16
CA PHE PC 15 13.44 -30.81 -67.69
C PHE PC 15 13.72 -29.37 -67.34
N ARG PC 16 13.44 -28.47 -68.28
CA ARG PC 16 13.61 -27.04 -68.08
C ARG PC 16 12.25 -26.37 -67.85
N ARG PC 17 12.26 -25.32 -67.05
CA ARG PC 17 11.03 -24.61 -66.70
C ARG PC 17 10.58 -23.74 -67.87
N LEU PC 18 9.31 -23.88 -68.24
CA LEU PC 18 8.73 -23.09 -69.33
C LEU PC 18 7.30 -22.73 -68.98
N GLY PC 19 6.82 -21.63 -69.58
CA GLY PC 19 5.45 -21.23 -69.38
C GLY PC 19 5.18 -20.72 -67.98
N LEU PC 20 3.96 -20.97 -67.51
CA LEU PC 20 3.52 -20.57 -66.18
C LEU PC 20 3.61 -21.69 -65.16
N GLY PC 21 4.33 -22.76 -65.48
CA GLY PC 21 4.45 -23.88 -64.57
C GLY PC 21 4.51 -25.20 -65.30
N PRO PC 22 4.33 -26.30 -64.56
CA PRO PC 22 4.41 -27.62 -65.19
C PRO PC 22 3.29 -27.87 -66.19
N GLU PC 23 2.04 -27.58 -65.80
CA GLU PC 23 0.93 -27.81 -66.70
C GLU PC 23 0.99 -26.89 -67.91
N SER PC 24 1.40 -25.64 -67.71
CA SER PC 24 1.55 -24.73 -68.83
C SER PC 24 2.65 -25.19 -69.77
N ARG PC 25 3.76 -25.71 -69.21
CA ARG PC 25 4.81 -26.28 -70.05
C ARG PC 25 4.31 -27.46 -70.86
N ILE PC 26 3.53 -28.34 -70.22
CA ILE PC 26 2.99 -29.49 -70.92
C ILE PC 26 2.07 -29.04 -72.05
N HIS PC 27 1.25 -28.01 -71.81
CA HIS PC 27 0.35 -27.53 -72.85
C HIS PC 27 1.10 -26.87 -73.99
N LEU PC 28 2.16 -26.12 -73.68
CA LEU PC 28 2.97 -25.51 -74.73
C LEU PC 28 3.65 -26.56 -75.59
N LEU PC 29 4.24 -27.58 -74.94
CA LEU PC 29 4.86 -28.66 -75.69
C LEU PC 29 3.83 -29.43 -76.51
N GLN PC 30 2.60 -29.55 -75.99
CA GLN PC 30 1.54 -30.22 -76.72
C GLN PC 30 1.18 -29.44 -77.98
N ASN PC 31 1.04 -28.12 -77.86
CA ASN PC 31 0.74 -27.30 -79.03
C ASN PC 31 1.88 -27.35 -80.05
N LEU PC 32 3.12 -27.28 -79.57
CA LEU PC 32 4.25 -27.35 -80.49
C LEU PC 32 4.32 -28.69 -81.19
N LEU PC 33 4.05 -29.78 -80.48
CA LEU PC 33 4.06 -31.10 -81.09
C LEU PC 33 2.93 -31.26 -82.08
N THR PC 34 1.76 -30.69 -81.78
CA THR PC 34 0.65 -30.72 -82.74
C THR PC 34 1.02 -29.98 -84.01
N GLY PC 35 1.59 -28.78 -83.87
CA GLY PC 35 2.03 -28.05 -85.04
C GLY PC 35 3.08 -28.79 -85.84
N LEU PC 36 4.01 -29.44 -85.14
CA LEU PC 36 5.05 -30.21 -85.83
C LEU PC 36 4.46 -31.38 -86.60
N VAL PC 37 3.54 -32.13 -85.98
CA VAL PC 37 2.92 -33.24 -86.67
C VAL PC 37 2.10 -32.76 -87.85
N ARG PC 38 1.49 -31.58 -87.74
CA ARG PC 38 0.63 -31.10 -88.82
C ARG PC 38 1.43 -30.56 -90.00
N HIS PC 39 2.52 -29.85 -89.74
CA HIS PC 39 3.24 -29.16 -90.80
C HIS PC 39 4.52 -29.86 -91.24
N GLU PC 40 5.00 -30.85 -90.49
CA GLU PC 40 6.19 -31.65 -90.74
C GLU PC 40 7.49 -30.84 -90.67
N ARG PC 41 7.41 -29.53 -90.44
CA ARG PC 41 8.60 -28.71 -90.18
C ARG PC 41 8.12 -27.40 -89.57
N ILE PC 42 8.58 -27.09 -88.36
CA ILE PC 42 8.20 -25.87 -87.67
C ILE PC 42 9.46 -25.21 -87.12
N GLU PC 43 9.29 -23.98 -86.64
CA GLU PC 43 10.38 -23.21 -86.05
C GLU PC 43 9.89 -22.49 -84.81
N ALA PC 44 10.69 -22.54 -83.76
CA ALA PC 44 10.30 -21.94 -82.49
C ALA PC 44 11.57 -21.51 -81.76
N SER PC 45 11.45 -21.24 -80.45
CA SER PC 45 12.61 -20.93 -79.64
C SER PC 45 13.51 -22.13 -79.51
N TRP PC 46 14.81 -21.87 -79.35
CA TRP PC 46 15.78 -22.96 -79.34
C TRP PC 46 15.54 -23.91 -78.17
N ALA PC 47 15.25 -23.36 -76.99
CA ALA PC 47 14.99 -24.22 -75.84
C ALA PC 47 13.72 -25.03 -76.02
N ARG PC 48 12.66 -24.40 -76.55
CA ARG PC 48 11.41 -25.11 -76.78
C ARG PC 48 11.59 -26.24 -77.78
N VAL PC 49 12.37 -26.01 -78.83
CA VAL PC 49 12.59 -27.04 -79.85
C VAL PC 49 13.46 -28.16 -79.28
N ASP PC 50 14.50 -27.80 -78.53
CA ASP PC 50 15.34 -28.82 -77.90
C ASP PC 50 14.54 -29.68 -76.93
N GLU PC 51 13.56 -29.08 -76.25
CA GLU PC 51 12.70 -29.85 -75.37
C GLU PC 51 11.73 -30.71 -76.17
N LEU PC 52 11.19 -30.18 -77.27
CA LEU PC 52 10.23 -30.89 -78.09
C LEU PC 52 10.84 -32.06 -78.85
N ARG PC 53 12.16 -32.05 -79.03
CA ARG PC 53 12.81 -33.14 -79.77
C ARG PC 53 12.51 -34.49 -79.13
N GLY PC 54 12.74 -34.62 -77.83
CA GLY PC 54 12.53 -35.90 -77.16
C GLY PC 54 11.08 -36.33 -77.16
N TYR PC 55 10.17 -35.38 -76.96
CA TYR PC 55 8.75 -35.70 -76.98
C TYR PC 55 8.32 -36.17 -78.36
N ALA PC 56 8.87 -35.57 -79.42
CA ALA PC 56 8.55 -36.01 -80.77
C ALA PC 56 9.10 -37.40 -81.04
N GLU PC 57 10.32 -37.68 -80.57
CA GLU PC 57 10.87 -39.02 -80.70
C GLU PC 57 9.98 -40.05 -80.01
N LYS PC 58 9.55 -39.75 -78.79
CA LYS PC 58 8.68 -40.67 -78.06
C LYS PC 58 7.32 -40.82 -78.74
N LEU PC 59 6.80 -39.73 -79.32
CA LEU PC 59 5.53 -39.83 -80.03
C LEU PC 59 5.64 -40.71 -81.26
N ILE PC 60 6.76 -40.63 -81.98
CA ILE PC 60 6.95 -41.51 -83.12
C ILE PC 60 7.10 -42.95 -82.67
N ASP PC 61 7.80 -43.17 -81.56
CA ASP PC 61 7.92 -44.53 -81.02
C ASP PC 61 6.56 -45.09 -80.63
N TYR PC 62 5.68 -44.25 -80.10
CA TYR PC 62 4.34 -44.71 -79.74
C TYR PC 62 3.48 -44.95 -80.97
N GLY PC 63 3.62 -44.10 -81.99
CA GLY PC 63 2.86 -44.28 -83.21
C GLY PC 63 3.25 -45.53 -83.97
N LYS PC 64 4.53 -45.88 -83.94
CA LYS PC 64 4.98 -47.11 -84.58
C LYS PC 64 4.49 -48.37 -83.86
N LEU PC 65 3.95 -48.23 -82.64
CA LEU PC 65 3.57 -49.38 -81.83
C LEU PC 65 2.29 -50.05 -82.31
N GLY PC 66 1.61 -49.50 -83.30
CA GLY PC 66 0.42 -50.12 -83.83
C GLY PC 66 -0.83 -49.30 -83.54
N ASP PC 67 -1.88 -49.59 -84.32
CA ASP PC 67 -3.13 -48.85 -84.20
C ASP PC 67 -3.98 -49.37 -83.04
N THR PC 68 -4.03 -50.69 -82.86
CA THR PC 68 -4.90 -51.28 -81.85
C THR PC 68 -4.40 -51.09 -80.42
N ASN PC 69 -3.17 -50.61 -80.23
CA ASN PC 69 -2.65 -50.37 -78.89
C ASN PC 69 -3.37 -49.18 -78.28
N GLU PC 70 -4.30 -49.46 -77.35
CA GLU PC 70 -5.12 -48.38 -76.80
C GLU PC 70 -4.29 -47.42 -75.95
N ARG PC 71 -3.18 -47.88 -75.39
CA ARG PC 71 -2.28 -46.95 -74.69
C ARG PC 71 -1.78 -45.86 -75.63
N ALA PC 72 -1.19 -46.26 -76.76
CA ALA PC 72 -0.73 -45.27 -77.73
C ALA PC 72 -1.89 -44.49 -78.33
N MET PC 73 -3.06 -45.13 -78.46
CA MET PC 73 -4.22 -44.42 -78.98
C MET PC 73 -4.61 -43.26 -78.08
N ARG PC 74 -4.74 -43.52 -76.77
CA ARG PC 74 -5.11 -42.44 -75.86
C ARG PC 74 -3.97 -41.45 -75.65
N MET PC 75 -2.72 -41.90 -75.81
CA MET PC 75 -1.59 -40.98 -75.74
C MET PC 75 -1.66 -39.98 -76.89
N ALA PC 76 -1.89 -40.46 -78.10
CA ALA PC 76 -2.08 -39.56 -79.23
C ALA PC 76 -3.33 -38.71 -79.08
N ASP PC 77 -4.38 -39.25 -78.47
CA ASP PC 77 -5.58 -38.47 -78.22
C ASP PC 77 -5.30 -37.31 -77.29
N PHE PC 78 -4.46 -37.53 -76.28
CA PHE PC 78 -4.10 -36.44 -75.37
C PHE PC 78 -3.19 -35.43 -76.05
N TRP PC 79 -2.19 -35.91 -76.79
CA TRP PC 79 -1.18 -35.01 -77.34
C TRP PC 79 -1.71 -34.25 -78.56
N LEU PC 80 -2.06 -34.96 -79.62
CA LEU PC 80 -2.53 -34.33 -80.83
C LEU PC 80 -3.88 -33.68 -80.57
N THR PC 81 -3.91 -32.35 -80.50
CA THR PC 81 -5.15 -31.63 -80.25
C THR PC 81 -6.11 -31.77 -81.42
N GLU PC 82 -5.64 -31.47 -82.63
CA GLU PC 82 -6.45 -31.68 -83.83
C GLU PC 82 -6.53 -33.17 -84.12
N LYS PC 83 -7.74 -33.73 -84.02
CA LYS PC 83 -7.90 -35.17 -84.18
C LYS PC 83 -7.71 -35.65 -85.62
N ASP PC 84 -7.58 -34.73 -86.58
CA ASP PC 84 -7.28 -35.12 -87.95
C ASP PC 84 -5.81 -35.49 -88.14
N LEU PC 85 -5.01 -35.47 -87.08
CA LEU PC 85 -3.60 -35.85 -87.16
C LEU PC 85 -3.34 -37.27 -86.68
N ILE PC 86 -4.19 -37.81 -85.81
CA ILE PC 86 -3.97 -39.16 -85.30
C ILE PC 86 -4.01 -40.21 -86.41
N PRO PC 87 -5.02 -40.22 -87.31
CA PRO PC 87 -4.92 -41.13 -88.46
C PRO PC 87 -3.69 -40.85 -89.31
N LYS PC 88 -3.35 -39.57 -89.51
CA LYS PC 88 -2.13 -39.23 -90.21
C LYS PC 88 -0.91 -39.76 -89.47
N LEU PC 89 -0.86 -39.54 -88.15
CA LEU PC 89 0.28 -40.01 -87.37
C LEU PC 89 0.46 -41.52 -87.49
N PHE PC 90 -0.64 -42.27 -87.49
CA PHE PC 90 -0.55 -43.72 -87.52
C PHE PC 90 -0.42 -44.30 -88.91
N GLN PC 91 -0.73 -43.56 -89.97
CA GLN PC 91 -0.72 -44.12 -91.31
C GLN PC 91 0.21 -43.41 -92.28
N VAL PC 92 0.96 -42.39 -91.85
CA VAL PC 92 1.93 -41.75 -92.73
C VAL PC 92 3.30 -41.73 -92.07
N LEU PC 93 3.39 -41.14 -90.87
CA LEU PC 93 4.67 -40.96 -90.22
C LEU PC 93 5.19 -42.26 -89.64
N ALA PC 94 4.33 -43.01 -88.95
CA ALA PC 94 4.74 -44.27 -88.34
C ALA PC 94 5.11 -45.33 -89.38
N PRO PC 95 4.33 -45.52 -90.45
CA PRO PC 95 4.73 -46.55 -91.43
C PRO PC 95 6.00 -46.21 -92.17
N ARG PC 96 6.24 -44.94 -92.48
CA ARG PC 96 7.45 -44.58 -93.22
C ARG PC 96 8.70 -44.66 -92.35
N PHE PC 97 8.54 -44.71 -91.03
CA PHE PC 97 9.65 -44.88 -90.10
C PHE PC 97 9.53 -46.28 -89.49
N GLN PC 98 10.15 -47.25 -90.17
CA GLN PC 98 10.16 -48.62 -89.67
C GLN PC 98 11.57 -49.12 -89.38
N GLY PC 99 12.50 -48.97 -90.34
CA GLY PC 99 13.87 -49.37 -90.10
C GLY PC 99 14.65 -48.36 -89.27
N GLN PC 100 14.27 -47.09 -89.33
CA GLN PC 100 14.94 -46.07 -88.56
C GLN PC 100 14.66 -46.26 -87.08
N ASN PC 101 15.71 -46.09 -86.25
CA ASN PC 101 15.61 -46.31 -84.81
C ASN PC 101 15.37 -45.02 -84.04
N GLY PC 102 16.23 -44.02 -84.24
CA GLY PC 102 16.08 -42.76 -83.52
C GLY PC 102 16.34 -41.54 -84.38
N GLY PC 103 16.64 -41.76 -85.65
CA GLY PC 103 16.87 -40.65 -86.57
C GLY PC 103 15.61 -40.19 -87.25
N TYR PC 104 14.68 -39.63 -86.48
CA TYR PC 104 13.40 -39.18 -87.01
C TYR PC 104 13.34 -37.68 -87.23
N THR PC 105 14.01 -36.90 -86.38
CA THR PC 105 13.92 -35.45 -86.41
C THR PC 105 15.27 -34.83 -86.76
N ARG PC 106 15.23 -33.57 -87.17
CA ARG PC 106 16.42 -32.80 -87.45
C ARG PC 106 16.20 -31.39 -86.94
N MET PC 107 17.12 -30.91 -86.10
CA MET PC 107 17.03 -29.60 -85.46
C MET PC 107 18.22 -28.76 -85.88
N LEU PC 108 17.95 -27.52 -86.30
CA LEU PC 108 19.00 -26.61 -86.75
C LEU PC 108 18.73 -25.21 -86.23
N GLN PC 109 19.76 -24.56 -85.71
CA GLN PC 109 19.61 -23.20 -85.21
C GLN PC 109 19.64 -22.22 -86.38
N ILE PC 110 18.59 -21.41 -86.50
CA ILE PC 110 18.50 -20.43 -87.58
C ILE PC 110 19.03 -19.10 -87.04
N PRO PC 111 19.29 -18.10 -87.90
CA PRO PC 111 19.68 -16.79 -87.38
C PRO PC 111 18.61 -16.21 -86.47
N ASN PC 112 19.03 -15.28 -85.61
CA ASN PC 112 18.12 -14.71 -84.62
C ASN PC 112 16.96 -14.00 -85.30
N ARG PC 113 15.84 -13.94 -84.59
CA ARG PC 113 14.61 -13.37 -85.14
C ARG PC 113 14.79 -11.87 -85.38
N ASN PC 114 14.24 -11.38 -86.49
CA ASN PC 114 14.38 -9.98 -86.85
C ASN PC 114 13.65 -9.05 -85.89
N GLU PC 115 12.75 -9.57 -85.05
CA GLU PC 115 12.09 -8.73 -84.06
C GLU PC 115 13.09 -8.28 -83.01
N GLN PC 116 12.68 -7.30 -82.20
CA GLN PC 116 13.59 -6.68 -81.25
C GLN PC 116 14.00 -7.63 -80.13
N ASP PC 117 13.29 -8.75 -79.94
CA ASP PC 117 13.65 -9.67 -78.88
C ASP PC 117 14.98 -10.35 -79.16
N ARG PC 118 15.30 -10.61 -80.43
CA ARG PC 118 16.55 -11.24 -80.83
C ARG PC 118 16.75 -12.57 -80.11
N ALA PC 119 15.72 -13.39 -80.13
CA ALA PC 119 15.76 -14.68 -79.44
C ALA PC 119 16.53 -15.70 -80.28
N LYS PC 120 17.01 -16.73 -79.60
CA LYS PC 120 17.71 -17.84 -80.25
C LYS PC 120 16.67 -18.83 -80.76
N MET PC 121 16.51 -18.87 -82.08
CA MET PC 121 15.46 -19.67 -82.70
C MET PC 121 16.03 -20.87 -83.45
N ALA PC 122 15.29 -21.96 -83.39
CA ALA PC 122 15.66 -23.19 -84.08
C ALA PC 122 14.48 -23.68 -84.91
N VAL PC 123 14.79 -24.61 -85.81
CA VAL PC 123 13.79 -25.23 -86.69
C VAL PC 123 13.92 -26.74 -86.54
N ILE PC 124 12.80 -27.41 -86.32
CA ILE PC 124 12.75 -28.86 -86.25
C ILE PC 124 11.95 -29.38 -87.44
N GLU PC 125 12.37 -30.53 -87.95
CA GLU PC 125 11.78 -31.07 -89.16
C GLU PC 125 11.84 -32.59 -89.11
N TYR PC 126 10.72 -33.23 -89.45
CA TYR PC 126 10.69 -34.68 -89.58
C TYR PC 126 11.33 -35.10 -90.90
N LYS PC 127 12.22 -36.09 -90.83
CA LYS PC 127 12.91 -36.53 -92.03
C LYS PC 127 11.94 -37.19 -93.01
N GLY PC 128 12.29 -37.12 -94.29
CA GLY PC 128 11.43 -37.70 -95.32
C GLY PC 128 10.18 -36.93 -95.63
N ASN PC 129 10.19 -35.62 -95.39
CA ASN PC 129 9.02 -34.79 -95.63
C ASN PC 129 9.00 -34.28 -97.07
N CYS PC 130 7.82 -33.81 -97.48
CA CYS PC 130 7.62 -33.27 -98.83
C CYS PC 130 7.87 -31.77 -98.89
N LEU PC 131 9.00 -31.34 -98.38
CA LEU PC 131 9.38 -29.94 -98.34
C LEU PC 131 10.78 -29.78 -98.91
N PRO PC 132 11.11 -28.59 -99.40
CA PRO PC 132 12.47 -28.35 -99.90
C PRO PC 132 13.50 -28.59 -98.83
N PRO PC 133 14.67 -29.15 -99.19
CA PRO PC 133 15.68 -29.47 -98.17
C PRO PC 133 16.29 -28.21 -97.59
N LEU PC 134 16.50 -28.25 -96.27
CA LEU PC 134 17.16 -27.14 -95.60
C LEU PC 134 18.62 -27.06 -96.03
N PRO PC 135 19.21 -25.86 -96.04
CA PRO PC 135 20.62 -25.75 -96.38
C PRO PC 135 21.51 -26.35 -95.29
N LEU PC 136 21.58 -27.67 -95.26
CA LEU PC 136 22.34 -28.35 -94.22
C LEU PC 136 23.83 -28.03 -94.35
N PRO PC 137 24.52 -27.79 -93.24
CA PRO PC 137 25.98 -27.61 -93.31
C PRO PC 137 26.68 -28.92 -93.59
N ARG PC 138 27.18 -29.08 -94.81
CA ARG PC 138 27.78 -30.33 -95.25
C ARG PC 138 29.28 -30.33 -94.97
N ARG PC 139 29.86 -31.52 -94.93
CA ARG PC 139 31.30 -31.66 -94.80
C ARG PC 139 31.98 -31.25 -96.09
N ASP PC 140 33.30 -31.07 -96.01
CA ASP PC 140 34.08 -30.72 -97.19
C ASP PC 140 34.25 -31.95 -98.08
N SER PC 141 34.46 -31.69 -99.38
CA SER PC 141 34.63 -32.77 -100.33
C SER PC 141 35.95 -33.50 -100.08
N ASN PC 142 36.00 -34.76 -100.53
CA ASN PC 142 37.20 -35.57 -100.37
C ASN PC 142 38.37 -35.07 -101.20
N LEU PC 143 38.15 -34.13 -102.11
CA LEU PC 143 39.21 -33.59 -102.94
C LEU PC 143 39.98 -32.47 -102.26
N THR PC 144 39.62 -32.12 -101.02
CA THR PC 144 40.35 -31.09 -100.29
C THR PC 144 41.75 -31.57 -99.94
N LEU PC 145 42.58 -30.63 -99.48
CA LEU PC 145 43.97 -30.95 -99.19
C LEU PC 145 44.09 -31.92 -98.01
N LEU PC 146 43.49 -31.56 -96.87
CA LEU PC 146 43.57 -32.41 -95.69
C LEU PC 146 42.86 -33.74 -95.92
N ASN PC 147 41.71 -33.71 -96.59
CA ASN PC 147 40.99 -34.95 -96.86
C ASN PC 147 41.79 -35.84 -97.81
N GLN PC 148 42.52 -35.25 -98.75
CA GLN PC 148 43.34 -36.06 -99.65
C GLN PC 148 44.53 -36.66 -98.92
N LEU PC 149 45.14 -35.91 -98.01
CA LEU PC 149 46.23 -36.45 -97.21
C LEU PC 149 45.74 -37.58 -96.31
N LEU PC 150 44.53 -37.43 -95.75
CA LEU PC 150 43.96 -38.51 -94.93
C LEU PC 150 43.60 -39.72 -95.78
N GLN PC 151 43.16 -39.51 -97.02
CA GLN PC 151 42.92 -40.64 -97.92
C GLN PC 151 44.22 -41.36 -98.24
N GLY PC 152 45.31 -40.61 -98.42
CA GLY PC 152 46.61 -41.25 -98.61
C GLY PC 152 47.04 -42.06 -97.39
N LEU PC 153 46.84 -41.49 -96.19
CA LEU PC 153 47.14 -42.23 -94.98
C LEU PC 153 46.31 -43.51 -94.88
N ARG PC 154 45.03 -43.43 -95.24
CA ARG PC 154 44.17 -44.59 -95.20
C ARG PC 154 44.61 -45.65 -96.20
N GLN PC 155 45.02 -45.22 -97.39
CA GLN PC 155 45.52 -46.17 -98.39
C GLN PC 155 46.80 -46.84 -97.91
N ASP PC 156 47.69 -46.08 -97.25
CA ASP PC 156 48.90 -46.68 -96.70
C ASP PC 156 48.57 -47.69 -95.61
N GLN PC 157 47.60 -47.35 -94.75
CA GLN PC 157 47.22 -48.28 -93.69
C GLN PC 157 46.60 -49.55 -94.26
N GLU PC 158 45.83 -49.42 -95.34
CA GLU PC 158 45.23 -50.60 -95.96
C GLU PC 158 46.28 -51.45 -96.67
N ALA PC 159 47.27 -50.80 -97.29
CA ALA PC 159 48.34 -51.55 -97.94
C ALA PC 159 49.25 -52.22 -96.93
N SER PC 160 49.37 -51.66 -95.72
CA SER PC 160 50.14 -52.30 -94.67
C SER PC 160 49.45 -53.54 -94.10
N SER PC 161 48.26 -53.89 -94.58
CA SER PC 161 47.55 -55.06 -94.09
C SER PC 161 46.83 -55.77 -95.24
N PRO QC 38 60.72 114.13 -10.99
CA PRO QC 38 59.80 114.79 -10.06
C PRO QC 38 60.40 114.96 -8.68
N VAL QC 39 59.55 115.00 -7.65
CA VAL QC 39 60.02 115.08 -6.28
C VAL QC 39 60.72 113.79 -5.93
N GLU QC 40 61.94 113.90 -5.39
CA GLU QC 40 62.72 112.71 -5.08
C GLU QC 40 62.08 111.88 -3.97
N ASN QC 41 61.25 112.51 -3.14
CA ASN QC 41 60.54 111.81 -2.08
C ASN QC 41 59.15 111.34 -2.50
N GLU QC 42 58.77 111.55 -3.76
CA GLU QC 42 57.45 111.19 -4.23
C GLU QC 42 57.32 109.71 -4.60
N ALA QC 43 58.44 108.99 -4.69
CA ALA QC 43 58.39 107.58 -5.05
C ALA QC 43 57.62 106.78 -4.01
N VAL QC 44 56.88 105.77 -4.47
CA VAL QC 44 55.98 105.01 -3.61
C VAL QC 44 56.33 103.53 -3.58
N ALA QC 45 56.63 102.93 -4.75
CA ALA QC 45 56.82 101.49 -4.89
C ALA QC 45 55.59 100.77 -4.35
N PRO QC 46 54.49 100.76 -5.10
CA PRO QC 46 53.19 100.32 -4.54
C PRO QC 46 53.21 98.99 -3.80
N GLU QC 47 54.07 98.05 -4.21
CA GLU QC 47 54.12 96.75 -3.56
C GLU QC 47 54.82 96.91 -2.20
N PHE QC 48 54.05 97.34 -1.21
CA PHE QC 48 54.56 97.58 0.13
C PHE QC 48 54.45 96.31 0.95
N THR QC 49 55.54 95.95 1.63
CA THR QC 49 55.61 94.77 2.47
C THR QC 49 55.78 95.19 3.92
N ASN QC 50 54.93 94.66 4.80
CA ASN QC 50 54.97 94.95 6.22
C ASN QC 50 55.50 93.70 6.93
N ARG QC 51 56.78 93.73 7.29
CA ARG QC 51 57.43 92.59 7.92
C ARG QC 51 57.02 92.41 9.38
N ASN QC 52 56.19 93.29 9.93
CA ASN QC 52 55.79 93.18 11.33
C ASN QC 52 54.82 92.03 11.52
N PRO QC 53 55.14 91.01 12.33
CA PRO QC 53 54.18 89.92 12.54
C PRO QC 53 52.99 90.31 13.37
N ARG QC 54 53.05 91.43 14.09
CA ARG QC 54 51.93 91.90 14.89
C ARG QC 54 50.90 92.67 14.07
N ASN QC 55 51.25 93.06 12.83
CA ASN QC 55 50.38 93.91 12.03
C ASN QC 55 49.04 93.25 11.78
N LEU QC 56 49.05 92.06 11.18
CA LEU QC 56 47.80 91.37 10.86
C LEU QC 56 47.06 90.94 12.12
N GLU QC 57 47.80 90.53 13.16
CA GLU QC 57 47.17 90.13 14.41
C GLU QC 57 46.42 91.29 15.05
N LEU QC 58 46.92 92.52 14.88
CA LEU QC 58 46.20 93.67 15.40
C LEU QC 58 45.07 94.10 14.47
N LEU QC 59 45.28 94.00 13.15
CA LEU QC 59 44.25 94.36 12.19
C LEU QC 59 43.15 93.32 12.09
N ALA QC 60 43.26 92.21 12.82
CA ALA QC 60 42.23 91.17 12.87
C ALA QC 60 42.00 90.52 11.50
N VAL QC 61 42.95 90.68 10.59
CA VAL QC 61 42.91 90.02 9.29
C VAL QC 61 43.87 88.85 9.20
N ALA QC 62 44.57 88.52 10.29
CA ALA QC 62 45.52 87.42 10.28
C ALA QC 62 44.80 86.09 10.08
N ARG QC 63 45.59 85.05 9.85
CA ARG QC 63 45.06 83.72 9.55
C ARG QC 63 44.83 82.98 10.86
N LYS QC 64 43.58 82.91 11.29
CA LYS QC 64 43.23 82.13 12.46
C LYS QC 64 43.43 80.64 12.17
N GLU QC 65 43.79 79.89 13.21
CA GLU QC 65 44.06 78.46 13.06
C GLU QC 65 42.81 77.65 13.41
N ARG QC 66 41.81 77.77 12.53
CA ARG QC 66 40.67 76.87 12.60
C ARG QC 66 41.14 75.44 12.41
N GLY QC 67 40.25 74.49 12.70
CA GLY QC 67 40.72 73.12 12.63
C GLY QC 67 40.10 72.11 13.57
N TRP QC 68 40.96 71.51 14.40
CA TRP QC 68 40.79 70.17 14.95
C TRP QC 68 39.36 69.84 15.36
N GLY QC 69 38.82 70.55 16.35
CA GLY QC 69 37.45 70.31 16.74
C GLY QC 69 37.29 69.03 17.54
N THR QC 70 38.13 68.04 17.26
CA THR QC 70 38.07 66.74 17.92
C THR QC 70 38.90 66.71 19.19
N VAL QC 71 40.07 67.35 19.18
CA VAL QC 71 40.91 67.43 20.36
C VAL QC 71 40.61 68.73 21.08
N TRP QC 72 40.99 68.79 22.36
CA TRP QC 72 40.72 69.95 23.20
C TRP QC 72 42.01 70.44 23.83
N PRO QC 73 42.21 71.77 23.91
CA PRO QC 73 41.27 72.79 23.46
C PRO QC 73 41.43 73.15 21.99
N SER QC 74 40.44 73.85 21.43
CA SER QC 74 40.54 74.31 20.06
C SER QC 74 41.65 75.36 19.95
N ARG QC 75 42.47 75.24 18.90
CA ARG QC 75 43.63 76.10 18.71
C ARG QC 75 43.35 77.22 17.70
N GLU QC 76 42.13 77.74 17.68
CA GLU QC 76 41.74 78.83 16.77
C GLU QC 76 41.76 80.13 17.57
N PHE QC 77 42.87 80.86 17.46
CA PHE QC 77 43.05 82.10 18.21
C PHE QC 77 44.29 82.81 17.66
N TRP QC 78 44.63 83.92 18.31
CA TRP QC 78 45.92 84.57 18.15
C TRP QC 78 46.74 84.57 19.42
N HIS QC 79 46.10 84.66 20.58
CA HIS QC 79 46.76 84.55 21.87
C HIS QC 79 45.93 83.65 22.77
N ARG QC 80 46.60 82.94 23.66
CA ARG QC 80 45.97 81.89 24.45
C ARG QC 80 46.39 82.01 25.90
N LEU QC 81 45.40 82.18 26.79
CA LEU QC 81 45.66 82.24 28.21
C LEU QC 81 45.73 80.84 28.79
N ARG QC 82 46.70 80.62 29.68
CA ARG QC 82 46.94 79.32 30.28
C ARG QC 82 47.20 79.50 31.77
N VAL QC 83 46.41 78.84 32.60
CA VAL QC 83 46.55 78.93 34.05
C VAL QC 83 46.97 77.55 34.56
N ILE QC 84 48.24 77.45 34.94
CA ILE QC 84 48.80 76.22 35.49
C ILE QC 84 48.80 76.34 37.02
N ARG QC 85 48.11 75.43 37.67
CA ARG QC 85 47.97 75.42 39.13
C ARG QC 85 48.63 74.16 39.67
N THR QC 86 49.79 74.32 40.29
CA THR QC 86 50.44 73.23 40.98
C THR QC 86 50.09 73.28 42.46
N GLN QC 87 50.63 72.34 43.24
CA GLN QC 87 50.37 72.33 44.67
C GLN QC 87 51.07 73.48 45.39
N HIS QC 88 52.04 74.12 44.75
CA HIS QC 88 52.80 75.19 45.37
C HIS QC 88 52.60 76.54 44.70
N HIS QC 89 52.76 76.60 43.38
CA HIS QC 89 52.79 77.88 42.67
C HIS QC 89 51.69 77.93 41.62
N ILE QC 90 51.37 79.17 41.20
CA ILE QC 90 50.37 79.44 40.19
C ILE QC 90 51.04 80.24 39.07
N GLU QC 91 50.81 79.83 37.82
CA GLU QC 91 51.41 80.49 36.68
C GLU QC 91 50.30 80.86 35.70
N ALA QC 92 50.30 82.12 35.25
CA ALA QC 92 49.37 82.60 34.24
C ALA QC 92 50.19 83.06 33.05
N LEU QC 93 50.13 82.30 31.95
CA LEU QC 93 50.93 82.56 30.77
C LEU QC 93 50.02 82.93 29.61
N VAL QC 94 50.59 83.67 28.65
CA VAL QC 94 49.90 84.02 27.41
C VAL QC 94 50.76 83.51 26.28
N GLU QC 95 50.39 82.36 25.72
CA GLU QC 95 51.16 81.70 24.68
C GLU QC 95 50.55 81.98 23.31
N HIS QC 96 51.41 82.10 22.31
CA HIS QC 96 50.95 82.27 20.94
C HIS QC 96 50.60 80.91 20.33
N ARG QC 97 50.00 80.94 19.15
CA ARG QC 97 49.63 79.70 18.48
C ARG QC 97 50.84 78.85 18.12
N ASN QC 98 52.02 79.46 18.00
CA ASN QC 98 53.23 78.72 17.70
C ASN QC 98 53.81 78.02 18.92
N GLY QC 99 53.42 78.43 20.12
CA GLY QC 99 53.92 77.85 21.36
C GLY QC 99 54.80 78.77 22.16
N GLN QC 100 55.16 79.94 21.64
CA GLN QC 100 56.00 80.88 22.37
C GLN QC 100 55.17 81.68 23.36
N VAL QC 101 55.74 81.87 24.55
CA VAL QC 101 55.08 82.61 25.63
C VAL QC 101 55.30 84.10 25.41
N VAL QC 102 54.22 84.86 25.41
CA VAL QC 102 54.28 86.30 25.16
C VAL QC 102 54.52 87.03 26.48
N VAL QC 103 53.58 86.90 27.42
CA VAL QC 103 53.71 87.52 28.73
C VAL QC 103 53.28 86.50 29.78
N SER QC 104 54.06 86.40 30.86
CA SER QC 104 53.81 85.41 31.90
C SER QC 104 53.94 86.05 33.27
N ALA QC 105 53.12 85.58 34.21
CA ALA QC 105 53.17 86.01 35.60
C ALA QC 105 53.08 84.78 36.48
N SER QC 106 54.15 84.50 37.23
CA SER QC 106 54.23 83.31 38.06
C SER QC 106 54.43 83.70 39.52
N THR QC 107 53.88 82.88 40.42
CA THR QC 107 54.09 83.09 41.84
C THR QC 107 55.51 82.78 42.27
N ARG QC 108 56.32 82.16 41.42
CA ARG QC 108 57.72 81.92 41.75
C ARG QC 108 58.55 83.20 41.69
N GLU QC 109 58.06 84.23 41.01
CA GLU QC 109 58.80 85.48 40.91
C GLU QC 109 58.92 86.15 42.27
N TRP QC 110 60.07 86.77 42.51
CA TRP QC 110 60.34 87.35 43.83
C TRP QC 110 59.42 88.52 44.15
N ALA QC 111 59.03 89.30 43.12
CA ALA QC 111 58.16 90.45 43.35
C ALA QC 111 56.85 90.04 44.02
N ILE QC 112 56.19 89.02 43.48
CA ILE QC 112 54.94 88.56 44.08
C ILE QC 112 55.22 87.68 45.30
N LYS QC 113 56.36 86.98 45.32
CA LYS QC 113 56.64 86.05 46.41
C LYS QC 113 56.85 86.79 47.73
N LYS QC 114 57.60 87.89 47.71
CA LYS QC 114 57.84 88.64 48.93
C LYS QC 114 56.67 89.53 49.32
N HIS QC 115 55.75 89.81 48.39
CA HIS QC 115 54.61 90.65 48.69
C HIS QC 115 53.38 89.86 49.12
N LEU QC 116 53.31 88.57 48.79
CA LEU QC 116 52.09 87.81 48.99
C LEU QC 116 52.39 86.52 49.75
N TYR QC 117 51.46 86.13 50.60
CA TYR QC 117 51.50 84.86 51.33
C TYR QC 117 50.48 83.89 50.73
N SER QC 118 50.79 82.60 50.86
CA SER QC 118 49.90 81.52 50.39
C SER QC 118 49.67 81.65 48.87
N THR QC 119 50.74 81.37 48.14
CA THR QC 119 50.75 81.52 46.68
C THR QC 119 49.78 80.58 45.97
N ARG QC 120 49.07 79.76 46.75
CA ARG QC 120 48.10 78.82 46.21
C ARG QC 120 46.66 79.34 46.29
N ASN QC 121 46.38 80.29 47.17
CA ASN QC 121 45.01 80.65 47.51
C ASN QC 121 44.36 81.51 46.45
N VAL QC 122 43.07 81.80 46.67
CA VAL QC 122 42.29 82.61 45.75
C VAL QC 122 42.84 84.04 45.70
N VAL QC 123 43.32 84.55 46.83
CA VAL QC 123 43.96 85.86 46.82
C VAL QC 123 45.19 85.83 45.92
N ALA QC 124 45.92 84.72 45.93
CA ALA QC 124 47.08 84.59 45.06
C ALA QC 124 46.68 84.55 43.60
N CYS QC 125 45.63 83.80 43.27
CA CYS QC 125 45.16 83.77 41.89
C CYS QC 125 44.70 85.15 41.43
N GLU QC 126 44.01 85.90 42.31
CA GLU QC 126 43.55 87.23 41.95
C GLU QC 126 44.73 88.19 41.75
N SER QC 127 45.73 88.11 42.61
CA SER QC 127 46.91 88.96 42.45
C SER QC 127 47.64 88.64 41.16
N VAL QC 128 47.81 87.35 40.85
CA VAL QC 128 48.45 86.96 39.59
C VAL QC 128 47.65 87.47 38.40
N GLY QC 129 46.32 87.40 38.49
CA GLY QC 129 45.49 87.91 37.41
C GLY QC 129 45.65 89.40 37.21
N ARG QC 130 45.69 90.17 38.30
CA ARG QC 130 45.87 91.61 38.18
C ARG QC 130 47.24 91.95 37.61
N VAL QC 131 48.29 91.26 38.07
CA VAL QC 131 49.63 91.52 37.56
C VAL QC 131 49.70 91.19 36.07
N LEU QC 132 49.08 90.08 35.66
CA LEU QC 132 49.10 89.71 34.26
C LEU QC 132 48.31 90.70 33.41
N ALA QC 133 47.20 91.22 33.95
CA ALA QC 133 46.44 92.24 33.23
C ALA QC 133 47.28 93.50 33.04
N GLU QC 134 47.99 93.92 34.09
CA GLU QC 134 48.86 95.08 33.97
C GLU QC 134 49.95 94.85 32.93
N ARG QC 135 50.58 93.68 32.97
CA ARG QC 135 51.65 93.39 32.01
C ARG QC 135 51.11 93.30 30.58
N CYS QC 136 49.89 92.80 30.40
CA CYS QC 136 49.30 92.75 29.07
C CYS QC 136 48.98 94.15 28.55
N LEU QC 137 48.43 95.01 29.41
CA LEU QC 137 48.21 96.39 29.01
C LEU QC 137 49.51 97.08 28.64
N GLU QC 138 50.59 96.77 29.36
CA GLU QC 138 51.88 97.36 29.03
C GLU QC 138 52.40 96.83 27.70
N ALA QC 139 52.32 95.53 27.49
CA ALA QC 139 52.82 94.93 26.25
C ALA QC 139 51.97 95.28 25.05
N GLY QC 140 50.74 95.74 25.26
CA GLY QC 140 49.88 96.13 24.16
C GLY QC 140 48.96 95.05 23.64
N ILE QC 141 48.84 93.94 24.33
CA ILE QC 141 47.94 92.85 23.94
C ILE QC 141 46.62 93.03 24.67
N ASN QC 142 45.52 93.09 23.91
CA ASN QC 142 44.21 93.40 24.47
C ASN QC 142 43.21 92.25 24.41
N PHE QC 143 43.31 91.37 23.42
CA PHE QC 143 42.34 90.31 23.22
C PHE QC 143 43.02 88.95 23.31
N MET QC 144 42.43 88.05 24.10
CA MET QC 144 42.96 86.71 24.24
C MET QC 144 41.80 85.76 24.53
N VAL QC 145 42.06 84.46 24.35
CA VAL QC 145 41.05 83.43 24.58
C VAL QC 145 41.44 82.64 25.82
N TYR QC 146 40.44 82.03 26.45
CA TYR QC 146 40.66 81.22 27.64
C TYR QC 146 39.61 80.13 27.66
N HIS QC 147 40.04 78.88 27.45
CA HIS QC 147 39.14 77.72 27.41
C HIS QC 147 39.44 76.84 28.62
N PRO QC 148 38.76 77.06 29.74
CA PRO QC 148 38.95 76.20 30.91
C PRO QC 148 38.06 74.97 30.85
N THR QC 149 38.39 73.99 31.70
CA THR QC 149 37.58 72.79 31.81
C THR QC 149 36.23 73.14 32.44
N PRO QC 150 35.20 72.32 32.19
CA PRO QC 150 33.90 72.57 32.82
C PRO QC 150 33.93 72.51 34.34
N TRP QC 151 34.92 71.84 34.93
CA TRP QC 151 35.02 71.81 36.38
C TRP QC 151 35.89 72.93 36.93
N GLU QC 152 36.94 73.34 36.20
CA GLU QC 152 37.76 74.46 36.65
C GLU QC 152 37.05 75.79 36.43
N ALA QC 153 36.09 75.85 35.50
CA ALA QC 153 35.33 77.07 35.27
C ALA QC 153 34.43 77.40 36.45
N ALA QC 154 34.05 76.41 37.25
CA ALA QC 154 33.20 76.62 38.41
C ALA QC 154 34.00 76.84 39.69
N SER QC 155 35.33 76.93 39.61
CA SER QC 155 36.14 77.17 40.78
C SER QC 155 35.95 78.59 41.30
N ASP QC 156 36.47 78.84 42.51
CA ASP QC 156 36.39 80.16 43.10
C ASP QC 156 37.57 81.03 42.72
N SER QC 157 38.77 80.45 42.69
CA SER QC 157 39.96 81.23 42.35
C SER QC 157 39.96 81.63 40.89
N ILE QC 158 39.57 80.72 39.99
CA ILE QC 158 39.63 81.00 38.57
C ILE QC 158 38.57 82.03 38.18
N LYS QC 159 37.40 81.97 38.81
CA LYS QC 159 36.36 82.95 38.54
C LYS QC 159 36.83 84.36 38.92
N ARG QC 160 37.41 84.50 40.11
CA ARG QC 160 37.92 85.81 40.52
C ARG QC 160 39.11 86.23 39.67
N LEU QC 161 39.90 85.28 39.19
CA LEU QC 161 40.99 85.63 38.28
C LEU QC 161 40.45 86.19 36.97
N GLN QC 162 39.43 85.56 36.41
CA GLN QC 162 38.80 86.07 35.20
C GLN QC 162 38.19 87.44 35.44
N HIS QC 163 37.54 87.63 36.59
CA HIS QC 163 36.95 88.92 36.91
C HIS QC 163 38.01 90.01 37.02
N ALA QC 164 39.15 89.68 37.66
CA ALA QC 164 40.22 90.65 37.79
C ALA QC 164 40.84 90.97 36.44
N MET QC 165 41.01 89.95 35.59
CA MET QC 165 41.55 90.18 34.25
C MET QC 165 40.62 91.08 33.44
N THR QC 166 39.30 90.88 33.59
CA THR QC 166 38.35 91.72 32.88
C THR QC 166 38.38 93.16 33.41
N GLU QC 167 38.44 93.31 34.73
CA GLU QC 167 38.48 94.66 35.31
C GLU QC 167 39.78 95.38 34.98
N GLY QC 168 40.87 94.64 34.78
CA GLY QC 168 42.15 95.25 34.48
C GLY QC 168 42.25 95.87 33.11
N GLY QC 169 41.26 95.63 32.23
CA GLY QC 169 41.23 96.19 30.89
C GLY QC 169 41.34 95.15 29.80
N VAL QC 170 42.00 94.03 30.07
CA VAL QC 170 42.16 92.96 29.09
C VAL QC 170 40.85 92.20 28.99
N VAL QC 171 40.22 92.27 27.82
CA VAL QC 171 38.94 91.62 27.57
C VAL QC 171 39.18 90.35 26.79
N LEU QC 172 38.45 89.29 27.14
CA LEU QC 172 38.56 88.01 26.45
C LEU QC 172 37.73 88.07 25.17
N ARG QC 173 37.50 86.91 24.55
CA ARG QC 173 36.67 86.79 23.34
C ARG QC 173 37.26 87.65 22.21
N GLU QC 174 38.42 87.20 21.72
CA GLU QC 174 39.10 87.79 20.58
C GLU QC 174 38.13 88.08 19.45
N PRO QC 175 38.33 89.16 18.70
CA PRO QC 175 37.36 89.52 17.66
C PRO QC 175 37.34 88.51 16.53
N ARG QC 176 36.20 88.42 15.86
CA ARG QC 176 36.05 87.48 14.76
C ARG QC 176 36.86 87.94 13.56
N ARG QC 177 37.47 86.97 12.88
CA ARG QC 177 38.35 87.28 11.76
C ARG QC 177 37.56 87.88 10.60
N ILE QC 178 38.03 89.02 10.10
CA ILE QC 178 37.42 89.63 8.93
C ILE QC 178 37.70 88.76 7.72
N TYR QC 179 36.64 88.35 7.02
CA TYR QC 179 36.72 87.37 5.94
C TYR QC 179 37.40 86.09 6.42
N GLU QC 180 36.77 85.47 7.41
CA GLU QC 180 37.30 84.27 8.04
C GLU QC 180 37.28 83.06 7.10
MG MG RC . 18.05 13.43 -65.95
MG MG SC . -27.38 16.80 -74.49
MG MG TC . 33.31 79.01 -40.71
MG MG UC . 78.36 -15.65 40.46
MG MG VC . 43.00 16.18 -20.30
MG MG WC . 29.81 44.13 1.37
ZN ZN XC . 88.73 -0.16 -2.93
N1 SPM YC . -71.35 -28.09 8.34
C2 SPM YC . -69.98 -28.57 8.14
C3 SPM YC . -69.02 -27.88 9.12
C4 SPM YC . -67.64 -28.51 8.98
N5 SPM YC . -67.01 -28.18 7.69
C6 SPM YC . -65.70 -28.82 7.61
C7 SPM YC . -64.72 -27.98 6.77
C8 SPM YC . -63.30 -28.51 7.00
C9 SPM YC . -62.30 -27.41 6.65
N10 SPM YC . -62.37 -27.06 5.23
C11 SPM YC . -61.02 -27.11 4.65
C12 SPM YC . -60.14 -25.97 5.17
C13 SPM YC . -58.79 -26.01 4.46
N14 SPM YC . -57.94 -24.90 4.89
MG MG ZC . -29.03 -51.23 51.98
MG MG AD . -43.34 -8.14 16.69
MG MG BD . -49.59 11.46 2.47
MG MG CD . -44.87 -17.34 11.28
MG MG DD . -18.16 -44.62 34.26
MG MG ED . -38.58 5.46 16.51
MG MG FD . -20.84 -64.34 -11.70
MG MG GD . -14.14 -66.10 19.70
MG MG HD . -11.69 -63.73 24.03
MG MG ID . -38.18 -3.44 33.65
MG MG JD . -3.11 -63.29 10.69
MG MG KD . -42.19 -22.35 43.31
MG MG LD . -59.29 -13.60 32.98
MG MG MD . -52.86 -1.25 2.30
MG MG ND . -38.67 -20.76 7.56
MG MG OD . -63.39 -31.59 10.73
MG MG PD . -59.84 -12.45 15.60
MG MG QD . -55.25 -10.45 3.18
MG MG RD . -41.37 -2.59 28.55
MG MG SD . -69.49 -32.04 3.31
MG MG TD . -17.06 17.90 89.06
MG MG UD . -26.76 29.69 67.11
MG MG VD . -10.64 -65.96 -2.74
MG MG WD . -6.61 10.07 89.58
MG MG XD . -48.02 -6.72 83.41
MG MG YD . -25.93 -58.12 2.81
MG MG ZD . -34.95 -32.23 4.67
MG MG AE . -17.98 -2.02 63.86
MG MG BE . -40.26 29.81 22.74
MG MG CE . 0.37 10.30 78.40
MG MG DE . -22.86 -47.32 44.61
MG MG EE . -31.51 30.42 67.36
MG MG FE . -22.53 -5.69 60.59
MG MG GE . 1.18 -3.38 72.21
MG MG HE . 4.34 6.79 79.66
MG MG IE . -50.83 -26.01 23.63
MG MG JE . -38.45 22.78 81.60
MG MG KE . -4.47 -65.94 19.45
MG MG LE . -37.89 2.96 32.03
MG MG ME . -23.64 -7.64 64.19
MG MG NE . -11.20 -38.43 58.07
MG MG OE . -27.29 13.68 74.74
MG MG PE . -13.33 -74.29 -6.04
MG MG QE . -71.71 7.86 12.49
MG MG RE . -42.63 -73.57 -10.12
MG MG SE . 0.21 24.65 94.31
MG MG TE . -42.75 9.62 17.85
MG MG UE . -8.60 -89.61 5.59
MG MG VE . -14.52 -47.12 49.50
MG MG WE . -71.27 19.16 6.46
MG MG XE . -60.82 -24.65 15.50
MG MG YE . -46.81 -3.22 22.99
MG MG ZE . -24.67 -73.24 2.34
MG MG AF . -42.71 -42.06 38.02
MG MG BF . -12.52 8.89 68.09
MG MG CF . -51.38 -21.40 11.71
MG MG DF . -52.15 -23.14 75.37
MG MG EF . -42.35 -2.32 30.85
MG MG FF . -79.22 -21.77 4.24
MG MG GF . -51.44 -11.53 34.25
MG MG HF . -46.89 -7.39 33.70
MG MG IF . -36.29 13.12 17.76
MG MG JF . -47.61 -41.35 26.44
MG MG KF . -40.55 -27.66 37.57
MG MG LF . -19.87 -95.08 3.75
MG MG MF . -18.22 -99.82 0.62
MG MG NF . -66.17 -1.18 -3.68
MG MG OF . -49.80 4.55 -3.91
MG MG PF . -21.70 -64.46 -10.80
MG MG QF . -18.72 23.12 67.65
MG MG RF . -58.86 20.14 0.21
MG MG SF . -4.79 -61.89 24.61
MG MG TF . -15.05 -92.15 -14.31
MG MG UF . -50.52 16.17 11.86
MG MG VF . -9.84 -10.98 74.65
MG MG WF . -43.12 -82.36 -14.21
MG MG XF . -40.06 0.91 79.95
MG MG YF . -37.05 -33.18 20.03
MG MG ZF . -9.43 -72.04 5.35
MG MG AG . -47.55 2.08 37.51
MG MG BG . -54.33 -23.88 19.28
MG MG CG . -54.60 -12.80 72.54
MG MG DG . -25.90 38.97 83.36
MG MG EG . -73.20 -17.53 12.95
MG MG FG . -53.40 0.89 86.59
MG MG GG . -49.92 0.19 96.65
MG MG HG . -22.97 -83.60 16.37
MG MG IG . -30.73 -51.55 -3.61
MG MG JG . -14.62 2.72 62.97
MG MG KG . -22.78 -4.67 35.20
MG MG LG . -54.38 -27.46 59.93
MG MG MG . -57.36 -28.89 47.24
MG MG NG . -19.13 -69.46 31.27
MG MG OG . -15.54 -47.73 43.12
MG MG PG . -28.13 1.50 61.93
MG MG QG . -9.75 -5.33 67.23
MG MG RG . -21.42 46.61 80.53
MG MG SG . -7.09 -10.37 79.11
MG MG TG . -3.43 -64.72 16.84
MG MG UG . -45.59 17.61 67.73
MG MG VG . -3.72 -57.41 32.21
MG MG WG . -32.25 27.92 76.84
MG MG XG . -88.02 -24.39 56.46
ZN ZN YG . -94.50 -4.49 21.71
N FME ZG . 12.39 10.24 -27.27
CN FME ZG . 12.68 10.52 -28.60
O1 FME ZG . 12.20 11.47 -29.22
CA FME ZG . 11.51 11.04 -26.48
CB FME ZG . 10.03 10.86 -26.89
CG FME ZG . 9.34 12.18 -27.13
SD FME ZG . 7.64 11.83 -27.50
CE FME ZG . 6.81 12.45 -26.10
C FME ZG . 11.59 10.72 -24.99
O FME ZG . 12.52 10.10 -24.46
MG MG AH . -32.05 -6.04 42.19
ZN ZN BH . -29.32 -87.57 22.69
PG GTP CH . -43.87 51.85 105.29
O1G GTP CH . -44.03 52.95 104.27
O2G GTP CH . -43.51 50.55 104.60
O3G GTP CH . -42.76 52.22 106.25
O3B GTP CH . -45.25 51.69 106.09
PB GTP CH . -46.06 52.99 106.56
O1B GTP CH . -45.10 54.12 106.81
O2B GTP CH . -46.88 52.71 107.80
O3A GTP CH . -47.02 53.33 105.31
PA GTP CH . -48.49 53.94 105.59
O1A GTP CH . -49.44 52.85 106.00
O2A GTP CH . -48.42 55.03 106.63
O5' GTP CH . -48.93 54.55 104.16
C5' GTP CH . -49.31 53.67 103.13
C4' GTP CH . -50.79 53.84 102.85
O4' GTP CH . -51.54 53.62 104.03
C3' GTP CH . -51.16 55.24 102.38
O3' GTP CH . -51.25 55.29 100.98
C2' GTP CH . -52.52 55.50 103.00
O2' GTP CH . -53.52 55.40 102.01
C1' GTP CH . -52.71 54.42 104.05
N9 GTP CH . -52.85 55.03 105.40
C8 GTP CH . -52.19 54.61 106.52
N7 GTP CH . -52.57 55.39 107.56
C5 GTP CH . -53.49 56.28 107.12
C6 GTP CH . -54.20 57.28 107.76
O6 GTP CH . -54.03 57.48 108.97
N1 GTP CH . -55.08 58.06 107.05
C2 GTP CH . -55.27 57.83 105.71
N2 GTP CH . -56.12 58.57 105.02
N3 GTP CH . -54.56 56.83 105.08
C4 GTP CH . -53.68 56.06 105.77
MG MG DH . -44.11 54.90 105.12
MG MG EH . -62.36 -10.15 43.25
MG MG FH . -32.95 -19.25 21.04
ZN ZN GH . -28.37 -74.32 50.50
ZN ZN HH . 23.52 -18.82 -98.47
ZN ZN IH . 57.82 -20.05 8.93
MG MG JH . 22.89 29.38 -55.30
MG MG KH . 61.33 41.23 -38.47
MG MG LH . 18.62 16.90 -30.99
MG MG MH . 28.67 26.15 -28.70
MG MG NH . 5.02 -32.66 -39.02
MG MG OH . -9.29 15.22 -26.74
MG MG PH . -4.81 11.85 -24.57
MG MG QH . -14.41 12.87 -25.68
MG MG RH . 41.36 13.91 -25.03
MG MG SH . 23.56 21.14 -14.81
MG MG TH . 26.52 22.96 -26.08
MG MG UH . -7.97 1.54 -37.56
MG MG VH . 4.71 36.52 -45.77
MG MG WH . 10.92 41.76 -43.38
MG MG XH . 9.07 23.36 -34.68
MG MG YH . 6.55 20.37 -27.24
MG MG ZH . 21.90 -0.03 -27.91
MG MG AI . 21.66 -0.11 -37.59
MG MG BI . 42.49 3.85 -54.16
MG MG CI . 40.91 8.35 -32.77
MG MG DI . 3.50 -37.03 -40.15
MG MG EI . 23.03 25.18 -36.17
MG MG FI . 22.95 17.20 -41.58
MG MG GI . 27.64 28.42 -45.95
MG MG HI . 23.80 18.08 -47.42
MG MG II . 23.09 23.94 -36.10
MG MG JI . -17.17 -13.16 -26.10
MG MG KI . -6.28 -16.77 -36.80
MG MG LI . -10.59 -25.60 -31.74
MG MG MI . -9.11 46.38 -30.56
MG MG NI . 14.68 -6.43 -63.01
MG MG OI . 18.87 -4.35 -70.36
MG MG PI . 17.97 15.26 -61.84
MG MG QI . 34.76 26.76 -18.04
MG MG RI . 30.30 27.41 -18.93
MG MG SI . 27.77 30.23 -24.09
MG MG TI . 15.67 39.57 -25.74
MG MG UI . 23.93 40.09 -24.30
MG MG VI . 23.58 39.14 -30.58
MG MG WI . 31.87 14.15 -11.05
MG MG XI . 9.09 38.78 -71.26
MG MG YI . 19.13 18.52 -52.71
MG MG ZI . -21.46 -4.12 -33.04
MG MG AJ . -22.93 -1.98 -26.51
MG MG BJ . 23.89 45.44 -58.01
MG MG CJ . 37.53 2.96 -37.84
MG MG DJ . -8.05 -4.61 -33.81
MG MG EJ . 14.13 -21.94 -38.68
MG MG FJ . 23.91 8.91 -67.04
MG MG GJ . 25.57 36.66 -40.77
MG MG HJ . 24.27 0.36 -58.68
MG MG IJ . 13.01 39.90 -25.32
MG MG JJ . -8.40 5.91 -38.16
MG MG KJ . 50.80 9.73 -42.41
MG MG LJ . 33.98 22.91 -73.20
MG MG MJ . 24.44 12.23 -20.42
MG MG NJ . 52.01 12.05 -52.94
MG MG OJ . 21.60 11.28 -40.97
MG MG PJ . 13.51 -1.76 -40.27
MG MG QJ . -27.80 9.87 -4.77
MG MG RJ . 36.44 60.29 -8.82
MG MG SJ . 53.81 22.67 -35.86
MG MG TJ . 32.41 36.05 -49.35
MG MG UJ . 10.30 47.80 -16.70
MG MG VJ . 7.69 -20.63 -47.91
MG MG WJ . -31.84 -9.72 -24.90
MG MG XJ . -3.55 9.64 -57.48
MG MG YJ . 16.24 24.24 -12.13
MG MG ZJ . 15.14 23.36 -36.21
MG MG AK . -33.71 13.05 -84.78
MG MG BK . 16.93 -2.44 -29.66
MG MG CK . -8.02 21.46 -47.82
MG MG DK . 47.52 46.59 -40.45
MG MG EK . 4.14 38.44 -28.40
MG MG FK . 42.17 39.65 -17.64
MG MG GK . 6.44 32.62 -18.13
MG MG HK . 7.61 29.62 -6.92
MG MG IK . 9.93 43.84 -64.15
MG MG JK . 3.50 47.15 -29.07
MG MG KK . -16.27 4.91 -42.99
MG MG LK . 67.86 28.81 -39.54
MG MG MK . 28.17 33.02 -61.27
MG MG NK . 7.16 53.85 -20.86
MG MG OK . 13.21 31.99 -17.09
MG MG PK . 29.35 80.23 8.48
MG MG QK . 14.59 -18.75 -53.88
MG MG RK . 3.71 -6.26 -39.11
MG MG SK . 36.05 -17.36 -24.37
MG MG TK . 34.35 12.41 -43.76
MG MG UK . 31.36 17.82 -42.48
MG MG VK . 78.31 -26.24 -0.38
MG MG WK . 7.35 -13.54 -45.31
MG MG XK . 34.29 14.77 -33.37
MG MG YK . 32.83 -13.82 -28.51
MG MG ZK . 22.68 17.31 -40.39
MG MG AL . 17.65 18.36 -47.20
MG MG BL . 11.32 -19.50 -24.95
MG MG CL . -37.24 2.61 -10.93
MG MG DL . 42.47 22.15 -33.15
MG MG EL . -28.66 0.62 -14.87
MG MG FL . 5.69 -20.51 -24.25
MG MG GL . 30.36 -34.45 -37.55
MG MG HL . 21.54 6.38 -28.88
MG MG IL . 0.82 42.83 -54.41
MG MG JL . -7.41 8.48 -86.14
MG MG KL . 45.00 -13.77 -14.72
MG MG LL . -34.41 -12.38 -47.60
MG MG ML . -26.18 21.52 -52.16
MG MG NL . 20.34 51.88 -8.49
MG MG OL . 28.87 10.67 -29.80
MG MG PL . 27.15 -27.57 -59.37
MG MG QL . -3.70 0.49 -6.10
MG MG RL . 39.30 -26.01 -13.02
MG MG SL . 63.58 35.86 -45.65
MG MG TL . 37.13 -25.99 -71.52
MG MG UL . 0.58 -27.31 -45.54
MG MG VL . 22.81 5.84 -37.60
MG MG WL . -22.46 5.31 -22.61
MG MG XL . -23.75 10.22 -38.81
MG MG YL . -25.78 11.96 -72.94
MG MG ZL . -25.00 11.75 -22.64
MG MG AM . -14.49 9.39 -4.38
MG MG BM . -0.52 -0.53 -23.84
MG MG CM . -5.55 52.10 -38.78
MG MG DM . -24.23 14.90 -8.63
MG MG EM . 6.16 -3.95 -43.53
MG MG FM . -16.87 -10.58 -1.11
MG MG GM . -0.52 -30.31 -8.73
MG MG HM . -30.41 -10.16 -38.72
MG MG IM . -22.16 -12.99 -40.99
MG MG JM . -4.70 43.08 -33.63
MG MG KM . -25.07 16.52 -51.45
MG MG LM . -9.59 -22.18 -32.66
MG MG MM . -12.21 -17.95 -31.60
MG MG NM . -11.06 23.58 -65.88
MG MG OM . 57.92 55.08 -2.35
MG MG PM . 22.84 69.88 -42.32
MG MG QM . 28.03 -3.51 -56.41
MG MG RM . -3.59 78.51 -45.71
MG MG SM . -16.01 8.08 -8.50
MG MG TM . 7.76 -11.22 -69.30
MG MG UM . 10.08 -16.91 -68.70
MG MG VM . 1.77 -10.38 -69.89
MG MG WM . 54.73 62.59 -11.79
MG MG XM . 19.89 -5.24 -49.91
MG MG YM . -8.12 17.65 -56.57
MG MG ZM . -24.12 -11.79 -35.08
MG MG AN . 54.19 -25.70 -42.16
MG MG BN . 1.94 5.80 -17.02
MG MG CN . 28.15 43.30 -4.88
MG MG DN . 27.65 -0.23 -44.45
MG MG EN . 6.84 37.64 -68.15
MG MG FN . 14.59 46.42 -11.33
MG MG GN . 0.37 40.16 -31.47
MG MG HN . 3.57 40.48 -30.48
MG MG IN . 25.38 54.19 -49.51
MG MG JN . -27.35 26.68 -0.78
MG MG KN . -30.12 27.39 3.52
MG MG LN . -13.13 38.61 -13.11
MG MG MN . 55.72 39.78 -32.01
MG MG NN . 58.27 39.55 -32.15
MG MG ON . -10.54 13.76 -70.23
MG MG PN . -24.42 4.28 -78.67
MG MG QN . 7.50 4.25 -80.42
MG MG RN . 26.74 2.51 -19.57
MG MG SN . 19.74 7.98 -17.37
MG MG TN . -15.44 -5.80 -29.99
MG MG UN . -5.67 65.32 -20.11
MG MG VN . -10.42 -6.90 -48.83
MG MG WN . 12.27 -33.06 -47.67
MG MG XN . 56.07 -0.24 -34.16
MG MG YN . -9.01 34.43 -26.30
MG MG ZN . -12.65 34.66 -24.64
MG MG AO . 36.20 58.80 -65.61
MG MG BO . 48.96 8.63 -41.56
MG MG CO . 43.33 39.24 -29.12
MG MG DO . 67.56 45.52 -45.21
MG MG EO . 73.28 -17.23 21.35
MG MG FO . -16.52 -11.48 -49.13
MG MG GO . 67.68 -28.76 1.67
MG MG HO . -17.82 -3.86 -32.98
MG MG IO . 6.74 52.66 -21.01
MG MG JO . 31.10 3.95 -20.97
MG MG KO . -18.45 26.03 -34.38
MG MG LO . -10.32 35.29 -31.48
MG MG MO . -2.74 -17.77 -47.81
MG MG NO . 45.64 -10.73 -9.47
MG MG OO . 41.04 7.55 -10.03
MG MG PO . 40.43 -14.39 20.20
MG MG QO . -46.21 16.53 -87.44
MG MG RO . 40.21 -44.24 -12.24
MG MG SO . 11.53 44.78 -11.71
MG MG TO . 30.70 18.27 -33.12
MG MG UO . 30.68 55.07 -44.22
MG MG VO . 9.67 13.99 -32.65
MG MG WO . 32.01 36.47 -31.71
MG MG XO . 29.29 54.61 -27.28
MG MG YO . 3.40 -1.80 -28.58
MG MG ZO . 0.95 -18.90 -21.81
MG MG AP . -19.99 8.36 -18.36
P 5GP BP . 40.08 35.25 -32.95
O1P 5GP BP . 40.33 36.62 -32.37
O2P 5GP BP . 40.30 35.16 -34.44
O3P 5GP BP . 40.68 34.12 -32.16
O5' 5GP BP . 38.51 35.05 -32.77
C5' 5GP BP . 37.58 35.82 -33.54
C4' 5GP BP . 36.29 36.04 -32.79
O4' 5GP BP . 36.56 36.83 -31.60
C3' 5GP BP . 35.20 36.79 -33.56
O3' 5GP BP . 33.92 36.34 -33.13
C2' 5GP BP . 35.42 38.23 -33.11
O2' 5GP BP . 34.29 39.06 -33.24
C1' 5GP BP . 35.82 38.04 -31.66
N9 5GP BP . 36.69 39.11 -31.14
C8 5GP BP . 37.92 39.40 -31.59
N7 5GP BP . 38.42 40.43 -30.88
C5 5GP BP . 37.50 40.77 -29.96
C6 5GP BP . 37.46 41.74 -28.97
O6 5GP BP . 38.43 42.50 -28.80
N1 5GP BP . 36.38 41.84 -28.20
C2 5GP BP . 35.33 41.02 -28.36
N2 5GP BP . 34.25 41.15 -27.56
N3 5GP BP . 35.33 40.07 -29.32
C4 5GP BP . 36.41 39.94 -30.12
N1 SPM CP . 4.67 3.41 -60.41
C2 SPM CP . 4.93 3.78 -61.80
C3 SPM CP . 3.69 4.35 -62.47
C4 SPM CP . 2.70 3.23 -62.79
N5 SPM CP . 1.54 3.74 -63.53
C6 SPM CP . 1.92 4.04 -64.92
C7 SPM CP . 2.13 2.75 -65.71
C8 SPM CP . 2.35 3.10 -67.19
C9 SPM CP . 1.03 3.55 -67.82
N10 SPM CP . 1.24 4.00 -69.20
C11 SPM CP . 1.15 5.46 -69.26
C12 SPM CP . 1.78 6.00 -70.55
C13 SPM CP . 1.65 7.53 -70.58
N14 SPM CP . 2.40 8.10 -71.72
N1 SPM DP . 21.34 -27.74 -64.76
C2 SPM DP . 20.66 -29.03 -65.00
C3 SPM DP . 19.38 -28.82 -65.81
C4 SPM DP . 19.72 -28.64 -67.30
N5 SPM DP . 18.58 -28.10 -68.04
C6 SPM DP . 18.88 -28.11 -69.48
C7 SPM DP . 18.69 -29.51 -70.06
C8 SPM DP . 19.77 -29.76 -71.11
C9 SPM DP . 19.36 -30.94 -71.99
N10 SPM DP . 18.96 -32.10 -71.17
C11 SPM DP . 19.12 -33.33 -71.94
C12 SPM DP . 20.60 -33.63 -72.20
C13 SPM DP . 20.74 -34.90 -73.04
N14 SPM DP . 22.14 -35.27 -73.20
MG MG EP . 66.77 81.06 44.22
MG MG FP . 31.68 -51.24 3.79
PG GNP GP . 29.66 -56.41 8.41
O1G GNP GP . 29.14 -56.20 7.03
O2G GNP GP . 28.79 -57.43 9.15
O3G GNP GP . 29.64 -55.07 9.18
N3B GNP GP . 31.27 -56.98 8.32
PB GNP GP . 31.60 -58.45 7.69
O1B GNP GP . 32.64 -59.12 8.55
O2B GNP GP . 30.36 -59.30 7.66
O3A GNP GP . 32.19 -58.29 6.16
PA GNP GP . 31.39 -58.72 4.86
O1A GNP GP . 31.64 -60.21 4.66
O2A GNP GP . 29.98 -58.32 4.93
O5' GNP GP . 32.12 -57.92 3.71
C5' GNP GP . 33.34 -57.19 3.98
C4' GNP GP . 33.99 -56.84 2.67
O4' GNP GP . 35.34 -57.39 2.64
C3' GNP GP . 33.30 -57.40 1.43
O3' GNP GP . 33.44 -56.51 0.33
C2' GNP GP . 34.05 -58.71 1.18
O2' GNP GP . 34.01 -59.09 -0.19
C1' GNP GP . 35.47 -58.32 1.59
N9 GNP GP . 36.27 -59.45 2.07
C8 GNP GP . 35.94 -60.35 3.04
N7 GNP GP . 36.86 -61.26 3.25
C5 GNP GP . 37.87 -60.94 2.34
C6 GNP GP . 39.14 -61.56 2.07
O6 GNP GP . 39.62 -62.55 2.62
N1 GNP GP . 39.84 -60.90 1.07
C2 GNP GP . 39.40 -59.80 0.40
N2 GNP GP . 40.20 -59.30 -0.54
N3 GNP GP . 38.21 -59.21 0.64
C4 GNP GP . 37.51 -59.83 1.61
MG MG HP . 28.35 -59.05 7.99
MG MG IP . -50.43 9.04 -34.76
MG MG JP . -45.08 14.25 -35.00
MG MG KP . -31.91 11.99 -23.88
MG MG LP . -2.51 35.54 -47.54
MG MG MP . 42.58 28.69 -10.78
MG MG NP . 11.07 45.71 -32.81
MG MG OP . 15.44 88.13 -35.85
MG MG PP . 34.69 44.03 -44.45
MG MG QP . 50.42 6.98 6.57
#